data_5L1D
#
_entry.id   5L1D
#
_cell.length_a   1
_cell.length_b   1
_cell.length_c   1
_cell.angle_alpha   90.00
_cell.angle_beta   90.00
_cell.angle_gamma   90.00
#
_symmetry.space_group_name_H-M   'P 1'
#
loop_
_entity.id
_entity.type
_entity.pdbx_description
1 polymer 'Ryanodine Receptor'
2 polymer 'Peptidyl-prolyl cis-trans isomerase FKBP1B'
#
loop_
_entity_poly.entity_id
_entity_poly.type
_entity_poly.pdbx_seq_one_letter_code
_entity_poly.pdbx_strand_id
1 'polypeptide(L)'
;MADGGEGEDEIQFLRTDDEVVLQCTATIHKEQQKLCLAAEGFGNRLCFLESTSNSKNVPPDLSICTFVLEQSLLVRALQE
MLANTVEKSEGQVDVEKWKFMMKTAQGGGHRTLLYGHAILLRHSYSGMYLCCLSTSRSSTDKLAFDVGLQEDTTGEACWW
TIHPASKQRSEGEKVRVGDDLILVSVSSERYLHLSYGNGSLHVDAAFQQTLWSVAPISSGSEAAQGYLIGGDVLRLLHGH
MDECLTVPSGEHGEEQRRTVHYEGGAVSVHARSLWRLETLRVAWSGSHIRWGQPFRLRHVTTGKYLSLMEDKNLLLMDKE
KADVKSTAFTFRSSKEKLDGGVRKEVDGMGTSEIKYGDSICYIQHVDTGLWLTYQSVDVKSVRMGSIQRKAIMHHEGHMD
DGLNLSRSQHEESRTARVIRSTVFLFNRFIRGLDALSKKAKASSVDLPIESVSLSLQDLIGYFHPPDEHLEHEDKQNRLR
ALKNRQNLFQEEGMINLVLECIDRLHVYSSAAHFADVAGREAGESWKSILNSLYELLAALIRGNRKNCAQFSGSLDWLIS
RLERLEASSGILEVLHCVLVESPEALNIIKEGHIKSIISLLDKHGRNHKVLDVLCSLCVCHGVAVRSNQHLICDNLLPGR
DLLLQTRLVNHVSSMRPNIFLGVSEGSAQYKKWYYELMVDHTEPFVTAEATHLRVGWASTEGYSPYPGGGEEWGGNGVGD
DLFSYGFDGLHLWSGCIARTVSSPNQHLLRTDDVISCCLDLSAPSISFRINGQPVQGMFENFNIDGLFFPVVSFSAGIKV
RFLLGGRHGEFKFLPPPGYAPCYEAVLPKEKLKVEHSREYKQERTYTRDLLGPTVSLTQAAFTPIPVDTSQIVLPPHLER
IREKLAENIHELWVMNKIELGWQYGPVRDDNKRQHPCLVEFSKLPEQERNYNLQMSLETLKTLLALGCHVGISDEHAEEK
VKKMKLPKNYQLTSGYKPAPMDLSFIKLTPSQEAMVDKLAENAHNVWARDRIRQGWTYGIQQDVKNRRNPRLVPYTLLDD
RTKKSNKDSLREAVRTLLGYGYNLEAPDQDHAARAEVCSGTGERFRIFRAEKTYAVKAGRWYFEFEAVTSGDMRVGWSRP
GCQPDQELGSDERAFAFDGFKAQRWHQGNEHYGRSWQAGDVVGCMVDMNEHTMMFTLNGEILLDDSGSELAFKDFDVGDG
FIPVCSLGVAQVGRMNFGKDVSTLKYFTICGLQEGYEPFAVNTNRDITMWLSKRLPQFLQVPSNHEHIEVTRIDGTIDSS
PCLKVTQKSFGSQNSNTDIMFYRLSMPIECAEVFSKTVPGGLPGAGLFGPKNDLEDYDADSDFEVLMKTAHGHLVPDRVD
KDKETTKAEFNNHKDYAQEKPSRLKQRFLLRRTKPDYSTSHSARLTEDVLADDRDDYDFLMQTSTYYYSVRIFPGQEPAN
VWVGWITSDFHQYDTGFDLDRVRTVTVTLGDEKGKVHESIKRSN(UNK)(UNK)(UNK)(UNK)(UNK)NNNGLEIGCVV
DAASGLLTFIANGKELSTYYQVEPSTKLFPAVFAQATSPNVFQFELGRIKNVMPLSAGLFKSEHKNPVPQCPPRLHVQFL
SHVLWSRMPNQFLKVDVSRISERQGWLVQCLDPLQFMSLHIPEENRSVDILELTEQEELLKFHYHTLRLYSAVCALGNHR
VAHALCSHVDEPQLLYAIENKYMPGLLRTGYYDLLIDIHLSSYATARLMMNNEFIVPMTEETKSITLFPDENKKHGLPGI
GLSTSLRPRMQFSSPSFVSINNECYQYSPEFPLDILKAKTIQMLTEAVKEGSLHGRDPVGGTTEFLFVPLIKLFYTLLIM
GIFHNEDLRHILQLIEPSVFKDAATPEEEGDTLEEEPSVEDTKLEGAGEEEAKVGKRPKEGLLQMKLPEPVKLQMCLLLQ
YLCDCQVRHRIEAIVAFSDDFVAKLQDNQRFR(UNK)(UNK)(UNK)(UNK)(UNK)(UNK)(UNK)(UNK)(UNK)
(UNK)(UNK)(UNK)(UNK)(UNK)(UNK)LTIRGRLLSLVEKVTYLKKKQTEKPVESDSRKSSTLQQLISETMVRWAQE
SVIEDPELVRAMFVLLHRQYDGIGGLVRALPKTYTINGVSVEDTINLLASLGQIRSLLSVRMGKEEEKLMIRGLGDIMNN
KVFYQHPNLMRALGMHETVMEVMVNVLGGGESKEITFPKMVANCCRFLCYFCRISRQNQKAMFDHLSYLLENSSVGLASP
AMRGSTPLDVAAASVMDNNELALALREPDLEKVVVRYLAGCGLQSCQMLVSKGYPDIGWNPVEGERYLDFLRFAVFCNGE
SVEENANVVVRLLIRRPECFGPALRGEGGNGLLAAMEEAIKIAEDPSRDGPSPTSGSSKTLDTEEEEDDTIHMGNAIMTF
YAALIDLLGRCAPEMHLIHAGKGEAIRIRSILRSL(UNK)(UNK)(UNK)(UNK)(UNK)(UNK)(UNK)(UNK)(UNK)
(UNK)(UNK)(UNK)(UNK)(UNK)FCPDHKAAMVLFLDRVYGIEVQDFLLHLLEVGFLPDLRAAASLDTAALSATDMAL
ALNRYLCTAVLPLL(UNK)(UNK)(UNK)(UNK)(UNK)(UNK)(UNK)(UNK)(UNK)(UNK)(UNK)(UNK)(UNK)
(UNK)(UNK)(UNK)(UNK)(UNK)(UNK)(UNK)(UNK)(UNK)(UNK)(UNK)(UNK)(UNK)(UNK)(UNK)(UNK)
(UNK)(UNK)(UNK)(UNK)(UNK)(UNK)(UNK)(UNK)(UNK)(UNK)(UNK)(UNK)(UNK)(UNK)(UNK)(UNK)
(UNK)(UNK)(UNK)(UNK)(UNK)(UNK)(UNK)(UNK)(UNK)(UNK)(UNK)(UNK)(UNK)(UNK)(UNK)(UNK)
(UNK)(UNK)(UNK)(UNK)(UNK)(UNK)(UNK)(UNK)(UNK)(UNK)(UNK)(UNK)(UNK)(UNK)(UNK)(UNK)
(UNK)(UNK)(UNK)(UNK)(UNK)(UNK)(UNK)(UNK)(UNK)(UNK)(UNK)(UNK)(UNK)(UNK)(UNK)(UNK)
(UNK)(UNK)(UNK)(UNK)(UNK)(UNK)(UNK)(UNK)(UNK)(UNK)(UNK)(UNK)(UNK)(UNK)(UNK)(UNK)
(UNK)(UNK)(UNK)(UNK)(UNK)(UNK)(UNK)(UNK)(UNK)(UNK)(UNK)(UNK)(UNK)(UNK)(UNK)FNPQP
VDTSNIIIPEKLEYFINKYAEHSHDKWSMDKLANGWIYGEIYSDSSKIQPLMKPYKLLSEKEKEIYRWPIKESLKTMLAW
GWRIERTREGDSMALYNRTRRISQTSQVSVDAAHGYSPRAIDMSNVTLSRDLHAMAEMMAENYHNIWAKKKKLELESKGG
GNHPLLVPYDTLTAKEKAKDREKAQDILKFLQINGYAVSRG(UNK)(UNK)(UNK)(UNK)(UNK)(UNK)(UNK)
(UNK)(UNK)(UNK)(UNK)(UNK)(UNK)(UNK)(UNK)(UNK)(UNK)(UNK)(UNK)(UNK)(UNK)(UNK)(UNK)
(UNK)(UNK)(UNK)(UNK)(UNK)(UNK)(UNK)(UNK)(UNK)(UNK)(UNK)(UNK)(UNK)(UNK)(UNK)(UNK)
(UNK)(UNK)(UNK)(UNK)(UNK)(UNK)(UNK)(UNK)(UNK)(UNK)(UNK)(UNK)(UNK)(UNK)(UNK)(UNK)
(UNK)(UNK)(UNK)(UNK)(UNK)(UNK)(UNK)(UNK)(UNK)(UNK)(UNK)(UNK)(UNK)(UNK)(UNK)(UNK)
(UNK)(UNK)(UNK)(UNK)(UNK)(UNK)(UNK)(UNK)(UNK)(UNK)(UNK)(UNK)(UNK)(UNK)(UNK)(UNK)
(UNK)(UNK)(UNK)(UNK)(UNK)(UNK)(UNK)(UNK)(UNK)(UNK)(UNK)(UNK)(UNK)(UNK)(UNK)(UNK)
(UNK)(UNK)(UNK)(UNK)(UNK)(UNK)(UNK)(UNK)(UNK)(UNK)(UNK)(UNK)(UNK)(UNK)(UNK)(UNK)
(UNK)(UNK)(UNK)(UNK)(UNK)(UNK)(UNK)(UNK)(UNK)(UNK)(UNK)(UNK)(UNK)(UNK)(UNK)(UNK)
(UNK)(UNK)(UNK)(UNK)(UNK)(UNK)(UNK)(UNK)(UNK)(UNK)(UNK)(UNK)(UNK)(UNK)(UNK)(UNK)
(UNK)(UNK)(UNK)(UNK)(UNK)(UNK)(UNK)(UNK)(UNK)(UNK)(UNK)(UNK)(UNK)(UNK)(UNK)(UNK)
(UNK)(UNK)(UNK)(UNK)(UNK)(UNK)(UNK)(UNK)(UNK)(UNK)(UNK)(UNK)(UNK)(UNK)(UNK)(UNK)
(UNK)(UNK)(UNK)(UNK)(UNK)(UNK)(UNK)(UNK)(UNK)(UNK)(UNK)(UNK)(UNK)(UNK)(UNK)(UNK)
(UNK)(UNK)(UNK)(UNK)(UNK)(UNK)(UNK)(UNK)(UNK)(UNK)(UNK)(UNK)(UNK)(UNK)(UNK)(UNK)
(UNK)(UNK)(UNK)(UNK)(UNK)(UNK)(UNK)(UNK)(UNK)(UNK)(UNK)(UNK)(UNK)(UNK)(UNK)(UNK)
(UNK)(UNK)(UNK)(UNK)(UNK)(UNK)(UNK)(UNK)(UNK)(UNK)(UNK)(UNK)(UNK)(UNK)(UNK)(UNK)
(UNK)(UNK)(UNK)(UNK)(UNK)(UNK)(UNK)(UNK)(UNK)(UNK)(UNK)(UNK)(UNK)(UNK)(UNK)(UNK)
(UNK)(UNK)PRHRAVNLFLQGYEKSWIETEEHYFEDKLIEDLAKPGAEPPEEDEVTKRVDPLHQLILLFSRTALTEKCK
LEEDFLYMAYADIMAKSCHDEEDDDGEEEVKSFEEKEMEKQKLLYQQARLHDRGAAEMVLQTISASKGETGPMVAATLKL
GIAILNGGNSTVQQKMLDYLKEKKDVGFFQSLAGLMQSCSVLDLNAFERQNKAEGLGMVTEEGSGEKVLQDDEFTCDLFR
FLQLLCEGHNSDFQNYLRTQTGNNTTVNIIISTVDYLLRVQESISDFYWYYSGKDVIDEQGQRNFSKAIQVAKQVFNTLT
EYIQGPCTGNQQSLAHSRLWDAVVGFLHVFAHMQMKLSQDSSQIELLKELMDLQKDMVVMLLSMLEGNVVNGTIGKQMVD
MLVESSNNVEMILKFFDMFLKLKDLTSSDTFKEYDPDGKGIISKRDFHKAMESHKHYTQSETEFLLSCAETDENETLDYE
EFVKRFHEPAKDIGFNVAVLLTNLSEHMPNDTRLQTFLELAESVLNYFQPFLGRIEIMGSAKRIERVYFEISESSRTQWE
KPQVKESKRQFIFDVVNEGGEKEKMELFVNFCEDTIFEMQLAAQISESDLNERSANKEESEKERPEEQGPKMGFFSVLTV
RSALFALRYNILTLMRMLSLKSLKKQMKKMKKMTVKDMVTAFFSSYWSIFMTLLHFVASVFRGFFRIVCSLLLGGSLVEG
AKKIKVAELLANMPDPTQDEVRGDGEEGERKPMETTLPSEDLTDLKELTEESDLLSDIFGLDLKREGGQYKLIPHNPNAG
LSDLMSNPVLIPEEQEKFQEQKTKEEEKEEKEETKSEPEKAEGEDGEKEEKVKEDKGKQKLRQLHTHRYGEPEVPESAFW
KKIIAYQQKLLNYLARNFYNMRMLALFVAFAINFILLFYKVSTSSVVEGKELPSRSTSENAKVTTSLDSSSHRIIAVHYV
LEESSGYMEPTLRILAILHTVISFFCIIGYYCLKVPLVIFKREKEVARKLEFDGLYITEQPSEDDIKGQWDRLVINTQSF
PNNYWDKFVKRKVMDKYGEFYGRDRISELLGMDKAALDFSDAREKKKPKKDSSLSAVLNSIDVKYQMWKLGVVFTDNSFL
YLAWYMTMSILGHYNNFFFAAHLLDIAMGFKTLRTILSSVTHNGKQLVLTVGLLAVVVYLYTVVAFNFFRKFYNKSEDGD
TPDMKCDDMLTCYMFHMYVGVRAGGGIGDEIEDPAGDEYEIYRIIFDITFFFFVIVILLAIIQGLIIDAFGELRDQQEQV
KEDMETKCFICGIGNDYFDTVPHGFETHTLQEHNLANYLFFLMYLINKDETEHTGQESYVWKMYQERCWEFFPAGDCFRK
QYEDQLN
;
A,C,E,G
2 'polypeptide(L)'
;MNHKVHHHHHHMDEKTTGWRGGHVVEGLAGELEQLRARLEHHPQGQREPELGVEIETISPGDGRTFPKKGQTCVVHYTGM
LQNGKKFDSSRDRNKPFKFRIGKQEVIKGFEEGAAQMSLGQRAKLTCTPDVAYGATGHPGVIPPNATLIFDVELLNLE
;
B,D,F,H
#
# COMPACT_ATOMS: atom_id res chain seq x y z
N GLU A 10 8.12 27.33 -2.42
CA GLU A 10 7.67 28.49 -3.24
C GLU A 10 8.85 29.32 -3.73
N ILE A 11 9.68 29.78 -2.78
CA ILE A 11 10.85 30.64 -3.08
C ILE A 11 12.00 30.44 -2.07
N GLN A 12 13.21 30.86 -2.47
CA GLN A 12 14.42 30.76 -1.64
C GLN A 12 15.02 32.13 -1.30
N PHE A 13 15.98 32.14 -0.37
CA PHE A 13 16.82 33.30 -0.09
C PHE A 13 18.30 32.90 -0.12
N LEU A 14 19.17 33.89 0.06
CA LEU A 14 20.61 33.68 0.17
C LEU A 14 21.10 34.26 1.50
N ARG A 15 21.39 33.37 2.45
CA ARG A 15 21.91 33.79 3.76
C ARG A 15 23.40 34.08 3.71
N THR A 16 23.92 34.64 4.80
CA THR A 16 25.36 34.90 4.94
C THR A 16 26.13 33.59 5.11
N ASP A 17 27.42 33.64 4.77
CA ASP A 17 28.32 32.49 4.83
C ASP A 17 27.91 31.37 3.86
N ASP A 18 27.77 31.74 2.58
CA ASP A 18 27.49 30.78 1.49
C ASP A 18 28.21 31.18 0.20
N GLU A 19 28.12 30.32 -0.82
CA GLU A 19 28.74 30.56 -2.12
C GLU A 19 27.67 30.83 -3.19
N VAL A 20 27.93 31.85 -4.00
CA VAL A 20 27.06 32.22 -5.13
C VAL A 20 27.90 32.59 -6.34
N VAL A 21 27.24 32.75 -7.49
CA VAL A 21 27.89 33.22 -8.72
C VAL A 21 27.00 34.24 -9.43
N LEU A 22 27.64 35.30 -9.93
CA LEU A 22 26.93 36.41 -10.58
C LEU A 22 26.98 36.21 -12.10
N GLN A 23 25.80 36.07 -12.71
CA GLN A 23 25.65 35.69 -14.12
C GLN A 23 25.07 36.83 -14.95
N CYS A 24 25.85 37.33 -15.92
CA CYS A 24 25.43 38.43 -16.81
C CYS A 24 25.55 38.04 -18.28
N THR A 25 24.76 38.72 -19.12
CA THR A 25 24.79 38.51 -20.57
C THR A 25 25.58 39.62 -21.27
N ALA A 26 25.96 39.34 -22.51
CA ALA A 26 26.68 40.30 -23.34
C ALA A 26 26.60 39.90 -24.81
N THR A 27 26.50 40.91 -25.68
CA THR A 27 26.43 40.69 -27.12
C THR A 27 27.82 40.46 -27.70
N ILE A 28 28.14 39.19 -27.95
CA ILE A 28 29.34 38.81 -28.72
C ILE A 28 28.89 37.96 -29.90
N HIS A 29 29.10 38.50 -31.11
CA HIS A 29 28.71 37.85 -32.38
C HIS A 29 27.21 37.52 -32.50
N LYS A 30 26.36 38.36 -31.90
CA LYS A 30 24.89 38.27 -32.01
C LYS A 30 24.32 36.91 -31.59
N GLU A 31 24.59 36.52 -30.35
CA GLU A 31 24.05 35.29 -29.76
C GLU A 31 23.71 35.52 -28.29
N GLN A 32 22.57 34.96 -27.86
CA GLN A 32 22.14 35.06 -26.47
C GLN A 32 22.98 34.10 -25.63
N GLN A 33 23.77 34.65 -24.72
CA GLN A 33 24.73 33.89 -23.93
C GLN A 33 24.87 34.50 -22.54
N LYS A 34 25.21 33.67 -21.56
CA LYS A 34 25.37 34.09 -20.16
C LYS A 34 26.81 33.85 -19.69
N LEU A 35 27.54 34.93 -19.44
CA LEU A 35 28.93 34.88 -18.95
C LEU A 35 28.98 35.22 -17.46
N CYS A 36 30.17 35.16 -16.86
CA CYS A 36 30.35 35.41 -15.43
C CYS A 36 31.64 36.19 -15.11
N LEU A 37 31.65 36.82 -13.94
CA LEU A 37 32.83 37.56 -13.44
C LEU A 37 33.86 36.60 -12.88
N ALA A 38 35.12 36.77 -13.27
CA ALA A 38 36.23 35.94 -12.79
C ALA A 38 37.56 36.68 -12.87
N ALA A 39 38.56 36.19 -12.14
CA ALA A 39 39.90 36.79 -12.11
C ALA A 39 40.98 35.77 -11.74
N GLU A 40 42.23 36.10 -12.09
CA GLU A 40 43.37 35.21 -11.88
C GLU A 40 43.95 35.36 -10.47
N GLY A 41 44.32 34.25 -9.85
CA GLY A 41 44.92 34.24 -8.52
C GLY A 41 46.41 34.54 -8.57
N PHE A 42 47.13 33.69 -9.30
CA PHE A 42 48.57 33.80 -9.49
C PHE A 42 48.86 34.09 -10.95
N GLY A 43 49.05 35.38 -11.29
CA GLY A 43 49.42 35.77 -12.64
C GLY A 43 48.85 37.08 -13.16
N ASN A 44 47.71 37.51 -12.63
CA ASN A 44 47.11 38.79 -13.04
C ASN A 44 46.12 39.28 -12.00
N ARG A 45 46.00 40.60 -11.88
CA ARG A 45 45.09 41.23 -10.92
C ARG A 45 43.71 41.53 -11.51
N LEU A 46 43.65 41.82 -12.81
CA LEU A 46 42.41 42.25 -13.47
C LEU A 46 41.42 41.10 -13.68
N CYS A 47 40.17 41.47 -13.97
CA CYS A 47 39.09 40.51 -14.17
C CYS A 47 38.90 40.14 -15.65
N PHE A 48 38.17 39.05 -15.89
CA PHE A 48 37.88 38.57 -17.24
C PHE A 48 36.70 37.58 -17.26
N LEU A 49 36.18 37.29 -18.44
CA LEU A 49 34.95 36.51 -18.62
C LEU A 49 35.19 35.02 -18.85
N GLU A 50 34.15 34.23 -18.56
CA GLU A 50 34.14 32.78 -18.83
C GLU A 50 32.69 32.29 -18.80
N SER A 51 32.27 31.59 -19.85
CA SER A 51 30.86 31.19 -20.00
C SER A 51 30.46 30.06 -19.06
N THR A 52 29.15 29.97 -18.79
CA THR A 52 28.59 28.99 -17.85
C THR A 52 27.34 28.27 -18.36
N SER A 53 26.33 29.05 -18.76
CA SER A 53 25.05 28.52 -19.28
C SER A 53 25.23 27.41 -20.33
N ASN A 54 26.17 27.64 -21.26
CA ASN A 54 26.57 26.61 -22.23
C ASN A 54 27.68 25.72 -21.64
N SER A 55 27.30 24.90 -20.66
CA SER A 55 28.22 23.99 -19.99
C SER A 55 28.55 22.73 -20.82
N LYS A 56 27.68 22.42 -21.79
CA LYS A 56 27.85 21.24 -22.66
C LYS A 56 29.07 21.32 -23.60
N ASN A 57 29.27 22.48 -24.24
CA ASN A 57 30.35 22.65 -25.22
C ASN A 57 31.71 22.81 -24.54
N VAL A 58 31.84 23.87 -23.73
CA VAL A 58 33.05 24.15 -22.96
C VAL A 58 32.67 24.06 -21.48
N PRO A 59 33.26 23.11 -20.72
CA PRO A 59 33.04 23.06 -19.27
C PRO A 59 33.45 24.36 -18.57
N PRO A 60 32.58 24.91 -17.71
CA PRO A 60 32.93 26.16 -17.03
C PRO A 60 33.98 25.93 -15.95
N ASP A 61 35.06 26.71 -15.99
CA ASP A 61 36.06 26.70 -14.94
C ASP A 61 35.48 27.43 -13.73
N LEU A 62 34.68 26.71 -12.94
CA LEU A 62 33.93 27.30 -11.83
C LEU A 62 34.76 27.53 -10.56
N SER A 63 36.04 27.12 -10.56
CA SER A 63 36.96 27.44 -9.46
C SER A 63 37.17 28.95 -9.30
N ILE A 64 37.48 29.62 -10.40
CA ILE A 64 37.71 31.07 -10.41
C ILE A 64 36.42 31.92 -10.28
N CYS A 65 35.28 31.36 -10.67
CA CYS A 65 34.02 32.12 -10.77
C CYS A 65 33.31 32.46 -9.44
N THR A 66 33.46 31.60 -8.43
CA THR A 66 32.69 31.72 -7.18
C THR A 66 33.09 32.91 -6.30
N PHE A 67 32.20 33.25 -5.36
CA PHE A 67 32.42 34.30 -4.38
C PHE A 67 31.91 33.87 -3.00
N VAL A 68 32.79 33.90 -2.00
CA VAL A 68 32.45 33.57 -0.61
C VAL A 68 32.16 34.87 0.16
N LEU A 69 31.29 34.78 1.17
CA LEU A 69 30.85 35.94 1.97
C LEU A 69 31.25 35.81 3.44
N GLU A 70 32.18 36.66 3.88
CA GLU A 70 32.60 36.70 5.29
C GLU A 70 31.64 37.55 6.11
N GLN A 71 31.56 38.84 5.77
CA GLN A 71 30.72 39.81 6.48
C GLN A 71 29.52 40.20 5.62
N SER A 72 28.63 40.99 6.19
CA SER A 72 27.47 41.52 5.46
C SER A 72 26.92 42.76 6.16
N LEU A 73 27.28 43.93 5.63
CA LEU A 73 27.02 45.22 6.28
C LEU A 73 25.89 46.01 5.60
N LEU A 74 25.37 47.00 6.33
CA LEU A 74 24.45 48.00 5.80
C LEU A 74 25.16 49.37 5.93
N VAL A 75 24.40 50.47 5.85
CA VAL A 75 24.92 51.83 6.12
C VAL A 75 25.78 51.97 7.40
N ARG A 76 25.40 51.23 8.44
CA ARG A 76 26.15 51.16 9.73
C ARG A 76 27.68 51.18 9.68
N ALA A 77 28.28 50.44 8.76
CA ALA A 77 29.74 50.32 8.68
C ALA A 77 30.42 51.59 8.16
N LEU A 78 31.69 51.77 8.52
CA LEU A 78 32.48 52.92 8.09
C LEU A 78 33.12 52.63 6.73
N GLY A 107 29.97 36.42 9.44
CA GLY A 107 28.55 36.27 9.73
C GLY A 107 28.31 35.92 11.18
N GLY A 108 27.25 36.49 11.75
CA GLY A 108 26.89 36.27 13.16
C GLY A 108 26.29 34.90 13.39
N GLY A 109 25.20 34.62 12.68
CA GLY A 109 24.51 33.33 12.79
C GLY A 109 23.60 33.06 11.62
N HIS A 110 24.17 33.15 10.41
CA HIS A 110 23.45 32.91 9.14
C HIS A 110 22.27 33.85 8.93
N ARG A 111 22.59 35.10 8.60
CA ARG A 111 21.60 36.16 8.40
C ARG A 111 21.25 36.26 6.91
N THR A 112 19.98 36.45 6.60
CA THR A 112 19.52 36.55 5.21
C THR A 112 19.89 37.91 4.62
N LEU A 113 20.59 37.90 3.48
CA LEU A 113 21.02 39.14 2.81
C LEU A 113 19.81 39.87 2.22
N LEU A 114 19.84 41.20 2.30
CA LEU A 114 18.76 42.06 1.78
C LEU A 114 19.31 43.04 0.76
N TYR A 115 18.42 43.85 0.18
CA TYR A 115 18.81 44.93 -0.73
C TYR A 115 19.24 46.16 0.04
N GLY A 116 20.07 46.99 -0.59
CA GLY A 116 20.69 48.15 0.06
C GLY A 116 21.70 47.75 1.11
N HIS A 117 22.44 46.68 0.84
CA HIS A 117 23.37 46.07 1.79
C HIS A 117 24.76 45.97 1.17
N ALA A 118 25.78 46.44 1.90
CA ALA A 118 27.18 46.27 1.48
C ALA A 118 27.61 44.82 1.68
N ILE A 119 28.26 44.25 0.67
CA ILE A 119 28.72 42.86 0.72
C ILE A 119 30.22 42.75 0.44
N LEU A 120 30.90 41.94 1.26
CA LEU A 120 32.35 41.75 1.19
C LEU A 120 32.64 40.47 0.40
N LEU A 121 32.76 40.62 -0.92
CA LEU A 121 32.94 39.48 -1.83
C LEU A 121 34.35 38.89 -1.75
N ARG A 122 34.51 37.85 -0.93
CA ARG A 122 35.78 37.13 -0.81
C ARG A 122 35.92 36.12 -1.94
N HIS A 123 37.13 36.01 -2.50
CA HIS A 123 37.43 35.01 -3.52
C HIS A 123 37.73 33.67 -2.83
N SER A 124 37.16 32.59 -3.35
CA SER A 124 37.25 31.27 -2.72
C SER A 124 38.65 30.64 -2.78
N TYR A 125 39.41 30.96 -3.83
CA TYR A 125 40.73 30.36 -4.05
C TYR A 125 41.79 30.88 -3.07
N SER A 126 42.20 32.14 -3.22
CA SER A 126 43.26 32.75 -2.40
C SER A 126 42.67 33.67 -1.34
N GLY A 127 43.53 34.22 -0.49
CA GLY A 127 43.12 35.14 0.58
C GLY A 127 42.70 36.54 0.15
N MET A 128 42.94 36.91 -1.11
CA MET A 128 42.61 38.25 -1.62
C MET A 128 41.10 38.44 -1.82
N TYR A 129 40.60 39.62 -1.45
CA TYR A 129 39.17 39.99 -1.62
C TYR A 129 38.92 40.70 -2.95
N LEU A 130 37.65 40.81 -3.34
CA LEU A 130 37.25 41.60 -4.51
C LEU A 130 37.01 43.04 -4.07
N CYS A 131 37.69 43.98 -4.73
CA CYS A 131 37.58 45.40 -4.42
C CYS A 131 37.56 46.25 -5.68
N CYS A 132 37.05 47.48 -5.54
CA CYS A 132 37.15 48.47 -6.61
C CYS A 132 38.58 49.02 -6.61
N LEU A 133 39.38 48.54 -7.56
CA LEU A 133 40.83 48.84 -7.59
C LEU A 133 41.12 50.28 -8.04
N SER A 134 42.37 50.69 -7.82
CA SER A 134 42.82 52.06 -8.11
C SER A 134 43.28 52.24 -9.57
N THR A 135 44.19 51.38 -10.01
CA THR A 135 44.82 51.50 -11.34
C THR A 135 43.86 51.17 -12.50
N SER A 136 44.24 51.61 -13.70
CA SER A 136 43.38 51.50 -14.88
C SER A 136 44.15 51.15 -16.17
N ARG A 137 43.78 50.04 -16.80
CA ARG A 137 44.19 49.72 -18.17
C ARG A 137 42.93 49.42 -19.01
N SER A 138 42.07 50.44 -19.10
CA SER A 138 40.84 50.40 -19.90
C SER A 138 40.82 51.59 -20.84
N SER A 139 41.40 51.42 -22.02
CA SER A 139 41.53 52.48 -23.01
C SER A 139 40.19 52.93 -23.61
N THR A 140 39.24 51.99 -23.72
CA THR A 140 37.93 52.28 -24.30
C THR A 140 37.06 53.14 -23.38
N ASP A 141 36.90 52.69 -22.14
CA ASP A 141 35.97 53.34 -21.20
C ASP A 141 36.60 54.58 -20.56
N LYS A 142 37.80 54.43 -20.00
CA LYS A 142 38.56 55.53 -19.34
C LYS A 142 37.91 56.05 -18.06
N LEU A 143 36.70 56.61 -18.18
CA LEU A 143 35.87 57.01 -17.05
C LEU A 143 35.74 55.89 -16.02
N ALA A 144 35.50 54.67 -16.49
CA ALA A 144 35.41 53.49 -15.64
C ALA A 144 36.78 53.04 -15.13
N PHE A 145 36.78 52.35 -14.00
CA PHE A 145 37.98 51.71 -13.43
C PHE A 145 37.75 50.20 -13.31
N ASP A 146 38.82 49.42 -13.45
CA ASP A 146 38.73 47.95 -13.48
C ASP A 146 38.57 47.35 -12.08
N VAL A 147 37.76 46.30 -11.98
CA VAL A 147 37.62 45.51 -10.75
C VAL A 147 38.70 44.43 -10.76
N GLY A 148 39.16 44.03 -9.57
CA GLY A 148 40.17 42.97 -9.46
C GLY A 148 40.48 42.58 -8.03
N LEU A 149 41.54 41.79 -7.86
CA LEU A 149 41.89 41.17 -6.58
C LEU A 149 42.95 41.97 -5.81
N GLN A 150 42.70 42.14 -4.51
CA GLN A 150 43.68 42.73 -3.59
C GLN A 150 43.32 42.34 -2.15
N GLU A 151 44.15 42.76 -1.18
CA GLU A 151 43.92 42.45 0.25
C GLU A 151 43.91 43.73 1.11
N ASP A 152 42.74 44.34 1.22
CA ASP A 152 42.54 45.55 2.04
C ASP A 152 41.05 45.79 2.32
N THR A 153 40.73 46.12 3.57
CA THR A 153 39.36 46.47 3.98
C THR A 153 39.32 47.56 5.08
N THR A 154 40.30 48.45 5.06
CA THR A 154 40.39 49.55 6.03
C THR A 154 39.44 50.68 5.64
N GLY A 155 39.57 51.12 4.38
CA GLY A 155 38.73 52.18 3.84
C GLY A 155 37.35 51.70 3.44
N GLU A 156 36.87 52.15 2.27
CA GLU A 156 35.53 51.82 1.80
C GLU A 156 35.46 51.31 0.34
N ALA A 157 36.60 50.92 -0.24
CA ALA A 157 36.63 50.26 -1.55
C ALA A 157 36.20 48.80 -1.46
N CYS A 158 36.43 48.20 -0.30
CA CYS A 158 35.98 46.83 0.01
C CYS A 158 34.46 46.66 -0.01
N TRP A 159 33.72 47.72 0.32
CA TRP A 159 32.26 47.65 0.39
C TRP A 159 31.63 47.76 -1.01
N TRP A 160 30.61 46.94 -1.25
CA TRP A 160 29.85 46.95 -2.52
C TRP A 160 28.35 46.80 -2.20
N THR A 161 27.62 47.92 -2.26
CA THR A 161 26.20 47.94 -1.91
C THR A 161 25.34 47.25 -2.98
N ILE A 162 24.43 46.39 -2.53
CA ILE A 162 23.49 45.69 -3.41
C ILE A 162 22.31 46.59 -3.71
N HIS A 163 21.89 46.62 -4.98
CA HIS A 163 20.71 47.37 -5.42
C HIS A 163 19.94 46.57 -6.49
N PRO A 164 18.63 46.87 -6.68
CA PRO A 164 17.89 46.24 -7.78
C PRO A 164 18.15 46.91 -9.15
N ALA A 165 17.58 46.32 -10.20
CA ALA A 165 17.76 46.80 -11.58
C ALA A 165 16.47 47.41 -12.14
N SER A 166 15.47 46.56 -12.38
CA SER A 166 14.16 47.00 -12.91
C SER A 166 13.27 47.51 -11.79
N LYS A 167 12.22 48.24 -12.16
CA LYS A 167 11.28 48.82 -11.20
C LYS A 167 10.36 47.74 -10.60
N GLN A 168 10.85 47.07 -9.56
CA GLN A 168 10.12 45.96 -8.92
C GLN A 168 10.35 45.86 -7.39
N ARG A 169 11.53 45.40 -6.98
CA ARG A 169 11.81 45.08 -5.56
C ARG A 169 12.17 46.33 -4.75
N SER A 170 12.34 46.18 -3.44
CA SER A 170 12.63 47.30 -2.52
C SER A 170 13.79 47.01 -1.57
N GLU A 171 14.32 48.07 -0.95
CA GLU A 171 15.37 47.96 0.07
C GLU A 171 14.78 47.39 1.35
N GLY A 172 15.46 46.41 1.93
CA GLY A 172 14.98 45.69 3.10
C GLY A 172 14.52 44.28 2.78
N GLU A 173 13.97 44.07 1.59
CA GLU A 173 13.56 42.74 1.13
C GLU A 173 14.77 41.84 0.88
N LYS A 174 14.57 40.54 1.04
CA LYS A 174 15.65 39.54 0.98
C LYS A 174 16.13 39.33 -0.46
N VAL A 175 17.42 39.01 -0.61
CA VAL A 175 18.05 38.84 -1.92
C VAL A 175 17.66 37.49 -2.53
N ARG A 176 17.32 37.51 -3.82
CA ARG A 176 16.76 36.36 -4.52
C ARG A 176 17.76 35.64 -5.42
N VAL A 177 17.37 34.44 -5.85
CA VAL A 177 18.11 33.63 -6.81
C VAL A 177 17.41 33.72 -8.16
N GLY A 178 18.19 33.79 -9.24
CA GLY A 178 17.66 33.86 -10.61
C GLY A 178 17.49 35.28 -11.10
N ASP A 179 16.74 36.09 -10.34
CA ASP A 179 16.55 37.50 -10.64
C ASP A 179 17.84 38.30 -10.42
N ASP A 180 17.88 39.49 -10.99
CA ASP A 180 19.12 40.24 -11.18
C ASP A 180 19.41 41.27 -10.08
N LEU A 181 20.69 41.48 -9.81
CA LEU A 181 21.17 42.48 -8.83
C LEU A 181 22.04 43.56 -9.50
N ILE A 182 22.33 44.61 -8.73
CA ILE A 182 23.21 45.70 -9.15
C ILE A 182 24.16 46.04 -7.98
N LEU A 183 25.43 45.67 -8.12
CA LEU A 183 26.44 45.89 -7.06
C LEU A 183 27.18 47.21 -7.26
N VAL A 184 26.87 48.19 -6.40
CA VAL A 184 27.48 49.52 -6.46
C VAL A 184 28.57 49.64 -5.40
N SER A 185 29.80 49.92 -5.84
CA SER A 185 30.92 50.17 -4.93
C SER A 185 30.76 51.52 -4.24
N VAL A 186 31.22 51.60 -2.99
CA VAL A 186 30.98 52.77 -2.14
C VAL A 186 31.96 53.90 -2.45
N SER A 187 33.26 53.64 -2.29
CA SER A 187 34.28 54.69 -2.42
C SER A 187 34.56 55.16 -3.84
N SER A 188 34.03 54.47 -4.85
CA SER A 188 34.06 54.93 -6.25
C SER A 188 32.71 55.41 -6.78
N GLU A 189 31.61 54.92 -6.21
CA GLU A 189 30.24 55.30 -6.60
C GLU A 189 29.87 54.87 -8.03
N ARG A 190 30.30 53.66 -8.41
CA ARG A 190 30.06 53.11 -9.75
C ARG A 190 29.24 51.82 -9.70
N TYR A 191 28.61 51.51 -10.83
CA TYR A 191 27.83 50.28 -11.02
C TYR A 191 28.70 49.22 -11.68
N LEU A 192 28.47 47.95 -11.35
CA LEU A 192 29.26 46.84 -11.93
C LEU A 192 28.82 46.61 -13.39
N HIS A 193 29.77 46.69 -14.32
CA HIS A 193 29.49 46.83 -15.76
C HIS A 193 30.37 45.94 -16.63
N LEU A 194 29.79 45.43 -17.72
CA LEU A 194 30.52 44.73 -18.77
C LEU A 194 30.73 45.69 -19.94
N SER A 195 31.97 46.15 -20.10
CA SER A 195 32.32 47.05 -21.19
C SER A 195 32.63 46.27 -22.46
N TYR A 196 32.31 46.89 -23.59
CA TYR A 196 32.55 46.32 -24.91
C TYR A 196 33.79 46.99 -25.49
N GLY A 197 34.93 46.72 -24.87
CA GLY A 197 36.19 47.37 -25.21
C GLY A 197 36.86 46.84 -26.46
N ASN A 198 38.03 47.40 -26.77
CA ASN A 198 38.83 46.99 -27.93
C ASN A 198 39.37 45.56 -27.77
N GLY A 199 39.51 44.85 -28.90
CA GLY A 199 39.95 43.46 -28.89
C GLY A 199 38.85 42.51 -28.47
N SER A 200 38.59 42.47 -27.17
CA SER A 200 37.53 41.64 -26.57
C SER A 200 36.81 42.39 -25.45
N LEU A 201 35.80 41.75 -24.85
CA LEU A 201 35.06 42.31 -23.73
C LEU A 201 35.91 42.36 -22.45
N HIS A 202 35.46 43.15 -21.49
CA HIS A 202 36.10 43.18 -20.15
C HIS A 202 35.14 43.71 -19.08
N VAL A 203 35.27 43.17 -17.87
CA VAL A 203 34.49 43.63 -16.72
C VAL A 203 35.21 44.81 -16.06
N ASP A 204 34.45 45.84 -15.71
CA ASP A 204 35.01 47.08 -15.17
C ASP A 204 33.92 47.95 -14.52
N ALA A 205 34.26 48.62 -13.42
CA ALA A 205 33.30 49.47 -12.69
C ALA A 205 33.07 50.79 -13.43
N ALA A 206 31.96 50.87 -14.16
CA ALA A 206 31.58 52.05 -14.96
C ALA A 206 30.29 52.67 -14.41
N PHE A 207 29.78 53.69 -15.10
CA PHE A 207 28.48 54.29 -14.78
C PHE A 207 27.30 53.64 -15.50
N GLN A 208 27.56 52.88 -16.56
CA GLN A 208 26.52 52.15 -17.27
C GLN A 208 26.14 50.92 -16.46
N GLN A 209 24.84 50.70 -16.24
CA GLN A 209 24.36 49.60 -15.40
C GLN A 209 24.31 48.27 -16.16
N THR A 210 24.54 47.17 -15.45
CA THR A 210 24.46 45.82 -16.01
C THR A 210 23.89 44.85 -14.96
N LEU A 211 23.01 43.95 -15.41
CA LEU A 211 22.28 43.04 -14.51
C LEU A 211 23.07 41.75 -14.26
N TRP A 212 22.91 41.19 -13.05
CA TRP A 212 23.63 39.99 -12.61
C TRP A 212 22.69 38.98 -11.93
N SER A 213 22.28 37.96 -12.69
CA SER A 213 21.45 36.86 -12.15
C SER A 213 22.28 36.02 -11.19
N VAL A 214 21.74 35.77 -9.99
CA VAL A 214 22.45 35.02 -8.95
C VAL A 214 22.08 33.54 -9.02
N ALA A 215 23.02 32.69 -8.65
CA ALA A 215 22.80 31.25 -8.54
C ALA A 215 23.63 30.67 -7.39
N PRO A 216 22.99 30.02 -6.40
CA PRO A 216 23.74 29.48 -5.27
C PRO A 216 24.51 28.22 -5.64
N ILE A 217 25.79 28.21 -5.28
CA ILE A 217 26.66 27.06 -5.54
C ILE A 217 26.29 25.99 -4.52
N SER A 218 26.42 26.33 -3.24
CA SER A 218 26.02 25.46 -2.14
C SER A 218 24.92 26.13 -1.33
N SER A 219 24.30 25.35 -0.45
CA SER A 219 23.25 25.83 0.45
C SER A 219 23.86 26.57 1.64
N GLY A 220 23.00 27.20 2.42
CA GLY A 220 23.40 27.84 3.67
C GLY A 220 23.74 26.85 4.79
N SER A 221 23.06 25.70 4.80
CA SER A 221 23.19 24.70 5.88
C SER A 221 24.10 23.51 5.57
N GLU A 222 24.35 23.21 4.29
CA GLU A 222 25.14 22.02 3.90
C GLU A 222 26.65 22.31 4.02
N ALA A 223 27.41 21.32 4.51
CA ALA A 223 28.83 21.50 4.86
C ALA A 223 29.66 20.21 4.67
N ALA A 224 30.96 20.29 4.96
CA ALA A 224 31.89 19.18 4.75
C ALA A 224 31.78 18.08 5.82
N GLN A 225 32.60 18.12 6.87
CA GLN A 225 32.77 17.02 7.84
C GLN A 225 33.03 15.65 7.19
N GLY A 226 33.86 15.64 6.14
CA GLY A 226 34.23 14.40 5.43
C GLY A 226 33.17 13.82 4.50
N TYR A 227 32.40 14.70 3.83
CA TYR A 227 31.40 14.30 2.80
C TYR A 227 31.81 14.81 1.39
N LEU A 228 31.42 14.07 0.35
CA LEU A 228 31.63 14.51 -1.05
C LEU A 228 30.68 15.66 -1.42
N ILE A 229 31.23 16.72 -2.01
CA ILE A 229 30.46 17.86 -2.56
C ILE A 229 31.12 18.23 -3.91
N GLY A 230 30.29 18.58 -4.91
CA GLY A 230 30.77 18.79 -6.29
C GLY A 230 31.64 20.04 -6.43
N GLY A 231 32.74 19.92 -7.21
CA GLY A 231 33.78 20.96 -7.28
C GLY A 231 35.08 20.62 -6.53
N ASP A 232 35.03 19.65 -5.62
CA ASP A 232 36.16 19.32 -4.73
C ASP A 232 37.25 18.47 -5.41
N VAL A 233 38.51 18.65 -4.97
CA VAL A 233 39.66 17.84 -5.41
C VAL A 233 39.86 16.62 -4.47
N LEU A 234 40.14 15.44 -5.06
CA LEU A 234 40.38 14.19 -4.29
C LEU A 234 41.21 13.12 -5.06
N ARG A 235 41.89 12.26 -4.28
CA ARG A 235 42.68 11.11 -4.80
C ARG A 235 41.76 9.89 -5.10
N LEU A 236 42.13 9.11 -6.12
CA LEU A 236 41.45 7.83 -6.50
C LEU A 236 42.34 6.58 -6.18
N LEU A 237 42.30 6.11 -4.93
CA LEU A 237 43.05 4.92 -4.50
C LEU A 237 42.22 3.64 -4.65
N HIS A 238 42.89 2.49 -4.54
CA HIS A 238 42.20 1.19 -4.39
C HIS A 238 41.97 0.91 -2.90
N GLY A 239 40.91 0.17 -2.60
CA GLY A 239 40.58 -0.22 -1.23
C GLY A 239 41.51 -1.29 -0.72
N HIS A 240 41.53 -2.42 -1.43
CA HIS A 240 42.38 -3.55 -1.07
C HIS A 240 43.79 -3.35 -1.60
N MET A 241 43.91 -3.23 -2.92
CA MET A 241 45.21 -3.17 -3.62
C MET A 241 46.10 -2.00 -3.17
N ASP A 242 45.46 -0.87 -2.85
CA ASP A 242 46.12 0.38 -2.48
C ASP A 242 47.02 1.01 -3.58
N GLU A 243 46.79 0.63 -4.84
CA GLU A 243 47.40 1.34 -5.99
C GLU A 243 46.60 2.60 -6.33
N CYS A 244 47.15 3.43 -7.23
CA CYS A 244 46.55 4.74 -7.56
C CYS A 244 46.60 5.09 -9.08
N LEU A 245 45.50 5.73 -9.55
CA LEU A 245 45.36 6.21 -10.94
C LEU A 245 46.28 7.42 -11.21
N THR A 246 46.95 7.43 -12.37
CA THR A 246 47.98 8.46 -12.68
C THR A 246 48.39 8.53 -14.19
N VAL A 247 49.27 9.48 -14.51
CA VAL A 247 49.89 9.62 -15.86
C VAL A 247 51.44 9.58 -15.74
N PRO A 248 52.15 9.45 -16.89
CA PRO A 248 53.62 9.53 -16.82
C PRO A 248 54.09 10.92 -16.38
N SER A 249 55.13 10.97 -15.56
CA SER A 249 55.61 12.23 -14.98
C SER A 249 56.28 13.15 -16.02
N GLY A 250 56.67 14.35 -15.59
CA GLY A 250 57.33 15.33 -16.46
C GLY A 250 58.62 14.84 -17.09
N GLU A 251 58.47 14.11 -18.19
CA GLU A 251 59.58 13.48 -18.90
C GLU A 251 59.37 13.59 -20.42
N HIS A 252 60.29 13.01 -21.19
CA HIS A 252 60.21 12.99 -22.66
C HIS A 252 58.93 12.34 -23.20
N GLY A 253 58.63 12.61 -24.47
CA GLY A 253 57.42 12.12 -25.12
C GLY A 253 56.22 12.95 -24.72
N GLU A 254 55.98 14.04 -25.44
CA GLU A 254 54.82 14.90 -25.22
C GLU A 254 53.48 14.21 -25.53
N GLU A 255 53.49 13.31 -26.51
CA GLU A 255 52.30 12.52 -26.87
C GLU A 255 52.12 11.29 -25.99
N GLN A 256 53.22 10.78 -25.42
CA GLN A 256 53.21 9.61 -24.53
C GLN A 256 52.40 9.82 -23.24
N ARG A 257 52.33 11.06 -22.75
CA ARG A 257 51.65 11.37 -21.49
C ARG A 257 50.11 11.28 -21.56
N ARG A 258 49.53 11.37 -22.76
CA ARG A 258 48.07 11.30 -22.94
C ARG A 258 47.41 10.02 -22.42
N THR A 259 48.10 8.87 -22.53
CA THR A 259 47.55 7.60 -22.06
C THR A 259 47.44 7.56 -20.52
N VAL A 260 46.29 7.09 -20.04
CA VAL A 260 46.02 6.97 -18.61
C VAL A 260 46.51 5.59 -18.16
N HIS A 261 47.10 5.50 -16.96
CA HIS A 261 47.59 4.21 -16.41
C HIS A 261 47.59 4.05 -14.87
N TYR A 262 47.37 2.81 -14.43
CA TYR A 262 47.50 2.42 -13.02
C TYR A 262 48.99 2.29 -12.69
N GLU A 263 49.41 2.74 -11.50
CA GLU A 263 50.80 2.52 -11.03
C GLU A 263 50.93 2.51 -9.48
N GLY A 264 51.75 1.58 -8.97
CA GLY A 264 52.01 1.42 -7.53
C GLY A 264 53.23 2.23 -7.10
N GLY A 265 53.08 2.96 -6.00
CA GLY A 265 54.15 3.81 -5.47
C GLY A 265 53.66 4.80 -4.44
N ALA A 266 54.30 5.97 -4.36
CA ALA A 266 53.90 7.06 -3.47
C ALA A 266 53.36 8.26 -4.26
N VAL A 267 52.65 7.99 -5.36
CA VAL A 267 52.08 9.04 -6.21
C VAL A 267 50.85 9.71 -5.56
N SER A 268 50.17 8.98 -4.66
CA SER A 268 48.97 9.48 -3.94
C SER A 268 49.17 10.83 -3.24
N VAL A 269 50.29 10.96 -2.52
CA VAL A 269 50.67 12.24 -1.88
C VAL A 269 51.03 13.34 -2.89
N HIS A 270 51.57 12.96 -4.06
CA HIS A 270 51.90 13.91 -5.14
C HIS A 270 50.70 14.38 -5.97
N ALA A 271 50.88 15.55 -6.61
CA ALA A 271 49.79 16.27 -7.32
C ALA A 271 49.29 15.59 -8.63
N ARG A 272 50.16 14.78 -9.26
CA ARG A 272 49.81 14.02 -10.49
C ARG A 272 48.70 12.96 -10.26
N SER A 273 48.60 12.44 -9.01
CA SER A 273 47.51 11.51 -8.64
C SER A 273 46.10 12.15 -8.57
N LEU A 274 46.05 13.47 -8.31
CA LEU A 274 44.80 14.19 -7.96
C LEU A 274 43.80 14.36 -9.13
N TRP A 275 42.49 14.31 -8.80
CA TRP A 275 41.37 14.50 -9.76
C TRP A 275 40.27 15.43 -9.18
N ARG A 276 39.81 16.41 -9.97
CA ARG A 276 38.77 17.40 -9.56
C ARG A 276 37.40 17.17 -10.24
N LEU A 277 36.38 16.86 -9.44
CA LEU A 277 35.01 16.59 -9.92
C LEU A 277 34.27 17.89 -10.31
N GLU A 278 33.52 17.86 -11.42
CA GLU A 278 32.70 18.98 -11.88
C GLU A 278 31.38 18.51 -12.50
N THR A 279 30.26 19.11 -12.07
CA THR A 279 28.92 18.72 -12.54
C THR A 279 28.54 19.42 -13.85
N LEU A 280 27.44 18.98 -14.45
CA LEU A 280 26.94 19.52 -15.72
C LEU A 280 26.29 20.88 -15.51
N ARG A 281 25.26 20.91 -14.66
CA ARG A 281 24.49 22.12 -14.41
C ARG A 281 25.29 23.15 -13.61
N VAL A 282 25.01 24.43 -13.86
CA VAL A 282 25.75 25.53 -13.25
C VAL A 282 25.29 25.74 -11.81
N ALA A 283 23.99 25.99 -11.64
CA ALA A 283 23.40 26.21 -10.32
C ALA A 283 23.31 24.89 -9.56
N TRP A 284 23.60 24.95 -8.25
CA TRP A 284 23.68 23.78 -7.38
C TRP A 284 24.69 22.72 -7.87
N SER A 285 25.88 23.22 -8.21
CA SER A 285 27.07 22.39 -8.43
C SER A 285 27.80 22.12 -7.10
N GLY A 286 27.62 23.03 -6.14
CA GLY A 286 28.05 22.83 -4.75
C GLY A 286 27.04 22.10 -3.87
N SER A 287 25.96 21.59 -4.47
CA SER A 287 25.08 20.60 -3.81
C SER A 287 25.86 19.29 -3.55
N HIS A 288 25.46 18.54 -2.52
CA HIS A 288 26.11 17.26 -2.21
C HIS A 288 25.94 16.27 -3.35
N ILE A 289 27.06 15.70 -3.80
CA ILE A 289 27.07 14.74 -4.91
C ILE A 289 26.46 13.44 -4.41
N ARG A 290 25.64 12.85 -5.26
CA ARG A 290 24.89 11.64 -4.94
C ARG A 290 24.97 10.63 -6.09
N TRP A 291 24.70 9.36 -5.77
CA TRP A 291 24.92 8.24 -6.70
C TRP A 291 23.94 8.31 -7.89
N GLY A 292 24.43 8.01 -9.10
CA GLY A 292 23.64 8.09 -10.33
C GLY A 292 23.52 9.49 -10.92
N GLN A 293 24.26 10.46 -10.36
CA GLN A 293 24.28 11.83 -10.87
C GLN A 293 25.46 11.96 -11.84
N PRO A 294 25.23 12.55 -13.03
CA PRO A 294 26.33 12.67 -14.01
C PRO A 294 27.35 13.78 -13.66
N PHE A 295 28.64 13.55 -13.98
CA PHE A 295 29.70 14.57 -13.75
C PHE A 295 30.99 14.36 -14.58
N ARG A 296 31.66 15.47 -14.91
CA ARG A 296 32.99 15.43 -15.57
C ARG A 296 34.12 15.24 -14.51
N LEU A 297 35.23 14.60 -14.91
CA LEU A 297 36.43 14.42 -14.04
C LEU A 297 37.71 15.05 -14.65
N ARG A 298 37.95 16.31 -14.29
CA ARG A 298 39.14 17.06 -14.76
C ARG A 298 40.42 16.59 -14.04
N HIS A 299 41.55 16.54 -14.76
CA HIS A 299 42.87 16.42 -14.08
C HIS A 299 43.37 17.82 -13.66
N VAL A 300 44.09 17.89 -12.53
CA VAL A 300 44.49 19.18 -11.93
C VAL A 300 45.73 19.85 -12.58
N THR A 301 46.82 19.09 -12.77
CA THR A 301 48.14 19.63 -13.14
C THR A 301 48.28 20.23 -14.57
N THR A 302 47.59 19.64 -15.55
CA THR A 302 47.67 20.07 -16.96
C THR A 302 46.47 20.90 -17.44
N GLY A 303 45.28 20.61 -16.91
CA GLY A 303 44.04 21.30 -17.30
C GLY A 303 43.38 20.66 -18.50
N LYS A 304 43.13 19.35 -18.41
CA LYS A 304 42.48 18.58 -19.47
C LYS A 304 41.59 17.49 -18.85
N TYR A 305 40.40 17.31 -19.42
CA TYR A 305 39.37 16.43 -18.86
C TYR A 305 39.53 14.97 -19.34
N LEU A 306 39.16 14.01 -18.47
CA LEU A 306 39.15 12.57 -18.80
C LEU A 306 38.05 12.26 -19.83
N SER A 307 38.43 11.49 -20.86
CA SER A 307 37.50 11.09 -21.91
C SER A 307 37.83 9.70 -22.42
N LEU A 308 36.96 9.18 -23.29
CA LEU A 308 37.16 7.90 -23.94
C LEU A 308 37.03 8.09 -25.45
N MET A 309 38.15 7.98 -26.15
CA MET A 309 38.19 8.19 -27.61
C MET A 309 37.61 7.00 -28.37
N GLU A 310 37.52 7.13 -29.70
CA GLU A 310 36.93 6.09 -30.57
C GLU A 310 37.65 4.73 -30.52
N ASP A 311 38.93 4.73 -30.16
CA ASP A 311 39.71 3.47 -30.00
C ASP A 311 39.41 2.66 -28.73
N LYS A 312 38.56 3.17 -27.84
CA LYS A 312 38.14 2.50 -26.60
C LYS A 312 39.29 2.34 -25.59
N ASN A 313 40.00 3.44 -25.36
CA ASN A 313 41.03 3.54 -24.31
C ASN A 313 40.98 4.96 -23.72
N LEU A 314 41.24 5.06 -22.42
CA LEU A 314 41.12 6.32 -21.70
C LEU A 314 42.21 7.30 -22.14
N LEU A 315 41.79 8.43 -22.72
CA LEU A 315 42.68 9.45 -23.26
C LEU A 315 42.18 10.85 -22.90
N LEU A 316 43.10 11.79 -22.78
CA LEU A 316 42.79 13.17 -22.34
C LEU A 316 42.82 14.14 -23.53
N MET A 317 41.82 15.04 -23.58
CA MET A 317 41.70 16.05 -24.64
C MET A 317 41.64 17.46 -24.07
N ASP A 318 41.83 18.44 -24.96
CA ASP A 318 41.87 19.86 -24.57
C ASP A 318 40.50 20.41 -24.18
N LYS A 319 40.49 21.63 -23.66
CA LYS A 319 39.25 22.35 -23.33
C LYS A 319 38.35 22.61 -24.54
N GLU A 320 38.97 22.79 -25.72
CA GLU A 320 38.23 23.13 -26.94
C GLU A 320 37.55 21.89 -27.55
N LYS A 321 38.27 20.76 -27.61
CA LYS A 321 37.78 19.54 -28.28
C LYS A 321 36.90 18.62 -27.42
N ALA A 322 36.93 18.77 -26.10
CA ALA A 322 36.18 17.88 -25.20
C ALA A 322 34.67 18.05 -25.33
N ASP A 323 33.94 16.94 -25.13
CA ASP A 323 32.47 16.94 -25.20
C ASP A 323 31.85 15.97 -24.18
N VAL A 324 30.60 16.24 -23.82
CA VAL A 324 29.90 15.48 -22.77
C VAL A 324 29.62 14.04 -23.19
N LYS A 325 29.34 13.82 -24.47
CA LYS A 325 29.10 12.47 -25.01
C LYS A 325 30.29 11.52 -24.77
N SER A 326 31.50 12.07 -24.77
CA SER A 326 32.72 11.30 -24.46
C SER A 326 33.13 11.42 -22.98
N THR A 327 33.10 12.62 -22.43
CA THR A 327 33.70 12.93 -21.12
C THR A 327 32.85 12.65 -19.88
N ALA A 328 31.59 12.23 -20.06
CA ALA A 328 30.67 12.03 -18.92
C ALA A 328 31.02 10.81 -18.05
N PHE A 329 30.76 10.94 -16.75
CA PHE A 329 31.01 9.87 -15.74
C PHE A 329 29.98 9.92 -14.57
N THR A 330 29.87 8.80 -13.84
CA THR A 330 28.94 8.66 -12.69
C THR A 330 29.40 7.57 -11.69
N PHE A 331 29.23 7.84 -10.39
CA PHE A 331 29.50 6.84 -9.32
C PHE A 331 28.39 5.78 -9.24
N ARG A 332 28.77 4.54 -8.92
CA ARG A 332 27.82 3.40 -8.72
C ARG A 332 28.20 2.64 -7.43
N SER A 333 27.22 2.32 -6.59
CA SER A 333 27.44 1.63 -5.30
C SER A 333 27.78 0.13 -5.46
N SER A 334 27.23 -0.51 -6.49
CA SER A 334 27.40 -1.95 -6.76
C SER A 334 27.21 -2.26 -8.27
N LYS A 335 26.79 -3.48 -8.60
CA LYS A 335 26.47 -3.87 -9.97
C LYS A 335 24.99 -4.21 -10.15
N GLU A 336 24.13 -3.25 -9.78
CA GLU A 336 22.71 -3.25 -10.15
C GLU A 336 22.57 -2.30 -11.37
N LYS A 337 21.37 -2.20 -11.94
CA LYS A 337 21.16 -1.46 -13.22
C LYS A 337 20.65 -0.02 -13.04
N LEU A 338 20.72 0.77 -14.12
CA LEU A 338 20.29 2.20 -14.15
C LEU A 338 18.87 2.45 -14.70
N ASP A 339 18.29 1.50 -15.44
CA ASP A 339 17.05 1.75 -16.21
C ASP A 339 15.79 1.96 -15.34
N GLY A 340 14.92 2.87 -15.77
CA GLY A 340 13.67 3.19 -15.07
C GLY A 340 13.07 4.53 -15.46
N GLY A 341 13.47 5.59 -14.74
CA GLY A 341 12.98 6.95 -14.98
C GLY A 341 13.83 8.01 -14.30
N VAL A 342 13.55 8.27 -13.02
CA VAL A 342 14.31 9.23 -12.20
C VAL A 342 14.30 8.83 -10.70
N ARG A 343 15.31 8.08 -10.26
CA ARG A 343 15.45 7.60 -8.86
C ARG A 343 16.89 7.85 -8.32
N LYS A 344 17.01 8.04 -7.01
CA LYS A 344 18.31 8.22 -6.32
C LYS A 344 18.86 6.87 -5.81
N GLU A 345 20.18 6.75 -5.74
CA GLU A 345 20.88 5.49 -5.44
C GLU A 345 21.62 5.55 -4.08
N VAL A 346 21.82 4.37 -3.46
CA VAL A 346 22.33 4.26 -2.06
C VAL A 346 23.19 3.00 -1.84
N ASP A 347 24.14 3.09 -0.90
CA ASP A 347 25.04 1.97 -0.53
C ASP A 347 24.55 1.19 0.72
N GLY A 348 25.33 0.21 1.18
CA GLY A 348 24.91 -0.71 2.25
C GLY A 348 25.39 -0.46 3.67
N MET A 349 25.58 0.81 4.05
CA MET A 349 25.82 1.20 5.46
C MET A 349 24.94 2.35 5.98
N GLY A 350 24.05 2.89 5.15
CA GLY A 350 22.99 3.82 5.60
C GLY A 350 23.34 5.30 5.63
N THR A 351 23.48 5.90 4.44
CA THR A 351 23.63 7.36 4.30
C THR A 351 23.24 7.83 2.88
N SER A 352 22.60 9.00 2.80
CA SER A 352 22.11 9.57 1.52
C SER A 352 23.25 10.11 0.64
N GLU A 353 24.15 10.92 1.23
CA GLU A 353 25.26 11.57 0.51
C GLU A 353 26.56 10.74 0.61
N ILE A 354 27.48 10.95 -0.33
CA ILE A 354 28.70 10.11 -0.49
C ILE A 354 29.84 10.48 0.52
N LYS A 355 29.88 9.77 1.65
CA LYS A 355 30.88 10.01 2.72
C LYS A 355 32.23 9.38 2.32
N TYR A 356 33.35 10.01 2.69
CA TYR A 356 34.70 9.41 2.53
C TYR A 356 34.84 8.27 3.56
N GLY A 357 34.38 7.06 3.23
CA GLY A 357 34.44 5.90 4.15
C GLY A 357 33.75 4.62 3.68
N ASP A 358 32.52 4.40 4.15
CA ASP A 358 31.72 3.19 3.77
C ASP A 358 31.22 3.17 2.30
N SER A 359 31.21 4.33 1.64
CA SER A 359 30.86 4.47 0.20
C SER A 359 31.82 3.70 -0.77
N ILE A 360 31.50 2.43 -1.04
CA ILE A 360 32.23 1.63 -2.06
C ILE A 360 31.85 2.13 -3.48
N CYS A 361 32.82 2.68 -4.20
CA CYS A 361 32.57 3.38 -5.50
C CYS A 361 32.91 2.55 -6.75
N TYR A 362 32.09 2.69 -7.78
CA TYR A 362 32.34 2.13 -9.13
C TYR A 362 32.01 3.18 -10.24
N ILE A 363 33.01 3.51 -11.07
CA ILE A 363 32.85 4.53 -12.13
C ILE A 363 32.14 3.92 -13.36
N GLN A 364 31.17 4.66 -13.95
CA GLN A 364 30.33 4.17 -15.09
C GLN A 364 29.84 5.29 -16.05
N HIS A 365 30.02 5.11 -17.36
CA HIS A 365 29.47 6.04 -18.39
C HIS A 365 27.92 5.95 -18.44
N VAL A 366 27.24 7.09 -18.59
CA VAL A 366 25.76 7.17 -18.49
C VAL A 366 25.07 6.61 -19.75
N ASP A 367 25.47 7.14 -20.91
CA ASP A 367 24.79 6.85 -22.18
C ASP A 367 24.90 5.38 -22.59
N THR A 368 26.11 4.82 -22.51
CA THR A 368 26.39 3.45 -22.91
C THR A 368 26.15 2.45 -21.78
N GLY A 369 26.65 2.79 -20.58
CA GLY A 369 26.58 1.91 -19.42
C GLY A 369 27.80 0.99 -19.27
N LEU A 370 28.94 1.46 -19.75
CA LEU A 370 30.19 0.67 -19.70
C LEU A 370 31.02 1.00 -18.45
N TRP A 371 31.61 -0.02 -17.82
CA TRP A 371 32.43 0.12 -16.59
C TRP A 371 33.90 0.53 -16.91
N LEU A 372 34.50 1.35 -16.03
CA LEU A 372 35.95 1.65 -16.12
C LEU A 372 36.75 0.48 -15.50
N THR A 373 37.79 0.01 -16.19
CA THR A 373 38.49 -1.22 -15.81
C THR A 373 40.00 -1.13 -16.08
N TYR A 374 40.78 -1.89 -15.31
CA TYR A 374 42.23 -1.99 -15.52
C TYR A 374 42.57 -3.00 -16.62
N GLN A 375 43.85 -3.04 -16.99
CA GLN A 375 44.34 -3.92 -18.05
C GLN A 375 45.72 -4.45 -17.69
N SER A 376 45.82 -5.77 -17.51
CA SER A 376 47.08 -6.43 -17.16
C SER A 376 48.02 -6.53 -18.37
N VAL A 377 49.28 -6.88 -18.09
CA VAL A 377 50.30 -7.05 -19.14
C VAL A 377 51.23 -8.21 -18.79
N ASP A 378 51.57 -9.01 -19.81
CA ASP A 378 52.41 -10.20 -19.63
C ASP A 378 53.89 -9.85 -19.79
N ILE A 387 54.93 -3.16 -11.91
CA ILE A 387 54.69 -1.91 -11.20
C ILE A 387 53.59 -1.06 -11.81
N GLN A 388 53.46 -1.11 -13.15
CA GLN A 388 52.49 -0.29 -13.90
C GLN A 388 51.54 -1.18 -14.70
N ARG A 389 50.29 -0.73 -14.84
CA ARG A 389 49.26 -1.44 -15.62
C ARG A 389 48.41 -0.46 -16.41
N LYS A 390 47.92 -0.90 -17.58
CA LYS A 390 47.06 -0.06 -18.45
C LYS A 390 45.61 -0.03 -17.98
N ALA A 391 44.80 0.80 -18.64
CA ALA A 391 43.38 0.96 -18.32
C ALA A 391 42.51 0.90 -19.59
N ILE A 392 41.25 0.50 -19.42
CA ILE A 392 40.31 0.35 -20.53
C ILE A 392 38.86 0.32 -20.03
N MET A 393 37.97 1.01 -20.74
CA MET A 393 36.55 1.06 -20.35
C MET A 393 35.84 -0.19 -20.85
N HIS A 394 35.78 -1.21 -19.98
CA HIS A 394 35.28 -2.54 -20.36
C HIS A 394 33.82 -2.74 -19.95
N HIS A 395 33.10 -3.54 -20.74
CA HIS A 395 31.65 -3.72 -20.57
C HIS A 395 31.21 -4.49 -19.31
N GLU A 396 32.10 -5.32 -18.75
CA GLU A 396 31.77 -6.17 -17.60
C GLU A 396 32.56 -5.85 -16.33
N GLY A 397 33.86 -5.61 -16.45
CA GLY A 397 34.72 -5.30 -15.31
C GLY A 397 35.09 -6.52 -14.48
N HIS A 398 35.44 -6.27 -13.21
CA HIS A 398 35.86 -7.30 -12.26
C HIS A 398 35.18 -7.10 -10.90
N MET A 399 35.20 -8.15 -10.06
CA MET A 399 34.69 -8.10 -8.67
C MET A 399 35.43 -7.11 -7.74
N ASP A 400 36.73 -6.89 -8.02
CA ASP A 400 37.58 -5.95 -7.24
C ASP A 400 37.53 -4.48 -7.75
N ASP A 401 36.55 -4.15 -8.60
CA ASP A 401 36.29 -2.76 -9.06
C ASP A 401 35.78 -1.81 -7.92
N GLY A 402 35.50 -2.34 -6.73
CA GLY A 402 35.34 -1.53 -5.51
C GLY A 402 36.52 -0.59 -5.29
N LEU A 403 36.22 0.70 -5.08
CA LEU A 403 37.20 1.80 -5.11
C LEU A 403 37.18 2.65 -3.82
N ASN A 404 38.35 3.20 -3.45
CA ASN A 404 38.55 3.95 -2.19
C ASN A 404 39.07 5.37 -2.47
N LEU A 405 38.17 6.36 -2.38
CA LEU A 405 38.53 7.78 -2.55
C LEU A 405 39.16 8.36 -1.25
N SER A 406 40.13 9.27 -1.39
CA SER A 406 40.75 9.97 -0.25
C SER A 406 40.72 11.51 -0.46
N ARG A 407 40.37 12.25 0.59
CA ARG A 407 40.20 13.73 0.52
C ARG A 407 41.53 14.50 0.30
N SER A 408 41.53 15.42 -0.68
CA SER A 408 42.69 16.29 -0.98
C SER A 408 42.68 17.57 -0.13
N GLN A 409 43.86 18.18 0.02
CA GLN A 409 44.10 19.24 1.01
C GLN A 409 43.79 20.64 0.47
N HIS A 410 43.63 21.60 1.39
CA HIS A 410 43.40 23.01 1.08
C HIS A 410 44.63 23.65 0.42
N GLU A 411 45.79 23.50 1.08
CA GLU A 411 47.04 24.08 0.60
C GLU A 411 47.62 23.31 -0.61
N GLU A 412 47.34 22.01 -0.69
CA GLU A 412 47.74 21.20 -1.86
C GLU A 412 47.05 21.68 -3.14
N SER A 413 45.73 21.89 -3.07
CA SER A 413 44.94 22.36 -4.23
C SER A 413 45.32 23.80 -4.67
N ARG A 414 45.66 24.67 -3.72
CA ARG A 414 46.21 26.01 -4.02
C ARG A 414 47.55 25.92 -4.77
N THR A 415 48.42 25.01 -4.32
CA THR A 415 49.73 24.77 -4.96
C THR A 415 49.62 24.17 -6.38
N ALA A 416 48.57 23.36 -6.61
CA ALA A 416 48.30 22.70 -7.92
C ALA A 416 47.71 23.66 -8.97
N ARG A 417 46.79 24.55 -8.56
CA ARG A 417 46.28 25.64 -9.42
C ARG A 417 47.45 26.55 -9.89
N VAL A 418 48.42 26.81 -9.00
CA VAL A 418 49.67 27.52 -9.37
C VAL A 418 50.53 26.69 -10.35
N ILE A 419 50.55 25.35 -10.21
CA ILE A 419 51.20 24.45 -11.21
C ILE A 419 50.55 24.62 -12.60
N ARG A 420 49.22 24.75 -12.62
CA ARG A 420 48.45 24.96 -13.86
C ARG A 420 48.62 26.38 -14.38
N SER A 421 48.72 27.35 -13.47
CA SER A 421 48.99 28.74 -13.81
C SER A 421 50.39 28.94 -14.39
N THR A 422 51.38 28.25 -13.83
CA THR A 422 52.77 28.36 -14.30
C THR A 422 52.94 27.69 -15.67
N VAL A 423 52.61 26.40 -15.78
CA VAL A 423 52.86 25.63 -17.02
C VAL A 423 52.38 26.33 -18.31
N PHE A 424 51.08 26.64 -18.39
CA PHE A 424 50.50 27.15 -19.64
C PHE A 424 50.89 28.61 -19.91
N LEU A 425 50.92 29.43 -18.87
CA LEU A 425 51.32 30.84 -19.01
C LEU A 425 52.80 30.97 -19.37
N PHE A 426 53.64 30.13 -18.77
CA PHE A 426 55.07 30.07 -19.12
C PHE A 426 55.26 29.41 -20.48
N ASN A 427 54.39 28.45 -20.84
CA ASN A 427 54.34 27.91 -22.20
C ASN A 427 53.95 28.99 -23.21
N ARG A 428 53.00 29.86 -22.85
CA ARG A 428 52.66 31.02 -23.68
C ARG A 428 53.79 32.06 -23.76
N PHE A 429 54.58 32.17 -22.70
CA PHE A 429 55.82 32.97 -22.73
C PHE A 429 56.90 32.31 -23.60
N ILE A 430 57.05 30.99 -23.49
CA ILE A 430 57.98 30.22 -24.32
C ILE A 430 57.53 30.21 -25.80
N ARG A 431 56.22 30.12 -26.02
CA ARG A 431 55.64 30.19 -27.38
C ARG A 431 55.90 31.55 -28.03
N GLY A 432 55.96 32.61 -27.22
CA GLY A 432 56.37 33.94 -27.69
C GLY A 432 57.83 34.00 -28.12
N LEU A 433 58.74 33.71 -27.19
CA LEU A 433 60.19 33.76 -27.43
C LEU A 433 60.68 32.82 -28.55
N ASP A 434 59.97 31.72 -28.79
CA ASP A 434 60.26 30.81 -29.91
C ASP A 434 59.93 31.46 -31.26
N ALA A 435 58.76 32.08 -31.35
CA ALA A 435 58.35 32.83 -32.54
C ALA A 435 59.18 34.11 -32.74
N LEU A 436 59.62 34.71 -31.63
CA LEU A 436 60.51 35.87 -31.67
C LEU A 436 61.94 35.52 -32.11
N SER A 437 62.38 34.30 -31.79
CA SER A 437 63.65 33.77 -32.31
C SER A 437 63.51 33.35 -33.78
N LYS A 438 62.33 32.87 -34.17
CA LYS A 438 62.00 32.58 -35.59
C LYS A 438 61.94 33.83 -36.50
N LYS A 439 61.81 35.02 -35.89
CA LYS A 439 61.75 36.32 -36.61
C LYS A 439 60.44 36.49 -37.42
N ALA A 440 59.51 37.26 -36.85
CA ALA A 440 58.23 37.58 -37.48
C ALA A 440 57.80 39.00 -37.08
N LYS A 441 56.52 39.34 -37.31
CA LYS A 441 55.98 40.65 -36.91
C LYS A 441 55.87 40.75 -35.38
N ALA A 442 56.16 41.92 -34.84
CA ALA A 442 56.26 42.14 -33.40
C ALA A 442 54.91 42.23 -32.68
N SER A 443 53.93 42.88 -33.31
CA SER A 443 52.63 43.15 -32.68
C SER A 443 51.71 41.93 -32.55
N SER A 444 51.78 41.01 -33.52
CA SER A 444 50.85 39.86 -33.58
C SER A 444 51.08 38.75 -32.54
N VAL A 445 52.27 38.71 -31.93
CA VAL A 445 52.64 37.63 -30.99
C VAL A 445 51.98 37.85 -29.62
N ASP A 446 51.39 36.78 -29.06
CA ASP A 446 50.81 36.80 -27.73
C ASP A 446 51.92 36.65 -26.68
N LEU A 447 52.49 37.79 -26.27
CA LEU A 447 53.57 37.84 -25.29
C LEU A 447 53.07 38.66 -24.08
N PRO A 448 52.30 38.02 -23.17
CA PRO A 448 51.76 38.75 -22.03
C PRO A 448 52.84 38.97 -20.96
N ILE A 449 53.59 40.06 -21.13
CA ILE A 449 54.73 40.39 -20.26
C ILE A 449 54.25 40.75 -18.84
N GLU A 450 53.20 41.55 -18.75
CA GLU A 450 52.60 41.91 -17.46
C GLU A 450 52.07 40.69 -16.70
N SER A 451 51.51 39.72 -17.42
CA SER A 451 51.02 38.47 -16.82
C SER A 451 52.16 37.56 -16.39
N VAL A 452 53.20 37.46 -17.23
CA VAL A 452 54.39 36.66 -16.91
C VAL A 452 55.19 37.26 -15.76
N SER A 453 55.31 38.59 -15.74
CA SER A 453 55.95 39.30 -14.62
C SER A 453 55.18 39.07 -13.32
N LEU A 454 53.85 39.21 -13.38
CA LEU A 454 52.98 38.94 -12.23
C LEU A 454 52.92 37.46 -11.84
N SER A 455 53.01 36.56 -12.83
CA SER A 455 53.09 35.11 -12.56
C SER A 455 54.37 34.76 -11.84
N LEU A 456 55.48 35.33 -12.28
CA LEU A 456 56.76 35.22 -11.58
C LEU A 456 56.74 35.91 -10.21
N GLN A 457 56.06 37.06 -10.12
CA GLN A 457 55.92 37.81 -8.87
C GLN A 457 55.09 37.04 -7.84
N ASP A 458 53.98 36.46 -8.28
CA ASP A 458 53.10 35.66 -7.40
C ASP A 458 53.73 34.33 -6.97
N LEU A 459 54.67 33.80 -7.76
CA LEU A 459 55.40 32.56 -7.42
C LEU A 459 56.43 32.74 -6.28
N ILE A 460 57.14 33.88 -6.28
CA ILE A 460 58.24 34.12 -5.33
C ILE A 460 57.79 34.15 -3.86
N GLY A 461 56.67 34.81 -3.59
CA GLY A 461 56.08 34.85 -2.24
C GLY A 461 55.65 33.49 -1.70
N TYR A 462 55.33 32.57 -2.62
CA TYR A 462 55.00 31.18 -2.27
C TYR A 462 56.23 30.45 -1.70
N PHE A 463 57.41 30.71 -2.28
CA PHE A 463 58.67 30.09 -1.84
C PHE A 463 59.61 31.04 -1.04
N HIS A 464 59.13 32.22 -0.68
CA HIS A 464 59.93 33.20 0.07
C HIS A 464 60.27 32.66 1.47
N PRO A 465 61.50 32.92 1.99
CA PRO A 465 61.83 32.46 3.33
C PRO A 465 60.86 32.97 4.41
N PRO A 466 60.24 32.05 5.20
CA PRO A 466 59.11 32.38 6.10
C PRO A 466 59.22 33.59 7.05
N ASP A 467 60.45 34.02 7.37
CA ASP A 467 60.72 35.13 8.30
C ASP A 467 60.72 34.61 9.75
N GLU A 468 61.91 34.46 10.33
CA GLU A 468 62.14 33.68 11.56
C GLU A 468 61.59 34.32 12.87
N HIS A 469 61.41 35.65 12.88
CA HIS A 469 60.92 36.38 14.09
C HIS A 469 59.46 36.09 14.48
N LEU A 470 58.67 35.45 13.61
CA LEU A 470 57.33 34.89 13.96
C LEU A 470 57.42 33.80 15.06
N GLU A 471 56.38 33.72 15.91
CA GLU A 471 56.40 32.91 17.15
C GLU A 471 56.45 31.39 16.88
N HIS A 472 57.21 30.67 17.72
CA HIS A 472 57.72 29.28 17.50
C HIS A 472 57.23 28.46 16.28
N GLU A 473 55.97 28.01 16.29
CA GLU A 473 55.50 26.95 15.35
C GLU A 473 55.25 27.47 13.92
N ASP A 474 54.61 28.63 13.80
CA ASP A 474 54.27 29.30 12.51
C ASP A 474 55.43 29.33 11.47
N LYS A 475 56.68 29.36 11.95
CA LYS A 475 57.87 29.25 11.07
C LYS A 475 58.06 27.85 10.43
N GLN A 476 57.79 26.79 11.19
CA GLN A 476 57.94 25.40 10.71
C GLN A 476 56.94 25.02 9.62
N ASN A 477 55.70 25.49 9.74
CA ASN A 477 54.64 25.18 8.76
C ASN A 477 54.94 25.77 7.38
N ARG A 478 55.43 27.01 7.36
CA ARG A 478 55.86 27.65 6.10
C ARG A 478 57.14 27.03 5.54
N LEU A 479 58.04 26.53 6.40
CA LEU A 479 59.23 25.79 5.94
C LEU A 479 58.88 24.40 5.41
N ARG A 480 57.96 23.70 6.08
CA ARG A 480 57.42 22.43 5.56
C ARG A 480 56.55 22.65 4.32
N ALA A 481 55.91 23.82 4.22
CA ALA A 481 55.24 24.23 2.98
C ALA A 481 56.27 24.50 1.89
N LEU A 482 57.33 25.25 2.23
CA LEU A 482 58.47 25.45 1.34
C LEU A 482 59.14 24.13 0.95
N LYS A 483 59.14 23.17 1.87
CA LYS A 483 59.62 21.80 1.61
C LYS A 483 58.65 21.04 0.71
N ASN A 484 57.35 21.18 0.96
CA ASN A 484 56.30 20.47 0.21
C ASN A 484 56.07 21.05 -1.18
N ARG A 485 55.98 22.37 -1.27
CA ARG A 485 55.71 23.07 -2.54
C ARG A 485 56.81 22.82 -3.58
N GLN A 486 58.07 22.80 -3.14
CA GLN A 486 59.21 22.52 -4.03
C GLN A 486 59.25 21.06 -4.53
N ASN A 487 58.71 20.12 -3.75
CA ASN A 487 58.57 18.71 -4.19
C ASN A 487 57.50 18.55 -5.28
N LEU A 488 56.40 19.29 -5.16
CA LEU A 488 55.31 19.25 -6.16
C LEU A 488 55.70 19.89 -7.52
N PHE A 489 56.70 20.78 -7.51
CA PHE A 489 57.21 21.40 -8.76
C PHE A 489 58.16 20.48 -9.56
N GLN A 490 58.77 19.49 -8.91
CA GLN A 490 59.62 18.50 -9.61
C GLN A 490 58.85 17.27 -10.12
N GLU A 491 57.59 17.11 -9.71
CA GLU A 491 56.71 16.06 -10.26
C GLU A 491 56.36 16.37 -11.71
N GLU A 492 55.78 17.54 -11.93
CA GLU A 492 55.46 18.02 -13.28
C GLU A 492 56.69 18.51 -14.04
N GLY A 493 57.74 18.90 -13.32
CA GLY A 493 58.99 19.33 -13.93
C GLY A 493 59.01 20.82 -14.24
N MET A 494 58.78 21.63 -13.21
CA MET A 494 58.86 23.09 -13.30
C MET A 494 60.31 23.59 -13.23
N ILE A 495 61.22 22.73 -12.77
CA ILE A 495 62.66 23.04 -12.72
C ILE A 495 63.21 23.13 -14.15
N ASN A 496 62.91 22.10 -14.95
CA ASN A 496 63.32 22.06 -16.37
C ASN A 496 62.55 23.04 -17.24
N LEU A 497 61.32 23.39 -16.83
CA LEU A 497 60.51 24.43 -17.50
C LEU A 497 61.19 25.80 -17.42
N VAL A 498 61.76 26.11 -16.25
CA VAL A 498 62.49 27.37 -16.04
C VAL A 498 63.84 27.37 -16.77
N LEU A 499 64.53 26.22 -16.78
CA LEU A 499 65.82 26.08 -17.48
C LEU A 499 65.78 26.50 -18.96
N GLU A 500 64.69 26.16 -19.64
CA GLU A 500 64.50 26.51 -21.06
C GLU A 500 64.23 28.01 -21.26
N CYS A 501 63.38 28.58 -20.41
CA CYS A 501 63.06 30.01 -20.45
C CYS A 501 64.29 30.91 -20.37
N ILE A 502 65.28 30.50 -19.58
CA ILE A 502 66.50 31.27 -19.39
C ILE A 502 67.40 31.17 -20.64
N ASP A 503 67.59 29.95 -21.13
CA ASP A 503 68.38 29.73 -22.36
C ASP A 503 67.76 30.41 -23.58
N ARG A 504 66.43 30.44 -23.66
CA ARG A 504 65.73 31.16 -24.72
C ARG A 504 65.86 32.68 -24.59
N LEU A 505 65.83 33.19 -23.36
CA LEU A 505 66.15 34.59 -23.09
C LEU A 505 67.62 34.91 -23.38
N HIS A 506 68.50 33.94 -23.15
CA HIS A 506 69.94 34.08 -23.44
C HIS A 506 70.33 33.97 -24.92
N VAL A 507 69.36 33.72 -25.80
CA VAL A 507 69.56 33.86 -27.26
C VAL A 507 69.71 35.35 -27.63
N TYR A 508 68.99 36.22 -26.92
CA TYR A 508 68.99 37.66 -27.20
C TYR A 508 70.13 38.35 -26.43
N SER A 509 70.82 39.29 -27.08
CA SER A 509 72.07 39.86 -26.55
C SER A 509 71.85 41.03 -25.57
N SER A 510 71.91 42.27 -26.06
CA SER A 510 71.87 43.46 -25.20
C SER A 510 70.44 43.82 -24.80
N ALA A 511 70.30 44.84 -23.96
CA ALA A 511 68.98 45.36 -23.58
C ALA A 511 68.20 45.94 -24.77
N ALA A 512 68.91 46.55 -25.70
CA ALA A 512 68.30 47.10 -26.93
C ALA A 512 67.80 46.04 -27.92
N HIS A 513 68.38 44.84 -27.88
CA HIS A 513 68.08 43.77 -28.85
C HIS A 513 66.70 43.13 -28.65
N PHE A 514 66.39 42.75 -27.41
CA PHE A 514 65.09 42.14 -27.08
C PHE A 514 63.93 43.13 -27.26
N ALA A 515 64.20 44.42 -27.04
CA ALA A 515 63.22 45.49 -27.32
C ALA A 515 62.86 45.57 -28.79
N ASP A 516 63.86 45.41 -29.66
CA ASP A 516 63.64 45.39 -31.11
C ASP A 516 62.92 44.12 -31.55
N VAL A 517 63.36 42.97 -31.03
CA VAL A 517 62.83 41.67 -31.43
C VAL A 517 61.44 41.44 -30.82
N ALA A 518 61.36 41.38 -29.49
CA ALA A 518 60.12 41.08 -28.78
C ALA A 518 59.13 42.24 -28.84
N GLY A 519 59.60 43.43 -28.46
CA GLY A 519 58.76 44.62 -28.36
C GLY A 519 59.23 45.49 -27.21
N ARG A 520 58.94 46.78 -27.30
CA ARG A 520 59.42 47.75 -26.31
C ARG A 520 58.78 47.57 -24.92
N GLU A 521 57.61 46.92 -24.88
CA GLU A 521 57.01 46.46 -23.61
C GLU A 521 57.85 45.35 -22.99
N ALA A 522 58.20 44.35 -23.81
CA ALA A 522 59.00 43.20 -23.36
C ALA A 522 60.49 43.53 -23.15
N GLY A 523 60.99 44.56 -23.85
CA GLY A 523 62.41 44.91 -23.83
C GLY A 523 62.91 45.46 -22.51
N GLU A 524 62.18 46.42 -21.94
CA GLU A 524 62.58 47.08 -20.68
C GLU A 524 62.55 46.17 -19.46
N SER A 525 61.70 45.14 -19.49
CA SER A 525 61.57 44.19 -18.38
C SER A 525 62.46 42.94 -18.54
N TRP A 526 63.63 43.09 -19.16
CA TRP A 526 64.55 41.97 -19.40
C TRP A 526 65.30 41.61 -18.12
N LYS A 527 65.93 42.61 -17.50
CA LYS A 527 66.65 42.43 -16.23
C LYS A 527 65.71 42.14 -15.05
N SER A 528 64.50 42.69 -15.08
CA SER A 528 63.49 42.43 -14.03
C SER A 528 62.97 40.99 -14.09
N ILE A 529 62.64 40.52 -15.30
CA ILE A 529 62.20 39.13 -15.51
C ILE A 529 63.36 38.14 -15.30
N LEU A 530 64.58 38.53 -15.69
CA LEU A 530 65.78 37.71 -15.41
C LEU A 530 66.01 37.56 -13.91
N ASN A 531 66.04 38.69 -13.20
CA ASN A 531 66.19 38.68 -11.73
C ASN A 531 65.02 38.01 -11.00
N SER A 532 63.82 38.07 -11.59
CA SER A 532 62.65 37.33 -11.10
C SER A 532 62.77 35.82 -11.34
N LEU A 533 63.26 35.45 -12.53
CA LEU A 533 63.45 34.03 -12.90
C LEU A 533 64.54 33.32 -12.09
N TYR A 534 65.58 34.05 -11.66
CA TYR A 534 66.65 33.47 -10.82
C TYR A 534 66.16 33.04 -9.43
N GLU A 535 65.26 33.82 -8.83
CA GLU A 535 64.70 33.50 -7.51
C GLU A 535 63.69 32.33 -7.53
N LEU A 536 63.01 32.13 -8.66
CA LEU A 536 62.08 31.00 -8.83
C LEU A 536 62.82 29.65 -8.90
N LEU A 537 63.97 29.63 -9.58
CA LEU A 537 64.80 28.43 -9.70
C LEU A 537 65.51 28.04 -8.39
N ALA A 538 65.96 29.05 -7.65
CA ALA A 538 66.75 28.83 -6.42
C ALA A 538 65.94 28.34 -5.22
N ALA A 539 64.74 28.90 -5.03
CA ALA A 539 63.88 28.55 -3.90
C ALA A 539 63.25 27.14 -4.00
N LEU A 540 63.23 26.58 -5.21
CA LEU A 540 62.79 25.19 -5.44
C LEU A 540 63.83 24.11 -5.06
N ILE A 541 65.04 24.52 -4.68
CA ILE A 541 66.09 23.56 -4.26
C ILE A 541 66.76 23.93 -2.91
N ARG A 542 66.09 24.76 -2.09
CA ARG A 542 66.61 25.15 -0.76
C ARG A 542 65.88 24.36 0.34
N GLY A 543 66.44 23.21 0.69
CA GLY A 543 65.93 22.37 1.79
C GLY A 543 66.26 20.90 1.60
N ASN A 544 65.68 20.30 0.56
CA ASN A 544 65.83 18.85 0.29
C ASN A 544 67.19 18.47 -0.34
N ARG A 545 67.71 17.31 0.04
CA ARG A 545 68.88 16.71 -0.61
C ARG A 545 68.55 16.25 -2.06
N LYS A 546 67.29 15.84 -2.28
CA LYS A 546 66.87 15.26 -3.60
C LYS A 546 66.67 16.30 -4.72
N ASN A 547 66.22 17.51 -4.39
CA ASN A 547 66.11 18.62 -5.38
C ASN A 547 67.50 19.05 -5.94
N CYS A 548 68.49 19.11 -5.03
CA CYS A 548 69.90 19.36 -5.37
C CYS A 548 70.52 18.22 -6.21
N ALA A 549 70.10 16.97 -5.92
CA ALA A 549 70.48 15.79 -6.74
C ALA A 549 69.91 15.83 -8.18
N GLN A 550 68.76 16.51 -8.36
CA GLN A 550 68.20 16.81 -9.70
C GLN A 550 68.86 18.03 -10.42
N PHE A 551 69.61 18.84 -9.68
CA PHE A 551 70.58 19.80 -10.27
C PHE A 551 72.05 19.30 -10.34
N SER A 552 72.32 18.05 -9.94
CA SER A 552 73.68 17.46 -9.99
C SER A 552 74.26 17.45 -11.43
N GLY A 553 73.47 16.94 -12.38
CA GLY A 553 73.76 17.03 -13.81
C GLY A 553 73.64 18.44 -14.40
N SER A 554 72.82 19.29 -13.79
CA SER A 554 72.66 20.70 -14.21
C SER A 554 73.76 21.67 -13.72
N LEU A 555 74.58 21.26 -12.74
CA LEU A 555 75.60 22.15 -12.10
C LEU A 555 76.69 22.65 -13.08
N ASP A 556 77.16 21.77 -13.97
CA ASP A 556 78.20 22.12 -14.99
C ASP A 556 77.72 23.24 -15.94
N TRP A 557 76.43 23.21 -16.29
CA TRP A 557 75.75 24.28 -17.09
C TRP A 557 75.61 25.61 -16.30
N LEU A 558 75.38 25.50 -14.98
CA LEU A 558 75.20 26.67 -14.09
C LEU A 558 76.55 27.42 -13.85
N ILE A 559 77.61 26.64 -13.61
CA ILE A 559 78.99 27.18 -13.49
C ILE A 559 79.45 27.76 -14.86
N SER A 560 79.00 27.17 -15.97
CA SER A 560 79.25 27.70 -17.34
C SER A 560 78.59 29.07 -17.60
N ARG A 561 77.40 29.28 -17.05
CA ARG A 561 76.66 30.56 -17.15
C ARG A 561 77.08 31.62 -16.09
N LEU A 562 77.96 31.22 -15.16
CA LEU A 562 78.49 32.10 -14.08
C LEU A 562 79.35 33.31 -14.56
N GLU A 563 80.00 33.20 -15.73
CA GLU A 563 80.87 34.26 -16.30
C GLU A 563 80.14 35.33 -17.17
N ARG A 564 78.81 35.40 -17.12
CA ARG A 564 78.02 36.40 -17.89
C ARG A 564 78.22 37.88 -17.43
N LEU A 565 78.36 38.10 -16.13
CA LEU A 565 78.57 39.45 -15.55
C LEU A 565 77.48 40.51 -15.89
N GLU A 566 76.26 40.08 -16.23
CA GLU A 566 75.11 41.02 -16.44
C GLU A 566 74.33 41.14 -15.12
N ALA A 567 73.93 39.98 -14.56
CA ALA A 567 73.32 39.83 -13.23
C ALA A 567 73.84 38.53 -12.57
N SER A 568 75.14 38.51 -12.24
CA SER A 568 75.84 37.29 -11.78
C SER A 568 75.33 36.72 -10.43
N SER A 569 74.99 37.62 -9.48
CA SER A 569 74.65 37.24 -8.09
C SER A 569 73.60 36.12 -8.00
N GLY A 570 72.48 36.28 -8.73
CA GLY A 570 71.44 35.24 -8.80
C GLY A 570 71.96 33.84 -9.10
N ILE A 571 72.92 33.76 -10.05
CA ILE A 571 73.59 32.49 -10.41
C ILE A 571 74.43 31.98 -9.20
N LEU A 572 75.01 32.93 -8.47
CA LEU A 572 75.83 32.66 -7.26
C LEU A 572 75.02 32.04 -6.10
N GLU A 573 73.83 32.58 -5.83
CA GLU A 573 72.91 32.01 -4.82
C GLU A 573 72.38 30.60 -5.26
N VAL A 574 72.22 30.40 -6.57
CA VAL A 574 71.80 29.07 -7.13
C VAL A 574 72.85 27.98 -6.82
N LEU A 575 74.11 28.27 -7.16
CA LEU A 575 75.26 27.32 -6.95
C LEU A 575 75.50 27.03 -5.44
N HIS A 576 75.34 28.05 -4.59
CA HIS A 576 75.41 27.94 -3.11
C HIS A 576 74.41 26.92 -2.53
N CYS A 577 73.14 27.08 -2.91
CA CYS A 577 72.05 26.18 -2.42
C CYS A 577 72.20 24.72 -2.95
N VAL A 578 72.75 24.57 -4.17
CA VAL A 578 73.09 23.24 -4.75
C VAL A 578 74.18 22.50 -3.93
N LEU A 579 75.18 23.25 -3.43
CA LEU A 579 76.32 22.65 -2.70
C LEU A 579 76.05 22.36 -1.19
N VAL A 580 75.42 23.30 -0.48
CA VAL A 580 75.19 23.18 0.98
C VAL A 580 74.25 22.03 1.42
N GLU A 581 73.24 21.73 0.59
CA GLU A 581 72.22 20.71 0.92
C GLU A 581 72.49 19.28 0.36
N SER A 582 73.58 19.10 -0.41
CA SER A 582 73.95 17.79 -1.03
C SER A 582 75.48 17.44 -0.95
N PRO A 583 75.90 16.60 0.04
CA PRO A 583 77.36 16.31 0.24
C PRO A 583 78.08 15.51 -0.90
N GLU A 584 77.37 14.55 -1.52
CA GLU A 584 77.91 13.74 -2.65
C GLU A 584 78.27 14.58 -3.92
N ALA A 585 77.48 15.62 -4.18
CA ALA A 585 77.75 16.60 -5.25
C ALA A 585 79.09 17.35 -5.06
N LEU A 586 79.50 17.55 -3.80
CA LEU A 586 80.84 18.11 -3.47
C LEU A 586 82.00 17.17 -3.91
N ASN A 587 81.79 15.85 -3.81
CA ASN A 587 82.74 14.84 -4.34
C ASN A 587 82.83 14.86 -5.89
N ILE A 588 81.69 15.09 -6.56
CA ILE A 588 81.61 15.12 -8.05
C ILE A 588 82.29 16.33 -8.72
N ILE A 589 82.26 17.52 -8.07
CA ILE A 589 82.87 18.74 -8.66
C ILE A 589 84.39 18.62 -8.82
N LYS A 590 84.90 19.28 -9.86
CA LYS A 590 86.22 19.03 -10.42
C LYS A 590 87.04 20.32 -10.46
N GLU A 591 88.25 20.25 -11.03
CA GLU A 591 89.18 21.42 -11.12
C GLU A 591 88.64 22.62 -11.93
N GLY A 592 87.88 22.34 -13.00
CA GLY A 592 87.28 23.38 -13.86
C GLY A 592 86.28 24.31 -13.18
N HIS A 593 85.49 23.75 -12.24
CA HIS A 593 84.46 24.48 -11.46
C HIS A 593 85.13 25.57 -10.58
N ILE A 594 86.13 25.11 -9.81
CA ILE A 594 86.89 25.94 -8.85
C ILE A 594 87.74 27.02 -9.59
N LYS A 595 88.33 26.66 -10.73
CA LYS A 595 89.09 27.61 -11.58
C LYS A 595 88.17 28.72 -12.18
N SER A 596 86.91 28.39 -12.43
CA SER A 596 85.89 29.34 -12.94
C SER A 596 85.39 30.34 -11.85
N ILE A 597 85.17 29.84 -10.62
CA ILE A 597 84.77 30.68 -9.44
C ILE A 597 85.90 31.69 -9.07
N ILE A 598 87.14 31.20 -9.05
CA ILE A 598 88.35 32.02 -8.81
C ILE A 598 88.59 33.07 -9.92
N SER A 599 88.24 32.72 -11.18
CA SER A 599 88.24 33.67 -12.31
C SER A 599 87.22 34.81 -12.08
N LEU A 600 86.05 34.45 -11.53
CA LEU A 600 85.01 35.45 -11.15
C LEU A 600 85.51 36.41 -10.04
N LEU A 601 86.29 35.90 -9.09
CA LEU A 601 86.94 36.72 -8.04
C LEU A 601 87.99 37.71 -8.63
N ASP A 602 88.74 37.26 -9.64
CA ASP A 602 89.66 38.15 -10.40
C ASP A 602 88.86 39.24 -11.15
N LYS A 603 87.78 38.82 -11.83
CA LYS A 603 87.00 39.70 -12.72
C LYS A 603 86.04 40.72 -12.01
N HIS A 604 85.37 40.28 -10.95
CA HIS A 604 84.47 41.18 -10.16
C HIS A 604 85.22 42.20 -9.30
N GLY A 605 86.23 41.73 -8.59
CA GLY A 605 86.59 42.29 -7.29
C GLY A 605 85.76 41.47 -6.31
N ARG A 606 84.98 42.13 -5.45
CA ARG A 606 84.19 41.48 -4.39
C ARG A 606 82.93 42.29 -4.01
N ASN A 607 81.85 41.57 -3.67
CA ASN A 607 80.58 42.15 -3.20
C ASN A 607 80.17 41.54 -1.84
N HIS A 608 79.50 40.38 -1.85
CA HIS A 608 79.24 39.61 -0.62
C HIS A 608 79.17 38.07 -0.79
N LYS A 609 79.36 37.55 -2.01
CA LYS A 609 79.15 36.13 -2.32
C LYS A 609 80.45 35.35 -2.62
N VAL A 610 81.57 36.06 -2.81
CA VAL A 610 82.83 35.46 -3.32
C VAL A 610 83.39 34.36 -2.38
N LEU A 611 83.34 34.61 -1.06
CA LEU A 611 83.66 33.58 -0.04
C LEU A 611 82.80 32.32 -0.17
N ASP A 612 81.49 32.56 -0.26
CA ASP A 612 80.42 31.62 0.16
C ASP A 612 80.45 30.24 -0.53
N VAL A 613 80.73 30.23 -1.84
CA VAL A 613 80.77 28.98 -2.64
C VAL A 613 81.99 28.11 -2.25
N LEU A 614 83.15 28.76 -2.08
CA LEU A 614 84.40 28.11 -1.60
C LEU A 614 84.21 27.52 -0.18
N CYS A 615 83.50 28.29 0.67
CA CYS A 615 83.15 27.88 2.05
C CYS A 615 82.23 26.64 2.07
N SER A 616 81.31 26.54 1.10
CA SER A 616 80.43 25.34 0.93
C SER A 616 81.20 24.09 0.46
N LEU A 617 82.21 24.27 -0.41
CA LEU A 617 83.08 23.17 -0.87
C LEU A 617 83.98 22.64 0.29
N CYS A 618 84.33 23.53 1.23
CA CYS A 618 85.16 23.18 2.40
C CYS A 618 84.45 22.29 3.46
N VAL A 619 83.18 22.59 3.77
CA VAL A 619 82.43 21.96 4.91
C VAL A 619 80.95 21.67 4.53
N CYS A 620 80.42 20.52 4.98
CA CYS A 620 78.98 20.14 4.85
C CYS A 620 78.15 20.81 5.99
N HIS A 621 77.23 20.07 6.64
CA HIS A 621 76.53 20.57 7.85
C HIS A 621 77.51 20.73 9.05
N GLY A 622 78.56 19.90 9.08
CA GLY A 622 79.70 20.07 10.00
C GLY A 622 80.87 19.08 9.82
N VAL A 623 81.21 18.77 8.57
CA VAL A 623 82.23 17.75 8.21
C VAL A 623 82.99 18.08 6.89
N ALA A 624 84.29 17.83 6.85
CA ALA A 624 85.20 18.20 5.72
C ALA A 624 85.33 17.12 4.59
N VAL A 625 85.84 17.53 3.42
CA VAL A 625 86.22 16.63 2.29
C VAL A 625 87.63 17.02 1.78
N ARG A 626 88.68 16.40 2.35
CA ARG A 626 90.11 16.82 2.18
C ARG A 626 90.63 17.07 0.74
N SER A 627 90.46 16.09 -0.16
CA SER A 627 90.95 16.19 -1.57
C SER A 627 90.29 17.35 -2.37
N ASN A 628 89.00 17.58 -2.13
CA ASN A 628 88.24 18.66 -2.79
C ASN A 628 88.72 20.06 -2.33
N GLN A 629 89.26 20.14 -1.10
CA GLN A 629 89.82 21.37 -0.49
C GLN A 629 91.25 21.68 -0.99
N HIS A 630 92.09 20.64 -1.00
CA HIS A 630 93.47 20.68 -1.51
C HIS A 630 93.53 21.24 -2.93
N LEU A 631 92.54 20.88 -3.75
CA LEU A 631 92.38 21.41 -5.13
C LEU A 631 92.16 22.95 -5.13
N ILE A 632 91.30 23.42 -4.22
CA ILE A 632 90.97 24.85 -4.05
C ILE A 632 92.25 25.66 -3.67
N CYS A 633 93.07 25.06 -2.81
CA CYS A 633 94.34 25.66 -2.39
C CYS A 633 95.44 25.64 -3.48
N ASP A 634 95.31 24.72 -4.45
CA ASP A 634 96.20 24.67 -5.64
C ASP A 634 95.82 25.70 -6.74
N ASN A 635 94.66 26.35 -6.63
CA ASN A 635 94.18 27.35 -7.62
C ASN A 635 94.17 28.82 -7.10
N LEU A 636 93.57 29.08 -5.93
CA LEU A 636 93.51 30.45 -5.32
C LEU A 636 94.88 31.12 -5.06
N LEU A 637 95.67 30.52 -4.17
CA LEU A 637 96.85 31.15 -3.57
C LEU A 637 98.10 31.42 -4.47
N PRO A 638 98.50 30.46 -5.37
CA PRO A 638 99.87 30.54 -5.95
C PRO A 638 100.24 31.85 -6.71
N GLY A 639 99.26 32.46 -7.38
CA GLY A 639 99.46 33.67 -8.20
C GLY A 639 99.96 34.93 -7.48
N ARG A 640 99.48 35.18 -6.26
CA ARG A 640 99.88 36.33 -5.41
C ARG A 640 99.54 37.71 -6.04
N ASP A 641 98.25 37.94 -6.25
CA ASP A 641 97.74 39.19 -6.87
C ASP A 641 96.22 39.35 -6.70
N LEU A 642 95.49 38.32 -7.13
CA LEU A 642 94.01 38.19 -6.97
C LEU A 642 93.45 38.81 -5.66
N LEU A 643 93.67 38.12 -4.54
CA LEU A 643 93.29 38.61 -3.20
C LEU A 643 94.38 39.58 -2.68
N LEU A 644 93.98 40.52 -1.82
CA LEU A 644 94.87 41.63 -1.41
C LEU A 644 96.03 41.17 -0.49
N GLN A 645 97.20 41.80 -0.66
CA GLN A 645 98.44 41.53 0.09
C GLN A 645 98.64 42.55 1.26
N THR A 646 99.31 42.13 2.33
CA THR A 646 99.55 42.97 3.53
C THR A 646 100.99 42.81 4.12
N ARG A 647 101.54 43.92 4.65
CA ARG A 647 102.81 43.91 5.42
C ARG A 647 102.85 44.96 6.55
N LEU A 648 103.59 44.66 7.62
CA LEU A 648 103.89 45.63 8.69
C LEU A 648 105.03 46.56 8.24
N VAL A 649 104.99 47.84 8.62
CA VAL A 649 106.06 48.81 8.28
C VAL A 649 106.43 49.77 9.43
N ASN A 650 107.73 50.13 9.47
CA ASN A 650 108.33 50.94 10.54
C ASN A 650 108.03 52.46 10.33
N HIS A 651 107.78 53.18 11.42
CA HIS A 651 107.67 54.66 11.42
C HIS A 651 109.00 55.32 11.03
N VAL A 652 109.00 56.09 9.94
CA VAL A 652 110.18 56.85 9.49
C VAL A 652 109.89 58.35 9.70
N SER A 653 110.41 58.89 10.81
CA SER A 653 110.36 60.33 11.11
C SER A 653 111.48 61.06 10.36
N SER A 654 111.35 62.38 10.19
CA SER A 654 112.31 63.20 9.42
C SER A 654 112.48 64.66 9.92
N MET A 655 113.58 65.30 9.54
CA MET A 655 113.95 66.66 10.02
C MET A 655 114.58 67.56 8.93
N ARG A 656 114.33 68.87 8.99
CA ARG A 656 114.84 69.84 8.00
C ARG A 656 115.36 71.14 8.67
N PRO A 657 116.63 71.57 8.38
CA PRO A 657 117.08 72.90 8.88
C PRO A 657 116.38 74.08 8.15
N ASN A 658 116.19 75.21 8.83
CA ASN A 658 115.40 76.36 8.30
C ASN A 658 116.07 77.17 7.17
N ILE A 659 116.35 76.51 6.04
CA ILE A 659 116.92 77.13 4.83
C ILE A 659 115.90 76.98 3.66
N PHE A 660 115.69 78.08 2.92
CA PHE A 660 114.81 78.08 1.74
C PHE A 660 115.63 78.50 0.51
N LEU A 661 116.24 77.52 -0.16
CA LEU A 661 117.02 77.77 -1.41
C LEU A 661 116.14 77.83 -2.66
N GLY A 662 116.66 78.47 -3.70
CA GLY A 662 115.95 78.54 -4.99
C GLY A 662 116.66 79.41 -6.00
N VAL A 663 116.24 79.28 -7.26
CA VAL A 663 116.76 80.09 -8.35
C VAL A 663 115.60 80.67 -9.14
N SER A 664 115.26 81.92 -8.83
CA SER A 664 114.42 82.73 -9.69
C SER A 664 115.25 83.08 -10.92
N GLU A 665 114.65 82.96 -12.10
CA GLU A 665 115.37 83.13 -13.38
C GLU A 665 115.74 84.61 -13.57
N GLY A 666 117.04 84.87 -13.77
CA GLY A 666 117.58 86.23 -13.88
C GLY A 666 118.03 86.80 -12.54
N SER A 667 118.61 85.96 -11.69
CA SER A 667 119.14 86.38 -10.39
C SER A 667 120.11 85.32 -9.89
N ALA A 668 121.31 85.33 -10.48
CA ALA A 668 122.30 84.28 -10.24
C ALA A 668 122.92 84.39 -8.85
N GLN A 669 122.19 83.89 -7.85
CA GLN A 669 122.58 83.94 -6.43
C GLN A 669 123.87 83.16 -6.15
N TYR A 670 124.23 83.00 -4.88
CA TYR A 670 125.20 81.98 -4.47
C TYR A 670 124.54 80.61 -4.68
N LYS A 671 124.28 80.26 -5.94
CA LYS A 671 123.37 79.15 -6.28
C LYS A 671 123.96 77.77 -5.96
N LYS A 672 125.30 77.68 -5.93
CA LYS A 672 126.01 76.51 -5.37
C LYS A 672 125.90 76.51 -3.81
N TRP A 673 125.54 75.35 -3.24
CA TRP A 673 125.35 75.17 -1.77
C TRP A 673 125.81 73.77 -1.27
N TYR A 674 126.33 73.74 -0.05
CA TYR A 674 126.96 72.53 0.56
C TYR A 674 126.72 72.47 2.09
N TYR A 675 126.53 71.26 2.64
CA TYR A 675 126.51 71.04 4.11
C TYR A 675 126.89 69.61 4.52
N GLU A 676 127.35 69.47 5.77
CA GLU A 676 127.75 68.16 6.35
C GLU A 676 126.68 67.54 7.29
N LEU A 677 126.77 66.22 7.44
CA LEU A 677 125.97 65.45 8.41
C LEU A 677 126.86 64.39 9.11
N MET A 678 127.25 64.68 10.35
CA MET A 678 127.94 63.71 11.23
C MET A 678 126.94 62.64 11.69
N VAL A 679 127.37 61.38 11.68
CA VAL A 679 126.65 60.27 12.35
C VAL A 679 127.28 60.12 13.76
N ASP A 680 126.44 60.16 14.80
CA ASP A 680 126.89 60.02 16.19
C ASP A 680 127.00 58.53 16.51
N HIS A 681 125.91 57.79 16.29
CA HIS A 681 125.98 56.33 16.16
C HIS A 681 124.70 55.69 15.58
N THR A 682 124.90 54.70 14.70
CA THR A 682 123.87 53.73 14.33
C THR A 682 124.27 52.40 14.98
N GLU A 683 124.41 52.43 16.31
CA GLU A 683 124.98 51.32 17.08
C GLU A 683 123.98 50.17 17.22
N PRO A 684 124.47 48.91 17.33
CA PRO A 684 123.58 47.80 17.69
C PRO A 684 122.93 47.92 19.09
N PHE A 685 121.78 48.59 19.13
CA PHE A 685 120.94 48.72 20.33
C PHE A 685 119.46 48.73 19.86
N VAL A 686 118.57 49.50 20.49
CA VAL A 686 117.18 49.63 20.00
C VAL A 686 117.02 50.39 18.66
N THR A 687 118.11 50.98 18.14
CA THR A 687 118.11 51.63 16.81
C THR A 687 117.91 50.60 15.66
N ALA A 688 117.48 51.08 14.49
CA ALA A 688 117.28 50.22 13.31
C ALA A 688 118.63 49.83 12.68
N GLU A 689 118.90 48.53 12.61
CA GLU A 689 120.05 48.00 11.84
C GLU A 689 119.58 47.87 10.39
N ALA A 690 118.53 47.07 10.20
CA ALA A 690 117.82 47.00 8.93
C ALA A 690 116.95 48.26 8.84
N THR A 691 117.62 49.36 8.51
CA THR A 691 117.06 50.70 8.66
C THR A 691 116.65 51.28 7.32
N HIS A 692 115.60 52.10 7.35
CA HIS A 692 115.28 53.04 6.27
C HIS A 692 115.94 54.35 6.69
N LEU A 693 116.96 54.78 5.93
CA LEU A 693 117.80 55.93 6.30
C LEU A 693 118.25 56.66 5.01
N ARG A 694 117.48 57.69 4.61
CA ARG A 694 117.68 58.41 3.33
C ARG A 694 117.86 59.94 3.54
N VAL A 695 119.00 60.50 3.11
CA VAL A 695 119.30 61.95 3.25
C VAL A 695 119.45 62.67 1.88
N GLY A 696 118.76 63.80 1.71
CA GLY A 696 118.79 64.55 0.44
C GLY A 696 117.83 65.75 0.31
N TRP A 697 117.73 66.29 -0.91
CA TRP A 697 116.97 67.52 -1.21
C TRP A 697 115.46 67.27 -1.50
N ALA A 698 114.61 68.29 -1.27
CA ALA A 698 113.13 68.19 -1.50
C ALA A 698 112.41 69.56 -1.74
N SER A 699 111.52 69.59 -2.74
CA SER A 699 110.74 70.80 -3.14
C SER A 699 109.41 70.99 -2.35
N THR A 700 108.91 72.24 -2.35
CA THR A 700 107.74 72.64 -1.51
C THR A 700 106.33 72.30 -2.06
N GLU A 701 106.14 72.39 -3.38
CA GLU A 701 104.80 72.45 -4.01
C GLU A 701 104.30 71.08 -4.55
N GLY A 702 103.73 70.27 -3.65
CA GLY A 702 103.09 68.99 -3.99
C GLY A 702 103.32 67.85 -3.00
N TYR A 703 104.59 67.62 -2.66
CA TYR A 703 105.01 66.49 -1.78
C TYR A 703 104.66 66.70 -0.29
N SER A 704 103.63 65.97 0.18
CA SER A 704 103.17 65.96 1.59
C SER A 704 103.20 64.52 2.18
N PRO A 705 104.38 64.07 2.71
CA PRO A 705 104.54 62.71 3.26
C PRO A 705 103.83 62.50 4.62
N TYR A 706 102.53 62.26 4.57
CA TYR A 706 101.71 62.01 5.77
C TYR A 706 102.16 60.71 6.47
N PRO A 707 102.34 60.75 7.83
CA PRO A 707 102.86 59.58 8.59
C PRO A 707 102.06 58.26 8.42
N GLY A 708 100.73 58.37 8.27
CA GLY A 708 99.86 57.23 7.99
C GLY A 708 99.99 56.61 6.59
N GLY A 709 100.69 57.28 5.67
CA GLY A 709 101.00 56.69 4.34
C GLY A 709 101.94 57.49 3.43
N GLY A 710 102.90 56.80 2.80
CA GLY A 710 103.93 57.42 1.93
C GLY A 710 104.39 56.56 0.75
N GLU A 711 103.55 56.49 -0.29
CA GLU A 711 103.85 55.81 -1.59
C GLU A 711 104.26 54.30 -1.49
N GLU A 712 105.40 53.88 -2.09
CA GLU A 712 105.74 52.45 -2.23
C GLU A 712 106.20 51.81 -0.90
N TRP A 713 105.30 51.05 -0.27
CA TRP A 713 105.55 50.32 0.99
C TRP A 713 105.99 51.24 2.16
N GLY A 714 105.50 52.50 2.15
CA GLY A 714 105.80 53.49 3.21
C GLY A 714 107.22 54.06 3.20
N GLY A 715 107.68 54.47 4.38
CA GLY A 715 109.01 55.09 4.55
C GLY A 715 108.96 56.60 4.29
N ASN A 716 108.09 57.29 5.02
CA ASN A 716 107.86 58.75 4.85
C ASN A 716 109.20 59.49 4.92
N GLY A 717 109.76 59.79 3.74
CA GLY A 717 111.12 60.34 3.64
C GLY A 717 111.58 60.59 2.21
N VAL A 718 112.89 60.64 2.03
CA VAL A 718 113.51 61.17 0.79
C VAL A 718 113.44 60.15 -0.37
N GLY A 719 112.95 60.62 -1.53
CA GLY A 719 113.04 59.88 -2.81
C GLY A 719 111.81 59.08 -3.24
N ASP A 720 110.72 59.15 -2.48
CA ASP A 720 109.48 58.43 -2.80
C ASP A 720 108.77 59.06 -4.03
N ASP A 721 108.87 60.38 -4.15
CA ASP A 721 108.26 61.15 -5.27
C ASP A 721 109.32 61.55 -6.32
N LEU A 722 108.88 62.27 -7.37
CA LEU A 722 109.75 62.73 -8.48
C LEU A 722 110.54 64.03 -8.14
N PHE A 723 109.90 64.96 -7.41
CA PHE A 723 110.53 66.24 -7.04
C PHE A 723 111.55 66.15 -5.88
N SER A 724 111.68 64.97 -5.26
CA SER A 724 112.72 64.72 -4.23
C SER A 724 113.85 63.77 -4.72
N TYR A 725 115.07 64.00 -4.21
CA TYR A 725 116.31 63.28 -4.63
C TYR A 725 117.26 63.10 -3.43
N GLY A 726 117.89 61.92 -3.30
CA GLY A 726 118.75 61.60 -2.12
C GLY A 726 119.78 60.49 -2.28
N PHE A 727 120.32 60.02 -1.15
CA PHE A 727 121.43 59.02 -1.11
C PHE A 727 121.49 58.22 0.22
N ASP A 728 121.42 56.89 0.12
CA ASP A 728 121.57 55.96 1.28
C ASP A 728 123.04 55.53 1.41
N GLY A 729 123.50 54.69 0.49
CA GLY A 729 124.86 54.14 0.50
C GLY A 729 125.10 53.16 -0.65
N LEU A 730 124.39 52.04 -0.61
CA LEU A 730 124.52 50.99 -1.62
C LEU A 730 123.94 51.38 -2.99
N HIS A 731 122.95 52.29 -3.00
CA HIS A 731 122.21 52.67 -4.24
C HIS A 731 121.76 54.14 -4.27
N LEU A 732 121.40 54.60 -5.48
CA LEU A 732 120.71 55.89 -5.70
C LEU A 732 119.26 55.67 -6.22
N TRP A 733 118.35 56.60 -5.89
CA TRP A 733 116.88 56.48 -6.14
C TRP A 733 116.31 57.68 -6.95
N SER A 734 115.29 57.41 -7.77
CA SER A 734 114.59 58.44 -8.56
C SER A 734 113.22 57.96 -9.08
N GLY A 735 112.13 58.49 -8.51
CA GLY A 735 110.75 58.14 -8.93
C GLY A 735 110.37 56.69 -8.65
N CYS A 736 110.84 56.18 -7.51
CA CYS A 736 110.78 54.74 -7.15
C CYS A 736 111.50 53.83 -8.17
N ILE A 737 112.63 54.33 -8.71
CA ILE A 737 113.50 53.55 -9.61
C ILE A 737 114.95 53.57 -9.07
N ALA A 738 115.39 52.43 -8.54
CA ALA A 738 116.75 52.29 -7.96
C ALA A 738 117.81 52.06 -9.05
N ARG A 739 119.01 52.63 -8.84
CA ARG A 739 120.22 52.33 -9.64
C ARG A 739 121.34 51.84 -8.68
N THR A 740 122.28 51.04 -9.23
CA THR A 740 123.51 50.63 -8.53
C THR A 740 124.64 51.66 -8.66
N VAL A 741 124.60 52.66 -7.78
CA VAL A 741 125.59 53.75 -7.74
C VAL A 741 126.97 53.23 -7.31
N SER A 742 128.03 53.65 -8.02
CA SER A 742 129.42 53.38 -7.62
C SER A 742 129.86 54.41 -6.56
N SER A 743 130.40 53.94 -5.44
CA SER A 743 130.79 54.81 -4.31
C SER A 743 131.96 54.21 -3.50
N PRO A 744 133.01 55.02 -3.17
CA PRO A 744 134.06 54.61 -2.23
C PRO A 744 133.52 54.22 -0.82
N ASN A 745 133.81 52.99 -0.39
CA ASN A 745 133.24 52.37 0.82
C ASN A 745 131.70 52.27 0.72
N GLN A 746 131.24 51.54 -0.30
CA GLN A 746 129.81 51.31 -0.55
C GLN A 746 129.18 50.42 0.54
N HIS A 747 128.81 51.03 1.67
CA HIS A 747 128.18 50.33 2.82
C HIS A 747 127.12 51.19 3.54
N LEU A 748 126.49 50.61 4.58
CA LEU A 748 125.54 51.36 5.46
C LEU A 748 126.26 52.53 6.19
N LEU A 749 125.46 53.37 6.86
CA LEU A 749 125.98 54.56 7.55
C LEU A 749 126.43 54.26 9.00
N ARG A 750 127.67 53.78 9.13
CA ARG A 750 128.18 53.27 10.43
C ARG A 750 128.68 54.38 11.37
N THR A 751 129.06 53.97 12.59
CA THR A 751 129.54 54.88 13.65
C THR A 751 130.79 55.67 13.24
N ASP A 752 130.67 57.00 13.25
CA ASP A 752 131.70 57.96 12.78
C ASP A 752 131.89 58.06 11.25
N ASP A 753 130.92 57.56 10.47
CA ASP A 753 130.79 57.94 9.02
C ASP A 753 130.30 59.41 8.94
N VAL A 754 130.80 60.15 7.94
CA VAL A 754 130.44 61.58 7.71
C VAL A 754 129.92 61.79 6.26
N ILE A 755 128.59 61.75 6.09
CA ILE A 755 127.94 62.03 4.78
C ILE A 755 127.99 63.55 4.57
N SER A 756 128.11 64.00 3.31
CA SER A 756 128.24 65.44 2.98
C SER A 756 127.61 65.83 1.60
N CYS A 757 126.37 66.34 1.64
CA CYS A 757 125.59 66.64 0.41
C CYS A 757 125.96 67.98 -0.26
N CYS A 758 125.84 68.02 -1.60
CA CYS A 758 126.05 69.25 -2.41
C CYS A 758 125.09 69.34 -3.63
N LEU A 759 124.60 70.56 -3.91
CA LEU A 759 123.76 70.84 -5.10
C LEU A 759 124.05 72.26 -5.69
N ASP A 760 124.17 72.30 -7.01
CA ASP A 760 124.22 73.54 -7.81
C ASP A 760 122.86 73.66 -8.51
N LEU A 761 122.11 74.72 -8.24
CA LEU A 761 120.75 74.91 -8.81
C LEU A 761 120.74 75.43 -10.27
N SER A 762 121.91 75.55 -10.90
CA SER A 762 122.04 76.00 -12.29
C SER A 762 122.08 74.84 -13.29
N ALA A 763 122.95 73.86 -13.03
CA ALA A 763 123.23 72.77 -14.00
C ALA A 763 122.04 71.86 -14.35
N PRO A 764 121.34 71.23 -13.38
CA PRO A 764 121.74 71.14 -11.96
C PRO A 764 122.44 69.80 -11.60
N SER A 765 123.70 69.88 -11.17
CA SER A 765 124.54 68.70 -10.86
C SER A 765 124.59 68.39 -9.34
N ILE A 766 123.64 67.57 -8.85
CA ILE A 766 123.70 67.04 -7.46
C ILE A 766 124.86 66.03 -7.37
N SER A 767 125.60 66.07 -6.26
CA SER A 767 126.62 65.06 -5.92
C SER A 767 126.67 64.84 -4.40
N PHE A 768 127.16 63.67 -4.00
CA PHE A 768 127.31 63.26 -2.60
C PHE A 768 128.78 62.89 -2.34
N ARG A 769 129.27 63.15 -1.11
CA ARG A 769 130.59 62.68 -0.69
C ARG A 769 130.49 61.96 0.68
N ILE A 770 130.25 60.65 0.63
CA ILE A 770 130.26 59.78 1.82
C ILE A 770 131.70 59.69 2.40
N ASN A 771 131.82 59.82 3.74
CA ASN A 771 133.11 59.81 4.48
C ASN A 771 134.27 60.64 3.84
N GLY A 772 133.90 61.77 3.23
CA GLY A 772 134.83 62.65 2.50
C GLY A 772 134.92 62.39 1.00
N GLN A 773 134.66 61.16 0.54
CA GLN A 773 134.95 60.74 -0.84
C GLN A 773 133.74 60.82 -1.80
N PRO A 774 133.90 61.46 -2.99
CA PRO A 774 132.74 61.67 -3.89
C PRO A 774 132.06 60.39 -4.42
N VAL A 775 130.72 60.41 -4.45
CA VAL A 775 129.91 59.26 -4.88
C VAL A 775 129.70 59.35 -6.41
N GLN A 776 130.21 58.36 -7.14
CA GLN A 776 130.16 58.34 -8.61
C GLN A 776 128.75 57.94 -9.13
N GLY A 777 128.12 58.87 -9.83
CA GLY A 777 126.70 58.80 -10.17
C GLY A 777 126.08 60.12 -9.72
N MET A 778 126.00 61.07 -10.65
CA MET A 778 125.57 62.45 -10.36
C MET A 778 124.28 62.77 -11.12
N PHE A 779 123.38 63.51 -10.47
CA PHE A 779 122.08 63.91 -11.05
C PHE A 779 122.20 65.00 -12.13
N GLU A 780 121.29 64.95 -13.11
CA GLU A 780 121.11 66.00 -14.12
C GLU A 780 119.61 66.12 -14.43
N ASN A 781 119.15 67.35 -14.66
CA ASN A 781 117.76 67.67 -15.08
C ASN A 781 116.64 67.40 -14.04
N PHE A 782 116.10 68.48 -13.45
CA PHE A 782 114.84 68.44 -12.68
C PHE A 782 114.10 69.80 -12.68
N ASN A 783 112.79 69.77 -12.34
CA ASN A 783 111.95 70.99 -12.24
C ASN A 783 112.22 71.75 -10.91
N ILE A 784 112.21 73.09 -10.97
CA ILE A 784 112.64 73.94 -9.85
C ILE A 784 111.52 74.86 -9.32
N ASP A 785 110.29 74.35 -9.29
CA ASP A 785 109.13 75.11 -8.76
C ASP A 785 109.24 75.30 -7.23
N GLY A 786 108.78 76.46 -6.74
CA GLY A 786 108.90 76.80 -5.31
C GLY A 786 110.34 76.93 -4.81
N LEU A 787 110.62 76.34 -3.64
CA LEU A 787 111.94 76.41 -2.97
C LEU A 787 112.48 75.02 -2.55
N PHE A 788 113.81 74.83 -2.64
CA PHE A 788 114.51 73.57 -2.26
C PHE A 788 115.07 73.54 -0.81
N PHE A 789 114.34 72.87 0.09
CA PHE A 789 114.80 72.65 1.49
C PHE A 789 115.56 71.29 1.62
N PRO A 790 116.65 71.24 2.44
CA PRO A 790 117.32 69.95 2.82
C PRO A 790 116.53 69.10 3.86
N VAL A 791 116.70 67.77 3.84
CA VAL A 791 115.96 66.85 4.75
C VAL A 791 116.67 65.50 5.03
N VAL A 792 116.55 65.00 6.28
CA VAL A 792 117.11 63.69 6.72
C VAL A 792 116.01 62.78 7.36
N SER A 793 115.58 61.77 6.58
CA SER A 793 114.65 60.71 7.05
C SER A 793 115.42 59.58 7.79
N PHE A 794 114.73 58.93 8.75
CA PHE A 794 115.35 57.91 9.62
C PHE A 794 114.31 57.03 10.33
N SER A 795 114.57 55.73 10.36
CA SER A 795 113.87 54.81 11.28
C SER A 795 114.40 55.07 12.70
N ALA A 796 113.50 54.97 13.68
CA ALA A 796 113.72 55.56 15.01
C ALA A 796 114.83 54.91 15.86
N GLY A 797 115.47 55.73 16.69
CA GLY A 797 116.63 55.32 17.47
C GLY A 797 117.90 56.02 17.03
N ILE A 798 118.09 56.13 15.71
CA ILE A 798 119.36 56.59 15.13
C ILE A 798 119.72 58.03 15.57
N LYS A 799 120.99 58.25 15.96
CA LYS A 799 121.47 59.54 16.53
C LYS A 799 122.52 60.20 15.62
N VAL A 800 122.31 61.50 15.31
CA VAL A 800 123.14 62.28 14.33
C VAL A 800 123.28 63.79 14.71
N ARG A 801 124.39 64.42 14.29
CA ARG A 801 124.57 65.89 14.33
C ARG A 801 124.48 66.51 12.91
N PHE A 802 123.81 67.67 12.80
CA PHE A 802 123.90 68.55 11.60
C PHE A 802 125.17 69.44 11.67
N LEU A 803 125.74 69.79 10.51
CA LEU A 803 126.90 70.72 10.40
C LEU A 803 126.72 71.69 9.20
N LEU A 804 125.81 72.66 9.37
CA LEU A 804 125.55 73.75 8.38
C LEU A 804 126.66 74.83 8.38
N GLY A 805 127.45 74.89 9.46
CA GLY A 805 128.68 75.71 9.50
C GLY A 805 128.89 76.52 10.77
N GLY A 806 130.10 77.03 10.90
CA GLY A 806 130.48 77.89 12.03
C GLY A 806 130.66 77.15 13.32
N ARG A 807 130.30 77.81 14.43
CA ARG A 807 130.34 77.21 15.76
C ARG A 807 129.31 76.09 15.92
N HIS A 808 128.16 76.26 15.27
CA HIS A 808 127.09 75.25 15.31
C HIS A 808 127.46 73.97 14.56
N GLY A 809 128.39 74.07 13.61
CA GLY A 809 128.91 72.90 12.92
C GLY A 809 130.29 73.07 12.30
N GLU A 810 131.31 72.54 12.98
CA GLU A 810 132.67 72.50 12.43
C GLU A 810 132.77 71.45 11.32
N PHE A 811 133.02 71.89 10.08
CA PHE A 811 133.16 70.98 8.92
C PHE A 811 134.43 70.08 9.07
N LYS A 812 134.26 68.76 8.95
CA LYS A 812 135.39 67.80 8.92
C LYS A 812 135.97 67.54 7.51
N PHE A 813 135.32 68.08 6.46
CA PHE A 813 135.72 67.87 5.05
C PHE A 813 135.35 69.06 4.14
N LEU A 814 136.35 69.59 3.42
CA LEU A 814 136.18 70.78 2.58
C LEU A 814 135.60 70.43 1.19
N PRO A 815 134.64 71.22 0.68
CA PRO A 815 133.92 70.87 -0.55
C PRO A 815 134.72 71.19 -1.84
N PRO A 816 134.12 70.90 -3.02
CA PRO A 816 134.72 71.34 -4.30
C PRO A 816 134.76 72.87 -4.50
N PRO A 817 135.36 73.36 -5.61
CA PRO A 817 135.51 74.81 -5.79
C PRO A 817 134.19 75.56 -6.06
N GLY A 818 133.96 76.63 -5.29
CA GLY A 818 132.89 77.59 -5.56
C GLY A 818 131.52 77.30 -4.96
N TYR A 819 131.50 76.83 -3.70
CA TYR A 819 130.25 76.54 -2.95
C TYR A 819 130.06 77.50 -1.75
N ALA A 820 128.79 77.83 -1.46
CA ALA A 820 128.41 78.66 -0.29
C ALA A 820 127.91 77.75 0.87
N PRO A 821 128.50 77.89 2.10
CA PRO A 821 127.99 77.11 3.26
C PRO A 821 126.53 77.46 3.70
N CYS A 822 125.81 76.45 4.21
CA CYS A 822 124.39 76.57 4.60
C CYS A 822 124.09 77.50 5.80
N TYR A 823 125.11 77.82 6.61
CA TYR A 823 124.99 78.89 7.63
C TYR A 823 124.70 80.28 6.99
N GLU A 824 125.12 80.44 5.73
CA GLU A 824 124.85 81.65 4.91
C GLU A 824 123.43 81.65 4.26
N ALA A 825 122.74 80.50 4.29
CA ALA A 825 121.46 80.29 3.57
C ALA A 825 120.18 80.54 4.41
N VAL A 826 120.34 81.03 5.65
CA VAL A 826 119.26 81.03 6.65
C VAL A 826 118.46 82.35 6.66
N LEU A 827 117.14 82.26 6.87
CA LEU A 827 116.28 83.44 7.04
C LEU A 827 116.62 84.17 8.36
N PRO A 828 116.84 85.52 8.31
CA PRO A 828 117.10 86.33 9.52
C PRO A 828 115.85 86.67 10.37
N LYS A 829 116.03 87.49 11.42
CA LYS A 829 115.04 87.73 12.50
C LYS A 829 114.79 86.45 13.34
N GLU A 830 114.17 85.44 12.73
CA GLU A 830 114.03 84.09 13.35
C GLU A 830 115.41 83.37 13.41
N LYS A 831 115.69 82.68 14.52
CA LYS A 831 116.99 82.01 14.73
C LYS A 831 117.10 80.72 13.88
N LEU A 832 118.34 80.42 13.45
CA LEU A 832 118.66 79.19 12.69
C LEU A 832 118.28 77.94 13.50
N LYS A 833 117.32 77.16 12.99
CA LYS A 833 116.71 76.04 13.72
C LYS A 833 116.23 74.93 12.76
N VAL A 834 115.83 73.80 13.33
CA VAL A 834 115.32 72.66 12.56
C VAL A 834 113.79 72.80 12.35
N GLU A 835 113.00 72.43 13.37
CA GLU A 835 111.52 72.24 13.27
C GLU A 835 111.11 70.96 12.48
N HIS A 836 109.92 70.42 12.81
CA HIS A 836 109.38 69.12 12.31
C HIS A 836 109.11 68.98 10.78
N SER A 837 108.83 70.11 10.12
CA SER A 837 108.44 70.21 8.68
C SER A 837 106.91 70.10 8.53
N ARG A 838 106.25 71.23 8.20
CA ARG A 838 104.78 71.38 8.27
C ARG A 838 104.22 70.97 9.67
N GLU A 839 103.96 69.66 9.88
CA GLU A 839 103.63 69.10 11.22
C GLU A 839 102.24 69.48 11.78
N TYR A 840 101.53 68.49 12.33
CA TYR A 840 100.22 68.70 12.96
C TYR A 840 100.12 68.31 14.46
N LYS A 841 101.15 67.65 15.03
CA LYS A 841 101.09 67.11 16.42
C LYS A 841 102.42 66.91 17.17
N GLN A 842 102.74 67.85 18.06
CA GLN A 842 103.74 67.63 19.12
C GLN A 842 103.05 67.12 20.40
N GLU A 843 103.84 66.53 21.31
CA GLU A 843 103.35 65.94 22.57
C GLU A 843 103.29 66.97 23.74
N ARG A 844 102.32 67.88 23.70
CA ARG A 844 102.19 68.98 24.68
C ARG A 844 101.52 68.49 25.99
N THR A 845 101.75 69.22 27.09
CA THR A 845 101.28 68.84 28.45
C THR A 845 99.74 68.82 28.63
N TYR A 846 99.01 69.72 27.94
CA TYR A 846 97.53 69.69 27.91
C TYR A 846 97.01 68.39 27.27
N THR A 847 97.58 68.06 26.10
CA THR A 847 97.19 66.89 25.28
C THR A 847 98.02 66.82 23.98
N ARG A 848 97.56 66.03 23.00
CA ARG A 848 98.09 66.07 21.63
C ARG A 848 97.75 67.41 20.94
N ASP A 849 98.70 68.36 21.01
CA ASP A 849 98.50 69.75 20.53
C ASP A 849 98.41 69.82 18.99
N LEU A 850 97.55 70.72 18.49
CA LEU A 850 97.15 70.78 17.06
C LEU A 850 97.61 72.08 16.33
N LEU A 851 98.86 72.10 15.86
CA LEU A 851 99.47 73.26 15.16
C LEU A 851 99.55 73.06 13.63
N GLY A 852 100.07 74.08 12.91
CA GLY A 852 100.27 74.03 11.43
C GLY A 852 99.29 74.86 10.59
N PRO A 853 99.40 74.84 9.24
CA PRO A 853 100.46 74.13 8.49
C PRO A 853 101.53 75.04 7.80
N THR A 854 102.10 75.99 8.57
CA THR A 854 103.18 76.92 8.10
C THR A 854 102.83 77.73 6.80
N VAL A 855 103.66 77.64 5.74
CA VAL A 855 103.40 78.34 4.46
C VAL A 855 104.09 77.66 3.24
N SER A 856 105.43 77.59 3.25
CA SER A 856 106.23 77.08 2.12
C SER A 856 107.69 76.87 2.52
N PHE A 862 110.21 84.97 1.76
CA PHE A 862 110.10 85.32 0.35
C PHE A 862 111.44 85.86 -0.18
N THR A 863 111.72 85.58 -1.45
CA THR A 863 112.98 85.98 -2.09
C THR A 863 113.01 87.49 -2.42
N PRO A 864 114.23 88.09 -2.52
CA PRO A 864 114.31 89.53 -2.86
C PRO A 864 113.97 89.86 -4.35
N ILE A 865 113.33 91.02 -4.57
CA ILE A 865 112.88 91.45 -5.92
C ILE A 865 112.50 92.96 -5.96
N PRO A 866 113.31 93.81 -6.65
CA PRO A 866 112.95 95.25 -6.76
C PRO A 866 111.75 95.54 -7.72
N VAL A 867 110.95 96.56 -7.40
CA VAL A 867 109.88 97.07 -8.31
C VAL A 867 110.54 97.79 -9.53
N ASP A 868 109.88 97.70 -10.70
CA ASP A 868 110.38 98.32 -11.96
C ASP A 868 110.60 99.87 -11.83
N THR A 869 111.81 100.32 -12.19
CA THR A 869 112.21 101.74 -12.11
C THR A 869 112.82 102.31 -13.41
N SER A 870 113.58 101.50 -14.15
CA SER A 870 114.13 101.94 -15.44
C SER A 870 113.04 101.97 -16.52
N GLN A 871 112.22 103.02 -16.51
CA GLN A 871 111.12 103.21 -17.47
C GLN A 871 110.62 104.66 -17.51
N ILE A 872 110.16 105.18 -16.36
CA ILE A 872 109.67 106.58 -16.24
C ILE A 872 110.82 107.61 -16.39
N VAL A 873 110.53 108.73 -17.08
CA VAL A 873 111.51 109.84 -17.30
C VAL A 873 110.91 111.21 -16.87
N LEU A 874 111.44 111.77 -15.77
CA LEU A 874 110.99 113.08 -15.24
C LEU A 874 111.55 114.26 -16.09
N PRO A 875 110.68 115.23 -16.52
CA PRO A 875 111.14 116.37 -17.35
C PRO A 875 112.14 117.35 -16.66
N PRO A 876 112.83 118.22 -17.44
CA PRO A 876 113.74 119.31 -16.96
C PRO A 876 113.19 120.25 -15.84
N HIS A 877 111.87 120.49 -15.82
CA HIS A 877 111.20 121.29 -14.73
C HIS A 877 111.41 120.66 -13.32
N LEU A 878 111.30 119.33 -13.26
CA LEU A 878 111.63 118.53 -12.06
C LEU A 878 113.16 118.45 -11.81
N GLU A 879 113.97 118.52 -12.88
CA GLU A 879 115.46 118.54 -12.78
C GLU A 879 116.03 119.76 -12.00
N ARG A 880 115.41 120.95 -12.13
CA ARG A 880 115.84 122.16 -11.37
C ARG A 880 115.58 122.03 -9.85
N ILE A 881 114.37 121.58 -9.49
CA ILE A 881 114.00 121.30 -8.08
C ILE A 881 114.81 120.10 -7.53
N ARG A 882 115.20 119.17 -8.41
CA ARG A 882 116.15 118.08 -8.06
C ARG A 882 117.56 118.62 -7.70
N GLU A 883 118.01 119.67 -8.40
CA GLU A 883 119.30 120.37 -8.06
C GLU A 883 119.25 121.10 -6.69
N LYS A 884 118.08 121.64 -6.32
CA LYS A 884 117.88 122.32 -5.02
C LYS A 884 117.85 121.33 -3.80
N LEU A 885 117.03 120.28 -3.90
CA LEU A 885 116.95 119.20 -2.88
C LEU A 885 118.29 118.43 -2.69
N ALA A 886 118.99 118.19 -3.81
CA ALA A 886 120.34 117.57 -3.81
C ALA A 886 121.42 118.49 -3.19
N GLU A 887 121.25 119.83 -3.30
CA GLU A 887 122.12 120.80 -2.60
C GLU A 887 122.07 120.64 -1.06
N ASN A 888 120.85 120.48 -0.50
CA ASN A 888 120.71 120.30 0.97
C ASN A 888 121.11 118.90 1.49
N ILE A 889 120.84 117.84 0.70
CA ILE A 889 121.29 116.45 1.06
C ILE A 889 122.84 116.32 1.02
N HIS A 890 123.49 117.00 0.05
CA HIS A 890 124.97 117.08 -0.03
C HIS A 890 125.56 117.91 1.15
N GLU A 891 124.82 118.93 1.62
CA GLU A 891 125.17 119.66 2.87
C GLU A 891 125.11 118.75 4.12
N LEU A 892 124.18 117.77 4.13
CA LEU A 892 124.05 116.77 5.23
C LEU A 892 125.19 115.72 5.25
N TRP A 893 125.49 115.13 4.09
CA TRP A 893 126.59 114.14 3.94
C TRP A 893 127.99 114.78 4.18
N VAL A 894 128.15 116.04 3.79
CA VAL A 894 129.38 116.81 4.03
C VAL A 894 129.55 117.15 5.52
N MET A 895 128.47 117.62 6.17
CA MET A 895 128.53 117.98 7.62
C MET A 895 128.69 116.77 8.56
N ASN A 896 128.27 115.57 8.13
CA ASN A 896 128.45 114.34 8.92
C ASN A 896 129.92 113.99 9.16
N LYS A 897 130.77 114.22 8.15
CA LYS A 897 132.21 113.96 8.24
C LYS A 897 133.01 115.11 8.87
N ILE A 898 132.55 116.35 8.68
CA ILE A 898 133.21 117.54 9.26
C ILE A 898 133.10 117.59 10.80
N GLU A 899 132.06 116.97 11.37
CA GLU A 899 131.92 116.85 12.84
C GLU A 899 133.16 116.27 13.55
N LEU A 900 133.82 115.32 12.90
CA LEU A 900 135.04 114.70 13.45
C LEU A 900 136.25 115.63 13.28
N GLY A 901 136.53 116.03 12.03
CA GLY A 901 137.64 116.95 11.72
C GLY A 901 138.29 116.72 10.37
N TRP A 902 137.49 116.85 9.31
CA TRP A 902 137.95 116.72 7.92
C TRP A 902 137.90 118.08 7.24
N GLN A 903 138.50 118.17 6.06
CA GLN A 903 138.64 119.45 5.35
C GLN A 903 138.55 119.26 3.83
N TYR A 904 138.32 120.36 3.11
CA TYR A 904 138.34 120.37 1.64
C TYR A 904 139.74 120.04 1.10
N GLY A 905 139.82 119.03 0.25
CA GLY A 905 141.08 118.62 -0.39
C GLY A 905 140.89 117.69 -1.59
N PRO A 906 141.97 117.41 -2.34
CA PRO A 906 141.86 116.60 -3.57
C PRO A 906 141.79 115.07 -3.38
N VAL A 907 142.70 114.51 -2.57
CA VAL A 907 142.91 113.05 -2.51
C VAL A 907 141.74 112.24 -1.93
N ARG A 908 141.75 110.93 -2.16
CA ARG A 908 140.68 110.00 -1.77
C ARG A 908 141.26 108.79 -1.03
N ASP A 909 141.54 108.97 0.26
CA ASP A 909 142.15 107.92 1.10
C ASP A 909 141.82 108.14 2.59
N ASP A 910 141.94 107.08 3.40
CA ASP A 910 141.55 107.09 4.82
C ASP A 910 142.58 107.76 5.76
N ASN A 911 143.86 107.73 5.40
CA ASN A 911 144.95 108.14 6.31
C ASN A 911 145.07 109.66 6.52
N LYS A 912 145.06 110.42 5.42
CA LYS A 912 145.30 111.88 5.47
C LYS A 912 144.09 112.75 5.89
N ARG A 913 142.93 112.12 6.11
CA ARG A 913 141.69 112.80 6.58
C ARG A 913 141.07 113.73 5.52
N GLN A 914 141.06 113.28 4.26
CA GLN A 914 140.49 114.05 3.13
C GLN A 914 139.73 113.13 2.16
N HIS A 915 138.84 113.73 1.36
CA HIS A 915 138.02 113.00 0.35
C HIS A 915 137.51 114.03 -0.74
N PRO A 916 137.46 113.64 -2.06
CA PRO A 916 137.12 114.59 -3.17
C PRO A 916 135.74 115.29 -3.11
N CYS A 917 134.71 114.55 -2.68
CA CYS A 917 133.33 115.06 -2.51
C CYS A 917 133.10 116.05 -1.34
N LEU A 918 134.07 116.19 -0.42
CA LEU A 918 133.98 117.10 0.75
C LEU A 918 134.19 118.59 0.36
N VAL A 919 133.18 119.18 -0.28
CA VAL A 919 133.16 120.61 -0.67
C VAL A 919 131.71 121.06 -0.98
N GLU A 920 131.50 122.38 -1.16
CA GLU A 920 130.21 122.93 -1.65
C GLU A 920 129.78 122.35 -3.03
N PHE A 921 128.48 122.10 -3.19
CA PHE A 921 127.91 121.47 -4.40
C PHE A 921 128.21 122.24 -5.69
N SER A 922 128.28 123.57 -5.60
CA SER A 922 128.60 124.42 -6.75
C SER A 922 130.02 124.22 -7.32
N LYS A 923 130.96 123.82 -6.47
CA LYS A 923 132.37 123.69 -6.86
C LYS A 923 132.71 122.36 -7.56
N LEU A 924 131.96 121.30 -7.27
CA LEU A 924 132.24 119.96 -7.85
C LEU A 924 131.83 119.83 -9.36
N PRO A 925 132.58 118.99 -10.13
CA PRO A 925 132.24 118.73 -11.55
C PRO A 925 130.99 117.81 -11.73
N GLU A 926 130.40 117.81 -12.93
CA GLU A 926 129.16 117.02 -13.24
C GLU A 926 129.29 115.49 -13.02
N GLN A 927 130.40 114.88 -13.45
CA GLN A 927 130.71 113.46 -13.17
C GLN A 927 130.73 113.12 -11.65
N GLU A 928 131.26 114.06 -10.85
CA GLU A 928 131.25 113.99 -9.36
C GLU A 928 129.91 114.49 -8.74
N ARG A 929 129.08 115.22 -9.52
CA ARG A 929 127.69 115.56 -9.14
C ARG A 929 126.76 114.30 -9.06
N ASN A 930 127.13 113.23 -9.76
CA ASN A 930 126.39 111.94 -9.76
C ASN A 930 126.34 111.24 -8.36
N TYR A 931 127.35 111.50 -7.52
CA TYR A 931 127.43 111.02 -6.10
C TYR A 931 126.14 111.25 -5.25
N ASN A 932 125.47 112.39 -5.49
CA ASN A 932 124.20 112.78 -4.82
C ASN A 932 122.97 112.80 -5.77
N LEU A 933 123.15 113.43 -6.95
CA LEU A 933 122.09 113.52 -8.01
C LEU A 933 121.55 112.17 -8.53
N GLN A 934 122.39 111.13 -8.63
CA GLN A 934 121.95 109.83 -9.19
C GLN A 934 121.03 109.01 -8.23
N MET A 935 121.41 108.89 -6.95
CA MET A 935 120.58 108.17 -5.93
C MET A 935 119.26 108.91 -5.60
N SER A 936 119.32 110.24 -5.51
CA SER A 936 118.13 111.10 -5.30
C SER A 936 117.15 111.08 -6.51
N LEU A 937 117.70 111.02 -7.73
CA LEU A 937 116.93 110.93 -8.98
C LEU A 937 116.22 109.57 -9.12
N GLU A 938 116.91 108.50 -8.73
CA GLU A 938 116.33 107.13 -8.65
C GLU A 938 115.22 107.02 -7.58
N THR A 939 115.32 107.83 -6.50
CA THR A 939 114.29 107.89 -5.44
C THR A 939 112.97 108.58 -5.92
N LEU A 940 113.07 109.73 -6.59
CA LEU A 940 111.87 110.40 -7.19
C LEU A 940 111.30 109.63 -8.41
N LYS A 941 112.18 108.96 -9.17
CA LYS A 941 111.79 108.03 -10.26
C LYS A 941 110.91 106.89 -9.73
N THR A 942 111.29 106.34 -8.56
CA THR A 942 110.46 105.29 -7.91
C THR A 942 109.15 105.84 -7.29
N LEU A 943 109.14 107.13 -6.91
CA LEU A 943 107.87 107.84 -6.53
C LEU A 943 106.84 107.85 -7.69
N LEU A 944 107.29 108.14 -8.92
CA LEU A 944 106.42 108.04 -10.11
C LEU A 944 106.13 106.58 -10.56
N ALA A 945 107.02 105.64 -10.21
CA ALA A 945 106.87 104.20 -10.56
C ALA A 945 105.62 103.49 -9.98
N LEU A 946 105.22 103.86 -8.76
CA LEU A 946 104.00 103.33 -8.11
C LEU A 946 102.70 104.08 -8.55
N GLY A 947 102.84 105.13 -9.36
CA GLY A 947 101.70 105.97 -9.79
C GLY A 947 101.34 107.10 -8.83
N CYS A 948 102.12 107.26 -7.76
CA CYS A 948 101.84 108.29 -6.72
C CYS A 948 102.20 109.71 -7.21
N HIS A 949 101.47 110.70 -6.68
CA HIS A 949 101.58 112.13 -7.07
C HIS A 949 102.96 112.76 -6.72
N VAL A 950 103.61 113.39 -7.71
CA VAL A 950 104.88 114.16 -7.54
C VAL A 950 104.72 115.68 -7.84
N GLY A 951 103.50 116.13 -8.13
CA GLY A 951 103.22 117.53 -8.48
C GLY A 951 103.23 118.54 -7.33
N ILE A 952 103.28 119.83 -7.70
CA ILE A 952 103.37 120.94 -6.73
C ILE A 952 102.09 121.16 -5.88
N SER A 953 102.28 121.48 -4.59
CA SER A 953 101.20 121.91 -3.68
C SER A 953 101.45 123.36 -3.25
N ASP A 954 102.65 123.63 -2.73
CA ASP A 954 103.10 124.99 -2.38
C ASP A 954 104.36 125.34 -3.17
N GLU A 955 104.65 126.64 -3.27
CA GLU A 955 105.74 127.14 -4.14
C GLU A 955 107.14 126.75 -3.66
N HIS A 956 108.11 126.88 -4.55
CA HIS A 956 109.49 126.42 -4.32
C HIS A 956 110.34 127.51 -3.69
N ALA A 957 110.95 127.21 -2.54
CA ALA A 957 111.88 128.14 -1.87
C ALA A 957 113.19 128.27 -2.65
N TYR A 970 126.34 125.42 16.06
CA TYR A 970 126.94 125.73 14.76
C TYR A 970 128.43 126.06 14.94
N GLN A 971 129.23 125.01 15.09
CA GLN A 971 130.66 125.15 15.34
C GLN A 971 131.41 125.53 14.06
N LEU A 972 132.26 126.56 14.14
CA LEU A 972 133.01 127.05 12.99
C LEU A 972 134.25 126.18 12.75
N THR A 973 134.27 125.46 11.63
CA THR A 973 135.36 124.54 11.28
C THR A 973 136.19 125.08 10.11
N SER A 974 137.37 124.48 9.93
CA SER A 974 138.25 124.80 8.81
C SER A 974 137.70 124.15 7.53
N GLY A 975 137.06 124.96 6.69
CA GLY A 975 136.44 124.48 5.44
C GLY A 975 135.06 125.06 5.22
N TYR A 976 134.26 124.37 4.42
CA TYR A 976 132.90 124.80 4.08
C TYR A 976 131.93 124.53 5.24
N LYS A 977 130.97 125.43 5.42
CA LYS A 977 129.93 125.31 6.45
C LYS A 977 128.60 125.90 5.97
N PRO A 978 127.64 125.04 5.57
CA PRO A 978 126.35 125.52 5.09
C PRO A 978 125.36 125.77 6.23
N ALA A 979 124.43 126.70 6.01
CA ALA A 979 123.38 127.02 6.97
C ALA A 979 122.00 126.91 6.31
N PRO A 980 121.55 125.67 6.00
CA PRO A 980 120.20 125.49 5.46
C PRO A 980 119.09 125.76 6.50
N MET A 981 117.87 126.04 6.02
CA MET A 981 116.71 126.23 6.89
C MET A 981 116.35 124.91 7.58
N ASP A 982 115.92 124.98 8.84
CA ASP A 982 115.73 123.79 9.69
C ASP A 982 114.62 122.86 9.15
N LEU A 983 114.87 121.55 9.22
CA LEU A 983 113.97 120.51 8.67
C LEU A 983 112.96 119.99 9.69
N SER A 984 113.37 119.88 10.96
CA SER A 984 112.58 119.19 11.99
C SER A 984 111.34 119.93 12.51
N PHE A 985 111.12 121.18 12.10
CA PHE A 985 109.93 121.94 12.52
C PHE A 985 108.61 121.31 12.04
N ILE A 986 108.55 120.93 10.77
CA ILE A 986 107.31 120.41 10.16
C ILE A 986 106.88 119.02 10.69
N LYS A 987 105.56 118.82 10.78
CA LYS A 987 104.96 117.53 11.19
C LYS A 987 104.45 116.72 9.98
N LEU A 988 105.19 115.67 9.62
CA LEU A 988 104.91 114.83 8.43
C LEU A 988 103.59 114.02 8.58
N THR A 989 102.87 113.83 7.47
CA THR A 989 101.63 113.01 7.41
C THR A 989 101.96 111.51 7.65
N PRO A 990 101.08 110.75 8.37
CA PRO A 990 101.32 109.30 8.63
C PRO A 990 101.59 108.40 7.37
N SER A 991 100.90 108.69 6.27
CA SER A 991 101.13 108.00 4.98
C SER A 991 102.52 108.31 4.35
N GLN A 992 103.06 109.49 4.64
CA GLN A 992 104.39 109.93 4.16
C GLN A 992 105.56 109.19 4.86
N GLU A 993 105.47 109.04 6.20
CA GLU A 993 106.40 108.20 7.01
C GLU A 993 106.44 106.71 6.61
N ALA A 994 105.28 106.15 6.24
CA ALA A 994 105.19 104.78 5.70
C ALA A 994 105.82 104.62 4.29
N MET A 995 105.65 105.64 3.44
CA MET A 995 106.09 105.63 2.02
C MET A 995 107.60 105.43 1.80
N VAL A 996 108.42 106.07 2.65
CA VAL A 996 109.91 106.01 2.53
C VAL A 996 110.53 104.61 2.76
N ASP A 997 109.86 103.77 3.57
CA ASP A 997 110.29 102.36 3.81
C ASP A 997 110.32 101.49 2.53
N LYS A 998 109.36 101.70 1.63
CA LYS A 998 109.32 101.00 0.32
C LYS A 998 110.44 101.47 -0.65
N LEU A 999 110.83 102.74 -0.54
CA LEU A 999 111.98 103.30 -1.31
C LEU A 999 113.33 102.70 -0.84
N ALA A 1000 113.49 102.56 0.49
CA ALA A 1000 114.69 101.92 1.10
C ALA A 1000 114.79 100.41 0.77
N GLU A 1001 113.63 99.72 0.73
CA GLU A 1001 113.52 98.32 0.22
C GLU A 1001 113.96 98.19 -1.25
N ASN A 1002 113.62 99.19 -2.07
CA ASN A 1002 113.88 99.21 -3.52
C ASN A 1002 115.38 99.46 -3.88
N ALA A 1003 116.01 100.43 -3.22
CA ALA A 1003 117.46 100.69 -3.37
C ALA A 1003 118.33 99.55 -2.78
N HIS A 1004 117.86 98.96 -1.68
CA HIS A 1004 118.48 97.75 -1.08
C HIS A 1004 118.32 96.47 -1.96
N ASN A 1005 117.26 96.41 -2.78
CA ASN A 1005 116.99 95.28 -3.70
C ASN A 1005 117.73 95.37 -5.06
N VAL A 1006 117.84 96.56 -5.65
CA VAL A 1006 118.75 96.77 -6.83
C VAL A 1006 120.24 96.59 -6.43
N TRP A 1007 120.60 97.02 -5.22
CA TRP A 1007 121.93 96.71 -4.60
C TRP A 1007 122.11 95.19 -4.33
N ALA A 1008 121.00 94.49 -4.06
CA ALA A 1008 120.98 93.00 -3.93
C ALA A 1008 121.20 92.28 -5.27
N ARG A 1009 120.70 92.85 -6.38
CA ARG A 1009 121.01 92.40 -7.76
C ARG A 1009 122.50 92.63 -8.09
N ASP A 1010 123.07 93.72 -7.56
CA ASP A 1010 124.52 94.02 -7.70
C ASP A 1010 125.43 93.03 -6.92
N ARG A 1011 124.94 92.53 -5.78
CA ARG A 1011 125.67 91.53 -4.93
C ARG A 1011 125.42 90.07 -5.41
N ILE A 1012 124.25 89.82 -6.00
CA ILE A 1012 123.96 88.62 -6.83
C ILE A 1012 124.93 88.53 -8.03
N ARG A 1013 125.29 89.69 -8.58
CA ARG A 1013 126.34 89.83 -9.62
C ARG A 1013 127.77 89.77 -9.05
N GLN A 1014 127.94 90.01 -7.74
CA GLN A 1014 129.19 89.69 -7.02
C GLN A 1014 129.15 88.27 -6.43
N ARG A 1027 133.60 86.18 -1.82
CA ARG A 1027 133.01 86.74 -0.60
C ARG A 1027 131.60 86.21 -0.36
N ARG A 1028 131.16 86.35 0.88
CA ARG A 1028 129.74 86.32 1.23
C ARG A 1028 129.41 87.66 1.88
N ASN A 1029 128.19 88.14 1.63
CA ASN A 1029 127.62 89.31 2.30
C ASN A 1029 126.37 88.85 3.11
N PRO A 1030 126.18 89.39 4.35
CA PRO A 1030 124.97 89.09 5.15
C PRO A 1030 123.69 89.81 4.66
N ARG A 1031 123.85 90.98 4.02
CA ARG A 1031 122.73 91.83 3.53
C ARG A 1031 122.11 91.46 2.12
N LEU A 1032 122.42 90.27 1.58
CA LEU A 1032 121.69 89.69 0.41
C LEU A 1032 120.15 89.54 0.60
N VAL A 1033 119.74 89.21 1.83
CA VAL A 1033 118.31 89.06 2.22
C VAL A 1033 117.46 90.36 2.05
N PRO A 1034 116.18 90.24 1.56
CA PRO A 1034 115.33 91.45 1.40
C PRO A 1034 115.25 92.32 2.67
N TYR A 1035 115.04 93.63 2.46
CA TYR A 1035 115.00 94.65 3.54
C TYR A 1035 113.92 94.40 4.64
N THR A 1036 112.80 93.78 4.26
CA THR A 1036 111.71 93.44 5.20
C THR A 1036 112.11 92.41 6.29
N LEU A 1037 113.03 91.48 5.96
CA LEU A 1037 113.50 90.42 6.89
C LEU A 1037 114.72 90.82 7.79
N LEU A 1038 115.47 91.86 7.41
CA LEU A 1038 116.66 92.32 8.19
C LEU A 1038 116.27 93.10 9.49
N ASP A 1039 117.17 93.05 10.49
CA ASP A 1039 116.95 93.68 11.82
C ASP A 1039 116.82 95.23 11.77
N ASP A 1040 116.06 95.78 12.72
CA ASP A 1040 115.74 97.23 12.80
C ASP A 1040 116.98 98.15 12.98
N ARG A 1041 118.01 97.66 13.68
CA ARG A 1041 119.32 98.35 13.77
C ARG A 1041 120.00 98.55 12.40
N THR A 1042 119.90 97.52 11.54
CA THR A 1042 120.33 97.60 10.13
C THR A 1042 119.37 98.46 9.26
N LYS A 1043 118.08 98.55 9.64
CA LYS A 1043 117.10 99.46 8.99
C LYS A 1043 117.44 100.98 9.22
N LYS A 1044 118.08 101.30 10.35
CA LYS A 1044 118.30 102.71 10.77
C LYS A 1044 119.16 103.63 9.85
N SER A 1045 120.03 103.06 9.00
CA SER A 1045 120.92 103.84 8.09
C SER A 1045 120.19 104.46 6.86
N ASN A 1046 119.54 103.61 6.05
CA ASN A 1046 118.73 104.06 4.90
C ASN A 1046 117.49 104.87 5.36
N LYS A 1047 116.94 104.51 6.53
CA LYS A 1047 115.93 105.33 7.28
C LYS A 1047 116.40 106.77 7.52
N ASP A 1048 117.64 106.93 8.01
CA ASP A 1048 118.23 108.26 8.30
C ASP A 1048 118.48 109.12 7.02
N SER A 1049 118.93 108.48 5.93
CA SER A 1049 119.22 109.18 4.65
C SER A 1049 117.96 109.70 3.92
N LEU A 1050 116.96 108.81 3.79
CA LEU A 1050 115.73 109.14 3.05
C LEU A 1050 114.71 109.95 3.89
N ARG A 1051 114.72 109.81 5.23
CA ARG A 1051 113.97 110.72 6.15
C ARG A 1051 114.43 112.19 6.07
N GLU A 1052 115.74 112.41 5.93
CA GLU A 1052 116.33 113.74 5.68
C GLU A 1052 115.84 114.34 4.34
N ALA A 1053 115.98 113.55 3.27
CA ALA A 1053 115.59 113.94 1.90
C ALA A 1053 114.08 114.29 1.77
N VAL A 1054 113.21 113.50 2.41
CA VAL A 1054 111.75 113.77 2.43
C VAL A 1054 111.35 114.97 3.33
N ARG A 1055 112.12 115.22 4.40
CA ARG A 1055 111.99 116.47 5.20
C ARG A 1055 112.32 117.74 4.37
N THR A 1056 113.26 117.59 3.42
CA THR A 1056 113.56 118.66 2.44
C THR A 1056 112.48 118.76 1.32
N LEU A 1057 111.78 117.65 1.01
CA LEU A 1057 110.65 117.63 0.04
C LEU A 1057 109.38 118.42 0.50
N LEU A 1058 108.97 118.19 1.75
CA LEU A 1058 107.88 118.98 2.40
C LEU A 1058 108.38 120.36 2.88
N GLY A 1059 109.71 120.51 3.00
CA GLY A 1059 110.37 121.81 3.19
C GLY A 1059 110.31 122.68 1.93
N TYR A 1060 110.31 122.03 0.75
CA TYR A 1060 109.97 122.71 -0.52
C TYR A 1060 108.45 122.59 -0.84
N GLY A 1061 107.72 121.89 0.02
CA GLY A 1061 106.25 121.97 0.08
C GLY A 1061 105.47 120.97 -0.78
N TYR A 1062 106.14 119.92 -1.29
CA TYR A 1062 105.45 118.81 -1.99
C TYR A 1062 104.62 117.95 -1.00
N ASN A 1063 103.31 117.81 -1.25
CA ASN A 1063 102.43 116.89 -0.48
C ASN A 1063 102.61 115.44 -0.96
N LEU A 1064 102.71 114.51 -0.01
CA LEU A 1064 102.89 113.08 -0.29
C LEU A 1064 102.00 112.22 0.63
N GLU A 1065 100.73 112.08 0.22
CA GLU A 1065 99.71 111.29 0.93
C GLU A 1065 99.37 109.98 0.18
N ALA A 1066 98.67 109.05 0.85
CA ALA A 1066 98.31 107.73 0.29
C ALA A 1066 97.43 107.85 -0.98
N PRO A 1067 97.61 106.91 -1.94
CA PRO A 1067 96.84 106.97 -3.19
C PRO A 1067 95.34 106.74 -3.01
N ASP A 1068 94.98 105.95 -2.00
CA ASP A 1068 93.58 105.65 -1.69
C ASP A 1068 92.92 106.81 -0.94
N ARG A 1084 95.19 75.27 4.00
CA ARG A 1084 93.83 74.83 3.70
C ARG A 1084 92.89 74.97 4.91
N PHE A 1085 91.59 74.78 4.65
CA PHE A 1085 90.59 74.54 5.71
C PHE A 1085 90.60 73.05 6.06
N ARG A 1086 91.45 72.66 7.01
CA ARG A 1086 91.51 71.28 7.53
C ARG A 1086 90.22 70.94 8.32
N ILE A 1087 89.69 69.71 8.14
CA ILE A 1087 88.38 69.30 8.68
C ILE A 1087 88.54 68.22 9.77
N PHE A 1088 88.78 68.67 11.01
CA PHE A 1088 88.99 67.78 12.19
C PHE A 1088 87.64 67.24 12.71
N ARG A 1089 87.55 65.93 12.95
CA ARG A 1089 86.28 65.27 13.38
C ARG A 1089 86.51 63.93 14.13
N ALA A 1090 85.61 63.59 15.06
CA ALA A 1090 85.66 62.31 15.81
C ALA A 1090 85.07 61.13 15.00
N GLU A 1091 85.28 59.91 15.51
CA GLU A 1091 84.78 58.66 14.86
C GLU A 1091 83.23 58.48 14.88
N LYS A 1092 82.71 57.90 13.79
CA LYS A 1092 81.26 57.65 13.59
C LYS A 1092 80.65 56.64 14.61
N THR A 1093 81.49 55.77 15.18
CA THR A 1093 81.08 54.89 16.30
C THR A 1093 80.71 55.66 17.59
N TYR A 1094 81.20 56.91 17.73
CA TYR A 1094 80.89 57.81 18.87
C TYR A 1094 79.67 58.75 18.64
N ALA A 1095 78.74 58.39 17.73
CA ALA A 1095 77.60 59.24 17.36
C ALA A 1095 76.64 59.54 18.52
N VAL A 1096 76.36 60.83 18.74
CA VAL A 1096 75.44 61.30 19.78
C VAL A 1096 74.04 61.31 19.15
N LYS A 1097 73.10 60.58 19.75
CA LYS A 1097 71.68 60.51 19.29
C LYS A 1097 70.71 60.97 20.39
N ALA A 1098 70.84 60.36 21.56
CA ALA A 1098 70.09 60.73 22.78
C ALA A 1098 71.04 60.90 23.99
N GLY A 1099 70.58 61.66 24.99
CA GLY A 1099 71.38 61.97 26.19
C GLY A 1099 72.23 63.23 26.07
N ARG A 1100 72.56 63.82 27.22
CA ARG A 1100 73.33 65.08 27.30
C ARG A 1100 74.85 64.82 27.10
N TRP A 1101 75.54 65.79 26.50
CA TRP A 1101 76.99 65.67 26.13
C TRP A 1101 77.73 67.03 26.20
N TYR A 1102 79.07 66.96 26.31
CA TYR A 1102 79.94 68.15 26.40
C TYR A 1102 81.39 67.90 25.92
N PHE A 1103 81.84 68.65 24.89
CA PHE A 1103 83.26 68.69 24.45
C PHE A 1103 83.86 70.12 24.62
N GLU A 1104 85.17 70.26 24.37
CA GLU A 1104 85.87 71.57 24.50
C GLU A 1104 86.72 71.97 23.28
N PHE A 1105 87.06 73.27 23.26
CA PHE A 1105 88.03 73.84 22.31
C PHE A 1105 88.83 75.00 22.95
N GLU A 1106 90.04 74.70 23.44
CA GLU A 1106 91.02 75.75 23.81
C GLU A 1106 91.65 76.33 22.51
N ALA A 1107 91.73 77.66 22.41
CA ALA A 1107 92.26 78.35 21.21
C ALA A 1107 93.64 78.99 21.48
N VAL A 1108 94.72 78.26 21.15
CA VAL A 1108 96.11 78.68 21.47
C VAL A 1108 96.54 79.96 20.72
N THR A 1109 96.15 80.09 19.44
CA THR A 1109 96.41 81.31 18.65
C THR A 1109 95.19 81.61 17.76
N SER A 1110 94.89 82.91 17.58
CA SER A 1110 93.62 83.36 16.99
C SER A 1110 93.65 83.54 15.47
N GLY A 1111 92.55 83.17 14.82
CA GLY A 1111 92.38 83.35 13.37
C GLY A 1111 90.93 83.21 12.92
N ASP A 1112 90.73 82.68 11.71
CA ASP A 1112 89.39 82.49 11.13
C ASP A 1112 88.87 81.03 11.37
N MET A 1113 88.90 80.60 12.64
CA MET A 1113 88.60 79.20 13.03
C MET A 1113 87.10 78.96 13.25
N ARG A 1114 86.67 77.69 13.09
CA ARG A 1114 85.28 77.25 13.35
C ARG A 1114 85.28 76.07 14.33
N VAL A 1115 84.45 76.13 15.38
CA VAL A 1115 84.24 74.99 16.31
C VAL A 1115 82.75 74.78 16.66
N GLY A 1116 82.35 73.51 16.83
CA GLY A 1116 80.96 73.13 17.18
C GLY A 1116 80.55 71.70 16.78
N TRP A 1117 79.28 71.33 17.05
CA TRP A 1117 78.73 70.00 16.68
C TRP A 1117 78.42 69.89 15.17
N SER A 1118 78.55 68.68 14.59
CA SER A 1118 78.31 68.44 13.14
C SER A 1118 78.10 66.96 12.78
N ARG A 1119 77.32 66.71 11.72
CA ARG A 1119 76.94 65.34 11.29
C ARG A 1119 78.09 64.60 10.53
N PRO A 1120 78.18 63.25 10.68
CA PRO A 1120 79.16 62.45 9.93
C PRO A 1120 78.76 62.06 8.47
N GLY A 1121 77.67 62.66 7.95
CA GLY A 1121 77.17 62.33 6.59
C GLY A 1121 76.09 63.29 6.09
N GLU A 1127 81.54 72.03 2.47
CA GLU A 1127 82.23 72.97 3.35
C GLU A 1127 81.42 73.20 4.65
N LEU A 1128 82.13 73.35 5.78
CA LEU A 1128 81.51 73.50 7.11
C LEU A 1128 80.69 74.79 7.23
N GLY A 1129 79.41 74.67 7.62
CA GLY A 1129 78.49 75.81 7.79
C GLY A 1129 77.73 76.24 6.54
N SER A 1130 78.34 76.05 5.37
CA SER A 1130 77.72 76.28 4.06
C SER A 1130 76.63 75.23 3.71
N ASP A 1131 76.72 74.05 4.33
CA ASP A 1131 75.74 72.94 4.13
C ASP A 1131 74.83 72.67 5.37
N GLU A 1132 73.87 71.76 5.19
CA GLU A 1132 72.98 71.30 6.29
C GLU A 1132 73.69 70.42 7.35
N ARG A 1133 74.89 69.92 7.02
CA ARG A 1133 75.61 68.91 7.83
C ARG A 1133 76.42 69.43 9.05
N ALA A 1134 76.56 70.75 9.23
CA ALA A 1134 77.34 71.32 10.36
C ALA A 1134 76.65 72.47 11.14
N PHE A 1135 77.08 72.65 12.41
CA PHE A 1135 76.60 73.71 13.33
C PHE A 1135 77.74 74.33 14.16
N ALA A 1136 78.16 75.55 13.81
CA ALA A 1136 79.30 76.24 14.44
C ALA A 1136 79.15 77.78 14.53
N PHE A 1137 79.89 78.39 15.47
CA PHE A 1137 79.99 79.87 15.62
C PHE A 1137 81.46 80.34 15.49
N ASP A 1138 81.69 81.38 14.68
CA ASP A 1138 83.04 81.94 14.47
C ASP A 1138 83.37 82.99 15.56
N GLY A 1139 84.64 83.04 15.96
CA GLY A 1139 85.16 84.08 16.88
C GLY A 1139 86.06 85.13 16.23
N PHE A 1140 85.90 85.35 14.92
CA PHE A 1140 86.62 86.42 14.19
C PHE A 1140 85.61 87.50 13.80
N LYS A 1141 84.78 87.23 12.78
CA LYS A 1141 83.69 88.14 12.37
C LYS A 1141 82.50 88.14 13.37
N ALA A 1142 82.29 87.01 14.05
CA ALA A 1142 81.28 86.83 15.12
C ALA A 1142 79.83 86.58 14.61
N GLN A 1143 79.58 85.34 14.19
CA GLN A 1143 78.25 84.92 13.67
C GLN A 1143 78.07 83.38 13.62
N ARG A 1144 76.81 82.95 13.52
CA ARG A 1144 76.45 81.54 13.27
C ARG A 1144 76.79 81.13 11.83
N TRP A 1145 77.40 79.94 11.68
CA TRP A 1145 77.61 79.29 10.37
C TRP A 1145 76.79 77.99 10.34
N HIS A 1146 75.55 78.13 9.87
CA HIS A 1146 74.61 77.01 9.61
C HIS A 1146 73.62 77.44 8.51
N GLN A 1147 73.64 76.76 7.36
CA GLN A 1147 72.74 77.06 6.22
C GLN A 1147 72.71 78.57 5.86
N GLY A 1148 73.91 79.17 5.80
CA GLY A 1148 74.07 80.63 5.62
C GLY A 1148 74.30 81.40 6.93
N ASN A 1149 74.75 82.64 6.80
CA ASN A 1149 75.16 83.49 7.95
C ASN A 1149 73.98 84.12 8.73
N GLU A 1150 74.16 84.22 10.04
CA GLU A 1150 73.30 85.03 10.94
C GLU A 1150 74.07 85.40 12.24
N HIS A 1151 73.88 86.64 12.71
CA HIS A 1151 74.77 87.27 13.73
C HIS A 1151 74.70 86.64 15.14
N TYR A 1152 75.84 86.60 15.83
CA TYR A 1152 76.01 85.76 17.05
C TYR A 1152 77.25 86.08 17.91
N GLY A 1153 77.04 86.62 19.10
CA GLY A 1153 78.04 86.62 20.19
C GLY A 1153 79.23 87.58 20.12
N ARG A 1154 79.97 87.65 21.24
CA ARG A 1154 81.24 88.40 21.34
C ARG A 1154 82.42 87.55 20.81
N SER A 1155 83.33 88.18 20.08
CA SER A 1155 84.50 87.50 19.48
C SER A 1155 85.50 87.07 20.55
N TRP A 1156 86.04 85.85 20.42
CA TRP A 1156 87.06 85.38 21.39
C TRP A 1156 88.47 85.95 21.09
N GLN A 1157 89.18 86.33 22.17
CA GLN A 1157 90.61 86.68 22.10
C GLN A 1157 91.46 85.37 22.11
N ALA A 1158 92.72 85.46 21.68
CA ALA A 1158 93.66 84.31 21.70
C ALA A 1158 93.84 83.75 23.13
N GLY A 1159 93.93 82.42 23.23
CA GLY A 1159 94.08 81.71 24.53
C GLY A 1159 92.78 81.31 25.24
N ASP A 1160 91.61 81.77 24.75
CA ASP A 1160 90.30 81.55 25.42
C ASP A 1160 89.83 80.07 25.30
N VAL A 1161 89.22 79.55 26.38
CA VAL A 1161 88.65 78.19 26.40
C VAL A 1161 87.15 78.23 26.01
N VAL A 1162 86.87 77.99 24.72
CA VAL A 1162 85.49 77.87 24.18
C VAL A 1162 84.90 76.54 24.70
N GLY A 1163 83.65 76.59 25.18
CA GLY A 1163 82.94 75.40 25.70
C GLY A 1163 81.71 75.07 24.84
N CYS A 1164 81.49 73.78 24.56
CA CYS A 1164 80.43 73.34 23.60
C CYS A 1164 79.48 72.23 24.15
N MET A 1165 78.36 72.68 24.74
CA MET A 1165 77.26 71.82 25.28
C MET A 1165 76.27 71.37 24.18
N VAL A 1166 75.62 70.22 24.41
CA VAL A 1166 74.40 69.81 23.66
C VAL A 1166 73.45 68.96 24.54
N ASP A 1167 72.13 69.22 24.43
CA ASP A 1167 71.07 68.44 25.11
C ASP A 1167 70.20 67.74 24.05
N MET A 1168 70.37 66.42 23.87
CA MET A 1168 69.63 65.66 22.85
C MET A 1168 68.18 65.37 23.22
N ASN A 1169 67.83 65.52 24.50
CA ASN A 1169 66.45 65.41 24.95
C ASN A 1169 65.66 66.67 24.60
N GLU A 1170 66.23 67.83 24.96
CA GLU A 1170 65.65 69.13 24.58
C GLU A 1170 65.88 69.51 23.10
N HIS A 1171 66.90 68.90 22.47
CA HIS A 1171 67.31 69.24 21.10
C HIS A 1171 67.74 70.72 20.97
N THR A 1172 68.67 71.11 21.87
CA THR A 1172 69.23 72.47 21.98
C THR A 1172 70.77 72.43 22.22
N MET A 1173 71.46 73.47 21.75
CA MET A 1173 72.90 73.67 21.97
C MET A 1173 73.11 74.91 22.86
N MET A 1174 74.29 74.97 23.48
CA MET A 1174 74.76 76.16 24.19
C MET A 1174 76.28 76.33 23.97
N PHE A 1175 76.72 77.60 23.86
CA PHE A 1175 78.14 77.98 23.63
C PHE A 1175 78.66 79.00 24.68
N THR A 1176 79.06 78.53 25.86
CA THR A 1176 79.64 79.39 26.92
C THR A 1176 81.10 79.78 26.57
N LEU A 1177 81.44 81.04 26.85
CA LEU A 1177 82.76 81.62 26.50
C LEU A 1177 83.34 82.39 27.72
N ASN A 1178 84.23 81.71 28.46
CA ASN A 1178 84.97 82.28 29.61
C ASN A 1178 84.04 82.86 30.71
N GLY A 1179 83.04 82.05 31.08
CA GLY A 1179 82.04 82.44 32.08
C GLY A 1179 80.98 83.42 31.57
N GLU A 1180 80.71 83.36 30.26
CA GLU A 1180 79.63 84.15 29.65
C GLU A 1180 78.78 83.30 28.69
N ILE A 1181 77.50 83.10 29.03
CA ILE A 1181 76.54 82.48 28.13
C ILE A 1181 76.23 83.51 27.03
N LEU A 1182 76.20 83.05 25.77
CA LEU A 1182 76.17 83.94 24.58
C LEU A 1182 74.83 83.87 23.84
N LEU A 1183 74.59 84.86 22.98
CA LEU A 1183 73.26 85.11 22.37
C LEU A 1183 73.33 85.32 20.85
N ASP A 1184 72.15 85.47 20.21
CA ASP A 1184 72.02 85.68 18.75
C ASP A 1184 71.23 87.00 18.45
N ASP A 1185 70.64 87.11 17.25
CA ASP A 1185 69.83 88.28 16.86
C ASP A 1185 68.78 88.75 17.87
N SER A 1186 68.06 87.80 18.48
CA SER A 1186 66.95 88.10 19.42
C SER A 1186 67.36 88.00 20.91
N GLY A 1187 67.25 86.81 21.53
CA GLY A 1187 67.60 86.64 22.95
C GLY A 1187 67.06 85.40 23.66
N SER A 1188 67.95 84.47 24.00
CA SER A 1188 67.62 83.29 24.85
C SER A 1188 68.89 82.63 25.42
N GLU A 1189 68.73 81.82 26.46
CA GLU A 1189 69.86 81.10 27.08
C GLU A 1189 70.41 79.95 26.22
N LEU A 1190 69.55 79.36 25.38
CA LEU A 1190 69.93 78.27 24.47
C LEU A 1190 70.42 78.85 23.14
N ALA A 1191 71.51 78.30 22.60
CA ALA A 1191 72.09 78.77 21.32
C ALA A 1191 71.23 78.34 20.09
N PHE A 1192 71.65 77.35 19.31
CA PHE A 1192 70.75 76.69 18.34
C PHE A 1192 69.63 75.92 19.10
N LYS A 1193 68.43 75.88 18.54
CA LYS A 1193 67.31 75.11 19.08
C LYS A 1193 66.54 74.45 17.94
N ASP A 1194 66.11 73.20 18.16
CA ASP A 1194 65.40 72.38 17.15
C ASP A 1194 66.31 72.01 15.96
N PHE A 1195 66.90 70.81 16.03
CA PHE A 1195 67.70 70.22 14.92
C PHE A 1195 67.47 68.69 14.81
N ASP A 1196 67.65 68.13 13.61
CA ASP A 1196 67.38 66.70 13.32
C ASP A 1196 68.50 65.75 13.77
N VAL A 1197 68.12 64.52 14.15
CA VAL A 1197 69.07 63.48 14.56
C VAL A 1197 69.86 63.00 13.33
N GLY A 1198 69.13 62.54 12.30
CA GLY A 1198 69.69 62.24 10.96
C GLY A 1198 70.70 61.09 10.89
N ASP A 1199 71.95 61.40 11.24
CA ASP A 1199 73.07 60.43 11.31
C ASP A 1199 73.82 60.45 12.67
N GLY A 1200 73.25 61.16 13.66
CA GLY A 1200 73.91 61.49 14.93
C GLY A 1200 74.75 62.76 14.84
N PHE A 1201 75.33 63.16 15.97
CA PHE A 1201 76.25 64.33 16.07
C PHE A 1201 77.63 63.98 16.68
N ILE A 1202 78.65 64.70 16.20
CA ILE A 1202 80.07 64.51 16.55
C ILE A 1202 80.74 65.87 16.86
N PRO A 1203 81.78 65.90 17.75
CA PRO A 1203 82.62 67.13 17.82
C PRO A 1203 83.37 67.41 16.47
N VAL A 1204 83.38 68.68 16.02
CA VAL A 1204 84.02 69.09 14.75
C VAL A 1204 84.72 70.47 14.88
N CYS A 1205 85.80 70.65 14.12
CA CYS A 1205 86.60 71.89 14.12
C CYS A 1205 87.27 72.12 12.75
N SER A 1206 87.55 73.39 12.44
CA SER A 1206 88.42 73.76 11.30
C SER A 1206 89.46 74.80 11.74
N LEU A 1207 90.73 74.38 11.74
CA LEU A 1207 91.88 75.21 12.18
C LEU A 1207 92.39 76.13 11.03
N GLY A 1208 92.93 77.30 11.40
CA GLY A 1208 93.35 78.32 10.44
C GLY A 1208 94.74 78.05 9.88
N VAL A 1209 95.08 78.77 8.81
CA VAL A 1209 96.39 78.69 8.17
C VAL A 1209 97.39 79.49 9.03
N ALA A 1210 98.27 78.77 9.73
CA ALA A 1210 99.20 79.31 10.74
C ALA A 1210 98.55 79.64 12.09
N GLN A 1211 97.56 78.82 12.48
CA GLN A 1211 96.92 78.90 13.82
C GLN A 1211 96.98 77.53 14.57
N VAL A 1212 96.85 77.58 15.90
CA VAL A 1212 96.90 76.39 16.79
C VAL A 1212 95.62 76.34 17.68
N GLY A 1213 95.01 75.15 17.80
CA GLY A 1213 93.73 74.95 18.54
C GLY A 1213 93.53 73.55 19.11
N ARG A 1214 93.81 73.39 20.42
CA ARG A 1214 93.61 72.12 21.12
C ARG A 1214 92.13 71.78 21.35
N MET A 1215 91.86 70.48 21.47
CA MET A 1215 90.54 69.96 21.87
C MET A 1215 90.64 69.00 23.08
N ASN A 1216 89.69 69.13 24.00
CA ASN A 1216 89.55 68.23 25.15
C ASN A 1216 88.10 67.72 25.18
N PHE A 1217 87.93 66.45 24.89
CA PHE A 1217 86.61 65.85 24.61
C PHE A 1217 85.82 65.54 25.88
N GLY A 1218 86.55 65.30 26.97
CA GLY A 1218 85.97 65.12 28.32
C GLY A 1218 86.71 64.09 29.14
N LYS A 1219 88.03 64.24 29.23
CA LYS A 1219 88.90 63.23 29.84
C LYS A 1219 88.97 63.45 31.36
N ASP A 1220 90.02 64.12 31.87
CA ASP A 1220 90.12 64.43 33.30
C ASP A 1220 89.15 65.57 33.63
N VAL A 1221 88.30 65.35 34.64
CA VAL A 1221 87.25 66.32 35.05
C VAL A 1221 87.85 67.65 35.58
N SER A 1222 89.01 67.59 36.23
CA SER A 1222 89.75 68.78 36.70
C SER A 1222 90.55 69.51 35.57
N THR A 1223 90.79 68.83 34.44
CA THR A 1223 91.49 69.43 33.28
C THR A 1223 90.55 70.31 32.43
N LEU A 1224 89.25 69.96 32.40
CA LEU A 1224 88.22 70.77 31.72
C LEU A 1224 88.06 72.10 32.46
N LYS A 1225 88.62 73.17 31.89
CA LYS A 1225 88.74 74.47 32.59
C LYS A 1225 87.40 75.17 32.87
N TYR A 1226 86.41 74.95 31.99
CA TYR A 1226 85.06 75.52 32.14
C TYR A 1226 83.95 74.45 32.05
N PHE A 1227 84.11 73.39 32.85
CA PHE A 1227 83.07 72.34 33.07
C PHE A 1227 82.45 72.46 34.48
N THR A 1228 83.29 72.51 35.52
CA THR A 1228 82.84 72.67 36.93
C THR A 1228 81.97 73.94 37.18
N ILE A 1229 82.31 75.05 36.52
CA ILE A 1229 81.51 76.30 36.59
C ILE A 1229 80.24 76.22 35.70
N CYS A 1230 80.36 75.56 34.52
CA CYS A 1230 79.25 75.47 33.53
C CYS A 1230 79.30 74.15 32.71
N GLY A 1231 78.88 73.06 33.34
CA GLY A 1231 78.86 71.75 32.69
C GLY A 1231 78.24 70.61 33.51
N LEU A 1232 78.75 70.43 34.72
CA LEU A 1232 78.30 69.34 35.62
C LEU A 1232 76.95 69.68 36.27
N GLN A 1233 76.78 70.95 36.68
CA GLN A 1233 75.58 71.40 37.41
C GLN A 1233 74.28 71.33 36.58
N GLU A 1234 74.33 71.81 35.34
CA GLU A 1234 73.19 71.68 34.41
C GLU A 1234 72.92 70.21 34.03
N GLY A 1235 73.99 69.40 33.99
CA GLY A 1235 73.90 67.98 33.67
C GLY A 1235 74.34 67.70 32.25
N TYR A 1236 75.65 67.55 32.06
CA TYR A 1236 76.26 67.17 30.77
C TYR A 1236 77.42 66.18 30.96
N GLU A 1237 77.70 65.41 29.89
CA GLU A 1237 78.60 64.23 29.95
C GLU A 1237 79.95 64.44 29.22
N PRO A 1238 81.08 64.48 29.99
CA PRO A 1238 82.42 64.26 29.42
C PRO A 1238 82.54 62.85 28.78
N PHE A 1239 83.18 62.72 27.62
CA PHE A 1239 83.23 61.45 26.86
C PHE A 1239 83.96 60.32 27.60
N ALA A 1240 85.07 60.65 28.27
CA ALA A 1240 85.94 59.64 28.90
C ALA A 1240 85.57 59.21 30.34
N VAL A 1241 84.44 59.69 30.88
CA VAL A 1241 83.98 59.26 32.21
C VAL A 1241 83.67 57.74 32.27
N ASN A 1242 83.16 57.18 31.17
CA ASN A 1242 83.03 55.72 30.97
C ASN A 1242 84.07 55.12 29.98
N THR A 1243 84.68 55.96 29.14
CA THR A 1243 85.75 55.52 28.21
C THR A 1243 87.12 55.31 28.90
N ASN A 1244 87.87 54.33 28.40
CA ASN A 1244 89.22 54.02 28.90
C ASN A 1244 90.30 54.65 28.00
N ARG A 1245 90.25 54.32 26.71
CA ARG A 1245 91.28 54.75 25.72
C ARG A 1245 91.06 56.23 25.31
N ASP A 1246 92.15 56.94 24.99
CA ASP A 1246 92.05 58.33 24.47
C ASP A 1246 91.30 58.35 23.12
N ILE A 1247 90.47 59.38 22.91
CA ILE A 1247 89.57 59.44 21.75
C ILE A 1247 90.30 59.59 20.39
N THR A 1248 89.93 58.74 19.42
CA THR A 1248 90.45 58.81 18.05
C THR A 1248 89.71 59.91 17.24
N MET A 1249 90.42 60.57 16.33
CA MET A 1249 89.88 61.69 15.52
C MET A 1249 90.33 61.57 14.04
N TRP A 1250 89.81 62.45 13.17
CA TRP A 1250 90.07 62.43 11.70
C TRP A 1250 90.55 63.80 11.15
N LEU A 1251 91.15 63.79 9.96
CA LEU A 1251 91.55 65.02 9.23
C LEU A 1251 91.62 64.83 7.70
N SER A 1252 91.13 65.81 6.93
CA SER A 1252 91.19 65.78 5.45
C SER A 1252 92.64 66.00 4.93
N LYS A 1253 93.05 65.18 3.94
CA LYS A 1253 94.42 65.25 3.37
C LYS A 1253 94.52 66.13 2.08
N ARG A 1254 95.67 66.78 1.91
CA ARG A 1254 96.02 67.52 0.68
C ARG A 1254 96.18 66.59 -0.54
N LEU A 1255 96.62 65.35 -0.30
CA LEU A 1255 96.85 64.35 -1.38
C LEU A 1255 95.50 63.82 -1.96
N PRO A 1256 95.29 63.90 -3.30
CA PRO A 1256 94.11 63.25 -3.94
C PRO A 1256 94.07 61.70 -3.88
N GLN A 1257 92.86 61.14 -4.09
CA GLN A 1257 92.64 59.68 -4.24
C GLN A 1257 91.53 59.42 -5.29
N PHE A 1258 91.73 58.44 -6.18
CA PHE A 1258 90.64 57.96 -7.09
C PHE A 1258 89.46 57.31 -6.32
N LEU A 1259 88.23 57.62 -6.74
CA LEU A 1259 87.01 56.97 -6.23
C LEU A 1259 85.91 56.90 -7.31
N GLN A 1260 85.29 55.71 -7.44
CA GLN A 1260 84.35 55.38 -8.55
C GLN A 1260 83.28 56.45 -8.85
N VAL A 1261 82.96 56.62 -10.15
CA VAL A 1261 82.00 57.65 -10.62
C VAL A 1261 80.58 57.54 -9.96
N PRO A 1262 80.17 58.59 -9.19
CA PRO A 1262 78.86 58.57 -8.50
C PRO A 1262 77.65 58.83 -9.44
N SER A 1263 76.50 58.22 -9.14
CA SER A 1263 75.25 58.44 -9.91
C SER A 1263 74.78 59.91 -9.86
N ASN A 1264 74.91 60.53 -8.67
CA ASN A 1264 74.67 61.97 -8.49
C ASN A 1264 75.96 62.79 -8.63
N HIS A 1265 75.80 64.08 -8.98
CA HIS A 1265 76.90 65.06 -9.19
C HIS A 1265 76.27 66.44 -9.50
N GLU A 1266 77.09 67.48 -9.71
CA GLU A 1266 76.63 68.67 -10.47
C GLU A 1266 76.20 68.16 -11.86
N HIS A 1267 77.10 67.39 -12.48
CA HIS A 1267 76.78 66.44 -13.58
C HIS A 1267 78.05 65.72 -14.10
N ILE A 1268 78.08 64.38 -14.04
CA ILE A 1268 79.15 63.57 -14.65
C ILE A 1268 78.59 62.31 -15.34
N GLU A 1269 78.32 62.42 -16.64
CA GLU A 1269 77.55 61.40 -17.40
C GLU A 1269 78.39 60.22 -17.96
N VAL A 1270 78.59 59.18 -17.14
CA VAL A 1270 79.09 57.87 -17.63
C VAL A 1270 77.97 57.14 -18.42
N THR A 1271 78.31 56.45 -19.52
CA THR A 1271 77.34 55.68 -20.34
C THR A 1271 77.96 54.59 -21.26
N ARG A 1272 77.80 53.32 -20.88
CA ARG A 1272 78.23 52.16 -21.71
C ARG A 1272 77.15 51.79 -22.77
N ILE A 1273 77.59 51.16 -23.87
CA ILE A 1273 76.67 50.56 -24.87
C ILE A 1273 77.32 49.37 -25.63
N ASP A 1274 76.49 48.37 -25.98
CA ASP A 1274 76.93 47.14 -26.68
C ASP A 1274 75.91 46.69 -27.73
N VAL A 1285 81.72 48.15 -33.15
CA VAL A 1285 82.61 48.19 -31.98
C VAL A 1285 81.94 48.80 -30.75
N THR A 1286 82.26 48.27 -29.55
CA THR A 1286 81.78 48.85 -28.28
C THR A 1286 82.51 50.18 -27.98
N GLN A 1287 81.75 51.20 -27.57
CA GLN A 1287 82.29 52.56 -27.32
C GLN A 1287 81.59 53.28 -26.15
N LYS A 1288 82.17 54.40 -25.71
CA LYS A 1288 81.68 55.18 -24.55
C LYS A 1288 81.74 56.71 -24.81
N SER A 1289 80.66 57.43 -24.49
CA SER A 1289 80.56 58.90 -24.74
C SER A 1289 80.22 59.74 -23.47
N PHE A 1290 80.63 61.02 -23.50
CA PHE A 1290 80.41 61.99 -22.38
C PHE A 1290 79.92 63.38 -22.86
N GLY A 1291 79.04 64.00 -22.05
CA GLY A 1291 78.58 65.40 -22.25
C GLY A 1291 78.83 66.24 -21.00
N SER A 1292 78.02 67.29 -20.81
CA SER A 1292 78.06 68.18 -19.62
C SER A 1292 76.66 68.79 -19.30
N GLN A 1293 76.55 69.55 -18.19
CA GLN A 1293 75.26 70.15 -17.77
C GLN A 1293 75.30 71.38 -16.82
N ASN A 1294 76.06 71.30 -15.72
CA ASN A 1294 75.98 72.31 -14.63
C ASN A 1294 77.06 73.41 -14.67
N SER A 1295 76.90 74.43 -13.81
CA SER A 1295 77.80 75.60 -13.73
C SER A 1295 79.19 75.28 -13.13
N ASN A 1296 79.98 74.50 -13.88
CA ASN A 1296 81.34 74.11 -13.51
C ASN A 1296 82.23 74.51 -14.70
N THR A 1297 83.05 75.54 -14.51
CA THR A 1297 83.77 76.21 -15.62
C THR A 1297 84.93 75.40 -16.27
N ASP A 1298 85.71 74.68 -15.45
CA ASP A 1298 86.93 73.99 -15.94
C ASP A 1298 87.47 72.92 -14.94
N ILE A 1299 88.67 72.38 -15.21
CA ILE A 1299 89.38 71.40 -14.35
C ILE A 1299 88.66 70.02 -14.36
N MET A 1300 89.07 69.14 -15.28
CA MET A 1300 88.50 67.78 -15.41
C MET A 1300 89.58 66.68 -15.51
N PHE A 1301 89.60 65.80 -14.49
CA PHE A 1301 90.66 64.79 -14.26
C PHE A 1301 90.06 63.38 -14.23
N TYR A 1302 90.15 62.64 -15.33
CA TYR A 1302 89.69 61.23 -15.38
C TYR A 1302 90.78 60.17 -15.61
N ARG A 1303 91.18 59.54 -14.50
CA ARG A 1303 92.02 58.32 -14.52
C ARG A 1303 91.13 57.04 -14.71
N LEU A 1304 91.67 56.04 -15.41
CA LEU A 1304 91.04 54.69 -15.50
C LEU A 1304 91.45 53.83 -14.27
N SER A 1305 90.68 52.78 -13.95
CA SER A 1305 90.97 51.88 -12.80
C SER A 1305 91.96 50.71 -13.08
N MET A 1306 92.33 50.46 -14.34
CA MET A 1306 93.09 49.23 -14.74
C MET A 1306 94.41 49.49 -15.52
N PRO A 1307 95.57 49.55 -14.79
CA PRO A 1307 96.92 49.87 -15.34
C PRO A 1307 97.63 48.71 -16.12
N ILE A 1308 98.45 49.05 -17.13
CA ILE A 1308 99.14 48.01 -17.96
C ILE A 1308 100.55 47.62 -17.45
N GLU A 1309 101.14 46.60 -18.09
CA GLU A 1309 102.54 46.16 -17.85
C GLU A 1309 103.11 45.44 -19.08
N CYS A 1310 104.42 45.61 -19.33
CA CYS A 1310 105.16 44.96 -20.44
C CYS A 1310 106.20 43.96 -19.94
N THR A 1425 101.76 46.05 -29.97
CA THR A 1425 100.93 45.14 -30.78
C THR A 1425 99.44 45.14 -30.33
N TYR A 1426 98.97 46.26 -29.75
CA TYR A 1426 97.59 46.41 -29.22
C TYR A 1426 97.07 47.88 -29.36
N TYR A 1427 95.94 48.07 -30.08
CA TYR A 1427 95.37 49.42 -30.34
C TYR A 1427 94.49 49.97 -29.17
N TYR A 1428 94.45 51.31 -29.04
CA TYR A 1428 93.58 52.04 -28.06
C TYR A 1428 92.94 53.29 -28.71
N SER A 1429 91.77 53.11 -29.33
CA SER A 1429 91.09 54.19 -30.10
C SER A 1429 90.49 55.31 -29.19
N VAL A 1430 90.62 56.57 -29.64
CA VAL A 1430 90.13 57.79 -28.92
C VAL A 1430 89.52 58.77 -29.96
N ARG A 1431 88.45 59.48 -29.57
CA ARG A 1431 87.78 60.48 -30.46
C ARG A 1431 87.16 61.67 -29.67
N ILE A 1432 87.04 62.84 -30.34
CA ILE A 1432 86.32 64.02 -29.82
C ILE A 1432 85.44 64.70 -30.89
N PHE A 1433 84.24 65.12 -30.49
CA PHE A 1433 83.28 65.82 -31.37
C PHE A 1433 83.72 67.26 -31.69
N PRO A 1434 83.99 68.09 -30.65
CA PRO A 1434 84.31 69.49 -30.93
C PRO A 1434 85.77 69.70 -31.33
N ASN A 1440 91.04 73.41 -24.57
CA ASN A 1440 92.00 72.32 -24.86
C ASN A 1440 91.77 71.09 -23.96
N VAL A 1441 92.17 69.91 -24.45
CA VAL A 1441 92.05 68.62 -23.71
C VAL A 1441 93.26 67.70 -24.01
N TRP A 1442 94.29 67.73 -23.14
CA TRP A 1442 95.48 66.84 -23.30
C TRP A 1442 95.15 65.35 -23.02
N VAL A 1443 95.77 64.46 -23.80
CA VAL A 1443 95.53 62.99 -23.76
C VAL A 1443 96.89 62.27 -23.57
N GLY A 1444 96.98 61.34 -22.60
CA GLY A 1444 98.27 60.70 -22.28
C GLY A 1444 98.40 59.65 -21.20
N TRP A 1445 99.66 59.20 -21.03
CA TRP A 1445 100.07 58.23 -20.02
C TRP A 1445 100.94 58.97 -18.99
N ILE A 1446 100.35 59.25 -17.82
CA ILE A 1446 101.04 59.90 -16.69
C ILE A 1446 101.33 58.84 -15.61
N THR A 1447 102.31 59.12 -14.73
CA THR A 1447 102.77 58.22 -13.65
C THR A 1447 101.62 57.88 -12.66
N SER A 1448 101.60 56.63 -12.14
CA SER A 1448 100.50 56.13 -11.26
C SER A 1448 100.24 56.99 -10.01
N ASP A 1449 101.32 57.46 -9.38
CA ASP A 1449 101.26 58.54 -8.37
C ASP A 1449 101.09 59.92 -9.07
N PHE A 1450 100.18 60.74 -8.53
CA PHE A 1450 99.96 62.14 -8.99
C PHE A 1450 99.10 62.85 -7.95
N HIS A 1451 99.39 64.14 -7.69
CA HIS A 1451 98.72 64.88 -6.59
C HIS A 1451 98.41 66.39 -6.86
N GLN A 1452 98.60 66.85 -8.10
CA GLN A 1452 98.54 68.29 -8.46
C GLN A 1452 97.15 68.69 -9.05
N TYR A 1453 96.11 68.73 -8.20
CA TYR A 1453 94.76 69.14 -8.65
C TYR A 1453 94.75 70.65 -8.99
N ASP A 1454 95.26 70.96 -10.19
CA ASP A 1454 95.44 72.34 -10.71
C ASP A 1454 95.38 72.36 -12.25
N THR A 1455 94.96 73.49 -12.83
CA THR A 1455 94.72 73.61 -14.29
C THR A 1455 96.00 73.58 -15.16
N GLY A 1456 97.13 74.05 -14.61
CA GLY A 1456 98.41 74.16 -15.36
C GLY A 1456 99.13 72.84 -15.65
N PHE A 1457 99.66 72.72 -16.88
CA PHE A 1457 100.43 71.53 -17.33
C PHE A 1457 101.59 71.95 -18.28
N ASP A 1458 102.63 71.12 -18.45
CA ASP A 1458 102.75 69.72 -17.94
C ASP A 1458 104.08 69.48 -17.18
N LEU A 1459 104.06 68.47 -16.29
CA LEU A 1459 105.27 68.02 -15.56
C LEU A 1459 105.29 66.47 -15.40
N ASP A 1460 106.45 65.93 -15.03
CA ASP A 1460 106.68 64.47 -14.99
C ASP A 1460 105.82 63.76 -13.93
N VAL A 1465 111.70 63.09 -14.30
CA VAL A 1465 113.00 62.75 -13.70
C VAL A 1465 113.89 61.90 -14.62
N THR A 1466 115.20 61.96 -14.37
CA THR A 1466 116.22 61.21 -15.13
C THR A 1466 117.37 60.64 -14.23
N VAL A 1467 118.05 59.61 -14.75
CA VAL A 1467 119.15 58.90 -14.04
C VAL A 1467 120.42 58.79 -14.94
N THR A 1468 121.40 59.66 -14.72
CA THR A 1468 122.74 59.53 -15.32
C THR A 1468 123.62 58.66 -14.38
N LEU A 1469 124.32 57.68 -14.96
CA LEU A 1469 125.19 56.73 -14.23
C LEU A 1469 126.67 56.90 -14.64
N GLY A 1470 127.29 57.98 -14.14
CA GLY A 1470 128.74 58.19 -14.28
C GLY A 1470 129.45 57.25 -13.31
N ASP A 1471 130.17 56.25 -13.84
CA ASP A 1471 130.78 55.17 -13.04
C ASP A 1471 132.34 55.20 -13.10
N GLU A 1472 132.96 55.40 -11.93
CA GLU A 1472 134.43 55.44 -11.75
C GLU A 1472 135.12 56.59 -12.55
N LYS A 1473 135.28 56.41 -13.86
CA LYS A 1473 135.94 57.44 -14.70
C LYS A 1473 135.07 58.72 -14.78
N GLY A 1474 133.76 58.54 -14.97
CA GLY A 1474 132.79 59.66 -14.96
C GLY A 1474 132.63 60.40 -16.28
N LYS A 1475 132.34 59.65 -17.35
CA LYS A 1475 131.99 60.22 -18.67
C LYS A 1475 130.55 59.83 -19.10
N VAL A 1476 129.67 59.60 -18.11
CA VAL A 1476 128.28 59.08 -18.26
C VAL A 1476 128.05 57.86 -19.18
N HIS A 1477 127.09 57.01 -18.77
CA HIS A 1477 126.70 55.81 -19.51
C HIS A 1477 125.45 56.04 -20.39
N GLU A 1478 125.11 57.32 -20.65
CA GLU A 1478 123.83 57.79 -21.23
C GLU A 1478 122.67 57.66 -20.20
N SER A 1479 121.73 58.61 -20.22
CA SER A 1479 120.56 58.60 -19.31
C SER A 1479 119.79 57.26 -19.38
N ILE A 1480 119.84 56.49 -18.30
CA ILE A 1480 119.28 55.12 -18.23
C ILE A 1480 117.76 55.09 -17.92
N LYS A 1481 117.23 56.14 -17.29
CA LYS A 1481 115.76 56.38 -17.17
C LYS A 1481 115.37 57.80 -17.64
N ARG A 1482 114.14 57.94 -18.15
CA ARG A 1482 113.58 59.25 -18.58
C ARG A 1482 112.05 59.19 -18.78
N SER A 1483 111.38 60.33 -18.56
CA SER A 1483 109.90 60.44 -18.67
C SER A 1483 109.11 59.52 -17.70
N ASN A 1484 109.53 59.49 -16.43
CA ASN A 1484 108.93 58.62 -15.39
C ASN A 1484 107.70 59.29 -14.74
N UNK A 1485 105.92 63.20 -18.12
CA UNK A 1485 105.35 61.94 -18.56
C UNK A 1485 104.71 62.08 -19.94
N UNK A 1486 104.33 60.95 -20.52
CA UNK A 1486 103.87 60.91 -21.91
C UNK A 1486 102.49 61.55 -22.11
N UNK A 1487 102.35 62.34 -23.17
CA UNK A 1487 101.08 63.00 -23.52
C UNK A 1487 101.01 63.42 -24.99
N UNK A 1488 99.81 63.81 -25.44
CA UNK A 1488 99.58 64.19 -26.84
C UNK A 1488 98.26 64.97 -27.01
N UNK A 1489 98.15 65.67 -28.14
CA UNK A 1489 96.96 66.45 -28.48
C UNK A 1489 96.90 66.75 -29.97
N ASN A 1490 82.62 72.05 -34.74
CA ASN A 1490 84.06 72.28 -34.73
C ASN A 1490 84.84 71.07 -35.25
N ASN A 1491 86.13 71.26 -35.52
CA ASN A 1491 87.01 70.22 -36.08
C ASN A 1491 87.33 69.12 -35.04
N ASN A 1492 87.33 67.86 -35.51
CA ASN A 1492 87.50 66.68 -34.63
C ASN A 1492 88.97 66.25 -34.42
N GLY A 1493 89.19 65.39 -33.43
CA GLY A 1493 90.53 64.92 -33.03
C GLY A 1493 90.53 63.43 -32.69
N LEU A 1494 91.68 62.76 -32.92
CA LEU A 1494 91.84 61.30 -32.71
C LEU A 1494 93.25 60.92 -32.17
N GLU A 1495 93.56 61.30 -30.92
CA GLU A 1495 94.88 60.95 -30.31
C GLU A 1495 94.94 59.47 -29.85
N ILE A 1496 95.21 58.57 -30.81
CA ILE A 1496 95.14 57.10 -30.60
C ILE A 1496 96.42 56.58 -29.89
N GLY A 1497 96.27 55.52 -29.07
CA GLY A 1497 97.35 54.96 -28.23
C GLY A 1497 97.89 53.58 -28.62
N CYS A 1498 99.20 53.37 -28.45
CA CYS A 1498 99.88 52.09 -28.78
C CYS A 1498 101.11 51.77 -27.88
N VAL A 1499 101.42 50.46 -27.75
CA VAL A 1499 102.53 49.96 -26.92
C VAL A 1499 103.21 48.73 -27.54
N VAL A 1500 104.37 48.36 -26.98
CA VAL A 1500 105.20 47.23 -27.43
C VAL A 1500 105.24 46.99 -28.94
N GLY A 1505 109.19 48.14 -22.35
CA GLY A 1505 108.01 48.99 -22.54
C GLY A 1505 108.20 50.14 -23.54
N LEU A 1506 107.12 50.52 -24.22
CA LEU A 1506 107.11 51.61 -25.23
C LEU A 1506 105.75 52.34 -25.24
N LEU A 1507 105.77 53.67 -25.40
CA LEU A 1507 104.57 54.51 -25.56
C LEU A 1507 104.60 55.29 -26.89
N THR A 1508 103.63 55.04 -27.78
CA THR A 1508 103.55 55.70 -29.11
C THR A 1508 102.14 56.29 -29.41
N PHE A 1509 102.04 57.63 -29.40
CA PHE A 1509 100.81 58.37 -29.79
C PHE A 1509 100.71 58.52 -31.33
N ILE A 1510 99.48 58.64 -31.84
CA ILE A 1510 99.21 58.91 -33.27
C ILE A 1510 98.01 59.89 -33.45
N ALA A 1511 98.34 61.18 -33.62
CA ALA A 1511 97.34 62.27 -33.61
C ALA A 1511 96.49 62.32 -34.90
N ASN A 1512 95.21 62.67 -34.72
CA ASN A 1512 94.19 62.71 -35.79
C ASN A 1512 94.12 61.37 -36.61
N GLY A 1513 94.49 60.26 -35.95
CA GLY A 1513 94.53 58.94 -36.59
C GLY A 1513 95.90 58.57 -37.15
N LYS A 1514 96.58 59.54 -37.77
CA LYS A 1514 97.81 59.28 -38.51
C LYS A 1514 99.07 59.26 -37.62
N GLU A 1515 100.08 58.51 -38.08
CA GLU A 1515 101.40 58.49 -37.42
C GLU A 1515 102.17 59.80 -37.65
N LEU A 1516 102.80 60.32 -36.59
CA LEU A 1516 103.59 61.56 -36.64
C LEU A 1516 105.06 61.35 -36.18
N SER A 1517 105.55 60.10 -36.30
CA SER A 1517 106.90 59.68 -35.86
C SER A 1517 107.11 59.73 -34.33
N THR A 1518 108.04 58.90 -33.83
CA THR A 1518 108.29 58.75 -32.37
C THR A 1518 109.02 59.98 -31.76
N TYR A 1519 108.59 60.38 -30.55
CA TYR A 1519 109.29 61.40 -29.73
C TYR A 1519 110.06 60.77 -28.55
N TYR A 1520 109.34 60.14 -27.62
CA TYR A 1520 109.92 59.40 -26.49
C TYR A 1520 109.05 58.18 -26.14
N GLN A 1521 109.70 57.06 -25.81
CA GLN A 1521 109.04 55.79 -25.45
C GLN A 1521 109.87 55.08 -24.36
N VAL A 1522 109.68 55.49 -23.10
CA VAL A 1522 110.62 55.16 -22.02
C VAL A 1522 109.97 55.00 -20.63
N GLU A 1523 109.58 53.75 -20.31
CA GLU A 1523 109.19 53.33 -18.95
C GLU A 1523 109.69 51.88 -18.66
N PRO A 1524 110.31 51.63 -17.48
CA PRO A 1524 111.08 50.37 -17.29
C PRO A 1524 110.25 49.07 -17.25
N SER A 1525 109.55 48.80 -16.14
CA SER A 1525 108.71 47.59 -15.96
C SER A 1525 107.74 47.75 -14.77
N THR A 1526 107.06 48.90 -14.73
CA THR A 1526 106.10 49.30 -13.68
C THR A 1526 104.69 49.61 -14.25
N LYS A 1527 103.66 49.44 -13.40
CA LYS A 1527 102.24 49.70 -13.75
C LYS A 1527 101.93 51.17 -14.14
N LEU A 1528 100.99 51.38 -15.10
CA LEU A 1528 100.60 52.73 -15.59
C LEU A 1528 99.10 52.87 -16.03
N PHE A 1529 98.33 53.67 -15.27
CA PHE A 1529 96.93 54.00 -15.59
C PHE A 1529 96.85 54.94 -16.82
N PRO A 1530 95.96 54.65 -17.83
CA PRO A 1530 95.64 55.73 -18.80
C PRO A 1530 94.84 56.89 -18.17
N ALA A 1531 95.03 58.11 -18.68
CA ALA A 1531 94.25 59.29 -18.24
C ALA A 1531 94.14 60.42 -19.30
N VAL A 1532 93.08 61.24 -19.18
CA VAL A 1532 92.84 62.42 -20.06
C VAL A 1532 92.39 63.64 -19.22
N PHE A 1533 93.22 64.69 -19.19
CA PHE A 1533 92.90 65.97 -18.52
C PHE A 1533 92.23 66.94 -19.52
N ALA A 1534 91.25 67.72 -19.01
CA ALA A 1534 90.40 68.57 -19.88
C ALA A 1534 89.98 69.94 -19.31
N GLN A 1535 89.79 70.89 -20.24
CA GLN A 1535 89.15 72.20 -20.03
C GLN A 1535 87.79 72.15 -20.75
N ALA A 1536 86.74 72.57 -20.05
CA ALA A 1536 85.35 72.38 -20.51
C ALA A 1536 84.98 73.16 -21.78
N THR A 1537 84.56 72.44 -22.82
CA THR A 1537 83.99 73.02 -24.04
C THR A 1537 82.46 73.16 -23.86
N SER A 1538 81.77 72.01 -23.80
CA SER A 1538 80.33 71.86 -23.42
C SER A 1538 79.63 70.69 -24.17
N PRO A 1539 79.53 70.76 -25.51
CA PRO A 1539 78.69 69.81 -26.27
C PRO A 1539 79.42 68.51 -26.66
N ASN A 1540 78.87 67.35 -26.23
CA ASN A 1540 79.45 65.99 -26.47
C ASN A 1540 81.00 65.92 -26.36
N VAL A 1541 81.51 66.08 -25.13
CA VAL A 1541 82.91 66.50 -24.87
C VAL A 1541 84.02 65.46 -25.21
N PHE A 1542 83.78 64.15 -25.01
CA PHE A 1542 84.81 63.11 -25.26
C PHE A 1542 84.28 61.69 -25.57
N GLN A 1543 85.14 60.86 -26.18
CA GLN A 1543 84.84 59.45 -26.60
C GLN A 1543 86.04 58.44 -26.56
N PHE A 1544 85.76 57.18 -26.16
CA PHE A 1544 86.72 56.04 -26.19
C PHE A 1544 86.16 54.79 -26.92
N GLU A 1545 87.05 53.95 -27.47
CA GLU A 1545 86.70 52.57 -27.91
C GLU A 1545 87.91 51.61 -28.07
N ALA A 1557 97.16 40.86 -33.91
CA ALA A 1557 97.17 41.91 -32.88
C ALA A 1557 95.74 42.20 -32.34
N GLY A 1558 95.58 42.13 -31.02
CA GLY A 1558 94.31 42.40 -30.35
C GLY A 1558 94.11 43.89 -30.07
N LEU A 1559 93.64 44.21 -28.86
CA LEU A 1559 93.39 45.60 -28.42
C LEU A 1559 93.60 45.81 -26.89
N PHE A 1560 93.42 47.07 -26.44
CA PHE A 1560 93.65 47.52 -25.03
C PHE A 1560 92.91 46.70 -23.95
N LYS A 1561 91.67 46.30 -24.25
CA LYS A 1561 90.87 45.46 -23.32
C LYS A 1561 91.44 44.03 -23.17
N SER A 1562 92.08 43.52 -24.23
CA SER A 1562 92.50 42.10 -24.33
C SER A 1562 93.72 41.69 -23.47
N GLU A 1563 94.68 42.60 -23.27
CA GLU A 1563 96.02 42.26 -22.71
C GLU A 1563 96.02 42.01 -21.17
N HIS A 1564 95.25 42.82 -20.42
CA HIS A 1564 95.22 42.81 -18.94
C HIS A 1564 94.70 41.52 -18.25
N LYS A 1565 93.50 41.06 -18.65
CA LYS A 1565 92.85 39.87 -18.02
C LYS A 1565 93.56 38.55 -18.37
N ASN A 1566 93.22 37.49 -17.63
CA ASN A 1566 93.80 36.12 -17.79
C ASN A 1566 93.90 35.55 -19.25
N PRO A 1567 92.83 35.70 -20.10
CA PRO A 1567 93.00 35.34 -21.53
C PRO A 1567 93.95 36.28 -22.34
N VAL A 1568 94.87 35.69 -23.12
CA VAL A 1568 95.88 36.42 -23.96
C VAL A 1568 96.26 35.56 -25.21
N PRO A 1569 96.44 36.14 -26.43
CA PRO A 1569 96.23 37.57 -26.76
C PRO A 1569 94.77 38.07 -26.81
N GLN A 1570 93.81 37.17 -27.07
CA GLN A 1570 92.34 37.46 -27.02
C GLN A 1570 91.89 38.63 -27.94
N CYS A 1571 92.17 38.50 -29.25
CA CYS A 1571 91.96 39.58 -30.27
C CYS A 1571 90.55 40.28 -30.36
N PRO A 1572 89.42 39.52 -30.36
CA PRO A 1572 88.08 40.17 -30.39
C PRO A 1572 87.73 41.04 -29.13
N PRO A 1573 86.98 42.18 -29.30
CA PRO A 1573 86.58 43.08 -28.18
C PRO A 1573 85.33 42.66 -27.34
N ARG A 1574 85.50 42.55 -26.01
CA ARG A 1574 84.41 42.23 -25.05
C ARG A 1574 84.42 43.17 -23.81
N LEU A 1575 83.30 43.85 -23.55
CA LEU A 1575 83.14 44.73 -22.37
C LEU A 1575 83.12 43.92 -21.04
N HIS A 1576 83.68 44.48 -19.97
CA HIS A 1576 83.74 43.83 -18.64
C HIS A 1576 83.58 44.81 -17.46
N VAL A 1577 83.06 44.28 -16.34
CA VAL A 1577 82.64 45.09 -15.16
C VAL A 1577 83.81 45.82 -14.45
N GLN A 1578 85.02 45.24 -14.49
CA GLN A 1578 86.20 45.77 -13.77
C GLN A 1578 86.66 47.17 -14.28
N PHE A 1579 86.44 47.45 -15.56
CA PHE A 1579 86.84 48.73 -16.18
C PHE A 1579 86.05 49.93 -15.60
N LEU A 1580 86.45 50.40 -14.41
CA LEU A 1580 85.84 51.57 -13.75
C LEU A 1580 86.39 52.93 -14.28
N SER A 1581 85.66 54.01 -13.99
CA SER A 1581 86.05 55.40 -14.30
C SER A 1581 85.72 56.29 -13.09
N HIS A 1582 86.59 57.25 -12.80
CA HIS A 1582 86.55 57.98 -11.51
C HIS A 1582 87.21 59.37 -11.48
N VAL A 1583 86.70 60.20 -10.55
CA VAL A 1583 87.25 61.56 -10.24
C VAL A 1583 88.33 61.41 -9.14
N LEU A 1584 89.35 62.29 -9.16
CA LEU A 1584 90.30 62.44 -8.03
C LEU A 1584 89.81 63.59 -7.09
N TRP A 1585 89.27 63.20 -5.94
CA TRP A 1585 88.51 64.12 -5.06
C TRP A 1585 89.38 65.17 -4.32
N SER A 1586 88.81 66.35 -4.10
CA SER A 1586 89.45 67.46 -3.32
C SER A 1586 89.64 67.16 -1.81
N ARG A 1587 88.77 66.31 -1.23
CA ARG A 1587 88.72 66.06 0.23
C ARG A 1587 88.68 64.55 0.60
N MET A 1588 89.70 64.08 1.34
CA MET A 1588 89.78 62.70 1.90
C MET A 1588 90.17 62.67 3.41
N PRO A 1589 89.16 62.77 4.33
CA PRO A 1589 89.43 62.56 5.76
C PRO A 1589 89.94 61.12 6.07
N ASN A 1590 90.90 61.01 7.00
CA ASN A 1590 91.49 59.72 7.44
C ASN A 1590 92.07 59.82 8.89
N GLN A 1591 92.49 58.69 9.49
CA GLN A 1591 92.77 58.61 10.95
C GLN A 1591 93.99 59.42 11.45
N PHE A 1592 93.89 59.93 12.68
CA PHE A 1592 94.79 60.97 13.27
C PHE A 1592 96.20 60.47 13.73
N LEU A 1593 96.35 59.17 14.03
CA LEU A 1593 97.61 58.59 14.61
C LEU A 1593 97.97 59.21 16.02
N LYS A 1594 97.49 58.59 17.10
CA LYS A 1594 97.64 59.12 18.48
C LYS A 1594 99.09 59.21 19.01
N VAL A 1595 99.89 58.20 18.68
CA VAL A 1595 101.29 58.07 19.16
C VAL A 1595 102.22 57.72 17.97
N ASP A 1596 103.16 58.63 17.67
CA ASP A 1596 104.07 58.51 16.50
C ASP A 1596 105.57 58.81 16.77
N VAL A 1597 105.87 59.82 17.59
CA VAL A 1597 107.26 60.21 17.90
C VAL A 1597 107.36 61.04 19.20
N SER A 1598 108.46 60.86 19.91
CA SER A 1598 108.83 61.66 21.09
C SER A 1598 110.22 62.27 20.86
N ARG A 1599 110.30 63.14 19.85
CA ARG A 1599 111.57 63.75 19.37
C ARG A 1599 112.27 64.63 20.45
N ILE A 1600 113.60 64.50 20.56
CA ILE A 1600 114.43 65.25 21.54
C ILE A 1600 115.80 65.63 20.92
N SER A 1601 116.23 66.87 21.15
CA SER A 1601 117.46 67.42 20.55
C SER A 1601 118.20 68.41 21.49
N GLU A 1602 119.33 68.95 21.01
CA GLU A 1602 120.10 70.03 21.69
C GLU A 1602 120.51 71.15 20.69
N ARG A 1603 120.52 72.41 21.17
CA ARG A 1603 120.65 73.62 20.33
C ARG A 1603 122.12 74.08 20.12
N GLN A 1604 122.37 74.82 19.04
CA GLN A 1604 123.70 75.40 18.68
C GLN A 1604 124.85 74.35 18.60
N GLY A 1605 124.60 73.34 17.76
CA GLY A 1605 125.37 72.07 17.75
C GLY A 1605 124.56 70.95 17.11
N TRP A 1606 123.25 70.97 17.34
CA TRP A 1606 122.22 70.22 16.58
C TRP A 1606 122.35 68.67 16.63
N LEU A 1607 122.77 68.16 17.79
CA LEU A 1607 122.67 66.72 18.15
C LEU A 1607 121.18 66.34 18.32
N VAL A 1608 120.75 65.20 17.76
CA VAL A 1608 119.31 64.77 17.80
C VAL A 1608 119.14 63.23 17.89
N GLN A 1609 118.10 62.79 18.60
CA GLN A 1609 117.70 61.35 18.69
C GLN A 1609 116.15 61.17 18.89
N CYS A 1610 115.64 59.94 18.63
CA CYS A 1610 114.24 59.55 18.92
C CYS A 1610 114.15 58.20 19.69
N LEU A 1611 113.13 58.06 20.55
CA LEU A 1611 113.04 56.94 21.52
C LEU A 1611 112.86 55.54 20.90
N ASP A 1612 111.67 55.28 20.34
CA ASP A 1612 111.28 53.94 19.83
C ASP A 1612 110.74 53.99 18.37
N PRO A 1613 111.03 52.93 17.56
CA PRO A 1613 110.37 52.73 16.24
C PRO A 1613 108.99 52.00 16.31
N LEU A 1614 107.92 52.79 16.22
CA LEU A 1614 106.53 52.27 16.25
C LEU A 1614 106.18 51.67 14.88
N GLN A 1615 105.23 50.73 14.83
CA GLN A 1615 104.95 49.91 13.61
C GLN A 1615 103.52 50.02 13.03
N PHE A 1616 103.41 50.41 11.75
CA PHE A 1616 102.11 50.45 11.06
C PHE A 1616 101.66 49.04 10.62
N MET A 1617 100.34 48.85 10.54
CA MET A 1617 99.71 47.73 9.81
C MET A 1617 99.28 48.27 8.43
N SER A 1618 100.22 48.30 7.49
CA SER A 1618 99.97 48.77 6.09
C SER A 1618 99.39 47.67 5.16
N LEU A 1619 98.65 48.10 4.12
CA LEU A 1619 97.92 47.20 3.17
C LEU A 1619 97.83 47.88 1.78
N HIS A 1620 97.82 47.09 0.70
CA HIS A 1620 97.60 47.61 -0.70
C HIS A 1620 96.63 46.73 -1.53
N ILE A 1621 96.17 47.28 -2.67
CA ILE A 1621 95.43 46.52 -3.74
C ILE A 1621 96.29 46.51 -5.05
N PRO A 1622 96.99 45.37 -5.36
CA PRO A 1622 97.95 45.32 -6.51
C PRO A 1622 97.35 45.56 -7.93
N GLU A 1623 96.08 45.20 -8.13
CA GLU A 1623 95.35 45.50 -9.38
C GLU A 1623 95.19 47.03 -9.66
N GLU A 1624 95.18 47.85 -8.60
CA GLU A 1624 95.28 49.34 -8.70
C GLU A 1624 96.09 49.92 -7.51
N ASN A 1625 97.43 49.89 -7.63
CA ASN A 1625 98.37 50.04 -6.49
C ASN A 1625 98.34 51.40 -5.73
N ARG A 1626 98.30 51.31 -4.38
CA ARG A 1626 98.42 52.45 -3.45
C ARG A 1626 98.49 52.01 -1.96
N SER A 1627 99.07 52.87 -1.12
CA SER A 1627 99.11 52.65 0.34
C SER A 1627 97.73 52.88 0.98
N VAL A 1628 97.38 52.04 1.96
CA VAL A 1628 96.24 52.30 2.87
C VAL A 1628 96.31 51.40 4.13
N ASP A 1629 96.94 51.94 5.20
CA ASP A 1629 97.06 51.24 6.50
C ASP A 1629 95.68 50.99 7.13
N ILE A 1630 95.49 49.82 7.78
CA ILE A 1630 94.18 49.43 8.39
C ILE A 1630 93.73 50.44 9.49
N LEU A 1631 94.69 50.93 10.27
CA LEU A 1631 94.44 51.93 11.32
C LEU A 1631 93.91 53.26 10.71
N GLU A 1632 94.51 53.69 9.60
CA GLU A 1632 94.00 54.81 8.77
C GLU A 1632 92.66 54.44 8.05
N LEU A 1633 92.56 53.17 7.65
CA LEU A 1633 91.39 52.65 6.92
C LEU A 1633 90.08 52.66 7.75
N THR A 1634 90.18 52.77 9.09
CA THR A 1634 89.00 52.95 9.97
C THR A 1634 88.05 54.12 9.62
N GLU A 1635 88.58 55.18 8.99
CA GLU A 1635 87.74 56.31 8.52
C GLU A 1635 86.77 55.93 7.36
N GLN A 1636 87.24 55.04 6.46
CA GLN A 1636 86.52 54.65 5.22
C GLN A 1636 85.82 53.28 5.39
N GLU A 1637 84.49 53.26 5.37
CA GLU A 1637 83.69 52.08 5.81
C GLU A 1637 83.54 50.90 4.81
N GLU A 1638 83.37 51.19 3.51
CA GLU A 1638 83.12 50.14 2.49
C GLU A 1638 84.28 49.14 2.33
N LEU A 1639 85.51 49.67 2.37
CA LEU A 1639 86.74 48.86 2.35
C LEU A 1639 86.92 47.95 3.60
N LEU A 1640 86.26 48.28 4.73
CA LEU A 1640 86.21 47.35 5.90
C LEU A 1640 85.47 46.04 5.56
N LYS A 1641 84.41 46.13 4.75
CA LYS A 1641 83.67 44.95 4.31
C LYS A 1641 84.35 44.20 3.15
N PHE A 1642 84.97 44.90 2.20
CA PHE A 1642 85.77 44.27 1.11
C PHE A 1642 86.99 43.45 1.66
N HIS A 1643 87.61 43.98 2.72
CA HIS A 1643 88.76 43.33 3.41
C HIS A 1643 88.32 42.18 4.35
N TYR A 1644 87.18 42.35 5.03
CA TYR A 1644 86.57 41.28 5.85
C TYR A 1644 86.14 40.07 4.98
N HIS A 1645 85.79 40.33 3.70
CA HIS A 1645 85.59 39.26 2.69
C HIS A 1645 86.90 38.48 2.37
N THR A 1646 88.03 39.19 2.32
CA THR A 1646 89.34 38.52 2.16
C THR A 1646 89.65 37.61 3.38
N LEU A 1647 89.31 38.08 4.59
CA LEU A 1647 89.61 37.37 5.88
C LEU A 1647 88.73 36.14 6.15
N ARG A 1648 87.45 36.23 5.79
CA ARG A 1648 86.54 35.06 5.84
C ARG A 1648 86.95 33.98 4.80
N LEU A 1649 87.58 34.41 3.69
CA LEU A 1649 88.09 33.48 2.64
C LEU A 1649 89.39 32.74 3.06
N TYR A 1650 90.36 33.46 3.63
CA TYR A 1650 91.56 32.85 4.24
C TYR A 1650 91.20 31.85 5.38
N SER A 1651 90.20 32.20 6.19
CA SER A 1651 89.69 31.32 7.26
C SER A 1651 89.03 30.02 6.73
N ALA A 1652 88.41 30.07 5.53
CA ALA A 1652 87.82 28.86 4.91
C ALA A 1652 88.87 27.91 4.28
N VAL A 1653 89.81 28.48 3.51
CA VAL A 1653 90.71 27.73 2.58
C VAL A 1653 91.72 26.76 3.28
N CYS A 1654 92.21 27.10 4.49
CA CYS A 1654 93.05 26.17 5.28
C CYS A 1654 92.27 24.90 5.73
N ALA A 1655 90.94 25.04 5.77
CA ALA A 1655 89.99 23.90 5.64
C ALA A 1655 90.13 22.74 6.66
N LEU A 1656 90.24 23.11 7.94
CA LEU A 1656 90.45 22.17 9.06
C LEU A 1656 91.78 21.37 8.94
N GLY A 1657 91.79 20.32 8.12
CA GLY A 1657 92.93 19.39 8.04
C GLY A 1657 93.97 19.58 6.93
N ASN A 1658 93.95 20.71 6.23
CA ASN A 1658 94.94 20.96 5.15
C ASN A 1658 96.33 21.24 5.78
N HIS A 1659 97.40 20.69 5.17
CA HIS A 1659 98.77 20.77 5.71
C HIS A 1659 99.86 21.14 4.67
N ARG A 1660 100.06 20.25 3.68
CA ARG A 1660 101.07 20.40 2.60
C ARG A 1660 100.97 21.78 1.93
N VAL A 1661 99.73 22.19 1.65
CA VAL A 1661 99.47 23.47 0.97
C VAL A 1661 99.54 24.69 1.93
N ALA A 1662 99.44 24.44 3.26
CA ALA A 1662 99.43 25.53 4.28
C ALA A 1662 100.70 26.42 4.37
N HIS A 1663 101.83 25.94 3.82
CA HIS A 1663 103.07 26.74 3.57
C HIS A 1663 102.79 28.10 2.85
N ALA A 1664 101.90 28.04 1.86
CA ALA A 1664 101.44 29.23 1.09
C ALA A 1664 100.72 30.26 1.96
N LEU A 1665 99.88 29.79 2.91
CA LEU A 1665 99.23 30.67 3.90
C LEU A 1665 100.24 31.37 4.84
N CYS A 1666 101.31 30.65 5.20
CA CYS A 1666 102.44 31.22 5.97
C CYS A 1666 103.13 32.39 5.22
N SER A 1667 103.23 32.27 3.89
CA SER A 1667 103.70 33.36 3.02
C SER A 1667 102.69 34.55 2.91
N HIS A 1668 101.39 34.24 2.87
CA HIS A 1668 100.34 35.27 2.62
C HIS A 1668 100.09 36.20 3.80
N VAL A 1669 99.81 35.63 4.97
CA VAL A 1669 99.61 36.41 6.20
C VAL A 1669 100.96 36.86 6.81
N ASP A 1670 102.00 36.03 6.68
CA ASP A 1670 103.33 36.23 7.33
C ASP A 1670 103.27 36.22 8.88
N GLU A 1671 104.27 35.60 9.52
CA GLU A 1671 104.23 35.30 10.97
C GLU A 1671 104.09 36.55 11.89
N PRO A 1672 105.10 37.47 11.86
CA PRO A 1672 105.07 38.64 12.77
C PRO A 1672 103.98 39.67 12.47
N GLN A 1673 103.50 39.74 11.21
CA GLN A 1673 102.30 40.56 10.84
C GLN A 1673 101.04 40.12 11.61
N LEU A 1674 100.87 38.80 11.75
CA LEU A 1674 99.77 38.22 12.53
C LEU A 1674 99.95 38.44 14.05
N LEU A 1675 101.20 38.34 14.54
CA LEU A 1675 101.52 38.60 15.96
C LEU A 1675 101.16 40.06 16.37
N TYR A 1676 101.51 41.02 15.52
CA TYR A 1676 101.11 42.44 15.70
C TYR A 1676 99.60 42.67 15.53
N ALA A 1677 98.94 41.83 14.71
CA ALA A 1677 97.46 41.85 14.57
C ALA A 1677 96.73 41.48 15.89
N ILE A 1678 97.36 40.67 16.75
CA ILE A 1678 96.81 40.48 18.12
C ILE A 1678 97.28 41.54 19.14
N GLU A 1679 98.54 41.97 19.05
CA GLU A 1679 99.13 42.96 20.00
C GLU A 1679 98.53 44.40 19.93
N ASN A 1680 98.14 44.84 18.72
CA ASN A 1680 97.61 46.19 18.50
C ASN A 1680 96.15 46.40 18.99
N LYS A 1681 95.84 47.65 19.31
CA LYS A 1681 94.59 48.06 19.97
C LYS A 1681 93.69 48.99 19.11
N TYR A 1682 94.23 49.52 18.02
CA TYR A 1682 93.62 50.64 17.28
C TYR A 1682 92.71 50.17 16.11
N MET A 1683 92.63 48.85 15.92
CA MET A 1683 91.93 48.27 14.76
C MET A 1683 90.39 48.27 14.93
N PRO A 1684 89.63 48.45 13.81
CA PRO A 1684 88.16 48.27 13.82
C PRO A 1684 87.67 46.83 14.15
N GLY A 1685 86.48 46.73 14.76
CA GLY A 1685 85.93 45.47 15.33
C GLY A 1685 85.75 44.23 14.46
N LEU A 1686 84.87 44.30 13.47
CA LEU A 1686 84.63 43.18 12.52
C LEU A 1686 85.89 42.63 11.81
N LEU A 1687 86.86 43.50 11.53
CA LEU A 1687 88.20 43.11 11.02
C LEU A 1687 89.08 42.40 12.09
N ARG A 1688 88.94 42.83 13.36
CA ARG A 1688 89.69 42.22 14.49
C ARG A 1688 89.22 40.79 14.84
N THR A 1689 87.91 40.52 14.72
CA THR A 1689 87.36 39.13 14.77
C THR A 1689 87.93 38.25 13.65
N GLY A 1690 88.12 38.84 12.46
CA GLY A 1690 88.72 38.16 11.30
C GLY A 1690 90.18 37.73 11.48
N TYR A 1691 91.05 38.65 11.91
CA TYR A 1691 92.49 38.36 12.21
C TYR A 1691 92.69 37.27 13.29
N TYR A 1692 91.91 37.34 14.38
CA TYR A 1692 91.96 36.30 15.44
C TYR A 1692 91.47 34.93 14.91
N ASP A 1693 90.44 34.94 14.04
CA ASP A 1693 89.96 33.70 13.37
C ASP A 1693 91.00 33.08 12.38
N LEU A 1694 91.91 33.91 11.85
CA LEU A 1694 93.04 33.41 11.02
C LEU A 1694 94.12 32.71 11.89
N LEU A 1695 94.49 33.35 13.01
CA LEU A 1695 95.47 32.78 13.97
C LEU A 1695 94.98 31.41 14.53
N ILE A 1696 93.66 31.22 14.61
CA ILE A 1696 93.06 29.88 14.90
C ILE A 1696 93.26 28.92 13.69
N ASP A 1697 92.85 29.39 12.51
CA ASP A 1697 92.79 28.58 11.27
C ASP A 1697 94.16 28.22 10.64
N ILE A 1698 95.05 29.21 10.48
CA ILE A 1698 96.38 28.97 9.87
C ILE A 1698 97.30 28.11 10.77
N HIS A 1699 97.01 28.05 12.08
CA HIS A 1699 97.79 27.24 13.05
C HIS A 1699 97.02 26.04 13.66
N LEU A 1700 96.19 26.32 14.68
CA LEU A 1700 95.80 25.29 15.66
C LEU A 1700 94.70 24.27 15.24
N SER A 1701 93.93 24.58 14.19
CA SER A 1701 92.64 23.88 13.88
C SER A 1701 92.68 22.33 13.71
N SER A 1702 93.70 21.81 13.04
CA SER A 1702 93.82 20.34 12.78
C SER A 1702 94.20 19.55 14.05
N TYR A 1703 95.24 20.02 14.75
CA TYR A 1703 95.73 19.40 16.01
C TYR A 1703 94.64 19.41 17.12
N ALA A 1704 93.85 20.49 17.18
CA ALA A 1704 92.66 20.56 18.06
C ALA A 1704 91.54 19.57 17.67
N THR A 1705 91.33 19.37 16.35
CA THR A 1705 90.25 18.47 15.87
C THR A 1705 90.48 16.97 16.23
N ALA A 1706 91.75 16.56 16.33
CA ALA A 1706 92.12 15.24 16.87
C ALA A 1706 92.17 15.19 18.42
N ARG A 1707 92.68 16.27 19.04
CA ARG A 1707 92.89 16.36 20.51
C ARG A 1707 91.59 16.30 21.37
N LEU A 1708 90.47 16.80 20.81
CA LEU A 1708 89.15 16.75 21.50
C LEU A 1708 88.48 15.35 21.52
N MET A 1709 88.67 14.56 20.45
CA MET A 1709 88.20 13.14 20.38
C MET A 1709 89.12 12.18 21.17
N MET A 1710 90.44 12.45 21.19
CA MET A 1710 91.41 11.71 22.06
C MET A 1710 91.04 11.84 23.56
N ASN A 1711 90.59 13.03 23.96
CA ASN A 1711 90.09 13.27 25.33
C ASN A 1711 88.76 12.50 25.60
N ASN A 1712 87.94 12.31 24.55
CA ASN A 1712 86.71 11.49 24.63
C ASN A 1712 86.95 9.95 24.76
N GLU A 1713 88.06 9.44 24.21
CA GLU A 1713 88.39 8.00 24.31
C GLU A 1713 88.93 7.57 25.71
N PHE A 1714 89.75 8.44 26.33
CA PHE A 1714 90.40 8.22 27.63
C PHE A 1714 91.42 7.05 27.62
N ILE A 1715 92.71 7.39 27.62
CA ILE A 1715 93.81 6.40 27.53
C ILE A 1715 94.99 6.74 28.50
N VAL A 1716 95.50 5.71 29.19
CA VAL A 1716 96.46 5.85 30.31
C VAL A 1716 97.66 4.84 30.18
N PRO A 1717 98.90 5.25 30.60
CA PRO A 1717 100.06 4.30 30.70
C PRO A 1717 100.20 3.52 32.05
N MET A 1718 101.13 2.54 32.07
CA MET A 1718 101.44 1.72 33.26
C MET A 1718 102.73 2.17 34.02
N THR A 1719 103.24 3.38 33.72
CA THR A 1719 104.44 3.92 34.39
C THR A 1719 104.20 4.18 35.89
N GLU A 1720 105.27 4.10 36.70
CA GLU A 1720 105.19 4.20 38.20
C GLU A 1720 104.53 5.51 38.72
N GLU A 1721 104.71 6.62 38.00
CA GLU A 1721 104.04 7.92 38.27
C GLU A 1721 102.48 7.80 38.26
N THR A 1722 101.95 6.98 37.34
CA THR A 1722 100.50 6.69 37.25
C THR A 1722 99.98 5.93 38.51
N LYS A 1723 100.81 5.04 39.07
CA LYS A 1723 100.53 4.38 40.35
C LYS A 1723 100.57 5.38 41.53
N SER A 1724 101.41 6.43 41.41
CA SER A 1724 101.55 7.47 42.45
C SER A 1724 100.57 8.67 42.38
N ILE A 1725 99.71 8.73 41.35
CA ILE A 1725 98.91 9.96 41.04
C ILE A 1725 97.82 10.35 42.07
N THR A 1726 97.13 9.37 42.64
CA THR A 1726 95.91 9.54 43.48
C THR A 1726 94.80 10.46 42.86
N LEU A 1727 93.69 10.63 43.59
CA LEU A 1727 92.62 11.58 43.20
C LEU A 1727 92.92 12.94 43.87
N PHE A 1728 92.52 13.11 45.14
CA PHE A 1728 92.89 14.30 45.92
C PHE A 1728 94.27 14.02 46.55
N PRO A 1729 95.23 15.00 46.50
CA PRO A 1729 96.57 14.75 47.09
C PRO A 1729 96.58 14.70 48.62
N GLY A 1736 95.03 19.66 45.33
CA GLY A 1736 93.80 20.44 45.25
C GLY A 1736 93.97 21.75 44.49
N LEU A 1737 93.80 21.70 43.17
CA LEU A 1737 93.96 22.88 42.30
C LEU A 1737 93.33 22.61 40.90
N PRO A 1738 92.34 23.44 40.44
CA PRO A 1738 91.69 23.22 39.13
C PRO A 1738 92.63 23.18 37.90
N GLY A 1739 93.60 24.10 37.85
CA GLY A 1739 94.58 24.18 36.74
C GLY A 1739 95.86 23.38 36.99
N ILE A 1740 95.71 22.08 37.22
CA ILE A 1740 96.84 21.18 37.58
C ILE A 1740 97.59 20.66 36.33
N GLY A 1741 98.90 20.42 36.48
CA GLY A 1741 99.77 19.97 35.37
C GLY A 1741 99.73 18.48 35.01
N LEU A 1742 99.35 17.63 35.96
CA LEU A 1742 99.53 16.16 35.85
C LEU A 1742 98.42 15.41 35.06
N SER A 1743 97.81 16.07 34.07
CA SER A 1743 96.97 15.41 33.04
C SER A 1743 97.67 14.20 32.41
N THR A 1744 99.00 14.32 32.23
CA THR A 1744 99.90 13.22 31.77
C THR A 1744 99.39 12.46 30.51
N SER A 1745 98.62 11.37 30.74
CA SER A 1745 98.03 10.54 29.66
C SER A 1745 99.11 9.97 28.69
N LEU A 1746 98.83 9.98 27.38
CA LEU A 1746 99.85 9.78 26.32
C LEU A 1746 99.95 11.07 25.47
N ARG A 1747 98.88 11.36 24.71
CA ARG A 1747 98.79 12.49 23.72
C ARG A 1747 100.04 12.65 22.79
N PRO A 1748 99.98 12.15 21.51
CA PRO A 1748 101.13 12.27 20.56
C PRO A 1748 101.65 13.72 20.37
N ARG A 1749 102.98 13.86 20.26
CA ARG A 1749 103.63 15.18 20.38
C ARG A 1749 103.34 16.09 19.17
N MET A 1750 103.19 17.38 19.44
CA MET A 1750 103.05 18.41 18.39
C MET A 1750 104.38 18.57 17.62
N GLN A 1751 104.28 18.70 16.29
CA GLN A 1751 105.43 18.61 15.38
C GLN A 1751 105.34 19.65 14.22
N PHE A 1752 106.51 20.08 13.74
CA PHE A 1752 106.63 21.17 12.73
C PHE A 1752 107.90 21.00 11.84
N SER A 1753 107.73 21.03 10.52
CA SER A 1753 108.84 20.89 9.56
C SER A 1753 109.59 22.22 9.32
N SER A 1754 110.74 22.13 8.66
CA SER A 1754 111.52 23.31 8.25
C SER A 1754 110.75 24.20 7.24
N PRO A 1755 110.96 25.55 7.28
CA PRO A 1755 110.28 26.48 6.35
C PRO A 1755 110.54 26.25 4.84
N SER A 1756 111.62 25.55 4.50
CA SER A 1756 111.84 25.02 3.12
C SER A 1756 110.78 23.97 2.75
N PHE A 1757 110.33 23.98 1.50
CA PHE A 1757 109.05 23.36 1.09
C PHE A 1757 109.10 21.86 0.69
N VAL A 1758 110.27 21.22 0.82
CA VAL A 1758 110.45 19.76 0.65
C VAL A 1758 110.10 18.98 1.95
N SER A 1759 109.73 17.69 1.81
CA SER A 1759 109.24 16.84 2.92
C SER A 1759 107.91 17.40 3.43
N ILE A 1760 106.90 17.28 2.57
CA ILE A 1760 105.66 18.06 2.67
C ILE A 1760 104.82 17.87 3.95
N ASN A 1761 104.52 16.62 4.31
CA ASN A 1761 103.68 16.34 5.49
C ASN A 1761 103.76 14.86 5.92
N ASN A 1762 103.68 14.64 7.24
CA ASN A 1762 103.70 13.29 7.83
C ASN A 1762 102.76 13.21 9.05
N GLU A 1763 103.09 13.97 10.10
CA GLU A 1763 102.29 14.02 11.33
C GLU A 1763 102.48 15.42 11.94
N CYS A 1764 101.88 16.41 11.29
CA CYS A 1764 102.22 17.82 11.50
C CYS A 1764 101.19 18.63 12.31
N TYR A 1765 101.60 19.82 12.71
CA TYR A 1765 100.81 20.77 13.50
C TYR A 1765 101.22 22.19 13.12
N GLN A 1766 100.39 23.19 13.47
CA GLN A 1766 100.55 24.59 13.03
C GLN A 1766 100.13 24.63 11.55
N TYR A 1767 100.63 25.59 10.76
CA TYR A 1767 100.53 25.46 9.29
C TYR A 1767 101.33 24.23 8.79
N SER A 1768 102.60 24.18 9.18
CA SER A 1768 103.63 23.18 8.77
C SER A 1768 105.06 23.74 9.01
N PRO A 1769 105.38 24.99 8.51
CA PRO A 1769 106.61 25.73 8.90
C PRO A 1769 106.84 25.91 10.43
N GLU A 1770 108.04 26.37 10.80
CA GLU A 1770 108.49 26.50 12.22
C GLU A 1770 107.89 27.73 12.94
N PHE A 1771 107.72 27.63 14.27
CA PHE A 1771 106.94 28.60 15.05
C PHE A 1771 107.36 28.64 16.55
N PRO A 1772 107.43 29.86 17.16
CA PRO A 1772 107.75 29.98 18.60
C PRO A 1772 106.55 29.73 19.56
N LEU A 1773 106.51 28.53 20.16
CA LEU A 1773 105.46 28.14 21.13
C LEU A 1773 105.40 29.02 22.40
N ASP A 1774 106.53 29.09 23.14
CA ASP A 1774 106.65 29.86 24.40
C ASP A 1774 106.33 31.37 24.27
N ILE A 1775 106.77 31.98 23.17
CA ILE A 1775 106.46 33.40 22.89
C ILE A 1775 104.95 33.60 22.63
N LEU A 1776 104.31 32.61 21.98
CA LEU A 1776 102.85 32.63 21.69
C LEU A 1776 101.99 32.55 22.98
N LYS A 1777 102.34 31.62 23.88
CA LYS A 1777 101.71 31.48 25.22
C LYS A 1777 101.82 32.76 26.07
N ALA A 1778 102.98 33.43 25.96
CA ALA A 1778 103.24 34.68 26.69
C ALA A 1778 102.35 35.85 26.21
N LYS A 1779 102.34 36.08 24.89
CA LYS A 1779 101.51 37.14 24.30
C LYS A 1779 100.00 36.89 24.48
N THR A 1780 99.58 35.62 24.48
CA THR A 1780 98.17 35.22 24.68
C THR A 1780 97.63 35.56 26.08
N ILE A 1781 98.34 35.11 27.12
CA ILE A 1781 97.94 35.38 28.52
C ILE A 1781 97.96 36.89 28.88
N GLN A 1782 98.95 37.63 28.36
CA GLN A 1782 99.03 39.07 28.58
C GLN A 1782 97.92 39.86 27.84
N MET A 1783 97.52 39.40 26.66
CA MET A 1783 96.34 39.96 25.94
C MET A 1783 95.02 39.70 26.69
N LEU A 1784 94.95 38.59 27.43
CA LEU A 1784 93.78 38.27 28.29
C LEU A 1784 93.68 39.21 29.52
N THR A 1785 94.81 39.39 30.23
CA THR A 1785 94.90 40.31 31.38
C THR A 1785 94.61 41.77 30.99
N GLU A 1786 95.14 42.21 29.84
CA GLU A 1786 94.82 43.51 29.21
C GLU A 1786 93.32 43.68 28.86
N ALA A 1787 92.73 42.58 28.38
CA ALA A 1787 91.30 42.55 27.96
C ALA A 1787 90.32 42.58 29.16
N VAL A 1788 90.60 41.75 30.17
CA VAL A 1788 89.82 41.69 31.44
C VAL A 1788 89.95 43.03 32.23
N LYS A 1789 91.11 43.69 32.11
CA LYS A 1789 91.31 45.05 32.66
C LYS A 1789 90.41 46.09 31.97
N GLU A 1790 90.40 46.07 30.64
CA GLU A 1790 89.52 46.92 29.81
C GLU A 1790 88.01 46.70 30.11
N GLY A 1791 87.64 45.43 30.22
CA GLY A 1791 86.24 45.01 30.43
C GLY A 1791 85.67 45.32 31.81
N SER A 1792 86.51 45.21 32.85
CA SER A 1792 86.15 45.56 34.23
C SER A 1792 86.06 47.09 34.49
N LEU A 1793 86.71 47.87 33.61
CA LEU A 1793 86.60 49.34 33.64
C LEU A 1793 85.36 49.86 32.88
N HIS A 1794 84.60 48.95 32.26
CA HIS A 1794 83.31 49.26 31.57
C HIS A 1794 83.53 50.22 30.36
N GLY A 1795 84.43 49.81 29.48
CA GLY A 1795 84.93 50.64 28.37
C GLY A 1795 83.88 51.09 27.37
N ARG A 1796 84.14 52.26 26.76
CA ARG A 1796 83.26 52.93 25.78
C ARG A 1796 83.90 53.07 24.36
N ASP A 1797 85.23 52.92 24.24
CA ASP A 1797 85.92 52.91 22.91
C ASP A 1797 85.37 51.73 22.04
N PRO A 1798 85.36 50.48 22.52
CA PRO A 1798 86.26 49.91 23.56
C PRO A 1798 87.27 49.01 22.82
N VAL A 1799 88.54 49.44 22.71
CA VAL A 1799 89.56 48.82 21.81
C VAL A 1799 89.13 48.91 20.32
N GLY A 1800 88.16 48.08 19.91
CA GLY A 1800 87.63 48.11 18.52
C GLY A 1800 86.19 47.64 18.37
N GLY A 1801 85.25 48.59 18.29
CA GLY A 1801 83.82 48.31 18.01
C GLY A 1801 82.95 48.25 19.25
N THR A 1802 82.97 47.12 19.96
CA THR A 1802 82.24 46.92 21.22
C THR A 1802 82.87 45.82 22.12
N THR A 1803 82.19 45.43 23.21
CA THR A 1803 82.73 44.50 24.22
C THR A 1803 82.93 43.06 23.67
N GLU A 1804 82.01 42.60 22.82
CA GLU A 1804 82.11 41.27 22.17
C GLU A 1804 83.39 41.14 21.33
N PHE A 1805 83.72 42.18 20.56
CA PHE A 1805 84.99 42.21 19.80
C PHE A 1805 86.22 42.31 20.74
N LEU A 1806 86.07 43.00 21.89
CA LEU A 1806 87.14 43.12 22.92
C LEU A 1806 87.62 41.76 23.51
N PHE A 1807 86.68 40.84 23.76
CA PHE A 1807 86.95 39.51 24.38
C PHE A 1807 86.87 38.28 23.41
N VAL A 1808 85.73 38.13 22.72
CA VAL A 1808 85.39 36.89 21.96
C VAL A 1808 86.57 36.34 21.13
N PRO A 1809 87.26 37.21 20.33
CA PRO A 1809 88.46 36.73 19.61
C PRO A 1809 89.61 36.17 20.52
N LEU A 1810 89.79 36.79 21.70
CA LEU A 1810 90.88 36.43 22.64
C LEU A 1810 90.59 35.18 23.47
N ILE A 1811 89.34 35.02 23.93
CA ILE A 1811 88.91 33.79 24.64
C ILE A 1811 88.84 32.59 23.66
N LYS A 1812 88.64 32.87 22.36
CA LYS A 1812 88.76 31.86 21.27
C LYS A 1812 90.22 31.34 21.11
N LEU A 1813 91.16 32.28 21.00
CA LEU A 1813 92.61 31.97 20.86
C LEU A 1813 93.17 31.18 22.08
N PHE A 1814 92.76 31.60 23.29
CA PHE A 1814 93.10 30.89 24.54
C PHE A 1814 92.44 29.51 24.67
N TYR A 1815 91.23 29.33 24.12
CA TYR A 1815 90.53 28.02 24.12
C TYR A 1815 91.31 26.96 23.33
N THR A 1816 91.62 27.28 22.07
CA THR A 1816 92.38 26.38 21.16
C THR A 1816 93.83 26.10 21.66
N LEU A 1817 94.49 27.12 22.22
CA LEU A 1817 95.85 26.99 22.78
C LEU A 1817 95.92 26.12 24.07
N LEU A 1818 94.84 26.17 24.88
CA LEU A 1818 94.71 25.42 26.15
C LEU A 1818 94.33 23.93 25.94
N ILE A 1819 93.38 23.67 25.03
CA ILE A 1819 93.00 22.29 24.67
C ILE A 1819 94.15 21.54 23.97
N MET A 1820 95.03 22.29 23.28
CA MET A 1820 96.23 21.73 22.61
C MET A 1820 97.19 20.96 23.55
N GLY A 1821 97.34 21.44 24.80
CA GLY A 1821 98.25 20.88 25.80
C GLY A 1821 99.48 21.76 26.08
N ILE A 1822 99.23 23.04 26.41
CA ILE A 1822 100.28 24.03 26.75
C ILE A 1822 99.90 24.85 28.02
N PHE A 1823 100.83 25.69 28.48
CA PHE A 1823 100.73 26.54 29.71
C PHE A 1823 101.28 25.82 30.96
N HIS A 1824 102.03 26.56 31.79
CA HIS A 1824 102.54 26.07 33.08
C HIS A 1824 101.45 26.27 34.14
N ASN A 1825 101.55 25.56 35.26
CA ASN A 1825 100.56 25.68 36.36
C ASN A 1825 100.45 27.14 36.81
N GLU A 1826 101.60 27.80 36.95
CA GLU A 1826 101.68 29.21 37.41
C GLU A 1826 100.88 30.18 36.51
N ASP A 1827 100.97 30.02 35.19
CA ASP A 1827 100.08 30.76 34.26
C ASP A 1827 98.61 30.35 34.48
N LEU A 1828 98.36 29.05 34.70
CA LEU A 1828 97.02 28.54 35.05
C LEU A 1828 96.52 29.10 36.40
N ARG A 1829 97.42 29.28 37.36
CA ARG A 1829 97.09 29.96 38.63
C ARG A 1829 96.74 31.46 38.42
N HIS A 1830 97.39 32.10 37.45
CA HIS A 1830 97.00 33.46 37.02
C HIS A 1830 95.61 33.51 36.33
N ILE A 1831 95.18 32.40 35.71
CA ILE A 1831 93.82 32.27 35.11
C ILE A 1831 92.73 32.09 36.19
N LEU A 1832 92.99 31.23 37.19
CA LEU A 1832 92.05 31.02 38.34
C LEU A 1832 91.85 32.30 39.19
N GLN A 1833 92.96 33.04 39.41
CA GLN A 1833 92.94 34.40 40.00
C GLN A 1833 92.16 35.43 39.15
N LEU A 1834 92.25 35.29 37.82
CA LEU A 1834 91.43 36.08 36.89
C LEU A 1834 89.93 35.70 36.87
N ILE A 1835 89.59 34.48 37.33
CA ILE A 1835 88.17 34.00 37.40
C ILE A 1835 87.47 34.33 38.75
N GLU A 1836 87.84 33.61 39.82
CA GLU A 1836 87.12 33.72 41.11
C GLU A 1836 87.27 35.11 41.79
N PRO A 1837 88.52 35.63 41.88
CA PRO A 1837 88.71 37.08 42.16
C PRO A 1837 88.50 37.97 40.92
N GLY A 1881 86.43 39.57 39.15
CA GLY A 1881 86.26 38.50 38.17
C GLY A 1881 85.41 38.92 36.97
N LEU A 1882 85.82 38.49 35.76
CA LEU A 1882 85.07 38.77 34.52
C LEU A 1882 83.70 38.04 34.49
N LEU A 1883 83.61 36.89 35.16
CA LEU A 1883 82.34 36.15 35.40
C LEU A 1883 81.28 36.99 36.17
N GLN A 1884 81.74 37.82 37.13
CA GLN A 1884 80.87 38.77 37.87
C GLN A 1884 80.38 39.97 37.01
N MET A 1885 81.20 40.37 36.03
CA MET A 1885 80.91 41.53 35.14
C MET A 1885 79.72 41.34 34.18
N LYS A 1886 79.12 42.47 33.78
CA LYS A 1886 78.17 42.51 32.64
C LYS A 1886 78.93 42.23 31.32
N LEU A 1887 78.43 41.26 30.55
CA LEU A 1887 79.03 40.84 29.25
C LEU A 1887 77.92 40.82 28.16
N PRO A 1888 78.31 40.94 26.86
CA PRO A 1888 77.41 40.54 25.74
C PRO A 1888 77.36 39.01 25.53
N GLU A 1889 76.45 38.54 24.67
CA GLU A 1889 76.17 37.07 24.49
C GLU A 1889 77.44 36.20 24.17
N PRO A 1890 78.17 36.55 23.08
CA PRO A 1890 79.26 35.68 22.64
C PRO A 1890 80.48 35.60 23.61
N VAL A 1891 80.67 36.60 24.46
CA VAL A 1891 81.72 36.56 25.53
C VAL A 1891 81.41 35.43 26.54
N LYS A 1892 80.12 35.30 26.88
CA LYS A 1892 79.66 34.21 27.77
C LYS A 1892 79.74 32.83 27.06
N LEU A 1893 79.60 32.82 25.72
CA LEU A 1893 79.80 31.60 24.87
C LEU A 1893 81.23 31.01 24.93
N GLN A 1894 82.22 31.83 24.56
CA GLN A 1894 83.64 31.38 24.55
C GLN A 1894 84.20 31.08 25.96
N MET A 1895 83.76 31.84 26.98
CA MET A 1895 84.09 31.56 28.40
C MET A 1895 83.52 30.19 28.85
N CYS A 1896 82.31 29.87 28.38
CA CYS A 1896 81.68 28.56 28.61
C CYS A 1896 82.46 27.39 27.94
N LEU A 1897 83.04 27.62 26.76
CA LEU A 1897 83.93 26.63 26.10
C LEU A 1897 85.25 26.40 26.85
N LEU A 1898 85.81 27.46 27.44
CA LEU A 1898 87.02 27.39 28.32
C LEU A 1898 86.80 26.46 29.53
N LEU A 1899 85.73 26.77 30.27
CA LEU A 1899 85.31 25.98 31.44
C LEU A 1899 84.91 24.54 31.06
N GLN A 1900 84.47 24.32 29.81
CA GLN A 1900 84.20 22.96 29.26
C GLN A 1900 85.48 22.09 29.20
N TYR A 1901 86.61 22.69 28.78
CA TYR A 1901 87.91 21.98 28.83
C TYR A 1901 88.40 21.74 30.28
N LEU A 1902 88.08 22.67 31.20
CA LEU A 1902 88.35 22.47 32.66
C LEU A 1902 87.65 21.23 33.28
N CYS A 1903 86.33 21.11 33.07
CA CYS A 1903 85.53 19.93 33.50
C CYS A 1903 86.02 18.59 32.90
N ASP A 1904 86.40 18.63 31.61
CA ASP A 1904 86.89 17.43 30.87
C ASP A 1904 88.22 16.89 31.48
N CYS A 1905 89.18 17.80 31.70
CA CYS A 1905 90.47 17.43 32.30
C CYS A 1905 90.35 17.01 33.80
N GLN A 1906 89.39 17.58 34.54
CA GLN A 1906 89.10 17.16 35.95
C GLN A 1906 88.58 15.71 36.02
N VAL A 1907 87.73 15.35 35.04
CA VAL A 1907 87.24 13.95 34.90
C VAL A 1907 88.41 12.99 34.56
N ARG A 1908 89.35 13.46 33.74
CA ARG A 1908 90.61 12.72 33.47
C ARG A 1908 91.42 12.44 34.75
N HIS A 1909 91.52 13.43 35.66
CA HIS A 1909 92.24 13.26 36.94
C HIS A 1909 91.56 12.24 37.87
N ARG A 1910 90.22 12.22 37.87
CA ARG A 1910 89.46 11.30 38.75
C ARG A 1910 89.49 9.83 38.26
N ILE A 1911 89.23 9.61 36.96
CA ILE A 1911 89.29 8.25 36.37
C ILE A 1911 90.72 7.66 36.36
N GLU A 1912 91.74 8.51 36.15
CA GLU A 1912 93.17 8.10 36.23
C GLU A 1912 93.55 7.66 37.67
N ALA A 1913 92.97 8.31 38.69
CA ALA A 1913 93.09 7.86 40.09
C ALA A 1913 92.47 6.47 40.35
N ILE A 1914 91.32 6.20 39.72
CA ILE A 1914 90.67 4.87 39.79
C ILE A 1914 91.55 3.78 39.13
N VAL A 1915 92.32 4.16 38.10
CA VAL A 1915 93.34 3.28 37.49
C VAL A 1915 94.57 3.03 38.41
N ALA A 1916 94.92 4.00 39.26
CA ALA A 1916 95.94 3.78 40.33
C ALA A 1916 95.47 2.70 41.36
N PHE A 1917 94.17 2.71 41.68
CA PHE A 1917 93.54 1.62 42.45
C PHE A 1917 93.64 0.27 41.69
N SER A 1918 93.44 0.31 40.37
CA SER A 1918 93.60 -0.87 39.50
C SER A 1918 95.05 -1.42 39.45
N ASP A 1919 96.04 -0.56 39.68
CA ASP A 1919 97.44 -0.98 39.92
C ASP A 1919 97.67 -1.53 41.35
N ASP A 1920 97.05 -0.89 42.34
CA ASP A 1920 97.12 -1.33 43.77
C ASP A 1920 96.51 -2.72 44.03
N PHE A 1921 95.25 -2.92 43.59
CA PHE A 1921 94.43 -4.11 43.93
C PHE A 1921 94.80 -5.38 43.15
N VAL A 1922 94.99 -5.23 41.83
CA VAL A 1922 95.34 -6.36 40.92
C VAL A 1922 96.61 -7.13 41.39
N ALA A 1923 97.63 -6.39 41.85
CA ALA A 1923 98.83 -6.98 42.46
C ALA A 1923 98.48 -7.93 43.62
N LYS A 1924 97.76 -7.40 44.62
CA LYS A 1924 97.38 -8.21 45.80
C LYS A 1924 96.31 -9.30 45.53
N LEU A 1925 95.48 -9.13 44.48
CA LEU A 1925 94.43 -10.12 44.11
C LEU A 1925 94.99 -11.38 43.38
N GLN A 1926 95.90 -11.19 42.42
CA GLN A 1926 96.60 -12.34 41.80
C GLN A 1926 97.59 -12.98 42.80
N ASP A 1927 98.13 -12.18 43.73
CA ASP A 1927 98.94 -12.70 44.84
C ASP A 1927 98.11 -13.53 45.85
N ASN A 1928 96.79 -13.26 45.94
CA ASN A 1928 95.85 -14.08 46.74
C ASN A 1928 95.50 -15.41 46.03
N GLN A 1929 95.30 -15.37 44.70
CA GLN A 1929 95.07 -16.57 43.85
C GLN A 1929 96.24 -17.59 43.93
N ARG A 1930 97.47 -17.07 43.92
CA ARG A 1930 98.71 -17.88 43.92
C ARG A 1930 98.96 -18.60 45.29
N PHE A 1931 98.42 -18.04 46.38
CA PHE A 1931 98.43 -18.68 47.71
C PHE A 1931 97.45 -19.88 47.81
N ARG A 1932 96.40 -19.85 46.97
CA ARG A 1932 95.31 -20.85 46.98
C ARG A 1932 95.40 -21.84 45.81
N UNK A 1933 86.90 -16.81 31.83
CA UNK A 1933 85.67 -17.57 31.97
C UNK A 1933 85.38 -17.80 33.47
N UNK A 1934 86.01 -18.82 34.08
CA UNK A 1934 85.87 -19.10 35.52
C UNK A 1934 86.53 -17.99 36.38
N UNK A 1935 87.63 -17.42 35.89
CA UNK A 1935 88.29 -16.24 36.51
C UNK A 1935 87.39 -14.97 36.42
N UNK A 1936 86.68 -14.83 35.29
CA UNK A 1936 85.65 -13.77 35.11
C UNK A 1936 84.44 -13.99 36.05
N UNK A 1937 84.08 -15.26 36.27
CA UNK A 1937 83.07 -15.66 37.27
C UNK A 1937 83.51 -15.36 38.72
N UNK A 1938 84.83 -15.44 38.97
CA UNK A 1938 85.44 -14.99 40.24
C UNK A 1938 85.35 -13.46 40.44
N UNK A 1939 85.43 -12.69 39.34
CA UNK A 1939 85.15 -11.23 39.35
C UNK A 1939 83.66 -10.94 39.73
N UNK A 1940 82.75 -11.82 39.28
CA UNK A 1940 81.34 -11.80 39.71
C UNK A 1940 81.17 -12.16 41.21
N UNK A 1941 82.04 -13.03 41.73
CA UNK A 1941 82.11 -13.33 43.19
C UNK A 1941 82.57 -12.10 44.01
N UNK A 1942 83.44 -11.27 43.42
CA UNK A 1942 83.78 -9.94 43.99
C UNK A 1942 82.56 -8.98 43.97
N UNK A 1943 81.73 -9.10 42.92
CA UNK A 1943 80.45 -8.35 42.81
C UNK A 1943 79.38 -8.77 43.88
N UNK A 1944 79.48 -10.02 44.37
CA UNK A 1944 78.57 -10.55 45.42
C UNK A 1944 78.71 -9.89 46.81
N UNK A 1945 79.80 -9.15 47.06
CA UNK A 1945 80.10 -8.53 48.38
C UNK A 1945 79.09 -7.47 48.88
N UNK A 1946 78.37 -6.82 47.96
CA UNK A 1946 77.40 -5.76 48.30
C UNK A 1946 76.17 -6.22 49.12
N UNK A 1947 75.77 -7.50 48.97
CA UNK A 1947 74.59 -8.07 49.67
C UNK A 1947 74.75 -9.58 49.94
N LEU A 1948 88.13 -9.60 56.07
CA LEU A 1948 89.31 -9.01 55.44
C LEU A 1948 89.15 -7.49 55.20
N THR A 1949 90.19 -6.73 55.56
CA THR A 1949 90.17 -5.26 55.56
C THR A 1949 90.09 -4.63 54.16
N ILE A 1950 90.54 -5.36 53.13
CA ILE A 1950 90.50 -4.92 51.72
C ILE A 1950 89.07 -4.53 51.24
N ARG A 1951 88.06 -5.22 51.78
CA ARG A 1951 86.63 -4.90 51.53
C ARG A 1951 86.24 -3.50 52.10
N GLY A 1952 86.78 -3.18 53.28
CA GLY A 1952 86.64 -1.84 53.88
C GLY A 1952 87.35 -0.73 53.11
N ARG A 1953 88.49 -1.07 52.49
CA ARG A 1953 89.26 -0.15 51.63
C ARG A 1953 88.48 0.25 50.34
N LEU A 1954 87.83 -0.73 49.72
CA LEU A 1954 86.92 -0.50 48.56
C LEU A 1954 85.65 0.30 48.95
N LEU A 1955 85.11 0.06 50.16
CA LEU A 1955 83.98 0.83 50.69
C LEU A 1955 84.32 2.33 50.91
N SER A 1956 85.57 2.60 51.31
CA SER A 1956 86.09 3.98 51.51
C SER A 1956 86.31 4.74 50.18
N LEU A 1957 86.93 4.05 49.21
CA LEU A 1957 87.17 4.59 47.84
C LEU A 1957 85.84 5.00 47.14
N VAL A 1958 84.78 4.19 47.34
CA VAL A 1958 83.41 4.50 46.88
C VAL A 1958 82.85 5.82 47.47
N GLU A 1959 83.16 6.09 48.75
CA GLU A 1959 82.76 7.35 49.41
C GLU A 1959 83.45 8.58 48.77
N LYS A 1960 84.71 8.43 48.36
CA LYS A 1960 85.58 9.56 47.93
C LYS A 1960 85.30 10.18 46.54
N VAL A 1961 84.85 9.35 45.59
CA VAL A 1961 84.59 9.80 44.20
C VAL A 1961 83.29 10.64 44.05
N THR A 1962 82.47 10.69 45.11
CA THR A 1962 81.33 11.63 45.22
C THR A 1962 81.72 13.11 45.00
N TYR A 1963 82.94 13.47 45.41
CA TYR A 1963 83.41 14.87 45.41
C TYR A 1963 84.27 15.20 44.19
N THR A 1982 86.20 21.81 43.60
CA THR A 1982 85.89 23.23 43.83
C THR A 1982 85.25 23.92 42.61
N LEU A 1983 85.76 23.63 41.41
CA LEU A 1983 85.27 24.23 40.15
C LEU A 1983 83.80 23.89 39.82
N GLN A 1984 83.38 22.67 40.18
CA GLN A 1984 81.99 22.16 39.99
C GLN A 1984 80.94 23.08 40.65
N GLN A 1985 81.29 23.63 41.82
CA GLN A 1985 80.37 24.48 42.61
C GLN A 1985 80.28 25.93 42.06
N LEU A 1986 81.42 26.53 41.70
CA LEU A 1986 81.45 27.89 41.12
C LEU A 1986 80.70 27.96 39.76
N ILE A 1987 80.83 26.90 38.95
CA ILE A 1987 80.19 26.86 37.64
C ILE A 1987 78.68 26.55 37.72
N SER A 1988 78.25 25.69 38.64
CA SER A 1988 76.80 25.38 38.83
C SER A 1988 76.01 26.64 39.30
N GLU A 1989 76.52 27.29 40.36
CA GLU A 1989 75.93 28.52 40.91
C GLU A 1989 75.90 29.72 39.93
N THR A 1990 76.96 29.89 39.13
CA THR A 1990 77.05 31.01 38.14
C THR A 1990 76.19 30.82 36.86
N MET A 1991 76.11 29.58 36.35
CA MET A 1991 75.17 29.24 35.25
C MET A 1991 73.71 29.53 35.64
N VAL A 1992 73.36 29.21 36.90
CA VAL A 1992 72.05 29.54 37.47
C VAL A 1992 71.84 31.07 37.58
N ARG A 1993 72.90 31.83 37.90
CA ARG A 1993 72.85 33.32 37.95
C ARG A 1993 72.55 33.96 36.56
N TRP A 1994 73.28 33.51 35.52
CA TRP A 1994 73.10 33.99 34.13
C TRP A 1994 71.69 33.66 33.56
N ALA A 1995 71.20 32.45 33.84
CA ALA A 1995 69.86 32.02 33.42
C ALA A 1995 68.72 32.77 34.17
N GLN A 1996 68.97 33.23 35.40
CA GLN A 1996 67.94 33.85 36.26
C GLN A 1996 67.85 35.40 36.20
N GLU A 1997 68.87 36.09 36.73
CA GLU A 1997 68.85 37.57 36.89
C GLU A 1997 68.91 38.35 35.54
N SER A 1998 69.62 37.80 34.55
CA SER A 1998 69.84 38.44 33.24
C SER A 1998 68.93 37.98 32.07
N VAL A 1999 68.40 36.73 32.16
CA VAL A 1999 67.43 36.13 31.21
C VAL A 1999 67.75 36.38 29.71
N ILE A 2000 68.67 35.55 29.18
CA ILE A 2000 69.32 35.78 27.88
C ILE A 2000 68.42 35.60 26.63
N GLU A 2001 68.74 36.36 25.57
CA GLU A 2001 68.19 36.20 24.19
C GLU A 2001 69.33 35.84 23.20
N ASP A 2002 68.97 35.24 22.06
CA ASP A 2002 69.90 34.66 21.05
C ASP A 2002 70.36 33.26 21.50
N PRO A 2003 69.86 32.18 20.80
CA PRO A 2003 69.87 30.76 21.27
C PRO A 2003 71.23 30.02 21.46
N GLU A 2004 72.26 30.40 20.71
CA GLU A 2004 73.59 29.73 20.79
C GLU A 2004 74.21 29.79 22.21
N LEU A 2005 73.96 30.91 22.92
CA LEU A 2005 74.38 31.06 24.33
C LEU A 2005 73.69 30.07 25.30
N VAL A 2006 72.40 29.80 25.08
CA VAL A 2006 71.67 28.83 25.94
C VAL A 2006 72.12 27.38 25.69
N ARG A 2007 72.33 27.01 24.41
CA ARG A 2007 72.87 25.67 24.02
C ARG A 2007 74.27 25.39 24.64
N ALA A 2008 75.11 26.42 24.73
CA ALA A 2008 76.45 26.29 25.36
C ALA A 2008 76.38 26.15 26.90
N MET A 2009 75.57 27.00 27.55
CA MET A 2009 75.35 26.96 29.02
C MET A 2009 74.89 25.56 29.51
N PHE A 2010 73.81 25.07 28.90
CA PHE A 2010 73.19 23.79 29.28
C PHE A 2010 74.02 22.53 28.91
N VAL A 2011 74.92 22.61 27.91
CA VAL A 2011 75.78 21.44 27.58
C VAL A 2011 76.73 21.10 28.75
N LEU A 2012 77.29 22.12 29.42
CA LEU A 2012 78.17 21.92 30.60
C LEU A 2012 77.45 21.45 31.89
N LEU A 2013 76.12 21.67 31.97
CA LEU A 2013 75.35 21.47 33.23
C LEU A 2013 75.21 19.97 33.61
N HIS A 2014 74.86 19.13 32.62
CA HIS A 2014 74.90 17.65 32.77
C HIS A 2014 76.33 17.15 33.08
N ARG A 2015 77.32 17.74 32.41
CA ARG A 2015 78.74 17.37 32.59
C ARG A 2015 79.26 17.63 34.03
N GLN A 2016 78.60 18.55 34.76
CA GLN A 2016 78.88 18.78 36.21
C GLN A 2016 78.07 17.88 37.19
N TYR A 2017 76.74 17.81 37.00
CA TYR A 2017 75.83 17.15 37.97
C TYR A 2017 75.98 15.62 38.00
N ASP A 2018 75.68 14.98 36.86
CA ASP A 2018 75.74 13.51 36.78
C ASP A 2018 77.18 13.04 36.49
N GLY A 2019 78.05 13.21 37.49
CA GLY A 2019 79.43 12.69 37.46
C GLY A 2019 79.47 11.18 37.67
N ILE A 2020 78.42 10.61 38.26
CA ILE A 2020 78.29 9.14 38.48
C ILE A 2020 77.98 8.33 37.20
N GLY A 2021 76.97 8.76 36.43
CA GLY A 2021 76.64 8.13 35.13
C GLY A 2021 77.68 8.41 34.06
N GLY A 2022 78.33 9.58 34.16
CA GLY A 2022 79.51 9.91 33.34
C GLY A 2022 80.70 9.01 33.64
N LEU A 2023 80.86 8.64 34.93
CA LEU A 2023 81.85 7.62 35.36
C LEU A 2023 81.48 6.24 34.78
N VAL A 2024 80.17 5.95 34.67
CA VAL A 2024 79.68 4.66 34.11
C VAL A 2024 80.03 4.48 32.62
N ARG A 2025 79.85 5.53 31.80
CA ARG A 2025 80.32 5.50 30.38
C ARG A 2025 81.87 5.48 30.26
N ALA A 2026 82.55 6.13 31.21
CA ALA A 2026 84.03 6.29 31.21
C ALA A 2026 84.83 5.00 31.50
N LEU A 2027 84.40 4.20 32.47
CA LEU A 2027 85.13 2.98 32.93
C LEU A 2027 85.51 1.92 31.83
N PRO A 2028 84.51 1.45 31.02
CA PRO A 2028 84.83 0.40 30.02
C PRO A 2028 85.91 0.82 28.99
N LYS A 2029 85.90 2.09 28.57
CA LYS A 2029 86.85 2.65 27.59
C LYS A 2029 88.29 2.76 28.15
N THR A 2030 88.39 3.17 29.41
CA THR A 2030 89.68 3.31 30.10
C THR A 2030 90.28 1.95 30.49
N TYR A 2031 91.61 1.81 30.34
CA TYR A 2031 92.39 0.76 31.02
C TYR A 2031 93.90 1.16 31.11
N THR A 2032 94.80 0.48 30.38
CA THR A 2032 96.25 0.56 30.62
C THR A 2032 97.04 -0.18 29.52
N ILE A 2033 98.22 0.36 29.18
CA ILE A 2033 99.25 -0.33 28.35
C ILE A 2033 100.60 -0.25 29.08
N ASN A 2034 101.37 -1.34 29.05
CA ASN A 2034 102.69 -1.44 29.72
C ASN A 2034 103.66 -0.32 29.28
N GLY A 2035 104.35 0.30 30.25
CA GLY A 2035 105.11 1.56 30.03
C GLY A 2035 106.21 1.55 28.96
N VAL A 2036 106.97 0.46 28.87
CA VAL A 2036 108.07 0.35 27.88
C VAL A 2036 107.53 0.34 26.42
N SER A 2037 106.29 -0.11 26.24
CA SER A 2037 105.59 -0.16 24.93
C SER A 2037 104.74 1.10 24.57
N VAL A 2038 104.81 2.17 25.38
CA VAL A 2038 104.08 3.45 25.10
C VAL A 2038 104.27 4.03 23.66
N GLU A 2039 105.45 3.86 23.07
CA GLU A 2039 105.75 4.33 21.69
C GLU A 2039 104.76 3.77 20.63
N ASP A 2040 104.44 2.47 20.73
CA ASP A 2040 103.44 1.82 19.85
C ASP A 2040 102.06 2.51 19.96
N THR A 2041 101.66 2.78 21.21
CA THR A 2041 100.38 3.46 21.49
C THR A 2041 100.35 4.87 20.87
N ILE A 2042 101.50 5.57 20.90
CA ILE A 2042 101.62 6.90 20.27
C ILE A 2042 101.35 6.78 18.76
N ASN A 2043 102.01 5.82 18.10
CA ASN A 2043 101.77 5.54 16.68
C ASN A 2043 100.33 5.12 16.41
N LEU A 2044 99.74 4.35 17.34
CA LEU A 2044 98.31 3.96 17.28
C LEU A 2044 97.43 5.22 17.31
N LEU A 2045 97.67 6.10 18.29
CA LEU A 2045 96.93 7.38 18.39
C LEU A 2045 97.25 8.32 17.20
N ALA A 2046 98.47 8.24 16.66
CA ALA A 2046 98.85 8.99 15.44
C ALA A 2046 98.00 8.58 14.23
N SER A 2047 97.69 7.27 14.14
CA SER A 2047 96.76 6.75 13.12
C SER A 2047 95.29 7.13 13.42
N LEU A 2048 94.92 7.12 14.71
CA LEU A 2048 93.54 7.41 15.15
C LEU A 2048 93.15 8.91 15.07
N GLY A 2049 94.14 9.80 15.21
CA GLY A 2049 93.94 11.25 14.98
C GLY A 2049 93.83 11.59 13.50
N GLN A 2050 94.42 10.71 12.67
CA GLN A 2050 94.31 10.79 11.20
C GLN A 2050 93.02 10.11 10.68
N ILE A 2051 92.64 8.97 11.27
CA ILE A 2051 91.47 8.16 10.81
C ILE A 2051 90.10 8.87 11.08
N ARG A 2052 89.96 9.54 12.23
CA ARG A 2052 88.75 10.34 12.51
C ARG A 2052 88.59 11.46 11.45
N SER A 2053 89.69 12.15 11.12
CA SER A 2053 89.72 13.15 10.03
C SER A 2053 89.33 12.55 8.64
N LEU A 2054 89.69 11.28 8.42
CA LEU A 2054 89.31 10.51 7.19
C LEU A 2054 87.79 10.13 7.17
N LEU A 2055 87.16 10.05 8.36
CA LEU A 2055 85.69 9.76 8.50
C LEU A 2055 84.78 10.75 7.74
N SER A 2056 85.22 12.01 7.69
CA SER A 2056 84.52 13.07 6.95
C SER A 2056 84.65 12.93 5.41
N VAL A 2057 85.80 12.45 4.91
CA VAL A 2057 86.06 12.33 3.44
C VAL A 2057 85.70 10.95 2.86
N GLU A 2062 96.68 10.35 -2.26
CA GLU A 2062 97.39 10.80 -1.06
C GLU A 2062 96.63 10.51 0.24
N GLU A 2063 95.29 10.53 0.22
CA GLU A 2063 94.43 10.23 1.39
C GLU A 2063 94.56 8.75 1.85
N GLU A 2064 94.36 7.84 0.88
CA GLU A 2064 94.30 6.38 1.12
C GLU A 2064 95.68 5.74 1.41
N LYS A 2065 96.77 6.38 0.96
CA LYS A 2065 98.14 5.99 1.31
C LYS A 2065 98.44 6.16 2.82
N LEU A 2066 98.03 7.31 3.38
CA LEU A 2066 98.11 7.59 4.83
C LEU A 2066 97.25 6.63 5.67
N MET A 2067 96.07 6.25 5.14
CA MET A 2067 95.16 5.31 5.83
C MET A 2067 95.76 3.88 5.93
N ILE A 2068 96.22 3.36 4.79
CA ILE A 2068 96.82 2.00 4.70
C ILE A 2068 98.15 1.89 5.52
N ARG A 2069 98.93 2.98 5.56
CA ARG A 2069 100.16 3.03 6.39
C ARG A 2069 99.88 2.99 7.91
N GLY A 2070 98.84 3.71 8.37
CA GLY A 2070 98.42 3.68 9.78
C GLY A 2070 97.93 2.31 10.24
N LEU A 2071 97.10 1.68 9.40
CA LEU A 2071 96.60 0.30 9.57
C LEU A 2071 97.72 -0.77 9.65
N GLY A 2072 98.76 -0.58 8.81
CA GLY A 2072 99.95 -1.45 8.81
C GLY A 2072 100.78 -1.33 10.08
N ASP A 2073 100.92 -0.10 10.60
CA ASP A 2073 101.59 0.15 11.89
C ASP A 2073 100.84 -0.52 13.07
N ILE A 2074 99.51 -0.58 12.99
CA ILE A 2074 98.65 -1.28 13.98
C ILE A 2074 98.84 -2.82 13.93
N MET A 2075 99.00 -3.38 12.71
CA MET A 2075 99.34 -4.81 12.52
C MET A 2075 100.73 -5.17 13.11
N ASN A 2076 101.67 -4.21 13.06
CA ASN A 2076 103.04 -4.36 13.62
C ASN A 2076 103.11 -4.47 15.17
N ASN A 2077 102.13 -3.88 15.88
CA ASN A 2077 102.17 -3.76 17.35
C ASN A 2077 101.92 -5.11 18.08
N LYS A 2078 102.59 -5.29 19.23
CA LYS A 2078 102.36 -6.46 20.13
C LYS A 2078 101.20 -6.21 21.14
N VAL A 2079 100.97 -4.96 21.52
CA VAL A 2079 99.81 -4.54 22.38
C VAL A 2079 98.45 -4.81 21.68
N PHE A 2080 98.44 -4.81 20.33
CA PHE A 2080 97.30 -5.24 19.48
C PHE A 2080 96.89 -6.72 19.76
N TYR A 2081 97.88 -7.56 20.13
CA TYR A 2081 97.67 -8.98 20.50
C TYR A 2081 97.47 -9.14 22.04
N GLN A 2082 98.35 -8.50 22.83
CA GLN A 2082 98.34 -8.56 24.31
C GLN A 2082 97.12 -7.90 25.01
N HIS A 2083 96.52 -6.86 24.38
CA HIS A 2083 95.38 -6.09 24.97
C HIS A 2083 94.18 -5.88 23.98
N PRO A 2084 93.51 -6.98 23.52
CA PRO A 2084 92.40 -6.85 22.52
C PRO A 2084 91.11 -6.15 23.05
N ASN A 2085 90.75 -6.46 24.30
CA ASN A 2085 89.56 -5.87 24.98
C ASN A 2085 89.66 -4.33 25.11
N LEU A 2086 90.89 -3.80 25.20
CA LEU A 2086 91.16 -2.35 25.15
C LEU A 2086 90.73 -1.71 23.80
N MET A 2087 90.95 -2.44 22.69
CA MET A 2087 90.64 -1.92 21.33
C MET A 2087 89.12 -1.89 21.03
N ARG A 2088 88.40 -2.96 21.40
CA ARG A 2088 86.91 -2.96 21.31
C ARG A 2088 86.25 -1.94 22.27
N ALA A 2089 86.88 -1.71 23.43
CA ALA A 2089 86.44 -0.69 24.40
C ALA A 2089 86.66 0.77 23.92
N LEU A 2090 87.67 1.00 23.06
CA LEU A 2090 87.90 2.32 22.41
C LEU A 2090 86.73 2.76 21.49
N GLY A 2091 86.00 1.78 20.94
CA GLY A 2091 84.91 2.05 19.99
C GLY A 2091 85.42 2.36 18.59
N MET A 2092 86.70 2.05 18.33
CA MET A 2092 87.35 2.35 17.02
C MET A 2092 86.72 1.57 15.83
N HIS A 2093 86.39 0.29 16.04
CA HIS A 2093 85.76 -0.56 14.99
C HIS A 2093 84.40 0.01 14.48
N GLU A 2094 83.63 0.62 15.40
CA GLU A 2094 82.39 1.35 15.07
C GLU A 2094 82.65 2.57 14.14
N THR A 2095 83.79 3.25 14.34
CA THR A 2095 84.20 4.40 13.51
C THR A 2095 84.62 4.00 12.07
N VAL A 2096 85.46 2.96 11.97
CA VAL A 2096 86.04 2.47 10.67
C VAL A 2096 84.96 2.04 9.64
N MET A 2097 83.88 1.41 10.10
CA MET A 2097 82.78 0.96 9.20
C MET A 2097 81.97 2.14 8.61
N GLU A 2098 81.73 3.17 9.43
CA GLU A 2098 81.03 4.41 8.98
C GLU A 2098 81.88 5.17 7.93
N VAL A 2099 83.20 5.22 8.16
CA VAL A 2099 84.20 5.79 7.20
C VAL A 2099 84.14 5.07 5.83
N MET A 2100 83.96 3.73 5.87
CA MET A 2100 83.81 2.89 4.66
C MET A 2100 82.52 3.23 3.87
N VAL A 2101 81.40 3.43 4.58
CA VAL A 2101 80.09 3.84 3.99
C VAL A 2101 80.23 5.19 3.24
N ASN A 2102 80.98 6.12 3.83
CA ASN A 2102 81.21 7.45 3.22
C ASN A 2102 82.18 7.41 2.00
N VAL A 2103 83.16 6.50 2.00
CA VAL A 2103 84.06 6.30 0.81
C VAL A 2103 83.28 5.65 -0.37
N LEU A 2104 82.35 4.74 -0.06
CA LEU A 2104 81.48 4.10 -1.07
C LEU A 2104 80.46 5.08 -1.71
N GLY A 2105 80.07 6.14 -0.98
CA GLY A 2105 79.11 7.14 -1.45
C GLY A 2105 77.66 6.67 -1.34
N PRO A 2115 89.02 3.03 -2.92
CA PRO A 2115 89.27 2.12 -4.02
C PRO A 2115 90.02 0.82 -3.59
N LYS A 2116 91.36 0.78 -3.66
CA LYS A 2116 92.17 -0.30 -3.05
C LYS A 2116 92.07 -0.26 -1.49
N MET A 2117 91.79 0.94 -0.96
CA MET A 2117 91.53 1.18 0.47
C MET A 2117 90.39 0.30 1.03
N VAL A 2118 89.38 -0.01 0.21
CA VAL A 2118 88.29 -0.96 0.57
C VAL A 2118 88.86 -2.39 0.80
N ALA A 2119 89.82 -2.81 -0.03
CA ALA A 2119 90.42 -4.16 0.07
C ALA A 2119 91.31 -4.34 1.32
N ASN A 2120 92.23 -3.38 1.54
CA ASN A 2120 93.10 -3.39 2.73
C ASN A 2120 92.31 -3.22 4.05
N CYS A 2121 91.25 -2.41 4.01
CA CYS A 2121 90.33 -2.22 5.17
C CYS A 2121 89.62 -3.53 5.55
N CYS A 2122 89.13 -4.27 4.54
CA CYS A 2122 88.53 -5.62 4.73
C CYS A 2122 89.52 -6.67 5.31
N ARG A 2123 90.79 -6.55 4.95
CA ARG A 2123 91.85 -7.42 5.50
C ARG A 2123 92.07 -7.14 7.01
N PHE A 2124 92.17 -5.87 7.40
CA PHE A 2124 92.31 -5.47 8.83
C PHE A 2124 91.06 -5.78 9.69
N LEU A 2125 89.86 -5.72 9.10
CA LEU A 2125 88.59 -6.03 9.83
C LEU A 2125 88.38 -7.54 10.06
N CYS A 2126 88.74 -8.39 9.07
CA CYS A 2126 88.73 -9.86 9.22
C CYS A 2126 89.76 -10.35 10.28
N TYR A 2127 90.98 -9.79 10.23
CA TYR A 2127 92.04 -10.06 11.24
C TYR A 2127 91.61 -9.55 12.65
N PHE A 2128 90.83 -8.47 12.70
CA PHE A 2128 90.23 -7.94 13.95
C PHE A 2128 89.15 -8.92 14.53
N CYS A 2129 88.45 -9.64 13.65
CA CYS A 2129 87.58 -10.77 14.06
C CYS A 2129 88.39 -11.99 14.61
N ARG A 2130 89.61 -12.18 14.10
CA ARG A 2130 90.49 -13.32 14.50
C ARG A 2130 90.96 -13.35 15.98
N ILE A 2131 91.23 -12.17 16.56
CA ILE A 2131 91.92 -12.03 17.88
C ILE A 2131 91.19 -12.61 19.13
N SER A 2132 89.86 -12.45 19.20
CA SER A 2132 89.03 -13.01 20.30
C SER A 2132 87.53 -13.11 19.93
N ARG A 2133 86.85 -14.17 20.41
CA ARG A 2133 85.40 -14.37 20.18
C ARG A 2133 84.48 -13.30 20.84
N GLN A 2134 84.87 -12.80 22.02
CA GLN A 2134 84.15 -11.68 22.70
C GLN A 2134 84.16 -10.35 21.87
N ASN A 2135 85.28 -10.08 21.21
CA ASN A 2135 85.40 -9.00 20.19
C ASN A 2135 84.58 -9.33 18.91
N GLN A 2136 84.55 -10.62 18.56
CA GLN A 2136 83.79 -11.13 17.38
C GLN A 2136 82.26 -10.92 17.48
N LYS A 2137 81.72 -10.89 18.71
CA LYS A 2137 80.31 -10.45 18.95
C LYS A 2137 80.09 -8.98 18.55
N ALA A 2138 81.04 -8.11 18.96
CA ALA A 2138 80.99 -6.67 18.66
C ALA A 2138 81.05 -6.36 17.15
N MET A 2139 81.81 -7.15 16.40
CA MET A 2139 81.78 -7.13 14.91
C MET A 2139 80.46 -7.73 14.35
N PHE A 2140 79.92 -8.75 15.03
CA PHE A 2140 78.70 -9.49 14.60
C PHE A 2140 77.40 -8.64 14.58
N ASP A 2141 77.31 -7.66 15.48
CA ASP A 2141 76.15 -6.71 15.55
C ASP A 2141 75.92 -5.85 14.26
N HIS A 2142 76.99 -5.65 13.46
CA HIS A 2142 76.98 -4.72 12.30
C HIS A 2142 76.55 -5.33 10.91
N LEU A 2143 76.08 -6.59 10.90
CA LEU A 2143 75.71 -7.30 9.64
C LEU A 2143 74.65 -6.59 8.77
N SER A 2144 73.71 -5.88 9.38
CA SER A 2144 72.65 -5.14 8.63
C SER A 2144 73.22 -4.08 7.64
N TYR A 2145 74.18 -3.27 8.14
CA TYR A 2145 74.89 -2.25 7.32
C TYR A 2145 75.90 -2.89 6.33
N LEU A 2146 76.57 -3.96 6.77
CA LEU A 2146 77.65 -4.63 5.99
C LEU A 2146 77.16 -5.35 4.71
N LEU A 2147 75.99 -5.99 4.77
CA LEU A 2147 75.39 -6.67 3.58
C LEU A 2147 74.84 -5.64 2.55
N GLU A 2148 74.09 -4.66 3.05
CA GLU A 2148 73.61 -3.48 2.29
C GLU A 2148 74.79 -2.72 1.61
N ASN A 2149 75.91 -2.64 2.33
CA ASN A 2149 77.20 -2.12 1.82
C ASN A 2149 77.87 -3.01 0.75
N SER A 2150 77.68 -4.34 0.86
CA SER A 2150 78.22 -5.33 -0.11
C SER A 2150 77.28 -5.50 -1.33
N SER A 2151 77.53 -4.68 -2.37
CA SER A 2151 76.67 -4.59 -3.57
C SER A 2151 77.45 -4.94 -4.86
N VAL A 2152 77.00 -4.42 -6.02
CA VAL A 2152 77.57 -4.76 -7.35
C VAL A 2152 78.87 -3.99 -7.61
N THR A 2163 86.35 -6.08 -0.80
CA THR A 2163 85.68 -7.36 -0.52
C THR A 2163 84.90 -7.31 0.83
N PRO A 2164 83.90 -6.38 0.95
CA PRO A 2164 83.17 -6.10 2.22
C PRO A 2164 82.44 -7.32 2.86
N LEU A 2165 81.93 -8.21 2.00
CA LEU A 2165 81.26 -9.46 2.40
C LEU A 2165 82.16 -10.41 3.25
N ASP A 2166 83.48 -10.39 2.98
CA ASP A 2166 84.45 -11.22 3.74
C ASP A 2166 84.49 -10.89 5.25
N VAL A 2167 84.26 -9.62 5.60
CA VAL A 2167 84.20 -9.14 7.01
C VAL A 2167 83.00 -9.79 7.76
N ALA A 2168 81.88 -9.95 7.04
CA ALA A 2168 80.64 -10.58 7.58
C ALA A 2168 80.82 -12.09 7.82
N ALA A 2169 81.35 -12.79 6.82
CA ALA A 2169 81.61 -14.25 6.92
C ALA A 2169 82.61 -14.60 8.06
N ALA A 2170 83.67 -13.79 8.20
CA ALA A 2170 84.65 -13.89 9.31
C ALA A 2170 84.01 -13.62 10.68
N SER A 2171 83.00 -12.73 10.72
CA SER A 2171 82.19 -12.48 11.94
C SER A 2171 81.33 -13.70 12.38
N VAL A 2172 80.93 -14.56 11.43
CA VAL A 2172 79.92 -15.64 11.63
C VAL A 2172 80.44 -17.01 12.19
N MET A 2173 81.60 -17.48 11.70
CA MET A 2173 81.93 -18.93 11.78
C MET A 2173 82.27 -19.56 13.15
N ASP A 2174 83.01 -18.86 14.02
CA ASP A 2174 83.83 -19.48 15.12
C ASP A 2174 83.07 -20.32 16.20
N ASN A 2175 81.96 -19.79 16.71
CA ASN A 2175 81.19 -20.43 17.82
C ASN A 2175 79.89 -21.07 17.32
N ASN A 2176 79.42 -22.13 18.01
CA ASN A 2176 78.11 -22.76 17.70
C ASN A 2176 76.95 -21.78 17.96
N GLU A 2177 77.00 -21.09 19.11
CA GLU A 2177 75.98 -20.11 19.57
C GLU A 2177 75.86 -18.89 18.60
N LEU A 2178 77.02 -18.31 18.26
CA LEU A 2178 77.10 -17.14 17.37
C LEU A 2178 76.75 -17.51 15.90
N ALA A 2179 77.09 -18.75 15.49
CA ALA A 2179 76.73 -19.28 14.16
C ALA A 2179 75.21 -19.44 13.97
N LEU A 2180 74.52 -19.82 15.05
CA LEU A 2180 73.04 -19.79 15.10
C LEU A 2180 72.46 -18.33 15.07
N ALA A 2181 73.18 -17.38 15.66
CA ALA A 2181 72.64 -16.03 16.00
C ALA A 2181 72.08 -15.10 14.87
N LEU A 2182 72.26 -15.45 13.59
CA LEU A 2182 71.70 -14.66 12.43
C LEU A 2182 70.15 -14.45 12.44
N ARG A 2183 69.70 -13.22 12.15
CA ARG A 2183 68.26 -12.91 11.95
C ARG A 2183 67.77 -13.32 10.54
N GLU A 2184 66.50 -13.69 10.41
CA GLU A 2184 65.92 -14.08 9.10
C GLU A 2184 65.84 -12.92 8.06
N PRO A 2185 65.68 -11.64 8.51
CA PRO A 2185 65.75 -10.51 7.55
C PRO A 2185 67.10 -10.29 6.84
N ASP A 2186 68.22 -10.58 7.51
CA ASP A 2186 69.57 -10.47 6.91
C ASP A 2186 69.79 -11.54 5.80
N LEU A 2187 69.43 -12.80 6.10
CA LEU A 2187 69.46 -13.89 5.09
C LEU A 2187 68.50 -13.62 3.91
N GLU A 2188 67.38 -12.93 4.19
CA GLU A 2188 66.46 -12.40 3.15
C GLU A 2188 67.13 -11.37 2.20
N LYS A 2189 67.96 -10.48 2.77
CA LYS A 2189 68.77 -9.52 1.99
C LYS A 2189 69.80 -10.24 1.08
N VAL A 2190 70.39 -11.34 1.56
CA VAL A 2190 71.43 -12.09 0.82
C VAL A 2190 70.84 -12.89 -0.37
N VAL A 2191 69.83 -13.73 -0.09
CA VAL A 2191 69.34 -14.71 -1.10
C VAL A 2191 68.50 -14.10 -2.25
N VAL A 2192 67.73 -13.04 -1.94
CA VAL A 2192 66.65 -12.59 -2.83
C VAL A 2192 67.13 -11.79 -4.06
N ARG A 2193 68.07 -10.87 -3.86
CA ARG A 2193 68.40 -9.83 -4.87
C ARG A 2193 69.49 -10.25 -5.87
N TYR A 2194 70.65 -10.63 -5.34
CA TYR A 2194 71.93 -10.62 -6.09
C TYR A 2194 72.03 -11.67 -7.21
N LEU A 2195 71.38 -12.83 -7.03
CA LEU A 2195 71.26 -13.87 -8.08
C LEU A 2195 70.47 -13.35 -9.30
N ALA A 2196 69.48 -12.49 -9.04
CA ALA A 2196 68.73 -11.77 -10.11
C ALA A 2196 69.45 -10.49 -10.59
N GLY A 2197 70.43 -10.00 -9.83
CA GLY A 2197 71.15 -8.75 -10.14
C GLY A 2197 72.11 -8.82 -11.32
N CYS A 2198 73.30 -9.39 -11.09
CA CYS A 2198 74.32 -9.61 -12.15
C CYS A 2198 73.96 -10.75 -13.13
N GLY A 2199 73.03 -11.63 -12.73
CA GLY A 2199 72.53 -12.72 -13.58
C GLY A 2199 71.62 -12.25 -14.72
N LEU A 2200 70.58 -11.51 -14.36
CA LEU A 2200 69.60 -11.01 -15.35
C LEU A 2200 70.17 -9.79 -16.07
N PRO A 2218 78.94 -11.12 -12.92
CA PRO A 2218 79.39 -12.52 -12.87
C PRO A 2218 80.16 -12.84 -11.57
N VAL A 2219 81.30 -12.16 -11.37
CA VAL A 2219 82.17 -12.36 -10.18
C VAL A 2219 81.49 -11.92 -8.87
N GLU A 2220 80.68 -10.86 -8.94
CA GLU A 2220 79.89 -10.35 -7.81
C GLU A 2220 78.94 -11.43 -7.27
N GLY A 2221 78.28 -12.13 -8.20
CA GLY A 2221 77.32 -13.19 -7.88
C GLY A 2221 77.89 -14.44 -7.21
N GLU A 2222 79.10 -14.85 -7.62
CA GLU A 2222 79.78 -16.03 -7.05
C GLU A 2222 80.12 -15.88 -5.54
N ARG A 2223 80.33 -14.63 -5.10
CA ARG A 2223 80.66 -14.30 -3.70
C ARG A 2223 79.53 -14.60 -2.67
N TYR A 2224 78.28 -14.26 -3.03
CA TYR A 2224 77.12 -14.32 -2.09
C TYR A 2224 76.75 -15.76 -1.64
N LEU A 2225 76.89 -16.73 -2.55
CA LEU A 2225 76.74 -18.19 -2.23
C LEU A 2225 77.78 -18.68 -1.19
N ASP A 2226 78.97 -18.07 -1.18
CA ASP A 2226 80.01 -18.37 -0.17
C ASP A 2226 79.60 -17.88 1.25
N PHE A 2227 78.87 -16.74 1.33
CA PHE A 2227 78.34 -16.26 2.63
C PHE A 2227 77.25 -17.17 3.24
N LEU A 2228 76.34 -17.68 2.40
CA LEU A 2228 75.35 -18.69 2.81
C LEU A 2228 76.05 -20.02 3.25
N ARG A 2229 77.15 -20.36 2.55
CA ARG A 2229 78.00 -21.56 2.81
C ARG A 2229 78.64 -21.55 4.22
N PHE A 2230 79.06 -20.36 4.69
CA PHE A 2230 79.54 -20.16 6.07
C PHE A 2230 78.41 -19.85 7.09
N ALA A 2231 77.21 -19.55 6.59
CA ALA A 2231 76.00 -19.33 7.42
C ALA A 2231 75.25 -20.62 7.86
N VAL A 2232 75.55 -21.79 7.25
CA VAL A 2232 74.81 -23.06 7.53
C VAL A 2232 75.64 -24.22 8.15
N PHE A 2233 76.84 -24.50 7.61
CA PHE A 2233 77.65 -25.67 8.04
C PHE A 2233 78.19 -25.53 9.50
N CYS A 2234 78.55 -24.30 9.90
CA CYS A 2234 78.96 -23.97 11.29
C CYS A 2234 80.07 -24.90 11.86
N ASN A 2235 80.03 -25.21 13.17
CA ASN A 2235 81.08 -26.02 13.86
C ASN A 2235 81.22 -27.49 13.37
N GLY A 2236 80.13 -28.10 12.90
CA GLY A 2236 80.14 -29.49 12.40
C GLY A 2236 78.89 -29.93 11.63
N GLU A 2237 77.84 -30.30 12.36
CA GLU A 2237 76.53 -30.61 11.75
C GLU A 2237 75.90 -29.31 11.20
N SER A 2238 75.18 -29.45 10.08
CA SER A 2238 74.42 -28.33 9.47
C SER A 2238 73.23 -27.90 10.36
N VAL A 2239 73.02 -26.57 10.48
CA VAL A 2239 71.97 -26.00 11.35
C VAL A 2239 70.61 -25.86 10.61
N GLU A 2240 69.68 -26.79 10.86
CA GLU A 2240 68.30 -26.77 10.30
C GLU A 2240 67.49 -25.48 10.60
N GLU A 2241 67.77 -24.85 11.75
CA GLU A 2241 67.16 -23.56 12.16
C GLU A 2241 67.45 -22.39 11.16
N ASN A 2242 68.63 -22.42 10.52
CA ASN A 2242 69.00 -21.50 9.42
C ASN A 2242 68.64 -22.08 8.02
N ALA A 2243 69.05 -23.35 7.81
CA ALA A 2243 68.99 -24.03 6.49
C ALA A 2243 67.57 -24.17 5.90
N ASN A 2244 66.57 -24.38 6.77
CA ASN A 2244 65.16 -24.53 6.31
C ASN A 2244 64.59 -23.19 5.77
N VAL A 2245 64.85 -22.08 6.47
CA VAL A 2245 64.42 -20.71 6.03
C VAL A 2245 65.12 -20.29 4.71
N VAL A 2246 66.40 -20.68 4.54
CA VAL A 2246 67.18 -20.39 3.30
C VAL A 2246 66.61 -21.16 2.09
N VAL A 2247 66.25 -22.44 2.30
CA VAL A 2247 65.58 -23.28 1.26
C VAL A 2247 64.19 -22.72 0.86
N ARG A 2248 63.42 -22.20 1.82
CA ARG A 2248 62.08 -21.62 1.54
C ARG A 2248 62.15 -20.33 0.68
N LEU A 2249 63.14 -19.46 0.98
CA LEU A 2249 63.42 -18.25 0.17
C LEU A 2249 63.96 -18.57 -1.27
N LEU A 2250 64.78 -19.63 -1.41
CA LEU A 2250 65.33 -20.06 -2.72
C LEU A 2250 64.35 -20.87 -3.60
N ILE A 2251 63.26 -21.40 -3.01
CA ILE A 2251 62.13 -22.01 -3.76
C ILE A 2251 61.18 -20.94 -4.34
N ARG A 2252 60.97 -19.85 -3.59
CA ARG A 2252 60.03 -18.77 -3.95
C ARG A 2252 60.53 -17.83 -5.09
N ARG A 2253 61.85 -17.70 -5.26
CA ARG A 2253 62.45 -16.89 -6.35
C ARG A 2253 63.68 -17.59 -7.00
N PRO A 2254 63.46 -18.74 -7.68
CA PRO A 2254 64.57 -19.49 -8.31
C PRO A 2254 65.29 -18.69 -9.42
N GLU A 2255 64.52 -17.91 -10.18
CA GLU A 2255 65.08 -17.07 -11.26
C GLU A 2255 66.00 -15.96 -10.72
N GLY A 2268 69.58 -30.30 -17.83
CA GLY A 2268 69.49 -29.77 -16.48
C GLY A 2268 70.76 -29.04 -16.03
N LEU A 2269 71.17 -29.27 -14.76
CA LEU A 2269 72.40 -28.65 -14.17
C LEU A 2269 73.67 -29.05 -14.94
N LEU A 2270 73.71 -30.33 -15.33
CA LEU A 2270 74.80 -30.94 -16.14
C LEU A 2270 75.03 -30.24 -17.49
N ALA A 2271 73.94 -29.89 -18.17
CA ALA A 2271 73.98 -29.15 -19.46
C ALA A 2271 74.62 -27.75 -19.29
N ALA A 2272 74.29 -27.07 -18.19
CA ALA A 2272 74.88 -25.77 -17.81
C ALA A 2272 76.39 -25.88 -17.51
N MET A 2273 76.81 -27.03 -16.96
CA MET A 2273 78.23 -27.31 -16.67
C MET A 2273 79.11 -27.62 -17.90
N GLU A 2274 78.52 -28.11 -19.02
CA GLU A 2274 79.32 -28.68 -20.15
C GLU A 2274 80.21 -27.70 -21.00
N GLU A 2275 79.59 -26.63 -21.52
CA GLU A 2275 80.24 -25.80 -22.57
C GLU A 2275 81.34 -24.80 -22.10
N ALA A 2276 81.62 -24.76 -20.79
CA ALA A 2276 82.76 -23.99 -20.24
C ALA A 2276 84.17 -24.48 -20.71
N ILE A 2277 84.27 -25.77 -21.06
CA ILE A 2277 85.54 -26.38 -21.59
C ILE A 2277 85.90 -25.81 -22.99
N LYS A 2278 84.90 -25.60 -23.85
CA LYS A 2278 85.10 -25.05 -25.22
C LYS A 2278 85.34 -23.53 -25.25
N ILE A 2279 84.84 -22.82 -24.23
CA ILE A 2279 85.03 -21.36 -24.08
C ILE A 2279 85.82 -21.09 -22.80
N GLY A 2311 83.37 -17.26 -19.24
CA GLY A 2311 83.15 -18.71 -19.32
C GLY A 2311 83.37 -19.45 -18.01
N ASN A 2312 84.54 -19.23 -17.40
CA ASN A 2312 84.91 -19.88 -16.11
C ASN A 2312 84.08 -19.38 -14.91
N ALA A 2313 83.61 -18.13 -14.97
CA ALA A 2313 82.70 -17.52 -13.96
C ALA A 2313 81.35 -18.28 -13.76
N ILE A 2314 80.84 -18.87 -14.84
CA ILE A 2314 79.54 -19.58 -14.84
C ILE A 2314 79.70 -21.02 -14.27
N MET A 2315 80.78 -21.71 -14.67
CA MET A 2315 81.14 -23.05 -14.14
C MET A 2315 81.44 -22.99 -12.62
N THR A 2316 82.08 -21.91 -12.16
CA THR A 2316 82.28 -21.64 -10.73
C THR A 2316 80.96 -21.28 -9.99
N PHE A 2317 79.99 -20.69 -10.70
CA PHE A 2317 78.63 -20.43 -10.15
C PHE A 2317 77.82 -21.72 -9.85
N TYR A 2318 77.78 -22.67 -10.80
CA TYR A 2318 77.17 -23.99 -10.58
C TYR A 2318 77.96 -24.88 -9.60
N ALA A 2319 79.27 -24.64 -9.47
CA ALA A 2319 80.11 -25.33 -8.47
C ALA A 2319 79.74 -24.91 -7.02
N ALA A 2320 79.64 -23.60 -6.77
CA ALA A 2320 79.19 -23.06 -5.46
C ALA A 2320 77.71 -23.42 -5.13
N LEU A 2321 76.87 -23.52 -6.17
CA LEU A 2321 75.43 -23.86 -6.03
C LEU A 2321 75.23 -25.33 -5.59
N ILE A 2322 75.87 -26.27 -6.29
CA ILE A 2322 75.83 -27.71 -5.95
C ILE A 2322 76.54 -28.00 -4.60
N ASP A 2323 77.61 -27.25 -4.29
CA ASP A 2323 78.30 -27.34 -2.97
C ASP A 2323 77.35 -26.95 -1.81
N LEU A 2324 76.49 -25.96 -2.06
CA LEU A 2324 75.48 -25.49 -1.08
C LEU A 2324 74.35 -26.52 -0.84
N LEU A 2325 73.81 -27.09 -1.93
CA LEU A 2325 72.74 -28.13 -1.88
C LEU A 2325 73.19 -29.43 -1.14
N GLY A 2326 74.47 -29.80 -1.25
CA GLY A 2326 75.04 -30.90 -0.46
C GLY A 2326 75.35 -30.56 0.99
N ARG A 2327 75.71 -29.28 1.25
CA ARG A 2327 76.25 -28.83 2.56
C ARG A 2327 75.27 -28.93 3.76
N CYS A 2328 73.97 -28.74 3.51
CA CYS A 2328 72.91 -28.84 4.55
C CYS A 2328 72.42 -30.30 4.83
N ALA A 2329 72.81 -31.25 3.98
CA ALA A 2329 72.34 -32.66 4.09
C ALA A 2329 72.95 -33.39 5.29
N GLU A 2341 61.13 -34.81 10.07
CA GLU A 2341 61.25 -33.39 9.76
C GLU A 2341 62.49 -33.11 8.91
N ALA A 2342 63.65 -33.58 9.40
CA ALA A 2342 64.94 -33.47 8.69
C ALA A 2342 65.07 -34.49 7.53
N ILE A 2343 64.41 -35.64 7.67
CA ILE A 2343 64.44 -36.72 6.65
C ILE A 2343 63.63 -36.32 5.39
N ARG A 2344 62.57 -35.52 5.56
CA ARG A 2344 61.75 -34.95 4.47
C ARG A 2344 62.55 -34.00 3.53
N ILE A 2345 63.26 -33.04 4.13
CA ILE A 2345 64.17 -32.11 3.40
C ILE A 2345 65.38 -32.87 2.80
N ARG A 2346 65.83 -33.95 3.45
CA ARG A 2346 66.87 -34.85 2.87
C ARG A 2346 66.37 -35.54 1.56
N SER A 2347 65.07 -35.87 1.53
CA SER A 2347 64.43 -36.48 0.34
C SER A 2347 64.21 -35.49 -0.83
N ILE A 2348 63.78 -34.27 -0.52
CA ILE A 2348 63.62 -33.18 -1.53
C ILE A 2348 65.00 -32.80 -2.15
N LEU A 2349 66.06 -32.93 -1.33
CA LEU A 2349 67.48 -32.86 -1.79
C LEU A 2349 67.90 -34.06 -2.70
N ARG A 2350 67.35 -35.26 -2.46
CA ARG A 2350 67.55 -36.43 -3.35
C ARG A 2350 66.92 -36.25 -4.76
N SER A 2351 65.90 -35.38 -4.87
CA SER A 2351 65.25 -35.03 -6.15
C SER A 2351 66.18 -34.32 -7.17
N LEU A 2352 67.18 -33.58 -6.67
CA LEU A 2352 68.22 -32.93 -7.52
C LEU A 2352 69.58 -33.64 -7.44
N UNK A 2353 69.92 -37.69 -8.51
CA UNK A 2353 71.38 -37.64 -8.46
C UNK A 2353 71.94 -37.03 -9.75
N UNK A 2354 71.54 -35.78 -10.01
CA UNK A 2354 72.02 -35.01 -11.17
C UNK A 2354 73.50 -34.63 -11.05
N UNK A 2355 73.98 -34.50 -9.81
CA UNK A 2355 75.40 -34.22 -9.56
C UNK A 2355 76.33 -35.38 -9.91
N UNK A 2356 75.83 -36.60 -9.93
CA UNK A 2356 76.61 -37.79 -10.31
C UNK A 2356 77.05 -37.75 -11.80
N UNK A 2357 76.13 -37.37 -12.68
CA UNK A 2357 76.43 -37.18 -14.13
C UNK A 2357 77.43 -36.01 -14.39
N UNK A 2358 77.40 -35.01 -13.51
CA UNK A 2358 78.39 -33.91 -13.50
C UNK A 2358 79.75 -34.41 -13.01
N UNK A 2359 79.74 -35.14 -11.89
CA UNK A 2359 80.96 -35.72 -11.27
C UNK A 2359 81.82 -36.56 -12.25
N UNK A 2360 81.16 -37.37 -13.10
CA UNK A 2360 81.85 -38.21 -14.10
C UNK A 2360 82.64 -37.38 -15.14
N UNK A 2361 82.05 -36.28 -15.60
CA UNK A 2361 82.73 -35.34 -16.54
C UNK A 2361 83.94 -34.63 -15.88
N UNK A 2362 83.82 -34.31 -14.59
CA UNK A 2362 84.95 -33.79 -13.78
C UNK A 2362 86.07 -34.86 -13.68
N UNK A 2363 85.69 -36.14 -13.56
CA UNK A 2363 86.64 -37.26 -13.64
C UNK A 2363 87.29 -37.37 -15.04
N UNK A 2364 86.51 -37.06 -16.10
CA UNK A 2364 87.07 -36.92 -17.47
C UNK A 2364 88.09 -35.76 -17.55
N UNK A 2365 87.84 -34.67 -16.82
CA UNK A 2365 88.83 -33.58 -16.64
C UNK A 2365 90.09 -34.04 -15.86
N UNK A 2366 89.88 -34.95 -14.89
CA UNK A 2366 90.97 -35.61 -14.13
C UNK A 2366 91.94 -34.63 -13.44
N PHE A 2367 91.93 -24.53 -9.29
CA PHE A 2367 91.11 -24.59 -10.51
C PHE A 2367 90.28 -25.90 -10.57
N CYS A 2368 90.92 -27.03 -10.86
CA CYS A 2368 90.28 -28.37 -10.86
C CYS A 2368 89.67 -28.86 -9.49
N PRO A 2369 90.47 -28.83 -8.39
CA PRO A 2369 90.09 -29.57 -7.16
C PRO A 2369 88.81 -29.15 -6.38
N ASP A 2370 88.47 -27.86 -6.38
CA ASP A 2370 87.34 -27.34 -5.55
C ASP A 2370 85.95 -27.84 -6.00
N HIS A 2371 85.74 -27.93 -7.31
CA HIS A 2371 84.46 -28.36 -7.93
C HIS A 2371 84.17 -29.85 -7.58
N LYS A 2372 85.18 -30.71 -7.73
CA LYS A 2372 85.12 -32.14 -7.34
C LYS A 2372 84.94 -32.33 -5.80
N ALA A 2373 85.50 -31.41 -5.00
CA ALA A 2373 85.31 -31.42 -3.53
C ALA A 2373 83.83 -31.19 -3.14
N ALA A 2374 83.16 -30.27 -3.86
CA ALA A 2374 81.70 -30.04 -3.73
C ALA A 2374 80.86 -31.28 -4.13
N MET A 2375 81.28 -31.95 -5.21
CA MET A 2375 80.60 -33.17 -5.73
C MET A 2375 80.66 -34.38 -4.73
N VAL A 2376 81.75 -34.47 -3.95
CA VAL A 2376 81.97 -35.56 -2.96
C VAL A 2376 81.22 -35.30 -1.61
N LEU A 2377 81.18 -34.04 -1.16
CA LEU A 2377 80.36 -33.66 0.02
C LEU A 2377 78.84 -33.91 -0.20
N PHE A 2378 78.34 -33.73 -1.44
CA PHE A 2378 76.92 -34.05 -1.79
C PHE A 2378 76.62 -35.57 -1.69
N LEU A 2379 77.49 -36.40 -2.27
CA LEU A 2379 77.32 -37.87 -2.29
C LEU A 2379 77.44 -38.51 -0.87
N ASP A 2380 78.29 -37.93 -0.01
CA ASP A 2380 78.47 -38.42 1.38
C ASP A 2380 77.32 -38.00 2.35
N ARG A 2381 76.97 -36.71 2.34
CA ARG A 2381 75.90 -36.17 3.23
C ARG A 2381 74.46 -36.65 2.88
N VAL A 2382 74.16 -36.81 1.58
CA VAL A 2382 72.81 -37.23 1.08
C VAL A 2382 72.69 -38.77 0.94
N TYR A 2383 73.76 -39.45 0.49
CA TYR A 2383 73.75 -40.89 0.15
C TYR A 2383 74.81 -41.69 0.94
N VAL A 2387 74.43 -50.83 -2.25
CA VAL A 2387 75.20 -49.59 -1.98
C VAL A 2387 76.68 -49.69 -2.38
N GLN A 2388 77.32 -50.83 -2.08
CA GLN A 2388 78.77 -51.08 -2.34
C GLN A 2388 79.17 -51.05 -3.84
N ASP A 2389 78.26 -51.52 -4.72
CA ASP A 2389 78.47 -51.48 -6.18
C ASP A 2389 78.51 -50.02 -6.73
N PHE A 2390 77.73 -49.12 -6.13
CA PHE A 2390 77.79 -47.67 -6.42
C PHE A 2390 79.14 -47.04 -5.98
N LEU A 2391 79.68 -47.53 -4.86
CA LEU A 2391 80.99 -47.07 -4.30
C LEU A 2391 82.19 -47.47 -5.21
N LEU A 2392 82.20 -48.73 -5.67
CA LEU A 2392 83.19 -49.22 -6.67
C LEU A 2392 83.04 -48.50 -8.05
N HIS A 2393 81.81 -48.09 -8.41
CA HIS A 2393 81.55 -47.28 -9.63
C HIS A 2393 82.16 -45.85 -9.54
N LEU A 2394 82.17 -45.26 -8.34
CA LEU A 2394 82.79 -43.93 -8.10
C LEU A 2394 84.34 -43.91 -8.24
N LEU A 2395 84.98 -45.05 -7.93
CA LEU A 2395 86.43 -45.26 -8.11
C LEU A 2395 86.68 -45.84 -9.50
N VAL A 2397 86.77 -42.79 -10.36
CA VAL A 2397 87.89 -41.92 -10.70
C VAL A 2397 89.09 -42.02 -9.75
N GLY A 2398 88.81 -42.11 -8.43
CA GLY A 2398 89.81 -41.97 -7.35
C GLY A 2398 91.18 -42.57 -7.55
N PHE A 2399 91.21 -43.74 -8.21
CA PHE A 2399 92.46 -44.42 -8.65
C PHE A 2399 93.40 -43.51 -9.46
N LEU A 2400 92.82 -42.68 -10.35
CA LEU A 2400 93.58 -41.74 -11.21
C LEU A 2400 94.38 -40.70 -10.39
N PRO A 2401 93.75 -40.08 -9.35
CA PRO A 2401 94.45 -39.27 -8.33
C PRO A 2401 95.56 -40.01 -7.53
N ASP A 2402 95.30 -41.28 -7.18
CA ASP A 2402 96.28 -42.14 -6.47
C ASP A 2402 97.57 -42.35 -7.30
N LEU A 2403 97.40 -42.45 -8.62
CA LEU A 2403 98.53 -42.62 -9.54
C LEU A 2403 99.23 -41.28 -9.82
N ARG A 2404 98.46 -40.18 -9.73
CA ARG A 2404 99.02 -38.81 -9.77
C ARG A 2404 99.92 -38.48 -8.55
N ALA A 2405 99.72 -39.18 -7.42
CA ALA A 2405 100.61 -39.06 -6.24
C ALA A 2405 102.07 -39.50 -6.51
N ALA A 2406 102.26 -40.45 -7.44
CA ALA A 2406 103.61 -40.86 -7.91
C ALA A 2406 104.34 -39.77 -8.74
N ALA A 2407 103.56 -38.92 -9.43
CA ALA A 2407 104.09 -37.84 -10.31
C ALA A 2407 104.91 -36.75 -9.57
N SER A 2408 104.62 -36.54 -8.28
CA SER A 2408 105.37 -35.59 -7.43
C SER A 2408 106.85 -35.99 -7.19
N LEU A 2409 107.14 -37.30 -7.22
CA LEU A 2409 108.50 -37.83 -7.01
C LEU A 2409 109.18 -38.22 -8.34
N THR A 2417 102.19 -25.15 -10.86
CA THR A 2417 101.12 -25.70 -11.70
C THR A 2417 99.87 -26.05 -10.85
N ASP A 2418 98.70 -26.02 -11.50
CA ASP A 2418 97.40 -26.32 -10.84
C ASP A 2418 97.29 -27.76 -10.31
N MET A 2419 97.95 -28.70 -11.01
CA MET A 2419 97.85 -30.16 -10.77
C MET A 2419 98.32 -30.61 -9.37
N ALA A 2420 99.33 -29.94 -8.80
CA ALA A 2420 99.85 -30.24 -7.44
C ALA A 2420 98.83 -29.91 -6.32
N LEU A 2421 98.18 -28.74 -6.45
CA LEU A 2421 97.05 -28.35 -5.59
C LEU A 2421 95.90 -29.36 -5.71
N ALA A 2422 95.67 -29.83 -6.95
CA ALA A 2422 94.67 -30.87 -7.27
C ALA A 2422 94.92 -32.22 -6.55
N LEU A 2423 96.19 -32.63 -6.45
CA LEU A 2423 96.57 -33.91 -5.81
C LEU A 2423 96.39 -33.89 -4.28
N ASN A 2424 96.66 -32.73 -3.66
CA ASN A 2424 96.46 -32.56 -2.20
C ASN A 2424 94.95 -32.55 -1.82
N ARG A 2425 94.15 -31.78 -2.57
CA ARG A 2425 92.69 -31.74 -2.34
C ARG A 2425 92.00 -33.10 -2.62
N TYR A 2426 92.50 -33.85 -3.63
CA TYR A 2426 92.02 -35.24 -3.90
C TYR A 2426 92.38 -36.26 -2.79
N LEU A 2427 93.52 -36.08 -2.10
CA LEU A 2427 93.90 -36.97 -0.98
C LEU A 2427 93.07 -36.68 0.31
N CYS A 2428 92.79 -35.39 0.57
CA CYS A 2428 91.96 -34.96 1.70
C CYS A 2428 90.48 -35.42 1.58
N THR A 2429 89.94 -35.37 0.36
CA THR A 2429 88.54 -35.75 0.08
C THR A 2429 88.23 -37.25 0.29
N ALA A 2430 89.24 -38.11 0.10
CA ALA A 2430 89.05 -39.59 0.11
C ALA A 2430 88.77 -40.25 1.49
N VAL A 2431 89.02 -39.53 2.58
CA VAL A 2431 88.87 -40.06 3.97
C VAL A 2431 87.38 -40.28 4.38
N LEU A 2432 86.47 -39.45 3.86
CA LEU A 2432 85.03 -39.47 4.25
C LEU A 2432 84.22 -40.80 3.96
N PRO A 2433 84.34 -41.40 2.74
CA PRO A 2433 83.60 -42.66 2.44
C PRO A 2433 84.00 -43.93 3.25
N LEU A 2434 85.23 -43.95 3.79
CA LEU A 2434 85.87 -45.17 4.37
C LEU A 2434 85.06 -45.86 5.49
N LEU A 2435 84.39 -45.07 6.33
CA LEU A 2435 83.60 -45.58 7.46
C LEU A 2435 82.19 -45.96 7.02
N UNK A 2436 87.48 -58.15 -8.30
CA UNK A 2436 87.54 -57.72 -6.90
C UNK A 2436 88.98 -57.74 -6.33
N UNK A 2437 89.55 -58.95 -6.24
CA UNK A 2437 90.87 -59.20 -5.61
C UNK A 2437 92.03 -58.38 -6.20
N UNK A 2438 92.17 -58.49 -7.53
CA UNK A 2438 93.32 -57.91 -8.28
C UNK A 2438 93.35 -56.36 -8.26
N UNK A 2439 92.16 -55.74 -8.25
CA UNK A 2439 92.01 -54.27 -8.08
C UNK A 2439 92.53 -53.78 -6.70
N UNK A 2440 92.27 -54.58 -5.66
CA UNK A 2440 92.81 -54.33 -4.29
C UNK A 2440 94.36 -54.46 -4.23
N UNK A 2441 94.90 -55.39 -5.04
CA UNK A 2441 96.37 -55.53 -5.24
C UNK A 2441 97.02 -54.30 -5.95
N UNK A 2442 96.24 -53.66 -6.84
CA UNK A 2442 96.67 -52.44 -7.56
C UNK A 2442 96.74 -51.20 -6.65
N UNK A 2443 95.67 -50.98 -5.86
CA UNK A 2443 95.60 -49.87 -4.88
C UNK A 2443 96.66 -50.04 -3.76
N UNK A 2444 96.93 -51.29 -3.35
CA UNK A 2444 98.03 -51.61 -2.41
C UNK A 2444 99.43 -51.30 -2.98
N UNK A 2445 99.63 -51.52 -4.29
CA UNK A 2445 100.86 -51.13 -5.01
C UNK A 2445 101.05 -49.58 -5.09
N UNK A 2446 99.92 -48.86 -5.20
CA UNK A 2446 99.89 -47.38 -5.25
C UNK A 2446 100.21 -46.73 -3.89
N UNK A 2447 99.54 -47.21 -2.83
CA UNK A 2447 99.78 -46.76 -1.44
C UNK A 2447 101.20 -47.13 -0.95
N UNK A 2448 101.72 -48.28 -1.39
CA UNK A 2448 103.13 -48.68 -1.13
C UNK A 2448 104.14 -47.75 -1.82
N UNK A 2449 103.79 -47.25 -3.01
CA UNK A 2449 104.59 -46.22 -3.72
C UNK A 2449 104.58 -44.85 -2.96
N UNK A 2450 103.43 -44.51 -2.36
CA UNK A 2450 103.30 -43.33 -1.50
C UNK A 2450 104.12 -43.45 -0.18
N UNK A 2451 104.24 -44.69 0.33
CA UNK A 2451 105.10 -45.00 1.49
C UNK A 2451 106.61 -44.86 1.16
N UNK A 2452 106.99 -45.26 -0.06
CA UNK A 2452 108.38 -45.08 -0.58
C UNK A 2452 108.77 -43.58 -0.73
N UNK A 2453 107.80 -42.76 -1.16
CA UNK A 2453 107.95 -41.28 -1.17
C UNK A 2453 108.03 -40.68 0.26
N UNK A 2454 107.34 -41.32 1.21
CA UNK A 2454 107.38 -40.96 2.65
C UNK A 2454 108.62 -41.49 3.42
N UNK A 2455 109.40 -42.39 2.81
CA UNK A 2455 110.59 -43.01 3.43
C UNK A 2455 111.82 -42.08 3.43
N UNK A 2456 101.04 -32.07 3.58
CA UNK A 2456 102.06 -32.92 2.97
C UNK A 2456 102.36 -34.16 3.80
N UNK A 2457 102.77 -33.93 5.06
CA UNK A 2457 103.12 -35.01 5.98
C UNK A 2457 101.88 -35.72 6.51
N UNK A 2458 100.96 -34.95 7.08
CA UNK A 2458 99.67 -35.46 7.55
C UNK A 2458 98.81 -35.93 6.37
N UNK A 2459 98.93 -35.22 5.25
CA UNK A 2459 98.38 -35.66 3.96
C UNK A 2459 98.84 -37.08 3.62
N UNK A 2460 100.14 -37.32 3.67
CA UNK A 2460 100.72 -38.64 3.40
C UNK A 2460 100.33 -39.69 4.43
N UNK A 2461 100.19 -39.28 5.68
CA UNK A 2461 99.76 -40.16 6.77
C UNK A 2461 98.33 -40.69 6.61
N UNK A 2462 97.47 -39.92 5.95
CA UNK A 2462 96.08 -40.32 5.70
C UNK A 2462 95.92 -41.51 4.74
N UNK A 2463 96.90 -41.69 3.84
CA UNK A 2463 96.87 -42.78 2.87
C UNK A 2463 96.96 -44.18 3.49
N UNK A 2464 97.68 -44.30 4.61
CA UNK A 2464 97.85 -45.58 5.31
C UNK A 2464 96.56 -46.06 5.98
N UNK A 2465 95.79 -45.14 6.56
CA UNK A 2465 94.54 -45.47 7.25
C UNK A 2465 93.44 -45.98 6.31
N UNK A 2466 93.41 -45.45 5.09
CA UNK A 2466 92.44 -45.88 4.08
C UNK A 2466 92.65 -47.32 3.61
N UNK A 2467 93.92 -47.72 3.48
CA UNK A 2467 94.28 -49.08 3.05
C UNK A 2467 93.88 -50.17 4.05
N UNK A 2468 93.93 -49.83 5.35
CA UNK A 2468 93.60 -50.79 6.42
C UNK A 2468 92.13 -51.21 6.45
N UNK A 2469 91.23 -50.27 6.14
CA UNK A 2469 89.79 -50.54 6.09
C UNK A 2469 89.42 -51.52 4.97
N UNK A 2470 90.01 -51.30 3.79
CA UNK A 2470 89.80 -52.18 2.63
C UNK A 2470 90.51 -53.53 2.76
N UNK A 2471 91.66 -53.56 3.44
CA UNK A 2471 92.44 -54.79 3.62
C UNK A 2471 91.71 -55.84 4.44
N UNK A 2472 91.08 -55.40 5.53
CA UNK A 2472 90.25 -56.27 6.37
C UNK A 2472 89.00 -56.76 5.63
N UNK A 2473 88.44 -55.91 4.77
CA UNK A 2473 87.25 -56.24 3.98
C UNK A 2473 87.49 -57.36 2.96
N UNK A 2474 88.66 -57.34 2.31
CA UNK A 2474 89.01 -58.37 1.33
C UNK A 2474 90.53 -58.47 1.14
N UNK A 2475 88.78 -60.31 -2.81
CA UNK A 2475 89.24 -61.69 -2.60
C UNK A 2475 90.78 -61.78 -2.46
N UNK A 2476 91.27 -62.97 -2.10
CA UNK A 2476 92.70 -63.18 -1.80
C UNK A 2476 93.59 -63.54 -3.03
N UNK A 2477 93.08 -64.43 -3.89
CA UNK A 2477 93.92 -65.24 -4.82
C UNK A 2477 94.62 -64.45 -5.94
N UNK A 2478 93.89 -63.50 -6.56
CA UNK A 2478 94.46 -62.61 -7.60
C UNK A 2478 95.50 -61.62 -7.02
N UNK A 2479 95.42 -61.35 -5.71
CA UNK A 2479 96.41 -60.56 -4.96
C UNK A 2479 97.65 -61.35 -4.45
N UNK A 2480 97.81 -62.61 -4.88
CA UNK A 2480 98.92 -63.51 -4.44
C UNK A 2480 100.29 -63.19 -5.12
N UNK A 2481 100.27 -62.85 -6.41
CA UNK A 2481 101.49 -62.43 -7.15
C UNK A 2481 102.08 -61.12 -6.59
N UNK A 2482 101.19 -60.21 -6.17
CA UNK A 2482 101.57 -58.95 -5.48
C UNK A 2482 101.84 -59.14 -3.96
N UNK A 2483 101.47 -60.31 -3.41
CA UNK A 2483 101.90 -60.75 -2.06
C UNK A 2483 103.36 -61.25 -2.06
N UNK A 2484 103.73 -62.04 -3.07
CA UNK A 2484 105.14 -62.43 -3.32
C UNK A 2484 106.02 -61.20 -3.67
N UNK A 2485 105.46 -60.25 -4.41
CA UNK A 2485 106.10 -58.93 -4.68
C UNK A 2485 106.22 -58.05 -3.40
N UNK A 2486 105.29 -58.24 -2.46
CA UNK A 2486 105.29 -57.54 -1.15
C UNK A 2486 106.39 -58.05 -0.18
N UNK A 2487 106.55 -59.38 -0.07
CA UNK A 2487 107.64 -59.99 0.70
C UNK A 2487 109.04 -59.70 0.09
N UNK A 2488 109.10 -59.61 -1.25
CA UNK A 2488 110.31 -59.16 -1.98
C UNK A 2488 110.67 -57.69 -1.64
N UNK A 2489 109.63 -56.85 -1.46
CA UNK A 2489 109.78 -55.46 -0.98
C UNK A 2489 110.30 -55.38 0.49
N UNK A 2490 109.91 -56.34 1.32
CA UNK A 2490 110.49 -56.51 2.69
C UNK A 2490 111.98 -56.92 2.66
N UNK A 2491 112.37 -57.69 1.64
CA UNK A 2491 113.79 -58.04 1.38
C UNK A 2491 114.63 -56.84 0.86
N UNK A 2492 113.97 -55.87 0.21
CA UNK A 2492 114.63 -54.64 -0.31
C UNK A 2492 115.27 -53.74 0.77
N UNK A 2493 114.65 -53.69 1.96
CA UNK A 2493 115.14 -52.88 3.10
C UNK A 2493 116.03 -53.70 4.04
N UNK A 2494 115.55 -54.88 4.41
CA UNK A 2494 116.31 -55.79 5.28
C UNK A 2494 115.91 -57.23 5.02
N UNK A 2495 112.20 -45.12 6.23
CA UNK A 2495 112.35 -46.47 6.77
C UNK A 2495 111.31 -46.78 7.87
N UNK A 2496 111.11 -45.83 8.79
CA UNK A 2496 110.10 -45.96 9.88
C UNK A 2496 108.65 -46.05 9.36
N UNK A 2497 108.37 -45.38 8.24
CA UNK A 2497 107.08 -45.51 7.51
C UNK A 2497 106.89 -46.93 6.92
N UNK A 2498 107.99 -47.56 6.47
CA UNK A 2498 107.99 -48.98 6.03
C UNK A 2498 107.75 -49.97 7.20
N UNK A 2499 108.24 -49.62 8.41
CA UNK A 2499 107.92 -50.37 9.64
C UNK A 2499 106.42 -50.28 10.02
N UNK A 2500 105.81 -49.11 9.79
CA UNK A 2500 104.34 -48.92 9.93
C UNK A 2500 103.54 -49.77 8.91
N UNK A 2501 104.10 -49.94 7.71
CA UNK A 2501 103.56 -50.86 6.67
C UNK A 2501 103.66 -52.35 7.09
N UNK A 2502 104.68 -52.70 7.88
CA UNK A 2502 104.88 -54.06 8.43
C UNK A 2502 103.88 -54.43 9.55
N UNK A 2503 103.69 -53.51 10.52
CA UNK A 2503 102.67 -53.67 11.59
C UNK A 2503 101.23 -53.70 11.02
N UNK A 2504 100.98 -52.89 9.98
CA UNK A 2504 99.70 -52.91 9.24
C UNK A 2504 99.48 -54.25 8.49
N UNK A 2505 100.58 -54.83 8.01
CA UNK A 2505 100.59 -56.14 7.30
C UNK A 2505 100.47 -57.36 8.25
N UNK A 2506 101.24 -57.34 9.34
CA UNK A 2506 101.20 -58.38 10.39
C UNK A 2506 99.84 -58.45 11.11
N UNK A 2507 99.16 -57.30 11.26
CA UNK A 2507 97.76 -57.25 11.79
C UNK A 2507 96.75 -57.92 10.83
N UNK A 2508 96.96 -57.72 9.52
CA UNK A 2508 96.15 -58.37 8.46
C UNK A 2508 96.37 -59.90 8.39
N UNK A 2509 97.60 -60.35 8.74
CA UNK A 2509 97.97 -61.79 8.77
C UNK A 2509 97.42 -62.54 10.01
N UNK A 2510 97.49 -61.91 11.19
CA UNK A 2510 96.88 -62.46 12.43
C UNK A 2510 95.35 -62.54 12.32
N UNK A 2511 94.74 -61.53 11.67
CA UNK A 2511 93.30 -61.54 11.33
C UNK A 2511 92.94 -62.64 10.29
N UNK A 2512 93.86 -62.92 9.36
CA UNK A 2512 93.72 -64.06 8.41
C UNK A 2512 93.78 -65.43 9.14
N UNK A 2513 94.57 -65.52 10.22
CA UNK A 2513 94.53 -66.69 11.14
C UNK A 2513 93.18 -66.79 11.88
N UNK A 2514 92.59 -65.64 12.23
CA UNK A 2514 91.20 -65.55 12.76
C UNK A 2514 90.13 -65.89 11.68
N UNK A 2515 90.42 -65.56 10.41
CA UNK A 2515 89.58 -65.94 9.25
C UNK A 2515 89.71 -67.42 8.81
N UNK A 2516 90.76 -68.12 9.30
CA UNK A 2516 90.99 -69.54 8.97
C UNK A 2516 90.89 -70.44 10.20
N UNK A 2517 91.82 -70.26 11.14
CA UNK A 2517 91.87 -71.07 12.36
C UNK A 2517 91.19 -70.36 13.52
N UNK A 2518 102.34 -72.20 -2.43
CA UNK A 2518 103.57 -71.48 -2.80
C UNK A 2518 103.60 -70.08 -2.18
N UNK A 2519 102.47 -69.36 -2.27
CA UNK A 2519 102.31 -68.01 -1.67
C UNK A 2519 102.46 -68.00 -0.12
N UNK A 2520 102.06 -69.11 0.53
CA UNK A 2520 102.33 -69.35 1.97
C UNK A 2520 103.85 -69.41 2.30
N UNK A 2521 104.62 -70.05 1.41
CA UNK A 2521 106.09 -70.07 1.49
C UNK A 2521 106.71 -68.66 1.32
N UNK A 2522 106.07 -67.83 0.48
CA UNK A 2522 106.43 -66.39 0.32
C UNK A 2522 106.16 -65.57 1.61
N UNK A 2523 105.10 -65.92 2.35
CA UNK A 2523 104.82 -65.33 3.70
C UNK A 2523 105.91 -65.71 4.73
N UNK A 2524 106.42 -66.94 4.64
CA UNK A 2524 107.60 -67.39 5.44
C UNK A 2524 108.89 -66.61 5.08
N UNK A 2525 109.01 -66.24 3.79
CA UNK A 2525 110.09 -65.33 3.32
C UNK A 2525 109.97 -63.89 3.86
N UNK A 2526 108.71 -63.45 4.12
CA UNK A 2526 108.42 -62.13 4.72
C UNK A 2526 108.80 -62.04 6.23
N UNK A 2527 108.42 -63.06 7.01
CA UNK A 2527 108.82 -63.18 8.43
C UNK A 2527 110.35 -63.29 8.61
N UNK A 2528 110.98 -64.05 7.70
CA UNK A 2528 112.45 -64.18 7.61
C UNK A 2528 113.15 -62.83 7.27
N UNK A 2529 112.49 -61.99 6.45
CA UNK A 2529 112.95 -60.61 6.15
C UNK A 2529 112.87 -59.68 7.39
N UNK A 2530 111.85 -59.88 8.22
CA UNK A 2530 111.74 -59.18 9.53
C UNK A 2530 112.88 -59.59 10.50
N UNK A 2531 113.27 -60.87 10.46
CA UNK A 2531 114.47 -61.37 11.19
C UNK A 2531 115.78 -60.72 10.68
N UNK A 2532 115.84 -60.45 9.36
CA UNK A 2532 116.95 -59.69 8.75
C UNK A 2532 117.02 -58.21 9.25
N UNK A 2533 115.86 -57.60 9.51
CA UNK A 2533 115.80 -56.28 10.13
C UNK A 2533 116.24 -56.27 11.62
N UNK A 2534 115.96 -57.37 12.34
CA UNK A 2534 115.92 -57.37 13.83
C UNK A 2534 117.28 -57.46 14.56
N UNK A 2535 118.26 -58.15 13.97
CA UNK A 2535 119.44 -58.67 14.72
C UNK A 2535 120.51 -57.61 15.13
N UNK A 2536 120.59 -56.49 14.41
CA UNK A 2536 121.72 -55.55 14.53
C UNK A 2536 121.89 -54.89 15.91
N UNK A 2537 120.80 -54.30 16.41
CA UNK A 2537 120.84 -53.49 17.63
C UNK A 2537 121.25 -54.28 18.86
N UNK A 2538 110.55 -46.48 20.39
CA UNK A 2538 109.24 -47.12 20.55
C UNK A 2538 108.82 -47.87 19.27
N UNK A 2539 108.96 -47.20 18.12
CA UNK A 2539 108.66 -47.78 16.79
C UNK A 2539 109.59 -48.96 16.41
N UNK A 2540 110.79 -48.99 17.00
CA UNK A 2540 111.76 -50.12 16.85
C UNK A 2540 111.29 -51.40 17.58
N UNK A 2541 110.84 -51.26 18.84
CA UNK A 2541 110.24 -52.37 19.62
C UNK A 2541 108.92 -52.88 18.98
N UNK A 2542 108.12 -51.96 18.42
CA UNK A 2542 106.91 -52.31 17.63
C UNK A 2542 107.25 -53.08 16.33
N UNK A 2543 108.40 -52.78 15.72
CA UNK A 2543 108.95 -53.53 14.57
C UNK A 2543 109.42 -54.97 14.95
N UNK A 2544 109.88 -55.15 16.20
CA UNK A 2544 110.26 -56.48 16.74
C UNK A 2544 109.03 -57.39 16.99
N UNK A 2545 107.99 -56.83 17.64
CA UNK A 2545 106.71 -57.54 17.86
C UNK A 2545 105.98 -57.90 16.55
N UNK A 2546 106.06 -57.00 15.55
CA UNK A 2546 105.54 -57.26 14.18
C UNK A 2546 106.29 -58.41 13.45
N UNK A 2547 107.61 -58.52 13.70
CA UNK A 2547 108.44 -59.65 13.21
C UNK A 2547 108.01 -61.02 13.80
N UNK A 2548 107.68 -61.01 15.10
CA UNK A 2548 107.14 -62.20 15.80
C UNK A 2548 105.74 -62.63 15.28
N UNK A 2549 104.89 -61.63 14.98
CA UNK A 2549 103.55 -61.86 14.38
C UNK A 2549 103.62 -62.47 12.96
N UNK A 2550 104.67 -62.10 12.19
CA UNK A 2550 104.94 -62.68 10.85
C UNK A 2550 105.38 -64.16 10.92
N UNK A 2551 106.23 -64.48 11.90
CA UNK A 2551 106.67 -65.87 12.17
C UNK A 2551 105.50 -66.77 12.66
N UNK A 2552 104.57 -66.18 13.42
CA UNK A 2552 103.32 -66.86 13.87
C UNK A 2552 102.33 -67.13 12.71
N UNK A 2553 102.23 -66.19 11.76
CA UNK A 2553 101.37 -66.37 10.55
C UNK A 2553 101.89 -67.48 9.61
N UNK A 2554 103.22 -67.59 9.46
CA UNK A 2554 103.87 -68.71 8.73
C UNK A 2554 103.70 -70.08 9.47
N UNK A 2555 103.67 -70.04 10.81
CA UNK A 2555 103.34 -71.21 11.65
C UNK A 2555 101.86 -71.69 11.45
N UNK A 2556 100.95 -70.75 11.18
CA UNK A 2556 99.58 -71.07 10.71
C UNK A 2556 99.55 -71.61 9.26
N UNK A 2557 100.53 -71.19 8.45
CA UNK A 2557 100.72 -71.68 7.05
C UNK A 2557 101.37 -73.09 6.93
N UNK A 2558 101.88 -73.63 8.05
CA UNK A 2558 102.27 -75.06 8.15
C UNK A 2558 101.06 -76.01 8.04
N UNK A 2559 99.91 -75.58 8.59
CA UNK A 2559 98.67 -76.34 8.50
C UNK A 2559 98.04 -76.17 7.12
N PHE A 2560 101.56 -40.03 -13.09
CA PHE A 2560 101.98 -41.33 -13.61
C PHE A 2560 103.03 -41.16 -14.72
N ASN A 2561 104.11 -41.96 -14.66
CA ASN A 2561 105.19 -41.95 -15.65
C ASN A 2561 105.77 -43.38 -15.82
N PRO A 2562 105.26 -44.17 -16.80
CA PRO A 2562 105.67 -45.59 -16.97
C PRO A 2562 107.08 -45.81 -17.58
N GLN A 2563 107.63 -47.02 -17.40
CA GLN A 2563 108.96 -47.41 -17.90
C GLN A 2563 108.97 -48.85 -18.48
N PRO A 2564 108.65 -49.00 -19.80
CA PRO A 2564 108.88 -50.30 -20.49
C PRO A 2564 110.35 -50.75 -20.51
N VAL A 2565 110.59 -52.07 -20.48
CA VAL A 2565 111.96 -52.65 -20.44
C VAL A 2565 112.68 -52.41 -21.80
N ASP A 2566 113.99 -52.14 -21.74
CA ASP A 2566 114.76 -51.69 -22.90
C ASP A 2566 114.94 -52.80 -23.95
N THR A 2567 114.83 -52.43 -25.23
CA THR A 2567 114.89 -53.37 -26.36
C THR A 2567 116.08 -52.98 -27.24
N SER A 2568 117.26 -53.48 -26.84
CA SER A 2568 118.52 -53.12 -27.51
C SER A 2568 119.63 -54.18 -27.35
N ASN A 2569 120.08 -54.39 -26.11
CA ASN A 2569 121.31 -55.18 -25.83
C ASN A 2569 121.12 -56.68 -25.52
N ILE A 2570 119.97 -57.25 -25.88
CA ILE A 2570 119.66 -58.67 -25.60
C ILE A 2570 119.41 -59.47 -26.90
N ILE A 2571 120.30 -60.43 -27.20
CA ILE A 2571 120.24 -61.28 -28.41
C ILE A 2571 119.52 -62.62 -28.10
N ILE A 2572 118.60 -63.03 -28.97
CA ILE A 2572 117.78 -64.27 -28.80
C ILE A 2572 118.60 -65.57 -29.07
N PRO A 2573 118.59 -66.57 -28.13
CA PRO A 2573 119.22 -67.89 -28.38
C PRO A 2573 118.50 -68.79 -29.44
N GLU A 2574 119.27 -69.74 -29.97
CA GLU A 2574 118.86 -70.64 -31.09
C GLU A 2574 117.65 -71.55 -30.79
N LYS A 2575 117.48 -71.97 -29.54
CA LYS A 2575 116.35 -72.87 -29.13
C LYS A 2575 114.94 -72.23 -29.32
N LEU A 2576 114.88 -70.91 -29.23
CA LEU A 2576 113.63 -70.15 -29.49
C LEU A 2576 113.21 -70.06 -30.99
N GLU A 2577 114.14 -70.28 -31.93
CA GLU A 2577 113.87 -70.12 -33.38
C GLU A 2577 112.88 -71.16 -33.99
N TYR A 2578 112.88 -72.39 -33.47
CA TYR A 2578 111.89 -73.43 -33.88
C TYR A 2578 110.44 -73.07 -33.43
N PHE A 2579 110.34 -72.37 -32.28
CA PHE A 2579 109.07 -71.76 -31.78
C PHE A 2579 108.63 -70.54 -32.65
N ILE A 2580 109.61 -69.75 -33.14
CA ILE A 2580 109.35 -68.62 -34.08
C ILE A 2580 108.70 -69.16 -35.40
N ASN A 2581 109.13 -70.35 -35.85
CA ASN A 2581 108.56 -70.98 -37.06
C ASN A 2581 107.08 -71.40 -36.86
N LYS A 2582 106.78 -71.99 -35.69
CA LYS A 2582 105.46 -72.61 -35.42
C LYS A 2582 104.40 -71.59 -34.92
N TYR A 2583 104.78 -70.70 -34.01
CA TYR A 2583 103.86 -69.63 -33.54
C TYR A 2583 103.63 -68.51 -34.59
N ALA A 2584 104.54 -68.34 -35.56
CA ALA A 2584 104.29 -67.45 -36.73
C ALA A 2584 103.36 -68.10 -37.79
N GLU A 2585 103.56 -69.40 -38.07
CA GLU A 2585 102.59 -70.25 -38.82
C GLU A 2585 101.13 -70.10 -38.29
N HIS A 2586 100.99 -70.22 -36.96
CA HIS A 2586 99.70 -70.06 -36.27
C HIS A 2586 99.19 -68.60 -36.27
N SER A 2587 100.10 -67.62 -36.19
CA SER A 2587 99.72 -66.19 -36.23
C SER A 2587 99.13 -65.78 -37.59
N HIS A 2588 99.67 -66.36 -38.67
CA HIS A 2588 99.08 -66.24 -40.02
C HIS A 2588 97.74 -67.02 -40.17
N ASP A 2589 97.62 -68.16 -39.47
CA ASP A 2589 96.34 -68.92 -39.43
C ASP A 2589 95.18 -68.14 -38.75
N LYS A 2590 95.50 -67.32 -37.73
CA LYS A 2590 94.52 -66.42 -37.05
C LYS A 2590 94.03 -65.27 -37.95
N TRP A 2591 95.00 -64.54 -38.52
CA TRP A 2591 94.74 -63.36 -39.39
C TRP A 2591 94.04 -63.72 -40.73
N SER A 2592 94.30 -64.94 -41.22
CA SER A 2592 93.64 -65.49 -42.43
C SER A 2592 92.23 -66.08 -42.19
N MET A 2593 92.08 -66.91 -41.13
CA MET A 2593 90.76 -67.53 -40.82
C MET A 2593 89.67 -66.54 -40.35
N ASP A 2594 90.08 -65.45 -39.67
CA ASP A 2594 89.16 -64.36 -39.27
C ASP A 2594 88.59 -63.60 -40.49
N LYS A 2595 89.39 -63.49 -41.57
CA LYS A 2595 88.94 -62.91 -42.83
C LYS A 2595 87.98 -63.84 -43.60
N LEU A 2596 88.20 -65.16 -43.50
CA LEU A 2596 87.29 -66.17 -44.11
C LEU A 2596 85.85 -66.17 -43.56
N ALA A 2597 85.66 -65.65 -42.34
CA ALA A 2597 84.32 -65.47 -41.76
C ALA A 2597 83.49 -64.48 -42.58
N ASN A 2598 84.11 -63.35 -42.94
CA ASN A 2598 83.52 -62.39 -43.89
C ASN A 2598 83.72 -62.91 -45.33
N GLY A 2599 83.11 -62.22 -46.30
CA GLY A 2599 83.18 -62.63 -47.70
C GLY A 2599 84.48 -62.28 -48.42
N TRP A 2600 85.57 -62.93 -48.00
CA TRP A 2600 86.91 -62.70 -48.54
C TRP A 2600 87.49 -64.05 -49.01
N ILE A 2601 87.45 -64.31 -50.32
CA ILE A 2601 87.96 -65.57 -50.93
C ILE A 2601 89.13 -65.28 -51.89
N TYR A 2602 89.79 -66.33 -52.39
CA TYR A 2602 91.11 -66.22 -53.04
C TYR A 2602 91.11 -65.52 -54.42
N GLY A 2603 92.23 -64.83 -54.74
CA GLY A 2603 92.41 -64.08 -55.99
C GLY A 2603 93.86 -63.95 -56.44
N GLU A 2604 94.37 -62.70 -56.59
CA GLU A 2604 95.75 -62.44 -57.07
C GLU A 2604 96.44 -61.11 -56.61
N ILE A 2605 95.78 -59.95 -56.74
CA ILE A 2605 96.42 -58.61 -56.54
C ILE A 2605 95.79 -57.67 -55.45
N TYR A 2606 96.47 -56.58 -55.10
CA TYR A 2606 96.14 -55.67 -53.96
C TYR A 2606 95.11 -54.56 -54.32
N SER A 2607 93.97 -54.49 -53.61
CA SER A 2607 92.91 -53.48 -53.86
C SER A 2607 91.90 -53.32 -52.68
N ASP A 2608 90.72 -52.72 -52.94
CA ASP A 2608 89.66 -52.55 -51.92
C ASP A 2608 88.21 -52.50 -52.50
N SER A 2609 87.96 -53.27 -53.57
CA SER A 2609 86.65 -53.26 -54.27
C SER A 2609 85.78 -54.50 -53.96
N SER A 2610 86.20 -55.67 -54.45
CA SER A 2610 85.46 -56.93 -54.30
C SER A 2610 85.91 -57.79 -53.09
N LYS A 2611 86.76 -57.23 -52.23
CA LYS A 2611 87.19 -57.83 -50.96
C LYS A 2611 88.07 -59.10 -51.10
N ILE A 2612 89.37 -58.88 -51.34
CA ILE A 2612 90.41 -59.93 -51.46
C ILE A 2612 91.69 -59.44 -50.71
N GLN A 2613 92.67 -60.31 -50.46
CA GLN A 2613 93.98 -59.93 -49.87
C GLN A 2613 95.14 -60.85 -50.35
N PRO A 2614 96.31 -60.29 -50.83
CA PRO A 2614 97.47 -61.11 -51.32
C PRO A 2614 98.27 -61.94 -50.27
N LEU A 2615 98.23 -61.50 -49.01
CA LEU A 2615 98.97 -62.13 -47.90
C LEU A 2615 98.46 -63.55 -47.57
N MET A 2616 97.15 -63.79 -47.75
CA MET A 2616 96.51 -65.09 -47.42
C MET A 2616 96.94 -66.27 -48.33
N LYS A 2617 98.15 -66.78 -48.08
CA LYS A 2617 98.59 -68.11 -48.55
C LYS A 2617 99.44 -68.85 -47.47
N PRO A 2618 99.65 -70.20 -47.60
CA PRO A 2618 100.46 -70.98 -46.62
C PRO A 2618 101.91 -70.47 -46.34
N TYR A 2619 102.42 -70.81 -45.14
CA TYR A 2619 103.64 -70.22 -44.55
C TYR A 2619 104.93 -70.22 -45.39
N LYS A 2620 105.09 -71.20 -46.29
CA LYS A 2620 106.39 -71.42 -46.99
C LYS A 2620 106.57 -70.84 -48.42
N LEU A 2621 105.66 -69.96 -48.88
CA LEU A 2621 105.74 -69.34 -50.23
C LEU A 2621 105.97 -67.81 -50.30
N LEU A 2622 105.43 -67.05 -49.34
CA LEU A 2622 105.56 -65.58 -49.31
C LEU A 2622 107.00 -65.07 -49.03
N SER A 2623 107.21 -63.75 -49.19
CA SER A 2623 108.48 -63.08 -48.87
C SER A 2623 108.63 -62.82 -47.34
N GLU A 2624 109.87 -62.80 -46.84
CA GLU A 2624 110.20 -62.60 -45.39
C GLU A 2624 109.65 -61.26 -44.82
N LYS A 2625 109.52 -60.22 -45.66
CA LYS A 2625 108.88 -58.91 -45.32
C LYS A 2625 107.42 -59.06 -44.80
N GLU A 2626 106.63 -59.93 -45.46
CA GLU A 2626 105.25 -60.21 -45.04
C GLU A 2626 105.18 -61.06 -43.73
N LYS A 2627 106.23 -61.86 -43.44
CA LYS A 2627 106.39 -62.57 -42.13
C LYS A 2627 106.54 -61.60 -40.91
N GLU A 2628 107.14 -60.42 -41.13
CA GLU A 2628 107.56 -59.49 -40.04
C GLU A 2628 106.39 -58.83 -39.25
N ILE A 2629 105.22 -58.66 -39.92
CA ILE A 2629 103.99 -58.08 -39.31
C ILE A 2629 103.48 -58.90 -38.09
N TYR A 2630 103.68 -60.23 -38.14
CA TYR A 2630 103.30 -61.14 -37.04
C TYR A 2630 104.49 -61.58 -36.13
N ARG A 2631 105.72 -61.64 -36.68
CA ARG A 2631 106.97 -61.91 -35.89
C ARG A 2631 107.27 -60.85 -34.77
N TRP A 2632 106.99 -59.56 -35.04
CA TRP A 2632 107.41 -58.43 -34.14
C TRP A 2632 106.88 -58.51 -32.67
N PRO A 2633 105.53 -58.65 -32.46
CA PRO A 2633 105.06 -58.89 -31.07
C PRO A 2633 105.61 -60.18 -30.41
N ILE A 2634 105.86 -61.23 -31.22
CA ILE A 2634 106.39 -62.53 -30.74
C ILE A 2634 107.84 -62.39 -30.22
N LYS A 2635 108.68 -61.71 -31.01
CA LYS A 2635 110.10 -61.43 -30.64
C LYS A 2635 110.20 -60.49 -29.40
N GLU A 2636 109.28 -59.51 -29.31
CA GLU A 2636 109.14 -58.63 -28.12
C GLU A 2636 108.76 -59.41 -26.82
N SER A 2637 107.97 -60.49 -26.97
CA SER A 2637 107.56 -61.37 -25.85
C SER A 2637 108.71 -62.23 -25.30
N LEU A 2638 109.44 -62.90 -26.20
CA LEU A 2638 110.59 -63.74 -25.82
C LEU A 2638 111.77 -62.90 -25.24
N LYS A 2639 111.96 -61.69 -25.76
CA LYS A 2639 112.90 -60.71 -25.18
C LYS A 2639 112.44 -60.17 -23.79
N THR A 2640 111.11 -60.08 -23.59
CA THR A 2640 110.52 -59.74 -22.27
C THR A 2640 110.78 -60.83 -21.18
N MET A 2641 110.85 -62.10 -21.59
CA MET A 2641 111.17 -63.22 -20.68
C MET A 2641 112.69 -63.31 -20.34
N LEU A 2642 113.53 -63.18 -21.37
CA LEU A 2642 115.00 -63.25 -21.20
C LEU A 2642 115.63 -62.04 -20.46
N ALA A 2643 115.05 -60.83 -20.63
CA ALA A 2643 115.45 -59.64 -19.83
C ALA A 2643 115.09 -59.79 -18.32
N TRP A 2644 113.96 -60.47 -18.06
CA TRP A 2644 113.57 -60.92 -16.70
C TRP A 2644 114.17 -62.30 -16.32
N GLY A 2645 114.90 -62.92 -17.26
CA GLY A 2645 115.72 -64.12 -17.02
C GLY A 2645 114.94 -65.38 -16.67
N TRP A 2646 113.70 -65.49 -17.18
CA TRP A 2646 112.86 -66.69 -16.97
C TRP A 2646 113.37 -67.90 -17.80
N ARG A 2647 113.34 -69.10 -17.21
CA ARG A 2647 113.75 -70.35 -17.93
C ARG A 2647 112.74 -70.78 -19.00
N ILE A 2648 113.25 -71.17 -20.18
CA ILE A 2648 112.47 -71.71 -21.32
C ILE A 2648 113.24 -72.94 -21.85
N GLU A 2649 112.88 -74.14 -21.36
CA GLU A 2649 113.58 -75.38 -21.71
C GLU A 2649 112.68 -76.38 -22.51
N ARG A 2650 113.31 -77.15 -23.41
CA ARG A 2650 112.61 -78.21 -24.17
C ARG A 2650 112.36 -79.44 -23.25
N THR A 2651 111.13 -79.97 -23.28
CA THR A 2651 110.74 -81.14 -22.47
C THR A 2651 110.03 -82.18 -23.36
N ARG A 2652 110.19 -83.46 -23.02
CA ARG A 2652 109.84 -84.58 -23.92
C ARG A 2652 108.34 -84.92 -24.05
N GLU A 2653 107.54 -84.65 -23.02
CA GLU A 2653 106.09 -85.01 -23.01
C GLU A 2653 105.13 -83.89 -23.46
N GLY A 2654 105.66 -82.88 -24.16
CA GLY A 2654 104.95 -81.61 -24.37
C GLY A 2654 104.23 -81.37 -25.69
N ASP A 2655 104.83 -81.76 -26.81
CA ASP A 2655 104.31 -81.39 -28.16
C ASP A 2655 102.93 -82.00 -28.49
N SER A 2656 101.89 -81.40 -27.90
CA SER A 2656 100.51 -81.86 -28.05
C SER A 2656 99.73 -81.13 -29.15
N MET A 2657 100.39 -80.23 -29.90
CA MET A 2657 99.76 -79.64 -31.09
C MET A 2657 99.62 -80.68 -32.20
N ALA A 2658 100.51 -81.66 -32.23
CA ALA A 2658 100.42 -82.81 -33.12
C ALA A 2658 99.22 -83.72 -32.79
N LEU A 2659 98.87 -83.83 -31.52
CA LEU A 2659 97.70 -84.62 -31.08
C LEU A 2659 96.35 -84.08 -31.59
N TYR A 2660 96.27 -82.77 -31.88
CA TYR A 2660 95.08 -82.18 -32.51
C TYR A 2660 94.93 -82.70 -33.95
N ASN A 2661 93.99 -83.63 -34.15
CA ASN A 2661 93.75 -84.23 -35.46
C ASN A 2661 92.97 -83.27 -36.36
N ALA A 2676 87.69 -71.64 -50.46
CA ALA A 2676 89.08 -71.97 -50.21
C ALA A 2676 89.80 -72.42 -51.50
N ALA A 2677 91.13 -72.44 -51.45
CA ALA A 2677 91.96 -72.83 -52.60
C ALA A 2677 93.40 -73.21 -52.22
N HIS A 2678 94.12 -73.82 -53.16
CA HIS A 2678 95.51 -74.30 -52.99
C HIS A 2678 95.71 -75.32 -51.83
N GLY A 2679 94.66 -76.06 -51.50
CA GLY A 2679 94.71 -77.04 -50.41
C GLY A 2679 94.98 -76.47 -49.03
N TYR A 2680 94.56 -75.22 -48.81
CA TYR A 2680 94.84 -74.53 -47.55
C TYR A 2680 93.82 -74.94 -46.49
N SER A 2681 94.29 -75.78 -45.55
CA SER A 2681 93.50 -76.21 -44.41
C SER A 2681 94.11 -75.62 -43.14
N PRO A 2682 93.78 -74.35 -42.82
CA PRO A 2682 94.23 -73.80 -41.55
C PRO A 2682 93.42 -74.38 -40.40
N ARG A 2683 94.06 -75.17 -39.54
CA ARG A 2683 93.38 -75.78 -38.39
C ARG A 2683 93.35 -74.78 -37.23
N ALA A 2684 92.14 -74.43 -36.79
CA ALA A 2684 91.95 -73.61 -35.60
C ALA A 2684 92.18 -74.49 -34.37
N ILE A 2685 93.32 -74.29 -33.70
CA ILE A 2685 93.59 -74.94 -32.41
C ILE A 2685 92.54 -74.42 -31.42
N ASP A 2686 91.87 -75.32 -30.70
CA ASP A 2686 90.79 -74.94 -29.80
C ASP A 2686 91.41 -74.13 -28.65
N MET A 2687 91.10 -72.83 -28.61
CA MET A 2687 91.84 -71.86 -27.78
C MET A 2687 91.63 -72.03 -26.28
N SER A 2688 90.50 -72.61 -25.87
CA SER A 2688 90.16 -72.77 -24.45
C SER A 2688 90.59 -74.10 -23.80
N ASN A 2689 91.25 -74.98 -24.56
CA ASN A 2689 91.62 -76.32 -24.08
C ASN A 2689 92.82 -76.38 -23.11
N VAL A 2690 93.73 -75.40 -23.19
CA VAL A 2690 95.04 -75.46 -22.49
C VAL A 2690 94.98 -74.76 -21.11
N THR A 2691 95.64 -75.35 -20.10
CA THR A 2691 95.56 -74.93 -18.69
C THR A 2691 96.90 -74.42 -18.08
N LEU A 2692 96.99 -73.10 -17.84
CA LEU A 2692 98.13 -72.49 -17.14
C LEU A 2692 98.06 -72.79 -15.62
N SER A 2693 99.21 -73.13 -15.01
CA SER A 2693 99.35 -73.17 -13.54
C SER A 2693 99.41 -71.72 -12.96
N ARG A 2694 99.11 -71.56 -11.66
CA ARG A 2694 99.12 -70.23 -10.96
C ARG A 2694 100.46 -69.45 -11.14
N ASP A 2695 101.57 -70.20 -11.22
CA ASP A 2695 102.89 -69.66 -11.62
C ASP A 2695 102.87 -69.08 -13.05
N LEU A 2696 102.44 -69.91 -14.02
CA LEU A 2696 102.30 -69.50 -15.44
C LEU A 2696 101.21 -68.41 -15.68
N HIS A 2697 100.13 -68.41 -14.89
CA HIS A 2697 99.11 -67.34 -14.96
C HIS A 2697 99.63 -66.00 -14.41
N ALA A 2698 100.50 -66.03 -13.40
CA ALA A 2698 101.26 -64.84 -12.93
C ALA A 2698 102.27 -64.34 -13.98
N MET A 2699 102.87 -65.27 -14.73
CA MET A 2699 103.79 -64.96 -15.86
C MET A 2699 103.05 -64.24 -17.04
N ALA A 2700 101.83 -64.70 -17.35
CA ALA A 2700 100.94 -64.01 -18.32
C ALA A 2700 100.46 -62.63 -17.81
N GLU A 2701 100.28 -62.50 -16.49
CA GLU A 2701 99.92 -61.22 -15.82
C GLU A 2701 101.02 -60.13 -15.99
N MET A 2702 102.29 -60.55 -15.91
CA MET A 2702 103.44 -59.61 -16.02
C MET A 2702 103.96 -59.36 -17.47
N MET A 2703 103.79 -60.35 -18.36
CA MET A 2703 104.01 -60.14 -19.82
C MET A 2703 102.95 -59.20 -20.44
N ALA A 2704 101.71 -59.29 -19.95
CA ALA A 2704 100.63 -58.33 -20.28
C ALA A 2704 100.89 -56.93 -19.69
N GLU A 2705 101.53 -56.87 -18.50
CA GLU A 2705 102.07 -55.58 -17.93
C GLU A 2705 103.06 -54.90 -18.92
N ASN A 2706 103.93 -55.70 -19.56
CA ASN A 2706 104.89 -55.19 -20.57
C ASN A 2706 104.24 -54.78 -21.93
N TYR A 2707 103.14 -55.44 -22.32
CA TYR A 2707 102.33 -55.01 -23.49
C TYR A 2707 101.63 -53.65 -23.27
N HIS A 2708 101.23 -53.41 -22.01
CA HIS A 2708 100.58 -52.14 -21.59
C HIS A 2708 101.57 -50.96 -21.56
N ASN A 2709 102.76 -51.16 -20.98
CA ASN A 2709 103.83 -50.11 -20.96
C ASN A 2709 104.50 -49.82 -22.34
N ILE A 2710 104.53 -50.81 -23.24
CA ILE A 2710 105.02 -50.62 -24.65
C ILE A 2710 103.99 -49.90 -25.56
N TRP A 2711 102.76 -50.41 -25.60
CA TRP A 2711 101.63 -49.80 -26.36
C TRP A 2711 101.27 -48.37 -25.86
N ALA A 2712 101.47 -48.11 -24.55
CA ALA A 2712 101.18 -46.78 -23.94
C ALA A 2712 102.37 -45.81 -23.77
N LYS A 2713 103.61 -46.22 -24.14
CA LYS A 2713 104.80 -45.32 -24.13
C LYS A 2713 104.67 -44.18 -25.17
N LYS A 2714 104.31 -44.58 -26.40
CA LYS A 2714 104.02 -43.65 -27.52
C LYS A 2714 102.84 -42.69 -27.19
N LYS A 2715 101.84 -43.21 -26.46
CA LYS A 2715 100.66 -42.43 -25.99
C LYS A 2715 100.99 -41.35 -24.91
N LYS A 2716 101.93 -41.65 -24.00
CA LYS A 2716 102.34 -40.67 -22.94
C LYS A 2716 103.31 -39.56 -23.47
N LEU A 2717 104.25 -39.94 -24.34
CA LEU A 2717 105.15 -38.97 -25.03
C LEU A 2717 104.35 -38.04 -25.99
N GLU A 2718 103.24 -38.57 -26.55
CA GLU A 2718 102.30 -37.78 -27.42
C GLU A 2718 101.42 -36.77 -26.61
N LEU A 2719 100.88 -37.19 -25.46
CA LEU A 2719 100.06 -36.30 -24.60
C LEU A 2719 100.83 -35.22 -23.80
N GLU A 2720 102.17 -35.32 -23.71
CA GLU A 2720 102.98 -34.34 -22.94
C GLU A 2720 103.24 -32.97 -23.63
N SER A 2721 102.68 -32.74 -24.82
CA SER A 2721 102.86 -31.47 -25.57
C SER A 2721 101.58 -30.90 -26.23
N LYS A 2722 101.05 -31.61 -27.24
CA LYS A 2722 99.98 -31.10 -28.16
C LYS A 2722 99.09 -29.93 -27.67
N GLY A 2723 98.17 -30.21 -26.74
CA GLY A 2723 97.19 -29.22 -26.31
C GLY A 2723 96.51 -29.56 -24.99
N GLY A 2724 95.33 -30.19 -25.08
CA GLY A 2724 94.53 -30.52 -23.90
C GLY A 2724 93.73 -31.80 -24.05
N GLY A 2725 93.65 -32.56 -22.96
CA GLY A 2725 92.94 -33.85 -22.92
C GLY A 2725 93.64 -34.86 -22.02
N ASN A 2726 92.96 -35.99 -21.78
CA ASN A 2726 93.52 -37.11 -21.03
C ASN A 2726 92.73 -38.40 -21.28
N HIS A 2727 93.45 -39.48 -21.63
CA HIS A 2727 92.83 -40.77 -22.02
C HIS A 2727 92.60 -41.71 -20.79
N PRO A 2728 91.49 -42.51 -20.77
CA PRO A 2728 91.15 -43.44 -19.64
C PRO A 2728 92.20 -44.53 -19.27
N LEU A 2729 92.85 -45.10 -20.31
CA LEU A 2729 93.92 -46.13 -20.19
C LEU A 2729 95.31 -45.63 -19.64
N LEU A 2730 95.49 -44.33 -19.41
CA LEU A 2730 96.77 -43.77 -18.87
C LEU A 2730 96.99 -44.05 -17.35
N VAL A 2731 97.10 -45.35 -17.00
CA VAL A 2731 97.22 -45.85 -15.60
C VAL A 2731 98.01 -47.20 -15.59
N PRO A 2732 98.62 -47.63 -14.43
CA PRO A 2732 99.30 -48.97 -14.38
C PRO A 2732 98.38 -50.20 -14.66
N TYR A 2733 98.94 -51.25 -15.26
CA TYR A 2733 98.19 -52.44 -15.76
C TYR A 2733 97.30 -53.14 -14.67
N ASP A 2734 97.82 -53.21 -13.43
CA ASP A 2734 97.06 -53.73 -12.26
C ASP A 2734 95.79 -52.88 -11.94
N THR A 2735 95.87 -51.56 -12.12
CA THR A 2735 94.77 -50.60 -11.83
C THR A 2735 93.53 -50.74 -12.76
N LEU A 2736 93.73 -51.30 -13.97
CA LEU A 2736 92.69 -51.41 -15.03
C LEU A 2736 91.44 -52.24 -14.62
N THR A 2737 90.25 -51.78 -15.03
CA THR A 2737 88.99 -52.56 -14.93
C THR A 2737 89.07 -53.78 -15.90
N ALA A 2738 88.35 -54.86 -15.60
CA ALA A 2738 88.37 -56.12 -16.39
C ALA A 2738 88.09 -55.96 -17.92
N LYS A 2739 87.20 -55.02 -18.27
CA LYS A 2739 86.93 -54.63 -19.68
C LYS A 2739 88.14 -53.94 -20.37
N GLU A 2740 88.87 -53.09 -19.61
CA GLU A 2740 90.12 -52.46 -20.09
C GLU A 2740 91.30 -53.48 -20.27
N LYS A 2741 91.31 -54.54 -19.44
CA LYS A 2741 92.27 -55.66 -19.57
C LYS A 2741 92.04 -56.57 -20.81
N ALA A 2742 90.85 -56.53 -21.42
CA ALA A 2742 90.40 -57.55 -22.42
C ALA A 2742 91.25 -57.75 -23.72
N LYS A 2743 91.71 -56.66 -24.36
CA LYS A 2743 92.49 -56.75 -25.62
C LYS A 2743 93.87 -57.46 -25.48
N ASP A 2744 94.68 -57.01 -24.52
CA ASP A 2744 96.07 -57.50 -24.35
C ASP A 2744 96.14 -58.92 -23.74
N ARG A 2745 95.26 -59.25 -22.76
CA ARG A 2745 95.27 -60.59 -22.09
C ARG A 2745 94.98 -61.74 -23.09
N GLU A 2746 94.03 -61.51 -24.02
CA GLU A 2746 93.71 -62.49 -25.08
C GLU A 2746 94.93 -62.76 -26.02
N LYS A 2747 95.77 -61.74 -26.19
CA LYS A 2747 97.08 -61.88 -26.90
C LYS A 2747 98.14 -62.61 -26.02
N ALA A 2748 98.21 -62.25 -24.74
CA ALA A 2748 99.16 -62.87 -23.78
C ALA A 2748 98.83 -64.36 -23.52
N GLN A 2749 97.54 -64.68 -23.32
CA GLN A 2749 97.12 -66.08 -23.10
C GLN A 2749 97.26 -66.92 -24.41
N ASP A 2750 97.16 -66.26 -25.57
CA ASP A 2750 97.48 -66.87 -26.86
C ASP A 2750 98.96 -67.31 -26.98
N ILE A 2751 99.89 -66.53 -26.42
CA ILE A 2751 101.34 -66.89 -26.53
C ILE A 2751 101.78 -68.02 -25.57
N LEU A 2752 101.50 -67.90 -24.26
CA LEU A 2752 102.01 -68.87 -23.25
C LEU A 2752 101.38 -70.30 -23.39
N LYS A 2753 100.09 -70.34 -23.74
CA LYS A 2753 99.40 -71.63 -24.04
C LYS A 2753 100.05 -72.33 -25.28
N PHE A 2754 100.45 -71.53 -26.28
CA PHE A 2754 101.16 -72.06 -27.47
C PHE A 2754 102.56 -72.62 -27.10
N LEU A 2755 103.18 -72.06 -26.05
CA LEU A 2755 104.40 -72.65 -25.44
C LEU A 2755 104.09 -74.04 -24.83
N GLN A 2756 102.98 -74.15 -24.07
CA GLN A 2756 102.57 -75.45 -23.48
C GLN A 2756 102.17 -76.53 -24.52
N ILE A 2757 101.46 -76.14 -25.60
CA ILE A 2757 101.05 -77.15 -26.62
C ILE A 2757 102.18 -77.65 -27.54
N ASN A 2758 103.18 -76.80 -27.83
CA ASN A 2758 104.39 -77.24 -28.57
C ASN A 2758 105.48 -77.78 -27.61
N GLY A 2759 105.28 -77.59 -26.29
CA GLY A 2759 106.05 -78.31 -25.25
C GLY A 2759 107.30 -77.64 -24.68
N TYR A 2760 107.28 -76.30 -24.56
CA TYR A 2760 108.36 -75.55 -23.88
C TYR A 2760 107.93 -75.26 -22.43
N ALA A 2761 108.57 -75.92 -21.46
CA ALA A 2761 108.33 -75.65 -20.02
C ALA A 2761 108.98 -74.31 -19.65
N VAL A 2762 108.21 -73.44 -18.98
CA VAL A 2762 108.69 -72.09 -18.59
C VAL A 2762 108.40 -71.81 -17.11
N SER A 2763 109.34 -71.11 -16.46
CA SER A 2763 109.26 -70.81 -15.02
C SER A 2763 110.17 -69.62 -14.59
N ARG A 2764 110.08 -69.24 -13.31
CA ARG A 2764 110.85 -68.13 -12.73
C ARG A 2764 111.83 -68.66 -11.66
N GLY A 2765 113.11 -68.27 -11.76
CA GLY A 2765 114.15 -68.74 -10.84
C GLY A 2765 114.13 -67.99 -9.53
N UNK A 2766 103.41 -78.22 6.64
CA UNK A 2766 103.65 -78.02 5.21
C UNK A 2766 105.14 -78.03 4.90
N UNK A 2767 105.48 -78.38 3.66
CA UNK A 2767 106.87 -78.35 3.19
C UNK A 2767 107.43 -76.93 3.11
N UNK A 2768 106.56 -75.96 2.82
CA UNK A 2768 106.89 -74.54 2.89
C UNK A 2768 107.32 -74.15 4.31
N UNK A 2769 106.53 -74.55 5.29
CA UNK A 2769 106.83 -74.31 6.70
C UNK A 2769 108.00 -75.15 7.21
N UNK A 2770 108.14 -76.38 6.68
CA UNK A 2770 109.25 -77.27 7.03
C UNK A 2770 110.58 -76.72 6.52
N UNK A 2771 110.59 -76.24 5.28
CA UNK A 2771 111.76 -75.57 4.69
C UNK A 2771 112.04 -74.23 5.38
N UNK A 2772 110.98 -73.52 5.76
CA UNK A 2772 111.09 -72.27 6.53
C UNK A 2772 111.65 -72.52 7.94
N UNK A 2773 111.21 -73.62 8.56
CA UNK A 2773 111.72 -74.04 9.86
C UNK A 2773 113.19 -74.45 9.80
N UNK A 2774 113.59 -75.07 8.69
CA UNK A 2774 114.99 -75.42 8.43
C UNK A 2774 115.87 -74.17 8.26
N UNK A 2775 115.33 -73.14 7.61
CA UNK A 2775 116.03 -71.87 7.41
C UNK A 2775 116.24 -71.07 8.70
N UNK A 2776 115.29 -71.16 9.63
CA UNK A 2776 115.33 -70.41 10.89
C UNK A 2776 116.47 -70.81 11.82
N UNK A 2777 116.86 -72.08 11.78
CA UNK A 2777 117.94 -72.61 12.63
C UNK A 2777 119.31 -72.04 12.27
N UNK A 2778 119.59 -71.95 10.98
CA UNK A 2778 120.85 -71.38 10.46
C UNK A 2778 121.01 -69.90 10.85
N UNK A 2779 119.90 -69.16 10.78
CA UNK A 2779 119.85 -67.77 11.23
C UNK A 2779 120.02 -67.65 12.74
N UNK A 2780 119.36 -68.55 13.48
CA UNK A 2780 119.43 -68.56 14.95
C UNK A 2780 120.81 -68.90 15.50
N UNK A 2781 121.62 -69.63 14.73
CA UNK A 2781 123.01 -69.91 15.09
C UNK A 2781 123.86 -68.64 15.06
N UNK A 2782 123.78 -67.91 13.95
CA UNK A 2782 124.50 -66.65 13.79
C UNK A 2782 123.93 -65.50 14.62
N UNK A 2783 122.66 -65.60 15.03
CA UNK A 2783 121.96 -64.56 15.81
C UNK A 2783 122.61 -64.21 17.16
N UNK A 2784 123.29 -65.18 17.77
CA UNK A 2784 123.97 -64.96 19.05
C UNK A 2784 125.10 -63.91 18.97
N UNK A 2785 125.82 -63.92 17.84
CA UNK A 2785 126.86 -62.92 17.57
C UNK A 2785 126.28 -61.52 17.37
N UNK A 2786 125.11 -61.44 16.73
CA UNK A 2786 124.40 -60.17 16.53
C UNK A 2786 123.79 -59.61 17.81
N UNK A 2787 123.42 -60.51 18.73
CA UNK A 2787 122.99 -60.11 20.08
C UNK A 2787 124.15 -59.46 20.84
N UNK A 2788 125.36 -60.02 20.67
CA UNK A 2788 126.58 -59.40 21.20
C UNK A 2788 126.92 -58.12 20.46
N UNK A 2789 126.83 -58.15 19.12
CA UNK A 2789 127.11 -57.00 18.27
C UNK A 2789 125.88 -56.13 18.08
N UNK A 2790 117.21 -54.48 22.88
CA UNK A 2790 117.31 -54.23 21.45
C UNK A 2790 117.99 -55.38 20.71
N UNK A 2791 119.17 -55.78 21.19
CA UNK A 2791 119.96 -56.85 20.56
C UNK A 2791 119.36 -58.21 20.85
N UNK A 2792 119.21 -58.53 22.14
CA UNK A 2792 118.60 -59.78 22.59
C UNK A 2792 117.11 -59.63 22.95
N UNK A 2793 116.55 -58.42 22.77
CA UNK A 2793 115.13 -58.16 23.03
C UNK A 2793 114.25 -58.87 21.99
N UNK A 2794 114.57 -58.65 20.73
CA UNK A 2794 113.83 -59.25 19.61
C UNK A 2794 114.14 -60.73 19.36
N UNK A 2795 115.26 -61.23 19.92
CA UNK A 2795 115.72 -62.61 19.68
C UNK A 2795 114.78 -63.69 20.22
N UNK A 2796 114.17 -63.44 21.37
CA UNK A 2796 113.30 -64.42 22.04
C UNK A 2796 111.96 -64.65 21.33
N UNK A 2797 111.42 -63.62 20.69
CA UNK A 2797 110.06 -63.64 20.13
C UNK A 2797 109.95 -64.49 18.86
N UNK A 2798 110.85 -64.28 17.91
CA UNK A 2798 110.84 -65.00 16.63
C UNK A 2798 111.14 -66.51 16.77
N UNK A 2799 111.88 -66.87 17.82
CA UNK A 2799 112.19 -68.27 18.13
C UNK A 2799 110.96 -69.13 18.45
N UNK A 2800 109.93 -68.52 19.04
CA UNK A 2800 108.70 -69.23 19.44
C UNK A 2800 107.93 -69.86 18.28
N UNK A 2801 107.98 -69.25 17.10
CA UNK A 2801 107.28 -69.76 15.91
C UNK A 2801 107.81 -71.11 15.43
N UNK A 2802 109.14 -71.27 15.47
CA UNK A 2802 109.79 -72.53 15.10
C UNK A 2802 109.44 -73.65 16.08
N UNK A 2803 109.42 -73.32 17.37
CA UNK A 2803 108.99 -74.25 18.42
C UNK A 2803 107.50 -74.57 18.34
N UNK A 2804 106.69 -73.58 17.97
CA UNK A 2804 105.24 -73.74 17.83
C UNK A 2804 104.85 -74.75 16.76
N UNK A 2805 105.55 -74.71 15.62
CA UNK A 2805 105.33 -75.67 14.52
C UNK A 2805 105.72 -77.09 14.93
N UNK A 2806 106.82 -77.23 15.67
CA UNK A 2806 107.27 -78.51 16.20
C UNK A 2806 106.34 -79.02 17.32
N UNK A 2807 105.89 -78.10 18.18
CA UNK A 2807 104.92 -78.42 19.24
C UNK A 2807 103.55 -78.78 18.66
N UNK A 2808 103.20 -78.16 17.53
CA UNK A 2808 102.02 -78.55 16.77
C UNK A 2808 102.21 -79.92 16.12
N UNK A 2809 103.40 -80.15 15.57
CA UNK A 2809 103.77 -81.44 14.97
C UNK A 2809 104.17 -82.46 16.03
N UNK A 2810 110.57 -87.69 14.13
CA UNK A 2810 111.26 -87.68 15.42
C UNK A 2810 112.49 -86.77 15.35
N UNK A 2811 113.38 -87.06 14.39
CA UNK A 2811 114.57 -86.23 14.17
C UNK A 2811 114.19 -84.87 13.58
N UNK A 2812 113.27 -84.88 12.63
CA UNK A 2812 112.74 -83.65 12.02
C UNK A 2812 111.88 -82.85 13.01
N UNK A 2813 111.08 -83.55 13.81
CA UNK A 2813 110.29 -82.93 14.88
C UNK A 2813 111.19 -82.28 15.94
N UNK A 2814 112.29 -82.96 16.26
CA UNK A 2814 113.32 -82.42 17.14
C UNK A 2814 114.05 -81.25 16.49
N UNK A 2815 114.39 -81.39 15.21
CA UNK A 2815 115.07 -80.35 14.44
C UNK A 2815 114.22 -79.09 14.24
N UNK A 2816 112.91 -79.27 14.09
CA UNK A 2816 111.97 -78.15 13.98
C UNK A 2816 111.93 -77.31 15.27
N UNK A 2817 111.92 -78.00 16.41
CA UNK A 2817 111.98 -77.34 17.72
C UNK A 2817 113.36 -76.75 18.03
N UNK A 2818 114.42 -77.44 17.58
CA UNK A 2818 115.81 -77.06 17.89
C UNK A 2818 116.26 -75.71 17.33
N UNK A 2819 115.57 -75.18 16.31
CA UNK A 2819 115.86 -73.85 15.75
C UNK A 2819 115.70 -72.72 16.77
N UNK A 2820 114.77 -72.89 17.71
CA UNK A 2820 114.52 -71.89 18.76
C UNK A 2820 115.64 -71.77 19.79
N UNK A 2821 116.37 -72.85 20.03
CA UNK A 2821 117.38 -72.92 21.10
C UNK A 2821 118.58 -72.00 20.88
N UNK A 2822 119.08 -71.94 19.65
CA UNK A 2822 120.25 -71.12 19.29
C UNK A 2822 119.99 -69.62 19.48
N UNK A 2823 118.76 -69.18 19.22
CA UNK A 2823 118.35 -67.79 19.43
C UNK A 2823 118.23 -67.46 20.93
N UNK A 2824 117.38 -68.23 21.63
CA UNK A 2824 117.04 -67.99 23.05
C UNK A 2824 118.23 -68.16 24.04
N UNK A 2825 119.18 -69.04 23.69
CA UNK A 2825 120.41 -69.25 24.50
C UNK A 2825 121.30 -67.98 24.58
N UNK A 2826 121.28 -67.18 23.52
CA UNK A 2826 121.92 -65.83 23.49
C UNK A 2826 121.21 -64.82 24.45
N UNK A 2827 119.90 -65.01 24.66
CA UNK A 2827 119.10 -64.19 25.59
C UNK A 2827 119.31 -64.53 27.09
N UNK A 2828 119.40 -65.84 27.40
CA UNK A 2828 119.79 -66.30 28.76
C UNK A 2828 121.26 -65.91 29.11
N UNK A 2829 122.13 -65.92 28.08
CA UNK A 2829 123.51 -65.37 28.19
C UNK A 2829 123.52 -63.84 28.44
N UNK A 2830 122.53 -63.13 27.87
CA UNK A 2830 122.29 -61.69 28.15
C UNK A 2830 121.82 -61.44 29.61
N UNK A 2831 121.08 -62.40 30.19
CA UNK A 2831 120.72 -62.39 31.63
C UNK A 2831 121.94 -62.61 32.57
N UNK A 2832 122.91 -63.43 32.12
CA UNK A 2832 124.14 -63.68 32.89
C UNK A 2832 125.26 -64.26 32.02
N UNK A 2833 115.46 -52.55 25.14
CA UNK A 2833 115.21 -52.04 26.49
C UNK A 2833 115.01 -53.17 27.51
N UNK A 2834 114.83 -52.80 28.78
CA UNK A 2834 114.60 -53.76 29.88
C UNK A 2834 113.19 -54.39 29.83
N UNK A 2835 112.18 -53.55 29.52
CA UNK A 2835 110.76 -53.97 29.48
C UNK A 2835 110.46 -55.08 28.42
N UNK A 2836 111.22 -55.06 27.32
CA UNK A 2836 111.13 -56.08 26.25
C UNK A 2836 111.46 -57.52 26.75
N UNK A 2837 112.35 -57.62 27.74
CA UNK A 2837 112.67 -58.91 28.39
C UNK A 2837 111.43 -59.54 29.09
N UNK A 2838 110.59 -58.69 29.69
CA UNK A 2838 109.32 -59.12 30.33
C UNK A 2838 108.33 -59.73 29.30
N UNK A 2839 108.37 -59.24 28.06
CA UNK A 2839 107.56 -59.78 26.95
C UNK A 2839 107.90 -61.27 26.63
N UNK A 2840 109.16 -61.65 26.82
CA UNK A 2840 109.61 -63.06 26.70
C UNK A 2840 108.98 -63.96 27.81
N UNK A 2841 108.84 -63.42 29.03
CA UNK A 2841 108.30 -64.18 30.20
C UNK A 2841 106.85 -64.71 30.00
N UNK A 2842 106.03 -63.96 29.26
CA UNK A 2842 104.68 -64.42 28.83
C UNK A 2842 104.74 -65.31 27.56
N UNK A 2843 105.62 -64.95 26.62
CA UNK A 2843 105.77 -65.67 25.33
C UNK A 2843 106.30 -67.13 25.48
N UNK A 2844 107.12 -67.38 26.50
CA UNK A 2844 107.68 -68.73 26.80
C UNK A 2844 106.72 -69.63 27.61
N UNK A 2845 106.09 -69.06 28.65
CA UNK A 2845 105.11 -69.79 29.51
C UNK A 2845 103.88 -70.30 28.71
N UNK A 2846 103.33 -69.44 27.85
CA UNK A 2846 102.23 -69.80 26.92
C UNK A 2846 102.68 -70.89 25.91
N UNK A 2847 103.94 -70.78 25.45
CA UNK A 2847 104.57 -71.77 24.55
C UNK A 2847 104.77 -73.14 25.24
N UNK A 2848 104.99 -73.13 26.57
CA UNK A 2848 105.01 -74.36 27.37
C UNK A 2848 103.64 -75.08 27.32
N UNK A 2849 102.55 -74.30 27.36
CA UNK A 2849 101.18 -74.83 27.16
C UNK A 2849 101.00 -75.40 25.73
N UNK A 2850 101.64 -74.75 24.74
CA UNK A 2850 101.66 -75.22 23.34
C UNK A 2850 102.36 -76.60 23.17
N UNK A 2851 103.34 -76.88 24.05
CA UNK A 2851 104.04 -78.19 24.07
C UNK A 2851 103.10 -79.37 24.46
N UNK A 2852 102.05 -79.07 25.24
CA UNK A 2852 101.02 -80.05 25.62
C UNK A 2852 100.17 -80.57 24.43
N UNK A 2853 100.10 -79.78 23.34
CA UNK A 2853 99.35 -80.17 22.11
C UNK A 2853 99.91 -81.44 21.43
N UNK A 2854 101.19 -81.39 21.04
CA UNK A 2854 101.85 -82.54 20.41
C UNK A 2854 103.37 -82.42 20.47
N UNK A 2855 123.19 -82.86 24.38
CA UNK A 2855 123.11 -83.85 25.45
C UNK A 2855 122.49 -83.23 26.70
N UNK A 2856 123.07 -82.13 27.16
CA UNK A 2856 122.55 -81.36 28.29
C UNK A 2856 122.71 -79.86 28.04
N UNK A 2857 122.21 -79.43 26.87
CA UNK A 2857 122.25 -78.02 26.47
C UNK A 2857 121.27 -77.16 27.27
N UNK A 2858 120.20 -77.78 27.77
CA UNK A 2858 119.23 -77.11 28.64
C UNK A 2858 119.84 -76.66 29.96
N UNK A 2859 120.72 -77.49 30.53
CA UNK A 2859 121.43 -77.17 31.77
C UNK A 2859 122.41 -75.99 31.63
N UNK A 2860 122.94 -75.78 30.42
CA UNK A 2860 123.91 -74.72 30.14
C UNK A 2860 123.31 -73.31 30.27
N UNK A 2861 122.13 -73.11 29.67
CA UNK A 2861 121.45 -71.80 29.70
C UNK A 2861 121.06 -71.37 31.12
N UNK A 2862 120.61 -72.33 31.92
CA UNK A 2862 120.26 -72.09 33.32
C UNK A 2862 121.48 -71.85 34.22
N UNK A 2863 122.54 -72.62 33.98
CA UNK A 2863 123.78 -72.52 34.77
C UNK A 2863 124.45 -71.15 34.71
N UNK A 2864 124.26 -70.42 33.61
CA UNK A 2864 124.72 -69.04 33.48
C UNK A 2864 124.01 -68.13 34.48
N UNK A 2865 122.68 -68.20 34.50
CA UNK A 2865 121.85 -67.40 35.41
C UNK A 2865 122.03 -67.75 36.89
N UNK A 2866 122.50 -68.96 37.19
CA UNK A 2866 122.78 -69.39 38.58
C UNK A 2866 123.83 -68.53 39.28
N UNK A 2867 124.83 -68.07 38.52
CA UNK A 2867 125.86 -67.18 39.05
C UNK A 2867 125.32 -65.79 39.39
N UNK A 2868 124.49 -65.25 38.49
CA UNK A 2868 123.87 -63.92 38.69
C UNK A 2868 122.90 -63.87 39.88
N UNK A 2869 122.30 -65.02 40.22
CA UNK A 2869 121.48 -65.14 41.41
C UNK A 2869 122.31 -65.01 42.70
N UNK A 2870 123.48 -65.66 42.70
CA UNK A 2870 124.44 -65.54 43.81
C UNK A 2870 125.00 -64.12 43.94
N UNK A 2871 125.17 -63.45 42.80
CA UNK A 2871 125.56 -62.03 42.77
C UNK A 2871 124.46 -61.12 43.33
N UNK A 2872 123.20 -61.45 43.00
CA UNK A 2872 122.05 -60.75 43.57
C UNK A 2872 121.96 -60.94 45.09
N UNK A 2873 122.31 -62.14 45.56
CA UNK A 2873 122.35 -62.44 46.99
C UNK A 2873 123.43 -61.65 47.72
N UNK A 2874 124.61 -61.56 47.12
CA UNK A 2874 125.73 -60.79 47.70
C UNK A 2874 125.46 -59.29 47.57
N UNK A 2875 125.23 -58.84 46.34
CA UNK A 2875 124.95 -57.43 46.05
C UNK A 2875 123.46 -57.23 45.80
N UNK A 2876 121.14 -60.26 37.93
CA UNK A 2876 120.39 -60.40 39.18
C UNK A 2876 118.89 -60.46 38.89
N UNK A 2877 118.36 -59.36 38.37
CA UNK A 2877 116.94 -59.27 38.01
C UNK A 2877 116.68 -59.99 36.68
N UNK A 2878 117.58 -59.81 35.72
CA UNK A 2878 117.50 -60.48 34.42
C UNK A 2878 117.66 -62.00 34.52
N UNK A 2879 118.43 -62.46 35.50
CA UNK A 2879 118.63 -63.90 35.75
C UNK A 2879 117.32 -64.66 36.01
N UNK A 2880 116.36 -64.00 36.67
CA UNK A 2880 115.05 -64.60 36.95
C UNK A 2880 114.16 -64.80 35.72
N UNK A 2881 114.40 -64.03 34.66
CA UNK A 2881 113.60 -64.11 33.43
C UNK A 2881 113.76 -65.44 32.70
N UNK A 2882 115.00 -65.89 32.55
CA UNK A 2882 115.30 -67.18 31.90
C UNK A 2882 114.78 -68.39 32.71
N UNK A 2883 114.74 -68.24 34.04
CA UNK A 2883 114.27 -69.30 34.93
C UNK A 2883 112.76 -69.55 34.84
N UNK A 2884 111.98 -68.47 34.74
CA UNK A 2884 110.52 -68.56 34.64
C UNK A 2884 110.05 -69.31 33.39
N UNK A 2885 110.75 -69.08 32.27
CA UNK A 2885 110.52 -69.82 31.04
C UNK A 2885 110.92 -71.29 31.17
N UNK A 2886 112.11 -71.52 31.72
CA UNK A 2886 112.64 -72.88 31.92
C UNK A 2886 111.85 -73.68 32.95
N UNK A 2887 111.28 -73.01 33.95
CA UNK A 2887 110.42 -73.65 34.95
C UNK A 2887 109.15 -74.19 34.31
N UNK A 2888 108.51 -73.37 33.47
CA UNK A 2888 107.34 -73.79 32.70
C UNK A 2888 107.69 -74.89 31.68
N UNK A 2889 108.87 -74.77 31.07
CA UNK A 2889 109.36 -75.76 30.10
C UNK A 2889 109.66 -77.13 30.73
N UNK A 2890 110.22 -77.13 31.93
CA UNK A 2890 110.56 -78.37 32.65
C UNK A 2890 109.34 -79.24 32.95
N UNK A 2891 108.24 -78.60 33.35
CA UNK A 2891 106.97 -79.27 33.56
C UNK A 2891 106.33 -79.74 32.25
N UNK A 2892 106.40 -78.88 31.23
CA UNK A 2892 105.89 -79.19 29.89
C UNK A 2892 106.57 -80.41 29.25
N UNK A 2893 107.85 -80.60 29.58
CA UNK A 2893 108.59 -81.81 29.18
C UNK A 2893 108.01 -83.06 29.83
N UNK A 2894 107.72 -82.96 31.13
CA UNK A 2894 107.09 -84.05 31.88
C UNK A 2894 105.65 -84.30 31.42
N UNK A 2895 104.93 -83.23 31.06
CA UNK A 2895 103.56 -83.33 30.58
C UNK A 2895 103.49 -83.94 29.18
N UNK A 2896 104.20 -83.30 28.24
CA UNK A 2896 104.22 -83.75 26.85
C UNK A 2896 105.16 -84.95 26.68
N UNK A 2897 120.25 -83.34 29.90
CA UNK A 2897 119.09 -84.13 30.32
C UNK A 2897 119.32 -84.74 31.70
N UNK A 2898 120.37 -85.55 31.80
CA UNK A 2898 120.77 -86.15 33.09
C UNK A 2898 121.40 -85.10 34.00
N UNK A 2899 122.25 -84.25 33.42
CA UNK A 2899 122.84 -83.11 34.14
C UNK A 2899 121.78 -82.07 34.54
N UNK A 2900 120.75 -81.91 33.70
CA UNK A 2900 119.62 -81.02 34.01
C UNK A 2900 118.83 -81.49 35.24
N UNK A 2901 118.69 -82.80 35.39
CA UNK A 2901 117.97 -83.37 36.53
C UNK A 2901 118.73 -83.26 37.86
N UNK A 2902 120.04 -83.45 37.81
CA UNK A 2902 120.88 -83.49 39.02
C UNK A 2902 121.06 -82.14 39.74
N UNK A 2903 121.04 -81.04 38.98
CA UNK A 2903 121.34 -79.71 39.53
C UNK A 2903 120.28 -79.13 40.48
N UNK A 2904 119.05 -79.67 40.45
CA UNK A 2904 117.95 -79.18 41.28
C UNK A 2904 118.15 -79.35 42.79
N UNK A 2905 118.95 -80.33 43.20
CA UNK A 2905 119.23 -80.59 44.62
C UNK A 2905 120.02 -79.47 45.29
N UNK A 2906 121.04 -78.95 44.59
CA UNK A 2906 121.90 -77.89 45.13
C UNK A 2906 121.15 -76.57 45.31
N UNK A 2907 120.32 -76.22 44.34
CA UNK A 2907 119.54 -74.97 44.38
C UNK A 2907 118.43 -75.01 45.43
N UNK A 2908 117.78 -76.17 45.58
CA UNK A 2908 116.69 -76.35 46.55
C UNK A 2908 117.13 -76.15 48.01
N UNK A 2909 118.38 -76.50 48.31
CA UNK A 2909 118.96 -76.31 49.65
C UNK A 2909 119.15 -74.83 50.00
N UNK A 2910 119.60 -74.04 49.01
CA UNK A 2910 119.81 -72.60 49.18
C UNK A 2910 118.52 -71.82 49.45
N UNK A 2911 117.40 -72.29 48.88
CA UNK A 2911 116.09 -71.67 49.09
C UNK A 2911 115.62 -71.82 50.54
N UNK A 2912 115.68 -73.05 51.06
CA UNK A 2912 115.29 -73.33 52.43
C UNK A 2912 116.26 -72.77 53.49
N UNK A 2913 117.51 -72.54 53.10
CA UNK A 2913 118.54 -72.00 54.00
C UNK A 2913 118.19 -70.61 54.55
N UNK A 2914 117.79 -69.71 53.66
CA UNK A 2914 117.38 -68.36 54.03
C UNK A 2914 115.94 -68.37 54.55
N UNK A 2915 108.56 -61.42 43.67
CA UNK A 2915 109.83 -61.77 43.05
C UNK A 2915 110.37 -63.08 43.62
N UNK A 2916 110.52 -63.10 44.95
CA UNK A 2916 111.00 -64.29 45.66
C UNK A 2916 109.94 -65.39 45.72
N UNK A 2917 108.68 -65.01 45.86
CA UNK A 2917 107.56 -65.96 45.89
C UNK A 2917 107.38 -66.73 44.58
N UNK A 2918 107.75 -66.11 43.46
CA UNK A 2918 107.73 -66.77 42.15
C UNK A 2918 108.67 -67.97 42.08
N UNK A 2919 109.81 -67.88 42.76
CA UNK A 2919 110.80 -68.97 42.80
C UNK A 2919 110.30 -70.21 43.55
N UNK A 2920 109.58 -70.00 44.66
CA UNK A 2920 109.03 -71.10 45.46
C UNK A 2920 107.97 -71.90 44.69
N UNK A 2921 107.12 -71.19 43.95
CA UNK A 2921 106.12 -71.82 43.08
C UNK A 2921 106.76 -72.49 41.87
N UNK A 2922 107.77 -71.83 41.29
CA UNK A 2922 108.51 -72.36 40.13
C UNK A 2922 109.34 -73.61 40.45
N UNK A 2923 109.74 -73.76 41.72
CA UNK A 2923 110.47 -74.95 42.19
C UNK A 2923 109.64 -76.25 42.08
N UNK A 2924 108.31 -76.12 42.20
CA UNK A 2924 107.40 -77.26 42.06
C UNK A 2924 107.32 -77.82 40.64
N UNK A 2925 107.54 -76.97 39.63
CA UNK A 2925 107.30 -77.33 38.23
C UNK A 2925 108.24 -78.40 37.67
N UNK A 2926 109.54 -78.21 37.89
CA UNK A 2926 110.58 -79.09 37.32
C UNK A 2926 110.66 -80.49 37.95
N UNK A 2927 110.09 -80.66 39.15
CA UNK A 2927 110.15 -81.94 39.86
C UNK A 2927 109.35 -83.09 39.22
N UNK A 2928 108.39 -82.76 38.35
CA UNK A 2928 107.65 -83.78 37.59
C UNK A 2928 108.56 -84.48 36.58
N UNK A 2929 116.70 -94.67 45.81
CA UNK A 2929 116.27 -93.46 46.51
C UNK A 2929 116.29 -93.67 48.03
N UNK A 2930 116.54 -92.59 48.77
CA UNK A 2930 116.66 -92.65 50.23
C UNK A 2930 116.61 -91.27 50.89
N UNK A 2931 117.56 -90.42 50.53
CA UNK A 2931 117.74 -89.10 51.17
C UNK A 2931 116.58 -88.12 50.98
N UNK A 2932 115.86 -88.25 49.85
CA UNK A 2932 114.69 -87.41 49.58
C UNK A 2932 113.54 -87.65 50.56
N UNK A 2933 113.38 -88.91 50.98
CA UNK A 2933 112.37 -89.28 51.98
C UNK A 2933 112.65 -88.67 53.37
N UNK A 2934 113.93 -88.53 53.70
CA UNK A 2934 114.35 -87.91 54.97
C UNK A 2934 113.97 -86.42 55.05
N UNK A 2935 114.09 -85.71 53.93
CA UNK A 2935 113.69 -84.30 53.84
C UNK A 2935 112.17 -84.14 53.97
N UNK A 2936 111.42 -85.03 53.32
CA UNK A 2936 109.96 -85.06 53.43
C UNK A 2936 109.50 -85.48 54.83
N UNK A 2937 110.21 -86.43 55.43
CA UNK A 2937 109.96 -86.86 56.81
C UNK A 2937 110.30 -85.77 57.83
N UNK A 2938 111.39 -85.05 57.57
CA UNK A 2938 111.77 -83.88 58.37
C UNK A 2938 110.77 -82.74 58.21
N UNK A 2939 110.28 -82.55 56.98
CA UNK A 2939 109.20 -81.60 56.70
C UNK A 2939 107.88 -82.02 57.35
N UNK A 2940 107.62 -83.32 57.38
CA UNK A 2940 106.45 -83.89 58.04
C UNK A 2940 106.51 -83.76 59.57
N UNK A 2941 107.68 -84.03 60.15
CA UNK A 2941 107.87 -84.02 61.60
C UNK A 2941 107.80 -82.63 62.25
N UNK A 2942 108.12 -81.59 61.49
CA UNK A 2942 108.21 -80.22 62.02
C UNK A 2942 106.85 -79.58 62.35
N UNK A 2943 105.82 -79.91 61.57
CA UNK A 2943 104.49 -79.28 61.71
C UNK A 2943 103.73 -79.65 63.00
N UNK A 2944 104.08 -80.77 63.62
CA UNK A 2944 103.43 -81.24 64.84
C UNK A 2944 103.63 -80.31 66.05
N UNK A 2945 104.80 -79.65 66.12
CA UNK A 2945 105.10 -78.71 67.20
C UNK A 2945 104.23 -77.46 67.12
N UNK A 2946 104.15 -76.87 65.93
CA UNK A 2946 103.33 -75.69 65.68
C UNK A 2946 101.85 -76.07 65.57
N UNK A 2947 107.09 -66.48 62.24
CA UNK A 2947 106.34 -67.73 62.18
C UNK A 2947 105.73 -67.92 60.80
N UNK A 2948 104.93 -66.94 60.36
CA UNK A 2948 104.37 -66.94 59.02
C UNK A 2948 105.45 -66.72 57.97
N UNK A 2949 106.37 -65.81 58.26
CA UNK A 2949 107.56 -65.58 57.44
C UNK A 2949 108.51 -66.78 57.46
N UNK A 2950 108.65 -67.39 58.64
CA UNK A 2950 109.47 -68.60 58.81
C UNK A 2950 108.88 -69.81 58.06
N UNK A 2951 107.55 -69.88 58.00
CA UNK A 2951 106.84 -70.96 57.29
C UNK A 2951 107.01 -70.93 55.77
N UNK A 2952 107.32 -69.76 55.21
CA UNK A 2952 107.45 -69.59 53.75
C UNK A 2952 108.65 -70.30 53.14
N UNK A 2953 109.76 -70.38 53.87
CA UNK A 2953 111.01 -70.97 53.36
C UNK A 2953 110.90 -72.47 53.06
N UNK A 2954 110.18 -73.20 53.91
CA UNK A 2954 109.97 -74.65 53.74
C UNK A 2954 109.04 -75.00 52.58
N UNK A 2955 108.17 -74.06 52.16
CA UNK A 2955 107.23 -74.29 51.07
C UNK A 2955 107.89 -74.55 49.71
N UNK A 2956 109.07 -73.98 49.49
CA UNK A 2956 109.84 -74.22 48.26
C UNK A 2956 110.28 -75.67 48.13
N UNK A 2957 110.79 -76.23 49.23
CA UNK A 2957 111.15 -77.65 49.29
C UNK A 2957 109.92 -78.56 49.31
N UNK A 2958 108.86 -78.12 50.00
CA UNK A 2958 107.63 -78.90 50.15
C UNK A 2958 106.83 -79.03 48.85
N UNK A 2959 106.80 -77.97 48.04
CA UNK A 2959 105.99 -77.94 46.82
C UNK A 2959 106.50 -78.85 45.69
N UNK A 2960 107.77 -79.23 45.73
CA UNK A 2960 108.37 -80.12 44.72
C UNK A 2960 107.88 -81.58 44.77
N UNK A 2961 107.38 -82.02 45.93
CA UNK A 2961 106.96 -83.42 46.12
C UNK A 2961 105.73 -83.84 45.32
N UNK A 2962 104.74 -82.94 45.22
CA UNK A 2962 103.47 -83.24 44.55
C UNK A 2962 103.59 -83.50 43.05
N UNK A 2963 104.57 -82.87 42.40
CA UNK A 2963 104.78 -83.00 40.96
C UNK A 2963 105.29 -84.39 40.55
N UNK A 2964 106.12 -84.99 41.40
CA UNK A 2964 106.66 -86.33 41.15
C UNK A 2964 105.61 -87.44 41.24
N UNK A 2965 104.65 -87.29 42.14
CA UNK A 2965 103.56 -88.27 42.31
C UNK A 2965 102.70 -88.38 41.06
N UNK A 2966 102.29 -87.23 40.53
CA UNK A 2966 101.60 -87.14 39.24
C UNK A 2966 102.61 -86.86 38.13
N UNK A 2967 100.87 -98.56 44.27
CA UNK A 2967 101.86 -97.56 44.67
C UNK A 2967 101.77 -97.29 46.17
N UNK A 2968 102.93 -97.15 46.81
CA UNK A 2968 103.01 -96.83 48.23
C UNK A 2968 103.12 -95.31 48.42
N UNK A 2969 102.04 -94.62 48.07
CA UNK A 2969 101.94 -93.16 48.18
C UNK A 2969 101.17 -92.71 49.42
N UNK A 2970 100.82 -93.65 50.30
CA UNK A 2970 100.02 -93.37 51.49
C UNK A 2970 100.81 -92.70 52.62
N UNK A 2971 102.06 -93.14 52.81
CA UNK A 2971 102.92 -92.61 53.88
C UNK A 2971 103.14 -91.10 53.78
N UNK A 2972 103.37 -90.61 52.57
CA UNK A 2972 103.51 -89.18 52.30
C UNK A 2972 102.17 -88.45 52.45
N UNK A 2973 101.09 -89.08 52.00
CA UNK A 2973 99.74 -88.52 52.09
C UNK A 2973 99.26 -88.31 53.53
N UNK A 2974 99.73 -89.15 54.45
CA UNK A 2974 99.44 -89.00 55.88
C UNK A 2974 100.02 -87.69 56.43
N UNK A 2975 101.27 -87.39 56.05
CA UNK A 2975 101.93 -86.14 56.42
C UNK A 2975 101.30 -84.91 55.78
N UNK A 2976 100.85 -85.05 54.53
CA UNK A 2976 100.28 -83.94 53.75
C UNK A 2976 98.96 -83.39 54.28
N UNK A 2977 98.18 -84.22 54.96
CA UNK A 2977 96.86 -83.82 55.48
C UNK A 2977 96.94 -82.76 56.58
N UNK A 2978 97.92 -82.90 57.48
CA UNK A 2978 98.12 -81.97 58.60
C UNK A 2978 98.63 -80.58 58.15
N UNK A 2979 99.30 -80.51 57.01
CA UNK A 2979 99.86 -79.26 56.50
C UNK A 2979 98.79 -78.22 56.12
N UNK A 2980 97.68 -78.69 55.56
CA UNK A 2980 96.55 -77.82 55.22
C UNK A 2980 95.90 -77.20 56.46
N UNK A 2981 95.81 -77.98 57.54
CA UNK A 2981 95.27 -77.50 58.81
C UNK A 2981 96.22 -76.53 59.51
N UNK A 2982 97.51 -76.86 59.52
CA UNK A 2982 98.54 -76.02 60.15
C UNK A 2982 98.75 -74.68 59.43
N UNK A 2983 98.54 -74.66 58.11
CA UNK A 2983 98.65 -73.43 57.31
C UNK A 2983 97.59 -72.40 57.68
N UNK A 2984 96.35 -72.86 57.85
CA UNK A 2984 95.24 -72.01 58.28
C UNK A 2984 95.39 -71.52 59.72
N UNK A 2985 95.97 -72.36 60.58
CA UNK A 2985 96.21 -72.00 61.98
C UNK A 2985 97.23 -70.87 62.17
N UNK A 2986 98.18 -70.77 61.25
CA UNK A 2986 99.19 -69.70 61.28
C UNK A 2986 98.57 -68.32 61.08
N UNK A 2987 97.74 -68.19 60.03
CA UNK A 2987 97.03 -66.94 59.75
C UNK A 2987 95.78 -66.82 60.63
N UNK A 2988 96.00 -66.53 61.91
CA UNK A 2988 94.94 -66.37 62.89
C UNK A 2988 95.03 -64.99 63.53
N UNK A 2989 96.16 -64.71 64.18
CA UNK A 2989 96.42 -63.39 64.77
C UNK A 2989 96.73 -62.37 63.69
N UNK A 2990 97.07 -61.03 53.40
CA UNK A 2990 96.89 -61.16 51.95
C UNK A 2990 97.86 -62.19 51.39
N UNK A 2991 99.16 -61.96 51.61
CA UNK A 2991 100.22 -62.83 51.12
C UNK A 2991 100.31 -64.14 51.90
N UNK A 2992 100.18 -64.04 53.22
CA UNK A 2992 100.25 -65.20 54.12
C UNK A 2992 99.07 -66.15 53.91
N UNK A 2993 97.87 -65.59 53.73
CA UNK A 2993 96.67 -66.37 53.44
C UNK A 2993 96.71 -67.02 52.05
N UNK A 2994 97.33 -66.34 51.08
CA UNK A 2994 97.43 -66.83 49.71
C UNK A 2994 98.33 -68.07 49.55
N UNK A 2995 99.36 -68.17 50.39
CA UNK A 2995 100.34 -69.28 50.32
C UNK A 2995 99.74 -70.66 50.60
N UNK A 2996 98.77 -70.72 51.51
CA UNK A 2996 98.09 -71.98 51.86
C UNK A 2996 97.26 -72.55 50.70
N UNK A 2997 96.61 -71.66 49.94
CA UNK A 2997 95.78 -72.06 48.79
C UNK A 2997 96.60 -72.60 47.62
N UNK A 2998 97.75 -71.97 47.35
CA UNK A 2998 98.65 -72.40 46.27
C UNK A 2998 99.23 -73.80 46.51
N UNK A 2999 99.56 -74.08 47.75
CA UNK A 2999 99.99 -75.43 48.16
C UNK A 2999 98.84 -76.43 48.09
N UNK A 3000 97.64 -76.00 48.49
CA UNK A 3000 96.43 -76.82 48.39
C UNK A 3000 96.02 -77.11 46.94
N UNK A 3001 96.27 -76.16 46.05
CA UNK A 3001 96.02 -76.33 44.61
C UNK A 3001 96.97 -77.35 43.99
N UNK A 3002 98.25 -77.26 44.36
CA UNK A 3002 99.27 -78.23 43.92
C UNK A 3002 99.05 -79.63 44.52
N UNK A 3003 98.51 -79.69 45.75
CA UNK A 3003 98.24 -80.94 46.44
C UNK A 3003 97.15 -81.79 45.78
N UNK A 3004 96.07 -81.13 45.33
CA UNK A 3004 94.96 -81.80 44.66
C UNK A 3004 95.34 -82.40 43.30
N UNK A 3005 96.33 -81.80 42.63
CA UNK A 3005 96.82 -82.30 41.33
C UNK A 3005 97.50 -83.66 41.44
N UNK A 3006 98.23 -83.89 42.52
CA UNK A 3006 98.89 -85.19 42.79
C UNK A 3006 97.88 -86.31 43.01
N UNK A 3007 96.79 -86.01 43.71
CA UNK A 3007 95.70 -86.96 43.94
C UNK A 3007 94.87 -87.16 42.67
N UNK A 3008 84.57 -52.72 61.71
CA UNK A 3008 84.47 -54.08 62.25
C UNK A 3008 84.27 -55.14 61.13
N UNK A 3009 83.29 -54.91 60.25
CA UNK A 3009 82.96 -55.81 59.12
C UNK A 3009 84.08 -55.88 58.06
N UNK A 3010 84.80 -54.76 57.87
CA UNK A 3010 86.02 -54.70 57.02
C UNK A 3010 87.18 -55.54 57.60
N UNK A 3011 87.28 -55.60 58.93
CA UNK A 3011 88.21 -56.53 59.64
C UNK A 3011 87.80 -58.02 59.47
N UNK A 3012 86.49 -58.26 59.40
CA UNK A 3012 85.94 -59.60 59.08
C UNK A 3012 86.17 -60.07 57.63
N UNK A 3013 86.50 -59.14 56.71
CA UNK A 3013 86.70 -59.44 55.27
C UNK A 3013 87.86 -60.41 54.96
N UNK A 3014 88.93 -60.38 55.77
CA UNK A 3014 90.07 -61.32 55.63
C UNK A 3014 89.69 -62.78 56.00
N UNK A 3015 88.84 -62.93 57.01
CA UNK A 3015 88.32 -64.24 57.46
C UNK A 3015 87.45 -64.96 56.39
N UNK A 3016 86.77 -64.16 55.55
CA UNK A 3016 85.97 -64.68 54.41
C UNK A 3016 86.84 -65.34 53.31
N UNK A 3017 88.10 -64.89 53.18
CA UNK A 3017 89.08 -65.47 52.22
C UNK A 3017 89.54 -66.86 52.66
N UNK A 3018 89.85 -67.01 53.94
CA UNK A 3018 90.18 -68.31 54.53
C UNK A 3018 88.98 -69.28 54.53
N UNK A 3019 87.77 -68.73 54.65
CA UNK A 3019 86.54 -69.54 54.64
C UNK A 3019 86.29 -70.20 53.29
N UNK A 3020 86.38 -69.40 52.22
CA UNK A 3020 86.22 -69.89 50.85
C UNK A 3020 87.38 -70.80 50.43
N UNK A 3021 88.59 -70.48 50.90
CA UNK A 3021 89.78 -71.29 50.63
C UNK A 3021 89.73 -72.66 51.32
N UNK A 3022 89.27 -72.67 52.57
CA UNK A 3022 89.11 -73.91 53.34
C UNK A 3022 87.99 -74.80 52.77
N UNK A 3023 86.96 -74.18 52.21
CA UNK A 3023 85.89 -74.91 51.52
C UNK A 3023 86.39 -75.69 50.30
N UNK A 3024 87.35 -75.09 49.59
CA UNK A 3024 88.00 -75.76 48.45
C UNK A 3024 88.87 -76.94 48.88
N UNK A 3025 89.58 -76.79 50.00
CA UNK A 3025 90.46 -77.84 50.52
C UNK A 3025 89.71 -79.10 50.98
N UNK A 3026 88.51 -78.93 51.51
CA UNK A 3026 87.67 -80.05 51.95
C UNK A 3026 87.19 -80.93 50.80
N UNK A 3027 86.95 -80.32 49.63
CA UNK A 3027 86.50 -81.05 48.43
C UNK A 3027 87.57 -81.99 47.87
N UNK A 3028 88.83 -81.54 47.89
CA UNK A 3028 89.97 -82.35 47.44
C UNK A 3028 90.17 -83.60 48.30
N UNK A 3029 89.91 -83.46 49.60
CA UNK A 3029 89.94 -84.60 50.53
C UNK A 3029 88.81 -85.57 50.24
N UNK A 3030 87.59 -85.03 50.13
CA UNK A 3030 86.40 -85.83 49.80
C UNK A 3030 86.38 -86.18 48.31
N PRO A 3031 98.93 -14.42 34.82
CA PRO A 3031 98.02 -13.67 33.92
C PRO A 3031 97.31 -12.52 34.63
N ARG A 3032 97.30 -11.34 33.98
CA ARG A 3032 96.77 -10.11 34.59
C ARG A 3032 95.68 -9.41 33.77
N HIS A 3033 96.01 -9.02 32.53
CA HIS A 3033 95.42 -7.84 31.84
C HIS A 3033 93.90 -7.92 31.48
N ARG A 3034 93.47 -9.04 30.90
CA ARG A 3034 92.05 -9.24 30.50
C ARG A 3034 91.12 -9.37 31.73
N ALA A 3035 91.60 -10.06 32.76
CA ALA A 3035 90.90 -10.16 34.07
C ALA A 3035 90.84 -8.80 34.82
N VAL A 3036 91.81 -7.89 34.56
CA VAL A 3036 91.76 -6.52 35.12
C VAL A 3036 90.62 -5.69 34.52
N ASN A 3037 90.49 -5.71 33.19
CA ASN A 3037 89.44 -4.95 32.47
C ASN A 3037 88.00 -5.49 32.73
N LEU A 3038 87.87 -6.83 32.83
CA LEU A 3038 86.60 -7.46 33.27
C LEU A 3038 86.25 -7.17 34.75
N PHE A 3039 87.28 -7.00 35.60
CA PHE A 3039 87.08 -6.52 36.99
C PHE A 3039 86.61 -5.04 37.06
N LEU A 3040 86.99 -4.23 36.05
CA LEU A 3040 86.42 -2.86 35.88
C LEU A 3040 84.90 -2.89 35.55
N GLN A 3041 84.53 -3.73 34.58
CA GLN A 3041 83.11 -3.87 34.15
C GLN A 3041 82.19 -4.52 35.22
N GLY A 3042 82.76 -5.35 36.10
CA GLY A 3042 82.05 -5.96 37.24
C GLY A 3042 81.92 -5.05 38.47
N TYR A 3043 83.01 -4.34 38.81
CA TYR A 3043 83.03 -3.30 39.88
C TYR A 3043 82.00 -2.16 39.63
N GLU A 3044 81.89 -1.75 38.36
CA GLU A 3044 80.93 -0.72 37.88
C GLU A 3044 79.46 -1.05 38.17
N LYS A 3045 79.07 -2.30 37.93
CA LYS A 3045 77.71 -2.79 38.16
C LYS A 3045 77.67 -3.60 39.47
N SER A 3046 78.04 -2.94 40.57
CA SER A 3046 78.08 -3.56 41.90
C SER A 3046 77.79 -2.55 43.03
N TRP A 3047 78.65 -1.54 43.16
CA TRP A 3047 78.57 -0.52 44.26
C TRP A 3047 78.32 0.96 43.83
N ILE A 3048 78.39 1.27 42.52
CA ILE A 3048 78.40 2.67 42.02
C ILE A 3048 77.01 3.35 42.22
N GLU A 3049 75.98 2.81 41.57
CA GLU A 3049 74.61 3.36 41.68
C GLU A 3049 74.06 3.14 43.11
N THR A 3050 73.46 4.20 43.67
CA THR A 3050 73.07 4.22 45.10
C THR A 3050 71.71 4.95 45.35
N GLU A 3051 71.25 4.87 46.61
CA GLU A 3051 70.10 5.64 47.11
C GLU A 3051 70.44 7.13 47.37
N GLU A 3052 71.74 7.47 47.37
CA GLU A 3052 72.21 8.85 47.63
C GLU A 3052 72.07 9.80 46.42
N HIS A 3053 72.56 9.34 45.26
CA HIS A 3053 72.76 10.19 44.06
C HIS A 3053 71.47 10.82 43.46
N TYR A 3054 70.30 10.30 43.85
CA TYR A 3054 69.00 10.81 43.38
C TYR A 3054 68.73 12.27 43.82
N PHE A 3055 69.46 12.78 44.82
CA PHE A 3055 69.34 14.19 45.31
C PHE A 3055 69.37 15.29 44.21
N GLU A 3056 70.26 15.14 43.23
CA GLU A 3056 70.44 16.09 42.10
C GLU A 3056 69.07 16.57 41.58
N ASP A 3057 68.16 15.60 41.45
CA ASP A 3057 66.79 15.82 40.95
C ASP A 3057 65.98 16.81 41.82
N LYS A 3058 66.11 16.70 43.14
CA LYS A 3058 65.46 17.66 44.06
C LYS A 3058 66.23 19.01 44.09
N LEU A 3059 67.54 19.00 43.77
CA LEU A 3059 68.36 20.23 43.71
C LEU A 3059 68.13 21.09 42.44
N ILE A 3060 68.20 20.46 41.26
CA ILE A 3060 67.91 21.12 39.96
C ILE A 3060 66.46 21.67 39.89
N GLU A 3061 65.53 21.01 40.58
CA GLU A 3061 64.15 21.49 40.75
C GLU A 3061 64.08 22.73 41.66
N ASP A 3062 64.81 22.70 42.79
CA ASP A 3062 64.90 23.86 43.71
C ASP A 3062 65.50 25.13 43.04
N LEU A 3063 66.45 24.94 42.10
CA LEU A 3063 67.01 26.02 41.25
C LEU A 3063 66.02 26.60 40.21
N ALA A 3064 65.02 25.80 39.79
CA ALA A 3064 64.01 26.19 38.78
C ALA A 3064 62.68 26.75 39.36
N LYS A 3065 62.63 27.03 40.67
CA LYS A 3065 61.47 27.74 41.30
C LYS A 3065 61.12 29.09 40.62
N PRO A 3066 62.12 29.95 40.35
CA PRO A 3066 61.89 31.24 39.68
C PRO A 3066 62.10 31.15 38.17
N ARG A 3079 62.95 39.12 33.39
CA ARG A 3079 61.59 39.03 32.84
C ARG A 3079 61.11 37.57 32.70
N VAL A 3080 61.71 36.79 31.78
CA VAL A 3080 61.32 35.38 31.53
C VAL A 3080 61.93 34.43 32.60
N ASP A 3081 61.78 33.10 32.43
CA ASP A 3081 62.27 32.09 33.41
C ASP A 3081 63.33 31.11 32.82
N PRO A 3082 64.34 30.67 33.67
CA PRO A 3082 65.44 29.77 33.18
C PRO A 3082 64.95 28.44 32.54
N LEU A 3083 63.95 27.81 33.17
CA LEU A 3083 63.32 26.59 32.63
C LEU A 3083 62.54 26.92 31.34
N HIS A 3084 61.94 28.11 31.28
CA HIS A 3084 61.29 28.63 30.03
C HIS A 3084 62.33 28.89 28.90
N GLN A 3085 63.53 29.36 29.28
CA GLN A 3085 64.65 29.54 28.33
C GLN A 3085 65.13 28.19 27.74
N LEU A 3086 65.11 27.16 28.59
CA LEU A 3086 65.52 25.79 28.26
C LEU A 3086 64.53 25.08 27.30
N ILE A 3087 63.23 25.16 27.62
CA ILE A 3087 62.17 24.58 26.74
C ILE A 3087 62.06 25.30 25.39
N LEU A 3088 62.18 26.64 25.38
CA LEU A 3088 62.20 27.45 24.12
C LEU A 3088 63.39 27.06 23.21
N LEU A 3089 64.54 26.71 23.82
CA LEU A 3089 65.73 26.20 23.10
C LEU A 3089 65.47 24.88 22.35
N PHE A 3090 64.94 23.88 23.07
CA PHE A 3090 64.62 22.57 22.47
C PHE A 3090 63.48 22.64 21.42
N SER A 3091 62.55 23.59 21.62
CA SER A 3091 61.51 23.90 20.62
C SER A 3091 62.14 24.41 19.30
N ARG A 3092 63.18 25.26 19.41
CA ARG A 3092 63.95 25.72 18.23
C ARG A 3092 64.73 24.58 17.52
N THR A 3093 65.25 23.62 18.30
CA THR A 3093 65.95 22.42 17.74
C THR A 3093 64.97 21.47 16.98
N ALA A 3094 63.71 21.41 17.44
CA ALA A 3094 62.65 20.57 16.81
C ALA A 3094 62.10 21.17 15.49
N LEU A 3095 61.94 22.51 15.44
CA LEU A 3095 61.48 23.26 14.25
C LEU A 3095 62.24 23.02 12.92
N THR A 3096 63.57 22.86 13.00
CA THR A 3096 64.44 22.73 11.82
C THR A 3096 64.20 21.43 11.02
N GLU A 3097 64.23 21.52 9.68
CA GLU A 3097 64.32 20.34 8.78
C GLU A 3097 65.79 20.00 8.45
N LYS A 3098 66.39 19.15 9.28
CA LYS A 3098 67.72 18.56 9.02
C LYS A 3098 67.58 17.15 8.39
N CYS A 3099 66.38 16.82 7.87
CA CYS A 3099 65.95 15.45 7.55
C CYS A 3099 65.99 14.54 8.81
N LYS A 3100 67.08 13.79 9.01
CA LYS A 3100 67.32 13.12 10.30
C LYS A 3100 67.70 14.19 11.36
N LEU A 3101 67.19 14.04 12.58
CA LEU A 3101 67.54 14.95 13.72
C LEU A 3101 68.95 14.69 14.32
N GLU A 3102 69.52 15.73 14.94
CA GLU A 3102 70.80 15.66 15.66
C GLU A 3102 70.69 14.76 16.91
N GLU A 3103 71.79 14.06 17.25
CA GLU A 3103 71.85 13.13 18.41
C GLU A 3103 71.62 13.85 19.77
N ASP A 3104 72.21 15.05 19.90
CA ASP A 3104 72.05 15.96 21.07
C ASP A 3104 72.03 15.26 22.46
N PHE A 3105 73.22 14.86 22.93
CA PHE A 3105 73.42 14.26 24.28
C PHE A 3105 72.90 15.16 25.43
N LEU A 3106 72.97 16.48 25.19
CA LEU A 3106 72.35 17.56 26.01
C LEU A 3106 70.84 17.29 26.28
N TYR A 3107 70.10 16.95 25.22
CA TYR A 3107 68.66 16.60 25.30
C TYR A 3107 68.41 15.25 26.04
N MET A 3108 69.33 14.28 25.89
CA MET A 3108 69.26 13.00 26.63
C MET A 3108 69.28 13.26 28.15
N ALA A 3109 70.22 14.14 28.55
CA ALA A 3109 70.44 14.50 29.96
C ALA A 3109 69.25 15.22 30.62
N TYR A 3110 68.82 16.36 30.03
CA TYR A 3110 67.67 17.15 30.56
C TYR A 3110 66.30 16.42 30.51
N ALA A 3111 66.07 15.60 29.48
CA ALA A 3111 64.82 14.82 29.39
C ALA A 3111 64.75 13.71 30.47
N ASP A 3112 65.89 13.05 30.76
CA ASP A 3112 65.99 12.10 31.90
C ASP A 3112 65.86 12.79 33.29
N ILE A 3113 66.34 14.03 33.41
CA ILE A 3113 66.24 14.85 34.66
C ILE A 3113 64.77 15.25 34.98
N MET A 3114 64.05 15.79 33.99
CA MET A 3114 62.61 16.14 34.14
C MET A 3114 61.72 14.87 34.31
N ALA A 3115 62.14 13.74 33.71
CA ALA A 3115 61.48 12.42 33.92
C ALA A 3115 61.60 11.91 35.37
N LYS A 3116 62.73 12.22 36.03
CA LYS A 3116 62.95 11.87 37.46
C LYS A 3116 62.35 12.92 38.46
N SER A 3117 61.91 14.09 37.96
CA SER A 3117 61.51 15.28 38.77
C SER A 3117 60.51 15.06 39.92
N CYS A 3118 59.60 14.09 39.76
CA CYS A 3118 58.51 13.83 40.72
C CYS A 3118 58.99 13.14 42.00
N VAL A 3130 43.46 8.41 60.52
CA VAL A 3130 43.15 9.81 60.21
C VAL A 3130 44.40 10.61 59.77
N LYS A 3131 45.53 10.38 60.44
CA LYS A 3131 46.77 11.13 60.18
C LYS A 3131 47.41 10.84 58.79
N SER A 3132 47.29 9.60 58.31
CA SER A 3132 47.97 9.12 57.08
C SER A 3132 47.50 9.80 55.76
N PHE A 3133 46.20 10.17 55.70
CA PHE A 3133 45.56 10.77 54.51
C PHE A 3133 46.11 12.18 54.14
N GLU A 3134 46.32 13.04 55.15
CA GLU A 3134 46.87 14.42 54.95
C GLU A 3134 48.27 14.43 54.26
N GLU A 3135 49.19 13.61 54.78
CA GLU A 3135 50.55 13.47 54.18
C GLU A 3135 50.55 12.72 52.82
N LYS A 3136 49.61 11.78 52.63
CA LYS A 3136 49.38 11.16 51.29
C LYS A 3136 48.98 12.19 50.20
N GLU A 3137 48.12 13.13 50.58
CA GLU A 3137 47.70 14.25 49.70
C GLU A 3137 48.78 15.33 49.52
N MET A 3138 49.63 15.55 50.52
CA MET A 3138 50.81 16.46 50.41
C MET A 3138 51.85 15.89 49.41
N GLU A 3139 52.02 14.57 49.36
CA GLU A 3139 52.85 13.92 48.31
C GLU A 3139 52.17 13.90 46.92
N LYS A 3140 50.83 13.82 46.89
CA LYS A 3140 50.02 13.96 45.65
C LYS A 3140 49.99 15.43 45.15
N GLN A 3141 49.81 16.38 46.08
CA GLN A 3141 49.93 17.83 45.79
C GLN A 3141 51.37 18.27 45.46
N LYS A 3142 52.38 17.56 45.98
CA LYS A 3142 53.82 17.76 45.63
C LYS A 3142 54.08 17.37 44.16
N LEU A 3143 53.67 16.14 43.81
CA LEU A 3143 53.65 15.63 42.41
C LEU A 3143 52.95 16.65 41.47
N LEU A 3144 51.81 17.17 41.92
CA LEU A 3144 51.04 18.20 41.21
C LEU A 3144 51.82 19.54 41.08
N TYR A 3145 52.75 19.81 42.02
CA TYR A 3145 53.63 21.02 42.00
C TYR A 3145 54.82 20.95 41.01
N GLN A 3146 55.57 19.84 41.01
CA GLN A 3146 56.64 19.61 40.01
C GLN A 3146 56.03 19.59 38.57
N GLN A 3147 54.91 18.86 38.41
CA GLN A 3147 54.12 18.81 37.15
C GLN A 3147 53.61 20.19 36.67
N ALA A 3148 53.24 21.05 37.62
CA ALA A 3148 52.87 22.46 37.33
C ALA A 3148 54.08 23.30 36.88
N ARG A 3149 55.26 23.01 37.46
CA ARG A 3149 56.52 23.70 37.09
C ARG A 3149 56.96 23.41 35.65
N LEU A 3150 56.82 22.16 35.20
CA LEU A 3150 57.06 21.77 33.79
C LEU A 3150 55.91 22.25 32.85
N HIS A 3151 54.68 22.34 33.37
CA HIS A 3151 53.48 22.81 32.61
C HIS A 3151 53.48 24.32 32.20
N ASP A 3152 53.72 25.21 33.18
CA ASP A 3152 53.70 26.67 32.97
C ASP A 3152 54.83 27.18 32.04
N ARG A 3153 55.93 26.43 32.01
CA ARG A 3153 57.10 26.76 31.16
C ARG A 3153 56.86 26.28 29.71
N GLY A 3154 56.16 25.16 29.56
CA GLY A 3154 55.78 24.61 28.23
C GLY A 3154 56.34 23.23 27.87
N ALA A 3155 56.74 22.42 28.86
CA ALA A 3155 57.25 21.04 28.62
C ALA A 3155 56.16 20.11 28.00
N ALA A 3156 54.90 20.36 28.36
CA ALA A 3156 53.71 19.68 27.79
C ALA A 3156 53.61 19.79 26.25
N GLU A 3157 54.12 20.89 25.70
CA GLU A 3157 54.11 21.14 24.24
C GLU A 3157 55.33 20.48 23.53
N MET A 3158 56.53 20.63 24.12
CA MET A 3158 57.78 20.08 23.55
C MET A 3158 57.82 18.53 23.51
N VAL A 3159 57.10 17.86 24.43
CA VAL A 3159 56.94 16.39 24.38
C VAL A 3159 56.28 15.94 23.05
N LEU A 3160 55.34 16.74 22.52
CA LEU A 3160 54.71 16.48 21.21
C LEU A 3160 55.60 16.91 20.01
N GLN A 3161 56.23 18.09 20.12
CA GLN A 3161 57.05 18.70 19.03
C GLN A 3161 58.28 17.86 18.61
N THR A 3162 59.00 17.36 19.61
CA THR A 3162 60.17 16.50 19.39
C THR A 3162 59.80 15.15 18.73
N ILE A 3163 58.64 14.57 19.06
CA ILE A 3163 58.15 13.32 18.41
C ILE A 3163 57.78 13.57 16.93
N SER A 3164 57.09 14.70 16.67
CA SER A 3164 56.69 15.09 15.29
C SER A 3164 57.92 15.37 14.38
N ALA A 3165 59.03 15.85 14.96
CA ALA A 3165 60.30 16.05 14.25
C ALA A 3165 61.10 14.74 14.03
N SER A 3166 61.15 13.88 15.06
CA SER A 3166 61.93 12.61 15.00
C SER A 3166 61.38 11.55 14.03
N LYS A 3167 60.10 11.68 13.64
CA LYS A 3167 59.43 10.86 12.58
C LYS A 3167 59.68 9.31 12.71
N GLY A 3168 60.31 8.67 11.72
CA GLY A 3168 60.51 7.21 11.69
C GLY A 3168 61.64 6.63 12.54
N GLU A 3169 62.49 7.48 13.13
CA GLU A 3169 63.60 7.04 14.01
C GLU A 3169 63.10 6.42 15.35
N THR A 3170 63.79 5.35 15.79
CA THR A 3170 63.56 4.69 17.11
C THR A 3170 64.84 4.81 17.99
N GLY A 3171 65.42 6.02 18.01
CA GLY A 3171 66.64 6.29 18.80
C GLY A 3171 66.36 6.43 20.29
N PRO A 3172 67.42 6.40 21.14
CA PRO A 3172 67.31 6.72 22.58
C PRO A 3172 66.71 8.12 22.89
N MET A 3173 66.89 9.08 21.98
CA MET A 3173 66.32 10.44 22.07
C MET A 3173 64.78 10.44 22.26
N VAL A 3174 64.10 9.65 21.44
CA VAL A 3174 62.62 9.56 21.50
C VAL A 3174 62.14 8.83 22.77
N ALA A 3175 62.95 7.89 23.27
CA ALA A 3175 62.71 7.25 24.58
C ALA A 3175 62.83 8.26 25.74
N ALA A 3176 63.80 9.16 25.62
CA ALA A 3176 63.98 10.26 26.60
C ALA A 3176 62.81 11.27 26.57
N THR A 3177 62.17 11.41 25.40
CA THR A 3177 60.93 12.20 25.23
C THR A 3177 59.72 11.62 25.98
N LEU A 3178 59.45 10.33 25.77
CA LEU A 3178 58.28 9.65 26.39
C LEU A 3178 58.43 9.51 27.94
N LYS A 3179 59.68 9.42 28.42
CA LYS A 3179 60.03 9.62 29.85
C LYS A 3179 59.43 10.94 30.42
N LEU A 3180 59.65 12.04 29.70
CA LEU A 3180 59.14 13.39 30.06
C LEU A 3180 57.59 13.51 29.98
N GLY A 3181 56.96 12.80 29.04
CA GLY A 3181 55.50 12.79 28.91
C GLY A 3181 54.78 12.10 30.07
N ILE A 3182 55.25 10.89 30.40
CA ILE A 3182 54.74 10.11 31.56
C ILE A 3182 54.92 10.87 32.91
N ALA A 3183 56.03 11.61 33.03
CA ALA A 3183 56.35 12.40 34.23
C ALA A 3183 55.43 13.63 34.42
N ILE A 3184 55.22 14.41 33.35
CA ILE A 3184 54.30 15.58 33.39
C ILE A 3184 52.81 15.20 33.63
N LEU A 3185 52.40 14.02 33.16
CA LEU A 3185 51.04 13.48 33.43
C LEU A 3185 50.94 12.65 34.74
N ASN A 3186 51.47 11.43 34.73
CA ASN A 3186 51.43 10.54 35.91
C ASN A 3186 50.04 10.53 36.60
N GLY A 3187 49.00 10.25 35.80
CA GLY A 3187 47.62 10.07 36.31
C GLY A 3187 46.65 11.23 36.11
N GLY A 3188 46.18 11.39 34.87
CA GLY A 3188 44.99 12.20 34.54
C GLY A 3188 44.93 13.69 34.87
N ASN A 3189 46.03 14.42 34.68
CA ASN A 3189 46.01 15.90 34.79
C ASN A 3189 45.05 16.47 33.74
N SER A 3190 44.10 17.31 34.15
CA SER A 3190 43.17 17.96 33.20
C SER A 3190 43.82 19.14 32.45
N THR A 3191 44.74 19.85 33.12
CA THR A 3191 45.42 21.03 32.56
C THR A 3191 46.44 20.69 31.44
N VAL A 3192 47.33 19.73 31.71
CA VAL A 3192 48.36 19.27 30.74
C VAL A 3192 47.70 18.62 29.49
N GLN A 3193 46.67 17.80 29.74
CA GLN A 3193 45.86 17.13 28.70
C GLN A 3193 45.06 18.11 27.81
N GLN A 3194 44.59 19.23 28.39
CA GLN A 3194 43.80 20.25 27.65
C GLN A 3194 44.66 21.18 26.74
N LYS A 3195 45.83 21.62 27.24
CA LYS A 3195 46.83 22.32 26.37
C LYS A 3195 47.42 21.38 25.27
N MET A 3196 47.48 20.08 25.57
CA MET A 3196 47.97 19.05 24.61
C MET A 3196 47.02 18.96 23.40
N LEU A 3197 45.73 18.73 23.67
CA LEU A 3197 44.66 18.66 22.64
C LEU A 3197 44.47 19.97 21.86
N ASP A 3198 44.58 21.11 22.57
CA ASP A 3198 44.45 22.45 21.94
C ASP A 3198 45.61 22.69 20.93
N TYR A 3199 46.82 22.25 21.30
CA TYR A 3199 48.00 22.31 20.41
C TYR A 3199 47.80 21.47 19.13
N LEU A 3200 47.19 20.29 19.26
CA LEU A 3200 46.88 19.42 18.10
C LEU A 3200 45.75 19.97 17.18
N LYS A 3201 44.72 20.61 17.77
CA LYS A 3201 43.55 21.11 17.00
C LYS A 3201 43.82 22.45 16.25
N GLU A 3202 44.71 23.29 16.80
CA GLU A 3202 45.05 24.59 16.20
C GLU A 3202 46.20 24.46 15.19
N LYS A 3203 47.34 23.95 15.65
CA LYS A 3203 48.56 23.81 14.80
C LYS A 3203 48.36 22.77 13.65
N LYS A 3204 47.53 21.74 13.91
CA LYS A 3204 47.04 20.75 12.90
C LYS A 3204 48.13 20.19 11.94
N ASP A 3205 49.25 19.77 12.52
CA ASP A 3205 50.49 19.45 11.79
C ASP A 3205 50.51 18.12 11.01
N VAL A 3206 49.60 17.19 11.37
CA VAL A 3206 49.43 15.86 10.67
C VAL A 3206 50.60 14.86 10.91
N GLY A 3207 51.86 15.33 10.90
CA GLY A 3207 53.05 14.48 10.98
C GLY A 3207 53.42 13.87 12.33
N PHE A 3208 52.72 14.28 13.41
CA PHE A 3208 52.83 13.63 14.74
C PHE A 3208 52.16 12.22 14.71
N PHE A 3209 50.94 12.15 14.18
CA PHE A 3209 50.23 10.88 13.88
C PHE A 3209 50.97 9.97 12.86
N GLN A 3210 51.61 10.58 11.85
CA GLN A 3210 52.47 9.87 10.90
C GLN A 3210 53.71 9.26 11.62
N SER A 3211 54.23 9.99 12.63
CA SER A 3211 55.39 9.53 13.44
C SER A 3211 55.03 8.34 14.36
N LEU A 3212 53.94 8.48 15.12
CA LEU A 3212 53.43 7.42 16.02
C LEU A 3212 53.00 6.14 15.26
N ALA A 3213 52.40 6.31 14.07
CA ALA A 3213 51.96 5.18 13.24
C ALA A 3213 53.12 4.40 12.59
N GLY A 3214 54.03 5.12 11.92
CA GLY A 3214 55.22 4.52 11.29
C GLY A 3214 56.13 3.78 12.27
N LEU A 3215 56.27 4.36 13.48
CA LEU A 3215 57.03 3.73 14.59
C LEU A 3215 56.31 2.48 15.17
N MET A 3216 54.97 2.54 15.25
CA MET A 3216 54.09 1.41 15.69
C MET A 3216 54.21 0.16 14.77
N GLN A 3217 54.43 0.38 13.47
CA GLN A 3217 54.68 -0.72 12.53
C GLN A 3217 55.90 -1.56 13.00
N SER A 3218 56.95 -0.88 13.47
CA SER A 3218 58.22 -1.55 13.88
C SER A 3218 58.60 -1.39 15.38
N CYS A 3219 57.62 -1.19 16.27
CA CYS A 3219 57.91 -0.92 17.70
C CYS A 3219 58.83 -1.97 18.39
N SER A 3220 58.49 -3.26 18.25
CA SER A 3220 59.30 -4.40 18.79
C SER A 3220 58.65 -5.78 18.54
N VAL A 3221 59.41 -6.85 18.81
CA VAL A 3221 58.96 -8.26 18.64
C VAL A 3221 59.58 -9.15 19.74
N LEU A 3222 58.88 -10.23 20.12
CA LEU A 3222 59.42 -11.29 21.02
C LEU A 3222 60.38 -12.22 20.24
N ASP A 3223 59.98 -12.57 19.01
CA ASP A 3223 60.82 -13.29 18.02
C ASP A 3223 61.40 -14.62 18.54
N LEU A 3224 60.58 -15.69 18.48
CA LEU A 3224 60.94 -17.07 18.94
C LEU A 3224 62.24 -17.63 18.29
N ASN A 3225 62.40 -17.41 16.99
CA ASN A 3225 63.55 -17.97 16.23
C ASN A 3225 64.90 -17.42 16.76
N ALA A 3226 64.91 -16.14 17.15
CA ALA A 3226 66.08 -15.50 17.83
C ALA A 3226 66.39 -16.12 19.22
N PHE A 3227 65.34 -16.58 19.92
CA PHE A 3227 65.44 -17.22 21.26
C PHE A 3227 66.04 -18.65 21.21
N GLU A 3228 65.63 -19.45 20.21
CA GLU A 3228 66.22 -20.79 19.94
C GLU A 3228 67.70 -20.67 19.49
N ARG A 3229 67.99 -19.61 18.72
CA ARG A 3229 69.34 -19.28 18.24
C ARG A 3229 70.33 -18.84 19.37
N GLN A 3230 69.83 -18.16 20.42
CA GLN A 3230 70.65 -17.69 21.57
C GLN A 3230 70.75 -18.73 22.73
N ASN A 3231 69.87 -19.75 22.72
CA ASN A 3231 69.86 -20.81 23.76
C ASN A 3231 71.16 -21.66 23.87
N LYS A 3232 71.92 -21.75 22.77
CA LYS A 3232 73.15 -22.59 22.68
C LYS A 3232 74.42 -21.77 22.90
N ASP A 3251 64.33 -4.81 23.07
CA ASP A 3251 64.01 -3.38 22.97
C ASP A 3251 62.51 -3.11 23.30
N ASP A 3252 62.03 -3.72 24.39
CA ASP A 3252 60.61 -3.64 24.83
C ASP A 3252 60.27 -2.43 25.74
N GLU A 3253 61.25 -1.96 26.53
CA GLU A 3253 61.05 -0.87 27.54
C GLU A 3253 60.50 0.45 26.93
N PHE A 3254 61.03 0.79 25.74
CA PHE A 3254 60.56 1.94 24.92
C PHE A 3254 59.07 1.82 24.47
N THR A 3255 58.64 0.58 24.18
CA THR A 3255 57.27 0.28 23.73
C THR A 3255 56.26 0.49 24.89
N CYS A 3256 56.59 -0.07 26.05
CA CYS A 3256 55.80 0.11 27.29
C CYS A 3256 55.69 1.59 27.70
N ASP A 3257 56.76 2.38 27.45
CA ASP A 3257 56.74 3.85 27.63
C ASP A 3257 55.74 4.57 26.67
N LEU A 3258 55.64 4.09 25.43
CA LEU A 3258 54.74 4.70 24.40
C LEU A 3258 53.24 4.47 24.70
N PHE A 3259 52.87 3.21 24.96
CA PHE A 3259 51.46 2.85 25.30
C PHE A 3259 51.01 3.42 26.68
N ARG A 3260 51.95 3.53 27.64
CA ARG A 3260 51.68 4.22 28.92
C ARG A 3260 51.42 5.73 28.66
N PHE A 3261 52.16 6.32 27.70
CA PHE A 3261 51.98 7.74 27.27
C PHE A 3261 50.54 8.00 26.75
N LEU A 3262 50.08 7.19 25.79
CA LEU A 3262 48.71 7.31 25.21
C LEU A 3262 47.58 7.07 26.26
N GLN A 3263 47.78 6.09 27.16
CA GLN A 3263 46.80 5.78 28.24
C GLN A 3263 46.59 6.98 29.20
N LEU A 3264 47.71 7.65 29.54
CA LEU A 3264 47.69 8.89 30.35
C LEU A 3264 47.05 10.09 29.57
N LEU A 3265 47.15 10.08 28.23
CA LEU A 3265 46.42 11.04 27.36
C LEU A 3265 44.88 10.87 27.37
N CYS A 3266 44.35 9.69 27.73
CA CYS A 3266 42.87 9.44 27.79
C CYS A 3266 42.22 9.39 29.22
N GLU A 3267 43.04 9.37 30.29
CA GLU A 3267 42.53 9.36 31.69
C GLU A 3267 41.85 10.69 32.10
N GLY A 3268 40.83 10.61 32.97
CA GLY A 3268 39.95 11.75 33.29
C GLY A 3268 38.72 11.89 32.40
N HIS A 3269 38.54 10.96 31.45
CA HIS A 3269 37.36 10.89 30.55
C HIS A 3269 37.14 12.12 29.62
N ASN A 3270 38.19 12.53 28.93
CA ASN A 3270 38.08 13.58 27.88
C ASN A 3270 37.58 12.95 26.55
N SER A 3271 36.25 12.80 26.44
CA SER A 3271 35.60 12.17 25.27
C SER A 3271 35.84 12.91 23.93
N ASP A 3272 36.03 14.23 24.00
CA ASP A 3272 36.47 15.04 22.83
C ASP A 3272 37.87 14.63 22.28
N PHE A 3273 38.77 14.23 23.20
CA PHE A 3273 40.12 13.77 22.86
C PHE A 3273 40.12 12.33 22.28
N GLN A 3274 39.28 11.45 22.83
CA GLN A 3274 39.12 10.05 22.34
C GLN A 3274 38.55 10.02 20.89
N ASN A 3275 37.53 10.86 20.65
CA ASN A 3275 36.96 11.07 19.31
C ASN A 3275 38.01 11.67 18.34
N TYR A 3276 38.87 12.58 18.85
CA TYR A 3276 39.98 13.15 18.05
C TYR A 3276 40.97 12.04 17.57
N LEU A 3277 41.24 11.04 18.41
CA LEU A 3277 42.10 9.89 18.03
C LEU A 3277 41.47 8.99 16.95
N ARG A 3278 40.14 8.83 16.97
CA ARG A 3278 39.48 7.96 15.95
C ARG A 3278 39.31 8.66 14.57
N THR A 3279 38.83 9.91 14.56
CA THR A 3279 38.41 10.60 13.30
C THR A 3279 39.25 11.82 12.82
N GLN A 3280 40.07 12.42 13.71
CA GLN A 3280 41.11 13.42 13.33
C GLN A 3280 40.54 14.57 12.46
N THR A 3281 39.47 15.20 12.95
CA THR A 3281 38.56 16.09 12.17
C THR A 3281 39.19 17.35 11.51
N GLY A 3282 40.16 17.99 12.17
CA GLY A 3282 40.87 19.16 11.62
C GLY A 3282 41.81 18.85 10.47
N ASN A 3283 42.50 17.71 10.56
CA ASN A 3283 43.51 17.28 9.56
C ASN A 3283 42.91 16.69 8.26
N ASN A 3284 43.64 16.83 7.14
CA ASN A 3284 43.21 16.38 5.79
C ASN A 3284 42.97 14.85 5.65
N THR A 3285 43.80 14.06 6.34
CA THR A 3285 43.72 12.58 6.32
C THR A 3285 43.33 12.05 7.72
N THR A 3286 42.27 11.25 7.77
CA THR A 3286 41.73 10.67 9.03
C THR A 3286 42.46 9.34 9.43
N VAL A 3287 43.73 9.48 9.86
CA VAL A 3287 44.54 8.35 10.34
C VAL A 3287 43.99 7.89 11.71
N ASN A 3288 43.91 6.57 11.90
CA ASN A 3288 43.28 5.95 13.08
C ASN A 3288 44.37 5.20 13.92
N ILE A 3289 44.83 5.83 15.00
CA ILE A 3289 45.83 5.22 15.92
C ILE A 3289 45.29 3.93 16.59
N ILE A 3290 43.97 3.86 16.80
CA ILE A 3290 43.30 2.67 17.40
C ILE A 3290 43.48 1.39 16.52
N ILE A 3291 43.33 1.53 15.19
CA ILE A 3291 43.60 0.43 14.23
C ILE A 3291 45.10 0.02 14.25
N SER A 3292 46.01 0.98 14.50
CA SER A 3292 47.46 0.71 14.55
C SER A 3292 47.90 -0.13 15.78
N THR A 3293 47.39 0.23 16.96
CA THR A 3293 47.60 -0.58 18.21
C THR A 3293 46.91 -1.97 18.15
N VAL A 3294 45.77 -2.07 17.44
CA VAL A 3294 45.12 -3.39 17.16
C VAL A 3294 46.04 -4.30 16.30
N ASP A 3295 46.68 -3.72 15.27
CA ASP A 3295 47.68 -4.45 14.44
C ASP A 3295 48.90 -4.93 15.28
N TYR A 3296 49.29 -4.10 16.26
CA TYR A 3296 50.33 -4.48 17.24
C TYR A 3296 49.92 -5.66 18.17
N LEU A 3297 48.62 -5.74 18.50
CA LEU A 3297 48.06 -6.94 19.19
C LEU A 3297 48.08 -8.21 18.31
N LEU A 3298 47.98 -8.03 16.99
CA LEU A 3298 48.09 -9.17 16.04
C LEU A 3298 49.52 -9.78 16.05
N ARG A 3299 50.54 -8.93 15.85
CA ARG A 3299 51.97 -9.32 15.85
C ARG A 3299 52.42 -9.97 17.19
N VAL A 3300 52.11 -9.30 18.31
CA VAL A 3300 52.48 -9.81 19.65
C VAL A 3300 51.71 -11.10 20.01
N GLN A 3301 50.50 -11.27 19.47
CA GLN A 3301 49.73 -12.54 19.59
C GLN A 3301 50.47 -13.72 18.93
N GLU A 3302 50.82 -13.57 17.65
CA GLU A 3302 51.50 -14.65 16.88
C GLU A 3302 52.85 -15.03 17.51
N SER A 3303 53.53 -14.04 18.14
CA SER A 3303 54.75 -14.26 18.94
C SER A 3303 54.55 -15.14 20.20
N ILE A 3304 53.54 -14.80 21.02
CA ILE A 3304 53.26 -15.53 22.28
C ILE A 3304 52.77 -16.99 22.01
N SER A 3305 51.96 -17.16 20.95
CA SER A 3305 51.38 -18.49 20.57
C SER A 3305 52.44 -19.48 19.99
N ASP A 3306 53.27 -18.98 19.06
CA ASP A 3306 54.40 -19.75 18.50
C ASP A 3306 55.40 -20.13 19.62
N PHE A 3307 55.61 -19.21 20.57
CA PHE A 3307 56.45 -19.44 21.76
C PHE A 3307 55.88 -20.61 22.62
N TYR A 3308 54.54 -20.67 22.74
CA TYR A 3308 53.86 -21.81 23.42
C TYR A 3308 54.13 -23.16 22.71
N TRP A 3309 53.89 -23.25 21.40
CA TRP A 3309 54.12 -24.52 20.66
C TRP A 3309 55.59 -25.00 20.66
N TYR A 3310 56.54 -24.07 20.80
CA TYR A 3310 57.96 -24.45 21.09
C TYR A 3310 58.17 -25.01 22.53
N TYR A 3311 57.38 -24.52 23.50
CA TYR A 3311 57.31 -25.07 24.89
C TYR A 3311 56.12 -26.06 25.18
N SER A 3312 55.34 -26.44 24.16
CA SER A 3312 54.14 -27.30 24.33
C SER A 3312 54.45 -28.75 24.81
N GLY A 3313 55.60 -29.29 24.37
CA GLY A 3313 56.11 -30.61 24.82
C GLY A 3313 57.36 -30.62 25.71
N LYS A 3314 57.77 -29.44 26.22
CA LYS A 3314 58.98 -29.27 27.07
C LYS A 3314 58.67 -29.15 28.60
N ASP A 3315 57.44 -29.50 29.01
CA ASP A 3315 56.88 -29.30 30.39
C ASP A 3315 57.53 -28.24 31.33
N VAL A 3316 58.77 -28.51 31.79
CA VAL A 3316 59.52 -27.58 32.67
C VAL A 3316 59.92 -26.27 31.92
N ILE A 3317 59.84 -25.13 32.61
CA ILE A 3317 60.31 -23.80 32.09
C ILE A 3317 61.44 -23.23 32.97
N ASP A 3318 62.53 -22.81 32.33
CA ASP A 3318 63.71 -22.28 33.03
C ASP A 3318 63.58 -20.77 33.31
N GLU A 3319 64.53 -20.26 34.11
CA GLU A 3319 64.60 -18.83 34.51
C GLU A 3319 64.69 -17.83 33.34
N GLN A 3320 65.47 -18.19 32.30
CA GLN A 3320 65.60 -17.38 31.06
C GLN A 3320 64.29 -17.40 30.22
N GLY A 3321 63.62 -18.55 30.17
CA GLY A 3321 62.36 -18.70 29.45
C GLY A 3321 61.18 -18.03 30.15
N GLN A 3322 61.20 -18.04 31.49
CA GLN A 3322 60.14 -17.39 32.28
C GLN A 3322 60.33 -15.86 32.35
N ARG A 3323 61.57 -15.37 32.43
CA ARG A 3323 61.87 -13.91 32.37
C ARG A 3323 61.61 -13.31 30.96
N ASN A 3324 61.80 -14.10 29.90
CA ASN A 3324 61.46 -13.67 28.51
C ASN A 3324 59.93 -13.60 28.28
N PHE A 3325 59.24 -14.67 28.71
CA PHE A 3325 57.76 -14.76 28.68
C PHE A 3325 57.10 -13.69 29.59
N SER A 3326 57.71 -13.39 30.75
CA SER A 3326 57.26 -12.28 31.63
C SER A 3326 57.52 -10.88 31.05
N LYS A 3327 58.53 -10.73 30.20
CA LYS A 3327 58.80 -9.45 29.46
C LYS A 3327 57.68 -9.18 28.41
N ALA A 3328 57.37 -10.19 27.58
CA ALA A 3328 56.27 -10.12 26.59
C ALA A 3328 54.88 -9.94 27.27
N ILE A 3329 54.73 -10.49 28.49
CA ILE A 3329 53.55 -10.29 29.36
C ILE A 3329 53.46 -8.86 29.93
N GLN A 3330 54.60 -8.20 30.16
CA GLN A 3330 54.64 -6.78 30.56
C GLN A 3330 54.12 -5.86 29.42
N VAL A 3331 54.52 -6.19 28.19
CA VAL A 3331 54.09 -5.43 26.98
C VAL A 3331 52.57 -5.60 26.74
N ALA A 3332 52.12 -6.86 26.70
CA ALA A 3332 50.70 -7.24 26.56
C ALA A 3332 49.79 -6.60 27.65
N LYS A 3333 50.31 -6.53 28.88
CA LYS A 3333 49.63 -5.86 30.03
C LYS A 3333 49.34 -4.38 29.73
N GLN A 3334 50.39 -3.64 29.36
CA GLN A 3334 50.29 -2.18 29.12
C GLN A 3334 49.35 -1.84 27.93
N VAL A 3335 49.35 -2.69 26.89
CA VAL A 3335 48.58 -2.46 25.64
C VAL A 3335 47.08 -2.82 25.75
N PHE A 3336 46.77 -3.95 26.42
CA PHE A 3336 45.37 -4.29 26.76
C PHE A 3336 44.72 -3.24 27.71
N ASN A 3337 45.53 -2.64 28.59
CA ASN A 3337 45.08 -1.49 29.41
C ASN A 3337 44.79 -0.23 28.54
N THR A 3338 45.58 0.00 27.48
CA THR A 3338 45.30 1.11 26.55
C THR A 3338 43.95 0.97 25.83
N LEU A 3339 43.61 -0.26 25.42
CA LEU A 3339 42.32 -0.56 24.77
C LEU A 3339 41.12 -0.62 25.76
N THR A 3340 41.38 -0.76 27.06
CA THR A 3340 40.34 -0.45 28.08
C THR A 3340 40.06 1.07 28.03
N GLU A 3341 41.14 1.86 27.91
CA GLU A 3341 41.12 3.32 28.13
C GLU A 3341 40.55 4.18 26.97
N TYR A 3342 40.77 3.77 25.71
CA TYR A 3342 40.15 4.44 24.54
C TYR A 3342 38.60 4.35 24.59
N ILE A 3343 38.10 3.23 25.12
CA ILE A 3343 36.65 2.91 25.16
C ILE A 3343 36.09 2.98 26.62
N GLN A 3344 36.94 3.34 27.60
CA GLN A 3344 36.54 3.52 29.01
C GLN A 3344 35.34 4.46 29.10
N GLY A 3345 35.49 5.64 28.47
CA GLY A 3345 34.37 6.57 28.29
C GLY A 3345 33.35 5.91 27.37
N PRO A 3346 32.02 6.13 27.60
CA PRO A 3346 31.03 5.55 26.67
C PRO A 3346 30.98 6.35 25.34
N CYS A 3347 32.09 6.29 24.59
CA CYS A 3347 32.23 7.00 23.32
C CYS A 3347 31.61 6.14 22.21
N THR A 3348 30.47 6.57 21.67
CA THR A 3348 29.72 5.83 20.62
C THR A 3348 30.54 5.62 19.32
N GLY A 3349 31.27 6.65 18.91
CA GLY A 3349 32.09 6.63 17.67
C GLY A 3349 33.41 5.86 17.79
N ASN A 3350 33.92 5.73 19.03
CA ASN A 3350 35.12 4.90 19.33
C ASN A 3350 34.78 3.39 19.33
N GLN A 3351 33.59 3.03 19.85
CA GLN A 3351 33.09 1.63 19.79
C GLN A 3351 32.77 1.18 18.34
N GLN A 3352 32.10 2.03 17.56
CA GLN A 3352 31.75 1.74 16.15
C GLN A 3352 33.02 1.68 15.25
N SER A 3353 34.02 2.54 15.53
CA SER A 3353 35.33 2.51 14.85
C SER A 3353 36.16 1.21 15.15
N LEU A 3354 35.98 0.65 16.36
CA LEU A 3354 36.69 -0.58 16.82
C LEU A 3354 35.94 -1.91 16.49
N ALA A 3355 34.60 -1.88 16.43
CA ALA A 3355 33.78 -3.07 16.06
C ALA A 3355 34.10 -3.59 14.63
N HIS A 3356 34.31 -2.66 13.70
CA HIS A 3356 34.80 -2.95 12.33
C HIS A 3356 36.32 -3.33 12.31
N SER A 3357 37.09 -2.89 13.32
CA SER A 3357 38.55 -3.18 13.44
C SER A 3357 38.86 -4.67 13.70
N ARG A 3358 40.11 -5.05 13.38
CA ARG A 3358 40.57 -6.46 13.35
C ARG A 3358 40.91 -7.04 14.76
N LEU A 3359 40.20 -6.56 15.79
CA LEU A 3359 40.42 -6.96 17.20
C LEU A 3359 40.04 -8.43 17.51
N TRP A 3360 39.03 -8.94 16.79
CA TRP A 3360 38.39 -10.24 17.09
C TRP A 3360 39.37 -11.44 16.93
N ASP A 3361 40.22 -11.37 15.88
CA ASP A 3361 41.29 -12.36 15.61
C ASP A 3361 42.29 -12.50 16.81
N ALA A 3362 42.45 -11.41 17.57
CA ALA A 3362 43.20 -11.43 18.84
C ALA A 3362 42.38 -11.99 20.03
N VAL A 3363 41.15 -11.48 20.23
CA VAL A 3363 40.30 -11.84 21.41
C VAL A 3363 39.96 -13.36 21.43
N VAL A 3364 39.69 -13.94 20.26
CA VAL A 3364 39.52 -15.40 20.13
C VAL A 3364 40.85 -16.13 20.41
N GLY A 3365 41.92 -15.68 19.75
CA GLY A 3365 43.21 -16.39 19.72
C GLY A 3365 43.98 -16.41 21.03
N PHE A 3366 43.88 -15.31 21.80
CA PHE A 3366 44.48 -15.26 23.15
C PHE A 3366 43.89 -16.35 24.06
N LEU A 3367 42.60 -16.65 23.92
CA LEU A 3367 41.96 -17.74 24.70
C LEU A 3367 42.61 -19.13 24.42
N HIS A 3368 43.00 -19.37 23.16
CA HIS A 3368 43.72 -20.62 22.76
C HIS A 3368 45.10 -20.75 23.46
N VAL A 3369 45.72 -19.60 23.75
CA VAL A 3369 46.92 -19.51 24.61
C VAL A 3369 46.54 -19.62 26.11
N PHE A 3370 45.49 -18.90 26.55
CA PHE A 3370 45.03 -18.92 27.97
C PHE A 3370 44.45 -20.28 28.43
N ALA A 3371 44.03 -21.14 27.50
CA ALA A 3371 43.57 -22.51 27.84
C ALA A 3371 44.74 -23.45 28.27
N HIS A 3372 45.56 -23.87 27.31
CA HIS A 3372 46.60 -24.91 27.52
C HIS A 3372 47.73 -24.45 28.46
N MET A 3373 48.08 -23.15 28.38
CA MET A 3373 49.08 -22.55 29.29
C MET A 3373 48.61 -22.51 30.76
N GLN A 3374 47.30 -22.37 31.03
CA GLN A 3374 46.81 -22.42 32.42
C GLN A 3374 46.65 -23.88 32.93
N MET A 3375 46.79 -24.85 32.01
CA MET A 3375 46.89 -26.28 32.36
C MET A 3375 48.35 -26.72 32.65
N LYS A 3376 49.21 -26.71 31.62
CA LYS A 3376 50.58 -27.29 31.68
C LYS A 3376 51.56 -26.53 32.62
N LEU A 3377 51.32 -25.22 32.80
CA LEU A 3377 52.12 -24.38 33.74
C LEU A 3377 51.58 -24.45 35.20
N SER A 3378 50.40 -25.03 35.42
CA SER A 3378 49.86 -25.18 36.79
C SER A 3378 50.53 -26.29 37.64
N GLN A 3379 51.40 -27.11 37.03
CA GLN A 3379 51.88 -28.39 37.63
C GLN A 3379 52.88 -28.24 38.80
N ASP A 3380 53.76 -27.24 38.74
CA ASP A 3380 54.85 -27.04 39.72
C ASP A 3380 54.76 -25.69 40.48
N SER A 3381 55.27 -25.66 41.72
CA SER A 3381 55.22 -24.46 42.59
C SER A 3381 56.07 -23.27 42.07
N SER A 3382 57.26 -23.57 41.54
CA SER A 3382 58.10 -22.59 40.81
C SER A 3382 57.35 -22.06 39.57
N GLN A 3383 56.63 -22.97 38.89
CA GLN A 3383 55.81 -22.62 37.70
C GLN A 3383 54.64 -21.64 37.97
N ILE A 3384 53.95 -21.77 39.12
CA ILE A 3384 52.72 -20.97 39.45
C ILE A 3384 52.94 -19.42 39.52
N GLU A 3385 54.03 -18.97 40.15
CA GLU A 3385 54.42 -17.53 40.13
C GLU A 3385 54.03 -16.85 38.78
N LEU A 3386 54.43 -17.49 37.68
CA LEU A 3386 54.11 -17.04 36.31
C LEU A 3386 52.62 -17.25 35.96
N LEU A 3387 52.01 -18.34 36.47
CA LEU A 3387 50.54 -18.57 36.36
C LEU A 3387 49.71 -17.41 36.96
N LYS A 3388 50.22 -16.77 38.03
CA LYS A 3388 49.56 -15.59 38.64
C LYS A 3388 49.61 -14.34 37.70
N GLU A 3389 50.71 -14.17 36.97
CA GLU A 3389 50.84 -13.11 35.94
C GLU A 3389 49.83 -13.34 34.78
N LEU A 3390 49.66 -14.62 34.40
CA LEU A 3390 48.66 -15.02 33.38
C LEU A 3390 47.20 -14.77 33.82
N MET A 3391 46.93 -14.91 35.14
CA MET A 3391 45.60 -14.62 35.71
C MET A 3391 45.27 -13.11 35.73
N ASP A 3392 46.24 -12.28 36.14
CA ASP A 3392 46.08 -10.79 36.11
C ASP A 3392 45.83 -10.27 34.67
N LEU A 3393 46.57 -10.82 33.68
CA LEU A 3393 46.35 -10.46 32.25
C LEU A 3393 44.94 -10.88 31.76
N GLN A 3394 44.45 -12.04 32.23
CA GLN A 3394 43.09 -12.53 31.89
C GLN A 3394 41.98 -11.60 32.47
N LYS A 3395 42.25 -11.02 33.66
CA LYS A 3395 41.36 -9.97 34.27
C LYS A 3395 41.24 -8.75 33.35
N ASP A 3396 42.39 -8.28 32.83
CA ASP A 3396 42.44 -7.11 31.91
C ASP A 3396 41.79 -7.39 30.53
N MET A 3397 41.77 -8.66 30.08
CA MET A 3397 41.14 -9.07 28.80
C MET A 3397 39.59 -9.04 28.85
N VAL A 3398 39.03 -9.74 29.85
CA VAL A 3398 37.57 -9.71 30.13
C VAL A 3398 37.06 -8.29 30.45
N VAL A 3399 37.91 -7.45 31.05
CA VAL A 3399 37.61 -6.01 31.32
C VAL A 3399 37.59 -5.12 30.04
N MET A 3400 38.50 -5.31 29.08
CA MET A 3400 38.42 -4.53 27.80
C MET A 3400 37.16 -4.92 26.98
N LEU A 3401 36.73 -6.19 27.11
CA LEU A 3401 35.53 -6.73 26.42
C LEU A 3401 34.20 -6.18 27.00
N LEU A 3402 34.11 -6.17 28.35
CA LEU A 3402 32.98 -5.57 29.09
C LEU A 3402 32.90 -4.02 28.91
N SER A 3403 34.06 -3.35 28.76
CA SER A 3403 34.14 -1.91 28.44
C SER A 3403 33.86 -1.61 26.96
N MET A 3404 33.81 -2.67 26.12
CA MET A 3404 33.30 -2.54 24.73
C MET A 3404 31.77 -2.60 24.62
N LEU A 3405 31.12 -3.38 25.50
CA LEU A 3405 29.64 -3.59 25.45
C LEU A 3405 28.72 -2.52 26.12
N GLU A 3406 29.26 -1.60 26.94
CA GLU A 3406 28.42 -0.81 27.87
C GLU A 3406 27.33 0.10 27.20
N GLY A 3407 27.54 0.46 25.93
CA GLY A 3407 26.58 1.28 25.15
C GLY A 3407 25.42 0.56 24.46
N ASN A 3408 25.39 -0.78 24.53
CA ASN A 3408 24.43 -1.60 23.74
C ASN A 3408 22.97 -1.53 24.23
N VAL A 3409 22.04 -1.61 23.26
CA VAL A 3409 20.62 -1.95 23.48
C VAL A 3409 20.53 -3.48 23.27
N VAL A 3410 19.35 -4.05 22.95
CA VAL A 3410 19.20 -5.51 22.70
C VAL A 3410 20.12 -6.11 21.58
N ASN A 3411 19.70 -6.03 20.32
CA ASN A 3411 20.29 -6.83 19.23
C ASN A 3411 21.38 -6.06 18.44
N GLY A 3412 22.48 -5.73 19.10
CA GLY A 3412 23.60 -5.01 18.46
C GLY A 3412 24.38 -5.88 17.45
N THR A 3413 24.81 -5.27 16.34
CA THR A 3413 25.71 -5.96 15.37
C THR A 3413 27.07 -6.36 15.98
N ILE A 3414 27.56 -5.56 16.94
CA ILE A 3414 28.76 -5.87 17.77
C ILE A 3414 28.56 -7.16 18.63
N GLY A 3415 27.39 -7.28 19.26
CA GLY A 3415 27.01 -8.48 20.02
C GLY A 3415 26.91 -9.75 19.16
N LYS A 3416 26.47 -9.59 17.90
CA LYS A 3416 26.50 -10.70 16.92
C LYS A 3416 27.93 -11.14 16.57
N GLN A 3417 28.86 -10.18 16.46
CA GLN A 3417 30.29 -10.50 16.25
C GLN A 3417 30.86 -11.31 17.44
N MET A 3418 30.36 -11.04 18.66
CA MET A 3418 30.81 -11.72 19.91
C MET A 3418 30.20 -13.14 20.13
N VAL A 3419 28.91 -13.32 19.79
CA VAL A 3419 28.29 -14.67 19.78
C VAL A 3419 29.05 -15.55 18.76
N ASP A 3420 29.46 -14.95 17.64
CA ASP A 3420 30.27 -15.61 16.59
C ASP A 3420 31.65 -16.09 17.10
N MET A 3421 32.37 -15.25 17.87
CA MET A 3421 33.68 -15.65 18.45
C MET A 3421 33.55 -16.78 19.51
N LEU A 3422 32.50 -16.71 20.33
CA LEU A 3422 32.25 -17.74 21.38
C LEU A 3422 31.86 -19.13 20.81
N VAL A 3423 31.20 -19.16 19.64
CA VAL A 3423 30.99 -20.41 18.85
C VAL A 3423 32.34 -20.94 18.28
N GLU A 3424 33.17 -20.01 17.79
CA GLU A 3424 34.52 -20.34 17.28
C GLU A 3424 35.52 -20.79 18.40
N SER A 3425 35.22 -20.43 19.66
CA SER A 3425 36.03 -20.82 20.85
C SER A 3425 35.34 -21.88 21.79
N SER A 3426 34.46 -22.72 21.24
CA SER A 3426 33.61 -23.68 22.03
C SER A 3426 34.37 -24.75 22.90
N ASN A 3427 35.22 -25.55 22.26
CA ASN A 3427 36.04 -26.58 22.96
C ASN A 3427 37.19 -25.94 23.78
N ASN A 3428 37.58 -24.72 23.37
CA ASN A 3428 38.62 -23.89 24.02
C ASN A 3428 38.16 -23.37 25.43
N VAL A 3429 37.03 -22.66 25.47
CA VAL A 3429 36.42 -22.22 26.75
C VAL A 3429 35.89 -23.45 27.54
N GLU A 3430 35.61 -24.56 26.84
CA GLU A 3430 35.35 -25.87 27.50
C GLU A 3430 36.53 -26.26 28.42
N MET A 3431 37.77 -26.17 27.91
CA MET A 3431 38.97 -26.49 28.70
C MET A 3431 39.22 -25.51 29.89
N ILE A 3432 38.93 -24.22 29.72
CA ILE A 3432 39.15 -23.22 30.79
C ILE A 3432 38.14 -23.44 31.97
N LEU A 3433 36.87 -23.70 31.63
CA LEU A 3433 35.80 -23.99 32.61
C LEU A 3433 36.08 -25.23 33.50
N LYS A 3434 36.87 -26.18 32.99
CA LYS A 3434 37.36 -27.32 33.79
C LYS A 3434 38.30 -26.86 34.96
N PHE A 3435 39.11 -25.81 34.74
CA PHE A 3435 39.95 -25.20 35.81
C PHE A 3435 39.15 -24.47 36.92
N PHE A 3436 38.01 -23.87 36.57
CA PHE A 3436 37.30 -22.96 37.50
C PHE A 3436 36.54 -23.63 38.68
N ASP A 3437 36.47 -24.97 38.68
CA ASP A 3437 35.99 -25.75 39.86
C ASP A 3437 36.90 -25.65 41.13
N MET A 3438 38.15 -25.18 40.95
CA MET A 3438 39.09 -24.87 42.05
C MET A 3438 38.77 -23.54 42.73
N LEU A 3445 33.52 -22.96 57.28
CA LEU A 3445 34.01 -23.33 55.96
C LEU A 3445 33.83 -24.83 55.70
N THR A 3446 33.03 -25.16 54.67
CA THR A 3446 32.67 -26.56 54.34
C THR A 3446 33.88 -27.41 53.90
N SER A 3447 34.78 -26.79 53.12
CA SER A 3447 36.01 -27.44 52.63
C SER A 3447 37.05 -27.70 53.73
N SER A 3448 36.97 -26.96 54.84
CA SER A 3448 37.80 -27.23 56.04
C SER A 3448 37.37 -28.54 56.74
N ASP A 3449 36.06 -28.71 56.91
CA ASP A 3449 35.50 -29.84 57.66
C ASP A 3449 35.54 -31.13 56.84
N THR A 3450 35.37 -31.03 55.51
CA THR A 3450 35.56 -32.19 54.60
C THR A 3450 37.03 -32.65 54.55
N PHE A 3451 37.98 -31.72 54.74
CA PHE A 3451 39.41 -32.05 54.94
C PHE A 3451 39.65 -32.78 56.28
N LYS A 3452 38.93 -32.37 57.33
CA LYS A 3452 38.98 -33.05 58.65
C LYS A 3452 38.38 -34.47 58.65
N GLU A 3453 37.44 -34.75 57.73
CA GLU A 3453 36.84 -36.09 57.60
C GLU A 3453 37.78 -37.19 57.01
N TYR A 3454 38.85 -36.79 56.32
CA TYR A 3454 39.82 -37.74 55.70
C TYR A 3454 41.23 -37.81 56.37
N ASP A 3455 41.70 -36.70 56.95
CA ASP A 3455 42.98 -36.65 57.72
C ASP A 3455 42.89 -37.53 59.01
N PRO A 3456 43.91 -38.40 59.26
CA PRO A 3456 44.02 -39.16 60.55
C PRO A 3456 44.93 -38.56 61.65
N ASP A 3457 46.13 -38.09 61.28
CA ASP A 3457 47.13 -37.57 62.26
C ASP A 3457 46.75 -36.23 62.92
N GLY A 3458 46.05 -35.35 62.17
CA GLY A 3458 45.79 -33.95 62.57
C GLY A 3458 46.95 -33.01 62.25
N LYS A 3459 47.80 -33.40 61.29
CA LYS A 3459 48.96 -32.62 60.85
C LYS A 3459 48.64 -31.67 59.67
N GLY A 3460 47.38 -31.64 59.22
CA GLY A 3460 46.96 -30.88 58.04
C GLY A 3460 47.32 -31.55 56.71
N ILE A 3461 47.52 -32.88 56.75
CA ILE A 3461 47.94 -33.66 55.59
C ILE A 3461 46.93 -34.78 55.24
N ILE A 3462 46.64 -34.96 53.94
CA ILE A 3462 45.85 -36.11 53.43
C ILE A 3462 46.62 -36.81 52.30
N SER A 3463 46.45 -38.14 52.17
CA SER A 3463 47.14 -38.91 51.12
C SER A 3463 46.64 -38.55 49.70
N LYS A 3464 47.52 -38.72 48.70
CA LYS A 3464 47.20 -38.47 47.27
C LYS A 3464 46.21 -39.51 46.70
N ARG A 3465 46.42 -40.78 47.07
CA ARG A 3465 45.44 -41.87 46.83
C ARG A 3465 44.06 -41.61 47.52
N ASP A 3466 44.10 -41.02 48.72
CA ASP A 3466 42.87 -40.59 49.42
C ASP A 3466 42.19 -39.34 48.80
N PHE A 3467 42.90 -38.58 47.96
CA PHE A 3467 42.39 -37.30 47.42
C PHE A 3467 41.20 -37.44 46.44
N HIS A 3468 41.14 -38.53 45.66
CA HIS A 3468 40.05 -38.71 44.68
C HIS A 3468 38.69 -38.99 45.35
N LYS A 3469 38.69 -39.76 46.45
CA LYS A 3469 37.50 -39.91 47.34
C LYS A 3469 37.20 -38.61 48.17
N ALA A 3470 38.25 -37.91 48.60
CA ALA A 3470 38.14 -36.59 49.28
C ALA A 3470 37.50 -35.48 48.40
N MET A 3471 37.74 -35.54 47.08
CA MET A 3471 37.18 -34.61 46.07
C MET A 3471 35.78 -35.04 45.57
N GLU A 3472 35.53 -36.36 45.51
CA GLU A 3472 34.21 -36.93 45.15
C GLU A 3472 33.06 -36.51 46.10
N SER A 3473 33.39 -36.30 47.39
CA SER A 3473 32.46 -35.70 48.38
C SER A 3473 32.05 -34.24 48.02
N HIS A 3474 33.00 -33.52 47.41
CA HIS A 3474 32.70 -32.28 46.68
C HIS A 3474 32.07 -32.62 45.32
N LYS A 3475 32.90 -32.81 44.29
CA LYS A 3475 32.46 -32.90 42.90
C LYS A 3475 33.17 -34.01 42.15
N HIS A 3476 32.51 -34.54 41.11
CA HIS A 3476 33.11 -35.55 40.22
C HIS A 3476 34.27 -34.98 39.37
N TYR A 3477 35.02 -35.88 38.73
CA TYR A 3477 36.26 -35.54 38.03
C TYR A 3477 36.55 -36.52 36.87
N THR A 3478 36.88 -35.97 35.69
CA THR A 3478 37.46 -36.78 34.58
C THR A 3478 38.87 -37.28 35.00
N GLN A 3479 39.27 -38.46 34.51
CA GLN A 3479 40.61 -39.04 34.84
C GLN A 3479 41.79 -38.13 34.43
N SER A 3480 41.68 -37.49 33.26
CA SER A 3480 42.64 -36.46 32.83
C SER A 3480 42.75 -35.27 33.82
N GLU A 3481 41.61 -34.83 34.37
CA GLU A 3481 41.56 -33.76 35.38
C GLU A 3481 42.19 -34.18 36.73
N THR A 3482 41.87 -35.38 37.20
CA THR A 3482 42.32 -35.84 38.54
C THR A 3482 43.82 -36.17 38.57
N GLU A 3483 44.34 -36.69 37.45
CA GLU A 3483 45.81 -36.87 37.29
C GLU A 3483 46.53 -35.50 37.16
N PHE A 3484 45.85 -34.49 36.62
CA PHE A 3484 46.34 -33.08 36.69
C PHE A 3484 46.39 -32.53 38.14
N LEU A 3485 45.45 -32.95 39.01
CA LEU A 3485 45.45 -32.57 40.45
C LEU A 3485 46.65 -33.19 41.22
N LEU A 3486 46.87 -34.50 41.03
CA LEU A 3486 48.00 -35.22 41.65
C LEU A 3486 49.37 -34.67 41.13
N SER A 3487 49.42 -34.30 39.85
CA SER A 3487 50.59 -33.61 39.25
C SER A 3487 50.79 -32.15 39.77
N CYS A 3488 49.68 -31.49 40.15
CA CYS A 3488 49.71 -30.15 40.79
C CYS A 3488 50.17 -30.21 42.27
N ALA A 3489 50.07 -31.40 42.89
CA ALA A 3489 50.60 -31.66 44.23
C ALA A 3489 51.69 -32.74 44.17
N GLU A 3490 52.73 -32.47 43.38
CA GLU A 3490 53.82 -33.44 43.11
C GLU A 3490 55.23 -33.04 43.66
N THR A 3491 55.42 -31.77 44.03
CA THR A 3491 56.75 -31.22 44.36
C THR A 3491 57.46 -31.91 45.54
N ASP A 3492 56.72 -32.13 46.64
CA ASP A 3492 57.25 -32.84 47.83
C ASP A 3492 56.77 -34.32 47.86
N GLU A 3493 57.71 -35.25 48.06
CA GLU A 3493 57.40 -36.70 48.03
C GLU A 3493 57.16 -37.22 49.47
N ASN A 3494 56.06 -36.74 50.07
CA ASN A 3494 55.56 -37.24 51.37
C ASN A 3494 54.51 -38.36 51.14
N GLU A 3495 53.97 -38.44 49.91
CA GLU A 3495 52.75 -39.21 49.56
C GLU A 3495 51.46 -38.57 50.14
N THR A 3496 51.51 -37.27 50.43
CA THR A 3496 50.45 -36.54 51.13
C THR A 3496 50.23 -35.12 50.58
N LEU A 3497 49.21 -34.44 51.10
CA LEU A 3497 48.76 -33.11 50.63
C LEU A 3497 48.51 -32.08 51.76
N ASP A 3498 49.22 -30.95 51.70
CA ASP A 3498 49.04 -29.85 52.66
C ASP A 3498 47.70 -29.10 52.47
N TYR A 3499 47.25 -28.43 53.53
CA TYR A 3499 45.98 -27.64 53.55
C TYR A 3499 46.01 -26.34 52.70
N GLU A 3500 47.21 -25.73 52.59
CA GLU A 3500 47.47 -24.62 51.65
C GLU A 3500 47.44 -25.09 50.16
N GLU A 3501 48.07 -26.24 49.89
CA GLU A 3501 48.08 -26.87 48.56
C GLU A 3501 46.65 -27.22 48.07
N PHE A 3502 45.79 -27.66 49.02
CA PHE A 3502 44.36 -27.91 48.74
C PHE A 3502 43.54 -26.62 48.51
N VAL A 3503 43.86 -25.52 49.21
CA VAL A 3503 43.13 -24.24 48.97
C VAL A 3503 43.52 -23.54 47.65
N LYS A 3504 44.73 -23.80 47.14
CA LYS A 3504 45.12 -23.37 45.78
C LYS A 3504 44.33 -24.09 44.64
N ARG A 3505 43.87 -25.31 44.93
CA ARG A 3505 43.23 -26.20 43.96
C ARG A 3505 41.75 -26.46 44.34
N PRO A 3509 43.15 -15.42 43.70
CA PRO A 3509 43.78 -15.29 42.38
C PRO A 3509 42.84 -15.69 41.22
N ALA A 3510 42.40 -16.95 41.20
CA ALA A 3510 41.60 -17.51 40.09
C ALA A 3510 40.17 -16.92 40.00
N LYS A 3511 39.52 -16.70 41.15
CA LYS A 3511 38.09 -16.30 41.22
C LYS A 3511 37.73 -14.97 40.52
N ASP A 3512 38.68 -14.02 40.54
CA ASP A 3512 38.52 -12.69 39.91
C ASP A 3512 38.21 -12.77 38.40
N ILE A 3513 38.72 -13.81 37.74
CA ILE A 3513 38.42 -14.10 36.31
C ILE A 3513 36.96 -14.53 36.13
N GLY A 3514 36.57 -15.58 36.88
CA GLY A 3514 35.28 -16.25 36.74
C GLY A 3514 34.08 -15.34 36.86
N PHE A 3515 34.11 -14.42 37.85
CA PHE A 3515 33.03 -13.43 38.04
C PHE A 3515 32.81 -12.65 36.73
N ASN A 3516 33.88 -12.03 36.21
CA ASN A 3516 33.78 -11.21 34.98
C ASN A 3516 33.36 -12.07 33.77
N VAL A 3517 33.87 -13.30 33.69
CA VAL A 3517 33.46 -14.26 32.64
C VAL A 3517 31.95 -14.57 32.79
N ALA A 3518 31.51 -14.83 34.04
CA ALA A 3518 30.09 -15.06 34.34
C ALA A 3518 29.25 -13.82 33.99
N VAL A 3519 29.79 -12.62 34.25
CA VAL A 3519 29.10 -11.36 33.87
C VAL A 3519 28.82 -11.39 32.36
N LEU A 3520 29.84 -11.71 31.55
CA LEU A 3520 29.69 -11.80 30.08
C LEU A 3520 28.63 -12.84 29.66
N LEU A 3521 28.63 -14.01 30.31
CA LEU A 3521 27.69 -15.09 29.98
C LEU A 3521 26.24 -14.69 30.32
N THR A 3522 26.06 -13.83 31.34
CA THR A 3522 24.74 -13.22 31.60
C THR A 3522 24.53 -11.95 30.74
N ASN A 3523 25.57 -11.13 30.57
CA ASN A 3523 25.50 -9.82 29.84
C ASN A 3523 25.08 -9.97 28.37
N LEU A 3524 25.39 -11.10 27.74
CA LEU A 3524 24.85 -11.44 26.40
C LEU A 3524 23.44 -12.11 26.50
N SER A 3525 23.33 -13.14 27.35
CA SER A 3525 22.12 -14.01 27.44
C SER A 3525 20.80 -13.25 27.75
N GLU A 3526 20.91 -12.18 28.55
CA GLU A 3526 19.76 -11.30 28.84
C GLU A 3526 19.59 -10.16 27.79
N HIS A 3527 20.70 -9.54 27.35
CA HIS A 3527 20.66 -8.50 26.28
C HIS A 3527 20.31 -9.05 24.86
N MET A 3528 20.64 -10.32 24.58
CA MET A 3528 20.36 -10.98 23.28
C MET A 3528 19.52 -12.28 23.42
N PRO A 3529 18.19 -12.16 23.68
CA PRO A 3529 17.28 -13.34 23.58
C PRO A 3529 17.13 -13.83 22.11
N ASN A 3530 16.90 -15.14 21.94
CA ASN A 3530 16.75 -15.83 20.62
C ASN A 3530 18.09 -16.14 19.91
N ASP A 3531 19.00 -16.80 20.65
CA ASP A 3531 20.33 -17.29 20.14
C ASP A 3531 20.54 -18.82 20.39
N THR A 3532 20.14 -19.63 19.40
CA THR A 3532 20.26 -21.11 19.41
C THR A 3532 21.70 -21.63 19.67
N ARG A 3533 22.70 -20.84 19.26
CA ARG A 3533 24.12 -21.07 19.62
C ARG A 3533 24.38 -20.94 21.15
N LEU A 3534 23.91 -19.84 21.73
CA LEU A 3534 24.30 -19.40 23.10
C LEU A 3534 23.80 -20.31 24.25
N GLN A 3535 22.67 -21.00 24.05
CA GLN A 3535 22.08 -21.88 25.08
C GLN A 3535 22.98 -23.06 25.49
N THR A 3536 23.65 -23.69 24.50
CA THR A 3536 24.59 -24.80 24.75
C THR A 3536 25.87 -24.32 25.48
N PHE A 3537 26.32 -23.10 25.19
CA PHE A 3537 27.54 -22.51 25.78
C PHE A 3537 27.36 -22.24 27.29
N LEU A 3538 26.24 -21.61 27.68
CA LEU A 3538 25.86 -21.45 29.10
C LEU A 3538 25.55 -22.79 29.80
N GLU A 3539 24.99 -23.76 29.05
CA GLU A 3539 24.70 -25.12 29.58
C GLU A 3539 25.97 -25.86 30.06
N LEU A 3540 27.08 -25.67 29.33
CA LEU A 3540 28.42 -26.16 29.76
C LEU A 3540 29.04 -25.24 30.86
N ALA A 3541 28.67 -23.96 30.87
CA ALA A 3541 29.18 -22.96 31.85
C ALA A 3541 28.52 -22.98 33.25
N GLU A 3542 27.44 -23.74 33.41
CA GLU A 3542 26.65 -23.80 34.68
C GLU A 3542 27.48 -24.19 35.93
N SER A 3543 28.52 -25.01 35.74
CA SER A 3543 29.46 -25.40 36.84
C SER A 3543 30.23 -24.20 37.46
N VAL A 3544 30.52 -23.17 36.65
CA VAL A 3544 31.12 -21.91 37.16
C VAL A 3544 30.05 -20.90 37.63
N LEU A 3545 28.89 -20.86 36.95
CA LEU A 3545 27.77 -19.97 37.35
C LEU A 3545 27.13 -20.29 38.72
N ASN A 3546 27.22 -21.54 39.21
CA ASN A 3546 26.65 -21.94 40.52
C ASN A 3546 27.27 -21.22 41.75
N TYR A 3547 28.59 -20.99 41.72
CA TYR A 3547 29.29 -20.26 42.80
C TYR A 3547 28.94 -18.75 42.84
N PHE A 3548 28.69 -18.15 41.66
CA PHE A 3548 28.48 -16.68 41.51
C PHE A 3548 27.00 -16.24 41.41
N GLN A 3549 26.06 -17.18 41.23
CA GLN A 3549 24.61 -16.84 41.22
C GLN A 3549 24.07 -16.34 42.59
N PRO A 3550 24.55 -16.93 43.75
CA PRO A 3550 24.25 -16.30 45.06
C PRO A 3550 24.68 -14.82 45.22
N PHE A 3551 25.79 -14.42 44.59
CA PHE A 3551 26.28 -13.01 44.63
C PHE A 3551 26.67 -12.32 43.27
N LEU A 3552 25.97 -12.69 42.19
CA LEU A 3552 25.90 -11.91 40.93
C LEU A 3552 24.45 -11.39 40.82
N GLY A 3553 24.27 -10.07 40.89
CA GLY A 3553 22.93 -9.44 40.85
C GLY A 3553 22.73 -8.53 39.64
N ARG A 3554 21.45 -8.35 39.28
CA ARG A 3554 21.03 -7.60 38.07
C ARG A 3554 20.08 -6.41 38.39
N ILE A 3555 20.54 -5.18 38.15
CA ILE A 3555 19.71 -3.95 38.22
C ILE A 3555 19.54 -3.31 36.82
N GLU A 3556 18.31 -2.87 36.51
CA GLU A 3556 17.99 -2.15 35.26
C GLU A 3556 17.99 -0.61 35.51
N ILE A 3557 18.90 0.09 34.82
CA ILE A 3557 19.12 1.55 35.01
C ILE A 3557 19.17 2.30 33.66
N MET A 3558 18.57 3.50 33.62
CA MET A 3558 18.60 4.37 32.43
C MET A 3558 20.01 5.01 32.25
N GLY A 3559 20.45 5.13 31.00
CA GLY A 3559 21.68 5.87 30.63
C GLY A 3559 21.42 7.36 30.39
N SER A 3560 22.44 8.04 29.85
CA SER A 3560 22.34 9.47 29.44
C SER A 3560 21.27 9.72 28.36
N ALA A 3561 21.10 8.72 27.48
CA ALA A 3561 20.08 8.76 26.42
C ALA A 3561 18.69 8.27 26.87
N LYS A 3562 18.54 7.92 28.16
CA LYS A 3562 17.27 7.39 28.73
C LYS A 3562 16.87 5.95 28.27
N ARG A 3563 17.69 5.31 27.42
CA ARG A 3563 17.49 3.90 27.04
C ARG A 3563 17.87 3.03 28.24
N ILE A 3564 17.04 2.03 28.58
CA ILE A 3564 17.37 1.13 29.71
C ILE A 3564 18.52 0.16 29.32
N GLU A 3565 19.55 0.15 30.18
CA GLU A 3565 20.69 -0.79 30.13
C GLU A 3565 20.68 -1.59 31.46
N ARG A 3566 20.46 -2.91 31.37
CA ARG A 3566 20.55 -3.80 32.53
C ARG A 3566 22.03 -3.99 32.90
N VAL A 3567 22.34 -4.13 34.20
CA VAL A 3567 23.72 -4.19 34.73
C VAL A 3567 23.95 -5.41 35.65
N TYR A 3568 25.10 -6.09 35.45
CA TYR A 3568 25.42 -7.39 36.08
C TYR A 3568 26.53 -7.21 37.14
N PHE A 3569 26.09 -6.65 38.27
CA PHE A 3569 26.96 -6.14 39.35
C PHE A 3569 27.47 -7.23 40.33
N GLU A 3570 28.60 -6.92 41.00
CA GLU A 3570 29.35 -7.83 41.91
C GLU A 3570 29.09 -7.59 43.42
N ILE A 3571 28.28 -8.46 44.05
CA ILE A 3571 28.06 -8.44 45.53
C ILE A 3571 29.24 -9.14 46.26
N SER A 3572 29.64 -8.59 47.42
CA SER A 3572 30.58 -9.27 48.35
C SER A 3572 29.87 -10.41 49.13
N GLU A 3573 30.59 -11.51 49.36
CA GLU A 3573 30.10 -12.67 50.16
C GLU A 3573 29.69 -12.25 51.59
N SER A 3574 30.51 -11.37 52.19
CA SER A 3574 30.27 -10.80 53.54
C SER A 3574 28.99 -9.94 53.61
N SER A 3575 28.75 -9.16 52.56
CA SER A 3575 27.56 -8.28 52.46
C SER A 3575 26.26 -9.09 52.20
N ARG A 3576 26.33 -10.02 51.24
CA ARG A 3576 25.16 -10.86 50.87
C ARG A 3576 24.68 -11.75 52.04
N THR A 3577 25.60 -12.21 52.89
CA THR A 3577 25.22 -12.93 54.13
C THR A 3577 24.67 -11.99 55.25
N GLN A 3578 25.21 -10.77 55.36
CA GLN A 3578 24.85 -9.81 56.44
C GLN A 3578 23.44 -9.15 56.32
N TRP A 3579 22.86 -9.10 55.11
CA TRP A 3579 21.54 -8.42 54.88
C TRP A 3579 20.28 -9.15 55.46
N GLU A 3580 20.39 -10.45 55.76
CA GLU A 3580 19.23 -11.31 56.14
C GLU A 3580 18.91 -11.37 57.68
N LYS A 3581 19.77 -12.05 58.45
CA LYS A 3581 19.47 -12.51 59.84
C LYS A 3581 19.19 -11.47 60.98
N PRO A 3582 20.04 -10.42 61.14
CA PRO A 3582 20.04 -9.57 62.35
C PRO A 3582 18.96 -8.44 62.39
N GLN A 3583 19.25 -7.31 63.05
CA GLN A 3583 18.33 -6.15 63.14
C GLN A 3583 18.05 -5.42 61.81
N VAL A 3584 18.91 -5.61 60.79
CA VAL A 3584 18.78 -4.94 59.47
C VAL A 3584 17.43 -5.13 58.71
N LYS A 3585 16.83 -6.33 58.81
CA LYS A 3585 15.49 -6.61 58.21
C LYS A 3585 14.37 -5.76 58.87
N GLU A 3586 14.43 -5.60 60.20
CA GLU A 3586 13.52 -4.72 60.97
C GLU A 3586 13.73 -3.21 60.61
N SER A 3587 14.99 -2.84 60.29
CA SER A 3587 15.31 -1.51 59.73
C SER A 3587 14.67 -1.27 58.34
N LYS A 3588 14.55 -2.34 57.54
CA LYS A 3588 13.84 -2.31 56.22
C LYS A 3588 12.31 -2.10 56.41
N ARG A 3589 11.75 -2.69 57.48
CA ARG A 3589 10.32 -2.51 57.84
C ARG A 3589 9.98 -1.05 58.26
N GLN A 3590 10.77 -0.49 59.18
CA GLN A 3590 10.60 0.93 59.62
C GLN A 3590 10.93 1.97 58.52
N PHE A 3591 11.81 1.61 57.56
CA PHE A 3591 12.09 2.44 56.35
C PHE A 3591 10.88 2.57 55.40
N ILE A 3592 10.35 1.42 54.94
CA ILE A 3592 9.17 1.40 54.02
C ILE A 3592 7.92 2.04 54.69
N PHE A 3593 7.75 1.83 56.01
CA PHE A 3593 6.70 2.50 56.83
C PHE A 3593 6.88 4.05 56.92
N ASP A 3594 8.13 4.54 56.91
CA ASP A 3594 8.43 6.00 56.96
C ASP A 3594 8.39 6.73 55.58
N VAL A 3595 8.26 5.99 54.45
CA VAL A 3595 8.32 6.58 53.08
C VAL A 3595 6.94 6.82 52.41
N VAL A 3596 6.12 5.77 52.22
CA VAL A 3596 4.88 5.87 51.39
C VAL A 3596 3.80 6.78 52.03
N ASN A 3597 3.74 6.78 53.37
CA ASN A 3597 2.86 7.70 54.13
C ASN A 3597 3.33 9.17 54.04
N GLU A 3598 4.64 9.41 54.14
CA GLU A 3598 5.23 10.76 54.17
C GLU A 3598 5.72 11.25 52.79
N GLY A 3599 6.72 10.55 52.21
CA GLY A 3599 7.32 10.93 50.92
C GLY A 3599 6.55 10.49 49.69
N GLY A 3600 7.28 10.14 48.62
CA GLY A 3600 6.71 9.76 47.32
C GLY A 3600 7.34 10.41 46.08
N GLU A 3601 8.09 11.50 46.26
CA GLU A 3601 8.67 12.31 45.15
C GLU A 3601 10.24 12.17 45.07
N LYS A 3602 11.01 13.27 45.20
CA LYS A 3602 12.50 13.20 45.28
C LYS A 3602 12.99 12.41 46.52
N GLU A 3603 12.17 12.42 47.57
CA GLU A 3603 12.39 11.62 48.81
C GLU A 3603 12.40 10.08 48.58
N LYS A 3604 11.62 9.61 47.57
CA LYS A 3604 11.51 8.15 47.26
C LYS A 3604 12.86 7.49 46.86
N MET A 3605 13.81 8.30 46.36
CA MET A 3605 15.17 7.85 45.96
C MET A 3605 16.30 8.37 46.89
N GLU A 3606 16.30 9.68 47.20
CA GLU A 3606 17.34 10.30 48.08
C GLU A 3606 17.34 9.75 49.53
N LEU A 3607 16.15 9.59 50.11
CA LEU A 3607 16.02 8.93 51.43
C LEU A 3607 16.35 7.42 51.34
N PHE A 3608 16.12 6.81 50.18
CA PHE A 3608 16.49 5.39 49.94
C PHE A 3608 18.02 5.15 49.98
N VAL A 3609 18.82 6.08 49.44
CA VAL A 3609 20.30 6.00 49.49
C VAL A 3609 20.86 6.41 50.88
N ASN A 3610 20.09 7.21 51.64
CA ASN A 3610 20.36 7.45 53.07
C ASN A 3610 20.29 6.11 53.86
N PHE A 3611 19.20 5.36 53.64
CA PHE A 3611 19.02 3.99 54.18
C PHE A 3611 20.07 2.96 53.70
N CYS A 3612 20.50 3.06 52.42
CA CYS A 3612 21.52 2.15 51.85
C CYS A 3612 22.88 2.34 52.56
N GLU A 3613 23.26 3.61 52.79
CA GLU A 3613 24.50 3.97 53.51
C GLU A 3613 24.48 3.64 55.05
N ASP A 3614 23.30 3.68 55.67
CA ASP A 3614 23.11 3.20 57.07
C ASP A 3614 23.33 1.66 57.17
N THR A 3615 22.75 0.92 56.22
CA THR A 3615 22.94 -0.56 56.14
C THR A 3615 24.41 -0.93 55.84
N ILE A 3616 25.13 -0.08 55.07
CA ILE A 3616 26.60 -0.24 54.81
C ILE A 3616 27.40 -0.18 56.12
N PHE A 3617 27.10 0.79 56.98
CA PHE A 3617 27.83 0.94 58.25
C PHE A 3617 27.63 -0.26 59.19
N GLU A 3618 26.43 -0.86 59.16
CA GLU A 3618 26.12 -2.07 59.95
C GLU A 3618 26.87 -3.32 59.43
N MET A 3619 26.89 -3.53 58.10
CA MET A 3619 27.69 -4.61 57.44
C MET A 3619 29.21 -4.51 57.74
N GLN A 3620 29.72 -3.28 57.76
CA GLN A 3620 31.13 -3.01 58.12
C GLN A 3620 31.41 -3.32 59.62
N LEU A 3621 30.42 -3.10 60.50
CA LEU A 3621 30.50 -3.54 61.91
C LEU A 3621 30.59 -5.09 62.04
N ALA A 3622 29.87 -5.82 61.19
CA ALA A 3622 29.97 -7.30 61.11
C ALA A 3622 31.36 -7.78 60.61
N ALA A 3623 31.97 -6.99 59.71
CA ALA A 3623 33.36 -7.22 59.23
C ALA A 3623 34.43 -7.05 60.34
N GLN A 3624 34.07 -6.39 61.45
CA GLN A 3624 34.95 -6.29 62.65
C GLN A 3624 34.99 -7.58 63.54
N ILE A 3625 34.28 -8.64 63.14
CA ILE A 3625 34.43 -9.97 63.75
C ILE A 3625 35.84 -10.57 63.53
N ILE A 3904 46.78 -4.78 73.61
CA ILE A 3904 47.07 -6.14 73.15
C ILE A 3904 46.09 -6.62 72.09
N ALA A 3905 46.41 -7.75 71.48
CA ALA A 3905 45.59 -8.33 70.39
C ALA A 3905 44.27 -8.95 70.86
N TYR A 3906 44.23 -9.51 72.07
CA TYR A 3906 43.03 -10.23 72.55
C TYR A 3906 41.85 -9.32 72.92
N GLN A 3907 42.13 -8.10 73.39
CA GLN A 3907 41.06 -7.15 73.73
C GLN A 3907 40.24 -6.71 72.49
N GLN A 3908 40.84 -6.85 71.30
CA GLN A 3908 40.10 -6.75 70.04
C GLN A 3908 38.98 -7.80 69.96
N LYS A 3909 39.32 -9.04 70.29
CA LYS A 3909 38.39 -10.19 70.17
C LYS A 3909 37.58 -10.51 71.44
N LEU A 3910 37.96 -9.93 72.58
CA LEU A 3910 37.20 -10.09 73.85
C LEU A 3910 35.90 -9.29 73.82
N LEU A 3911 36.02 -8.01 73.46
CA LEU A 3911 34.89 -7.08 73.47
C LEU A 3911 33.87 -7.31 72.35
N ASN A 3912 34.23 -8.07 71.30
CA ASN A 3912 33.35 -8.30 70.15
C ASN A 3912 32.18 -9.25 70.46
N TYR A 3913 32.41 -10.25 71.32
CA TYR A 3913 31.35 -11.17 71.77
C TYR A 3913 30.32 -10.47 72.68
N LEU A 3914 30.73 -9.38 73.32
CA LEU A 3914 29.82 -8.49 74.06
C LEU A 3914 28.74 -7.94 73.12
N ALA A 3915 29.16 -7.41 71.98
CA ALA A 3915 28.28 -6.75 71.01
C ALA A 3915 27.53 -7.71 70.07
N ARG A 3916 27.94 -8.97 70.00
CA ARG A 3916 27.21 -10.00 69.23
C ARG A 3916 25.78 -10.19 69.74
N ASN A 3917 25.61 -10.13 71.07
CA ASN A 3917 24.32 -10.37 71.73
C ASN A 3917 23.92 -9.18 72.63
N PHE A 3918 23.77 -8.02 71.99
CA PHE A 3918 23.34 -6.77 72.65
C PHE A 3918 21.89 -6.87 73.14
N TYR A 3919 21.01 -7.42 72.30
CA TYR A 3919 19.59 -7.56 72.64
C TYR A 3919 19.32 -8.68 73.66
N ASN A 3920 20.18 -9.70 73.71
CA ASN A 3920 20.08 -10.77 74.71
C ASN A 3920 20.35 -10.25 76.12
N MET A 3921 21.47 -9.55 76.27
CA MET A 3921 21.87 -8.97 77.56
C MET A 3921 20.96 -7.81 78.01
N ARG A 3922 20.24 -7.20 77.06
CA ARG A 3922 19.20 -6.21 77.37
C ARG A 3922 17.98 -6.88 78.00
N MET A 3923 17.53 -7.98 77.38
CA MET A 3923 16.41 -8.78 77.92
C MET A 3923 16.81 -9.65 79.11
N LEU A 3924 18.11 -9.84 79.33
CA LEU A 3924 18.63 -10.44 80.58
C LEU A 3924 18.37 -9.49 81.77
N ALA A 3925 18.46 -8.18 81.52
CA ALA A 3925 18.05 -7.17 82.50
C ALA A 3925 16.54 -7.24 82.78
N LEU A 3926 15.75 -7.47 81.74
CA LEU A 3926 14.31 -7.70 81.86
C LEU A 3926 14.00 -9.00 82.62
N PHE A 3927 14.79 -10.05 82.37
CA PHE A 3927 14.68 -11.33 83.11
C PHE A 3927 14.98 -11.16 84.61
N VAL A 3928 16.16 -10.62 84.90
CA VAL A 3928 16.63 -10.48 86.29
C VAL A 3928 15.88 -9.39 87.08
N ALA A 3929 15.27 -8.42 86.39
CA ALA A 3929 14.44 -7.39 87.04
C ALA A 3929 13.14 -7.97 87.59
N PHE A 3930 12.49 -8.83 86.80
CA PHE A 3930 11.28 -9.54 87.26
C PHE A 3930 11.54 -10.47 88.46
N ALA A 3931 12.75 -11.02 88.54
CA ALA A 3931 13.13 -11.93 89.62
C ALA A 3931 13.37 -11.22 90.96
N ILE A 3932 14.08 -10.10 90.94
CA ILE A 3932 14.58 -9.45 92.17
C ILE A 3932 13.51 -8.67 92.96
N ASN A 3933 12.59 -7.98 92.27
CA ASN A 3933 11.62 -7.09 92.95
C ASN A 3933 10.51 -7.82 93.75
N PHE A 3934 10.35 -9.13 93.53
CA PHE A 3934 9.45 -9.95 94.38
C PHE A 3934 10.04 -10.21 95.78
N ILE A 3935 11.36 -10.01 95.95
CA ILE A 3935 12.01 -10.07 97.27
C ILE A 3935 11.57 -8.89 98.15
N LEU A 3936 11.30 -7.74 97.54
CA LEU A 3936 10.75 -6.57 98.25
C LEU A 3936 9.35 -6.82 98.84
N LEU A 3937 8.63 -7.82 98.31
CA LEU A 3937 7.35 -8.28 98.88
C LEU A 3937 7.49 -8.90 100.29
N PHE A 3938 8.66 -9.45 100.60
CA PHE A 3938 8.94 -10.06 101.92
C PHE A 3938 9.45 -9.09 103.01
N TYR A 3939 9.62 -7.80 102.68
CA TYR A 3939 10.07 -6.78 103.66
C TYR A 3939 9.01 -6.47 104.74
N LYS A 3940 9.46 -5.83 105.85
CA LYS A 3940 8.61 -5.52 107.01
C LYS A 3940 9.19 -4.33 107.82
N VAL A 3941 8.33 -3.60 108.54
CA VAL A 3941 8.76 -2.43 109.36
C VAL A 3941 8.19 -2.40 110.80
N SER A 3942 8.90 -1.68 111.68
CA SER A 3942 8.48 -1.40 113.09
C SER A 3942 8.70 0.08 113.44
N VAL A 3977 12.10 1.83 110.54
CA VAL A 3977 13.26 0.92 110.52
C VAL A 3977 12.96 -0.41 109.77
N HIS A 3978 13.55 -0.58 108.59
CA HIS A 3978 13.23 -1.70 107.68
C HIS A 3978 13.87 -3.04 108.12
N TYR A 3979 13.20 -4.17 107.81
CA TYR A 3979 13.70 -5.55 108.06
C TYR A 3979 13.22 -6.57 106.97
N VAL A 3980 14.04 -7.60 106.69
CA VAL A 3980 13.71 -8.70 105.74
C VAL A 3980 13.23 -9.99 106.45
N LEU A 3981 11.90 -10.15 106.58
CA LEU A 3981 11.28 -11.33 107.25
C LEU A 3981 11.15 -12.52 106.27
N GLU A 3982 12.23 -13.31 106.16
CA GLU A 3982 12.28 -14.50 105.28
C GLU A 3982 11.37 -15.68 105.72
N GLU A 3983 10.59 -16.23 104.78
CA GLU A 3983 9.84 -17.49 104.99
C GLU A 3983 10.76 -18.67 104.58
N SER A 3984 10.65 -19.81 105.29
CA SER A 3984 11.38 -21.06 104.96
C SER A 3984 12.93 -20.89 104.84
N SER A 3985 13.46 -20.79 103.61
CA SER A 3985 14.92 -20.80 103.33
C SER A 3985 15.72 -19.59 103.91
N GLY A 3986 16.93 -19.87 104.39
CA GLY A 3986 17.77 -18.90 105.12
C GLY A 3986 18.86 -18.18 104.32
N TYR A 3987 19.26 -18.75 103.17
CA TYR A 3987 20.34 -18.18 102.36
C TYR A 3987 19.93 -16.98 101.48
N MET A 3988 18.65 -16.63 101.48
CA MET A 3988 18.16 -15.48 100.70
C MET A 3988 18.56 -14.08 101.21
N GLU A 3989 18.99 -13.97 102.48
CA GLU A 3989 19.52 -12.69 103.01
C GLU A 3989 20.98 -12.46 102.62
N PRO A 3990 21.83 -13.52 102.65
CA PRO A 3990 23.13 -13.42 101.99
C PRO A 3990 23.07 -13.21 100.47
N THR A 3991 22.15 -13.92 99.80
CA THR A 3991 21.99 -13.79 98.33
C THR A 3991 21.35 -12.46 97.89
N LEU A 3992 20.80 -11.70 98.86
CA LEU A 3992 20.36 -10.31 98.62
C LEU A 3992 21.50 -9.43 98.09
N ARG A 3993 22.74 -9.70 98.53
CA ARG A 3993 23.91 -8.95 98.09
C ARG A 3993 24.55 -9.47 96.78
N ILE A 3994 24.42 -10.77 96.48
CA ILE A 3994 25.04 -11.36 95.27
C ILE A 3994 24.33 -10.92 93.99
N LEU A 3995 23.00 -10.92 94.00
CA LEU A 3995 22.22 -10.43 92.85
C LEU A 3995 22.18 -8.90 92.81
N ALA A 3996 22.38 -8.24 93.96
CA ALA A 3996 22.48 -6.77 94.02
C ALA A 3996 23.74 -6.24 93.33
N ILE A 3997 24.88 -6.86 93.62
CA ILE A 3997 26.15 -6.49 92.99
C ILE A 3997 26.25 -6.98 91.53
N LEU A 3998 25.49 -8.01 91.17
CA LEU A 3998 25.40 -8.47 89.77
C LEU A 3998 24.69 -7.48 88.83
N HIS A 3999 23.74 -6.70 89.35
CA HIS A 3999 23.07 -5.65 88.54
C HIS A 3999 23.96 -4.42 88.29
N THR A 4000 24.93 -4.17 89.17
CA THR A 4000 25.86 -3.02 89.04
C THR A 4000 26.91 -3.24 87.95
N VAL A 4001 27.48 -4.44 87.87
CA VAL A 4001 28.59 -4.75 86.94
C VAL A 4001 28.18 -4.82 85.46
N ILE A 4002 26.97 -5.31 85.18
CA ILE A 4002 26.48 -5.48 83.80
C ILE A 4002 26.29 -4.14 83.06
N SER A 4003 25.91 -3.09 83.78
CA SER A 4003 25.67 -1.76 83.19
C SER A 4003 26.94 -1.14 82.60
N PHE A 4004 28.04 -1.16 83.35
CA PHE A 4004 29.29 -0.51 82.93
C PHE A 4004 30.02 -1.25 81.79
N PHE A 4005 29.70 -2.53 81.60
CA PHE A 4005 30.20 -3.32 80.45
C PHE A 4005 29.24 -3.22 79.25
N CYS A 4006 27.93 -3.07 79.50
CA CYS A 4006 26.93 -2.95 78.42
C CYS A 4006 26.95 -1.59 77.73
N ILE A 4007 27.24 -0.52 78.46
CA ILE A 4007 27.44 0.82 77.86
C ILE A 4007 28.50 0.84 76.75
N ILE A 4008 29.48 -0.06 76.83
CA ILE A 4008 30.43 -0.29 75.74
C ILE A 4008 29.71 -0.95 74.55
N GLY A 4009 28.87 -1.94 74.84
CA GLY A 4009 28.07 -2.65 73.83
C GLY A 4009 27.21 -1.77 72.91
N TYR A 4010 26.46 -0.83 73.49
CA TYR A 4010 25.72 0.19 72.70
C TYR A 4010 26.67 1.17 71.98
N TYR A 4011 27.81 1.48 72.61
CA TYR A 4011 28.83 2.37 72.00
C TYR A 4011 29.58 1.76 70.79
N CYS A 4012 29.55 0.43 70.66
CA CYS A 4012 30.18 -0.31 69.54
C CYS A 4012 29.18 -0.79 68.43
N LEU A 4013 27.88 -0.50 68.59
CA LEU A 4013 26.81 -0.94 67.66
C LEU A 4013 26.03 0.24 67.02
N LYS A 4014 25.03 0.78 67.71
CA LYS A 4014 24.18 1.88 67.20
C LYS A 4014 24.89 3.26 67.16
N VAL A 4015 25.83 3.49 68.09
CA VAL A 4015 26.57 4.78 68.19
C VAL A 4015 27.36 5.16 66.90
N PRO A 4016 28.14 4.21 66.31
CA PRO A 4016 28.75 4.48 64.98
C PRO A 4016 27.73 4.92 63.89
N LEU A 4017 26.53 4.33 63.90
CA LEU A 4017 25.43 4.69 62.98
C LEU A 4017 24.87 6.12 63.21
N VAL A 4018 24.76 6.56 64.48
CA VAL A 4018 24.28 7.94 64.78
C VAL A 4018 25.32 9.02 64.43
N ILE A 4019 26.61 8.72 64.67
CA ILE A 4019 27.73 9.60 64.23
C ILE A 4019 27.72 9.69 62.68
N PHE A 4020 27.38 8.58 62.02
CA PHE A 4020 27.20 8.57 60.55
C PHE A 4020 26.03 9.44 60.05
N LYS A 4021 24.92 9.49 60.80
CA LYS A 4021 23.74 10.30 60.45
C LYS A 4021 24.02 11.82 60.51
N ARG A 4022 24.56 12.30 61.63
CA ARG A 4022 24.88 13.73 61.81
C ARG A 4022 26.06 14.21 60.92
N GLU A 4023 27.08 13.37 60.71
CA GLU A 4023 28.17 13.66 59.74
C GLU A 4023 27.68 13.69 58.28
N LYS A 4024 26.70 12.83 57.93
CA LYS A 4024 26.16 12.77 56.55
C LYS A 4024 25.29 14.01 56.23
N GLU A 4025 24.35 14.33 57.13
CA GLU A 4025 23.48 15.53 56.95
C GLU A 4025 24.29 16.85 57.02
N VAL A 4026 25.32 16.92 57.86
CA VAL A 4026 26.15 18.14 57.98
C VAL A 4026 27.06 18.34 56.75
N ALA A 4027 27.74 17.27 56.30
CA ALA A 4027 28.60 17.30 55.08
C ALA A 4027 27.80 17.59 53.79
N ARG A 4028 26.55 17.10 53.72
CA ARG A 4028 25.60 17.44 52.63
C ARG A 4028 25.17 18.94 52.66
N LYS A 4029 24.97 19.49 53.88
CA LYS A 4029 24.67 20.94 54.08
C LYS A 4029 25.84 21.87 53.61
N LEU A 4030 27.09 21.46 53.82
CA LEU A 4030 28.30 22.22 53.37
C LEU A 4030 28.58 22.09 51.85
N GLU A 4031 28.54 20.85 51.33
CA GLU A 4031 28.81 20.53 49.91
C GLU A 4031 27.84 21.19 48.90
N PHE A 4032 26.56 21.31 49.29
CA PHE A 4032 25.49 21.89 48.46
C PHE A 4032 24.82 23.15 49.12
N ASP A 4033 24.34 23.00 50.37
CA ASP A 4033 23.56 24.09 51.03
C ASP A 4033 24.37 25.34 51.47
N GLY A 4034 25.62 25.16 51.91
CA GLY A 4034 26.45 26.28 52.41
C GLY A 4034 25.90 26.99 53.65
N LEU A 4035 25.41 26.20 54.61
CA LEU A 4035 24.87 26.68 55.92
C LEU A 4035 25.86 27.59 56.70
N TYR A 4036 27.11 27.12 56.78
CA TYR A 4036 28.21 27.82 57.49
C TYR A 4036 28.91 28.84 56.56
N ILE A 4037 29.05 28.49 55.28
CA ILE A 4037 29.60 29.40 54.24
C ILE A 4037 28.65 30.61 54.03
N THR A 4038 27.33 30.35 53.96
CA THR A 4038 26.30 31.39 53.80
C THR A 4038 25.22 31.45 54.94
N GLU A 4039 24.53 30.34 55.23
CA GLU A 4039 23.27 30.37 56.04
C GLU A 4039 23.36 30.75 57.55
N GLN A 4040 24.39 30.25 58.25
CA GLN A 4040 24.61 30.45 59.72
C GLN A 4040 23.55 29.76 60.65
N PRO A 4041 23.68 29.92 62.01
CA PRO A 4041 22.69 29.44 63.01
C PRO A 4041 21.83 30.55 63.67
N SER A 4042 20.51 30.34 63.76
CA SER A 4042 19.53 31.36 64.22
C SER A 4042 19.30 31.41 65.75
N GLU A 4043 18.37 32.27 66.19
CA GLU A 4043 17.94 32.34 67.62
C GLU A 4043 17.40 30.99 68.17
N ASP A 4044 17.03 30.07 67.27
CA ASP A 4044 16.65 28.67 67.58
C ASP A 4044 17.65 27.67 66.91
N ASP A 4045 17.29 26.37 66.83
CA ASP A 4045 18.12 25.30 66.20
C ASP A 4045 19.43 25.04 67.00
N ILE A 4046 19.26 24.72 68.29
CA ILE A 4046 20.35 24.67 69.30
C ILE A 4046 21.46 23.63 68.99
N LYS A 4047 21.06 22.46 68.49
CA LYS A 4047 22.00 21.36 68.15
C LYS A 4047 22.84 21.72 66.89
N GLY A 4048 22.22 22.47 65.97
CA GLY A 4048 22.92 23.02 64.79
C GLY A 4048 23.89 24.17 65.12
N GLN A 4049 23.56 24.95 66.16
CA GLN A 4049 24.50 25.94 66.75
C GLN A 4049 25.72 25.22 67.40
N TRP A 4050 25.50 24.04 67.97
CA TRP A 4050 26.58 23.14 68.46
C TRP A 4050 27.44 22.53 67.31
N ASP A 4051 26.84 22.40 66.12
CA ASP A 4051 27.51 21.81 64.92
C ASP A 4051 28.66 22.67 64.29
N ARG A 4052 28.70 23.98 64.59
CA ARG A 4052 29.83 24.87 64.19
C ARG A 4052 31.21 24.35 64.65
N LEU A 4053 31.25 23.80 65.88
CA LEU A 4053 32.52 23.41 66.54
C LEU A 4053 33.30 22.26 65.85
N VAL A 4054 32.61 21.40 65.09
CA VAL A 4054 33.25 20.24 64.39
C VAL A 4054 33.85 20.57 62.98
N ILE A 4055 33.26 21.55 62.28
CA ILE A 4055 33.66 21.94 60.91
C ILE A 4055 35.14 22.41 60.81
N ASN A 4056 35.63 23.07 61.86
CA ASN A 4056 37.02 23.56 61.94
C ASN A 4056 38.06 22.43 62.11
N THR A 4057 37.62 21.27 62.61
CA THR A 4057 38.48 20.07 62.85
C THR A 4057 38.96 19.38 61.54
N GLN A 4058 40.25 19.00 61.49
CA GLN A 4058 40.84 18.26 60.34
C GLN A 4058 40.38 16.78 60.25
N SER A 4059 40.00 16.19 61.40
CA SER A 4059 39.38 14.84 61.50
C SER A 4059 37.83 14.78 61.29
N PHE A 4060 37.24 15.81 60.65
CA PHE A 4060 35.77 15.92 60.40
C PHE A 4060 35.09 14.71 59.67
N PRO A 4061 35.66 14.25 58.50
CA PRO A 4061 35.14 12.97 57.96
C PRO A 4061 35.73 11.70 58.65
N ASN A 4062 35.50 11.55 59.96
CA ASN A 4062 36.11 10.46 60.78
C ASN A 4062 35.60 9.03 60.45
N ASN A 4063 34.33 8.93 60.02
CA ASN A 4063 33.69 7.63 59.67
C ASN A 4063 33.02 7.57 58.25
N TYR A 4064 33.02 8.69 57.50
CA TYR A 4064 32.17 8.87 56.29
C TYR A 4064 32.68 8.17 54.98
N TRP A 4065 33.76 7.38 55.07
CA TRP A 4065 34.45 6.70 53.93
C TRP A 4065 34.84 7.59 52.71
N ASP A 4066 34.83 8.93 52.87
CA ASP A 4066 35.09 9.89 51.77
C ASP A 4066 35.73 11.18 52.32
N LYS A 4067 37.03 11.09 52.65
CA LYS A 4067 37.83 12.23 53.17
C LYS A 4067 37.99 13.43 52.20
N PHE A 4068 37.88 13.16 50.88
CA PHE A 4068 38.09 14.17 49.81
C PHE A 4068 37.14 15.39 49.86
N VAL A 4069 35.91 15.19 50.37
CA VAL A 4069 34.85 16.24 50.47
C VAL A 4069 35.39 17.63 50.90
N LYS A 4070 36.23 17.63 51.93
CA LYS A 4070 36.77 18.86 52.54
C LYS A 4070 37.40 19.79 51.48
N ARG A 4071 38.44 19.31 50.79
CA ARG A 4071 39.10 20.11 49.74
C ARG A 4071 38.17 20.44 48.57
N LYS A 4072 37.28 19.50 48.21
CA LYS A 4072 36.29 19.70 47.13
C LYS A 4072 35.34 20.91 47.42
N VAL A 4073 35.05 21.15 48.70
CA VAL A 4073 34.16 22.28 49.10
C VAL A 4073 34.74 23.65 48.66
N MET A 4074 36.06 23.83 48.75
CA MET A 4074 36.74 25.06 48.28
C MET A 4074 36.49 25.31 46.77
N ASP A 4075 36.55 24.24 45.98
CA ASP A 4075 36.28 24.31 44.51
C ASP A 4075 34.81 24.73 44.20
N LYS A 4076 33.88 24.34 45.08
CA LYS A 4076 32.46 24.74 44.95
C LYS A 4076 32.16 26.19 45.44
N TYR A 4077 33.04 26.77 46.28
CA TYR A 4077 32.77 28.11 46.90
C TYR A 4077 33.93 29.12 47.12
N GLY A 4078 35.18 28.74 46.83
CA GLY A 4078 36.35 29.62 47.02
C GLY A 4078 36.40 30.83 46.07
N GLU A 4079 35.75 30.71 44.92
CA GLU A 4079 35.64 31.83 43.97
C GLU A 4079 34.63 32.93 44.41
N PHE A 4080 33.62 32.56 45.21
CA PHE A 4080 32.54 33.51 45.57
C PHE A 4080 32.95 34.67 46.52
N TYR A 4081 33.91 34.42 47.41
CA TYR A 4081 34.48 35.50 48.27
C TYR A 4081 35.94 35.35 48.77
N GLY A 4082 36.37 34.13 49.13
CA GLY A 4082 37.72 33.90 49.67
C GLY A 4082 38.23 32.46 49.60
N ARG A 4083 39.23 32.21 48.74
CA ARG A 4083 39.91 30.89 48.64
C ARG A 4083 40.64 30.50 49.96
N ASP A 4084 41.47 31.41 50.46
CA ASP A 4084 42.20 31.22 51.73
C ASP A 4084 41.27 31.30 52.98
N ARG A 4085 40.16 32.04 52.88
CA ARG A 4085 39.16 32.14 53.97
C ARG A 4085 38.48 30.78 54.26
N ILE A 4086 38.03 30.08 53.20
CA ILE A 4086 37.46 28.71 53.30
C ILE A 4086 38.56 27.67 53.66
N SER A 4087 39.81 27.91 53.21
CA SER A 4087 40.97 27.06 53.57
C SER A 4087 41.29 27.05 55.08
N GLU A 4088 41.01 28.19 55.75
CA GLU A 4088 41.12 28.33 57.22
C GLU A 4088 39.85 27.80 57.95
N LEU A 4089 38.67 28.05 57.37
CA LEU A 4089 37.37 27.58 57.93
C LEU A 4089 37.24 26.05 58.04
N LEU A 4090 37.82 25.30 57.08
CA LEU A 4090 37.89 23.82 57.12
C LEU A 4090 39.27 23.28 57.62
N GLY A 4091 40.20 24.18 57.97
CA GLY A 4091 41.54 23.81 58.47
C GLY A 4091 42.50 23.35 57.38
N SER A 4115 51.23 6.55 77.42
CA SER A 4115 51.69 6.04 76.11
C SER A 4115 51.63 7.14 75.03
N ALA A 4116 52.11 6.81 73.82
CA ALA A 4116 52.05 7.70 72.64
C ALA A 4116 50.59 7.97 72.17
N VAL A 4117 49.72 6.97 72.34
CA VAL A 4117 48.30 7.07 71.94
C VAL A 4117 47.52 8.17 72.70
N LEU A 4118 47.95 8.47 73.93
CA LEU A 4118 47.35 9.55 74.76
C LEU A 4118 47.46 10.95 74.10
N ASN A 4119 48.49 11.13 73.27
CA ASN A 4119 48.73 12.37 72.48
C ASN A 4119 48.11 12.34 71.07
N SER A 4120 47.90 11.13 70.51
CA SER A 4120 47.33 10.95 69.14
C SER A 4120 45.88 11.47 68.95
N ILE A 4121 45.06 11.37 70.01
CA ILE A 4121 43.65 11.82 69.99
C ILE A 4121 43.48 13.37 69.97
N ASP A 4122 42.46 13.84 69.24
CA ASP A 4122 42.04 15.26 69.22
C ASP A 4122 41.18 15.57 70.46
N VAL A 4123 41.25 16.82 70.97
CA VAL A 4123 40.43 17.29 72.10
C VAL A 4123 39.01 17.72 71.69
N LYS A 4124 38.91 18.48 70.59
CA LYS A 4124 37.62 18.98 70.06
C LYS A 4124 36.67 17.86 69.52
N TYR A 4125 37.25 16.81 68.91
CA TYR A 4125 36.49 15.65 68.39
C TYR A 4125 35.77 14.84 69.50
N GLN A 4126 36.40 14.74 70.68
CA GLN A 4126 35.86 13.96 71.82
C GLN A 4126 34.74 14.73 72.59
N MET A 4127 34.87 16.07 72.68
CA MET A 4127 33.85 16.96 73.28
C MET A 4127 32.56 16.98 72.42
N TRP A 4128 32.72 17.19 71.11
CA TRP A 4128 31.58 17.19 70.16
C TRP A 4128 30.93 15.78 70.03
N LYS A 4129 31.75 14.71 70.11
CA LYS A 4129 31.27 13.29 70.19
C LYS A 4129 30.32 13.03 71.39
N LEU A 4130 30.76 13.47 72.58
CA LEU A 4130 29.95 13.33 73.82
C LEU A 4130 28.63 14.14 73.76
N GLY A 4131 28.64 15.28 73.05
CA GLY A 4131 27.40 16.05 72.78
C GLY A 4131 26.40 15.34 71.87
N VAL A 4132 26.88 14.71 70.81
CA VAL A 4132 26.02 13.93 69.87
C VAL A 4132 25.39 12.69 70.55
N VAL A 4133 26.13 12.05 71.47
CA VAL A 4133 25.61 10.87 72.21
C VAL A 4133 24.58 11.24 73.32
N PHE A 4134 24.83 12.31 74.09
CA PHE A 4134 23.87 12.79 75.11
C PHE A 4134 22.54 13.36 74.53
N THR A 4135 22.60 13.99 73.35
CA THR A 4135 21.37 14.47 72.65
C THR A 4135 20.44 13.33 72.12
N ASP A 4136 21.01 12.14 71.87
CA ASP A 4136 20.23 10.95 71.46
C ASP A 4136 19.25 10.52 72.59
N ASN A 4137 17.99 10.24 72.21
CA ASN A 4137 16.93 9.88 73.18
C ASN A 4137 17.09 8.45 73.78
N SER A 4138 17.64 7.52 73.01
CA SER A 4138 17.87 6.10 73.46
C SER A 4138 18.98 6.00 74.53
N PHE A 4139 20.13 6.59 74.24
CA PHE A 4139 21.27 6.63 75.16
C PHE A 4139 20.95 7.40 76.46
N LEU A 4140 20.03 8.36 76.38
CA LEU A 4140 19.56 9.10 77.56
C LEU A 4140 18.78 8.19 78.53
N TYR A 4141 18.04 7.21 77.99
CA TYR A 4141 17.36 6.19 78.80
C TYR A 4141 18.33 5.20 79.43
N LEU A 4142 19.23 4.65 78.61
CA LEU A 4142 20.20 3.65 79.07
C LEU A 4142 21.26 4.21 80.05
N ALA A 4143 21.56 5.51 79.94
CA ALA A 4143 22.48 6.18 80.88
C ALA A 4143 21.83 6.45 82.25
N TRP A 4144 20.54 6.82 82.24
CA TRP A 4144 19.73 6.95 83.45
C TRP A 4144 19.63 5.62 84.22
N TYR A 4145 19.66 4.51 83.48
CA TYR A 4145 19.70 3.16 84.06
C TYR A 4145 20.98 2.94 84.89
N MET A 4146 22.11 3.47 84.40
CA MET A 4146 23.40 3.41 85.12
C MET A 4146 23.45 4.30 86.35
N THR A 4147 22.97 5.55 86.21
CA THR A 4147 23.04 6.54 87.29
C THR A 4147 22.20 6.14 88.51
N MET A 4148 21.00 5.60 88.28
CA MET A 4148 20.16 5.03 89.35
C MET A 4148 20.79 3.78 89.97
N SER A 4149 21.48 2.98 89.16
CA SER A 4149 22.19 1.78 89.65
C SER A 4149 23.39 2.09 90.57
N ILE A 4150 23.97 3.29 90.43
CA ILE A 4150 24.97 3.78 91.38
C ILE A 4150 24.30 4.11 92.73
N LEU A 4151 23.09 4.70 92.67
CA LEU A 4151 22.29 4.99 93.87
C LEU A 4151 21.73 3.74 94.55
N GLY A 4152 21.40 2.72 93.76
CA GLY A 4152 20.81 1.47 94.27
C GLY A 4152 21.65 0.67 95.27
N HIS A 4153 22.97 0.90 95.25
CA HIS A 4153 23.89 0.35 96.25
C HIS A 4153 23.53 0.79 97.69
N TYR A 4154 22.95 1.99 97.82
CA TYR A 4154 22.51 2.52 99.12
C TYR A 4154 21.26 1.81 99.67
N ASN A 4155 20.24 1.60 98.85
CA ASN A 4155 18.95 1.06 99.32
C ASN A 4155 18.13 0.39 98.19
N ASN A 4156 17.34 -0.62 98.57
CA ASN A 4156 16.60 -1.46 97.61
C ASN A 4156 15.18 -0.97 97.28
N PHE A 4157 14.76 0.17 97.84
CA PHE A 4157 13.45 0.76 97.55
C PHE A 4157 13.49 1.72 96.35
N PHE A 4158 14.64 2.36 96.14
CA PHE A 4158 14.90 3.12 94.93
C PHE A 4158 15.12 2.19 93.74
N PHE A 4159 15.54 0.95 94.03
CA PHE A 4159 15.76 -0.10 93.03
C PHE A 4159 14.53 -0.47 92.19
N ALA A 4160 13.32 -0.29 92.75
CA ALA A 4160 12.08 -0.59 92.04
C ALA A 4160 11.73 0.38 90.88
N ALA A 4161 12.51 1.44 90.69
CA ALA A 4161 12.37 2.34 89.54
C ALA A 4161 12.73 1.69 88.18
N HIS A 4162 13.55 0.63 88.20
CA HIS A 4162 13.96 -0.07 86.97
C HIS A 4162 12.87 -0.91 86.28
N LEU A 4163 11.72 -1.12 86.95
CA LEU A 4163 10.59 -1.87 86.37
C LEU A 4163 9.99 -1.29 85.08
N LEU A 4164 10.23 -0.01 84.81
CA LEU A 4164 9.77 0.64 83.57
C LEU A 4164 10.47 0.16 82.27
N ASP A 4165 11.55 -0.61 82.41
CA ASP A 4165 12.27 -1.19 81.25
C ASP A 4165 11.46 -2.26 80.49
N ILE A 4166 10.43 -2.83 81.13
CA ILE A 4166 9.49 -3.76 80.48
C ILE A 4166 8.80 -3.19 79.22
N ALA A 4167 8.51 -1.89 79.23
CA ALA A 4167 7.84 -1.24 78.09
C ALA A 4167 8.67 -1.31 76.81
N MET A 4168 9.98 -1.08 76.93
CA MET A 4168 10.93 -1.29 75.83
C MET A 4168 11.57 -2.68 75.96
N GLY A 4169 10.76 -3.69 75.66
CA GLY A 4169 11.15 -5.10 75.77
C GLY A 4169 10.47 -6.00 74.75
N PHE A 4170 9.17 -6.19 74.91
CA PHE A 4170 8.38 -7.08 74.04
C PHE A 4170 7.87 -6.33 72.79
N LYS A 4171 7.99 -6.96 71.60
CA LYS A 4171 7.72 -6.29 70.30
C LYS A 4171 6.23 -5.99 70.01
N THR A 4172 5.34 -6.89 70.39
CA THR A 4172 3.89 -6.72 70.17
C THR A 4172 3.26 -5.57 70.98
N LEU A 4173 3.86 -5.26 72.13
CA LEU A 4173 3.42 -4.15 72.98
C LEU A 4173 3.68 -2.78 72.35
N ARG A 4174 4.66 -2.69 71.44
CA ARG A 4174 4.98 -1.44 70.74
C ARG A 4174 3.91 -0.98 69.72
N THR A 4175 2.96 -1.86 69.38
CA THR A 4175 1.76 -1.45 68.64
C THR A 4175 0.68 -0.87 69.57
N ILE A 4176 0.63 -1.38 70.82
CA ILE A 4176 -0.33 -0.90 71.82
C ILE A 4176 0.16 0.39 72.50
N LEU A 4177 1.39 0.37 73.01
CA LEU A 4177 1.96 1.53 73.71
C LEU A 4177 2.27 2.72 72.78
N SER A 4178 2.42 2.48 71.48
CA SER A 4178 2.48 3.56 70.49
C SER A 4178 1.14 4.30 70.39
N SER A 4179 0.03 3.56 70.46
CA SER A 4179 -1.31 4.14 70.41
C SER A 4179 -1.70 5.00 71.64
N VAL A 4180 -1.01 4.78 72.77
CA VAL A 4180 -1.24 5.59 73.98
C VAL A 4180 -0.62 7.00 73.87
N THR A 4181 0.47 7.13 73.10
CA THR A 4181 1.31 8.35 73.12
C THR A 4181 1.37 9.21 71.83
N HIS A 4182 1.12 8.63 70.65
CA HIS A 4182 1.24 9.40 69.38
C HIS A 4182 0.21 10.54 69.24
N ASN A 4183 -0.97 10.35 69.84
CA ASN A 4183 -1.99 11.40 69.96
C ASN A 4183 -2.12 11.79 71.46
N GLY A 4184 -0.96 12.01 72.10
CA GLY A 4184 -0.89 12.30 73.53
C GLY A 4184 -1.08 13.77 73.90
N LYS A 4185 -0.88 14.66 72.93
CA LYS A 4185 -1.11 16.10 73.11
C LYS A 4185 -2.58 16.42 73.40
N GLN A 4186 -3.49 15.60 72.84
CA GLN A 4186 -4.92 15.72 73.11
C GLN A 4186 -5.25 15.26 74.54
N LEU A 4187 -4.66 14.14 74.96
CA LEU A 4187 -4.92 13.53 76.28
C LEU A 4187 -4.45 14.38 77.47
N VAL A 4188 -3.33 15.09 77.31
CA VAL A 4188 -2.76 15.90 78.39
C VAL A 4188 -3.64 17.12 78.70
N LEU A 4189 -4.11 17.81 77.66
CA LEU A 4189 -4.99 18.98 77.82
C LEU A 4189 -6.42 18.58 78.23
N THR A 4190 -6.82 17.33 77.97
CA THR A 4190 -8.12 16.79 78.43
C THR A 4190 -8.25 16.77 79.96
N VAL A 4191 -7.13 16.57 80.65
CA VAL A 4191 -7.09 16.69 82.12
C VAL A 4191 -7.26 18.16 82.52
N GLY A 4192 -6.67 19.07 81.74
CA GLY A 4192 -6.91 20.50 81.87
C GLY A 4192 -8.34 20.93 81.59
N LEU A 4193 -9.00 20.26 80.65
CA LEU A 4193 -10.44 20.49 80.36
C LEU A 4193 -11.39 20.08 81.51
N LEU A 4194 -10.96 19.14 82.36
CA LEU A 4194 -11.71 18.78 83.57
C LEU A 4194 -11.84 19.97 84.55
N ALA A 4195 -10.86 20.87 84.52
CA ALA A 4195 -10.86 22.05 85.39
C ALA A 4195 -11.91 23.12 85.05
N VAL A 4196 -12.25 23.30 83.78
CA VAL A 4196 -13.00 24.50 83.32
C VAL A 4196 -14.49 24.47 83.69
N VAL A 4197 -15.23 23.50 83.13
CA VAL A 4197 -16.69 23.37 83.37
C VAL A 4197 -17.00 23.05 84.84
N VAL A 4198 -16.17 22.21 85.48
CA VAL A 4198 -16.29 21.89 86.93
C VAL A 4198 -16.07 23.17 87.79
N TYR A 4199 -15.21 24.09 87.33
CA TYR A 4199 -15.04 25.41 88.00
C TYR A 4199 -16.26 26.37 87.81
N LEU A 4200 -16.97 26.29 86.68
CA LEU A 4200 -18.22 27.06 86.49
C LEU A 4200 -19.30 26.58 87.49
N TYR A 4201 -19.38 25.26 87.68
CA TYR A 4201 -20.33 24.66 88.64
C TYR A 4201 -19.93 24.88 90.13
N THR A 4202 -18.63 25.02 90.46
CA THR A 4202 -18.19 25.44 91.83
C THR A 4202 -18.51 26.94 92.09
N VAL A 4203 -18.64 27.75 91.03
CA VAL A 4203 -19.12 29.16 91.13
C VAL A 4203 -20.62 29.20 91.49
N VAL A 4204 -21.46 28.51 90.71
CA VAL A 4204 -22.94 28.50 90.94
C VAL A 4204 -23.31 27.81 92.29
N ALA A 4205 -22.57 26.77 92.67
CA ALA A 4205 -22.68 26.12 94.00
C ALA A 4205 -22.23 27.08 95.15
N PHE A 4206 -21.22 27.91 94.89
CA PHE A 4206 -20.79 28.95 95.86
C PHE A 4206 -21.90 30.00 96.11
N ASN A 4207 -22.71 30.28 95.08
CA ASN A 4207 -23.76 31.33 95.16
C ASN A 4207 -24.98 30.83 95.96
N PHE A 4208 -25.64 29.80 95.44
CA PHE A 4208 -26.91 29.32 95.98
C PHE A 4208 -26.77 28.14 96.94
N PHE A 4209 -26.00 27.13 96.54
CA PHE A 4209 -26.00 25.82 97.19
C PHE A 4209 -24.78 25.58 98.09
N ARG A 4210 -24.47 26.54 98.96
CA ARG A 4210 -23.32 26.43 99.87
C ARG A 4210 -23.62 25.65 101.15
N LYS A 4211 -24.81 25.87 101.73
CA LYS A 4211 -25.16 25.33 103.05
C LYS A 4211 -25.18 23.80 103.17
N PHE A 4212 -25.44 23.09 102.07
CA PHE A 4212 -25.69 21.64 102.09
C PHE A 4212 -24.41 20.78 102.18
N TYR A 4213 -23.26 21.37 101.87
CA TYR A 4213 -21.98 20.62 101.85
C TYR A 4213 -21.46 20.32 103.27
N ASN A 4214 -22.05 19.27 103.88
CA ASN A 4214 -21.67 18.78 105.22
C ASN A 4214 -20.94 17.41 105.12
N LYS A 4215 -19.83 17.26 105.84
CA LYS A 4215 -19.00 16.03 105.85
C LYS A 4215 -18.95 15.40 107.27
N SER A 4216 -20.08 15.46 107.98
CA SER A 4216 -20.15 15.05 109.41
C SER A 4216 -20.00 13.53 109.69
N GLU A 4217 -18.79 13.10 110.06
CA GLU A 4217 -18.52 11.70 110.51
C GLU A 4217 -19.25 11.42 111.84
N ASP A 4218 -19.96 10.27 111.92
CA ASP A 4218 -20.82 9.88 113.08
C ASP A 4218 -21.94 10.93 113.43
N GLY A 4219 -22.78 10.60 114.42
CA GLY A 4219 -23.89 11.49 114.85
C GLY A 4219 -23.49 12.70 115.71
N ASP A 4220 -24.17 13.83 115.46
CA ASP A 4220 -24.08 15.09 116.27
C ASP A 4220 -22.64 15.64 116.60
N THR A 4221 -21.70 15.45 115.66
CA THR A 4221 -20.32 15.97 115.78
C THR A 4221 -20.24 17.47 115.39
N PRO A 4222 -19.27 18.25 115.97
CA PRO A 4222 -18.97 19.57 115.38
C PRO A 4222 -18.43 19.43 113.95
N ASP A 4223 -18.78 20.37 113.06
CA ASP A 4223 -18.72 20.13 111.60
C ASP A 4223 -18.27 21.37 110.78
N MET A 4224 -17.15 21.21 110.06
CA MET A 4224 -16.67 22.24 109.10
C MET A 4224 -17.56 22.22 107.83
N LYS A 4225 -17.75 23.40 107.23
CA LYS A 4225 -18.51 23.58 105.99
C LYS A 4225 -17.68 24.47 105.04
N CYS A 4226 -17.36 23.95 103.84
CA CYS A 4226 -16.43 24.60 102.90
C CYS A 4226 -16.81 26.07 102.59
N ASP A 4227 -15.89 26.98 102.91
CA ASP A 4227 -16.06 28.43 102.69
C ASP A 4227 -14.96 29.04 101.81
N ASP A 4228 -13.72 28.55 101.90
CA ASP A 4228 -12.64 28.91 100.96
C ASP A 4228 -12.98 28.34 99.57
N MET A 4229 -12.85 29.19 98.53
CA MET A 4229 -13.11 28.79 97.13
C MET A 4229 -12.16 27.66 96.65
N LEU A 4230 -10.91 27.67 97.17
CA LEU A 4230 -9.92 26.60 96.93
C LEU A 4230 -10.38 25.25 97.53
N THR A 4231 -10.82 25.24 98.79
CA THR A 4231 -11.33 24.03 99.47
C THR A 4231 -12.66 23.49 98.86
N CYS A 4232 -13.51 24.38 98.31
CA CYS A 4232 -14.79 23.98 97.66
C CYS A 4232 -14.57 23.27 96.30
N TYR A 4233 -13.81 23.94 95.41
CA TYR A 4233 -13.40 23.37 94.08
C TYR A 4233 -12.55 22.07 94.25
N MET A 4234 -11.69 22.05 95.28
CA MET A 4234 -10.90 20.86 95.67
C MET A 4234 -11.81 19.70 96.16
N PHE A 4235 -12.93 20.03 96.83
CA PHE A 4235 -13.97 19.05 97.23
C PHE A 4235 -14.75 18.46 96.01
N HIS A 4236 -14.93 19.25 94.94
CA HIS A 4236 -15.60 18.78 93.69
C HIS A 4236 -14.73 17.80 92.85
N MET A 4237 -13.42 18.11 92.71
CA MET A 4237 -12.46 17.16 92.10
C MET A 4237 -12.19 15.90 93.01
N TYR A 4238 -12.33 16.05 94.34
CA TYR A 4238 -12.13 14.94 95.31
C TYR A 4238 -13.25 13.87 95.30
N VAL A 4239 -14.49 14.26 94.98
CA VAL A 4239 -15.64 13.31 94.91
C VAL A 4239 -16.45 13.32 93.58
N GLY A 4240 -16.86 14.50 93.11
CA GLY A 4240 -17.82 14.63 91.99
C GLY A 4240 -17.37 14.06 90.65
N VAL A 4241 -16.11 14.32 90.27
CA VAL A 4241 -15.50 13.66 89.08
C VAL A 4241 -15.19 12.17 89.34
N ARG A 4242 -14.81 11.86 90.60
CA ARG A 4242 -14.34 10.52 91.02
C ARG A 4242 -15.41 9.52 91.54
N ALA A 4243 -16.68 9.95 91.64
CA ALA A 4243 -17.73 9.22 92.41
C ALA A 4243 -18.07 7.80 91.91
N GLY A 4244 -18.06 7.61 90.58
CA GLY A 4244 -18.62 6.40 89.97
C GLY A 4244 -20.07 6.24 90.40
N GLY A 4245 -20.86 7.29 90.18
CA GLY A 4245 -22.23 7.41 90.70
C GLY A 4245 -22.63 8.73 91.37
N GLY A 4246 -22.13 9.86 90.87
CA GLY A 4246 -22.68 11.20 91.16
C GLY A 4246 -22.23 11.94 92.43
N ILE A 4247 -22.37 13.27 92.41
CA ILE A 4247 -22.10 14.16 93.57
C ILE A 4247 -23.16 14.01 94.71
N GLY A 4248 -24.42 13.81 94.33
CA GLY A 4248 -25.57 13.65 95.25
C GLY A 4248 -25.38 12.70 96.43
N ASP A 4249 -24.40 11.79 96.30
CA ASP A 4249 -23.94 10.92 97.40
C ASP A 4249 -23.37 11.71 98.60
N GLU A 4250 -22.74 12.87 98.33
CA GLU A 4250 -22.10 13.73 99.37
C GLU A 4250 -22.70 15.16 99.37
N ILE A 4251 -23.99 15.25 99.70
CA ILE A 4251 -24.73 16.51 99.88
C ILE A 4251 -26.03 16.20 100.64
N GLU A 4252 -26.53 17.17 101.43
CA GLU A 4252 -27.81 17.05 102.15
C GLU A 4252 -29.02 17.14 101.19
N ASP A 4253 -29.81 16.07 101.14
CA ASP A 4253 -30.91 15.95 100.15
C ASP A 4253 -32.05 16.96 100.42
N PRO A 4254 -32.46 17.76 99.40
CA PRO A 4254 -33.56 18.75 99.56
C PRO A 4254 -34.98 18.20 99.26
N ALA A 4255 -35.96 18.58 100.09
CA ALA A 4255 -37.38 18.22 99.93
C ALA A 4255 -38.29 19.46 100.11
N GLY A 4256 -39.11 19.76 99.10
CA GLY A 4256 -40.16 20.80 99.19
C GLY A 4256 -39.72 22.28 99.23
N ASP A 4257 -38.54 22.59 98.66
CA ASP A 4257 -38.02 23.98 98.55
C ASP A 4257 -38.09 24.57 97.12
N GLU A 4258 -38.09 25.92 97.00
CA GLU A 4258 -37.96 26.61 95.70
C GLU A 4258 -36.55 26.39 95.11
N TYR A 4259 -35.55 26.32 95.99
CA TYR A 4259 -34.16 26.02 95.58
C TYR A 4259 -33.93 24.50 95.35
N GLU A 4260 -34.88 23.65 95.80
CA GLU A 4260 -34.88 22.19 95.53
C GLU A 4260 -35.12 21.88 94.03
N ILE A 4261 -36.06 22.61 93.40
CA ILE A 4261 -36.34 22.44 91.95
C ILE A 4261 -35.25 23.06 91.05
N TYR A 4262 -34.62 24.17 91.49
CA TYR A 4262 -33.44 24.73 90.78
C TYR A 4262 -32.20 23.77 90.84
N ARG A 4263 -31.97 23.13 91.99
CA ARG A 4263 -30.80 22.23 92.18
C ARG A 4263 -30.99 20.82 91.57
N ILE A 4264 -32.22 20.43 91.21
CA ILE A 4264 -32.38 19.22 90.37
C ILE A 4264 -31.82 19.49 88.97
N ILE A 4265 -32.04 20.71 88.45
CA ILE A 4265 -31.47 21.12 87.15
C ILE A 4265 -29.94 21.29 87.24
N PHE A 4266 -29.42 21.72 88.41
CA PHE A 4266 -27.95 21.77 88.69
C PHE A 4266 -27.29 20.36 88.66
N ASP A 4267 -27.89 19.41 89.39
CA ASP A 4267 -27.39 18.03 89.48
C ASP A 4267 -27.53 17.19 88.18
N ILE A 4268 -28.57 17.48 87.37
CA ILE A 4268 -28.75 16.83 86.04
C ILE A 4268 -27.65 17.25 85.06
N THR A 4269 -27.37 18.55 84.99
CA THR A 4269 -26.34 19.09 84.08
C THR A 4269 -24.92 18.65 84.44
N PHE A 4270 -24.64 18.46 85.73
CA PHE A 4270 -23.33 17.96 86.18
C PHE A 4270 -23.06 16.52 85.72
N PHE A 4271 -24.09 15.67 85.73
CA PHE A 4271 -23.95 14.28 85.28
C PHE A 4271 -23.80 14.15 83.75
N PHE A 4272 -24.37 15.11 82.99
CA PHE A 4272 -24.30 15.08 81.52
C PHE A 4272 -23.04 15.76 80.93
N PHE A 4273 -22.71 16.98 81.38
CA PHE A 4273 -21.54 17.71 80.85
C PHE A 4273 -20.17 17.13 81.28
N VAL A 4274 -20.10 16.52 82.47
CA VAL A 4274 -18.82 16.07 83.05
C VAL A 4274 -18.56 14.55 82.94
N ILE A 4275 -19.56 13.72 83.26
CA ILE A 4275 -19.40 12.25 83.25
C ILE A 4275 -19.77 11.65 81.88
N VAL A 4276 -20.88 12.08 81.28
CA VAL A 4276 -21.38 11.50 80.03
C VAL A 4276 -20.64 12.05 78.80
N ILE A 4277 -20.54 13.38 78.68
CA ILE A 4277 -19.91 14.03 77.52
C ILE A 4277 -18.37 13.93 77.58
N LEU A 4278 -17.77 14.24 78.73
CA LEU A 4278 -16.30 14.45 78.83
C LEU A 4278 -15.49 13.15 78.97
N LEU A 4279 -15.88 12.25 79.89
CA LEU A 4279 -15.15 10.98 80.10
C LEU A 4279 -15.24 10.02 78.90
N ALA A 4280 -16.30 10.13 78.11
CA ALA A 4280 -16.43 9.38 76.85
C ALA A 4280 -15.42 9.81 75.77
N ILE A 4281 -14.90 11.04 75.88
CA ILE A 4281 -13.81 11.51 75.00
C ILE A 4281 -12.52 10.74 75.31
N ILE A 4282 -12.22 10.53 76.59
CA ILE A 4282 -10.99 9.82 76.99
C ILE A 4282 -11.07 8.34 76.60
N GLN A 4283 -12.27 7.76 76.63
CA GLN A 4283 -12.51 6.45 75.98
C GLN A 4283 -12.33 6.61 74.47
N GLY A 4284 -13.11 7.50 73.87
CA GLY A 4284 -13.12 7.74 72.42
C GLY A 4284 -11.79 8.13 71.78
N LEU A 4285 -10.93 8.81 72.53
CA LEU A 4285 -9.58 9.16 72.08
C LEU A 4285 -8.71 7.90 72.01
N ILE A 4286 -8.91 6.99 72.97
CA ILE A 4286 -8.24 5.68 72.96
C ILE A 4286 -8.84 4.75 71.88
N ILE A 4287 -10.15 4.86 71.64
CA ILE A 4287 -10.81 4.10 70.56
C ILE A 4287 -10.37 4.60 69.17
N ASP A 4288 -10.15 5.91 69.03
CA ASP A 4288 -9.82 6.53 67.73
C ASP A 4288 -8.41 6.22 67.22
N ALA A 4289 -7.41 6.24 68.11
CA ALA A 4289 -6.00 6.17 67.71
C ALA A 4289 -5.51 4.80 67.22
N PHE A 4290 -6.15 3.71 67.64
CA PHE A 4290 -5.86 2.37 67.10
C PHE A 4290 -6.13 2.30 65.59
N GLY A 4291 -7.13 3.04 65.12
CA GLY A 4291 -7.42 3.18 63.70
C GLY A 4291 -6.38 3.95 62.92
N GLU A 4292 -5.89 5.07 63.48
CA GLU A 4292 -4.93 5.95 62.79
C GLU A 4292 -3.56 5.30 62.59
N LEU A 4293 -3.07 4.61 63.62
CA LEU A 4293 -1.79 3.88 63.53
C LEU A 4293 -1.89 2.68 62.59
N ARG A 4294 -3.07 2.04 62.52
CA ARG A 4294 -3.30 0.92 61.61
C ARG A 4294 -3.69 1.33 60.19
N ASP A 4295 -4.29 2.52 60.01
CA ASP A 4295 -4.58 3.05 58.65
C ASP A 4295 -3.27 3.39 57.91
N GLN A 4296 -2.26 3.85 58.65
CA GLN A 4296 -0.86 3.97 58.13
C GLN A 4296 -0.31 2.58 57.68
N GLN A 4297 -0.53 1.57 58.52
CA GLN A 4297 -0.19 0.17 58.21
C GLN A 4297 -1.00 -0.40 57.00
N GLU A 4298 -2.26 0.03 56.85
CA GLU A 4298 -3.14 -0.36 55.71
C GLU A 4298 -2.62 0.17 54.35
N GLN A 4299 -2.24 1.46 54.32
CA GLN A 4299 -1.68 2.08 53.10
C GLN A 4299 -0.30 1.49 52.70
N VAL A 4300 0.53 1.14 53.68
CA VAL A 4300 1.85 0.52 53.39
C VAL A 4300 1.71 -0.92 52.86
N LYS A 4301 0.81 -1.73 53.44
CA LYS A 4301 0.53 -3.11 52.96
C LYS A 4301 -0.10 -3.14 51.55
N GLU A 4302 -0.97 -2.17 51.24
CA GLU A 4302 -1.61 -2.10 49.91
C GLU A 4302 -0.63 -1.64 48.80
N ASP A 4303 0.18 -0.61 49.08
CA ASP A 4303 1.21 -0.14 48.11
C ASP A 4303 2.32 -1.22 47.87
N MET A 4304 2.62 -2.06 48.87
CA MET A 4304 3.48 -3.25 48.65
C MET A 4304 2.83 -4.34 47.75
N GLU A 4305 1.52 -4.55 47.92
CA GLU A 4305 0.76 -5.53 47.09
C GLU A 4305 0.57 -5.13 45.60
N THR A 4306 0.54 -3.82 45.30
CA THR A 4306 0.29 -3.29 43.93
C THR A 4306 1.51 -2.59 43.26
N LYS A 4307 1.79 -1.36 43.69
CA LYS A 4307 2.87 -0.50 43.15
C LYS A 4307 4.27 -1.06 43.47
N CYS A 4308 5.19 -1.06 42.49
CA CYS A 4308 6.62 -1.35 42.76
C CYS A 4308 7.24 -0.17 43.55
N PHE A 4309 8.14 -0.45 44.49
CA PHE A 4309 8.77 0.62 45.32
C PHE A 4309 9.59 1.66 44.51
N ILE A 4310 10.21 1.21 43.41
CA ILE A 4310 11.15 2.03 42.61
C ILE A 4310 10.50 2.57 41.31
N CYS A 4311 10.23 1.69 40.34
CA CYS A 4311 9.59 2.10 39.06
C CYS A 4311 8.12 2.56 39.23
N GLY A 4312 7.41 2.01 40.23
CA GLY A 4312 5.97 2.25 40.41
C GLY A 4312 5.09 1.34 39.56
N ILE A 4313 4.54 1.90 38.47
CA ILE A 4313 3.72 1.18 37.46
C ILE A 4313 2.40 0.60 38.04
N GLY A 4314 2.51 -0.43 38.90
CA GLY A 4314 1.35 -1.10 39.53
C GLY A 4314 1.11 -2.53 39.05
N ASN A 4315 0.30 -3.28 39.80
CA ASN A 4315 0.08 -4.72 39.56
C ASN A 4315 -0.62 -5.07 38.21
N ASP A 4316 -1.48 -4.17 37.71
CA ASP A 4316 -2.34 -4.44 36.52
C ASP A 4316 -1.58 -4.85 35.22
N TYR A 4317 -0.45 -4.19 34.95
CA TYR A 4317 0.36 -4.48 33.73
C TYR A 4317 1.09 -5.86 33.80
N PHE A 4318 1.60 -6.22 34.98
CA PHE A 4318 2.51 -7.41 35.15
C PHE A 4318 1.76 -8.77 35.34
N ASP A 4319 0.43 -8.73 35.55
CA ASP A 4319 -0.43 -9.94 35.57
C ASP A 4319 -0.69 -10.55 34.17
N THR A 4320 -0.58 -9.72 33.12
CA THR A 4320 -0.95 -10.11 31.73
C THR A 4320 -0.07 -11.27 31.17
N VAL A 4321 1.21 -11.28 31.54
CA VAL A 4321 2.10 -12.45 31.36
C VAL A 4321 1.90 -13.41 32.57
N PRO A 4322 1.92 -14.76 32.32
CA PRO A 4322 1.77 -15.73 33.43
C PRO A 4322 2.78 -15.60 34.59
N HIS A 4323 2.28 -15.68 35.84
CA HIS A 4323 3.11 -15.69 37.07
C HIS A 4323 4.14 -14.51 37.16
N GLY A 4324 3.76 -13.37 36.56
CA GLY A 4324 4.71 -12.27 36.23
C GLY A 4324 5.15 -11.25 37.30
N PHE A 4325 4.23 -10.83 38.19
CA PHE A 4325 4.53 -9.79 39.22
C PHE A 4325 5.62 -10.23 40.24
N GLU A 4326 5.61 -11.51 40.65
CA GLU A 4326 6.62 -12.08 41.58
C GLU A 4326 8.05 -12.02 40.98
N THR A 4327 8.17 -12.23 39.67
CA THR A 4327 9.44 -12.06 38.92
C THR A 4327 9.88 -10.57 38.80
N HIS A 4328 8.90 -9.66 38.59
CA HIS A 4328 9.19 -8.20 38.52
C HIS A 4328 9.74 -7.64 39.85
N THR A 4329 9.35 -8.24 40.98
CA THR A 4329 9.97 -7.96 42.29
C THR A 4329 11.35 -8.65 42.39
N LEU A 4330 11.34 -9.99 42.56
CA LEU A 4330 12.54 -10.78 42.93
C LEU A 4330 13.73 -10.74 41.92
N GLN A 4331 13.44 -10.51 40.62
CA GLN A 4331 14.49 -10.43 39.57
C GLN A 4331 14.78 -8.99 39.11
N GLU A 4332 13.74 -8.28 38.66
CA GLU A 4332 13.89 -6.94 38.02
C GLU A 4332 14.32 -5.80 39.01
N HIS A 4333 13.88 -5.87 40.28
CA HIS A 4333 14.09 -4.79 41.27
C HIS A 4333 14.51 -5.27 42.69
N ASN A 4334 13.68 -6.12 43.30
CA ASN A 4334 13.77 -6.63 44.72
C ASN A 4334 14.50 -5.73 45.74
N LEU A 4335 14.32 -4.41 45.60
CA LEU A 4335 14.84 -3.38 46.54
C LEU A 4335 16.32 -3.52 46.98
N ALA A 4336 16.67 -4.66 47.58
CA ALA A 4336 18.03 -5.02 48.02
C ALA A 4336 19.16 -4.94 46.95
N ASN A 4337 18.86 -5.33 45.70
CA ASN A 4337 19.87 -5.33 44.61
C ASN A 4337 20.47 -3.92 44.29
N TYR A 4338 19.64 -2.89 44.41
CA TYR A 4338 20.12 -1.49 44.32
C TYR A 4338 21.12 -1.16 45.45
N LEU A 4339 20.87 -1.72 46.65
CA LEU A 4339 21.73 -1.50 47.84
C LEU A 4339 23.16 -2.07 47.65
N PHE A 4340 23.24 -3.34 47.22
CA PHE A 4340 24.54 -4.03 47.00
C PHE A 4340 25.40 -3.37 45.90
N PHE A 4341 24.73 -2.81 44.87
CA PHE A 4341 25.41 -2.03 43.80
C PHE A 4341 26.20 -0.84 44.37
N LEU A 4342 25.69 -0.23 45.44
CA LEU A 4342 26.45 0.77 46.22
C LEU A 4342 27.61 0.13 47.03
N MET A 4343 27.40 -1.07 47.60
CA MET A 4343 28.51 -1.78 48.31
C MET A 4343 29.75 -1.93 47.42
N TYR A 4344 29.50 -2.42 46.20
CA TYR A 4344 30.49 -2.60 45.11
C TYR A 4344 31.13 -1.28 44.59
N LEU A 4345 30.31 -0.27 44.30
CA LEU A 4345 30.82 1.02 43.81
C LEU A 4345 31.75 1.70 44.85
N ILE A 4346 31.52 1.43 46.14
CA ILE A 4346 32.49 1.77 47.22
C ILE A 4346 33.76 0.86 47.15
N ASN A 4347 33.55 -0.45 46.95
CA ASN A 4347 34.64 -1.48 47.01
C ASN A 4347 35.57 -1.59 45.75
N LYS A 4348 35.18 -1.02 44.60
CA LYS A 4348 36.02 -1.00 43.37
C LYS A 4348 37.21 0.00 43.47
N ASP A 4349 38.33 -0.36 42.83
CA ASP A 4349 39.46 0.58 42.62
C ASP A 4349 38.99 1.66 41.60
N GLU A 4350 39.38 2.92 41.83
CA GLU A 4350 38.95 4.09 41.01
C GLU A 4350 39.33 3.93 39.51
N THR A 4351 40.50 3.34 39.25
CA THR A 4351 40.95 3.02 37.87
C THR A 4351 40.15 1.85 37.24
N GLU A 4352 39.63 0.93 38.08
CA GLU A 4352 38.95 -0.30 37.63
C GLU A 4352 37.46 -0.18 37.21
N HIS A 4353 36.82 0.98 37.43
CA HIS A 4353 35.40 1.21 37.05
C HIS A 4353 35.13 1.05 35.52
N THR A 4354 34.06 0.32 35.18
CA THR A 4354 33.56 0.18 33.78
C THR A 4354 32.82 1.48 33.37
N GLY A 4355 32.67 1.74 32.06
CA GLY A 4355 32.07 2.99 31.53
C GLY A 4355 30.71 3.41 32.11
N GLN A 4356 29.83 2.42 32.28
CA GLN A 4356 28.55 2.60 33.01
C GLN A 4356 28.77 2.81 34.54
N GLU A 4357 29.63 1.98 35.16
CA GLU A 4357 29.95 2.12 36.60
C GLU A 4357 30.74 3.43 36.94
N SER A 4358 31.61 3.89 36.03
CA SER A 4358 32.29 5.21 36.16
C SER A 4358 31.29 6.37 35.99
N TYR A 4359 30.31 6.18 35.08
CA TYR A 4359 29.24 7.17 34.84
C TYR A 4359 28.30 7.31 36.07
N VAL A 4360 27.83 6.20 36.61
CA VAL A 4360 26.95 6.19 37.80
C VAL A 4360 27.69 6.64 39.09
N TRP A 4361 29.00 6.40 39.18
CA TRP A 4361 29.83 6.94 40.29
C TRP A 4361 30.01 8.49 40.18
N LYS A 4362 30.02 9.00 38.94
CA LYS A 4362 30.03 10.47 38.66
C LYS A 4362 28.67 11.15 39.03
N MET A 4363 27.56 10.50 38.65
CA MET A 4363 26.18 10.96 38.96
C MET A 4363 25.87 10.87 40.49
N TYR A 4364 26.52 9.93 41.18
CA TYR A 4364 26.32 9.64 42.63
C TYR A 4364 26.97 10.70 43.56
N GLN A 4365 28.25 11.02 43.35
CA GLN A 4365 28.96 11.93 44.27
C GLN A 4365 28.46 13.39 44.16
N GLU A 4366 27.93 13.75 42.98
CA GLU A 4366 27.25 15.06 42.75
C GLU A 4366 25.75 15.06 43.20
N ARG A 4367 25.19 13.87 43.50
CA ARG A 4367 23.75 13.70 43.85
C ARG A 4367 22.80 14.07 42.67
N CYS A 4368 23.09 13.58 41.46
CA CYS A 4368 22.23 13.83 40.26
C CYS A 4368 20.87 13.07 40.31
N TRP A 4369 20.93 11.76 40.60
CA TRP A 4369 19.76 10.86 40.81
C TRP A 4369 18.74 10.74 39.62
N GLU A 4370 19.25 10.73 38.38
CA GLU A 4370 18.41 10.47 37.19
C GLU A 4370 18.32 8.98 36.78
N PHE A 4371 19.33 8.18 37.17
CA PHE A 4371 19.54 6.81 36.63
C PHE A 4371 18.59 5.68 37.16
N PHE A 4372 17.79 5.97 38.20
CA PHE A 4372 16.68 5.09 38.64
C PHE A 4372 15.58 5.02 37.56
N PRO A 4373 14.96 3.81 37.34
CA PRO A 4373 13.68 3.83 36.63
C PRO A 4373 12.59 4.58 37.44
N ALA A 4374 11.72 5.34 36.75
CA ALA A 4374 10.54 5.97 37.35
C ALA A 4374 9.22 5.42 36.75
N GLY A 4375 9.31 4.30 36.01
CA GLY A 4375 8.15 3.65 35.37
C GLY A 4375 8.37 3.25 33.90
N ASP A 4376 9.45 2.50 33.64
CA ASP A 4376 9.87 2.11 32.27
C ASP A 4376 10.07 0.58 32.11
N CYS A 4377 10.99 0.00 32.91
CA CYS A 4377 11.30 -1.46 32.94
C CYS A 4377 11.61 -2.18 31.59
N PHE A 4378 12.18 -3.39 31.68
CA PHE A 4378 12.66 -4.18 30.50
C PHE A 4378 11.53 -4.61 29.55
N ARG A 4379 10.47 -5.22 30.12
CA ARG A 4379 9.34 -5.77 29.34
C ARG A 4379 8.51 -4.70 28.59
N LYS A 4380 8.21 -3.58 29.25
CA LYS A 4380 7.59 -2.39 28.60
C LYS A 4380 8.54 -1.74 27.55
N GLN A 4381 9.86 -1.80 27.81
CA GLN A 4381 10.89 -1.28 26.87
C GLN A 4381 10.94 -2.05 25.52
N TYR A 4382 10.65 -3.36 25.55
CA TYR A 4382 10.80 -4.26 24.37
C TYR A 4382 9.53 -5.04 23.96
N GLU A 4383 8.92 -5.75 24.92
CA GLU A 4383 7.77 -6.67 24.67
C GLU A 4383 8.08 -7.76 23.63
N GLY B 52 122.39 30.93 -15.09
CA GLY B 52 122.40 30.32 -13.73
C GLY B 52 122.34 31.34 -12.61
N VAL B 53 122.96 31.02 -11.47
CA VAL B 53 122.97 31.91 -10.28
C VAL B 53 123.89 33.13 -10.55
N GLU B 54 123.46 34.31 -10.08
CA GLU B 54 124.17 35.59 -10.30
C GLU B 54 124.32 36.41 -9.00
N ILE B 55 125.42 36.17 -8.30
CA ILE B 55 125.69 36.82 -6.99
C ILE B 55 125.97 38.32 -7.16
N GLU B 56 125.36 39.15 -6.31
CA GLU B 56 125.81 40.54 -6.07
C GLU B 56 126.19 40.70 -4.59
N THR B 57 127.42 41.15 -4.31
CA THR B 57 127.86 41.44 -2.92
C THR B 57 127.12 42.70 -2.40
N ILE B 58 126.56 42.62 -1.18
CA ILE B 58 125.89 43.75 -0.49
C ILE B 58 126.91 44.36 0.50
N SER B 59 127.34 43.55 1.47
CA SER B 59 128.54 43.82 2.30
C SER B 59 129.46 42.57 2.33
N PRO B 60 130.79 42.74 2.13
CA PRO B 60 131.73 41.58 2.11
C PRO B 60 131.93 40.86 3.48
N GLY B 61 132.25 39.56 3.42
CA GLY B 61 132.55 38.72 4.62
C GLY B 61 134.05 38.58 4.87
N ASP B 62 134.47 37.41 5.37
CA ASP B 62 135.92 37.10 5.55
C ASP B 62 136.71 37.00 4.21
N GLY B 63 136.01 36.62 3.13
CA GLY B 63 136.60 36.41 1.81
C GLY B 63 137.51 35.18 1.70
N ARG B 64 137.26 34.16 2.54
CA ARG B 64 138.08 32.93 2.52
C ARG B 64 137.33 31.62 2.86
N THR B 65 136.80 31.48 4.08
CA THR B 65 136.06 30.25 4.51
C THR B 65 134.65 30.13 3.86
N PHE B 66 134.60 29.45 2.70
CA PHE B 66 133.32 29.09 2.03
C PHE B 66 132.72 27.81 2.69
N PRO B 67 131.38 27.58 2.54
CA PRO B 67 130.77 26.28 2.96
C PRO B 67 131.37 25.01 2.27
N LYS B 68 131.42 23.90 3.01
CA LYS B 68 132.04 22.62 2.53
C LYS B 68 131.00 21.46 2.51
N LYS B 69 131.44 20.25 2.12
CA LYS B 69 130.61 19.04 2.20
C LYS B 69 130.32 18.67 3.68
N GLY B 70 129.03 18.42 4.00
CA GLY B 70 128.60 18.04 5.36
C GLY B 70 128.40 19.16 6.39
N GLN B 71 128.74 20.41 6.06
CA GLN B 71 128.64 21.56 7.01
C GLN B 71 127.18 22.06 7.20
N THR B 72 126.83 22.36 8.45
CA THR B 72 125.51 22.94 8.83
C THR B 72 125.55 24.50 8.73
N CYS B 73 125.14 25.02 7.56
CA CYS B 73 125.01 26.49 7.33
C CYS B 73 123.90 27.10 8.23
N VAL B 74 124.22 28.21 8.91
CA VAL B 74 123.26 28.97 9.76
C VAL B 74 123.08 30.40 9.20
N VAL B 75 121.85 30.70 8.77
CA VAL B 75 121.52 31.85 7.88
C VAL B 75 120.17 32.52 8.28
N HIS B 76 120.20 33.84 8.44
CA HIS B 76 118.98 34.68 8.35
C HIS B 76 118.74 35.07 6.88
N TYR B 77 117.47 35.21 6.49
CA TYR B 77 117.08 35.50 5.08
C TYR B 77 115.68 36.13 4.91
N THR B 78 115.44 36.64 3.69
CA THR B 78 114.15 37.21 3.27
C THR B 78 114.00 37.05 1.74
N GLY B 79 113.07 36.20 1.30
CA GLY B 79 112.85 35.87 -0.13
C GLY B 79 111.80 36.72 -0.86
N MET B 80 112.20 37.22 -2.05
CA MET B 80 111.39 38.17 -2.88
C MET B 80 111.26 37.70 -4.36
N LEU B 81 110.08 37.94 -4.97
CA LEU B 81 109.78 37.52 -6.37
C LEU B 81 110.37 38.50 -7.43
N GLN B 82 110.21 38.16 -8.72
CA GLN B 82 110.72 38.96 -9.84
C GLN B 82 110.07 40.36 -9.91
N ASN B 83 110.69 41.31 -9.22
CA ASN B 83 110.34 42.74 -9.28
C ASN B 83 109.01 43.10 -8.60
N GLY B 84 109.09 43.65 -7.39
CA GLY B 84 107.95 44.33 -6.76
C GLY B 84 107.58 43.95 -5.33
N LYS B 85 107.76 42.68 -4.94
CA LYS B 85 107.12 42.15 -3.71
C LYS B 85 107.79 40.90 -3.07
N LYS B 86 107.82 40.89 -1.73
CA LYS B 86 108.43 39.79 -0.91
C LYS B 86 107.42 38.63 -0.65
N PHE B 87 107.93 37.41 -0.42
CA PHE B 87 107.09 36.23 -0.06
C PHE B 87 107.43 35.48 1.25
N ASP B 88 108.64 35.63 1.79
CA ASP B 88 109.07 34.88 3.00
C ASP B 88 110.29 35.53 3.69
N SER B 89 110.41 35.35 5.01
CA SER B 89 111.56 35.85 5.79
C SER B 89 111.86 35.01 7.06
N SER B 90 113.11 34.53 7.18
CA SER B 90 113.59 33.84 8.39
C SER B 90 113.76 34.78 9.60
N ARG B 91 114.20 36.04 9.37
CA ARG B 91 114.25 37.10 10.41
C ARG B 91 112.84 37.39 11.00
N ASP B 92 111.87 37.67 10.11
CA ASP B 92 110.46 37.90 10.47
C ASP B 92 109.90 36.91 11.53
N ARG B 93 110.24 35.62 11.38
CA ARG B 93 109.71 34.54 12.24
C ARG B 93 110.44 34.34 13.60
N ASN B 94 111.53 35.08 13.83
CA ASN B 94 112.31 35.06 15.12
C ASN B 94 113.02 33.71 15.38
N LYS B 95 113.66 33.18 14.34
CA LYS B 95 114.46 31.94 14.45
C LYS B 95 115.47 31.81 13.28
N PRO B 96 116.80 31.61 13.59
CA PRO B 96 117.76 31.30 12.50
C PRO B 96 117.46 29.98 11.76
N PHE B 97 117.71 29.96 10.44
CA PHE B 97 117.47 28.77 9.58
C PHE B 97 118.75 27.90 9.41
N LYS B 98 118.59 26.57 9.51
CA LYS B 98 119.70 25.60 9.42
C LYS B 98 119.54 24.65 8.20
N PHE B 99 120.58 24.57 7.35
CA PHE B 99 120.59 23.68 6.15
C PHE B 99 121.98 23.10 5.79
N ARG B 100 122.04 21.79 5.56
CA ARG B 100 123.26 21.11 5.13
C ARG B 100 123.52 21.38 3.63
N ILE B 101 124.79 21.62 3.26
CA ILE B 101 125.22 21.72 1.85
C ILE B 101 125.59 20.32 1.30
N GLY B 102 125.13 20.00 0.10
CA GLY B 102 125.42 18.71 -0.56
C GLY B 102 124.33 17.65 -0.42
N LYS B 103 123.68 17.59 0.76
CA LYS B 103 122.59 16.61 1.04
C LYS B 103 121.20 17.01 0.49
N GLN B 104 121.07 18.24 -0.03
CA GLN B 104 119.85 18.73 -0.74
C GLN B 104 118.59 18.79 0.17
N GLU B 105 118.73 19.47 1.32
CA GLU B 105 117.57 19.81 2.21
C GLU B 105 116.74 21.02 1.72
N VAL B 106 117.32 21.83 0.82
CA VAL B 106 116.71 23.05 0.24
C VAL B 106 116.70 23.02 -1.32
N ILE B 107 116.08 24.04 -1.93
CA ILE B 107 116.11 24.24 -3.42
C ILE B 107 117.55 24.47 -3.94
N LYS B 108 117.85 24.00 -5.17
CA LYS B 108 119.22 23.97 -5.74
C LYS B 108 119.96 25.33 -5.81
N GLY B 109 119.24 26.39 -6.17
CA GLY B 109 119.81 27.76 -6.23
C GLY B 109 120.21 28.33 -4.87
N PHE B 110 119.40 28.04 -3.85
CA PHE B 110 119.69 28.39 -2.43
C PHE B 110 120.92 27.62 -1.89
N GLU B 111 121.06 26.35 -2.28
CA GLU B 111 122.19 25.48 -1.88
C GLU B 111 123.54 25.86 -2.54
N GLU B 112 123.48 26.36 -3.78
CA GLU B 112 124.69 26.68 -4.60
C GLU B 112 125.19 28.13 -4.46
N GLY B 113 124.24 29.08 -4.38
CA GLY B 113 124.53 30.49 -4.05
C GLY B 113 125.14 30.70 -2.65
N ALA B 114 124.59 29.98 -1.65
CA ALA B 114 125.14 29.96 -0.29
C ALA B 114 126.57 29.44 -0.25
N ALA B 115 126.83 28.34 -0.97
CA ALA B 115 128.16 27.69 -1.04
C ALA B 115 129.26 28.58 -1.65
N GLN B 116 128.89 29.40 -2.65
CA GLN B 116 129.85 30.35 -3.28
C GLN B 116 130.07 31.64 -2.45
N MET B 117 129.15 31.92 -1.51
CA MET B 117 129.30 33.06 -0.56
C MET B 117 130.28 32.78 0.60
N SER B 118 130.80 33.84 1.23
CA SER B 118 131.75 33.75 2.37
C SER B 118 131.06 33.91 3.76
N LEU B 119 131.73 33.48 4.84
CA LEU B 119 131.23 33.62 6.23
C LEU B 119 131.17 35.10 6.66
N GLY B 120 130.02 35.51 7.23
CA GLY B 120 129.76 36.90 7.62
C GLY B 120 129.34 37.83 6.47
N GLN B 121 129.24 37.30 5.25
CA GLN B 121 128.82 38.07 4.05
C GLN B 121 127.29 38.26 4.00
N ARG B 122 126.87 39.48 3.63
CA ARG B 122 125.50 39.78 3.20
C ARG B 122 125.53 39.97 1.67
N ALA B 123 124.63 39.29 0.95
CA ALA B 123 124.64 39.28 -0.53
C ALA B 123 123.25 39.00 -1.15
N LYS B 124 123.07 39.49 -2.40
CA LYS B 124 121.85 39.29 -3.23
C LYS B 124 122.02 38.13 -4.24
N LEU B 125 121.13 37.14 -4.17
CA LEU B 125 121.13 35.97 -5.08
C LEU B 125 119.97 36.07 -6.11
N THR B 126 120.29 36.59 -7.30
CA THR B 126 119.33 36.70 -8.44
C THR B 126 119.36 35.38 -9.27
N CYS B 127 118.85 34.31 -8.69
CA CYS B 127 118.84 32.97 -9.33
C CYS B 127 117.82 32.86 -10.48
N THR B 128 118.24 32.25 -11.59
CA THR B 128 117.36 32.03 -12.76
C THR B 128 116.30 30.92 -12.50
N PRO B 129 115.09 31.02 -13.13
CA PRO B 129 113.97 30.07 -12.86
C PRO B 129 114.29 28.56 -13.05
N ASP B 130 115.17 28.21 -14.00
CA ASP B 130 115.63 26.81 -14.22
C ASP B 130 116.35 26.19 -12.99
N VAL B 131 117.09 27.01 -12.23
CA VAL B 131 117.68 26.59 -10.94
C VAL B 131 116.78 26.95 -9.72
N ALA B 132 115.56 27.42 -10.00
CA ALA B 132 114.56 27.84 -8.99
C ALA B 132 113.25 27.00 -9.15
N TYR B 133 112.09 27.54 -8.73
CA TYR B 133 110.79 26.81 -8.75
C TYR B 133 110.24 26.64 -10.21
N GLY B 134 110.46 27.64 -11.07
CA GLY B 134 110.20 27.54 -12.52
C GLY B 134 108.74 27.45 -13.02
N ALA B 135 108.52 26.62 -14.05
CA ALA B 135 107.29 26.65 -14.91
C ALA B 135 106.00 26.25 -14.19
N THR B 136 106.00 25.09 -13.52
CA THR B 136 104.91 24.69 -12.61
C THR B 136 104.98 25.54 -11.31
N GLY B 137 106.21 25.70 -10.79
CA GLY B 137 106.47 26.35 -9.50
C GLY B 137 106.14 25.41 -8.35
N HIS B 138 106.17 25.91 -7.11
CA HIS B 138 105.68 25.12 -5.95
C HIS B 138 104.13 25.26 -5.86
N PRO B 139 103.37 24.12 -5.96
CA PRO B 139 101.89 24.17 -5.99
C PRO B 139 101.26 24.93 -4.79
N GLY B 140 100.43 25.94 -5.08
CA GLY B 140 99.84 26.81 -4.04
C GLY B 140 100.68 27.97 -3.53
N VAL B 141 102.02 27.81 -3.52
CA VAL B 141 102.96 28.77 -2.89
C VAL B 141 103.64 29.70 -3.93
N ILE B 142 104.55 29.14 -4.74
CA ILE B 142 105.43 29.91 -5.63
C ILE B 142 104.87 29.88 -7.08
N PRO B 143 104.53 31.07 -7.66
CA PRO B 143 103.87 31.14 -8.99
C PRO B 143 104.79 30.77 -10.19
N PRO B 144 104.18 30.30 -11.33
CA PRO B 144 104.85 30.02 -12.63
C PRO B 144 105.75 31.16 -13.20
N ASN B 145 106.91 30.79 -13.76
CA ASN B 145 107.86 31.69 -14.46
C ASN B 145 108.39 32.86 -13.58
N ALA B 146 109.19 32.51 -12.57
CA ALA B 146 109.65 33.47 -11.54
C ALA B 146 111.17 33.38 -11.25
N THR B 147 111.93 34.37 -11.73
CA THR B 147 113.33 34.60 -11.29
C THR B 147 113.30 35.02 -9.80
N LEU B 148 114.12 34.37 -8.96
CA LEU B 148 114.14 34.60 -7.50
C LEU B 148 115.23 35.61 -7.06
N ILE B 149 114.94 36.33 -5.97
CA ILE B 149 115.84 37.34 -5.38
C ILE B 149 115.95 37.11 -3.85
N PHE B 150 117.10 36.58 -3.39
CA PHE B 150 117.33 36.26 -1.96
C PHE B 150 118.24 37.30 -1.23
N ASP B 151 117.80 37.77 -0.05
CA ASP B 151 118.59 38.65 0.85
C ASP B 151 119.32 37.79 1.92
N VAL B 152 120.33 37.03 1.46
CA VAL B 152 121.06 36.05 2.33
C VAL B 152 122.08 36.75 3.25
N GLU B 153 122.20 36.26 4.50
CA GLU B 153 123.21 36.70 5.52
C GLU B 153 123.81 35.47 6.27
N LEU B 154 125.03 35.07 5.92
CA LEU B 154 125.67 33.84 6.47
C LEU B 154 126.24 34.05 7.90
N LEU B 155 125.41 33.75 8.92
CA LEU B 155 125.75 33.96 10.35
C LEU B 155 126.97 33.12 10.81
N ASN B 156 126.88 31.79 10.64
CA ASN B 156 127.94 30.86 11.12
C ASN B 156 127.89 29.44 10.48
N LEU B 157 129.05 28.97 9.97
CA LEU B 157 129.20 27.58 9.49
C LEU B 157 129.47 26.64 10.69
N GLU B 158 128.80 25.46 10.70
CA GLU B 158 128.98 24.43 11.77
C GLU B 158 128.94 23.00 11.20
N GLU C 10 -26.09 7.88 -8.56
CA GLU C 10 -27.00 7.21 -9.54
C GLU C 10 -27.61 8.23 -10.51
N ILE C 11 -28.25 9.27 -9.96
CA ILE C 11 -28.91 10.33 -10.75
C ILE C 11 -28.90 11.70 -10.05
N GLN C 12 -29.06 12.76 -10.84
CA GLN C 12 -29.11 14.14 -10.34
C GLN C 12 -30.53 14.71 -10.37
N PHE C 13 -30.75 15.80 -9.63
CA PHE C 13 -32.02 16.53 -9.61
C PHE C 13 -31.76 18.03 -9.77
N LEU C 14 -32.64 18.70 -10.51
CA LEU C 14 -32.57 20.15 -10.68
C LEU C 14 -33.31 20.84 -9.54
N ARG C 15 -32.56 21.61 -8.74
CA ARG C 15 -33.13 22.44 -7.66
C ARG C 15 -33.33 23.88 -8.13
N THR C 16 -34.02 24.68 -7.32
CA THR C 16 -34.20 26.11 -7.60
C THR C 16 -32.90 26.87 -7.42
N ASP C 17 -32.77 27.99 -8.12
CA ASP C 17 -31.57 28.84 -8.12
C ASP C 17 -30.36 28.10 -8.71
N ASP C 18 -30.42 27.82 -10.01
CA ASP C 18 -29.32 27.18 -10.75
C ASP C 18 -29.31 27.58 -12.23
N GLU C 19 -28.26 27.19 -12.93
CA GLU C 19 -28.08 27.50 -14.36
C GLU C 19 -28.26 26.22 -15.19
N VAL C 20 -29.12 26.30 -16.21
CA VAL C 20 -29.39 25.18 -17.11
C VAL C 20 -29.51 25.67 -18.56
N VAL C 21 -29.43 24.73 -19.50
CA VAL C 21 -29.61 25.02 -20.93
C VAL C 21 -30.52 23.99 -21.59
N LEU C 22 -31.40 24.49 -22.46
CA LEU C 22 -32.40 23.67 -23.16
C LEU C 22 -31.95 23.46 -24.61
N GLN C 23 -32.14 22.24 -25.13
CA GLN C 23 -31.59 21.82 -26.43
C GLN C 23 -32.65 21.16 -27.31
N CYS C 24 -33.08 21.87 -28.37
CA CYS C 24 -34.09 21.36 -29.32
C CYS C 24 -33.44 20.71 -30.55
N THR C 25 -34.16 19.79 -31.17
CA THR C 25 -33.70 19.08 -32.38
C THR C 25 -34.32 19.68 -33.64
N ALA C 26 -33.70 20.75 -34.13
CA ALA C 26 -34.08 21.36 -35.40
C ALA C 26 -33.34 20.65 -36.53
N THR C 27 -34.08 19.89 -37.34
CA THR C 27 -33.50 19.11 -38.44
C THR C 27 -33.50 19.90 -39.74
N ILE C 28 -32.34 20.43 -40.13
CA ILE C 28 -32.17 21.18 -41.38
C ILE C 28 -31.12 20.48 -42.25
N HIS C 29 -31.38 20.47 -43.56
CA HIS C 29 -30.52 19.80 -44.56
C HIS C 29 -30.26 18.30 -44.28
N LYS C 30 -31.29 17.61 -43.77
CA LYS C 30 -31.28 16.15 -43.59
C LYS C 30 -30.18 15.63 -42.65
N GLU C 31 -30.19 16.13 -41.41
CA GLU C 31 -29.29 15.65 -40.35
C GLU C 31 -29.97 15.72 -38.99
N GLN C 32 -29.47 14.92 -38.06
CA GLN C 32 -29.99 14.85 -36.70
C GLN C 32 -29.20 15.85 -35.84
N GLN C 33 -29.51 17.13 -36.03
CA GLN C 33 -28.80 18.24 -35.38
C GLN C 33 -29.51 18.66 -34.09
N LYS C 34 -28.76 19.29 -33.19
CA LYS C 34 -29.29 19.84 -31.94
C LYS C 34 -28.81 21.29 -31.73
N LEU C 35 -29.74 22.18 -31.40
CA LEU C 35 -29.45 23.61 -31.19
C LEU C 35 -30.09 24.13 -29.89
N CYS C 36 -29.60 25.26 -29.40
CA CYS C 36 -30.05 25.88 -28.15
C CYS C 36 -30.86 27.16 -28.37
N LEU C 37 -31.63 27.55 -27.35
CA LEU C 37 -32.41 28.78 -27.35
C LEU C 37 -31.54 29.97 -26.91
N ALA C 38 -31.80 31.14 -27.48
CA ALA C 38 -31.05 32.36 -27.16
C ALA C 38 -31.81 33.63 -27.57
N ALA C 39 -31.32 34.77 -27.10
CA ALA C 39 -31.92 36.08 -27.40
C ALA C 39 -30.92 37.23 -27.21
N GLU C 40 -31.18 38.34 -27.89
CA GLU C 40 -30.30 39.51 -27.90
C GLU C 40 -30.77 40.56 -26.88
N GLY C 41 -30.01 40.74 -25.81
CA GLY C 41 -30.34 41.67 -24.73
C GLY C 41 -30.38 43.14 -25.12
N PHE C 42 -29.39 43.56 -25.91
CA PHE C 42 -29.28 44.95 -26.37
C PHE C 42 -29.19 44.99 -27.90
N GLY C 43 -30.31 44.73 -28.56
CA GLY C 43 -30.33 44.73 -30.03
C GLY C 43 -31.58 44.18 -30.72
N ASN C 44 -32.20 43.15 -30.15
CA ASN C 44 -33.41 42.55 -30.74
C ASN C 44 -34.20 41.74 -29.71
N ARG C 45 -35.47 42.07 -29.53
CA ARG C 45 -36.32 41.43 -28.52
C ARG C 45 -36.64 39.97 -28.83
N LEU C 46 -36.67 39.62 -30.12
CA LEU C 46 -37.03 38.27 -30.56
C LEU C 46 -35.91 37.26 -30.32
N CYS C 47 -36.29 36.02 -30.00
CA CYS C 47 -35.33 34.94 -29.78
C CYS C 47 -34.80 34.38 -31.11
N PHE C 48 -33.71 33.62 -31.01
CA PHE C 48 -33.11 32.95 -32.17
C PHE C 48 -32.20 31.80 -31.75
N LEU C 49 -31.97 30.88 -32.69
CA LEU C 49 -31.24 29.63 -32.41
C LEU C 49 -29.72 29.83 -32.43
N GLU C 50 -29.02 28.88 -31.79
CA GLU C 50 -27.55 28.85 -31.78
C GLU C 50 -27.07 27.43 -31.50
N SER C 51 -26.18 26.92 -32.34
CA SER C 51 -25.79 25.51 -32.31
C SER C 51 -24.69 25.24 -31.26
N THR C 52 -25.07 24.52 -30.20
CA THR C 52 -24.13 24.08 -29.15
C THR C 52 -23.66 22.63 -29.33
N SER C 53 -24.25 21.90 -30.27
CA SER C 53 -23.86 20.51 -30.55
C SER C 53 -22.45 20.46 -31.12
N ASN C 54 -22.24 21.08 -32.28
CA ASN C 54 -20.92 21.19 -32.90
C ASN C 54 -20.03 22.20 -32.16
N SER C 55 -19.42 21.74 -31.07
CA SER C 55 -18.46 22.54 -30.29
C SER C 55 -17.09 22.65 -30.98
N LYS C 56 -16.76 21.68 -31.85
CA LYS C 56 -15.46 21.62 -32.51
C LYS C 56 -15.27 22.61 -33.66
N ASN C 57 -16.25 22.70 -34.56
CA ASN C 57 -16.14 23.54 -35.77
C ASN C 57 -16.45 25.00 -35.48
N VAL C 58 -17.70 25.29 -35.13
CA VAL C 58 -18.16 26.65 -34.79
C VAL C 58 -18.64 26.61 -33.34
N PRO C 59 -17.77 26.97 -32.37
CA PRO C 59 -18.11 26.80 -30.96
C PRO C 59 -19.20 27.79 -30.51
N PRO C 60 -20.08 27.36 -29.59
CA PRO C 60 -21.24 28.18 -29.23
C PRO C 60 -20.89 29.37 -28.34
N ASP C 61 -21.61 30.47 -28.55
CA ASP C 61 -21.58 31.61 -27.63
C ASP C 61 -22.42 31.22 -26.42
N LEU C 62 -21.74 30.74 -25.37
CA LEU C 62 -22.42 30.17 -24.20
C LEU C 62 -22.98 31.20 -23.21
N SER C 63 -22.77 32.50 -23.44
CA SER C 63 -23.28 33.55 -22.56
C SER C 63 -24.79 33.73 -22.72
N ILE C 64 -25.23 33.89 -23.97
CA ILE C 64 -26.65 34.09 -24.28
C ILE C 64 -27.55 32.86 -24.02
N CYS C 65 -26.98 31.66 -24.05
CA CYS C 65 -27.76 30.41 -23.95
C CYS C 65 -28.33 30.07 -22.56
N THR C 66 -27.73 30.61 -21.50
CA THR C 66 -28.07 30.23 -20.12
C THR C 66 -29.44 30.73 -19.65
N PHE C 67 -29.95 30.09 -18.59
CA PHE C 67 -31.22 30.46 -17.96
C PHE C 67 -31.14 30.27 -16.44
N VAL C 68 -31.29 31.37 -15.70
CA VAL C 68 -31.33 31.36 -14.23
C VAL C 68 -32.80 31.24 -13.77
N LEU C 69 -33.01 30.65 -12.60
CA LEU C 69 -34.35 30.46 -12.03
C LEU C 69 -34.48 31.23 -10.69
N GLU C 70 -35.45 32.14 -10.61
CA GLU C 70 -35.70 32.91 -9.39
C GLU C 70 -36.50 32.09 -8.38
N GLN C 71 -37.69 31.65 -8.80
CA GLN C 71 -38.61 30.86 -7.97
C GLN C 71 -39.15 29.66 -8.76
N SER C 72 -40.01 28.85 -8.12
CA SER C 72 -40.66 27.70 -8.77
C SER C 72 -42.07 27.47 -8.21
N LEU C 73 -43.07 27.48 -9.09
CA LEU C 73 -44.50 27.39 -8.71
C LEU C 73 -45.28 26.43 -9.63
N LEU C 74 -46.57 26.25 -9.33
CA LEU C 74 -47.50 25.44 -10.14
C LEU C 74 -48.85 26.20 -10.25
N VAL C 75 -49.96 25.48 -10.48
CA VAL C 75 -51.32 26.07 -10.45
C VAL C 75 -51.62 26.92 -9.21
N ARG C 76 -51.03 26.53 -8.08
CA ARG C 76 -51.08 27.29 -6.82
C ARG C 76 -50.91 28.81 -6.93
N ALA C 77 -49.98 29.25 -7.77
CA ALA C 77 -49.64 30.67 -7.91
C ALA C 77 -50.71 31.50 -8.60
N LEU C 78 -50.61 32.82 -8.46
CA LEU C 78 -51.54 33.77 -9.05
C LEU C 78 -51.14 34.04 -10.50
N GLY C 107 -35.48 30.76 -4.96
CA GLY C 107 -36.19 29.75 -4.18
C GLY C 107 -36.24 30.11 -2.70
N GLY C 108 -37.04 29.34 -1.96
CA GLY C 108 -37.16 29.52 -0.51
C GLY C 108 -35.93 29.05 0.21
N GLY C 109 -35.52 27.82 -0.07
CA GLY C 109 -34.28 27.24 0.46
C GLY C 109 -33.76 26.11 -0.40
N HIS C 110 -33.65 26.38 -1.70
CA HIS C 110 -33.18 25.41 -2.71
C HIS C 110 -34.12 24.19 -2.80
N ARG C 111 -35.20 24.36 -3.57
CA ARG C 111 -36.29 23.40 -3.68
C ARG C 111 -36.21 22.66 -5.01
N THR C 112 -36.44 21.34 -4.98
CA THR C 112 -36.27 20.49 -6.17
C THR C 112 -37.43 20.64 -7.14
N LEU C 113 -37.11 20.80 -8.43
CA LEU C 113 -38.13 20.98 -9.48
C LEU C 113 -38.76 19.63 -9.84
N LEU C 114 -40.07 19.64 -10.04
CA LEU C 114 -40.85 18.46 -10.44
C LEU C 114 -41.56 18.73 -11.76
N TYR C 115 -42.35 17.75 -12.22
CA TYR C 115 -43.13 17.91 -13.45
C TYR C 115 -44.46 18.62 -13.18
N GLY C 116 -44.92 19.36 -14.19
CA GLY C 116 -46.09 20.22 -14.07
C GLY C 116 -45.80 21.44 -13.21
N HIS C 117 -44.64 22.06 -13.44
CA HIS C 117 -44.14 23.16 -12.62
C HIS C 117 -43.92 24.43 -13.44
N ALA C 118 -44.66 25.48 -13.10
CA ALA C 118 -44.49 26.81 -13.71
C ALA C 118 -43.16 27.41 -13.26
N ILE C 119 -42.27 27.66 -14.22
CA ILE C 119 -40.91 28.14 -13.96
C ILE C 119 -40.65 29.51 -14.59
N LEU C 120 -39.78 30.29 -13.95
CA LEU C 120 -39.43 31.65 -14.37
C LEU C 120 -38.00 31.65 -14.93
N LEU C 121 -37.89 31.49 -16.24
CA LEU C 121 -36.59 31.46 -16.93
C LEU C 121 -35.98 32.86 -16.98
N ARG C 122 -35.30 33.24 -15.90
CA ARG C 122 -34.61 34.54 -15.81
C ARG C 122 -33.34 34.48 -16.66
N HIS C 123 -33.15 35.49 -17.50
CA HIS C 123 -31.97 35.57 -18.35
C HIS C 123 -30.77 36.05 -17.53
N SER C 124 -29.64 35.36 -17.67
CA SER C 124 -28.45 35.61 -16.84
C SER C 124 -27.76 36.93 -17.20
N TYR C 125 -27.64 37.20 -18.50
CA TYR C 125 -26.93 38.39 -19.00
C TYR C 125 -27.66 39.70 -18.69
N SER C 126 -28.83 39.90 -19.31
CA SER C 126 -29.61 41.14 -19.16
C SER C 126 -30.71 41.00 -18.12
N GLY C 127 -31.29 42.14 -17.73
CA GLY C 127 -32.33 42.19 -16.69
C GLY C 127 -33.71 41.68 -17.10
N MET C 128 -33.98 41.63 -18.40
CA MET C 128 -35.31 41.25 -18.91
C MET C 128 -35.58 39.75 -18.74
N TYR C 129 -36.80 39.41 -18.30
CA TYR C 129 -37.24 38.03 -18.11
C TYR C 129 -37.76 37.44 -19.42
N LEU C 130 -37.81 36.10 -19.50
CA LEU C 130 -38.39 35.40 -20.65
C LEU C 130 -39.90 35.29 -20.48
N CYS C 131 -40.65 35.65 -21.53
CA CYS C 131 -42.12 35.69 -21.47
C CYS C 131 -42.77 35.39 -22.82
N CYS C 132 -43.95 34.81 -22.77
CA CYS C 132 -44.78 34.59 -23.97
C CYS C 132 -45.38 35.93 -24.41
N LEU C 133 -44.76 36.55 -25.41
CA LEU C 133 -45.06 37.94 -25.78
C LEU C 133 -46.34 38.06 -26.60
N SER C 134 -46.80 39.30 -26.77
CA SER C 134 -48.06 39.60 -27.47
C SER C 134 -47.87 39.66 -28.99
N THR C 135 -46.90 40.47 -29.45
CA THR C 135 -46.69 40.71 -30.88
C THR C 135 -46.06 39.51 -31.61
N SER C 136 -46.14 39.53 -32.95
CA SER C 136 -45.65 38.43 -33.79
C SER C 136 -45.18 38.91 -35.17
N ARG C 137 -43.94 38.58 -35.51
CA ARG C 137 -43.40 38.73 -36.89
C ARG C 137 -43.17 37.37 -37.58
N SER C 138 -43.55 36.26 -36.93
CA SER C 138 -43.44 34.94 -37.52
C SER C 138 -44.52 34.75 -38.59
N SER C 139 -44.18 35.08 -39.82
CA SER C 139 -45.11 35.01 -40.95
C SER C 139 -45.49 33.59 -41.35
N THR C 140 -44.63 32.61 -41.04
CA THR C 140 -44.88 31.21 -41.38
C THR C 140 -46.02 30.60 -40.57
N ASP C 141 -45.95 30.72 -39.25
CA ASP C 141 -46.86 30.02 -38.34
C ASP C 141 -48.23 30.70 -38.24
N LYS C 142 -48.24 32.02 -38.03
CA LYS C 142 -49.46 32.83 -37.87
C LYS C 142 -50.21 32.54 -36.56
N LEU C 143 -50.69 31.30 -36.42
CA LEU C 143 -51.35 30.83 -35.19
C LEU C 143 -50.50 31.07 -33.94
N ALA C 144 -49.20 30.81 -34.05
CA ALA C 144 -48.28 30.92 -32.91
C ALA C 144 -47.92 32.36 -32.56
N PHE C 145 -47.54 32.56 -31.31
CA PHE C 145 -46.86 33.79 -30.86
C PHE C 145 -45.36 33.56 -30.82
N ASP C 146 -44.59 34.65 -30.69
CA ASP C 146 -43.13 34.59 -30.57
C ASP C 146 -42.68 34.86 -29.13
N VAL C 147 -41.73 34.07 -28.65
CA VAL C 147 -41.16 34.25 -27.31
C VAL C 147 -39.99 35.23 -27.41
N GLY C 148 -39.81 36.06 -26.39
CA GLY C 148 -38.76 37.08 -26.38
C GLY C 148 -38.50 37.71 -25.02
N LEU C 149 -37.86 38.87 -25.04
CA LEU C 149 -37.39 39.54 -23.82
C LEU C 149 -38.32 40.69 -23.41
N GLN C 150 -38.64 40.75 -22.11
CA GLN C 150 -39.36 41.89 -21.52
C GLN C 150 -39.17 41.91 -20.00
N GLU C 151 -39.59 42.99 -19.37
CA GLU C 151 -39.52 43.15 -17.90
C GLU C 151 -40.92 43.34 -17.31
N ASP C 152 -41.66 42.24 -17.24
CA ASP C 152 -43.03 42.23 -16.72
C ASP C 152 -43.42 40.81 -16.28
N THR C 153 -43.87 40.68 -15.03
CA THR C 153 -44.35 39.41 -14.48
C THR C 153 -45.69 39.55 -13.74
N THR C 154 -46.48 40.56 -14.12
CA THR C 154 -47.82 40.77 -13.57
C THR C 154 -48.78 39.79 -14.26
N GLY C 155 -48.76 39.81 -15.60
CA GLY C 155 -49.51 38.86 -16.40
C GLY C 155 -48.88 37.48 -16.38
N GLU C 156 -49.55 36.52 -17.03
CA GLU C 156 -49.14 35.10 -16.99
C GLU C 156 -48.29 34.65 -18.18
N ALA C 157 -47.69 35.62 -18.89
CA ALA C 157 -46.66 35.34 -19.89
C ALA C 157 -45.39 34.77 -19.23
N CYS C 158 -45.10 35.26 -18.02
CA CYS C 158 -43.99 34.75 -17.20
C CYS C 158 -44.14 33.26 -16.86
N TRP C 159 -45.37 32.83 -16.56
CA TRP C 159 -45.63 31.43 -16.20
C TRP C 159 -45.43 30.49 -17.40
N TRP C 160 -44.28 29.82 -17.43
CA TRP C 160 -43.97 28.76 -18.38
C TRP C 160 -43.84 27.44 -17.62
N THR C 161 -44.66 26.45 -17.95
CA THR C 161 -44.75 25.21 -17.18
C THR C 161 -43.96 24.06 -17.78
N ILE C 162 -43.28 23.30 -16.92
CA ILE C 162 -42.49 22.14 -17.32
C ILE C 162 -43.43 20.96 -17.55
N HIS C 163 -43.20 20.23 -18.65
CA HIS C 163 -44.02 19.08 -19.02
C HIS C 163 -43.16 17.99 -19.68
N PRO C 164 -43.53 16.70 -19.54
CA PRO C 164 -42.93 15.65 -20.38
C PRO C 164 -43.49 15.61 -21.82
N ALA C 165 -43.15 14.55 -22.56
CA ALA C 165 -43.63 14.36 -23.93
C ALA C 165 -44.08 12.92 -24.20
N SER C 166 -43.15 11.96 -24.12
CA SER C 166 -43.44 10.55 -24.38
C SER C 166 -44.13 9.89 -23.19
N LYS C 167 -44.65 8.69 -23.43
CA LYS C 167 -45.38 7.93 -22.40
C LYS C 167 -44.41 7.29 -21.40
N GLN C 168 -44.08 8.03 -20.32
CA GLN C 168 -43.11 7.57 -19.32
C GLN C 168 -43.42 8.03 -17.88
N ARG C 169 -43.10 9.28 -17.55
CA ARG C 169 -43.09 9.78 -16.16
C ARG C 169 -44.45 10.31 -15.69
N SER C 170 -44.56 10.59 -14.39
CA SER C 170 -45.78 11.13 -13.77
C SER C 170 -45.54 12.51 -13.16
N GLU C 171 -46.63 13.21 -12.85
CA GLU C 171 -46.56 14.51 -12.18
C GLU C 171 -46.18 14.31 -10.72
N GLY C 172 -45.30 15.18 -10.22
CA GLY C 172 -44.73 15.05 -8.88
C GLY C 172 -43.29 14.56 -8.88
N GLU C 173 -42.92 13.77 -9.89
CA GLU C 173 -41.55 13.28 -10.03
C GLU C 173 -40.59 14.41 -10.43
N LYS C 174 -39.33 14.27 -10.01
CA LYS C 174 -38.33 15.33 -10.17
C LYS C 174 -37.86 15.49 -11.62
N VAL C 175 -37.41 16.70 -11.95
CA VAL C 175 -36.89 17.02 -13.29
C VAL C 175 -35.40 16.63 -13.35
N ARG C 176 -34.99 16.12 -14.51
CA ARG C 176 -33.69 15.44 -14.67
C ARG C 176 -32.75 16.12 -15.66
N VAL C 177 -31.50 15.66 -15.64
CA VAL C 177 -30.45 16.09 -16.57
C VAL C 177 -30.46 15.19 -17.81
N GLY C 178 -30.25 15.78 -18.98
CA GLY C 178 -30.11 15.04 -20.23
C GLY C 178 -31.42 14.76 -20.94
N ASP C 179 -32.41 14.25 -20.20
CA ASP C 179 -33.72 13.92 -20.75
C ASP C 179 -34.51 15.17 -21.16
N ASP C 180 -35.51 14.95 -22.00
CA ASP C 180 -36.18 16.02 -22.75
C ASP C 180 -37.47 16.50 -22.08
N LEU C 181 -37.70 17.82 -22.12
CA LEU C 181 -38.88 18.45 -21.52
C LEU C 181 -39.64 19.32 -22.54
N ILE C 182 -40.95 19.43 -22.34
CA ILE C 182 -41.82 20.35 -23.07
C ILE C 182 -42.15 21.54 -22.17
N LEU C 183 -42.09 22.75 -22.73
CA LEU C 183 -42.47 23.98 -22.01
C LEU C 183 -43.71 24.61 -22.65
N VAL C 184 -44.65 25.03 -21.81
CA VAL C 184 -45.92 25.64 -22.24
C VAL C 184 -46.21 26.85 -21.38
N SER C 185 -46.50 27.99 -22.02
CA SER C 185 -46.90 29.21 -21.29
C SER C 185 -48.36 29.10 -20.86
N VAL C 186 -48.67 29.70 -19.72
CA VAL C 186 -50.02 29.65 -19.15
C VAL C 186 -50.97 30.63 -19.85
N SER C 187 -50.47 31.84 -20.15
CA SER C 187 -51.29 32.88 -20.78
C SER C 187 -51.72 32.59 -22.22
N SER C 188 -50.96 31.76 -22.93
CA SER C 188 -51.24 31.44 -24.35
C SER C 188 -51.82 30.04 -24.58
N GLU C 189 -51.32 29.04 -23.84
CA GLU C 189 -51.71 27.63 -24.00
C GLU C 189 -51.23 27.06 -25.35
N ARG C 190 -49.91 27.05 -25.53
CA ARG C 190 -49.27 26.46 -26.71
C ARG C 190 -47.91 25.85 -26.36
N TYR C 191 -47.47 24.90 -27.19
CA TYR C 191 -46.20 24.20 -27.00
C TYR C 191 -45.06 25.01 -27.60
N LEU C 192 -43.89 24.98 -26.96
CA LEU C 192 -42.72 25.74 -27.40
C LEU C 192 -42.12 25.08 -28.65
N HIS C 193 -42.56 25.56 -29.82
CA HIS C 193 -42.33 24.89 -31.11
C HIS C 193 -41.12 25.43 -31.87
N LEU C 194 -40.36 24.54 -32.50
CA LEU C 194 -39.33 24.90 -33.47
C LEU C 194 -40.00 24.92 -34.84
N SER C 195 -40.24 26.13 -35.36
CA SER C 195 -40.83 26.30 -36.69
C SER C 195 -39.74 26.30 -37.74
N TYR C 196 -39.96 25.53 -38.81
CA TYR C 196 -39.09 25.52 -39.97
C TYR C 196 -39.55 26.62 -40.93
N GLY C 197 -39.25 27.86 -40.55
CA GLY C 197 -39.76 29.05 -41.24
C GLY C 197 -39.11 29.38 -42.56
N ASN C 198 -39.48 30.54 -43.10
CA ASN C 198 -38.97 31.01 -44.40
C ASN C 198 -37.49 31.39 -44.32
N GLY C 199 -36.72 31.01 -45.34
CA GLY C 199 -35.29 31.24 -45.39
C GLY C 199 -34.53 30.41 -44.36
N SER C 200 -34.56 30.87 -43.11
CA SER C 200 -33.96 30.17 -41.97
C SER C 200 -35.04 29.82 -40.94
N LEU C 201 -34.63 29.13 -39.87
CA LEU C 201 -35.56 28.68 -38.83
C LEU C 201 -35.95 29.81 -37.88
N HIS C 202 -36.97 29.56 -37.07
CA HIS C 202 -37.32 30.42 -35.94
C HIS C 202 -38.12 29.66 -34.88
N VAL C 203 -38.03 30.13 -33.64
CA VAL C 203 -38.75 29.53 -32.52
C VAL C 203 -40.06 30.29 -32.28
N ASP C 204 -41.11 29.56 -31.90
CA ASP C 204 -42.43 30.16 -31.65
C ASP C 204 -43.34 29.23 -30.83
N ALA C 205 -44.40 29.79 -30.26
CA ALA C 205 -45.34 29.05 -29.40
C ALA C 205 -46.55 28.55 -30.19
N ALA C 206 -46.38 27.42 -30.87
CA ALA C 206 -47.40 26.87 -31.78
C ALA C 206 -48.17 25.69 -31.16
N PHE C 207 -49.19 25.24 -31.88
CA PHE C 207 -49.98 24.06 -31.48
C PHE C 207 -49.24 22.72 -31.62
N GLN C 208 -48.11 22.70 -32.34
CA GLN C 208 -47.32 21.48 -32.54
C GLN C 208 -46.23 21.37 -31.47
N GLN C 209 -45.99 20.14 -30.99
CA GLN C 209 -45.06 19.89 -29.88
C GLN C 209 -43.60 19.83 -30.38
N THR C 210 -42.67 20.23 -29.50
CA THR C 210 -41.23 20.11 -29.76
C THR C 210 -40.46 20.05 -28.43
N LEU C 211 -39.66 18.99 -28.26
CA LEU C 211 -38.98 18.69 -26.98
C LEU C 211 -37.67 19.47 -26.82
N TRP C 212 -37.18 19.52 -25.57
CA TRP C 212 -35.96 20.26 -25.21
C TRP C 212 -35.09 19.49 -24.20
N SER C 213 -33.95 18.97 -24.65
CA SER C 213 -33.02 18.24 -23.77
C SER C 213 -32.30 19.18 -22.81
N VAL C 214 -32.68 19.13 -21.54
CA VAL C 214 -32.12 20.01 -20.51
C VAL C 214 -30.75 19.48 -20.05
N ALA C 215 -29.84 20.40 -19.77
CA ALA C 215 -28.51 20.07 -19.23
C ALA C 215 -28.06 21.17 -18.27
N PRO C 216 -27.44 20.80 -17.12
CA PRO C 216 -26.98 21.79 -16.16
C PRO C 216 -25.66 22.43 -16.57
N ILE C 217 -25.60 23.75 -16.51
CA ILE C 217 -24.37 24.50 -16.75
C ILE C 217 -23.51 24.35 -15.50
N SER C 218 -23.99 24.91 -14.39
CA SER C 218 -23.30 24.86 -13.10
C SER C 218 -24.16 24.11 -12.09
N SER C 219 -23.52 23.74 -10.98
CA SER C 219 -24.19 23.09 -9.86
C SER C 219 -24.74 24.15 -8.92
N GLY C 220 -25.73 23.76 -8.12
CA GLY C 220 -26.30 24.63 -7.10
C GLY C 220 -25.37 24.88 -5.91
N SER C 221 -24.55 23.89 -5.57
CA SER C 221 -23.64 23.99 -4.43
C SER C 221 -22.45 24.93 -4.69
N GLU C 222 -21.84 24.83 -5.87
CA GLU C 222 -20.67 25.65 -6.24
C GLU C 222 -21.06 27.12 -6.46
N ALA C 223 -20.27 28.03 -5.88
CA ALA C 223 -20.60 29.46 -5.81
C ALA C 223 -19.38 30.37 -6.05
N ALA C 224 -19.57 31.68 -5.93
CA ALA C 224 -18.50 32.67 -6.19
C ALA C 224 -17.47 32.75 -5.03
N GLN C 225 -17.55 33.79 -4.19
CA GLN C 225 -16.52 34.10 -3.18
C GLN C 225 -15.07 34.18 -3.71
N GLY C 226 -14.90 34.56 -4.98
CA GLY C 226 -13.58 34.65 -5.62
C GLY C 226 -12.98 33.35 -6.16
N TYR C 227 -13.83 32.52 -6.77
CA TYR C 227 -13.40 31.27 -7.46
C TYR C 227 -13.49 31.43 -9.01
N LEU C 228 -12.55 30.80 -9.74
CA LEU C 228 -12.62 30.72 -11.21
C LEU C 228 -13.67 29.67 -11.62
N ILE C 229 -14.65 30.07 -12.43
CA ILE C 229 -15.68 29.17 -13.01
C ILE C 229 -15.75 29.43 -14.52
N GLY C 230 -15.95 28.37 -15.32
CA GLY C 230 -15.92 28.47 -16.79
C GLY C 230 -17.09 29.26 -17.37
N GLY C 231 -16.82 30.09 -18.39
CA GLY C 231 -17.78 31.07 -18.91
C GLY C 231 -17.55 32.52 -18.45
N ASP C 232 -16.79 32.70 -17.37
CA ASP C 232 -16.61 34.02 -16.73
C ASP C 232 -15.59 34.91 -17.45
N VAL C 233 -15.79 36.24 -17.35
CA VAL C 233 -14.86 37.26 -17.88
C VAL C 233 -13.80 37.62 -16.80
N LEU C 234 -12.53 37.77 -17.21
CA LEU C 234 -11.43 38.18 -16.31
C LEU C 234 -10.22 38.82 -17.05
N ARG C 235 -9.48 39.68 -16.32
CA ARG C 235 -8.22 40.30 -16.80
C ARG C 235 -7.00 39.33 -16.64
N LEU C 236 -6.06 39.41 -17.59
CA LEU C 236 -4.77 38.65 -17.54
C LEU C 236 -3.55 39.59 -17.27
N LEU C 237 -3.31 39.89 -15.99
CA LEU C 237 -2.18 40.72 -15.53
C LEU C 237 -0.95 39.86 -15.20
N HIS C 238 0.17 40.54 -14.90
CA HIS C 238 1.36 39.88 -14.35
C HIS C 238 1.39 40.03 -12.84
N GLY C 239 2.01 39.04 -12.16
CA GLY C 239 2.18 39.08 -10.71
C GLY C 239 3.29 40.03 -10.31
N HIS C 240 4.50 39.74 -10.77
CA HIS C 240 5.67 40.56 -10.49
C HIS C 240 5.68 41.80 -11.36
N MET C 241 5.76 41.61 -12.68
CA MET C 241 5.92 42.69 -13.66
C MET C 241 4.79 43.73 -13.63
N ASP C 242 3.57 43.28 -13.34
CA ASP C 242 2.35 44.11 -13.34
C ASP C 242 1.99 44.74 -14.70
N GLU C 243 2.47 44.16 -15.79
CA GLU C 243 1.97 44.48 -17.14
C GLU C 243 0.67 43.71 -17.42
N CYS C 244 0.03 43.98 -18.57
CA CYS C 244 -1.31 43.43 -18.87
C CYS C 244 -1.46 42.98 -20.35
N LEU C 245 -2.00 41.77 -20.56
CA LEU C 245 -2.24 41.20 -21.92
C LEU C 245 -3.41 41.93 -22.62
N THR C 246 -3.24 42.30 -23.91
CA THR C 246 -4.21 43.18 -24.63
C THR C 246 -4.03 43.19 -26.17
N VAL C 247 -4.99 43.82 -26.87
CA VAL C 247 -4.91 44.08 -28.33
C VAL C 247 -5.11 45.59 -28.62
N PRO C 248 -4.69 46.07 -29.82
CA PRO C 248 -4.87 47.50 -30.13
C PRO C 248 -6.33 47.91 -30.29
N SER C 249 -6.60 49.20 -30.09
CA SER C 249 -7.94 49.77 -30.26
C SER C 249 -8.32 49.86 -31.73
N GLY C 250 -9.60 50.11 -31.99
CA GLY C 250 -10.13 50.22 -33.35
C GLY C 250 -9.72 51.50 -34.04
N GLU C 251 -8.46 51.56 -34.46
CA GLU C 251 -7.87 52.73 -35.13
C GLU C 251 -7.80 52.47 -36.64
N HIS C 252 -7.08 53.32 -37.37
CA HIS C 252 -6.81 53.10 -38.80
C HIS C 252 -6.31 51.69 -39.10
N GLY C 253 -6.88 51.07 -40.12
CA GLY C 253 -6.57 49.68 -40.46
C GLY C 253 -7.12 48.71 -39.43
N GLU C 254 -8.37 48.29 -39.64
CA GLU C 254 -9.01 47.25 -38.81
C GLU C 254 -8.37 45.87 -38.97
N GLU C 255 -7.72 45.63 -40.11
CA GLU C 255 -6.95 44.41 -40.34
C GLU C 255 -5.70 44.31 -39.47
N GLN C 256 -5.12 45.46 -39.12
CA GLN C 256 -3.96 45.53 -38.21
C GLN C 256 -4.31 45.10 -36.76
N ARG C 257 -5.59 45.18 -36.40
CA ARG C 257 -6.06 44.75 -35.06
C ARG C 257 -5.83 43.24 -34.78
N ARG C 258 -5.69 42.43 -35.83
CA ARG C 258 -5.24 41.03 -35.67
C ARG C 258 -3.80 40.94 -35.17
N THR C 259 -3.63 41.13 -33.87
CA THR C 259 -2.33 41.04 -33.20
C THR C 259 -2.51 41.09 -31.69
N VAL C 260 -1.84 40.16 -30.99
CA VAL C 260 -1.88 40.09 -29.54
C VAL C 260 -0.54 40.60 -29.00
N HIS C 261 -0.57 41.42 -27.94
CA HIS C 261 0.63 42.03 -27.37
C HIS C 261 0.55 42.49 -25.90
N TYR C 262 1.73 42.51 -25.26
CA TYR C 262 1.90 43.03 -23.89
C TYR C 262 2.01 44.55 -23.98
N GLU C 263 1.34 45.28 -23.09
CA GLU C 263 1.44 46.76 -23.05
C GLU C 263 1.35 47.35 -21.62
N GLY C 264 2.21 48.33 -21.33
CA GLY C 264 2.25 49.04 -20.05
C GLY C 264 1.45 50.33 -20.12
N GLY C 265 0.24 50.31 -19.54
CA GLY C 265 -0.63 51.48 -19.51
C GLY C 265 -1.81 51.31 -18.57
N ALA C 266 -2.89 52.02 -18.86
CA ALA C 266 -4.14 51.93 -18.09
C ALA C 266 -5.19 51.03 -18.77
N VAL C 267 -4.74 50.07 -19.57
CA VAL C 267 -5.62 49.19 -20.33
C VAL C 267 -6.37 48.19 -19.44
N SER C 268 -5.81 47.84 -18.27
CA SER C 268 -6.42 46.91 -17.29
C SER C 268 -7.85 47.32 -16.85
N VAL C 269 -8.09 48.62 -16.68
CA VAL C 269 -9.43 49.16 -16.38
C VAL C 269 -10.25 49.54 -17.65
N HIS C 270 -9.88 48.99 -18.80
CA HIS C 270 -10.61 49.15 -20.07
C HIS C 270 -11.00 47.80 -20.68
N ALA C 271 -11.93 47.83 -21.65
CA ALA C 271 -12.51 46.62 -22.27
C ALA C 271 -11.52 45.78 -23.14
N ARG C 272 -10.50 46.44 -23.69
CA ARG C 272 -9.45 45.79 -24.51
C ARG C 272 -8.62 44.75 -23.71
N SER C 273 -8.43 45.00 -22.41
CA SER C 273 -7.70 44.05 -21.53
C SER C 273 -8.46 42.72 -21.27
N LEU C 274 -9.79 42.76 -21.33
CA LEU C 274 -10.66 41.64 -20.87
C LEU C 274 -10.62 40.38 -21.78
N TRP C 275 -10.71 39.20 -21.14
CA TRP C 275 -10.75 37.88 -21.82
C TRP C 275 -11.83 36.95 -21.20
N ARG C 276 -12.66 36.32 -22.04
CA ARG C 276 -13.73 35.39 -21.58
C ARG C 276 -13.43 33.90 -21.89
N LEU C 277 -13.28 33.10 -20.84
CA LEU C 277 -12.96 31.65 -20.96
C LEU C 277 -14.20 30.81 -21.36
N GLU C 278 -14.00 29.82 -22.24
CA GLU C 278 -15.05 28.89 -22.68
C GLU C 278 -14.50 27.46 -22.80
N THR C 279 -15.22 26.48 -22.25
CA THR C 279 -14.78 25.08 -22.26
C THR C 279 -15.15 24.36 -23.56
N LEU C 280 -14.57 23.17 -23.74
CA LEU C 280 -14.86 22.31 -24.89
C LEU C 280 -16.25 21.67 -24.73
N ARG C 281 -16.40 20.93 -23.64
CA ARG C 281 -17.66 20.24 -23.34
C ARG C 281 -18.69 21.23 -22.81
N VAL C 282 -19.90 21.18 -23.36
CA VAL C 282 -20.99 22.09 -22.99
C VAL C 282 -21.58 21.69 -21.63
N ALA C 283 -21.79 20.39 -21.42
CA ALA C 283 -22.21 19.87 -20.12
C ALA C 283 -21.08 20.04 -19.11
N TRP C 284 -21.41 20.63 -17.96
CA TRP C 284 -20.44 21.05 -16.94
C TRP C 284 -19.38 22.02 -17.49
N SER C 285 -19.86 23.06 -18.15
CA SER C 285 -19.07 24.25 -18.51
C SER C 285 -19.10 25.27 -17.37
N GLY C 286 -20.21 25.27 -16.61
CA GLY C 286 -20.33 26.04 -15.35
C GLY C 286 -19.75 25.35 -14.11
N SER C 287 -19.14 24.17 -14.28
CA SER C 287 -18.34 23.53 -13.23
C SER C 287 -17.08 24.38 -12.91
N HIS C 288 -16.54 24.21 -11.69
CA HIS C 288 -15.28 24.88 -11.31
C HIS C 288 -14.15 24.46 -12.24
N ILE C 289 -13.40 25.45 -12.73
CA ILE C 289 -12.29 25.22 -13.65
C ILE C 289 -11.14 24.62 -12.86
N ARG C 290 -10.47 23.65 -13.48
CA ARG C 290 -9.40 22.89 -12.84
C ARG C 290 -8.20 22.72 -13.79
N TRP C 291 -7.01 22.56 -13.20
CA TRP C 291 -5.74 22.63 -13.93
C TRP C 291 -5.59 21.39 -14.85
N GLY C 292 -5.03 21.59 -16.04
CA GLY C 292 -4.86 20.50 -17.03
C GLY C 292 -6.12 20.10 -17.78
N GLN C 293 -7.14 20.96 -17.75
CA GLN C 293 -8.37 20.78 -18.52
C GLN C 293 -8.35 21.80 -19.66
N PRO C 294 -8.64 21.37 -20.90
CA PRO C 294 -8.56 22.29 -22.05
C PRO C 294 -9.70 23.35 -22.10
N PHE C 295 -9.42 24.53 -22.68
CA PHE C 295 -10.45 25.58 -22.88
C PHE C 295 -10.11 26.62 -23.97
N ARG C 296 -11.16 27.21 -24.57
CA ARG C 296 -11.03 28.36 -25.50
C ARG C 296 -10.90 29.69 -24.71
N LEU C 297 -10.19 30.67 -25.28
CA LEU C 297 -10.09 32.04 -24.72
C LEU C 297 -10.53 33.10 -25.75
N ARG C 298 -11.81 33.49 -25.69
CA ARG C 298 -12.38 34.53 -26.58
C ARG C 298 -11.94 35.94 -26.13
N HIS C 299 -11.61 36.82 -27.09
CA HIS C 299 -11.51 38.27 -26.78
C HIS C 299 -12.90 38.94 -26.89
N VAL C 300 -13.12 39.99 -26.10
CA VAL C 300 -14.46 40.64 -26.00
C VAL C 300 -14.76 41.68 -27.12
N THR C 301 -13.76 42.46 -27.51
CA THR C 301 -13.94 43.73 -28.29
C THR C 301 -14.52 43.63 -29.73
N THR C 302 -14.16 42.57 -30.47
CA THR C 302 -14.63 42.38 -31.86
C THR C 302 -15.47 41.10 -32.08
N GLY C 303 -15.22 40.06 -31.28
CA GLY C 303 -15.94 38.78 -31.40
C GLY C 303 -15.13 37.75 -32.17
N LYS C 304 -13.89 37.53 -31.72
CA LYS C 304 -12.94 36.62 -32.38
C LYS C 304 -12.05 35.96 -31.32
N TYR C 305 -11.80 34.66 -31.49
CA TYR C 305 -11.10 33.84 -30.49
C TYR C 305 -9.57 33.88 -30.69
N LEU C 306 -8.81 33.68 -29.60
CA LEU C 306 -7.33 33.54 -29.66
C LEU C 306 -6.95 32.21 -30.34
N SER C 307 -6.01 32.29 -31.28
CA SER C 307 -5.56 31.12 -32.04
C SER C 307 -4.04 31.07 -32.15
N LEU C 308 -3.54 29.89 -32.53
CA LEU C 308 -2.13 29.67 -32.77
C LEU C 308 -1.98 28.96 -34.13
N MET C 309 -1.72 29.76 -35.16
CA MET C 309 -1.63 29.28 -36.53
C MET C 309 -0.25 28.61 -36.78
N GLU C 310 -0.02 28.14 -38.01
CA GLU C 310 1.22 27.42 -38.37
C GLU C 310 2.53 28.21 -38.13
N ASP C 311 2.46 29.54 -38.19
CA ASP C 311 3.63 30.40 -37.92
C ASP C 311 4.09 30.48 -36.46
N LYS C 312 3.27 29.97 -35.52
CA LYS C 312 3.58 29.92 -34.08
C LYS C 312 3.62 31.31 -33.44
N ASN C 313 2.55 32.07 -33.66
CA ASN C 313 2.34 33.38 -33.03
C ASN C 313 0.87 33.54 -32.64
N LEU C 314 0.63 34.39 -31.65
CA LEU C 314 -0.72 34.62 -31.13
C LEU C 314 -1.52 35.52 -32.08
N LEU C 315 -2.23 34.89 -33.01
CA LEU C 315 -3.09 35.56 -33.99
C LEU C 315 -4.56 35.29 -33.65
N LEU C 316 -5.45 36.12 -34.19
CA LEU C 316 -6.90 35.99 -33.97
C LEU C 316 -7.62 35.61 -35.27
N MET C 317 -8.53 34.63 -35.18
CA MET C 317 -9.37 34.18 -36.30
C MET C 317 -10.85 34.36 -36.00
N ASP C 318 -11.66 34.41 -37.06
CA ASP C 318 -13.09 34.73 -36.96
C ASP C 318 -13.94 33.61 -36.35
N LYS C 319 -15.21 33.92 -36.13
CA LYS C 319 -16.22 32.95 -35.66
C LYS C 319 -16.38 31.75 -36.60
N GLU C 320 -16.21 31.97 -37.90
CA GLU C 320 -16.40 30.94 -38.93
C GLU C 320 -15.12 30.11 -39.20
N LYS C 321 -13.96 30.77 -39.22
CA LYS C 321 -12.70 30.14 -39.66
C LYS C 321 -11.96 29.29 -38.61
N ALA C 322 -12.17 29.58 -37.33
CA ALA C 322 -11.38 28.95 -36.26
C ALA C 322 -11.65 27.45 -36.07
N ASP C 323 -10.67 26.76 -35.48
CA ASP C 323 -10.76 25.32 -35.18
C ASP C 323 -10.03 24.98 -33.88
N VAL C 324 -10.43 23.87 -33.26
CA VAL C 324 -9.90 23.47 -31.93
C VAL C 324 -8.41 23.10 -31.97
N LYS C 325 -7.93 22.56 -33.10
CA LYS C 325 -6.51 22.26 -33.27
C LYS C 325 -5.65 23.53 -33.20
N SER C 326 -6.16 24.63 -33.76
CA SER C 326 -5.52 25.94 -33.66
C SER C 326 -5.85 26.66 -32.35
N THR C 327 -7.10 26.52 -31.89
CA THR C 327 -7.59 27.19 -30.67
C THR C 327 -7.76 26.20 -29.51
N ALA C 328 -6.71 26.08 -28.69
CA ALA C 328 -6.74 25.23 -27.49
C ALA C 328 -5.76 25.76 -26.44
N PHE C 329 -6.24 25.90 -25.20
CA PHE C 329 -5.45 26.48 -24.10
C PHE C 329 -5.77 25.80 -22.74
N THR C 330 -4.79 25.83 -21.83
CA THR C 330 -4.92 25.26 -20.46
C THR C 330 -3.99 25.98 -19.46
N PHE C 331 -4.47 26.16 -18.21
CA PHE C 331 -3.63 26.68 -17.11
C PHE C 331 -2.69 25.58 -16.57
N ARG C 332 -1.50 25.98 -16.14
CA ARG C 332 -0.49 25.07 -15.56
C ARG C 332 0.08 25.68 -14.25
N SER C 333 0.15 24.87 -13.19
CA SER C 333 0.62 25.31 -11.86
C SER C 333 2.14 25.56 -11.77
N SER C 334 2.91 24.81 -12.56
CA SER C 334 4.39 24.90 -12.59
C SER C 334 4.95 24.44 -13.96
N LYS C 335 6.21 24.01 -13.99
CA LYS C 335 6.81 23.37 -15.17
C LYS C 335 7.08 21.87 -14.92
N GLU C 336 6.04 21.16 -14.50
CA GLU C 336 6.02 19.68 -14.46
C GLU C 336 5.27 19.21 -15.72
N LYS C 337 5.19 17.90 -15.96
CA LYS C 337 4.70 17.36 -17.25
C LYS C 337 3.21 16.92 -17.23
N LEU C 338 2.66 16.68 -18.43
CA LEU C 338 1.28 16.19 -18.62
C LEU C 338 1.17 14.68 -18.91
N ASP C 339 2.30 13.98 -19.08
CA ASP C 339 2.29 12.57 -19.55
C ASP C 339 1.75 11.58 -18.51
N GLY C 340 0.97 10.59 -18.99
CA GLY C 340 0.40 9.54 -18.14
C GLY C 340 -0.86 8.90 -18.72
N GLY C 341 -2.02 9.43 -18.32
CA GLY C 341 -3.33 8.92 -18.76
C GLY C 341 -4.45 9.93 -18.52
N VAL C 342 -4.98 9.93 -17.30
CA VAL C 342 -6.03 10.88 -16.86
C VAL C 342 -5.97 11.15 -15.34
N ARG C 343 -5.25 12.21 -14.95
CA ARG C 343 -5.10 12.64 -13.53
C ARG C 343 -5.33 14.16 -13.39
N LYS C 344 -5.86 14.59 -12.24
CA LYS C 344 -6.10 16.01 -11.93
C LYS C 344 -4.82 16.70 -11.45
N GLU C 345 -4.70 18.00 -11.73
CA GLU C 345 -3.48 18.79 -11.49
C GLU C 345 -3.69 19.87 -10.41
N VAL C 346 -2.62 20.20 -9.67
CA VAL C 346 -2.69 21.09 -8.50
C VAL C 346 -1.38 21.86 -8.22
N ASP C 347 -1.49 23.04 -7.60
CA ASP C 347 -0.35 23.90 -7.23
C ASP C 347 0.08 23.70 -5.77
N GLY C 348 1.09 24.46 -5.34
CA GLY C 348 1.66 24.36 -3.98
C GLY C 348 1.14 25.35 -2.96
N MET C 349 -0.15 25.24 -2.62
CA MET C 349 -0.76 25.97 -1.50
C MET C 349 -1.76 25.07 -0.75
N GLY C 350 -2.84 24.67 -1.44
CA GLY C 350 -3.79 23.66 -0.92
C GLY C 350 -5.26 23.91 -1.19
N THR C 351 -5.67 23.77 -2.46
CA THR C 351 -7.09 23.80 -2.86
C THR C 351 -7.31 23.08 -4.20
N SER C 352 -8.44 22.37 -4.32
CA SER C 352 -8.76 21.59 -5.54
C SER C 352 -9.20 22.47 -6.71
N GLU C 353 -10.11 23.40 -6.46
CA GLU C 353 -10.69 24.29 -7.50
C GLU C 353 -9.90 25.61 -7.57
N ILE C 354 -9.87 26.24 -8.75
CA ILE C 354 -9.02 27.43 -9.05
C ILE C 354 -9.52 28.75 -8.39
N LYS C 355 -8.87 29.14 -7.29
CA LYS C 355 -9.15 30.42 -6.58
C LYS C 355 -8.18 31.51 -7.10
N TYR C 356 -8.66 32.75 -7.23
CA TYR C 356 -7.78 33.91 -7.57
C TYR C 356 -6.85 34.18 -6.35
N GLY C 357 -5.53 34.33 -6.58
CA GLY C 357 -4.58 34.72 -5.51
C GLY C 357 -3.20 34.05 -5.50
N ASP C 358 -2.94 33.23 -4.47
CA ASP C 358 -1.60 32.63 -4.24
C ASP C 358 -1.14 31.54 -5.24
N SER C 359 -2.10 30.94 -5.98
CA SER C 359 -1.82 29.89 -6.99
C SER C 359 -1.30 30.47 -8.34
N ILE C 360 0.00 30.28 -8.59
CA ILE C 360 0.68 30.78 -9.81
C ILE C 360 0.17 30.07 -11.10
N CYS C 361 -0.09 30.85 -12.15
CA CYS C 361 -0.61 30.33 -13.45
C CYS C 361 0.44 30.35 -14.58
N TYR C 362 0.36 29.36 -15.46
CA TYR C 362 1.11 29.32 -16.73
C TYR C 362 0.21 28.81 -17.89
N ILE C 363 0.03 29.63 -18.94
CA ILE C 363 -0.80 29.25 -20.11
C ILE C 363 -0.01 28.29 -21.02
N GLN C 364 -0.68 27.24 -21.55
CA GLN C 364 0.00 26.14 -22.32
C GLN C 364 -0.91 25.44 -23.37
N HIS C 365 -0.42 25.29 -24.60
CA HIS C 365 -1.12 24.49 -25.65
C HIS C 365 -1.07 22.97 -25.31
N VAL C 366 -2.18 22.26 -25.51
CA VAL C 366 -2.29 20.82 -25.14
C VAL C 366 -1.59 19.92 -26.16
N ASP C 367 -1.88 20.14 -27.43
CA ASP C 367 -1.42 19.26 -28.52
C ASP C 367 0.09 19.31 -28.73
N THR C 368 0.60 20.50 -29.05
CA THR C 368 2.02 20.70 -29.33
C THR C 368 2.86 20.68 -28.05
N GLY C 369 2.39 21.36 -27.02
CA GLY C 369 3.11 21.47 -25.75
C GLY C 369 4.08 22.62 -25.76
N LEU C 370 3.56 23.83 -25.96
CA LEU C 370 4.35 25.07 -26.01
C LEU C 370 3.83 26.12 -25.01
N TRP C 371 4.76 26.84 -24.35
CA TRP C 371 4.41 27.89 -23.36
C TRP C 371 4.12 29.26 -24.04
N LEU C 372 3.25 30.05 -23.41
CA LEU C 372 2.99 31.45 -23.86
C LEU C 372 4.13 32.37 -23.37
N THR C 373 4.65 33.23 -24.25
CA THR C 373 5.91 33.96 -24.01
C THR C 373 5.90 35.38 -24.62
N TYR C 374 6.80 36.22 -24.14
CA TYR C 374 7.01 37.57 -24.69
C TYR C 374 8.28 37.64 -25.54
N GLN C 375 8.50 38.81 -26.15
CA GLN C 375 9.69 39.07 -26.97
C GLN C 375 10.28 40.43 -26.60
N SER C 376 11.52 40.42 -26.10
CA SER C 376 12.22 41.65 -25.72
C SER C 376 12.71 42.40 -26.95
N VAL C 377 11.87 43.28 -27.48
CA VAL C 377 12.21 44.09 -28.66
C VAL C 377 13.23 45.19 -28.30
N ASP C 378 14.09 45.50 -29.26
CA ASP C 378 15.14 46.51 -29.07
C ASP C 378 14.73 47.84 -29.68
N ILE C 387 7.46 50.33 -23.22
CA ILE C 387 6.02 50.58 -23.11
C ILE C 387 5.15 49.45 -23.67
N GLN C 388 5.69 48.71 -24.65
CA GLN C 388 4.95 47.64 -25.32
C GLN C 388 5.89 46.55 -25.83
N ARG C 389 5.45 45.29 -25.72
CA ARG C 389 6.24 44.12 -26.17
C ARG C 389 5.35 43.10 -26.88
N LYS C 390 5.93 42.39 -27.85
CA LYS C 390 5.19 41.43 -28.69
C LYS C 390 4.89 40.12 -27.97
N ALA C 391 3.87 39.42 -28.47
CA ALA C 391 3.45 38.12 -27.93
C ALA C 391 3.85 36.99 -28.89
N ILE C 392 4.22 35.84 -28.32
CA ILE C 392 4.76 34.72 -29.11
C ILE C 392 4.73 33.42 -28.29
N MET C 393 4.36 32.31 -28.93
CA MET C 393 4.30 31.00 -28.27
C MET C 393 5.66 30.31 -28.41
N HIS C 394 6.29 29.96 -27.29
CA HIS C 394 7.64 29.37 -27.28
C HIS C 394 7.69 28.07 -26.45
N HIS C 395 8.59 27.18 -26.84
CA HIS C 395 8.65 25.83 -26.25
C HIS C 395 9.17 25.74 -24.80
N GLU C 396 9.91 26.76 -24.35
CA GLU C 396 10.51 26.76 -23.00
C GLU C 396 10.05 27.89 -22.08
N GLY C 397 10.00 29.12 -22.60
CA GLY C 397 9.64 30.29 -21.81
C GLY C 397 10.76 30.75 -20.90
N HIS C 398 10.38 31.33 -19.76
CA HIS C 398 11.33 31.88 -18.77
C HIS C 398 10.85 31.57 -17.34
N MET C 399 11.74 31.80 -16.38
CA MET C 399 11.47 31.62 -14.92
C MET C 399 10.28 32.45 -14.38
N ASP C 400 10.13 33.67 -14.91
CA ASP C 400 9.06 34.62 -14.47
C ASP C 400 7.77 34.53 -15.32
N ASP C 401 7.52 33.39 -15.97
CA ASP C 401 6.27 33.12 -16.72
C ASP C 401 5.01 32.94 -15.83
N GLY C 402 5.18 32.97 -14.50
CA GLY C 402 4.08 33.14 -13.54
C GLY C 402 3.17 34.32 -13.86
N LEU C 403 1.85 34.08 -13.79
CA LEU C 403 0.79 35.02 -14.21
C LEU C 403 -0.23 35.29 -13.07
N ASN C 404 -0.85 36.48 -13.11
CA ASN C 404 -1.82 36.92 -12.09
C ASN C 404 -3.20 37.28 -12.73
N LEU C 405 -4.18 36.38 -12.57
CA LEU C 405 -5.56 36.62 -13.04
C LEU C 405 -6.34 37.53 -12.04
N SER C 406 -7.24 38.36 -12.57
CA SER C 406 -8.10 39.24 -11.76
C SER C 406 -9.58 39.14 -12.18
N ARG C 407 -10.48 38.85 -11.23
CA ARG C 407 -11.94 38.73 -11.47
C ARG C 407 -12.59 40.01 -12.03
N SER C 408 -13.18 39.93 -13.22
CA SER C 408 -13.90 41.05 -13.85
C SER C 408 -15.39 41.07 -13.45
N GLN C 409 -16.04 42.22 -13.69
CA GLN C 409 -17.35 42.53 -13.11
C GLN C 409 -18.54 42.03 -13.93
N HIS C 410 -19.71 42.04 -13.31
CA HIS C 410 -21.00 41.74 -13.95
C HIS C 410 -21.39 42.86 -14.92
N GLU C 411 -21.33 44.10 -14.45
CA GLU C 411 -21.74 45.27 -15.24
C GLU C 411 -20.71 45.63 -16.34
N GLU C 412 -19.42 45.50 -16.03
CA GLU C 412 -18.34 45.66 -17.02
C GLU C 412 -18.52 44.72 -18.20
N SER C 413 -18.80 43.44 -17.91
CA SER C 413 -19.06 42.43 -18.95
C SER C 413 -20.36 42.70 -19.77
N ARG C 414 -21.39 43.25 -19.11
CA ARG C 414 -22.60 43.73 -19.81
C ARG C 414 -22.29 44.90 -20.77
N THR C 415 -21.43 45.82 -20.32
CA THR C 415 -20.99 46.96 -21.14
C THR C 415 -20.14 46.54 -22.37
N ALA C 416 -19.37 45.46 -22.21
CA ALA C 416 -18.50 44.91 -23.29
C ALA C 416 -19.27 44.11 -24.36
N ARG C 417 -20.23 43.27 -23.94
CA ARG C 417 -21.15 42.59 -24.88
C ARG C 417 -22.00 43.62 -25.66
N VAL C 418 -22.37 44.73 -25.01
CA VAL C 418 -22.98 45.90 -25.69
C VAL C 418 -22.02 46.53 -26.73
N ILE C 419 -20.70 46.57 -26.44
CA ILE C 419 -19.69 47.02 -27.45
C ILE C 419 -19.71 46.08 -28.69
N ARG C 420 -19.86 44.78 -28.44
CA ARG C 420 -19.87 43.77 -29.49
C ARG C 420 -21.21 43.77 -30.25
N SER C 421 -22.31 43.96 -29.51
CA SER C 421 -23.65 44.06 -30.09
C SER C 421 -23.83 45.33 -30.93
N THR C 422 -23.21 46.44 -30.50
CA THR C 422 -23.29 47.70 -31.24
C THR C 422 -22.43 47.63 -32.53
N VAL C 423 -21.11 47.40 -32.40
CA VAL C 423 -20.21 47.47 -33.57
C VAL C 423 -20.58 46.50 -34.69
N PHE C 424 -20.95 45.26 -34.36
CA PHE C 424 -21.21 44.23 -35.37
C PHE C 424 -22.55 44.47 -36.07
N LEU C 425 -23.56 44.89 -35.30
CA LEU C 425 -24.87 45.24 -35.84
C LEU C 425 -24.86 46.59 -36.57
N PHE C 426 -24.09 47.55 -36.04
CA PHE C 426 -23.89 48.84 -36.72
C PHE C 426 -23.05 48.68 -37.99
N ASN C 427 -22.09 47.74 -37.96
CA ASN C 427 -21.37 47.37 -39.20
C ASN C 427 -22.29 46.73 -40.23
N ARG C 428 -23.27 45.94 -39.77
CA ARG C 428 -24.34 45.43 -40.66
C ARG C 428 -25.20 46.57 -41.24
N PHE C 429 -25.44 47.62 -40.44
CA PHE C 429 -26.10 48.84 -40.91
C PHE C 429 -25.21 49.68 -41.85
N ILE C 430 -23.94 49.80 -41.50
CA ILE C 430 -22.96 50.57 -42.30
C ILE C 430 -22.68 49.89 -43.65
N ARG C 431 -22.56 48.56 -43.65
CA ARG C 431 -22.38 47.78 -44.88
C ARG C 431 -23.60 47.90 -45.81
N GLY C 432 -24.78 48.07 -45.23
CA GLY C 432 -26.00 48.37 -45.99
C GLY C 432 -25.89 49.69 -46.74
N LEU C 433 -25.73 50.77 -46.00
CA LEU C 433 -25.66 52.13 -46.58
C LEU C 433 -24.55 52.34 -47.62
N ASP C 434 -23.48 51.55 -47.54
CA ASP C 434 -22.45 51.52 -48.58
C ASP C 434 -23.02 50.92 -49.88
N ALA C 435 -23.66 49.76 -49.76
CA ALA C 435 -24.30 49.09 -50.90
C ALA C 435 -25.53 49.85 -51.41
N LEU C 436 -26.25 50.52 -50.53
CA LEU C 436 -27.39 51.36 -50.90
C LEU C 436 -26.95 52.62 -51.64
N SER C 437 -25.83 53.22 -51.20
CA SER C 437 -25.23 54.34 -51.92
C SER C 437 -24.59 53.91 -53.26
N LYS C 438 -24.10 52.67 -53.33
CA LYS C 438 -23.61 52.07 -54.58
C LYS C 438 -24.71 51.82 -55.63
N LYS C 439 -25.96 51.73 -55.20
CA LYS C 439 -27.14 51.45 -56.06
C LYS C 439 -27.07 50.07 -56.73
N ALA C 440 -27.61 49.08 -56.03
CA ALA C 440 -27.70 47.69 -56.51
C ALA C 440 -29.14 47.20 -56.35
N LYS C 441 -29.36 45.89 -56.45
CA LYS C 441 -30.67 45.28 -56.20
C LYS C 441 -31.03 45.39 -54.72
N ALA C 442 -32.29 45.70 -54.43
CA ALA C 442 -32.74 45.98 -53.06
C ALA C 442 -32.89 44.74 -52.17
N SER C 443 -33.08 43.57 -52.77
CA SER C 443 -33.39 42.33 -52.04
C SER C 443 -32.17 41.57 -51.49
N SER C 444 -31.04 41.62 -52.19
CA SER C 444 -29.86 40.82 -51.84
C SER C 444 -29.13 41.26 -50.56
N VAL C 445 -28.99 42.57 -50.38
CA VAL C 445 -28.23 43.14 -49.25
C VAL C 445 -29.08 43.16 -47.97
N ASP C 446 -28.45 42.80 -46.85
CA ASP C 446 -29.11 42.82 -45.53
C ASP C 446 -29.21 44.25 -45.00
N LEU C 447 -30.34 44.55 -44.36
CA LEU C 447 -30.60 45.87 -43.79
C LEU C 447 -31.59 45.72 -42.62
N PRO C 448 -31.09 45.23 -41.46
CA PRO C 448 -31.97 44.95 -40.33
C PRO C 448 -32.34 46.22 -39.58
N ILE C 449 -33.37 46.90 -40.07
CA ILE C 449 -33.81 48.19 -39.53
C ILE C 449 -34.44 48.01 -38.14
N GLU C 450 -35.23 46.95 -37.99
CA GLU C 450 -35.81 46.57 -36.69
C GLU C 450 -34.75 46.30 -35.62
N SER C 451 -33.63 45.68 -36.02
CA SER C 451 -32.51 45.43 -35.10
C SER C 451 -31.74 46.71 -34.79
N VAL C 452 -31.49 47.53 -35.80
CA VAL C 452 -30.75 48.80 -35.64
C VAL C 452 -31.53 49.79 -34.77
N SER C 453 -32.84 49.88 -34.99
CA SER C 453 -33.72 50.71 -34.17
C SER C 453 -33.65 50.29 -32.70
N LEU C 454 -33.80 48.98 -32.45
CA LEU C 454 -33.72 48.41 -31.10
C LEU C 454 -32.30 48.45 -30.51
N SER C 455 -31.28 48.36 -31.36
CA SER C 455 -29.88 48.54 -30.94
C SER C 455 -29.62 49.97 -30.49
N LEU C 456 -30.13 50.93 -31.26
CA LEU C 456 -30.10 52.35 -30.90
C LEU C 456 -30.96 52.67 -29.67
N GLN C 457 -32.11 51.99 -29.57
CA GLN C 457 -33.03 52.19 -28.44
C GLN C 457 -32.44 51.77 -27.10
N ASP C 458 -31.85 50.58 -27.06
CA ASP C 458 -31.26 50.02 -25.83
C ASP C 458 -29.98 50.73 -25.38
N LEU C 459 -29.30 51.41 -26.31
CA LEU C 459 -28.12 52.23 -25.97
C LEU C 459 -28.49 53.48 -25.15
N ILE C 460 -29.59 54.14 -25.52
CA ILE C 460 -29.98 55.42 -24.91
C ILE C 460 -30.35 55.27 -23.43
N GLY C 461 -31.13 54.23 -23.11
CA GLY C 461 -31.48 53.89 -21.72
C GLY C 461 -30.28 53.53 -20.85
N TYR C 462 -29.23 53.00 -21.49
CA TYR C 462 -27.95 52.72 -20.82
C TYR C 462 -27.25 54.04 -20.43
N PHE C 463 -27.22 55.00 -21.36
CA PHE C 463 -26.64 56.33 -21.13
C PHE C 463 -27.67 57.40 -20.70
N HIS C 464 -28.89 56.98 -20.34
CA HIS C 464 -29.94 57.90 -19.89
C HIS C 464 -29.59 58.42 -18.50
N PRO C 465 -29.78 59.73 -18.24
CA PRO C 465 -29.51 60.22 -16.89
C PRO C 465 -30.47 59.63 -15.85
N PRO C 466 -29.95 59.16 -14.70
CA PRO C 466 -30.76 58.40 -13.72
C PRO C 466 -31.88 59.17 -13.00
N ASP C 467 -31.89 60.51 -13.10
CA ASP C 467 -32.96 61.38 -12.57
C ASP C 467 -32.83 61.64 -11.04
N GLU C 468 -32.84 62.93 -10.67
CA GLU C 468 -32.41 63.40 -9.33
C GLU C 468 -33.37 63.06 -8.17
N HIS C 469 -34.65 62.77 -8.47
CA HIS C 469 -35.66 62.43 -7.44
C HIS C 469 -35.42 61.10 -6.68
N LEU C 470 -34.59 60.19 -7.25
CA LEU C 470 -34.12 58.98 -6.54
C LEU C 470 -33.22 59.34 -5.32
N GLU C 471 -33.31 58.56 -4.23
CA GLU C 471 -32.73 58.91 -2.92
C GLU C 471 -31.18 58.87 -2.93
N HIS C 472 -30.57 59.85 -2.24
CA HIS C 472 -29.13 60.24 -2.31
C HIS C 472 -28.18 59.46 -3.28
N GLU C 473 -27.75 58.25 -2.89
CA GLU C 473 -26.61 57.57 -3.56
C GLU C 473 -26.94 56.98 -4.94
N ASP C 474 -28.11 56.34 -5.06
CA ASP C 474 -28.59 55.69 -6.31
C ASP C 474 -28.47 56.57 -7.60
N LYS C 475 -28.54 57.89 -7.44
CA LYS C 475 -28.28 58.85 -8.53
C LYS C 475 -26.80 58.89 -8.98
N GLN C 476 -25.88 58.81 -8.02
CA GLN C 476 -24.42 58.85 -8.30
C GLN C 476 -23.91 57.58 -8.99
N ASN C 477 -24.40 56.41 -8.57
CA ASN C 477 -23.89 55.13 -9.10
C ASN C 477 -24.17 54.94 -10.60
N ARG C 478 -25.38 55.28 -11.05
CA ARG C 478 -25.71 55.29 -12.48
C ARG C 478 -24.99 56.40 -13.23
N LEU C 479 -24.72 57.53 -12.56
CA LEU C 479 -23.90 58.61 -13.15
C LEU C 479 -22.40 58.22 -13.22
N ARG C 480 -21.90 57.55 -12.18
CA ARG C 480 -20.54 57.00 -12.20
C ARG C 480 -20.44 55.83 -13.18
N ALA C 481 -21.54 55.11 -13.37
CA ALA C 481 -21.65 54.14 -14.46
C ALA C 481 -21.66 54.87 -15.81
N LEU C 482 -22.48 55.92 -15.91
CA LEU C 482 -22.49 56.82 -17.09
C LEU C 482 -21.11 57.43 -17.35
N LYS C 483 -20.36 57.70 -16.27
CA LYS C 483 -18.98 58.19 -16.35
C LYS C 483 -18.04 57.06 -16.81
N ASN C 484 -18.23 55.86 -16.27
CA ASN C 484 -17.40 54.69 -16.61
C ASN C 484 -17.73 54.11 -17.98
N ARG C 485 -19.01 54.11 -18.36
CA ARG C 485 -19.45 53.59 -19.67
C ARG C 485 -18.84 54.39 -20.82
N GLN C 486 -18.91 55.72 -20.73
CA GLN C 486 -18.32 56.61 -21.76
C GLN C 486 -16.79 56.53 -21.86
N ASN C 487 -16.11 56.14 -20.77
CA ASN C 487 -14.67 55.86 -20.81
C ASN C 487 -14.37 54.57 -21.57
N LEU C 488 -15.24 53.57 -21.43
CA LEU C 488 -15.13 52.31 -22.20
C LEU C 488 -15.50 52.47 -23.69
N PHE C 489 -16.40 53.40 -24.02
CA PHE C 489 -16.86 53.64 -25.41
C PHE C 489 -15.85 54.46 -26.25
N GLN C 490 -14.98 55.24 -25.60
CA GLN C 490 -13.92 56.01 -26.29
C GLN C 490 -12.69 55.16 -26.61
N GLU C 491 -12.32 54.25 -25.70
CA GLU C 491 -11.20 53.32 -25.91
C GLU C 491 -11.45 52.34 -27.06
N GLU C 492 -12.71 51.94 -27.22
CA GLU C 492 -13.12 51.01 -28.27
C GLU C 492 -13.31 51.71 -29.61
N GLY C 493 -14.06 52.82 -29.59
CA GLY C 493 -14.32 53.63 -30.79
C GLY C 493 -15.78 53.55 -31.20
N MET C 494 -16.65 54.08 -30.34
CA MET C 494 -18.09 54.15 -30.58
C MET C 494 -18.57 55.56 -30.93
N ILE C 495 -17.67 56.55 -30.90
CA ILE C 495 -18.00 57.96 -31.17
C ILE C 495 -17.69 58.27 -32.64
N ASN C 496 -16.48 57.92 -33.07
CA ASN C 496 -16.06 58.06 -34.47
C ASN C 496 -16.78 57.07 -35.41
N LEU C 497 -17.27 55.95 -34.86
CA LEU C 497 -18.13 55.02 -35.58
C LEU C 497 -19.44 55.70 -35.98
N VAL C 498 -20.00 56.49 -35.06
CA VAL C 498 -21.23 57.25 -35.29
C VAL C 498 -21.00 58.44 -36.24
N LEU C 499 -19.83 59.09 -36.14
CA LEU C 499 -19.47 60.22 -37.02
C LEU C 499 -19.67 59.91 -38.50
N GLU C 500 -19.18 58.77 -38.95
CA GLU C 500 -19.29 58.35 -40.35
C GLU C 500 -20.67 57.77 -40.69
N CYS C 501 -21.29 57.08 -39.74
CA CYS C 501 -22.69 56.59 -39.90
C CYS C 501 -23.63 57.73 -40.30
N ILE C 502 -23.48 58.87 -39.66
CA ILE C 502 -24.30 60.06 -39.93
C ILE C 502 -23.92 60.67 -41.28
N ASP C 503 -22.62 60.68 -41.59
CA ASP C 503 -22.13 61.15 -42.90
C ASP C 503 -22.65 60.29 -44.05
N ARG C 504 -22.69 58.97 -43.85
CA ARG C 504 -23.26 58.04 -44.84
C ARG C 504 -24.80 58.11 -44.89
N LEU C 505 -25.43 58.38 -43.74
CA LEU C 505 -26.87 58.70 -43.70
C LEU C 505 -27.19 60.02 -44.42
N HIS C 506 -26.27 60.98 -44.32
CA HIS C 506 -26.41 62.28 -44.98
C HIS C 506 -26.16 62.28 -46.50
N VAL C 507 -25.80 61.13 -47.07
CA VAL C 507 -25.75 60.94 -48.52
C VAL C 507 -27.16 61.02 -49.14
N TYR C 508 -28.18 60.59 -48.38
CA TYR C 508 -29.57 60.53 -48.86
C TYR C 508 -30.32 61.78 -48.35
N SER C 509 -30.96 62.51 -49.28
CA SER C 509 -31.49 63.84 -48.99
C SER C 509 -32.88 63.86 -48.32
N SER C 510 -33.95 63.89 -49.12
CA SER C 510 -35.31 64.07 -48.60
C SER C 510 -35.88 62.77 -48.05
N ALA C 511 -37.06 62.85 -47.45
CA ALA C 511 -37.78 61.67 -46.96
C ALA C 511 -38.16 60.69 -48.08
N ALA C 512 -38.46 61.23 -49.26
CA ALA C 512 -38.82 60.42 -50.42
C ALA C 512 -37.65 59.64 -51.06
N HIS C 513 -36.42 60.10 -50.84
CA HIS C 513 -35.24 59.56 -51.53
C HIS C 513 -34.79 58.19 -51.02
N PHE C 514 -34.55 58.10 -49.70
CA PHE C 514 -33.98 56.88 -49.09
C PHE C 514 -34.90 55.66 -49.16
N ALA C 515 -36.22 55.89 -49.25
CA ALA C 515 -37.20 54.82 -49.44
C ALA C 515 -37.02 54.12 -50.80
N ASP C 516 -36.81 54.91 -51.85
CA ASP C 516 -36.53 54.39 -53.19
C ASP C 516 -35.18 53.67 -53.25
N VAL C 517 -34.18 54.23 -52.57
CA VAL C 517 -32.82 53.68 -52.57
C VAL C 517 -32.77 52.41 -51.72
N ALA C 518 -33.08 52.54 -50.43
CA ALA C 518 -32.99 51.44 -49.48
C ALA C 518 -34.16 50.49 -49.58
N GLY C 519 -35.36 51.05 -49.40
CA GLY C 519 -36.58 50.28 -49.23
C GLY C 519 -37.47 51.00 -48.25
N ARG C 520 -38.77 50.71 -48.30
CA ARG C 520 -39.77 51.44 -47.50
C ARG C 520 -39.71 51.12 -46.00
N GLU C 521 -39.08 50.00 -45.64
CA GLU C 521 -38.75 49.69 -44.23
C GLU C 521 -37.70 50.67 -43.68
N ALA C 522 -36.63 50.87 -44.45
CA ALA C 522 -35.54 51.78 -44.07
C ALA C 522 -35.82 53.25 -44.39
N GLY C 523 -36.68 53.51 -45.37
CA GLY C 523 -36.95 54.87 -45.86
C GLY C 523 -37.62 55.80 -44.87
N GLU C 524 -38.75 55.36 -44.31
CA GLU C 524 -39.52 56.17 -43.35
C GLU C 524 -38.76 56.39 -42.04
N SER C 525 -38.15 55.32 -41.53
CA SER C 525 -37.28 55.42 -40.35
C SER C 525 -35.97 56.11 -40.71
N TRP C 526 -36.02 57.43 -40.77
CA TRP C 526 -34.85 58.26 -41.07
C TRP C 526 -34.70 59.36 -40.02
N LYS C 527 -35.74 60.16 -39.82
CA LYS C 527 -35.78 61.15 -38.73
C LYS C 527 -35.81 60.48 -37.35
N SER C 528 -36.50 59.34 -37.24
CA SER C 528 -36.53 58.56 -36.01
C SER C 528 -35.16 57.95 -35.67
N ILE C 529 -34.47 57.43 -36.70
CA ILE C 529 -33.11 56.89 -36.53
C ILE C 529 -32.08 58.01 -36.33
N LEU C 530 -32.23 59.13 -37.03
CA LEU C 530 -31.34 60.29 -36.85
C LEU C 530 -31.46 60.89 -35.45
N ASN C 531 -32.70 61.12 -35.01
CA ASN C 531 -32.98 61.61 -33.65
C ASN C 531 -32.52 60.62 -32.56
N SER C 532 -32.59 59.32 -32.86
CA SER C 532 -32.02 58.29 -31.98
C SER C 532 -30.48 58.34 -31.97
N LEU C 533 -29.88 58.55 -33.14
CA LEU C 533 -28.43 58.69 -33.27
C LEU C 533 -27.87 59.99 -32.66
N TYR C 534 -28.64 61.08 -32.67
CA TYR C 534 -28.19 62.36 -32.10
C TYR C 534 -28.04 62.32 -30.56
N GLU C 535 -28.99 61.69 -29.87
CA GLU C 535 -28.91 61.53 -28.40
C GLU C 535 -27.85 60.51 -27.96
N LEU C 536 -27.53 59.54 -28.82
CA LEU C 536 -26.45 58.57 -28.56
C LEU C 536 -25.08 59.24 -28.51
N LEU C 537 -24.82 60.18 -29.43
CA LEU C 537 -23.55 60.92 -29.50
C LEU C 537 -23.36 61.92 -28.34
N ALA C 538 -24.47 62.45 -27.80
CA ALA C 538 -24.43 63.49 -26.76
C ALA C 538 -24.04 62.95 -25.38
N ALA C 539 -24.69 61.86 -24.96
CA ALA C 539 -24.46 61.27 -23.63
C ALA C 539 -23.08 60.61 -23.48
N LEU C 540 -22.44 60.25 -24.60
CA LEU C 540 -21.05 59.75 -24.60
C LEU C 540 -20.00 60.82 -24.27
N ILE C 541 -20.36 62.10 -24.41
CA ILE C 541 -19.44 63.21 -24.10
C ILE C 541 -20.05 64.27 -23.14
N ARG C 542 -20.92 63.81 -22.22
CA ARG C 542 -21.50 64.67 -21.18
C ARG C 542 -21.04 64.18 -19.80
N GLY C 543 -19.87 64.67 -19.39
CA GLY C 543 -19.32 64.37 -18.06
C GLY C 543 -17.82 64.65 -17.95
N ASN C 544 -17.03 63.81 -18.62
CA ASN C 544 -15.56 63.89 -18.56
C ASN C 544 -15.01 65.05 -19.41
N ARG C 545 -13.92 65.67 -18.96
CA ARG C 545 -13.18 66.67 -19.75
C ARG C 545 -12.48 66.01 -20.97
N LYS C 546 -12.05 64.75 -20.82
CA LYS C 546 -11.28 64.04 -21.88
C LYS C 546 -12.14 63.59 -23.10
N ASN C 547 -13.37 63.16 -22.85
CA ASN C 547 -14.33 62.80 -23.93
C ASN C 547 -14.69 64.03 -24.82
N CYS C 548 -14.90 65.18 -24.17
CA CYS C 548 -15.11 66.48 -24.85
C CYS C 548 -13.88 66.93 -25.67
N ALA C 549 -12.68 66.66 -25.13
CA ALA C 549 -11.40 66.93 -25.81
C ALA C 549 -11.21 66.07 -27.08
N GLN C 550 -11.81 64.88 -27.13
CA GLN C 550 -11.86 64.06 -28.36
C GLN C 550 -12.75 64.65 -29.49
N PHE C 551 -13.76 65.45 -29.12
CA PHE C 551 -14.56 66.26 -30.09
C PHE C 551 -14.12 67.75 -30.22
N SER C 552 -13.02 68.14 -29.56
CA SER C 552 -12.46 69.51 -29.69
C SER C 552 -12.09 69.87 -31.15
N GLY C 553 -11.37 68.95 -31.81
CA GLY C 553 -11.10 69.01 -33.26
C GLY C 553 -12.33 68.77 -34.13
N SER C 554 -13.32 68.02 -33.63
CA SER C 554 -14.60 67.79 -34.33
C SER C 554 -15.67 68.91 -34.15
N LEU C 555 -15.36 69.95 -33.36
CA LEU C 555 -16.32 71.07 -33.11
C LEU C 555 -16.62 71.92 -34.37
N ASP C 556 -15.60 72.22 -35.17
CA ASP C 556 -15.76 72.97 -36.44
C ASP C 556 -16.64 72.21 -37.47
N TRP C 557 -16.53 70.87 -37.45
CA TRP C 557 -17.42 69.94 -38.20
C TRP C 557 -18.90 70.01 -37.71
N LEU C 558 -19.10 70.21 -36.41
CA LEU C 558 -20.43 70.27 -35.78
C LEU C 558 -21.17 71.59 -36.14
N ILE C 559 -20.44 72.72 -36.09
CA ILE C 559 -20.93 74.02 -36.62
C ILE C 559 -21.24 73.95 -38.14
N SER C 560 -20.42 73.19 -38.87
CA SER C 560 -20.63 72.95 -40.32
C SER C 560 -21.93 72.16 -40.64
N ARG C 561 -22.27 71.19 -39.78
CA ARG C 561 -23.51 70.40 -39.88
C ARG C 561 -24.75 71.10 -39.28
N LEU C 562 -24.52 72.22 -38.57
CA LEU C 562 -25.60 73.06 -37.96
C LEU C 562 -26.52 73.79 -39.00
N GLU C 563 -26.01 74.03 -40.21
CA GLU C 563 -26.77 74.72 -41.31
C GLU C 563 -27.71 73.79 -42.14
N ARG C 564 -27.83 72.50 -41.78
CA ARG C 564 -28.79 71.56 -42.42
C ARG C 564 -30.28 71.88 -42.12
N LEU C 565 -30.59 72.22 -40.87
CA LEU C 565 -31.98 72.51 -40.42
C LEU C 565 -33.04 71.42 -40.79
N GLU C 566 -32.65 70.13 -40.82
CA GLU C 566 -33.60 69.01 -41.00
C GLU C 566 -34.13 68.56 -39.62
N ALA C 567 -33.19 68.32 -38.69
CA ALA C 567 -33.45 68.10 -37.26
C ALA C 567 -32.33 68.80 -36.44
N SER C 568 -32.38 70.14 -36.41
CA SER C 568 -31.29 70.99 -35.87
C SER C 568 -31.00 70.78 -34.36
N SER C 569 -32.05 70.64 -33.56
CA SER C 569 -31.96 70.61 -32.08
C SER C 569 -30.92 69.59 -31.56
N GLY C 570 -31.00 68.35 -32.07
CA GLY C 570 -30.01 67.31 -31.74
C GLY C 570 -28.55 67.75 -31.88
N ILE C 571 -28.25 68.47 -32.97
CA ILE C 571 -26.91 69.06 -33.21
C ILE C 571 -26.59 70.12 -32.12
N LEU C 572 -27.64 70.83 -31.69
CA LEU C 572 -27.55 71.90 -30.66
C LEU C 572 -27.21 71.34 -29.25
N GLU C 573 -27.84 70.23 -28.87
CA GLU C 573 -27.51 69.51 -27.61
C GLU C 573 -26.08 68.90 -27.66
N VAL C 574 -25.63 68.48 -28.85
CA VAL C 574 -24.24 67.97 -29.05
C VAL C 574 -23.20 69.07 -28.73
N LEU C 575 -23.36 70.24 -29.35
CA LEU C 575 -22.44 71.39 -29.16
C LEU C 575 -22.42 71.90 -27.70
N HIS C 576 -23.60 71.92 -27.06
CA HIS C 576 -23.76 72.29 -25.62
C HIS C 576 -22.94 71.39 -24.67
N CYS C 577 -23.09 70.06 -24.84
CA CYS C 577 -22.36 69.08 -24.00
C CYS C 577 -20.83 69.08 -24.25
N VAL C 578 -20.41 69.42 -25.48
CA VAL C 578 -18.96 69.62 -25.81
C VAL C 578 -18.37 70.86 -25.06
N LEU C 579 -19.16 71.93 -24.91
CA LEU C 579 -18.66 73.19 -24.32
C LEU C 579 -18.67 73.26 -22.77
N VAL C 580 -19.72 72.71 -22.12
CA VAL C 580 -19.88 72.81 -20.63
C VAL C 580 -18.79 72.15 -19.77
N GLU C 581 -18.25 71.01 -20.23
CA GLU C 581 -17.25 70.24 -19.45
C GLU C 581 -15.76 70.50 -19.84
N SER C 582 -15.51 71.32 -20.86
CA SER C 582 -14.15 71.57 -21.40
C SER C 582 -13.85 73.07 -21.74
N PRO C 583 -13.05 73.78 -20.89
CA PRO C 583 -12.73 75.23 -21.17
C PRO C 583 -11.85 75.49 -22.44
N GLU C 584 -10.93 74.57 -22.76
CA GLU C 584 -10.09 74.64 -23.99
C GLU C 584 -10.91 74.63 -25.31
N ALA C 585 -12.00 73.87 -25.35
CA ALA C 585 -12.94 73.85 -26.49
C ALA C 585 -13.62 75.22 -26.72
N LEU C 586 -13.87 75.95 -25.63
CA LEU C 586 -14.37 77.36 -25.69
C LEU C 586 -13.33 78.31 -26.34
N ASN C 587 -12.04 78.04 -26.09
CA ASN C 587 -10.93 78.79 -26.73
C ASN C 587 -10.82 78.52 -28.26
N ILE C 588 -11.15 77.30 -28.70
CA ILE C 588 -11.06 76.88 -30.13
C ILE C 588 -12.05 77.59 -31.10
N ILE C 589 -13.27 77.90 -30.65
CA ILE C 589 -14.30 78.54 -31.52
C ILE C 589 -13.88 79.94 -32.01
N LYS C 590 -14.26 80.24 -33.26
CA LYS C 590 -13.69 81.34 -34.05
C LYS C 590 -14.81 82.26 -34.53
N GLU C 591 -14.46 83.28 -35.35
CA GLU C 591 -15.47 84.23 -35.90
C GLU C 591 -16.47 83.58 -36.89
N GLY C 592 -16.00 82.64 -37.70
CA GLY C 592 -16.86 81.88 -38.64
C GLY C 592 -17.93 81.00 -37.98
N HIS C 593 -17.60 80.47 -36.80
CA HIS C 593 -18.48 79.57 -36.02
C HIS C 593 -19.70 80.36 -35.51
N ILE C 594 -19.39 81.49 -34.87
CA ILE C 594 -20.38 82.42 -34.28
C ILE C 594 -21.25 83.09 -35.39
N LYS C 595 -20.64 83.41 -36.54
CA LYS C 595 -21.40 83.95 -37.71
C LYS C 595 -22.39 82.92 -38.31
N SER C 596 -22.05 81.62 -38.20
CA SER C 596 -22.94 80.51 -38.64
C SER C 596 -24.16 80.29 -37.69
N ILE C 597 -23.91 80.37 -36.37
CA ILE C 597 -24.98 80.25 -35.33
C ILE C 597 -25.96 81.45 -35.40
N ILE C 598 -25.42 82.66 -35.58
CA ILE C 598 -26.20 83.91 -35.80
C ILE C 598 -27.05 83.85 -37.09
N SER C 599 -26.52 83.21 -38.14
CA SER C 599 -27.28 82.95 -39.39
C SER C 599 -28.49 82.02 -39.11
N LEU C 600 -28.25 80.98 -38.30
CA LEU C 600 -29.30 80.04 -37.85
C LEU C 600 -30.38 80.77 -36.99
N LEU C 601 -29.95 81.73 -36.16
CA LEU C 601 -30.86 82.56 -35.34
C LEU C 601 -31.79 83.45 -36.21
N ASP C 602 -31.25 84.00 -37.30
CA ASP C 602 -32.06 84.73 -38.31
C ASP C 602 -33.05 83.78 -38.99
N LYS C 603 -32.54 82.64 -39.43
CA LYS C 603 -33.31 81.66 -40.25
C LYS C 603 -34.37 80.81 -39.48
N HIS C 604 -34.07 80.45 -38.23
CA HIS C 604 -34.89 79.51 -37.42
C HIS C 604 -35.95 80.20 -36.52
N GLY C 605 -35.85 81.52 -36.34
CA GLY C 605 -36.55 82.20 -35.25
C GLY C 605 -35.85 81.78 -33.96
N ARG C 606 -36.55 81.16 -33.01
CA ARG C 606 -35.99 80.83 -31.69
C ARG C 606 -36.73 79.67 -30.98
N ASN C 607 -35.94 78.80 -30.34
CA ASN C 607 -36.38 77.71 -29.46
C ASN C 607 -35.74 77.91 -28.07
N HIS C 608 -35.89 76.93 -27.17
CA HIS C 608 -35.26 76.98 -25.82
C HIS C 608 -33.72 76.85 -25.82
N LYS C 609 -33.09 76.55 -26.97
CA LYS C 609 -31.67 76.21 -27.04
C LYS C 609 -30.74 77.40 -27.39
N VAL C 610 -31.28 78.44 -28.02
CA VAL C 610 -30.44 79.51 -28.63
C VAL C 610 -29.57 80.28 -27.62
N LEU C 611 -30.09 80.52 -26.41
CA LEU C 611 -29.29 81.10 -25.30
C LEU C 611 -28.05 80.26 -24.95
N ASP C 612 -28.26 78.95 -24.81
CA ASP C 612 -27.41 78.03 -24.03
C ASP C 612 -25.94 77.94 -24.51
N VAL C 613 -25.72 77.98 -25.82
CA VAL C 613 -24.36 77.91 -26.42
C VAL C 613 -23.57 79.21 -26.14
N LEU C 614 -24.25 80.37 -26.30
CA LEU C 614 -23.68 81.70 -25.95
C LEU C 614 -23.35 81.79 -24.43
N CYS C 615 -24.24 81.20 -23.60
CA CYS C 615 -24.04 81.12 -22.13
C CYS C 615 -22.78 80.29 -21.76
N SER C 616 -22.51 79.23 -22.53
CA SER C 616 -21.28 78.41 -22.37
C SER C 616 -19.99 79.16 -22.81
N LEU C 617 -20.05 79.95 -23.88
CA LEU C 617 -18.91 80.81 -24.30
C LEU C 617 -18.65 81.96 -23.29
N CYS C 618 -19.72 82.42 -22.63
CA CYS C 618 -19.68 83.50 -21.63
C CYS C 618 -18.99 83.10 -20.29
N VAL C 619 -19.33 81.91 -19.77
CA VAL C 619 -18.88 81.42 -18.42
C VAL C 619 -18.57 79.89 -18.43
N CYS C 620 -17.51 79.49 -17.71
CA CYS C 620 -17.18 78.06 -17.47
C CYS C 620 -18.06 77.49 -16.29
N HIS C 621 -17.47 76.79 -15.32
CA HIS C 621 -18.21 76.41 -14.08
C HIS C 621 -18.51 77.65 -13.20
N GLY C 622 -17.63 78.67 -13.29
CA GLY C 622 -17.88 80.00 -12.71
C GLY C 622 -16.83 81.08 -13.01
N VAL C 623 -16.30 81.08 -14.24
CA VAL C 623 -15.22 82.02 -14.68
C VAL C 623 -15.35 82.41 -16.19
N ALA C 624 -15.10 83.69 -16.50
CA ALA C 624 -15.24 84.26 -17.88
C ALA C 624 -13.98 84.13 -18.78
N VAL C 625 -14.17 84.25 -20.10
CA VAL C 625 -13.08 84.24 -21.13
C VAL C 625 -13.21 85.46 -22.09
N ARG C 626 -12.58 86.59 -21.70
CA ARG C 626 -12.80 87.95 -22.29
C ARG C 626 -12.77 88.09 -23.84
N SER C 627 -11.67 87.69 -24.47
CA SER C 627 -11.46 87.83 -25.94
C SER C 627 -12.48 87.01 -26.78
N ASN C 628 -12.82 85.83 -26.27
CA ASN C 628 -13.82 84.94 -26.92
C ASN C 628 -15.24 85.55 -26.90
N GLN C 629 -15.51 86.39 -25.89
CA GLN C 629 -16.80 87.12 -25.72
C GLN C 629 -16.89 88.38 -26.62
N HIS C 630 -15.83 89.19 -26.56
CA HIS C 630 -15.65 90.40 -27.40
C HIS C 630 -15.87 90.10 -28.89
N LEU C 631 -15.37 88.93 -29.32
CA LEU C 631 -15.55 88.41 -30.69
C LEU C 631 -17.05 88.17 -31.04
N ILE C 632 -17.77 87.56 -30.08
CA ILE C 632 -19.24 87.27 -30.21
C ILE C 632 -20.03 88.59 -30.31
N CYS C 633 -19.60 89.59 -29.53
CA CYS C 633 -20.26 90.89 -29.50
C CYS C 633 -19.95 91.77 -30.73
N ASP C 634 -18.89 91.43 -31.48
CA ASP C 634 -18.60 92.05 -32.80
C ASP C 634 -19.48 91.51 -33.97
N ASN C 635 -20.24 90.45 -33.72
CA ASN C 635 -21.09 89.77 -34.73
C ASN C 635 -22.62 89.89 -34.47
N LEU C 636 -23.08 89.51 -33.26
CA LEU C 636 -24.52 89.57 -32.86
C LEU C 636 -25.17 90.98 -32.96
N LEU C 637 -24.65 91.91 -32.14
CA LEU C 637 -25.31 93.22 -31.89
C LEU C 637 -25.41 94.24 -33.07
N PRO C 638 -24.33 94.46 -33.88
CA PRO C 638 -24.28 95.66 -34.76
C PRO C 638 -25.44 95.81 -35.78
N GLY C 639 -25.97 94.69 -36.29
CA GLY C 639 -27.03 94.66 -37.31
C GLY C 639 -28.37 95.32 -36.95
N ARG C 640 -28.83 95.11 -35.71
CA ARG C 640 -30.10 95.70 -35.17
C ARG C 640 -31.38 95.28 -35.95
N ASP C 641 -31.63 93.98 -36.00
CA ASP C 641 -32.84 93.41 -36.66
C ASP C 641 -33.13 91.97 -36.21
N LEU C 642 -32.11 91.10 -36.36
CA LEU C 642 -32.12 89.69 -35.88
C LEU C 642 -32.93 89.46 -34.58
N LEU C 643 -32.40 89.93 -33.46
CA LEU C 643 -33.09 89.89 -32.15
C LEU C 643 -34.05 91.09 -32.07
N LEU C 644 -35.12 90.95 -31.28
CA LEU C 644 -36.24 91.91 -31.28
C LEU C 644 -35.86 93.28 -30.64
N GLN C 645 -36.40 94.36 -31.23
CA GLN C 645 -36.22 95.75 -30.76
C GLN C 645 -37.44 96.22 -29.91
N THR C 646 -37.19 97.09 -28.92
CA THR C 646 -38.25 97.62 -28.02
C THR C 646 -38.15 99.14 -27.77
N ARG C 647 -39.32 99.79 -27.61
CA ARG C 647 -39.44 101.23 -27.30
C ARG C 647 -40.75 101.56 -26.54
N LEU C 648 -40.67 102.46 -25.55
CA LEU C 648 -41.86 102.94 -24.80
C LEU C 648 -42.65 103.95 -25.67
N VAL C 649 -43.99 103.93 -25.56
CA VAL C 649 -44.87 104.85 -26.33
C VAL C 649 -46.07 105.42 -25.52
N ASN C 650 -46.44 106.65 -25.86
CA ASN C 650 -47.42 107.47 -25.09
C ASN C 650 -48.89 107.07 -25.40
N HIS C 651 -49.74 107.06 -24.36
CA HIS C 651 -51.21 106.92 -24.52
C HIS C 651 -51.74 108.21 -25.17
N VAL C 652 -52.09 108.14 -26.45
CA VAL C 652 -52.70 109.26 -27.18
C VAL C 652 -54.20 109.01 -27.26
N SER C 653 -54.97 109.77 -26.47
CA SER C 653 -56.44 109.74 -26.50
C SER C 653 -56.97 110.60 -27.66
N SER C 654 -58.18 110.28 -28.12
CA SER C 654 -58.79 110.91 -29.29
C SER C 654 -60.33 111.10 -29.16
N MET C 655 -60.87 112.13 -29.84
CA MET C 655 -62.26 112.60 -29.71
C MET C 655 -62.89 113.01 -31.06
N ARG C 656 -64.19 113.30 -31.07
CA ARG C 656 -64.91 113.67 -32.31
C ARG C 656 -66.25 114.39 -32.00
N PRO C 657 -66.55 115.55 -32.67
CA PRO C 657 -67.90 116.15 -32.51
C PRO C 657 -69.00 115.29 -33.19
N ASN C 658 -70.21 115.25 -32.63
CA ASN C 658 -71.27 114.30 -33.05
C ASN C 658 -71.95 114.64 -34.41
N ILE C 659 -71.15 114.61 -35.48
CA ILE C 659 -71.62 114.87 -36.86
C ILE C 659 -71.35 113.61 -37.72
N PHE C 660 -72.37 113.14 -38.45
CA PHE C 660 -72.26 112.01 -39.37
C PHE C 660 -72.51 112.48 -40.81
N LEU C 661 -71.43 112.89 -41.49
CA LEU C 661 -71.47 113.29 -42.91
C LEU C 661 -71.39 112.09 -43.87
N GLY C 662 -71.90 112.29 -45.09
CA GLY C 662 -71.82 111.27 -46.13
C GLY C 662 -72.34 111.76 -47.47
N VAL C 663 -72.22 110.90 -48.48
CA VAL C 663 -72.76 111.16 -49.82
C VAL C 663 -73.44 109.89 -50.32
N SER C 664 -74.76 109.84 -50.15
CA SER C 664 -75.58 108.83 -50.81
C SER C 664 -75.55 109.15 -52.30
N GLU C 665 -74.89 108.29 -53.08
CA GLU C 665 -74.53 108.58 -54.47
C GLU C 665 -75.76 108.96 -55.30
N GLY C 666 -75.90 110.27 -55.57
CA GLY C 666 -77.08 110.86 -56.20
C GLY C 666 -77.92 111.69 -55.25
N SER C 667 -77.26 112.55 -54.47
CA SER C 667 -77.93 113.48 -53.55
C SER C 667 -76.95 114.57 -53.12
N ALA C 668 -76.81 115.60 -53.95
CA ALA C 668 -75.85 116.68 -53.70
C ALA C 668 -76.30 117.60 -52.56
N GLN C 669 -76.03 117.16 -51.34
CA GLN C 669 -76.35 117.92 -50.12
C GLN C 669 -75.40 119.14 -50.00
N TYR C 670 -75.37 119.78 -48.82
CA TYR C 670 -74.31 120.75 -48.52
C TYR C 670 -72.97 120.02 -48.41
N LYS C 671 -72.49 119.43 -49.51
CA LYS C 671 -71.41 118.44 -49.46
C LYS C 671 -70.03 119.02 -49.07
N LYS C 672 -69.82 120.32 -49.32
CA LYS C 672 -68.67 121.07 -48.76
C LYS C 672 -68.93 121.41 -47.26
N TRP C 673 -67.90 121.25 -46.42
CA TRP C 673 -68.00 121.47 -44.94
C TRP C 673 -66.69 122.06 -44.33
N TYR C 674 -66.86 122.87 -43.27
CA TYR C 674 -65.73 123.60 -42.61
C TYR C 674 -65.92 123.67 -41.06
N TYR C 675 -64.81 123.60 -40.32
CA TYR C 675 -64.80 123.95 -38.88
C TYR C 675 -63.41 124.41 -38.38
N GLU C 676 -63.43 125.15 -37.26
CA GLU C 676 -62.21 125.63 -36.58
C GLU C 676 -61.82 124.76 -35.36
N LEU C 677 -60.51 124.74 -35.09
CA LEU C 677 -59.94 124.17 -33.85
C LEU C 677 -59.00 125.21 -33.21
N MET C 678 -59.51 125.88 -32.16
CA MET C 678 -58.68 126.75 -31.30
C MET C 678 -57.79 125.86 -30.43
N VAL C 679 -56.51 126.21 -30.30
CA VAL C 679 -55.60 125.61 -29.31
C VAL C 679 -55.59 126.58 -28.12
N ASP C 680 -55.93 126.07 -26.93
CA ASP C 680 -56.00 126.87 -25.71
C ASP C 680 -54.58 126.99 -25.16
N HIS C 681 -53.91 125.84 -24.98
CA HIS C 681 -52.44 125.81 -24.82
C HIS C 681 -51.85 124.40 -24.89
N THR C 682 -50.65 124.31 -25.45
CA THR C 682 -49.70 123.23 -25.18
C THR C 682 -48.72 123.83 -24.16
N GLU C 683 -49.23 124.08 -22.96
CA GLU C 683 -48.58 124.96 -21.98
C GLU C 683 -47.36 124.32 -21.31
N PRO C 684 -46.33 125.12 -20.96
CA PRO C 684 -45.27 124.61 -20.07
C PRO C 684 -45.73 124.41 -18.60
N PHE C 685 -46.18 123.20 -18.27
CA PHE C 685 -46.44 122.79 -16.87
C PHE C 685 -46.37 121.24 -16.75
N VAL C 686 -47.32 120.53 -17.36
CA VAL C 686 -47.28 119.05 -17.49
C VAL C 686 -47.89 118.54 -18.82
N THR C 687 -47.83 119.36 -19.88
CA THR C 687 -48.47 119.05 -21.19
C THR C 687 -47.40 118.82 -22.31
N ALA C 688 -47.72 117.95 -23.25
CA ALA C 688 -46.79 117.56 -24.32
C ALA C 688 -46.77 118.62 -25.45
N GLU C 689 -45.56 118.99 -25.91
CA GLU C 689 -45.37 119.90 -27.05
C GLU C 689 -44.60 119.19 -28.15
N ALA C 690 -43.35 118.82 -27.85
CA ALA C 690 -42.57 117.94 -28.71
C ALA C 690 -43.13 116.54 -28.54
N THR C 691 -44.15 116.21 -29.34
CA THR C 691 -45.05 115.11 -29.02
C THR C 691 -45.99 114.76 -30.16
N HIS C 692 -46.83 113.75 -29.94
CA HIS C 692 -47.95 113.42 -30.82
C HIS C 692 -49.11 114.39 -30.57
N LEU C 693 -49.43 115.21 -31.58
CA LEU C 693 -50.54 116.16 -31.51
C LEU C 693 -51.07 116.39 -32.93
N ARG C 694 -52.05 115.58 -33.35
CA ARG C 694 -52.58 115.56 -34.74
C ARG C 694 -54.12 115.84 -34.79
N VAL C 695 -54.58 116.45 -35.88
CA VAL C 695 -56.02 116.72 -36.08
C VAL C 695 -56.42 116.72 -37.58
N GLY C 696 -57.59 116.13 -37.89
CA GLY C 696 -58.09 116.06 -39.27
C GLY C 696 -59.27 115.10 -39.50
N TRP C 697 -59.50 114.75 -40.77
CA TRP C 697 -60.68 113.93 -41.19
C TRP C 697 -60.42 112.39 -41.11
N ALA C 698 -61.50 111.61 -41.02
CA ALA C 698 -61.43 110.12 -41.01
C ALA C 698 -62.72 109.44 -41.56
N SER C 699 -62.54 108.33 -42.28
CA SER C 699 -63.65 107.48 -42.77
C SER C 699 -64.01 106.38 -41.73
N THR C 700 -65.32 106.13 -41.56
CA THR C 700 -65.85 105.13 -40.61
C THR C 700 -65.60 103.64 -41.00
N GLU C 701 -65.41 103.39 -42.30
CA GLU C 701 -65.24 102.05 -42.88
C GLU C 701 -63.74 101.62 -43.02
N GLY C 702 -63.05 101.48 -41.89
CA GLY C 702 -61.66 100.97 -41.83
C GLY C 702 -60.89 101.25 -40.53
N TYR C 703 -60.93 102.49 -40.07
CA TYR C 703 -60.11 102.98 -38.94
C TYR C 703 -60.66 102.56 -37.55
N SER C 704 -59.97 101.60 -36.89
CA SER C 704 -60.34 101.07 -35.55
C SER C 704 -59.19 101.18 -34.49
N PRO C 705 -58.91 102.42 -33.98
CA PRO C 705 -57.72 102.71 -33.14
C PRO C 705 -57.78 102.18 -31.69
N TYR C 706 -57.54 100.88 -31.52
CA TYR C 706 -57.39 100.29 -30.17
C TYR C 706 -56.10 100.86 -29.51
N PRO C 707 -56.20 101.38 -28.25
CA PRO C 707 -55.06 102.11 -27.59
C PRO C 707 -53.76 101.28 -27.46
N GLY C 708 -53.88 100.00 -27.10
CA GLY C 708 -52.74 99.08 -27.00
C GLY C 708 -52.17 98.62 -28.34
N GLY C 709 -52.94 98.77 -29.42
CA GLY C 709 -52.49 98.36 -30.76
C GLY C 709 -53.30 98.92 -31.93
N GLY C 710 -52.70 99.86 -32.67
CA GLY C 710 -53.29 100.44 -33.89
C GLY C 710 -52.22 100.84 -34.89
N GLU C 711 -51.73 99.86 -35.65
CA GLU C 711 -50.67 100.04 -36.68
C GLU C 711 -49.33 100.64 -36.14
N GLU C 712 -48.82 101.74 -36.71
CA GLU C 712 -47.43 102.20 -36.45
C GLU C 712 -47.16 102.72 -35.02
N TRP C 713 -46.53 101.86 -34.20
CA TRP C 713 -46.03 102.21 -32.85
C TRP C 713 -47.13 102.70 -31.87
N GLY C 714 -48.38 102.22 -32.05
CA GLY C 714 -49.53 102.65 -31.22
C GLY C 714 -49.77 104.16 -31.29
N GLY C 715 -49.81 104.81 -30.12
CA GLY C 715 -49.99 106.27 -30.02
C GLY C 715 -51.13 106.74 -30.90
N ASN C 716 -52.32 106.25 -30.58
CA ASN C 716 -53.47 106.24 -31.51
C ASN C 716 -54.02 107.64 -31.82
N GLY C 717 -54.17 107.94 -33.11
CA GLY C 717 -54.61 109.24 -33.59
C GLY C 717 -54.78 109.21 -35.11
N VAL C 718 -54.70 110.40 -35.73
CA VAL C 718 -55.02 110.55 -37.16
C VAL C 718 -53.88 110.00 -38.05
N GLY C 719 -54.23 109.07 -38.94
CA GLY C 719 -53.31 108.54 -39.97
C GLY C 719 -52.63 107.21 -39.66
N ASP C 720 -53.23 106.39 -38.80
CA ASP C 720 -52.70 105.05 -38.47
C ASP C 720 -52.93 104.06 -39.65
N ASP C 721 -54.09 104.22 -40.31
CA ASP C 721 -54.51 103.32 -41.41
C ASP C 721 -54.44 104.05 -42.78
N LEU C 722 -54.93 103.39 -43.84
CA LEU C 722 -54.97 103.96 -45.20
C LEU C 722 -55.99 105.10 -45.35
N PHE C 723 -57.27 104.79 -45.08
CA PHE C 723 -58.38 105.75 -45.29
C PHE C 723 -58.55 106.71 -44.10
N SER C 724 -57.53 107.56 -43.89
CA SER C 724 -57.52 108.58 -42.83
C SER C 724 -56.51 109.71 -43.20
N TYR C 725 -56.86 110.96 -42.86
CA TYR C 725 -56.18 112.17 -43.38
C TYR C 725 -56.06 113.25 -42.27
N GLY C 726 -54.84 113.78 -42.05
CA GLY C 726 -54.54 114.66 -40.90
C GLY C 726 -53.63 115.86 -41.13
N PHE C 727 -53.36 116.61 -40.05
CA PHE C 727 -52.46 117.78 -40.05
C PHE C 727 -51.86 118.01 -38.65
N ASP C 728 -50.60 117.58 -38.45
CA ASP C 728 -49.90 117.65 -37.15
C ASP C 728 -49.47 119.09 -36.78
N GLY C 729 -48.83 119.76 -37.73
CA GLY C 729 -48.14 121.05 -37.49
C GLY C 729 -46.81 121.14 -38.23
N LEU C 730 -46.17 119.99 -38.47
CA LEU C 730 -44.96 119.90 -39.31
C LEU C 730 -45.29 119.15 -40.63
N HIS C 731 -44.88 117.88 -40.78
CA HIS C 731 -45.12 117.11 -42.03
C HIS C 731 -46.61 116.73 -42.24
N LEU C 732 -46.90 116.11 -43.39
CA LEU C 732 -48.18 115.40 -43.66
C LEU C 732 -47.93 113.87 -43.78
N TRP C 733 -48.96 113.07 -43.46
CA TRP C 733 -48.90 111.58 -43.44
C TRP C 733 -50.04 110.89 -44.23
N SER C 734 -49.69 109.84 -45.00
CA SER C 734 -50.66 109.00 -45.73
C SER C 734 -50.08 107.61 -46.05
N GLY C 735 -50.78 106.54 -45.61
CA GLY C 735 -50.31 105.15 -45.77
C GLY C 735 -49.05 104.82 -44.98
N CYS C 736 -48.88 105.53 -43.85
CA CYS C 736 -47.62 105.54 -43.06
C CYS C 736 -46.40 106.03 -43.89
N ILE C 737 -46.65 107.03 -44.75
CA ILE C 737 -45.60 107.64 -45.59
C ILE C 737 -45.56 109.17 -45.35
N ALA C 738 -44.37 109.68 -45.03
CA ALA C 738 -44.16 111.13 -44.74
C ALA C 738 -44.13 111.99 -46.02
N ARG C 739 -44.71 113.19 -45.91
CA ARG C 739 -44.66 114.24 -46.95
C ARG C 739 -44.11 115.55 -46.35
N THR C 740 -43.33 116.28 -47.15
CA THR C 740 -42.77 117.60 -46.80
C THR C 740 -43.59 118.77 -47.39
N VAL C 741 -44.81 118.94 -46.89
CA VAL C 741 -45.75 119.98 -47.39
C VAL C 741 -45.29 121.39 -46.95
N SER C 742 -45.51 122.39 -47.81
CA SER C 742 -45.26 123.80 -47.47
C SER C 742 -46.54 124.50 -46.96
N SER C 743 -46.41 125.34 -45.93
CA SER C 743 -47.51 126.19 -45.45
C SER C 743 -46.99 127.37 -44.59
N PRO C 744 -47.64 128.56 -44.68
CA PRO C 744 -47.24 129.74 -43.85
C PRO C 744 -47.38 129.51 -42.33
N ASN C 745 -46.27 129.65 -41.60
CA ASN C 745 -46.18 129.45 -40.14
C ASN C 745 -46.52 127.99 -39.71
N GLN C 746 -45.85 127.04 -40.37
CA GLN C 746 -46.07 125.60 -40.14
C GLN C 746 -45.07 125.09 -39.07
N HIS C 747 -45.31 125.48 -37.80
CA HIS C 747 -44.48 125.05 -36.64
C HIS C 747 -45.29 124.16 -35.66
N LEU C 748 -44.66 123.72 -34.56
CA LEU C 748 -45.36 122.94 -33.49
C LEU C 748 -46.51 123.76 -32.88
N LEU C 749 -47.57 123.07 -32.48
CA LEU C 749 -48.86 123.72 -32.14
C LEU C 749 -48.80 124.51 -30.81
N ARG C 750 -48.26 125.74 -30.91
CA ARG C 750 -47.95 126.57 -29.73
C ARG C 750 -49.16 127.41 -29.25
N THR C 751 -48.93 128.20 -28.20
CA THR C 751 -49.98 129.00 -27.52
C THR C 751 -50.69 130.00 -28.45
N ASP C 752 -52.01 129.84 -28.56
CA ASP C 752 -52.90 130.62 -29.45
C ASP C 752 -52.73 130.36 -30.98
N ASP C 753 -52.22 129.18 -31.34
CA ASP C 753 -52.26 128.69 -32.75
C ASP C 753 -53.71 128.25 -33.09
N VAL C 754 -54.16 128.51 -34.34
CA VAL C 754 -55.56 128.20 -34.78
C VAL C 754 -55.58 127.38 -36.10
N ILE C 755 -55.73 126.05 -35.99
CA ILE C 755 -55.89 125.17 -37.17
C ILE C 755 -57.35 125.30 -37.65
N SER C 756 -57.60 125.17 -38.96
CA SER C 756 -58.97 125.27 -39.54
C SER C 756 -59.18 124.39 -40.80
N CYS C 757 -59.76 123.20 -40.61
CA CYS C 757 -59.91 122.18 -41.69
C CYS C 757 -61.15 122.43 -42.60
N CYS C 758 -61.01 122.06 -43.89
CA CYS C 758 -62.12 122.12 -44.88
C CYS C 758 -62.10 120.91 -45.87
N LEU C 759 -63.22 120.19 -45.94
CA LEU C 759 -63.40 118.98 -46.80
C LEU C 759 -64.58 119.12 -47.78
N ASP C 760 -64.38 118.65 -49.02
CA ASP C 760 -65.45 118.49 -50.01
C ASP C 760 -65.65 116.99 -50.27
N LEU C 761 -66.90 116.53 -50.30
CA LEU C 761 -67.23 115.12 -50.63
C LEU C 761 -67.68 115.03 -52.08
N SER C 762 -66.81 115.49 -52.98
CA SER C 762 -67.12 115.57 -54.42
C SER C 762 -65.88 115.40 -55.31
N ALA C 763 -64.89 116.28 -55.14
CA ALA C 763 -63.68 116.28 -55.99
C ALA C 763 -62.81 115.03 -55.83
N PRO C 764 -62.28 114.71 -54.63
CA PRO C 764 -62.23 115.59 -53.44
C PRO C 764 -60.97 116.47 -53.40
N SER C 765 -61.10 117.73 -52.99
CA SER C 765 -59.96 118.65 -52.82
C SER C 765 -59.96 119.23 -51.39
N ILE C 766 -59.48 118.43 -50.44
CA ILE C 766 -59.29 118.84 -49.02
C ILE C 766 -58.19 119.93 -48.94
N SER C 767 -58.41 120.95 -48.10
CA SER C 767 -57.40 121.98 -47.80
C SER C 767 -57.40 122.35 -46.30
N PHE C 768 -56.24 122.82 -45.83
CA PHE C 768 -56.01 123.19 -44.42
C PHE C 768 -55.54 124.65 -44.33
N ARG C 769 -55.99 125.38 -43.31
CA ARG C 769 -55.52 126.76 -43.05
C ARG C 769 -55.08 126.94 -41.58
N ILE C 770 -53.80 126.65 -41.33
CA ILE C 770 -53.16 126.93 -40.02
C ILE C 770 -53.07 128.46 -39.79
N ASN C 771 -53.40 128.89 -38.56
CA ASN C 771 -53.46 130.33 -38.15
C ASN C 771 -54.03 131.32 -39.21
N GLY C 772 -55.07 130.87 -39.91
CA GLY C 772 -55.75 131.66 -40.96
C GLY C 772 -55.22 131.50 -42.38
N GLN C 773 -54.04 130.89 -42.56
CA GLN C 773 -53.35 130.85 -43.87
C GLN C 773 -53.26 129.45 -44.51
N PRO C 774 -53.62 129.32 -45.82
CA PRO C 774 -53.77 127.97 -46.42
C PRO C 774 -52.50 127.11 -46.59
N VAL C 775 -52.68 125.79 -46.53
CA VAL C 775 -51.60 124.80 -46.70
C VAL C 775 -51.62 124.29 -48.16
N GLN C 776 -50.69 124.81 -48.97
CA GLN C 776 -50.53 124.36 -50.38
C GLN C 776 -49.83 122.99 -50.39
N GLY C 777 -50.33 122.09 -51.24
CA GLY C 777 -50.10 120.64 -51.08
C GLY C 777 -51.34 120.15 -50.34
N MET C 778 -52.30 119.65 -51.11
CA MET C 778 -53.70 119.52 -50.69
C MET C 778 -54.23 118.12 -51.05
N PHE C 779 -54.84 117.44 -50.07
CA PHE C 779 -55.38 116.07 -50.22
C PHE C 779 -56.45 115.90 -51.34
N GLU C 780 -56.22 114.91 -52.22
CA GLU C 780 -57.19 114.50 -53.24
C GLU C 780 -57.25 112.97 -53.36
N ASN C 781 -58.40 112.46 -53.81
CA ASN C 781 -58.63 111.03 -54.13
C ASN C 781 -58.71 110.08 -52.90
N PHE C 782 -59.92 109.60 -52.59
CA PHE C 782 -60.15 108.54 -51.58
C PHE C 782 -61.53 107.88 -51.77
N ASN C 783 -61.75 106.74 -51.09
CA ASN C 783 -63.05 106.02 -51.09
C ASN C 783 -64.07 106.75 -50.19
N ILE C 784 -65.33 106.81 -50.65
CA ILE C 784 -66.43 107.45 -49.90
C ILE C 784 -67.46 106.43 -49.39
N ASP C 785 -66.98 105.23 -49.05
CA ASP C 785 -67.81 104.16 -48.47
C ASP C 785 -68.22 104.50 -47.03
N GLY C 786 -69.42 104.07 -46.62
CA GLY C 786 -69.96 104.37 -45.28
C GLY C 786 -70.19 105.87 -45.03
N LEU C 787 -69.71 106.36 -43.88
CA LEU C 787 -69.85 107.78 -43.47
C LEU C 787 -68.49 108.43 -43.09
N PHE C 788 -68.37 109.76 -43.27
CA PHE C 788 -67.19 110.54 -42.86
C PHE C 788 -67.42 111.26 -41.51
N PHE C 789 -66.35 111.53 -40.77
CA PHE C 789 -66.43 112.28 -39.49
C PHE C 789 -65.09 112.96 -39.11
N PRO C 790 -65.15 114.18 -38.47
CA PRO C 790 -63.96 114.88 -37.92
C PRO C 790 -63.35 114.24 -36.64
N VAL C 791 -62.02 114.29 -36.48
CA VAL C 791 -61.30 113.68 -35.32
C VAL C 791 -60.09 114.51 -34.83
N VAL C 792 -59.94 114.61 -33.50
CA VAL C 792 -58.75 115.24 -32.86
C VAL C 792 -58.04 114.22 -31.96
N SER C 793 -56.71 114.29 -31.92
CA SER C 793 -55.86 113.37 -31.14
C SER C 793 -54.73 114.15 -30.40
N PHE C 794 -54.37 113.68 -29.20
CA PHE C 794 -53.26 114.26 -28.41
C PHE C 794 -52.81 113.36 -27.26
N SER C 795 -51.60 113.60 -26.75
CA SER C 795 -51.12 112.96 -25.52
C SER C 795 -51.50 113.86 -24.34
N ALA C 796 -52.12 113.26 -23.33
CA ALA C 796 -52.87 113.97 -22.25
C ALA C 796 -52.14 115.17 -21.61
N GLY C 797 -52.90 116.27 -21.42
CA GLY C 797 -52.35 117.55 -21.02
C GLY C 797 -52.79 118.65 -21.96
N ILE C 798 -52.72 118.39 -23.26
CA ILE C 798 -52.94 119.41 -24.29
C ILE C 798 -54.43 119.87 -24.30
N LYS C 799 -54.66 121.17 -24.08
CA LYS C 799 -56.01 121.76 -23.94
C LYS C 799 -56.45 122.52 -25.22
N VAL C 800 -57.68 122.28 -25.68
CA VAL C 800 -58.23 122.85 -26.95
C VAL C 800 -59.77 123.14 -26.90
N ARG C 801 -60.21 124.16 -27.66
CA ARG C 801 -61.65 124.40 -27.96
C ARG C 801 -62.01 123.92 -29.39
N PHE C 802 -63.16 123.24 -29.52
CA PHE C 802 -63.85 123.08 -30.83
C PHE C 802 -64.66 124.35 -31.18
N LEU C 803 -64.70 124.71 -32.47
CA LEU C 803 -65.50 125.86 -32.95
C LEU C 803 -66.29 125.48 -34.25
N LEU C 804 -67.37 124.70 -34.06
CA LEU C 804 -68.27 124.25 -35.14
C LEU C 804 -69.25 125.36 -35.59
N GLY C 805 -69.62 126.26 -34.66
CA GLY C 805 -70.41 127.45 -35.00
C GLY C 805 -71.16 128.08 -33.84
N GLY C 806 -71.41 129.38 -33.97
CA GLY C 806 -72.22 130.14 -33.01
C GLY C 806 -71.49 130.57 -31.76
N ARG C 807 -72.20 130.56 -30.63
CA ARG C 807 -71.62 130.85 -29.32
C ARG C 807 -70.72 129.70 -28.84
N HIS C 808 -71.10 128.47 -29.21
CA HIS C 808 -70.28 127.29 -28.92
C HIS C 808 -68.96 127.37 -29.68
N GLY C 809 -69.02 127.89 -30.91
CA GLY C 809 -67.85 128.05 -31.76
C GLY C 809 -67.73 129.43 -32.39
N GLU C 810 -67.10 130.34 -31.67
CA GLU C 810 -66.81 131.69 -32.17
C GLU C 810 -65.67 131.62 -33.21
N PHE C 811 -66.02 131.57 -34.50
CA PHE C 811 -65.00 131.52 -35.60
C PHE C 811 -64.09 132.77 -35.59
N LYS C 812 -62.77 132.57 -35.49
CA LYS C 812 -61.79 133.66 -35.63
C LYS C 812 -61.27 133.89 -37.07
N PHE C 813 -61.71 133.04 -38.02
CA PHE C 813 -61.27 133.10 -39.44
C PHE C 813 -62.29 132.50 -40.43
N LEU C 814 -62.68 133.28 -41.45
CA LEU C 814 -63.70 132.86 -42.43
C LEU C 814 -63.15 131.82 -43.41
N PRO C 815 -64.02 130.95 -43.97
CA PRO C 815 -63.54 129.84 -44.81
C PRO C 815 -63.23 130.24 -46.27
N PRO C 816 -62.80 129.27 -47.11
CA PRO C 816 -62.72 129.48 -48.57
C PRO C 816 -64.12 129.52 -49.24
N PRO C 817 -64.18 129.70 -50.58
CA PRO C 817 -65.49 129.84 -51.25
C PRO C 817 -66.36 128.58 -51.28
N GLY C 818 -67.57 128.68 -50.71
CA GLY C 818 -68.63 127.68 -50.88
C GLY C 818 -68.66 126.51 -49.93
N TYR C 819 -68.46 126.76 -48.63
CA TYR C 819 -68.47 125.71 -47.57
C TYR C 819 -69.59 125.95 -46.52
N ALA C 820 -70.16 124.86 -45.99
CA ALA C 820 -71.26 124.90 -44.98
C ALA C 820 -70.69 124.72 -43.54
N PRO C 821 -71.01 125.65 -42.58
CA PRO C 821 -70.57 125.44 -41.17
C PRO C 821 -71.20 124.20 -40.47
N CYS C 822 -70.42 123.56 -39.59
CA CYS C 822 -70.75 122.23 -39.00
C CYS C 822 -72.01 122.16 -38.09
N TYR C 823 -72.50 123.31 -37.61
CA TYR C 823 -73.82 123.37 -36.93
C TYR C 823 -74.98 122.92 -37.85
N GLU C 824 -74.76 122.97 -39.16
CA GLU C 824 -75.75 122.64 -40.20
C GLU C 824 -75.94 121.11 -40.51
N ALA C 825 -75.18 120.21 -39.86
CA ALA C 825 -75.36 118.75 -40.06
C ALA C 825 -75.02 117.86 -38.83
N VAL C 826 -75.47 118.30 -37.65
CA VAL C 826 -75.43 117.46 -36.43
C VAL C 826 -76.70 116.58 -36.41
N LEU C 827 -76.56 115.30 -36.01
CA LEU C 827 -77.71 114.37 -35.92
C LEU C 827 -78.71 114.79 -34.80
N PRO C 828 -80.04 114.71 -35.09
CA PRO C 828 -81.06 115.30 -34.21
C PRO C 828 -81.51 114.41 -33.01
N LYS C 829 -82.57 114.84 -32.31
CA LYS C 829 -83.13 114.17 -31.11
C LYS C 829 -82.16 114.18 -29.91
N GLU C 830 -81.09 113.40 -29.98
CA GLU C 830 -80.04 113.40 -28.93
C GLU C 830 -79.20 114.70 -28.97
N LYS C 831 -78.75 115.18 -27.80
CA LYS C 831 -78.02 116.46 -27.68
C LYS C 831 -76.60 116.40 -28.28
N LEU C 832 -76.17 117.52 -28.90
CA LEU C 832 -74.83 117.63 -29.53
C LEU C 832 -73.70 117.58 -28.49
N LYS C 833 -72.69 116.73 -28.74
CA LYS C 833 -71.57 116.49 -27.84
C LYS C 833 -70.32 116.01 -28.61
N VAL C 834 -69.21 115.91 -27.89
CA VAL C 834 -67.97 115.35 -28.44
C VAL C 834 -67.98 113.83 -28.18
N GLU C 835 -67.70 113.40 -26.95
CA GLU C 835 -67.60 111.96 -26.55
C GLU C 835 -66.35 111.21 -27.09
N HIS C 836 -66.11 110.01 -26.55
CA HIS C 836 -64.85 109.22 -26.76
C HIS C 836 -64.63 108.61 -28.17
N SER C 837 -65.70 108.18 -28.84
CA SER C 837 -65.69 107.40 -30.11
C SER C 837 -65.51 105.88 -29.87
N ARG C 838 -66.47 105.06 -30.33
CA ARG C 838 -66.57 103.62 -29.96
C ARG C 838 -66.57 103.42 -28.41
N GLU C 839 -65.37 103.30 -27.81
CA GLU C 839 -65.18 103.34 -26.33
C GLU C 839 -65.71 102.11 -25.54
N TYR C 840 -64.89 101.63 -24.60
CA TYR C 840 -65.26 100.49 -23.73
C TYR C 840 -65.28 100.82 -22.21
N LYS C 841 -64.72 101.96 -21.78
CA LYS C 841 -64.41 102.20 -20.35
C LYS C 841 -64.36 103.66 -19.87
N GLN C 842 -65.46 104.15 -19.30
CA GLN C 842 -65.44 105.31 -18.40
C GLN C 842 -65.12 104.82 -16.97
N GLU C 843 -64.41 105.66 -16.20
CA GLU C 843 -63.99 105.36 -14.80
C GLU C 843 -65.08 105.72 -13.76
N ARG C 844 -66.07 104.82 -13.59
CA ARG C 844 -67.20 105.02 -12.66
C ARG C 844 -66.78 104.79 -11.19
N THR C 845 -67.53 105.36 -10.24
CA THR C 845 -67.25 105.24 -8.79
C THR C 845 -67.38 103.81 -8.22
N TYR C 846 -68.31 103.00 -8.78
CA TYR C 846 -68.39 101.55 -8.51
C TYR C 846 -67.06 100.87 -8.89
N THR C 847 -66.65 101.10 -10.13
CA THR C 847 -65.48 100.45 -10.76
C THR C 847 -65.33 100.89 -12.25
N ARG C 848 -64.53 100.16 -13.02
CA ARG C 848 -64.34 100.44 -14.46
C ARG C 848 -65.57 99.95 -15.25
N ASP C 849 -66.42 100.89 -15.67
CA ASP C 849 -67.68 100.59 -16.39
C ASP C 849 -67.43 99.99 -17.80
N LEU C 850 -68.30 99.04 -18.21
CA LEU C 850 -68.09 98.19 -19.42
C LEU C 850 -69.15 98.39 -20.55
N LEU C 851 -69.01 99.49 -21.32
CA LEU C 851 -69.98 99.90 -22.37
C LEU C 851 -69.48 99.66 -23.82
N GLY C 852 -70.32 99.99 -24.81
CA GLY C 852 -69.96 99.93 -26.26
C GLY C 852 -70.80 98.95 -27.08
N PRO C 853 -70.55 98.81 -28.41
CA PRO C 853 -69.57 99.62 -29.17
C PRO C 853 -70.18 100.48 -30.32
N THR C 854 -71.33 101.13 -30.08
CA THR C 854 -71.96 102.09 -31.04
C THR C 854 -72.32 101.49 -32.43
N VAL C 855 -72.67 102.35 -33.39
CA VAL C 855 -72.90 101.95 -34.81
C VAL C 855 -72.71 103.11 -35.83
N SER C 856 -73.61 104.11 -35.80
CA SER C 856 -73.63 105.20 -36.80
C SER C 856 -74.53 106.36 -36.35
N PHE C 862 -76.47 108.41 -40.20
CA PHE C 862 -76.55 107.69 -41.46
C PHE C 862 -77.30 108.52 -42.51
N THR C 863 -76.89 108.37 -43.78
CA THR C 863 -77.40 109.22 -44.88
C THR C 863 -78.81 108.82 -45.36
N PRO C 864 -79.62 109.80 -45.83
CA PRO C 864 -80.99 109.53 -46.34
C PRO C 864 -81.11 109.13 -47.84
N ILE C 865 -82.25 108.52 -48.19
CA ILE C 865 -82.65 108.23 -49.59
C ILE C 865 -84.16 107.87 -49.65
N PRO C 866 -84.97 108.63 -50.46
CA PRO C 866 -86.43 108.32 -50.59
C PRO C 866 -86.73 107.00 -51.34
N VAL C 867 -87.83 106.32 -50.97
CA VAL C 867 -88.29 105.08 -51.64
C VAL C 867 -88.85 105.40 -53.05
N ASP C 868 -88.58 104.51 -54.02
CA ASP C 868 -89.06 104.66 -55.42
C ASP C 868 -90.62 104.61 -55.49
N THR C 869 -91.22 105.64 -56.12
CA THR C 869 -92.69 105.80 -56.23
C THR C 869 -93.23 106.18 -57.63
N SER C 870 -92.35 106.26 -58.65
CA SER C 870 -92.74 106.72 -59.99
C SER C 870 -92.96 105.58 -61.01
N GLN C 871 -93.23 104.36 -60.50
CA GLN C 871 -93.35 103.16 -61.35
C GLN C 871 -94.82 102.69 -61.50
N ILE C 872 -95.51 102.52 -60.37
CA ILE C 872 -96.90 101.97 -60.36
C ILE C 872 -97.91 102.98 -60.97
N VAL C 873 -98.78 102.49 -61.86
CA VAL C 873 -99.86 103.30 -62.48
C VAL C 873 -101.27 102.86 -61.98
N LEU C 874 -101.92 103.73 -61.19
CA LEU C 874 -103.31 103.50 -60.69
C LEU C 874 -104.36 103.68 -61.82
N PRO C 875 -105.30 102.69 -62.01
CA PRO C 875 -106.34 102.79 -63.07
C PRO C 875 -107.27 104.04 -63.00
N PRO C 876 -107.95 104.39 -64.13
CA PRO C 876 -108.99 105.46 -64.19
C PRO C 876 -110.15 105.36 -63.15
N HIS C 877 -110.51 104.15 -62.72
CA HIS C 877 -111.50 103.90 -61.62
C HIS C 877 -111.10 104.62 -60.30
N LEU C 878 -109.81 104.53 -59.96
CA LEU C 878 -109.20 105.27 -58.84
C LEU C 878 -109.11 106.79 -59.12
N GLU C 879 -108.93 107.18 -60.40
CA GLU C 879 -108.86 108.60 -60.83
C GLU C 879 -110.16 109.43 -60.59
N ARG C 880 -111.34 108.82 -60.79
CA ARG C 880 -112.63 109.53 -60.54
C ARG C 880 -112.90 109.75 -59.02
N ILE C 881 -112.64 108.70 -58.22
CA ILE C 881 -112.68 108.81 -56.74
C ILE C 881 -111.60 109.78 -56.21
N ARG C 882 -110.46 109.87 -56.93
CA ARG C 882 -109.42 110.88 -56.64
C ARG C 882 -109.92 112.34 -56.91
N GLU C 883 -110.76 112.52 -57.94
CA GLU C 883 -111.44 113.82 -58.19
C GLU C 883 -112.43 114.24 -57.07
N LYS C 884 -113.11 113.24 -56.46
CA LYS C 884 -114.04 113.48 -55.32
C LYS C 884 -113.29 113.82 -53.99
N LEU C 885 -112.31 112.98 -53.63
CA LEU C 885 -111.46 113.15 -52.41
C LEU C 885 -110.62 114.46 -52.41
N ALA C 886 -110.20 114.89 -53.62
CA ALA C 886 -109.50 116.18 -53.82
C ALA C 886 -110.38 117.43 -53.48
N GLU C 887 -111.70 117.31 -53.66
CA GLU C 887 -112.66 118.38 -53.27
C GLU C 887 -112.67 118.60 -51.72
N ASN C 888 -112.64 117.51 -50.94
CA ASN C 888 -112.63 117.63 -49.45
C ASN C 888 -111.26 118.01 -48.85
N ILE C 889 -110.16 117.55 -49.46
CA ILE C 889 -108.78 117.98 -49.04
C ILE C 889 -108.54 119.50 -49.34
N HIS C 890 -109.10 119.97 -50.47
CA HIS C 890 -109.13 121.41 -50.83
C HIS C 890 -110.00 122.23 -49.86
N GLU C 891 -111.10 121.64 -49.35
CA GLU C 891 -111.91 122.23 -48.25
C GLU C 891 -111.13 122.35 -46.92
N LEU C 892 -110.19 121.41 -46.67
CA LEU C 892 -109.30 121.46 -45.47
C LEU C 892 -108.24 122.59 -45.54
N TRP C 893 -107.52 122.69 -46.67
CA TRP C 893 -106.52 123.76 -46.88
C TRP C 893 -107.16 125.17 -46.94
N VAL C 894 -108.37 125.26 -47.49
CA VAL C 894 -109.16 126.50 -47.53
C VAL C 894 -109.66 126.91 -46.11
N MET C 895 -110.16 125.95 -45.32
CA MET C 895 -110.65 126.25 -43.94
C MET C 895 -109.51 126.59 -42.95
N ASN C 896 -108.29 126.13 -43.21
CA ASN C 896 -107.10 126.49 -42.40
C ASN C 896 -106.80 128.00 -42.41
N LYS C 897 -106.99 128.65 -43.57
CA LYS C 897 -106.63 130.06 -43.78
C LYS C 897 -107.82 131.05 -43.68
N ILE C 898 -109.01 130.66 -44.18
CA ILE C 898 -110.18 131.56 -44.22
C ILE C 898 -110.73 131.95 -42.83
N GLU C 899 -110.54 131.10 -41.82
CA GLU C 899 -110.99 131.40 -40.44
C GLU C 899 -110.37 132.67 -39.83
N LEU C 900 -109.21 133.10 -40.33
CA LEU C 900 -108.60 134.38 -39.92
C LEU C 900 -109.35 135.57 -40.53
N GLY C 901 -109.46 135.58 -41.86
CA GLY C 901 -110.15 136.66 -42.59
C GLY C 901 -109.69 136.88 -44.03
N TRP C 902 -109.83 135.84 -44.86
CA TRP C 902 -109.53 135.90 -46.29
C TRP C 902 -110.82 135.64 -47.07
N GLN C 903 -110.92 136.24 -48.26
CA GLN C 903 -112.11 136.14 -49.11
C GLN C 903 -111.72 135.60 -50.49
N TYR C 904 -112.72 135.21 -51.29
CA TYR C 904 -112.51 134.80 -52.68
C TYR C 904 -111.97 135.97 -53.51
N GLY C 905 -110.83 135.74 -54.19
CA GLY C 905 -110.19 136.76 -55.02
C GLY C 905 -109.16 136.20 -56.00
N PRO C 906 -108.53 137.09 -56.82
CA PRO C 906 -107.61 136.66 -57.89
C PRO C 906 -106.11 136.52 -57.51
N VAL C 907 -105.47 137.62 -57.14
CA VAL C 907 -103.98 137.68 -57.05
C VAL C 907 -103.36 136.82 -55.94
N ARG C 908 -102.05 136.57 -56.07
CA ARG C 908 -101.29 135.72 -55.14
C ARG C 908 -100.18 136.52 -54.44
N ASP C 909 -100.48 137.02 -53.23
CA ASP C 909 -99.54 137.78 -52.41
C ASP C 909 -100.01 137.83 -50.95
N ASP C 910 -99.08 137.97 -50.03
CA ASP C 910 -99.37 137.95 -48.59
C ASP C 910 -99.93 139.27 -48.03
N ASN C 911 -99.77 140.37 -48.77
CA ASN C 911 -100.14 141.72 -48.28
C ASN C 911 -101.65 142.00 -48.24
N LYS C 912 -102.33 141.83 -49.37
CA LYS C 912 -103.74 142.25 -49.54
C LYS C 912 -104.81 141.26 -49.00
N ARG C 913 -104.38 140.17 -48.35
CA ARG C 913 -105.28 139.17 -47.73
C ARG C 913 -106.12 138.38 -48.75
N GLN C 914 -105.51 138.01 -49.88
CA GLN C 914 -106.18 137.24 -50.95
C GLN C 914 -105.20 136.23 -51.58
N HIS C 915 -105.76 135.15 -52.16
CA HIS C 915 -104.98 134.06 -52.79
C HIS C 915 -105.85 133.34 -53.88
N PRO C 916 -105.26 132.94 -55.06
CA PRO C 916 -106.07 132.39 -56.20
C PRO C 916 -106.84 131.06 -55.96
N CYS C 917 -106.25 130.17 -55.15
CA CYS C 917 -106.87 128.89 -54.75
C CYS C 917 -108.06 128.98 -53.75
N LEU C 918 -108.33 130.17 -53.19
CA LEU C 918 -109.44 130.38 -52.22
C LEU C 918 -110.84 130.43 -52.89
N VAL C 919 -111.30 129.28 -53.37
CA VAL C 919 -112.63 129.12 -54.02
C VAL C 919 -113.05 127.62 -54.03
N GLU C 920 -114.28 127.32 -54.41
CA GLU C 920 -114.73 125.92 -54.65
C GLU C 920 -113.91 125.19 -55.73
N PHE C 921 -113.65 123.89 -55.51
CA PHE C 921 -112.80 123.07 -56.40
C PHE C 921 -113.37 122.95 -57.83
N SER C 922 -114.70 122.91 -57.95
CA SER C 922 -115.38 122.81 -59.25
C SER C 922 -115.14 124.00 -60.18
N LYS C 923 -114.92 125.19 -59.61
CA LYS C 923 -114.73 126.41 -60.39
C LYS C 923 -113.32 126.53 -60.99
N LEU C 924 -112.31 126.04 -60.27
CA LEU C 924 -110.89 126.22 -60.68
C LEU C 924 -110.51 125.45 -61.99
N PRO C 925 -109.67 126.09 -62.87
CA PRO C 925 -109.23 125.48 -64.15
C PRO C 925 -108.25 124.30 -63.95
N GLU C 926 -108.06 123.46 -64.99
CA GLU C 926 -107.25 122.21 -64.93
C GLU C 926 -105.76 122.40 -64.46
N GLN C 927 -105.07 123.39 -65.04
CA GLN C 927 -103.70 123.77 -64.62
C GLN C 927 -103.60 124.15 -63.12
N GLU C 928 -104.64 124.83 -62.61
CA GLU C 928 -104.80 125.15 -61.17
C GLU C 928 -105.42 123.97 -60.35
N ARG C 929 -106.04 122.99 -61.03
CA ARG C 929 -106.47 121.71 -60.41
C ARG C 929 -105.26 120.81 -60.01
N ASN C 930 -104.09 121.02 -60.64
CA ASN C 930 -102.83 120.31 -60.30
C ASN C 930 -102.33 120.58 -58.85
N TYR C 931 -102.65 121.78 -58.31
CA TYR C 931 -102.29 122.21 -56.92
C TYR C 931 -102.73 121.21 -55.81
N ASN C 932 -103.87 120.53 -56.03
CA ASN C 932 -104.43 119.53 -55.09
C ASN C 932 -104.36 118.07 -55.65
N LEU C 933 -104.78 117.88 -56.91
CA LEU C 933 -104.75 116.57 -57.60
C LEU C 933 -103.36 115.90 -57.72
N GLN C 934 -102.29 116.70 -57.91
CA GLN C 934 -100.93 116.13 -58.09
C GLN C 934 -100.31 115.54 -56.79
N MET C 935 -100.37 116.28 -55.67
CA MET C 935 -99.86 115.80 -54.36
C MET C 935 -100.68 114.63 -53.76
N SER C 936 -102.01 114.69 -53.93
CA SER C 936 -102.92 113.60 -53.50
C SER C 936 -102.74 112.30 -54.35
N LEU C 937 -102.47 112.48 -55.65
CA LEU C 937 -102.20 111.36 -56.58
C LEU C 937 -100.86 110.67 -56.26
N GLU C 938 -99.84 111.47 -55.92
CA GLU C 938 -98.53 110.96 -55.44
C GLU C 938 -98.65 110.24 -54.06
N THR C 939 -99.62 110.66 -53.23
CA THR C 939 -99.91 109.99 -51.93
C THR C 939 -100.51 108.58 -52.10
N LEU C 940 -101.53 108.42 -52.97
CA LEU C 940 -102.11 107.09 -53.28
C LEU C 940 -101.14 106.19 -54.12
N LYS C 941 -100.33 106.82 -54.98
CA LYS C 941 -99.25 106.13 -55.71
C LYS C 941 -98.21 105.52 -54.74
N THR C 942 -97.88 106.25 -53.67
CA THR C 942 -96.96 105.72 -52.63
C THR C 942 -97.64 104.65 -51.73
N LEU C 943 -98.98 104.70 -51.61
CA LEU C 943 -99.77 103.59 -50.98
C LEU C 943 -99.59 102.25 -51.74
N LEU C 944 -99.62 102.29 -53.08
CA LEU C 944 -99.32 101.09 -53.90
C LEU C 944 -97.80 100.75 -53.98
N ALA C 945 -96.93 101.74 -53.76
CA ALA C 945 -95.45 101.56 -53.79
C ALA C 945 -94.89 100.57 -52.75
N LEU C 946 -95.46 100.58 -51.53
CA LEU C 946 -95.06 99.64 -50.46
C LEU C 946 -95.75 98.25 -50.58
N GLY C 947 -96.77 98.16 -51.44
CA GLY C 947 -97.51 96.91 -51.71
C GLY C 947 -98.70 96.67 -50.78
N CYS C 948 -99.35 97.76 -50.35
CA CYS C 948 -100.52 97.72 -49.43
C CYS C 948 -101.86 98.09 -50.12
N HIS C 949 -102.96 97.72 -49.48
CA HIS C 949 -104.32 97.69 -50.09
C HIS C 949 -104.93 99.09 -50.37
N VAL C 950 -105.32 99.35 -51.64
CA VAL C 950 -106.06 100.57 -52.06
C VAL C 950 -107.49 100.26 -52.62
N GLY C 951 -107.86 98.98 -52.70
CA GLY C 951 -109.12 98.54 -53.34
C GLY C 951 -110.40 98.77 -52.54
N ILE C 952 -111.54 98.77 -53.24
CA ILE C 952 -112.87 99.07 -52.65
C ILE C 952 -113.39 97.98 -51.67
N SER C 953 -114.04 98.44 -50.60
CA SER C 953 -114.72 97.57 -49.62
C SER C 953 -116.23 97.85 -49.63
N ASP C 954 -116.59 99.11 -49.44
CA ASP C 954 -118.00 99.56 -49.46
C ASP C 954 -118.21 100.68 -50.50
N GLU C 955 -119.46 101.03 -50.73
CA GLU C 955 -119.83 102.03 -51.74
C GLU C 955 -119.47 103.45 -51.32
N HIS C 956 -119.47 104.36 -52.29
CA HIS C 956 -118.94 105.72 -52.12
C HIS C 956 -120.03 106.69 -51.64
N ALA C 957 -120.02 106.99 -50.34
CA ALA C 957 -121.02 107.87 -49.72
C ALA C 957 -120.66 109.34 -49.93
N TYR C 970 -117.74 125.89 -36.10
CA TYR C 970 -117.98 126.26 -37.49
C TYR C 970 -118.71 127.61 -37.56
N GLN C 971 -118.33 128.42 -38.56
CA GLN C 971 -118.83 129.79 -38.72
C GLN C 971 -119.33 130.01 -40.14
N LEU C 972 -119.75 131.24 -40.45
CA LEU C 972 -120.14 131.66 -41.81
C LEU C 972 -119.33 132.89 -42.23
N THR C 973 -118.97 132.96 -43.52
CA THR C 973 -118.10 134.02 -44.06
C THR C 973 -118.50 134.44 -45.48
N SER C 974 -117.86 135.48 -45.98
CA SER C 974 -118.04 135.94 -47.37
C SER C 974 -117.37 134.96 -48.35
N GLY C 975 -117.93 134.89 -49.56
CA GLY C 975 -117.46 133.95 -50.58
C GLY C 975 -118.02 132.56 -50.38
N TYR C 976 -117.33 131.57 -50.95
CA TYR C 976 -117.75 130.17 -50.87
C TYR C 976 -117.47 129.57 -49.49
N LYS C 977 -118.39 128.74 -49.00
CA LYS C 977 -118.26 128.08 -47.69
C LYS C 977 -118.78 126.63 -47.73
N PRO C 978 -117.88 125.64 -47.70
CA PRO C 978 -118.24 124.23 -47.67
C PRO C 978 -118.23 123.62 -46.26
N ALA C 979 -118.90 122.47 -46.11
CA ALA C 979 -118.93 121.71 -44.86
C ALA C 979 -119.17 120.23 -45.18
N PRO C 980 -118.09 119.43 -45.36
CA PRO C 980 -118.27 118.02 -45.74
C PRO C 980 -118.85 117.13 -44.62
N MET C 981 -119.16 115.87 -44.96
CA MET C 981 -119.57 114.87 -43.97
C MET C 981 -118.41 114.73 -42.96
N ASP C 982 -118.70 114.91 -41.67
CA ASP C 982 -117.64 115.09 -40.66
C ASP C 982 -116.71 113.88 -40.56
N LEU C 983 -115.43 114.15 -40.31
CA LEU C 983 -114.35 113.14 -40.44
C LEU C 983 -114.01 112.40 -39.15
N SER C 984 -114.09 113.08 -38.01
CA SER C 984 -113.54 112.57 -36.74
C SER C 984 -114.34 111.48 -36.02
N PHE C 985 -115.47 111.05 -36.58
CA PHE C 985 -116.36 110.07 -35.90
C PHE C 985 -115.88 108.62 -35.94
N ILE C 986 -115.41 108.16 -37.10
CA ILE C 986 -115.05 106.73 -37.31
C ILE C 986 -113.86 106.26 -36.46
N LYS C 987 -113.85 104.96 -36.13
CA LYS C 987 -112.75 104.30 -35.38
C LYS C 987 -111.72 103.60 -36.31
N LEU C 988 -110.59 104.27 -36.53
CA LEU C 988 -109.53 103.78 -37.45
C LEU C 988 -108.82 102.51 -36.92
N THR C 989 -108.43 101.61 -37.83
CA THR C 989 -107.69 100.38 -37.50
C THR C 989 -106.24 100.73 -37.03
N PRO C 990 -105.70 100.02 -36.00
CA PRO C 990 -104.31 100.28 -35.49
C PRO C 990 -103.18 100.20 -36.55
N SER C 991 -103.32 99.27 -37.51
CA SER C 991 -102.39 99.15 -38.65
C SER C 991 -102.43 100.36 -39.62
N GLN C 992 -103.58 101.03 -39.70
CA GLN C 992 -103.76 102.21 -40.57
C GLN C 992 -102.99 103.47 -40.10
N GLU C 993 -102.93 103.70 -38.78
CA GLU C 993 -102.13 104.80 -38.16
C GLU C 993 -100.60 104.75 -38.46
N ALA C 994 -100.04 103.56 -38.60
CA ALA C 994 -98.62 103.38 -38.98
C ALA C 994 -98.31 103.80 -40.44
N MET C 995 -99.25 103.53 -41.35
CA MET C 995 -99.12 103.78 -42.82
C MET C 995 -98.89 105.26 -43.17
N VAL C 996 -99.68 106.13 -42.52
CA VAL C 996 -99.61 107.60 -42.71
C VAL C 996 -98.26 108.23 -42.28
N ASP C 997 -97.63 107.68 -41.23
CA ASP C 997 -96.28 108.12 -40.77
C ASP C 997 -95.18 107.87 -41.84
N LYS C 998 -95.25 106.72 -42.53
CA LYS C 998 -94.30 106.39 -43.62
C LYS C 998 -94.57 107.24 -44.90
N LEU C 999 -95.83 107.64 -45.11
CA LEU C 999 -96.20 108.57 -46.19
C LEU C 999 -95.64 110.01 -45.97
N ALA C 1000 -95.72 110.50 -44.72
CA ALA C 1000 -95.14 111.81 -44.34
C ALA C 1000 -93.60 111.83 -44.37
N GLU C 1001 -92.97 110.68 -44.04
CA GLU C 1001 -91.50 110.46 -44.24
C GLU C 1001 -91.11 110.57 -45.73
N ASN C 1002 -91.95 110.01 -46.62
CA ASN C 1002 -91.69 109.96 -48.07
C ASN C 1002 -91.86 111.33 -48.78
N ALA C 1003 -92.92 112.07 -48.44
CA ALA C 1003 -93.14 113.45 -48.94
C ALA C 1003 -92.09 114.46 -48.39
N HIS C 1004 -91.67 114.25 -47.14
CA HIS C 1004 -90.57 115.03 -46.52
C HIS C 1004 -89.17 114.71 -47.13
N ASN C 1005 -88.99 113.48 -47.64
CA ASN C 1005 -87.73 113.04 -48.32
C ASN C 1005 -87.63 113.45 -49.80
N VAL C 1006 -88.75 113.39 -50.55
CA VAL C 1006 -88.80 113.98 -51.92
C VAL C 1006 -88.65 115.52 -51.89
N TRP C 1007 -89.22 116.17 -50.85
CA TRP C 1007 -88.99 117.61 -50.57
C TRP C 1007 -87.51 117.90 -50.15
N ALA C 1008 -86.88 116.92 -49.49
CA ALA C 1008 -85.44 116.96 -49.14
C ALA C 1008 -84.53 116.83 -50.40
N ARG C 1009 -84.97 116.03 -51.37
CA ARG C 1009 -84.32 115.91 -52.70
C ARG C 1009 -84.51 117.21 -53.52
N ASP C 1010 -85.65 117.90 -53.33
CA ASP C 1010 -85.90 119.23 -53.92
C ASP C 1010 -84.94 120.33 -53.38
N ARG C 1011 -84.55 120.22 -52.10
CA ARG C 1011 -83.62 121.17 -51.45
C ARG C 1011 -82.12 120.83 -51.71
N ILE C 1012 -81.82 119.53 -51.86
CA ILE C 1012 -80.57 119.01 -52.47
C ILE C 1012 -80.35 119.57 -53.89
N ARG C 1013 -81.46 119.72 -54.64
CA ARG C 1013 -81.47 120.38 -55.96
C ARG C 1013 -81.52 121.93 -55.87
N GLN C 1014 -81.89 122.46 -54.70
CA GLN C 1014 -81.94 123.91 -54.42
C GLN C 1014 -80.72 124.37 -53.58
N ARG C 1027 -77.21 130.97 -45.08
CA ARG C 1027 -78.46 130.31 -44.72
C ARG C 1027 -78.36 128.79 -44.84
N ARG C 1028 -79.27 128.10 -44.15
CA ARG C 1028 -79.44 126.66 -44.28
C ARG C 1028 -80.76 126.23 -43.63
N ASN C 1029 -81.40 125.23 -44.21
CA ASN C 1029 -82.64 124.63 -43.66
C ASN C 1029 -82.30 123.45 -42.70
N PRO C 1030 -82.90 123.47 -41.46
CA PRO C 1030 -82.74 122.34 -40.52
C PRO C 1030 -83.59 121.10 -40.86
N ARG C 1031 -84.73 121.29 -41.57
CA ARG C 1031 -85.64 120.20 -42.03
C ARG C 1031 -85.16 119.31 -43.22
N LEU C 1032 -83.93 119.55 -43.72
CA LEU C 1032 -83.18 118.53 -44.53
C LEU C 1032 -83.04 117.15 -43.81
N VAL C 1033 -82.91 117.20 -42.48
CA VAL C 1033 -82.80 116.01 -41.58
C VAL C 1033 -84.02 115.03 -41.68
N PRO C 1034 -83.76 113.70 -41.76
CA PRO C 1034 -84.86 112.72 -42.01
C PRO C 1034 -86.04 112.86 -41.03
N TYR C 1035 -87.26 112.61 -41.52
CA TYR C 1035 -88.52 112.84 -40.77
C TYR C 1035 -88.66 112.02 -39.45
N THR C 1036 -88.13 110.79 -39.43
CA THR C 1036 -88.22 109.91 -38.24
C THR C 1036 -87.40 110.43 -37.03
N LEU C 1037 -86.31 111.17 -37.31
CA LEU C 1037 -85.40 111.70 -36.28
C LEU C 1037 -85.72 113.14 -35.79
N LEU C 1038 -86.56 113.89 -36.54
CA LEU C 1038 -87.01 115.25 -36.14
C LEU C 1038 -88.09 115.22 -35.02
N ASP C 1039 -88.18 116.32 -34.25
CA ASP C 1039 -89.10 116.43 -33.08
C ASP C 1039 -90.61 116.29 -33.45
N ASP C 1040 -91.38 115.72 -32.51
CA ASP C 1040 -92.82 115.42 -32.68
C ASP C 1040 -93.71 116.67 -32.94
N ARG C 1041 -93.32 117.81 -32.36
CA ARG C 1041 -93.93 119.13 -32.65
C ARG C 1041 -93.82 119.53 -34.15
N THR C 1042 -92.66 119.24 -34.76
CA THR C 1042 -92.43 119.39 -36.21
C THR C 1042 -93.16 118.29 -37.04
N LYS C 1043 -93.37 117.10 -36.44
CA LYS C 1043 -94.20 116.03 -37.05
C LYS C 1043 -95.71 116.40 -37.20
N LYS C 1044 -96.22 117.28 -36.31
CA LYS C 1044 -97.68 117.56 -36.20
C LYS C 1044 -98.40 118.18 -37.45
N SER C 1045 -97.67 118.85 -38.33
CA SER C 1045 -98.25 119.52 -39.54
C SER C 1045 -98.63 118.53 -40.68
N ASN C 1046 -97.66 117.75 -41.15
CA ASN C 1046 -97.90 116.67 -42.16
C ASN C 1046 -98.82 115.56 -41.60
N LYS C 1047 -98.71 115.28 -40.29
CA LYS C 1047 -99.66 114.45 -39.52
C LYS C 1047 -101.12 114.92 -39.67
N ASP C 1048 -101.34 116.23 -39.50
CA ASP C 1048 -102.70 116.84 -39.62
C ASP C 1048 -103.29 116.77 -41.05
N SER C 1049 -102.45 117.01 -42.07
CA SER C 1049 -102.88 117.01 -43.49
C SER C 1049 -103.25 115.59 -44.02
N LEU C 1050 -102.38 114.62 -43.75
CA LEU C 1050 -102.58 113.24 -44.24
C LEU C 1050 -103.59 112.44 -43.38
N ARG C 1051 -103.70 112.73 -42.07
CA ARG C 1051 -104.78 112.19 -41.20
C ARG C 1051 -106.19 112.64 -41.64
N GLU C 1052 -106.31 113.90 -42.08
CA GLU C 1052 -107.58 114.43 -42.67
C GLU C 1052 -107.95 113.69 -43.98
N ALA C 1053 -106.98 113.59 -44.89
CA ALA C 1053 -107.14 112.92 -46.21
C ALA C 1053 -107.53 111.42 -46.10
N VAL C 1054 -106.89 110.70 -45.15
CA VAL C 1054 -107.23 109.26 -44.88
C VAL C 1054 -108.59 109.09 -44.16
N ARG C 1055 -108.99 110.08 -43.33
CA ARG C 1055 -110.36 110.12 -42.74
C ARG C 1055 -111.45 110.29 -43.83
N THR C 1056 -111.13 111.01 -44.91
CA THR C 1056 -111.99 111.08 -46.10
C THR C 1056 -111.96 109.78 -46.97
N LEU C 1057 -110.83 109.05 -46.95
CA LEU C 1057 -110.69 107.73 -47.63
C LEU C 1057 -111.60 106.60 -47.05
N LEU C 1058 -111.62 106.47 -45.71
CA LEU C 1058 -112.55 105.56 -45.01
C LEU C 1058 -113.99 106.16 -44.90
N GLY C 1059 -114.10 107.48 -45.08
CA GLY C 1059 -115.39 108.16 -45.26
C GLY C 1059 -116.05 107.84 -46.59
N TYR C 1060 -115.23 107.59 -47.62
CA TYR C 1060 -115.72 106.99 -48.88
C TYR C 1060 -115.56 105.44 -48.88
N GLY C 1061 -115.01 104.90 -47.79
CA GLY C 1061 -115.11 103.47 -47.44
C GLY C 1061 -114.01 102.53 -47.93
N TYR C 1062 -112.86 103.09 -48.35
CA TYR C 1062 -111.65 102.28 -48.70
C TYR C 1062 -111.01 101.58 -47.45
N ASN C 1063 -110.68 100.29 -47.59
CA ASN C 1063 -110.02 99.50 -46.50
C ASN C 1063 -108.49 99.73 -46.49
N LEU C 1064 -107.92 99.79 -45.29
CA LEU C 1064 -106.48 100.02 -45.08
C LEU C 1064 -105.96 99.28 -43.82
N GLU C 1065 -105.56 98.01 -44.01
CA GLU C 1065 -105.02 97.13 -42.94
C GLU C 1065 -103.63 96.54 -43.31
N ALA C 1066 -102.88 96.07 -42.28
CA ALA C 1066 -101.45 95.72 -42.40
C ALA C 1066 -101.14 94.62 -43.45
N PRO C 1067 -99.97 94.73 -44.12
CA PRO C 1067 -99.56 93.69 -45.07
C PRO C 1067 -99.09 92.41 -44.38
N ASP C 1068 -98.39 92.55 -43.25
CA ASP C 1068 -97.87 91.41 -42.51
C ASP C 1068 -98.98 90.74 -41.70
N ARG C 1084 -70.90 92.04 -34.14
CA ARG C 1084 -70.04 91.03 -33.51
C ARG C 1084 -70.36 90.81 -32.02
N PHE C 1085 -69.88 89.69 -31.50
CA PHE C 1085 -69.93 89.36 -30.05
C PHE C 1085 -68.55 89.44 -29.38
N ARG C 1086 -68.37 90.44 -28.50
CA ARG C 1086 -67.18 90.54 -27.62
C ARG C 1086 -67.17 89.40 -26.58
N ILE C 1087 -65.97 88.88 -26.26
CA ILE C 1087 -65.78 87.76 -25.30
C ILE C 1087 -64.88 88.17 -24.10
N PHE C 1088 -65.51 88.67 -23.03
CA PHE C 1088 -64.82 89.12 -21.80
C PHE C 1088 -64.44 87.91 -20.92
N ARG C 1089 -63.21 87.92 -20.36
CA ARG C 1089 -62.65 86.74 -19.65
C ARG C 1089 -61.49 87.14 -18.70
N ALA C 1090 -61.42 86.49 -17.54
CA ALA C 1090 -60.33 86.73 -16.55
C ALA C 1090 -58.99 86.04 -16.96
N GLU C 1091 -57.89 86.48 -16.34
CA GLU C 1091 -56.53 85.94 -16.63
C GLU C 1091 -56.31 84.49 -16.11
N LYS C 1092 -55.49 83.72 -16.86
CA LYS C 1092 -55.21 82.29 -16.57
C LYS C 1092 -54.53 82.01 -15.20
N THR C 1093 -53.81 83.00 -14.67
CA THR C 1093 -53.26 82.95 -13.29
C THR C 1093 -54.35 82.88 -12.19
N TYR C 1094 -55.57 83.36 -12.50
CA TYR C 1094 -56.74 83.36 -11.59
C TYR C 1094 -57.65 82.09 -11.66
N ALA C 1095 -57.20 81.03 -12.34
CA ALA C 1095 -58.03 79.82 -12.58
C ALA C 1095 -58.48 79.10 -11.29
N VAL C 1096 -59.78 78.79 -11.22
CA VAL C 1096 -60.40 78.09 -10.09
C VAL C 1096 -60.33 76.60 -10.39
N LYS C 1097 -59.77 75.82 -9.47
CA LYS C 1097 -59.70 74.34 -9.55
C LYS C 1097 -60.35 73.66 -8.33
N ALA C 1098 -59.97 74.13 -7.14
CA ALA C 1098 -60.54 73.67 -5.85
C ALA C 1098 -60.90 74.85 -4.93
N GLY C 1099 -61.83 74.60 -3.99
CA GLY C 1099 -62.36 75.63 -3.08
C GLY C 1099 -63.57 76.37 -3.64
N ARG C 1100 -64.39 76.95 -2.75
CA ARG C 1100 -65.59 77.72 -3.13
C ARG C 1100 -65.21 79.15 -3.61
N TRP C 1101 -65.97 79.67 -4.58
CA TRP C 1101 -65.69 80.99 -5.22
C TRP C 1101 -66.97 81.74 -5.63
N TYR C 1102 -66.87 83.07 -5.75
CA TYR C 1102 -68.02 83.95 -6.05
C TYR C 1102 -67.63 85.24 -6.81
N PHE C 1103 -68.17 85.42 -8.03
CA PHE C 1103 -68.11 86.70 -8.79
C PHE C 1103 -69.52 87.31 -9.01
N GLU C 1104 -69.57 88.53 -9.56
CA GLU C 1104 -70.85 89.21 -9.85
C GLU C 1104 -70.98 89.77 -11.28
N PHE C 1105 -72.23 90.11 -11.63
CA PHE C 1105 -72.57 90.79 -12.88
C PHE C 1105 -73.76 91.75 -12.67
N GLU C 1106 -73.47 93.05 -12.46
CA GLU C 1106 -74.48 94.11 -12.56
C GLU C 1106 -74.88 94.30 -14.05
N ALA C 1107 -76.19 94.34 -14.34
CA ALA C 1107 -76.71 94.42 -15.71
C ALA C 1107 -77.30 95.82 -16.02
N VAL C 1108 -76.47 96.71 -16.58
CA VAL C 1108 -76.79 98.15 -16.73
C VAL C 1108 -77.92 98.41 -17.75
N THR C 1109 -77.96 97.63 -18.84
CA THR C 1109 -79.00 97.79 -19.88
C THR C 1109 -79.46 96.41 -20.40
N SER C 1110 -80.74 96.32 -20.78
CA SER C 1110 -81.36 95.05 -21.15
C SER C 1110 -81.02 94.61 -22.58
N GLY C 1111 -80.46 93.40 -22.71
CA GLY C 1111 -80.16 92.80 -24.01
C GLY C 1111 -79.88 91.31 -23.93
N ASP C 1112 -79.27 90.75 -24.97
CA ASP C 1112 -78.96 89.31 -25.05
C ASP C 1112 -77.56 88.98 -24.45
N MET C 1113 -77.37 89.35 -23.17
CA MET C 1113 -76.07 89.21 -22.47
C MET C 1113 -75.94 87.79 -21.86
N ARG C 1114 -74.69 87.27 -21.80
CA ARG C 1114 -74.40 85.88 -21.35
C ARG C 1114 -73.32 85.81 -20.24
N VAL C 1115 -73.73 85.82 -18.97
CA VAL C 1115 -72.80 85.76 -17.80
C VAL C 1115 -72.74 84.37 -17.11
N GLY C 1116 -71.52 83.92 -16.76
CA GLY C 1116 -71.30 82.62 -16.08
C GLY C 1116 -69.85 82.12 -16.07
N TRP C 1117 -69.63 80.93 -15.50
CA TRP C 1117 -68.28 80.29 -15.47
C TRP C 1117 -67.97 79.59 -16.82
N SER C 1118 -66.69 79.58 -17.22
CA SER C 1118 -66.24 78.89 -18.46
C SER C 1118 -64.73 78.58 -18.50
N ARG C 1119 -64.36 77.53 -19.24
CA ARG C 1119 -62.95 77.09 -19.36
C ARG C 1119 -62.15 77.93 -20.41
N PRO C 1120 -60.81 78.10 -20.20
CA PRO C 1120 -59.93 78.57 -21.28
C PRO C 1120 -59.50 77.40 -22.21
N GLY C 1121 -58.98 77.73 -23.39
CA GLY C 1121 -58.53 76.72 -24.38
C GLY C 1121 -57.68 77.29 -25.51
N GLU C 1127 -68.57 81.97 -29.62
CA GLU C 1127 -69.90 82.29 -29.10
C GLU C 1127 -70.18 81.49 -27.82
N LEU C 1128 -70.62 82.17 -26.76
CA LEU C 1128 -70.74 81.55 -25.41
C LEU C 1128 -71.82 80.44 -25.35
N GLY C 1129 -71.43 79.27 -24.81
CA GLY C 1129 -72.36 78.17 -24.49
C GLY C 1129 -72.73 77.20 -25.62
N SER C 1130 -72.24 77.46 -26.84
CA SER C 1130 -72.47 76.56 -27.99
C SER C 1130 -71.64 75.24 -27.91
N ASP C 1131 -70.52 75.28 -27.17
CA ASP C 1131 -69.57 74.15 -27.03
C ASP C 1131 -69.51 73.54 -25.60
N GLU C 1132 -68.68 72.50 -25.43
CA GLU C 1132 -68.44 71.86 -24.11
C GLU C 1132 -67.66 72.75 -23.09
N ARG C 1133 -67.04 73.83 -23.59
CA ARG C 1133 -66.14 74.70 -22.78
C ARG C 1133 -66.79 75.78 -21.87
N ALA C 1134 -68.11 76.01 -21.97
CA ALA C 1134 -68.80 77.10 -21.23
C ALA C 1134 -70.09 76.70 -20.46
N PHE C 1135 -70.44 77.51 -19.45
CA PHE C 1135 -71.65 77.30 -18.60
C PHE C 1135 -72.30 78.65 -18.19
N ALA C 1136 -73.48 78.95 -18.75
CA ALA C 1136 -74.10 80.30 -18.66
C ALA C 1136 -75.61 80.34 -18.38
N PHE C 1137 -76.06 81.52 -17.91
CA PHE C 1137 -77.46 81.85 -17.62
C PHE C 1137 -77.80 83.15 -18.40
N ASP C 1138 -78.83 83.07 -19.26
CA ASP C 1138 -79.26 84.20 -20.10
C ASP C 1138 -80.66 84.68 -19.66
N GLY C 1139 -80.77 85.97 -19.34
CA GLY C 1139 -82.02 86.59 -18.89
C GLY C 1139 -82.75 87.46 -19.92
N PHE C 1140 -82.65 87.08 -21.20
CA PHE C 1140 -83.49 87.65 -22.27
C PHE C 1140 -84.47 86.55 -22.70
N LYS C 1141 -83.98 85.54 -23.44
CA LYS C 1141 -84.80 84.40 -23.89
C LYS C 1141 -85.15 83.39 -22.76
N ALA C 1142 -84.36 83.39 -21.68
CA ALA C 1142 -84.61 82.59 -20.45
C ALA C 1142 -84.30 81.08 -20.58
N GLN C 1143 -83.00 80.77 -20.68
CA GLN C 1143 -82.51 79.38 -20.85
C GLN C 1143 -80.99 79.23 -20.60
N ARG C 1144 -80.55 78.04 -20.17
CA ARG C 1144 -79.13 77.66 -20.11
C ARG C 1144 -78.57 77.41 -21.52
N TRP C 1145 -77.32 77.84 -21.75
CA TRP C 1145 -76.56 77.53 -22.96
C TRP C 1145 -75.32 76.68 -22.61
N HIS C 1146 -75.46 75.37 -22.78
CA HIS C 1146 -74.34 74.41 -22.78
C HIS C 1146 -74.60 73.33 -23.86
N GLN C 1147 -73.70 73.23 -24.84
CA GLN C 1147 -73.84 72.31 -25.98
C GLN C 1147 -75.23 72.40 -26.65
N GLY C 1148 -75.70 73.64 -26.87
CA GLY C 1148 -77.07 73.92 -27.34
C GLY C 1148 -78.07 74.23 -26.23
N ASN C 1149 -79.31 74.54 -26.62
CA ASN C 1149 -80.33 75.13 -25.71
C ASN C 1149 -81.00 74.14 -24.73
N GLU C 1150 -81.30 74.63 -23.52
CA GLU C 1150 -82.16 73.94 -22.53
C GLU C 1150 -82.76 74.98 -21.55
N HIS C 1151 -84.07 74.87 -21.28
CA HIS C 1151 -84.88 75.92 -20.60
C HIS C 1151 -84.53 76.12 -19.10
N TYR C 1152 -84.60 77.37 -18.62
CA TYR C 1152 -84.08 77.77 -17.30
C TYR C 1152 -84.45 79.20 -16.87
N GLY C 1153 -85.23 79.33 -15.80
CA GLY C 1153 -85.34 80.60 -15.03
C GLY C 1153 -86.21 81.73 -15.55
N ARG C 1154 -86.42 82.73 -14.67
CA ARG C 1154 -87.13 83.98 -15.01
C ARG C 1154 -86.15 85.00 -15.63
N SER C 1155 -86.62 85.75 -16.65
CA SER C 1155 -85.81 86.78 -17.30
C SER C 1155 -85.55 87.97 -16.37
N TRP C 1156 -84.36 88.56 -16.44
CA TRP C 1156 -84.03 89.74 -15.63
C TRP C 1156 -84.47 91.08 -16.27
N GLN C 1157 -84.90 92.03 -15.43
CA GLN C 1157 -85.16 93.42 -15.86
C GLN C 1157 -83.83 94.22 -15.89
N ALA C 1158 -83.82 95.34 -16.61
CA ALA C 1158 -82.64 96.23 -16.67
C ALA C 1158 -82.23 96.75 -15.28
N GLY C 1159 -80.91 96.85 -15.05
CA GLY C 1159 -80.35 97.31 -13.75
C GLY C 1159 -80.10 96.24 -12.68
N ASP C 1160 -80.53 94.99 -12.94
CA ASP C 1160 -80.45 93.88 -11.93
C ASP C 1160 -79.00 93.40 -11.70
N VAL C 1161 -78.66 93.11 -10.43
CA VAL C 1161 -77.35 92.53 -10.03
C VAL C 1161 -77.44 90.99 -9.98
N VAL C 1162 -77.03 90.34 -11.08
CA VAL C 1162 -76.94 88.86 -11.19
C VAL C 1162 -75.75 88.38 -10.31
N GLY C 1163 -75.95 87.27 -9.59
CA GLY C 1163 -74.91 86.65 -8.74
C GLY C 1163 -74.49 85.28 -9.27
N CYS C 1164 -73.18 84.98 -9.23
CA CYS C 1164 -72.64 83.72 -9.83
C CYS C 1164 -71.68 82.93 -8.88
N MET C 1165 -72.29 82.00 -8.13
CA MET C 1165 -71.59 81.03 -7.25
C MET C 1165 -70.99 79.83 -8.04
N VAL C 1166 -69.87 79.30 -7.54
CA VAL C 1166 -69.38 77.96 -7.91
C VAL C 1166 -68.79 77.24 -6.66
N ASP C 1167 -69.19 75.97 -6.48
CA ASP C 1167 -68.68 75.11 -5.39
C ASP C 1167 -67.82 73.98 -6.02
N MET C 1168 -66.49 74.07 -5.90
CA MET C 1168 -65.58 73.08 -6.49
C MET C 1168 -65.46 71.81 -5.66
N ASN C 1169 -65.98 71.83 -4.42
CA ASN C 1169 -66.10 70.63 -3.59
C ASN C 1169 -67.34 69.84 -4.00
N GLU C 1170 -68.49 70.51 -4.04
CA GLU C 1170 -69.75 69.91 -4.51
C GLU C 1170 -69.81 69.70 -6.03
N HIS C 1171 -69.02 70.47 -6.78
CA HIS C 1171 -69.07 70.51 -8.25
C HIS C 1171 -70.48 70.90 -8.77
N THR C 1172 -70.93 72.07 -8.30
CA THR C 1172 -72.24 72.70 -8.67
C THR C 1172 -72.09 74.23 -8.91
N MET C 1173 -72.96 74.79 -9.76
CA MET C 1173 -72.97 76.24 -10.13
C MET C 1173 -74.34 76.91 -9.89
N MET C 1174 -74.51 77.53 -8.71
CA MET C 1174 -75.76 78.26 -8.40
C MET C 1174 -75.78 79.67 -9.04
N PHE C 1175 -76.98 80.11 -9.48
CA PHE C 1175 -77.24 81.45 -10.06
C PHE C 1175 -78.42 82.17 -9.35
N THR C 1176 -78.12 82.94 -8.30
CA THR C 1176 -79.15 83.77 -7.61
C THR C 1176 -79.42 85.05 -8.43
N LEU C 1177 -80.69 85.46 -8.51
CA LEU C 1177 -81.11 86.68 -9.24
C LEU C 1177 -81.77 87.68 -8.27
N ASN C 1178 -80.97 88.65 -7.79
CA ASN C 1178 -81.39 89.64 -6.76
C ASN C 1178 -81.97 88.98 -5.47
N GLY C 1179 -81.27 87.94 -5.01
CA GLY C 1179 -81.69 87.17 -3.82
C GLY C 1179 -82.76 86.11 -4.07
N GLU C 1180 -83.01 85.76 -5.33
CA GLU C 1180 -83.96 84.68 -5.69
C GLU C 1180 -83.21 83.46 -6.27
N ILE C 1181 -83.27 82.34 -5.54
CA ILE C 1181 -82.71 81.08 -6.02
C ILE C 1181 -83.67 80.62 -7.11
N LEU C 1182 -83.25 80.78 -8.37
CA LEU C 1182 -84.13 80.56 -9.53
C LEU C 1182 -84.34 79.06 -9.82
N LEU C 1183 -85.35 78.76 -10.65
CA LEU C 1183 -85.81 77.39 -10.91
C LEU C 1183 -86.02 77.13 -12.41
N ASP C 1184 -85.92 75.87 -12.83
CA ASP C 1184 -86.08 75.46 -14.24
C ASP C 1184 -87.23 74.43 -14.40
N ASP C 1185 -87.23 73.63 -15.49
CA ASP C 1185 -88.30 72.67 -15.77
C ASP C 1185 -88.51 71.59 -14.67
N SER C 1186 -87.42 71.14 -14.05
CA SER C 1186 -87.49 70.09 -13.01
C SER C 1186 -87.68 70.66 -11.58
N GLY C 1187 -86.60 70.89 -10.83
CA GLY C 1187 -86.69 71.45 -9.46
C GLY C 1187 -85.53 71.12 -8.53
N SER C 1188 -84.59 72.05 -8.40
CA SER C 1188 -83.48 71.96 -7.42
C SER C 1188 -82.78 73.31 -7.22
N GLU C 1189 -82.16 73.50 -6.05
CA GLU C 1189 -81.41 74.73 -5.75
C GLU C 1189 -80.11 74.88 -6.54
N LEU C 1190 -79.54 73.75 -7.00
CA LEU C 1190 -78.32 73.73 -7.79
C LEU C 1190 -78.65 73.66 -9.28
N ALA C 1191 -78.21 74.65 -10.05
CA ALA C 1191 -78.51 74.72 -11.50
C ALA C 1191 -77.71 73.68 -12.32
N PHE C 1192 -76.54 74.04 -12.86
CA PHE C 1192 -75.57 73.05 -13.37
C PHE C 1192 -75.04 72.22 -12.18
N LYS C 1193 -74.84 70.91 -12.40
CA LYS C 1193 -74.29 70.01 -11.37
C LYS C 1193 -73.41 68.93 -12.02
N ASP C 1194 -72.25 68.67 -11.40
CA ASP C 1194 -71.23 67.74 -11.92
C ASP C 1194 -70.54 68.29 -13.20
N PHE C 1195 -69.27 68.70 -13.09
CA PHE C 1195 -68.47 69.21 -14.23
C PHE C 1195 -66.95 68.93 -14.11
N ASP C 1196 -66.28 68.74 -15.26
CA ASP C 1196 -64.81 68.48 -15.32
C ASP C 1196 -63.98 69.77 -15.22
N VAL C 1197 -62.78 69.67 -14.64
CA VAL C 1197 -61.87 70.82 -14.44
C VAL C 1197 -61.30 71.28 -15.80
N GLY C 1198 -60.74 70.34 -16.56
CA GLY C 1198 -60.28 70.59 -17.94
C GLY C 1198 -59.01 71.43 -18.05
N ASP C 1199 -59.21 72.75 -18.03
CA ASP C 1199 -58.10 73.76 -18.04
C ASP C 1199 -58.27 74.83 -16.92
N GLY C 1200 -59.06 74.48 -15.89
CA GLY C 1200 -59.49 75.42 -14.84
C GLY C 1200 -60.79 76.13 -15.21
N PHE C 1201 -61.35 76.89 -14.26
CA PHE C 1201 -62.56 77.74 -14.48
C PHE C 1201 -62.33 79.23 -14.19
N ILE C 1202 -62.99 80.07 -15.01
CA ILE C 1202 -62.80 81.53 -15.04
C ILE C 1202 -64.17 82.27 -15.09
N PRO C 1203 -64.28 83.48 -14.47
CA PRO C 1203 -65.45 84.34 -14.79
C PRO C 1203 -65.46 84.77 -16.27
N VAL C 1204 -66.63 84.71 -16.94
CA VAL C 1204 -66.77 84.99 -18.39
C VAL C 1204 -68.12 85.67 -18.70
N CYS C 1205 -68.13 86.56 -19.70
CA CYS C 1205 -69.38 87.13 -20.24
C CYS C 1205 -69.28 87.51 -21.72
N SER C 1206 -70.44 87.59 -22.39
CA SER C 1206 -70.51 88.14 -23.77
C SER C 1206 -71.60 89.22 -23.88
N LEU C 1207 -71.16 90.48 -24.08
CA LEU C 1207 -72.05 91.65 -24.17
C LEU C 1207 -72.61 91.84 -25.61
N GLY C 1208 -73.83 92.39 -25.71
CA GLY C 1208 -74.47 92.68 -27.00
C GLY C 1208 -73.93 93.96 -27.63
N VAL C 1209 -74.23 94.15 -28.92
CA VAL C 1209 -73.91 95.38 -29.64
C VAL C 1209 -74.92 96.44 -29.20
N ALA C 1210 -74.44 97.44 -28.46
CA ALA C 1210 -75.24 98.49 -27.81
C ALA C 1210 -75.82 98.03 -26.46
N GLN C 1211 -75.00 97.31 -25.68
CA GLN C 1211 -75.32 96.94 -24.29
C GLN C 1211 -74.13 97.20 -23.32
N VAL C 1212 -74.45 97.40 -22.04
CA VAL C 1212 -73.47 97.69 -20.95
C VAL C 1212 -73.66 96.66 -19.80
N GLY C 1213 -72.54 96.12 -19.28
CA GLY C 1213 -72.56 95.08 -18.23
C GLY C 1213 -71.32 95.07 -17.34
N ARG C 1214 -71.42 95.73 -16.18
CA ARG C 1214 -70.33 95.76 -15.18
C ARG C 1214 -70.18 94.41 -14.45
N MET C 1215 -68.98 94.18 -13.91
CA MET C 1215 -68.69 93.01 -13.05
C MET C 1215 -67.92 93.39 -11.78
N ASN C 1216 -68.25 92.71 -10.67
CA ASN C 1216 -67.58 92.89 -9.37
C ASN C 1216 -67.18 91.50 -8.81
N PHE C 1217 -65.91 91.37 -8.42
CA PHE C 1217 -65.31 90.05 -8.15
C PHE C 1217 -65.22 89.79 -6.65
N GLY C 1218 -64.58 90.72 -5.92
CA GLY C 1218 -64.58 90.69 -4.44
C GLY C 1218 -63.82 91.84 -3.80
N LYS C 1219 -64.02 93.05 -4.33
CA LYS C 1219 -63.20 94.24 -4.00
C LYS C 1219 -63.49 94.73 -2.59
N ASP C 1220 -64.72 95.17 -2.35
CA ASP C 1220 -65.22 95.45 -0.99
C ASP C 1220 -66.42 94.51 -0.72
N VAL C 1221 -66.49 93.98 0.50
CA VAL C 1221 -67.58 93.06 0.93
C VAL C 1221 -68.97 93.75 0.93
N SER C 1222 -68.98 95.06 1.25
CA SER C 1222 -70.20 95.89 1.17
C SER C 1222 -70.55 96.37 -0.27
N THR C 1223 -69.60 96.26 -1.22
CA THR C 1223 -69.83 96.65 -2.63
C THR C 1223 -70.68 95.60 -3.38
N LEU C 1224 -70.46 94.32 -3.07
CA LEU C 1224 -71.24 93.21 -3.69
C LEU C 1224 -72.69 93.23 -3.16
N LYS C 1225 -73.65 93.65 -3.99
CA LYS C 1225 -75.04 93.93 -3.58
C LYS C 1225 -75.80 92.71 -3.02
N TYR C 1226 -75.53 91.53 -3.57
CA TYR C 1226 -76.20 90.28 -3.16
C TYR C 1226 -75.18 89.20 -2.73
N PHE C 1227 -74.37 89.58 -1.74
CA PHE C 1227 -73.38 88.68 -1.07
C PHE C 1227 -73.80 88.34 0.38
N THR C 1228 -74.07 89.36 1.19
CA THR C 1228 -74.51 89.18 2.61
C THR C 1228 -75.79 88.35 2.78
N ILE C 1229 -76.75 88.49 1.86
CA ILE C 1229 -78.00 87.69 1.86
C ILE C 1229 -77.74 86.22 1.39
N CYS C 1230 -76.81 86.04 0.44
CA CYS C 1230 -76.51 84.70 -0.16
C CYS C 1230 -75.09 84.63 -0.77
N GLY C 1231 -74.09 84.52 0.10
CA GLY C 1231 -72.68 84.46 -0.33
C GLY C 1231 -71.70 84.02 0.76
N LEU C 1232 -71.63 84.79 1.85
CA LEU C 1232 -70.69 84.51 2.94
C LEU C 1232 -71.12 83.30 3.79
N GLN C 1233 -72.43 83.14 3.97
CA GLN C 1233 -73.00 82.09 4.84
C GLN C 1233 -72.64 80.66 4.42
N GLU C 1234 -72.78 80.36 3.13
CA GLU C 1234 -72.44 79.03 2.59
C GLU C 1234 -70.92 78.75 2.53
N GLY C 1235 -70.09 79.80 2.62
CA GLY C 1235 -68.63 79.67 2.69
C GLY C 1235 -67.92 79.87 1.36
N TYR C 1236 -68.43 80.79 0.54
CA TYR C 1236 -67.80 81.15 -0.75
C TYR C 1236 -66.74 82.25 -0.57
N GLU C 1237 -65.79 82.29 -1.51
CA GLU C 1237 -64.61 83.20 -1.48
C GLU C 1237 -64.63 84.27 -2.61
N PRO C 1238 -64.92 85.56 -2.26
CA PRO C 1238 -64.68 86.68 -3.20
C PRO C 1238 -63.18 86.82 -3.57
N PHE C 1239 -62.88 87.23 -4.81
CA PHE C 1239 -61.50 87.16 -5.36
C PHE C 1239 -60.50 88.09 -4.64
N ALA C 1240 -60.90 89.34 -4.39
CA ALA C 1240 -59.99 90.37 -3.82
C ALA C 1240 -59.78 90.30 -2.29
N VAL C 1241 -60.43 89.37 -1.58
CA VAL C 1241 -60.24 89.19 -0.12
C VAL C 1241 -58.78 88.79 0.23
N ASN C 1242 -58.14 88.00 -0.64
CA ASN C 1242 -56.69 87.69 -0.56
C ASN C 1242 -55.84 88.60 -1.48
N THR C 1243 -56.41 89.03 -2.61
CA THR C 1243 -55.70 89.85 -3.62
C THR C 1243 -55.51 91.33 -3.20
N ASN C 1244 -54.34 91.89 -3.54
CA ASN C 1244 -54.03 93.31 -3.34
C ASN C 1244 -54.38 94.14 -4.59
N ARG C 1245 -53.84 93.73 -5.73
CA ARG C 1245 -53.98 94.47 -7.01
C ARG C 1245 -55.39 94.24 -7.62
N ASP C 1246 -55.92 95.23 -8.34
CA ASP C 1246 -57.18 95.09 -9.09
C ASP C 1246 -57.05 94.00 -10.17
N ILE C 1247 -58.12 93.21 -10.38
CA ILE C 1247 -58.07 92.02 -11.24
C ILE C 1247 -57.88 92.37 -12.74
N THR C 1248 -56.94 91.68 -13.40
CA THR C 1248 -56.76 91.78 -14.86
C THR C 1248 -57.85 90.93 -15.58
N MET C 1249 -58.36 91.44 -16.71
CA MET C 1249 -59.33 90.71 -17.56
C MET C 1249 -58.99 90.90 -19.04
N TRP C 1250 -59.70 90.17 -19.92
CA TRP C 1250 -59.43 90.15 -21.39
C TRP C 1250 -60.68 90.47 -22.23
N LEU C 1251 -60.47 90.89 -23.48
CA LEU C 1251 -61.55 91.04 -24.48
C LEU C 1251 -61.04 90.93 -25.93
N SER C 1252 -61.83 90.28 -26.80
CA SER C 1252 -61.43 90.01 -28.19
C SER C 1252 -61.48 91.28 -29.07
N LYS C 1253 -60.44 91.47 -29.92
CA LYS C 1253 -60.40 92.56 -30.92
C LYS C 1253 -61.14 92.23 -32.24
N ARG C 1254 -61.74 93.27 -32.86
CA ARG C 1254 -62.27 93.20 -34.24
C ARG C 1254 -61.14 93.12 -35.29
N LEU C 1255 -59.97 93.71 -34.97
CA LEU C 1255 -58.77 93.62 -35.84
C LEU C 1255 -58.19 92.18 -35.93
N PRO C 1256 -58.04 91.63 -37.17
CA PRO C 1256 -57.30 90.36 -37.31
C PRO C 1256 -55.77 90.46 -37.04
N GLN C 1257 -55.18 89.34 -36.57
CA GLN C 1257 -53.72 89.20 -36.37
C GLN C 1257 -53.26 87.79 -36.81
N PHE C 1258 -52.26 87.71 -37.69
CA PHE C 1258 -51.67 86.42 -38.12
C PHE C 1258 -51.02 85.60 -36.98
N LEU C 1259 -51.28 84.29 -36.99
CA LEU C 1259 -50.68 83.30 -36.06
C LEU C 1259 -50.45 81.99 -36.84
N GLN C 1260 -49.42 81.22 -36.45
CA GLN C 1260 -49.10 79.92 -37.11
C GLN C 1260 -50.28 78.94 -37.12
N VAL C 1261 -50.43 78.18 -38.22
CA VAL C 1261 -51.62 77.34 -38.47
C VAL C 1261 -51.92 76.28 -37.36
N PRO C 1262 -53.05 76.44 -36.62
CA PRO C 1262 -53.33 75.64 -35.39
C PRO C 1262 -53.77 74.18 -35.64
N SER C 1263 -53.43 73.29 -34.70
CA SER C 1263 -53.67 71.83 -34.83
C SER C 1263 -55.16 71.45 -34.97
N ASN C 1264 -56.02 72.12 -34.20
CA ASN C 1264 -57.48 71.95 -34.31
C ASN C 1264 -58.06 72.90 -35.40
N HIS C 1265 -59.06 72.40 -36.14
CA HIS C 1265 -59.68 73.13 -37.28
C HIS C 1265 -60.89 72.36 -37.84
N GLU C 1266 -61.52 72.91 -38.88
CA GLU C 1266 -62.35 72.11 -39.79
C GLU C 1266 -61.37 71.42 -40.75
N HIS C 1267 -60.66 72.24 -41.54
CA HIS C 1267 -59.57 71.82 -42.46
C HIS C 1267 -59.11 72.95 -43.40
N ILE C 1268 -57.82 73.31 -43.32
CA ILE C 1268 -57.16 74.13 -44.36
C ILE C 1268 -55.71 73.64 -44.55
N GLU C 1269 -55.46 73.00 -45.70
CA GLU C 1269 -54.31 72.08 -45.88
C GLU C 1269 -52.95 72.74 -46.20
N VAL C 1270 -52.14 73.01 -45.16
CA VAL C 1270 -50.71 73.38 -45.33
C VAL C 1270 -49.90 72.15 -45.84
N THR C 1271 -48.95 72.34 -46.78
CA THR C 1271 -48.17 71.23 -47.38
C THR C 1271 -46.84 71.69 -48.07
N ARG C 1272 -45.78 70.88 -47.88
CA ARG C 1272 -44.44 71.09 -48.50
C ARG C 1272 -43.86 69.76 -49.06
N ILE C 1273 -43.02 69.86 -50.08
CA ILE C 1273 -42.28 68.71 -50.65
C ILE C 1273 -40.95 69.15 -51.35
N ASP C 1274 -39.91 68.32 -51.21
CA ASP C 1274 -38.55 68.61 -51.72
C ASP C 1274 -37.88 67.36 -52.32
N VAL C 1285 -37.64 69.90 -58.51
CA VAL C 1285 -37.77 71.28 -58.05
C VAL C 1285 -38.64 71.39 -56.76
N THR C 1286 -38.34 72.38 -55.93
CA THR C 1286 -39.13 72.66 -54.72
C THR C 1286 -40.48 73.32 -55.09
N GLN C 1287 -41.57 72.90 -54.43
CA GLN C 1287 -42.92 73.44 -54.70
C GLN C 1287 -43.86 73.35 -53.49
N LYS C 1288 -45.03 73.99 -53.59
CA LYS C 1288 -46.02 74.08 -52.50
C LYS C 1288 -47.47 73.89 -53.04
N SER C 1289 -48.32 73.15 -52.31
CA SER C 1289 -49.70 72.81 -52.76
C SER C 1289 -50.79 73.08 -51.68
N PHE C 1290 -52.03 73.36 -52.13
CA PHE C 1290 -53.20 73.60 -51.24
C PHE C 1290 -54.54 73.06 -51.81
N GLY C 1291 -55.33 72.44 -50.93
CA GLY C 1291 -56.69 71.93 -51.23
C GLY C 1291 -57.71 72.37 -50.18
N SER C 1292 -58.94 71.83 -50.28
CA SER C 1292 -60.09 72.21 -49.40
C SER C 1292 -61.10 71.03 -49.23
N GLN C 1293 -61.19 70.49 -48.00
CA GLN C 1293 -61.92 69.21 -47.73
C GLN C 1293 -63.39 69.38 -47.31
N ASN C 1294 -63.63 70.10 -46.22
CA ASN C 1294 -65.00 70.25 -45.64
C ASN C 1294 -65.96 71.07 -46.52
N SER C 1295 -67.22 71.15 -46.08
CA SER C 1295 -68.26 72.00 -46.72
C SER C 1295 -68.17 73.48 -46.26
N ASN C 1296 -66.96 74.05 -46.32
CA ASN C 1296 -66.71 75.46 -45.99
C ASN C 1296 -67.15 76.29 -47.20
N THR C 1297 -67.88 77.37 -46.95
CA THR C 1297 -68.58 78.14 -48.01
C THR C 1297 -67.68 79.13 -48.77
N ASP C 1298 -66.90 79.94 -48.03
CA ASP C 1298 -66.16 81.07 -48.61
C ASP C 1298 -65.02 81.61 -47.71
N ILE C 1299 -64.21 82.51 -48.28
CA ILE C 1299 -63.17 83.30 -47.56
C ILE C 1299 -61.94 82.46 -47.15
N MET C 1300 -60.84 82.57 -47.92
CA MET C 1300 -59.52 82.05 -47.53
C MET C 1300 -58.44 83.14 -47.70
N PHE C 1301 -57.79 83.52 -46.59
CA PHE C 1301 -56.85 84.66 -46.52
C PHE C 1301 -55.41 84.23 -46.17
N TYR C 1302 -54.67 83.77 -47.18
CA TYR C 1302 -53.28 83.29 -46.99
C TYR C 1302 -52.17 84.32 -47.27
N ARG C 1303 -51.75 85.00 -46.20
CA ARG C 1303 -50.49 85.77 -46.17
C ARG C 1303 -49.27 84.84 -45.93
N LEU C 1304 -48.16 85.11 -46.63
CA LEU C 1304 -46.85 84.47 -46.35
C LEU C 1304 -46.18 85.21 -45.15
N SER C 1305 -45.33 84.50 -44.39
CA SER C 1305 -44.75 85.04 -43.13
C SER C 1305 -43.52 85.98 -43.26
N MET C 1306 -42.93 86.08 -44.46
CA MET C 1306 -41.63 86.78 -44.68
C MET C 1306 -41.69 87.89 -45.76
N PRO C 1307 -41.82 89.18 -45.34
CA PRO C 1307 -41.94 90.37 -46.24
C PRO C 1307 -40.60 90.84 -46.88
N ILE C 1308 -40.65 91.32 -48.13
CA ILE C 1308 -39.41 91.74 -48.87
C ILE C 1308 -38.97 93.19 -48.60
N GLU C 1309 -37.74 93.50 -49.02
CA GLU C 1309 -37.20 94.88 -49.03
C GLU C 1309 -36.00 94.95 -50.01
N CYS C 1310 -36.05 95.86 -50.97
CA CYS C 1310 -34.99 96.01 -52.01
C CYS C 1310 -34.34 97.40 -51.96
N THR C 1425 -35.01 91.62 -61.48
CA THR C 1425 -34.08 90.50 -61.58
C THR C 1425 -34.38 89.36 -60.56
N TYR C 1426 -35.64 89.29 -60.09
CA TYR C 1426 -36.11 88.30 -59.07
C TYR C 1426 -37.60 87.86 -59.30
N TYR C 1427 -37.81 86.64 -59.81
CA TYR C 1427 -39.17 86.09 -60.14
C TYR C 1427 -39.88 85.41 -58.93
N TYR C 1428 -41.23 85.37 -58.97
CA TYR C 1428 -42.07 84.55 -58.03
C TYR C 1428 -43.20 83.77 -58.76
N SER C 1429 -42.90 82.54 -59.19
CA SER C 1429 -43.83 81.72 -60.01
C SER C 1429 -45.04 81.14 -59.21
N VAL C 1430 -46.23 81.15 -59.83
CA VAL C 1430 -47.53 80.72 -59.23
C VAL C 1430 -48.36 79.93 -60.29
N ARG C 1431 -49.13 78.94 -59.85
CA ARG C 1431 -49.99 78.10 -60.72
C ARG C 1431 -51.33 77.68 -60.03
N ILE C 1432 -52.36 77.36 -60.83
CA ILE C 1432 -53.67 76.86 -60.33
C ILE C 1432 -54.25 75.72 -61.19
N PHE C 1433 -54.87 74.72 -60.54
CA PHE C 1433 -55.53 73.59 -61.22
C PHE C 1433 -56.85 73.98 -61.89
N PRO C 1434 -57.81 74.56 -61.12
CA PRO C 1434 -59.12 74.85 -61.72
C PRO C 1434 -59.13 76.13 -62.55
N ASN C 1440 -64.07 83.44 -57.99
CA ASN C 1440 -62.82 84.06 -58.42
C ASN C 1440 -61.73 84.00 -57.32
N VAL C 1441 -60.46 84.09 -57.75
CA VAL C 1441 -59.29 84.16 -56.83
C VAL C 1441 -58.25 85.18 -57.34
N TRP C 1442 -58.33 86.42 -56.84
CA TRP C 1442 -57.41 87.53 -57.23
C TRP C 1442 -55.97 87.30 -56.72
N VAL C 1443 -54.98 87.71 -57.53
CA VAL C 1443 -53.53 87.54 -57.23
C VAL C 1443 -52.80 88.90 -57.28
N GLY C 1444 -52.04 89.22 -56.22
CA GLY C 1444 -51.37 90.53 -56.12
C GLY C 1444 -50.64 90.86 -54.82
N TRP C 1445 -49.80 91.90 -54.87
CA TRP C 1445 -49.09 92.45 -53.69
C TRP C 1445 -50.04 93.40 -52.93
N ILE C 1446 -50.16 93.18 -51.62
CA ILE C 1446 -51.12 93.90 -50.75
C ILE C 1446 -50.39 94.49 -49.50
N THR C 1447 -50.93 95.60 -48.97
CA THR C 1447 -50.31 96.38 -47.86
C THR C 1447 -50.20 95.55 -46.56
N SER C 1448 -49.04 95.60 -45.89
CA SER C 1448 -48.73 94.74 -44.72
C SER C 1448 -49.72 94.84 -43.54
N ASP C 1449 -50.22 96.05 -43.30
CA ASP C 1449 -51.22 96.32 -42.24
C ASP C 1449 -52.66 95.98 -42.68
N PHE C 1450 -52.87 94.75 -43.17
CA PHE C 1450 -54.18 94.32 -43.69
C PHE C 1450 -54.99 93.68 -42.55
N HIS C 1451 -56.31 93.92 -42.56
CA HIS C 1451 -57.19 93.60 -41.41
C HIS C 1451 -58.65 93.29 -41.87
N GLN C 1452 -58.77 92.57 -43.00
CA GLN C 1452 -60.06 92.26 -43.65
C GLN C 1452 -60.55 90.83 -43.34
N TYR C 1453 -61.79 90.70 -42.88
CA TYR C 1453 -62.50 89.41 -42.86
C TYR C 1453 -63.81 89.56 -43.66
N ASP C 1454 -63.79 89.09 -44.91
CA ASP C 1454 -64.98 88.96 -45.82
C ASP C 1454 -64.56 88.57 -47.26
N THR C 1455 -65.54 88.22 -48.09
CA THR C 1455 -65.30 87.74 -49.46
C THR C 1455 -64.92 88.87 -50.47
N GLY C 1456 -65.49 90.06 -50.29
CA GLY C 1456 -65.45 91.13 -51.32
C GLY C 1456 -64.12 91.87 -51.55
N PHE C 1457 -63.81 92.14 -52.82
CA PHE C 1457 -62.58 92.87 -53.25
C PHE C 1457 -62.84 93.72 -54.53
N ASP C 1458 -62.00 94.72 -54.85
CA ASP C 1458 -60.71 95.04 -54.18
C ASP C 1458 -60.55 96.56 -53.86
N LEU C 1459 -59.65 96.86 -52.91
CA LEU C 1459 -59.28 98.24 -52.53
C LEU C 1459 -57.83 98.33 -51.98
N ASP C 1460 -57.33 99.57 -51.83
CA ASP C 1460 -55.94 99.86 -51.41
C ASP C 1460 -55.48 99.07 -50.18
N VAL C 1465 -54.89 105.30 -51.45
CA VAL C 1465 -54.55 106.68 -51.10
C VAL C 1465 -53.41 107.26 -51.96
N THR C 1466 -53.37 108.60 -52.05
CA THR C 1466 -52.39 109.35 -52.87
C THR C 1466 -51.86 110.64 -52.17
N VAL C 1467 -50.70 111.12 -52.64
CA VAL C 1467 -49.97 112.27 -52.02
C VAL C 1467 -49.53 113.33 -53.07
N THR C 1468 -50.26 114.45 -53.13
CA THR C 1468 -49.83 115.66 -53.88
C THR C 1468 -48.73 116.44 -53.09
N LEU C 1469 -47.86 117.16 -53.80
CA LEU C 1469 -46.85 118.04 -53.18
C LEU C 1469 -46.69 119.40 -53.91
N GLY C 1470 -47.77 120.19 -53.89
CA GLY C 1470 -47.73 121.61 -54.31
C GLY C 1470 -46.92 122.42 -53.31
N ASP C 1471 -45.89 123.13 -53.81
CA ASP C 1471 -44.94 123.92 -52.99
C ASP C 1471 -45.04 125.44 -53.32
N GLU C 1472 -45.56 126.22 -52.37
CA GLU C 1472 -45.77 127.69 -52.51
C GLU C 1472 -46.80 128.07 -53.61
N LYS C 1473 -46.44 127.93 -54.89
CA LYS C 1473 -47.32 128.39 -55.99
C LYS C 1473 -48.66 127.60 -56.06
N GLY C 1474 -48.59 126.28 -55.93
CA GLY C 1474 -49.77 125.41 -55.88
C GLY C 1474 -50.25 124.89 -57.24
N LYS C 1475 -49.32 124.51 -58.11
CA LYS C 1475 -49.62 123.83 -59.40
C LYS C 1475 -49.18 122.35 -59.39
N VAL C 1476 -48.97 121.79 -58.19
CA VAL C 1476 -48.47 120.40 -57.94
C VAL C 1476 -47.17 119.96 -58.65
N HIS C 1477 -46.37 119.16 -57.94
CA HIS C 1477 -45.07 118.65 -58.43
C HIS C 1477 -45.18 117.21 -58.99
N GLU C 1478 -46.40 116.81 -59.38
CA GLU C 1478 -46.79 115.39 -59.68
C GLU C 1478 -46.90 114.56 -58.38
N SER C 1479 -47.79 113.56 -58.35
CA SER C 1479 -47.99 112.70 -57.16
C SER C 1479 -46.70 111.96 -56.74
N ILE C 1480 -46.28 112.16 -55.47
CA ILE C 1480 -44.99 111.64 -54.95
C ILE C 1480 -45.07 110.15 -54.52
N LYS C 1481 -46.23 109.72 -54.01
CA LYS C 1481 -46.53 108.30 -53.72
C LYS C 1481 -47.94 107.88 -54.23
N ARG C 1482 -48.11 106.59 -54.53
CA ARG C 1482 -49.39 106.03 -55.03
C ARG C 1482 -49.45 104.49 -54.88
N SER C 1483 -50.67 103.95 -54.81
CA SER C 1483 -50.91 102.49 -54.66
C SER C 1483 -50.35 101.90 -53.34
N ASN C 1484 -50.77 102.48 -52.21
CA ASN C 1484 -50.29 102.08 -50.86
C ASN C 1484 -51.07 100.89 -50.30
N UNK C 1485 -54.72 97.02 -52.74
CA UNK C 1485 -53.50 97.42 -53.43
C UNK C 1485 -53.37 96.69 -54.78
N UNK C 1486 -52.16 96.73 -55.37
CA UNK C 1486 -51.92 96.19 -56.72
C UNK C 1486 -52.22 94.69 -56.85
N UNK C 1487 -52.91 94.33 -57.93
CA UNK C 1487 -53.29 92.92 -58.20
C UNK C 1487 -53.68 92.69 -59.67
N UNK C 1488 -53.84 91.41 -60.04
CA UNK C 1488 -54.19 91.03 -61.42
C UNK C 1488 -54.78 89.62 -61.51
N UNK C 1489 -55.29 89.27 -62.69
CA UNK C 1489 -55.85 87.95 -62.96
C UNK C 1489 -55.88 87.66 -64.46
N ASN C 1490 -61.60 72.10 -66.41
CA ASN C 1490 -61.58 73.54 -66.74
C ASN C 1490 -60.14 74.08 -66.89
N ASN C 1491 -60.04 75.31 -67.41
CA ASN C 1491 -58.76 75.91 -67.79
C ASN C 1491 -57.87 76.32 -66.60
N ASN C 1492 -56.56 76.12 -66.75
CA ASN C 1492 -55.55 76.47 -65.72
C ASN C 1492 -55.05 77.93 -65.83
N GLY C 1493 -54.31 78.38 -64.81
CA GLY C 1493 -53.80 79.76 -64.72
C GLY C 1493 -52.36 79.84 -64.21
N LEU C 1494 -51.66 80.92 -64.58
CA LEU C 1494 -50.24 81.16 -64.20
C LEU C 1494 -49.95 82.67 -63.96
N GLU C 1495 -50.53 83.25 -62.91
CA GLU C 1495 -50.30 84.68 -62.55
C GLU C 1495 -48.93 84.89 -61.85
N ILE C 1496 -47.85 84.94 -62.64
CA ILE C 1496 -46.46 85.01 -62.13
C ILE C 1496 -46.10 86.47 -61.71
N GLY C 1497 -45.23 86.62 -60.69
CA GLY C 1497 -44.89 87.93 -60.09
C GLY C 1497 -43.42 88.32 -59.93
N CYS C 1498 -42.81 88.84 -61.00
CA CYS C 1498 -41.41 89.38 -60.95
C CYS C 1498 -41.32 90.79 -60.31
N VAL C 1499 -40.12 91.16 -59.85
CA VAL C 1499 -39.83 92.52 -59.30
C VAL C 1499 -38.45 93.05 -59.67
N VAL C 1500 -38.30 94.37 -59.57
CA VAL C 1500 -37.07 95.13 -59.89
C VAL C 1500 -36.25 94.58 -61.05
N GLY C 1505 -38.97 101.03 -56.29
CA GLY C 1505 -39.72 99.78 -56.37
C GLY C 1505 -40.64 99.66 -57.58
N LEU C 1506 -40.89 98.42 -58.01
CA LEU C 1506 -41.76 98.12 -59.17
C LEU C 1506 -42.57 96.81 -58.97
N LEU C 1507 -43.78 96.76 -59.55
CA LEU C 1507 -44.67 95.57 -59.52
C LEU C 1507 -45.10 95.18 -60.94
N THR C 1508 -44.85 93.92 -61.32
CA THR C 1508 -45.16 93.39 -62.66
C THR C 1508 -45.87 92.00 -62.62
N PHE C 1509 -47.20 92.01 -62.78
CA PHE C 1509 -48.03 90.77 -62.89
C PHE C 1509 -48.03 90.28 -64.36
N ILE C 1510 -48.11 88.95 -64.58
CA ILE C 1510 -48.15 88.36 -65.95
C ILE C 1510 -49.09 87.13 -66.06
N ALA C 1511 -50.30 87.36 -66.58
CA ALA C 1511 -51.40 86.38 -66.60
C ALA C 1511 -51.16 85.19 -67.56
N ASN C 1512 -51.48 83.98 -67.10
CA ASN C 1512 -51.31 82.71 -67.85
C ASN C 1512 -49.87 82.50 -68.39
N GLY C 1513 -48.88 83.12 -67.72
CA GLY C 1513 -47.48 83.09 -68.17
C GLY C 1513 -47.09 84.24 -69.08
N LYS C 1514 -48.04 84.69 -69.92
CA LYS C 1514 -47.77 85.74 -70.91
C LYS C 1514 -47.73 87.16 -70.30
N GLU C 1515 -46.89 88.02 -70.88
CA GLU C 1515 -46.80 89.42 -70.45
C GLU C 1515 -48.02 90.25 -70.88
N LEU C 1516 -48.55 91.06 -69.95
CA LEU C 1516 -49.65 92.01 -70.23
C LEU C 1516 -49.25 93.47 -69.97
N SER C 1517 -47.93 93.74 -69.95
CA SER C 1517 -47.33 95.06 -69.62
C SER C 1517 -47.63 95.56 -68.19
N THR C 1518 -46.89 96.61 -67.76
CA THR C 1518 -47.00 97.17 -66.40
C THR C 1518 -48.33 97.95 -66.18
N TYR C 1519 -48.92 97.81 -64.98
CA TYR C 1519 -50.11 98.58 -64.54
C TYR C 1519 -49.73 99.76 -63.60
N TYR C 1520 -49.14 99.43 -62.44
CA TYR C 1520 -48.57 100.43 -61.52
C TYR C 1520 -47.30 99.87 -60.88
N GLN C 1521 -46.30 100.74 -60.69
CA GLN C 1521 -44.98 100.36 -60.16
C GLN C 1521 -44.47 101.48 -59.23
N VAL C 1522 -45.03 101.52 -58.01
CA VAL C 1522 -44.87 102.67 -57.10
C VAL C 1522 -44.96 102.26 -55.61
N GLU C 1523 -43.80 102.08 -54.98
CA GLU C 1523 -43.67 101.71 -53.55
C GLU C 1523 -42.50 102.52 -52.87
N PRO C 1524 -42.77 103.19 -51.72
CA PRO C 1524 -41.77 104.14 -51.17
C PRO C 1524 -40.51 103.49 -50.51
N SER C 1525 -40.63 102.99 -49.27
CA SER C 1525 -39.48 102.46 -48.50
C SER C 1525 -39.88 101.63 -47.27
N THR C 1526 -40.87 100.75 -47.44
CA THR C 1526 -41.37 99.83 -46.38
C THR C 1526 -41.59 98.39 -46.90
N LYS C 1527 -41.46 97.42 -45.99
CA LYS C 1527 -41.58 95.98 -46.32
C LYS C 1527 -43.00 95.52 -46.72
N LEU C 1528 -43.10 94.42 -47.50
CA LEU C 1528 -44.39 93.90 -48.05
C LEU C 1528 -44.54 92.35 -48.14
N PHE C 1529 -45.53 91.80 -47.41
CA PHE C 1529 -45.88 90.35 -47.48
C PHE C 1529 -46.56 90.01 -48.83
N PRO C 1530 -46.14 88.91 -49.53
CA PRO C 1530 -47.05 88.37 -50.58
C PRO C 1530 -48.32 87.72 -49.98
N ALA C 1531 -49.45 87.80 -50.70
CA ALA C 1531 -50.72 87.16 -50.28
C ALA C 1531 -51.70 86.88 -51.45
N VAL C 1532 -52.55 85.86 -51.29
CA VAL C 1532 -53.67 85.56 -52.22
C VAL C 1532 -54.98 85.21 -51.44
N PHE C 1533 -56.02 86.02 -51.65
CA PHE C 1533 -57.36 85.81 -51.07
C PHE C 1533 -58.23 84.95 -52.05
N ALA C 1534 -59.07 84.06 -51.50
CA ALA C 1534 -59.81 83.08 -52.32
C ALA C 1534 -61.17 82.58 -51.77
N GLN C 1535 -61.94 81.98 -52.69
CA GLN C 1535 -63.20 81.28 -52.43
C GLN C 1535 -62.99 79.80 -52.81
N ALA C 1536 -63.32 78.89 -51.89
CA ALA C 1536 -63.04 77.45 -52.06
C ALA C 1536 -63.76 76.84 -53.26
N THR C 1537 -63.00 76.53 -54.32
CA THR C 1537 -63.51 75.76 -55.47
C THR C 1537 -63.73 74.30 -55.06
N SER C 1538 -62.74 73.76 -54.33
CA SER C 1538 -62.73 72.45 -53.62
C SER C 1538 -61.52 71.57 -54.00
N PRO C 1539 -61.38 71.18 -55.29
CA PRO C 1539 -60.30 70.27 -55.69
C PRO C 1539 -58.98 70.97 -56.02
N ASN C 1540 -57.90 70.66 -55.28
CA ASN C 1540 -56.52 71.23 -55.47
C ASN C 1540 -56.47 72.74 -55.85
N VAL C 1541 -56.85 73.61 -54.90
CA VAL C 1541 -57.23 75.03 -55.20
C VAL C 1541 -56.06 75.97 -55.64
N PHE C 1542 -54.83 75.78 -55.12
CA PHE C 1542 -53.70 76.70 -55.44
C PHE C 1542 -52.28 76.05 -55.37
N GLN C 1543 -51.28 76.73 -55.97
CA GLN C 1543 -49.86 76.25 -56.09
C GLN C 1543 -48.79 77.40 -56.17
N PHE C 1544 -47.65 77.22 -55.47
CA PHE C 1544 -46.45 78.12 -55.53
C PHE C 1544 -45.14 77.40 -55.92
N GLU C 1545 -44.17 78.17 -56.46
CA GLU C 1545 -42.78 77.67 -56.68
C GLU C 1545 -41.72 78.80 -56.73
N ALA C 1557 -30.17 86.26 -63.33
CA ALA C 1557 -31.14 86.69 -62.31
C ALA C 1557 -31.37 85.60 -61.24
N GLY C 1558 -31.66 86.05 -60.01
CA GLY C 1558 -32.03 85.16 -58.90
C GLY C 1558 -33.52 84.83 -58.89
N LEU C 1559 -34.07 84.65 -57.69
CA LEU C 1559 -35.52 84.40 -57.50
C LEU C 1559 -36.00 84.84 -56.09
N PHE C 1560 -37.31 84.72 -55.84
CA PHE C 1560 -38.00 85.23 -54.61
C PHE C 1560 -37.41 84.70 -53.28
N LYS C 1561 -37.02 83.42 -53.25
CA LYS C 1561 -36.40 82.82 -52.05
C LYS C 1561 -34.97 83.36 -51.81
N SER C 1562 -34.26 83.70 -52.89
CA SER C 1562 -32.84 84.08 -52.86
C SER C 1562 -32.54 85.51 -52.32
N GLU C 1563 -33.44 86.46 -52.57
CA GLU C 1563 -33.17 87.91 -52.31
C GLU C 1563 -33.19 88.30 -50.80
N HIS C 1564 -34.14 87.74 -50.04
CA HIS C 1564 -34.35 88.04 -48.60
C HIS C 1564 -33.22 87.62 -47.62
N LYS C 1565 -32.71 86.39 -47.77
CA LYS C 1565 -31.68 85.83 -46.86
C LYS C 1565 -30.31 86.53 -46.99
N ASN C 1566 -29.41 86.24 -46.04
CA ASN C 1566 -28.01 86.77 -46.05
C ASN C 1566 -27.18 86.51 -47.36
N PRO C 1567 -27.22 85.28 -47.94
CA PRO C 1567 -26.60 85.08 -49.27
C PRO C 1567 -27.35 85.73 -50.47
N VAL C 1568 -26.65 86.50 -51.31
CA VAL C 1568 -27.20 87.24 -52.49
C VAL C 1568 -26.11 87.33 -53.62
N PRO C 1569 -26.44 87.19 -54.92
CA PRO C 1569 -27.80 86.90 -55.46
C PRO C 1569 -28.35 85.47 -55.24
N GLN C 1570 -27.48 84.47 -55.10
CA GLN C 1570 -27.86 83.07 -54.73
C GLN C 1570 -28.92 82.40 -55.66
N CYS C 1571 -28.58 82.26 -56.95
CA CYS C 1571 -29.50 81.72 -58.00
C CYS C 1571 -30.21 80.33 -57.77
N PRO C 1572 -29.48 79.29 -57.24
CA PRO C 1572 -30.16 77.99 -56.93
C PRO C 1572 -31.28 78.06 -55.84
N PRO C 1573 -32.41 77.28 -56.00
CA PRO C 1573 -33.53 77.25 -55.01
C PRO C 1573 -33.38 76.30 -53.77
N ARG C 1574 -33.55 76.84 -52.56
CA ARG C 1574 -33.49 76.08 -51.28
C ARG C 1574 -34.65 76.42 -50.30
N LEU C 1575 -35.48 75.42 -49.97
CA LEU C 1575 -36.57 75.58 -48.96
C LEU C 1575 -35.99 75.80 -47.54
N HIS C 1576 -36.70 76.58 -46.71
CA HIS C 1576 -36.24 76.93 -45.34
C HIS C 1576 -37.38 77.09 -44.30
N VAL C 1577 -37.00 77.08 -43.02
CA VAL C 1577 -37.93 76.93 -41.87
C VAL C 1577 -38.90 78.14 -41.70
N GLN C 1578 -38.42 79.36 -41.92
CA GLN C 1578 -39.18 80.58 -41.58
C GLN C 1578 -40.40 80.81 -42.52
N PHE C 1579 -40.31 80.33 -43.77
CA PHE C 1579 -41.44 80.44 -44.73
C PHE C 1579 -42.72 79.71 -44.28
N LEU C 1580 -43.46 80.33 -43.35
CA LEU C 1580 -44.77 79.79 -42.90
C LEU C 1580 -45.93 80.12 -43.88
N SER C 1581 -46.98 79.29 -43.82
CA SER C 1581 -48.25 79.50 -44.53
C SER C 1581 -49.37 79.55 -43.48
N HIS C 1582 -49.88 80.75 -43.23
CA HIS C 1582 -50.78 81.05 -42.11
C HIS C 1582 -52.05 81.78 -42.55
N VAL C 1583 -52.97 81.98 -41.59
CA VAL C 1583 -54.21 82.77 -41.78
C VAL C 1583 -54.31 83.83 -40.65
N LEU C 1584 -54.92 84.98 -40.95
CA LEU C 1584 -55.14 86.07 -39.98
C LEU C 1584 -56.37 85.85 -39.07
N TRP C 1585 -56.10 85.44 -37.81
CA TRP C 1585 -57.15 85.18 -36.77
C TRP C 1585 -58.02 86.44 -36.55
N SER C 1586 -59.33 86.34 -36.81
CA SER C 1586 -60.27 87.51 -36.76
C SER C 1586 -60.51 88.11 -35.34
N ARG C 1587 -60.37 87.27 -34.31
CA ARG C 1587 -60.57 87.67 -32.89
C ARG C 1587 -59.35 87.28 -32.01
N MET C 1588 -58.76 88.28 -31.33
CA MET C 1588 -57.65 88.08 -30.37
C MET C 1588 -57.97 88.72 -29.01
N PRO C 1589 -58.33 87.89 -27.97
CA PRO C 1589 -58.45 88.47 -26.61
C PRO C 1589 -57.11 89.02 -26.07
N ASN C 1590 -57.13 90.21 -25.44
CA ASN C 1590 -55.91 90.88 -24.88
C ASN C 1590 -56.25 91.72 -23.60
N GLN C 1591 -55.20 92.15 -22.87
CA GLN C 1591 -55.32 92.74 -21.50
C GLN C 1591 -56.11 94.08 -21.40
N PHE C 1592 -56.84 94.24 -20.28
CA PHE C 1592 -57.93 95.24 -20.13
C PHE C 1592 -57.48 96.71 -19.87
N LEU C 1593 -56.32 96.93 -19.24
CA LEU C 1593 -55.82 98.30 -18.88
C LEU C 1593 -56.76 99.08 -17.92
N LYS C 1594 -56.45 99.07 -16.62
CA LYS C 1594 -57.31 99.70 -15.58
C LYS C 1594 -57.44 101.24 -15.70
N VAL C 1595 -56.37 101.90 -16.17
CA VAL C 1595 -56.31 103.38 -16.36
C VAL C 1595 -55.70 103.70 -17.76
N ASP C 1596 -56.48 104.35 -18.63
CA ASP C 1596 -56.06 104.74 -20.00
C ASP C 1596 -56.11 106.26 -20.33
N VAL C 1597 -57.08 106.97 -19.74
CA VAL C 1597 -57.23 108.42 -19.93
C VAL C 1597 -58.11 109.05 -18.81
N SER C 1598 -57.87 110.33 -18.52
CA SER C 1598 -58.66 111.12 -17.57
C SER C 1598 -59.32 112.34 -18.27
N ARG C 1599 -60.37 112.08 -19.04
CA ARG C 1599 -61.10 113.11 -19.85
C ARG C 1599 -61.81 114.17 -18.96
N ILE C 1600 -61.71 115.45 -19.33
CA ILE C 1600 -62.38 116.58 -18.63
C ILE C 1600 -62.85 117.70 -19.62
N SER C 1601 -64.05 117.53 -20.18
CA SER C 1601 -64.68 118.53 -21.09
C SER C 1601 -65.61 119.52 -20.35
N GLU C 1602 -66.07 120.53 -21.10
CA GLU C 1602 -67.14 121.48 -20.69
C GLU C 1602 -68.09 121.76 -21.88
N ARG C 1603 -69.39 121.83 -21.62
CA ARG C 1603 -70.44 121.96 -22.67
C ARG C 1603 -70.80 123.41 -23.04
N GLN C 1604 -71.34 123.59 -24.25
CA GLN C 1604 -71.73 124.91 -24.82
C GLN C 1604 -70.57 125.93 -24.91
N GLY C 1605 -69.53 125.53 -25.64
CA GLY C 1605 -68.23 126.21 -25.67
C GLY C 1605 -67.09 125.26 -26.03
N TRP C 1606 -67.24 123.99 -25.63
CA TRP C 1606 -66.41 122.84 -26.07
C TRP C 1606 -64.89 122.93 -25.73
N LEU C 1607 -64.59 123.58 -24.61
CA LEU C 1607 -63.27 123.51 -23.94
C LEU C 1607 -63.02 122.07 -23.42
N VAL C 1608 -61.82 121.51 -23.62
CA VAL C 1608 -61.52 120.11 -23.18
C VAL C 1608 -60.02 119.91 -22.82
N GLN C 1609 -59.76 119.04 -21.82
CA GLN C 1609 -58.39 118.79 -21.29
C GLN C 1609 -58.22 117.35 -20.67
N CYS C 1610 -56.97 116.89 -20.50
CA CYS C 1610 -56.65 115.64 -19.74
C CYS C 1610 -55.52 115.82 -18.69
N LEU C 1611 -55.57 115.00 -17.63
CA LEU C 1611 -54.68 115.13 -16.44
C LEU C 1611 -53.31 114.44 -16.57
N ASP C 1612 -53.32 113.15 -16.90
CA ASP C 1612 -52.10 112.32 -17.00
C ASP C 1612 -52.01 111.59 -18.36
N PRO C 1613 -50.84 111.71 -19.06
CA PRO C 1613 -50.46 110.84 -20.22
C PRO C 1613 -49.65 109.56 -19.84
N LEU C 1614 -50.34 108.42 -19.83
CA LEU C 1614 -49.77 107.11 -19.42
C LEU C 1614 -48.93 106.54 -20.59
N GLN C 1615 -47.95 105.67 -20.31
CA GLN C 1615 -47.06 105.11 -21.37
C GLN C 1615 -47.04 103.57 -21.51
N PHE C 1616 -47.18 103.09 -22.76
CA PHE C 1616 -47.09 101.65 -23.06
C PHE C 1616 -45.64 101.15 -23.08
N MET C 1617 -45.46 99.84 -22.84
CA MET C 1617 -44.21 99.12 -23.16
C MET C 1617 -44.46 98.34 -24.48
N SER C 1618 -44.29 99.03 -25.62
CA SER C 1618 -44.47 98.43 -26.97
C SER C 1618 -43.22 97.69 -27.50
N LEU C 1619 -43.45 96.65 -28.33
CA LEU C 1619 -42.39 95.75 -28.89
C LEU C 1619 -42.79 95.31 -30.33
N HIS C 1620 -41.79 95.08 -31.20
CA HIS C 1620 -41.99 94.53 -32.58
C HIS C 1620 -40.92 93.48 -32.97
N ILE C 1621 -41.17 92.77 -34.09
CA ILE C 1621 -40.15 91.91 -34.78
C ILE C 1621 -39.88 92.48 -36.22
N PRO C 1622 -38.75 93.21 -36.42
CA PRO C 1622 -38.48 93.94 -37.70
C PRO C 1622 -38.37 93.09 -38.99
N GLU C 1623 -37.89 91.84 -38.87
CA GLU C 1623 -37.88 90.87 -39.99
C GLU C 1623 -39.29 90.51 -40.54
N GLU C 1624 -40.33 90.62 -39.68
CA GLU C 1624 -41.76 90.55 -40.09
C GLU C 1624 -42.65 91.48 -39.23
N ASN C 1625 -42.67 92.77 -39.57
CA ASN C 1625 -43.11 93.88 -38.69
C ASN C 1625 -44.62 93.91 -38.29
N ARG C 1626 -44.88 94.10 -36.98
CA ARG C 1626 -46.20 94.53 -36.42
C ARG C 1626 -46.07 94.99 -34.94
N SER C 1627 -47.05 95.77 -34.47
CA SER C 1627 -47.10 96.23 -33.06
C SER C 1627 -47.54 95.10 -32.12
N VAL C 1628 -46.95 95.05 -30.91
CA VAL C 1628 -47.45 94.20 -29.80
C VAL C 1628 -46.86 94.58 -28.42
N ASP C 1629 -47.61 95.37 -27.64
CA ASP C 1629 -47.19 95.80 -26.27
C ASP C 1629 -47.16 94.59 -25.31
N ILE C 1630 -46.21 94.57 -24.36
CA ILE C 1630 -46.03 93.43 -23.40
C ILE C 1630 -47.28 93.21 -22.52
N LEU C 1631 -47.88 94.31 -22.06
CA LEU C 1631 -49.15 94.31 -21.30
C LEU C 1631 -50.29 93.61 -22.10
N GLU C 1632 -50.41 94.01 -23.37
CA GLU C 1632 -51.30 93.38 -24.36
C GLU C 1632 -50.84 91.94 -24.73
N LEU C 1633 -49.53 91.71 -24.71
CA LEU C 1633 -48.93 90.40 -25.08
C LEU C 1633 -49.25 89.27 -24.08
N THR C 1634 -49.69 89.60 -22.86
CA THR C 1634 -49.98 88.60 -21.78
C THR C 1634 -51.00 87.47 -22.08
N GLU C 1635 -52.02 87.74 -22.92
CA GLU C 1635 -53.08 86.74 -23.22
C GLU C 1635 -52.61 85.53 -24.06
N GLN C 1636 -51.64 85.75 -24.97
CA GLN C 1636 -51.11 84.73 -25.90
C GLN C 1636 -49.69 84.28 -25.48
N GLU C 1637 -49.59 83.08 -24.89
CA GLU C 1637 -48.38 82.63 -24.15
C GLU C 1637 -47.13 82.19 -24.95
N GLU C 1638 -47.30 81.80 -26.22
CA GLU C 1638 -46.16 81.32 -27.06
C GLU C 1638 -45.08 82.41 -27.27
N LEU C 1639 -45.56 83.62 -27.57
CA LEU C 1639 -44.69 84.82 -27.71
C LEU C 1639 -44.04 85.25 -26.36
N LEU C 1640 -44.63 84.91 -25.21
CA LEU C 1640 -43.99 85.12 -23.89
C LEU C 1640 -42.69 84.29 -23.74
N LYS C 1641 -42.66 83.08 -24.31
CA LYS C 1641 -41.45 82.24 -24.27
C LYS C 1641 -40.41 82.63 -25.35
N PHE C 1642 -40.84 83.01 -26.56
CA PHE C 1642 -39.92 83.55 -27.62
C PHE C 1642 -39.19 84.86 -27.16
N HIS C 1643 -39.91 85.70 -26.41
CA HIS C 1643 -39.39 86.97 -25.86
C HIS C 1643 -38.51 86.77 -24.59
N TYR C 1644 -38.87 85.80 -23.73
CA TYR C 1644 -38.03 85.40 -22.58
C TYR C 1644 -36.66 84.83 -23.04
N HIS C 1645 -36.67 84.15 -24.20
CA HIS C 1645 -35.43 83.74 -24.90
C HIS C 1645 -34.57 84.94 -25.38
N THR C 1646 -35.22 86.00 -25.86
CA THR C 1646 -34.50 87.24 -26.24
C THR C 1646 -33.81 87.88 -25.00
N LEU C 1647 -34.49 87.87 -23.85
CA LEU C 1647 -34.00 88.54 -22.60
C LEU C 1647 -32.82 87.81 -21.90
N ARG C 1648 -32.89 86.48 -21.87
CA ARG C 1648 -31.76 85.64 -21.40
C ARG C 1648 -30.52 85.78 -22.33
N LEU C 1649 -30.75 86.07 -23.63
CA LEU C 1649 -29.66 86.28 -24.63
C LEU C 1649 -28.93 87.64 -24.48
N TYR C 1650 -29.71 88.72 -24.31
CA TYR C 1650 -29.14 90.05 -23.95
C TYR C 1650 -28.36 90.02 -22.61
N SER C 1651 -28.89 89.28 -21.63
CA SER C 1651 -28.23 89.08 -20.32
C SER C 1651 -26.90 88.27 -20.41
N ALA C 1652 -26.80 87.37 -21.39
CA ALA C 1652 -25.55 86.60 -21.62
C ALA C 1652 -24.42 87.44 -22.27
N VAL C 1653 -24.77 88.21 -23.32
CA VAL C 1653 -23.82 88.89 -24.22
C VAL C 1653 -22.90 89.97 -23.53
N CYS C 1654 -23.43 90.71 -22.55
CA CYS C 1654 -22.59 91.68 -21.77
C CYS C 1654 -21.53 90.95 -20.90
N ALA C 1655 -21.79 89.67 -20.62
CA ALA C 1655 -20.77 88.68 -20.26
C ALA C 1655 -19.85 89.04 -19.05
N LEU C 1656 -20.50 89.47 -17.96
CA LEU C 1656 -19.85 90.05 -16.76
C LEU C 1656 -19.01 91.30 -17.10
N GLY C 1657 -17.81 91.11 -17.65
CA GLY C 1657 -16.83 92.21 -17.83
C GLY C 1657 -16.71 92.88 -19.20
N ASN C 1658 -17.69 92.72 -20.09
CA ASN C 1658 -17.66 93.42 -21.39
C ASN C 1658 -17.91 94.93 -21.16
N HIS C 1659 -17.19 95.79 -21.88
CA HIS C 1659 -17.23 97.26 -21.67
C HIS C 1659 -17.34 98.10 -22.97
N ARG C 1660 -16.28 98.07 -23.80
CA ARG C 1660 -16.19 98.83 -25.07
C ARG C 1660 -17.43 98.58 -25.96
N VAL C 1661 -17.84 97.31 -26.02
CA VAL C 1661 -18.99 96.88 -26.83
C VAL C 1661 -20.35 97.28 -26.17
N ALA C 1662 -20.37 97.41 -24.83
CA ALA C 1662 -21.62 97.69 -24.06
C ALA C 1662 -22.39 99.00 -24.42
N HIS C 1663 -21.75 99.94 -25.12
CA HIS C 1663 -22.43 101.10 -25.78
C HIS C 1663 -23.67 100.69 -26.65
N ALA C 1664 -23.50 99.60 -27.40
CA ALA C 1664 -24.57 98.99 -28.22
C ALA C 1664 -25.75 98.48 -27.37
N LEU C 1665 -25.46 97.92 -26.19
CA LEU C 1665 -26.51 97.49 -25.22
C LEU C 1665 -27.30 98.71 -24.67
N CYS C 1666 -26.60 99.84 -24.46
CA CYS C 1666 -27.25 101.13 -24.10
C CYS C 1666 -28.24 101.59 -25.21
N SER C 1667 -27.87 101.35 -26.47
CA SER C 1667 -28.78 101.56 -27.62
C SER C 1667 -29.95 100.53 -27.69
N HIS C 1668 -29.66 99.26 -27.36
CA HIS C 1668 -30.66 98.18 -27.51
C HIS C 1668 -31.82 98.30 -26.52
N VAL C 1669 -31.52 98.25 -25.24
CA VAL C 1669 -32.53 98.38 -24.19
C VAL C 1669 -33.03 99.84 -24.08
N ASP C 1670 -32.13 100.81 -24.26
CA ASP C 1670 -32.37 102.25 -23.96
C ASP C 1670 -32.69 102.51 -22.46
N GLU C 1671 -32.16 103.61 -21.92
CA GLU C 1671 -32.16 103.84 -20.45
C GLU C 1671 -33.57 103.97 -19.80
N PRO C 1672 -34.40 104.95 -20.26
CA PRO C 1672 -35.74 105.15 -19.65
C PRO C 1672 -36.74 104.00 -19.88
N GLN C 1673 -36.57 103.24 -20.96
CA GLN C 1673 -37.36 102.00 -21.22
C GLN C 1673 -37.12 100.92 -20.14
N LEU C 1674 -35.87 100.81 -19.70
CA LEU C 1674 -35.50 99.90 -18.59
C LEU C 1674 -36.05 100.40 -17.23
N LEU C 1675 -36.02 101.72 -17.01
CA LEU C 1675 -36.59 102.32 -15.77
C LEU C 1675 -38.12 102.11 -15.65
N TYR C 1676 -38.86 102.20 -16.77
CA TYR C 1676 -40.27 101.81 -16.82
C TYR C 1676 -40.48 100.30 -16.61
N ALA C 1677 -39.55 99.49 -17.13
CA ALA C 1677 -39.58 98.01 -16.97
C ALA C 1677 -39.45 97.55 -15.50
N ILE C 1678 -38.75 98.33 -14.68
CA ILE C 1678 -38.71 98.10 -13.22
C ILE C 1678 -39.94 98.70 -12.49
N GLU C 1679 -40.34 99.93 -12.86
CA GLU C 1679 -41.44 100.66 -12.17
C GLU C 1679 -42.87 100.08 -12.41
N ASN C 1680 -43.11 99.50 -13.59
CA ASN C 1680 -44.43 98.93 -13.94
C ASN C 1680 -44.73 97.57 -13.26
N LYS C 1681 -46.02 97.29 -13.08
CA LYS C 1681 -46.54 96.15 -12.30
C LYS C 1681 -47.35 95.12 -13.13
N TYR C 1682 -47.65 95.45 -14.39
CA TYR C 1682 -48.63 94.72 -15.21
C TYR C 1682 -48.02 93.55 -16.01
N MET C 1683 -46.68 93.46 -15.99
CA MET C 1683 -45.94 92.47 -16.79
C MET C 1683 -46.03 91.04 -16.22
N PRO C 1684 -46.09 90.01 -17.10
CA PRO C 1684 -45.94 88.59 -16.65
C PRO C 1684 -44.55 88.23 -16.04
N GLY C 1685 -44.54 87.16 -15.23
CA GLY C 1685 -43.40 86.77 -14.38
C GLY C 1685 -42.00 86.58 -14.94
N LEU C 1686 -41.79 85.53 -15.75
CA LEU C 1686 -40.46 85.24 -16.33
C LEU C 1686 -39.83 86.40 -17.16
N LEU C 1687 -40.68 87.22 -17.79
CA LEU C 1687 -40.26 88.48 -18.47
C LEU C 1687 -39.83 89.59 -17.49
N ARG C 1688 -40.49 89.66 -16.34
CA ARG C 1688 -40.15 90.65 -15.28
C ARG C 1688 -38.82 90.33 -14.56
N THR C 1689 -38.53 89.04 -14.32
CA THR C 1689 -37.20 88.56 -13.87
C THR C 1689 -36.11 88.77 -14.94
N GLY C 1690 -36.49 88.69 -16.22
CA GLY C 1690 -35.59 88.98 -17.34
C GLY C 1690 -35.10 90.43 -17.43
N TYR C 1691 -36.03 91.41 -17.38
CA TYR C 1691 -35.70 92.86 -17.34
C TYR C 1691 -34.83 93.28 -16.12
N TYR C 1692 -35.17 92.74 -14.94
CA TYR C 1692 -34.36 92.99 -13.72
C TYR C 1692 -32.94 92.40 -13.86
N ASP C 1693 -32.82 91.22 -14.48
CA ASP C 1693 -31.50 90.58 -14.77
C ASP C 1693 -30.66 91.39 -15.81
N LEU C 1694 -31.33 92.16 -16.69
CA LEU C 1694 -30.65 93.10 -17.62
C LEU C 1694 -30.06 94.32 -16.87
N LEU C 1695 -30.87 94.94 -16.01
CA LEU C 1695 -30.43 96.10 -15.19
C LEU C 1695 -29.24 95.74 -14.28
N ILE C 1696 -29.14 94.47 -13.87
CA ILE C 1696 -27.93 93.95 -13.17
C ILE C 1696 -26.73 93.81 -14.17
N ASP C 1697 -26.99 93.14 -15.30
CA ASP C 1697 -25.97 92.79 -16.32
C ASP C 1697 -25.41 93.98 -17.13
N ILE C 1698 -26.31 94.82 -17.69
CA ILE C 1698 -25.88 95.98 -18.51
C ILE C 1698 -25.16 97.07 -17.68
N HIS C 1699 -25.40 97.10 -16.36
CA HIS C 1699 -24.77 98.07 -15.44
C HIS C 1699 -23.85 97.43 -14.35
N LEU C 1700 -24.45 96.94 -13.27
CA LEU C 1700 -23.73 96.70 -12.00
C LEU C 1700 -22.84 95.43 -11.94
N SER C 1701 -23.07 94.46 -12.84
CA SER C 1701 -22.37 93.15 -12.82
C SER C 1701 -20.81 93.17 -12.87
N SER C 1702 -20.23 94.11 -13.64
CA SER C 1702 -18.76 94.25 -13.78
C SER C 1702 -18.10 94.83 -12.49
N TYR C 1703 -18.68 95.91 -11.96
CA TYR C 1703 -18.20 96.58 -10.72
C TYR C 1703 -18.22 95.65 -9.49
N ALA C 1704 -19.24 94.77 -9.42
CA ALA C 1704 -19.37 93.77 -8.34
C ALA C 1704 -18.23 92.74 -8.26
N THR C 1705 -17.78 92.25 -9.43
CA THR C 1705 -16.78 91.17 -9.50
C THR C 1705 -15.38 91.59 -8.97
N ALA C 1706 -15.04 92.88 -9.11
CA ALA C 1706 -13.83 93.46 -8.51
C ALA C 1706 -14.04 93.86 -7.03
N ARG C 1707 -15.22 94.43 -6.72
CA ARG C 1707 -15.54 94.99 -5.37
C ARG C 1707 -15.57 93.93 -4.23
N LEU C 1708 -15.97 92.70 -4.55
CA LEU C 1708 -16.03 91.59 -3.54
C LEU C 1708 -14.66 90.99 -3.15
N MET C 1709 -13.70 90.97 -4.09
CA MET C 1709 -12.29 90.54 -3.81
C MET C 1709 -11.46 91.67 -3.14
N MET C 1710 -11.71 92.93 -3.52
CA MET C 1710 -11.12 94.11 -2.83
C MET C 1710 -11.57 94.21 -1.34
N ASN C 1711 -12.82 93.82 -1.08
CA ASN C 1711 -13.34 93.70 0.30
C ASN C 1711 -12.65 92.55 1.07
N ASN C 1712 -12.27 91.47 0.36
CA ASN C 1712 -11.51 90.34 0.95
C ASN C 1712 -10.01 90.66 1.27
N GLU C 1713 -9.41 91.63 0.58
CA GLU C 1713 -7.99 92.04 0.87
C GLU C 1713 -7.83 92.84 2.20
N PHE C 1714 -8.83 93.69 2.51
CA PHE C 1714 -8.87 94.54 3.74
C PHE C 1714 -7.71 95.57 3.85
N ILE C 1715 -7.58 96.40 2.81
CA ILE C 1715 -6.52 97.45 2.75
C ILE C 1715 -6.97 98.76 3.46
N VAL C 1716 -6.01 99.46 4.11
CA VAL C 1716 -6.29 100.64 4.99
C VAL C 1716 -5.34 101.86 4.75
N PRO C 1717 -5.90 103.11 4.81
CA PRO C 1717 -5.07 104.36 4.84
C PRO C 1717 -4.58 104.84 6.25
N MET C 1718 -3.56 105.72 6.25
CA MET C 1718 -3.03 106.37 7.47
C MET C 1718 -3.51 107.84 7.63
N THR C 1719 -4.62 108.19 6.97
CA THR C 1719 -5.18 109.56 7.02
C THR C 1719 -5.78 109.90 8.39
N GLU C 1720 -5.90 111.21 8.66
CA GLU C 1720 -6.42 111.76 9.95
C GLU C 1720 -7.78 111.20 10.41
N GLU C 1721 -8.68 110.94 9.46
CA GLU C 1721 -10.00 110.29 9.69
C GLU C 1721 -9.86 108.88 10.35
N THR C 1722 -8.83 108.13 9.94
CA THR C 1722 -8.62 106.74 10.40
C THR C 1722 -8.19 106.63 11.88
N LYS C 1723 -7.42 107.61 12.38
CA LYS C 1723 -6.72 107.51 13.68
C LYS C 1723 -7.62 107.50 14.93
N SER C 1724 -8.70 108.27 14.91
CA SER C 1724 -9.59 108.41 16.08
C SER C 1724 -10.89 107.58 16.02
N ILE C 1725 -10.99 106.65 15.06
CA ILE C 1725 -12.29 105.97 14.74
C ILE C 1725 -12.88 105.05 15.85
N THR C 1726 -12.01 104.28 16.52
CA THR C 1726 -12.39 103.18 17.46
C THR C 1726 -13.48 102.19 16.96
N LEU C 1727 -13.84 101.21 17.80
CA LEU C 1727 -14.87 100.20 17.43
C LEU C 1727 -16.27 100.62 17.95
N PHE C 1728 -16.59 100.33 19.23
CA PHE C 1728 -17.82 100.82 19.85
C PHE C 1728 -17.58 102.26 20.37
N PRO C 1729 -18.56 103.19 20.17
CA PRO C 1729 -18.38 104.58 20.67
C PRO C 1729 -18.41 104.70 22.20
N GLY C 1736 -23.59 101.57 18.64
CA GLY C 1736 -23.58 100.28 17.98
C GLY C 1736 -24.66 100.15 16.92
N LEU C 1737 -24.59 101.02 15.90
CA LEU C 1737 -25.50 101.01 14.73
C LEU C 1737 -24.84 100.26 13.54
N PRO C 1738 -25.46 99.16 13.04
CA PRO C 1738 -24.95 98.40 11.89
C PRO C 1738 -24.64 99.21 10.60
N GLY C 1739 -25.56 100.10 10.21
CA GLY C 1739 -25.43 100.91 9.00
C GLY C 1739 -24.62 102.19 9.17
N ILE C 1740 -23.34 102.03 9.50
CA ILE C 1740 -22.42 103.16 9.78
C ILE C 1740 -21.79 103.73 8.49
N GLY C 1741 -21.59 105.06 8.45
CA GLY C 1741 -21.07 105.75 7.25
C GLY C 1741 -19.56 105.68 7.02
N LEU C 1742 -18.77 105.74 8.09
CA LEU C 1742 -17.31 105.92 8.01
C LEU C 1742 -16.49 104.63 7.77
N SER C 1743 -17.04 103.68 7.00
CA SER C 1743 -16.27 102.52 6.48
C SER C 1743 -15.06 102.99 5.65
N THR C 1744 -15.26 104.07 4.88
CA THR C 1744 -14.21 104.80 4.12
C THR C 1744 -13.22 103.89 3.34
N SER C 1745 -12.11 103.51 3.99
CA SER C 1745 -10.99 102.74 3.37
C SER C 1745 -10.49 103.42 2.06
N LEU C 1746 -10.58 102.73 0.92
CA LEU C 1746 -10.21 103.27 -0.40
C LEU C 1746 -11.43 103.29 -1.36
N ARG C 1747 -11.84 102.11 -1.83
CA ARG C 1747 -12.92 101.89 -2.85
C ARG C 1747 -12.89 102.90 -4.06
N PRO C 1748 -12.32 102.49 -5.23
CA PRO C 1748 -12.20 103.40 -6.41
C PRO C 1748 -13.53 104.04 -6.87
N ARG C 1749 -13.47 105.31 -7.29
CA ARG C 1749 -14.69 106.07 -7.62
C ARG C 1749 -15.32 105.58 -8.93
N MET C 1750 -16.65 105.74 -9.03
CA MET C 1750 -17.42 105.41 -10.24
C MET C 1750 -17.03 106.33 -11.41
N GLN C 1751 -16.83 105.71 -12.59
CA GLN C 1751 -16.30 106.37 -13.79
C GLN C 1751 -16.98 105.85 -15.07
N PHE C 1752 -17.35 106.77 -15.98
CA PHE C 1752 -18.07 106.44 -17.23
C PHE C 1752 -17.77 107.48 -18.35
N SER C 1753 -17.52 106.97 -19.57
CA SER C 1753 -17.22 107.82 -20.74
C SER C 1753 -18.48 108.46 -21.36
N SER C 1754 -18.28 109.31 -22.35
CA SER C 1754 -19.38 109.91 -23.13
C SER C 1754 -20.19 108.84 -23.91
N PRO C 1755 -21.52 109.05 -24.07
CA PRO C 1755 -22.34 108.15 -24.95
C PRO C 1755 -21.94 108.19 -26.44
N SER C 1756 -21.19 109.21 -26.87
CA SER C 1756 -20.45 109.17 -28.16
C SER C 1756 -19.34 108.10 -28.12
N PHE C 1757 -19.14 107.38 -29.23
CA PHE C 1757 -18.44 106.07 -29.23
C PHE C 1757 -16.89 106.11 -29.37
N VAL C 1758 -16.32 107.24 -29.82
CA VAL C 1758 -14.85 107.41 -29.86
C VAL C 1758 -14.25 107.55 -28.43
N SER C 1759 -13.01 107.08 -28.25
CA SER C 1759 -12.36 106.95 -26.92
C SER C 1759 -13.18 106.02 -26.00
N ILE C 1760 -13.10 104.73 -26.31
CA ILE C 1760 -14.09 103.74 -25.83
C ILE C 1760 -14.13 103.48 -24.31
N ASN C 1761 -12.98 103.30 -23.67
CA ASN C 1761 -12.93 102.95 -22.23
C ASN C 1761 -11.54 103.10 -21.63
N ASN C 1762 -11.49 103.17 -20.30
CA ASN C 1762 -10.24 103.22 -19.53
C ASN C 1762 -10.33 102.32 -18.29
N GLU C 1763 -11.24 102.66 -17.38
CA GLU C 1763 -11.51 101.85 -16.18
C GLU C 1763 -12.94 102.17 -15.72
N CYS C 1764 -13.89 101.65 -16.48
CA CYS C 1764 -15.28 102.14 -16.45
C CYS C 1764 -16.22 101.36 -15.53
N TYR C 1765 -17.35 102.01 -15.25
CA TYR C 1765 -18.45 101.47 -14.44
C TYR C 1765 -19.75 101.69 -15.24
N GLN C 1766 -20.80 100.94 -14.93
CA GLN C 1766 -22.09 100.98 -15.67
C GLN C 1766 -21.88 100.22 -16.99
N TYR C 1767 -22.70 100.46 -18.02
CA TYR C 1767 -22.36 99.96 -19.37
C TYR C 1767 -21.03 100.57 -19.89
N SER C 1768 -20.94 101.90 -19.80
CA SER C 1768 -19.82 102.74 -20.29
C SER C 1768 -20.32 104.19 -20.57
N PRO C 1769 -21.47 104.36 -21.30
CA PRO C 1769 -22.22 105.66 -21.35
C PRO C 1769 -22.69 106.21 -19.98
N GLU C 1770 -23.37 107.36 -20.01
CA GLU C 1770 -23.76 108.10 -18.79
C GLU C 1770 -25.06 107.56 -18.14
N PHE C 1771 -25.21 107.76 -16.83
CA PHE C 1771 -26.32 107.19 -16.04
C PHE C 1771 -26.57 107.96 -14.72
N PRO C 1772 -27.87 108.19 -14.35
CA PRO C 1772 -28.19 108.90 -13.10
C PRO C 1772 -28.16 108.02 -11.81
N LEU C 1773 -27.07 108.15 -11.02
CA LEU C 1773 -26.91 107.41 -9.73
C LEU C 1773 -28.02 107.71 -8.67
N ASP C 1774 -28.14 108.98 -8.28
CA ASP C 1774 -29.10 109.44 -7.24
C ASP C 1774 -30.59 109.14 -7.54
N ILE C 1775 -30.98 109.28 -8.82
CA ILE C 1775 -32.36 108.93 -9.23
C ILE C 1775 -32.60 107.42 -9.16
N LEU C 1776 -31.55 106.62 -9.44
CA LEU C 1776 -31.62 105.13 -9.34
C LEU C 1776 -31.81 104.64 -7.88
N LYS C 1777 -31.03 105.21 -6.95
CA LYS C 1777 -31.19 105.00 -5.48
C LYS C 1777 -32.62 105.30 -4.99
N ALA C 1778 -33.20 106.38 -5.51
CA ALA C 1778 -34.57 106.81 -5.15
C ALA C 1778 -35.66 105.82 -5.61
N LYS C 1779 -35.64 105.48 -6.90
CA LYS C 1779 -36.61 104.52 -7.47
C LYS C 1779 -36.46 103.10 -6.88
N THR C 1780 -35.22 102.71 -6.55
CA THR C 1780 -34.92 101.39 -5.96
C THR C 1780 -35.49 101.22 -4.55
N ILE C 1781 -35.19 102.17 -3.65
CA ILE C 1781 -35.68 102.12 -2.26
C ILE C 1781 -37.22 102.28 -2.16
N GLN C 1782 -37.82 103.08 -3.06
CA GLN C 1782 -39.28 103.21 -3.15
C GLN C 1782 -39.96 101.90 -3.62
N MET C 1783 -39.35 101.20 -4.58
CA MET C 1783 -39.84 99.86 -5.01
C MET C 1783 -39.70 98.79 -3.90
N LEU C 1784 -38.71 98.95 -3.01
CA LEU C 1784 -38.54 98.07 -1.84
C LEU C 1784 -39.64 98.24 -0.76
N THR C 1785 -39.89 99.48 -0.34
CA THR C 1785 -40.96 99.77 0.65
C THR C 1785 -42.37 99.46 0.10
N GLU C 1786 -42.60 99.73 -1.19
CA GLU C 1786 -43.81 99.29 -1.92
C GLU C 1786 -43.99 97.75 -1.94
N ALA C 1787 -42.87 97.02 -2.06
CA ALA C 1787 -42.87 95.54 -2.10
C ALA C 1787 -43.16 94.89 -0.73
N VAL C 1788 -42.48 95.36 0.32
CA VAL C 1788 -42.70 94.89 1.72
C VAL C 1788 -44.12 95.28 2.22
N LYS C 1789 -44.67 96.39 1.72
CA LYS C 1789 -46.09 96.73 1.94
C LYS C 1789 -47.03 95.71 1.23
N GLU C 1790 -46.71 95.39 -0.03
CA GLU C 1790 -47.40 94.34 -0.82
C GLU C 1790 -47.34 92.95 -0.14
N GLY C 1791 -46.15 92.61 0.37
CA GLY C 1791 -45.86 91.33 1.01
C GLY C 1791 -46.55 91.10 2.35
N SER C 1792 -46.65 92.17 3.16
CA SER C 1792 -47.37 92.14 4.45
C SER C 1792 -48.91 92.03 4.29
N LEU C 1793 -49.43 92.45 3.13
CA LEU C 1793 -50.86 92.32 2.79
C LEU C 1793 -51.21 90.93 2.21
N HIS C 1794 -50.19 90.10 1.95
CA HIS C 1794 -50.34 88.69 1.50
C HIS C 1794 -51.05 88.59 0.13
N GLY C 1795 -50.40 89.15 -0.89
CA GLY C 1795 -50.99 89.32 -2.22
C GLY C 1795 -51.23 88.02 -3.01
N ARG C 1796 -52.27 88.06 -3.85
CA ARG C 1796 -52.75 86.91 -4.65
C ARG C 1796 -52.72 87.14 -6.20
N ASP C 1797 -52.47 88.38 -6.66
CA ASP C 1797 -52.32 88.68 -8.11
C ASP C 1797 -51.13 87.85 -8.72
N PRO C 1798 -49.91 87.90 -8.15
CA PRO C 1798 -49.37 88.97 -7.30
C PRO C 1798 -48.29 89.72 -8.11
N VAL C 1799 -48.62 90.94 -8.57
CA VAL C 1799 -47.80 91.72 -9.55
C VAL C 1799 -47.65 90.96 -10.91
N GLY C 1800 -46.81 89.93 -10.95
CA GLY C 1800 -46.58 89.14 -12.18
C GLY C 1800 -46.10 87.71 -11.92
N GLY C 1801 -47.01 86.75 -11.99
CA GLY C 1801 -46.70 85.32 -11.83
C GLY C 1801 -46.93 84.81 -10.41
N THR C 1802 -45.99 85.10 -9.50
CA THR C 1802 -46.07 84.70 -8.09
C THR C 1802 -45.19 85.58 -7.14
N THR C 1803 -45.07 85.18 -5.87
CA THR C 1803 -44.36 85.97 -4.85
C THR C 1803 -42.83 86.07 -5.09
N GLU C 1804 -42.23 84.98 -5.59
CA GLU C 1804 -40.79 84.97 -5.95
C GLU C 1804 -40.44 86.04 -7.02
N PHE C 1805 -41.29 86.18 -8.03
CA PHE C 1805 -41.14 87.24 -9.05
C PHE C 1805 -41.40 88.65 -8.44
N LEU C 1806 -42.32 88.74 -7.45
CA LEU C 1806 -42.62 90.01 -6.74
C LEU C 1806 -41.41 90.63 -5.99
N PHE C 1807 -40.59 89.79 -5.33
CA PHE C 1807 -39.43 90.23 -4.49
C PHE C 1807 -38.02 89.98 -5.09
N VAL C 1808 -37.75 88.72 -5.49
CA VAL C 1808 -36.39 88.26 -5.89
C VAL C 1808 -35.65 89.27 -6.81
N PRO C 1809 -36.32 89.74 -7.89
CA PRO C 1809 -35.67 90.76 -8.74
C PRO C 1809 -35.29 92.11 -8.02
N LEU C 1810 -36.13 92.54 -7.08
CA LEU C 1810 -35.95 93.82 -6.34
C LEU C 1810 -34.85 93.76 -5.26
N ILE C 1811 -34.81 92.66 -4.51
CA ILE C 1811 -33.75 92.42 -3.50
C ILE C 1811 -32.38 92.14 -4.20
N LYS C 1812 -32.42 91.63 -5.44
CA LYS C 1812 -31.22 91.49 -6.30
C LYS C 1812 -30.65 92.86 -6.73
N LEU C 1813 -31.52 93.74 -7.23
CA LEU C 1813 -31.13 95.11 -7.66
C LEU C 1813 -30.56 95.96 -6.49
N PHE C 1814 -31.19 95.85 -5.32
CA PHE C 1814 -30.69 96.49 -4.08
C PHE C 1814 -29.36 95.89 -3.56
N TYR C 1815 -29.14 94.59 -3.77
CA TYR C 1815 -27.88 93.92 -3.40
C TYR C 1815 -26.67 94.49 -4.16
N THR C 1816 -26.77 94.50 -5.50
CA THR C 1816 -25.71 95.02 -6.40
C THR C 1816 -25.48 96.56 -6.23
N LEU C 1817 -26.55 97.31 -5.99
CA LEU C 1817 -26.47 98.78 -5.75
C LEU C 1817 -25.81 99.15 -4.40
N LEU C 1818 -26.00 98.28 -3.39
CA LEU C 1818 -25.43 98.45 -2.03
C LEU C 1818 -23.94 98.03 -1.93
N ILE C 1819 -23.57 96.92 -2.57
CA ILE C 1819 -22.16 96.51 -2.66
C ILE C 1819 -21.30 97.50 -3.48
N MET C 1820 -21.92 98.23 -4.41
CA MET C 1820 -21.25 99.29 -5.21
C MET C 1820 -20.62 100.43 -4.36
N GLY C 1821 -21.27 100.78 -3.25
CA GLY C 1821 -20.84 101.87 -2.35
C GLY C 1821 -21.70 103.13 -2.44
N ILE C 1822 -23.04 102.95 -2.37
CA ILE C 1822 -24.03 104.06 -2.42
C ILE C 1822 -25.06 103.94 -1.26
N PHE C 1823 -25.93 104.95 -1.12
CA PHE C 1823 -26.91 105.15 -0.01
C PHE C 1823 -26.27 105.89 1.20
N HIS C 1824 -27.06 106.76 1.83
CA HIS C 1824 -26.63 107.52 3.02
C HIS C 1824 -26.91 106.68 4.26
N ASN C 1825 -26.33 107.05 5.41
CA ASN C 1825 -26.62 106.41 6.70
C ASN C 1825 -28.14 106.38 6.94
N GLU C 1826 -28.78 107.51 6.67
CA GLU C 1826 -30.24 107.68 6.86
C GLU C 1826 -31.07 106.67 6.04
N ASP C 1827 -30.67 106.42 4.78
CA ASP C 1827 -31.23 105.31 4.00
C ASP C 1827 -30.96 103.95 4.69
N LEU C 1828 -29.74 103.77 5.20
CA LEU C 1828 -29.37 102.55 5.97
C LEU C 1828 -30.16 102.44 7.28
N ARG C 1829 -30.42 103.58 7.94
CA ARG C 1829 -31.31 103.62 9.12
C ARG C 1829 -32.76 103.25 8.77
N HIS C 1830 -33.20 103.61 7.56
CA HIS C 1830 -34.52 103.16 7.04
C HIS C 1830 -34.57 101.65 6.75
N ILE C 1831 -33.41 101.04 6.45
CA ILE C 1831 -33.30 99.55 6.27
C ILE C 1831 -33.37 98.81 7.62
N LEU C 1832 -32.59 99.28 8.62
CA LEU C 1832 -32.59 98.71 10.00
C LEU C 1832 -33.99 98.79 10.66
N GLN C 1833 -34.64 99.94 10.50
CA GLN C 1833 -36.02 100.18 10.98
C GLN C 1833 -37.10 99.43 10.15
N LEU C 1834 -36.78 99.11 8.89
CA LEU C 1834 -37.60 98.19 8.08
C LEU C 1834 -37.46 96.71 8.52
N ILE C 1835 -36.36 96.36 9.20
CA ILE C 1835 -36.10 94.97 9.68
C ILE C 1835 -36.58 94.71 11.13
N GLU C 1836 -35.91 95.32 12.13
CA GLU C 1836 -36.19 95.04 13.56
C GLU C 1836 -37.62 95.48 13.99
N PRO C 1837 -38.04 96.73 13.63
CA PRO C 1837 -39.48 97.07 13.59
C PRO C 1837 -40.18 96.59 12.30
N GLY C 1881 -41.85 93.72 8.86
CA GLY C 1881 -40.67 92.86 8.69
C GLY C 1881 -40.88 91.73 7.70
N LEU C 1882 -40.26 91.85 6.52
CA LEU C 1882 -40.32 90.81 5.45
C LEU C 1882 -39.67 89.46 5.89
N LEU C 1883 -38.64 89.55 6.73
CA LEU C 1883 -38.01 88.37 7.40
C LEU C 1883 -39.02 87.50 8.21
N GLN C 1884 -39.95 88.17 8.92
CA GLN C 1884 -41.03 87.51 9.68
C GLN C 1884 -42.12 86.84 8.79
N MET C 1885 -42.34 87.40 7.59
CA MET C 1885 -43.39 86.94 6.65
C MET C 1885 -43.17 85.52 6.07
N LYS C 1886 -44.29 84.89 5.66
CA LYS C 1886 -44.26 83.67 4.84
C LYS C 1886 -43.72 84.01 3.43
N LEU C 1887 -42.74 83.23 2.96
CA LEU C 1887 -41.96 83.51 1.74
C LEU C 1887 -41.78 82.23 0.88
N PRO C 1888 -41.60 82.38 -0.47
CA PRO C 1888 -41.03 81.30 -1.30
C PRO C 1888 -39.48 81.22 -1.18
N GLU C 1889 -38.89 80.13 -1.68
CA GLU C 1889 -37.44 79.81 -1.51
C GLU C 1889 -36.47 80.97 -1.90
N PRO C 1890 -36.55 81.44 -3.18
CA PRO C 1890 -35.55 82.41 -3.65
C PRO C 1890 -35.61 83.81 -2.98
N VAL C 1891 -36.76 84.20 -2.42
CA VAL C 1891 -36.87 85.49 -1.67
C VAL C 1891 -36.05 85.40 -0.35
N LYS C 1892 -36.07 84.22 0.29
CA LYS C 1892 -35.21 83.96 1.46
C LYS C 1892 -33.70 83.94 1.08
N LEU C 1893 -33.41 83.49 -0.16
CA LEU C 1893 -32.04 83.50 -0.75
C LEU C 1893 -31.44 84.91 -0.92
N GLN C 1894 -32.12 85.78 -1.66
CA GLN C 1894 -31.64 87.16 -1.93
C GLN C 1894 -31.61 88.04 -0.66
N MET C 1895 -32.55 87.82 0.28
CA MET C 1895 -32.52 88.49 1.62
C MET C 1895 -31.26 88.07 2.43
N CYS C 1896 -30.92 86.77 2.33
CA CYS C 1896 -29.68 86.23 2.93
C CYS C 1896 -28.40 86.81 2.27
N LEU C 1897 -28.43 87.08 0.96
CA LEU C 1897 -27.30 87.73 0.25
C LEU C 1897 -27.11 89.21 0.67
N LEU C 1898 -28.24 89.91 0.93
CA LEU C 1898 -28.23 91.31 1.48
C LEU C 1898 -27.50 91.39 2.84
N LEU C 1899 -27.97 90.55 3.76
CA LEU C 1899 -27.40 90.44 5.12
C LEU C 1899 -25.93 89.96 5.08
N GLN C 1900 -25.55 89.21 4.02
CA GLN C 1900 -24.12 88.83 3.78
C GLN C 1900 -23.22 90.05 3.55
N TYR C 1901 -23.68 91.02 2.77
CA TYR C 1901 -22.94 92.30 2.62
C TYR C 1901 -22.94 93.15 3.91
N LEU C 1902 -24.00 93.07 4.72
CA LEU C 1902 -24.04 93.72 6.06
C LEU C 1902 -22.93 93.21 7.03
N CYS C 1903 -22.84 91.89 7.22
CA CYS C 1903 -21.79 91.28 8.06
C CYS C 1903 -20.35 91.53 7.53
N ASP C 1904 -20.19 91.53 6.19
CA ASP C 1904 -18.88 91.78 5.53
C ASP C 1904 -18.37 93.22 5.80
N CYS C 1905 -19.26 94.21 5.60
CA CYS C 1905 -18.94 95.62 5.86
C CYS C 1905 -18.72 95.93 7.36
N GLN C 1906 -19.44 95.23 8.26
CA GLN C 1906 -19.21 95.37 9.72
C GLN C 1906 -17.84 94.82 10.15
N VAL C 1907 -17.36 93.75 9.47
CA VAL C 1907 -15.99 93.23 9.66
C VAL C 1907 -14.94 94.28 9.22
N ARG C 1908 -15.22 95.02 8.14
CA ARG C 1908 -14.32 96.12 7.72
C ARG C 1908 -14.32 97.30 8.74
N HIS C 1909 -15.45 97.57 9.40
CA HIS C 1909 -15.51 98.56 10.51
C HIS C 1909 -14.67 98.12 11.74
N ARG C 1910 -14.64 96.81 12.02
CA ARG C 1910 -13.90 96.28 13.20
C ARG C 1910 -12.37 96.26 12.97
N ILE C 1911 -11.92 95.79 11.80
CA ILE C 1911 -10.47 95.83 11.44
C ILE C 1911 -9.94 97.27 11.27
N GLU C 1912 -10.76 98.18 10.72
CA GLU C 1912 -10.45 99.64 10.63
C GLU C 1912 -10.26 100.28 12.02
N ALA C 1913 -11.05 99.84 13.00
CA ALA C 1913 -10.88 100.23 14.42
C ALA C 1913 -9.55 99.72 15.02
N ILE C 1914 -9.22 98.46 14.72
CA ILE C 1914 -8.02 97.80 15.31
C ILE C 1914 -6.71 98.43 14.79
N VAL C 1915 -6.73 98.93 13.55
CA VAL C 1915 -5.60 99.71 12.98
C VAL C 1915 -5.45 101.11 13.63
N ALA C 1916 -6.58 101.72 14.05
CA ALA C 1916 -6.56 102.98 14.85
C ALA C 1916 -5.85 102.75 16.22
N PHE C 1917 -6.13 101.60 16.83
CA PHE C 1917 -5.40 101.11 18.03
C PHE C 1917 -3.89 100.95 17.73
N SER C 1918 -3.57 100.41 16.55
CA SER C 1918 -2.17 100.25 16.10
C SER C 1918 -1.45 101.60 15.85
N ASP C 1919 -2.20 102.66 15.52
CA ASP C 1919 -1.67 104.03 15.48
C ASP C 1919 -1.53 104.65 16.89
N ASP C 1920 -2.50 104.38 17.77
CA ASP C 1920 -2.46 104.86 19.18
C ASP C 1920 -1.38 104.19 20.07
N PHE C 1921 -0.99 102.95 19.75
CA PHE C 1921 0.03 102.19 20.50
C PHE C 1921 1.46 102.52 20.04
N VAL C 1922 1.66 102.48 18.72
CA VAL C 1922 3.00 102.56 18.07
C VAL C 1922 3.78 103.86 18.42
N ALA C 1923 3.09 105.00 18.51
CA ALA C 1923 3.74 106.29 18.82
C ALA C 1923 4.52 106.29 20.16
N LYS C 1924 3.83 105.88 21.23
CA LYS C 1924 4.44 105.83 22.58
C LYS C 1924 5.53 104.74 22.75
N LEU C 1925 5.45 103.65 21.97
CA LEU C 1925 6.41 102.52 22.04
C LEU C 1925 7.74 102.77 21.27
N GLN C 1926 7.66 103.44 20.09
CA GLN C 1926 8.87 103.94 19.41
C GLN C 1926 9.52 105.08 20.22
N ASP C 1927 8.70 105.87 20.92
CA ASP C 1927 9.19 106.88 21.88
C ASP C 1927 9.89 106.25 23.10
N ASN C 1928 9.51 105.02 23.47
CA ASN C 1928 10.16 104.22 24.52
C ASN C 1928 11.53 103.63 24.07
N GLN C 1929 11.60 103.13 22.83
CA GLN C 1929 12.88 102.66 22.22
C GLN C 1929 13.91 103.80 22.03
N ARG C 1930 13.44 104.99 21.65
CA ARG C 1930 14.27 106.21 21.51
C ARG C 1930 14.72 106.77 22.89
N PHE C 1931 13.91 106.52 23.92
CA PHE C 1931 14.27 106.81 25.33
C PHE C 1931 15.35 105.83 25.86
N ARG C 1932 15.40 104.62 25.27
CA ARG C 1932 16.39 103.57 25.61
C ARG C 1932 17.40 103.33 24.47
N UNK C 1933 14.94 92.62 12.39
CA UNK C 1933 15.14 91.23 12.82
C UNK C 1933 15.06 91.12 14.35
N UNK C 1934 16.06 91.68 15.03
CA UNK C 1934 16.14 91.67 16.52
C UNK C 1934 15.04 92.53 17.17
N UNK C 1935 14.63 93.61 16.49
CA UNK C 1935 13.49 94.46 16.90
C UNK C 1935 12.13 93.70 16.85
N UNK C 1936 12.01 92.75 15.90
CA UNK C 1936 10.86 91.81 15.87
C UNK C 1936 10.84 90.87 17.10
N UNK C 1937 12.03 90.48 17.56
CA UNK C 1937 12.20 89.74 18.84
C UNK C 1937 11.79 90.58 20.08
N UNK C 1938 11.99 91.91 20.00
CA UNK C 1938 11.46 92.86 21.00
C UNK C 1938 9.91 92.95 21.00
N UNK C 1939 9.29 92.78 19.82
CA UNK C 1939 7.81 92.62 19.70
C UNK C 1939 7.32 91.31 20.38
N UNK C 1940 8.15 90.27 20.30
CA UNK C 1940 7.93 89.02 21.08
C UNK C 1940 8.09 89.22 22.61
N UNK C 1941 8.95 90.16 23.02
CA UNK C 1941 9.06 90.60 24.44
C UNK C 1941 7.76 91.30 24.92
N UNK C 1942 7.08 92.03 24.02
CA UNK C 1942 5.71 92.55 24.28
C UNK C 1942 4.68 91.39 24.43
N UNK C 1943 4.87 90.33 23.63
CA UNK C 1943 4.07 89.07 23.72
C UNK C 1943 4.27 88.27 25.04
N UNK C 1944 5.42 88.48 25.71
CA UNK C 1944 5.74 87.84 27.00
C UNK C 1944 4.85 88.28 28.20
N UNK C 1945 4.00 89.31 28.02
CA UNK C 1945 3.01 89.73 29.05
C UNK C 1945 1.95 88.64 29.42
N UNK C 1946 1.73 87.67 28.53
CA UNK C 1946 0.73 86.59 28.75
C UNK C 1946 1.05 85.63 29.93
N UNK C 1947 2.35 85.44 30.24
CA UNK C 1947 2.80 84.51 31.31
C UNK C 1947 4.12 84.96 31.98
N LEU C 1948 3.16 99.46 33.84
CA LEU C 1948 2.81 100.44 32.82
C LEU C 1948 1.41 100.18 32.25
N THR C 1949 0.63 101.27 32.10
CA THR C 1949 -0.78 101.23 31.71
C THR C 1949 -1.04 100.76 30.26
N ILE C 1950 -0.02 100.88 29.40
CA ILE C 1950 -0.07 100.40 28.00
C ILE C 1950 -0.52 98.92 27.88
N ARG C 1951 -0.05 98.08 28.81
CA ARG C 1951 -0.43 96.65 28.87
C ARG C 1951 -1.90 96.46 29.30
N GLY C 1952 -2.36 97.29 30.23
CA GLY C 1952 -3.78 97.34 30.63
C GLY C 1952 -4.70 97.87 29.52
N ARG C 1953 -4.17 98.79 28.71
CA ARG C 1953 -4.89 99.37 27.54
C ARG C 1953 -5.12 98.32 26.42
N LEU C 1954 -4.10 97.48 26.16
CA LEU C 1954 -4.21 96.30 25.25
C LEU C 1954 -5.20 95.22 25.79
N LEU C 1955 -5.20 95.00 27.10
CA LEU C 1955 -6.16 94.09 27.77
C LEU C 1955 -7.63 94.56 27.60
N SER C 1956 -7.84 95.88 27.63
CA SER C 1956 -9.17 96.50 27.46
C SER C 1956 -9.70 96.39 25.99
N LEU C 1957 -8.82 96.70 25.02
CA LEU C 1957 -9.16 96.59 23.58
C LEU C 1957 -9.52 95.13 23.18
N VAL C 1958 -8.79 94.15 23.75
CA VAL C 1958 -9.11 92.70 23.57
C VAL C 1958 -10.48 92.33 24.19
N GLU C 1959 -10.81 92.94 25.33
CA GLU C 1959 -12.14 92.76 25.97
C GLU C 1959 -13.29 93.23 25.03
N LYS C 1960 -13.04 94.30 24.27
CA LYS C 1960 -13.95 94.74 23.18
C LYS C 1960 -13.96 93.84 21.93
N VAL C 1961 -12.84 93.14 21.66
CA VAL C 1961 -12.73 92.17 20.54
C VAL C 1961 -13.48 90.84 20.82
N THR C 1962 -13.79 90.57 22.10
CA THR C 1962 -14.65 89.43 22.49
C THR C 1962 -16.07 89.49 21.87
N TYR C 1963 -16.57 90.72 21.68
CA TYR C 1963 -17.92 90.99 21.16
C TYR C 1963 -17.83 91.51 19.72
N THR C 1982 -24.87 93.76 17.26
CA THR C 1982 -26.33 93.73 17.37
C THR C 1982 -27.01 92.99 16.20
N LEU C 1983 -26.54 93.22 14.97
CA LEU C 1983 -27.02 92.51 13.75
C LEU C 1983 -26.79 90.97 13.79
N GLN C 1984 -25.68 90.57 14.44
CA GLN C 1984 -25.30 89.15 14.63
C GLN C 1984 -26.41 88.34 15.35
N GLN C 1985 -27.09 88.99 16.31
CA GLN C 1985 -28.14 88.35 17.11
C GLN C 1985 -29.49 88.20 16.35
N LEU C 1986 -29.91 89.25 15.63
CA LEU C 1986 -31.14 89.20 14.81
C LEU C 1986 -31.06 88.13 13.69
N ILE C 1987 -29.89 87.99 13.07
CA ILE C 1987 -29.72 87.02 11.98
C ILE C 1987 -29.55 85.56 12.49
N SER C 1988 -28.88 85.37 13.63
CA SER C 1988 -28.69 84.02 14.22
C SER C 1988 -30.03 83.33 14.59
N GLU C 1989 -30.87 84.05 15.36
CA GLU C 1989 -32.18 83.54 15.80
C GLU C 1989 -33.19 83.26 14.66
N THR C 1990 -33.18 84.11 13.61
CA THR C 1990 -34.09 83.94 12.45
C THR C 1990 -33.68 82.82 11.47
N MET C 1991 -32.37 82.64 11.22
CA MET C 1991 -31.87 81.50 10.42
C MET C 1991 -32.18 80.16 11.11
N VAL C 1992 -32.09 80.14 12.45
CA VAL C 1992 -32.53 78.98 13.26
C VAL C 1992 -34.06 78.73 13.14
N ARG C 1993 -34.86 79.80 13.05
CA ARG C 1993 -36.32 79.69 12.85
C ARG C 1993 -36.70 79.07 11.48
N TRP C 1994 -36.07 79.54 10.40
CA TRP C 1994 -36.27 79.00 9.03
C TRP C 1994 -35.86 77.51 8.91
N ALA C 1995 -34.72 77.15 9.52
CA ALA C 1995 -34.23 75.75 9.52
C ALA C 1995 -35.07 74.79 10.40
N GLN C 1996 -35.79 75.34 11.39
CA GLN C 1996 -36.59 74.54 12.36
C GLN C 1996 -38.08 74.35 11.99
N GLU C 1997 -38.86 75.44 12.09
CA GLU C 1997 -40.34 75.38 12.02
C GLU C 1997 -40.92 75.05 10.62
N SER C 1998 -40.22 75.46 9.56
CA SER C 1998 -40.73 75.41 8.17
C SER C 1998 -40.33 74.19 7.29
N VAL C 1999 -39.34 73.40 7.73
CA VAL C 1999 -38.81 72.20 7.02
C VAL C 1999 -38.56 72.43 5.51
N ILE C 2000 -37.42 73.06 5.20
CA ILE C 2000 -37.16 73.63 3.86
C ILE C 2000 -36.85 72.59 2.75
N GLU C 2001 -37.23 72.94 1.51
CA GLU C 2001 -36.94 72.15 0.27
C GLU C 2001 -36.26 73.03 -0.80
N ASP C 2002 -35.50 72.40 -1.72
CA ASP C 2002 -34.65 73.05 -2.75
C ASP C 2002 -33.32 73.59 -2.13
N PRO C 2003 -32.17 72.94 -2.47
CA PRO C 2003 -30.86 73.06 -1.76
C PRO C 2003 -30.12 74.43 -1.74
N GLU C 2004 -30.31 75.27 -2.77
CA GLU C 2004 -29.61 76.57 -2.88
C GLU C 2004 -29.92 77.53 -1.69
N LEU C 2005 -31.14 77.44 -1.15
CA LEU C 2005 -31.55 78.18 0.06
C LEU C 2005 -30.76 77.75 1.33
N VAL C 2006 -30.51 76.45 1.47
CA VAL C 2006 -29.74 75.94 2.64
C VAL C 2006 -28.24 76.31 2.55
N ARG C 2007 -27.67 76.23 1.35
CA ARG C 2007 -26.26 76.66 1.08
C ARG C 2007 -26.00 78.16 1.44
N ALA C 2008 -27.00 79.03 1.19
CA ALA C 2008 -26.90 80.47 1.55
C ALA C 2008 -27.02 80.71 3.08
N MET C 2009 -28.01 80.07 3.72
CA MET C 2009 -28.24 80.16 5.18
C MET C 2009 -26.97 79.76 6.00
N PHE C 2010 -26.47 78.57 5.70
CA PHE C 2010 -25.30 78.00 6.39
C PHE C 2010 -23.95 78.69 6.02
N VAL C 2011 -23.83 79.28 4.81
CA VAL C 2011 -22.61 80.06 4.49
C VAL C 2011 -22.50 81.33 5.39
N LEU C 2012 -23.63 82.02 5.59
CA LEU C 2012 -23.68 83.17 6.53
C LEU C 2012 -23.52 82.80 8.04
N LEU C 2013 -23.86 81.55 8.40
CA LEU C 2013 -23.94 81.12 9.82
C LEU C 2013 -22.55 81.05 10.51
N HIS C 2014 -21.56 80.46 9.82
CA HIS C 2014 -20.14 80.51 10.27
C HIS C 2014 -19.61 81.96 10.36
N ARG C 2015 -19.99 82.78 9.36
CA ARG C 2015 -19.56 84.18 9.29
C ARG C 2015 -20.08 85.04 10.47
N GLN C 2016 -21.17 84.59 11.13
CA GLN C 2016 -21.67 85.20 12.39
C GLN C 2016 -21.00 84.65 13.69
N TYR C 2017 -21.00 83.32 13.86
CA TYR C 2017 -20.59 82.68 15.15
C TYR C 2017 -19.10 82.85 15.49
N ASP C 2018 -18.24 82.53 14.53
CA ASP C 2018 -16.78 82.60 14.73
C ASP C 2018 -16.22 83.92 14.13
N GLY C 2019 -16.57 85.04 14.76
CA GLY C 2019 -16.02 86.36 14.44
C GLY C 2019 -14.58 86.54 14.92
N ILE C 2020 -14.17 85.73 15.91
CA ILE C 2020 -12.79 85.73 16.44
C ILE C 2020 -11.76 85.04 15.52
N GLY C 2021 -12.09 83.85 15.00
CA GLY C 2021 -11.25 83.15 14.03
C GLY C 2021 -11.27 83.80 12.65
N GLY C 2022 -12.40 84.44 12.32
CA GLY C 2022 -12.51 85.31 11.12
C GLY C 2022 -11.61 86.55 11.23
N LEU C 2023 -11.50 87.09 12.46
CA LEU C 2023 -10.50 88.13 12.78
C LEU C 2023 -9.06 87.60 12.62
N VAL C 2024 -8.85 86.31 12.94
CA VAL C 2024 -7.51 85.67 12.84
C VAL C 2024 -7.03 85.54 11.37
N ARG C 2025 -7.91 85.12 10.46
CA ARG C 2025 -7.60 85.09 9.00
C ARG C 2025 -7.42 86.53 8.41
N ALA C 2026 -8.14 87.50 8.99
CA ALA C 2026 -8.05 88.93 8.60
C ALA C 2026 -6.71 89.63 8.96
N LEU C 2027 -6.15 89.34 10.14
CA LEU C 2027 -4.99 90.11 10.72
C LEU C 2027 -3.70 90.21 9.85
N PRO C 2028 -3.14 89.05 9.39
CA PRO C 2028 -1.87 89.10 8.61
C PRO C 2028 -1.96 89.97 7.32
N LYS C 2029 -3.12 89.91 6.65
CA LYS C 2029 -3.37 90.67 5.40
C LYS C 2029 -3.46 92.19 5.62
N THR C 2030 -4.07 92.60 6.72
CA THR C 2030 -4.25 94.02 7.05
C THR C 2030 -2.96 94.70 7.54
N TYR C 2031 -2.78 95.97 7.17
CA TYR C 2031 -1.94 96.93 7.91
C TYR C 2031 -2.31 98.40 7.54
N THR C 2032 -1.52 99.07 6.68
CA THR C 2032 -1.60 100.53 6.51
C THR C 2032 -0.68 101.04 5.37
N ILE C 2033 -1.10 102.12 4.69
CA ILE C 2033 -0.20 102.92 3.81
C ILE C 2033 -0.32 104.41 4.20
N ASN C 2034 0.79 105.14 4.20
CA ASN C 2034 0.83 106.58 4.59
C ASN C 2034 -0.14 107.44 3.74
N GLY C 2035 -0.89 108.33 4.41
CA GLY C 2035 -2.07 109.01 3.82
C GLY C 2035 -1.88 109.83 2.55
N VAL C 2036 -0.78 110.58 2.48
CA VAL C 2036 -0.49 111.44 1.31
C VAL C 2036 -0.23 110.61 0.03
N SER C 2037 0.24 109.36 0.22
CA SER C 2037 0.49 108.39 -0.88
C SER C 2037 -0.70 107.46 -1.28
N VAL C 2038 -1.90 107.72 -0.74
CA VAL C 2038 -3.13 106.96 -1.12
C VAL C 2038 -3.39 106.77 -2.64
N GLU C 2039 -3.01 107.75 -3.47
CA GLU C 2039 -3.16 107.67 -4.95
C GLU C 2039 -2.45 106.43 -5.56
N ASP C 2040 -1.23 106.14 -5.10
CA ASP C 2040 -0.48 104.93 -5.54
C ASP C 2040 -1.25 103.64 -5.20
N THR C 2041 -1.81 103.59 -3.98
CA THR C 2041 -2.60 102.44 -3.51
C THR C 2041 -3.85 102.22 -4.40
N ILE C 2042 -4.48 103.33 -4.81
CA ILE C 2042 -5.67 103.26 -5.68
C ILE C 2042 -5.25 102.66 -7.05
N ASN C 2043 -4.12 103.13 -7.59
CA ASN C 2043 -3.55 102.56 -8.84
C ASN C 2043 -3.21 101.08 -8.66
N LEU C 2044 -2.70 100.72 -7.47
CA LEU C 2044 -2.41 99.31 -7.12
C LEU C 2044 -3.71 98.48 -7.14
N LEU C 2045 -4.74 98.97 -6.45
CA LEU C 2045 -6.07 98.31 -6.44
C LEU C 2045 -6.73 98.32 -7.84
N ALA C 2046 -6.50 99.40 -8.60
CA ALA C 2046 -7.02 99.50 -9.97
C ALA C 2046 -6.42 98.44 -10.88
N SER C 2047 -5.13 98.13 -10.66
CA SER C 2047 -4.43 97.05 -11.36
C SER C 2047 -4.94 95.65 -10.94
N LEU C 2048 -5.26 95.49 -9.65
CA LEU C 2048 -5.89 94.25 -9.13
C LEU C 2048 -7.37 94.11 -9.58
N GLY C 2049 -8.04 95.23 -9.85
CA GLY C 2049 -9.39 95.25 -10.45
C GLY C 2049 -9.38 94.77 -11.90
N GLN C 2050 -8.23 94.96 -12.56
CA GLN C 2050 -7.94 94.41 -13.90
C GLN C 2050 -7.36 92.99 -13.81
N ILE C 2051 -6.39 92.77 -12.91
CA ILE C 2051 -5.66 91.48 -12.78
C ILE C 2051 -6.52 90.30 -12.26
N ARG C 2052 -7.41 90.54 -11.28
CA ARG C 2052 -8.36 89.51 -10.84
C ARG C 2052 -9.28 89.09 -12.01
N SER C 2053 -9.77 90.06 -12.79
CA SER C 2053 -10.55 89.79 -14.02
C SER C 2053 -9.74 88.98 -15.07
N LEU C 2054 -8.42 89.20 -15.12
CA LEU C 2054 -7.47 88.43 -15.99
C LEU C 2054 -7.29 86.96 -15.50
N LEU C 2055 -7.51 86.71 -14.19
CA LEU C 2055 -7.41 85.35 -13.58
C LEU C 2055 -8.38 84.31 -14.23
N SER C 2056 -9.56 84.78 -14.63
CA SER C 2056 -10.54 83.96 -15.34
C SER C 2056 -10.14 83.62 -16.79
N VAL C 2057 -9.47 84.56 -17.49
CA VAL C 2057 -9.10 84.38 -18.93
C VAL C 2057 -7.69 83.84 -19.16
N GLU C 2062 -4.19 91.80 -26.90
CA GLU C 2062 -5.39 92.53 -26.48
C GLU C 2062 -5.53 92.56 -24.94
N GLU C 2063 -5.59 91.37 -24.35
CA GLU C 2063 -5.65 91.20 -22.87
C GLU C 2063 -4.28 91.56 -22.23
N GLU C 2064 -3.22 91.04 -22.88
CA GLU C 2064 -1.79 91.26 -22.54
C GLU C 2064 -1.41 92.75 -22.31
N LYS C 2065 -1.88 93.62 -23.21
CA LYS C 2065 -1.60 95.07 -23.19
C LYS C 2065 -2.19 95.80 -21.97
N LEU C 2066 -3.45 95.46 -21.64
CA LEU C 2066 -4.15 95.97 -20.43
C LEU C 2066 -3.42 95.58 -19.12
N MET C 2067 -2.93 94.34 -19.06
CA MET C 2067 -2.22 93.83 -17.85
C MET C 2067 -0.86 94.51 -17.65
N ILE C 2068 -0.06 94.60 -18.72
CA ILE C 2068 1.30 95.21 -18.69
C ILE C 2068 1.28 96.72 -18.29
N ARG C 2069 0.21 97.43 -18.66
CA ARG C 2069 0.03 98.85 -18.26
C ARG C 2069 -0.09 99.08 -16.74
N GLY C 2070 -0.89 98.23 -16.06
CA GLY C 2070 -1.05 98.28 -14.60
C GLY C 2070 0.23 97.96 -13.83
N LEU C 2071 0.94 96.93 -14.30
CA LEU C 2071 2.28 96.51 -13.79
C LEU C 2071 3.35 97.63 -13.88
N GLY C 2072 3.31 98.40 -14.96
CA GLY C 2072 4.21 99.57 -15.14
C GLY C 2072 3.99 100.69 -14.13
N ASP C 2073 2.71 100.97 -13.84
CA ASP C 2073 2.34 101.96 -12.80
C ASP C 2073 2.75 101.50 -11.39
N ILE C 2074 2.73 100.17 -11.16
CA ILE C 2074 3.21 99.55 -9.89
C ILE C 2074 4.75 99.67 -9.72
N MET C 2075 5.50 99.55 -10.84
CA MET C 2075 6.97 99.78 -10.83
C MET C 2075 7.33 101.25 -10.51
N ASN C 2076 6.46 102.18 -10.92
CA ASN C 2076 6.61 103.63 -10.64
C ASN C 2076 6.46 104.01 -9.12
N ASN C 2077 5.69 103.23 -8.36
CA ASN C 2077 5.34 103.57 -6.96
C ASN C 2077 6.53 103.35 -5.98
N LYS C 2078 6.64 104.24 -4.98
CA LYS C 2078 7.63 104.14 -3.87
C LYS C 2078 7.14 103.25 -2.69
N VAL C 2079 5.82 103.10 -2.53
CA VAL C 2079 5.18 102.21 -1.52
C VAL C 2079 5.55 100.71 -1.77
N PHE C 2080 5.81 100.36 -3.03
CA PHE C 2080 6.33 99.02 -3.41
C PHE C 2080 7.71 98.70 -2.77
N TYR C 2081 8.51 99.75 -2.52
CA TYR C 2081 9.83 99.67 -1.87
C TYR C 2081 9.72 99.87 -0.33
N GLN C 2082 8.97 100.91 0.07
CA GLN C 2082 8.77 101.27 1.50
C GLN C 2082 7.91 100.28 2.33
N HIS C 2083 6.99 99.54 1.67
CA HIS C 2083 6.08 98.58 2.35
C HIS C 2083 6.01 97.16 1.66
N PRO C 2084 7.16 96.42 1.59
CA PRO C 2084 7.17 95.10 0.90
C PRO C 2084 6.36 93.98 1.60
N ASN C 2085 6.42 93.95 2.94
CA ASN C 2085 5.69 92.96 3.77
C ASN C 2085 4.16 93.09 3.64
N LEU C 2086 3.67 94.30 3.31
CA LEU C 2086 2.25 94.53 2.96
C LEU C 2086 1.83 93.74 1.69
N MET C 2087 2.74 93.64 0.70
CA MET C 2087 2.44 93.00 -0.59
C MET C 2087 2.37 91.45 -0.47
N ARG C 2088 3.33 90.85 0.24
CA ARG C 2088 3.29 89.39 0.57
C ARG C 2088 2.10 89.01 1.49
N ALA C 2089 1.73 89.94 2.39
CA ALA C 2089 0.54 89.80 3.27
C ALA C 2089 -0.80 89.82 2.49
N LEU C 2090 -0.88 90.59 1.40
CA LEU C 2090 -2.07 90.63 0.52
C LEU C 2090 -2.40 89.27 -0.16
N GLY C 2091 -1.36 88.45 -0.38
CA GLY C 2091 -1.49 87.19 -1.13
C GLY C 2091 -1.62 87.44 -2.64
N MET C 2092 -1.23 88.63 -3.09
CA MET C 2092 -1.38 89.04 -4.51
C MET C 2092 -0.44 88.24 -5.45
N HIS C 2093 0.77 87.91 -4.97
CA HIS C 2093 1.74 87.07 -5.73
C HIS C 2093 1.17 85.68 -6.11
N GLU C 2094 0.36 85.08 -5.22
CA GLU C 2094 -0.39 83.83 -5.50
C GLU C 2094 -1.40 83.99 -6.68
N THR C 2095 -2.03 85.17 -6.76
CA THR C 2095 -2.98 85.51 -7.84
C THR C 2095 -2.28 85.70 -9.22
N VAL C 2096 -1.19 86.47 -9.24
CA VAL C 2096 -0.39 86.76 -10.48
C VAL C 2096 0.27 85.47 -11.06
N MET C 2097 0.80 84.62 -10.18
CA MET C 2097 1.38 83.32 -10.59
C MET C 2097 0.30 82.31 -11.09
N GLU C 2098 -0.91 82.35 -10.51
CA GLU C 2098 -2.04 81.51 -11.01
C GLU C 2098 -2.46 81.93 -12.45
N VAL C 2099 -2.52 83.24 -12.69
CA VAL C 2099 -2.77 83.83 -14.04
C VAL C 2099 -1.70 83.36 -15.07
N MET C 2100 -0.44 83.27 -14.62
CA MET C 2100 0.68 82.74 -15.43
C MET C 2100 0.49 81.25 -15.83
N VAL C 2101 0.05 80.43 -14.87
CA VAL C 2101 -0.29 78.98 -15.10
C VAL C 2101 -1.34 78.83 -16.23
N ASN C 2102 -2.37 79.68 -16.18
CA ASN C 2102 -3.47 79.65 -17.16
C ASN C 2102 -3.05 80.18 -18.56
N VAL C 2103 -2.12 81.15 -18.61
CA VAL C 2103 -1.55 81.66 -19.91
C VAL C 2103 -0.65 80.59 -20.60
N LEU C 2104 0.07 79.79 -19.80
CA LEU C 2104 0.93 78.70 -20.34
C LEU C 2104 0.14 77.52 -20.97
N GLY C 2105 -1.12 77.33 -20.55
CA GLY C 2105 -2.01 76.28 -21.09
C GLY C 2105 -1.70 74.89 -20.54
N PRO C 2115 1.28 86.50 -25.46
CA PRO C 2115 2.67 86.09 -25.66
C PRO C 2115 3.66 86.95 -24.85
N LYS C 2116 3.67 88.26 -25.11
CA LYS C 2116 4.54 89.24 -24.42
C LYS C 2116 4.22 89.38 -22.91
N MET C 2117 2.97 89.07 -22.52
CA MET C 2117 2.53 89.06 -21.10
C MET C 2117 3.37 88.12 -20.23
N VAL C 2118 3.84 86.99 -20.78
CA VAL C 2118 4.75 86.05 -20.08
C VAL C 2118 6.11 86.73 -19.76
N ALA C 2119 6.60 87.56 -20.68
CA ALA C 2119 7.89 88.27 -20.51
C ALA C 2119 7.85 89.35 -19.42
N ASN C 2120 6.87 90.25 -19.50
CA ASN C 2120 6.68 91.31 -18.48
C ASN C 2120 6.29 90.76 -17.09
N CYS C 2121 5.53 89.65 -17.08
CA CYS C 2121 5.18 88.92 -15.84
C CYS C 2121 6.44 88.40 -15.11
N CYS C 2122 7.36 87.79 -15.87
CA CYS C 2122 8.68 87.33 -15.36
C CYS C 2122 9.58 88.48 -14.84
N ARG C 2123 9.50 89.66 -15.47
CA ARG C 2123 10.21 90.87 -15.01
C ARG C 2123 9.74 91.30 -13.61
N PHE C 2124 8.41 91.45 -13.46
CA PHE C 2124 7.79 91.85 -12.17
C PHE C 2124 7.94 90.81 -11.03
N LEU C 2125 7.96 89.51 -11.38
CA LEU C 2125 8.12 88.43 -10.37
C LEU C 2125 9.57 88.29 -9.85
N CYS C 2126 10.57 88.42 -10.74
CA CYS C 2126 12.00 88.43 -10.34
C CYS C 2126 12.36 89.65 -9.45
N TYR C 2127 11.88 90.83 -9.85
CA TYR C 2127 12.02 92.08 -9.08
C TYR C 2127 11.29 92.00 -7.71
N PHE C 2128 10.17 91.27 -7.68
CA PHE C 2128 9.41 90.97 -6.43
C PHE C 2128 10.21 90.04 -5.47
N CYS C 2129 11.03 89.14 -6.04
CA CYS C 2129 12.01 88.35 -5.25
C CYS C 2129 13.16 89.22 -4.67
N ARG C 2130 13.52 90.30 -5.40
CA ARG C 2130 14.65 91.20 -5.01
C ARG C 2130 14.47 91.98 -3.68
N ILE C 2131 13.23 92.40 -3.36
CA ILE C 2131 12.96 93.38 -2.26
C ILE C 2131 13.30 92.94 -0.80
N SER C 2132 13.04 91.68 -0.43
CA SER C 2132 13.37 91.16 0.93
C SER C 2132 13.43 89.60 0.99
N ARG C 2133 14.29 89.07 1.89
CA ARG C 2133 14.46 87.61 2.09
C ARG C 2133 13.18 86.88 2.62
N GLN C 2134 12.46 87.55 3.53
CA GLN C 2134 11.19 87.02 4.10
C GLN C 2134 10.06 86.89 3.03
N ASN C 2135 10.03 87.84 2.08
CA ASN C 2135 9.19 87.72 0.85
C ASN C 2135 9.71 86.60 -0.10
N GLN C 2136 11.05 86.46 -0.15
CA GLN C 2136 11.72 85.41 -0.98
C GLN C 2136 11.36 83.96 -0.56
N LYS C 2137 11.03 83.74 0.71
CA LYS C 2137 10.46 82.45 1.20
C LYS C 2137 9.09 82.16 0.56
N ALA C 2138 8.24 83.20 0.54
CA ALA C 2138 6.88 83.13 -0.01
C ALA C 2138 6.86 82.82 -1.52
N MET C 2139 7.83 83.37 -2.25
CA MET C 2139 8.08 82.99 -3.67
C MET C 2139 8.69 81.57 -3.79
N PHE C 2140 9.53 81.17 -2.81
CA PHE C 2140 10.24 79.86 -2.80
C PHE C 2140 9.32 78.62 -2.72
N ASP C 2141 8.17 78.74 -2.04
CA ASP C 2141 7.16 77.65 -1.93
C ASP C 2141 6.55 77.19 -3.30
N HIS C 2142 6.55 78.08 -4.31
CA HIS C 2142 5.87 77.85 -5.62
C HIS C 2142 6.75 77.22 -6.76
N LEU C 2143 7.96 76.76 -6.44
CA LEU C 2143 8.89 76.19 -7.46
C LEU C 2143 8.37 74.89 -8.12
N SER C 2144 7.59 74.10 -7.38
CA SER C 2144 6.99 72.86 -7.92
C SER C 2144 6.02 73.13 -9.12
N TYR C 2145 5.20 74.18 -8.99
CA TYR C 2145 4.29 74.66 -10.06
C TYR C 2145 5.06 75.30 -11.25
N LEU C 2146 6.10 76.09 -10.94
CA LEU C 2146 6.88 76.85 -11.95
C LEU C 2146 7.72 75.96 -12.91
N LEU C 2147 8.29 74.87 -12.38
CA LEU C 2147 8.98 73.85 -13.23
C LEU C 2147 7.96 73.03 -14.09
N GLU C 2148 6.89 72.57 -13.45
CA GLU C 2148 5.72 71.93 -14.11
C GLU C 2148 5.12 72.82 -15.22
N ASN C 2149 5.10 74.13 -14.96
CA ASN C 2149 4.72 75.19 -15.93
C ASN C 2149 5.75 75.36 -17.08
N SER C 2150 7.04 75.07 -16.81
CA SER C 2150 8.12 75.12 -17.83
C SER C 2150 8.33 73.76 -18.60
N SER C 2151 7.22 73.07 -18.90
CA SER C 2151 7.25 71.73 -19.49
C SER C 2151 7.50 71.72 -21.01
N VAL C 2152 6.52 72.21 -21.79
CA VAL C 2152 6.54 72.10 -23.27
C VAL C 2152 7.26 73.31 -23.90
N THR C 2163 11.28 84.92 -19.56
CA THR C 2163 11.39 83.46 -19.45
C THR C 2163 11.00 82.98 -18.02
N PRO C 2164 10.01 82.06 -17.89
CA PRO C 2164 9.42 81.67 -16.58
C PRO C 2164 10.40 81.06 -15.55
N LEU C 2165 11.40 80.33 -16.06
CA LEU C 2165 12.48 79.74 -15.24
C LEU C 2165 13.33 80.78 -14.46
N ASP C 2166 13.46 82.00 -15.01
CA ASP C 2166 14.21 83.10 -14.35
C ASP C 2166 13.60 83.51 -12.98
N VAL C 2167 12.27 83.36 -12.85
CA VAL C 2167 11.54 83.63 -11.58
C VAL C 2167 11.99 82.64 -10.46
N ALA C 2168 12.23 81.39 -10.85
CA ALA C 2168 12.70 80.32 -9.94
C ALA C 2168 14.16 80.53 -9.49
N ALA C 2169 15.05 80.82 -10.46
CA ALA C 2169 16.48 81.10 -10.18
C ALA C 2169 16.67 82.33 -9.24
N ALA C 2170 15.89 83.39 -9.47
CA ALA C 2170 15.85 84.59 -8.59
C ALA C 2170 15.32 84.27 -7.17
N SER C 2171 14.39 83.31 -7.08
CA SER C 2171 13.91 82.77 -5.78
C SER C 2171 15.00 82.01 -4.98
N VAL C 2172 15.98 81.40 -5.69
CA VAL C 2172 17.05 80.54 -5.10
C VAL C 2172 18.34 81.29 -4.64
N MET C 2173 18.81 82.28 -5.42
CA MET C 2173 20.20 82.81 -5.31
C MET C 2173 20.64 83.50 -3.99
N ASP C 2174 19.82 84.41 -3.47
CA ASP C 2174 20.25 85.41 -2.45
C ASP C 2174 20.65 84.85 -1.06
N ASN C 2175 19.95 83.82 -0.60
CA ASN C 2175 20.10 83.26 0.78
C ASN C 2175 20.80 81.89 0.77
N ASN C 2176 21.77 81.68 1.66
CA ASN C 2176 22.46 80.36 1.82
C ASN C 2176 21.48 79.27 2.34
N GLU C 2177 20.64 79.65 3.32
CA GLU C 2177 19.65 78.72 3.94
C GLU C 2177 18.55 78.28 2.95
N LEU C 2178 18.00 79.24 2.17
CA LEU C 2178 17.00 78.93 1.12
C LEU C 2178 17.61 78.13 -0.07
N ALA C 2179 18.89 78.39 -0.40
CA ALA C 2179 19.62 77.62 -1.45
C ALA C 2179 19.78 76.13 -1.07
N LEU C 2180 20.01 75.87 0.22
CA LEU C 2180 19.95 74.49 0.78
C LEU C 2180 18.51 73.89 0.74
N ALA C 2181 17.48 74.74 0.96
CA ALA C 2181 16.08 74.29 1.20
C ALA C 2181 15.36 73.45 0.10
N LEU C 2182 15.85 73.43 -1.15
CA LEU C 2182 15.23 72.66 -2.28
C LEU C 2182 15.04 71.13 -2.03
N ARG C 2183 13.84 70.60 -2.36
CA ARG C 2183 13.55 69.15 -2.26
C ARG C 2183 14.07 68.37 -3.50
N GLU C 2184 14.40 67.09 -3.32
CA GLU C 2184 14.96 66.25 -4.40
C GLU C 2184 14.02 65.98 -5.61
N PRO C 2185 12.67 65.95 -5.40
CA PRO C 2185 11.77 65.79 -6.56
C PRO C 2185 11.74 66.96 -7.57
N ASP C 2186 11.97 68.20 -7.11
CA ASP C 2186 12.06 69.39 -8.01
C ASP C 2186 13.31 69.33 -8.92
N LEU C 2187 14.47 69.04 -8.33
CA LEU C 2187 15.72 68.83 -9.10
C LEU C 2187 15.61 67.62 -10.07
N GLU C 2188 14.83 66.60 -9.68
CA GLU C 2188 14.47 65.47 -10.55
C GLU C 2188 13.62 65.89 -11.79
N LYS C 2189 12.69 66.84 -11.59
CA LYS C 2189 11.91 67.45 -12.69
C LYS C 2189 12.81 68.24 -13.68
N VAL C 2190 13.84 68.91 -13.15
CA VAL C 2190 14.78 69.71 -13.98
C VAL C 2190 15.69 68.81 -14.86
N VAL C 2191 16.33 67.82 -14.22
CA VAL C 2191 17.31 66.92 -14.90
C VAL C 2191 16.72 65.94 -15.94
N VAL C 2192 15.53 65.39 -15.69
CA VAL C 2192 15.10 64.14 -16.39
C VAL C 2192 14.67 64.34 -17.87
N ARG C 2193 13.90 65.38 -18.16
CA ARG C 2193 13.27 65.56 -19.49
C ARG C 2193 14.11 66.42 -20.45
N TYR C 2194 14.45 67.62 -20.00
CA TYR C 2194 14.86 68.72 -20.88
C TYR C 2194 16.28 68.57 -21.46
N LEU C 2195 17.17 67.91 -20.71
CA LEU C 2195 18.52 67.55 -21.22
C LEU C 2195 18.46 66.55 -22.39
N ALA C 2196 17.42 65.71 -22.41
CA ALA C 2196 17.11 64.84 -23.57
C ALA C 2196 16.53 65.63 -24.76
N GLY C 2197 15.85 66.75 -24.48
CA GLY C 2197 15.35 67.67 -25.51
C GLY C 2197 16.45 68.30 -26.38
N CYS C 2198 17.50 68.83 -25.74
CA CYS C 2198 18.66 69.42 -26.44
C CYS C 2198 19.57 68.36 -27.08
N GLY C 2199 19.60 67.16 -26.47
CA GLY C 2199 20.27 65.99 -27.04
C GLY C 2199 19.59 65.48 -28.30
N LEU C 2200 18.26 65.37 -28.23
CA LEU C 2200 17.43 64.99 -29.39
C LEU C 2200 17.10 66.21 -30.26
N PRO C 2218 17.32 73.44 -28.53
CA PRO C 2218 18.69 73.90 -28.30
C PRO C 2218 18.74 75.22 -27.51
N VAL C 2219 18.03 76.25 -27.98
CA VAL C 2219 18.01 77.59 -27.34
C VAL C 2219 17.40 77.56 -25.92
N GLU C 2220 16.24 76.92 -25.80
CA GLU C 2220 15.54 76.80 -24.50
C GLU C 2220 16.30 75.86 -23.54
N GLY C 2221 16.99 74.87 -24.10
CA GLY C 2221 17.88 73.97 -23.34
C GLY C 2221 19.05 74.63 -22.59
N GLU C 2222 19.56 75.74 -23.15
CA GLU C 2222 20.64 76.53 -22.53
C GLU C 2222 20.22 77.19 -21.18
N ARG C 2223 18.93 77.56 -21.08
CA ARG C 2223 18.36 78.15 -19.84
C ARG C 2223 18.31 77.16 -18.64
N TYR C 2224 17.94 75.90 -18.91
CA TYR C 2224 17.74 74.87 -17.86
C TYR C 2224 19.02 74.53 -17.05
N LEU C 2225 20.17 74.46 -17.75
CA LEU C 2225 21.50 74.30 -17.12
C LEU C 2225 21.91 75.51 -16.24
N ASP C 2226 21.44 76.71 -16.61
CA ASP C 2226 21.65 77.94 -15.80
C ASP C 2226 20.90 77.86 -14.45
N PHE C 2227 19.73 77.19 -14.40
CA PHE C 2227 18.99 76.97 -13.12
C PHE C 2227 19.75 76.07 -12.11
N LEU C 2228 20.34 74.98 -12.58
CA LEU C 2228 21.22 74.14 -11.73
C LEU C 2228 22.49 74.91 -11.28
N ARG C 2229 23.00 75.75 -12.19
CA ARG C 2229 24.17 76.65 -11.95
C ARG C 2229 23.98 77.62 -10.76
N PHE C 2230 22.76 78.16 -10.63
CA PHE C 2230 22.37 79.00 -9.46
C PHE C 2230 21.83 78.16 -8.27
N ALA C 2231 21.54 76.87 -8.49
CA ALA C 2231 21.11 75.92 -7.44
C ALA C 2231 22.25 75.24 -6.62
N VAL C 2232 23.52 75.42 -7.03
CA VAL C 2232 24.70 74.78 -6.35
C VAL C 2232 25.74 75.76 -5.72
N PHE C 2233 26.18 76.78 -6.46
CA PHE C 2233 27.30 77.68 -6.03
C PHE C 2233 26.95 78.56 -4.80
N CYS C 2234 25.69 79.02 -4.71
CA CYS C 2234 25.22 79.88 -3.59
C CYS C 2234 26.13 81.11 -3.31
N ASN C 2235 26.23 81.56 -2.04
CA ASN C 2235 27.02 82.76 -1.66
C ASN C 2235 28.56 82.64 -1.86
N GLY C 2236 29.11 81.42 -1.79
CA GLY C 2236 30.57 81.19 -1.95
C GLY C 2236 30.99 79.76 -2.25
N GLU C 2237 31.14 78.94 -1.20
CA GLU C 2237 31.44 77.50 -1.36
C GLU C 2237 30.20 76.77 -1.88
N SER C 2238 30.44 75.71 -2.67
CA SER C 2238 29.38 74.85 -3.22
C SER C 2238 28.68 74.02 -2.11
N VAL C 2239 27.34 73.87 -2.22
CA VAL C 2239 26.52 73.13 -1.23
C VAL C 2239 26.49 71.60 -1.53
N GLU C 2240 27.28 70.82 -0.80
CA GLU C 2240 27.43 69.35 -1.00
C GLU C 2240 26.10 68.53 -0.89
N GLU C 2241 25.18 68.99 -0.03
CA GLU C 2241 23.87 68.34 0.20
C GLU C 2241 22.98 68.37 -1.07
N ASN C 2242 23.12 69.43 -1.89
CA ASN C 2242 22.47 69.55 -3.22
C ASN C 2242 23.37 68.98 -4.36
N ALA C 2243 24.65 69.37 -4.35
CA ALA C 2243 25.61 69.06 -5.45
C ALA C 2243 25.84 67.54 -5.68
N ASN C 2244 25.81 66.74 -4.60
CA ASN C 2244 25.99 65.27 -4.70
C ASN C 2244 24.81 64.59 -5.45
N VAL C 2245 23.57 64.97 -5.09
CA VAL C 2245 22.34 64.44 -5.75
C VAL C 2245 22.26 64.89 -7.25
N VAL C 2246 22.72 66.12 -7.55
CA VAL C 2246 22.76 66.65 -8.94
C VAL C 2246 23.78 65.85 -9.81
N VAL C 2247 24.95 65.53 -9.25
CA VAL C 2247 25.98 64.67 -9.92
C VAL C 2247 25.43 63.24 -10.21
N ARG C 2248 24.68 62.66 -9.26
CA ARG C 2248 24.11 61.29 -9.43
C ARG C 2248 23.02 61.24 -10.55
N LEU C 2249 22.17 62.26 -10.61
CA LEU C 2249 21.15 62.41 -11.69
C LEU C 2249 21.76 62.69 -13.11
N LEU C 2250 22.85 63.46 -13.17
CA LEU C 2250 23.56 63.77 -14.45
C LEU C 2250 24.45 62.60 -14.99
N ILE C 2251 24.85 61.69 -14.09
CA ILE C 2251 25.57 60.45 -14.45
C ILE C 2251 24.61 59.31 -14.89
N ARG C 2252 23.39 59.31 -14.33
CA ARG C 2252 22.32 58.38 -14.73
C ARG C 2252 21.62 58.76 -16.07
N ARG C 2253 21.65 60.06 -16.45
CA ARG C 2253 21.08 60.54 -17.75
C ARG C 2253 21.93 61.63 -18.49
N PRO C 2254 23.24 61.36 -18.76
CA PRO C 2254 24.07 62.33 -19.51
C PRO C 2254 23.57 62.60 -20.94
N GLU C 2255 23.02 61.57 -21.59
CA GLU C 2255 22.46 61.70 -22.96
C GLU C 2255 21.14 62.49 -22.94
N GLY C 2268 36.10 63.38 -28.58
CA GLY C 2268 35.13 63.49 -27.49
C GLY C 2268 34.43 64.85 -27.45
N LEU C 2269 34.30 65.42 -26.23
CA LEU C 2269 33.75 66.78 -26.01
C LEU C 2269 34.49 67.88 -26.81
N LEU C 2270 35.83 67.73 -26.86
CA LEU C 2270 36.73 68.66 -27.58
C LEU C 2270 36.44 68.73 -29.10
N ALA C 2271 36.12 67.58 -29.71
CA ALA C 2271 35.74 67.50 -31.14
C ALA C 2271 34.43 68.30 -31.44
N ALA C 2272 33.47 68.18 -30.52
CA ALA C 2272 32.20 68.95 -30.57
C ALA C 2272 32.45 70.48 -30.43
N MET C 2273 33.43 70.83 -29.59
CA MET C 2273 33.84 72.23 -29.36
C MET C 2273 34.54 72.89 -30.58
N GLU C 2274 35.27 72.10 -31.37
CA GLU C 2274 35.95 72.60 -32.61
C GLU C 2274 34.94 72.92 -33.76
N GLU C 2275 34.02 71.98 -34.00
CA GLU C 2275 33.16 71.97 -35.22
C GLU C 2275 32.23 73.21 -35.38
N ALA C 2276 31.74 73.74 -34.25
CA ALA C 2276 30.86 74.94 -34.23
C ALA C 2276 31.54 76.26 -34.68
N ILE C 2277 32.88 76.34 -34.57
CA ILE C 2277 33.66 77.54 -34.97
C ILE C 2277 33.64 77.77 -36.51
N LYS C 2278 33.62 76.68 -37.29
CA LYS C 2278 33.56 76.76 -38.79
C LYS C 2278 32.19 77.18 -39.37
N ILE C 2279 31.11 77.00 -38.60
CA ILE C 2279 29.75 77.39 -39.02
C ILE C 2279 29.27 78.59 -38.19
N GLY C 2311 24.38 75.29 -34.74
CA GLY C 2311 25.80 75.09 -34.40
C GLY C 2311 26.20 75.68 -33.05
N ASN C 2312 25.93 76.97 -32.87
CA ASN C 2312 26.29 77.71 -31.64
C ASN C 2312 25.49 77.26 -30.38
N ALA C 2313 24.28 76.74 -30.59
CA ALA C 2313 23.42 76.23 -29.49
C ALA C 2313 24.00 74.97 -28.78
N ILE C 2314 24.72 74.13 -29.54
CA ILE C 2314 25.35 72.90 -29.00
C ILE C 2314 26.70 73.21 -28.31
N MET C 2315 27.49 74.12 -28.91
CA MET C 2315 28.72 74.72 -28.31
C MET C 2315 28.43 75.34 -26.91
N THR C 2316 27.32 76.08 -26.81
CA THR C 2316 26.84 76.64 -25.54
C THR C 2316 26.29 75.57 -24.56
N PHE C 2317 25.76 74.46 -25.09
CA PHE C 2317 25.31 73.29 -24.27
C PHE C 2317 26.47 72.59 -23.50
N TYR C 2318 27.55 72.24 -24.21
CA TYR C 2318 28.73 71.65 -23.56
C TYR C 2318 29.58 72.67 -22.77
N ALA C 2319 29.42 73.97 -23.08
CA ALA C 2319 30.01 75.06 -22.27
C ALA C 2319 29.36 75.17 -20.86
N ALA C 2320 28.02 75.20 -20.83
CA ALA C 2320 27.25 75.20 -19.55
C ALA C 2320 27.42 73.88 -18.77
N LEU C 2321 27.62 72.76 -19.48
CA LEU C 2321 27.86 71.42 -18.88
C LEU C 2321 29.21 71.34 -18.11
N ILE C 2322 30.31 71.71 -18.78
CA ILE C 2322 31.66 71.77 -18.15
C ILE C 2322 31.75 72.85 -17.01
N ASP C 2323 31.03 73.97 -17.21
CA ASP C 2323 30.93 75.04 -16.18
C ASP C 2323 30.24 74.52 -14.90
N LEU C 2324 29.23 73.65 -15.07
CA LEU C 2324 28.49 73.02 -13.95
C LEU C 2324 29.35 72.00 -13.16
N LEU C 2325 30.05 71.11 -13.90
CA LEU C 2325 30.94 70.09 -13.31
C LEU C 2325 32.10 70.69 -12.47
N GLY C 2326 32.64 71.84 -12.91
CA GLY C 2326 33.64 72.57 -12.14
C GLY C 2326 33.11 73.37 -10.96
N ARG C 2327 31.86 73.85 -11.09
CA ARG C 2327 31.22 74.73 -10.09
C ARG C 2327 30.98 74.09 -8.69
N CYS C 2328 30.74 72.76 -8.67
CA CYS C 2328 30.55 71.98 -7.42
C CYS C 2328 31.88 71.58 -6.71
N ALA C 2329 33.02 71.71 -7.40
CA ALA C 2329 34.34 71.30 -6.86
C ALA C 2329 34.84 72.28 -5.79
N GLU C 2341 36.91 62.12 1.59
CA GLU C 2341 35.64 61.52 1.18
C GLU C 2341 34.88 62.40 0.17
N ALA C 2342 34.98 63.73 0.35
CA ALA C 2342 34.66 64.70 -0.73
C ALA C 2342 35.79 64.78 -1.80
N ILE C 2343 37.00 64.32 -1.45
CA ILE C 2343 38.12 64.21 -2.39
C ILE C 2343 37.88 63.08 -3.44
N ARG C 2344 37.07 62.07 -3.09
CA ARG C 2344 36.58 61.01 -4.03
C ARG C 2344 35.77 61.57 -5.23
N ILE C 2345 34.74 62.36 -4.92
CA ILE C 2345 33.92 63.06 -5.96
C ILE C 2345 34.76 64.14 -6.71
N ARG C 2346 35.73 64.76 -6.02
CA ARG C 2346 36.70 65.68 -6.67
C ARG C 2346 37.55 64.95 -7.74
N SER C 2347 37.89 63.67 -7.48
CA SER C 2347 38.67 62.82 -8.41
C SER C 2347 37.85 62.35 -9.63
N ILE C 2348 36.60 61.94 -9.41
CA ILE C 2348 35.68 61.53 -10.51
C ILE C 2348 35.37 62.76 -11.44
N LEU C 2349 35.37 63.96 -10.85
CA LEU C 2349 35.35 65.24 -11.60
C LEU C 2349 36.65 65.50 -12.43
N ARG C 2350 37.81 65.06 -11.92
CA ARG C 2350 39.09 65.09 -12.67
C ARG C 2350 39.11 64.14 -13.92
N SER C 2351 38.26 63.11 -13.90
CA SER C 2351 38.10 62.16 -15.04
C SER C 2351 37.53 62.80 -16.33
N LEU C 2352 36.71 63.85 -16.17
CA LEU C 2352 36.09 64.59 -17.32
C LEU C 2352 36.72 65.98 -17.52
N UNK C 2353 41.98 65.23 -17.97
CA UNK C 2353 41.82 66.66 -18.16
C UNK C 2353 41.51 66.98 -19.62
N UNK C 2354 40.24 66.82 -19.99
CA UNK C 2354 39.77 67.11 -21.35
C UNK C 2354 39.72 68.62 -21.65
N UNK C 2355 39.55 69.42 -20.60
CA UNK C 2355 39.46 70.88 -20.74
C UNK C 2355 40.79 71.60 -21.03
N UNK C 2356 41.92 70.94 -20.76
CA UNK C 2356 43.26 71.53 -21.00
C UNK C 2356 43.55 71.79 -22.50
N UNK C 2357 43.22 70.79 -23.35
CA UNK C 2357 43.32 70.94 -24.83
C UNK C 2357 42.34 72.01 -25.40
N UNK C 2358 41.21 72.19 -24.72
CA UNK C 2358 40.24 73.26 -25.04
C UNK C 2358 40.80 74.65 -24.66
N UNK C 2359 41.47 74.73 -23.51
CA UNK C 2359 42.03 76.00 -22.94
C UNK C 2359 42.80 76.89 -23.95
N UNK C 2360 43.91 76.37 -24.49
CA UNK C 2360 44.75 77.12 -25.47
C UNK C 2360 43.99 77.47 -26.77
N UNK C 2361 43.14 76.54 -27.23
CA UNK C 2361 42.30 76.75 -28.44
C UNK C 2361 41.24 77.86 -28.24
N UNK C 2362 40.70 77.96 -27.01
CA UNK C 2362 39.82 79.08 -26.63
C UNK C 2362 40.58 80.43 -26.69
N UNK C 2363 41.87 80.42 -26.31
CA UNK C 2363 42.77 81.59 -26.49
C UNK C 2363 43.01 81.90 -27.99
N UNK C 2364 43.08 80.84 -28.81
CA UNK C 2364 43.09 80.99 -30.29
C UNK C 2364 41.78 81.64 -30.81
N UNK C 2365 40.65 81.30 -30.19
CA UNK C 2365 39.37 81.99 -30.46
C UNK C 2365 39.39 83.47 -30.01
N UNK C 2366 40.08 83.74 -28.88
CA UNK C 2366 40.29 85.11 -28.34
C UNK C 2366 38.99 85.87 -28.02
N PHE C 2367 30.02 86.04 -27.22
CA PHE C 2367 30.42 84.67 -27.61
C PHE C 2367 31.71 84.23 -26.88
N CYS C 2368 32.87 84.75 -27.31
CA CYS C 2368 34.21 84.28 -26.88
C CYS C 2368 34.54 84.25 -25.35
N PRO C 2369 34.35 85.38 -24.61
CA PRO C 2369 34.81 85.42 -23.19
C PRO C 2369 34.13 84.44 -22.17
N ASP C 2370 32.85 84.11 -22.38
CA ASP C 2370 32.09 83.26 -21.42
C ASP C 2370 32.57 81.79 -21.35
N HIS C 2371 32.89 81.20 -22.51
CA HIS C 2371 33.35 79.80 -22.62
C HIS C 2371 34.68 79.58 -21.84
N LYS C 2372 35.64 80.48 -22.08
CA LYS C 2372 36.95 80.52 -21.37
C LYS C 2372 36.78 80.78 -19.84
N ALA C 2373 35.77 81.58 -19.46
CA ALA C 2373 35.46 81.83 -18.03
C ALA C 2373 35.04 80.53 -17.30
N ALA C 2374 34.21 79.72 -17.97
CA ALA C 2374 33.83 78.38 -17.49
C ALA C 2374 35.03 77.42 -17.37
N MET C 2375 35.93 77.46 -18.36
CA MET C 2375 37.15 76.60 -18.39
C MET C 2375 38.17 76.91 -17.25
N VAL C 2376 38.23 78.19 -16.82
CA VAL C 2376 39.15 78.62 -15.74
C VAL C 2376 38.59 78.35 -14.31
N LEU C 2377 37.27 78.51 -14.12
CA LEU C 2377 36.62 78.11 -12.84
C LEU C 2377 36.69 76.56 -12.64
N PHE C 2378 36.57 75.79 -13.74
CA PHE C 2378 36.75 74.30 -13.73
C PHE C 2378 38.20 73.89 -13.33
N LEU C 2379 39.20 74.51 -13.97
CA LEU C 2379 40.63 74.19 -13.70
C LEU C 2379 41.10 74.56 -12.27
N ASP C 2380 40.57 75.66 -11.72
CA ASP C 2380 40.94 76.13 -10.37
C ASP C 2380 40.25 75.33 -9.22
N ARG C 2381 38.95 75.11 -9.33
CA ARG C 2381 38.18 74.35 -8.30
C ARG C 2381 38.51 72.83 -8.24
N VAL C 2382 38.78 72.22 -9.41
CA VAL C 2382 39.08 70.76 -9.53
C VAL C 2382 40.60 70.45 -9.32
N TYR C 2383 41.47 71.35 -9.80
CA TYR C 2383 42.94 71.26 -9.61
C TYR C 2383 43.48 72.50 -8.86
N VAL C 2387 53.74 71.61 -10.64
CA VAL C 2387 52.54 72.46 -10.73
C VAL C 2387 52.77 73.78 -11.50
N GLN C 2388 53.91 74.43 -11.24
CA GLN C 2388 54.27 75.77 -11.80
C GLN C 2388 54.37 75.79 -13.36
N ASP C 2389 54.92 74.72 -13.92
CA ASP C 2389 55.06 74.58 -15.40
C ASP C 2389 53.68 74.45 -16.10
N PHE C 2390 52.71 73.83 -15.42
CA PHE C 2390 51.30 73.78 -15.91
C PHE C 2390 50.64 75.19 -15.92
N LEU C 2391 50.99 76.01 -14.92
CA LEU C 2391 50.48 77.41 -14.78
C LEU C 2391 51.01 78.35 -15.90
N LEU C 2392 52.31 78.26 -16.18
CA LEU C 2392 52.94 78.96 -17.34
C LEU C 2392 52.42 78.45 -18.70
N HIS C 2393 52.06 77.16 -18.78
CA HIS C 2393 51.42 76.57 -20.00
C HIS C 2393 50.00 77.13 -20.26
N LEU C 2394 49.25 77.41 -19.20
CA LEU C 2394 47.98 78.14 -19.31
C LEU C 2394 48.29 79.58 -19.73
N LEU C 2395 48.98 80.31 -18.86
CA LEU C 2395 49.36 81.72 -19.09
C LEU C 2395 50.53 81.80 -20.09
N VAL C 2397 47.69 82.21 -22.07
CA VAL C 2397 46.28 82.53 -22.23
C VAL C 2397 45.96 83.98 -21.79
N GLY C 2398 46.52 84.40 -20.65
CA GLY C 2398 46.30 85.76 -20.13
C GLY C 2398 46.98 86.84 -20.98
N PHE C 2399 48.14 86.49 -21.58
CA PHE C 2399 49.06 87.45 -22.22
C PHE C 2399 48.37 88.40 -23.22
N LEU C 2400 47.72 87.79 -24.21
CA LEU C 2400 47.04 88.52 -25.32
C LEU C 2400 45.93 89.48 -24.85
N PRO C 2401 45.07 89.02 -23.89
CA PRO C 2401 44.10 89.89 -23.18
C PRO C 2401 44.72 91.11 -22.46
N ASP C 2402 45.85 90.88 -21.76
CA ASP C 2402 46.60 91.95 -21.06
C ASP C 2402 47.15 93.00 -22.03
N LEU C 2403 47.57 92.55 -23.22
CA LEU C 2403 48.06 93.44 -24.29
C LEU C 2403 46.93 94.23 -24.95
N ARG C 2404 45.74 93.61 -25.07
CA ARG C 2404 44.55 94.32 -25.60
C ARG C 2404 44.01 95.37 -24.60
N ALA C 2405 44.27 95.19 -23.30
CA ALA C 2405 43.95 96.20 -22.26
C ALA C 2405 44.76 97.51 -22.43
N ALA C 2406 46.01 97.40 -22.91
CA ALA C 2406 46.85 98.56 -23.28
C ALA C 2406 46.36 99.26 -24.58
N ALA C 2407 45.78 98.48 -25.49
CA ALA C 2407 45.28 98.97 -26.79
C ALA C 2407 44.04 99.91 -26.71
N SER C 2408 43.31 99.88 -25.59
CA SER C 2408 42.02 100.61 -25.43
C SER C 2408 42.12 102.16 -25.51
N LEU C 2409 43.27 102.72 -25.11
CA LEU C 2409 43.55 104.17 -25.24
C LEU C 2409 44.41 104.47 -26.49
N THR C 2417 32.47 97.30 -29.85
CA THR C 2417 32.86 95.92 -30.18
C THR C 2417 32.86 95.01 -28.94
N ASP C 2418 32.59 93.72 -29.15
CA ASP C 2418 32.49 92.72 -28.06
C ASP C 2418 33.82 92.49 -27.30
N MET C 2419 34.95 92.68 -28.00
CA MET C 2419 36.32 92.45 -27.48
C MET C 2419 36.68 93.28 -26.22
N ALA C 2420 36.10 94.47 -26.06
CA ALA C 2420 36.31 95.33 -24.86
C ALA C 2420 35.70 94.71 -23.57
N LEU C 2421 34.47 94.18 -23.68
CA LEU C 2421 33.84 93.41 -22.60
C LEU C 2421 34.66 92.12 -22.28
N ALA C 2422 35.21 91.53 -23.35
CA ALA C 2422 36.12 90.37 -23.23
C ALA C 2422 37.44 90.66 -22.48
N LEU C 2423 37.97 91.88 -22.60
CA LEU C 2423 39.20 92.31 -21.86
C LEU C 2423 38.99 92.39 -20.34
N ASN C 2424 37.81 92.87 -19.92
CA ASN C 2424 37.44 92.95 -18.50
C ASN C 2424 37.24 91.53 -17.88
N ARG C 2425 36.48 90.67 -18.58
CA ARG C 2425 36.28 89.27 -18.14
C ARG C 2425 37.62 88.47 -18.06
N TYR C 2426 38.53 88.72 -19.02
CA TYR C 2426 39.87 88.09 -19.04
C TYR C 2426 40.88 88.65 -17.99
N LEU C 2427 40.65 89.87 -17.48
CA LEU C 2427 41.50 90.40 -16.37
C LEU C 2427 41.13 89.78 -15.00
N CYS C 2428 39.82 89.57 -14.76
CA CYS C 2428 39.33 88.83 -13.56
C CYS C 2428 39.79 87.34 -13.58
N THR C 2429 39.66 86.72 -14.76
CA THR C 2429 40.16 85.35 -15.03
C THR C 2429 41.69 85.23 -14.87
N ALA C 2430 42.42 86.32 -15.14
CA ALA C 2430 43.88 86.43 -14.87
C ALA C 2430 44.23 86.49 -13.36
N VAL C 2431 43.34 87.09 -12.55
CA VAL C 2431 43.50 87.17 -11.07
C VAL C 2431 43.36 85.79 -10.36
N LEU C 2432 42.54 84.89 -10.92
CA LEU C 2432 42.24 83.56 -10.30
C LEU C 2432 43.44 82.58 -10.01
N PRO C 2433 44.33 82.33 -11.01
CA PRO C 2433 45.45 81.37 -10.79
C PRO C 2433 46.56 81.78 -9.75
N LEU C 2434 46.67 83.09 -9.47
CA LEU C 2434 47.78 83.68 -8.68
C LEU C 2434 48.00 83.00 -7.32
N LEU C 2435 46.91 82.92 -6.54
CA LEU C 2435 46.96 82.32 -5.20
C LEU C 2435 46.64 80.83 -5.31
N UNK C 2436 63.24 82.84 -18.78
CA UNK C 2436 62.28 82.80 -17.67
C UNK C 2436 61.95 84.22 -17.14
N UNK C 2437 62.95 84.89 -16.58
CA UNK C 2437 62.79 86.21 -15.93
C UNK C 2437 62.40 87.37 -16.89
N UNK C 2438 62.89 87.29 -18.14
CA UNK C 2438 62.63 88.33 -19.18
C UNK C 2438 61.14 88.46 -19.57
N UNK C 2439 60.41 87.32 -19.53
CA UNK C 2439 58.95 87.31 -19.73
C UNK C 2439 58.19 88.08 -18.60
N UNK C 2440 58.70 87.98 -17.36
CA UNK C 2440 58.19 88.76 -16.21
C UNK C 2440 58.44 90.28 -16.37
N UNK C 2441 59.56 90.63 -17.02
CA UNK C 2441 59.88 92.03 -17.42
C UNK C 2441 58.89 92.58 -18.49
N UNK C 2442 58.42 91.69 -19.37
CA UNK C 2442 57.43 92.02 -20.42
C UNK C 2442 56.01 92.27 -19.87
N UNK C 2443 55.55 91.38 -18.97
CA UNK C 2443 54.25 91.54 -18.28
C UNK C 2443 54.22 92.78 -17.36
N UNK C 2444 55.35 93.11 -16.74
CA UNK C 2444 55.52 94.36 -15.96
C UNK C 2444 55.43 95.63 -16.86
N UNK C 2445 55.97 95.55 -18.08
CA UNK C 2445 55.82 96.62 -19.10
C UNK C 2445 54.35 96.78 -19.61
N UNK C 2446 53.61 95.66 -19.64
CA UNK C 2446 52.18 95.64 -20.04
C UNK C 2446 51.24 96.26 -18.98
N UNK C 2447 51.42 95.86 -17.71
CA UNK C 2447 50.66 96.45 -16.57
C UNK C 2447 51.00 97.93 -16.35
N UNK C 2448 52.26 98.32 -16.60
CA UNK C 2448 52.70 99.74 -16.60
C UNK C 2448 52.01 100.56 -17.72
N UNK C 2449 51.80 99.93 -18.89
CA UNK C 2449 51.02 100.53 -19.98
C UNK C 2449 49.51 100.72 -19.62
N UNK C 2450 48.96 99.78 -18.84
CA UNK C 2450 47.59 99.90 -18.28
C UNK C 2450 47.48 101.03 -17.22
N UNK C 2451 48.56 101.28 -16.48
CA UNK C 2451 48.65 102.43 -15.56
C UNK C 2451 48.72 103.79 -16.30
N UNK C 2452 49.42 103.82 -17.45
CA UNK C 2452 49.47 105.01 -18.33
C UNK C 2452 48.09 105.35 -18.96
N UNK C 2453 47.31 104.32 -19.29
CA UNK C 2453 45.90 104.47 -19.70
C UNK C 2453 44.99 104.95 -18.53
N UNK C 2454 45.33 104.55 -17.30
CA UNK C 2454 44.66 104.99 -16.07
C UNK C 2454 45.09 106.40 -15.56
N UNK C 2455 46.17 106.96 -16.12
CA UNK C 2455 46.72 108.28 -15.72
C UNK C 2455 45.92 109.46 -16.31
N UNK C 2456 35.20 97.97 -14.19
CA UNK C 2456 35.71 99.09 -14.97
C UNK C 2456 36.70 99.91 -14.14
N UNK C 2457 36.22 100.42 -13.00
CA UNK C 2457 37.07 101.18 -12.07
C UNK C 2457 37.99 100.24 -11.30
N UNK C 2458 37.39 99.23 -10.69
CA UNK C 2458 38.13 98.16 -10.01
C UNK C 2458 38.84 97.21 -10.99
N UNK C 2459 38.35 97.17 -12.24
CA UNK C 2459 38.94 96.36 -13.31
C UNK C 2459 40.43 96.65 -13.53
N UNK C 2460 40.74 97.92 -13.80
CA UNK C 2460 42.12 98.35 -14.05
C UNK C 2460 43.02 98.19 -12.81
N UNK C 2461 42.44 98.33 -11.62
CA UNK C 2461 43.16 98.14 -10.36
C UNK C 2461 43.65 96.70 -10.16
N UNK C 2462 42.90 95.74 -10.68
CA UNK C 2462 43.28 94.32 -10.59
C UNK C 2462 44.53 93.97 -11.39
N UNK C 2463 44.76 94.68 -12.50
CA UNK C 2463 45.98 94.52 -13.30
C UNK C 2463 47.25 94.87 -12.51
N UNK C 2464 47.16 95.92 -11.70
CA UNK C 2464 48.27 96.34 -10.83
C UNK C 2464 48.43 95.46 -9.59
N UNK C 2465 47.32 95.08 -8.97
CA UNK C 2465 47.32 94.31 -7.72
C UNK C 2465 47.93 92.91 -7.83
N UNK C 2466 47.81 92.30 -9.01
CA UNK C 2466 48.41 90.99 -9.27
C UNK C 2466 49.95 91.02 -9.23
N UNK C 2467 50.54 92.12 -9.68
CA UNK C 2467 51.99 92.30 -9.68
C UNK C 2467 52.63 92.33 -8.29
N UNK C 2468 51.86 92.82 -7.30
CA UNK C 2468 52.33 92.90 -5.91
C UNK C 2468 52.57 91.52 -5.29
N UNK C 2469 51.67 90.58 -5.56
CA UNK C 2469 51.81 89.19 -5.08
C UNK C 2469 53.00 88.48 -5.73
N UNK C 2470 53.22 88.73 -7.02
CA UNK C 2470 54.34 88.16 -7.76
C UNK C 2470 55.69 88.80 -7.42
N UNK C 2471 55.69 90.11 -7.16
CA UNK C 2471 56.91 90.85 -6.80
C UNK C 2471 57.59 90.35 -5.53
N UNK C 2472 56.80 89.85 -4.58
CA UNK C 2472 57.32 89.24 -3.36
C UNK C 2472 58.10 87.95 -3.63
N UNK C 2473 57.65 87.17 -4.61
CA UNK C 2473 58.32 85.92 -4.99
C UNK C 2473 59.73 86.13 -5.55
N UNK C 2474 59.94 87.23 -6.26
CA UNK C 2474 61.26 87.59 -6.79
C UNK C 2474 61.44 89.10 -6.83
N UNK C 2475 64.45 86.05 -11.71
CA UNK C 2475 65.84 86.49 -11.87
C UNK C 2475 65.91 88.00 -12.18
N UNK C 2476 66.89 88.69 -11.56
CA UNK C 2476 67.03 90.16 -11.70
C UNK C 2476 67.63 90.61 -13.07
N UNK C 2477 68.62 89.87 -13.57
CA UNK C 2477 69.49 90.31 -14.68
C UNK C 2477 68.78 90.38 -16.05
N UNK C 2478 67.92 89.39 -16.32
CA UNK C 2478 67.07 89.39 -17.54
C UNK C 2478 65.99 90.50 -17.50
N UNK C 2479 65.63 90.94 -16.28
CA UNK C 2479 64.69 92.05 -16.03
C UNK C 2479 65.32 93.48 -16.04
N UNK C 2480 66.64 93.60 -16.32
CA UNK C 2480 67.41 94.85 -16.13
C UNK C 2480 67.17 95.95 -17.18
N UNK C 2481 67.04 95.58 -18.46
CA UNK C 2481 66.77 96.55 -19.56
C UNK C 2481 65.38 97.22 -19.43
N UNK C 2482 64.40 96.45 -18.96
CA UNK C 2482 63.05 96.95 -18.62
C UNK C 2482 62.98 97.60 -17.21
N UNK C 2483 64.03 97.42 -16.39
CA UNK C 2483 64.21 98.19 -15.14
C UNK C 2483 64.74 99.62 -15.42
N UNK C 2484 65.70 99.73 -16.35
CA UNK C 2484 66.16 101.02 -16.88
C UNK C 2484 65.03 101.77 -17.64
N UNK C 2485 64.20 101.02 -18.36
CA UNK C 2485 62.96 101.56 -18.99
C UNK C 2485 61.90 101.99 -17.92
N UNK C 2486 61.88 101.26 -16.80
CA UNK C 2486 60.98 101.54 -15.65
C UNK C 2486 61.42 102.77 -14.83
N UNK C 2487 62.73 102.88 -14.56
CA UNK C 2487 63.33 104.06 -13.90
C UNK C 2487 63.22 105.34 -14.75
N UNK C 2488 63.28 105.19 -16.10
CA UNK C 2488 63.00 106.29 -17.04
C UNK C 2488 61.53 106.78 -16.95
N UNK C 2489 60.61 105.83 -16.73
CA UNK C 2489 59.18 106.13 -16.45
C UNK C 2489 58.96 106.85 -15.09
N UNK C 2490 59.80 106.55 -14.09
CA UNK C 2490 59.85 107.31 -12.81
C UNK C 2490 60.35 108.76 -13.00
N UNK C 2491 61.27 108.96 -13.96
CA UNK C 2491 61.74 110.31 -14.38
C UNK C 2491 60.67 111.11 -15.16
N UNK C 2492 59.72 110.41 -15.81
CA UNK C 2492 58.62 111.04 -16.57
C UNK C 2492 57.64 111.89 -15.72
N UNK C 2493 57.44 111.51 -14.46
CA UNK C 2493 56.52 112.21 -13.53
C UNK C 2493 57.13 113.54 -13.05
N UNK C 2494 58.34 113.46 -12.53
CA UNK C 2494 59.07 114.63 -12.05
C UNK C 2494 60.56 114.33 -11.92
N UNK C 2495 47.43 110.35 -11.15
CA UNK C 2495 48.69 110.78 -10.51
C UNK C 2495 48.93 110.07 -9.16
N UNK C 2496 47.89 110.05 -8.31
CA UNK C 2496 47.93 109.33 -7.01
C UNK C 2496 48.09 107.81 -7.18
N UNK C 2497 47.54 107.26 -8.27
CA UNK C 2497 47.77 105.85 -8.69
C UNK C 2497 49.26 105.59 -9.05
N UNK C 2498 49.93 106.59 -9.65
CA UNK C 2498 51.39 106.56 -9.90
C UNK C 2498 52.23 106.60 -8.60
N UNK C 2499 51.74 107.31 -7.57
CA UNK C 2499 52.36 107.27 -6.21
C UNK C 2499 52.22 105.87 -5.55
N UNK C 2500 51.09 105.20 -5.77
CA UNK C 2500 50.90 103.78 -5.35
C UNK C 2500 51.86 102.82 -6.10
N UNK C 2501 52.17 103.14 -7.36
CA UNK C 2501 53.20 102.43 -8.16
C UNK C 2501 54.64 102.65 -7.64
N UNK C 2502 54.88 103.82 -7.01
CA UNK C 2502 56.18 104.15 -6.38
C UNK C 2502 56.43 103.37 -5.05
N UNK C 2503 55.41 103.33 -4.18
CA UNK C 2503 55.47 102.51 -2.93
C UNK C 2503 55.57 100.99 -3.23
N UNK C 2504 54.87 100.55 -4.29
CA UNK C 2504 54.97 99.16 -4.81
C UNK C 2504 56.37 98.84 -5.40
N UNK C 2505 57.01 99.87 -5.96
CA UNK C 2505 58.38 99.78 -6.54
C UNK C 2505 59.50 99.77 -5.48
N UNK C 2506 59.40 100.69 -4.51
CA UNK C 2506 60.34 100.78 -3.37
C UNK C 2506 60.28 99.53 -2.47
N UNK C 2507 59.10 98.89 -2.36
CA UNK C 2507 58.95 97.58 -1.67
C UNK C 2507 59.70 96.43 -2.40
N UNK C 2508 59.68 96.47 -3.74
CA UNK C 2508 60.43 95.52 -4.60
C UNK C 2508 61.96 95.73 -4.52
N UNK C 2509 62.38 96.99 -4.29
CA UNK C 2509 63.80 97.39 -4.16
C UNK C 2509 64.41 97.02 -2.80
N UNK C 2510 63.65 97.16 -1.71
CA UNK C 2510 64.08 96.71 -0.36
C UNK C 2510 64.29 95.18 -0.30
N UNK C 2511 63.43 94.42 -0.99
CA UNK C 2511 63.62 92.96 -1.17
C UNK C 2511 64.83 92.62 -2.07
N UNK C 2512 65.07 93.46 -3.09
CA UNK C 2512 66.30 93.37 -3.93
C UNK C 2512 67.58 93.68 -3.13
N UNK C 2513 67.47 94.59 -2.14
CA UNK C 2513 68.55 94.83 -1.15
C UNK C 2513 68.76 93.60 -0.23
N UNK C 2514 67.67 92.90 0.11
CA UNK C 2514 67.72 91.58 0.79
C UNK C 2514 68.29 90.46 -0.10
N UNK C 2515 68.03 90.55 -1.42
CA UNK C 2515 68.63 89.63 -2.42
C UNK C 2515 70.13 89.92 -2.70
N UNK C 2516 70.60 91.13 -2.38
CA UNK C 2516 72.01 91.53 -2.51
C UNK C 2516 72.77 91.39 -1.20
N UNK C 2517 72.18 91.89 -0.12
CA UNK C 2517 72.79 91.88 1.21
C UNK C 2517 71.80 91.31 2.23
N UNK C 2518 75.39 97.69 -12.40
CA UNK C 2518 74.88 98.77 -13.24
C UNK C 2518 73.40 99.08 -12.95
N UNK C 2519 72.59 98.03 -12.86
CA UNK C 2519 71.14 98.13 -12.54
C UNK C 2519 70.87 98.75 -11.14
N UNK C 2520 71.77 98.50 -10.19
CA UNK C 2520 71.79 99.19 -8.87
C UNK C 2520 71.97 100.73 -8.99
N UNK C 2521 72.85 101.15 -9.90
CA UNK C 2521 73.05 102.58 -10.24
C UNK C 2521 71.78 103.20 -10.90
N UNK C 2522 71.05 102.37 -11.67
CA UNK C 2522 69.72 102.76 -12.22
C UNK C 2522 68.64 102.95 -11.12
N UNK C 2523 68.72 102.15 -10.05
CA UNK C 2523 67.88 102.34 -8.83
C UNK C 2523 68.20 103.66 -8.10
N UNK C 2524 69.49 104.05 -8.10
CA UNK C 2524 69.92 105.38 -7.60
C UNK C 2524 69.37 106.54 -8.47
N UNK C 2525 69.24 106.29 -9.78
CA UNK C 2525 68.56 107.22 -10.72
C UNK C 2525 67.04 107.34 -10.45
N UNK C 2526 66.43 106.27 -9.93
CA UNK C 2526 65.00 106.25 -9.54
C UNK C 2526 64.70 107.06 -8.25
N UNK C 2527 65.53 106.86 -7.21
CA UNK C 2527 65.45 107.65 -5.97
C UNK C 2527 65.74 109.15 -6.21
N UNK C 2528 66.70 109.43 -7.12
CA UNK C 2528 66.99 110.80 -7.59
C UNK C 2528 65.80 111.45 -8.35
N UNK C 2529 65.02 110.63 -9.08
CA UNK C 2529 63.75 111.07 -9.72
C UNK C 2529 62.65 111.41 -8.68
N UNK C 2530 62.62 110.67 -7.56
CA UNK C 2530 61.76 111.00 -6.40
C UNK C 2530 62.17 112.33 -5.73
N UNK C 2531 63.49 112.59 -5.68
CA UNK C 2531 64.04 113.90 -5.24
C UNK C 2531 63.62 115.05 -6.17
N UNK C 2532 63.51 114.77 -7.48
CA UNK C 2532 62.95 115.73 -8.46
C UNK C 2532 61.45 116.05 -8.22
N UNK C 2533 60.69 115.05 -7.76
CA UNK C 2533 59.30 115.27 -7.29
C UNK C 2533 59.24 116.12 -5.99
N UNK C 2534 60.24 115.93 -5.11
CA UNK C 2534 60.35 116.66 -3.82
C UNK C 2534 60.74 118.15 -3.99
N UNK C 2535 61.56 118.47 -5.01
CA UNK C 2535 61.98 119.87 -5.29
C UNK C 2535 60.82 120.75 -5.81
N UNK C 2536 59.84 120.14 -6.47
CA UNK C 2536 58.58 120.80 -6.83
C UNK C 2536 57.78 121.18 -5.58
N UNK C 2537 57.74 120.28 -4.59
CA UNK C 2537 57.04 120.54 -3.33
C UNK C 2537 57.78 121.59 -2.49
N UNK C 2538 46.88 111.70 2.60
CA UNK C 2538 47.49 110.48 3.15
C UNK C 2538 48.42 109.80 2.11
N UNK C 2539 47.92 109.68 0.88
CA UNK C 2539 48.69 109.09 -0.25
C UNK C 2539 49.92 109.95 -0.66
N UNK C 2540 49.88 111.25 -0.36
CA UNK C 2540 51.02 112.18 -0.55
C UNK C 2540 52.19 111.91 0.44
N UNK C 2541 51.85 111.76 1.72
CA UNK C 2541 52.83 111.37 2.78
C UNK C 2541 53.42 109.97 2.54
N UNK C 2542 52.58 109.04 2.04
CA UNK C 2542 53.03 107.69 1.61
C UNK C 2542 53.99 107.73 0.38
N UNK C 2543 53.79 108.72 -0.50
CA UNK C 2543 54.71 109.02 -1.63
C UNK C 2543 56.10 109.58 -1.16
N UNK C 2544 56.09 110.31 -0.04
CA UNK C 2544 57.33 110.82 0.60
C UNK C 2544 58.17 109.70 1.26
N UNK C 2545 57.49 108.83 2.03
CA UNK C 2545 58.13 107.65 2.66
C UNK C 2545 58.66 106.63 1.62
N UNK C 2546 57.96 106.49 0.49
CA UNK C 2546 58.43 105.66 -0.66
C UNK C 2546 59.71 106.24 -1.33
N UNK C 2547 59.83 107.57 -1.36
CA UNK C 2547 61.05 108.27 -1.83
C UNK C 2547 62.28 108.02 -0.91
N UNK C 2548 62.03 108.00 0.41
CA UNK C 2548 63.05 107.63 1.42
C UNK C 2548 63.50 106.16 1.30
N UNK C 2549 62.55 105.25 1.01
CA UNK C 2549 62.84 103.81 0.78
C UNK C 2549 63.69 103.57 -0.50
N UNK C 2550 63.53 104.43 -1.51
CA UNK C 2550 64.36 104.39 -2.74
C UNK C 2550 65.84 104.80 -2.47
N UNK C 2551 66.02 105.85 -1.65
CA UNK C 2551 67.36 106.29 -1.19
C UNK C 2551 68.06 105.23 -0.29
N UNK C 2552 67.26 104.50 0.50
CA UNK C 2552 67.77 103.37 1.33
C UNK C 2552 68.19 102.14 0.49
N UNK C 2553 67.47 101.85 -0.60
CA UNK C 2553 67.82 100.74 -1.53
C UNK C 2553 69.13 101.01 -2.31
N UNK C 2554 69.34 102.28 -2.71
CA UNK C 2554 70.63 102.74 -3.30
C UNK C 2554 71.80 102.70 -2.26
N UNK C 2555 71.48 102.97 -0.99
CA UNK C 2555 72.44 102.80 0.14
C UNK C 2555 72.85 101.32 0.36
N UNK C 2556 71.95 100.38 0.08
CA UNK C 2556 72.27 98.94 -0.01
C UNK C 2556 73.12 98.60 -1.26
N UNK C 2557 72.92 99.37 -2.34
CA UNK C 2557 73.72 99.26 -3.59
C UNK C 2557 75.15 99.88 -3.50
N UNK C 2558 75.38 100.72 -2.49
CA UNK C 2558 76.73 101.23 -2.14
C UNK C 2558 77.65 100.12 -1.60
N UNK C 2559 77.04 99.16 -0.89
CA UNK C 2559 77.74 97.97 -0.43
C UNK C 2559 77.76 96.93 -1.54
N PHE C 2560 45.27 95.36 -30.04
CA PHE C 2560 46.69 95.70 -30.18
C PHE C 2560 46.95 96.45 -31.50
N ASN C 2561 47.81 97.48 -31.46
CA ASN C 2561 48.21 98.26 -32.66
C ASN C 2561 49.65 98.82 -32.50
N PRO C 2562 50.68 98.10 -33.01
CA PRO C 2562 52.09 98.52 -32.87
C PRO C 2562 52.57 99.62 -33.86
N GLN C 2563 53.74 100.22 -33.58
CA GLN C 2563 54.30 101.35 -34.36
C GLN C 2563 55.83 101.21 -34.59
N PRO C 2564 56.25 100.55 -35.72
CA PRO C 2564 57.69 100.56 -36.09
C PRO C 2564 58.26 101.96 -36.42
N VAL C 2565 59.57 102.14 -36.19
CA VAL C 2565 60.28 103.42 -36.46
C VAL C 2565 60.31 103.71 -37.99
N ASP C 2566 60.11 104.98 -38.36
CA ASP C 2566 59.93 105.37 -39.77
C ASP C 2566 61.24 105.28 -40.56
N THR C 2567 61.14 104.83 -41.82
CA THR C 2567 62.27 104.71 -42.73
C THR C 2567 62.04 105.64 -43.93
N SER C 2568 62.54 106.87 -43.81
CA SER C 2568 62.35 107.90 -44.84
C SER C 2568 63.31 109.09 -44.70
N ASN C 2569 63.24 109.78 -43.56
CA ASN C 2569 63.94 111.08 -43.36
C ASN C 2569 65.36 111.02 -42.76
N ILE C 2570 65.97 109.82 -42.70
CA ILE C 2570 67.31 109.63 -42.11
C ILE C 2570 68.33 109.11 -43.18
N ILE C 2571 69.44 109.85 -43.36
CA ILE C 2571 70.49 109.53 -44.36
C ILE C 2571 71.75 108.95 -43.64
N ILE C 2572 72.28 107.84 -44.18
CA ILE C 2572 73.44 107.11 -43.58
C ILE C 2572 74.80 107.85 -43.81
N PRO C 2573 75.61 108.07 -42.71
CA PRO C 2573 76.98 108.63 -42.85
C PRO C 2573 78.01 107.75 -43.61
N GLU C 2574 79.02 108.40 -44.20
CA GLU C 2574 80.05 107.77 -45.07
C GLU C 2574 80.95 106.71 -44.37
N LYS C 2575 81.21 106.88 -43.06
CA LYS C 2575 82.05 105.92 -42.29
C LYS C 2575 81.42 104.50 -42.16
N LEU C 2576 80.09 104.43 -42.19
CA LEU C 2576 79.35 103.15 -42.23
C LEU C 2576 79.46 102.38 -43.59
N GLU C 2577 79.81 103.05 -44.69
CA GLU C 2577 79.87 102.42 -46.04
C GLU C 2577 80.96 101.33 -46.21
N TYR C 2578 82.11 101.49 -45.55
CA TYR C 2578 83.19 100.45 -45.54
C TYR C 2578 82.75 99.18 -44.76
N PHE C 2579 81.90 99.37 -43.75
CA PHE C 2579 81.21 98.27 -43.00
C PHE C 2579 80.12 97.57 -43.88
N ILE C 2580 79.43 98.36 -44.72
CA ILE C 2580 78.44 97.83 -45.71
C ILE C 2580 79.15 96.88 -46.72
N ASN C 2581 80.38 97.22 -47.11
CA ASN C 2581 81.19 96.37 -48.03
C ASN C 2581 81.52 94.99 -47.39
N LYS C 2582 81.89 95.00 -46.11
CA LYS C 2582 82.37 93.79 -45.40
C LYS C 2582 81.21 92.90 -44.87
N TYR C 2583 80.17 93.51 -44.28
CA TYR C 2583 79.00 92.73 -43.81
C TYR C 2583 78.07 92.26 -44.95
N ALA C 2584 78.13 92.89 -46.13
CA ALA C 2584 77.44 92.36 -47.34
C ALA C 2584 78.23 91.20 -48.02
N GLU C 2585 79.57 91.34 -48.09
CA GLU C 2585 80.50 90.23 -48.41
C GLU C 2585 80.19 88.95 -47.58
N HIS C 2586 80.07 89.15 -46.26
CA HIS C 2586 79.72 88.07 -45.31
C HIS C 2586 78.26 87.58 -45.44
N SER C 2587 77.33 88.48 -45.80
CA SER C 2587 75.91 88.10 -46.02
C SER C 2587 75.76 87.13 -47.22
N HIS C 2588 76.54 87.38 -48.27
CA HIS C 2588 76.64 86.43 -49.41
C HIS C 2588 77.42 85.14 -49.03
N ASP C 2589 78.40 85.23 -48.11
CA ASP C 2589 79.11 84.04 -47.60
C ASP C 2589 78.19 83.07 -46.79
N LYS C 2590 77.19 83.60 -46.07
CA LYS C 2590 76.17 82.79 -45.35
C LYS C 2590 75.23 82.04 -46.32
N TRP C 2591 74.63 82.80 -47.23
CA TRP C 2591 73.63 82.28 -48.21
C TRP C 2591 74.26 81.35 -49.29
N SER C 2592 75.56 81.52 -49.56
CA SER C 2592 76.34 80.62 -50.45
C SER C 2592 76.84 79.34 -49.76
N MET C 2593 77.42 79.45 -48.56
CA MET C 2593 77.94 78.28 -47.80
C MET C 2593 76.84 77.29 -47.34
N ASP C 2594 75.65 77.80 -47.02
CA ASP C 2594 74.48 76.96 -46.67
C ASP C 2594 73.98 76.13 -47.87
N LYS C 2595 74.11 76.67 -49.09
CA LYS C 2595 73.76 75.96 -50.32
C LYS C 2595 74.81 74.89 -50.70
N LEU C 2596 76.09 75.15 -50.37
CA LEU C 2596 77.17 74.16 -50.60
C LEU C 2596 77.04 72.86 -49.78
N ALA C 2597 76.34 72.93 -48.65
CA ALA C 2597 76.03 71.73 -47.85
C ALA C 2597 75.12 70.76 -48.61
N ASN C 2598 74.09 71.32 -49.25
CA ASN C 2598 73.23 70.56 -50.18
C ASN C 2598 73.95 70.38 -51.53
N GLY C 2599 73.36 69.58 -52.43
CA GLY C 2599 73.97 69.29 -53.73
C GLY C 2599 73.79 70.39 -54.78
N TRP C 2600 74.43 71.53 -54.54
CA TRP C 2600 74.36 72.70 -55.43
C TRP C 2600 75.80 73.14 -55.77
N ILE C 2601 76.23 72.92 -57.03
CA ILE C 2601 77.58 73.31 -57.51
C ILE C 2601 77.48 74.18 -58.78
N TYR C 2602 78.61 74.79 -59.18
CA TYR C 2602 78.61 75.90 -60.15
C TYR C 2602 78.19 75.54 -61.59
N GLY C 2603 77.58 76.50 -62.29
CA GLY C 2603 77.09 76.36 -63.67
C GLY C 2603 77.05 77.68 -64.45
N GLU C 2604 75.98 77.91 -65.22
CA GLU C 2604 75.82 79.15 -66.04
C GLU C 2604 74.41 79.78 -66.27
N ILE C 2605 73.30 79.05 -66.05
CA ILE C 2605 71.92 79.55 -66.36
C ILE C 2605 70.83 79.26 -65.28
N TYR C 2606 69.67 79.92 -65.40
CA TYR C 2606 68.57 79.94 -64.38
C TYR C 2606 67.49 78.84 -64.59
N SER C 2607 67.31 77.94 -63.61
CA SER C 2607 66.33 76.82 -63.71
C SER C 2607 65.97 76.18 -62.33
N ASP C 2608 65.36 74.99 -62.34
CA ASP C 2608 64.97 74.26 -61.10
C ASP C 2608 65.14 72.71 -61.12
N SER C 2609 65.88 72.16 -62.10
CA SER C 2609 66.00 70.70 -62.29
C SER C 2609 67.18 70.07 -61.54
N SER C 2610 68.41 70.37 -61.99
CA SER C 2610 69.64 69.79 -61.41
C SER C 2610 70.22 70.59 -60.23
N LYS C 2611 69.56 71.68 -59.84
CA LYS C 2611 69.85 72.45 -58.61
C LYS C 2611 71.15 73.28 -58.69
N ILE C 2612 71.03 74.48 -59.29
CA ILE C 2612 72.14 75.46 -59.45
C ILE C 2612 71.58 76.89 -59.15
N GLN C 2613 72.44 77.90 -59.03
CA GLN C 2613 72.01 79.32 -58.87
C GLN C 2613 73.06 80.34 -59.41
N PRO C 2614 72.65 81.34 -60.28
CA PRO C 2614 73.62 82.36 -60.83
C PRO C 2614 74.21 83.40 -59.83
N LEU C 2615 73.49 83.66 -58.72
CA LEU C 2615 73.90 84.65 -57.70
C LEU C 2615 75.19 84.23 -56.96
N MET C 2616 75.40 82.91 -56.78
CA MET C 2616 76.60 82.37 -56.11
C MET C 2616 77.93 82.58 -56.88
N LYS C 2617 78.44 83.81 -56.81
CA LYS C 2617 79.86 84.12 -57.11
C LYS C 2617 80.42 85.21 -56.14
N PRO C 2618 81.77 85.35 -56.03
CA PRO C 2618 82.40 86.36 -55.13
C PRO C 2618 81.97 87.85 -55.33
N TYR C 2619 82.14 88.64 -54.27
CA TYR C 2619 81.54 89.99 -54.10
C TYR C 2619 81.81 91.04 -55.21
N LYS C 2620 82.91 90.91 -55.96
CA LYS C 2620 83.34 91.96 -56.91
C LYS C 2620 83.05 91.73 -58.42
N LEU C 2621 82.16 90.78 -58.78
CA LEU C 2621 81.79 90.52 -60.20
C LEU C 2621 80.31 90.80 -60.57
N LEU C 2622 79.37 90.44 -59.69
CA LEU C 2622 77.92 90.63 -59.97
C LEU C 2622 77.47 92.11 -60.11
N SER C 2623 76.23 92.29 -60.56
CA SER C 2623 75.58 93.62 -60.69
C SER C 2623 75.04 94.12 -59.32
N GLU C 2624 75.00 95.45 -59.14
CA GLU C 2624 74.54 96.11 -57.88
C GLU C 2624 73.09 95.72 -57.43
N LYS C 2625 72.23 95.40 -58.41
CA LYS C 2625 70.84 94.87 -58.17
C LYS C 2625 70.83 93.56 -57.33
N GLU C 2626 71.77 92.64 -57.62
CA GLU C 2626 71.92 91.39 -56.84
C GLU C 2626 72.52 91.63 -55.43
N LYS C 2627 73.29 92.71 -55.24
CA LYS C 2627 73.74 93.19 -53.89
C LYS C 2627 72.57 93.62 -52.96
N GLU C 2628 71.50 94.18 -53.57
CA GLU C 2628 70.41 94.88 -52.82
C GLU C 2628 69.53 93.93 -51.94
N ILE C 2629 69.39 92.65 -52.35
CA ILE C 2629 68.59 91.62 -51.63
C ILE C 2629 69.12 91.38 -50.17
N TYR C 2630 70.43 91.51 -49.96
CA TYR C 2630 71.04 91.37 -48.62
C TYR C 2630 71.51 92.70 -47.97
N ARG C 2631 71.73 93.77 -48.77
CA ARG C 2631 71.94 95.15 -48.22
C ARG C 2631 70.74 95.71 -47.39
N TRP C 2632 69.49 95.40 -47.83
CA TRP C 2632 68.25 96.02 -47.26
C TRP C 2632 68.04 95.84 -45.73
N PRO C 2633 68.06 94.58 -45.18
CA PRO C 2633 68.02 94.44 -43.70
C PRO C 2633 69.20 95.12 -42.96
N ILE C 2634 70.39 95.16 -43.59
CA ILE C 2634 71.62 95.77 -43.01
C ILE C 2634 71.47 97.30 -42.88
N LYS C 2635 70.99 97.95 -43.94
CA LYS C 2635 70.73 99.40 -43.95
C LYS C 2635 69.59 99.81 -42.97
N GLU C 2636 68.56 98.96 -42.84
CA GLU C 2636 67.47 99.13 -41.83
C GLU C 2636 68.00 99.05 -40.36
N SER C 2637 69.05 98.24 -40.14
CA SER C 2637 69.70 98.09 -38.81
C SER C 2637 70.54 99.30 -38.39
N LEU C 2638 71.38 99.80 -39.30
CA LEU C 2638 72.20 101.01 -39.07
C LEU C 2638 71.35 102.30 -38.91
N LYS C 2639 70.24 102.36 -39.66
CA LYS C 2639 69.21 103.42 -39.48
C LYS C 2639 68.45 103.29 -38.14
N THR C 2640 68.28 102.05 -37.64
CA THR C 2640 67.70 101.80 -36.29
C THR C 2640 68.61 102.28 -35.14
N MET C 2641 69.94 102.25 -35.35
CA MET C 2641 70.93 102.78 -34.36
C MET C 2641 70.99 104.34 -34.35
N LEU C 2642 71.05 104.94 -35.55
CA LEU C 2642 71.13 106.41 -35.69
C LEU C 2642 69.80 107.16 -35.36
N ALA C 2643 68.65 106.53 -35.57
CA ALA C 2643 67.34 107.07 -35.11
C ALA C 2643 67.22 107.10 -33.56
N TRP C 2644 67.81 106.09 -32.90
CA TRP C 2644 68.00 106.11 -31.43
C TRP C 2644 69.35 106.78 -31.00
N GLY C 2645 70.13 107.22 -32.00
CA GLY C 2645 71.30 108.08 -31.79
C GLY C 2645 72.47 107.45 -31.02
N TRP C 2646 72.64 106.12 -31.15
CA TRP C 2646 73.75 105.39 -30.48
C TRP C 2646 75.12 105.72 -31.15
N ARG C 2647 76.16 105.98 -30.36
CA ARG C 2647 77.50 106.39 -30.89
C ARG C 2647 78.25 105.21 -31.56
N ILE C 2648 78.77 105.47 -32.78
CA ILE C 2648 79.36 104.44 -33.68
C ILE C 2648 80.65 105.02 -34.28
N GLU C 2649 81.82 104.63 -33.75
CA GLU C 2649 83.12 105.23 -34.13
C GLU C 2649 84.21 104.19 -34.52
N ARG C 2650 85.09 104.58 -35.46
CA ARG C 2650 86.25 103.76 -35.90
C ARG C 2650 87.36 103.72 -34.82
N THR C 2651 88.12 102.62 -34.78
CA THR C 2651 89.29 102.45 -33.88
C THR C 2651 90.53 101.95 -34.64
N ARG C 2652 91.68 101.92 -33.96
CA ARG C 2652 92.99 101.61 -34.60
C ARG C 2652 93.22 100.12 -34.83
N GLU C 2653 93.23 99.32 -33.76
CA GLU C 2653 93.40 97.85 -33.88
C GLU C 2653 92.16 97.18 -34.52
N GLY C 2654 91.23 96.66 -33.71
CA GLY C 2654 89.88 96.31 -34.20
C GLY C 2654 89.75 95.00 -34.97
N ASP C 2655 90.05 95.05 -36.27
CA ASP C 2655 89.72 93.97 -37.22
C ASP C 2655 90.25 92.57 -36.84
N SER C 2656 89.49 91.88 -36.00
CA SER C 2656 89.80 90.51 -35.57
C SER C 2656 89.54 89.46 -36.66
N MET C 2657 88.68 89.78 -37.63
CA MET C 2657 88.48 88.90 -38.80
C MET C 2657 89.74 88.79 -39.67
N ALA C 2658 90.61 89.80 -39.60
CA ALA C 2658 91.94 89.74 -40.20
C ALA C 2658 92.85 88.74 -39.47
N LEU C 2659 92.77 88.70 -38.14
CA LEU C 2659 93.49 87.70 -37.33
C LEU C 2659 93.00 86.26 -37.55
N TYR C 2660 91.71 86.11 -37.90
CA TYR C 2660 91.13 84.80 -38.20
C TYR C 2660 91.72 84.23 -39.50
N ASN C 2661 92.54 83.18 -39.37
CA ASN C 2661 93.20 82.54 -40.52
C ASN C 2661 92.20 81.68 -41.30
N ALA C 2676 83.66 72.94 -56.48
CA ALA C 2676 83.84 74.39 -56.43
C ALA C 2676 84.53 74.92 -57.69
N ALA C 2677 84.56 76.24 -57.82
CA ALA C 2677 85.17 76.91 -58.99
C ALA C 2677 85.45 78.41 -58.75
N HIS C 2678 86.27 78.99 -59.63
CA HIS C 2678 86.69 80.42 -59.58
C HIS C 2678 87.40 80.84 -58.28
N GLY C 2679 88.13 79.91 -57.65
CA GLY C 2679 88.90 80.20 -56.44
C GLY C 2679 88.08 80.57 -55.23
N TYR C 2680 87.00 79.83 -54.99
CA TYR C 2680 86.06 80.12 -53.91
C TYR C 2680 85.93 78.90 -52.99
N SER C 2681 86.83 78.84 -52.00
CA SER C 2681 86.72 77.93 -50.87
C SER C 2681 86.29 78.81 -49.69
N PRO C 2682 84.98 79.10 -49.58
CA PRO C 2682 84.50 80.12 -48.63
C PRO C 2682 84.78 79.77 -47.17
N ARG C 2683 85.54 80.63 -46.49
CA ARG C 2683 85.79 80.48 -45.06
C ARG C 2683 84.63 81.08 -44.26
N ALA C 2684 84.16 80.35 -43.25
CA ALA C 2684 83.16 80.85 -42.30
C ALA C 2684 83.82 81.57 -41.13
N ILE C 2685 83.20 82.66 -40.67
CA ILE C 2685 83.57 83.29 -39.40
C ILE C 2685 82.88 82.49 -38.29
N ASP C 2686 83.63 82.13 -37.24
CA ASP C 2686 83.11 81.30 -36.16
C ASP C 2686 82.15 82.16 -35.35
N MET C 2687 80.86 81.79 -35.37
CA MET C 2687 79.79 82.61 -34.78
C MET C 2687 79.86 82.71 -33.25
N SER C 2688 80.43 81.70 -32.59
CA SER C 2688 80.47 81.63 -31.13
C SER C 2688 81.67 82.32 -30.46
N ASN C 2689 82.63 82.81 -31.25
CA ASN C 2689 83.88 83.39 -30.70
C ASN C 2689 83.76 84.79 -30.07
N VAL C 2690 82.67 85.52 -30.37
CA VAL C 2690 82.54 86.95 -29.99
C VAL C 2690 81.62 87.13 -28.75
N THR C 2691 81.98 88.07 -27.87
CA THR C 2691 81.30 88.30 -26.57
C THR C 2691 80.70 89.72 -26.41
N LEU C 2692 79.37 89.81 -26.44
CA LEU C 2692 78.64 91.08 -26.14
C LEU C 2692 78.68 91.38 -24.62
N SER C 2693 78.93 92.64 -24.25
CA SER C 2693 78.72 93.14 -22.87
C SER C 2693 77.19 93.32 -22.62
N ARG C 2694 76.77 93.34 -21.35
CA ARG C 2694 75.34 93.53 -20.96
C ARG C 2694 74.70 94.81 -21.56
N ASP C 2695 75.53 95.86 -21.77
CA ASP C 2695 75.17 97.05 -22.57
C ASP C 2695 74.83 96.69 -24.03
N LEU C 2696 75.77 96.00 -24.70
CA LEU C 2696 75.59 95.53 -26.09
C LEU C 2696 74.50 94.43 -26.25
N HIS C 2697 74.30 93.58 -25.23
CA HIS C 2697 73.20 92.60 -25.23
C HIS C 2697 71.80 93.27 -25.08
N ALA C 2698 71.74 94.39 -24.33
CA ALA C 2698 70.54 95.26 -24.28
C ALA C 2698 70.28 95.98 -25.63
N MET C 2699 71.36 96.34 -26.34
CA MET C 2699 71.29 96.93 -27.70
C MET C 2699 70.72 95.93 -28.75
N ALA C 2700 71.15 94.66 -28.66
CA ALA C 2700 70.57 93.55 -29.47
C ALA C 2700 69.10 93.27 -29.10
N GLU C 2701 68.75 93.46 -27.82
CA GLU C 2701 67.36 93.31 -27.32
C GLU C 2701 66.39 94.34 -27.96
N MET C 2702 66.86 95.59 -28.12
CA MET C 2702 66.03 96.70 -28.68
C MET C 2702 66.05 96.80 -30.23
N MET C 2703 67.16 96.42 -30.87
CA MET C 2703 67.23 96.25 -32.34
C MET C 2703 66.36 95.07 -32.84
N ALA C 2704 66.33 93.99 -32.05
CA ALA C 2704 65.41 92.86 -32.30
C ALA C 2704 63.93 93.22 -32.02
N GLU C 2705 63.68 94.14 -31.06
CA GLU C 2705 62.35 94.78 -30.88
C GLU C 2705 61.87 95.50 -32.18
N ASN C 2706 62.81 96.19 -32.86
CA ASN C 2706 62.52 96.86 -34.16
C ASN C 2706 62.32 95.87 -35.35
N TYR C 2707 63.02 94.73 -35.34
CA TYR C 2707 62.78 93.64 -36.33
C TYR C 2707 61.38 93.00 -36.16
N HIS C 2708 60.90 92.94 -34.91
CA HIS C 2708 59.57 92.38 -34.56
C HIS C 2708 58.42 93.33 -34.99
N ASN C 2709 58.55 94.63 -34.69
CA ASN C 2709 57.55 95.64 -35.12
C ASN C 2709 57.51 95.94 -36.65
N ILE C 2710 58.66 95.78 -37.35
CA ILE C 2710 58.73 95.94 -38.83
C ILE C 2710 58.17 94.70 -39.60
N TRP C 2711 58.67 93.51 -39.27
CA TRP C 2711 58.19 92.22 -39.84
C TRP C 2711 56.69 91.94 -39.52
N ALA C 2712 56.22 92.43 -38.36
CA ALA C 2712 54.81 92.25 -37.94
C ALA C 2712 53.82 93.40 -38.27
N LYS C 2713 54.30 94.54 -38.80
CA LYS C 2713 53.40 95.66 -39.23
C LYS C 2713 52.55 95.31 -40.46
N LYS C 2714 53.20 94.72 -41.47
CA LYS C 2714 52.55 94.17 -42.68
C LYS C 2714 51.54 93.04 -42.32
N LYS C 2715 51.89 92.22 -41.32
CA LYS C 2715 51.03 91.13 -40.80
C LYS C 2715 49.75 91.63 -40.06
N LYS C 2716 49.86 92.76 -39.32
CA LYS C 2716 48.68 93.34 -38.59
C LYS C 2716 47.72 94.15 -39.51
N LEU C 2717 48.29 94.91 -40.46
CA LEU C 2717 47.48 95.60 -41.51
C LEU C 2717 46.75 94.60 -42.45
N GLU C 2718 47.32 93.40 -42.60
CA GLU C 2718 46.67 92.28 -43.35
C GLU C 2718 45.51 91.58 -42.55
N LEU C 2719 45.71 91.32 -41.25
CA LEU C 2719 44.79 90.45 -40.46
C LEU C 2719 43.41 91.04 -40.11
N GLU C 2720 43.29 92.37 -39.96
CA GLU C 2720 42.02 92.99 -39.47
C GLU C 2720 40.89 93.12 -40.52
N SER C 2721 41.13 92.70 -41.78
CA SER C 2721 40.11 92.71 -42.84
C SER C 2721 39.50 91.34 -43.16
N LYS C 2722 40.36 90.32 -43.39
CA LYS C 2722 39.90 88.96 -43.76
C LYS C 2722 39.10 88.28 -42.64
N GLY C 2723 39.78 87.87 -41.58
CA GLY C 2723 39.16 87.16 -40.45
C GLY C 2723 38.68 88.11 -39.37
N GLY C 2724 39.56 89.02 -38.96
CA GLY C 2724 39.24 90.02 -37.93
C GLY C 2724 39.25 89.41 -36.55
N GLY C 2725 40.44 89.01 -36.11
CA GLY C 2725 40.60 88.36 -34.81
C GLY C 2725 42.02 88.45 -34.26
N ASN C 2726 42.82 87.41 -34.52
CA ASN C 2726 44.12 87.25 -33.86
C ASN C 2726 45.03 86.16 -34.47
N HIS C 2727 46.32 86.27 -34.16
CA HIS C 2727 47.37 85.26 -34.46
C HIS C 2727 48.34 85.24 -33.23
N PRO C 2728 48.98 84.07 -32.89
CA PRO C 2728 49.88 83.94 -31.70
C PRO C 2728 51.10 84.90 -31.60
N LEU C 2729 51.75 85.17 -32.73
CA LEU C 2729 52.89 86.12 -32.86
C LEU C 2729 52.55 87.64 -32.64
N LEU C 2730 51.27 88.02 -32.66
CA LEU C 2730 50.83 89.44 -32.49
C LEU C 2730 50.90 89.95 -31.03
N VAL C 2731 52.12 89.95 -30.47
CA VAL C 2731 52.42 90.39 -29.09
C VAL C 2731 53.79 91.14 -29.07
N PRO C 2732 54.04 92.05 -28.07
CA PRO C 2732 55.38 92.72 -27.94
C PRO C 2732 56.59 91.74 -27.78
N TYR C 2733 57.74 92.11 -28.35
CA TYR C 2733 58.95 91.23 -28.49
C TYR C 2733 59.43 90.56 -27.16
N ASP C 2734 59.38 91.31 -26.06
CA ASP C 2734 59.71 90.80 -24.69
C ASP C 2734 58.69 89.75 -24.15
N THR C 2735 57.42 89.87 -24.57
CA THR C 2735 56.32 88.96 -24.15
C THR C 2735 56.44 87.52 -24.74
N LEU C 2736 57.17 87.39 -25.86
CA LEU C 2736 57.34 86.12 -26.60
C LEU C 2736 57.99 84.99 -25.75
N THR C 2737 57.52 83.74 -25.94
CA THR C 2737 58.15 82.53 -25.36
C THR C 2737 59.56 82.33 -26.00
N ALA C 2738 60.49 81.70 -25.26
CA ALA C 2738 61.92 81.57 -25.65
C ALA C 2738 62.16 80.97 -27.07
N LYS C 2739 61.32 80.00 -27.46
CA LYS C 2739 61.32 79.40 -28.83
C LYS C 2739 60.90 80.41 -29.94
N GLU C 2740 59.89 81.25 -29.63
CA GLU C 2740 59.44 82.35 -30.53
C GLU C 2740 60.51 83.48 -30.70
N LYS C 2741 61.34 83.71 -29.67
CA LYS C 2741 62.43 84.70 -29.70
C LYS C 2741 63.61 84.33 -30.65
N ALA C 2742 63.78 83.04 -31.00
CA ALA C 2742 65.02 82.53 -31.67
C ALA C 2742 65.40 83.15 -33.07
N LYS C 2743 64.44 83.18 -33.99
CA LYS C 2743 64.67 83.53 -35.44
C LYS C 2743 65.25 84.93 -35.68
N ASP C 2744 64.62 85.95 -35.08
CA ASP C 2744 65.12 87.34 -35.12
C ASP C 2744 66.44 87.53 -34.31
N ARG C 2745 66.57 86.86 -33.15
CA ARG C 2745 67.79 86.97 -32.29
C ARG C 2745 69.05 86.48 -33.01
N GLU C 2746 68.94 85.38 -33.76
CA GLU C 2746 70.07 84.84 -34.57
C GLU C 2746 70.53 85.85 -35.66
N LYS C 2747 69.59 86.65 -36.18
CA LYS C 2747 69.88 87.76 -37.11
C LYS C 2747 70.50 88.98 -36.36
N ALA C 2748 69.91 89.33 -35.21
CA ALA C 2748 70.39 90.47 -34.37
C ALA C 2748 71.80 90.22 -33.80
N GLN C 2749 72.04 89.01 -33.27
CA GLN C 2749 73.38 88.67 -32.73
C GLN C 2749 74.43 88.54 -33.87
N ASP C 2750 73.97 88.16 -35.07
CA ASP C 2750 74.82 88.18 -36.27
C ASP C 2750 75.34 89.58 -36.64
N ILE C 2751 74.53 90.63 -36.46
CA ILE C 2751 74.97 92.00 -36.86
C ILE C 2751 75.90 92.72 -35.85
N LEU C 2752 75.54 92.77 -34.56
CA LEU C 2752 76.34 93.52 -33.54
C LEU C 2752 77.74 92.89 -33.28
N LYS C 2753 77.81 91.55 -33.30
CA LYS C 2753 79.10 90.81 -33.22
C LYS C 2753 80.02 91.14 -34.43
N PHE C 2754 79.42 91.30 -35.63
CA PHE C 2754 80.17 91.72 -36.84
C PHE C 2754 80.73 93.15 -36.71
N LEU C 2755 80.04 94.02 -35.94
CA LEU C 2755 80.57 95.33 -35.53
C LEU C 2755 81.83 95.16 -34.64
N GLN C 2756 81.75 94.28 -33.64
CA GLN C 2756 82.90 94.00 -32.74
C GLN C 2756 84.12 93.36 -33.48
N ILE C 2757 83.88 92.41 -34.40
CA ILE C 2757 85.01 91.72 -35.09
C ILE C 2757 85.75 92.56 -36.14
N ASN C 2758 85.03 93.46 -36.83
CA ASN C 2758 85.66 94.43 -37.77
C ASN C 2758 86.15 95.69 -37.02
N GLY C 2759 85.68 95.90 -35.78
CA GLY C 2759 86.26 96.91 -34.86
C GLY C 2759 85.64 98.29 -34.93
N TYR C 2760 84.32 98.37 -34.70
CA TYR C 2760 83.61 99.66 -34.53
C TYR C 2760 83.00 99.70 -33.12
N ALA C 2761 83.47 100.65 -32.29
CA ALA C 2761 82.97 100.83 -30.91
C ALA C 2761 81.53 101.40 -30.97
N VAL C 2762 80.61 100.77 -30.22
CA VAL C 2762 79.18 101.14 -30.20
C VAL C 2762 78.62 101.23 -28.76
N SER C 2763 78.24 102.44 -28.35
CA SER C 2763 77.94 102.79 -26.94
C SER C 2763 76.85 103.88 -26.80
N ARG C 2764 76.61 104.33 -25.56
CA ARG C 2764 75.75 105.47 -25.25
C ARG C 2764 76.43 106.38 -24.20
N GLY C 2765 76.42 107.70 -24.46
CA GLY C 2765 77.07 108.68 -23.59
C GLY C 2765 76.28 108.94 -22.33
N UNK C 2766 80.27 102.37 -2.47
CA UNK C 2766 80.72 102.14 -3.84
C UNK C 2766 81.15 103.45 -4.51
N UNK C 2767 81.75 103.32 -5.69
CA UNK C 2767 82.10 104.48 -6.53
C UNK C 2767 80.85 105.16 -7.09
N UNK C 2768 79.83 104.36 -7.40
CA UNK C 2768 78.51 104.87 -7.76
C UNK C 2768 77.89 105.68 -6.62
N UNK C 2769 78.03 105.17 -5.39
CA UNK C 2769 77.60 105.87 -4.18
C UNK C 2769 78.45 107.13 -3.90
N UNK C 2770 79.75 107.02 -4.15
CA UNK C 2770 80.67 108.16 -4.00
C UNK C 2770 80.38 109.26 -5.00
N UNK C 2771 80.08 108.88 -6.25
CA UNK C 2771 79.71 109.81 -7.31
C UNK C 2771 78.33 110.42 -7.07
N UNK C 2772 77.38 109.59 -6.63
CA UNK C 2772 76.01 110.04 -6.35
C UNK C 2772 75.92 111.01 -5.16
N UNK C 2773 76.86 110.90 -4.22
CA UNK C 2773 76.95 111.83 -3.07
C UNK C 2773 77.15 113.28 -3.51
N UNK C 2774 77.97 113.48 -4.54
CA UNK C 2774 78.18 114.80 -5.14
C UNK C 2774 76.94 115.28 -5.89
N UNK C 2775 76.29 114.38 -6.63
CA UNK C 2775 75.08 114.70 -7.40
C UNK C 2775 73.89 115.05 -6.50
N UNK C 2776 73.69 114.26 -5.46
CA UNK C 2776 72.61 114.49 -4.49
C UNK C 2776 72.81 115.77 -3.68
N UNK C 2777 74.07 116.05 -3.32
CA UNK C 2777 74.43 117.29 -2.61
C UNK C 2777 74.14 118.54 -3.44
N UNK C 2778 74.37 118.45 -4.76
CA UNK C 2778 74.01 119.51 -5.70
C UNK C 2778 72.50 119.68 -5.79
N UNK C 2779 71.79 118.56 -5.85
CA UNK C 2779 70.32 118.55 -5.91
C UNK C 2779 69.64 119.00 -4.61
N UNK C 2780 70.35 118.92 -3.48
CA UNK C 2780 69.80 119.27 -2.17
C UNK C 2780 69.44 120.75 -1.97
N UNK C 2781 69.99 121.65 -2.80
CA UNK C 2781 69.75 123.10 -2.67
C UNK C 2781 68.31 123.55 -2.96
N UNK C 2782 67.56 122.77 -3.73
CA UNK C 2782 66.22 123.18 -4.20
C UNK C 2782 65.13 123.14 -3.12
N UNK C 2783 65.10 122.05 -2.35
CA UNK C 2783 64.01 121.81 -1.37
C UNK C 2783 63.92 122.86 -0.26
N UNK C 2784 65.08 123.36 0.18
CA UNK C 2784 65.14 124.44 1.16
C UNK C 2784 64.60 125.76 0.62
N UNK C 2785 64.87 126.04 -0.66
CA UNK C 2785 64.32 127.21 -1.35
C UNK C 2785 62.81 127.11 -1.54
N UNK C 2786 62.32 125.89 -1.79
CA UNK C 2786 60.89 125.61 -1.81
C UNK C 2786 60.27 125.77 -0.43
N UNK C 2787 60.98 125.29 0.59
CA UNK C 2787 60.56 125.45 1.99
C UNK C 2787 60.57 126.92 2.43
N UNK C 2788 61.61 127.66 2.03
CA UNK C 2788 61.73 129.08 2.39
C UNK C 2788 60.88 129.95 1.47
N UNK C 2789 61.24 130.01 0.18
CA UNK C 2789 60.51 130.81 -0.81
C UNK C 2789 59.43 129.99 -1.48
N UNK C 2790 55.16 118.71 4.55
CA UNK C 2790 55.03 118.03 3.26
C UNK C 2790 56.28 118.24 2.41
N UNK C 2791 56.62 119.50 2.17
CA UNK C 2791 57.81 119.86 1.39
C UNK C 2791 59.08 119.64 2.20
N UNK C 2792 59.14 120.29 3.36
CA UNK C 2792 60.23 120.08 4.32
C UNK C 2792 60.15 118.72 5.00
N UNK C 2793 58.92 118.19 5.13
CA UNK C 2793 58.71 116.83 5.64
C UNK C 2793 59.34 115.77 4.73
N UNK C 2794 59.18 115.94 3.42
CA UNK C 2794 59.81 115.08 2.43
C UNK C 2794 61.33 115.29 2.39
N UNK C 2795 61.77 116.54 2.55
CA UNK C 2795 63.19 116.90 2.56
C UNK C 2795 63.98 116.28 3.72
N UNK C 2796 63.32 116.09 4.86
CA UNK C 2796 63.95 115.53 6.06
C UNK C 2796 64.27 114.04 5.97
N UNK C 2797 63.45 113.29 5.23
CA UNK C 2797 63.54 111.82 5.20
C UNK C 2797 64.76 111.27 4.45
N UNK C 2798 65.08 111.86 3.30
CA UNK C 2798 66.16 111.37 2.43
C UNK C 2798 67.58 111.49 3.01
N UNK C 2799 67.77 112.43 3.95
CA UNK C 2799 69.08 112.66 4.57
C UNK C 2799 69.60 111.48 5.41
N UNK C 2800 68.68 110.67 5.94
CA UNK C 2800 69.05 109.47 6.71
C UNK C 2800 69.74 108.41 5.85
N UNK C 2801 69.25 108.23 4.62
CA UNK C 2801 69.85 107.31 3.65
C UNK C 2801 71.26 107.73 3.22
N UNK C 2802 71.52 109.04 3.18
CA UNK C 2802 72.84 109.58 2.86
C UNK C 2802 73.90 109.21 3.89
N UNK C 2803 73.52 109.17 5.17
CA UNK C 2803 74.40 108.76 6.25
C UNK C 2803 74.85 107.29 6.14
N UNK C 2804 73.96 106.45 5.63
CA UNK C 2804 74.27 105.03 5.37
C UNK C 2804 75.30 104.89 4.25
N UNK C 2805 75.07 105.61 3.14
CA UNK C 2805 76.02 105.65 2.03
C UNK C 2805 77.34 106.34 2.39
N UNK C 2806 77.27 107.33 3.27
CA UNK C 2806 78.47 107.98 3.83
C UNK C 2806 79.27 107.02 4.68
N UNK C 2807 78.58 106.24 5.51
CA UNK C 2807 79.20 105.17 6.30
C UNK C 2807 79.77 104.06 5.42
N UNK C 2808 79.04 103.75 4.34
CA UNK C 2808 79.50 102.79 3.33
C UNK C 2808 80.73 103.28 2.57
N UNK C 2809 80.74 104.57 2.22
CA UNK C 2809 81.86 105.19 1.53
C UNK C 2809 83.06 105.40 2.44
N UNK C 2810 86.46 108.32 2.40
CA UNK C 2810 86.80 109.38 3.34
C UNK C 2810 86.31 110.73 2.83
N UNK C 2811 86.77 111.10 1.64
CA UNK C 2811 86.35 112.35 0.99
C UNK C 2811 84.92 112.25 0.48
N UNK C 2812 84.60 111.12 -0.16
CA UNK C 2812 83.23 110.82 -0.61
C UNK C 2812 82.29 110.62 0.58
N UNK C 2813 82.79 110.01 1.65
CA UNK C 2813 82.06 109.88 2.91
C UNK C 2813 81.79 111.26 3.53
N UNK C 2814 82.78 112.14 3.49
CA UNK C 2814 82.65 113.51 3.97
C UNK C 2814 81.71 114.36 3.11
N UNK C 2815 81.74 114.12 1.79
CA UNK C 2815 80.85 114.81 0.85
C UNK C 2815 79.38 114.45 1.08
N UNK C 2816 79.12 113.17 1.31
CA UNK C 2816 77.77 112.67 1.64
C UNK C 2816 77.29 113.15 3.01
N UNK C 2817 78.20 113.13 3.99
CA UNK C 2817 77.87 113.48 5.37
C UNK C 2817 77.60 114.98 5.59
N UNK C 2818 78.34 115.84 4.87
CA UNK C 2818 78.21 117.29 5.02
C UNK C 2818 76.82 117.83 4.67
N UNK C 2819 76.19 117.25 3.66
CA UNK C 2819 74.83 117.62 3.24
C UNK C 2819 73.75 117.25 4.26
N UNK C 2820 73.99 116.20 5.05
CA UNK C 2820 73.04 115.73 6.06
C UNK C 2820 72.81 116.73 7.21
N UNK C 2821 73.86 117.45 7.60
CA UNK C 2821 73.76 118.48 8.63
C UNK C 2821 72.88 119.66 8.19
N UNK C 2822 73.02 120.05 6.92
CA UNK C 2822 72.25 121.16 6.34
C UNK C 2822 70.84 120.78 5.84
N UNK C 2823 70.59 119.49 5.64
CA UNK C 2823 69.28 119.02 5.14
C UNK C 2823 68.13 119.31 6.13
N UNK C 2824 68.24 118.75 7.34
CA UNK C 2824 67.28 119.00 8.44
C UNK C 2824 67.30 120.48 8.93
N UNK C 2825 68.44 121.16 8.75
CA UNK C 2825 68.57 122.61 9.04
C UNK C 2825 67.63 123.51 8.20
N UNK C 2826 67.27 123.06 6.99
CA UNK C 2826 66.22 123.72 6.16
C UNK C 2826 64.81 123.60 6.80
N UNK C 2827 64.56 122.48 7.49
CA UNK C 2827 63.30 122.24 8.22
C UNK C 2827 63.18 123.01 9.55
N UNK C 2828 64.29 123.08 10.32
CA UNK C 2828 64.38 123.94 11.52
C UNK C 2828 64.29 125.45 11.18
N UNK C 2829 64.83 125.83 10.01
CA UNK C 2829 64.66 127.19 9.43
C UNK C 2829 63.18 127.47 9.04
N UNK C 2830 62.46 126.42 8.60
CA UNK C 2830 61.00 126.49 8.39
C UNK C 2830 60.22 126.68 9.72
N UNK C 2831 60.71 126.08 10.81
CA UNK C 2831 60.13 126.25 12.16
C UNK C 2831 60.38 127.64 12.79
N UNK C 2832 61.55 128.23 12.51
CA UNK C 2832 61.98 129.46 13.20
C UNK C 2832 63.12 130.18 12.46
N UNK C 2833 49.73 119.40 10.01
CA UNK C 2833 49.95 118.10 10.63
C UNK C 2833 51.22 118.11 11.51
N UNK C 2834 51.03 118.17 12.83
CA UNK C 2834 52.14 118.15 13.81
C UNK C 2834 52.81 116.76 13.95
N UNK C 2835 52.04 115.69 13.71
CA UNK C 2835 52.51 114.29 13.86
C UNK C 2835 53.68 113.91 12.91
N UNK C 2836 53.71 114.54 11.72
CA UNK C 2836 54.81 114.35 10.73
C UNK C 2836 56.20 114.77 11.28
N UNK C 2837 56.22 115.79 12.16
CA UNK C 2837 57.46 116.22 12.85
C UNK C 2837 58.07 115.09 13.71
N UNK C 2838 57.20 114.31 14.38
CA UNK C 2838 57.62 113.14 15.19
C UNK C 2838 58.31 112.04 14.33
N UNK C 2839 57.89 111.91 13.06
CA UNK C 2839 58.53 110.98 12.10
C UNK C 2839 60.02 111.30 11.84
N UNK C 2840 60.36 112.61 11.86
CA UNK C 2840 61.77 113.05 11.77
C UNK C 2840 62.60 112.63 13.01
N UNK C 2841 61.97 112.70 14.20
CA UNK C 2841 62.63 112.38 15.50
C UNK C 2841 63.17 110.92 15.60
N UNK C 2842 62.48 109.98 14.94
CA UNK C 2842 62.97 108.58 14.79
C UNK C 2842 63.97 108.43 13.62
N UNK C 2843 63.71 109.12 12.51
CA UNK C 2843 64.54 109.04 11.28
C UNK C 2843 65.98 109.57 11.45
N UNK C 2844 66.16 110.62 12.27
CA UNK C 2844 67.48 111.23 12.55
C UNK C 2844 68.28 110.50 13.65
N UNK C 2845 67.61 110.13 14.75
CA UNK C 2845 68.24 109.41 15.88
C UNK C 2845 68.77 108.00 15.49
N UNK C 2846 68.01 107.29 14.65
CA UNK C 2846 68.47 106.01 14.06
C UNK C 2846 69.74 106.18 13.18
N UNK C 2847 69.79 107.31 12.45
CA UNK C 2847 70.98 107.69 11.65
C UNK C 2847 72.21 107.99 12.55
N UNK C 2848 71.97 108.52 13.76
CA UNK C 2848 73.04 108.68 14.77
C UNK C 2848 73.63 107.30 15.19
N UNK C 2849 72.76 106.29 15.30
CA UNK C 2849 73.20 104.89 15.52
C UNK C 2849 74.01 104.35 14.32
N UNK C 2850 73.63 104.77 13.10
CA UNK C 2850 74.40 104.47 11.88
C UNK C 2850 75.83 105.09 11.90
N UNK C 2851 75.94 106.28 12.51
CA UNK C 2851 77.25 106.96 12.69
C UNK C 2851 78.19 106.20 13.66
N UNK C 2852 77.60 105.45 14.60
CA UNK C 2852 78.37 104.58 15.53
C UNK C 2852 79.12 103.43 14.80
N UNK C 2853 78.61 103.01 13.64
CA UNK C 2853 79.28 102.00 12.79
C UNK C 2853 80.53 102.58 12.11
N UNK C 2854 80.34 103.61 11.31
CA UNK C 2854 81.43 104.30 10.62
C UNK C 2854 81.91 105.49 11.45
N UNK C 2855 81.88 125.48 7.64
CA UNK C 2855 82.66 124.61 8.51
C UNK C 2855 81.81 124.13 9.68
N UNK C 2856 81.33 125.08 10.48
CA UNK C 2856 80.47 124.79 11.63
C UNK C 2856 79.01 124.76 11.20
N UNK C 2857 78.65 123.73 10.44
CA UNK C 2857 77.33 123.64 9.83
C UNK C 2857 76.27 123.20 10.84
N UNK C 2858 76.56 122.10 11.54
CA UNK C 2858 75.64 121.55 12.55
C UNK C 2858 75.49 122.44 13.79
N UNK C 2859 76.54 123.21 14.10
CA UNK C 2859 76.52 124.15 15.24
C UNK C 2859 75.48 125.27 15.08
N UNK C 2860 75.26 125.71 13.84
CA UNK C 2860 74.31 126.78 13.54
C UNK C 2860 72.83 126.38 13.74
N UNK C 2861 72.53 125.08 13.64
CA UNK C 2861 71.14 124.59 13.72
C UNK C 2861 70.48 124.75 15.10
N UNK C 2862 71.29 124.84 16.16
CA UNK C 2862 70.78 124.89 17.53
C UNK C 2862 70.09 126.21 17.92
N UNK C 2863 70.56 127.32 17.35
CA UNK C 2863 70.09 128.67 17.75
C UNK C 2863 68.62 128.97 17.46
N UNK C 2864 68.03 128.28 16.47
CA UNK C 2864 66.62 128.45 16.12
C UNK C 2864 65.69 128.02 17.24
N UNK C 2865 65.92 126.81 17.75
CA UNK C 2865 65.16 126.27 18.88
C UNK C 2865 65.52 126.93 20.21
N UNK C 2866 66.79 127.30 20.37
CA UNK C 2866 67.29 127.97 21.59
C UNK C 2866 66.62 129.32 21.81
N UNK C 2867 66.49 130.10 20.74
CA UNK C 2867 65.75 131.36 20.77
C UNK C 2867 64.25 131.12 20.95
N UNK C 2868 63.73 130.10 20.28
CA UNK C 2868 62.32 129.70 20.41
C UNK C 2868 61.92 129.29 21.84
N UNK C 2869 62.87 128.70 22.56
CA UNK C 2869 62.68 128.34 23.97
C UNK C 2869 62.57 129.58 24.87
N UNK C 2870 63.45 130.54 24.66
CA UNK C 2870 63.48 131.77 25.45
C UNK C 2870 62.22 132.63 25.27
N UNK C 2871 61.70 132.68 24.05
CA UNK C 2871 60.50 133.45 23.72
C UNK C 2871 59.22 132.88 24.34
N UNK C 2872 59.13 131.55 24.44
CA UNK C 2872 57.98 130.87 25.03
C UNK C 2872 57.75 131.24 26.51
N UNK C 2873 58.83 131.57 27.22
CA UNK C 2873 58.73 132.06 28.60
C UNK C 2873 57.88 133.33 28.72
N UNK C 2874 58.06 134.25 27.76
CA UNK C 2874 57.23 135.45 27.67
C UNK C 2874 55.80 135.12 27.29
N UNK C 2875 55.64 134.26 26.28
CA UNK C 2875 54.32 133.83 25.82
C UNK C 2875 53.70 132.85 26.81
N UNK C 2876 57.92 124.80 19.58
CA UNK C 2876 57.97 124.09 20.85
C UNK C 2876 58.14 122.59 20.61
N UNK C 2877 57.18 121.99 19.91
CA UNK C 2877 57.26 120.57 19.53
C UNK C 2877 58.26 120.38 18.40
N UNK C 2878 58.12 121.21 17.36
CA UNK C 2878 59.06 121.22 16.23
C UNK C 2878 60.44 121.76 16.63
N UNK C 2879 60.46 122.71 17.56
CA UNK C 2879 61.72 123.23 18.11
C UNK C 2879 62.47 122.17 18.91
N UNK C 2880 61.74 121.42 19.73
CA UNK C 2880 62.31 120.32 20.51
C UNK C 2880 62.71 119.11 19.65
N UNK C 2881 61.99 118.88 18.56
CA UNK C 2881 62.26 117.76 17.63
C UNK C 2881 63.59 117.90 16.91
N UNK C 2882 63.92 119.11 16.46
CA UNK C 2882 65.19 119.38 15.77
C UNK C 2882 66.43 119.22 16.66
N UNK C 2883 66.27 119.49 17.96
CA UNK C 2883 67.36 119.39 18.93
C UNK C 2883 67.82 117.96 19.19
N UNK C 2884 66.87 117.03 19.27
CA UNK C 2884 67.17 115.61 19.53
C UNK C 2884 68.04 114.96 18.45
N UNK C 2885 67.85 115.37 17.20
CA UNK C 2885 68.67 114.91 16.08
C UNK C 2885 70.12 115.38 16.22
N UNK C 2886 70.31 116.66 16.50
CA UNK C 2886 71.64 117.25 16.72
C UNK C 2886 72.29 116.74 18.02
N UNK C 2887 71.47 116.53 19.05
CA UNK C 2887 71.94 115.97 20.33
C UNK C 2887 72.41 114.53 20.19
N UNK C 2888 71.64 113.72 19.45
CA UNK C 2888 72.02 112.35 19.12
C UNK C 2888 73.26 112.30 18.23
N UNK C 2889 73.32 113.23 17.26
CA UNK C 2889 74.49 113.36 16.37
C UNK C 2889 75.76 113.78 17.13
N UNK C 2890 75.60 114.62 18.14
CA UNK C 2890 76.72 115.08 18.98
C UNK C 2890 77.42 113.95 19.74
N UNK C 2891 76.64 112.96 20.19
CA UNK C 2891 77.16 111.82 20.93
C UNK C 2891 78.02 110.88 20.08
N UNK C 2892 77.57 110.61 18.85
CA UNK C 2892 78.30 109.75 17.91
C UNK C 2892 79.65 110.35 17.49
N UNK C 2893 79.72 111.67 17.43
CA UNK C 2893 80.97 112.39 17.14
C UNK C 2893 82.00 112.23 18.26
N UNK C 2894 81.53 112.24 19.51
CA UNK C 2894 82.39 112.02 20.67
C UNK C 2894 82.99 110.61 20.67
N UNK C 2895 82.20 109.62 20.25
CA UNK C 2895 82.67 108.25 20.08
C UNK C 2895 83.62 108.16 18.89
N UNK C 2896 83.14 108.59 17.72
CA UNK C 2896 83.92 108.59 16.48
C UNK C 2896 84.84 109.80 16.42
N UNK C 2897 82.00 126.36 15.80
CA UNK C 2897 82.69 125.20 16.37
C UNK C 2897 83.19 125.52 17.77
N UNK C 2898 84.03 126.54 17.88
CA UNK C 2898 84.57 126.98 19.16
C UNK C 2898 83.51 127.73 19.99
N UNK C 2899 82.78 128.61 19.33
CA UNK C 2899 81.71 129.38 19.97
C UNK C 2899 80.48 128.54 20.36
N UNK C 2900 80.31 127.38 19.72
CA UNK C 2900 79.22 126.45 20.04
C UNK C 2900 79.28 125.91 21.49
N UNK C 2901 80.48 125.81 22.05
CA UNK C 2901 80.68 125.34 23.42
C UNK C 2901 80.07 126.27 24.49
N UNK C 2902 80.11 127.58 24.23
CA UNK C 2902 79.62 128.58 25.19
C UNK C 2902 78.10 128.57 25.38
N UNK C 2903 77.35 128.29 24.30
CA UNK C 2903 75.88 128.25 24.35
C UNK C 2903 75.31 127.13 25.23
N UNK C 2904 76.05 126.03 25.35
CA UNK C 2904 75.65 124.90 26.19
C UNK C 2904 75.62 125.24 27.68
N UNK C 2905 76.56 126.07 28.13
CA UNK C 2905 76.61 126.54 29.52
C UNK C 2905 75.38 127.39 29.88
N UNK C 2906 74.96 128.25 28.96
CA UNK C 2906 73.76 129.07 29.13
C UNK C 2906 72.49 128.21 29.13
N UNK C 2907 72.44 127.22 28.23
CA UNK C 2907 71.30 126.30 28.13
C UNK C 2907 71.18 125.37 29.35
N UNK C 2908 72.32 124.82 29.78
CA UNK C 2908 72.35 123.95 30.96
C UNK C 2908 71.99 124.68 32.25
N UNK C 2909 72.40 125.94 32.37
CA UNK C 2909 72.05 126.80 33.51
C UNK C 2909 70.56 127.14 33.54
N UNK C 2910 69.99 127.38 32.37
CA UNK C 2910 68.55 127.68 32.23
C UNK C 2910 67.64 126.51 32.63
N UNK C 2911 68.13 125.27 32.45
CA UNK C 2911 67.38 124.07 32.84
C UNK C 2911 67.17 123.97 34.34
N UNK C 2912 68.25 124.18 35.10
CA UNK C 2912 68.21 124.13 36.57
C UNK C 2912 67.50 125.33 37.22
N UNK C 2913 67.39 126.45 36.50
CA UNK C 2913 66.80 127.68 37.03
C UNK C 2913 65.33 127.52 37.41
N UNK C 2914 64.50 127.14 36.43
CA UNK C 2914 63.07 126.96 36.65
C UNK C 2914 62.79 125.63 37.33
N UNK C 2915 57.48 115.99 25.64
CA UNK C 2915 57.98 117.25 25.11
C UNK C 2915 59.01 117.86 26.06
N UNK C 2916 58.61 118.05 27.31
CA UNK C 2916 59.47 118.63 28.34
C UNK C 2916 60.53 117.64 28.80
N UNK C 2917 60.09 116.41 29.12
CA UNK C 2917 60.98 115.34 29.57
C UNK C 2917 61.99 114.92 28.49
N UNK C 2918 61.57 114.96 27.23
CA UNK C 2918 62.43 114.66 26.08
C UNK C 2918 63.61 115.63 25.95
N UNK C 2919 63.36 116.90 26.25
CA UNK C 2919 64.38 117.95 26.13
C UNK C 2919 65.49 117.82 27.18
N UNK C 2920 65.11 117.53 28.43
CA UNK C 2920 66.07 117.44 29.54
C UNK C 2920 67.09 116.32 29.38
N UNK C 2921 66.65 115.19 28.82
CA UNK C 2921 67.54 114.05 28.55
C UNK C 2921 68.59 114.35 27.47
N UNK C 2922 68.21 115.14 26.48
CA UNK C 2922 69.11 115.51 25.37
C UNK C 2922 70.27 116.41 25.78
N UNK C 2923 70.14 117.13 26.90
CA UNK C 2923 71.20 118.00 27.42
C UNK C 2923 72.46 117.23 27.83
N UNK C 2924 72.26 116.10 28.50
CA UNK C 2924 73.37 115.23 28.94
C UNK C 2924 74.04 114.47 27.78
N UNK C 2925 73.29 114.22 26.71
CA UNK C 2925 73.79 113.47 25.54
C UNK C 2925 74.92 114.19 24.80
N UNK C 2926 74.75 115.50 24.60
CA UNK C 2926 75.75 116.33 23.91
C UNK C 2926 77.03 116.53 24.71
N UNK C 2927 76.96 116.40 26.04
CA UNK C 2927 78.11 116.59 26.93
C UNK C 2927 79.20 115.50 26.84
N UNK C 2928 78.88 114.35 26.23
CA UNK C 2928 79.86 113.28 26.02
C UNK C 2928 80.90 113.68 24.98
N UNK C 2929 88.51 120.82 34.25
CA UNK C 2929 87.52 121.88 34.16
C UNK C 2929 87.19 122.43 35.55
N UNK C 2930 87.55 123.70 35.78
CA UNK C 2930 87.33 124.35 37.08
C UNK C 2930 85.87 124.73 37.27
N UNK C 2931 85.29 125.39 36.27
CA UNK C 2931 83.89 125.84 36.32
C UNK C 2931 82.88 124.69 36.29
N UNK C 2932 83.20 123.64 35.53
CA UNK C 2932 82.34 122.45 35.43
C UNK C 2932 82.23 121.69 36.75
N UNK C 2933 83.31 121.68 37.53
CA UNK C 2933 83.34 121.03 38.84
C UNK C 2933 82.45 121.72 39.88
N UNK C 2934 82.39 123.05 39.83
CA UNK C 2934 81.62 123.85 40.80
C UNK C 2934 80.10 123.65 40.69
N UNK C 2935 79.60 123.45 39.46
CA UNK C 2935 78.17 123.26 39.22
C UNK C 2935 77.65 121.94 39.80
N UNK C 2936 78.43 120.87 39.67
CA UNK C 2936 78.10 119.57 40.25
C UNK C 2936 78.09 119.58 41.78
N UNK C 2937 78.97 120.39 42.37
CA UNK C 2937 79.01 120.57 43.83
C UNK C 2937 77.75 121.26 44.35
N UNK C 2938 77.27 122.27 43.62
CA UNK C 2938 76.00 122.93 43.93
C UNK C 2938 74.81 121.99 43.75
N UNK C 2939 74.85 121.16 42.71
CA UNK C 2939 73.85 120.12 42.47
C UNK C 2939 73.88 119.03 43.54
N UNK C 2940 75.09 118.67 43.98
CA UNK C 2940 75.29 117.67 45.03
C UNK C 2940 74.88 118.19 46.41
N UNK C 2941 75.17 119.47 46.68
CA UNK C 2941 74.81 120.11 47.96
C UNK C 2941 73.30 120.21 48.19
N UNK C 2942 72.54 120.39 47.10
CA UNK C 2942 71.08 120.48 47.17
C UNK C 2942 70.40 119.14 47.48
N UNK C 2943 70.84 118.09 46.79
CA UNK C 2943 70.24 116.75 46.91
C UNK C 2943 70.48 116.08 48.27
N UNK C 2944 71.63 116.34 48.88
CA UNK C 2944 72.04 115.67 50.14
C UNK C 2944 71.22 116.06 51.38
N UNK C 2945 70.56 117.23 51.35
CA UNK C 2945 69.75 117.69 52.48
C UNK C 2945 68.53 116.80 52.77
N UNK C 2946 67.95 116.20 51.72
CA UNK C 2946 66.81 115.29 51.87
C UNK C 2946 67.23 113.97 52.48
N UNK C 2947 58.35 119.13 44.95
CA UNK C 2947 59.06 118.31 45.91
C UNK C 2947 59.79 117.17 45.23
N UNK C 2948 59.04 116.37 44.46
CA UNK C 2948 59.62 115.28 43.67
C UNK C 2948 60.42 115.82 42.48
N UNK C 2949 59.93 116.90 41.88
CA UNK C 2949 60.62 117.59 40.79
C UNK C 2949 61.95 118.23 41.24
N UNK C 2950 62.01 118.64 42.50
CA UNK C 2950 63.23 119.20 43.09
C UNK C 2950 64.39 118.20 43.13
N UNK C 2951 64.07 116.93 43.37
CA UNK C 2951 65.05 115.84 43.31
C UNK C 2951 65.60 115.64 41.89
N UNK C 2952 64.72 115.72 40.90
CA UNK C 2952 65.09 115.60 39.49
C UNK C 2952 65.86 116.83 38.97
N UNK C 2953 65.57 118.01 39.51
CA UNK C 2953 66.23 119.26 39.11
C UNK C 2953 67.73 119.26 39.39
N UNK C 2954 68.12 118.68 40.53
CA UNK C 2954 69.54 118.49 40.87
C UNK C 2954 70.22 117.47 39.96
N UNK C 2955 69.48 116.41 39.61
CA UNK C 2955 69.97 115.38 38.68
C UNK C 2955 70.17 115.90 37.26
N UNK C 2956 69.39 116.91 36.86
CA UNK C 2956 69.52 117.54 35.53
C UNK C 2956 70.88 118.22 35.35
N UNK C 2957 71.34 118.92 36.39
CA UNK C 2957 72.69 119.49 36.42
C UNK C 2957 73.76 118.40 36.50
N UNK C 2958 73.50 117.37 37.30
CA UNK C 2958 74.41 116.23 37.46
C UNK C 2958 74.52 115.34 36.22
N UNK C 2959 73.50 115.33 35.37
CA UNK C 2959 73.47 114.47 34.17
C UNK C 2959 74.53 114.86 33.13
N UNK C 2960 74.70 116.17 32.91
CA UNK C 2960 75.68 116.68 31.93
C UNK C 2960 77.14 116.47 32.35
N UNK C 2961 77.39 116.50 33.66
CA UNK C 2961 78.77 116.40 34.19
C UNK C 2961 79.41 115.02 34.02
N UNK C 2962 78.61 113.96 34.15
CA UNK C 2962 79.10 112.57 34.03
C UNK C 2962 79.66 112.25 32.64
N UNK C 2963 79.01 112.80 31.61
CA UNK C 2963 79.45 112.62 30.23
C UNK C 2963 80.78 113.34 29.93
N UNK C 2964 81.00 114.48 30.58
CA UNK C 2964 82.25 115.24 30.43
C UNK C 2964 83.49 114.48 30.91
N UNK C 2965 83.33 113.68 31.97
CA UNK C 2965 84.40 112.80 32.45
C UNK C 2965 84.74 111.72 31.43
N UNK C 2966 83.69 111.10 30.86
CA UNK C 2966 83.85 110.10 29.81
C UNK C 2966 83.92 110.75 28.43
N UNK C 2967 93.50 108.71 35.41
CA UNK C 2967 92.67 109.91 35.39
C UNK C 2967 91.96 110.11 36.72
N UNK C 2968 91.58 111.37 36.99
CA UNK C 2968 90.82 111.72 38.19
C UNK C 2968 89.38 111.25 38.03
N UNK C 2969 89.15 109.97 38.31
CA UNK C 2969 87.83 109.36 38.25
C UNK C 2969 87.70 108.27 39.31
N UNK C 2970 88.13 108.60 40.53
CA UNK C 2970 88.16 107.65 41.65
C UNK C 2970 86.95 107.86 42.56
N UNK C 2971 86.78 109.09 43.05
CA UNK C 2971 85.67 109.44 43.94
C UNK C 2971 84.30 109.49 43.27
N UNK C 2972 84.26 109.49 41.94
CA UNK C 2972 83.01 109.44 41.16
C UNK C 2972 82.14 108.23 41.50
N UNK C 2973 82.77 107.06 41.65
CA UNK C 2973 82.07 105.83 42.05
C UNK C 2973 81.50 105.91 43.47
N UNK C 2974 82.26 106.55 44.37
CA UNK C 2974 81.80 106.77 45.75
C UNK C 2974 80.66 107.77 45.84
N UNK C 2975 80.82 108.89 45.13
CA UNK C 2975 79.78 109.94 45.08
C UNK C 2975 78.50 109.51 44.36
N UNK C 2976 78.61 108.55 43.44
CA UNK C 2976 77.44 108.01 42.72
C UNK C 2976 76.48 107.27 43.65
N UNK C 2977 77.03 106.40 44.49
CA UNK C 2977 76.24 105.64 45.47
C UNK C 2977 75.69 106.53 46.59
N UNK C 2978 76.41 107.61 46.92
CA UNK C 2978 76.03 108.52 48.01
C UNK C 2978 74.79 109.37 47.70
N UNK C 2979 74.65 109.80 46.44
CA UNK C 2979 73.55 110.68 46.04
C UNK C 2979 72.15 110.04 46.13
N UNK C 2980 72.08 108.74 45.86
CA UNK C 2980 70.82 108.00 45.92
C UNK C 2980 70.27 107.80 47.35
N UNK C 2981 71.17 107.81 48.34
CA UNK C 2981 70.80 107.60 49.74
C UNK C 2981 69.91 108.71 50.32
N UNK C 2982 70.14 109.96 49.88
CA UNK C 2982 69.36 111.11 50.36
C UNK C 2982 67.90 111.04 49.90
N UNK C 2983 67.70 110.69 48.63
CA UNK C 2983 66.35 110.46 48.09
C UNK C 2983 65.69 109.23 48.72
N UNK C 2984 66.49 108.21 49.00
CA UNK C 2984 66.01 106.99 49.67
C UNK C 2984 65.54 107.24 51.11
N UNK C 2985 66.18 108.19 51.80
CA UNK C 2985 65.79 108.59 53.16
C UNK C 2985 64.37 109.18 53.19
N UNK C 2986 64.05 109.98 52.19
CA UNK C 2986 62.70 110.53 52.02
C UNK C 2986 61.67 109.46 51.71
N UNK C 2987 62.06 108.47 50.89
CA UNK C 2987 61.21 107.34 50.55
C UNK C 2987 60.92 106.47 51.77
N UNK C 2988 59.71 106.60 52.32
CA UNK C 2988 59.30 105.86 53.51
C UNK C 2988 57.77 105.85 53.66
N UNK C 2989 57.18 107.04 53.75
CA UNK C 2989 55.73 107.19 53.86
C UNK C 2989 55.05 106.89 52.53
N UNK C 2990 55.04 107.39 38.88
CA UNK C 2990 55.18 106.83 37.55
C UNK C 2990 56.17 107.65 36.73
N UNK C 2991 55.88 108.95 36.59
CA UNK C 2991 56.73 109.87 35.85
C UNK C 2991 58.02 110.17 36.61
N UNK C 2992 57.88 110.53 37.89
CA UNK C 2992 59.03 110.75 38.78
C UNK C 2992 59.79 109.45 39.07
N UNK C 2993 59.07 108.33 39.13
CA UNK C 2993 59.66 107.01 39.28
C UNK C 2993 60.51 106.62 38.07
N UNK C 2994 60.00 106.93 36.87
CA UNK C 2994 60.72 106.67 35.61
C UNK C 2994 61.97 107.55 35.45
N UNK C 2995 61.93 108.76 36.00
CA UNK C 2995 63.07 109.69 35.93
C UNK C 2995 64.33 109.19 36.62
N UNK C 2996 64.16 108.48 37.74
CA UNK C 2996 65.29 107.92 38.50
C UNK C 2996 66.00 106.79 37.77
N UNK C 2997 65.26 106.01 36.98
CA UNK C 2997 65.81 104.86 36.24
C UNK C 2997 66.80 105.29 35.14
N UNK C 2998 66.52 106.40 34.46
CA UNK C 2998 67.41 106.95 33.44
C UNK C 2998 68.73 107.45 34.03
N UNK C 2999 68.63 108.15 35.17
CA UNK C 2999 69.80 108.59 35.92
C UNK C 2999 70.58 107.41 36.52
N UNK C 3000 69.84 106.38 36.95
CA UNK C 3000 70.45 105.15 37.46
C UNK C 3000 71.24 104.39 36.38
N UNK C 3001 70.74 104.41 35.15
CA UNK C 3001 71.43 103.82 34.01
C UNK C 3001 72.74 104.55 33.69
N UNK C 3002 72.68 105.89 33.73
CA UNK C 3002 73.87 106.73 33.52
C UNK C 3002 74.87 106.62 34.67
N UNK C 3003 74.36 106.55 35.89
CA UNK C 3003 75.20 106.42 37.10
C UNK C 3003 75.92 105.08 37.17
N UNK C 3004 75.22 104.00 36.81
CA UNK C 3004 75.80 102.67 36.74
C UNK C 3004 76.88 102.55 35.66
N UNK C 3005 76.68 103.26 34.54
CA UNK C 3005 77.66 103.30 33.45
C UNK C 3005 78.96 103.98 33.88
N UNK C 3006 78.85 105.08 34.63
CA UNK C 3006 80.01 105.80 35.15
C UNK C 3006 80.72 105.00 36.26
N UNK C 3007 79.93 104.52 37.22
CA UNK C 3007 80.45 103.73 38.34
C UNK C 3007 80.82 102.32 37.90
N UNK C 3008 44.33 97.94 47.28
CA UNK C 3008 45.51 97.88 48.15
C UNK C 3008 46.79 97.43 47.38
N UNK C 3009 46.67 96.30 46.65
CA UNK C 3009 47.77 95.75 45.84
C UNK C 3009 48.17 96.66 44.65
N UNK C 3010 47.17 97.37 44.07
CA UNK C 3010 47.39 98.40 43.04
C UNK C 3010 48.17 99.63 43.59
N UNK C 3011 47.93 99.97 44.87
CA UNK C 3011 48.72 100.99 45.59
C UNK C 3011 50.18 100.52 45.86
N UNK C 3012 50.37 99.21 46.06
CA UNK C 3012 51.71 98.60 46.16
C UNK C 3012 52.50 98.62 44.84
N UNK C 3013 51.80 98.69 43.69
CA UNK C 3013 52.43 98.62 42.33
C UNK C 3013 53.44 99.74 42.01
N UNK C 3014 53.24 100.94 42.57
CA UNK C 3014 54.21 102.07 42.42
C UNK C 3014 55.53 101.78 43.17
N UNK C 3015 55.41 101.26 44.40
CA UNK C 3015 56.56 100.85 45.22
C UNK C 3015 57.36 99.67 44.59
N UNK C 3016 56.66 98.81 43.85
CA UNK C 3016 57.27 97.69 43.10
C UNK C 3016 58.17 98.16 41.93
N UNK C 3017 57.87 99.34 41.36
CA UNK C 3017 58.69 99.95 40.28
C UNK C 3017 60.06 100.42 40.80
N UNK C 3018 60.07 100.98 42.01
CA UNK C 3018 61.31 101.31 42.71
C UNK C 3018 62.09 100.06 43.12
N UNK C 3019 61.36 99.04 43.58
CA UNK C 3019 61.96 97.77 44.01
C UNK C 3019 62.60 96.99 42.86
N UNK C 3020 61.91 96.96 41.71
CA UNK C 3020 62.41 96.30 40.50
C UNK C 3020 63.64 97.00 39.93
N UNK C 3021 63.59 98.34 39.89
CA UNK C 3021 64.72 99.16 39.44
C UNK C 3021 65.92 99.06 40.38
N UNK C 3022 65.65 98.91 41.68
CA UNK C 3022 66.70 98.74 42.69
C UNK C 3022 67.52 97.46 42.52
N UNK C 3023 66.89 96.40 42.01
CA UNK C 3023 67.58 95.14 41.71
C UNK C 3023 68.67 95.31 40.66
N UNK C 3024 68.39 96.11 39.63
CA UNK C 3024 69.38 96.47 38.62
C UNK C 3024 70.46 97.40 39.19
N UNK C 3025 70.04 98.40 39.95
CA UNK C 3025 70.95 99.39 40.54
C UNK C 3025 71.87 98.83 41.64
N UNK C 3026 71.41 97.79 42.35
CA UNK C 3026 72.18 97.17 43.43
C UNK C 3026 73.49 96.53 42.95
N UNK C 3027 73.45 95.92 41.76
CA UNK C 3027 74.64 95.32 41.16
C UNK C 3027 75.70 96.34 40.74
N UNK C 3028 75.25 97.51 40.28
CA UNK C 3028 76.14 98.59 39.84
C UNK C 3028 77.04 99.12 40.96
N UNK C 3029 76.51 99.19 42.18
CA UNK C 3029 77.29 99.60 43.35
C UNK C 3029 78.33 98.55 43.72
N UNK C 3030 77.90 97.29 43.79
CA UNK C 3030 78.79 96.17 44.10
C UNK C 3030 79.69 95.84 42.91
N PRO C 3031 11.39 105.37 9.73
CA PRO C 3031 10.29 104.49 9.32
C PRO C 3031 9.77 103.61 10.46
N ARG C 3032 8.46 103.37 10.47
CA ARG C 3032 7.77 102.61 11.52
C ARG C 3032 7.20 101.25 11.04
N HIS C 3033 7.12 101.07 9.72
CA HIS C 3033 6.05 100.30 9.07
C HIS C 3033 6.15 98.76 9.20
N ARG C 3034 7.35 98.22 8.95
CA ARG C 3034 7.60 96.76 9.05
C ARG C 3034 7.49 96.26 10.50
N ALA C 3035 7.98 97.07 11.46
CA ALA C 3035 7.85 96.79 12.90
C ALA C 3035 6.37 96.85 13.39
N VAL C 3036 5.53 97.67 12.75
CA VAL C 3036 4.08 97.70 13.08
C VAL C 3036 3.36 96.41 12.62
N ASN C 3037 3.62 95.96 11.39
CA ASN C 3037 3.00 94.73 10.83
C ASN C 3037 3.49 93.43 11.53
N LEU C 3038 4.77 93.37 11.91
CA LEU C 3038 5.29 92.24 12.73
C LEU C 3038 4.76 92.27 14.18
N PHE C 3039 4.44 93.45 14.71
CA PHE C 3039 3.70 93.57 16.00
C PHE C 3039 2.24 93.06 15.90
N LEU C 3040 1.63 93.19 14.71
CA LEU C 3040 0.32 92.55 14.41
C LEU C 3040 0.42 91.00 14.39
N GLN C 3041 1.44 90.47 13.71
CA GLN C 3041 1.68 89.01 13.60
C GLN C 3041 2.06 88.32 14.94
N GLY C 3042 2.69 89.08 15.85
CA GLY C 3042 3.01 88.62 17.22
C GLY C 3042 1.85 88.71 18.22
N TYR C 3043 1.13 89.84 18.19
CA TYR C 3043 -0.11 90.06 18.98
C TYR C 3043 -1.22 89.02 18.67
N GLU C 3044 -1.33 88.62 17.40
CA GLU C 3044 -2.27 87.60 16.91
C GLU C 3044 -2.12 86.21 17.58
N LYS C 3045 -0.88 85.77 17.75
CA LYS C 3045 -0.55 84.48 18.36
C LYS C 3045 -0.03 84.68 19.79
N SER C 3046 -0.80 85.42 20.60
CA SER C 3046 -0.45 85.74 21.99
C SER C 3046 -1.66 85.66 22.93
N TRP C 3047 -2.66 86.53 22.72
CA TRP C 3047 -3.78 86.74 23.69
C TRP C 3047 -5.22 86.41 23.20
N ILE C 3048 -5.50 86.55 21.89
CA ILE C 3048 -6.90 86.56 21.35
C ILE C 3048 -7.65 85.23 21.62
N GLU C 3049 -6.94 84.10 21.45
CA GLU C 3049 -7.51 82.77 21.75
C GLU C 3049 -7.69 82.63 23.27
N THR C 3050 -8.87 82.14 23.69
CA THR C 3050 -9.32 82.16 25.10
C THR C 3050 -10.15 80.91 25.49
N GLU C 3051 -10.39 80.76 26.80
CA GLU C 3051 -11.29 79.73 27.36
C GLU C 3051 -12.79 80.13 27.25
N GLU C 3052 -13.07 81.39 26.89
CA GLU C 3052 -14.45 81.92 26.82
C GLU C 3052 -15.22 81.47 25.56
N HIS C 3053 -14.57 81.65 24.40
CA HIS C 3053 -15.23 81.50 23.07
C HIS C 3053 -15.75 80.07 22.75
N TYR C 3054 -15.32 79.08 23.54
CA TYR C 3054 -15.79 77.69 23.38
C TYR C 3054 -17.31 77.52 23.61
N PHE C 3055 -17.96 78.48 24.28
CA PHE C 3055 -19.44 78.47 24.49
C PHE C 3055 -20.29 78.28 23.19
N GLU C 3056 -19.88 78.94 22.11
CA GLU C 3056 -20.55 78.87 20.79
C GLU C 3056 -20.95 77.43 20.45
N ASP C 3057 -20.03 76.50 20.70
CA ASP C 3057 -20.22 75.06 20.45
C ASP C 3057 -21.35 74.46 21.32
N LYS C 3058 -21.48 74.93 22.57
CA LYS C 3058 -22.63 74.58 23.42
C LYS C 3058 -23.95 75.23 22.95
N LEU C 3059 -23.85 76.41 22.32
CA LEU C 3059 -25.03 77.14 21.79
C LEU C 3059 -25.58 76.58 20.46
N ILE C 3060 -24.69 76.38 19.47
CA ILE C 3060 -25.03 75.76 18.17
C ILE C 3060 -25.61 74.32 18.33
N GLU C 3061 -25.14 73.60 19.35
CA GLU C 3061 -25.68 72.29 19.72
C GLU C 3061 -27.09 72.40 20.35
N ASP C 3062 -27.28 73.35 21.27
CA ASP C 3062 -28.60 73.57 21.92
C ASP C 3062 -29.72 73.98 20.93
N LEU C 3063 -29.36 74.75 19.89
CA LEU C 3063 -30.28 75.09 18.77
C LEU C 3063 -30.60 73.92 17.80
N ALA C 3064 -29.76 72.87 17.79
CA ALA C 3064 -29.96 71.66 16.96
C ALA C 3064 -30.73 70.50 17.65
N LYS C 3065 -31.40 70.75 18.79
CA LYS C 3065 -32.29 69.76 19.44
C LYS C 3065 -33.50 69.35 18.56
N PRO C 3066 -34.28 70.34 18.06
CA PRO C 3066 -35.43 70.03 17.20
C PRO C 3066 -35.04 69.95 15.72
N ARG C 3079 -41.47 67.04 9.16
CA ARG C 3079 -40.93 65.84 8.50
C ARG C 3079 -39.39 65.74 8.48
N VAL C 3080 -38.68 66.78 8.92
CA VAL C 3080 -37.21 66.82 8.90
C VAL C 3080 -36.66 67.83 9.95
N ASP C 3081 -35.34 67.75 10.23
CA ASP C 3081 -34.65 68.63 11.21
C ASP C 3081 -33.50 69.49 10.60
N PRO C 3082 -33.21 70.70 11.19
CA PRO C 3082 -32.12 71.61 10.73
C PRO C 3082 -30.72 70.94 10.50
N LEU C 3083 -30.31 70.09 11.44
CA LEU C 3083 -29.04 69.34 11.30
C LEU C 3083 -29.15 68.29 10.17
N HIS C 3084 -30.33 67.69 10.02
CA HIS C 3084 -30.65 66.80 8.85
C HIS C 3084 -30.65 67.57 7.50
N GLN C 3085 -31.11 68.83 7.53
CA GLN C 3085 -31.07 69.73 6.35
C GLN C 3085 -29.61 70.02 5.92
N LEU C 3086 -28.74 70.16 6.93
CA LEU C 3086 -27.31 70.49 6.76
C LEU C 3086 -26.49 69.30 6.20
N ILE C 3087 -26.70 68.11 6.76
CA ILE C 3087 -26.01 66.90 6.27
C ILE C 3087 -26.49 66.47 4.87
N LEU C 3088 -27.80 66.58 4.59
CA LEU C 3088 -28.36 66.29 3.25
C LEU C 3088 -27.84 67.28 2.18
N LEU C 3089 -27.53 68.53 2.58
CA LEU C 3089 -26.87 69.52 1.71
C LEU C 3089 -25.46 69.10 1.27
N PHE C 3090 -24.61 68.74 2.23
CA PHE C 3090 -23.23 68.27 1.94
C PHE C 3090 -23.22 66.93 1.16
N SER C 3091 -24.24 66.09 1.39
CA SER C 3091 -24.45 64.86 0.61
C SER C 3091 -24.71 65.18 -0.88
N ARG C 3092 -25.51 66.22 -1.15
CA ARG C 3092 -25.74 66.72 -2.53
C ARG C 3092 -24.46 67.30 -3.19
N THR C 3093 -23.60 67.96 -2.40
CA THR C 3093 -22.30 68.50 -2.88
C THR C 3093 -21.30 67.36 -3.25
N ALA C 3094 -21.38 66.23 -2.53
CA ALA C 3094 -20.53 65.04 -2.78
C ALA C 3094 -20.97 64.24 -4.02
N LEU C 3095 -22.28 64.07 -4.21
CA LEU C 3095 -22.90 63.40 -5.40
C LEU C 3095 -22.49 64.00 -6.77
N THR C 3096 -22.41 65.33 -6.85
CA THR C 3096 -22.04 66.04 -8.09
C THR C 3096 -20.55 65.76 -8.47
N GLU C 3097 -20.29 65.53 -9.77
CA GLU C 3097 -18.92 65.40 -10.32
C GLU C 3097 -18.45 66.70 -11.00
N LYS C 3098 -17.62 67.47 -10.30
CA LYS C 3098 -16.92 68.66 -10.85
C LYS C 3098 -15.47 68.31 -11.30
N CYS C 3099 -15.20 67.00 -11.51
CA CYS C 3099 -13.83 66.44 -11.58
C CYS C 3099 -13.06 66.69 -10.25
N LYS C 3100 -12.21 67.73 -10.20
CA LYS C 3100 -11.67 68.24 -8.92
C LYS C 3100 -12.84 68.90 -8.14
N LEU C 3101 -12.95 68.61 -6.84
CA LEU C 3101 -14.02 69.20 -5.98
C LEU C 3101 -13.76 70.68 -5.55
N GLU C 3102 -14.85 71.39 -5.25
CA GLU C 3102 -14.80 72.77 -4.73
C GLU C 3102 -14.19 72.83 -3.32
N GLU C 3103 -13.48 73.92 -3.02
CA GLU C 3103 -12.79 74.13 -1.71
C GLU C 3103 -13.80 74.20 -0.52
N ASP C 3104 -14.95 74.84 -0.76
CA ASP C 3104 -16.08 74.97 0.21
C ASP C 3104 -15.66 75.30 1.67
N PHE C 3105 -15.31 76.57 1.89
CA PHE C 3105 -15.02 77.18 3.23
C PHE C 3105 -16.14 76.89 4.26
N LEU C 3106 -17.39 76.86 3.76
CA LEU C 3106 -18.61 76.43 4.49
C LEU C 3106 -18.43 75.07 5.19
N TYR C 3107 -17.90 74.08 4.45
CA TYR C 3107 -17.63 72.72 4.97
C TYR C 3107 -16.44 72.68 5.97
N MET C 3108 -15.44 73.55 5.78
CA MET C 3108 -14.31 73.70 6.73
C MET C 3108 -14.86 74.09 8.12
N ALA C 3109 -15.76 75.09 8.10
CA ALA C 3109 -16.38 75.65 9.31
C ALA C 3109 -17.25 74.64 10.09
N TYR C 3110 -18.25 74.05 9.42
CA TYR C 3110 -19.16 73.06 10.05
C TYR C 3110 -18.50 71.74 10.50
N ALA C 3111 -17.48 71.26 9.76
CA ALA C 3111 -16.76 70.04 10.16
C ALA C 3111 -15.86 70.29 11.42
N ASP C 3112 -15.25 71.47 11.52
CA ASP C 3112 -14.54 71.90 12.76
C ASP C 3112 -15.50 72.13 13.96
N ILE C 3113 -16.73 72.60 13.68
CA ILE C 3113 -17.79 72.81 14.72
C ILE C 3113 -18.30 71.48 15.32
N MET C 3114 -18.65 70.51 14.45
CA MET C 3114 -19.03 69.15 14.87
C MET C 3114 -17.88 68.38 15.58
N ALA C 3115 -16.63 68.67 15.18
CA ALA C 3115 -15.43 68.15 15.88
C ALA C 3115 -15.30 68.63 17.34
N LYS C 3116 -15.73 69.88 17.62
CA LYS C 3116 -15.80 70.40 19.02
C LYS C 3116 -17.11 70.03 19.78
N SER C 3117 -18.14 69.57 19.05
CA SER C 3117 -19.51 69.33 19.60
C SER C 3117 -19.61 68.23 20.69
N CYS C 3118 -18.73 67.23 20.60
CA CYS C 3118 -18.73 66.07 21.53
C CYS C 3118 -17.70 66.23 22.66
N VAL C 3130 -17.47 56.86 45.07
CA VAL C 3130 -18.66 56.63 44.26
C VAL C 3130 -18.98 57.82 43.32
N LYS C 3131 -18.90 59.04 43.87
CA LYS C 3131 -19.30 60.29 43.17
C LYS C 3131 -18.46 60.59 41.90
N SER C 3132 -17.16 60.30 41.96
CA SER C 3132 -16.26 60.39 40.78
C SER C 3132 -16.62 59.37 39.66
N PHE C 3133 -17.09 58.18 40.06
CA PHE C 3133 -17.55 57.13 39.10
C PHE C 3133 -18.89 57.49 38.42
N GLU C 3134 -19.87 57.98 39.21
CA GLU C 3134 -21.19 58.43 38.68
C GLU C 3134 -21.08 59.62 37.71
N GLU C 3135 -20.19 60.59 38.03
CA GLU C 3135 -19.91 61.73 37.12
C GLU C 3135 -19.13 61.31 35.84
N LYS C 3136 -18.25 60.31 35.95
CA LYS C 3136 -17.58 59.70 34.75
C LYS C 3136 -18.59 59.00 33.80
N GLU C 3137 -19.62 58.37 34.38
CA GLU C 3137 -20.72 57.75 33.59
C GLU C 3137 -21.69 58.78 32.99
N MET C 3138 -21.93 59.91 33.67
CA MET C 3138 -22.72 61.03 33.10
C MET C 3138 -21.99 61.68 31.91
N GLU C 3139 -20.65 61.80 31.99
CA GLU C 3139 -19.79 62.21 30.85
C GLU C 3139 -19.84 61.21 29.67
N LYS C 3140 -19.91 59.91 29.98
CA LYS C 3140 -19.93 58.84 28.95
C LYS C 3140 -21.29 58.74 28.21
N GLN C 3141 -22.39 58.77 28.96
CA GLN C 3141 -23.76 58.78 28.38
C GLN C 3141 -24.12 60.14 27.74
N LYS C 3142 -23.49 61.23 28.19
CA LYS C 3142 -23.63 62.57 27.56
C LYS C 3142 -22.93 62.63 26.19
N LEU C 3143 -21.68 62.16 26.14
CA LEU C 3143 -20.92 61.94 24.89
C LEU C 3143 -21.74 61.07 23.91
N LEU C 3144 -22.36 60.01 24.44
CA LEU C 3144 -23.28 59.13 23.68
C LEU C 3144 -24.53 59.89 23.16
N TYR C 3145 -24.92 60.97 23.85
CA TYR C 3145 -26.06 61.84 23.43
C TYR C 3145 -25.76 62.84 22.28
N GLN C 3146 -24.66 63.59 22.36
CA GLN C 3146 -24.21 64.46 21.23
C GLN C 3146 -23.89 63.59 19.97
N GLN C 3147 -23.19 62.47 20.17
CA GLN C 3147 -22.89 61.47 19.11
C GLN C 3147 -24.16 60.87 18.46
N ALA C 3148 -25.21 60.67 19.28
CA ALA C 3148 -26.54 60.25 18.77
C ALA C 3148 -27.22 61.35 17.93
N ARG C 3149 -27.02 62.62 18.34
CA ARG C 3149 -27.56 63.80 17.61
C ARG C 3149 -26.98 63.94 16.19
N LEU C 3150 -25.68 63.72 16.03
CA LEU C 3150 -25.03 63.68 14.69
C LEU C 3150 -25.35 62.36 13.93
N HIS C 3151 -25.55 61.26 14.66
CA HIS C 3151 -25.85 59.91 14.08
C HIS C 3151 -27.23 59.77 13.38
N ASP C 3152 -28.31 60.16 14.08
CA ASP C 3152 -29.69 60.02 13.57
C ASP C 3152 -29.99 60.92 12.37
N ARG C 3153 -29.26 62.04 12.26
CA ARG C 3153 -29.41 62.99 11.14
C ARG C 3153 -28.67 62.49 9.87
N GLY C 3154 -27.61 61.70 10.07
CA GLY C 3154 -26.86 61.05 8.96
C GLY C 3154 -25.40 61.44 8.74
N ALA C 3155 -24.76 62.07 9.74
CA ALA C 3155 -23.33 62.46 9.67
C ALA C 3155 -22.37 61.24 9.53
N ALA C 3156 -22.79 60.10 10.10
CA ALA C 3156 -22.10 58.80 9.97
C ALA C 3156 -21.89 58.35 8.50
N GLU C 3157 -22.80 58.74 7.61
CA GLU C 3157 -22.73 58.40 6.18
C GLU C 3157 -21.88 59.43 5.37
N MET C 3158 -22.07 60.72 5.66
CA MET C 3158 -21.33 61.81 4.96
C MET C 3158 -19.80 61.81 5.23
N VAL C 3159 -19.37 61.25 6.37
CA VAL C 3159 -17.93 61.05 6.65
C VAL C 3159 -17.26 60.15 5.58
N LEU C 3160 -18.01 59.17 5.06
CA LEU C 3160 -17.53 58.31 3.95
C LEU C 3160 -17.64 59.00 2.56
N GLN C 3161 -18.79 59.66 2.33
CA GLN C 3161 -19.18 60.24 1.01
C GLN C 3161 -18.22 61.33 0.46
N THR C 3162 -17.84 62.28 1.31
CA THR C 3162 -16.96 63.38 0.86
C THR C 3162 -15.49 62.91 0.67
N ILE C 3163 -15.06 61.85 1.39
CA ILE C 3163 -13.72 61.21 1.14
C ILE C 3163 -13.70 60.52 -0.24
N SER C 3164 -14.79 59.80 -0.56
CA SER C 3164 -14.94 59.11 -1.87
C SER C 3164 -15.03 60.11 -3.06
N ALA C 3165 -15.54 61.33 -2.79
CA ALA C 3165 -15.57 62.42 -3.79
C ALA C 3165 -14.20 63.13 -3.95
N SER C 3166 -13.49 63.38 -2.84
CA SER C 3166 -12.18 64.06 -2.84
C SER C 3166 -11.04 63.27 -3.53
N LYS C 3167 -11.22 61.95 -3.69
CA LYS C 3167 -10.30 61.07 -4.46
C LYS C 3167 -8.81 61.16 -3.98
N GLY C 3168 -7.85 61.39 -4.89
CA GLY C 3168 -6.42 61.45 -4.56
C GLY C 3168 -5.90 62.76 -3.97
N GLU C 3169 -6.74 63.80 -3.91
CA GLU C 3169 -6.39 65.09 -3.28
C GLU C 3169 -6.23 64.97 -1.74
N THR C 3170 -5.26 65.71 -1.18
CA THR C 3170 -4.99 65.78 0.28
C THR C 3170 -5.19 67.23 0.78
N GLY C 3171 -6.33 67.82 0.43
CA GLY C 3171 -6.69 69.18 0.86
C GLY C 3171 -7.15 69.22 2.32
N PRO C 3172 -7.29 70.44 2.88
CA PRO C 3172 -7.90 70.64 4.22
C PRO C 3172 -9.33 70.07 4.38
N MET C 3173 -10.09 69.99 3.27
CA MET C 3173 -11.44 69.39 3.25
C MET C 3173 -11.49 67.92 3.75
N VAL C 3174 -10.53 67.11 3.29
CA VAL C 3174 -10.48 65.68 3.72
C VAL C 3174 -10.07 65.56 5.21
N ALA C 3175 -9.21 66.47 5.68
CA ALA C 3175 -8.88 66.60 7.12
C ALA C 3175 -10.10 67.02 7.95
N ALA C 3176 -10.92 67.90 7.38
CA ALA C 3176 -12.19 68.34 8.00
C ALA C 3176 -13.21 67.18 8.10
N THR C 3177 -13.14 66.24 7.15
CA THR C 3177 -13.97 65.00 7.20
C THR C 3177 -13.57 64.06 8.34
N LEU C 3178 -12.27 63.79 8.48
CA LEU C 3178 -11.75 62.88 9.52
C LEU C 3178 -11.93 63.46 10.96
N LYS C 3179 -11.93 64.80 11.09
CA LYS C 3179 -12.40 65.50 12.32
C LYS C 3179 -13.83 65.04 12.74
N LEU C 3180 -14.75 65.03 11.77
CA LEU C 3180 -16.15 64.60 11.95
C LEU C 3180 -16.31 63.09 12.27
N GLY C 3181 -15.43 62.25 11.69
CA GLY C 3181 -15.44 60.80 11.94
C GLY C 3181 -15.00 60.43 13.36
N ILE C 3182 -13.86 60.98 13.78
CA ILE C 3182 -13.34 60.81 15.15
C ILE C 3182 -14.32 61.33 16.24
N ALA C 3183 -15.03 62.41 15.92
CA ALA C 3183 -16.04 63.00 16.81
C ALA C 3183 -17.30 62.12 17.01
N ILE C 3184 -17.88 61.64 15.90
CA ILE C 3184 -19.05 60.74 15.95
C ILE C 3184 -18.76 59.36 16.62
N LEU C 3185 -17.52 58.86 16.49
CA LEU C 3185 -17.08 57.62 17.18
C LEU C 3185 -16.50 57.87 18.60
N ASN C 3186 -15.28 58.42 18.68
CA ASN C 3186 -14.61 58.70 19.98
C ASN C 3186 -14.73 57.50 20.96
N GLY C 3187 -14.31 56.32 20.50
CA GLY C 3187 -14.21 55.11 21.34
C GLY C 3187 -15.31 54.06 21.15
N GLY C 3188 -15.21 53.32 20.03
CA GLY C 3188 -15.94 52.06 19.83
C GLY C 3188 -17.46 52.05 19.82
N ASN C 3189 -18.08 53.06 19.24
CA ASN C 3189 -19.55 53.12 19.10
C ASN C 3189 -20.03 51.95 18.23
N SER C 3190 -21.01 51.19 18.71
CA SER C 3190 -21.60 50.09 17.93
C SER C 3190 -22.58 50.60 16.84
N THR C 3191 -23.27 51.72 17.13
CA THR C 3191 -24.31 52.27 16.23
C THR C 3191 -23.75 52.91 14.94
N VAL C 3192 -22.80 53.84 15.11
CA VAL C 3192 -22.15 54.56 13.98
C VAL C 3192 -21.35 53.58 13.09
N GLN C 3193 -20.62 52.67 13.74
CA GLN C 3193 -19.84 51.58 13.10
C GLN C 3193 -20.73 50.59 12.28
N GLN C 3194 -21.94 50.30 12.79
CA GLN C 3194 -22.86 49.33 12.13
C GLN C 3194 -23.61 49.91 10.90
N LYS C 3195 -24.09 51.16 10.99
CA LYS C 3195 -24.62 51.88 9.80
C LYS C 3195 -23.51 52.15 8.74
N MET C 3196 -22.27 52.31 9.20
CA MET C 3196 -21.13 52.54 8.29
C MET C 3196 -20.80 51.28 7.47
N LEU C 3197 -20.65 50.13 8.15
CA LEU C 3197 -20.41 48.82 7.48
C LEU C 3197 -21.60 48.37 6.58
N ASP C 3198 -22.83 48.67 7.00
CA ASP C 3198 -24.05 48.36 6.20
C ASP C 3198 -24.06 49.20 4.89
N TYR C 3199 -23.65 50.47 4.99
CA TYR C 3199 -23.45 51.37 3.82
C TYR C 3199 -22.40 50.81 2.83
N LEU C 3200 -21.31 50.24 3.34
CA LEU C 3200 -20.25 49.62 2.50
C LEU C 3200 -20.65 48.28 1.86
N LYS C 3201 -21.49 47.47 2.54
CA LYS C 3201 -21.96 46.16 2.00
C LYS C 3201 -23.06 46.30 0.93
N GLU C 3202 -23.90 47.34 1.06
CA GLU C 3202 -25.05 47.56 0.17
C GLU C 3202 -24.68 48.40 -1.08
N LYS C 3203 -24.20 49.64 -0.85
CA LYS C 3203 -23.83 50.57 -1.94
C LYS C 3203 -22.61 50.06 -2.77
N LYS C 3204 -21.70 49.34 -2.10
CA LYS C 3204 -20.55 48.60 -2.71
C LYS C 3204 -19.76 49.40 -3.79
N ASP C 3205 -19.45 50.67 -3.46
CA ASP C 3205 -18.84 51.65 -4.39
C ASP C 3205 -17.37 51.40 -4.78
N VAL C 3206 -16.65 50.60 -3.99
CA VAL C 3206 -15.22 50.24 -4.22
C VAL C 3206 -14.23 51.43 -3.95
N GLY C 3207 -14.61 52.65 -4.36
CA GLY C 3207 -13.71 53.80 -4.43
C GLY C 3207 -13.34 54.52 -3.13
N PHE C 3208 -13.94 54.13 -2.00
CA PHE C 3208 -13.52 54.65 -0.66
C PHE C 3208 -12.15 54.06 -0.22
N PHE C 3209 -12.00 52.74 -0.32
CA PHE C 3209 -10.70 52.05 -0.11
C PHE C 3209 -9.65 52.38 -1.20
N GLN C 3210 -10.09 52.66 -2.43
CA GLN C 3210 -9.20 53.18 -3.49
C GLN C 3210 -8.69 54.60 -3.12
N SER C 3211 -9.54 55.37 -2.42
CA SER C 3211 -9.17 56.74 -1.93
C SER C 3211 -8.13 56.69 -0.79
N LEU C 3212 -8.39 55.86 0.23
CA LEU C 3212 -7.46 55.68 1.37
C LEU C 3212 -6.12 55.04 0.95
N ALA C 3213 -6.13 54.14 -0.04
CA ALA C 3213 -4.90 53.51 -0.56
C ALA C 3213 -4.03 54.45 -1.41
N GLY C 3214 -4.65 55.13 -2.39
CA GLY C 3214 -3.95 56.12 -3.24
C GLY C 3214 -3.37 57.29 -2.45
N LEU C 3215 -4.09 57.72 -1.40
CA LEU C 3215 -3.61 58.76 -0.47
C LEU C 3215 -2.46 58.25 0.45
N MET C 3216 -2.54 56.98 0.86
CA MET C 3216 -1.49 56.27 1.65
C MET C 3216 -0.13 56.17 0.92
N GLN C 3217 -0.17 56.08 -0.42
CA GLN C 3217 1.05 56.12 -1.24
C GLN C 3217 1.85 57.42 -0.93
N SER C 3218 1.15 58.54 -0.77
CA SER C 3218 1.80 59.86 -0.50
C SER C 3218 1.38 60.55 0.82
N CYS C 3219 1.01 59.77 1.86
CA CYS C 3219 0.45 60.35 3.11
C CYS C 3219 1.30 61.46 3.77
N SER C 3220 2.60 61.18 4.00
CA SER C 3220 3.56 62.15 4.61
C SER C 3220 4.95 61.52 4.89
N VAL C 3221 5.93 62.36 5.28
CA VAL C 3221 7.30 61.92 5.64
C VAL C 3221 7.86 62.80 6.80
N LEU C 3222 8.74 62.22 7.62
CA LEU C 3222 9.61 62.97 8.58
C LEU C 3222 10.73 63.72 7.81
N ASP C 3223 11.32 63.03 6.84
CA ASP C 3223 12.17 63.63 5.80
C ASP C 3223 13.45 64.30 6.38
N LEU C 3224 14.47 63.47 6.64
CA LEU C 3224 15.85 63.89 7.09
C LEU C 3224 16.48 64.97 6.20
N ASN C 3225 16.36 64.76 4.88
CA ASN C 3225 16.83 65.66 3.82
C ASN C 3225 16.47 67.14 4.10
N ALA C 3226 15.19 67.36 4.38
CA ALA C 3226 14.61 68.68 4.72
C ALA C 3226 15.17 69.28 6.04
N PHE C 3227 15.50 68.40 7.01
CA PHE C 3227 16.02 68.80 8.34
C PHE C 3227 17.47 69.34 8.31
N GLU C 3228 18.36 68.65 7.56
CA GLU C 3228 19.75 69.11 7.34
C GLU C 3228 19.76 70.43 6.52
N ARG C 3229 18.83 70.53 5.57
CA ARG C 3229 18.65 71.70 4.71
C ARG C 3229 18.14 72.98 5.44
N GLN C 3230 17.33 72.80 6.50
CA GLN C 3230 16.79 73.92 7.31
C GLN C 3230 17.66 74.27 8.56
N ASN C 3231 18.60 73.38 8.92
CA ASN C 3231 19.47 73.55 10.10
C ASN C 3231 20.40 74.81 10.01
N LYS C 3232 20.77 75.20 8.78
CA LYS C 3232 21.66 76.35 8.51
C LYS C 3232 20.89 77.58 8.01
N ASP C 3251 4.11 68.48 8.89
CA ASP C 3251 2.80 68.47 8.23
C ASP C 3251 2.16 67.05 8.26
N ASP C 3252 2.26 66.38 9.43
CA ASP C 3252 1.80 64.97 9.61
C ASP C 3252 0.46 64.82 10.40
N GLU C 3253 -0.15 65.94 10.83
CA GLU C 3253 -1.36 65.95 11.70
C GLU C 3253 -2.58 65.24 11.06
N PHE C 3254 -2.73 65.45 9.73
CA PHE C 3254 -3.75 64.74 8.90
C PHE C 3254 -3.58 63.20 8.89
N THR C 3255 -2.33 62.73 8.93
CA THR C 3255 -2.00 61.28 8.91
C THR C 3255 -2.42 60.61 10.24
N CYS C 3256 -2.05 61.25 11.36
CA CYS C 3256 -2.45 60.79 12.70
C CYS C 3256 -3.99 60.78 12.88
N ASP C 3257 -4.68 61.74 12.24
CA ASP C 3257 -6.17 61.77 12.17
C ASP C 3257 -6.75 60.56 11.38
N LEU C 3258 -6.06 60.14 10.30
CA LEU C 3258 -6.53 59.03 9.44
C LEU C 3258 -6.41 57.65 10.13
N PHE C 3259 -5.24 57.35 10.69
CA PHE C 3259 -5.01 56.08 11.43
C PHE C 3259 -5.83 55.99 12.75
N ARG C 3260 -6.07 57.14 13.41
CA ARG C 3260 -7.00 57.19 14.57
C ARG C 3260 -8.44 56.88 14.10
N PHE C 3261 -8.82 57.36 12.90
CA PHE C 3261 -10.14 57.08 12.26
C PHE C 3261 -10.37 55.56 12.06
N LEU C 3262 -9.42 54.87 11.41
CA LEU C 3262 -9.49 53.40 11.17
C LEU C 3262 -9.51 52.57 12.49
N GLN C 3263 -8.72 52.98 13.49
CA GLN C 3263 -8.66 52.28 14.80
C GLN C 3263 -10.02 52.34 15.54
N LEU C 3264 -10.69 53.49 15.47
CA LEU C 3264 -12.07 53.67 15.98
C LEU C 3264 -13.13 52.84 15.17
N LEU C 3265 -12.84 52.61 13.87
CA LEU C 3265 -13.67 51.70 13.03
C LEU C 3265 -13.55 50.19 13.42
N CYS C 3266 -12.48 49.78 14.13
CA CYS C 3266 -12.31 48.37 14.58
C CYS C 3266 -12.55 48.10 16.11
N GLU C 3267 -12.68 49.15 16.94
CA GLU C 3267 -12.97 48.98 18.39
C GLU C 3267 -14.41 48.47 18.64
N GLY C 3268 -14.59 47.73 19.75
CA GLY C 3268 -15.81 46.94 20.00
C GLY C 3268 -15.74 45.51 19.43
N HIS C 3269 -14.61 45.15 18.82
CA HIS C 3269 -14.32 43.78 18.30
C HIS C 3269 -15.31 43.26 17.21
N ASN C 3270 -15.56 44.09 16.19
CA ASN C 3270 -16.39 43.70 15.02
C ASN C 3270 -15.56 42.91 13.99
N SER C 3271 -15.44 41.59 14.24
CA SER C 3271 -14.65 40.68 13.39
C SER C 3271 -15.17 40.56 11.93
N ASP C 3272 -16.48 40.76 11.74
CA ASP C 3272 -17.09 40.87 10.38
C ASP C 3272 -16.54 42.08 9.56
N PHE C 3273 -16.26 43.19 10.27
CA PHE C 3273 -15.70 44.42 9.68
C PHE C 3273 -14.19 44.28 9.32
N GLN C 3274 -13.44 43.61 10.20
CA GLN C 3274 -12.00 43.34 9.99
C GLN C 3274 -11.77 42.40 8.78
N ASN C 3275 -12.60 41.35 8.69
CA ASN C 3275 -12.59 40.45 7.52
C ASN C 3275 -13.06 41.17 6.23
N TYR C 3276 -13.98 42.13 6.36
CA TYR C 3276 -14.39 42.98 5.21
C TYR C 3276 -13.20 43.77 4.63
N LEU C 3277 -12.30 44.26 5.50
CA LEU C 3277 -11.05 44.92 5.04
C LEU C 3277 -10.06 43.95 4.36
N ARG C 3278 -9.97 42.70 4.85
CA ARG C 3278 -8.99 41.74 4.29
C ARG C 3278 -9.37 41.13 2.93
N THR C 3279 -10.65 40.75 2.76
CA THR C 3279 -11.12 40.04 1.52
C THR C 3279 -12.09 40.85 0.60
N GLN C 3280 -12.89 41.76 1.15
CA GLN C 3280 -13.74 42.70 0.37
C GLN C 3280 -14.58 41.97 -0.74
N THR C 3281 -15.30 40.93 -0.31
CA THR C 3281 -15.91 39.91 -1.22
C THR C 3281 -16.98 40.40 -2.23
N GLY C 3282 -17.79 41.39 -1.84
CA GLY C 3282 -18.80 41.99 -2.74
C GLY C 3282 -18.20 42.83 -3.87
N ASN C 3283 -17.15 43.59 -3.56
CA ASN C 3283 -16.44 44.46 -4.54
C ASN C 3283 -15.50 43.63 -5.47
N ASN C 3284 -15.40 44.04 -6.74
CA ASN C 3284 -14.64 43.28 -7.77
C ASN C 3284 -13.12 43.26 -7.59
N THR C 3285 -12.57 44.36 -7.04
CA THR C 3285 -11.12 44.52 -6.79
C THR C 3285 -10.87 44.59 -5.26
N THR C 3286 -10.39 43.49 -4.69
CA THR C 3286 -10.11 43.38 -3.23
C THR C 3286 -8.85 44.19 -2.79
N VAL C 3287 -9.02 45.51 -2.69
CA VAL C 3287 -7.96 46.42 -2.21
C VAL C 3287 -7.73 46.15 -0.73
N ASN C 3288 -6.51 45.79 -0.36
CA ASN C 3288 -6.16 45.37 1.01
C ASN C 3288 -5.51 46.55 1.79
N ILE C 3289 -6.31 47.22 2.63
CA ILE C 3289 -5.86 48.37 3.43
C ILE C 3289 -4.76 47.95 4.45
N ILE C 3290 -4.81 46.70 4.92
CA ILE C 3290 -3.83 46.15 5.90
C ILE C 3290 -2.39 46.11 5.29
N ILE C 3291 -2.27 45.65 4.03
CA ILE C 3291 -0.97 45.68 3.28
C ILE C 3291 -0.47 47.14 3.07
N SER C 3292 -1.40 48.09 2.90
CA SER C 3292 -1.04 49.51 2.66
C SER C 3292 -0.45 50.22 3.91
N THR C 3293 -1.08 50.01 5.07
CA THR C 3293 -0.54 50.51 6.37
C THR C 3293 0.80 49.82 6.78
N VAL C 3294 0.99 48.56 6.39
CA VAL C 3294 2.28 47.84 6.60
C VAL C 3294 3.41 48.52 5.76
N ASP C 3295 3.10 48.87 4.51
CA ASP C 3295 4.03 49.62 3.63
C ASP C 3295 4.37 51.02 4.22
N TYR C 3296 3.39 51.64 4.89
CA TYR C 3296 3.60 52.91 5.63
C TYR C 3296 4.55 52.74 6.84
N LEU C 3297 4.54 51.57 7.51
CA LEU C 3297 5.59 51.23 8.52
C LEU C 3297 7.00 51.09 7.89
N LEU C 3298 7.07 50.66 6.63
CA LEU C 3298 8.34 50.55 5.91
C LEU C 3298 8.94 51.96 5.59
N ARG C 3299 8.14 52.83 4.98
CA ARG C 3299 8.53 54.24 4.67
C ARG C 3299 8.93 55.07 5.92
N VAL C 3300 8.07 55.03 6.97
CA VAL C 3300 8.36 55.74 8.24
C VAL C 3300 9.58 55.15 8.96
N GLN C 3301 9.84 53.85 8.79
CA GLN C 3301 11.09 53.22 9.28
C GLN C 3301 12.35 53.81 8.62
N GLU C 3302 12.39 53.85 7.28
CA GLU C 3302 13.56 54.37 6.54
C GLU C 3302 13.83 55.86 6.89
N SER C 3303 12.76 56.61 7.19
CA SER C 3303 12.89 58.02 7.65
C SER C 3303 13.45 58.16 9.09
N ILE C 3304 12.92 57.37 10.03
CA ILE C 3304 13.39 57.37 11.44
C ILE C 3304 14.86 56.87 11.56
N SER C 3305 15.24 55.87 10.75
CA SER C 3305 16.62 55.28 10.80
C SER C 3305 17.68 56.20 10.15
N ASP C 3306 17.35 56.79 8.99
CA ASP C 3306 18.22 57.82 8.36
C ASP C 3306 18.44 59.03 9.31
N PHE C 3307 17.38 59.42 10.03
CA PHE C 3307 17.44 60.45 11.09
C PHE C 3307 18.44 60.04 12.21
N TYR C 3308 18.39 58.76 12.61
CA TYR C 3308 19.36 58.17 13.58
C TYR C 3308 20.80 58.22 13.06
N TRP C 3309 21.05 57.70 11.85
CA TRP C 3309 22.42 57.67 11.28
C TRP C 3309 23.07 59.07 11.11
N TYR C 3310 22.24 60.12 10.92
CA TYR C 3310 22.74 61.51 10.97
C TYR C 3310 23.12 61.98 12.40
N TYR C 3311 22.41 61.47 13.43
CA TYR C 3311 22.74 61.66 14.87
C TYR C 3311 23.50 60.46 15.56
N SER C 3312 23.93 59.45 14.79
CA SER C 3312 24.58 58.24 15.34
C SER C 3312 25.98 58.51 15.98
N GLY C 3313 26.74 59.44 15.39
CA GLY C 3313 28.07 59.87 15.89
C GLY C 3313 28.12 61.23 16.60
N LYS C 3314 26.99 61.93 16.66
CA LYS C 3314 26.84 63.27 17.30
C LYS C 3314 26.30 63.22 18.76
N ASP C 3315 26.19 62.01 19.35
CA ASP C 3315 25.50 61.70 20.64
C ASP C 3315 24.45 62.74 21.20
N VAL C 3316 24.92 63.92 21.61
CA VAL C 3316 24.05 65.02 22.11
C VAL C 3316 23.10 65.56 21.00
N ILE C 3317 21.84 65.85 21.37
CA ILE C 3317 20.74 66.22 20.42
C ILE C 3317 20.09 67.59 20.76
N ASP C 3318 19.75 68.36 19.72
CA ASP C 3318 19.10 69.69 19.87
C ASP C 3318 17.62 69.60 20.30
N GLU C 3319 17.14 70.70 20.88
CA GLU C 3319 15.70 70.89 21.20
C GLU C 3319 14.79 70.85 19.92
N GLN C 3320 15.32 71.36 18.81
CA GLN C 3320 14.70 71.26 17.46
C GLN C 3320 14.52 69.79 17.00
N GLY C 3321 15.58 68.99 17.21
CA GLY C 3321 15.56 67.55 16.93
C GLY C 3321 14.72 66.74 17.90
N GLN C 3322 14.57 67.24 19.14
CA GLN C 3322 13.73 66.55 20.16
C GLN C 3322 12.22 66.74 19.88
N ARG C 3323 11.79 67.96 19.51
CA ARG C 3323 10.37 68.22 19.15
C ARG C 3323 9.97 67.59 17.79
N ASN C 3324 10.93 67.48 16.85
CA ASN C 3324 10.69 66.83 15.53
C ASN C 3324 10.58 65.29 15.65
N PHE C 3325 11.52 64.69 16.40
CA PHE C 3325 11.49 63.23 16.69
C PHE C 3325 10.29 62.83 17.59
N SER C 3326 9.84 63.74 18.47
CA SER C 3326 8.57 63.59 19.23
C SER C 3326 7.30 63.56 18.33
N LYS C 3327 7.31 64.33 17.24
CA LYS C 3327 6.22 64.31 16.21
C LYS C 3327 6.18 62.95 15.46
N ALA C 3328 7.34 62.55 14.92
CA ALA C 3328 7.48 61.28 14.15
C ALA C 3328 7.16 60.01 14.99
N ILE C 3329 7.49 60.07 16.29
CA ILE C 3329 7.15 59.00 17.24
C ILE C 3329 5.66 59.04 17.68
N GLN C 3330 5.01 60.21 17.59
CA GLN C 3330 3.53 60.29 17.75
C GLN C 3330 2.81 59.54 16.60
N VAL C 3331 3.30 59.71 15.38
CA VAL C 3331 2.73 59.05 14.17
C VAL C 3331 2.95 57.52 14.22
N ALA C 3332 4.20 57.11 14.47
CA ALA C 3332 4.59 55.69 14.67
C ALA C 3332 3.76 54.98 15.78
N LYS C 3333 3.48 55.72 16.86
CA LYS C 3333 2.63 55.22 17.97
C LYS C 3333 1.19 54.92 17.51
N GLN C 3334 0.57 55.89 16.82
CA GLN C 3334 -0.83 55.75 16.33
C GLN C 3334 -1.00 54.57 15.33
N VAL C 3335 0.02 54.34 14.49
CA VAL C 3335 -0.01 53.32 13.41
C VAL C 3335 0.26 51.87 13.91
N PHE C 3336 1.21 51.71 14.84
CA PHE C 3336 1.42 50.42 15.54
C PHE C 3336 0.19 50.01 16.40
N ASN C 3337 -0.52 51.01 16.95
CA ASN C 3337 -1.82 50.78 17.63
C ASN C 3337 -2.92 50.32 16.63
N THR C 3338 -2.91 50.83 15.39
CA THR C 3338 -3.85 50.36 14.35
C THR C 3338 -3.67 48.87 14.01
N LEU C 3339 -2.40 48.43 13.94
CA LEU C 3339 -2.07 47.00 13.69
C LEU C 3339 -2.28 46.09 14.94
N THR C 3340 -2.34 46.66 16.14
CA THR C 3340 -2.88 45.92 17.30
C THR C 3340 -4.38 45.65 17.05
N GLU C 3341 -5.07 46.67 16.51
CA GLU C 3341 -6.54 46.72 16.45
C GLU C 3341 -7.20 45.88 15.32
N TYR C 3342 -6.53 45.76 14.16
CA TYR C 3342 -6.98 44.85 13.07
C TYR C 3342 -7.01 43.37 13.53
N ILE C 3343 -6.07 42.99 14.40
CA ILE C 3343 -5.93 41.59 14.88
C ILE C 3343 -6.30 41.46 16.39
N GLN C 3344 -6.79 42.55 17.00
CA GLN C 3344 -7.33 42.53 18.39
C GLN C 3344 -8.40 41.43 18.51
N GLY C 3345 -9.33 41.42 17.58
CA GLY C 3345 -10.29 40.32 17.45
C GLY C 3345 -9.54 39.05 17.04
N PRO C 3346 -10.02 37.86 17.43
CA PRO C 3346 -9.34 36.60 17.05
C PRO C 3346 -9.62 36.24 15.57
N CYS C 3347 -9.23 37.12 14.64
CA CYS C 3347 -9.56 36.98 13.21
C CYS C 3347 -8.48 36.12 12.52
N THR C 3348 -8.83 34.86 12.21
CA THR C 3348 -7.90 33.91 11.55
C THR C 3348 -7.40 34.40 10.15
N GLY C 3349 -8.31 34.99 9.37
CA GLY C 3349 -8.01 35.48 8.01
C GLY C 3349 -7.25 36.80 7.95
N ASN C 3350 -7.34 37.59 9.02
CA ASN C 3350 -6.57 38.84 9.18
C ASN C 3350 -5.10 38.55 9.56
N GLN C 3351 -4.86 37.53 10.41
CA GLN C 3351 -3.50 37.05 10.73
C GLN C 3351 -2.79 36.43 9.50
N GLN C 3352 -3.51 35.56 8.77
CA GLN C 3352 -2.97 34.89 7.56
C GLN C 3352 -2.68 35.88 6.39
N SER C 3353 -3.53 36.92 6.27
CA SER C 3353 -3.33 38.04 5.32
C SER C 3353 -2.07 38.89 5.64
N LEU C 3354 -1.75 39.05 6.94
CA LEU C 3354 -0.60 39.85 7.43
C LEU C 3354 0.73 39.04 7.57
N ALA C 3355 0.65 37.73 7.86
CA ALA C 3355 1.85 36.86 7.98
C ALA C 3355 2.66 36.76 6.66
N HIS C 3356 1.93 36.70 5.53
CA HIS C 3356 2.52 36.80 4.18
C HIS C 3356 2.98 38.25 3.82
N SER C 3357 2.38 39.27 4.47
CA SER C 3357 2.73 40.69 4.24
C SER C 3357 4.15 41.06 4.71
N ARG C 3358 4.66 42.18 4.17
CA ARG C 3358 6.07 42.61 4.33
C ARG C 3358 6.37 43.28 5.71
N LEU C 3359 5.67 42.81 6.76
CA LEU C 3359 5.80 43.35 8.14
C LEU C 3359 7.16 43.01 8.80
N TRP C 3360 7.72 41.84 8.46
CA TRP C 3360 8.88 41.27 9.19
C TRP C 3360 10.16 42.14 9.05
N ASP C 3361 10.38 42.65 7.82
CA ASP C 3361 11.48 43.60 7.50
C ASP C 3361 11.45 44.88 8.38
N ALA C 3362 10.24 45.28 8.80
CA ALA C 3362 10.03 46.36 9.79
C ALA C 3362 10.27 45.91 11.25
N VAL C 3363 9.66 44.79 11.67
CA VAL C 3363 9.70 44.33 13.09
C VAL C 3363 11.15 43.97 13.53
N VAL C 3364 11.94 43.39 12.61
CA VAL C 3364 13.38 43.20 12.84
C VAL C 3364 14.11 44.56 12.94
N GLY C 3365 13.89 45.43 11.96
CA GLY C 3365 14.65 46.68 11.79
C GLY C 3365 14.40 47.73 12.86
N PHE C 3366 13.16 47.81 13.37
CA PHE C 3366 12.85 48.71 14.50
C PHE C 3366 13.69 48.37 15.74
N LEU C 3367 13.93 47.07 16.00
CA LEU C 3367 14.78 46.62 17.12
C LEU C 3367 16.23 47.16 17.02
N HIS C 3368 16.76 47.21 15.79
CA HIS C 3368 18.10 47.80 15.50
C HIS C 3368 18.17 49.30 15.88
N VAL C 3369 17.04 50.00 15.72
CA VAL C 3369 16.89 51.40 16.18
C VAL C 3369 16.61 51.46 17.72
N PHE C 3370 15.75 50.55 18.23
CA PHE C 3370 15.44 50.48 19.69
C PHE C 3370 16.64 50.05 20.57
N ALA C 3371 17.65 49.39 19.98
CA ALA C 3371 18.90 49.06 20.70
C ALA C 3371 19.78 50.30 20.96
N HIS C 3372 20.39 50.85 19.89
CA HIS C 3372 21.36 51.98 19.97
C HIS C 3372 20.78 53.26 20.59
N MET C 3373 19.51 53.56 20.26
CA MET C 3373 18.82 54.75 20.79
C MET C 3373 18.52 54.64 22.31
N GLN C 3374 18.32 53.43 22.85
CA GLN C 3374 18.15 53.30 24.32
C GLN C 3374 19.51 53.20 25.06
N MET C 3375 20.62 53.31 24.31
CA MET C 3375 22.00 53.43 24.84
C MET C 3375 22.55 54.89 24.76
N LYS C 3376 22.70 55.43 23.55
CA LYS C 3376 23.29 56.78 23.32
C LYS C 3376 22.43 57.95 23.87
N LEU C 3377 21.11 57.75 23.91
CA LEU C 3377 20.16 58.72 24.49
C LEU C 3377 20.01 58.56 26.04
N SER C 3378 20.49 57.44 26.59
CA SER C 3378 20.46 57.23 28.05
C SER C 3378 21.47 58.06 28.87
N GLN C 3379 22.40 58.76 28.19
CA GLN C 3379 23.56 59.45 28.82
C GLN C 3379 23.18 60.64 29.75
N ASP C 3380 22.29 61.51 29.28
CA ASP C 3380 21.99 62.78 29.98
C ASP C 3380 20.56 62.81 30.58
N SER C 3381 20.38 63.55 31.67
CA SER C 3381 19.08 63.68 32.37
C SER C 3381 17.99 64.40 31.53
N SER C 3382 18.39 65.47 30.83
CA SER C 3382 17.55 66.14 29.82
C SER C 3382 17.17 65.17 28.68
N GLN C 3383 18.14 64.32 28.30
CA GLN C 3383 17.94 63.28 27.26
C GLN C 3383 16.88 62.20 27.60
N ILE C 3384 16.81 61.76 28.87
CA ILE C 3384 15.92 60.62 29.30
C ILE C 3384 14.40 60.83 29.01
N GLU C 3385 13.89 62.05 29.25
CA GLU C 3385 12.49 62.41 28.88
C GLU C 3385 12.05 61.70 27.58
N LEU C 3386 12.88 61.82 26.53
CA LEU C 3386 12.66 61.16 25.24
C LEU C 3386 12.89 59.63 25.30
N LEU C 3387 13.84 59.18 26.13
CA LEU C 3387 14.02 57.73 26.44
C LEU C 3387 12.73 57.07 27.01
N LYS C 3388 11.94 57.85 27.77
CA LYS C 3388 10.61 57.36 28.26
C LYS C 3388 9.59 57.16 27.10
N GLU C 3389 9.63 58.05 26.10
CA GLU C 3389 8.81 57.90 24.86
C GLU C 3389 9.24 56.64 24.06
N LEU C 3390 10.56 56.37 24.02
CA LEU C 3390 11.11 55.15 23.39
C LEU C 3390 10.65 53.86 24.09
N MET C 3391 10.50 53.90 25.42
CA MET C 3391 10.03 52.75 26.21
C MET C 3391 8.51 52.49 26.01
N ASP C 3392 7.70 53.55 26.00
CA ASP C 3392 6.24 53.43 25.71
C ASP C 3392 5.98 52.84 24.29
N LEU C 3393 6.77 53.29 23.29
CA LEU C 3393 6.67 52.74 21.91
C LEU C 3393 7.09 51.25 21.86
N GLN C 3394 8.09 50.88 22.66
CA GLN C 3394 8.53 49.46 22.78
C GLN C 3394 7.42 48.55 23.40
N LYS C 3395 6.63 49.12 24.33
CA LYS C 3395 5.42 48.44 24.89
C LYS C 3395 4.39 48.14 23.77
N ASP C 3396 4.13 49.14 22.92
CA ASP C 3396 3.19 48.99 21.78
C ASP C 3396 3.69 48.00 20.69
N MET C 3397 5.02 47.83 20.56
CA MET C 3397 5.66 46.91 19.58
C MET C 3397 5.48 45.42 19.97
N VAL C 3398 5.92 45.10 21.20
CA VAL C 3398 5.72 43.76 21.81
C VAL C 3398 4.22 43.38 21.94
N VAL C 3399 3.36 44.39 22.13
CA VAL C 3399 1.87 44.19 22.18
C VAL C 3399 1.24 43.86 20.79
N MET C 3400 1.67 44.53 19.71
CA MET C 3400 1.16 44.16 18.35
C MET C 3400 1.61 42.73 17.94
N LEU C 3401 2.79 42.33 18.42
CA LEU C 3401 3.38 40.99 18.12
C LEU C 3401 2.66 39.84 18.88
N LEU C 3402 2.39 40.06 20.17
CA LEU C 3402 1.60 39.13 21.01
C LEU C 3402 0.10 39.04 20.56
N SER C 3403 -0.45 40.15 20.04
CA SER C 3403 -1.80 40.18 19.43
C SER C 3403 -1.81 39.57 18.01
N MET C 3404 -0.62 39.34 17.43
CA MET C 3404 -0.48 38.58 16.17
C MET C 3404 -0.45 37.06 16.37
N LEU C 3405 0.07 36.60 17.53
CA LEU C 3405 0.16 35.14 17.86
C LEU C 3405 -1.13 34.51 18.48
N GLU C 3406 -2.19 35.29 18.73
CA GLU C 3406 -3.32 34.87 19.60
C GLU C 3406 -4.05 33.56 19.20
N GLY C 3407 -4.01 33.22 17.91
CA GLY C 3407 -4.70 32.02 17.37
C GLY C 3407 -3.89 30.73 17.26
N ASN C 3408 -2.67 30.70 17.83
CA ASN C 3408 -1.73 29.57 17.61
C ASN C 3408 -2.13 28.24 18.31
N VAL C 3409 -1.83 27.13 17.63
CA VAL C 3409 -1.71 25.79 18.24
C VAL C 3409 -0.17 25.63 18.48
N VAL C 3410 0.40 24.43 18.44
CA VAL C 3410 1.88 24.28 18.50
C VAL C 3410 2.65 24.94 17.31
N ASN C 3411 2.85 24.21 16.21
CA ASN C 3411 3.88 24.54 15.21
C ASN C 3411 3.33 25.42 14.06
N GLY C 3412 2.99 26.67 14.39
CA GLY C 3412 2.47 27.63 13.40
C GLY C 3412 3.54 28.08 12.40
N THR C 3413 3.17 28.21 11.11
CA THR C 3413 4.05 28.80 10.07
C THR C 3413 4.44 30.26 10.39
N ILE C 3414 3.53 30.99 11.04
CA ILE C 3414 3.79 32.37 11.56
C ILE C 3414 4.89 32.38 12.66
N GLY C 3415 4.85 31.42 13.58
CA GLY C 3415 5.89 31.24 14.60
C GLY C 3415 7.26 30.88 14.02
N LYS C 3416 7.28 30.15 12.91
CA LYS C 3416 8.53 29.89 12.15
C LYS C 3416 9.10 31.17 11.52
N GLN C 3417 8.23 32.06 11.02
CA GLN C 3417 8.65 33.37 10.49
C GLN C 3417 9.30 34.24 11.62
N MET C 3418 8.79 34.06 12.86
CA MET C 3418 9.28 34.80 14.06
C MET C 3418 10.60 34.26 14.67
N VAL C 3419 10.79 32.93 14.70
CA VAL C 3419 12.10 32.33 15.07
C VAL C 3419 13.17 32.80 14.04
N ASP C 3420 12.76 32.93 12.77
CA ASP C 3420 13.63 33.44 11.68
C ASP C 3420 14.08 34.92 11.91
N MET C 3421 13.16 35.79 12.34
CA MET C 3421 13.52 37.21 12.65
C MET C 3421 14.45 37.33 13.91
N LEU C 3422 14.22 36.49 14.92
CA LEU C 3422 15.06 36.47 16.15
C LEU C 3422 16.50 35.96 15.90
N VAL C 3423 16.70 35.06 14.91
CA VAL C 3423 18.05 34.68 14.40
C VAL C 3423 18.70 35.89 13.65
N GLU C 3424 17.89 36.60 12.85
CA GLU C 3424 18.32 37.81 12.13
C GLU C 3424 18.64 39.03 13.07
N SER C 3425 18.08 39.00 14.30
CA SER C 3425 18.32 40.05 15.34
C SER C 3425 19.20 39.57 16.55
N SER C 3426 20.11 38.61 16.33
CA SER C 3426 20.89 37.93 17.41
C SER C 3426 21.79 38.82 18.31
N ASN C 3427 22.75 39.53 17.71
CA ASN C 3427 23.66 40.44 18.46
C ASN C 3427 22.94 41.75 18.89
N ASN C 3428 21.85 42.07 18.18
CA ASN C 3428 20.95 43.23 18.46
C ASN C 3428 20.21 43.05 19.82
N VAL C 3429 19.45 41.96 19.94
CA VAL C 3429 18.75 41.60 21.22
C VAL C 3429 19.81 41.23 22.29
N GLU C 3430 21.01 40.81 21.88
CA GLU C 3430 22.18 40.66 22.80
C GLU C 3430 22.46 41.99 23.55
N MET C 3431 22.52 43.09 22.81
CA MET C 3431 22.78 44.42 23.42
C MET C 3431 21.60 44.96 24.28
N ILE C 3432 20.36 44.64 23.91
CA ILE C 3432 19.18 45.10 24.71
C ILE C 3432 19.11 44.33 26.05
N LEU C 3433 19.34 43.01 26.02
CA LEU C 3433 19.42 42.16 27.25
C LEU C 3433 20.58 42.54 28.19
N LYS C 3434 21.67 43.08 27.63
CA LYS C 3434 22.73 43.71 28.43
C LYS C 3434 22.22 44.98 29.17
N PHE C 3435 21.30 45.74 28.57
CA PHE C 3435 20.61 46.86 29.27
C PHE C 3435 19.63 46.37 30.38
N PHE C 3436 18.89 45.27 30.14
CA PHE C 3436 17.87 44.78 31.11
C PHE C 3436 18.50 44.10 32.36
N ASP C 3437 19.73 43.58 32.22
CA ASP C 3437 20.42 42.91 33.35
C ASP C 3437 21.10 43.87 34.36
N MET C 3438 21.00 45.19 34.13
CA MET C 3438 21.46 46.24 35.09
C MET C 3438 20.90 46.01 36.50
N LEU C 3445 13.63 45.80 49.25
CA LEU C 3445 14.49 46.21 48.14
C LEU C 3445 15.97 45.92 48.47
N THR C 3446 16.53 44.87 47.85
CA THR C 3446 17.93 44.44 48.09
C THR C 3446 18.98 45.46 47.59
N SER C 3447 18.65 46.18 46.51
CA SER C 3447 19.50 47.24 45.95
C SER C 3447 19.57 48.51 46.84
N SER C 3448 18.56 48.69 47.70
CA SER C 3448 18.61 49.74 48.77
C SER C 3448 19.65 49.37 49.85
N ASP C 3449 19.72 48.07 50.20
CA ASP C 3449 20.69 47.54 51.18
C ASP C 3449 22.14 47.61 50.67
N THR C 3450 22.34 47.34 49.37
CA THR C 3450 23.68 47.47 48.75
C THR C 3450 24.11 48.96 48.65
N PHE C 3451 23.14 49.87 48.56
CA PHE C 3451 23.38 51.34 48.70
C PHE C 3451 23.81 51.72 50.14
N LYS C 3452 23.22 51.07 51.16
CA LYS C 3452 23.61 51.29 52.57
C LYS C 3452 24.98 50.65 52.94
N GLU C 3453 25.45 49.70 52.14
CA GLU C 3453 26.82 49.12 52.32
C GLU C 3453 27.99 50.06 51.90
N TYR C 3454 27.69 51.15 51.18
CA TYR C 3454 28.69 52.17 50.76
C TYR C 3454 28.19 53.64 50.98
N ASP C 3455 27.57 53.89 52.14
CA ASP C 3455 27.01 55.22 52.49
C ASP C 3455 27.34 55.53 53.97
N PRO C 3456 28.52 56.14 54.24
CA PRO C 3456 28.96 56.42 55.63
C PRO C 3456 28.23 57.60 56.33
N ASP C 3457 28.02 58.71 55.60
CA ASP C 3457 27.33 59.91 56.16
C ASP C 3457 25.83 59.69 56.44
N GLY C 3458 25.17 58.87 55.62
CA GLY C 3458 23.69 58.71 55.65
C GLY C 3458 22.96 59.82 54.88
N LYS C 3459 23.68 60.46 53.95
CA LYS C 3459 23.14 61.56 53.12
C LYS C 3459 22.27 61.04 51.95
N GLY C 3460 22.50 59.78 51.57
CA GLY C 3460 21.82 59.15 50.42
C GLY C 3460 22.61 59.32 49.12
N ILE C 3461 23.94 59.18 49.21
CA ILE C 3461 24.84 59.28 48.05
C ILE C 3461 25.98 58.23 48.09
N ILE C 3462 26.43 57.77 46.92
CA ILE C 3462 27.61 56.89 46.77
C ILE C 3462 28.53 57.40 45.64
N SER C 3463 29.85 57.20 45.77
CA SER C 3463 30.80 57.64 44.72
C SER C 3463 30.60 56.88 43.39
N LYS C 3464 31.16 57.44 42.32
CA LYS C 3464 31.12 56.84 40.96
C LYS C 3464 32.08 55.63 40.82
N ARG C 3465 33.31 55.80 41.30
CA ARG C 3465 34.29 54.71 41.43
C ARG C 3465 33.82 53.60 42.40
N ASP C 3466 33.11 54.00 43.48
CA ASP C 3466 32.49 53.04 44.41
C ASP C 3466 31.24 52.33 43.84
N PHE C 3467 30.65 52.85 42.75
CA PHE C 3467 29.47 52.21 42.10
C PHE C 3467 29.77 50.82 41.46
N HIS C 3468 30.99 50.64 40.93
CA HIS C 3468 31.36 49.35 40.32
C HIS C 3468 31.61 48.23 41.35
N LYS C 3469 32.16 48.57 42.52
CA LYS C 3469 32.28 47.64 43.69
C LYS C 3469 30.91 47.33 44.36
N ALA C 3470 30.05 48.36 44.46
CA ALA C 3470 28.65 48.23 44.93
C ALA C 3470 27.77 47.30 44.04
N MET C 3471 28.07 47.27 42.74
CA MET C 3471 27.43 46.38 41.74
C MET C 3471 28.06 44.95 41.68
N GLU C 3472 29.37 44.87 41.96
CA GLU C 3472 30.11 43.58 42.06
C GLU C 3472 29.59 42.63 43.15
N SER C 3473 29.04 43.20 44.23
CA SER C 3473 28.54 42.43 45.41
C SER C 3473 27.43 41.39 45.09
N HIS C 3474 26.62 41.65 44.06
CA HIS C 3474 25.68 40.65 43.52
C HIS C 3474 26.24 40.10 42.20
N LYS C 3475 26.17 40.90 41.14
CA LYS C 3475 26.48 40.47 39.77
C LYS C 3475 27.91 40.88 39.44
N HIS C 3476 28.30 40.74 38.18
CA HIS C 3476 29.53 41.31 37.65
C HIS C 3476 29.21 42.26 36.47
N TYR C 3477 30.21 43.02 36.04
CA TYR C 3477 30.04 44.10 35.05
C TYR C 3477 31.18 44.11 34.00
N THR C 3478 30.84 44.29 32.73
CA THR C 3478 31.85 44.64 31.70
C THR C 3478 32.30 46.11 31.92
N GLN C 3479 33.57 46.42 31.65
CA GLN C 3479 34.11 47.80 31.83
C GLN C 3479 33.39 48.87 30.99
N SER C 3480 33.03 48.51 29.75
CA SER C 3480 32.17 49.36 28.89
C SER C 3480 30.80 49.66 29.54
N GLU C 3481 30.18 48.65 30.17
CA GLU C 3481 28.89 48.82 30.89
C GLU C 3481 28.99 49.79 32.09
N THR C 3482 30.05 49.64 32.91
CA THR C 3482 30.22 50.50 34.10
C THR C 3482 30.57 51.95 33.73
N GLU C 3483 31.31 52.13 32.63
CA GLU C 3483 31.62 53.50 32.11
C GLU C 3483 30.35 54.17 31.52
N PHE C 3484 29.44 53.36 30.96
CA PHE C 3484 28.10 53.87 30.54
C PHE C 3484 27.18 54.18 31.74
N LEU C 3485 27.39 53.51 32.88
CA LEU C 3485 26.65 53.85 34.14
C LEU C 3485 27.11 55.20 34.75
N LEU C 3486 28.43 55.42 34.81
CA LEU C 3486 29.02 56.72 35.24
C LEU C 3486 28.61 57.86 34.29
N SER C 3487 28.54 57.56 32.98
CA SER C 3487 28.02 58.49 31.94
C SER C 3487 26.49 58.76 32.09
N CYS C 3488 25.74 57.78 32.60
CA CYS C 3488 24.28 57.92 32.91
C CYS C 3488 24.02 58.76 34.20
N ALA C 3489 25.04 58.95 35.03
CA ALA C 3489 24.96 59.88 36.19
C ALA C 3489 26.23 60.76 36.31
N GLU C 3490 26.23 61.89 35.61
CA GLU C 3490 27.44 62.74 35.46
C GLU C 3490 27.26 64.29 35.58
N THR C 3491 26.03 64.80 35.46
CA THR C 3491 25.77 66.26 35.25
C THR C 3491 26.36 67.19 36.34
N ASP C 3492 26.07 66.88 37.61
CA ASP C 3492 26.64 67.65 38.74
C ASP C 3492 28.04 67.10 39.11
N GLU C 3493 29.02 67.98 39.32
CA GLU C 3493 30.41 67.58 39.60
C GLU C 3493 30.61 67.41 41.13
N ASN C 3494 29.91 66.42 41.69
CA ASN C 3494 30.03 66.03 43.11
C ASN C 3494 31.04 64.88 43.27
N GLU C 3495 31.22 64.08 42.21
CA GLU C 3495 31.93 62.77 42.22
C GLU C 3495 31.13 61.64 42.92
N THR C 3496 29.81 61.83 43.03
CA THR C 3496 28.91 60.93 43.76
C THR C 3496 27.52 60.83 43.11
N LEU C 3497 26.72 59.87 43.57
CA LEU C 3497 25.46 59.44 42.90
C LEU C 3497 24.29 59.32 43.89
N ASP C 3498 23.21 60.06 43.66
CA ASP C 3498 22.03 60.06 44.56
C ASP C 3498 21.25 58.73 44.56
N TYR C 3499 20.43 58.55 45.61
CA TYR C 3499 19.57 57.35 45.83
C TYR C 3499 18.45 57.17 44.77
N GLU C 3500 17.94 58.29 44.26
CA GLU C 3500 16.98 58.32 43.13
C GLU C 3500 17.71 58.09 41.78
N GLU C 3501 18.85 58.78 41.60
CA GLU C 3501 19.77 58.58 40.46
C GLU C 3501 20.27 57.12 40.35
N PHE C 3502 20.47 56.47 41.51
CA PHE C 3502 20.81 55.03 41.59
C PHE C 3502 19.62 54.12 41.20
N VAL C 3503 18.39 54.47 41.60
CA VAL C 3503 17.22 53.63 41.22
C VAL C 3503 16.82 53.75 39.72
N LYS C 3504 17.23 54.85 39.07
CA LYS C 3504 17.12 54.99 37.60
C LYS C 3504 17.98 54.00 36.78
N ARG C 3505 19.07 53.51 37.37
CA ARG C 3505 20.14 52.79 36.64
C ARG C 3505 20.38 51.39 37.22
N PRO C 3509 6.31 51.47 34.88
CA PRO C 3509 6.21 51.82 33.46
C PRO C 3509 7.15 50.99 32.55
N ALA C 3510 8.46 51.05 32.81
CA ALA C 3510 9.49 50.36 31.98
C ALA C 3510 9.48 48.81 32.12
N LYS C 3511 9.03 48.30 33.26
CA LYS C 3511 8.89 46.83 33.49
C LYS C 3511 7.91 46.13 32.51
N ASP C 3512 6.92 46.89 32.01
CA ASP C 3512 5.97 46.41 30.98
C ASP C 3512 6.66 45.91 29.68
N ILE C 3513 7.87 46.40 29.38
CA ILE C 3513 8.71 45.85 28.28
C ILE C 3513 9.15 44.42 28.61
N GLY C 3514 9.88 44.27 29.72
CA GLY C 3514 10.54 43.00 30.08
C GLY C 3514 9.58 41.84 30.23
N PHE C 3515 8.47 42.08 30.94
CA PHE C 3515 7.42 41.06 31.13
C PHE C 3515 6.92 40.57 29.77
N ASN C 3516 6.53 41.49 28.90
CA ASN C 3516 5.99 41.12 27.56
C ASN C 3516 7.07 40.41 26.71
N VAL C 3517 8.33 40.85 26.83
CA VAL C 3517 9.47 40.18 26.18
C VAL C 3517 9.59 38.74 26.75
N ALA C 3518 9.51 38.61 28.08
CA ALA C 3518 9.52 37.29 28.75
C ALA C 3518 8.33 36.43 28.29
N VAL C 3519 7.16 37.05 28.11
CA VAL C 3519 5.97 36.34 27.58
C VAL C 3519 6.33 35.71 26.23
N LEU C 3520 6.93 36.50 25.33
CA LEU C 3520 7.34 36.02 23.99
C LEU C 3520 8.36 34.86 24.07
N LEU C 3521 9.34 34.99 24.99
CA LEU C 3521 10.39 33.98 25.19
C LEU C 3521 9.78 32.66 25.70
N THR C 3522 8.69 32.73 26.46
CA THR C 3522 7.91 31.53 26.80
C THR C 3522 6.89 31.17 25.69
N ASN C 3523 6.20 32.18 25.12
CA ASN C 3523 5.09 31.99 24.14
C ASN C 3523 5.50 31.25 22.85
N LEU C 3524 6.76 31.45 22.42
CA LEU C 3524 7.34 30.63 21.32
C LEU C 3524 7.89 29.28 21.84
N SER C 3525 8.73 29.34 22.88
CA SER C 3525 9.50 28.15 23.38
C SER C 3525 8.62 26.97 23.83
N GLU C 3526 7.43 27.27 24.35
CA GLU C 3526 6.43 26.24 24.74
C GLU C 3526 5.54 25.81 23.53
N HIS C 3527 5.09 26.77 22.71
CA HIS C 3527 4.33 26.45 21.46
C HIS C 3527 5.19 25.76 20.37
N MET C 3528 6.49 26.10 20.28
CA MET C 3528 7.40 25.57 19.23
C MET C 3528 8.68 24.88 19.80
N PRO C 3529 8.53 23.67 20.42
CA PRO C 3529 9.70 22.89 20.88
C PRO C 3529 10.52 22.31 19.70
N ASN C 3530 11.82 22.06 19.94
CA ASN C 3530 12.82 21.55 18.95
C ASN C 3530 13.42 22.64 18.03
N ASP C 3531 13.84 23.76 18.63
CA ASP C 3531 14.49 24.92 17.92
C ASP C 3531 15.85 25.32 18.59
N THR C 3532 16.94 24.71 18.11
CA THR C 3532 18.34 24.97 18.57
C THR C 3532 18.76 26.45 18.55
N ARG C 3533 18.24 27.17 17.54
CA ARG C 3533 18.34 28.65 17.42
C ARG C 3533 17.67 29.35 18.63
N LEU C 3534 16.39 29.00 18.86
CA LEU C 3534 15.60 29.53 19.98
C LEU C 3534 16.11 29.06 21.37
N GLN C 3535 16.74 27.86 21.44
CA GLN C 3535 17.34 27.36 22.70
C GLN C 3535 18.53 28.23 23.17
N THR C 3536 19.40 28.60 22.22
CA THR C 3536 20.54 29.51 22.50
C THR C 3536 20.06 30.95 22.81
N PHE C 3537 18.96 31.37 22.19
CA PHE C 3537 18.37 32.72 22.36
C PHE C 3537 17.82 32.93 23.80
N LEU C 3538 17.03 31.96 24.29
CA LEU C 3538 16.59 31.94 25.71
C LEU C 3538 17.75 31.76 26.71
N GLU C 3539 18.78 30.99 26.30
CA GLU C 3539 20.01 30.79 27.14
C GLU C 3539 20.75 32.13 27.44
N LEU C 3540 20.77 33.04 26.47
CA LEU C 3540 21.29 34.42 26.67
C LEU C 3540 20.23 35.33 27.38
N ALA C 3541 18.93 35.02 27.21
CA ALA C 3541 17.81 35.77 27.84
C ALA C 3541 17.58 35.49 29.34
N GLU C 3542 18.25 34.47 29.90
CA GLU C 3542 18.14 34.12 31.33
C GLU C 3542 18.51 35.29 32.29
N SER C 3543 19.39 36.20 31.84
CA SER C 3543 19.76 37.42 32.60
C SER C 3543 18.56 38.38 32.89
N VAL C 3544 17.61 38.47 31.95
CA VAL C 3544 16.34 39.21 32.21
C VAL C 3544 15.26 38.32 32.87
N LEU C 3545 15.22 37.03 32.51
CA LEU C 3545 14.26 36.06 33.10
C LEU C 3545 14.44 35.78 34.62
N ASN C 3546 15.60 36.12 35.21
CA ASN C 3546 15.85 35.94 36.66
C ASN C 3546 14.85 36.68 37.59
N TYR C 3547 14.56 37.95 37.26
CA TYR C 3547 13.59 38.76 38.05
C TYR C 3547 12.12 38.34 37.80
N PHE C 3548 11.83 37.85 36.58
CA PHE C 3548 10.46 37.55 36.11
C PHE C 3548 9.98 36.08 36.26
N GLN C 3549 10.89 35.14 36.56
CA GLN C 3549 10.48 33.74 36.84
C GLN C 3549 9.64 33.59 38.14
N PRO C 3550 9.97 34.33 39.23
CA PRO C 3550 9.02 34.42 40.37
C PRO C 3550 7.59 34.91 40.04
N PHE C 3551 7.45 35.84 39.09
CA PHE C 3551 6.12 36.42 38.72
C PHE C 3551 5.68 36.42 37.21
N LEU C 3552 6.20 35.47 36.41
CA LEU C 3552 5.67 35.11 35.08
C LEU C 3552 5.06 33.70 35.21
N GLY C 3553 3.73 33.58 35.11
CA GLY C 3553 3.02 32.30 35.27
C GLY C 3553 2.22 31.90 34.04
N ARG C 3554 2.15 30.58 33.78
CA ARG C 3554 1.52 29.98 32.57
C ARG C 3554 0.35 29.02 32.92
N ILE C 3555 -0.85 29.30 32.38
CA ILE C 3555 -2.04 28.39 32.49
C ILE C 3555 -2.44 27.81 31.11
N GLU C 3556 -2.86 26.54 31.10
CA GLU C 3556 -3.43 25.89 29.88
C GLU C 3556 -4.98 25.97 29.89
N ILE C 3557 -5.53 26.62 28.85
CA ILE C 3557 -6.99 26.87 28.71
C ILE C 3557 -7.50 26.54 27.28
N MET C 3558 -8.70 25.95 27.19
CA MET C 3558 -9.35 25.67 25.89
C MET C 3558 -9.89 26.96 25.23
N GLY C 3559 -9.76 27.04 23.90
CA GLY C 3559 -10.41 28.10 23.09
C GLY C 3559 -11.83 27.75 22.65
N SER C 3560 -12.41 28.61 21.79
CA SER C 3560 -13.75 28.40 21.21
C SER C 3560 -13.85 27.13 20.34
N ALA C 3561 -12.73 26.79 19.68
CA ALA C 3561 -12.61 25.57 18.89
C ALA C 3561 -12.21 24.32 19.71
N LYS C 3562 -12.06 24.49 21.03
CA LYS C 3562 -11.68 23.40 21.98
C LYS C 3562 -10.20 22.92 21.88
N ARG C 3563 -9.39 23.52 20.99
CA ARG C 3563 -7.93 23.26 20.93
C ARG C 3563 -7.31 23.93 22.15
N ILE C 3564 -6.42 23.23 22.88
CA ILE C 3564 -5.75 23.83 24.05
C ILE C 3564 -4.69 24.87 23.59
N GLU C 3565 -4.80 26.08 24.16
CA GLU C 3565 -3.81 27.17 24.02
C GLU C 3565 -3.25 27.48 25.44
N ARG C 3566 -1.94 27.28 25.61
CA ARG C 3566 -1.23 27.70 26.83
C ARG C 3566 -1.11 29.24 26.82
N VAL C 3567 -1.26 29.88 27.99
CA VAL C 3567 -1.33 31.36 28.10
C VAL C 3567 -0.41 31.91 29.21
N TYR C 3568 0.35 32.96 28.88
CA TYR C 3568 1.52 33.41 29.65
C TYR C 3568 1.24 34.72 30.42
N PHE C 3569 0.56 34.55 31.55
CA PHE C 3569 -0.02 35.63 32.38
C PHE C 3569 1.00 36.34 33.32
N GLU C 3570 0.62 37.55 33.76
CA GLU C 3570 1.43 38.41 34.67
C GLU C 3570 0.96 38.42 36.15
N ILE C 3571 1.77 37.86 37.06
CA ILE C 3571 1.62 38.14 38.53
C ILE C 3571 2.28 39.50 38.86
N SER C 3572 1.65 40.30 39.74
CA SER C 3572 2.25 41.56 40.25
C SER C 3572 3.32 41.28 41.35
N GLU C 3573 4.22 42.26 41.55
CA GLU C 3573 5.26 42.21 42.60
C GLU C 3573 4.66 42.14 44.03
N SER C 3574 3.54 42.84 44.25
CA SER C 3574 2.80 42.77 45.51
C SER C 3574 2.11 41.39 45.75
N SER C 3575 1.63 40.76 44.67
CA SER C 3575 0.69 39.64 44.76
C SER C 3575 1.29 38.26 45.10
N ARG C 3576 2.42 37.91 44.47
CA ARG C 3576 3.01 36.53 44.55
C ARG C 3576 3.37 36.08 45.99
N THR C 3577 3.81 37.03 46.82
CA THR C 3577 4.14 36.76 48.24
C THR C 3577 2.90 36.50 49.15
N GLN C 3578 1.75 37.10 48.81
CA GLN C 3578 0.55 37.07 49.67
C GLN C 3578 -0.19 35.70 49.80
N TRP C 3579 -0.05 34.83 48.79
CA TRP C 3579 -0.72 33.50 48.78
C TRP C 3579 -0.06 32.42 49.70
N GLU C 3580 1.18 32.68 50.18
CA GLU C 3580 1.99 31.68 50.93
C GLU C 3580 1.84 31.72 52.49
N LYS C 3581 2.41 32.74 53.14
CA LYS C 3581 2.66 32.75 54.60
C LYS C 3581 1.48 32.81 55.61
N PRO C 3582 0.46 33.69 55.38
CA PRO C 3582 -0.50 34.04 56.46
C PRO C 3582 -1.67 33.04 56.70
N GLN C 3583 -2.74 33.53 57.35
CA GLN C 3583 -4.00 32.77 57.56
C GLN C 3583 -4.76 32.36 56.29
N VAL C 3584 -4.45 32.99 55.15
CA VAL C 3584 -5.00 32.58 53.83
C VAL C 3584 -4.65 31.12 53.44
N LYS C 3585 -3.49 30.62 53.90
CA LYS C 3585 -3.09 29.19 53.75
C LYS C 3585 -4.09 28.22 54.45
N GLU C 3586 -4.52 28.59 55.66
CA GLU C 3586 -5.55 27.85 56.42
C GLU C 3586 -6.94 27.91 55.72
N SER C 3587 -7.22 29.05 55.06
CA SER C 3587 -8.42 29.19 54.19
C SER C 3587 -8.36 28.24 52.96
N LYS C 3588 -7.15 27.97 52.43
CA LYS C 3588 -6.94 26.97 51.35
C LYS C 3588 -7.18 25.52 51.84
N ARG C 3589 -6.80 25.24 53.09
CA ARG C 3589 -7.04 23.92 53.74
C ARG C 3589 -8.54 23.63 53.94
N GLN C 3590 -9.26 24.57 54.54
CA GLN C 3590 -10.72 24.41 54.79
C GLN C 3590 -11.58 24.52 53.49
N PHE C 3591 -11.05 25.18 52.44
CA PHE C 3591 -11.69 25.17 51.08
C PHE C 3591 -11.66 23.78 50.42
N ILE C 3592 -10.45 23.20 50.27
CA ILE C 3592 -10.28 21.85 49.66
C ILE C 3592 -11.01 20.75 50.49
N PHE C 3593 -11.01 20.90 51.82
CA PHE C 3593 -11.78 20.04 52.76
C PHE C 3593 -13.33 20.16 52.58
N ASP C 3594 -13.83 21.35 52.20
CA ASP C 3594 -15.27 21.58 51.96
C ASP C 3594 -15.78 21.23 50.52
N VAL C 3595 -14.86 20.89 49.59
CA VAL C 3595 -15.22 20.63 48.15
C VAL C 3595 -15.46 19.14 47.82
N VAL C 3596 -14.45 18.28 48.04
CA VAL C 3596 -14.49 16.88 47.52
C VAL C 3596 -15.48 15.94 48.27
N ASN C 3597 -16.11 16.40 49.35
CA ASN C 3597 -17.25 15.71 49.97
C ASN C 3597 -18.49 15.63 49.02
N GLU C 3598 -18.75 16.72 48.29
CA GLU C 3598 -19.67 16.72 47.13
C GLU C 3598 -18.87 16.71 45.80
N GLY C 3599 -18.11 17.78 45.53
CA GLY C 3599 -17.19 17.87 44.37
C GLY C 3599 -17.83 17.71 42.99
N GLY C 3600 -17.18 16.96 42.10
CA GLY C 3600 -17.81 16.36 40.92
C GLY C 3600 -18.24 17.25 39.75
N GLU C 3601 -19.17 18.19 39.98
CA GLU C 3601 -19.93 18.88 38.90
C GLU C 3601 -19.53 20.39 38.72
N LYS C 3602 -20.50 21.26 38.42
CA LYS C 3602 -20.28 22.71 38.20
C LYS C 3602 -19.69 23.42 39.43
N GLU C 3603 -19.97 22.89 40.64
CA GLU C 3603 -19.38 23.37 41.91
C GLU C 3603 -17.82 23.33 41.98
N LYS C 3604 -17.21 22.33 41.29
CA LYS C 3604 -15.73 22.13 41.29
C LYS C 3604 -14.93 23.35 40.74
N MET C 3605 -15.57 24.14 39.87
CA MET C 3605 -14.98 25.37 39.27
C MET C 3605 -15.65 26.69 39.77
N GLU C 3606 -16.99 26.73 39.79
CA GLU C 3606 -17.75 27.94 40.20
C GLU C 3606 -17.52 28.35 41.68
N LEU C 3607 -17.50 27.36 42.59
CA LEU C 3607 -17.13 27.61 44.00
C LEU C 3607 -15.64 28.02 44.14
N PHE C 3608 -14.80 27.47 43.25
CA PHE C 3608 -13.37 27.81 43.20
C PHE C 3608 -13.10 29.29 42.83
N VAL C 3609 -13.90 29.87 41.93
CA VAL C 3609 -13.79 31.30 41.54
C VAL C 3609 -14.38 32.24 42.62
N ASN C 3610 -15.33 31.77 43.44
CA ASN C 3610 -15.74 32.60 44.60
C ASN C 3610 -14.64 32.62 45.68
N PHE C 3611 -13.92 31.50 45.88
CA PHE C 3611 -12.68 31.45 46.72
C PHE C 3611 -11.52 32.31 46.15
N CYS C 3612 -11.39 32.36 44.82
CA CYS C 3612 -10.36 33.21 44.16
C CYS C 3612 -10.64 34.71 44.38
N GLU C 3613 -11.91 35.11 44.29
CA GLU C 3613 -12.35 36.50 44.57
C GLU C 3613 -12.26 36.90 46.08
N ASP C 3614 -12.42 35.94 47.01
CA ASP C 3614 -12.15 36.16 48.45
C ASP C 3614 -10.63 36.40 48.71
N THR C 3615 -9.78 35.62 48.06
CA THR C 3615 -8.31 35.79 48.13
C THR C 3615 -7.86 37.15 47.48
N ILE C 3616 -8.61 37.64 46.47
CA ILE C 3616 -8.40 38.99 45.88
C ILE C 3616 -8.66 40.10 46.91
N PHE C 3617 -9.78 40.01 47.63
CA PHE C 3617 -10.11 41.01 48.66
C PHE C 3617 -9.11 40.98 49.84
N GLU C 3618 -8.52 39.80 50.12
CA GLU C 3618 -7.46 39.65 51.14
C GLU C 3618 -6.12 40.31 50.71
N MET C 3619 -5.70 40.13 49.45
CA MET C 3619 -4.54 40.85 48.85
C MET C 3619 -4.71 42.40 48.86
N GLN C 3620 -5.94 42.86 48.64
CA GLN C 3620 -6.28 44.30 48.76
C GLN C 3620 -6.18 44.80 50.23
N LEU C 3621 -6.49 43.92 51.20
CA LEU C 3621 -6.22 44.22 52.64
C LEU C 3621 -4.71 44.30 52.96
N ALA C 3622 -3.88 43.51 52.26
CA ALA C 3622 -2.40 43.63 52.35
C ALA C 3622 -1.89 44.99 51.76
N ALA C 3623 -2.58 45.48 50.72
CA ALA C 3623 -2.34 46.85 50.18
C ALA C 3623 -2.76 47.96 51.18
N GLN C 3624 -3.78 47.68 52.00
CA GLN C 3624 -4.21 48.56 53.12
C GLN C 3624 -3.24 48.52 54.33
N ILE C 3625 -2.38 47.50 54.40
CA ILE C 3625 -1.23 47.44 55.35
C ILE C 3625 0.12 47.47 54.63
N ILE C 3904 -7.18 61.82 61.13
CA ILE C 3904 -5.85 62.30 60.77
C ILE C 3904 -4.96 61.12 60.35
N ALA C 3905 -3.66 61.35 60.19
CA ALA C 3905 -2.71 60.31 59.76
C ALA C 3905 -2.59 59.16 60.76
N TYR C 3906 -1.98 59.42 61.92
CA TYR C 3906 -1.66 58.36 62.90
C TYR C 3906 -2.92 57.73 63.55
N GLN C 3907 -4.06 58.39 63.40
CA GLN C 3907 -5.37 57.78 63.66
C GLN C 3907 -5.57 56.54 62.77
N GLN C 3908 -5.32 56.72 61.47
CA GLN C 3908 -5.45 55.64 60.49
C GLN C 3908 -4.25 54.67 60.47
N LYS C 3909 -3.07 55.13 60.90
CA LYS C 3909 -1.85 54.29 60.90
C LYS C 3909 -1.88 53.23 62.00
N LEU C 3910 -2.13 53.66 63.25
CA LEU C 3910 -2.19 52.75 64.40
C LEU C 3910 -3.47 51.90 64.41
N LEU C 3911 -4.49 52.30 63.65
CA LEU C 3911 -5.68 51.46 63.38
C LEU C 3911 -5.30 50.12 62.74
N ASN C 3912 -4.51 50.19 61.68
CA ASN C 3912 -4.14 48.99 60.89
C ASN C 3912 -2.93 48.23 61.48
N TYR C 3913 -2.12 48.90 62.31
CA TYR C 3913 -1.07 48.26 63.12
C TYR C 3913 -1.60 47.09 63.97
N LEU C 3914 -2.83 47.26 64.45
CA LEU C 3914 -3.58 46.21 65.15
C LEU C 3914 -3.82 44.99 64.26
N ALA C 3915 -4.33 45.24 63.05
CA ALA C 3915 -4.72 44.17 62.10
C ALA C 3915 -3.58 43.23 61.66
N ARG C 3916 -2.34 43.71 61.69
CA ARG C 3916 -1.17 42.85 61.45
C ARG C 3916 -1.05 41.76 62.52
N ASN C 3917 -1.23 42.15 63.78
CA ASN C 3917 -1.15 41.22 64.93
C ASN C 3917 -2.54 41.03 65.61
N PHE C 3918 -3.54 40.79 64.76
CA PHE C 3918 -4.94 40.55 65.17
C PHE C 3918 -5.09 39.16 65.81
N TYR C 3919 -4.58 38.15 65.13
CA TYR C 3919 -4.54 36.78 65.66
C TYR C 3919 -3.61 36.65 66.89
N ASN C 3920 -2.53 37.43 66.91
CA ASN C 3920 -1.57 37.44 68.03
C ASN C 3920 -2.21 37.98 69.32
N MET C 3921 -2.96 39.07 69.20
CA MET C 3921 -3.66 39.67 70.34
C MET C 3921 -4.81 38.82 70.89
N ARG C 3922 -5.33 37.89 70.08
CA ARG C 3922 -6.30 36.89 70.56
C ARG C 3922 -5.62 35.83 71.44
N MET C 3923 -4.39 35.44 71.10
CA MET C 3923 -3.56 34.57 71.96
C MET C 3923 -3.11 35.28 73.26
N LEU C 3924 -3.06 36.61 73.24
CA LEU C 3924 -2.82 37.41 74.46
C LEU C 3924 -4.00 37.28 75.43
N ALA C 3925 -5.23 37.19 74.90
CA ALA C 3925 -6.42 36.92 75.73
C ALA C 3925 -6.39 35.53 76.38
N LEU C 3926 -5.73 34.57 75.72
CA LEU C 3926 -5.48 33.25 76.30
C LEU C 3926 -4.51 33.33 77.48
N PHE C 3927 -3.40 34.06 77.30
CA PHE C 3927 -2.39 34.23 78.37
C PHE C 3927 -2.93 34.98 79.58
N VAL C 3928 -3.48 36.18 79.35
CA VAL C 3928 -3.96 37.05 80.42
C VAL C 3928 -5.13 36.45 81.20
N ALA C 3929 -5.95 35.63 80.53
CA ALA C 3929 -6.99 34.85 81.20
C ALA C 3929 -6.41 33.69 82.02
N PHE C 3930 -5.42 33.00 81.44
CA PHE C 3930 -4.67 31.95 82.15
C PHE C 3930 -3.90 32.48 83.38
N ALA C 3931 -3.42 33.73 83.29
CA ALA C 3931 -2.62 34.35 84.35
C ALA C 3931 -3.43 34.81 85.57
N ILE C 3932 -4.59 35.43 85.33
CA ILE C 3932 -5.36 36.13 86.38
C ILE C 3932 -6.19 35.20 87.28
N ASN C 3933 -6.86 34.20 86.71
CA ASN C 3933 -7.95 33.48 87.40
C ASN C 3933 -7.55 32.63 88.64
N PHE C 3934 -6.25 32.39 88.84
CA PHE C 3934 -5.76 31.78 90.09
C PHE C 3934 -5.83 32.75 91.28
N ILE C 3935 -5.94 34.05 91.01
CA ILE C 3935 -6.17 35.07 92.07
C ILE C 3935 -7.59 34.95 92.66
N LEU C 3936 -8.56 34.55 91.84
CA LEU C 3936 -9.93 34.28 92.32
C LEU C 3936 -10.01 33.06 93.26
N LEU C 3937 -9.00 32.18 93.22
CA LEU C 3937 -8.84 31.08 94.20
C LEU C 3937 -8.57 31.57 95.64
N PHE C 3938 -8.04 32.79 95.79
CA PHE C 3938 -7.74 33.39 97.09
C PHE C 3938 -8.88 34.21 97.72
N TYR C 3939 -9.99 34.42 97.00
CA TYR C 3939 -11.18 35.11 97.55
C TYR C 3939 -11.83 34.30 98.71
N LYS C 3940 -12.57 34.99 99.59
CA LYS C 3940 -13.14 34.37 100.82
C LYS C 3940 -14.39 35.14 101.31
N VAL C 3941 -15.29 34.45 102.03
CA VAL C 3941 -16.51 35.06 102.61
C VAL C 3941 -16.71 34.77 104.13
N SER C 3942 -17.62 35.53 104.74
CA SER C 3942 -18.02 35.33 106.16
C SER C 3942 -19.19 34.34 106.29
N VAL C 3977 -20.44 38.44 102.73
CA VAL C 3977 -19.58 39.59 102.45
C VAL C 3977 -18.19 39.17 101.89
N HIS C 3978 -17.95 39.44 100.61
CA HIS C 3978 -16.73 38.98 99.89
C HIS C 3978 -15.46 39.75 100.31
N TYR C 3979 -14.31 39.05 100.30
CA TYR C 3979 -12.97 39.62 100.64
C TYR C 3979 -11.81 38.88 99.91
N VAL C 3980 -10.72 39.59 99.59
CA VAL C 3980 -9.50 39.03 98.95
C VAL C 3980 -8.35 38.80 99.97
N LEU C 3981 -8.25 37.56 100.49
CA LEU C 3981 -7.26 37.19 101.55
C LEU C 3981 -5.85 36.87 100.96
N GLU C 3982 -5.06 37.93 100.72
CA GLU C 3982 -3.65 37.78 100.30
C GLU C 3982 -2.72 37.25 101.44
N GLU C 3983 -1.94 36.19 101.15
CA GLU C 3983 -0.91 35.69 102.08
C GLU C 3983 0.43 36.38 101.73
N SER C 3984 1.26 36.65 102.75
CA SER C 3984 2.63 37.24 102.57
C SER C 3984 2.65 38.59 101.79
N SER C 3985 2.95 38.56 100.49
CA SER C 3985 3.12 39.78 99.65
C SER C 3985 1.84 40.66 99.49
N GLY C 3986 2.05 41.98 99.50
CA GLY C 3986 0.96 42.97 99.52
C GLY C 3986 0.52 43.58 98.19
N TYR C 3987 1.00 43.03 97.07
CA TYR C 3987 0.72 43.58 95.72
C TYR C 3987 -0.06 42.59 94.82
N MET C 3988 -0.90 41.75 95.43
CA MET C 3988 -1.70 40.76 94.67
C MET C 3988 -3.22 41.04 94.63
N GLU C 3989 -3.74 41.80 95.60
CA GLU C 3989 -5.07 42.43 95.45
C GLU C 3989 -5.02 43.74 94.65
N PRO C 3990 -3.93 44.54 94.80
CA PRO C 3990 -3.75 45.67 93.87
C PRO C 3990 -3.65 45.28 92.39
N THR C 3991 -2.94 44.20 92.07
CA THR C 3991 -2.82 43.72 90.68
C THR C 3991 -4.09 43.06 90.13
N LEU C 3992 -5.09 42.81 90.98
CA LEU C 3992 -6.45 42.42 90.56
C LEU C 3992 -7.10 43.47 89.66
N ARG C 3993 -6.74 44.74 89.84
CA ARG C 3993 -7.29 45.85 89.04
C ARG C 3993 -6.38 46.36 87.90
N ILE C 3994 -5.06 46.11 87.97
CA ILE C 3994 -4.10 46.63 86.96
C ILE C 3994 -4.20 45.88 85.63
N LEU C 3995 -4.29 44.56 85.68
CA LEU C 3995 -4.46 43.74 84.47
C LEU C 3995 -5.95 43.69 84.08
N ALA C 3996 -6.85 44.03 85.01
CA ALA C 3996 -8.28 44.13 84.72
C ALA C 3996 -8.65 45.36 83.88
N ILE C 3997 -7.97 46.49 84.10
CA ILE C 3997 -8.15 47.67 83.25
C ILE C 3997 -7.54 47.46 81.85
N LEU C 3998 -6.53 46.59 81.78
CA LEU C 3998 -5.94 46.17 80.49
C LEU C 3998 -6.78 45.13 79.72
N HIS C 3999 -7.82 44.55 80.34
CA HIS C 3999 -8.78 43.64 79.66
C HIS C 3999 -10.04 44.37 79.15
N THR C 4000 -10.45 45.45 79.82
CA THR C 4000 -11.59 46.27 79.37
C THR C 4000 -11.30 46.97 78.04
N VAL C 4001 -10.06 47.41 77.86
CA VAL C 4001 -9.60 48.04 76.60
C VAL C 4001 -9.43 47.05 75.44
N ILE C 4002 -9.05 45.80 75.74
CA ILE C 4002 -8.67 44.80 74.71
C ILE C 4002 -9.88 44.24 73.93
N SER C 4003 -11.04 44.13 74.59
CA SER C 4003 -12.26 43.63 73.92
C SER C 4003 -12.77 44.57 72.82
N PHE C 4004 -12.74 45.89 73.10
CA PHE C 4004 -13.11 46.91 72.12
C PHE C 4004 -12.03 47.11 71.03
N PHE C 4005 -10.79 46.72 71.33
CA PHE C 4005 -9.66 46.77 70.36
C PHE C 4005 -9.84 45.70 69.27
N CYS C 4006 -10.06 44.45 69.70
CA CYS C 4006 -10.11 43.28 68.80
C CYS C 4006 -11.19 43.34 67.72
N ILE C 4007 -12.39 43.84 68.08
CA ILE C 4007 -13.50 43.95 67.12
C ILE C 4007 -13.23 44.91 65.96
N ILE C 4008 -12.48 45.98 66.22
CA ILE C 4008 -12.08 46.94 65.17
C ILE C 4008 -11.02 46.35 64.25
N GLY C 4009 -10.12 45.53 64.81
CA GLY C 4009 -9.22 44.69 64.01
C GLY C 4009 -9.96 43.70 63.12
N TYR C 4010 -11.01 43.07 63.68
CA TYR C 4010 -11.92 42.18 62.92
C TYR C 4010 -12.77 42.99 61.91
N TYR C 4011 -13.12 44.23 62.26
CA TYR C 4011 -13.90 45.13 61.36
C TYR C 4011 -13.14 45.61 60.11
N CYS C 4012 -11.81 45.58 60.16
CA CYS C 4012 -10.92 45.97 59.03
C CYS C 4012 -10.27 44.76 58.27
N LEU C 4013 -10.64 43.52 58.64
CA LEU C 4013 -10.07 42.27 58.03
C LEU C 4013 -11.17 41.37 57.42
N LYS C 4014 -11.81 40.51 58.24
CA LYS C 4014 -12.85 39.55 57.76
C LYS C 4014 -14.21 40.20 57.40
N VAL C 4015 -14.56 41.32 58.07
CA VAL C 4015 -15.85 42.04 57.82
C VAL C 4015 -16.01 42.53 56.35
N PRO C 4016 -14.96 43.19 55.76
CA PRO C 4016 -15.00 43.46 54.31
C PRO C 4016 -15.28 42.23 53.40
N LEU C 4017 -14.74 41.05 53.78
CA LEU C 4017 -15.00 39.78 53.05
C LEU C 4017 -16.46 39.29 53.17
N VAL C 4018 -17.11 39.47 54.33
CA VAL C 4018 -18.53 39.06 54.50
C VAL C 4018 -19.49 40.01 53.74
N ILE C 4019 -19.19 41.31 53.73
CA ILE C 4019 -19.95 42.29 52.91
C ILE C 4019 -19.77 41.96 51.41
N PHE C 4020 -18.56 41.49 51.04
CA PHE C 4020 -18.28 41.00 49.67
C PHE C 4020 -19.10 39.75 49.30
N LYS C 4021 -19.34 38.84 50.24
CA LYS C 4021 -20.14 37.62 50.00
C LYS C 4021 -21.63 37.91 49.74
N ARG C 4022 -22.29 38.68 50.63
CA ARG C 4022 -23.73 39.01 50.48
C ARG C 4022 -24.00 39.95 49.25
N GLU C 4023 -23.11 40.92 49.00
CA GLU C 4023 -23.22 41.78 47.79
C GLU C 4023 -22.92 41.00 46.49
N LYS C 4024 -22.04 40.00 46.54
CA LYS C 4024 -21.70 39.14 45.37
C LYS C 4024 -22.86 38.22 44.98
N GLU C 4025 -23.41 37.49 45.96
CA GLU C 4025 -24.56 36.59 45.73
C GLU C 4025 -25.84 37.37 45.36
N VAL C 4026 -26.05 38.56 45.93
CA VAL C 4026 -27.24 39.38 45.63
C VAL C 4026 -27.15 40.01 44.22
N ALA C 4027 -26.00 40.59 43.87
CA ALA C 4027 -25.77 41.17 42.52
C ALA C 4027 -25.79 40.09 41.40
N ARG C 4028 -25.35 38.87 41.71
CA ARG C 4028 -25.49 37.70 40.81
C ARG C 4028 -26.98 37.28 40.62
N LYS C 4029 -27.79 37.36 41.69
CA LYS C 4029 -29.26 37.10 41.62
C LYS C 4029 -30.02 38.12 40.71
N LEU C 4030 -29.60 39.40 40.74
CA LEU C 4030 -30.19 40.47 39.89
C LEU C 4030 -29.71 40.41 38.41
N GLU C 4031 -28.39 40.23 38.21
CA GLU C 4031 -27.75 40.16 36.85
C GLU C 4031 -28.26 38.99 35.97
N PHE C 4032 -28.54 37.85 36.61
CA PHE C 4032 -28.99 36.61 35.91
C PHE C 4032 -30.39 36.13 36.40
N ASP C 4033 -30.56 35.93 37.72
CA ASP C 4033 -31.79 35.32 38.28
C ASP C 4033 -33.05 36.22 38.27
N GLY C 4034 -32.91 37.53 38.47
CA GLY C 4034 -34.06 38.45 38.58
C GLY C 4034 -35.00 38.16 39.75
N LEU C 4035 -34.40 37.88 40.93
CA LEU C 4035 -35.12 37.63 42.21
C LEU C 4035 -36.12 38.75 42.59
N TYR C 4036 -35.64 39.99 42.51
CA TYR C 4036 -36.42 41.19 42.85
C TYR C 4036 -37.21 41.70 41.62
N ILE C 4037 -36.63 41.57 40.42
CA ILE C 4037 -37.30 41.88 39.13
C ILE C 4037 -38.49 40.92 38.88
N THR C 4038 -38.27 39.61 39.13
CA THR C 4038 -39.30 38.56 38.97
C THR C 4038 -39.65 37.77 40.28
N GLU C 4039 -38.66 37.17 40.95
CA GLU C 4039 -38.94 36.16 42.03
C GLU C 4039 -39.59 36.67 43.37
N GLN C 4040 -39.15 37.83 43.87
CA GLN C 4040 -39.60 38.44 45.15
C GLN C 4040 -39.19 37.67 46.45
N PRO C 4041 -39.59 38.18 47.66
CA PRO C 4041 -39.42 37.47 48.96
C PRO C 4041 -40.74 36.84 49.50
N SER C 4042 -40.72 35.54 49.82
CA SER C 4042 -41.92 34.77 50.23
C SER C 4042 -42.35 35.00 51.70
N GLU C 4043 -43.39 34.28 52.14
CA GLU C 4043 -43.79 34.23 53.57
C GLU C 4043 -42.66 33.76 54.52
N ASP C 4044 -41.60 33.16 53.95
CA ASP C 4044 -40.33 32.83 54.65
C ASP C 4044 -39.15 33.68 54.06
N ASP C 4045 -37.90 33.29 54.34
CA ASP C 4045 -36.66 33.92 53.79
C ASP C 4045 -36.43 35.37 54.34
N ILE C 4046 -36.27 35.45 55.66
CA ILE C 4046 -36.25 36.74 56.41
C ILE C 4046 -35.09 37.69 56.03
N LYS C 4047 -33.89 37.14 55.83
CA LYS C 4047 -32.69 37.96 55.53
C LYS C 4047 -32.71 38.50 54.08
N GLY C 4048 -33.30 37.73 53.16
CA GLY C 4048 -33.57 38.19 51.77
C GLY C 4048 -34.70 39.22 51.68
N GLN C 4049 -35.68 39.13 52.59
CA GLN C 4049 -36.72 40.18 52.76
C GLN C 4049 -36.08 41.50 53.30
N TRP C 4050 -35.04 41.37 54.13
CA TRP C 4050 -34.17 42.49 54.59
C TRP C 4050 -33.33 43.10 53.43
N ASP C 4051 -32.99 42.28 52.42
CA ASP C 4051 -32.16 42.67 51.26
C ASP C 4051 -32.83 43.66 50.24
N ARG C 4052 -34.16 43.81 50.29
CA ARG C 4052 -34.89 44.82 49.47
C ARG C 4052 -34.35 46.26 49.68
N LEU C 4053 -34.06 46.60 50.93
CA LEU C 4053 -33.74 47.98 51.34
C LEU C 4053 -32.42 48.57 50.74
N VAL C 4054 -31.47 47.70 50.37
CA VAL C 4054 -30.14 48.12 49.84
C VAL C 4054 -30.13 48.41 48.31
N ILE C 4055 -30.99 47.72 47.54
CA ILE C 4055 -31.07 47.88 46.06
C ILE C 4055 -31.45 49.31 45.60
N ASN C 4056 -32.25 50.01 46.43
CA ASN C 4056 -32.63 51.42 46.18
C ASN C 4056 -31.44 52.41 46.33
N THR C 4057 -30.43 52.03 47.12
CA THR C 4057 -29.20 52.85 47.35
C THR C 4057 -28.30 52.99 46.08
N GLN C 4058 -27.81 54.22 45.84
CA GLN C 4058 -26.94 54.52 44.68
C GLN C 4058 -25.50 53.95 44.82
N SER C 4059 -25.04 53.78 46.07
CA SER C 4059 -23.77 53.11 46.43
C SER C 4059 -23.82 51.55 46.58
N PHE C 4060 -24.79 50.90 45.90
CA PHE C 4060 -25.05 49.42 46.01
C PHE C 4060 -23.82 48.48 45.72
N PRO C 4061 -23.10 48.67 44.57
CA PRO C 4061 -21.84 47.90 44.43
C PRO C 4061 -20.63 48.52 45.20
N ASN C 4062 -20.73 48.63 46.52
CA ASN C 4062 -19.73 49.34 47.37
C ASN C 4062 -18.34 48.66 47.40
N ASN C 4063 -18.34 47.32 47.46
CA ASN C 4063 -17.12 46.48 47.58
C ASN C 4063 -17.21 45.25 46.62
N TYR C 4064 -17.41 45.50 45.32
CA TYR C 4064 -17.48 44.42 44.29
C TYR C 4064 -16.51 44.62 43.08
N TRP C 4065 -15.67 45.67 43.13
CA TRP C 4065 -14.77 46.12 42.00
C TRP C 4065 -15.40 46.26 40.58
N ASP C 4066 -16.74 46.34 40.49
CA ASP C 4066 -17.47 46.39 39.21
C ASP C 4066 -18.78 47.20 39.34
N LYS C 4067 -18.64 48.52 39.42
CA LYS C 4067 -19.77 49.48 39.57
C LYS C 4067 -20.76 49.52 38.37
N PHE C 4068 -20.31 49.11 37.18
CA PHE C 4068 -21.11 49.13 35.92
C PHE C 4068 -22.43 48.30 35.96
N VAL C 4069 -22.45 47.23 36.77
CA VAL C 4069 -23.57 46.24 36.87
C VAL C 4069 -24.97 46.90 36.86
N LYS C 4070 -25.13 47.97 37.63
CA LYS C 4070 -26.41 48.68 37.82
C LYS C 4070 -27.07 49.03 36.46
N ARG C 4071 -26.37 49.85 35.64
CA ARG C 4071 -26.89 50.25 34.32
C ARG C 4071 -27.04 49.03 33.37
N LYS C 4072 -26.10 48.08 33.45
CA LYS C 4072 -26.13 46.84 32.63
C LYS C 4072 -27.45 46.04 32.85
N VAL C 4073 -27.97 46.05 34.09
CA VAL C 4073 -29.20 45.30 34.43
C VAL C 4073 -30.42 45.77 33.59
N MET C 4074 -30.55 47.10 33.37
CA MET C 4074 -31.62 47.67 32.54
C MET C 4074 -31.62 47.09 31.11
N ASP C 4075 -30.41 46.98 30.54
CA ASP C 4075 -30.23 46.42 29.17
C ASP C 4075 -30.65 44.92 29.08
N LYS C 4076 -30.47 44.18 30.18
CA LYS C 4076 -30.91 42.77 30.27
C LYS C 4076 -32.43 42.60 30.51
N TYR C 4077 -33.08 43.58 31.14
CA TYR C 4077 -34.48 43.41 31.64
C TYR C 4077 -35.46 44.61 31.62
N GLY C 4078 -35.07 45.77 31.09
CA GLY C 4078 -36.01 46.90 30.85
C GLY C 4078 -37.06 46.59 29.77
N GLU C 4079 -36.70 45.70 28.84
CA GLU C 4079 -37.62 45.20 27.81
C GLU C 4079 -38.70 44.22 28.34
N PHE C 4080 -38.42 43.54 29.47
CA PHE C 4080 -39.31 42.47 30.00
C PHE C 4080 -40.69 42.93 30.51
N TYR C 4081 -40.77 44.15 31.07
CA TYR C 4081 -42.07 44.78 31.39
C TYR C 4081 -42.11 46.34 31.47
N GLY C 4082 -41.07 46.96 32.05
CA GLY C 4082 -41.03 48.42 32.26
C GLY C 4082 -39.62 49.01 32.37
N ARG C 4083 -39.21 49.78 31.36
CA ARG C 4083 -37.93 50.52 31.37
C ARG C 4083 -37.84 51.56 32.52
N ASP C 4084 -38.87 52.40 32.63
CA ASP C 4084 -39.01 53.39 33.72
C ASP C 4084 -39.21 52.77 35.11
N ARG C 4085 -39.89 51.62 35.19
CA ARG C 4085 -40.14 50.90 36.46
C ARG C 4085 -38.83 50.41 37.12
N ILE C 4086 -37.96 49.77 36.32
CA ILE C 4086 -36.61 49.32 36.78
C ILE C 4086 -35.68 50.54 37.02
N SER C 4087 -35.86 51.63 36.24
CA SER C 4087 -35.10 52.89 36.43
C SER C 4087 -35.37 53.56 37.80
N GLU C 4088 -36.59 53.38 38.33
CA GLU C 4088 -36.97 53.82 39.69
C GLU C 4088 -36.49 52.81 40.79
N LEU C 4089 -36.59 51.51 40.50
CA LEU C 4089 -36.19 50.44 41.45
C LEU C 4089 -34.69 50.44 41.82
N LEU C 4090 -33.82 50.88 40.90
CA LEU C 4090 -32.36 51.03 41.15
C LEU C 4090 -31.93 52.50 41.50
N GLY C 4091 -32.91 53.41 41.66
CA GLY C 4091 -32.64 54.80 42.04
C GLY C 4091 -32.08 55.67 40.92
N SER C 4115 -17.96 68.75 62.46
CA SER C 4115 -17.38 68.94 61.13
C SER C 4115 -18.39 68.65 60.00
N ALA C 4116 -17.98 68.92 58.75
CA ALA C 4116 -18.80 68.64 57.54
C ALA C 4116 -19.04 67.14 57.29
N VAL C 4117 -18.09 66.30 57.73
CA VAL C 4117 -18.16 64.82 57.61
C VAL C 4117 -19.42 64.19 58.26
N LEU C 4118 -19.93 64.86 59.31
CA LEU C 4118 -21.15 64.46 60.04
C LEU C 4118 -22.41 64.33 59.11
N ASN C 4119 -22.44 65.16 58.05
CA ASN C 4119 -23.52 65.12 57.04
C ASN C 4119 -23.19 64.34 55.74
N SER C 4120 -21.89 64.08 55.50
CA SER C 4120 -21.41 63.43 54.25
C SER C 4120 -21.91 61.96 54.00
N ILE C 4121 -22.13 61.20 55.08
CA ILE C 4121 -22.59 59.79 55.01
C ILE C 4121 -24.06 59.59 54.53
N ASP C 4122 -24.28 58.51 53.75
CA ASP C 4122 -25.63 58.05 53.36
C ASP C 4122 -26.30 57.27 54.52
N VAL C 4123 -27.63 57.34 54.61
CA VAL C 4123 -28.40 56.79 55.75
C VAL C 4123 -28.76 55.29 55.63
N LYS C 4124 -29.30 54.87 54.48
CA LYS C 4124 -29.83 53.49 54.26
C LYS C 4124 -28.72 52.40 54.27
N TYR C 4125 -27.55 52.71 53.70
CA TYR C 4125 -26.41 51.77 53.62
C TYR C 4125 -25.81 51.41 55.00
N GLN C 4126 -25.83 52.37 55.94
CA GLN C 4126 -25.28 52.19 57.32
C GLN C 4126 -26.19 51.31 58.23
N MET C 4127 -27.52 51.46 58.11
CA MET C 4127 -28.49 50.63 58.87
C MET C 4127 -28.51 49.17 58.36
N TRP C 4128 -28.53 49.01 57.02
CA TRP C 4128 -28.45 47.67 56.37
C TRP C 4128 -27.09 46.96 56.67
N LYS C 4129 -25.99 47.74 56.73
CA LYS C 4129 -24.64 47.26 57.16
C LYS C 4129 -24.64 46.65 58.58
N LEU C 4130 -25.22 47.38 59.54
CA LEU C 4130 -25.36 46.92 60.94
C LEU C 4130 -26.19 45.62 61.07
N GLY C 4131 -27.23 45.50 60.22
CA GLY C 4131 -28.03 44.28 60.13
C GLY C 4131 -27.30 43.04 59.61
N VAL C 4132 -26.47 43.23 58.56
CA VAL C 4132 -25.67 42.12 57.97
C VAL C 4132 -24.59 41.59 58.95
N VAL C 4133 -24.00 42.50 59.75
CA VAL C 4133 -22.98 42.11 60.75
C VAL C 4133 -23.57 41.39 62.00
N PHE C 4134 -24.69 41.89 62.53
CA PHE C 4134 -25.37 41.26 63.69
C PHE C 4134 -26.02 39.88 63.36
N THR C 4135 -26.50 39.68 62.13
CA THR C 4135 -27.03 38.36 61.67
C THR C 4135 -25.94 37.24 61.57
N ASP C 4136 -24.69 37.64 61.36
CA ASP C 4136 -23.55 36.69 61.29
C ASP C 4136 -23.33 35.98 62.66
N ASN C 4137 -23.13 34.65 62.62
CA ASN C 4137 -22.91 33.83 63.83
C ASN C 4137 -21.52 34.05 64.49
N SER C 4138 -20.49 34.41 63.70
CA SER C 4138 -19.12 34.70 64.21
C SER C 4138 -19.05 35.95 65.09
N PHE C 4139 -19.61 37.04 64.57
CA PHE C 4139 -19.69 38.33 65.28
C PHE C 4139 -20.63 38.26 66.49
N LEU C 4140 -21.56 37.29 66.48
CA LEU C 4140 -22.43 36.99 67.64
C LEU C 4140 -21.61 36.57 68.87
N TYR C 4141 -20.54 35.81 68.66
CA TYR C 4141 -19.66 35.37 69.77
C TYR C 4141 -18.81 36.51 70.32
N LEU C 4142 -18.03 37.15 69.44
CA LEU C 4142 -17.02 38.13 69.85
C LEU C 4142 -17.61 39.42 70.45
N ALA C 4143 -18.83 39.78 70.04
CA ALA C 4143 -19.56 40.91 70.63
C ALA C 4143 -20.05 40.59 72.05
N TRP C 4144 -20.53 39.36 72.25
CA TRP C 4144 -20.96 38.87 73.57
C TRP C 4144 -19.80 38.80 74.58
N TYR C 4145 -18.59 38.59 74.08
CA TYR C 4145 -17.38 38.59 74.91
C TYR C 4145 -17.09 39.96 75.55
N MET C 4146 -17.51 41.05 74.89
CA MET C 4146 -17.42 42.42 75.45
C MET C 4146 -18.57 42.74 76.42
N THR C 4147 -19.75 42.20 76.17
CA THR C 4147 -20.93 42.46 77.01
C THR C 4147 -20.70 42.10 78.49
N MET C 4148 -20.06 40.95 78.72
CA MET C 4148 -19.71 40.51 80.08
C MET C 4148 -18.56 41.33 80.69
N SER C 4149 -17.73 41.97 79.86
CA SER C 4149 -16.64 42.84 80.35
C SER C 4149 -17.13 44.17 80.96
N ILE C 4150 -18.33 44.62 80.57
CA ILE C 4150 -18.96 45.77 81.23
C ILE C 4150 -19.56 45.35 82.59
N LEU C 4151 -19.97 44.08 82.71
CA LEU C 4151 -20.30 43.48 84.02
C LEU C 4151 -19.04 43.33 84.89
N GLY C 4152 -17.92 43.00 84.26
CA GLY C 4152 -16.60 42.98 84.93
C GLY C 4152 -16.17 44.31 85.54
N HIS C 4153 -16.63 45.41 84.94
CA HIS C 4153 -16.51 46.75 85.52
C HIS C 4153 -17.13 46.81 86.93
N TYR C 4154 -18.21 46.06 87.13
CA TYR C 4154 -18.92 45.95 88.41
C TYR C 4154 -18.46 44.78 89.29
N ASN C 4155 -18.57 43.54 88.79
CA ASN C 4155 -18.44 42.32 89.64
C ASN C 4155 -17.49 41.25 89.06
N ASN C 4156 -16.86 40.47 89.95
CA ASN C 4156 -15.84 39.47 89.59
C ASN C 4156 -16.32 38.00 89.59
N PHE C 4157 -17.64 37.75 89.59
CA PHE C 4157 -18.19 36.38 89.78
C PHE C 4157 -19.01 35.83 88.63
N PHE C 4158 -19.89 36.65 88.05
CA PHE C 4158 -20.50 36.34 86.75
C PHE C 4158 -19.47 36.49 85.61
N PHE C 4159 -18.37 37.18 85.91
CA PHE C 4159 -17.14 37.19 85.09
C PHE C 4159 -16.60 35.79 84.73
N ALA C 4160 -16.87 34.79 85.57
CA ALA C 4160 -16.46 33.38 85.32
C ALA C 4160 -16.85 32.79 83.95
N ALA C 4161 -17.79 33.42 83.24
CA ALA C 4161 -18.19 32.98 81.90
C ALA C 4161 -17.15 33.15 80.77
N HIS C 4162 -16.12 33.98 80.98
CA HIS C 4162 -15.06 34.17 79.96
C HIS C 4162 -14.17 32.94 79.68
N LEU C 4163 -14.16 31.96 80.59
CA LEU C 4163 -13.27 30.78 80.48
C LEU C 4163 -13.45 29.91 79.22
N LEU C 4164 -14.60 30.00 78.55
CA LEU C 4164 -14.88 29.22 77.33
C LEU C 4164 -14.22 29.75 76.03
N ASP C 4165 -13.46 30.86 76.11
CA ASP C 4165 -12.71 31.37 74.95
C ASP C 4165 -11.55 30.45 74.52
N ILE C 4166 -11.08 29.59 75.43
CA ILE C 4166 -10.13 28.52 75.11
C ILE C 4166 -10.61 27.58 74.00
N ALA C 4167 -11.94 27.37 73.91
CA ALA C 4167 -12.55 26.55 72.85
C ALA C 4167 -12.25 27.07 71.45
N MET C 4168 -12.21 28.39 71.28
CA MET C 4168 -11.71 29.03 70.06
C MET C 4168 -10.38 29.74 70.35
N GLY C 4169 -9.46 29.01 70.98
CA GLY C 4169 -8.14 29.50 71.36
C GLY C 4169 -7.04 28.69 70.72
N PHE C 4170 -7.00 27.39 71.04
CA PHE C 4170 -6.01 26.45 70.48
C PHE C 4170 -6.62 25.63 69.31
N LYS C 4171 -5.81 25.33 68.29
CA LYS C 4171 -6.26 24.65 67.05
C LYS C 4171 -6.60 23.16 67.21
N THR C 4172 -5.77 22.44 67.98
CA THR C 4172 -5.92 20.98 68.17
C THR C 4172 -7.21 20.57 68.88
N LEU C 4173 -7.73 21.45 69.74
CA LEU C 4173 -8.96 21.19 70.50
C LEU C 4173 -10.22 21.19 69.62
N ARG C 4174 -10.18 21.86 68.47
CA ARG C 4174 -11.31 21.90 67.52
C ARG C 4174 -11.73 20.52 67.02
N THR C 4175 -10.76 19.68 66.66
CA THR C 4175 -11.05 18.33 66.17
C THR C 4175 -11.70 17.42 67.22
N ILE C 4176 -11.43 17.67 68.50
CA ILE C 4176 -12.04 16.92 69.60
C ILE C 4176 -13.44 17.42 69.90
N LEU C 4177 -13.61 18.75 70.04
CA LEU C 4177 -14.92 19.35 70.28
C LEU C 4177 -15.84 19.35 69.04
N SER C 4178 -15.27 19.19 67.85
CA SER C 4178 -16.07 18.98 66.62
C SER C 4178 -16.80 17.64 66.63
N SER C 4179 -16.22 16.62 67.27
CA SER C 4179 -16.82 15.29 67.35
C SER C 4179 -18.05 15.20 68.28
N VAL C 4180 -18.20 16.16 69.21
CA VAL C 4180 -19.33 16.16 70.16
C VAL C 4180 -20.64 16.66 69.51
N THR C 4181 -20.54 17.53 68.49
CA THR C 4181 -21.71 18.28 67.98
C THR C 4181 -22.12 18.11 66.50
N HIS C 4182 -21.23 17.60 65.63
CA HIS C 4182 -21.52 17.55 64.18
C HIS C 4182 -22.63 16.55 63.80
N ASN C 4183 -22.71 15.44 64.54
CA ASN C 4183 -23.86 14.53 64.49
C ASN C 4183 -24.55 14.55 65.87
N GLY C 4184 -24.80 15.78 66.35
CA GLY C 4184 -25.35 16.02 67.69
C GLY C 4184 -26.86 16.08 67.80
N LYS C 4185 -27.56 16.02 66.66
CA LYS C 4185 -29.02 15.88 66.63
C LYS C 4185 -29.46 14.54 67.24
N GLN C 4186 -28.59 13.53 67.14
CA GLN C 4186 -28.82 12.22 67.77
C GLN C 4186 -28.66 12.33 69.28
N LEU C 4187 -27.57 12.97 69.73
CA LEU C 4187 -27.21 13.08 71.16
C LEU C 4187 -28.27 13.77 72.03
N VAL C 4188 -28.86 14.85 71.52
CA VAL C 4188 -29.85 15.64 72.27
C VAL C 4188 -31.17 14.86 72.45
N LEU C 4189 -31.62 14.21 71.38
CA LEU C 4189 -32.84 13.39 71.43
C LEU C 4189 -32.64 12.06 72.19
N THR C 4190 -31.39 11.60 72.30
CA THR C 4190 -31.04 10.42 73.12
C THR C 4190 -31.33 10.63 74.62
N VAL C 4191 -31.26 11.88 75.08
CA VAL C 4191 -31.64 12.24 76.46
C VAL C 4191 -33.17 12.08 76.64
N GLY C 4192 -33.93 12.39 75.59
CA GLY C 4192 -35.37 12.13 75.56
C GLY C 4192 -35.78 10.68 75.70
N LEU C 4193 -34.97 9.76 75.17
CA LEU C 4193 -35.21 8.31 75.33
C LEU C 4193 -34.98 7.81 76.76
N LEU C 4194 -34.08 8.45 77.50
CA LEU C 4194 -33.89 8.18 78.93
C LEU C 4194 -35.14 8.52 79.75
N ALA C 4195 -35.86 9.56 79.31
CA ALA C 4195 -37.11 9.99 79.96
C ALA C 4195 -38.28 9.03 79.75
N VAL C 4196 -38.41 8.47 78.54
CA VAL C 4196 -39.59 7.69 78.14
C VAL C 4196 -39.62 6.30 78.82
N VAL C 4197 -38.57 5.51 78.62
CA VAL C 4197 -38.50 4.11 79.12
C VAL C 4197 -38.52 4.04 80.66
N VAL C 4198 -37.81 4.95 81.33
CA VAL C 4198 -37.82 5.05 82.82
C VAL C 4198 -39.24 5.37 83.34
N TYR C 4199 -40.01 6.18 82.58
CA TYR C 4199 -41.43 6.46 82.90
C TYR C 4199 -42.38 5.25 82.69
N LEU C 4200 -42.10 4.38 81.71
CA LEU C 4200 -42.88 3.12 81.52
C LEU C 4200 -42.69 2.18 82.74
N TYR C 4201 -41.44 2.08 83.22
CA TYR C 4201 -41.11 1.27 84.41
C TYR C 4201 -41.64 1.88 85.74
N THR C 4202 -41.76 3.21 85.84
CA THR C 4202 -42.44 3.84 87.00
C THR C 4202 -43.98 3.68 86.95
N VAL C 4203 -44.54 3.40 85.76
CA VAL C 4203 -45.99 3.00 85.63
C VAL C 4203 -46.20 1.58 86.20
N VAL C 4204 -45.41 0.60 85.76
CA VAL C 4204 -45.50 -0.80 86.26
C VAL C 4204 -45.20 -0.90 87.79
N ALA C 4205 -44.24 -0.10 88.27
CA ALA C 4205 -43.96 0.06 89.71
C ALA C 4205 -45.12 0.74 90.49
N PHE C 4206 -45.79 1.70 89.84
CA PHE C 4206 -47.01 2.36 90.40
C PHE C 4206 -48.15 1.34 90.61
N ASN C 4207 -48.21 0.30 89.78
CA ASN C 4207 -49.21 -0.77 89.91
C ASN C 4207 -48.84 -1.71 91.06
N PHE C 4208 -47.65 -2.30 91.00
CA PHE C 4208 -47.20 -3.29 92.00
C PHE C 4208 -46.33 -2.70 93.12
N PHE C 4209 -45.21 -2.10 92.74
CA PHE C 4209 -44.10 -1.80 93.68
C PHE C 4209 -44.11 -0.39 94.26
N ARG C 4210 -44.94 -0.17 95.28
CA ARG C 4210 -45.07 1.13 95.96
C ARG C 4210 -44.59 1.15 97.43
N LYS C 4211 -44.83 0.06 98.16
CA LYS C 4211 -44.48 -0.01 99.60
C LYS C 4211 -42.98 0.04 99.91
N PHE C 4212 -42.16 -0.39 98.95
CA PHE C 4212 -40.70 -0.50 99.17
C PHE C 4212 -39.96 0.83 99.08
N TYR C 4213 -40.64 1.91 98.68
CA TYR C 4213 -40.05 3.27 98.64
C TYR C 4213 -40.22 4.07 99.98
N ASN C 4214 -39.95 3.40 101.11
CA ASN C 4214 -39.78 4.06 102.43
C ASN C 4214 -38.44 4.87 102.45
N LYS C 4215 -38.45 6.06 103.09
CA LYS C 4215 -37.24 6.93 103.18
C LYS C 4215 -36.46 6.82 104.54
N SER C 4216 -36.89 5.93 105.44
CA SER C 4216 -36.36 5.85 106.82
C SER C 4216 -34.93 5.28 106.96
N GLU C 4217 -33.91 6.15 107.02
CA GLU C 4217 -32.53 5.76 107.39
C GLU C 4217 -32.52 5.38 108.90
N ASP C 4218 -31.90 4.24 109.25
CA ASP C 4218 -31.87 3.69 110.65
C ASP C 4218 -33.30 3.44 111.23
N GLY C 4219 -33.38 3.04 112.51
CA GLY C 4219 -34.67 2.74 113.17
C GLY C 4219 -35.56 3.91 113.61
N ASP C 4220 -36.88 3.67 113.53
CA ASP C 4220 -37.95 4.50 114.17
C ASP C 4220 -37.96 6.05 113.92
N THR C 4221 -37.49 6.48 112.74
CA THR C 4221 -37.60 7.89 112.30
C THR C 4221 -39.02 8.15 111.69
N PRO C 4222 -39.54 9.42 111.77
CA PRO C 4222 -40.72 9.76 110.93
C PRO C 4222 -40.35 9.65 109.43
N ASP C 4223 -41.30 9.21 108.59
CA ASP C 4223 -40.96 8.55 107.30
C ASP C 4223 -41.73 9.09 106.07
N MET C 4224 -40.99 9.70 105.13
CA MET C 4224 -41.52 10.03 103.79
C MET C 4224 -41.65 8.74 102.94
N LYS C 4225 -42.71 8.68 102.12
CA LYS C 4225 -42.92 7.61 101.12
C LYS C 4225 -43.59 8.24 99.89
N CYS C 4226 -42.91 8.20 98.73
CA CYS C 4226 -43.35 8.93 97.52
C CYS C 4226 -44.80 8.58 97.11
N ASP C 4227 -45.65 9.61 97.12
CA ASP C 4227 -47.06 9.50 96.73
C ASP C 4227 -47.42 10.40 95.53
N ASP C 4228 -46.78 11.57 95.42
CA ASP C 4228 -46.85 12.38 94.19
C ASP C 4228 -46.05 11.69 93.09
N MET C 4229 -46.67 11.51 91.90
CA MET C 4229 -46.03 10.87 90.73
C MET C 4229 -44.81 11.68 90.21
N LEU C 4230 -44.85 13.01 90.39
CA LEU C 4230 -43.71 13.92 90.09
C LEU C 4230 -42.50 13.67 91.01
N THR C 4231 -42.74 13.52 92.33
CA THR C 4231 -41.66 13.19 93.31
C THR C 4231 -41.07 11.77 93.11
N CYS C 4232 -41.87 10.81 92.64
CA CYS C 4232 -41.41 9.41 92.35
C CYS C 4232 -40.48 9.35 91.11
N TYR C 4233 -40.94 9.93 89.99
CA TYR C 4233 -40.14 10.04 88.72
C TYR C 4233 -38.83 10.83 88.93
N MET C 4234 -38.92 11.90 89.73
CA MET C 4234 -37.78 12.71 90.20
C MET C 4234 -36.76 11.86 91.02
N PHE C 4235 -37.29 10.94 91.85
CA PHE C 4235 -36.46 9.95 92.61
C PHE C 4235 -35.76 8.91 91.70
N HIS C 4236 -36.36 8.54 90.56
CA HIS C 4236 -35.75 7.56 89.61
C HIS C 4236 -34.57 8.15 88.78
N MET C 4237 -34.73 9.40 88.30
CA MET C 4237 -33.61 10.15 87.68
C MET C 4237 -32.51 10.54 88.72
N TYR C 4238 -32.90 10.76 89.99
CA TYR C 4238 -31.96 11.14 91.09
C TYR C 4238 -31.03 10.00 91.55
N VAL C 4239 -31.48 8.74 91.47
CA VAL C 4239 -30.65 7.56 91.88
C VAL C 4239 -30.43 6.48 90.80
N GLY C 4240 -31.50 6.01 90.14
CA GLY C 4240 -31.44 4.83 89.24
C GLY C 4240 -30.46 4.92 88.08
N VAL C 4241 -30.53 6.03 87.33
CA VAL C 4241 -29.54 6.35 86.28
C VAL C 4241 -28.14 6.70 86.85
N ARG C 4242 -28.12 7.36 88.03
CA ARG C 4242 -26.89 7.87 88.68
C ARG C 4242 -26.24 6.97 89.77
N ALA C 4243 -26.73 5.73 89.93
CA ALA C 4243 -26.27 4.85 91.05
C ALA C 4243 -24.83 4.31 90.90
N GLY C 4244 -24.37 4.15 89.66
CA GLY C 4244 -23.13 3.38 89.40
C GLY C 4244 -23.26 1.97 89.98
N GLY C 4245 -24.34 1.28 89.56
CA GLY C 4245 -24.72 -0.03 90.10
C GLY C 4245 -26.19 -0.21 90.50
N GLY C 4246 -27.12 0.25 89.66
CA GLY C 4246 -28.56 -0.09 89.76
C GLY C 4246 -29.42 0.65 90.79
N ILE C 4247 -30.74 0.46 90.70
CA ILE C 4247 -31.72 1.03 91.65
C ILE C 4247 -31.63 0.37 93.07
N GLY C 4248 -31.41 -0.95 93.09
CA GLY C 4248 -31.30 -1.77 94.33
C GLY C 4248 -30.37 -1.25 95.42
N ASP C 4249 -29.48 -0.32 95.08
CA ASP C 4249 -28.67 0.46 96.04
C ASP C 4249 -29.56 1.27 97.02
N GLU C 4250 -30.69 1.80 96.51
CA GLU C 4250 -31.63 2.65 97.28
C GLU C 4250 -33.08 2.08 97.28
N ILE C 4251 -33.26 0.90 97.86
CA ILE C 4251 -34.58 0.29 98.13
C ILE C 4251 -34.40 -0.87 99.13
N GLU C 4252 -35.40 -1.11 99.97
CA GLU C 4252 -35.38 -2.23 100.94
C GLU C 4252 -35.61 -3.58 100.21
N ASP C 4253 -34.64 -4.50 100.36
CA ASP C 4253 -34.58 -5.75 99.56
C ASP C 4253 -35.82 -6.65 99.80
N PRO C 4254 -36.52 -7.07 98.70
CA PRO C 4254 -37.67 -7.98 98.91
C PRO C 4254 -37.25 -9.43 99.24
N ALA C 4255 -37.72 -9.94 100.39
CA ALA C 4255 -37.50 -11.34 100.84
C ALA C 4255 -38.85 -11.96 101.27
N GLY C 4256 -39.17 -13.14 100.72
CA GLY C 4256 -40.38 -13.89 101.10
C GLY C 4256 -41.74 -13.34 100.63
N ASP C 4257 -41.75 -12.59 99.52
CA ASP C 4257 -42.99 -12.07 98.88
C ASP C 4257 -43.34 -12.85 97.58
N GLU C 4258 -44.64 -12.90 97.23
CA GLU C 4258 -45.09 -13.41 95.89
C GLU C 4258 -44.59 -12.47 94.78
N TYR C 4259 -44.60 -11.17 95.07
CA TYR C 4259 -44.08 -10.13 94.16
C TYR C 4259 -42.55 -9.92 94.27
N GLU C 4260 -41.86 -10.69 95.13
CA GLU C 4260 -40.38 -10.77 95.18
C GLU C 4260 -39.80 -11.37 93.87
N ILE C 4261 -40.43 -12.44 93.36
CA ILE C 4261 -40.02 -13.06 92.09
C ILE C 4261 -40.46 -12.26 90.85
N TYR C 4262 -41.62 -11.57 90.90
CA TYR C 4262 -42.01 -10.56 89.90
C TYR C 4262 -40.96 -9.42 89.75
N ARG C 4263 -40.51 -8.88 90.90
CA ARG C 4263 -39.58 -7.72 90.94
C ARG C 4263 -38.13 -8.07 90.59
N ILE C 4264 -37.74 -9.34 90.66
CA ILE C 4264 -36.41 -9.72 90.15
C ILE C 4264 -36.40 -9.61 88.61
N ILE C 4265 -37.50 -9.97 87.95
CA ILE C 4265 -37.63 -9.82 86.50
C ILE C 4265 -37.78 -8.32 86.10
N PHE C 4266 -38.41 -7.51 86.97
CA PHE C 4266 -38.48 -6.03 86.82
C PHE C 4266 -37.08 -5.37 86.84
N ASP C 4267 -36.28 -5.72 87.86
CA ASP C 4267 -34.91 -5.18 88.05
C ASP C 4267 -33.88 -5.66 87.00
N ILE C 4268 -34.03 -6.90 86.50
CA ILE C 4268 -33.16 -7.44 85.42
C ILE C 4268 -33.38 -6.68 84.10
N THR C 4269 -34.64 -6.47 83.74
CA THR C 4269 -34.99 -5.73 82.51
C THR C 4269 -34.73 -4.22 82.63
N PHE C 4270 -34.90 -3.66 83.83
CA PHE C 4270 -34.56 -2.24 84.10
C PHE C 4270 -33.05 -1.99 83.96
N PHE C 4271 -32.23 -2.94 84.40
CA PHE C 4271 -30.77 -2.81 84.30
C PHE C 4271 -30.28 -2.90 82.84
N PHE C 4272 -30.97 -3.65 81.98
CA PHE C 4272 -30.62 -3.77 80.56
C PHE C 4272 -31.07 -2.56 79.72
N PHE C 4273 -32.37 -2.25 79.76
CA PHE C 4273 -32.94 -1.18 78.91
C PHE C 4273 -32.50 0.26 79.27
N VAL C 4274 -32.08 0.50 80.53
CA VAL C 4274 -31.80 1.86 81.03
C VAL C 4274 -30.29 2.19 81.20
N ILE C 4275 -29.50 1.26 81.73
CA ILE C 4275 -28.06 1.47 81.95
C ILE C 4275 -27.15 0.81 80.89
N VAL C 4276 -27.45 -0.44 80.52
CA VAL C 4276 -26.59 -1.21 79.60
C VAL C 4276 -26.68 -0.70 78.15
N ILE C 4277 -27.90 -0.71 77.59
CA ILE C 4277 -28.12 -0.28 76.20
C ILE C 4277 -27.98 1.24 76.05
N LEU C 4278 -28.69 2.01 76.89
CA LEU C 4278 -28.87 3.47 76.67
C LEU C 4278 -27.59 4.30 76.81
N LEU C 4279 -26.78 4.03 77.84
CA LEU C 4279 -25.48 4.70 78.01
C LEU C 4279 -24.45 4.25 76.96
N ALA C 4280 -24.55 3.00 76.52
CA ALA C 4280 -23.70 2.49 75.44
C ALA C 4280 -24.01 3.12 74.07
N ILE C 4281 -25.23 3.61 73.87
CA ILE C 4281 -25.56 4.43 72.69
C ILE C 4281 -24.78 5.74 72.73
N ILE C 4282 -24.72 6.37 73.90
CA ILE C 4282 -24.03 7.66 74.05
C ILE C 4282 -22.50 7.47 73.98
N GLN C 4283 -21.99 6.41 74.61
CA GLN C 4283 -20.58 6.01 74.40
C GLN C 4283 -20.33 5.67 72.93
N GLY C 4284 -21.24 4.89 72.34
CA GLY C 4284 -21.17 4.51 70.93
C GLY C 4284 -21.34 5.63 69.93
N LEU C 4285 -22.12 6.65 70.29
CA LEU C 4285 -22.30 7.84 69.45
C LEU C 4285 -21.02 8.69 69.41
N ILE C 4286 -20.24 8.66 70.49
CA ILE C 4286 -18.91 9.28 70.51
C ILE C 4286 -17.91 8.51 69.63
N ILE C 4287 -18.02 7.17 69.61
CA ILE C 4287 -17.20 6.33 68.72
C ILE C 4287 -17.66 6.44 67.25
N ASP C 4288 -18.97 6.60 67.05
CA ASP C 4288 -19.57 6.72 65.71
C ASP C 4288 -19.11 7.96 64.92
N ALA C 4289 -18.94 9.09 65.62
CA ALA C 4289 -18.65 10.38 64.98
C ALA C 4289 -17.18 10.61 64.60
N PHE C 4290 -16.25 10.14 65.44
CA PHE C 4290 -14.80 10.27 65.17
C PHE C 4290 -14.38 9.67 63.82
N GLY C 4291 -15.06 8.61 63.39
CA GLY C 4291 -14.82 7.99 62.09
C GLY C 4291 -15.23 8.86 60.91
N GLU C 4292 -16.43 9.42 60.95
CA GLU C 4292 -17.00 10.16 59.82
C GLU C 4292 -16.24 11.45 59.46
N LEU C 4293 -15.87 12.23 60.47
CA LEU C 4293 -15.12 13.49 60.26
C LEU C 4293 -13.68 13.19 59.81
N ARG C 4294 -13.08 12.13 60.36
CA ARG C 4294 -11.76 11.67 59.91
C ARG C 4294 -11.81 11.04 58.51
N ASP C 4295 -12.91 10.34 58.19
CA ASP C 4295 -13.09 9.73 56.86
C ASP C 4295 -13.19 10.80 55.75
N GLN C 4296 -13.76 11.97 56.07
CA GLN C 4296 -13.73 13.17 55.18
C GLN C 4296 -12.27 13.63 54.86
N GLN C 4297 -11.42 13.64 55.89
CA GLN C 4297 -9.99 13.98 55.73
C GLN C 4297 -9.22 12.88 54.94
N GLU C 4298 -9.64 11.61 55.08
CA GLU C 4298 -9.07 10.47 54.32
C GLU C 4298 -9.36 10.56 52.80
N GLN C 4299 -10.61 10.90 52.46
CA GLN C 4299 -11.02 11.12 51.05
C GLN C 4299 -10.33 12.37 50.41
N VAL C 4300 -10.06 13.41 51.21
CA VAL C 4300 -9.34 14.61 50.73
C VAL C 4300 -7.85 14.30 50.41
N LYS C 4301 -7.17 13.53 51.27
CA LYS C 4301 -5.76 13.13 51.06
C LYS C 4301 -5.60 12.17 49.85
N GLU C 4302 -6.57 11.27 49.66
CA GLU C 4302 -6.52 10.32 48.52
C GLU C 4302 -6.84 10.99 47.16
N ASP C 4303 -7.85 11.88 47.12
CA ASP C 4303 -8.14 12.65 45.88
C ASP C 4303 -7.01 13.64 45.50
N MET C 4304 -6.24 14.14 46.47
CA MET C 4304 -4.98 14.89 46.18
C MET C 4304 -3.87 13.97 45.58
N GLU C 4305 -3.77 12.74 46.07
CA GLU C 4305 -2.79 11.74 45.55
C GLU C 4305 -3.06 11.24 44.09
N THR C 4306 -4.34 11.19 43.67
CA THR C 4306 -4.77 10.60 42.36
C THR C 4306 -5.30 11.63 41.31
N LYS C 4307 -6.60 11.97 41.42
CA LYS C 4307 -7.31 12.92 40.53
C LYS C 4307 -6.72 14.35 40.64
N CYS C 4308 -6.50 15.02 39.51
CA CYS C 4308 -6.10 16.45 39.52
C CYS C 4308 -7.32 17.31 39.92
N PHE C 4309 -7.07 18.41 40.66
CA PHE C 4309 -8.16 19.33 41.10
C PHE C 4309 -8.93 20.00 39.93
N ILE C 4310 -8.24 20.24 38.81
CA ILE C 4310 -8.78 21.00 37.64
C ILE C 4310 -9.22 20.06 36.49
N CYS C 4311 -8.25 19.46 35.81
CA CYS C 4311 -8.52 18.54 34.67
C CYS C 4311 -9.16 17.19 35.10
N GLY C 4312 -8.88 16.74 36.32
CA GLY C 4312 -9.46 15.49 36.86
C GLY C 4312 -8.89 14.16 36.33
N ILE C 4313 -7.99 14.22 35.35
CA ILE C 4313 -7.58 13.03 34.54
C ILE C 4313 -7.25 11.78 35.40
N GLY C 4314 -6.48 12.00 36.47
CA GLY C 4314 -6.02 10.94 37.39
C GLY C 4314 -4.53 10.67 37.28
N ASN C 4315 -3.92 10.16 38.36
CA ASN C 4315 -2.47 9.90 38.44
C ASN C 4315 -1.94 8.84 37.43
N ASP C 4316 -2.80 7.89 37.03
CA ASP C 4316 -2.43 6.74 36.15
C ASP C 4316 -1.76 7.12 34.79
N TYR C 4317 -2.24 8.19 34.16
CA TYR C 4317 -1.67 8.64 32.85
C TYR C 4317 -0.26 9.30 32.99
N PHE C 4318 -0.05 10.11 34.04
CA PHE C 4318 1.09 11.09 34.10
C PHE C 4318 2.47 10.53 34.56
N ASP C 4319 2.49 9.31 35.10
CA ASP C 4319 3.76 8.65 35.52
C ASP C 4319 4.52 7.93 34.35
N THR C 4320 3.89 7.85 33.16
CA THR C 4320 4.50 7.19 31.96
C THR C 4320 5.82 7.87 31.50
N VAL C 4321 5.87 9.20 31.60
CA VAL C 4321 7.13 9.98 31.54
C VAL C 4321 7.73 9.98 32.97
N PRO C 4322 9.08 9.88 33.10
CA PRO C 4322 9.67 9.85 34.46
C PRO C 4322 9.43 11.14 35.29
N HIS C 4323 9.18 10.99 36.60
CA HIS C 4323 9.00 12.11 37.55
C HIS C 4323 7.89 13.12 37.12
N GLY C 4324 6.89 12.61 36.38
CA GLY C 4324 5.92 13.46 35.63
C GLY C 4324 4.70 14.09 36.32
N PHE C 4325 4.07 13.38 37.26
CA PHE C 4325 2.85 13.89 37.97
C PHE C 4325 3.11 15.17 38.81
N GLU C 4326 4.28 15.24 39.45
CA GLU C 4326 4.71 16.43 40.23
C GLU C 4326 4.83 17.70 39.34
N THR C 4327 5.29 17.52 38.09
CA THR C 4327 5.31 18.62 37.08
C THR C 4327 3.88 19.01 36.58
N HIS C 4328 2.99 18.01 36.43
CA HIS C 4328 1.57 18.27 36.05
C HIS C 4328 0.81 19.10 37.11
N THR C 4329 1.20 18.97 38.38
CA THR C 4329 0.71 19.87 39.45
C THR C 4329 1.44 21.23 39.36
N LEU C 4330 2.72 21.26 39.75
CA LEU C 4330 3.52 22.50 39.96
C LEU C 4330 3.69 23.43 38.72
N GLN C 4331 3.64 22.86 37.50
CA GLN C 4331 3.74 23.66 36.25
C GLN C 4331 2.40 23.84 35.50
N GLU C 4332 1.74 22.73 35.17
CA GLU C 4332 0.52 22.73 34.32
C GLU C 4332 -0.74 23.37 34.99
N HIS C 4333 -0.88 23.22 36.32
CA HIS C 4333 -2.11 23.65 37.06
C HIS C 4333 -1.83 24.40 38.40
N ASN C 4334 -1.11 23.73 39.31
CA ASN C 4334 -0.79 24.19 40.70
C ASN C 4334 -1.79 25.17 41.37
N LEU C 4335 -3.08 24.96 41.14
CA LEU C 4335 -4.18 25.69 41.81
C LEU C 4335 -4.08 27.24 41.77
N ALA C 4336 -3.01 27.77 42.37
CA ALA C 4336 -2.69 29.22 42.48
C ALA C 4336 -2.56 30.00 41.15
N ASN C 4337 -2.01 29.39 40.09
CA ASN C 4337 -1.79 30.08 38.79
C ASN C 4337 -3.10 30.57 38.11
N TYR C 4338 -4.19 29.81 38.28
CA TYR C 4338 -5.54 30.25 37.85
C TYR C 4338 -6.01 31.48 38.66
N LEU C 4339 -5.64 31.52 39.95
CA LEU C 4339 -5.98 32.64 40.86
C LEU C 4339 -5.29 33.97 40.43
N PHE C 4340 -3.97 33.92 40.20
CA PHE C 4340 -3.20 35.11 39.77
C PHE C 4340 -3.61 35.60 38.34
N PHE C 4341 -3.99 34.64 37.48
CA PHE C 4341 -4.58 34.94 36.14
C PHE C 4341 -5.85 35.80 36.28
N LEU C 4342 -6.62 35.57 37.34
CA LEU C 4342 -7.75 36.47 37.70
C LEU C 4342 -7.26 37.84 38.26
N MET C 4343 -6.17 37.85 39.05
CA MET C 4343 -5.57 39.14 39.54
C MET C 4343 -5.29 40.09 38.36
N TYR C 4344 -4.63 39.55 37.34
CA TYR C 4344 -4.27 40.22 36.05
C TYR C 4344 -5.47 40.64 35.17
N LEU C 4345 -6.43 39.73 34.96
CA LEU C 4345 -7.66 40.07 34.19
C LEU C 4345 -8.41 41.28 34.81
N ILE C 4346 -8.38 41.38 36.15
CA ILE C 4346 -8.87 42.58 36.88
C ILE C 4346 -7.91 43.80 36.68
N ASN C 4347 -6.60 43.57 36.72
CA ASN C 4347 -5.57 44.66 36.68
C ASN C 4347 -5.28 45.31 35.29
N LYS C 4348 -5.60 44.63 34.18
CA LYS C 4348 -5.45 45.19 32.81
C LYS C 4348 -6.58 46.23 32.48
N ASP C 4349 -6.22 47.24 31.67
CA ASP C 4349 -7.22 48.14 31.04
C ASP C 4349 -7.97 47.31 29.98
N GLU C 4350 -9.28 47.52 29.84
CA GLU C 4350 -10.14 46.71 28.92
C GLU C 4350 -9.71 46.83 27.43
N THR C 4351 -9.21 48.01 27.03
CA THR C 4351 -8.63 48.22 25.69
C THR C 4351 -7.24 47.52 25.54
N GLU C 4352 -6.50 47.39 26.64
CA GLU C 4352 -5.12 46.80 26.66
C GLU C 4352 -5.02 45.25 26.58
N HIS C 4353 -6.13 44.53 26.75
CA HIS C 4353 -6.15 43.06 26.62
C HIS C 4353 -5.78 42.57 25.18
N THR C 4354 -5.02 41.47 25.12
CA THR C 4354 -4.77 40.70 23.89
C THR C 4354 -6.06 39.92 23.47
N GLY C 4355 -6.16 39.48 22.21
CA GLY C 4355 -7.35 38.75 21.70
C GLY C 4355 -7.82 37.54 22.50
N GLN C 4356 -6.84 36.78 23.02
CA GLN C 4356 -7.08 35.70 24.03
C GLN C 4356 -7.62 36.28 25.38
N GLU C 4357 -6.90 37.27 25.92
CA GLU C 4357 -7.27 37.94 27.19
C GLU C 4357 -8.61 38.74 27.11
N SER C 4358 -8.89 39.35 25.94
CA SER C 4358 -10.18 40.03 25.69
C SER C 4358 -11.35 39.01 25.58
N TYR C 4359 -11.04 37.84 25.02
CA TYR C 4359 -12.04 36.74 24.90
C TYR C 4359 -12.39 36.11 26.26
N VAL C 4360 -11.38 35.79 27.07
CA VAL C 4360 -11.59 35.26 28.46
C VAL C 4360 -12.25 36.30 29.40
N TRP C 4361 -11.99 37.60 29.20
CA TRP C 4361 -12.70 38.67 29.95
C TRP C 4361 -14.21 38.77 29.53
N LYS C 4362 -14.50 38.47 28.26
CA LYS C 4362 -15.89 38.36 27.74
C LYS C 4362 -16.65 37.13 28.32
N MET C 4363 -15.96 35.97 28.37
CA MET C 4363 -16.51 34.72 28.92
C MET C 4363 -16.68 34.78 30.47
N TYR C 4364 -15.86 35.61 31.13
CA TYR C 4364 -15.89 35.85 32.60
C TYR C 4364 -17.02 36.82 33.04
N GLN C 4365 -17.19 37.93 32.31
CA GLN C 4365 -18.24 38.92 32.62
C GLN C 4365 -19.68 38.32 32.47
N GLU C 4366 -19.85 37.38 31.54
CA GLU C 4366 -21.12 36.64 31.33
C GLU C 4366 -21.24 35.38 32.25
N ARG C 4367 -20.14 34.97 32.90
CA ARG C 4367 -20.04 33.70 33.70
C ARG C 4367 -20.29 32.43 32.81
N CYS C 4368 -19.60 32.35 31.67
CA CYS C 4368 -19.71 31.18 30.73
C CYS C 4368 -19.07 29.87 31.28
N TRP C 4369 -17.83 29.99 31.77
CA TRP C 4369 -17.07 28.90 32.46
C TRP C 4369 -16.81 27.60 31.63
N GLU C 4370 -16.56 27.74 30.33
CA GLU C 4370 -16.10 26.63 29.47
C GLU C 4370 -14.54 26.52 29.38
N PHE C 4371 -13.84 27.60 29.68
CA PHE C 4371 -12.38 27.74 29.38
C PHE C 4371 -11.39 26.97 30.29
N PHE C 4372 -11.84 26.49 31.45
CA PHE C 4372 -11.07 25.54 32.29
C PHE C 4372 -10.92 24.17 31.57
N PRO C 4373 -9.73 23.51 31.68
CA PRO C 4373 -9.71 22.09 31.30
C PRO C 4373 -10.65 21.24 32.20
N ALA C 4374 -11.38 20.30 31.60
CA ALA C 4374 -12.15 19.28 32.34
C ALA C 4374 -11.62 17.85 32.06
N GLY C 4375 -10.50 17.73 31.33
CA GLY C 4375 -9.79 16.43 31.13
C GLY C 4375 -9.12 16.24 29.78
N ASP C 4376 -8.26 17.20 29.38
CA ASP C 4376 -7.58 17.19 28.07
C ASP C 4376 -6.03 17.33 28.17
N CYS C 4377 -5.56 18.41 28.83
CA CYS C 4377 -4.11 18.72 29.06
C CYS C 4377 -3.18 18.74 27.81
N PHE C 4378 -1.97 19.30 27.98
CA PHE C 4378 -1.00 19.53 26.88
C PHE C 4378 -0.45 18.24 26.24
N ARG C 4379 0.02 17.31 27.09
CA ARG C 4379 0.65 16.05 26.64
C ARG C 4379 -0.30 15.09 25.91
N LYS C 4380 -1.53 14.92 26.43
CA LYS C 4380 -2.62 14.19 25.73
C LYS C 4380 -3.07 14.91 24.43
N GLN C 4381 -3.03 16.25 24.44
CA GLN C 4381 -3.38 17.09 23.26
C GLN C 4381 -2.43 16.87 22.06
N TYR C 4382 -1.14 16.58 22.33
CA TYR C 4382 -0.08 16.50 21.30
C TYR C 4382 0.72 15.17 21.26
N GLU C 4383 1.27 14.75 22.42
CA GLU C 4383 2.17 13.57 22.54
C GLU C 4383 3.40 13.65 21.61
N GLY D 52 -22.16 114.98 -48.05
CA GLY D 52 -21.76 115.31 -46.66
C GLY D 52 -22.97 115.60 -45.77
N VAL D 53 -22.84 116.60 -44.89
CA VAL D 53 -23.91 116.97 -43.94
C VAL D 53 -25.09 117.65 -44.67
N GLU D 54 -26.33 117.33 -44.27
CA GLU D 54 -27.55 117.87 -44.89
C GLU D 54 -28.55 118.43 -43.85
N ILE D 55 -28.47 119.74 -43.63
CA ILE D 55 -29.32 120.43 -42.62
C ILE D 55 -30.79 120.47 -43.08
N GLU D 56 -31.73 120.17 -42.18
CA GLU D 56 -33.18 120.47 -42.37
C GLU D 56 -33.71 121.16 -41.12
N THR D 57 -34.20 122.41 -41.22
CA THR D 57 -34.74 123.14 -40.05
C THR D 57 -36.08 122.50 -39.56
N ILE D 58 -36.19 122.27 -38.24
CA ILE D 58 -37.42 121.76 -37.57
C ILE D 58 -38.17 122.97 -36.95
N SER D 59 -37.51 123.63 -35.98
CA SER D 59 -37.96 124.92 -35.39
C SER D 59 -36.81 125.95 -35.49
N PRO D 60 -37.10 127.19 -36.00
CA PRO D 60 -36.02 128.18 -36.26
C PRO D 60 -35.31 128.74 -34.98
N GLY D 61 -33.99 128.95 -35.08
CA GLY D 61 -33.18 129.58 -34.02
C GLY D 61 -33.09 131.09 -34.22
N ASP D 62 -32.03 131.71 -33.67
CA ASP D 62 -31.75 133.15 -33.88
C ASP D 62 -31.40 133.53 -35.35
N GLY D 63 -30.82 132.57 -36.09
CA GLY D 63 -30.32 132.80 -37.45
C GLY D 63 -29.08 133.68 -37.49
N ARG D 64 -28.26 133.63 -36.43
CA ARG D 64 -27.04 134.49 -36.33
C ARG D 64 -25.82 133.84 -35.63
N THR D 65 -25.87 133.62 -34.32
CA THR D 65 -24.72 133.09 -33.53
C THR D 65 -24.47 131.57 -33.78
N PHE D 66 -23.60 131.27 -34.76
CA PHE D 66 -23.09 129.89 -35.02
C PHE D 66 -22.00 129.50 -33.98
N PRO D 67 -21.78 128.18 -33.73
CA PRO D 67 -20.60 127.72 -32.94
C PRO D 67 -19.20 128.16 -33.50
N LYS D 68 -18.24 128.40 -32.59
CA LYS D 68 -16.88 128.89 -32.93
C LYS D 68 -15.78 127.88 -32.48
N LYS D 69 -14.51 128.23 -32.72
CA LYS D 69 -13.37 127.43 -32.20
C LYS D 69 -13.32 127.49 -30.66
N GLY D 70 -13.21 126.33 -30.00
CA GLY D 70 -13.11 126.23 -28.54
C GLY D 70 -14.39 126.33 -27.70
N GLN D 71 -15.54 126.58 -28.35
CA GLN D 71 -16.84 126.74 -27.63
C GLN D 71 -17.45 125.37 -27.19
N THR D 72 -17.99 125.35 -25.96
CA THR D 72 -18.66 124.15 -25.38
C THR D 72 -20.15 124.11 -25.80
N CYS D 73 -20.46 123.39 -26.89
CA CYS D 73 -21.85 123.15 -27.33
C CYS D 73 -22.63 122.30 -26.31
N VAL D 74 -23.85 122.76 -25.92
CA VAL D 74 -24.74 122.06 -24.97
C VAL D 74 -26.06 121.71 -25.68
N VAL D 75 -26.34 120.41 -25.79
CA VAL D 75 -27.29 119.84 -26.77
C VAL D 75 -28.13 118.67 -26.20
N HIS D 76 -29.46 118.77 -26.31
CA HIS D 76 -30.37 117.60 -26.25
C HIS D 76 -30.44 116.96 -27.66
N TYR D 77 -30.55 115.63 -27.73
CA TYR D 77 -30.57 114.93 -29.03
C TYR D 77 -31.26 113.54 -29.03
N THR D 78 -31.51 113.06 -30.25
CA THR D 78 -31.93 111.67 -30.54
C THR D 78 -31.31 111.24 -31.90
N GLY D 79 -31.01 109.94 -32.04
CA GLY D 79 -30.35 109.37 -33.25
C GLY D 79 -31.04 108.13 -33.82
N MET D 80 -31.30 108.17 -35.14
CA MET D 80 -32.06 107.14 -35.91
C MET D 80 -31.31 106.71 -37.19
N LEU D 81 -31.42 105.43 -37.58
CA LEU D 81 -30.78 104.89 -38.82
C LEU D 81 -31.58 105.25 -40.11
N GLN D 82 -31.04 104.89 -41.28
CA GLN D 82 -31.55 105.32 -42.61
C GLN D 82 -33.06 105.06 -42.84
N ASN D 83 -33.87 105.95 -42.26
CA ASN D 83 -35.34 105.92 -42.34
C ASN D 83 -35.98 104.60 -41.91
N GLY D 84 -36.18 104.44 -40.61
CA GLY D 84 -36.79 103.22 -40.08
C GLY D 84 -36.88 103.11 -38.56
N LYS D 85 -35.76 103.31 -37.86
CA LYS D 85 -35.63 102.92 -36.44
C LYS D 85 -34.55 103.69 -35.64
N LYS D 86 -34.85 103.97 -34.36
CA LYS D 86 -33.97 104.77 -33.46
C LYS D 86 -32.90 103.92 -32.73
N PHE D 87 -31.77 104.54 -32.38
CA PHE D 87 -30.67 103.87 -31.60
C PHE D 87 -30.19 104.60 -30.32
N ASP D 88 -30.32 105.93 -30.21
CA ASP D 88 -29.78 106.66 -29.02
C ASP D 88 -30.45 108.05 -28.85
N SER D 89 -30.54 108.52 -27.59
CA SER D 89 -31.14 109.82 -27.27
C SER D 89 -30.62 110.46 -25.94
N SER D 90 -30.11 111.69 -26.04
CA SER D 90 -29.72 112.49 -24.88
C SER D 90 -30.93 113.05 -24.08
N ARG D 91 -32.03 113.38 -24.76
CA ARG D 91 -33.34 113.71 -24.10
C ARG D 91 -33.86 112.55 -23.21
N ASP D 92 -33.95 111.35 -23.80
CA ASP D 92 -34.37 110.10 -23.10
C ASP D 92 -33.74 109.94 -21.70
N ARG D 93 -32.46 110.29 -21.58
CA ARG D 93 -31.73 110.22 -20.29
C ARG D 93 -31.87 111.49 -19.40
N ASN D 94 -32.60 112.50 -19.86
CA ASN D 94 -32.79 113.81 -19.17
C ASN D 94 -31.53 114.72 -19.03
N LYS D 95 -30.33 114.19 -19.34
CA LYS D 95 -29.07 114.95 -19.25
C LYS D 95 -28.68 115.55 -20.63
N PRO D 96 -28.45 116.89 -20.69
CA PRO D 96 -27.83 117.45 -21.92
C PRO D 96 -26.39 116.93 -22.18
N PHE D 97 -26.03 116.73 -23.45
CA PHE D 97 -24.67 116.31 -23.86
C PHE D 97 -23.77 117.52 -24.20
N LYS D 98 -22.51 117.44 -23.77
CA LYS D 98 -21.51 118.53 -23.94
C LYS D 98 -20.33 118.11 -24.87
N PHE D 99 -20.05 118.92 -25.91
CA PHE D 99 -18.93 118.67 -26.84
C PHE D 99 -18.27 119.97 -27.41
N ARG D 100 -16.94 120.01 -27.38
CA ARG D 100 -16.17 121.11 -27.97
C ARG D 100 -16.14 120.99 -29.51
N ILE D 101 -16.27 122.11 -30.22
CA ILE D 101 -16.15 122.17 -31.70
C ILE D 101 -14.67 122.28 -32.14
N GLY D 102 -14.28 121.47 -33.13
CA GLY D 102 -12.89 121.40 -33.62
C GLY D 102 -11.99 120.34 -32.97
N LYS D 103 -12.29 119.96 -31.72
CA LYS D 103 -11.39 119.07 -30.92
C LYS D 103 -11.62 117.55 -31.14
N GLN D 104 -12.66 117.19 -31.91
CA GLN D 104 -12.97 115.79 -32.31
C GLN D 104 -13.28 114.84 -31.12
N GLU D 105 -14.17 115.29 -30.22
CA GLU D 105 -14.79 114.44 -29.17
C GLU D 105 -15.95 113.53 -29.70
N VAL D 106 -16.50 113.91 -30.87
CA VAL D 106 -17.63 113.21 -31.54
C VAL D 106 -17.28 112.86 -33.01
N ILE D 107 -18.20 112.17 -33.71
CA ILE D 107 -18.08 111.91 -35.17
C ILE D 107 -18.10 113.23 -35.99
N LYS D 108 -17.34 113.26 -37.11
CA LYS D 108 -17.10 114.47 -37.93
C LYS D 108 -18.37 115.18 -38.45
N GLY D 109 -19.34 114.37 -38.91
CA GLY D 109 -20.63 114.88 -39.43
C GLY D 109 -21.50 115.59 -38.38
N PHE D 110 -21.52 115.04 -37.16
CA PHE D 110 -22.22 115.67 -36.01
C PHE D 110 -21.53 116.98 -35.56
N GLU D 111 -20.20 117.02 -35.62
CA GLU D 111 -19.41 118.23 -35.25
C GLU D 111 -19.52 119.39 -36.27
N GLU D 112 -19.72 119.06 -37.55
CA GLU D 112 -19.83 120.06 -38.66
C GLU D 112 -21.27 120.55 -38.91
N GLY D 113 -22.25 119.65 -38.78
CA GLY D 113 -23.69 120.00 -38.82
C GLY D 113 -24.16 120.91 -37.69
N ALA D 114 -23.69 120.62 -36.46
CA ALA D 114 -23.91 121.49 -35.29
C ALA D 114 -23.31 122.88 -35.51
N ALA D 115 -22.07 122.91 -36.02
CA ALA D 115 -21.32 124.16 -36.32
C ALA D 115 -22.02 125.09 -37.34
N GLN D 116 -22.68 124.49 -38.34
CA GLN D 116 -23.43 125.28 -39.36
C GLN D 116 -24.93 125.47 -39.01
N MET D 117 -25.35 125.08 -37.80
CA MET D 117 -26.69 125.38 -37.25
C MET D 117 -26.62 126.57 -36.29
N SER D 118 -27.79 127.16 -35.98
CA SER D 118 -27.90 128.40 -35.15
C SER D 118 -28.27 128.12 -33.66
N LEU D 119 -28.03 129.10 -32.78
CA LEU D 119 -28.39 129.01 -31.35
C LEU D 119 -29.92 129.00 -31.15
N GLY D 120 -30.40 128.07 -30.31
CA GLY D 120 -31.85 127.85 -30.09
C GLY D 120 -32.60 127.08 -31.18
N GLN D 121 -31.88 126.67 -32.24
CA GLN D 121 -32.46 125.91 -33.38
C GLN D 121 -32.64 124.42 -33.03
N ARG D 122 -33.79 123.86 -33.47
CA ARG D 122 -34.00 122.40 -33.59
C ARG D 122 -33.92 122.06 -35.10
N ALA D 123 -33.16 121.02 -35.46
CA ALA D 123 -32.98 120.62 -36.87
C ALA D 123 -32.68 119.12 -37.06
N LYS D 124 -33.06 118.61 -38.24
CA LYS D 124 -32.84 117.20 -38.68
C LYS D 124 -31.60 117.07 -39.60
N LEU D 125 -30.62 116.26 -39.16
CA LEU D 125 -29.31 116.09 -39.84
C LEU D 125 -29.21 114.74 -40.60
N THR D 126 -29.42 114.79 -41.91
CA THR D 126 -29.30 113.62 -42.82
C THR D 126 -27.83 113.46 -43.31
N CYS D 127 -26.93 113.08 -42.40
CA CYS D 127 -25.49 112.93 -42.73
C CYS D 127 -25.18 111.67 -43.56
N THR D 128 -24.35 111.81 -44.61
CA THR D 128 -23.96 110.68 -45.46
C THR D 128 -22.91 109.76 -44.77
N PRO D 129 -22.95 108.42 -45.06
CA PRO D 129 -22.10 107.41 -44.36
C PRO D 129 -20.57 107.68 -44.38
N ASP D 130 -20.05 108.20 -45.50
CA ASP D 130 -18.62 108.55 -45.67
C ASP D 130 -18.12 109.63 -44.68
N VAL D 131 -18.99 110.59 -44.33
CA VAL D 131 -18.68 111.60 -43.30
C VAL D 131 -19.08 111.18 -41.86
N ALA D 132 -19.65 109.97 -41.73
CA ALA D 132 -19.94 109.33 -40.42
C ALA D 132 -19.19 107.97 -40.27
N TYR D 133 -19.83 106.92 -39.73
CA TYR D 133 -19.16 105.63 -39.39
C TYR D 133 -18.82 104.78 -40.66
N GLY D 134 -19.65 104.89 -41.71
CA GLY D 134 -19.33 104.31 -43.03
C GLY D 134 -19.37 102.77 -43.20
N ALA D 135 -18.43 102.25 -44.01
CA ALA D 135 -18.51 100.87 -44.59
C ALA D 135 -18.44 99.73 -43.57
N THR D 136 -17.37 99.69 -42.77
CA THR D 136 -17.29 98.77 -41.61
C THR D 136 -18.26 99.26 -40.49
N GLY D 137 -18.23 100.57 -40.23
CA GLY D 137 -18.99 101.19 -39.13
C GLY D 137 -18.32 100.96 -37.78
N HIS D 138 -18.91 101.51 -36.70
CA HIS D 138 -18.40 101.28 -35.34
C HIS D 138 -18.61 99.80 -34.93
N PRO D 139 -17.50 99.05 -34.60
CA PRO D 139 -17.60 97.59 -34.32
C PRO D 139 -18.60 97.22 -33.21
N GLY D 140 -19.53 96.29 -33.51
CA GLY D 140 -20.58 95.85 -32.57
C GLY D 140 -21.75 96.82 -32.31
N VAL D 141 -21.73 98.01 -32.94
CA VAL D 141 -22.69 99.11 -32.64
C VAL D 141 -23.40 99.61 -33.93
N ILE D 142 -22.66 100.32 -34.80
CA ILE D 142 -23.21 100.94 -36.02
C ILE D 142 -22.98 100.02 -37.26
N PRO D 143 -24.07 99.51 -37.90
CA PRO D 143 -23.94 98.52 -39.00
C PRO D 143 -23.47 99.12 -40.36
N PRO D 144 -22.94 98.26 -41.28
CA PRO D 144 -22.52 98.63 -42.66
C PRO D 144 -23.59 99.34 -43.54
N ASN D 145 -23.17 100.33 -44.35
CA ASN D 145 -24.00 101.06 -45.35
C ASN D 145 -25.26 101.74 -44.78
N ALA D 146 -25.05 102.76 -43.94
CA ALA D 146 -26.13 103.38 -43.15
C ALA D 146 -26.02 104.93 -43.09
N THR D 147 -26.84 105.63 -43.89
CA THR D 147 -27.03 107.10 -43.78
C THR D 147 -27.73 107.42 -42.43
N LEU D 148 -27.19 108.40 -41.68
CA LEU D 148 -27.68 108.76 -40.32
C LEU D 148 -28.69 109.93 -40.33
N ILE D 149 -29.62 109.91 -39.37
CA ILE D 149 -30.70 110.91 -39.21
C ILE D 149 -30.83 111.37 -37.74
N PHE D 150 -30.33 112.57 -37.41
CA PHE D 150 -30.29 113.10 -36.00
C PHE D 150 -31.36 114.20 -35.69
N ASP D 151 -32.00 114.10 -34.52
CA ASP D 151 -32.95 115.13 -34.00
C ASP D 151 -32.20 116.10 -33.02
N VAL D 152 -31.28 116.90 -33.58
CA VAL D 152 -30.39 117.81 -32.78
C VAL D 152 -31.13 119.09 -32.30
N GLU D 153 -30.82 119.55 -31.08
CA GLU D 153 -31.42 120.78 -30.46
C GLU D 153 -30.37 121.59 -29.64
N LEU D 154 -29.88 122.70 -30.20
CA LEU D 154 -28.80 123.51 -29.58
C LEU D 154 -29.31 124.39 -28.39
N LEU D 155 -29.20 123.85 -27.17
CA LEU D 155 -29.66 124.54 -25.93
C LEU D 155 -28.88 125.85 -25.65
N ASN D 156 -27.54 125.75 -25.57
CA ASN D 156 -26.68 126.92 -25.29
C ASN D 156 -25.18 126.74 -25.65
N LEU D 157 -24.60 127.72 -26.35
CA LEU D 157 -23.15 127.79 -26.58
C LEU D 157 -22.46 128.40 -25.34
N GLU D 158 -21.34 127.80 -24.89
CA GLU D 158 -20.52 128.33 -23.77
C GLU D 158 -19.01 128.09 -23.98
N GLU E 10 -7.30 -27.30 -4.22
CA GLU E 10 -6.43 -28.43 -4.68
C GLU E 10 -7.21 -29.39 -5.58
N ILE E 11 -8.34 -29.90 -5.07
CA ILE E 11 -9.22 -30.83 -5.82
C ILE E 11 -10.70 -30.65 -5.43
N GLN E 12 -11.60 -31.07 -6.32
CA GLN E 12 -13.05 -30.99 -6.10
C GLN E 12 -13.69 -32.37 -5.90
N PHE E 13 -14.81 -32.40 -5.18
CA PHE E 13 -15.69 -33.57 -5.10
C PHE E 13 -17.03 -33.23 -5.76
N LEU E 14 -17.92 -34.21 -5.81
CA LEU E 14 -19.29 -34.02 -6.27
C LEU E 14 -20.26 -34.46 -5.17
N ARG E 15 -21.14 -33.56 -4.75
CA ARG E 15 -22.14 -33.83 -3.71
C ARG E 15 -23.45 -34.27 -4.34
N THR E 16 -24.39 -34.72 -3.52
CA THR E 16 -25.74 -35.02 -3.97
C THR E 16 -26.50 -33.71 -4.20
N ASP E 17 -27.48 -33.76 -5.10
CA ASP E 17 -28.24 -32.60 -5.55
C ASP E 17 -27.35 -31.55 -6.25
N ASP E 18 -26.60 -31.99 -7.26
CA ASP E 18 -25.81 -31.09 -8.11
C ASP E 18 -25.85 -31.54 -9.58
N GLU E 19 -25.51 -30.63 -10.48
CA GLU E 19 -25.57 -30.87 -11.92
C GLU E 19 -24.19 -31.17 -12.49
N VAL E 20 -24.08 -32.29 -13.21
CA VAL E 20 -22.83 -32.72 -13.87
C VAL E 20 -23.14 -33.21 -15.30
N VAL E 21 -22.08 -33.44 -16.07
CA VAL E 21 -22.20 -34.01 -17.42
C VAL E 21 -21.26 -35.20 -17.58
N LEU E 22 -21.66 -36.16 -18.42
CA LEU E 22 -20.91 -37.37 -18.69
C LEU E 22 -20.25 -37.27 -20.08
N GLN E 23 -19.07 -36.66 -20.12
CA GLN E 23 -18.29 -36.49 -21.36
C GLN E 23 -17.64 -37.83 -21.74
N CYS E 24 -17.35 -38.02 -23.03
CA CYS E 24 -16.75 -39.28 -23.51
C CYS E 24 -16.08 -39.17 -24.88
N THR E 25 -15.10 -40.04 -25.11
CA THR E 25 -14.40 -40.11 -26.41
C THR E 25 -15.21 -40.92 -27.43
N ALA E 26 -14.89 -40.72 -28.69
CA ALA E 26 -15.53 -41.43 -29.79
C ALA E 26 -14.67 -41.36 -31.05
N THR E 27 -14.72 -42.41 -31.86
CA THR E 27 -13.94 -42.50 -33.09
C THR E 27 -14.80 -42.17 -34.31
N ILE E 28 -14.74 -40.91 -34.74
CA ILE E 28 -15.37 -40.46 -35.98
C ILE E 28 -14.28 -39.78 -36.83
N HIS E 29 -13.85 -40.50 -37.86
CA HIS E 29 -12.80 -40.04 -38.79
C HIS E 29 -11.43 -39.73 -38.13
N LYS E 30 -11.10 -40.48 -37.06
CA LYS E 30 -9.76 -40.48 -36.44
C LYS E 30 -9.27 -39.13 -35.90
N GLU E 31 -9.63 -38.84 -34.65
CA GLU E 31 -9.11 -37.65 -33.94
C GLU E 31 -9.36 -37.71 -32.43
N GLN E 32 -8.51 -37.02 -31.68
CA GLN E 32 -8.74 -36.80 -30.25
C GLN E 32 -9.89 -35.80 -30.09
N GLN E 33 -11.05 -36.31 -29.68
CA GLN E 33 -12.28 -35.51 -29.60
C GLN E 33 -13.21 -36.06 -28.53
N LYS E 34 -14.03 -35.18 -27.95
CA LYS E 34 -14.91 -35.53 -26.82
C LYS E 34 -16.37 -35.15 -27.11
N LEU E 35 -17.26 -36.15 -27.07
CA LEU E 35 -18.71 -35.97 -27.25
C LEU E 35 -19.45 -36.28 -25.93
N CYS E 36 -20.77 -36.10 -25.93
CA CYS E 36 -21.60 -36.33 -24.73
C CYS E 36 -22.90 -37.11 -25.01
N LEU E 37 -23.46 -37.68 -23.95
CA LEU E 37 -24.71 -38.45 -24.01
C LEU E 37 -25.92 -37.51 -24.06
N ALA E 38 -26.83 -37.76 -24.99
CA ALA E 38 -28.07 -36.96 -25.13
C ALA E 38 -29.30 -37.85 -25.29
N ALA E 39 -30.47 -37.25 -25.11
CA ALA E 39 -31.76 -37.95 -25.26
C ALA E 39 -32.92 -36.97 -25.44
N GLU E 40 -33.90 -37.37 -26.24
CA GLU E 40 -35.03 -36.50 -26.62
C GLU E 40 -36.17 -36.60 -25.62
N GLY E 41 -36.81 -35.48 -25.32
CA GLY E 41 -37.96 -35.42 -24.41
C GLY E 41 -39.26 -35.72 -25.12
N PHE E 42 -39.63 -34.83 -26.03
CA PHE E 42 -40.91 -34.90 -26.76
C PHE E 42 -40.67 -35.29 -28.22
N GLY E 43 -40.42 -36.57 -28.46
CA GLY E 43 -40.18 -37.06 -29.82
C GLY E 43 -39.59 -38.45 -29.97
N ASN E 44 -38.71 -38.86 -29.05
CA ASN E 44 -38.12 -40.21 -29.09
C ASN E 44 -37.59 -40.62 -27.71
N ARG E 45 -37.62 -41.92 -27.44
CA ARG E 45 -37.17 -42.46 -26.16
C ARG E 45 -35.65 -42.72 -26.12
N LEU E 46 -35.07 -43.14 -27.25
CA LEU E 46 -33.68 -43.59 -27.29
C LEU E 46 -32.66 -42.46 -27.13
N CYS E 47 -31.43 -42.85 -26.79
CA CYS E 47 -30.31 -41.92 -26.61
C CYS E 47 -29.54 -41.69 -27.91
N PHE E 48 -28.74 -40.63 -27.93
CA PHE E 48 -27.92 -40.26 -29.10
C PHE E 48 -26.79 -39.32 -28.72
N LEU E 49 -25.92 -39.00 -29.68
CA LEU E 49 -24.73 -38.18 -29.46
C LEU E 49 -24.88 -36.74 -29.98
N GLU E 50 -24.16 -35.83 -29.34
CA GLU E 50 -24.06 -34.43 -29.79
C GLU E 50 -22.75 -33.83 -29.27
N SER E 51 -22.06 -33.08 -30.13
CA SER E 51 -20.70 -32.61 -29.82
C SER E 51 -20.69 -31.48 -28.80
N THR E 52 -19.56 -31.35 -28.10
CA THR E 52 -19.38 -30.35 -27.02
C THR E 52 -17.98 -29.72 -27.00
N SER E 53 -16.94 -30.54 -27.04
CA SER E 53 -15.54 -30.08 -27.05
C SER E 53 -15.28 -28.95 -28.04
N ASN E 54 -15.68 -29.16 -29.30
CA ASN E 54 -15.57 -28.13 -30.34
C ASN E 54 -16.67 -27.06 -30.19
N SER E 55 -16.50 -26.18 -29.21
CA SER E 55 -17.50 -25.15 -28.89
C SER E 55 -17.54 -23.99 -29.90
N LYS E 56 -16.45 -23.79 -30.65
CA LYS E 56 -16.35 -22.69 -31.62
C LYS E 56 -17.19 -22.90 -32.89
N ASN E 57 -17.13 -24.10 -33.47
CA ASN E 57 -17.81 -24.40 -34.74
C ASN E 57 -19.27 -24.79 -34.54
N VAL E 58 -19.50 -25.86 -33.78
CA VAL E 58 -20.85 -26.35 -33.44
C VAL E 58 -20.97 -26.32 -31.91
N PRO E 59 -21.53 -25.22 -31.34
CA PRO E 59 -21.67 -25.05 -29.89
C PRO E 59 -22.32 -26.21 -29.12
N PRO E 60 -21.97 -26.39 -27.83
CA PRO E 60 -22.66 -27.40 -27.03
C PRO E 60 -24.07 -26.93 -26.70
N ASP E 61 -25.07 -27.74 -27.09
CA ASP E 61 -26.44 -27.49 -26.69
C ASP E 61 -26.59 -27.88 -25.22
N LEU E 62 -26.18 -26.97 -24.34
CA LEU E 62 -26.10 -27.23 -22.90
C LEU E 62 -27.51 -27.26 -22.29
N SER E 63 -28.16 -28.41 -22.43
CA SER E 63 -29.53 -28.62 -21.92
C SER E 63 -29.89 -30.11 -21.89
N ILE E 64 -29.88 -30.73 -23.07
CA ILE E 64 -30.13 -32.18 -23.20
C ILE E 64 -29.02 -33.04 -22.59
N CYS E 65 -27.79 -32.54 -22.59
CA CYS E 65 -26.62 -33.29 -22.12
C CYS E 65 -26.55 -33.46 -20.59
N THR E 66 -27.07 -32.49 -19.85
CA THR E 66 -26.93 -32.47 -18.38
C THR E 66 -27.80 -33.50 -17.67
N PHE E 67 -27.44 -33.79 -16.43
CA PHE E 67 -28.19 -34.70 -15.55
C PHE E 67 -28.19 -34.17 -14.11
N VAL E 68 -29.30 -34.39 -13.41
CA VAL E 68 -29.49 -33.94 -12.02
C VAL E 68 -29.67 -35.15 -11.11
N LEU E 69 -29.22 -35.03 -9.86
CA LEU E 69 -29.21 -36.13 -8.89
C LEU E 69 -30.30 -36.00 -7.83
N GLU E 70 -31.07 -37.07 -7.61
CA GLU E 70 -32.13 -37.11 -6.60
C GLU E 70 -31.69 -37.93 -5.39
N GLN E 71 -31.36 -39.20 -5.62
CA GLN E 71 -31.00 -40.16 -4.56
C GLN E 71 -29.61 -40.74 -4.84
N SER E 72 -29.13 -41.58 -3.90
CA SER E 72 -27.84 -42.26 -4.04
C SER E 72 -27.79 -43.54 -3.20
N LEU E 73 -27.61 -44.69 -3.87
CA LEU E 73 -27.63 -46.02 -3.23
C LEU E 73 -26.32 -46.79 -3.48
N LEU E 74 -26.22 -47.97 -2.86
CA LEU E 74 -25.11 -48.90 -3.04
C LEU E 74 -25.66 -50.32 -3.26
N VAL E 75 -24.75 -51.30 -3.33
CA VAL E 75 -25.11 -52.74 -3.41
C VAL E 75 -26.11 -53.23 -2.35
N ARG E 76 -26.18 -52.54 -1.22
CA ARG E 76 -27.22 -52.74 -0.19
C ARG E 76 -28.65 -52.89 -0.72
N ALA E 77 -28.99 -52.14 -1.77
CA ALA E 77 -30.29 -52.25 -2.43
C ALA E 77 -30.49 -53.63 -3.08
N LEU E 78 -31.73 -53.96 -3.40
CA LEU E 78 -32.07 -55.28 -3.94
C LEU E 78 -31.49 -55.49 -5.35
N GLY E 107 -30.83 -36.02 -2.10
CA GLY E 107 -29.98 -36.55 -1.03
C GLY E 107 -30.45 -36.12 0.35
N GLY E 108 -29.68 -36.50 1.37
CA GLY E 108 -29.98 -36.15 2.75
C GLY E 108 -29.70 -34.68 3.03
N GLY E 109 -28.42 -34.35 3.21
CA GLY E 109 -27.96 -32.98 3.43
C GLY E 109 -26.73 -32.68 2.61
N HIS E 110 -26.83 -32.91 1.31
CA HIS E 110 -25.73 -32.71 0.34
C HIS E 110 -24.51 -33.59 0.67
N ARG E 111 -24.65 -34.88 0.33
CA ARG E 111 -23.67 -35.92 0.70
C ARG E 111 -22.76 -36.23 -0.50
N THR E 112 -21.46 -36.39 -0.24
CA THR E 112 -20.47 -36.54 -1.30
C THR E 112 -20.53 -37.91 -1.98
N LEU E 113 -20.44 -37.92 -3.31
CA LEU E 113 -20.48 -39.17 -4.10
C LEU E 113 -19.16 -39.91 -4.01
N LEU E 114 -19.25 -41.24 -3.97
CA LEU E 114 -18.09 -42.13 -3.91
C LEU E 114 -18.17 -43.17 -5.03
N TYR E 115 -17.21 -44.09 -5.07
CA TYR E 115 -17.19 -45.18 -6.06
C TYR E 115 -17.91 -46.42 -5.56
N GLY E 116 -18.42 -47.21 -6.49
CA GLY E 116 -19.28 -48.36 -6.19
C GLY E 116 -20.64 -47.91 -5.67
N HIS E 117 -21.20 -46.88 -6.32
CA HIS E 117 -22.40 -46.19 -5.84
C HIS E 117 -23.48 -46.14 -6.90
N ALA E 118 -24.58 -46.86 -6.67
CA ALA E 118 -25.75 -46.82 -7.54
C ALA E 118 -26.42 -45.44 -7.49
N ILE E 119 -26.29 -44.67 -8.58
CA ILE E 119 -26.84 -43.30 -8.66
C ILE E 119 -28.10 -43.22 -9.52
N LEU E 120 -28.95 -42.25 -9.21
CA LEU E 120 -30.24 -42.05 -9.88
C LEU E 120 -30.16 -40.80 -10.76
N LEU E 121 -29.78 -40.99 -12.03
CA LEU E 121 -29.62 -39.88 -12.99
C LEU E 121 -30.97 -39.35 -13.47
N ARG E 122 -31.48 -38.31 -12.80
CA ARG E 122 -32.70 -37.62 -13.23
C ARG E 122 -32.35 -36.65 -14.36
N HIS E 123 -33.14 -36.67 -15.44
CA HIS E 123 -32.93 -35.75 -16.56
C HIS E 123 -33.40 -34.34 -16.17
N SER E 124 -32.64 -33.33 -16.59
CA SER E 124 -32.89 -31.95 -16.18
C SER E 124 -34.13 -31.33 -16.83
N TYR E 125 -34.39 -31.68 -18.09
CA TYR E 125 -35.51 -31.12 -18.85
C TYR E 125 -36.88 -31.61 -18.35
N SER E 126 -37.18 -32.88 -18.58
CA SER E 126 -38.47 -33.48 -18.22
C SER E 126 -38.32 -34.35 -16.97
N GLY E 127 -39.44 -34.89 -16.49
CA GLY E 127 -39.46 -35.75 -15.31
C GLY E 127 -39.02 -37.21 -15.49
N MET E 128 -38.64 -37.59 -16.72
CA MET E 128 -38.23 -38.97 -17.02
C MET E 128 -36.83 -39.28 -16.49
N TYR E 129 -36.69 -40.39 -15.76
CA TYR E 129 -35.38 -40.88 -15.29
C TYR E 129 -34.63 -41.60 -16.42
N LEU E 130 -33.31 -41.76 -16.26
CA LEU E 130 -32.46 -42.47 -17.22
C LEU E 130 -32.28 -43.93 -16.82
N CYS E 131 -33.27 -44.76 -17.19
CA CYS E 131 -33.23 -46.20 -16.91
C CYS E 131 -32.65 -46.96 -18.09
N CYS E 132 -32.22 -48.20 -17.82
CA CYS E 132 -31.78 -49.12 -18.85
C CYS E 132 -33.02 -49.78 -19.47
N LEU E 133 -33.37 -49.38 -20.70
CA LEU E 133 -34.60 -49.84 -21.36
C LEU E 133 -34.53 -51.31 -21.81
N SER E 134 -35.69 -51.87 -22.14
CA SER E 134 -35.83 -53.29 -22.50
C SER E 134 -35.53 -53.57 -23.97
N THR E 135 -36.28 -52.93 -24.87
CA THR E 135 -36.22 -53.21 -26.31
C THR E 135 -34.97 -52.64 -27.00
N SER E 136 -34.75 -53.05 -28.25
CA SER E 136 -33.57 -52.65 -29.04
C SER E 136 -33.88 -52.36 -30.51
N ARG E 137 -33.52 -51.16 -30.96
CA ARG E 137 -33.43 -50.84 -32.40
C ARG E 137 -31.95 -50.55 -32.73
N SER E 138 -31.11 -51.55 -32.45
CA SER E 138 -29.67 -51.51 -32.74
C SER E 138 -29.29 -52.82 -33.44
N SER E 139 -29.22 -52.77 -34.76
CA SER E 139 -29.00 -53.97 -35.58
C SER E 139 -27.60 -54.59 -35.45
N THR E 140 -26.60 -53.77 -35.10
CA THR E 140 -25.21 -54.22 -35.06
C THR E 140 -24.90 -55.12 -33.86
N ASP E 141 -25.18 -54.64 -32.66
CA ASP E 141 -24.73 -55.30 -31.42
C ASP E 141 -25.61 -56.49 -31.03
N LYS E 142 -26.93 -56.29 -31.03
CA LYS E 142 -27.93 -57.32 -30.67
C LYS E 142 -27.92 -57.68 -29.18
N LEU E 143 -26.80 -58.21 -28.70
CA LEU E 143 -26.56 -58.46 -27.26
C LEU E 143 -26.83 -57.21 -26.41
N ALA E 144 -26.30 -56.06 -26.85
CA ALA E 144 -26.44 -54.82 -26.11
C ALA E 144 -27.85 -54.24 -26.19
N PHE E 145 -28.38 -53.79 -25.05
CA PHE E 145 -29.67 -53.10 -24.97
C PHE E 145 -29.47 -51.59 -24.90
N ASP E 146 -30.33 -50.83 -25.57
CA ASP E 146 -30.22 -49.37 -25.66
C ASP E 146 -30.65 -48.67 -24.37
N VAL E 147 -30.13 -47.46 -24.16
CA VAL E 147 -30.50 -46.60 -23.03
C VAL E 147 -31.53 -45.58 -23.51
N GLY E 148 -32.42 -45.17 -22.60
CA GLY E 148 -33.42 -44.16 -22.92
C GLY E 148 -34.15 -43.61 -21.70
N LEU E 149 -35.27 -42.93 -21.94
CA LEU E 149 -36.00 -42.18 -20.92
C LEU E 149 -37.33 -42.86 -20.53
N GLN E 150 -37.54 -43.04 -19.22
CA GLN E 150 -38.81 -43.52 -18.66
C GLN E 150 -38.90 -43.19 -17.16
N GLU E 151 -40.12 -43.00 -16.67
CA GLU E 151 -40.35 -42.56 -15.28
C GLU E 151 -40.40 -43.68 -14.21
N ASP E 152 -40.24 -44.94 -14.61
CA ASP E 152 -40.32 -46.07 -13.68
C ASP E 152 -39.09 -46.16 -12.78
N THR E 153 -39.30 -45.95 -11.48
CA THR E 153 -38.24 -46.11 -10.46
C THR E 153 -38.66 -47.13 -9.39
N THR E 154 -39.44 -48.13 -9.81
CA THR E 154 -39.95 -49.18 -8.91
C THR E 154 -38.87 -50.25 -8.73
N GLY E 155 -38.38 -50.78 -9.85
CA GLY E 155 -37.37 -51.83 -9.84
C GLY E 155 -35.96 -51.32 -9.64
N GLU E 156 -35.01 -51.94 -10.33
CA GLU E 156 -33.58 -51.63 -10.20
C GLU E 156 -32.92 -51.24 -11.54
N ALA E 157 -33.73 -50.93 -12.56
CA ALA E 157 -33.21 -50.50 -13.87
C ALA E 157 -32.75 -49.05 -13.86
N CYS E 158 -33.34 -48.24 -12.98
CA CYS E 158 -32.96 -46.84 -12.81
C CYS E 158 -31.54 -46.62 -12.28
N TRP E 159 -30.99 -47.61 -11.57
CA TRP E 159 -29.66 -47.49 -10.97
C TRP E 159 -28.54 -47.54 -12.01
N TRP E 160 -27.42 -46.91 -11.69
CA TRP E 160 -26.20 -46.93 -12.51
C TRP E 160 -24.97 -46.82 -11.59
N THR E 161 -24.46 -47.97 -11.16
CA THR E 161 -23.34 -48.01 -10.21
C THR E 161 -22.05 -47.44 -10.80
N ILE E 162 -21.51 -46.41 -10.16
CA ILE E 162 -20.31 -45.72 -10.62
C ILE E 162 -19.09 -46.57 -10.28
N HIS E 163 -18.27 -46.86 -11.29
CA HIS E 163 -17.03 -47.61 -11.12
C HIS E 163 -15.88 -46.90 -11.87
N PRO E 164 -14.61 -47.17 -11.47
CA PRO E 164 -13.48 -46.71 -12.29
C PRO E 164 -13.17 -47.63 -13.47
N ALA E 165 -12.09 -47.31 -14.20
CA ALA E 165 -11.61 -48.13 -15.33
C ALA E 165 -10.16 -48.57 -15.09
N SER E 166 -9.26 -47.60 -14.95
CA SER E 166 -7.84 -47.87 -14.69
C SER E 166 -7.59 -48.30 -13.24
N LYS E 167 -6.38 -48.82 -12.99
CA LYS E 167 -6.00 -49.35 -11.68
C LYS E 167 -5.40 -48.25 -10.77
N GLN E 168 -6.27 -47.52 -10.06
CA GLN E 168 -5.84 -46.42 -9.17
C GLN E 168 -6.69 -46.30 -7.89
N ARG E 169 -7.96 -45.90 -8.04
CA ARG E 169 -8.82 -45.55 -6.89
C ARG E 169 -9.45 -46.80 -6.24
N SER E 170 -10.18 -46.59 -5.14
CA SER E 170 -10.85 -47.68 -4.41
C SER E 170 -12.30 -47.32 -4.09
N GLU E 171 -13.07 -48.33 -3.67
CA GLU E 171 -14.46 -48.14 -3.26
C GLU E 171 -14.48 -47.43 -1.91
N GLY E 172 -15.25 -46.35 -1.81
CA GLY E 172 -15.28 -45.50 -0.62
C GLY E 172 -14.68 -44.13 -0.87
N GLU E 173 -13.69 -44.05 -1.75
CA GLU E 173 -13.07 -42.77 -2.11
C GLU E 173 -14.03 -41.90 -2.93
N LYS E 174 -13.87 -40.59 -2.81
CA LYS E 174 -14.81 -39.63 -3.41
C LYS E 174 -14.62 -39.50 -4.92
N VAL E 175 -15.72 -39.18 -5.62
CA VAL E 175 -15.71 -39.06 -7.09
C VAL E 175 -15.11 -37.72 -7.51
N ARG E 176 -14.30 -37.73 -8.56
CA ARG E 176 -13.51 -36.57 -8.98
C ARG E 176 -14.03 -35.91 -10.26
N VAL E 177 -13.51 -34.71 -10.52
CA VAL E 177 -13.81 -33.93 -11.73
C VAL E 177 -12.69 -34.13 -12.76
N GLY E 178 -13.07 -34.23 -14.04
CA GLY E 178 -12.11 -34.42 -15.12
C GLY E 178 -11.84 -35.89 -15.40
N ASP E 179 -11.41 -36.61 -14.37
CA ASP E 179 -11.18 -38.06 -14.46
C ASP E 179 -12.50 -38.82 -14.67
N ASP E 180 -12.38 -40.01 -15.23
CA ASP E 180 -13.52 -40.72 -15.82
C ASP E 180 -14.22 -41.70 -14.88
N LEU E 181 -15.41 -42.14 -15.31
CA LEU E 181 -16.25 -43.09 -14.59
C LEU E 181 -16.73 -44.22 -15.51
N ILE E 182 -17.31 -45.26 -14.91
CA ILE E 182 -17.91 -46.39 -15.63
C ILE E 182 -19.24 -46.73 -14.96
N LEU E 183 -20.36 -46.48 -15.67
CA LEU E 183 -21.70 -46.66 -15.10
C LEU E 183 -22.30 -48.01 -15.50
N VAL E 184 -22.43 -48.91 -14.53
CA VAL E 184 -23.07 -50.22 -14.71
C VAL E 184 -24.39 -50.23 -13.94
N SER E 185 -25.49 -50.54 -14.61
CA SER E 185 -26.80 -50.60 -13.95
C SER E 185 -26.93 -51.89 -13.12
N VAL E 186 -27.75 -51.82 -12.08
CA VAL E 186 -27.88 -52.90 -11.09
C VAL E 186 -28.58 -54.12 -11.70
N SER E 187 -29.72 -53.90 -12.33
CA SER E 187 -30.52 -54.98 -12.93
C SER E 187 -30.15 -55.33 -14.38
N SER E 188 -29.09 -54.72 -14.92
CA SER E 188 -28.63 -55.01 -16.29
C SER E 188 -27.49 -56.03 -16.33
N GLU E 189 -26.47 -55.82 -15.48
CA GLU E 189 -25.17 -56.48 -15.59
C GLU E 189 -24.55 -56.17 -16.95
N ARG E 190 -24.38 -54.87 -17.20
CA ARG E 190 -23.86 -54.36 -18.48
C ARG E 190 -23.11 -53.03 -18.27
N TYR E 191 -22.09 -52.81 -19.09
CA TYR E 191 -21.32 -51.56 -19.07
C TYR E 191 -21.87 -50.57 -20.10
N LEU E 192 -21.70 -49.28 -19.84
CA LEU E 192 -22.16 -48.21 -20.74
C LEU E 192 -21.10 -48.00 -21.82
N HIS E 193 -21.51 -48.08 -23.10
CA HIS E 193 -20.58 -48.10 -24.23
C HIS E 193 -20.99 -47.14 -25.35
N LEU E 194 -19.98 -46.49 -25.94
CA LEU E 194 -20.16 -45.71 -27.17
C LEU E 194 -20.06 -46.70 -28.34
N SER E 195 -21.22 -47.10 -28.85
CA SER E 195 -21.29 -48.15 -29.87
C SER E 195 -20.87 -47.64 -31.24
N TYR E 196 -20.34 -48.54 -32.06
CA TYR E 196 -19.86 -48.24 -33.40
C TYR E 196 -20.72 -49.01 -34.42
N GLY E 197 -22.03 -48.80 -34.31
CA GLY E 197 -23.01 -49.55 -35.12
C GLY E 197 -23.24 -49.01 -36.52
N ASN E 198 -24.35 -49.44 -37.12
CA ASN E 198 -24.70 -49.08 -38.50
C ASN E 198 -25.10 -47.59 -38.64
N GLY E 199 -24.92 -47.06 -39.84
CA GLY E 199 -25.25 -45.67 -40.14
C GLY E 199 -24.30 -44.69 -39.47
N SER E 200 -24.54 -44.44 -38.19
CA SER E 200 -23.70 -43.58 -37.36
C SER E 200 -23.53 -44.18 -35.96
N LEU E 201 -22.73 -43.52 -35.12
CA LEU E 201 -22.52 -43.96 -33.74
C LEU E 201 -23.78 -43.77 -32.90
N HIS E 202 -23.88 -44.56 -31.83
CA HIS E 202 -24.95 -44.40 -30.84
C HIS E 202 -24.55 -45.01 -29.50
N VAL E 203 -25.36 -44.76 -28.48
CA VAL E 203 -25.08 -45.20 -27.11
C VAL E 203 -25.98 -46.38 -26.74
N ASP E 204 -25.36 -47.55 -26.53
CA ASP E 204 -26.06 -48.73 -25.99
C ASP E 204 -25.21 -49.43 -24.93
N ALA E 205 -25.85 -50.30 -24.16
CA ALA E 205 -25.19 -51.00 -23.04
C ALA E 205 -24.47 -52.27 -23.53
N ALA E 206 -23.22 -52.08 -23.98
CA ALA E 206 -22.39 -53.16 -24.52
C ALA E 206 -21.18 -53.42 -23.62
N PHE E 207 -20.63 -54.64 -23.72
CA PHE E 207 -19.54 -55.09 -22.83
C PHE E 207 -18.16 -54.53 -23.17
N GLN E 208 -18.02 -53.88 -24.33
CA GLN E 208 -16.79 -53.17 -24.67
C GLN E 208 -16.70 -51.92 -23.77
N GLN E 209 -15.50 -51.63 -23.27
CA GLN E 209 -15.29 -50.53 -22.31
C GLN E 209 -14.86 -49.24 -22.99
N THR E 210 -15.64 -48.18 -22.77
CA THR E 210 -15.28 -46.81 -23.18
C THR E 210 -15.53 -45.88 -22.00
N LEU E 211 -14.50 -45.15 -21.58
CA LEU E 211 -14.54 -44.35 -20.34
C LEU E 211 -15.34 -43.06 -20.50
N TRP E 212 -15.86 -42.55 -19.37
CA TRP E 212 -16.72 -41.36 -19.34
C TRP E 212 -16.16 -40.24 -18.46
N SER E 213 -15.52 -39.25 -19.09
CA SER E 213 -15.00 -38.06 -18.39
C SER E 213 -16.12 -37.23 -17.76
N VAL E 214 -15.79 -36.46 -16.73
CA VAL E 214 -16.77 -35.71 -15.94
C VAL E 214 -16.44 -34.22 -15.90
N ALA E 215 -17.47 -33.40 -15.79
CA ALA E 215 -17.33 -31.95 -15.61
C ALA E 215 -18.57 -31.41 -14.88
N PRO E 216 -18.39 -30.73 -13.73
CA PRO E 216 -19.54 -30.22 -12.99
C PRO E 216 -20.09 -28.94 -13.63
N ILE E 217 -21.41 -28.90 -13.79
CA ILE E 217 -22.10 -27.77 -14.38
C ILE E 217 -22.20 -26.67 -13.32
N SER E 218 -22.94 -26.95 -12.26
CA SER E 218 -23.10 -26.03 -11.13
C SER E 218 -22.58 -26.67 -9.85
N SER E 219 -22.35 -25.84 -8.84
CA SER E 219 -21.79 -26.29 -7.57
C SER E 219 -22.90 -26.80 -6.64
N GLY E 220 -22.49 -27.30 -5.49
CA GLY E 220 -23.41 -27.69 -4.42
C GLY E 220 -23.84 -26.52 -3.55
N SER E 221 -23.02 -25.47 -3.50
CA SER E 221 -23.26 -24.30 -2.64
C SER E 221 -24.04 -23.18 -3.33
N GLU E 222 -23.60 -22.79 -4.54
CA GLU E 222 -24.19 -21.66 -5.27
C GLU E 222 -25.58 -22.02 -5.84
N ALA E 223 -26.55 -21.11 -5.67
CA ALA E 223 -27.98 -21.38 -5.95
C ALA E 223 -28.70 -20.17 -6.56
N ALA E 224 -30.00 -20.32 -6.82
CA ALA E 224 -30.80 -19.29 -7.52
C ALA E 224 -31.28 -18.15 -6.60
N GLN E 225 -32.53 -18.18 -6.15
CA GLN E 225 -33.20 -17.04 -5.49
C GLN E 225 -33.12 -15.72 -6.30
N GLY E 226 -33.23 -15.82 -7.62
CA GLY E 226 -33.23 -14.65 -8.51
C GLY E 226 -31.88 -14.14 -9.00
N TYR E 227 -30.94 -15.06 -9.26
CA TYR E 227 -29.66 -14.75 -9.97
C TYR E 227 -29.67 -15.21 -11.45
N LEU E 228 -28.92 -14.50 -12.30
CA LEU E 228 -28.60 -14.97 -13.66
C LEU E 228 -27.56 -16.11 -13.60
N ILE E 229 -27.84 -17.21 -14.31
CA ILE E 229 -26.92 -18.36 -14.45
C ILE E 229 -26.95 -18.83 -15.93
N GLY E 230 -25.86 -19.45 -16.40
CA GLY E 230 -25.76 -19.96 -17.79
C GLY E 230 -26.79 -21.05 -18.13
N GLY E 231 -27.29 -21.03 -19.37
CA GLY E 231 -28.34 -21.97 -19.83
C GLY E 231 -29.79 -21.52 -19.57
N ASP E 232 -29.99 -20.50 -18.73
CA ASP E 232 -31.33 -20.04 -18.33
C ASP E 232 -32.02 -19.21 -19.43
N VAL E 233 -33.34 -19.35 -19.54
CA VAL E 233 -34.18 -18.55 -20.46
C VAL E 233 -34.67 -17.28 -19.73
N LEU E 234 -34.70 -16.14 -20.45
CA LEU E 234 -35.20 -14.86 -19.90
C LEU E 234 -35.64 -13.83 -20.98
N ARG E 235 -36.58 -12.96 -20.61
CA ARG E 235 -37.06 -11.83 -21.45
C ARG E 235 -36.10 -10.62 -21.38
N LEU E 236 -35.98 -9.89 -22.49
CA LEU E 236 -35.20 -8.62 -22.60
C LEU E 236 -36.13 -7.38 -22.73
N LEU E 237 -36.59 -6.86 -21.59
CA LEU E 237 -37.43 -5.65 -21.54
C LEU E 237 -36.55 -4.40 -21.39
N HIS E 238 -37.17 -3.22 -21.45
CA HIS E 238 -36.49 -1.95 -21.17
C HIS E 238 -36.86 -1.46 -19.77
N GLY E 239 -35.92 -0.78 -19.12
CA GLY E 239 -36.13 -0.18 -17.81
C GLY E 239 -37.08 1.00 -17.86
N HIS E 240 -36.85 1.88 -18.84
CA HIS E 240 -37.68 3.07 -19.04
C HIS E 240 -38.69 2.86 -20.16
N MET E 241 -38.20 2.64 -21.38
CA MET E 241 -39.04 2.60 -22.60
C MET E 241 -40.21 1.60 -22.58
N ASP E 242 -40.00 0.46 -21.92
CA ASP E 242 -40.97 -0.64 -21.85
C ASP E 242 -41.42 -1.16 -23.25
N GLU E 243 -40.46 -1.27 -24.17
CA GLU E 243 -40.66 -1.96 -25.45
C GLU E 243 -39.67 -3.12 -25.58
N CYS E 244 -40.16 -4.29 -25.97
CA CYS E 244 -39.40 -5.56 -25.86
C CYS E 244 -38.75 -6.01 -27.20
N LEU E 245 -37.58 -6.65 -27.10
CA LEU E 245 -36.84 -7.21 -28.27
C LEU E 245 -37.58 -8.44 -28.85
N THR E 246 -37.66 -8.54 -30.19
CA THR E 246 -38.45 -9.61 -30.86
C THR E 246 -38.11 -9.81 -32.37
N VAL E 247 -38.69 -10.86 -32.96
CA VAL E 247 -38.58 -11.17 -34.40
C VAL E 247 -39.99 -11.31 -35.03
N PRO E 248 -40.09 -11.27 -36.39
CA PRO E 248 -41.39 -11.42 -37.06
C PRO E 248 -42.16 -12.69 -36.68
N SER E 249 -43.48 -12.58 -36.61
CA SER E 249 -44.35 -13.70 -36.24
C SER E 249 -44.44 -14.74 -37.35
N GLY E 250 -44.78 -15.96 -36.97
CA GLY E 250 -44.82 -17.09 -37.90
C GLY E 250 -46.02 -17.07 -38.82
N GLU E 251 -45.90 -16.31 -39.91
CA GLU E 251 -46.87 -16.30 -41.00
C GLU E 251 -46.11 -16.36 -42.33
N HIS E 252 -46.46 -15.55 -43.34
CA HIS E 252 -45.74 -15.52 -44.61
C HIS E 252 -44.34 -14.92 -44.46
N GLY E 253 -43.46 -15.27 -45.38
CA GLY E 253 -42.06 -14.83 -45.35
C GLY E 253 -41.27 -15.60 -44.31
N GLU E 254 -40.85 -16.81 -44.68
CA GLU E 254 -40.08 -17.68 -43.77
C GLU E 254 -38.64 -17.20 -43.56
N GLU E 255 -38.01 -16.64 -44.59
CA GLU E 255 -36.66 -16.08 -44.50
C GLU E 255 -36.64 -14.66 -43.89
N GLN E 256 -37.80 -14.01 -43.85
CA GLN E 256 -37.93 -12.66 -43.26
C GLN E 256 -37.70 -12.64 -41.73
N ARG E 257 -37.93 -13.76 -41.06
CA ARG E 257 -37.77 -13.85 -39.60
C ARG E 257 -36.32 -13.73 -39.09
N ARG E 258 -35.34 -13.91 -39.98
CA ARG E 258 -33.91 -13.76 -39.63
C ARG E 258 -33.53 -12.40 -39.01
N THR E 259 -34.13 -11.31 -39.49
CA THR E 259 -33.85 -9.97 -38.96
C THR E 259 -34.41 -9.76 -37.54
N VAL E 260 -33.81 -8.82 -36.83
CA VAL E 260 -34.14 -8.53 -35.42
C VAL E 260 -34.72 -7.11 -35.32
N HIS E 261 -35.75 -6.92 -34.48
CA HIS E 261 -36.39 -5.60 -34.29
C HIS E 261 -37.06 -5.34 -32.92
N TYR E 262 -37.03 -4.08 -32.49
CA TYR E 262 -37.72 -3.61 -31.28
C TYR E 262 -39.22 -3.48 -31.57
N GLU E 263 -40.07 -3.83 -30.61
CA GLU E 263 -41.53 -3.59 -30.74
C GLU E 263 -42.27 -3.47 -29.38
N GLY E 264 -43.15 -2.47 -29.28
CA GLY E 264 -43.95 -2.21 -28.08
C GLY E 264 -45.28 -2.94 -28.14
N GLY E 265 -45.41 -3.99 -27.32
CA GLY E 265 -46.65 -4.77 -27.26
C GLY E 265 -46.67 -5.78 -26.12
N ALA E 266 -47.47 -6.83 -26.29
CA ALA E 266 -47.61 -7.92 -25.30
C ALA E 266 -46.82 -9.18 -25.69
N VAL E 267 -45.72 -9.00 -26.42
CA VAL E 267 -44.85 -10.11 -26.81
C VAL E 267 -44.07 -10.69 -25.60
N SER E 268 -43.86 -9.86 -24.56
CA SER E 268 -43.20 -10.28 -23.30
C SER E 268 -43.87 -11.48 -22.61
N VAL E 269 -45.20 -11.56 -22.67
CA VAL E 269 -45.97 -12.72 -22.20
C VAL E 269 -46.16 -13.80 -23.30
N HIS E 270 -45.24 -13.86 -24.27
CA HIS E 270 -45.23 -14.86 -25.36
C HIS E 270 -43.81 -15.34 -25.69
N ALA E 271 -43.72 -16.50 -26.34
CA ALA E 271 -42.45 -17.23 -26.56
C ALA E 271 -41.44 -16.55 -27.53
N ARG E 272 -41.95 -15.75 -28.47
CA ARG E 272 -41.11 -14.99 -29.44
C ARG E 272 -40.16 -13.95 -28.75
N SER E 273 -40.60 -13.40 -27.61
CA SER E 273 -39.76 -12.45 -26.82
C SER E 273 -38.53 -13.10 -26.16
N LEU E 274 -38.62 -14.41 -25.87
CA LEU E 274 -37.65 -15.15 -25.03
C LEU E 274 -36.25 -15.34 -25.67
N TRP E 275 -35.20 -15.26 -24.83
CA TRP E 275 -33.79 -15.48 -25.23
C TRP E 275 -33.04 -16.36 -24.20
N ARG E 276 -32.32 -17.38 -24.67
CA ARG E 276 -31.54 -18.32 -23.82
C ARG E 276 -30.01 -18.09 -23.92
N LEU E 277 -29.39 -17.71 -22.79
CA LEU E 277 -27.92 -17.50 -22.70
C LEU E 277 -27.16 -18.85 -22.66
N GLU E 278 -26.02 -18.92 -23.36
CA GLU E 278 -25.15 -20.10 -23.34
C GLU E 278 -23.67 -19.71 -23.39
N THR E 279 -22.91 -20.12 -22.37
CA THR E 279 -21.49 -19.78 -22.25
C THR E 279 -20.60 -20.62 -23.17
N LEU E 280 -19.36 -20.19 -23.35
CA LEU E 280 -18.42 -20.82 -24.27
C LEU E 280 -17.90 -22.15 -23.71
N ARG E 281 -17.31 -22.08 -22.52
CA ARG E 281 -16.72 -23.27 -21.88
C ARG E 281 -17.80 -24.22 -21.37
N VAL E 282 -17.53 -25.52 -21.44
CA VAL E 282 -18.46 -26.56 -21.03
C VAL E 282 -18.43 -26.72 -19.50
N ALA E 283 -17.24 -26.91 -18.96
CA ALA E 283 -17.05 -27.05 -17.51
C ALA E 283 -17.30 -25.72 -16.81
N TRP E 284 -18.09 -25.77 -15.74
CA TRP E 284 -18.56 -24.58 -15.02
C TRP E 284 -19.27 -23.55 -15.91
N SER E 285 -20.17 -24.07 -16.74
CA SER E 285 -21.16 -23.25 -17.45
C SER E 285 -22.34 -22.91 -16.53
N GLY E 286 -22.58 -23.78 -15.55
CA GLY E 286 -23.61 -23.56 -14.51
C GLY E 286 -23.16 -22.70 -13.33
N SER E 287 -21.91 -22.21 -13.36
CA SER E 287 -21.45 -21.16 -12.42
C SER E 287 -22.22 -19.84 -12.66
N HIS E 288 -22.29 -18.99 -11.63
CA HIS E 288 -23.00 -17.70 -11.73
C HIS E 288 -22.39 -16.80 -12.79
N ILE E 289 -23.25 -16.29 -13.68
CA ILE E 289 -22.82 -15.40 -14.76
C ILE E 289 -22.49 -14.05 -14.16
N ARG E 290 -21.46 -13.42 -14.72
CA ARG E 290 -20.93 -12.15 -14.21
C ARG E 290 -20.54 -11.20 -15.37
N TRP E 291 -20.39 -9.92 -15.04
CA TRP E 291 -20.21 -8.86 -16.04
C TRP E 291 -18.82 -8.98 -16.69
N GLY E 292 -18.73 -8.66 -17.99
CA GLY E 292 -17.48 -8.77 -18.75
C GLY E 292 -17.08 -10.20 -19.06
N GLN E 293 -18.07 -11.10 -19.14
CA GLN E 293 -17.87 -12.51 -19.44
C GLN E 293 -18.50 -12.79 -20.81
N PRO E 294 -17.76 -13.47 -21.71
CA PRO E 294 -18.29 -13.75 -23.06
C PRO E 294 -19.38 -14.85 -23.08
N PHE E 295 -20.40 -14.69 -23.93
CA PHE E 295 -21.46 -15.72 -24.11
C PHE E 295 -22.27 -15.63 -25.42
N ARG E 296 -22.82 -16.77 -25.83
CA ARG E 296 -23.74 -16.87 -26.97
C ARG E 296 -25.20 -16.54 -26.53
N LEU E 297 -26.02 -16.01 -27.45
CA LEU E 297 -27.45 -15.73 -27.19
C LEU E 297 -28.39 -16.39 -28.21
N ARG E 298 -28.86 -17.60 -27.89
CA ARG E 298 -29.80 -18.37 -28.74
C ARG E 298 -31.24 -17.79 -28.66
N HIS E 299 -31.95 -17.73 -29.79
CA HIS E 299 -33.43 -17.54 -29.77
C HIS E 299 -34.10 -18.91 -29.59
N VAL E 300 -35.20 -18.98 -28.82
CA VAL E 300 -35.81 -20.28 -28.43
C VAL E 300 -36.78 -20.90 -29.47
N THR E 301 -37.79 -20.14 -29.93
CA THR E 301 -38.85 -20.65 -30.85
C THR E 301 -38.38 -21.04 -32.29
N THR E 302 -37.41 -20.29 -32.83
CA THR E 302 -36.86 -20.55 -34.17
C THR E 302 -35.66 -21.51 -34.16
N GLY E 303 -34.84 -21.43 -33.11
CA GLY E 303 -33.65 -22.27 -32.97
C GLY E 303 -32.46 -21.74 -33.75
N LYS E 304 -32.17 -20.45 -33.58
CA LYS E 304 -31.02 -19.79 -34.21
C LYS E 304 -30.44 -18.71 -33.29
N TYR E 305 -29.12 -18.54 -33.34
CA TYR E 305 -28.41 -17.59 -32.47
C TYR E 305 -28.29 -16.19 -33.09
N LEU E 306 -28.27 -15.16 -32.23
CA LEU E 306 -28.02 -13.76 -32.65
C LEU E 306 -26.57 -13.61 -33.15
N SER E 307 -26.40 -13.03 -34.34
CA SER E 307 -25.10 -12.91 -34.98
C SER E 307 -24.94 -11.56 -35.67
N LEU E 308 -23.92 -10.82 -35.29
CA LEU E 308 -23.51 -9.60 -35.98
C LEU E 308 -22.65 -10.03 -37.18
N MET E 309 -23.19 -9.84 -38.38
CA MET E 309 -22.57 -10.36 -39.62
C MET E 309 -21.47 -9.41 -40.11
N GLU E 310 -20.85 -9.76 -41.25
CA GLU E 310 -19.86 -8.87 -41.90
C GLU E 310 -20.48 -7.58 -42.45
N ASP E 311 -21.74 -7.64 -42.87
CA ASP E 311 -22.49 -6.43 -43.29
C ASP E 311 -22.96 -5.55 -42.11
N LYS E 312 -22.84 -6.05 -40.89
CA LYS E 312 -23.02 -5.27 -39.64
C LYS E 312 -24.50 -4.96 -39.33
N ASN E 313 -25.24 -6.02 -39.04
CA ASN E 313 -26.62 -5.93 -38.58
C ASN E 313 -26.99 -7.17 -37.76
N LEU E 314 -27.98 -7.02 -36.88
CA LEU E 314 -28.43 -8.11 -36.03
C LEU E 314 -29.28 -9.08 -36.86
N LEU E 315 -28.77 -10.31 -37.01
CA LEU E 315 -29.34 -11.29 -37.94
C LEU E 315 -29.14 -12.72 -37.42
N LEU E 316 -30.01 -13.64 -37.88
CA LEU E 316 -29.94 -15.07 -37.51
C LEU E 316 -29.49 -15.92 -38.69
N MET E 317 -28.72 -16.98 -38.40
CA MET E 317 -28.20 -17.91 -39.42
C MET E 317 -28.39 -19.38 -39.00
N ASP E 318 -28.08 -20.30 -39.91
CA ASP E 318 -28.30 -21.75 -39.73
C ASP E 318 -27.28 -22.39 -38.78
N LYS E 319 -27.54 -23.65 -38.44
CA LYS E 319 -26.71 -24.42 -37.49
C LYS E 319 -25.29 -24.71 -37.98
N GLU E 320 -25.13 -24.91 -39.29
CA GLU E 320 -23.85 -25.32 -39.88
C GLU E 320 -23.18 -24.18 -40.66
N LYS E 321 -22.94 -23.05 -39.98
CA LYS E 321 -22.37 -21.84 -40.62
C LYS E 321 -21.48 -20.98 -39.70
N ALA E 322 -22.09 -20.40 -38.66
CA ALA E 322 -21.49 -19.28 -37.91
C ALA E 322 -20.24 -19.61 -37.10
N ASP E 323 -19.58 -18.56 -36.59
CA ASP E 323 -18.37 -18.66 -35.77
C ASP E 323 -18.42 -17.71 -34.56
N VAL E 324 -17.44 -17.83 -33.67
CA VAL E 324 -17.40 -17.05 -32.41
C VAL E 324 -17.11 -15.56 -32.65
N LYS E 325 -16.31 -15.26 -33.67
CA LYS E 325 -15.99 -13.87 -34.03
C LYS E 325 -17.24 -13.02 -34.34
N SER E 326 -18.23 -13.64 -34.96
CA SER E 326 -19.50 -12.99 -35.31
C SER E 326 -20.59 -13.07 -34.23
N THR E 327 -20.50 -14.06 -33.33
CA THR E 327 -21.56 -14.36 -32.35
C THR E 327 -21.20 -14.12 -30.88
N ALA E 328 -20.08 -13.44 -30.60
CA ALA E 328 -19.65 -13.18 -29.22
C ALA E 328 -20.45 -12.02 -28.61
N PHE E 329 -20.92 -12.19 -27.37
CA PHE E 329 -21.70 -11.15 -26.66
C PHE E 329 -21.41 -11.14 -25.13
N THR E 330 -21.65 -9.99 -24.49
CA THR E 330 -21.35 -9.76 -23.05
C THR E 330 -22.21 -8.62 -22.43
N PHE E 331 -22.67 -8.83 -21.18
CA PHE E 331 -23.36 -7.78 -20.39
C PHE E 331 -22.34 -6.76 -19.82
N ARG E 332 -22.77 -5.49 -19.73
CA ARG E 332 -21.95 -4.38 -19.16
C ARG E 332 -22.81 -3.52 -18.21
N SER E 333 -22.24 -3.13 -17.06
CA SER E 333 -22.96 -2.33 -16.03
C SER E 333 -23.17 -0.84 -16.43
N SER E 334 -22.20 -0.29 -17.19
CA SER E 334 -22.22 1.11 -17.66
C SER E 334 -21.39 1.26 -18.97
N LYS E 335 -20.98 2.48 -19.32
CA LYS E 335 -20.11 2.72 -20.48
C LYS E 335 -18.67 3.08 -20.05
N GLU E 336 -18.04 2.17 -19.31
CA GLU E 336 -16.60 2.17 -19.04
C GLU E 336 -15.97 1.07 -19.93
N LYS E 337 -14.65 1.04 -20.05
CA LYS E 337 -13.95 0.16 -21.02
C LYS E 337 -13.48 -1.19 -20.43
N LEU E 338 -13.07 -2.10 -21.32
CA LEU E 338 -12.60 -3.46 -20.95
C LEU E 338 -11.07 -3.64 -20.89
N ASP E 339 -10.30 -2.68 -21.41
CA ASP E 339 -8.84 -2.87 -21.62
C ASP E 339 -8.02 -2.95 -20.31
N GLY E 340 -7.06 -3.87 -20.28
CA GLY E 340 -6.18 -4.07 -19.11
C GLY E 340 -5.46 -5.41 -19.10
N GLY E 341 -6.08 -6.41 -18.48
CA GLY E 341 -5.50 -7.76 -18.35
C GLY E 341 -6.54 -8.82 -17.95
N VAL E 342 -6.74 -8.98 -16.65
CA VAL E 342 -7.73 -9.92 -16.09
C VAL E 342 -8.32 -9.42 -14.74
N ARG E 343 -9.44 -8.70 -14.79
CA ARG E 343 -10.13 -8.14 -13.59
C ARG E 343 -11.65 -8.43 -13.64
N LYS E 344 -12.28 -8.54 -12.46
CA LYS E 344 -13.73 -8.76 -12.32
C LYS E 344 -14.52 -7.43 -12.39
N GLU E 345 -15.75 -7.50 -12.88
CA GLU E 345 -16.59 -6.32 -13.16
C GLU E 345 -17.83 -6.27 -12.25
N VAL E 346 -18.32 -5.06 -11.95
CA VAL E 346 -19.36 -4.84 -10.93
C VAL E 346 -20.26 -3.61 -11.22
N ASP E 347 -21.51 -3.66 -10.75
CA ASP E 347 -22.50 -2.57 -10.92
C ASP E 347 -22.69 -1.74 -9.63
N GLY E 348 -23.60 -0.77 -9.67
CA GLY E 348 -23.78 0.21 -8.58
C GLY E 348 -24.89 -0.08 -7.56
N MET E 349 -24.77 -1.21 -6.86
CA MET E 349 -25.58 -1.49 -5.66
C MET E 349 -24.73 -2.21 -4.60
N GLY E 350 -24.27 -3.42 -4.90
CA GLY E 350 -23.34 -4.15 -4.03
C GLY E 350 -23.47 -5.67 -4.06
N THR E 351 -23.21 -6.27 -5.22
CA THR E 351 -23.19 -7.75 -5.37
C THR E 351 -22.35 -8.18 -6.59
N SER E 352 -21.60 -9.28 -6.45
CA SER E 352 -20.74 -9.81 -7.52
C SER E 352 -21.54 -10.49 -8.65
N GLU E 353 -22.47 -11.37 -8.27
CA GLU E 353 -23.25 -12.17 -9.23
C GLU E 353 -24.49 -11.39 -9.72
N ILE E 354 -24.88 -11.64 -10.98
CA ILE E 354 -25.94 -10.84 -11.68
C ILE E 354 -27.39 -11.14 -11.20
N LYS E 355 -27.92 -10.25 -10.35
CA LYS E 355 -29.29 -10.37 -9.75
C LYS E 355 -30.30 -9.58 -10.61
N TYR E 356 -31.49 -10.15 -10.85
CA TYR E 356 -32.58 -9.44 -11.57
C TYR E 356 -33.13 -8.31 -10.65
N GLY E 357 -33.24 -7.06 -11.16
CA GLY E 357 -33.81 -5.93 -10.40
C GLY E 357 -33.12 -4.57 -10.58
N ASP E 358 -32.36 -4.15 -9.55
CA ASP E 358 -31.69 -2.81 -9.54
C ASP E 358 -30.52 -2.63 -10.54
N SER E 359 -29.93 -3.75 -11.01
CA SER E 359 -28.76 -3.75 -11.92
C SER E 359 -29.11 -3.40 -13.38
N ILE E 360 -28.63 -2.24 -13.85
CA ILE E 360 -28.81 -1.78 -15.24
C ILE E 360 -27.85 -2.54 -16.20
N CYS E 361 -28.39 -3.11 -17.29
CA CYS E 361 -27.60 -3.90 -18.28
C CYS E 361 -27.29 -3.14 -19.59
N TYR E 362 -26.15 -3.48 -20.21
CA TYR E 362 -25.75 -3.00 -21.56
C TYR E 362 -25.04 -4.12 -22.38
N ILE E 363 -25.60 -4.46 -23.55
CA ILE E 363 -25.02 -5.53 -24.42
C ILE E 363 -23.82 -4.97 -25.22
N GLN E 364 -22.73 -5.76 -25.33
CA GLN E 364 -21.49 -5.35 -26.06
C GLN E 364 -20.70 -6.54 -26.68
N HIS E 365 -20.31 -6.41 -27.95
CA HIS E 365 -19.42 -7.40 -28.62
C HIS E 365 -17.99 -7.35 -28.02
N VAL E 366 -17.34 -8.51 -27.84
CA VAL E 366 -16.02 -8.61 -27.17
C VAL E 366 -14.89 -8.17 -28.11
N ASP E 367 -14.82 -8.82 -29.27
CA ASP E 367 -13.74 -8.60 -30.25
C ASP E 367 -13.61 -7.15 -30.71
N THR E 368 -14.68 -6.63 -31.31
CA THR E 368 -14.70 -5.27 -31.85
C THR E 368 -14.82 -4.21 -30.77
N GLY E 369 -15.78 -4.40 -29.86
CA GLY E 369 -16.07 -3.43 -28.80
C GLY E 369 -17.12 -2.43 -29.24
N LEU E 370 -18.22 -2.94 -29.78
CA LEU E 370 -19.33 -2.12 -30.30
C LEU E 370 -20.63 -2.36 -29.49
N TRP E 371 -21.35 -1.27 -29.19
CA TRP E 371 -22.59 -1.32 -28.38
C TRP E 371 -23.83 -1.66 -29.24
N LEU E 372 -24.80 -2.38 -28.65
CA LEU E 372 -26.08 -2.70 -29.34
C LEU E 372 -27.02 -1.48 -29.27
N THR E 373 -27.68 -1.17 -30.40
CA THR E 373 -28.37 0.12 -30.57
C THR E 373 -29.59 -0.01 -31.49
N TYR E 374 -30.45 1.01 -31.50
CA TYR E 374 -31.56 1.12 -32.45
C TYR E 374 -31.25 2.17 -33.53
N GLN E 375 -32.09 2.21 -34.57
CA GLN E 375 -31.99 3.20 -35.64
C GLN E 375 -33.22 4.12 -35.64
N SER E 376 -32.96 5.43 -35.71
CA SER E 376 -34.04 6.43 -35.69
C SER E 376 -34.87 6.37 -36.96
N VAL E 377 -35.86 5.48 -36.97
CA VAL E 377 -36.75 5.28 -38.11
C VAL E 377 -37.76 6.43 -38.24
N ASP E 378 -38.14 6.73 -39.48
CA ASP E 378 -39.12 7.78 -39.79
C ASP E 378 -40.24 7.22 -40.66
N ILE E 387 -44.53 2.41 -32.73
CA ILE E 387 -44.87 1.07 -32.22
C ILE E 387 -43.74 0.05 -32.42
N GLN E 388 -43.02 0.17 -33.55
CA GLN E 388 -41.95 -0.75 -33.92
C GLN E 388 -40.74 0.03 -34.44
N ARG E 389 -39.54 -0.41 -34.07
CA ARG E 389 -38.28 0.25 -34.43
C ARG E 389 -37.21 -0.75 -34.85
N LYS E 390 -36.24 -0.27 -35.65
CA LYS E 390 -35.18 -1.13 -36.22
C LYS E 390 -34.00 -1.34 -35.28
N ALA E 391 -33.24 -2.40 -35.55
CA ALA E 391 -32.08 -2.80 -34.75
C ALA E 391 -30.79 -2.73 -35.57
N ILE E 392 -29.73 -2.17 -34.98
CA ILE E 392 -28.44 -2.01 -35.66
C ILE E 392 -27.32 -1.76 -34.64
N MET E 393 -26.15 -2.38 -34.87
CA MET E 393 -25.02 -2.26 -33.96
C MET E 393 -24.29 -0.93 -34.23
N HIS E 394 -24.32 -0.02 -33.25
CA HIS E 394 -23.77 1.34 -33.40
C HIS E 394 -22.65 1.59 -32.38
N HIS E 395 -21.60 2.28 -32.82
CA HIS E 395 -20.37 2.41 -32.03
C HIS E 395 -20.50 3.28 -30.76
N GLU E 396 -21.33 4.32 -30.82
CA GLU E 396 -21.48 5.27 -29.71
C GLU E 396 -22.66 4.96 -28.78
N GLY E 397 -23.79 4.56 -29.37
CA GLY E 397 -24.99 4.23 -28.59
C GLY E 397 -25.74 5.46 -28.11
N HIS E 398 -26.71 5.23 -27.21
CA HIS E 398 -27.55 6.27 -26.62
C HIS E 398 -27.54 6.17 -25.09
N MET E 399 -27.96 7.25 -24.41
CA MET E 399 -28.02 7.33 -22.92
C MET E 399 -28.99 6.31 -22.27
N ASP E 400 -30.10 6.02 -22.97
CA ASP E 400 -31.13 5.06 -22.48
C ASP E 400 -30.91 3.61 -22.98
N ASP E 401 -29.66 3.27 -23.34
CA ASP E 401 -29.24 1.87 -23.61
C ASP E 401 -29.29 0.95 -22.36
N GLY E 402 -29.50 1.54 -21.17
CA GLY E 402 -29.88 0.80 -19.96
C GLY E 402 -31.08 -0.13 -20.17
N LEU E 403 -30.94 -1.38 -19.74
CA LEU E 403 -31.87 -2.50 -20.04
C LEU E 403 -32.34 -3.21 -18.76
N ASN E 404 -33.54 -3.83 -18.84
CA ASN E 404 -34.18 -4.52 -17.72
C ASN E 404 -34.54 -5.98 -18.08
N LEU E 405 -33.74 -6.94 -17.59
CA LEU E 405 -33.98 -8.38 -17.81
C LEU E 405 -35.06 -8.91 -16.82
N SER E 406 -35.85 -9.89 -17.27
CA SER E 406 -36.88 -10.56 -16.43
C SER E 406 -36.78 -12.09 -16.52
N ARG E 407 -36.79 -12.78 -15.38
CA ARG E 407 -36.64 -14.25 -15.30
C ARG E 407 -37.82 -15.04 -15.95
N SER E 408 -37.49 -15.98 -16.85
CA SER E 408 -38.48 -16.90 -17.46
C SER E 408 -38.66 -18.18 -16.62
N GLN E 409 -39.74 -18.91 -16.91
CA GLN E 409 -40.28 -19.93 -16.00
C GLN E 409 -39.76 -21.35 -16.30
N HIS E 410 -40.08 -22.26 -15.39
CA HIS E 410 -39.75 -23.69 -15.53
C HIS E 410 -40.61 -24.36 -16.60
N GLU E 411 -41.93 -24.25 -16.45
CA GLU E 411 -42.89 -24.91 -17.35
C GLU E 411 -43.00 -24.21 -18.70
N GLU E 412 -42.87 -22.88 -18.73
CA GLU E 412 -42.82 -22.10 -19.99
C GLU E 412 -41.66 -22.54 -20.87
N SER E 413 -40.49 -22.75 -20.26
CA SER E 413 -39.30 -23.26 -20.97
C SER E 413 -39.48 -24.70 -21.50
N ARG E 414 -40.19 -25.54 -20.75
CA ARG E 414 -40.59 -26.88 -21.22
C ARG E 414 -41.53 -26.80 -22.44
N THR E 415 -42.48 -25.86 -22.41
CA THR E 415 -43.41 -25.63 -23.53
C THR E 415 -42.72 -25.10 -24.80
N ALA E 416 -41.64 -24.31 -24.62
CA ALA E 416 -40.84 -23.75 -25.74
C ALA E 416 -39.90 -24.79 -26.42
N ARG E 417 -39.25 -25.65 -25.62
CA ARG E 417 -38.49 -26.81 -26.15
C ARG E 417 -39.41 -27.75 -26.95
N VAL E 418 -40.65 -27.93 -26.48
CA VAL E 418 -41.70 -28.65 -27.25
C VAL E 418 -42.05 -27.92 -28.56
N ILE E 419 -42.05 -26.58 -28.58
CA ILE E 419 -42.22 -25.80 -29.85
C ILE E 419 -41.06 -26.13 -30.83
N ARG E 420 -39.85 -26.27 -30.29
CA ARG E 420 -38.65 -26.56 -31.09
C ARG E 420 -38.59 -28.02 -31.52
N SER E 421 -39.00 -28.92 -30.60
CA SER E 421 -39.04 -30.36 -30.89
C SER E 421 -40.12 -30.72 -31.90
N THR E 422 -41.25 -30.00 -31.86
CA THR E 422 -42.33 -30.19 -32.83
C THR E 422 -41.91 -29.64 -34.21
N VAL E 423 -41.53 -28.36 -34.28
CA VAL E 423 -41.30 -27.69 -35.59
C VAL E 423 -40.25 -28.39 -36.47
N PHE E 424 -39.07 -28.67 -35.92
CA PHE E 424 -37.98 -29.29 -36.70
C PHE E 424 -38.35 -30.70 -37.17
N LEU E 425 -38.94 -31.47 -36.27
CA LEU E 425 -39.39 -32.83 -36.58
C LEU E 425 -40.58 -32.83 -37.55
N PHE E 426 -41.51 -31.90 -37.35
CA PHE E 426 -42.69 -31.76 -38.23
C PHE E 426 -42.31 -31.19 -39.59
N ASN E 427 -41.37 -30.24 -39.62
CA ASN E 427 -40.81 -29.73 -40.88
C ASN E 427 -40.00 -30.81 -41.62
N ARG E 428 -39.29 -31.65 -40.87
CA ARG E 428 -38.63 -32.83 -41.45
C ARG E 428 -39.65 -33.86 -41.96
N PHE E 429 -40.78 -33.98 -41.27
CA PHE E 429 -41.91 -34.80 -41.76
C PHE E 429 -42.61 -34.17 -42.98
N ILE E 430 -42.72 -32.85 -42.99
CA ILE E 430 -43.27 -32.10 -44.15
C ILE E 430 -42.31 -32.20 -45.35
N ARG E 431 -41.01 -32.05 -45.11
CA ARG E 431 -39.99 -32.21 -46.15
C ARG E 431 -39.90 -33.67 -46.64
N GLY E 432 -40.20 -34.62 -45.76
CA GLY E 432 -40.31 -36.03 -46.13
C GLY E 432 -41.40 -36.30 -47.16
N LEU E 433 -42.64 -36.01 -46.80
CA LEU E 433 -43.80 -36.22 -47.70
C LEU E 433 -43.77 -35.38 -48.99
N ASP E 434 -43.06 -34.25 -48.97
CA ASP E 434 -42.83 -33.44 -50.18
C ASP E 434 -41.95 -34.19 -51.18
N ALA E 435 -40.86 -34.78 -50.71
CA ALA E 435 -39.97 -35.62 -51.53
C ALA E 435 -40.65 -36.91 -51.98
N LEU E 436 -41.55 -37.45 -51.14
CA LEU E 436 -42.35 -38.62 -51.49
C LEU E 436 -43.38 -38.31 -52.57
N SER E 437 -44.03 -37.14 -52.47
CA SER E 437 -44.94 -36.66 -53.52
C SER E 437 -44.23 -36.31 -54.83
N LYS E 438 -42.96 -35.89 -54.73
CA LYS E 438 -42.10 -35.66 -55.91
C LYS E 438 -41.73 -36.94 -56.70
N LYS E 439 -41.91 -38.12 -56.08
CA LYS E 439 -41.61 -39.43 -56.68
C LYS E 439 -40.10 -39.64 -56.90
N ALA E 440 -39.46 -40.26 -55.91
CA ALA E 440 -38.04 -40.61 -55.95
C ALA E 440 -37.84 -41.99 -55.31
N LYS E 441 -36.60 -42.32 -54.93
CA LYS E 441 -36.31 -43.58 -54.23
C LYS E 441 -36.88 -43.53 -52.80
N ALA E 442 -37.38 -44.68 -52.33
CA ALA E 442 -38.12 -44.75 -51.06
C ALA E 442 -37.23 -44.72 -49.81
N SER E 443 -36.10 -45.41 -49.86
CA SER E 443 -35.20 -45.56 -48.70
C SER E 443 -34.42 -44.28 -48.34
N SER E 444 -34.04 -43.49 -49.34
CA SER E 444 -33.17 -42.32 -49.13
C SER E 444 -33.84 -41.10 -48.45
N VAL E 445 -35.17 -41.06 -48.45
CA VAL E 445 -35.93 -39.92 -47.90
C VAL E 445 -35.91 -39.94 -46.36
N ASP E 446 -35.68 -38.77 -45.76
CA ASP E 446 -35.73 -38.61 -44.30
C ASP E 446 -37.20 -38.64 -43.85
N LEU E 447 -37.63 -39.82 -43.43
CA LEU E 447 -39.02 -40.07 -43.03
C LEU E 447 -39.03 -40.81 -41.69
N PRO E 448 -38.72 -40.09 -40.59
CA PRO E 448 -38.68 -40.71 -39.27
C PRO E 448 -40.08 -40.93 -38.70
N ILE E 449 -40.68 -42.06 -39.06
CA ILE E 449 -42.06 -42.38 -38.67
C ILE E 449 -42.14 -42.73 -37.19
N GLU E 450 -41.14 -43.47 -36.69
CA GLU E 450 -41.03 -43.79 -35.27
C GLU E 450 -40.89 -42.53 -34.38
N SER E 451 -40.19 -41.52 -34.89
CA SER E 451 -40.07 -40.22 -34.20
C SER E 451 -41.37 -39.42 -34.28
N VAL E 452 -41.98 -39.39 -35.47
CA VAL E 452 -43.24 -38.66 -35.69
C VAL E 452 -44.41 -39.29 -34.92
N SER E 453 -44.43 -40.62 -34.85
CA SER E 453 -45.43 -41.34 -34.05
C SER E 453 -45.33 -40.96 -32.57
N LEU E 454 -44.12 -40.98 -32.03
CA LEU E 454 -43.86 -40.58 -30.64
C LEU E 454 -43.99 -39.07 -30.41
N SER E 455 -43.58 -38.25 -31.39
CA SER E 455 -43.73 -36.79 -31.31
C SER E 455 -45.19 -36.37 -31.16
N LEU E 456 -46.06 -36.99 -31.95
CA LEU E 456 -47.51 -36.80 -31.84
C LEU E 456 -48.09 -37.46 -30.58
N GLN E 457 -47.53 -38.60 -30.19
CA GLN E 457 -47.88 -39.27 -28.91
C GLN E 457 -47.58 -38.36 -27.70
N ASP E 458 -46.45 -37.66 -27.76
CA ASP E 458 -46.04 -36.73 -26.69
C ASP E 458 -46.88 -35.43 -26.66
N LEU E 459 -47.33 -34.96 -27.82
CA LEU E 459 -48.12 -33.72 -27.92
C LEU E 459 -49.57 -33.82 -27.39
N ILE E 460 -50.11 -35.04 -27.28
CA ILE E 460 -51.49 -35.24 -26.80
C ILE E 460 -51.63 -34.92 -25.31
N GLY E 461 -50.75 -35.51 -24.50
CA GLY E 461 -50.78 -35.34 -23.03
C GLY E 461 -50.61 -33.91 -22.55
N TYR E 462 -49.90 -33.09 -23.32
CA TYR E 462 -49.71 -31.66 -23.01
C TYR E 462 -51.04 -30.91 -23.10
N PHE E 463 -51.86 -31.24 -24.10
CA PHE E 463 -53.17 -30.63 -24.31
C PHE E 463 -54.37 -31.50 -23.91
N HIS E 464 -54.10 -32.73 -23.47
CA HIS E 464 -55.13 -33.59 -22.87
C HIS E 464 -55.59 -32.95 -21.57
N PRO E 465 -56.92 -32.83 -21.36
CA PRO E 465 -57.39 -32.18 -20.14
C PRO E 465 -57.10 -33.00 -18.86
N PRO E 466 -56.92 -32.32 -17.71
CA PRO E 466 -56.57 -32.99 -16.44
C PRO E 466 -57.59 -34.00 -15.91
N ASP E 467 -58.86 -33.81 -16.26
CA ASP E 467 -60.00 -34.63 -15.80
C ASP E 467 -60.50 -34.19 -14.38
N GLU E 468 -61.82 -34.04 -14.25
CA GLU E 468 -62.44 -33.33 -13.11
C GLU E 468 -62.38 -34.06 -11.75
N HIS E 469 -62.14 -35.38 -11.76
CA HIS E 469 -62.04 -36.19 -10.51
C HIS E 469 -60.80 -35.86 -9.62
N LEU E 470 -59.76 -35.24 -10.19
CA LEU E 470 -58.62 -34.69 -9.41
C LEU E 470 -59.09 -33.53 -8.48
N GLU E 471 -58.40 -33.36 -7.35
CA GLU E 471 -58.82 -32.44 -6.25
C GLU E 471 -58.78 -30.94 -6.66
N HIS E 472 -59.70 -30.15 -6.07
CA HIS E 472 -60.07 -28.77 -6.51
C HIS E 472 -59.07 -27.95 -7.35
N GLU E 473 -57.95 -27.51 -6.75
CA GLU E 473 -57.07 -26.51 -7.40
C GLU E 473 -56.14 -27.11 -8.47
N ASP E 474 -55.57 -28.29 -8.19
CA ASP E 474 -54.77 -29.08 -9.16
C ASP E 474 -55.47 -29.33 -10.52
N LYS E 475 -56.81 -29.38 -10.51
CA LYS E 475 -57.64 -29.42 -11.74
C LYS E 475 -57.52 -28.14 -12.61
N GLN E 476 -57.43 -26.97 -11.96
CA GLN E 476 -57.31 -25.67 -12.65
C GLN E 476 -55.97 -25.46 -13.35
N ASN E 477 -54.87 -25.91 -12.72
CA ASN E 477 -53.51 -25.64 -13.22
C ASN E 477 -53.27 -26.19 -14.63
N ARG E 478 -53.64 -27.45 -14.85
CA ARG E 478 -53.53 -28.06 -16.20
C ARG E 478 -54.53 -27.46 -17.19
N LEU E 479 -55.68 -26.99 -16.70
CA LEU E 479 -56.65 -26.28 -17.56
C LEU E 479 -56.16 -24.89 -17.97
N ARG E 480 -55.62 -24.14 -17.01
CA ARG E 480 -54.98 -22.84 -17.31
C ARG E 480 -53.69 -23.02 -18.11
N ALA E 481 -53.02 -24.16 -17.93
CA ALA E 481 -51.92 -24.56 -18.82
C ALA E 481 -52.46 -24.87 -20.20
N LEU E 482 -53.53 -25.68 -20.28
CA LEU E 482 -54.24 -25.95 -21.53
C LEU E 482 -54.78 -24.66 -22.19
N LYS E 483 -55.15 -23.68 -21.35
CA LYS E 483 -55.56 -22.35 -21.81
C LYS E 483 -54.38 -21.53 -22.33
N ASN E 484 -53.23 -21.62 -21.65
CA ASN E 484 -52.03 -20.83 -22.00
C ASN E 484 -51.08 -21.51 -23.00
N ARG E 485 -51.06 -22.83 -23.04
CA ARG E 485 -50.25 -23.58 -24.01
C ARG E 485 -50.71 -23.31 -25.44
N GLN E 486 -52.03 -23.32 -25.63
CA GLN E 486 -52.63 -22.99 -26.94
C GLN E 486 -52.41 -21.54 -27.40
N ASN E 487 -52.21 -20.62 -26.47
CA ASN E 487 -51.81 -19.24 -26.80
C ASN E 487 -50.38 -19.18 -27.37
N LEU E 488 -49.49 -20.00 -26.83
CA LEU E 488 -48.08 -20.05 -27.29
C LEU E 488 -47.90 -20.75 -28.66
N PHE E 489 -48.80 -21.68 -29.00
CA PHE E 489 -48.76 -22.40 -30.30
C PHE E 489 -49.27 -21.54 -31.49
N GLN E 490 -50.11 -20.53 -31.22
CA GLN E 490 -50.61 -19.62 -32.27
C GLN E 490 -49.68 -18.45 -32.55
N GLU E 491 -48.88 -18.04 -31.55
CA GLU E 491 -47.82 -17.04 -31.74
C GLU E 491 -46.79 -17.47 -32.80
N GLU E 492 -46.42 -18.75 -32.76
CA GLU E 492 -45.46 -19.32 -33.70
C GLU E 492 -46.15 -19.90 -34.95
N GLY E 493 -47.42 -20.26 -34.84
CA GLY E 493 -48.22 -20.71 -35.97
C GLY E 493 -48.22 -22.20 -36.17
N MET E 494 -48.49 -22.95 -35.10
CA MET E 494 -48.59 -24.41 -35.14
C MET E 494 -49.96 -24.87 -35.66
N ILE E 495 -50.95 -23.97 -35.63
CA ILE E 495 -52.29 -24.23 -36.17
C ILE E 495 -52.24 -24.28 -37.70
N ASN E 496 -51.51 -23.33 -38.29
CA ASN E 496 -51.30 -23.29 -39.75
C ASN E 496 -50.25 -24.31 -40.22
N LEU E 497 -49.32 -24.69 -39.34
CA LEU E 497 -48.29 -25.70 -39.65
C LEU E 497 -48.90 -27.08 -39.89
N VAL E 498 -49.72 -27.53 -38.94
CA VAL E 498 -50.35 -28.85 -39.01
C VAL E 498 -51.41 -28.97 -40.12
N LEU E 499 -52.03 -27.84 -40.49
CA LEU E 499 -52.95 -27.78 -41.64
C LEU E 499 -52.31 -28.28 -42.94
N GLU E 500 -51.05 -27.90 -43.16
CA GLU E 500 -50.29 -28.35 -44.32
C GLU E 500 -49.94 -29.83 -44.24
N CYS E 501 -49.50 -30.29 -43.07
CA CYS E 501 -49.16 -31.69 -42.82
C CYS E 501 -50.29 -32.67 -43.18
N ILE E 502 -51.53 -32.27 -42.88
CA ILE E 502 -52.70 -33.09 -43.16
C ILE E 502 -53.03 -33.08 -44.66
N ASP E 503 -52.87 -31.93 -45.30
CA ASP E 503 -53.07 -31.80 -46.76
C ASP E 503 -52.06 -32.64 -47.55
N ARG E 504 -50.82 -32.70 -47.08
CA ARG E 504 -49.79 -33.55 -47.69
C ARG E 504 -50.08 -35.04 -47.52
N LEU E 505 -50.62 -35.42 -46.37
CA LEU E 505 -51.12 -36.79 -46.14
C LEU E 505 -52.35 -37.08 -47.00
N HIS E 506 -53.21 -36.07 -47.17
CA HIS E 506 -54.42 -36.21 -48.01
C HIS E 506 -54.20 -36.20 -49.53
N VAL E 507 -52.95 -36.04 -49.97
CA VAL E 507 -52.58 -36.26 -51.38
C VAL E 507 -52.71 -37.75 -51.75
N TYR E 508 -52.37 -38.64 -50.81
CA TYR E 508 -52.34 -40.08 -51.04
C TYR E 508 -53.72 -40.67 -50.83
N SER E 509 -54.20 -41.48 -51.80
CA SER E 509 -55.57 -41.98 -51.79
C SER E 509 -55.77 -43.21 -50.90
N SER E 510 -55.41 -44.39 -51.41
CA SER E 510 -55.62 -45.66 -50.68
C SER E 510 -54.50 -45.89 -49.66
N ALA E 511 -54.68 -46.92 -48.84
CA ALA E 511 -53.67 -47.33 -47.85
C ALA E 511 -52.42 -47.91 -48.52
N ALA E 512 -52.61 -48.66 -49.59
CA ALA E 512 -51.50 -49.24 -50.37
C ALA E 512 -50.70 -48.21 -51.17
N HIS E 513 -51.30 -47.05 -51.46
CA HIS E 513 -50.65 -45.99 -52.25
C HIS E 513 -49.50 -45.31 -51.49
N PHE E 514 -49.77 -44.89 -50.25
CA PHE E 514 -48.73 -44.29 -49.40
C PHE E 514 -47.67 -45.31 -48.99
N ALA E 515 -48.08 -46.56 -48.79
CA ALA E 515 -47.14 -47.66 -48.52
C ALA E 515 -46.16 -47.89 -49.68
N ASP E 516 -46.66 -47.78 -50.91
CA ASP E 516 -45.83 -47.88 -52.11
C ASP E 516 -44.91 -46.67 -52.26
N VAL E 517 -45.46 -45.47 -52.09
CA VAL E 517 -44.73 -44.22 -52.29
C VAL E 517 -43.75 -43.96 -51.16
N ALA E 518 -44.27 -43.90 -49.93
CA ALA E 518 -43.46 -43.59 -48.74
C ALA E 518 -42.56 -44.75 -48.34
N GLY E 519 -43.16 -45.93 -48.21
CA GLY E 519 -42.48 -47.11 -47.71
C GLY E 519 -43.39 -47.87 -46.76
N ARG E 520 -43.07 -49.14 -46.55
CA ARG E 520 -43.89 -50.03 -45.72
C ARG E 520 -43.83 -49.67 -44.22
N GLU E 521 -42.80 -48.92 -43.81
CA GLU E 521 -42.72 -48.35 -42.46
C GLU E 521 -43.79 -47.27 -42.25
N ALA E 522 -43.91 -46.36 -43.23
CA ALA E 522 -44.85 -45.23 -43.16
C ALA E 522 -46.28 -45.60 -43.56
N GLY E 523 -46.43 -46.56 -44.46
CA GLY E 523 -47.74 -46.98 -44.97
C GLY E 523 -48.69 -47.57 -43.94
N GLU E 524 -48.14 -48.34 -42.99
CA GLU E 524 -48.94 -49.02 -41.97
C GLU E 524 -49.59 -48.07 -40.97
N SER E 525 -48.83 -47.06 -40.53
CA SER E 525 -49.26 -46.14 -39.48
C SER E 525 -49.88 -44.85 -40.03
N TRP E 526 -50.67 -44.95 -41.11
CA TRP E 526 -51.30 -43.78 -41.72
C TRP E 526 -52.52 -43.32 -40.92
N LYS E 527 -53.38 -44.27 -40.54
CA LYS E 527 -54.57 -43.97 -39.72
C LYS E 527 -54.22 -43.61 -38.29
N SER E 528 -53.22 -44.30 -37.70
CA SER E 528 -52.77 -44.01 -36.33
C SER E 528 -52.11 -42.62 -36.22
N ILE E 529 -51.34 -42.23 -37.23
CA ILE E 529 -50.76 -40.88 -37.31
C ILE E 529 -51.84 -39.82 -37.62
N LEU E 530 -52.79 -40.16 -38.50
CA LEU E 530 -53.92 -39.27 -38.79
C LEU E 530 -54.78 -39.02 -37.54
N ASN E 531 -55.17 -40.10 -36.86
CA ASN E 531 -55.93 -40.02 -35.61
C ASN E 531 -55.16 -39.31 -34.49
N SER E 532 -53.83 -39.46 -34.48
CA SER E 532 -52.97 -38.71 -33.55
C SER E 532 -52.87 -37.21 -33.93
N LEU E 533 -52.80 -36.94 -35.24
CA LEU E 533 -52.78 -35.56 -35.75
C LEU E 533 -54.09 -34.79 -35.53
N TYR E 534 -55.22 -35.48 -35.61
CA TYR E 534 -56.54 -34.86 -35.36
C TYR E 534 -56.72 -34.36 -33.91
N GLU E 535 -56.13 -35.08 -32.94
CA GLU E 535 -56.21 -34.68 -31.53
C GLU E 535 -55.35 -33.47 -31.17
N LEU E 536 -54.25 -33.26 -31.91
CA LEU E 536 -53.38 -32.09 -31.72
C LEU E 536 -54.09 -30.80 -32.17
N LEU E 537 -54.67 -30.83 -33.36
CA LEU E 537 -55.41 -29.68 -33.91
C LEU E 537 -56.70 -29.36 -33.14
N ALA E 538 -57.32 -30.37 -32.53
CA ALA E 538 -58.58 -30.20 -31.81
C ALA E 538 -58.40 -29.56 -30.43
N ALA E 539 -57.47 -30.09 -29.63
CA ALA E 539 -57.21 -29.58 -28.28
C ALA E 539 -56.54 -28.20 -28.26
N LEU E 540 -55.91 -27.80 -29.37
CA LEU E 540 -55.38 -26.45 -29.53
C LEU E 540 -56.45 -25.34 -29.69
N ILE E 541 -57.70 -25.72 -29.98
CA ILE E 541 -58.80 -24.74 -30.15
C ILE E 541 -60.04 -25.08 -29.29
N ARG E 542 -59.82 -25.56 -28.07
CA ARG E 542 -60.88 -25.82 -27.09
C ARG E 542 -60.54 -25.11 -25.78
N GLY E 543 -60.90 -23.83 -25.70
CA GLY E 543 -60.70 -23.01 -24.50
C GLY E 543 -60.96 -21.54 -24.74
N ASN E 544 -60.09 -20.91 -25.52
CA ASN E 544 -60.18 -19.47 -25.84
C ASN E 544 -61.13 -19.18 -27.01
N ARG E 545 -61.78 -18.01 -26.98
CA ARG E 545 -62.54 -17.49 -28.12
C ARG E 545 -61.60 -17.12 -29.31
N LYS E 546 -60.37 -16.69 -28.99
CA LYS E 546 -59.41 -16.20 -30.00
C LYS E 546 -58.78 -17.30 -30.90
N ASN E 547 -58.51 -18.48 -30.33
CA ASN E 547 -58.00 -19.64 -31.11
C ASN E 547 -59.03 -20.12 -32.17
N CYS E 548 -60.30 -20.17 -31.77
CA CYS E 548 -61.44 -20.48 -32.66
C CYS E 548 -61.65 -19.41 -33.75
N ALA E 549 -61.38 -18.13 -33.40
CA ALA E 549 -61.39 -17.02 -34.37
C ALA E 549 -60.29 -17.13 -35.45
N GLN E 550 -59.18 -17.82 -35.13
CA GLN E 550 -58.14 -18.19 -36.15
C GLN E 550 -58.55 -19.36 -37.09
N PHE E 551 -59.53 -20.17 -36.69
CA PHE E 551 -60.23 -21.13 -37.59
C PHE E 551 -61.58 -20.63 -38.15
N SER E 552 -61.93 -19.37 -37.92
CA SER E 552 -63.21 -18.76 -38.42
C SER E 552 -63.35 -18.84 -39.96
N GLY E 553 -62.31 -18.37 -40.66
CA GLY E 553 -62.19 -18.56 -42.11
C GLY E 553 -61.90 -19.99 -42.55
N SER E 554 -61.29 -20.79 -41.67
CA SER E 554 -60.99 -22.21 -41.94
C SER E 554 -62.16 -23.19 -41.71
N LEU E 555 -63.28 -22.71 -41.15
CA LEU E 555 -64.46 -23.58 -40.84
C LEU E 555 -65.10 -24.24 -42.09
N ASP E 556 -65.25 -23.47 -43.18
CA ASP E 556 -65.81 -23.99 -44.45
C ASP E 556 -64.96 -25.13 -45.07
N TRP E 557 -63.64 -25.03 -44.90
CA TRP E 557 -62.67 -26.10 -45.25
C TRP E 557 -62.83 -27.37 -44.37
N LEU E 558 -63.14 -27.16 -43.08
CA LEU E 558 -63.31 -28.25 -42.10
C LEU E 558 -64.60 -29.06 -42.36
N ILE E 559 -65.70 -28.36 -42.64
CA ILE E 559 -66.98 -28.98 -43.06
C ILE E 559 -66.81 -29.71 -44.42
N SER E 560 -65.96 -29.14 -45.30
CA SER E 560 -65.61 -29.78 -46.60
C SER E 560 -64.83 -31.11 -46.46
N ARG E 561 -63.95 -31.19 -45.45
CA ARG E 561 -63.18 -32.41 -45.12
C ARG E 561 -63.96 -33.42 -44.24
N LEU E 562 -65.13 -33.00 -43.75
CA LEU E 562 -66.01 -33.83 -42.86
C LEU E 562 -66.65 -35.07 -43.55
N GLU E 563 -66.85 -35.00 -44.87
CA GLU E 563 -67.46 -36.10 -45.67
C GLU E 563 -66.46 -37.16 -46.21
N ARG E 564 -65.24 -37.25 -45.66
CA ARG E 564 -64.22 -38.23 -46.09
C ARG E 564 -64.56 -39.72 -45.76
N LEU E 565 -65.19 -39.95 -44.61
CA LEU E 565 -65.60 -41.32 -44.18
C LEU E 565 -64.44 -42.36 -44.04
N GLU E 566 -63.18 -41.90 -43.96
CA GLU E 566 -62.02 -42.79 -43.71
C GLU E 566 -61.77 -42.83 -42.19
N ALA E 567 -61.65 -41.63 -41.59
CA ALA E 567 -61.65 -41.40 -40.14
C ALA E 567 -62.37 -40.07 -39.83
N SER E 568 -63.67 -40.03 -40.14
CA SER E 568 -64.50 -38.80 -40.07
C SER E 568 -64.63 -38.17 -38.66
N SER E 569 -64.77 -39.03 -37.64
CA SER E 569 -65.10 -38.61 -36.25
C SER E 569 -64.16 -37.51 -35.72
N GLY E 570 -62.85 -37.71 -35.86
CA GLY E 570 -61.84 -36.69 -35.47
C GLY E 570 -62.14 -35.29 -36.01
N ILE E 571 -62.54 -35.23 -37.29
CA ILE E 571 -62.94 -33.96 -37.94
C ILE E 571 -64.23 -33.39 -37.28
N LEU E 572 -65.10 -34.31 -36.84
CA LEU E 572 -66.38 -33.99 -36.17
C LEU E 572 -66.16 -33.34 -34.77
N GLU E 573 -65.24 -33.88 -33.98
CA GLU E 573 -64.85 -33.28 -32.69
C GLU E 573 -64.13 -31.91 -32.87
N VAL E 574 -63.40 -31.74 -33.98
CA VAL E 574 -62.76 -30.45 -34.34
C VAL E 574 -63.81 -29.34 -34.54
N LEU E 575 -64.81 -29.63 -35.38
CA LEU E 575 -65.93 -28.68 -35.70
C LEU E 575 -66.75 -28.31 -34.43
N HIS E 576 -67.00 -29.30 -33.57
CA HIS E 576 -67.69 -29.12 -32.26
C HIS E 576 -66.99 -28.11 -31.33
N CYS E 577 -65.68 -28.29 -31.14
CA CYS E 577 -64.88 -27.38 -30.28
C CYS E 577 -64.75 -25.94 -30.85
N VAL E 578 -64.73 -25.83 -32.19
CA VAL E 578 -64.76 -24.52 -32.90
C VAL E 578 -66.08 -23.74 -32.65
N LEU E 579 -67.21 -24.46 -32.58
CA LEU E 579 -68.54 -23.83 -32.42
C LEU E 579 -68.92 -23.47 -30.96
N VAL E 580 -68.63 -24.35 -30.00
CA VAL E 580 -68.97 -24.13 -28.57
C VAL E 580 -68.29 -22.93 -27.90
N GLU E 581 -67.05 -22.63 -28.31
CA GLU E 581 -66.23 -21.57 -27.68
C GLU E 581 -66.31 -20.16 -28.35
N SER E 582 -66.98 -20.05 -29.51
CA SER E 582 -67.03 -18.80 -30.33
C SER E 582 -68.42 -18.47 -30.98
N PRO E 583 -69.20 -17.52 -30.38
CA PRO E 583 -70.56 -17.19 -30.92
C PRO E 583 -70.60 -16.50 -32.33
N GLU E 584 -69.60 -15.66 -32.63
CA GLU E 584 -69.47 -14.99 -33.95
C GLU E 584 -69.28 -15.98 -35.14
N ALA E 585 -68.54 -17.07 -34.89
CA ALA E 585 -68.37 -18.17 -35.86
C ALA E 585 -69.71 -18.88 -36.19
N LEU E 586 -70.61 -18.96 -35.20
CA LEU E 586 -72.00 -19.45 -35.41
C LEU E 586 -72.81 -18.51 -36.35
N ASN E 587 -72.55 -17.20 -36.26
CA ASN E 587 -73.16 -16.20 -37.17
C ASN E 587 -72.68 -16.34 -38.64
N ILE E 588 -71.41 -16.74 -38.83
CA ILE E 588 -70.79 -16.88 -40.19
C ILE E 588 -71.34 -18.06 -41.06
N ILE E 589 -71.73 -19.18 -40.44
CA ILE E 589 -72.11 -20.40 -41.19
C ILE E 589 -73.37 -20.24 -42.07
N LYS E 590 -73.37 -20.99 -43.17
CA LYS E 590 -74.27 -20.80 -44.31
C LYS E 590 -75.06 -22.09 -44.60
N GLU E 591 -75.89 -22.08 -45.65
CA GLU E 591 -76.77 -23.22 -45.99
C GLU E 591 -76.02 -24.53 -46.39
N GLY E 592 -74.90 -24.37 -47.09
CA GLY E 592 -74.06 -25.52 -47.53
C GLY E 592 -73.42 -26.34 -46.42
N HIS E 593 -73.10 -25.68 -45.30
CA HIS E 593 -72.46 -26.31 -44.11
C HIS E 593 -73.44 -27.31 -43.47
N ILE E 594 -74.66 -26.82 -43.22
CA ILE E 594 -75.75 -27.59 -42.60
C ILE E 594 -76.26 -28.75 -43.52
N LYS E 595 -76.30 -28.50 -44.84
CA LYS E 595 -76.62 -29.56 -45.84
C LYS E 595 -75.56 -30.71 -45.84
N SER E 596 -74.30 -30.35 -45.55
CA SER E 596 -73.19 -31.33 -45.45
C SER E 596 -73.23 -32.19 -44.15
N ILE E 597 -73.56 -31.56 -43.01
CA ILE E 597 -73.73 -32.27 -41.70
C ILE E 597 -74.91 -33.28 -41.75
N ILE E 598 -76.03 -32.83 -42.33
CA ILE E 598 -77.24 -33.67 -42.55
C ILE E 598 -76.97 -34.84 -43.53
N SER E 599 -76.11 -34.60 -44.54
CA SER E 599 -75.62 -35.66 -45.44
C SER E 599 -74.80 -36.74 -44.67
N LEU E 600 -74.00 -36.30 -43.68
CA LEU E 600 -73.25 -37.22 -42.79
C LEU E 600 -74.19 -38.11 -41.95
N LEU E 601 -75.32 -37.55 -41.50
CA LEU E 601 -76.37 -38.31 -40.77
C LEU E 601 -77.04 -39.38 -41.66
N ASP E 602 -77.28 -39.04 -42.94
CA ASP E 602 -77.77 -40.01 -43.94
C ASP E 602 -76.71 -41.13 -44.19
N LYS E 603 -75.45 -40.72 -44.33
CA LYS E 603 -74.33 -41.63 -44.68
C LYS E 603 -73.80 -42.56 -43.56
N HIS E 604 -73.81 -42.12 -42.29
CA HIS E 604 -73.34 -42.93 -41.13
C HIS E 604 -74.41 -43.84 -40.47
N GLY E 605 -75.69 -43.64 -40.81
CA GLY E 605 -76.79 -44.18 -40.02
C GLY E 605 -76.86 -43.32 -38.77
N ARG E 606 -76.13 -43.72 -37.72
CA ARG E 606 -76.00 -42.92 -36.50
C ARG E 606 -74.81 -43.34 -35.61
N ASN E 607 -74.17 -42.34 -35.00
CA ASN E 607 -73.17 -42.51 -33.93
C ASN E 607 -73.45 -41.44 -32.86
N HIS E 608 -72.62 -41.36 -31.81
CA HIS E 608 -72.81 -40.40 -30.70
C HIS E 608 -72.66 -38.91 -31.09
N LYS E 609 -72.09 -38.62 -32.27
CA LYS E 609 -71.67 -37.26 -32.63
C LYS E 609 -72.75 -36.44 -33.36
N VAL E 610 -73.71 -37.12 -34.00
CA VAL E 610 -74.63 -36.48 -34.97
C VAL E 610 -75.50 -35.37 -34.35
N LEU E 611 -75.99 -35.59 -33.12
CA LEU E 611 -76.69 -34.54 -32.33
C LEU E 611 -75.88 -33.24 -32.18
N ASP E 612 -74.64 -33.43 -31.70
CA ASP E 612 -73.88 -32.42 -30.93
C ASP E 612 -73.58 -31.12 -31.71
N VAL E 613 -73.25 -31.25 -32.99
CA VAL E 613 -72.91 -30.09 -33.86
C VAL E 613 -74.15 -29.23 -34.15
N LEU E 614 -75.28 -29.89 -34.45
CA LEU E 614 -76.59 -29.22 -34.65
C LEU E 614 -77.03 -28.48 -33.36
N CYS E 615 -76.80 -29.12 -32.21
CA CYS E 615 -77.08 -28.54 -30.87
C CYS E 615 -76.24 -27.27 -30.59
N SER E 616 -74.97 -27.27 -31.05
CA SER E 616 -74.06 -26.11 -30.93
C SER E 616 -74.47 -24.92 -31.83
N LEU E 617 -74.93 -25.21 -33.06
CA LEU E 617 -75.43 -24.16 -33.99
C LEU E 617 -76.76 -23.54 -33.49
N CYS E 618 -77.54 -24.32 -32.73
CA CYS E 618 -78.82 -23.87 -32.16
C CYS E 618 -78.69 -22.84 -31.01
N VAL E 619 -77.75 -23.08 -30.08
CA VAL E 619 -77.62 -22.35 -28.79
C VAL E 619 -76.13 -22.13 -28.38
N CYS E 620 -75.81 -20.97 -27.78
CA CYS E 620 -74.46 -20.63 -27.26
C CYS E 620 -74.23 -21.25 -25.83
N HIS E 621 -73.54 -20.54 -24.91
CA HIS E 621 -73.38 -20.99 -23.52
C HIS E 621 -74.73 -21.03 -22.74
N GLY E 622 -75.65 -20.13 -23.12
CA GLY E 622 -77.05 -20.16 -22.66
C GLY E 622 -78.00 -19.15 -23.33
N VAL E 623 -77.82 -18.94 -24.64
CA VAL E 623 -78.57 -17.93 -25.44
C VAL E 623 -78.74 -18.36 -26.92
N ALA E 624 -79.95 -18.16 -27.48
CA ALA E 624 -80.34 -18.67 -28.84
C ALA E 624 -80.00 -17.71 -30.01
N VAL E 625 -79.90 -18.27 -31.23
CA VAL E 625 -79.68 -17.49 -32.50
C VAL E 625 -80.73 -17.91 -33.57
N ARG E 626 -81.88 -17.24 -33.59
CA ARG E 626 -83.10 -17.59 -34.39
C ARG E 626 -82.90 -18.00 -35.88
N SER E 627 -82.27 -17.12 -36.68
CA SER E 627 -82.06 -17.36 -38.14
C SER E 627 -81.16 -18.57 -38.46
N ASN E 628 -80.14 -18.78 -37.61
CA ASN E 628 -79.21 -19.93 -37.70
C ASN E 628 -79.94 -21.28 -37.47
N GLN E 629 -80.98 -21.24 -36.61
CA GLN E 629 -81.83 -22.41 -36.27
C GLN E 629 -82.84 -22.74 -37.39
N HIS E 630 -83.55 -21.70 -37.85
CA HIS E 630 -84.56 -21.77 -38.93
C HIS E 630 -83.99 -22.43 -40.21
N LEU E 631 -82.72 -22.13 -40.51
CA LEU E 631 -82.00 -22.77 -41.65
C LEU E 631 -81.90 -24.31 -41.46
N ILE E 632 -81.52 -24.71 -40.24
CA ILE E 632 -81.32 -26.13 -39.86
C ILE E 632 -82.66 -26.90 -39.97
N CYS E 633 -83.75 -26.25 -39.56
CA CYS E 633 -85.10 -26.81 -39.64
C CYS E 633 -85.67 -26.85 -41.09
N ASP E 634 -85.13 -26.01 -41.98
CA ASP E 634 -85.46 -26.03 -43.42
C ASP E 634 -84.66 -27.09 -44.24
N ASN E 635 -83.71 -27.78 -43.60
CA ASN E 635 -82.90 -28.85 -44.25
C ASN E 635 -83.18 -30.29 -43.68
N LEU E 636 -83.15 -30.46 -42.35
CA LEU E 636 -83.43 -31.77 -41.68
C LEU E 636 -84.79 -32.42 -42.03
N LEU E 637 -85.87 -31.74 -41.62
CA LEU E 637 -87.23 -32.33 -41.59
C LEU E 637 -87.97 -32.58 -42.94
N PRO E 638 -87.86 -31.67 -43.96
CA PRO E 638 -88.82 -31.73 -45.11
C PRO E 638 -88.84 -33.05 -45.91
N GLY E 639 -87.68 -33.70 -46.06
CA GLY E 639 -87.53 -34.95 -46.84
C GLY E 639 -88.23 -36.20 -46.30
N ARG E 640 -88.35 -36.31 -44.97
CA ARG E 640 -88.96 -37.47 -44.27
C ARG E 640 -88.26 -38.85 -44.47
N ASP E 641 -87.19 -38.89 -45.27
CA ASP E 641 -86.43 -40.13 -45.56
C ASP E 641 -85.27 -40.34 -44.57
N LEU E 642 -84.60 -39.22 -44.20
CA LEU E 642 -83.42 -39.21 -43.31
C LEU E 642 -83.59 -39.93 -41.94
N LEU E 643 -84.38 -39.31 -41.05
CA LEU E 643 -84.50 -39.75 -39.66
C LEU E 643 -85.52 -40.91 -39.51
N LEU E 644 -85.37 -41.66 -38.43
CA LEU E 644 -86.25 -42.83 -38.14
C LEU E 644 -87.71 -42.38 -37.82
N GLN E 645 -88.68 -43.11 -38.38
CA GLN E 645 -90.12 -42.80 -38.29
C GLN E 645 -90.85 -43.75 -37.29
N THR E 646 -91.91 -43.25 -36.64
CA THR E 646 -92.69 -44.04 -35.63
C THR E 646 -94.23 -43.79 -35.69
N ARG E 647 -95.01 -44.85 -35.45
CA ARG E 647 -96.49 -44.78 -35.26
C ARG E 647 -97.02 -45.85 -34.29
N LEU E 648 -98.02 -45.48 -33.48
CA LEU E 648 -98.72 -46.42 -32.56
C LEU E 648 -99.64 -47.38 -33.36
N VAL E 649 -99.75 -48.63 -32.91
CA VAL E 649 -100.62 -49.65 -33.57
C VAL E 649 -101.43 -50.53 -32.58
N ASN E 650 -102.65 -50.90 -33.02
CA ASN E 650 -103.59 -51.73 -32.24
C ASN E 650 -103.17 -53.22 -32.24
N HIS E 651 -103.31 -53.90 -31.10
CA HIS E 651 -103.08 -55.36 -30.97
C HIS E 651 -104.13 -56.12 -31.80
N VAL E 652 -103.69 -56.87 -32.81
CA VAL E 652 -104.56 -57.63 -33.72
C VAL E 652 -104.56 -59.12 -33.33
N SER E 653 -105.71 -59.59 -32.83
CA SER E 653 -105.93 -61.01 -32.50
C SER E 653 -106.28 -61.81 -33.76
N SER E 654 -105.99 -63.12 -33.74
CA SER E 654 -106.16 -64.03 -34.90
C SER E 654 -106.56 -65.45 -34.42
N MET E 655 -107.71 -65.95 -34.87
CA MET E 655 -108.34 -67.19 -34.34
C MET E 655 -108.82 -68.20 -35.41
N ARG E 656 -108.42 -69.47 -35.24
CA ARG E 656 -108.55 -70.52 -36.28
C ARG E 656 -109.40 -71.73 -35.79
N PRO E 657 -110.43 -72.16 -36.59
CA PRO E 657 -111.13 -73.43 -36.22
C PRO E 657 -110.26 -74.69 -36.47
N ASN E 658 -110.48 -75.75 -35.67
CA ASN E 658 -109.67 -77.00 -35.75
C ASN E 658 -109.95 -77.83 -37.01
N ILE E 659 -109.30 -77.44 -38.11
CA ILE E 659 -109.42 -78.13 -39.42
C ILE E 659 -108.06 -78.12 -40.16
N PHE E 660 -107.63 -79.31 -40.65
CA PHE E 660 -106.50 -79.44 -41.57
C PHE E 660 -106.99 -79.77 -42.99
N LEU E 661 -107.06 -78.77 -43.86
CA LEU E 661 -107.29 -79.00 -45.31
C LEU E 661 -105.95 -79.19 -46.06
N GLY E 662 -106.01 -79.80 -47.23
CA GLY E 662 -104.81 -79.99 -48.06
C GLY E 662 -105.00 -80.95 -49.22
N VAL E 663 -103.92 -81.12 -49.98
CA VAL E 663 -103.91 -82.03 -51.13
C VAL E 663 -102.66 -82.89 -51.07
N SER E 664 -102.85 -84.17 -50.78
CA SER E 664 -101.81 -85.18 -51.02
C SER E 664 -101.73 -85.36 -52.53
N GLU E 665 -100.52 -85.17 -53.09
CA GLU E 665 -100.33 -85.17 -54.54
C GLU E 665 -100.65 -86.55 -55.12
N GLY E 666 -101.86 -86.66 -55.69
CA GLY E 666 -102.40 -87.92 -56.20
C GLY E 666 -103.52 -88.46 -55.33
N SER E 667 -104.56 -87.63 -55.14
CA SER E 667 -105.72 -88.01 -54.35
C SER E 667 -106.90 -87.09 -54.66
N ALA E 668 -107.88 -87.59 -55.41
CA ALA E 668 -109.10 -86.84 -55.72
C ALA E 668 -110.04 -86.77 -54.51
N GLN E 669 -109.55 -86.14 -53.44
CA GLN E 669 -110.26 -86.07 -52.16
C GLN E 669 -111.36 -85.03 -52.21
N TYR E 670 -112.07 -84.85 -51.10
CA TYR E 670 -112.80 -83.62 -50.85
C TYR E 670 -111.75 -82.53 -50.71
N LYS E 671 -111.36 -81.95 -51.84
CA LYS E 671 -110.43 -80.82 -51.88
C LYS E 671 -111.19 -79.48 -52.04
N LYS E 672 -112.41 -79.55 -52.57
CA LYS E 672 -113.39 -78.44 -52.49
C LYS E 672 -113.98 -78.32 -51.06
N TRP E 673 -113.99 -77.10 -50.51
CA TRP E 673 -114.47 -76.78 -49.13
C TRP E 673 -115.13 -75.38 -49.03
N TYR E 674 -116.04 -75.23 -48.06
CA TYR E 674 -116.85 -74.00 -47.85
C TYR E 674 -117.23 -73.80 -46.36
N TYR E 675 -117.26 -72.55 -45.89
CA TYR E 675 -117.84 -72.20 -44.57
C TYR E 675 -118.36 -70.75 -44.48
N GLU E 676 -119.29 -70.53 -43.53
CA GLU E 676 -119.88 -69.21 -43.28
C GLU E 676 -119.27 -68.48 -42.06
N LEU E 677 -119.26 -67.14 -42.15
CA LEU E 677 -118.88 -66.25 -41.05
C LEU E 677 -119.99 -65.19 -40.84
N MET E 678 -120.87 -65.45 -39.87
CA MET E 678 -121.84 -64.46 -39.39
C MET E 678 -121.07 -63.37 -38.62
N VAL E 679 -121.35 -62.09 -38.89
CA VAL E 679 -120.87 -60.96 -38.09
C VAL E 679 -122.02 -60.61 -37.12
N ASP E 680 -121.71 -60.60 -35.81
CA ASP E 680 -122.70 -60.32 -34.78
C ASP E 680 -122.79 -58.82 -34.58
N HIS E 681 -121.64 -58.16 -34.39
CA HIS E 681 -121.54 -56.70 -34.54
C HIS E 681 -120.10 -56.16 -34.50
N THR E 682 -119.82 -55.18 -35.37
CA THR E 682 -118.75 -54.21 -35.16
C THR E 682 -119.47 -52.95 -34.68
N GLU E 683 -120.03 -53.05 -33.47
CA GLU E 683 -121.00 -52.08 -32.94
C GLU E 683 -120.31 -50.76 -32.56
N PRO E 684 -121.04 -49.62 -32.64
CA PRO E 684 -120.58 -48.40 -31.98
C PRO E 684 -120.54 -48.48 -30.44
N PHE E 685 -119.48 -49.10 -29.92
CA PHE E 685 -119.22 -49.23 -28.46
C PHE E 685 -117.68 -49.33 -28.28
N VAL E 686 -117.16 -50.31 -27.52
CA VAL E 686 -115.70 -50.54 -27.45
C VAL E 686 -115.08 -51.15 -28.75
N THR E 687 -115.92 -51.73 -29.63
CA THR E 687 -115.44 -52.49 -30.81
C THR E 687 -115.02 -51.53 -31.96
N ALA E 688 -113.82 -51.74 -32.51
CA ALA E 688 -113.29 -50.89 -33.60
C ALA E 688 -113.90 -51.28 -34.96
N GLU E 689 -114.67 -50.36 -35.55
CA GLU E 689 -115.15 -50.52 -36.94
C GLU E 689 -114.05 -50.07 -37.88
N ALA E 690 -113.53 -48.86 -37.64
CA ALA E 690 -112.29 -48.40 -38.26
C ALA E 690 -111.15 -49.09 -37.52
N THR E 691 -110.50 -50.04 -38.20
CA THR E 691 -109.77 -51.09 -37.50
C THR E 691 -109.01 -51.98 -38.47
N HIS E 692 -108.32 -52.99 -37.92
CA HIS E 692 -107.90 -54.17 -38.68
C HIS E 692 -109.00 -55.21 -38.51
N LEU E 693 -109.52 -55.75 -39.62
CA LEU E 693 -110.56 -56.77 -39.59
C LEU E 693 -110.61 -57.50 -40.95
N ARG E 694 -109.80 -58.58 -41.06
CA ARG E 694 -109.68 -59.41 -42.29
C ARG E 694 -110.04 -60.89 -42.00
N VAL E 695 -110.46 -61.64 -43.03
CA VAL E 695 -110.74 -63.10 -42.87
C VAL E 695 -110.34 -63.89 -44.13
N GLY E 696 -109.64 -65.02 -43.93
CA GLY E 696 -109.16 -65.84 -45.07
C GLY E 696 -108.28 -67.05 -44.76
N TRP E 697 -107.75 -67.65 -45.83
CA TRP E 697 -106.94 -68.90 -45.76
C TRP E 697 -105.44 -68.62 -45.49
N ALA E 698 -104.75 -69.59 -44.87
CA ALA E 698 -103.30 -69.48 -44.57
C ALA E 698 -102.59 -70.87 -44.42
N SER E 699 -101.40 -71.00 -45.02
CA SER E 699 -100.60 -72.24 -45.01
C SER E 699 -99.67 -72.37 -43.77
N THR E 700 -99.30 -73.61 -43.44
CA THR E 700 -98.38 -73.91 -42.29
C THR E 700 -96.89 -73.54 -42.53
N GLU E 701 -96.49 -73.39 -43.79
CA GLU E 701 -95.06 -73.38 -44.23
C GLU E 701 -94.42 -71.96 -44.35
N GLY E 702 -94.52 -71.17 -43.27
CA GLY E 702 -93.95 -69.80 -43.22
C GLY E 702 -94.61 -68.82 -42.25
N TYR E 703 -95.94 -68.87 -42.15
CA TYR E 703 -96.74 -67.91 -41.37
C TYR E 703 -96.67 -68.14 -39.83
N SER E 704 -95.86 -67.30 -39.15
CA SER E 704 -95.72 -67.30 -37.68
C SER E 704 -95.97 -65.84 -37.14
N PRO E 705 -97.27 -65.45 -36.96
CA PRO E 705 -97.66 -64.06 -36.61
C PRO E 705 -97.35 -63.64 -35.16
N TYR E 706 -96.07 -63.40 -34.86
CA TYR E 706 -95.65 -62.94 -33.52
C TYR E 706 -96.15 -61.48 -33.29
N PRO E 707 -96.80 -61.19 -32.13
CA PRO E 707 -97.49 -59.89 -31.85
C PRO E 707 -96.60 -58.62 -31.91
N GLY E 708 -95.30 -58.77 -31.63
CA GLY E 708 -94.31 -57.69 -31.78
C GLY E 708 -94.02 -57.25 -33.22
N GLY E 709 -94.40 -58.07 -34.21
CA GLY E 709 -94.20 -57.71 -35.63
C GLY E 709 -95.03 -58.48 -36.67
N GLY E 710 -95.56 -57.76 -37.67
CA GLY E 710 -96.41 -58.33 -38.73
C GLY E 710 -96.23 -57.64 -40.10
N GLU E 711 -95.00 -57.72 -40.63
CA GLU E 711 -94.60 -57.13 -41.94
C GLU E 711 -94.88 -55.59 -42.08
N GLU E 712 -95.61 -55.13 -43.11
CA GLU E 712 -95.87 -53.69 -43.32
C GLU E 712 -96.80 -53.08 -42.24
N TRP E 713 -96.19 -52.36 -41.30
CA TRP E 713 -96.88 -51.67 -40.19
C TRP E 713 -97.75 -52.59 -39.30
N GLY E 714 -97.33 -53.85 -39.15
CA GLY E 714 -98.03 -54.82 -38.28
C GLY E 714 -99.36 -55.35 -38.81
N GLY E 715 -100.24 -55.72 -37.88
CA GLY E 715 -101.53 -56.34 -38.17
C GLY E 715 -101.38 -57.85 -38.26
N ASN E 716 -100.97 -58.46 -37.14
CA ASN E 716 -100.70 -59.91 -37.06
C ASN E 716 -101.98 -60.72 -37.33
N GLY E 717 -102.26 -60.94 -38.62
CA GLY E 717 -103.48 -61.59 -39.09
C GLY E 717 -103.39 -61.99 -40.55
N VAL E 718 -104.51 -61.89 -41.27
CA VAL E 718 -104.64 -62.44 -42.63
C VAL E 718 -103.93 -61.54 -43.66
N GLY E 719 -103.01 -62.13 -44.44
CA GLY E 719 -102.41 -61.51 -45.62
C GLY E 719 -101.09 -60.78 -45.43
N ASP E 720 -100.34 -61.13 -44.39
CA ASP E 720 -99.08 -60.44 -44.04
C ASP E 720 -97.92 -60.88 -44.97
N ASP E 721 -97.87 -62.17 -45.28
CA ASP E 721 -96.73 -62.78 -46.04
C ASP E 721 -97.18 -63.29 -47.44
N LEU E 722 -96.35 -64.12 -48.09
CA LEU E 722 -96.62 -64.68 -49.44
C LEU E 722 -97.65 -65.86 -49.46
N PHE E 723 -97.67 -66.67 -48.40
CA PHE E 723 -98.62 -67.80 -48.27
C PHE E 723 -99.81 -67.42 -47.36
N SER E 724 -100.52 -66.36 -47.75
CA SER E 724 -101.70 -65.85 -47.01
C SER E 724 -102.64 -65.01 -47.92
N TYR E 725 -103.92 -65.43 -47.99
CA TYR E 725 -104.92 -64.88 -48.94
C TYR E 725 -106.29 -64.73 -48.23
N GLY E 726 -106.95 -63.57 -48.39
CA GLY E 726 -108.20 -63.26 -47.65
C GLY E 726 -109.12 -62.20 -48.24
N PHE E 727 -110.01 -61.65 -47.38
CA PHE E 727 -111.01 -60.62 -47.77
C PHE E 727 -111.39 -59.71 -46.58
N ASP E 728 -111.01 -58.43 -46.65
CA ASP E 728 -111.38 -57.41 -45.64
C ASP E 728 -112.89 -57.11 -45.72
N GLY E 729 -113.30 -56.56 -46.87
CA GLY E 729 -114.60 -55.92 -47.04
C GLY E 729 -114.58 -54.93 -48.20
N LEU E 730 -113.46 -54.20 -48.32
CA LEU E 730 -113.14 -53.39 -49.50
C LEU E 730 -112.10 -54.13 -50.38
N HIS E 731 -110.83 -53.69 -50.39
CA HIS E 731 -109.78 -54.25 -51.31
C HIS E 731 -109.43 -55.74 -51.02
N LEU E 732 -108.62 -56.34 -51.91
CA LEU E 732 -107.95 -57.65 -51.69
C LEU E 732 -106.42 -57.46 -51.57
N TRP E 733 -105.77 -58.33 -50.77
CA TRP E 733 -104.32 -58.22 -50.38
C TRP E 733 -103.49 -59.50 -50.63
N SER E 734 -102.24 -59.33 -51.08
CA SER E 734 -101.25 -60.41 -51.21
C SER E 734 -99.80 -59.89 -51.25
N GLY E 735 -98.96 -60.33 -50.29
CA GLY E 735 -97.56 -59.88 -50.17
C GLY E 735 -97.42 -58.41 -49.78
N CYS E 736 -98.39 -57.91 -49.01
CA CYS E 736 -98.57 -56.47 -48.73
C CYS E 736 -98.76 -55.62 -50.00
N ILE E 737 -99.49 -56.20 -50.98
CA ILE E 737 -99.82 -55.52 -52.25
C ILE E 737 -101.36 -55.51 -52.46
N ALA E 738 -101.94 -54.31 -52.48
CA ALA E 738 -103.40 -54.12 -52.61
C ALA E 738 -103.88 -54.27 -54.07
N ARG E 739 -105.08 -54.86 -54.22
CA ARG E 739 -105.84 -54.89 -55.48
C ARG E 739 -107.19 -54.18 -55.27
N THR E 740 -107.64 -53.45 -56.31
CA THR E 740 -108.97 -52.79 -56.35
C THR E 740 -110.07 -53.75 -56.85
N VAL E 741 -110.48 -54.66 -55.96
CA VAL E 741 -111.52 -55.67 -56.26
C VAL E 741 -112.90 -55.01 -56.39
N SER E 742 -113.75 -55.55 -57.28
CA SER E 742 -115.18 -55.19 -57.33
C SER E 742 -116.03 -56.26 -56.62
N SER E 743 -117.19 -55.87 -56.09
CA SER E 743 -118.04 -56.76 -55.29
C SER E 743 -119.43 -56.15 -55.05
N PRO E 744 -120.53 -56.95 -55.19
CA PRO E 744 -121.87 -56.51 -54.76
C PRO E 744 -121.94 -56.24 -53.24
N ASN E 745 -122.32 -55.01 -52.87
CA ASN E 745 -122.39 -54.55 -51.46
C ASN E 745 -121.00 -54.59 -50.76
N GLN E 746 -120.08 -53.78 -51.29
CA GLN E 746 -118.67 -53.74 -50.84
C GLN E 746 -118.43 -52.57 -49.85
N HIS E 747 -118.17 -52.90 -48.59
CA HIS E 747 -117.97 -51.90 -47.52
C HIS E 747 -117.27 -52.47 -46.27
N LEU E 748 -117.14 -51.66 -45.21
CA LEU E 748 -116.68 -52.14 -43.88
C LEU E 748 -117.66 -53.22 -43.34
N LEU E 749 -117.15 -54.12 -42.53
CA LEU E 749 -117.94 -55.25 -42.01
C LEU E 749 -118.90 -54.81 -40.88
N ARG E 750 -120.05 -54.26 -41.29
CA ARG E 750 -121.01 -53.65 -40.36
C ARG E 750 -122.00 -54.68 -39.76
N THR E 751 -122.95 -54.17 -38.98
CA THR E 751 -123.94 -54.96 -38.22
C THR E 751 -124.77 -55.94 -39.08
N ASP E 752 -124.67 -57.24 -38.74
CA ASP E 752 -125.34 -58.36 -39.46
C ASP E 752 -124.87 -58.59 -40.91
N ASP E 753 -123.60 -58.27 -41.20
CA ASP E 753 -122.94 -58.67 -42.48
C ASP E 753 -122.67 -60.20 -42.47
N VAL E 754 -122.76 -60.85 -43.64
CA VAL E 754 -122.53 -62.32 -43.78
C VAL E 754 -121.47 -62.62 -44.87
N ILE E 755 -120.20 -62.76 -44.45
CA ILE E 755 -119.12 -63.22 -45.35
C ILE E 755 -119.25 -64.74 -45.47
N SER E 756 -118.89 -65.31 -46.62
CA SER E 756 -118.94 -66.77 -46.84
C SER E 756 -117.81 -67.27 -47.77
N CYS E 757 -116.71 -67.73 -47.16
CA CYS E 757 -115.47 -68.12 -47.88
C CYS E 757 -115.55 -69.52 -48.54
N CYS E 758 -114.89 -69.66 -49.71
CA CYS E 758 -114.80 -70.94 -50.44
C CYS E 758 -113.39 -71.15 -51.07
N LEU E 759 -112.86 -72.38 -50.95
CA LEU E 759 -111.54 -72.76 -51.49
C LEU E 759 -111.59 -74.10 -52.24
N ASP E 760 -111.12 -74.09 -53.49
CA ASP E 760 -110.79 -75.30 -54.25
C ASP E 760 -109.26 -75.38 -54.29
N LEU E 761 -108.68 -76.45 -53.73
CA LEU E 761 -107.22 -76.62 -53.68
C LEU E 761 -106.60 -77.10 -55.00
N SER E 762 -107.44 -77.55 -55.94
CA SER E 762 -106.98 -78.09 -57.21
C SER E 762 -106.68 -77.01 -58.26
N ALA E 763 -107.61 -76.07 -58.45
CA ALA E 763 -107.52 -75.07 -59.54
C ALA E 763 -106.30 -74.11 -59.48
N PRO E 764 -106.06 -73.38 -58.37
CA PRO E 764 -106.96 -73.24 -57.21
C PRO E 764 -107.77 -71.93 -57.22
N SER E 765 -109.10 -72.04 -57.35
CA SER E 765 -110.02 -70.89 -57.45
C SER E 765 -110.66 -70.54 -56.08
N ILE E 766 -109.90 -69.85 -55.22
CA ILE E 766 -110.47 -69.21 -54.00
C ILE E 766 -111.42 -68.07 -54.45
N SER E 767 -112.58 -67.99 -53.79
CA SER E 767 -113.56 -66.91 -54.00
C SER E 767 -114.34 -66.61 -52.71
N PHE E 768 -114.94 -65.41 -52.67
CA PHE E 768 -115.71 -64.93 -51.51
C PHE E 768 -117.13 -64.54 -51.95
N ARG E 769 -118.12 -64.76 -51.08
CA ARG E 769 -119.48 -64.27 -51.32
C ARG E 769 -119.99 -63.49 -50.09
N ILE E 770 -119.77 -62.16 -50.11
CA ILE E 770 -120.33 -61.25 -49.09
C ILE E 770 -121.88 -61.20 -49.23
N ASN E 771 -122.59 -61.30 -48.10
CA ASN E 771 -124.08 -61.39 -48.03
C ASN E 771 -124.76 -62.26 -49.13
N GLY E 772 -124.12 -63.37 -49.47
CA GLY E 772 -124.59 -64.31 -50.51
C GLY E 772 -124.04 -64.08 -51.91
N GLN E 773 -123.58 -62.86 -52.21
CA GLN E 773 -123.22 -62.47 -53.60
C GLN E 773 -121.69 -62.49 -53.88
N PRO E 774 -121.26 -63.15 -55.00
CA PRO E 774 -119.80 -63.36 -55.21
C PRO E 774 -118.95 -62.09 -55.38
N VAL E 775 -117.78 -62.08 -54.73
CA VAL E 775 -116.80 -60.97 -54.80
C VAL E 775 -116.00 -61.13 -56.11
N GLN E 776 -116.19 -60.19 -57.04
CA GLN E 776 -115.61 -60.29 -58.39
C GLN E 776 -114.10 -59.93 -58.41
N GLY E 777 -113.28 -60.95 -58.66
CA GLY E 777 -111.81 -60.85 -58.57
C GLY E 777 -111.29 -62.11 -57.92
N MET E 778 -111.40 -63.23 -58.65
CA MET E 778 -111.10 -64.56 -58.12
C MET E 778 -109.60 -64.78 -57.94
N PHE E 779 -109.23 -65.41 -56.82
CA PHE E 779 -107.84 -65.85 -56.57
C PHE E 779 -107.46 -67.04 -57.47
N GLU E 780 -106.21 -67.04 -57.98
CA GLU E 780 -105.69 -68.11 -58.83
C GLU E 780 -104.21 -68.37 -58.51
N ASN E 781 -103.84 -69.65 -58.42
CA ASN E 781 -102.44 -70.11 -58.33
C ASN E 781 -101.69 -69.84 -56.99
N PHE E 782 -101.38 -70.92 -56.26
CA PHE E 782 -100.42 -70.89 -55.12
C PHE E 782 -99.78 -72.28 -54.88
N ASN E 783 -98.62 -72.30 -54.22
CA ASN E 783 -97.92 -73.56 -53.83
C ASN E 783 -98.61 -74.23 -52.63
N ILE E 784 -98.70 -75.57 -52.65
CA ILE E 784 -99.50 -76.33 -51.68
C ILE E 784 -98.66 -77.16 -50.71
N ASP E 785 -97.62 -76.52 -50.15
CA ASP E 785 -96.77 -77.15 -49.11
C ASP E 785 -97.53 -77.22 -47.76
N GLY E 786 -97.38 -78.35 -47.05
CA GLY E 786 -98.08 -78.58 -45.78
C GLY E 786 -99.60 -78.65 -45.89
N LEU E 787 -100.30 -78.00 -44.96
CA LEU E 787 -101.78 -78.02 -44.84
C LEU E 787 -102.39 -76.60 -44.71
N PHE E 788 -103.55 -76.37 -45.34
CA PHE E 788 -104.24 -75.05 -45.38
C PHE E 788 -105.35 -74.83 -44.29
N PHE E 789 -104.99 -74.17 -43.19
CA PHE E 789 -105.96 -73.83 -42.11
C PHE E 789 -106.74 -72.51 -42.40
N PRO E 790 -108.06 -72.47 -42.07
CA PRO E 790 -108.86 -71.20 -42.03
C PRO E 790 -108.54 -70.28 -40.81
N VAL E 791 -108.76 -68.96 -40.95
CA VAL E 791 -108.52 -68.00 -39.84
C VAL E 791 -109.28 -66.65 -39.97
N VAL E 792 -109.67 -66.07 -38.82
CA VAL E 792 -110.27 -64.72 -38.76
C VAL E 792 -109.42 -63.76 -37.87
N SER E 793 -108.92 -62.68 -38.49
CA SER E 793 -108.21 -61.60 -37.79
C SER E 793 -109.17 -60.46 -37.41
N PHE E 794 -108.88 -59.78 -36.29
CA PHE E 794 -109.61 -58.57 -35.85
C PHE E 794 -108.82 -57.77 -34.79
N SER E 795 -109.22 -56.51 -34.57
CA SER E 795 -108.81 -55.75 -33.38
C SER E 795 -109.98 -55.77 -32.38
N ALA E 796 -109.64 -55.76 -31.09
CA ALA E 796 -110.55 -56.17 -29.99
C ALA E 796 -111.96 -55.57 -30.01
N GLY E 797 -112.93 -56.39 -29.59
CA GLY E 797 -114.34 -56.02 -29.62
C GLY E 797 -115.13 -56.77 -30.67
N ILE E 798 -114.57 -56.87 -31.88
CA ILE E 798 -115.32 -57.33 -33.06
C ILE E 798 -115.91 -58.75 -32.82
N LYS E 799 -117.22 -58.81 -32.54
CA LYS E 799 -117.94 -60.05 -32.16
C LYS E 799 -118.55 -60.77 -33.38
N VAL E 800 -118.37 -62.10 -33.46
CA VAL E 800 -118.80 -62.94 -34.62
C VAL E 800 -119.28 -64.37 -34.21
N ARG E 801 -120.11 -64.99 -35.06
CA ARG E 801 -120.40 -66.44 -35.01
C ARG E 801 -119.71 -67.20 -36.18
N PHE E 802 -119.05 -68.32 -35.88
CA PHE E 802 -118.59 -69.29 -36.91
C PHE E 802 -119.73 -70.25 -37.30
N LEU E 803 -119.78 -70.64 -38.58
CA LEU E 803 -120.79 -71.60 -39.10
C LEU E 803 -120.15 -72.62 -40.09
N LEU E 804 -119.38 -73.56 -39.52
CA LEU E 804 -118.71 -74.66 -40.29
C LEU E 804 -119.71 -75.71 -40.78
N GLY E 805 -120.76 -75.95 -40.00
CA GLY E 805 -121.92 -76.72 -40.44
C GLY E 805 -122.53 -77.64 -39.40
N GLY E 806 -123.73 -78.11 -39.71
CA GLY E 806 -124.54 -78.90 -38.78
C GLY E 806 -125.23 -78.03 -37.76
N ARG E 807 -125.36 -78.54 -36.55
CA ARG E 807 -125.98 -77.80 -35.44
C ARG E 807 -125.17 -76.58 -35.02
N HIS E 808 -123.85 -76.69 -35.13
CA HIS E 808 -122.95 -75.57 -34.80
C HIS E 808 -123.10 -74.46 -35.85
N GLY E 809 -123.15 -74.86 -37.12
CA GLY E 809 -123.20 -73.93 -38.25
C GLY E 809 -124.54 -73.87 -38.97
N GLU E 810 -125.39 -72.95 -38.52
CA GLU E 810 -126.64 -72.62 -39.19
C GLU E 810 -126.38 -71.82 -40.50
N PHE E 811 -126.13 -72.53 -41.61
CA PHE E 811 -125.88 -71.88 -42.93
C PHE E 811 -127.08 -71.03 -43.41
N LYS E 812 -126.88 -69.71 -43.59
CA LYS E 812 -127.90 -68.81 -44.17
C LYS E 812 -127.84 -68.72 -45.72
N PHE E 813 -126.79 -69.30 -46.32
CA PHE E 813 -126.59 -69.29 -47.79
C PHE E 813 -125.85 -70.57 -48.26
N LEU E 814 -126.52 -71.37 -49.10
CA LEU E 814 -126.05 -72.73 -49.43
C LEU E 814 -124.87 -72.71 -50.42
N PRO E 815 -123.99 -73.73 -50.37
CA PRO E 815 -122.76 -73.71 -51.17
C PRO E 815 -122.95 -74.07 -52.67
N PRO E 816 -121.86 -74.03 -53.48
CA PRO E 816 -121.92 -74.49 -54.88
C PRO E 816 -121.86 -76.03 -55.03
N PRO E 817 -121.96 -76.54 -56.28
CA PRO E 817 -121.91 -77.99 -56.50
C PRO E 817 -120.52 -78.61 -56.31
N GLY E 818 -120.48 -79.77 -55.65
CA GLY E 818 -119.24 -80.54 -55.45
C GLY E 818 -118.32 -80.05 -54.34
N TYR E 819 -118.90 -79.46 -53.29
CA TYR E 819 -118.16 -78.94 -52.12
C TYR E 819 -118.52 -79.71 -50.82
N ALA E 820 -117.53 -79.88 -49.95
CA ALA E 820 -117.70 -80.50 -48.62
C ALA E 820 -117.78 -79.39 -47.52
N PRO E 821 -118.84 -79.40 -46.65
CA PRO E 821 -118.84 -78.45 -45.51
C PRO E 821 -117.73 -78.71 -44.45
N CYS E 822 -117.27 -77.64 -43.79
CA CYS E 822 -116.09 -77.67 -42.89
C CYS E 822 -116.26 -78.47 -41.58
N TYR E 823 -117.49 -78.78 -41.16
CA TYR E 823 -117.72 -79.74 -40.04
C TYR E 823 -117.20 -81.16 -40.40
N GLU E 824 -117.21 -81.46 -41.72
CA GLU E 824 -116.67 -82.73 -42.28
C GLU E 824 -115.10 -82.73 -42.35
N ALA E 825 -114.48 -81.56 -42.23
CA ALA E 825 -113.01 -81.39 -42.23
C ALA E 825 -112.35 -81.52 -40.82
N VAL E 826 -113.15 -81.88 -39.82
CA VAL E 826 -112.72 -81.85 -38.41
C VAL E 826 -112.00 -83.16 -38.03
N LEU E 827 -110.90 -83.05 -37.28
CA LEU E 827 -110.11 -84.22 -36.83
C LEU E 827 -110.87 -85.04 -35.76
N PRO E 828 -110.76 -86.40 -35.82
CA PRO E 828 -111.52 -87.29 -34.92
C PRO E 828 -111.01 -87.35 -33.44
N LYS E 829 -111.65 -88.20 -32.63
CA LYS E 829 -111.39 -88.36 -31.18
C LYS E 829 -111.71 -87.08 -30.38
N GLU E 830 -110.83 -86.08 -30.46
CA GLU E 830 -111.01 -84.80 -29.72
C GLU E 830 -112.18 -83.95 -30.30
N LYS E 831 -112.84 -83.17 -29.44
CA LYS E 831 -114.01 -82.37 -29.83
C LYS E 831 -113.65 -81.18 -30.75
N LEU E 832 -114.55 -80.86 -31.68
CA LEU E 832 -114.45 -79.70 -32.59
C LEU E 832 -114.36 -78.37 -31.81
N LYS E 833 -113.29 -77.60 -32.05
CA LYS E 833 -112.93 -76.43 -31.23
C LYS E 833 -112.12 -75.38 -32.02
N VAL E 834 -111.83 -74.25 -31.36
CA VAL E 834 -111.08 -73.14 -31.95
C VAL E 834 -109.57 -73.28 -31.63
N GLU E 835 -109.16 -72.85 -30.43
CA GLU E 835 -107.74 -72.56 -30.08
C GLU E 835 -107.18 -71.30 -30.83
N HIS E 836 -106.23 -70.60 -30.18
CA HIS E 836 -105.73 -69.28 -30.65
C HIS E 836 -105.09 -69.33 -32.06
N SER E 837 -103.80 -69.71 -32.13
CA SER E 837 -102.95 -69.66 -33.36
C SER E 837 -101.47 -69.53 -32.93
N ARG E 838 -100.68 -70.60 -33.13
CA ARG E 838 -99.35 -70.76 -32.48
C ARG E 838 -99.48 -70.61 -30.93
N GLU E 839 -99.55 -69.36 -30.44
CA GLU E 839 -99.95 -69.04 -29.05
C GLU E 839 -98.89 -69.38 -27.97
N TYR E 840 -98.69 -68.43 -27.06
CA TYR E 840 -97.70 -68.53 -25.96
C TYR E 840 -98.32 -68.51 -24.54
N LYS E 841 -99.57 -68.04 -24.39
CA LYS E 841 -100.13 -67.68 -23.07
C LYS E 841 -101.66 -67.45 -23.03
N GLN E 842 -102.39 -68.47 -22.57
CA GLN E 842 -103.73 -68.29 -21.99
C GLN E 842 -103.52 -67.86 -20.52
N GLU E 843 -104.26 -66.84 -20.06
CA GLU E 843 -103.95 -66.12 -18.80
C GLU E 843 -104.43 -66.85 -17.51
N ARG E 844 -103.67 -67.88 -17.09
CA ARG E 844 -104.01 -68.70 -15.91
C ARG E 844 -103.64 -68.01 -14.58
N THR E 845 -104.32 -68.39 -13.49
CA THR E 845 -104.27 -67.69 -12.19
C THR E 845 -102.90 -67.70 -11.46
N TYR E 846 -102.12 -68.77 -11.62
CA TYR E 846 -100.75 -68.85 -11.05
C TYR E 846 -99.89 -67.66 -11.49
N THR E 847 -99.80 -67.50 -12.82
CA THR E 847 -98.94 -66.48 -13.47
C THR E 847 -99.08 -66.56 -15.01
N ARG E 848 -98.12 -65.97 -15.74
CA ARG E 848 -98.07 -66.06 -17.21
C ARG E 848 -97.62 -67.45 -17.70
N ASP E 849 -98.60 -68.29 -18.03
CA ASP E 849 -98.37 -69.69 -18.47
C ASP E 849 -97.71 -69.78 -19.85
N LEU E 850 -96.82 -70.78 -20.02
CA LEU E 850 -95.95 -70.92 -21.23
C LEU E 850 -96.24 -72.21 -22.07
N LEU E 851 -97.21 -72.13 -22.99
CA LEU E 851 -97.59 -73.25 -23.90
C LEU E 851 -97.16 -73.00 -25.37
N GLY E 852 -97.16 -74.05 -26.19
CA GLY E 852 -96.71 -74.00 -27.62
C GLY E 852 -95.89 -75.22 -28.05
N PRO E 853 -95.30 -75.24 -29.26
CA PRO E 853 -95.52 -74.24 -30.32
C PRO E 853 -96.09 -74.84 -31.65
N THR E 854 -96.95 -75.87 -31.54
CA THR E 854 -97.64 -76.51 -32.69
C THR E 854 -96.71 -77.21 -33.72
N VAL E 855 -97.33 -77.93 -34.67
CA VAL E 855 -96.62 -78.61 -35.77
C VAL E 855 -97.53 -78.98 -36.98
N SER E 856 -98.40 -79.98 -36.81
CA SER E 856 -99.28 -80.47 -37.90
C SER E 856 -100.43 -81.34 -37.35
N PHE E 862 -102.28 -84.65 -38.66
CA PHE E 862 -101.40 -85.02 -39.76
C PHE E 862 -102.10 -86.02 -40.70
N THR E 863 -101.77 -85.93 -41.98
CA THR E 863 -102.44 -86.70 -43.05
C THR E 863 -101.99 -88.18 -43.10
N PRO E 864 -102.82 -89.07 -43.70
CA PRO E 864 -102.45 -90.50 -43.89
C PRO E 864 -101.42 -90.80 -45.02
N ILE E 865 -100.84 -92.00 -44.99
CA ILE E 865 -100.01 -92.54 -46.08
C ILE E 865 -99.80 -94.08 -45.98
N PRO E 866 -100.52 -94.90 -46.81
CA PRO E 866 -100.31 -96.38 -46.78
C PRO E 866 -98.95 -96.85 -47.39
N VAL E 867 -98.43 -97.98 -46.88
CA VAL E 867 -97.25 -98.66 -47.47
C VAL E 867 -97.60 -99.30 -48.83
N ASP E 868 -96.64 -99.29 -49.77
CA ASP E 868 -96.81 -99.87 -51.12
C ASP E 868 -97.05 -101.41 -51.08
N THR E 869 -98.09 -101.87 -51.81
CA THR E 869 -98.52 -103.30 -51.83
C THR E 869 -98.83 -103.74 -53.27
N SER E 870 -97.86 -103.56 -54.16
CA SER E 870 -97.96 -104.00 -55.56
C SER E 870 -96.56 -104.15 -56.16
N GLN E 871 -95.83 -105.15 -55.66
CA GLN E 871 -94.45 -105.42 -56.11
C GLN E 871 -94.03 -106.88 -55.84
N ILE E 872 -93.97 -107.27 -54.57
CA ILE E 872 -93.47 -108.61 -54.16
C ILE E 872 -94.54 -109.72 -54.35
N VAL E 873 -94.10 -110.91 -54.81
CA VAL E 873 -94.99 -112.05 -55.09
C VAL E 873 -94.63 -113.30 -54.24
N LEU E 874 -95.61 -113.79 -53.46
CA LEU E 874 -95.42 -114.96 -52.57
C LEU E 874 -95.35 -116.32 -53.36
N PRO E 875 -94.33 -117.20 -53.06
CA PRO E 875 -94.18 -118.51 -53.72
C PRO E 875 -95.41 -119.48 -53.62
N PRO E 876 -95.51 -120.48 -54.53
CA PRO E 876 -96.58 -121.53 -54.57
C PRO E 876 -96.89 -122.29 -53.25
N HIS E 877 -95.87 -122.52 -52.40
CA HIS E 877 -96.04 -123.15 -51.06
C HIS E 877 -96.99 -122.35 -50.13
N LEU E 878 -96.86 -121.02 -50.17
CA LEU E 878 -97.78 -120.08 -49.51
C LEU E 878 -99.17 -120.04 -50.21
N GLU E 879 -99.20 -120.20 -51.54
CA GLU E 879 -100.46 -120.24 -52.35
C GLU E 879 -101.42 -121.41 -52.00
N ARG E 880 -100.86 -122.60 -51.71
CA ARG E 880 -101.66 -123.76 -51.25
C ARG E 880 -102.27 -123.51 -49.84
N ILE E 881 -101.42 -123.01 -48.93
CA ILE E 881 -101.84 -122.62 -47.57
C ILE E 881 -102.82 -121.43 -47.62
N ARG E 882 -102.69 -120.55 -48.63
CA ARG E 882 -103.67 -119.48 -48.89
C ARG E 882 -105.07 -120.04 -49.27
N GLU E 883 -105.10 -121.12 -50.05
CA GLU E 883 -106.36 -121.84 -50.39
C GLU E 883 -107.03 -122.50 -49.14
N LYS E 884 -106.22 -123.00 -48.20
CA LYS E 884 -106.70 -123.63 -46.95
C LYS E 884 -107.25 -122.58 -45.92
N LEU E 885 -106.45 -121.52 -45.67
CA LEU E 885 -106.82 -120.40 -44.76
C LEU E 885 -108.09 -119.62 -45.22
N ALA E 886 -108.26 -119.49 -46.54
CA ALA E 886 -109.47 -118.89 -47.14
C ALA E 886 -110.77 -119.72 -46.88
N GLU E 887 -110.64 -121.06 -46.76
CA GLU E 887 -111.78 -121.93 -46.35
C GLU E 887 -112.31 -121.57 -44.94
N ASN E 888 -111.40 -121.37 -43.98
CA ASN E 888 -111.81 -121.05 -42.59
C ASN E 888 -112.30 -119.59 -42.39
N ILE E 889 -111.70 -118.62 -43.09
CA ILE E 889 -112.18 -117.20 -43.08
C ILE E 889 -113.59 -117.07 -43.69
N HIS E 890 -113.85 -117.82 -44.77
CA HIS E 890 -115.19 -117.92 -45.39
C HIS E 890 -116.22 -118.64 -44.46
N GLU E 891 -115.76 -119.61 -43.67
CA GLU E 891 -116.57 -120.22 -42.59
C GLU E 891 -116.95 -119.22 -41.47
N LEU E 892 -116.07 -118.24 -41.21
CA LEU E 892 -116.33 -117.15 -40.21
C LEU E 892 -117.38 -116.12 -40.69
N TRP E 893 -117.20 -115.62 -41.93
CA TRP E 893 -118.15 -114.67 -42.57
C TRP E 893 -119.55 -115.31 -42.80
N VAL E 894 -119.58 -116.61 -43.08
CA VAL E 894 -120.84 -117.36 -43.24
C VAL E 894 -121.53 -117.60 -41.88
N MET E 895 -120.78 -118.00 -40.85
CA MET E 895 -121.37 -118.45 -39.57
C MET E 895 -122.02 -117.33 -38.71
N ASN E 896 -121.52 -116.09 -38.85
CA ASN E 896 -122.11 -114.94 -38.13
C ASN E 896 -123.57 -114.68 -38.55
N LYS E 897 -123.87 -114.84 -39.84
CA LYS E 897 -125.23 -114.70 -40.37
C LYS E 897 -126.12 -115.90 -40.04
N ILE E 898 -125.53 -117.10 -39.94
CA ILE E 898 -126.28 -118.33 -39.56
C ILE E 898 -126.83 -118.28 -38.12
N GLU E 899 -126.16 -117.54 -37.23
CA GLU E 899 -126.67 -117.33 -35.86
C GLU E 899 -128.08 -116.71 -35.79
N LEU E 900 -128.47 -115.96 -36.83
CA LEU E 900 -129.84 -115.45 -36.95
C LEU E 900 -130.79 -116.52 -37.53
N GLY E 901 -130.51 -116.96 -38.77
CA GLY E 901 -131.30 -118.02 -39.42
C GLY E 901 -131.47 -117.85 -40.93
N TRP E 902 -130.37 -117.98 -41.67
CA TRP E 902 -130.37 -117.86 -43.13
C TRP E 902 -130.19 -119.24 -43.77
N GLN E 903 -130.35 -119.30 -45.09
CA GLN E 903 -130.26 -120.55 -45.86
C GLN E 903 -129.53 -120.32 -47.19
N TYR E 904 -129.07 -121.40 -47.80
CA TYR E 904 -128.36 -121.35 -49.10
C TYR E 904 -129.32 -121.02 -50.24
N GLY E 905 -128.88 -120.13 -51.14
CA GLY E 905 -129.63 -119.79 -52.35
C GLY E 905 -128.78 -119.12 -53.43
N PRO E 906 -129.30 -118.99 -54.67
CA PRO E 906 -128.50 -118.41 -55.76
C PRO E 906 -128.46 -116.86 -55.84
N VAL E 907 -129.59 -116.19 -55.62
CA VAL E 907 -129.70 -114.73 -55.84
C VAL E 907 -129.02 -113.88 -54.77
N ARG E 908 -128.81 -112.59 -55.08
CA ARG E 908 -128.14 -111.63 -54.18
C ARG E 908 -129.02 -110.40 -53.90
N ASP E 909 -129.46 -110.28 -52.65
CA ASP E 909 -130.19 -109.09 -52.18
C ASP E 909 -130.21 -109.05 -50.64
N ASP E 910 -130.43 -107.87 -50.08
CA ASP E 910 -130.50 -107.67 -48.63
C ASP E 910 -131.85 -108.11 -48.04
N ASN E 911 -132.93 -107.94 -48.81
CA ASN E 911 -134.30 -108.13 -48.30
C ASN E 911 -134.76 -109.59 -48.18
N LYS E 912 -134.37 -110.44 -49.13
CA LYS E 912 -134.91 -111.81 -49.23
C LYS E 912 -134.33 -112.87 -48.26
N ARG E 913 -133.35 -112.48 -47.43
CA ARG E 913 -132.68 -113.38 -46.47
C ARG E 913 -131.85 -114.50 -47.14
N GLN E 914 -131.33 -114.21 -48.33
CA GLN E 914 -130.48 -115.15 -49.08
C GLN E 914 -129.32 -114.38 -49.75
N HIS E 915 -128.24 -115.10 -50.08
CA HIS E 915 -127.02 -114.49 -50.68
C HIS E 915 -126.12 -115.60 -51.31
N PRO E 916 -125.53 -115.36 -52.54
CA PRO E 916 -124.83 -116.45 -53.29
C PRO E 916 -123.54 -117.02 -52.66
N CYS E 917 -122.77 -116.17 -51.98
CA CYS E 917 -121.55 -116.55 -51.26
C CYS E 917 -121.76 -117.46 -50.02
N LEU E 918 -122.98 -117.46 -49.43
CA LEU E 918 -123.30 -118.29 -48.25
C LEU E 918 -123.44 -119.81 -48.56
N VAL E 919 -122.29 -120.47 -48.75
CA VAL E 919 -122.16 -121.94 -48.90
C VAL E 919 -120.69 -122.38 -48.62
N GLU E 920 -120.42 -123.68 -48.54
CA GLU E 920 -119.04 -124.20 -48.38
C GLU E 920 -118.09 -123.83 -49.56
N PHE E 921 -116.81 -123.62 -49.23
CA PHE E 921 -115.75 -123.21 -50.19
C PHE E 921 -115.62 -124.15 -51.39
N SER E 922 -115.75 -125.46 -51.14
CA SER E 922 -115.64 -126.47 -52.19
C SER E 922 -116.70 -126.37 -53.29
N LYS E 923 -117.89 -125.86 -52.93
CA LYS E 923 -119.01 -125.73 -53.89
C LYS E 923 -118.86 -124.53 -54.82
N LEU E 924 -118.35 -123.41 -54.32
CA LEU E 924 -118.28 -122.15 -55.10
C LEU E 924 -117.21 -122.17 -56.24
N PRO E 925 -117.53 -121.59 -57.43
CA PRO E 925 -116.61 -121.54 -58.60
C PRO E 925 -115.39 -120.60 -58.37
N GLU E 926 -114.31 -120.78 -59.16
CA GLU E 926 -113.02 -120.02 -59.00
C GLU E 926 -113.15 -118.46 -58.99
N GLN E 927 -113.87 -117.91 -59.97
CA GLN E 927 -114.18 -116.45 -60.03
C GLN E 927 -114.90 -115.92 -58.76
N GLU E 928 -115.80 -116.75 -58.19
CA GLU E 928 -116.46 -116.48 -56.89
C GLU E 928 -115.60 -116.93 -55.66
N ARG E 929 -114.55 -117.75 -55.88
CA ARG E 929 -113.52 -118.05 -54.85
C ARG E 929 -112.59 -116.82 -54.57
N ASN E 930 -112.54 -115.87 -55.52
CA ASN E 930 -111.81 -114.59 -55.36
C ASN E 930 -112.35 -113.69 -54.20
N TYR E 931 -113.65 -113.84 -53.86
CA TYR E 931 -114.31 -113.14 -52.72
C TYR E 931 -113.53 -113.22 -51.37
N ASN E 932 -112.91 -114.38 -51.11
CA ASN E 932 -112.14 -114.66 -49.87
C ASN E 932 -110.61 -114.85 -50.09
N LEU E 933 -110.22 -115.45 -51.23
CA LEU E 933 -108.81 -115.51 -51.69
C LEU E 933 -108.11 -114.12 -51.85
N GLN E 934 -108.82 -113.10 -52.35
CA GLN E 934 -108.17 -111.83 -52.74
C GLN E 934 -107.78 -110.89 -51.57
N MET E 935 -108.66 -110.69 -50.59
CA MET E 935 -108.35 -109.85 -49.38
C MET E 935 -107.28 -110.51 -48.46
N SER E 936 -107.35 -111.84 -48.33
CA SER E 936 -106.34 -112.64 -47.60
C SER E 936 -104.95 -112.63 -48.31
N LEU E 937 -104.96 -112.63 -49.65
CA LEU E 937 -103.74 -112.55 -50.49
C LEU E 937 -103.04 -111.19 -50.36
N GLU E 938 -103.84 -110.11 -50.35
CA GLU E 938 -103.38 -108.73 -50.08
C GLU E 938 -102.78 -108.59 -48.66
N THR E 939 -103.34 -109.34 -47.69
CA THR E 939 -102.85 -109.34 -46.29
C THR E 939 -101.46 -110.02 -46.12
N LEU E 940 -101.26 -111.20 -46.70
CA LEU E 940 -99.93 -111.88 -46.68
C LEU E 940 -98.87 -111.18 -47.58
N LYS E 941 -99.33 -110.57 -48.69
CA LYS E 941 -98.48 -109.72 -49.56
C LYS E 941 -97.92 -108.52 -48.78
N THR E 942 -98.75 -107.90 -47.93
CA THR E 942 -98.29 -106.79 -47.06
C THR E 942 -97.39 -107.28 -45.90
N LEU E 943 -97.56 -108.55 -45.47
CA LEU E 943 -96.60 -109.20 -44.52
C LEU E 943 -95.16 -109.27 -45.09
N LEU E 944 -95.03 -109.65 -46.37
CA LEU E 944 -93.71 -109.62 -47.04
C LEU E 944 -93.24 -108.18 -47.44
N ALA E 945 -94.17 -107.24 -47.59
CA ALA E 945 -93.87 -105.82 -47.93
C ALA E 945 -92.98 -105.08 -46.89
N LEU E 946 -93.22 -105.35 -45.61
CA LEU E 946 -92.41 -104.77 -44.51
C LEU E 946 -91.10 -105.56 -44.22
N GLY E 947 -90.94 -106.72 -44.87
CA GLY E 947 -89.79 -107.62 -44.65
C GLY E 947 -89.91 -108.57 -43.45
N CYS E 948 -91.10 -108.62 -42.84
CA CYS E 948 -91.36 -109.50 -41.67
C CYS E 948 -91.54 -110.98 -42.08
N HIS E 949 -91.35 -111.88 -41.10
CA HIS E 949 -91.30 -113.35 -41.30
C HIS E 949 -92.65 -113.98 -41.76
N VAL E 950 -92.64 -114.69 -42.90
CA VAL E 950 -93.81 -115.45 -43.44
C VAL E 950 -93.55 -116.98 -43.57
N GLY E 951 -92.34 -117.43 -43.22
CA GLY E 951 -91.90 -118.82 -43.48
C GLY E 951 -92.47 -119.90 -42.56
N ILE E 952 -92.44 -121.15 -43.04
CA ILE E 952 -92.96 -122.32 -42.30
C ILE E 952 -92.13 -122.69 -41.04
N SER E 953 -92.81 -123.11 -39.97
CA SER E 953 -92.16 -123.68 -38.77
C SER E 953 -92.75 -125.05 -38.45
N ASP E 954 -94.07 -125.12 -38.26
CA ASP E 954 -94.80 -126.38 -38.02
C ASP E 954 -95.36 -126.92 -39.34
N GLU E 955 -95.66 -128.23 -39.35
CA GLU E 955 -96.21 -128.89 -40.54
C GLU E 955 -97.65 -128.45 -40.84
N HIS E 956 -98.07 -128.71 -42.08
CA HIS E 956 -99.39 -128.30 -42.55
C HIS E 956 -100.46 -129.27 -42.06
N ALA E 957 -101.24 -128.82 -41.07
CA ALA E 957 -102.27 -129.66 -40.44
C ALA E 957 -103.49 -129.85 -41.33
N TYR E 970 -122.72 -125.59 -29.77
CA TYR E 970 -122.76 -125.76 -31.22
C TYR E 970 -124.21 -125.98 -31.68
N GLN E 971 -124.78 -124.95 -32.30
CA GLN E 971 -126.19 -124.96 -32.71
C GLN E 971 -126.35 -125.48 -34.14
N LEU E 972 -127.33 -126.36 -34.35
CA LEU E 972 -127.59 -126.98 -35.67
C LEU E 972 -128.61 -126.16 -36.46
N THR E 973 -128.38 -126.02 -37.76
CA THR E 973 -129.23 -125.21 -38.66
C THR E 973 -129.35 -125.83 -40.06
N SER E 974 -130.24 -125.25 -40.86
CA SER E 974 -130.44 -125.68 -42.25
C SER E 974 -129.25 -125.25 -43.12
N GLY E 975 -128.77 -126.16 -43.97
CA GLY E 975 -127.61 -125.92 -44.84
C GLY E 975 -126.33 -126.52 -44.28
N TYR E 976 -125.20 -126.09 -44.86
CA TYR E 976 -123.87 -126.59 -44.46
C TYR E 976 -123.44 -126.01 -43.12
N LYS E 977 -122.74 -126.82 -42.33
CA LYS E 977 -122.20 -126.41 -41.03
C LYS E 977 -120.81 -127.01 -40.80
N PRO E 978 -119.75 -126.16 -40.79
CA PRO E 978 -118.40 -126.64 -40.54
C PRO E 978 -118.10 -126.75 -39.04
N ALA E 979 -117.23 -127.69 -38.67
CA ALA E 979 -116.79 -127.86 -37.29
C ALA E 979 -115.27 -127.68 -37.19
N PRO E 980 -114.79 -126.42 -37.35
CA PRO E 980 -113.35 -126.18 -37.14
C PRO E 980 -112.95 -126.31 -35.65
N MET E 981 -111.77 -126.88 -35.38
CA MET E 981 -111.20 -126.89 -34.03
C MET E 981 -110.94 -125.43 -33.63
N ASP E 982 -111.29 -125.08 -32.38
CA ASP E 982 -111.43 -123.67 -31.98
C ASP E 982 -110.11 -122.89 -32.10
N LEU E 983 -110.22 -121.63 -32.53
CA LEU E 983 -109.08 -120.76 -32.86
C LEU E 983 -108.53 -120.03 -31.63
N SER E 984 -109.39 -119.76 -30.65
CA SER E 984 -109.05 -118.93 -29.49
C SER E 984 -108.08 -119.56 -28.47
N PHE E 985 -107.87 -120.88 -28.53
CA PHE E 985 -107.04 -121.61 -27.55
C PHE E 985 -105.59 -121.11 -27.42
N ILE E 986 -104.93 -120.89 -28.56
CA ILE E 986 -103.49 -120.55 -28.57
C ILE E 986 -103.16 -119.19 -27.93
N LYS E 987 -101.96 -119.10 -27.32
CA LYS E 987 -101.46 -117.85 -26.68
C LYS E 987 -100.53 -117.05 -27.61
N LEU E 988 -101.06 -115.96 -28.17
CA LEU E 988 -100.37 -115.16 -29.21
C LEU E 988 -99.16 -114.37 -28.63
N THR E 989 -98.08 -114.27 -29.43
CA THR E 989 -96.91 -113.43 -29.08
C THR E 989 -97.31 -111.91 -29.13
N PRO E 990 -96.77 -111.05 -28.21
CA PRO E 990 -97.10 -109.60 -28.20
C PRO E 990 -96.86 -108.83 -29.55
N SER E 991 -95.79 -109.21 -30.27
CA SER E 991 -95.49 -108.65 -31.60
C SER E 991 -96.54 -109.03 -32.69
N GLN E 992 -97.16 -110.21 -32.53
CA GLN E 992 -98.20 -110.70 -33.46
C GLN E 992 -99.56 -109.93 -33.32
N GLU E 993 -99.98 -109.67 -32.08
CA GLU E 993 -101.16 -108.81 -31.77
C GLU E 993 -101.02 -107.34 -32.25
N ALA E 994 -99.80 -106.80 -32.19
CA ALA E 994 -99.50 -105.46 -32.75
C ALA E 994 -99.54 -105.41 -34.29
N MET E 995 -99.05 -106.49 -34.93
CA MET E 995 -98.90 -106.59 -36.41
C MET E 995 -100.22 -106.46 -37.20
N VAL E 996 -101.27 -107.12 -36.70
CA VAL E 996 -102.61 -107.13 -37.35
C VAL E 996 -103.30 -105.75 -37.40
N ASP E 997 -103.05 -104.90 -36.40
CA ASP E 997 -103.54 -103.49 -36.37
C ASP E 997 -102.98 -102.63 -37.55
N LYS E 998 -101.70 -102.85 -37.88
CA LYS E 998 -101.04 -102.17 -39.02
C LYS E 998 -101.57 -102.68 -40.39
N LEU E 999 -101.94 -103.97 -40.45
CA LEU E 999 -102.60 -104.56 -41.63
C LEU E 999 -104.03 -104.00 -41.87
N ALA E 1000 -104.79 -103.82 -40.79
CA ALA E 1000 -106.14 -103.20 -40.85
C ALA E 1000 -106.10 -101.70 -41.24
N GLU E 1001 -105.06 -100.95 -40.83
CA GLU E 1001 -104.81 -99.56 -41.32
C GLU E 1001 -104.56 -99.52 -42.84
N ASN E 1002 -103.84 -100.55 -43.34
CA ASN E 1002 -103.43 -100.64 -44.77
C ASN E 1002 -104.59 -101.01 -45.72
N ALA E 1003 -105.43 -101.99 -45.33
CA ALA E 1003 -106.66 -102.36 -46.08
C ALA E 1003 -107.74 -101.27 -46.01
N HIS E 1004 -107.82 -100.57 -44.87
CA HIS E 1004 -108.69 -99.38 -44.70
C HIS E 1004 -108.24 -98.15 -45.52
N ASN E 1005 -106.93 -98.05 -45.81
CA ASN E 1005 -106.33 -96.97 -46.64
C ASN E 1005 -106.44 -97.22 -48.17
N VAL E 1006 -106.26 -98.48 -48.63
CA VAL E 1006 -106.56 -98.85 -50.04
C VAL E 1006 -108.07 -98.71 -50.34
N TRP E 1007 -108.91 -99.09 -49.37
CA TRP E 1007 -110.38 -98.84 -49.42
C TRP E 1007 -110.72 -97.31 -49.39
N ALA E 1008 -109.88 -96.51 -48.72
CA ALA E 1008 -109.98 -95.03 -48.73
C ALA E 1008 -109.64 -94.41 -50.10
N ARG E 1009 -108.68 -95.00 -50.83
CA ARG E 1009 -108.39 -94.62 -52.23
C ARG E 1009 -109.52 -95.07 -53.18
N ASP E 1010 -110.20 -96.17 -52.86
CA ASP E 1010 -111.41 -96.64 -53.58
C ASP E 1010 -112.61 -95.65 -53.42
N ARG E 1011 -112.70 -95.00 -52.25
CA ARG E 1011 -113.77 -94.01 -51.95
C ARG E 1011 -113.43 -92.58 -52.49
N ILE E 1012 -112.14 -92.24 -52.52
CA ILE E 1012 -111.58 -91.10 -53.30
C ILE E 1012 -111.92 -91.24 -54.81
N ARG E 1013 -111.91 -92.47 -55.30
CA ARG E 1013 -112.35 -92.81 -56.68
C ARG E 1013 -113.87 -92.99 -56.82
N GLN E 1014 -114.58 -93.10 -55.68
CA GLN E 1014 -116.06 -93.13 -55.62
C GLN E 1014 -116.65 -91.78 -55.18
N ARG E 1027 -123.18 -86.89 -50.36
CA ARG E 1027 -122.92 -87.80 -49.25
C ARG E 1027 -121.62 -87.47 -48.53
N ARG E 1028 -121.44 -88.11 -47.38
CA ARG E 1028 -120.17 -88.09 -46.66
C ARG E 1028 -120.10 -89.28 -45.71
N ASN E 1029 -118.91 -89.86 -45.58
CA ASN E 1029 -118.62 -90.94 -44.61
C ASN E 1029 -117.58 -90.43 -43.57
N PRO E 1030 -117.81 -90.70 -42.25
CA PRO E 1030 -116.87 -90.31 -41.19
C PRO E 1030 -115.64 -91.23 -41.06
N ARG E 1031 -115.73 -92.49 -41.53
CA ARG E 1031 -114.63 -93.49 -41.51
C ARG E 1031 -113.50 -93.36 -42.59
N LEU E 1032 -113.56 -92.34 -43.46
CA LEU E 1032 -112.44 -92.02 -44.42
C LEU E 1032 -111.06 -91.74 -43.75
N VAL E 1033 -111.09 -91.14 -42.55
CA VAL E 1033 -109.88 -90.78 -41.76
C VAL E 1033 -108.94 -91.98 -41.42
N PRO E 1034 -107.59 -91.77 -41.44
CA PRO E 1034 -106.64 -92.85 -41.06
C PRO E 1034 -107.04 -93.62 -39.80
N TYR E 1035 -106.70 -94.91 -39.76
CA TYR E 1035 -107.11 -95.84 -38.67
C TYR E 1035 -106.59 -95.45 -37.26
N THR E 1036 -105.40 -94.84 -37.20
CA THR E 1036 -104.78 -94.38 -35.94
C THR E 1036 -105.57 -93.26 -35.21
N LEU E 1037 -106.28 -92.42 -35.99
CA LEU E 1037 -107.06 -91.29 -35.46
C LEU E 1037 -108.55 -91.64 -35.10
N LEU E 1038 -109.10 -92.70 -35.69
CA LEU E 1038 -110.52 -93.09 -35.49
C LEU E 1038 -110.79 -93.76 -34.11
N ASP E 1039 -112.03 -93.61 -33.60
CA ASP E 1039 -112.45 -94.07 -32.26
C ASP E 1039 -112.35 -95.62 -32.07
N ASP E 1040 -112.04 -96.05 -30.83
CA ASP E 1040 -111.82 -97.47 -30.47
C ASP E 1040 -113.03 -98.40 -30.69
N ARG E 1041 -114.24 -97.86 -30.50
CA ARG E 1041 -115.50 -98.58 -30.83
C ARG E 1041 -115.62 -98.89 -32.34
N THR E 1042 -115.15 -97.96 -33.19
CA THR E 1042 -115.01 -98.18 -34.65
C THR E 1042 -113.82 -99.13 -35.01
N LYS E 1043 -112.78 -99.19 -34.14
CA LYS E 1043 -111.59 -100.06 -34.35
C LYS E 1043 -111.89 -101.59 -34.37
N LYS E 1044 -112.93 -102.05 -33.66
CA LYS E 1044 -113.11 -103.50 -33.40
C LYS E 1044 -113.47 -104.44 -34.60
N SER E 1045 -113.94 -103.91 -35.74
CA SER E 1045 -114.46 -104.73 -36.87
C SER E 1045 -113.39 -105.47 -37.72
N ASN E 1046 -112.51 -104.70 -38.39
CA ASN E 1046 -111.37 -105.28 -39.14
C ASN E 1046 -110.34 -105.97 -38.20
N LYS E 1047 -110.24 -105.45 -36.96
CA LYS E 1047 -109.56 -106.14 -35.83
C LYS E 1047 -110.05 -107.59 -35.66
N ASP E 1048 -111.37 -107.78 -35.59
CA ASP E 1048 -111.99 -109.11 -35.41
C ASP E 1048 -111.80 -110.06 -36.62
N SER E 1049 -111.87 -109.51 -37.85
CA SER E 1049 -111.72 -110.31 -39.10
C SER E 1049 -110.28 -110.84 -39.32
N LEU E 1050 -109.29 -109.96 -39.17
CA LEU E 1050 -107.87 -110.32 -39.38
C LEU E 1050 -107.23 -111.03 -38.16
N ARG E 1051 -107.73 -110.76 -36.93
CA ARG E 1051 -107.39 -111.56 -35.72
C ARG E 1051 -107.76 -113.04 -35.85
N GLU E 1052 -108.92 -113.32 -36.45
CA GLU E 1052 -109.37 -114.70 -36.75
C GLU E 1052 -108.43 -115.44 -37.74
N ALA E 1053 -108.12 -114.76 -38.85
CA ALA E 1053 -107.20 -115.28 -39.89
C ALA E 1053 -105.76 -115.55 -39.38
N VAL E 1054 -105.24 -114.67 -38.49
CA VAL E 1054 -103.92 -114.89 -37.85
C VAL E 1054 -103.93 -116.01 -36.78
N ARG E 1055 -105.07 -116.22 -36.11
CA ARG E 1055 -105.26 -117.40 -35.21
C ARG E 1055 -105.25 -118.73 -36.01
N THR E 1056 -105.71 -118.68 -37.27
CA THR E 1056 -105.56 -119.82 -38.21
C THR E 1056 -104.11 -119.97 -38.76
N LEU E 1057 -103.35 -118.86 -38.83
CA LEU E 1057 -101.90 -118.89 -39.22
C LEU E 1057 -100.98 -119.59 -38.18
N LEU E 1058 -101.17 -119.27 -36.89
CA LEU E 1058 -100.50 -119.97 -35.77
C LEU E 1058 -101.13 -121.36 -35.48
N GLY E 1059 -102.37 -121.56 -35.95
CA GLY E 1059 -103.01 -122.88 -36.01
C GLY E 1059 -102.37 -123.78 -37.06
N TYR E 1060 -101.85 -123.18 -38.13
CA TYR E 1060 -100.93 -123.85 -39.08
C TYR E 1060 -99.45 -123.77 -38.63
N GLY E 1061 -99.19 -122.98 -37.58
CA GLY E 1061 -97.89 -122.92 -36.89
C GLY E 1061 -96.84 -121.99 -37.51
N TYR E 1062 -97.28 -121.04 -38.35
CA TYR E 1062 -96.38 -120.03 -38.94
C TYR E 1062 -95.96 -118.97 -37.89
N ASN E 1063 -94.65 -118.69 -37.78
CA ASN E 1063 -94.07 -117.84 -36.70
C ASN E 1063 -94.16 -116.34 -37.05
N LEU E 1064 -94.45 -115.52 -36.04
CA LEU E 1064 -94.59 -114.05 -36.17
C LEU E 1064 -94.07 -113.30 -34.92
N GLU E 1065 -92.77 -113.49 -34.63
CA GLU E 1065 -92.05 -112.72 -33.60
C GLU E 1065 -91.58 -111.35 -34.16
N ALA E 1066 -91.35 -110.37 -33.27
CA ALA E 1066 -90.98 -108.98 -33.66
C ALA E 1066 -89.67 -108.90 -34.46
N PRO E 1067 -89.53 -107.84 -35.29
CA PRO E 1067 -88.24 -107.59 -35.95
C PRO E 1067 -87.16 -107.16 -34.95
N ASP E 1068 -87.57 -106.50 -33.88
CA ASP E 1068 -86.68 -106.14 -32.77
C ASP E 1068 -86.34 -107.39 -31.95
N ARG E 1084 -89.69 -76.73 -31.98
CA ARG E 1084 -88.43 -76.01 -31.71
C ARG E 1084 -88.11 -75.93 -30.20
N PHE E 1085 -86.98 -75.29 -29.88
CA PHE E 1085 -86.53 -75.04 -28.49
C PHE E 1085 -86.48 -73.53 -28.15
N ARG E 1086 -87.48 -73.06 -27.40
CA ARG E 1086 -87.51 -71.66 -26.87
C ARG E 1086 -86.47 -71.47 -25.74
N ILE E 1087 -85.90 -70.25 -25.65
CA ILE E 1087 -84.88 -69.90 -24.61
C ILE E 1087 -85.38 -68.73 -23.70
N PHE E 1088 -86.14 -69.06 -22.65
CA PHE E 1088 -86.71 -68.07 -21.69
C PHE E 1088 -85.62 -67.47 -20.75
N ARG E 1089 -85.61 -66.14 -20.60
CA ARG E 1089 -84.55 -65.42 -19.84
C ARG E 1089 -84.99 -64.00 -19.36
N ALA E 1090 -84.57 -63.61 -18.16
CA ALA E 1090 -84.90 -62.28 -17.57
C ALA E 1090 -84.06 -61.10 -18.15
N GLU E 1091 -84.51 -59.86 -17.90
CA GLU E 1091 -83.88 -58.62 -18.45
C GLU E 1091 -82.50 -58.26 -17.81
N LYS E 1092 -81.64 -57.65 -18.65
CA LYS E 1092 -80.22 -57.33 -18.35
C LYS E 1092 -79.97 -56.46 -17.09
N THR E 1093 -80.88 -55.52 -16.84
CA THR E 1093 -80.79 -54.63 -15.66
C THR E 1093 -81.01 -55.39 -14.32
N TYR E 1094 -81.65 -56.56 -14.37
CA TYR E 1094 -81.94 -57.40 -13.17
C TYR E 1094 -80.88 -58.50 -12.87
N ALA E 1095 -79.73 -58.47 -13.54
CA ALA E 1095 -78.63 -59.43 -13.31
C ALA E 1095 -78.07 -59.36 -11.87
N VAL E 1096 -77.94 -60.52 -11.23
CA VAL E 1096 -77.55 -60.61 -9.81
C VAL E 1096 -76.02 -60.71 -9.75
N LYS E 1097 -75.39 -59.97 -8.83
CA LYS E 1097 -73.93 -60.00 -8.61
C LYS E 1097 -73.57 -60.51 -7.20
N ALA E 1098 -74.21 -59.92 -6.19
CA ALA E 1098 -74.10 -60.34 -4.78
C ALA E 1098 -75.48 -60.46 -4.13
N GLY E 1099 -75.52 -61.10 -2.95
CA GLY E 1099 -76.76 -61.31 -2.18
C GLY E 1099 -77.47 -62.63 -2.49
N ARG E 1100 -78.15 -63.18 -1.48
CA ARG E 1100 -78.87 -64.47 -1.59
C ARG E 1100 -80.22 -64.27 -2.33
N TRP E 1101 -80.58 -65.19 -3.24
CA TRP E 1101 -81.81 -65.09 -4.06
C TRP E 1101 -82.50 -66.43 -4.35
N TYR E 1102 -83.77 -66.36 -4.79
CA TYR E 1102 -84.62 -67.55 -5.01
C TYR E 1102 -85.74 -67.32 -6.06
N PHE E 1103 -85.73 -68.11 -7.15
CA PHE E 1103 -86.86 -68.20 -8.11
C PHE E 1103 -87.48 -69.63 -8.11
N GLU E 1104 -88.58 -69.81 -8.84
CA GLU E 1104 -89.25 -71.13 -8.96
C GLU E 1104 -89.52 -71.58 -10.41
N PHE E 1105 -89.83 -72.88 -10.52
CA PHE E 1105 -90.30 -73.50 -11.77
C PHE E 1105 -91.32 -74.62 -11.50
N GLU E 1106 -92.62 -74.30 -11.62
CA GLU E 1106 -93.67 -75.34 -11.66
C GLU E 1106 -93.62 -76.07 -13.03
N ALA E 1107 -93.69 -77.41 -12.99
CA ALA E 1107 -93.57 -78.27 -14.20
C ALA E 1107 -94.94 -78.84 -14.64
N VAL E 1108 -95.65 -78.13 -15.53
CA VAL E 1108 -97.04 -78.46 -15.91
C VAL E 1108 -97.16 -79.79 -16.68
N THR E 1109 -96.19 -80.07 -17.57
CA THR E 1109 -96.17 -81.34 -18.33
C THR E 1109 -94.74 -81.84 -18.47
N SER E 1110 -94.56 -83.17 -18.40
CA SER E 1110 -93.24 -83.80 -18.35
C SER E 1110 -92.61 -83.97 -19.73
N GLY E 1111 -91.29 -83.85 -19.80
CA GLY E 1111 -90.54 -83.99 -21.05
C GLY E 1111 -89.08 -83.58 -20.92
N ASP E 1112 -88.50 -83.05 -22.01
CA ASP E 1112 -87.08 -82.70 -22.07
C ASP E 1112 -86.79 -81.22 -21.65
N MET E 1113 -87.32 -80.82 -20.49
CA MET E 1113 -87.24 -79.42 -20.00
C MET E 1113 -85.93 -79.15 -19.23
N ARG E 1114 -85.47 -77.88 -19.24
CA ARG E 1114 -84.28 -77.41 -18.48
C ARG E 1114 -84.66 -76.18 -17.61
N VAL E 1115 -84.09 -76.11 -16.41
CA VAL E 1115 -84.30 -74.96 -15.49
C VAL E 1115 -83.04 -74.68 -14.63
N GLY E 1116 -82.70 -73.39 -14.43
CA GLY E 1116 -81.51 -72.98 -13.64
C GLY E 1116 -81.00 -71.56 -13.92
N TRP E 1117 -79.83 -71.23 -13.39
CA TRP E 1117 -79.21 -69.88 -13.60
C TRP E 1117 -78.29 -69.89 -14.85
N SER E 1118 -78.18 -68.75 -15.55
CA SER E 1118 -77.37 -68.63 -16.79
C SER E 1118 -76.99 -67.18 -17.18
N ARG E 1119 -75.89 -67.04 -17.91
CA ARG E 1119 -75.37 -65.72 -18.34
C ARG E 1119 -76.11 -65.17 -19.59
N PRO E 1120 -76.21 -63.82 -19.73
CA PRO E 1120 -76.83 -63.20 -20.92
C PRO E 1120 -75.99 -63.36 -22.21
N GLY E 1121 -76.67 -63.67 -23.32
CA GLY E 1121 -76.02 -63.89 -24.63
C GLY E 1121 -77.01 -64.11 -25.77
N GLU E 1127 -77.07 -73.77 -27.40
CA GLU E 1127 -77.68 -74.90 -26.67
C GLU E 1127 -77.43 -74.75 -25.16
N LEU E 1128 -78.49 -74.83 -24.35
CA LEU E 1128 -78.40 -74.71 -22.88
C LEU E 1128 -77.55 -75.85 -22.27
N GLY E 1129 -76.51 -75.49 -21.51
CA GLY E 1129 -75.61 -76.46 -20.85
C GLY E 1129 -74.46 -77.00 -21.69
N SER E 1130 -74.51 -76.83 -23.02
CA SER E 1130 -73.41 -77.24 -23.91
C SER E 1130 -72.14 -76.37 -23.76
N ASP E 1131 -72.37 -75.08 -23.44
CA ASP E 1131 -71.32 -74.03 -23.36
C ASP E 1131 -71.00 -73.53 -21.93
N GLU E 1132 -70.03 -72.60 -21.81
CA GLU E 1132 -69.67 -71.94 -20.55
C GLU E 1132 -70.78 -71.02 -19.96
N ARG E 1133 -71.74 -70.63 -20.81
CA ARG E 1133 -72.76 -69.60 -20.48
C ARG E 1133 -73.98 -70.02 -19.60
N ALA E 1134 -74.19 -71.33 -19.37
CA ALA E 1134 -75.38 -71.80 -18.60
C ALA E 1134 -75.09 -72.85 -17.49
N PHE E 1135 -76.03 -72.95 -16.53
CA PHE E 1135 -76.02 -73.94 -15.43
C PHE E 1135 -77.46 -74.47 -15.21
N ALA E 1136 -77.69 -75.78 -15.48
CA ALA E 1136 -79.05 -76.35 -15.54
C ALA E 1136 -79.24 -77.70 -14.81
N PHE E 1137 -80.51 -77.98 -14.45
CA PHE E 1137 -80.97 -79.19 -13.76
C PHE E 1137 -82.04 -79.86 -14.65
N ASP E 1138 -81.64 -80.93 -15.35
CA ASP E 1138 -82.55 -81.69 -16.23
C ASP E 1138 -83.27 -82.79 -15.44
N GLY E 1139 -84.61 -82.82 -15.53
CA GLY E 1139 -85.43 -83.87 -14.91
C GLY E 1139 -86.04 -84.76 -15.98
N PHE E 1140 -85.16 -85.44 -16.73
CA PHE E 1140 -85.53 -86.47 -17.72
C PHE E 1140 -84.38 -87.49 -17.89
N LYS E 1141 -83.26 -87.06 -18.48
CA LYS E 1141 -82.05 -87.90 -18.61
C LYS E 1141 -81.30 -88.10 -17.26
N ALA E 1142 -81.40 -87.10 -16.36
CA ALA E 1142 -80.86 -87.15 -14.97
C ALA E 1142 -79.34 -86.90 -14.86
N GLN E 1143 -78.92 -85.68 -15.20
CA GLN E 1143 -77.50 -85.28 -15.18
C GLN E 1143 -77.29 -83.75 -15.16
N ARG E 1144 -76.13 -83.31 -14.67
CA ARG E 1144 -75.68 -81.89 -14.75
C ARG E 1144 -75.38 -81.51 -16.21
N TRP E 1145 -75.86 -80.33 -16.62
CA TRP E 1145 -75.61 -79.77 -17.96
C TRP E 1145 -74.82 -78.45 -17.83
N HIS E 1146 -73.49 -78.59 -17.82
CA HIS E 1146 -72.54 -77.47 -17.94
C HIS E 1146 -71.23 -77.93 -18.61
N GLN E 1147 -70.90 -77.33 -19.76
CA GLN E 1147 -69.70 -77.68 -20.56
C GLN E 1147 -69.54 -79.21 -20.75
N GLY E 1148 -70.64 -79.86 -21.13
CA GLY E 1148 -70.71 -81.34 -21.19
C GLY E 1148 -71.36 -82.00 -19.97
N ASN E 1149 -71.80 -83.25 -20.15
CA ASN E 1149 -72.62 -83.96 -19.14
C ASN E 1149 -71.82 -84.60 -17.99
N GLU E 1150 -72.45 -84.62 -16.80
CA GLU E 1150 -72.01 -85.44 -15.64
C GLU E 1150 -73.23 -85.72 -14.72
N HIS E 1151 -73.32 -86.97 -14.22
CA HIS E 1151 -74.58 -87.53 -13.62
C HIS E 1151 -75.02 -86.87 -12.29
N TYR E 1152 -76.34 -86.76 -12.08
CA TYR E 1152 -76.92 -85.96 -10.98
C TYR E 1152 -78.46 -86.02 -10.87
N GLY E 1153 -78.95 -86.26 -9.66
CA GLY E 1153 -80.36 -85.99 -9.29
C GLY E 1153 -81.44 -86.98 -9.72
N ARG E 1154 -82.54 -87.01 -8.96
CA ARG E 1154 -83.76 -87.79 -9.31
C ARG E 1154 -84.64 -86.98 -10.28
N SER E 1155 -85.17 -87.65 -11.32
CA SER E 1155 -85.99 -86.98 -12.34
C SER E 1155 -87.38 -86.65 -11.80
N TRP E 1156 -87.91 -85.49 -12.20
CA TRP E 1156 -89.23 -85.04 -11.72
C TRP E 1156 -90.42 -85.66 -12.49
N GLN E 1157 -91.51 -85.95 -11.77
CA GLN E 1157 -92.81 -86.33 -12.36
C GLN E 1157 -93.56 -85.06 -12.81
N ALA E 1158 -94.56 -85.24 -13.69
CA ALA E 1158 -95.41 -84.12 -14.15
C ALA E 1158 -96.15 -83.42 -12.99
N GLY E 1159 -96.26 -82.09 -13.06
CA GLY E 1159 -96.91 -81.26 -12.01
C GLY E 1159 -96.02 -80.78 -10.86
N ASP E 1160 -94.75 -81.23 -10.80
CA ASP E 1160 -93.85 -80.94 -9.67
C ASP E 1160 -93.34 -79.48 -9.64
N VAL E 1161 -93.23 -78.91 -8.43
CA VAL E 1161 -92.66 -77.57 -8.18
C VAL E 1161 -91.13 -77.69 -7.91
N VAL E 1162 -90.33 -77.50 -8.97
CA VAL E 1162 -88.85 -77.41 -8.86
C VAL E 1162 -88.49 -76.07 -8.19
N GLY E 1163 -87.54 -76.12 -7.24
CA GLY E 1163 -87.07 -74.91 -6.50
C GLY E 1163 -85.61 -74.60 -6.83
N CYS E 1164 -85.30 -73.32 -7.05
CA CYS E 1164 -83.95 -72.88 -7.49
C CYS E 1164 -83.34 -71.74 -6.62
N MET E 1165 -82.63 -72.16 -5.56
CA MET E 1165 -81.83 -71.29 -4.66
C MET E 1165 -80.47 -70.91 -5.29
N VAL E 1166 -79.94 -69.73 -4.91
CA VAL E 1166 -78.54 -69.34 -5.22
C VAL E 1166 -77.94 -68.44 -4.11
N ASP E 1167 -76.67 -68.69 -3.78
CA ASP E 1167 -75.87 -67.83 -2.87
C ASP E 1167 -74.74 -67.15 -3.68
N MET E 1168 -74.86 -65.85 -3.93
CA MET E 1168 -73.92 -65.13 -4.81
C MET E 1168 -72.57 -64.79 -4.16
N ASN E 1169 -72.51 -64.83 -2.82
CA ASN E 1169 -71.27 -64.60 -2.08
C ASN E 1169 -70.52 -65.91 -1.82
N GLU E 1170 -71.26 -66.95 -1.42
CA GLU E 1170 -70.71 -68.32 -1.32
C GLU E 1170 -70.43 -68.95 -2.68
N HIS E 1171 -71.15 -68.50 -3.72
CA HIS E 1171 -71.02 -69.01 -5.09
C HIS E 1171 -71.40 -70.51 -5.21
N THR E 1172 -72.60 -70.82 -4.70
CA THR E 1172 -73.22 -72.17 -4.74
C THR E 1172 -74.73 -72.09 -5.12
N MET E 1173 -75.25 -73.17 -5.72
CA MET E 1173 -76.64 -73.24 -6.25
C MET E 1173 -77.40 -74.51 -5.82
N MET E 1174 -78.18 -74.43 -4.74
CA MET E 1174 -79.03 -75.56 -4.29
C MET E 1174 -80.29 -75.75 -5.17
N PHE E 1175 -80.66 -77.02 -5.41
CA PHE E 1175 -81.85 -77.44 -6.20
C PHE E 1175 -82.75 -78.45 -5.43
N THR E 1176 -83.69 -77.95 -4.62
CA THR E 1176 -84.67 -78.82 -3.91
C THR E 1176 -85.79 -79.23 -4.89
N LEU E 1177 -86.26 -80.49 -4.77
CA LEU E 1177 -87.34 -81.04 -5.61
C LEU E 1177 -88.51 -81.52 -4.73
N ASN E 1178 -89.54 -80.68 -4.60
CA ASN E 1178 -90.74 -80.92 -3.76
C ASN E 1178 -90.40 -81.24 -2.28
N GLY E 1179 -89.49 -80.44 -1.71
CA GLY E 1179 -89.03 -80.61 -0.33
C GLY E 1179 -88.03 -81.76 -0.14
N GLU E 1180 -87.31 -82.14 -1.20
CA GLU E 1180 -86.22 -83.13 -1.12
C GLU E 1180 -84.93 -82.56 -1.71
N ILE E 1181 -83.89 -82.44 -0.88
CA ILE E 1181 -82.55 -82.05 -1.35
C ILE E 1181 -81.98 -83.23 -2.14
N LEU E 1182 -81.42 -82.95 -3.32
CA LEU E 1182 -80.97 -84.00 -4.27
C LEU E 1182 -79.44 -84.13 -4.30
N LEU E 1183 -78.97 -85.24 -4.85
CA LEU E 1183 -77.56 -85.66 -4.78
C LEU E 1183 -76.92 -85.84 -6.17
N ASP E 1184 -75.62 -85.56 -6.28
CA ASP E 1184 -74.86 -85.65 -7.54
C ASP E 1184 -73.82 -86.81 -7.50
N ASP E 1185 -72.75 -86.74 -8.30
CA ASP E 1185 -71.70 -87.79 -8.34
C ASP E 1185 -71.07 -88.15 -6.97
N SER E 1186 -70.94 -87.17 -6.07
CA SER E 1186 -70.33 -87.39 -4.75
C SER E 1186 -71.36 -87.31 -3.59
N GLY E 1187 -71.63 -86.10 -3.06
CA GLY E 1187 -72.59 -85.94 -1.95
C GLY E 1187 -72.48 -84.66 -1.12
N SER E 1188 -73.41 -83.73 -1.34
CA SER E 1188 -73.54 -82.51 -0.51
C SER E 1188 -74.91 -81.82 -0.71
N GLU E 1189 -75.20 -80.82 0.11
CA GLU E 1189 -76.43 -80.02 -0.04
C GLU E 1189 -76.36 -79.05 -1.24
N LEU E 1190 -75.14 -78.65 -1.60
CA LEU E 1190 -74.90 -77.69 -2.70
C LEU E 1190 -74.60 -78.45 -4.00
N ALA E 1191 -75.47 -78.26 -5.00
CA ALA E 1191 -75.32 -78.96 -6.31
C ALA E 1191 -74.15 -78.39 -7.15
N PHE E 1192 -74.39 -77.42 -8.05
CA PHE E 1192 -73.31 -76.62 -8.66
C PHE E 1192 -72.62 -75.78 -7.54
N LYS E 1193 -71.29 -75.67 -7.60
CA LYS E 1193 -70.52 -74.91 -6.61
C LYS E 1193 -69.28 -74.30 -7.26
N ASP E 1194 -68.92 -73.08 -6.82
CA ASP E 1194 -67.75 -72.34 -7.33
C ASP E 1194 -67.92 -71.95 -8.83
N PHE E 1195 -68.43 -70.74 -9.07
CA PHE E 1195 -68.62 -70.17 -10.43
C PHE E 1195 -68.30 -68.66 -10.46
N ASP E 1196 -67.93 -68.15 -11.64
CA ASP E 1196 -67.54 -66.73 -11.83
C ASP E 1196 -68.74 -65.76 -11.93
N VAL E 1197 -68.58 -64.55 -11.39
CA VAL E 1197 -69.62 -63.51 -11.44
C VAL E 1197 -69.72 -62.99 -12.89
N GLY E 1198 -68.58 -62.52 -13.42
CA GLY E 1198 -68.43 -62.17 -14.85
C GLY E 1198 -69.26 -60.99 -15.35
N ASP E 1199 -70.54 -61.25 -15.65
CA ASP E 1199 -71.53 -60.23 -16.06
C ASP E 1199 -72.81 -60.25 -15.18
N GLY E 1200 -72.78 -61.03 -14.10
CA GLY E 1200 -73.96 -61.39 -13.30
C GLY E 1200 -74.69 -62.62 -13.83
N PHE E 1201 -75.69 -63.09 -13.08
CA PHE E 1201 -76.54 -64.24 -13.47
C PHE E 1201 -78.05 -63.89 -13.56
N ILE E 1202 -78.76 -64.67 -14.39
CA ILE E 1202 -80.17 -64.45 -14.76
C ILE E 1202 -80.98 -65.77 -14.57
N PRO E 1203 -82.27 -65.67 -14.15
CA PRO E 1203 -83.12 -66.90 -14.22
C PRO E 1203 -83.35 -67.36 -15.68
N VAL E 1204 -83.24 -68.66 -15.95
CA VAL E 1204 -83.30 -69.23 -17.32
C VAL E 1204 -84.03 -70.59 -17.36
N CYS E 1205 -84.68 -70.89 -18.49
CA CYS E 1205 -85.28 -72.21 -18.75
C CYS E 1205 -85.47 -72.45 -20.26
N SER E 1206 -85.53 -73.72 -20.67
CA SER E 1206 -85.81 -74.09 -22.08
C SER E 1206 -86.86 -75.21 -22.17
N LEU E 1207 -88.04 -74.87 -22.73
CA LEU E 1207 -89.17 -75.81 -22.91
C LEU E 1207 -88.99 -76.66 -24.19
N GLY E 1208 -89.35 -77.95 -24.11
CA GLY E 1208 -89.17 -78.92 -25.19
C GLY E 1208 -90.24 -78.83 -26.27
N VAL E 1209 -90.13 -79.72 -27.26
CA VAL E 1209 -91.08 -79.80 -28.39
C VAL E 1209 -92.40 -80.37 -27.87
N ALA E 1210 -93.34 -79.46 -27.58
CA ALA E 1210 -94.67 -79.77 -27.02
C ALA E 1210 -94.61 -80.04 -25.50
N GLN E 1211 -93.98 -79.10 -24.78
CA GLN E 1211 -93.94 -79.13 -23.30
C GLN E 1211 -94.37 -77.76 -22.68
N VAL E 1212 -94.93 -77.80 -21.45
CA VAL E 1212 -95.43 -76.60 -20.71
C VAL E 1212 -94.76 -76.51 -19.31
N GLY E 1213 -94.34 -75.29 -18.93
CA GLY E 1213 -93.60 -75.05 -17.67
C GLY E 1213 -93.70 -73.61 -17.15
N ARG E 1214 -94.54 -73.39 -16.14
CA ARG E 1214 -94.71 -72.06 -15.52
C ARG E 1214 -93.51 -71.63 -14.66
N MET E 1215 -93.33 -70.32 -14.54
CA MET E 1215 -92.33 -69.70 -13.64
C MET E 1215 -92.98 -68.69 -12.67
N ASN E 1216 -92.60 -68.79 -11.38
CA ASN E 1216 -93.01 -67.83 -10.34
C ASN E 1216 -91.75 -67.33 -9.60
N PHE E 1217 -91.48 -66.03 -9.73
CA PHE E 1217 -90.16 -65.47 -9.42
C PHE E 1217 -90.17 -64.96 -7.97
N GLY E 1218 -91.18 -64.18 -7.63
CA GLY E 1218 -91.51 -63.86 -6.23
C GLY E 1218 -92.96 -63.44 -6.02
N LYS E 1219 -93.88 -63.95 -6.87
CA LYS E 1219 -95.24 -63.39 -7.08
C LYS E 1219 -96.07 -63.21 -5.80
N ASP E 1220 -96.10 -64.24 -4.95
CA ASP E 1220 -96.77 -64.19 -3.64
C ASP E 1220 -96.20 -65.27 -2.71
N VAL E 1221 -96.10 -64.96 -1.40
CA VAL E 1221 -95.50 -65.89 -0.41
C VAL E 1221 -96.33 -67.18 -0.20
N SER E 1222 -97.66 -67.06 -0.31
CA SER E 1222 -98.58 -68.23 -0.28
C SER E 1222 -98.65 -68.99 -1.64
N THR E 1223 -98.25 -68.33 -2.74
CA THR E 1223 -98.22 -68.96 -4.08
C THR E 1223 -96.95 -69.82 -4.27
N LEU E 1224 -95.81 -69.34 -3.76
CA LEU E 1224 -94.55 -70.11 -3.77
C LEU E 1224 -94.67 -71.29 -2.80
N LYS E 1225 -94.94 -72.48 -3.35
CA LYS E 1225 -95.32 -73.68 -2.54
C LYS E 1225 -94.18 -74.19 -1.63
N TYR E 1226 -92.94 -74.06 -2.09
CA TYR E 1226 -91.75 -74.52 -1.35
C TYR E 1226 -90.77 -73.38 -1.04
N PHE E 1227 -91.30 -72.30 -0.47
CA PHE E 1227 -90.50 -71.17 0.07
C PHE E 1227 -90.49 -71.16 1.63
N THR E 1228 -91.67 -71.23 2.24
CA THR E 1228 -91.82 -71.36 3.71
C THR E 1228 -91.08 -72.57 4.32
N ILE E 1229 -91.04 -73.68 3.58
CA ILE E 1229 -90.30 -74.92 4.00
C ILE E 1229 -88.76 -74.73 3.83
N CYS E 1230 -88.32 -73.99 2.80
CA CYS E 1230 -86.87 -73.76 2.50
C CYS E 1230 -86.64 -72.56 1.56
N GLY E 1231 -86.49 -71.37 2.15
CA GLY E 1231 -86.28 -70.14 1.36
C GLY E 1231 -85.93 -68.92 2.18
N LEU E 1232 -86.84 -68.49 3.05
CA LEU E 1232 -86.66 -67.27 3.85
C LEU E 1232 -85.70 -67.48 5.03
N GLN E 1233 -85.59 -68.72 5.53
CA GLN E 1233 -84.74 -69.02 6.70
C GLN E 1233 -83.24 -68.87 6.42
N GLU E 1234 -82.76 -69.43 5.32
CA GLU E 1234 -81.36 -69.24 4.89
C GLU E 1234 -81.05 -67.80 4.45
N GLY E 1235 -82.08 -67.04 4.09
CA GLY E 1235 -81.95 -65.62 3.76
C GLY E 1235 -82.02 -65.28 2.27
N TYR E 1236 -82.59 -66.19 1.47
CA TYR E 1236 -82.74 -65.98 0.03
C TYR E 1236 -83.91 -65.00 -0.20
N GLU E 1237 -83.59 -63.78 -0.65
CA GLU E 1237 -84.57 -62.69 -0.79
C GLU E 1237 -85.64 -63.00 -1.86
N PRO E 1238 -86.95 -62.85 -1.50
CA PRO E 1238 -88.03 -62.86 -2.51
C PRO E 1238 -87.90 -61.69 -3.52
N PHE E 1239 -88.30 -61.92 -4.78
CA PHE E 1239 -88.21 -60.87 -5.82
C PHE E 1239 -89.24 -59.74 -5.60
N ALA E 1240 -90.46 -60.10 -5.20
CA ALA E 1240 -91.52 -59.10 -4.92
C ALA E 1240 -91.34 -58.28 -3.63
N VAL E 1241 -90.47 -58.71 -2.71
CA VAL E 1241 -90.31 -58.02 -1.41
C VAL E 1241 -89.80 -56.56 -1.53
N ASN E 1242 -88.97 -56.30 -2.55
CA ASN E 1242 -88.50 -54.93 -2.89
C ASN E 1242 -89.00 -54.45 -4.29
N THR E 1243 -90.03 -55.10 -4.83
CA THR E 1243 -90.51 -54.87 -6.22
C THR E 1243 -92.05 -54.77 -6.34
N ASN E 1244 -92.50 -53.92 -7.27
CA ASN E 1244 -93.93 -53.64 -7.47
C ASN E 1244 -94.47 -54.34 -8.72
N ARG E 1245 -93.90 -54.00 -9.89
CA ARG E 1245 -94.41 -54.47 -11.19
C ARG E 1245 -93.97 -55.92 -11.47
N ASP E 1246 -94.77 -56.67 -12.24
CA ASP E 1246 -94.41 -58.04 -12.70
C ASP E 1246 -93.11 -58.02 -13.54
N ILE E 1247 -92.27 -59.05 -13.37
CA ILE E 1247 -90.93 -59.10 -13.98
C ILE E 1247 -90.96 -59.25 -15.52
N THR E 1248 -90.12 -58.48 -16.21
CA THR E 1248 -89.92 -58.59 -17.67
C THR E 1248 -89.02 -59.81 -18.01
N MET E 1249 -89.31 -60.50 -19.11
CA MET E 1249 -88.54 -61.68 -19.58
C MET E 1249 -88.41 -61.71 -21.11
N TRP E 1250 -87.61 -62.64 -21.64
CA TRP E 1250 -87.31 -62.78 -23.10
C TRP E 1250 -87.52 -64.20 -23.65
N LEU E 1251 -87.56 -64.33 -24.98
CA LEU E 1251 -87.38 -65.62 -25.67
C LEU E 1251 -86.89 -65.47 -27.13
N SER E 1252 -85.99 -66.39 -27.55
CA SER E 1252 -85.42 -66.41 -28.93
C SER E 1252 -86.48 -66.82 -29.97
N LYS E 1253 -86.56 -66.08 -31.10
CA LYS E 1253 -87.64 -66.26 -32.10
C LYS E 1253 -87.30 -67.20 -33.30
N ARG E 1254 -88.34 -67.86 -33.82
CA ARG E 1254 -88.27 -68.74 -35.02
C ARG E 1254 -87.83 -67.98 -36.26
N LEU E 1255 -88.39 -66.79 -36.45
CA LEU E 1255 -88.18 -66.00 -37.69
C LEU E 1255 -86.75 -65.36 -37.72
N PRO E 1256 -85.98 -65.59 -38.83
CA PRO E 1256 -84.65 -64.93 -39.00
C PRO E 1256 -84.65 -63.38 -39.01
N GLN E 1257 -83.54 -62.77 -38.61
CA GLN E 1257 -83.32 -61.29 -38.65
C GLN E 1257 -81.87 -60.97 -39.09
N PHE E 1258 -81.69 -60.06 -40.06
CA PHE E 1258 -80.34 -59.58 -40.45
C PHE E 1258 -79.59 -58.84 -39.32
N LEU E 1259 -78.30 -59.14 -39.15
CA LEU E 1259 -77.40 -58.42 -38.23
C LEU E 1259 -75.97 -58.37 -38.78
N GLN E 1260 -75.29 -57.23 -38.62
CA GLN E 1260 -73.96 -56.96 -39.22
C GLN E 1260 -72.90 -58.03 -38.86
N VAL E 1261 -72.06 -58.37 -39.85
CA VAL E 1261 -71.06 -59.46 -39.71
C VAL E 1261 -70.05 -59.25 -38.54
N PRO E 1262 -70.06 -60.17 -37.53
CA PRO E 1262 -69.22 -60.02 -36.32
C PRO E 1262 -67.72 -60.27 -36.56
N SER E 1263 -66.85 -59.47 -35.90
CA SER E 1263 -65.39 -59.64 -35.98
C SER E 1263 -64.91 -61.04 -35.54
N ASN E 1264 -65.56 -61.59 -34.49
CA ASN E 1264 -65.39 -63.00 -34.10
C ASN E 1264 -66.37 -63.92 -34.88
N HIS E 1265 -65.94 -65.18 -35.07
CA HIS E 1265 -66.74 -66.24 -35.74
C HIS E 1265 -65.95 -67.58 -35.62
N GLU E 1266 -66.47 -68.65 -36.24
CA GLU E 1266 -65.62 -69.77 -36.62
C GLU E 1266 -64.76 -69.26 -37.79
N HIS E 1267 -65.44 -68.77 -38.83
CA HIS E 1267 -64.83 -67.96 -39.92
C HIS E 1267 -65.85 -67.54 -41.02
N ILE E 1268 -66.05 -66.23 -41.20
CA ILE E 1268 -66.75 -65.70 -42.39
C ILE E 1268 -66.15 -64.34 -42.82
N GLU E 1269 -65.15 -64.41 -43.72
CA GLU E 1269 -64.25 -63.27 -44.02
C GLU E 1269 -64.82 -62.23 -45.02
N VAL E 1270 -65.42 -61.15 -44.50
CA VAL E 1270 -65.77 -59.96 -45.34
C VAL E 1270 -64.47 -59.19 -45.71
N THR E 1271 -64.40 -58.65 -46.94
CA THR E 1271 -63.18 -57.94 -47.45
C THR E 1271 -63.46 -56.90 -48.54
N ARG E 1272 -62.88 -55.69 -48.38
CA ARG E 1272 -62.96 -54.57 -49.36
C ARG E 1272 -61.52 -54.13 -49.78
N ILE E 1273 -61.37 -53.64 -51.01
CA ILE E 1273 -60.08 -53.16 -51.55
C ILE E 1273 -60.24 -52.02 -52.59
N ASP E 1274 -59.23 -51.13 -52.65
CA ASP E 1274 -59.19 -49.99 -53.60
C ASP E 1274 -57.76 -49.76 -54.14
N VAL E 1285 -59.00 -51.53 -60.03
CA VAL E 1285 -60.44 -51.30 -59.80
C VAL E 1285 -60.93 -51.89 -58.46
N THR E 1286 -61.92 -51.24 -57.85
CA THR E 1286 -62.54 -51.72 -56.60
C THR E 1286 -63.40 -52.98 -56.83
N GLN E 1287 -63.27 -53.98 -55.95
CA GLN E 1287 -64.10 -55.21 -55.98
C GLN E 1287 -64.19 -55.89 -54.59
N LYS E 1288 -65.02 -56.93 -54.48
CA LYS E 1288 -65.28 -57.63 -53.20
C LYS E 1288 -65.19 -59.17 -53.32
N SER E 1289 -64.33 -59.79 -52.50
CA SER E 1289 -64.10 -61.26 -52.50
C SER E 1289 -64.20 -61.88 -51.09
N PHE E 1290 -64.54 -63.18 -51.03
CA PHE E 1290 -64.77 -63.91 -49.75
C PHE E 1290 -63.95 -65.22 -49.61
N GLY E 1291 -64.04 -65.83 -48.43
CA GLY E 1291 -63.40 -67.13 -48.13
C GLY E 1291 -64.19 -67.96 -47.13
N SER E 1292 -63.86 -69.26 -47.06
CA SER E 1292 -64.50 -70.22 -46.14
C SER E 1292 -63.46 -71.25 -45.61
N GLN E 1293 -63.00 -71.04 -44.36
CA GLN E 1293 -61.80 -71.70 -43.80
C GLN E 1293 -62.06 -73.05 -43.10
N ASN E 1294 -63.02 -73.07 -42.16
CA ASN E 1294 -63.27 -74.26 -41.30
C ASN E 1294 -63.92 -75.45 -42.04
N SER E 1295 -64.13 -76.56 -41.32
CA SER E 1295 -64.91 -77.72 -41.79
C SER E 1295 -66.44 -77.52 -41.57
N ASN E 1296 -66.95 -76.34 -41.97
CA ASN E 1296 -68.38 -76.03 -41.96
C ASN E 1296 -69.01 -76.74 -43.16
N THR E 1297 -70.19 -77.34 -42.95
CA THR E 1297 -70.84 -78.18 -43.98
C THR E 1297 -71.43 -77.38 -45.14
N ASP E 1298 -72.36 -76.46 -44.84
CA ASP E 1298 -73.06 -75.66 -45.86
C ASP E 1298 -73.86 -74.47 -45.26
N ILE E 1299 -74.69 -73.82 -46.10
CA ILE E 1299 -75.62 -72.74 -45.70
C ILE E 1299 -74.87 -71.43 -45.36
N MET E 1300 -74.72 -70.57 -46.36
CA MET E 1300 -74.20 -69.19 -46.21
C MET E 1300 -75.18 -68.19 -46.86
N PHE E 1301 -75.73 -67.28 -46.04
CA PHE E 1301 -76.88 -66.44 -46.40
C PHE E 1301 -76.55 -64.93 -46.32
N TYR E 1302 -76.09 -64.34 -47.44
CA TYR E 1302 -75.63 -62.94 -47.47
C TYR E 1302 -76.56 -61.90 -48.17
N ARG E 1303 -77.38 -61.23 -47.36
CA ARG E 1303 -78.14 -60.03 -47.79
C ARG E 1303 -77.25 -58.75 -47.74
N LEU E 1304 -77.41 -57.86 -48.73
CA LEU E 1304 -76.80 -56.51 -48.71
C LEU E 1304 -77.72 -55.55 -47.90
N SER E 1305 -77.16 -54.48 -47.31
CA SER E 1305 -77.90 -53.57 -46.42
C SER E 1305 -78.70 -52.42 -47.08
N MET E 1306 -78.55 -52.22 -48.40
CA MET E 1306 -79.08 -51.02 -49.10
C MET E 1306 -79.95 -51.33 -50.36
N PRO E 1307 -81.30 -51.35 -50.19
CA PRO E 1307 -82.30 -51.66 -51.24
C PRO E 1307 -82.57 -50.50 -52.25
N ILE E 1308 -82.91 -50.81 -53.51
CA ILE E 1308 -83.05 -49.76 -54.58
C ILE E 1308 -84.43 -49.06 -54.60
N GLU E 1309 -84.50 -47.89 -55.24
CA GLU E 1309 -85.76 -47.17 -55.48
C GLU E 1309 -85.60 -46.13 -56.59
N CYS E 1310 -86.27 -46.35 -57.73
CA CYS E 1310 -86.25 -45.42 -58.90
C CYS E 1310 -87.46 -44.48 -58.91
N THR E 1425 -81.24 -48.74 -66.57
CA THR E 1425 -80.05 -48.01 -67.03
C THR E 1425 -78.90 -48.05 -66.00
N TYR E 1426 -78.83 -49.12 -65.20
CA TYR E 1426 -77.86 -49.29 -64.08
C TYR E 1426 -77.45 -50.79 -63.87
N TYR E 1427 -76.19 -51.14 -64.19
CA TYR E 1427 -75.67 -52.54 -64.11
C TYR E 1427 -75.20 -52.96 -62.69
N TYR E 1428 -75.24 -54.28 -62.39
CA TYR E 1428 -74.69 -54.87 -61.13
C TYR E 1428 -73.91 -56.20 -61.38
N SER E 1429 -72.63 -56.10 -61.76
CA SER E 1429 -71.81 -57.28 -62.16
C SER E 1429 -71.43 -58.22 -60.98
N VAL E 1430 -71.50 -59.55 -61.21
CA VAL E 1430 -71.31 -60.61 -60.16
C VAL E 1430 -70.47 -61.81 -60.71
N ARG E 1431 -69.15 -61.82 -60.43
CA ARG E 1431 -68.25 -62.94 -60.84
C ARG E 1431 -68.30 -64.14 -59.84
N ILE E 1432 -68.01 -65.35 -60.33
CA ILE E 1432 -67.83 -66.57 -59.52
C ILE E 1432 -66.57 -67.35 -59.96
N PHE E 1433 -65.99 -68.13 -59.06
CA PHE E 1433 -64.90 -69.09 -59.41
C PHE E 1433 -65.41 -70.52 -59.70
N PRO E 1434 -66.21 -71.12 -58.79
CA PRO E 1434 -66.70 -72.47 -59.06
C PRO E 1434 -68.02 -72.47 -59.84
N ASN E 1440 -71.88 -75.14 -55.25
CA ASN E 1440 -72.83 -74.50 -56.16
C ASN E 1440 -73.49 -73.26 -55.53
N VAL E 1441 -73.82 -72.27 -56.37
CA VAL E 1441 -74.49 -71.02 -55.93
C VAL E 1441 -75.44 -70.47 -57.02
N TRP E 1442 -76.75 -70.39 -56.71
CA TRP E 1442 -77.73 -69.64 -57.55
C TRP E 1442 -77.45 -68.11 -57.57
N VAL E 1443 -77.86 -67.46 -58.66
CA VAL E 1443 -77.81 -65.97 -58.82
C VAL E 1443 -79.23 -65.40 -59.08
N GLY E 1444 -79.61 -64.35 -58.34
CA GLY E 1444 -80.93 -63.72 -58.50
C GLY E 1444 -81.42 -62.79 -57.38
N TRP E 1445 -82.48 -62.02 -57.68
CA TRP E 1445 -83.14 -61.13 -56.70
C TRP E 1445 -84.16 -61.93 -55.83
N ILE E 1446 -84.39 -61.44 -54.61
CA ILE E 1446 -85.39 -62.00 -53.66
C ILE E 1446 -86.17 -60.85 -52.97
N THR E 1447 -87.41 -61.13 -52.56
CA THR E 1447 -88.32 -60.18 -51.87
C THR E 1447 -87.72 -59.65 -50.53
N SER E 1448 -87.99 -58.39 -50.18
CA SER E 1448 -87.43 -57.71 -48.98
C SER E 1448 -87.64 -58.47 -47.65
N ASP E 1449 -88.84 -59.04 -47.48
CA ASP E 1449 -89.12 -60.03 -46.42
C ASP E 1449 -88.51 -61.41 -46.77
N PHE E 1450 -87.91 -62.08 -45.78
CA PHE E 1450 -87.34 -63.43 -45.95
C PHE E 1450 -87.17 -64.12 -44.60
N HIS E 1451 -87.55 -65.41 -44.53
CA HIS E 1451 -87.53 -66.20 -43.27
C HIS E 1451 -87.16 -67.70 -43.45
N GLN E 1452 -86.63 -68.06 -44.63
CA GLN E 1452 -86.42 -69.48 -45.03
C GLN E 1452 -84.94 -69.93 -44.84
N TYR E 1453 -84.48 -69.98 -43.59
CA TYR E 1453 -83.12 -70.47 -43.29
C TYR E 1453 -83.04 -71.99 -43.58
N ASP E 1454 -82.86 -72.32 -44.86
CA ASP E 1454 -82.87 -73.71 -45.38
C ASP E 1454 -82.32 -73.80 -46.82
N THR E 1455 -81.81 -74.98 -47.19
CA THR E 1455 -81.07 -75.18 -48.45
C THR E 1455 -81.95 -75.26 -49.73
N GLY E 1456 -83.18 -75.77 -49.60
CA GLY E 1456 -84.05 -76.08 -50.76
C GLY E 1456 -84.65 -74.89 -51.54
N PHE E 1457 -84.81 -75.07 -52.86
CA PHE E 1457 -85.34 -74.04 -53.79
C PHE E 1457 -86.14 -74.66 -54.96
N ASP E 1458 -87.02 -73.90 -55.66
CA ASP E 1458 -87.18 -72.43 -55.53
C ASP E 1458 -88.68 -71.98 -55.41
N LEU E 1459 -88.86 -70.80 -54.81
CA LEU E 1459 -90.19 -70.15 -54.63
C LEU E 1459 -90.09 -68.60 -54.58
N ASP E 1460 -91.25 -67.93 -54.61
CA ASP E 1460 -91.34 -66.46 -54.62
C ASP E 1460 -90.71 -65.80 -53.38
N VAL E 1465 -96.79 -65.25 -55.62
CA VAL E 1465 -98.17 -64.77 -55.53
C VAL E 1465 -98.62 -64.02 -56.81
N THR E 1466 -99.89 -64.21 -57.18
CA THR E 1466 -100.52 -63.56 -58.37
C THR E 1466 -101.97 -63.08 -58.09
N VAL E 1467 -102.40 -62.07 -58.87
CA VAL E 1467 -103.70 -61.38 -58.68
C VAL E 1467 -104.46 -61.24 -60.04
N THR E 1468 -105.53 -62.05 -60.23
CA THR E 1468 -106.45 -61.88 -61.35
C THR E 1468 -107.49 -60.80 -60.95
N LEU E 1469 -107.58 -59.72 -61.73
CA LEU E 1469 -108.59 -58.66 -61.53
C LEU E 1469 -109.77 -58.80 -62.52
N GLY E 1470 -110.59 -59.82 -62.29
CA GLY E 1470 -111.87 -60.00 -63.00
C GLY E 1470 -112.90 -59.09 -62.36
N ASP E 1471 -113.35 -58.06 -63.10
CA ASP E 1471 -114.21 -56.98 -62.58
C ASP E 1471 -115.63 -57.00 -63.23
N GLU E 1472 -116.66 -57.23 -62.40
CA GLU E 1472 -118.07 -57.35 -62.83
C GLU E 1472 -118.34 -58.58 -63.72
N LYS E 1473 -117.88 -58.55 -64.98
CA LYS E 1473 -118.13 -59.66 -65.93
C LYS E 1473 -117.47 -60.99 -65.47
N GLY E 1474 -116.23 -60.90 -65.00
CA GLY E 1474 -115.51 -62.06 -64.41
C GLY E 1474 -114.84 -62.99 -65.42
N LYS E 1475 -114.16 -62.41 -66.41
CA LYS E 1475 -113.36 -63.16 -67.40
C LYS E 1475 -111.83 -63.04 -67.15
N VAL E 1476 -111.44 -62.42 -66.03
CA VAL E 1476 -110.04 -62.06 -65.68
C VAL E 1476 -109.29 -61.14 -66.68
N HIS E 1477 -108.54 -60.17 -66.14
CA HIS E 1477 -107.80 -59.18 -66.92
C HIS E 1477 -106.30 -59.55 -67.08
N GLU E 1478 -105.97 -60.84 -66.91
CA GLU E 1478 -104.58 -61.37 -66.79
C GLU E 1478 -103.93 -60.98 -65.44
N SER E 1479 -102.99 -61.80 -64.94
CA SER E 1479 -102.29 -61.55 -63.65
C SER E 1479 -101.61 -60.15 -63.61
N ILE E 1480 -102.07 -59.29 -62.69
CA ILE E 1480 -101.59 -57.89 -62.60
C ILE E 1480 -100.26 -57.74 -61.82
N LYS E 1481 -100.04 -58.57 -60.81
CA LYS E 1481 -98.74 -58.65 -60.07
C LYS E 1481 -98.10 -60.06 -60.22
N ARG E 1482 -96.76 -60.08 -60.36
CA ARG E 1482 -95.98 -61.33 -60.46
C ARG E 1482 -94.50 -61.10 -60.05
N SER E 1483 -93.83 -62.17 -59.63
CA SER E 1483 -92.44 -62.12 -59.10
C SER E 1483 -92.29 -61.20 -57.86
N ASN E 1484 -93.17 -61.40 -56.88
CA ASN E 1484 -93.17 -60.59 -55.62
C ASN E 1484 -92.21 -61.15 -54.58
N UNK E 1485 -89.57 -63.84 -56.24
CA UNK E 1485 -88.91 -62.87 -57.12
C UNK E 1485 -88.10 -63.57 -58.21
N UNK E 1486 -87.63 -62.77 -59.17
CA UNK E 1486 -86.89 -63.28 -60.33
C UNK E 1486 -85.49 -63.75 -59.96
N UNK E 1487 -84.99 -64.76 -60.68
CA UNK E 1487 -83.65 -65.33 -60.44
C UNK E 1487 -83.18 -66.17 -61.62
N UNK E 1488 -81.86 -66.18 -61.86
CA UNK E 1488 -81.26 -66.94 -62.97
C UNK E 1488 -79.75 -67.14 -62.80
N UNK E 1489 -79.33 -68.40 -62.65
CA UNK E 1489 -77.91 -68.73 -62.50
C UNK E 1489 -77.22 -68.83 -63.86
N ASN E 1490 -63.10 -75.58 -60.53
CA ASN E 1490 -64.25 -75.66 -61.43
C ASN E 1490 -64.39 -74.40 -62.31
N ASN E 1491 -65.27 -74.49 -63.31
CA ASN E 1491 -65.45 -73.42 -64.30
C ASN E 1491 -66.14 -72.16 -63.75
N ASN E 1492 -65.73 -71.00 -64.26
CA ASN E 1492 -66.19 -69.68 -63.77
C ASN E 1492 -67.45 -69.14 -64.49
N GLY E 1493 -68.01 -68.04 -63.96
CA GLY E 1493 -69.21 -67.37 -64.50
C GLY E 1493 -69.27 -65.89 -64.17
N LEU E 1494 -70.16 -65.15 -64.86
CA LEU E 1494 -70.31 -63.68 -64.71
C LEU E 1494 -71.80 -63.23 -64.83
N GLU E 1495 -72.64 -63.56 -63.84
CA GLU E 1495 -74.09 -63.24 -63.90
C GLU E 1495 -74.42 -61.75 -63.57
N ILE E 1496 -74.35 -60.88 -64.59
CA ILE E 1496 -74.50 -59.42 -64.41
C ILE E 1496 -76.00 -59.02 -64.29
N GLY E 1497 -76.31 -57.96 -63.52
CA GLY E 1497 -77.69 -57.59 -63.12
C GLY E 1497 -78.20 -56.19 -63.45
N CYS E 1498 -78.70 -56.00 -64.67
CA CYS E 1498 -79.31 -54.72 -65.12
C CYS E 1498 -80.80 -54.56 -64.67
N VAL E 1499 -81.30 -53.32 -64.71
CA VAL E 1499 -82.71 -53.00 -64.43
C VAL E 1499 -83.24 -51.84 -65.29
N VAL E 1500 -84.56 -51.69 -65.32
CA VAL E 1500 -85.28 -50.64 -66.08
C VAL E 1500 -84.69 -50.30 -67.46
N GLY E 1505 -91.44 -51.45 -62.77
CA GLY E 1505 -90.08 -51.98 -62.67
C GLY E 1505 -89.73 -53.08 -63.67
N LEU E 1506 -88.43 -53.34 -63.85
CA LEU E 1506 -87.92 -54.39 -64.75
C LEU E 1506 -86.62 -55.02 -64.20
N LEU E 1507 -86.51 -56.36 -64.28
CA LEU E 1507 -85.33 -57.14 -63.87
C LEU E 1507 -84.76 -57.94 -65.07
N THR E 1508 -83.47 -57.73 -65.38
CA THR E 1508 -82.79 -58.38 -66.53
C THR E 1508 -81.40 -59.00 -66.18
N PHE E 1509 -81.35 -60.34 -66.08
CA PHE E 1509 -80.09 -61.10 -65.85
C PHE E 1509 -79.35 -61.34 -67.19
N ILE E 1510 -78.02 -61.45 -67.14
CA ILE E 1510 -77.18 -61.76 -68.34
C ILE E 1510 -75.96 -62.67 -67.98
N ALA E 1511 -76.12 -63.97 -68.23
CA ALA E 1511 -75.14 -65.01 -67.82
C ALA E 1511 -73.81 -64.97 -68.62
N ASN E 1512 -72.69 -65.13 -67.90
CA ASN E 1512 -71.32 -65.06 -68.45
C ASN E 1512 -71.03 -63.74 -69.23
N GLY E 1513 -71.77 -62.67 -68.90
CA GLY E 1513 -71.69 -61.39 -69.60
C GLY E 1513 -72.68 -61.26 -70.75
N LYS E 1514 -72.96 -62.36 -71.45
CA LYS E 1514 -73.81 -62.36 -72.64
C LYS E 1514 -75.32 -62.29 -72.31
N GLU E 1515 -76.09 -61.66 -73.20
CA GLU E 1515 -77.56 -61.60 -73.06
C GLU E 1515 -78.22 -62.96 -73.37
N LEU E 1516 -79.18 -63.35 -72.51
CA LEU E 1516 -80.00 -64.56 -72.70
C LEU E 1516 -81.50 -64.22 -72.89
N SER E 1517 -81.81 -62.95 -73.18
CA SER E 1517 -83.19 -62.40 -73.24
C SER E 1517 -83.95 -62.44 -71.89
N THR E 1518 -85.10 -61.75 -71.82
CA THR E 1518 -85.88 -61.62 -70.59
C THR E 1518 -86.60 -62.94 -70.17
N TYR E 1519 -86.62 -63.22 -68.86
CA TYR E 1519 -87.45 -64.29 -68.24
C TYR E 1519 -88.79 -63.72 -67.67
N TYR E 1520 -88.68 -62.82 -66.69
CA TYR E 1520 -89.80 -61.95 -66.27
C TYR E 1520 -89.24 -60.66 -65.67
N GLN E 1521 -90.01 -59.58 -65.79
CA GLN E 1521 -89.59 -58.23 -65.37
C GLN E 1521 -90.77 -57.48 -64.73
N VAL E 1522 -91.05 -57.79 -63.47
CA VAL E 1522 -92.29 -57.38 -62.80
C VAL E 1522 -92.15 -57.16 -61.27
N GLU E 1523 -92.31 -55.90 -60.83
CA GLU E 1523 -92.46 -55.53 -59.40
C GLU E 1523 -93.57 -54.44 -59.25
N PRO E 1524 -94.41 -54.53 -58.19
CA PRO E 1524 -95.53 -53.55 -58.08
C PRO E 1524 -95.12 -52.11 -57.72
N SER E 1525 -94.58 -51.90 -56.50
CA SER E 1525 -94.12 -50.58 -56.01
C SER E 1525 -93.31 -50.66 -54.69
N THR E 1526 -92.45 -51.67 -54.57
CA THR E 1526 -91.70 -51.99 -53.32
C THR E 1526 -90.15 -52.00 -53.48
N LYS E 1527 -89.45 -51.62 -52.41
CA LYS E 1527 -87.98 -51.69 -52.30
C LYS E 1527 -87.41 -53.15 -52.39
N LEU E 1528 -86.16 -53.31 -52.85
CA LEU E 1528 -85.52 -54.65 -53.02
C LEU E 1528 -83.97 -54.72 -52.74
N PHE E 1529 -83.62 -55.46 -51.68
CA PHE E 1529 -82.20 -55.78 -51.35
C PHE E 1529 -81.63 -56.79 -52.38
N PRO E 1530 -80.37 -56.57 -52.90
CA PRO E 1530 -79.66 -57.74 -53.48
C PRO E 1530 -79.24 -58.77 -52.40
N ALA E 1531 -79.24 -60.06 -52.75
CA ALA E 1531 -78.79 -61.13 -51.83
C ALA E 1531 -78.29 -62.40 -52.58
N VAL E 1532 -77.37 -63.14 -51.93
CA VAL E 1532 -76.84 -64.41 -52.45
C VAL E 1532 -76.71 -65.49 -51.34
N PHE E 1533 -77.52 -66.56 -51.47
CA PHE E 1533 -77.38 -67.80 -50.66
C PHE E 1533 -76.41 -68.75 -51.39
N ALA E 1534 -75.56 -69.46 -50.64
CA ALA E 1534 -74.49 -70.32 -51.24
C ALA E 1534 -74.28 -71.68 -50.56
N GLN E 1535 -73.64 -72.59 -51.30
CA GLN E 1535 -73.18 -73.90 -50.80
C GLN E 1535 -71.65 -73.88 -50.80
N ALA E 1536 -71.05 -74.15 -49.63
CA ALA E 1536 -69.60 -73.99 -49.41
C ALA E 1536 -68.78 -74.86 -50.36
N THR E 1537 -68.30 -74.26 -51.45
CA THR E 1537 -67.29 -74.88 -52.32
C THR E 1537 -65.92 -74.90 -51.62
N SER E 1538 -65.67 -73.83 -50.84
CA SER E 1538 -64.53 -73.65 -49.89
C SER E 1538 -63.48 -72.60 -50.34
N PRO E 1539 -62.81 -72.79 -51.49
CA PRO E 1539 -61.84 -71.78 -51.95
C PRO E 1539 -62.48 -70.69 -52.83
N ASN E 1540 -62.33 -69.41 -52.42
CA ASN E 1540 -62.86 -68.22 -53.15
C ASN E 1540 -64.24 -68.43 -53.84
N VAL E 1541 -65.31 -68.49 -53.02
CA VAL E 1541 -66.63 -68.96 -53.48
C VAL E 1541 -67.40 -67.96 -54.39
N PHE E 1542 -67.24 -66.65 -54.17
CA PHE E 1542 -68.08 -65.61 -54.84
C PHE E 1542 -67.43 -64.20 -54.93
N GLN E 1543 -68.00 -63.34 -55.80
CA GLN E 1543 -67.45 -61.98 -56.11
C GLN E 1543 -68.50 -60.91 -56.58
N PHE E 1544 -68.37 -59.66 -56.11
CA PHE E 1544 -69.13 -58.46 -56.58
C PHE E 1544 -68.21 -57.37 -57.19
N GLU E 1545 -68.72 -56.66 -58.22
CA GLU E 1545 -68.07 -55.45 -58.77
C GLU E 1545 -69.07 -54.40 -59.32
N ALA E 1557 -75.90 -43.46 -68.55
CA ALA E 1557 -76.04 -44.53 -67.55
C ALA E 1557 -74.94 -44.45 -66.46
N GLY E 1558 -75.35 -44.59 -65.20
CA GLY E 1558 -74.42 -44.75 -64.07
C GLY E 1558 -74.21 -46.23 -63.74
N LEU E 1559 -73.96 -46.49 -62.45
CA LEU E 1559 -73.78 -47.86 -61.91
C LEU E 1559 -74.56 -48.03 -60.56
N PHE E 1560 -74.49 -49.25 -59.99
CA PHE E 1560 -75.29 -49.67 -58.80
C PHE E 1560 -75.16 -48.75 -57.55
N LYS E 1561 -73.94 -48.28 -57.28
CA LYS E 1561 -73.69 -47.34 -56.16
C LYS E 1561 -74.29 -45.94 -56.43
N SER E 1562 -74.28 -45.55 -57.71
CA SER E 1562 -74.63 -44.18 -58.15
C SER E 1562 -76.16 -43.85 -58.11
N GLU E 1563 -77.00 -44.87 -58.32
CA GLU E 1563 -78.48 -44.69 -58.40
C GLU E 1563 -79.15 -44.39 -57.03
N HIS E 1564 -78.72 -45.10 -55.97
CA HIS E 1564 -79.37 -45.06 -54.64
C HIS E 1564 -79.20 -43.75 -53.85
N LYS E 1565 -77.99 -43.20 -53.81
CA LYS E 1565 -77.66 -41.99 -53.02
C LYS E 1565 -78.33 -40.71 -53.58
N ASN E 1566 -78.49 -39.69 -52.72
CA ASN E 1566 -79.12 -38.40 -53.09
C ASN E 1566 -78.52 -37.67 -54.35
N PRO E 1567 -77.15 -37.67 -54.52
CA PRO E 1567 -76.61 -37.26 -55.85
C PRO E 1567 -76.89 -38.27 -57.01
N VAL E 1568 -77.42 -37.78 -58.14
CA VAL E 1568 -77.82 -38.61 -59.33
C VAL E 1568 -77.63 -37.78 -60.63
N PRO E 1569 -77.14 -38.35 -61.77
CA PRO E 1569 -76.72 -39.77 -61.93
C PRO E 1569 -75.42 -40.22 -61.23
N GLN E 1570 -74.50 -39.28 -60.91
CA GLN E 1570 -73.26 -39.56 -60.13
C GLN E 1570 -72.34 -40.64 -60.77
N CYS E 1571 -71.95 -40.41 -62.03
CA CYS E 1571 -71.20 -41.39 -62.88
C CYS E 1571 -69.89 -42.04 -62.32
N PRO E 1572 -68.95 -41.26 -61.69
CA PRO E 1572 -67.73 -41.88 -61.10
C PRO E 1572 -67.98 -42.88 -59.92
N PRO E 1573 -67.23 -44.02 -59.85
CA PRO E 1573 -67.37 -45.03 -58.75
C PRO E 1573 -66.51 -44.79 -57.47
N ARG E 1574 -67.16 -44.64 -56.31
CA ARG E 1574 -66.49 -44.41 -55.00
C ARG E 1574 -67.08 -45.29 -53.85
N LEU E 1575 -66.21 -46.04 -53.17
CA LEU E 1575 -66.58 -46.93 -52.05
C LEU E 1575 -67.11 -46.14 -50.81
N HIS E 1576 -68.07 -46.73 -50.08
CA HIS E 1576 -68.71 -46.08 -48.91
C HIS E 1576 -68.95 -47.03 -47.72
N VAL E 1577 -69.07 -46.43 -46.52
CA VAL E 1577 -69.08 -47.17 -45.23
C VAL E 1577 -70.38 -47.97 -44.97
N GLN E 1578 -71.53 -47.42 -45.37
CA GLN E 1578 -72.85 -48.03 -45.03
C GLN E 1578 -73.12 -49.35 -45.81
N PHE E 1579 -72.43 -49.56 -46.95
CA PHE E 1579 -72.48 -50.85 -47.69
C PHE E 1579 -72.07 -52.05 -46.81
N LEU E 1580 -73.00 -52.49 -45.95
CA LEU E 1580 -72.80 -53.66 -45.06
C LEU E 1580 -73.10 -55.00 -45.80
N SER E 1581 -72.54 -56.10 -45.27
CA SER E 1581 -72.73 -57.46 -45.80
C SER E 1581 -72.82 -58.44 -44.63
N HIS E 1582 -74.01 -59.00 -44.42
CA HIS E 1582 -74.45 -59.53 -43.11
C HIS E 1582 -75.28 -60.83 -43.16
N VAL E 1583 -75.16 -61.65 -42.11
CA VAL E 1583 -75.83 -62.97 -42.01
C VAL E 1583 -77.17 -62.83 -41.23
N LEU E 1584 -78.13 -63.72 -41.48
CA LEU E 1584 -79.41 -63.79 -40.74
C LEU E 1584 -79.35 -64.74 -39.52
N TRP E 1585 -79.46 -64.17 -38.31
CA TRP E 1585 -79.40 -64.92 -37.03
C TRP E 1585 -80.56 -65.95 -36.84
N SER E 1586 -80.23 -67.14 -36.32
CA SER E 1586 -81.22 -68.17 -35.93
C SER E 1586 -81.99 -67.82 -34.63
N ARG E 1587 -81.33 -67.08 -33.71
CA ARG E 1587 -81.86 -66.79 -32.37
C ARG E 1587 -81.74 -65.29 -32.03
N MET E 1588 -82.89 -64.60 -32.01
CA MET E 1588 -82.99 -63.21 -31.52
C MET E 1588 -84.01 -63.13 -30.36
N PRO E 1589 -83.52 -63.13 -29.08
CA PRO E 1589 -84.47 -62.94 -27.97
C PRO E 1589 -85.14 -61.55 -27.95
N ASN E 1590 -86.45 -61.48 -27.60
CA ASN E 1590 -87.22 -60.21 -27.50
C ASN E 1590 -88.29 -60.28 -26.37
N GLN E 1591 -88.86 -59.11 -26.01
CA GLN E 1591 -89.67 -58.94 -24.77
C GLN E 1591 -91.02 -59.70 -24.73
N PHE E 1592 -91.41 -60.11 -23.51
CA PHE E 1592 -92.49 -61.09 -23.25
C PHE E 1592 -93.96 -60.62 -23.51
N LEU E 1593 -94.25 -59.32 -23.38
CA LEU E 1593 -95.63 -58.76 -23.50
C LEU E 1593 -96.62 -59.33 -22.42
N LYS E 1594 -96.76 -58.63 -21.29
CA LYS E 1594 -97.51 -59.13 -20.11
C LYS E 1594 -99.04 -59.12 -20.29
N VAL E 1595 -99.55 -57.96 -20.71
CA VAL E 1595 -101.00 -57.74 -20.96
C VAL E 1595 -101.21 -57.76 -22.49
N ASP E 1596 -101.93 -58.78 -22.99
CA ASP E 1596 -101.98 -59.12 -24.43
C ASP E 1596 -103.35 -59.48 -25.05
N VAL E 1597 -104.18 -60.23 -24.31
CA VAL E 1597 -105.41 -60.83 -24.87
C VAL E 1597 -106.49 -61.09 -23.78
N SER E 1598 -107.76 -61.03 -24.21
CA SER E 1598 -108.92 -61.30 -23.34
C SER E 1598 -110.04 -61.99 -24.15
N ARG E 1599 -109.71 -63.14 -24.72
CA ARG E 1599 -110.65 -63.96 -25.53
C ARG E 1599 -111.82 -64.54 -24.67
N ILE E 1600 -113.05 -64.51 -25.20
CA ILE E 1600 -114.27 -64.98 -24.50
C ILE E 1600 -115.30 -65.63 -25.48
N SER E 1601 -115.23 -66.95 -25.62
CA SER E 1601 -116.10 -67.73 -26.52
C SER E 1601 -117.27 -68.43 -25.81
N GLU E 1602 -118.11 -69.11 -26.61
CA GLU E 1602 -119.17 -70.03 -26.15
C GLU E 1602 -119.20 -71.28 -27.08
N ARG E 1603 -119.28 -72.48 -26.49
CA ARG E 1603 -119.23 -73.76 -27.25
C ARG E 1603 -120.61 -74.21 -27.80
N GLN E 1604 -120.60 -74.88 -28.96
CA GLN E 1604 -121.80 -75.39 -29.65
C GLN E 1604 -122.85 -74.30 -29.96
N GLY E 1605 -122.51 -73.46 -30.93
CA GLY E 1605 -123.20 -72.18 -31.22
C GLY E 1605 -122.19 -71.13 -31.68
N TRP E 1606 -121.02 -71.14 -31.02
CA TRP E 1606 -119.79 -70.43 -31.44
C TRP E 1606 -119.88 -68.88 -31.52
N LEU E 1607 -120.64 -68.30 -30.58
CA LEU E 1607 -120.62 -66.85 -30.29
C LEU E 1607 -119.26 -66.50 -29.65
N VAL E 1608 -118.56 -65.45 -30.11
CA VAL E 1608 -117.19 -65.13 -29.58
C VAL E 1608 -116.85 -63.62 -29.63
N GLN E 1609 -116.13 -63.13 -28.60
CA GLN E 1609 -115.84 -61.68 -28.42
C GLN E 1609 -114.51 -61.41 -27.62
N CYS E 1610 -113.95 -60.19 -27.74
CA CYS E 1610 -112.78 -59.73 -26.93
C CYS E 1610 -113.01 -58.34 -26.28
N LEU E 1611 -112.46 -58.12 -25.09
CA LEU E 1611 -112.82 -56.97 -24.22
C LEU E 1611 -112.27 -55.59 -24.68
N ASP E 1612 -110.95 -55.42 -24.60
CA ASP E 1612 -110.29 -54.11 -24.86
C ASP E 1612 -109.13 -54.21 -25.89
N PRO E 1613 -108.99 -53.19 -26.79
CA PRO E 1613 -107.84 -53.12 -27.75
C PRO E 1613 -106.54 -52.45 -27.19
N LEU E 1614 -105.56 -53.28 -26.84
CA LEU E 1614 -104.27 -52.84 -26.27
C LEU E 1614 -103.37 -52.33 -27.43
N GLN E 1615 -102.47 -51.37 -27.16
CA GLN E 1615 -101.73 -50.65 -28.23
C GLN E 1615 -100.18 -50.67 -28.15
N PHE E 1616 -99.53 -51.11 -29.23
CA PHE E 1616 -98.06 -51.06 -29.31
C PHE E 1616 -97.53 -49.66 -29.61
N MET E 1617 -96.29 -49.40 -29.15
CA MET E 1617 -95.44 -48.30 -29.67
C MET E 1617 -94.48 -48.93 -30.70
N SER E 1618 -95.00 -49.14 -31.92
CA SER E 1618 -94.22 -49.69 -33.06
C SER E 1618 -93.36 -48.65 -33.80
N LEU E 1619 -92.22 -49.09 -34.35
CA LEU E 1619 -91.18 -48.22 -34.98
C LEU E 1619 -90.50 -48.99 -36.14
N HIS E 1620 -90.01 -48.27 -37.18
CA HIS E 1620 -89.22 -48.89 -38.29
C HIS E 1620 -87.94 -48.08 -38.66
N ILE E 1621 -87.05 -48.72 -39.44
CA ILE E 1621 -85.88 -48.06 -40.11
C ILE E 1621 -86.05 -48.15 -41.66
N PRO E 1622 -86.49 -47.04 -42.33
CA PRO E 1622 -86.85 -47.06 -43.79
C PRO E 1622 -85.72 -47.43 -44.78
N GLU E 1623 -84.46 -47.10 -44.45
CA GLU E 1623 -83.27 -47.52 -45.22
C GLU E 1623 -83.10 -49.08 -45.28
N GLU E 1624 -83.59 -49.78 -44.25
CA GLU E 1624 -83.59 -51.26 -44.19
C GLU E 1624 -84.87 -51.78 -43.47
N ASN E 1625 -85.99 -51.75 -44.19
CA ASN E 1625 -87.37 -51.81 -43.62
C ASN E 1625 -87.75 -53.10 -42.82
N ARG E 1626 -88.32 -52.89 -41.62
CA ARG E 1626 -88.88 -53.95 -40.75
C ARG E 1626 -89.61 -53.38 -39.50
N SER E 1627 -90.56 -54.16 -38.97
CA SER E 1627 -91.24 -53.81 -37.70
C SER E 1627 -90.31 -54.04 -36.50
N VAL E 1628 -90.38 -53.14 -35.51
CA VAL E 1628 -89.78 -53.37 -34.19
C VAL E 1628 -90.32 -52.38 -33.13
N ASP E 1629 -91.27 -52.87 -32.31
CA ASP E 1629 -91.87 -52.06 -31.21
C ASP E 1629 -90.79 -51.76 -30.14
N ILE E 1630 -90.88 -50.59 -29.48
CA ILE E 1630 -89.89 -50.18 -28.43
C ILE E 1630 -89.83 -51.20 -27.27
N LEU E 1631 -91.01 -51.72 -26.89
CA LEU E 1631 -91.14 -52.78 -25.86
C LEU E 1631 -90.36 -54.05 -26.28
N GLU E 1632 -90.55 -54.47 -27.53
CA GLU E 1632 -89.78 -55.56 -28.17
C GLU E 1632 -88.29 -55.17 -28.42
N LEU E 1633 -88.05 -53.87 -28.68
CA LEU E 1633 -86.70 -53.34 -28.95
C LEU E 1633 -85.73 -53.43 -27.74
N THR E 1634 -86.27 -53.53 -26.52
CA THR E 1634 -85.47 -53.51 -25.27
C THR E 1634 -84.38 -54.61 -25.08
N GLU E 1635 -84.54 -55.78 -25.71
CA GLU E 1635 -83.54 -56.89 -25.58
C GLU E 1635 -82.17 -56.58 -26.24
N GLN E 1636 -82.17 -55.79 -27.33
CA GLN E 1636 -80.96 -55.41 -28.09
C GLN E 1636 -80.59 -53.92 -27.82
N GLU E 1637 -79.56 -53.70 -26.98
CA GLU E 1637 -79.26 -52.36 -26.41
C GLU E 1637 -78.59 -51.30 -27.33
N GLU E 1638 -77.95 -51.72 -28.42
CA GLU E 1638 -77.28 -50.78 -29.37
C GLU E 1638 -78.28 -49.80 -30.03
N LEU E 1639 -79.44 -50.34 -30.43
CA LEU E 1639 -80.55 -49.53 -30.98
C LEU E 1639 -81.23 -48.62 -29.92
N LEU E 1640 -81.08 -48.90 -28.61
CA LEU E 1640 -81.53 -47.95 -27.55
C LEU E 1640 -80.77 -46.61 -27.60
N LYS E 1641 -79.47 -46.68 -27.87
CA LYS E 1641 -78.63 -45.46 -27.99
C LYS E 1641 -78.71 -44.82 -29.40
N PHE E 1642 -78.83 -45.64 -30.44
CA PHE E 1642 -79.13 -45.18 -31.85
C PHE E 1642 -80.43 -44.33 -31.93
N HIS E 1643 -81.46 -44.76 -31.20
CA HIS E 1643 -82.79 -44.09 -31.15
C HIS E 1643 -82.79 -42.87 -30.18
N TYR E 1644 -82.09 -42.99 -29.05
CA TYR E 1644 -81.92 -41.88 -28.09
C TYR E 1644 -81.15 -40.68 -28.72
N HIS E 1645 -80.23 -40.96 -29.65
CA HIS E 1645 -79.58 -39.93 -30.52
C HIS E 1645 -80.62 -39.15 -31.35
N THR E 1646 -81.55 -39.88 -31.98
CA THR E 1646 -82.63 -39.29 -32.78
C THR E 1646 -83.52 -38.35 -31.92
N LEU E 1647 -83.81 -38.77 -30.68
CA LEU E 1647 -84.65 -38.00 -29.72
C LEU E 1647 -83.98 -36.71 -29.20
N ARG E 1648 -82.69 -36.78 -28.88
CA ARG E 1648 -81.93 -35.57 -28.48
C ARG E 1648 -81.70 -34.62 -29.68
N LEU E 1649 -81.71 -35.16 -30.91
CA LEU E 1649 -81.59 -34.34 -32.15
C LEU E 1649 -82.90 -33.57 -32.51
N TYR E 1650 -84.04 -34.25 -32.42
CA TYR E 1650 -85.37 -33.62 -32.54
C TYR E 1650 -85.60 -32.53 -31.46
N SER E 1651 -85.11 -32.79 -30.24
CA SER E 1651 -85.16 -31.81 -29.13
C SER E 1651 -84.34 -30.51 -29.39
N ALA E 1652 -83.32 -30.57 -30.25
CA ALA E 1652 -82.62 -29.36 -30.74
C ALA E 1652 -83.46 -28.52 -31.74
N VAL E 1653 -84.19 -29.19 -32.65
CA VAL E 1653 -84.81 -28.57 -33.86
C VAL E 1653 -85.92 -27.49 -33.56
N CYS E 1654 -86.74 -27.70 -32.52
CA CYS E 1654 -87.75 -26.68 -32.10
C CYS E 1654 -87.06 -25.41 -31.54
N ALA E 1655 -85.81 -25.58 -31.09
CA ALA E 1655 -84.81 -24.50 -31.01
C ALA E 1655 -85.19 -23.30 -30.09
N LEU E 1656 -85.78 -23.62 -28.93
CA LEU E 1656 -86.43 -22.64 -28.04
C LEU E 1656 -87.54 -21.85 -28.76
N GLY E 1657 -87.16 -20.87 -29.60
CA GLY E 1657 -88.12 -19.95 -30.23
C GLY E 1657 -88.66 -20.27 -31.63
N ASN E 1658 -88.35 -21.44 -32.19
CA ASN E 1658 -88.84 -21.79 -33.56
C ASN E 1658 -90.35 -22.11 -33.49
N HIS E 1659 -91.12 -21.61 -34.47
CA HIS E 1659 -92.60 -21.71 -34.48
C HIS E 1659 -93.21 -22.06 -35.86
N ARG E 1660 -92.96 -21.19 -36.86
CA ARG E 1660 -93.41 -21.37 -38.26
C ARG E 1660 -93.09 -22.77 -38.79
N VAL E 1661 -91.87 -23.23 -38.48
CA VAL E 1661 -91.38 -24.56 -38.89
C VAL E 1661 -92.04 -25.71 -38.08
N ALA E 1662 -92.43 -25.44 -36.83
CA ALA E 1662 -92.85 -26.48 -35.84
C ALA E 1662 -94.05 -27.40 -36.21
N HIS E 1663 -94.85 -27.00 -37.22
CA HIS E 1663 -95.88 -27.87 -37.88
C HIS E 1663 -95.30 -29.26 -38.32
N ALA E 1664 -94.07 -29.23 -38.86
CA ALA E 1664 -93.32 -30.43 -39.25
C ALA E 1664 -93.05 -31.40 -38.08
N LEU E 1665 -92.71 -30.85 -36.91
CA LEU E 1665 -92.53 -31.63 -35.67
C LEU E 1665 -93.85 -32.30 -35.22
N CYS E 1666 -94.98 -31.59 -35.41
CA CYS E 1666 -96.33 -32.14 -35.14
C CYS E 1666 -96.64 -33.36 -36.04
N SER E 1667 -96.16 -33.32 -37.29
CA SER E 1667 -96.22 -34.48 -38.21
C SER E 1667 -95.25 -35.63 -37.82
N HIS E 1668 -94.05 -35.28 -37.34
CA HIS E 1668 -92.98 -36.27 -37.08
C HIS E 1668 -93.23 -37.16 -35.86
N VAL E 1669 -93.38 -36.54 -34.70
CA VAL E 1669 -93.74 -37.28 -33.48
C VAL E 1669 -95.21 -37.72 -33.49
N ASP E 1670 -96.09 -36.91 -34.12
CA ASP E 1670 -97.57 -37.05 -34.05
C ASP E 1670 -98.12 -36.87 -32.61
N GLU E 1671 -99.25 -36.17 -32.48
CA GLU E 1671 -99.77 -35.77 -31.16
C GLU E 1671 -100.16 -36.97 -30.23
N PRO E 1672 -101.10 -37.85 -30.68
CA PRO E 1672 -101.52 -38.99 -29.84
C PRO E 1672 -100.44 -40.07 -29.56
N GLN E 1673 -99.48 -40.22 -30.48
CA GLN E 1673 -98.27 -41.07 -30.27
C GLN E 1673 -97.41 -40.61 -29.06
N LEU E 1674 -97.28 -39.29 -28.93
CA LEU E 1674 -96.57 -38.68 -27.79
C LEU E 1674 -97.37 -38.82 -26.47
N LEU E 1675 -98.70 -38.72 -26.54
CA LEU E 1675 -99.57 -38.92 -25.35
C LEU E 1675 -99.51 -40.36 -24.79
N TYR E 1676 -99.42 -41.37 -25.69
CA TYR E 1676 -99.14 -42.76 -25.28
C TYR E 1676 -97.70 -42.94 -24.74
N ALA E 1677 -96.74 -42.18 -25.30
CA ALA E 1677 -95.34 -42.19 -24.84
C ALA E 1677 -95.17 -41.67 -23.38
N ILE E 1678 -96.07 -40.79 -22.93
CA ILE E 1678 -96.11 -40.40 -21.51
C ILE E 1678 -96.91 -41.39 -20.63
N GLU E 1679 -98.06 -41.87 -21.13
CA GLU E 1679 -98.96 -42.78 -20.34
C GLU E 1679 -98.40 -44.21 -20.10
N ASN E 1680 -97.60 -44.73 -21.04
CA ASN E 1680 -97.04 -46.10 -20.94
C ASN E 1680 -95.90 -46.26 -19.91
N LYS E 1681 -95.77 -47.50 -19.41
CA LYS E 1681 -94.88 -47.87 -18.29
C LYS E 1681 -93.68 -48.76 -18.72
N TYR E 1682 -93.73 -49.28 -19.94
CA TYR E 1682 -92.91 -50.44 -20.36
C TYR E 1682 -91.60 -50.03 -21.06
N MET E 1683 -91.42 -48.73 -21.29
CA MET E 1683 -90.30 -48.21 -22.11
C MET E 1683 -88.96 -48.21 -21.30
N PRO E 1684 -87.82 -48.50 -21.99
CA PRO E 1684 -86.46 -48.36 -21.35
C PRO E 1684 -86.10 -46.92 -20.89
N GLY E 1685 -85.19 -46.83 -19.92
CA GLY E 1685 -84.86 -45.56 -19.21
C GLY E 1685 -84.36 -44.34 -20.00
N LEU E 1686 -83.17 -44.46 -20.61
CA LEU E 1686 -82.59 -43.34 -21.41
C LEU E 1686 -83.48 -42.88 -22.59
N LEU E 1687 -84.28 -43.79 -23.16
CA LEU E 1687 -85.33 -43.46 -24.17
C LEU E 1687 -86.51 -42.65 -23.57
N ARG E 1688 -86.88 -42.96 -22.31
CA ARG E 1688 -87.98 -42.26 -21.59
C ARG E 1688 -87.63 -40.80 -21.21
N THR E 1689 -86.37 -40.53 -20.86
CA THR E 1689 -85.86 -39.14 -20.74
C THR E 1689 -85.98 -38.35 -22.06
N GLY E 1690 -85.70 -39.02 -23.18
CA GLY E 1690 -85.79 -38.43 -24.53
C GLY E 1690 -87.19 -38.04 -24.99
N TYR E 1691 -88.16 -38.96 -24.88
CA TYR E 1691 -89.60 -38.69 -25.18
C TYR E 1691 -90.22 -37.54 -24.35
N TYR E 1692 -89.92 -37.53 -23.04
CA TYR E 1692 -90.41 -36.44 -22.16
C TYR E 1692 -89.74 -35.09 -22.51
N ASP E 1693 -88.45 -35.11 -22.90
CA ASP E 1693 -87.74 -33.90 -23.37
C ASP E 1693 -88.32 -33.33 -24.71
N LEU E 1694 -88.92 -34.20 -25.53
CA LEU E 1694 -89.65 -33.78 -26.76
C LEU E 1694 -90.98 -33.07 -26.41
N LEU E 1695 -91.77 -33.68 -25.52
CA LEU E 1695 -93.05 -33.11 -25.05
C LEU E 1695 -92.86 -31.72 -24.38
N ILE E 1696 -91.68 -31.48 -23.79
CA ILE E 1696 -91.30 -30.12 -23.30
C ILE E 1696 -90.98 -29.19 -24.51
N ASP E 1697 -90.11 -29.68 -25.41
CA ASP E 1697 -89.58 -28.90 -26.56
C ASP E 1697 -90.60 -28.59 -27.68
N ILE E 1698 -91.31 -29.62 -28.17
CA ILE E 1698 -92.28 -29.42 -29.27
C ILE E 1698 -93.51 -28.60 -28.86
N HIS E 1699 -93.80 -28.55 -27.55
CA HIS E 1699 -94.93 -27.78 -26.98
C HIS E 1699 -94.50 -26.61 -26.05
N LEU E 1700 -94.22 -26.92 -24.78
CA LEU E 1700 -94.21 -25.92 -23.69
C LEU E 1700 -92.99 -24.98 -23.64
N SER E 1701 -91.84 -25.39 -24.22
CA SER E 1701 -90.53 -24.69 -24.06
C SER E 1701 -90.48 -23.16 -24.35
N SER E 1702 -91.13 -22.73 -25.44
CA SER E 1702 -91.12 -21.31 -25.88
C SER E 1702 -91.97 -20.41 -24.95
N TYR E 1703 -93.22 -20.83 -24.72
CA TYR E 1703 -94.17 -20.10 -23.85
C TYR E 1703 -93.66 -19.98 -22.40
N ALA E 1704 -93.01 -21.02 -21.90
CA ALA E 1704 -92.32 -20.99 -20.59
C ALA E 1704 -91.11 -20.02 -20.56
N THR E 1705 -90.34 -19.96 -21.65
CA THR E 1705 -89.12 -19.10 -21.71
C THR E 1705 -89.44 -17.59 -21.65
N ALA E 1706 -90.61 -17.18 -22.15
CA ALA E 1706 -91.13 -15.81 -21.97
C ALA E 1706 -91.85 -15.60 -20.61
N ARG E 1707 -92.63 -16.60 -20.18
CA ARG E 1707 -93.47 -16.53 -18.94
C ARG E 1707 -92.67 -16.39 -17.62
N LEU E 1708 -91.43 -16.93 -17.58
CA LEU E 1708 -90.53 -16.81 -16.39
C LEU E 1708 -89.94 -15.39 -16.16
N MET E 1709 -89.59 -14.69 -17.25
CA MET E 1709 -89.12 -13.29 -17.19
C MET E 1709 -90.28 -12.28 -17.02
N MET E 1710 -91.44 -12.56 -17.62
CA MET E 1710 -92.68 -11.75 -17.40
C MET E 1710 -93.15 -11.80 -15.93
N ASN E 1711 -92.97 -12.96 -15.28
CA ASN E 1711 -93.21 -13.10 -13.82
C ASN E 1711 -92.19 -12.26 -13.00
N ASN E 1712 -90.93 -12.23 -13.47
CA ASN E 1712 -89.85 -11.44 -12.83
C ASN E 1712 -89.91 -9.91 -13.14
N GLU E 1713 -90.64 -9.51 -14.19
CA GLU E 1713 -90.75 -8.08 -14.60
C GLU E 1713 -91.61 -7.20 -13.63
N PHE E 1714 -92.65 -7.81 -13.03
CA PHE E 1714 -93.51 -7.18 -12.01
C PHE E 1714 -94.29 -5.94 -12.51
N ILE E 1715 -95.41 -6.19 -13.20
CA ILE E 1715 -96.30 -5.14 -13.75
C ILE E 1715 -97.79 -5.41 -13.35
N VAL E 1716 -98.56 -4.33 -13.13
CA VAL E 1716 -99.87 -4.39 -12.42
C VAL E 1716 -101.05 -3.63 -13.10
N PRO E 1717 -102.28 -4.21 -13.11
CA PRO E 1717 -103.53 -3.48 -13.47
C PRO E 1717 -104.22 -2.68 -12.32
N MET E 1718 -105.07 -1.71 -12.68
CA MET E 1718 -105.90 -0.92 -11.72
C MET E 1718 -107.38 -1.40 -11.67
N THR E 1719 -107.67 -2.60 -12.20
CA THR E 1719 -109.02 -3.17 -12.20
C THR E 1719 -109.51 -3.49 -10.76
N GLU E 1720 -110.84 -3.51 -10.57
CA GLU E 1720 -111.50 -3.69 -9.26
C GLU E 1720 -111.07 -4.95 -8.46
N GLU E 1721 -110.79 -6.04 -9.19
CA GLU E 1721 -110.20 -7.30 -8.63
C GLU E 1721 -108.88 -7.06 -7.85
N THR E 1722 -108.04 -6.16 -8.35
CA THR E 1722 -106.77 -5.78 -7.69
C THR E 1722 -106.99 -4.95 -6.38
N LYS E 1723 -108.05 -4.13 -6.35
CA LYS E 1723 -108.23 -3.08 -5.31
C LYS E 1723 -108.42 -3.59 -3.87
N SER E 1724 -109.28 -4.59 -3.70
CA SER E 1724 -109.63 -5.11 -2.35
C SER E 1724 -108.95 -6.46 -2.00
N ILE E 1725 -107.83 -6.79 -2.66
CA ILE E 1725 -107.19 -8.12 -2.51
C ILE E 1725 -106.58 -8.42 -1.10
N THR E 1726 -105.99 -7.40 -0.47
CA THR E 1726 -105.15 -7.51 0.76
C THR E 1726 -104.06 -8.62 0.73
N LEU E 1727 -103.27 -8.70 1.80
CA LEU E 1727 -102.21 -9.72 1.92
C LEU E 1727 -102.79 -11.00 2.58
N PHE E 1728 -102.98 -10.98 3.90
CA PHE E 1728 -103.58 -12.12 4.62
C PHE E 1728 -105.12 -12.09 4.50
N PRO E 1729 -105.78 -13.28 4.32
CA PRO E 1729 -107.27 -13.34 4.35
C PRO E 1729 -107.87 -13.01 5.72
N GLY E 1736 -104.46 -15.96 0.79
CA GLY E 1736 -103.55 -16.75 1.62
C GLY E 1736 -103.63 -18.24 1.29
N LEU E 1737 -102.87 -18.66 0.28
CA LEU E 1737 -102.87 -20.04 -0.21
C LEU E 1737 -101.63 -20.30 -1.10
N PRO E 1738 -100.90 -21.44 -0.92
CA PRO E 1738 -99.64 -21.69 -1.69
C PRO E 1738 -99.82 -21.71 -3.24
N GLY E 1739 -100.82 -22.47 -3.71
CA GLY E 1739 -101.25 -22.46 -5.11
C GLY E 1739 -102.60 -21.78 -5.25
N ILE E 1740 -102.63 -20.47 -4.95
CA ILE E 1740 -103.87 -19.67 -4.89
C ILE E 1740 -104.49 -19.44 -6.29
N GLY E 1741 -105.82 -19.28 -6.34
CA GLY E 1741 -106.56 -19.07 -7.59
C GLY E 1741 -106.44 -17.67 -8.19
N LEU E 1742 -106.43 -16.63 -7.34
CA LEU E 1742 -106.36 -15.23 -7.77
C LEU E 1742 -104.92 -14.73 -8.08
N SER E 1743 -104.08 -15.58 -8.68
CA SER E 1743 -102.83 -15.12 -9.33
C SER E 1743 -103.15 -14.08 -10.40
N THR E 1744 -104.23 -14.33 -11.17
CA THR E 1744 -104.81 -13.38 -12.17
C THR E 1744 -103.76 -12.64 -13.06
N SER E 1745 -103.28 -11.48 -12.59
CA SER E 1745 -102.34 -10.62 -13.33
C SER E 1745 -102.91 -10.23 -14.73
N LEU E 1746 -102.11 -10.37 -15.80
CA LEU E 1746 -102.61 -10.35 -17.19
C LEU E 1746 -102.22 -11.66 -17.89
N ARG E 1747 -100.91 -11.89 -18.06
CA ARG E 1747 -100.30 -13.04 -18.79
C ARG E 1747 -100.97 -13.38 -20.16
N PRO E 1748 -100.34 -12.98 -21.32
CA PRO E 1748 -100.97 -13.10 -22.66
C PRO E 1748 -101.54 -14.50 -22.99
N ARG E 1749 -102.72 -14.54 -23.64
CA ARG E 1749 -103.50 -15.79 -23.73
C ARG E 1749 -102.85 -16.84 -24.62
N MET E 1750 -102.99 -18.11 -24.23
CA MET E 1750 -102.54 -19.26 -25.04
C MET E 1750 -103.40 -19.36 -26.31
N GLN E 1751 -102.73 -19.48 -27.47
CA GLN E 1751 -103.38 -19.40 -28.79
C GLN E 1751 -102.63 -20.26 -29.84
N PHE E 1752 -103.40 -20.85 -30.77
CA PHE E 1752 -102.89 -21.85 -31.74
C PHE E 1752 -103.61 -21.77 -33.12
N SER E 1753 -102.84 -21.90 -34.21
CA SER E 1753 -103.37 -21.94 -35.59
C SER E 1753 -103.86 -23.34 -36.00
N SER E 1754 -104.51 -23.41 -37.17
CA SER E 1754 -105.01 -24.68 -37.75
C SER E 1754 -103.87 -25.67 -38.09
N PRO E 1755 -104.14 -27.00 -37.98
CA PRO E 1755 -103.18 -28.02 -38.48
C PRO E 1755 -102.90 -27.98 -40.01
N SER E 1756 -103.79 -27.35 -40.79
CA SER E 1756 -103.46 -26.94 -42.18
C SER E 1756 -102.36 -25.87 -42.18
N PHE E 1757 -101.43 -25.95 -43.14
CA PHE E 1757 -100.08 -25.35 -42.99
C PHE E 1757 -99.91 -23.87 -43.44
N VAL E 1758 -100.82 -23.36 -44.28
CA VAL E 1758 -100.85 -21.92 -44.63
C VAL E 1758 -101.30 -21.06 -43.41
N SER E 1759 -100.75 -19.85 -43.29
CA SER E 1759 -100.86 -18.99 -42.08
C SER E 1759 -100.16 -19.66 -40.90
N ILE E 1760 -99.00 -19.13 -40.52
CA ILE E 1760 -97.97 -19.91 -39.82
C ILE E 1760 -97.72 -19.52 -38.36
N ASN E 1761 -97.42 -18.24 -38.09
CA ASN E 1761 -97.06 -17.80 -36.73
C ASN E 1761 -97.18 -16.28 -36.54
N ASN E 1762 -97.61 -15.88 -35.34
CA ASN E 1762 -97.74 -14.46 -34.97
C ASN E 1762 -97.34 -14.25 -33.50
N GLU E 1763 -98.14 -14.80 -32.58
CA GLU E 1763 -97.87 -14.75 -31.13
C GLU E 1763 -98.42 -16.05 -30.54
N CYS E 1764 -97.74 -17.14 -30.87
CA CYS E 1764 -98.26 -18.50 -30.71
C CYS E 1764 -97.80 -19.23 -29.46
N TYR E 1765 -98.51 -20.31 -29.15
CA TYR E 1765 -98.26 -21.20 -28.02
C TYR E 1765 -98.21 -22.62 -28.57
N GLN E 1766 -97.47 -23.50 -27.89
CA GLN E 1766 -97.25 -24.90 -28.33
C GLN E 1766 -96.35 -24.87 -29.58
N TYR E 1767 -96.32 -25.95 -30.38
CA TYR E 1767 -95.64 -25.86 -31.69
C TYR E 1767 -96.20 -24.72 -32.57
N SER E 1768 -97.53 -24.68 -32.71
CA SER E 1768 -98.31 -23.76 -33.57
C SER E 1768 -99.73 -24.34 -33.85
N PRO E 1769 -99.82 -25.63 -34.28
CA PRO E 1769 -101.11 -26.39 -34.27
C PRO E 1769 -101.83 -26.46 -32.89
N GLU E 1770 -103.13 -26.78 -32.91
CA GLU E 1770 -103.98 -26.84 -31.69
C GLU E 1770 -103.72 -28.08 -30.80
N PHE E 1771 -103.91 -27.91 -29.48
CA PHE E 1771 -103.56 -28.92 -28.48
C PHE E 1771 -104.60 -28.96 -27.32
N PRO E 1772 -104.96 -30.19 -26.84
CA PRO E 1772 -105.93 -30.29 -25.73
C PRO E 1772 -105.34 -30.05 -24.30
N LEU E 1773 -105.60 -28.86 -23.75
CA LEU E 1773 -105.11 -28.46 -22.40
C LEU E 1773 -105.63 -29.37 -21.25
N ASP E 1774 -106.96 -29.43 -21.07
CA ASP E 1774 -107.62 -30.21 -19.99
C ASP E 1774 -107.32 -31.72 -20.01
N ILE E 1775 -107.23 -32.32 -21.20
CA ILE E 1775 -106.87 -33.74 -21.31
C ILE E 1775 -105.39 -33.96 -20.90
N LEU E 1776 -104.52 -32.99 -21.19
CA LEU E 1776 -103.08 -33.05 -20.79
C LEU E 1776 -102.89 -32.95 -19.26
N LYS E 1777 -103.60 -32.00 -18.62
CA LYS E 1777 -103.68 -31.88 -17.14
C LYS E 1777 -104.12 -33.19 -16.45
N ALA E 1778 -105.10 -33.87 -17.07
CA ALA E 1778 -105.62 -35.14 -16.55
C ALA E 1778 -104.58 -36.29 -16.62
N LYS E 1779 -104.04 -36.52 -17.81
CA LYS E 1779 -103.03 -37.58 -18.01
C LYS E 1779 -101.71 -37.28 -17.27
N THR E 1780 -101.36 -35.99 -17.13
CA THR E 1780 -100.13 -35.57 -16.44
C THR E 1780 -100.18 -35.81 -14.93
N ILE E 1781 -101.26 -35.35 -14.29
CA ILE E 1781 -101.44 -35.53 -12.83
C ILE E 1781 -101.63 -37.03 -12.44
N GLN E 1782 -102.28 -37.80 -13.30
CA GLN E 1782 -102.42 -39.26 -13.10
C GLN E 1782 -101.06 -40.01 -13.22
N MET E 1783 -100.20 -39.58 -14.14
CA MET E 1783 -98.83 -40.14 -14.26
C MET E 1783 -97.95 -39.77 -13.04
N LEU E 1784 -98.23 -38.60 -12.45
CA LEU E 1784 -97.54 -38.14 -11.22
C LEU E 1784 -97.93 -38.93 -9.95
N THR E 1785 -99.24 -39.11 -9.72
CA THR E 1785 -99.74 -39.92 -8.60
C THR E 1785 -99.42 -41.42 -8.75
N GLU E 1786 -99.35 -41.91 -10.00
CA GLU E 1786 -98.77 -43.25 -10.33
C GLU E 1786 -97.30 -43.40 -9.87
N ALA E 1787 -96.52 -42.32 -10.08
CA ALA E 1787 -95.09 -42.28 -9.69
C ALA E 1787 -94.87 -42.21 -8.15
N VAL E 1788 -95.64 -41.36 -7.46
CA VAL E 1788 -95.60 -41.26 -5.98
C VAL E 1788 -96.13 -42.58 -5.31
N LYS E 1789 -97.07 -43.27 -5.98
CA LYS E 1789 -97.58 -44.57 -5.49
C LYS E 1789 -96.53 -45.70 -5.58
N GLU E 1790 -95.95 -45.89 -6.78
CA GLU E 1790 -94.80 -46.81 -7.00
C GLU E 1790 -93.55 -46.43 -6.18
N GLY E 1791 -93.31 -45.12 -6.01
CA GLY E 1791 -92.15 -44.59 -5.27
C GLY E 1791 -92.18 -44.79 -3.76
N SER E 1792 -93.38 -44.68 -3.17
CA SER E 1792 -93.61 -44.95 -1.74
C SER E 1792 -93.60 -46.47 -1.39
N LEU E 1793 -93.82 -47.31 -2.41
CA LEU E 1793 -93.71 -48.78 -2.27
C LEU E 1793 -92.25 -49.27 -2.40
N HIS E 1794 -91.32 -48.37 -2.76
CA HIS E 1794 -89.86 -48.65 -2.86
C HIS E 1794 -89.54 -49.73 -3.93
N GLY E 1795 -89.93 -49.42 -5.17
CA GLY E 1795 -89.82 -50.35 -6.30
C GLY E 1795 -88.38 -50.59 -6.78
N ARG E 1796 -88.15 -51.81 -7.26
CA ARG E 1796 -86.86 -52.26 -7.84
C ARG E 1796 -86.96 -52.58 -9.38
N ASP E 1797 -88.16 -52.48 -9.98
CA ASP E 1797 -88.32 -52.66 -11.45
C ASP E 1797 -87.46 -51.62 -12.24
N PRO E 1798 -87.54 -50.31 -11.93
CA PRO E 1798 -88.67 -49.60 -11.31
C PRO E 1798 -89.35 -48.79 -12.43
N VAL E 1799 -90.56 -49.20 -12.85
CA VAL E 1799 -91.22 -48.72 -14.11
C VAL E 1799 -90.36 -49.07 -15.37
N GLY E 1800 -89.24 -48.37 -15.58
CA GLY E 1800 -88.32 -48.67 -16.69
C GLY E 1800 -86.90 -48.14 -16.53
N GLY E 1801 -85.98 -49.00 -16.08
CA GLY E 1801 -84.55 -48.67 -15.97
C GLY E 1801 -84.11 -48.41 -14.53
N THR E 1802 -84.34 -47.18 -14.06
CA THR E 1802 -84.06 -46.79 -12.65
C THR E 1802 -84.90 -45.57 -12.17
N THR E 1803 -84.65 -45.13 -10.92
CA THR E 1803 -85.52 -44.15 -10.22
C THR E 1803 -85.50 -42.73 -10.84
N GLU E 1804 -84.31 -42.29 -11.28
CA GLU E 1804 -84.15 -40.95 -11.90
C GLU E 1804 -85.00 -40.83 -13.19
N PHE E 1805 -85.00 -41.89 -14.01
CA PHE E 1805 -85.86 -41.95 -15.20
C PHE E 1805 -87.36 -42.05 -14.83
N LEU E 1806 -87.69 -42.71 -13.71
CA LEU E 1806 -89.10 -42.81 -13.21
C LEU E 1806 -89.75 -41.45 -12.87
N PHE E 1807 -88.98 -40.54 -12.25
CA PHE E 1807 -89.47 -39.21 -11.78
C PHE E 1807 -89.03 -37.99 -12.63
N VAL E 1808 -87.71 -37.84 -12.82
CA VAL E 1808 -87.11 -36.60 -13.41
C VAL E 1808 -87.89 -36.10 -14.67
N PRO E 1809 -88.18 -37.01 -15.65
CA PRO E 1809 -89.01 -36.58 -16.79
C PRO E 1809 -90.46 -36.10 -16.43
N LEU E 1810 -91.08 -36.73 -15.42
CA LEU E 1810 -92.46 -36.39 -14.95
C LEU E 1810 -92.55 -35.06 -14.20
N ILE E 1811 -91.62 -34.83 -13.27
CA ILE E 1811 -91.56 -33.55 -12.51
C ILE E 1811 -91.12 -32.39 -13.43
N LYS E 1812 -90.38 -32.71 -14.51
CA LYS E 1812 -90.05 -31.74 -15.60
C LYS E 1812 -91.31 -31.30 -16.38
N LEU E 1813 -92.10 -32.28 -16.84
CA LEU E 1813 -93.36 -32.02 -17.61
C LEU E 1813 -94.39 -31.22 -16.81
N PHE E 1814 -94.55 -31.57 -15.53
CA PHE E 1814 -95.43 -30.84 -14.61
C PHE E 1814 -94.89 -29.44 -14.24
N TYR E 1815 -93.57 -29.28 -14.20
CA TYR E 1815 -92.92 -27.97 -13.93
C TYR E 1815 -93.23 -26.94 -15.03
N THR E 1816 -92.97 -27.31 -16.30
CA THR E 1816 -93.26 -26.44 -17.47
C THR E 1816 -94.78 -26.14 -17.67
N LEU E 1817 -95.63 -27.15 -17.40
CA LEU E 1817 -97.11 -26.98 -17.50
C LEU E 1817 -97.69 -26.06 -16.40
N LEU E 1818 -97.08 -26.09 -15.21
CA LEU E 1818 -97.49 -25.27 -14.03
C LEU E 1818 -97.00 -23.81 -14.10
N ILE E 1819 -95.75 -23.61 -14.53
CA ILE E 1819 -95.20 -22.26 -14.74
C ILE E 1819 -95.90 -21.50 -15.87
N MET E 1820 -96.45 -22.25 -16.84
CA MET E 1820 -97.26 -21.70 -17.97
C MET E 1820 -98.45 -20.82 -17.52
N GLY E 1821 -99.11 -21.19 -16.42
CA GLY E 1821 -100.28 -20.50 -15.87
C GLY E 1821 -101.57 -21.31 -16.03
N ILE E 1822 -101.52 -22.57 -15.60
CA ILE E 1822 -102.64 -23.55 -15.76
C ILE E 1822 -102.86 -24.36 -14.46
N PHE E 1823 -103.93 -25.18 -14.45
CA PHE E 1823 -104.42 -25.98 -13.28
C PHE E 1823 -105.41 -25.19 -12.39
N HIS E 1824 -106.41 -25.89 -11.86
CA HIS E 1824 -107.37 -25.32 -10.90
C HIS E 1824 -106.74 -25.39 -9.50
N ASN E 1825 -107.24 -24.58 -8.56
CA ASN E 1825 -106.75 -24.60 -7.17
C ASN E 1825 -106.86 -26.02 -6.60
N GLU E 1826 -107.99 -26.68 -6.88
CA GLU E 1826 -108.26 -28.06 -6.39
C GLU E 1826 -107.21 -29.08 -6.84
N ASP E 1827 -106.79 -29.00 -8.12
CA ASP E 1827 -105.62 -29.77 -8.59
C ASP E 1827 -104.34 -29.34 -7.83
N LEU E 1828 -104.17 -28.03 -7.63
CA LEU E 1828 -103.07 -27.48 -6.80
C LEU E 1828 -103.13 -27.95 -5.34
N ARG E 1829 -104.34 -28.08 -4.79
CA ARG E 1829 -104.54 -28.68 -3.45
C ARG E 1829 -104.14 -30.16 -3.41
N HIS E 1830 -104.36 -30.88 -4.52
CA HIS E 1830 -103.86 -32.27 -4.66
C HIS E 1830 -102.31 -32.36 -4.78
N ILE E 1831 -101.68 -31.28 -5.24
CA ILE E 1831 -100.19 -31.17 -5.30
C ILE E 1831 -99.58 -30.90 -3.91
N LEU E 1832 -100.20 -29.98 -3.14
CA LEU E 1832 -99.77 -29.68 -1.75
C LEU E 1832 -99.94 -30.89 -0.80
N GLN E 1833 -101.03 -31.66 -1.00
CA GLN E 1833 -101.25 -32.99 -0.37
C GLN E 1833 -100.23 -34.07 -0.81
N LEU E 1834 -99.74 -33.95 -2.05
CA LEU E 1834 -98.63 -34.78 -2.54
C LEU E 1834 -97.26 -34.38 -1.93
N ILE E 1835 -97.12 -33.13 -1.44
CA ILE E 1835 -95.85 -32.60 -0.85
C ILE E 1835 -95.77 -32.74 0.70
N GLU E 1836 -96.63 -32.02 1.43
CA GLU E 1836 -96.59 -32.02 2.92
C GLU E 1836 -96.90 -33.42 3.51
N PRO E 1837 -98.01 -34.07 3.08
CA PRO E 1837 -98.13 -35.55 3.23
C PRO E 1837 -97.39 -36.33 2.14
N GLY E 1881 -96.16 -38.80 0.17
CA GLY E 1881 -94.99 -38.36 0.92
C GLY E 1881 -93.67 -38.68 0.22
N LEU E 1882 -93.58 -38.31 -1.06
CA LEU E 1882 -92.35 -38.52 -1.87
C LEU E 1882 -91.13 -37.71 -1.35
N LEU E 1883 -91.40 -36.53 -0.77
CA LEU E 1883 -90.38 -35.69 -0.08
C LEU E 1883 -89.71 -36.40 1.13
N GLN E 1884 -90.48 -37.22 1.85
CA GLN E 1884 -89.97 -38.10 2.95
C GLN E 1884 -89.06 -39.25 2.44
N MET E 1885 -89.31 -39.73 1.22
CA MET E 1885 -88.62 -40.91 0.64
C MET E 1885 -87.14 -40.65 0.27
N LYS E 1886 -86.36 -41.74 0.20
CA LYS E 1886 -85.03 -41.73 -0.43
C LYS E 1886 -85.19 -41.42 -1.94
N LEU E 1887 -84.54 -40.34 -2.40
CA LEU E 1887 -84.51 -39.94 -3.82
C LEU E 1887 -83.03 -39.83 -4.30
N PRO E 1888 -82.75 -40.16 -5.60
CA PRO E 1888 -81.45 -39.86 -6.23
C PRO E 1888 -81.30 -38.36 -6.60
N GLU E 1889 -80.11 -37.96 -7.09
CA GLU E 1889 -79.75 -36.53 -7.27
C GLU E 1889 -80.78 -35.69 -8.11
N PRO E 1890 -81.00 -36.10 -9.39
CA PRO E 1890 -81.81 -35.26 -10.29
C PRO E 1890 -83.32 -35.18 -9.91
N VAL E 1891 -83.84 -36.17 -9.17
CA VAL E 1891 -85.23 -36.13 -8.63
C VAL E 1891 -85.36 -34.96 -7.60
N LYS E 1892 -84.32 -34.78 -6.78
CA LYS E 1892 -84.28 -33.66 -5.81
C LYS E 1892 -84.08 -32.30 -6.53
N LEU E 1893 -83.41 -32.32 -7.70
CA LEU E 1893 -83.27 -31.13 -8.59
C LEU E 1893 -84.62 -30.58 -9.11
N GLN E 1894 -85.38 -31.43 -9.81
CA GLN E 1894 -86.69 -31.03 -10.38
C GLN E 1894 -87.75 -30.67 -9.31
N MET E 1895 -87.74 -31.38 -8.16
CA MET E 1895 -88.61 -31.04 -7.00
C MET E 1895 -88.28 -29.63 -6.44
N CYS E 1896 -86.98 -29.31 -6.41
CA CYS E 1896 -86.49 -27.97 -6.00
C CYS E 1896 -86.93 -26.86 -6.99
N LEU E 1897 -86.95 -27.17 -8.29
CA LEU E 1897 -87.46 -26.23 -9.31
C LEU E 1897 -88.99 -26.00 -9.23
N LEU E 1898 -89.73 -27.01 -8.76
CA LEU E 1898 -91.21 -26.92 -8.57
C LEU E 1898 -91.58 -25.90 -7.47
N LEU E 1899 -90.92 -26.06 -6.31
CA LEU E 1899 -91.03 -25.10 -5.19
C LEU E 1899 -90.59 -23.66 -5.60
N GLN E 1900 -89.69 -23.54 -6.59
CA GLN E 1900 -89.31 -22.23 -7.18
C GLN E 1900 -90.49 -21.50 -7.84
N TYR E 1901 -91.36 -22.23 -8.56
CA TYR E 1901 -92.60 -21.61 -9.10
C TYR E 1901 -93.62 -21.27 -7.99
N LEU E 1902 -93.67 -22.07 -6.92
CA LEU E 1902 -94.52 -21.75 -5.74
C LEU E 1902 -94.14 -20.40 -5.06
N CYS E 1903 -92.85 -20.24 -4.76
CA CYS E 1903 -92.29 -18.99 -4.20
C CYS E 1903 -92.49 -17.76 -5.12
N ASP E 1904 -92.34 -17.95 -6.44
CA ASP E 1904 -92.48 -16.87 -7.44
C ASP E 1904 -93.95 -16.33 -7.52
N CYS E 1905 -94.92 -17.24 -7.62
CA CYS E 1905 -96.35 -16.85 -7.62
C CYS E 1905 -96.83 -16.26 -6.27
N GLN E 1906 -96.27 -16.74 -5.15
CA GLN E 1906 -96.58 -16.15 -3.83
C GLN E 1906 -95.97 -14.74 -3.66
N VAL E 1907 -94.83 -14.47 -4.32
CA VAL E 1907 -94.28 -13.09 -4.43
C VAL E 1907 -95.25 -12.17 -5.21
N ARG E 1908 -95.89 -12.71 -6.25
CA ARG E 1908 -96.96 -11.98 -6.98
C ARG E 1908 -98.16 -11.64 -6.05
N HIS E 1909 -98.56 -12.59 -5.19
CA HIS E 1909 -99.64 -12.36 -4.19
C HIS E 1909 -99.29 -11.25 -3.17
N ARG E 1910 -98.02 -11.20 -2.73
CA ARG E 1910 -97.60 -10.21 -1.70
C ARG E 1910 -97.44 -8.79 -2.28
N ILE E 1911 -96.77 -8.66 -3.44
CA ILE E 1911 -96.61 -7.35 -4.11
C ILE E 1911 -97.94 -6.77 -4.62
N GLU E 1912 -98.83 -7.64 -5.12
CA GLU E 1912 -100.21 -7.23 -5.54
C GLU E 1912 -101.04 -6.72 -4.33
N ALA E 1913 -100.86 -7.34 -3.16
CA ALA E 1913 -101.44 -6.87 -1.89
C ALA E 1913 -100.95 -5.46 -1.49
N ILE E 1914 -99.64 -5.22 -1.69
CA ILE E 1914 -99.02 -3.91 -1.43
C ILE E 1914 -99.58 -2.82 -2.38
N VAL E 1915 -99.95 -3.23 -3.60
CA VAL E 1915 -100.63 -2.32 -4.57
C VAL E 1915 -102.09 -2.03 -4.18
N ALA E 1916 -102.78 -2.99 -3.52
CA ALA E 1916 -104.12 -2.72 -2.92
C ALA E 1916 -104.04 -1.64 -1.80
N PHE E 1917 -102.96 -1.70 -1.01
CA PHE E 1917 -102.60 -0.63 -0.05
C PHE E 1917 -102.40 0.72 -0.78
N SER E 1918 -101.71 0.68 -1.93
CA SER E 1918 -101.49 1.88 -2.78
C SER E 1918 -102.78 2.47 -3.38
N ASP E 1919 -103.80 1.63 -3.57
CA ASP E 1919 -105.16 2.07 -3.93
C ASP E 1919 -105.96 2.62 -2.71
N ASP E 1920 -105.81 1.95 -1.56
CA ASP E 1920 -106.55 2.32 -0.31
C ASP E 1920 -105.96 3.50 0.49
N PHE E 1921 -104.67 3.79 0.33
CA PHE E 1921 -103.98 4.91 1.01
C PHE E 1921 -104.12 6.23 0.25
N VAL E 1922 -103.83 6.16 -1.05
CA VAL E 1922 -103.75 7.35 -1.94
C VAL E 1922 -105.07 8.14 -2.00
N ALA E 1923 -106.21 7.44 -2.06
CA ALA E 1923 -107.54 8.08 -2.22
C ALA E 1923 -107.87 9.08 -1.10
N LYS E 1924 -107.76 8.62 0.16
CA LYS E 1924 -108.08 9.47 1.33
C LYS E 1924 -107.09 10.63 1.57
N LEU E 1925 -105.83 10.45 1.14
CA LEU E 1925 -104.77 11.48 1.33
C LEU E 1925 -104.81 12.63 0.28
N GLN E 1926 -105.09 12.30 -0.99
CA GLN E 1926 -105.40 13.35 -2.00
C GLN E 1926 -106.73 14.05 -1.66
N ASP E 1927 -107.68 13.32 -1.07
CA ASP E 1927 -108.93 13.90 -0.55
C ASP E 1927 -108.69 14.84 0.66
N ASN E 1928 -107.60 14.61 1.42
CA ASN E 1928 -107.15 15.51 2.50
C ASN E 1928 -106.49 16.81 1.95
N GLN E 1929 -105.66 16.68 0.92
CA GLN E 1929 -105.01 17.83 0.23
C GLN E 1929 -106.04 18.78 -0.45
N ARG E 1930 -107.10 18.20 -1.03
CA ARG E 1930 -108.19 18.95 -1.70
C ARG E 1930 -109.07 19.77 -0.72
N PHE E 1931 -109.11 19.35 0.55
CA PHE E 1931 -109.75 20.12 1.64
C PHE E 1931 -108.96 21.38 2.04
N ARG E 1932 -107.64 21.39 1.74
CA ARG E 1932 -106.72 22.50 2.04
C ARG E 1932 -106.38 23.33 0.80
N UNK E 1933 -91.95 17.65 -8.34
CA UNK E 1933 -90.83 18.49 -7.94
C UNK E 1933 -91.00 18.92 -6.46
N UNK E 1934 -91.67 20.04 -6.20
CA UNK E 1934 -91.99 20.48 -4.81
C UNK E 1934 -93.01 19.54 -4.13
N UNK E 1935 -93.93 18.98 -4.94
CA UNK E 1935 -94.90 17.95 -4.49
C UNK E 1935 -94.19 16.63 -4.07
N UNK E 1936 -93.07 16.32 -4.74
CA UNK E 1936 -92.19 15.19 -4.35
C UNK E 1936 -91.53 15.44 -2.96
N UNK E 1937 -91.20 16.71 -2.68
CA UNK E 1937 -90.71 17.14 -1.35
C UNK E 1937 -91.80 17.01 -0.25
N UNK E 1938 -93.08 17.20 -0.65
CA UNK E 1938 -94.24 16.90 0.24
C UNK E 1938 -94.39 15.38 0.53
N UNK E 1939 -94.04 14.53 -0.44
CA UNK E 1939 -93.93 13.07 -0.23
C UNK E 1939 -92.81 12.71 0.79
N UNK E 1940 -91.73 13.50 0.79
CA UNK E 1940 -90.67 13.43 1.83
C UNK E 1940 -91.18 13.89 3.23
N UNK E 1941 -92.13 14.84 3.25
CA UNK E 1941 -92.83 15.23 4.50
C UNK E 1941 -93.69 14.07 5.07
N UNK E 1942 -94.28 13.27 4.16
CA UNK E 1942 -94.95 11.99 4.55
C UNK E 1942 -93.95 10.94 5.08
N UNK E 1943 -92.72 10.96 4.55
CA UNK E 1943 -91.60 10.13 5.05
C UNK E 1943 -91.10 10.53 6.48
N UNK E 1944 -91.34 11.79 6.88
CA UNK E 1944 -90.87 12.33 8.18
C UNK E 1944 -91.73 11.91 9.40
N UNK E 1945 -92.11 10.64 9.49
CA UNK E 1945 -92.88 10.11 10.64
C UNK E 1945 -91.97 9.65 11.80
N UNK E 1946 -90.89 8.95 11.47
CA UNK E 1946 -89.91 8.44 12.46
C UNK E 1946 -89.15 9.57 13.22
N UNK E 1947 -88.91 10.70 12.53
CA UNK E 1947 -88.21 11.87 13.11
C UNK E 1947 -88.65 13.19 12.45
N LEU E 1948 -103.07 12.24 12.24
CA LEU E 1948 -103.96 11.55 11.31
C LEU E 1948 -103.71 10.02 11.33
N THR E 1949 -104.81 9.26 11.44
CA THR E 1949 -104.79 7.80 11.62
C THR E 1949 -104.25 7.00 10.42
N ILE E 1950 -104.25 7.62 9.23
CA ILE E 1950 -103.65 7.08 7.98
C ILE E 1950 -102.20 6.55 8.18
N ARG E 1951 -101.42 7.26 8.99
CA ARG E 1951 -100.04 6.87 9.35
C ARG E 1951 -99.99 5.57 10.21
N GLY E 1952 -100.97 5.40 11.09
CA GLY E 1952 -101.17 4.15 11.84
C GLY E 1952 -101.56 2.95 10.98
N ARG E 1953 -102.33 3.21 9.91
CA ARG E 1953 -102.73 2.18 8.92
C ARG E 1953 -101.51 1.65 8.10
N LEU E 1954 -100.62 2.56 7.71
CA LEU E 1954 -99.31 2.24 7.09
C LEU E 1954 -98.38 1.41 8.02
N LEU E 1955 -98.35 1.77 9.31
CA LEU E 1955 -97.56 1.03 10.32
C LEU E 1955 -98.08 -0.42 10.53
N SER E 1956 -99.40 -0.60 10.42
CA SER E 1956 -100.04 -1.94 10.53
C SER E 1956 -99.74 -2.87 9.32
N LEU E 1957 -99.87 -2.32 8.10
CA LEU E 1957 -99.57 -3.10 6.87
C LEU E 1957 -98.06 -3.48 6.76
N VAL E 1958 -97.18 -2.61 7.26
CA VAL E 1958 -95.73 -2.93 7.43
C VAL E 1958 -95.49 -4.11 8.40
N GLU E 1959 -96.32 -4.21 9.47
CA GLU E 1959 -96.27 -5.37 10.40
C GLU E 1959 -96.57 -6.70 9.66
N LYS E 1960 -97.46 -6.67 8.67
CA LYS E 1960 -97.68 -7.82 7.75
C LYS E 1960 -96.52 -8.08 6.76
N VAL E 1961 -95.82 -7.01 6.36
CA VAL E 1961 -94.63 -7.10 5.46
C VAL E 1961 -93.38 -7.71 6.18
N THR E 1962 -93.36 -7.66 7.53
CA THR E 1962 -92.32 -8.32 8.35
C THR E 1962 -92.22 -9.85 8.11
N TYR E 1963 -93.36 -10.48 7.82
CA TYR E 1963 -93.47 -11.93 7.60
C TYR E 1963 -93.95 -12.24 6.18
N THR E 1982 -96.05 -21.68 7.28
CA THR E 1982 -95.75 -23.11 7.44
C THR E 1982 -95.02 -23.73 6.24
N LEU E 1983 -95.32 -23.27 5.01
CA LEU E 1983 -94.59 -23.75 3.81
C LEU E 1983 -93.16 -23.14 3.73
N GLN E 1984 -92.99 -21.93 4.29
CA GLN E 1984 -91.64 -21.34 4.53
C GLN E 1984 -90.77 -22.30 5.39
N GLN E 1985 -91.41 -22.92 6.39
CA GLN E 1985 -90.78 -23.90 7.28
C GLN E 1985 -90.54 -25.28 6.60
N LEU E 1986 -91.49 -25.76 5.78
CA LEU E 1986 -91.32 -27.05 5.04
C LEU E 1986 -90.07 -27.00 4.12
N ILE E 1987 -89.93 -25.89 3.39
CA ILE E 1987 -88.82 -25.74 2.43
C ILE E 1987 -87.46 -25.47 3.12
N SER E 1988 -87.46 -24.61 4.15
CA SER E 1988 -86.23 -24.29 4.91
C SER E 1988 -85.65 -25.54 5.63
N GLU E 1989 -86.50 -26.21 6.41
CA GLU E 1989 -86.11 -27.40 7.18
C GLU E 1989 -85.73 -28.62 6.32
N THR E 1990 -86.39 -28.82 5.17
CA THR E 1990 -86.08 -29.96 4.26
C THR E 1990 -84.78 -29.77 3.43
N MET E 1991 -84.51 -28.54 2.96
CA MET E 1991 -83.22 -28.21 2.30
C MET E 1991 -82.04 -28.40 3.27
N VAL E 1992 -82.25 -28.04 4.55
CA VAL E 1992 -81.24 -28.29 5.62
C VAL E 1992 -81.08 -29.81 5.88
N ARG E 1993 -82.16 -30.59 5.76
CA ARG E 1993 -82.08 -32.08 5.91
C ARG E 1993 -81.28 -32.76 4.78
N TRP E 1994 -81.53 -32.37 3.52
CA TRP E 1994 -80.76 -32.88 2.35
C TRP E 1994 -79.25 -32.55 2.42
N ALA E 1995 -78.94 -31.31 2.84
CA ALA E 1995 -77.53 -30.89 3.01
C ALA E 1995 -76.82 -31.55 4.22
N GLN E 1996 -77.59 -32.00 5.23
CA GLN E 1996 -77.02 -32.57 6.49
C GLN E 1996 -76.91 -34.11 6.52
N GLU E 1997 -78.05 -34.80 6.63
CA GLU E 1997 -78.09 -36.26 6.91
C GLU E 1997 -77.60 -37.17 5.74
N SER E 1998 -77.80 -36.71 4.50
CA SER E 1998 -77.54 -37.52 3.29
C SER E 1998 -76.18 -37.29 2.55
N VAL E 1999 -75.41 -36.27 2.99
CA VAL E 1999 -74.09 -35.90 2.43
C VAL E 1999 -74.01 -35.93 0.88
N ILE E 2000 -74.49 -34.84 0.27
CA ILE E 2000 -74.84 -34.82 -1.17
C ILE E 2000 -73.64 -34.83 -2.15
N GLU E 2001 -73.85 -35.45 -3.33
CA GLU E 2001 -72.88 -35.50 -4.45
C GLU E 2001 -73.57 -35.08 -5.79
N ASP E 2002 -72.75 -34.65 -6.76
CA ASP E 2002 -73.18 -34.10 -8.08
C ASP E 2002 -73.64 -32.62 -7.94
N PRO E 2003 -72.86 -31.65 -8.52
CA PRO E 2003 -72.95 -30.19 -8.22
C PRO E 2003 -74.25 -29.42 -8.60
N GLU E 2004 -74.95 -29.82 -9.66
CA GLU E 2004 -76.17 -29.09 -10.12
C GLU E 2004 -77.32 -29.12 -9.07
N LEU E 2005 -77.39 -30.21 -8.30
CA LEU E 2005 -78.32 -30.32 -7.14
C LEU E 2005 -78.01 -29.30 -6.02
N VAL E 2006 -76.72 -29.03 -5.76
CA VAL E 2006 -76.34 -28.04 -4.71
C VAL E 2006 -76.62 -26.59 -5.18
N ARG E 2007 -76.30 -26.28 -6.45
CA ARG E 2007 -76.62 -24.98 -7.09
C ARG E 2007 -78.14 -24.64 -7.05
N ALA E 2008 -78.99 -25.66 -7.23
CA ALA E 2008 -80.47 -25.51 -7.17
C ALA E 2008 -80.98 -25.28 -5.72
N MET E 2009 -80.49 -26.09 -4.78
CA MET E 2009 -80.83 -25.97 -3.33
C MET E 2009 -80.54 -24.56 -2.77
N PHE E 2010 -79.27 -24.13 -2.94
CA PHE E 2010 -78.80 -22.83 -2.41
C PHE E 2010 -79.39 -21.60 -3.17
N VAL E 2011 -79.70 -21.73 -4.47
CA VAL E 2011 -80.34 -20.60 -5.21
C VAL E 2011 -81.76 -20.36 -4.65
N LEU E 2012 -82.53 -21.42 -4.42
CA LEU E 2012 -83.86 -21.31 -3.77
C LEU E 2012 -83.82 -20.89 -2.28
N LEU E 2013 -82.72 -21.15 -1.57
CA LEU E 2013 -82.60 -20.88 -0.11
C LEU E 2013 -82.62 -19.37 0.21
N HIS E 2014 -81.84 -18.59 -0.54
CA HIS E 2014 -81.92 -17.10 -0.52
C HIS E 2014 -83.32 -16.60 -0.92
N ARG E 2015 -83.89 -17.22 -1.96
CA ARG E 2015 -85.24 -16.85 -2.47
C ARG E 2015 -86.37 -17.05 -1.42
N GLN E 2016 -86.16 -17.96 -0.45
CA GLN E 2016 -87.09 -18.16 0.70
C GLN E 2016 -86.83 -17.24 1.91
N TYR E 2017 -85.57 -17.21 2.38
CA TYR E 2017 -85.20 -16.51 3.64
C TYR E 2017 -85.37 -14.99 3.57
N ASP E 2018 -84.73 -14.39 2.57
CA ASP E 2018 -84.70 -12.92 2.44
C ASP E 2018 -85.87 -12.43 1.55
N GLY E 2019 -87.08 -12.51 2.10
CA GLY E 2019 -88.29 -11.94 1.49
C GLY E 2019 -88.35 -10.42 1.57
N ILE E 2020 -87.61 -9.83 2.52
CA ILE E 2020 -87.53 -8.35 2.70
C ILE E 2020 -86.62 -7.65 1.66
N GLY E 2021 -85.43 -8.19 1.41
CA GLY E 2021 -84.53 -7.70 0.35
C GLY E 2021 -85.01 -8.05 -1.05
N GLY E 2022 -85.75 -9.16 -1.16
CA GLY E 2022 -86.51 -9.52 -2.39
C GLY E 2022 -87.63 -8.52 -2.67
N LEU E 2023 -88.27 -8.03 -1.60
CA LEU E 2023 -89.21 -6.89 -1.70
C LEU E 2023 -88.49 -5.60 -2.14
N VAL E 2024 -87.22 -5.42 -1.73
CA VAL E 2024 -86.42 -4.22 -2.10
C VAL E 2024 -86.09 -4.18 -3.62
N ARG E 2025 -85.72 -5.32 -4.22
CA ARG E 2025 -85.56 -5.42 -5.70
C ARG E 2025 -86.92 -5.26 -6.45
N ALA E 2026 -88.00 -5.73 -5.83
CA ALA E 2026 -89.36 -5.73 -6.42
C ALA E 2026 -90.05 -4.34 -6.53
N LEU E 2027 -89.98 -3.53 -5.47
CA LEU E 2027 -90.82 -2.30 -5.33
C LEU E 2027 -90.66 -1.19 -6.41
N PRO E 2028 -89.40 -0.76 -6.73
CA PRO E 2028 -89.23 0.31 -7.75
C PRO E 2028 -89.85 -0.02 -9.13
N LYS E 2029 -89.76 -1.30 -9.55
CA LYS E 2029 -90.35 -1.83 -10.80
C LYS E 2029 -91.90 -1.76 -10.81
N THR E 2030 -92.52 -2.07 -9.67
CA THR E 2030 -93.98 -2.10 -9.56
C THR E 2030 -94.61 -0.70 -9.49
N TYR E 2031 -95.81 -0.58 -10.07
CA TYR E 2031 -96.82 0.42 -9.67
C TYR E 2031 -98.23 -0.04 -10.13
N THR E 2032 -98.73 0.47 -11.27
CA THR E 2032 -100.14 0.26 -11.69
C THR E 2032 -100.41 0.88 -13.09
N ILE E 2033 -101.35 0.28 -13.83
CA ILE E 2033 -101.92 0.86 -15.06
C ILE E 2033 -103.47 0.83 -14.98
N ASN E 2034 -104.14 1.91 -15.42
CA ASN E 2034 -105.62 2.03 -15.39
C ASN E 2034 -106.33 0.85 -16.09
N GLY E 2035 -107.35 0.27 -15.45
CA GLY E 2035 -107.94 -1.03 -15.83
C GLY E 2035 -108.52 -1.15 -17.25
N VAL E 2036 -109.23 -0.12 -17.69
CA VAL E 2036 -109.86 -0.12 -19.03
C VAL E 2036 -108.81 -0.12 -20.16
N SER E 2037 -107.61 0.41 -19.87
CA SER E 2037 -106.46 0.46 -20.81
C SER E 2037 -105.49 -0.77 -20.79
N VAL E 2038 -105.80 -1.80 -19.98
CA VAL E 2038 -104.92 -3.00 -19.83
C VAL E 2038 -104.47 -3.69 -21.15
N GLU E 2039 -105.32 -3.66 -22.19
CA GLU E 2039 -104.99 -4.22 -23.52
C GLU E 2039 -103.65 -3.68 -24.12
N ASP E 2040 -103.41 -2.37 -23.98
CA ASP E 2040 -102.13 -1.74 -24.41
C ASP E 2040 -100.92 -2.41 -23.72
N THR E 2041 -101.04 -2.57 -22.39
CA THR E 2041 -99.99 -3.20 -21.57
C THR E 2041 -99.74 -4.66 -21.99
N ILE E 2042 -100.82 -5.36 -22.37
CA ILE E 2042 -100.71 -6.75 -22.86
C ILE E 2042 -99.87 -6.76 -24.15
N ASN E 2043 -100.20 -5.88 -25.10
CA ASN E 2043 -99.43 -5.72 -26.34
C ASN E 2043 -97.97 -5.31 -26.04
N LEU E 2044 -97.79 -4.45 -25.03
CA LEU E 2044 -96.44 -4.05 -24.54
C LEU E 2044 -95.67 -5.29 -24.05
N LEU E 2045 -96.29 -6.08 -23.18
CA LEU E 2045 -95.68 -7.34 -22.69
C LEU E 2045 -95.52 -8.38 -23.81
N ALA E 2046 -96.43 -8.37 -24.80
CA ALA E 2046 -96.30 -9.24 -26.00
C ALA E 2046 -95.04 -8.89 -26.80
N SER E 2047 -94.73 -7.59 -26.86
CA SER E 2047 -93.48 -7.09 -27.48
C SER E 2047 -92.23 -7.46 -26.65
N LEU E 2048 -92.34 -7.45 -25.32
CA LEU E 2048 -91.26 -7.94 -24.43
C LEU E 2048 -91.07 -9.49 -24.50
N GLY E 2049 -92.12 -10.23 -24.86
CA GLY E 2049 -92.03 -11.67 -25.13
C GLY E 2049 -91.30 -11.97 -26.45
N GLN E 2050 -91.37 -11.01 -27.37
CA GLN E 2050 -90.73 -11.08 -28.70
C GLN E 2050 -89.34 -10.42 -28.71
N ILE E 2051 -89.23 -9.22 -28.14
CA ILE E 2051 -87.97 -8.41 -28.15
C ILE E 2051 -86.85 -9.02 -27.25
N ARG E 2052 -87.21 -9.57 -26.08
CA ARG E 2052 -86.23 -10.29 -25.25
C ARG E 2052 -85.68 -11.54 -26.01
N SER E 2053 -86.55 -12.26 -26.73
CA SER E 2053 -86.11 -13.36 -27.63
C SER E 2053 -85.14 -12.87 -28.74
N LEU E 2054 -85.35 -11.64 -29.21
CA LEU E 2054 -84.45 -10.96 -30.19
C LEU E 2054 -83.08 -10.56 -29.57
N LEU E 2055 -83.03 -10.37 -28.23
CA LEU E 2055 -81.78 -10.03 -27.47
C LEU E 2055 -80.63 -11.05 -27.67
N SER E 2056 -81.00 -12.33 -27.80
CA SER E 2056 -80.04 -13.41 -28.04
C SER E 2056 -79.54 -13.50 -29.50
N VAL E 2057 -80.38 -13.08 -30.47
CA VAL E 2057 -80.05 -13.15 -31.92
C VAL E 2057 -79.43 -11.86 -32.47
N GLU E 2062 -87.63 -11.20 -41.52
CA GLU E 2062 -88.66 -11.92 -40.76
C GLU E 2062 -88.60 -11.60 -39.25
N GLU E 2063 -87.42 -11.79 -38.65
CA GLU E 2063 -87.20 -11.54 -37.20
C GLU E 2063 -87.23 -10.03 -36.85
N GLU E 2064 -86.52 -9.22 -37.65
CA GLU E 2064 -86.42 -7.75 -37.46
C GLU E 2064 -87.74 -7.00 -37.82
N LYS E 2065 -88.57 -7.60 -38.68
CA LYS E 2065 -89.94 -7.11 -38.96
C LYS E 2065 -90.87 -7.21 -37.72
N LEU E 2066 -90.80 -8.34 -37.01
CA LEU E 2066 -91.51 -8.53 -35.72
C LEU E 2066 -91.04 -7.54 -34.63
N MET E 2067 -89.74 -7.22 -34.61
CA MET E 2067 -89.16 -6.27 -33.64
C MET E 2067 -89.65 -4.82 -33.90
N ILE E 2068 -89.57 -4.36 -35.15
CA ILE E 2068 -90.00 -3.00 -35.56
C ILE E 2068 -91.54 -2.81 -35.38
N ARG E 2069 -92.33 -3.87 -35.62
CA ARG E 2069 -93.78 -3.84 -35.38
C ARG E 2069 -94.17 -3.74 -33.89
N GLY E 2070 -93.44 -4.44 -33.02
CA GLY E 2070 -93.64 -4.33 -31.55
C GLY E 2070 -93.35 -2.95 -30.99
N LEU E 2071 -92.23 -2.37 -31.45
CA LEU E 2071 -91.81 -0.97 -31.13
C LEU E 2071 -92.83 0.09 -31.59
N GLY E 2072 -93.42 -0.13 -32.77
CA GLY E 2072 -94.48 0.73 -33.32
C GLY E 2072 -95.77 0.67 -32.51
N ASP E 2073 -96.13 -0.54 -32.03
CA ASP E 2073 -97.29 -0.72 -31.13
C ASP E 2073 -97.09 -0.03 -29.76
N ILE E 2074 -95.83 0.05 -29.30
CA ILE E 2074 -95.46 0.80 -28.07
C ILE E 2074 -95.59 2.35 -28.27
N MET E 2075 -95.24 2.83 -29.47
CA MET E 2075 -95.47 4.25 -29.86
C MET E 2075 -96.99 4.60 -29.93
N ASN E 2076 -97.81 3.63 -30.32
CA ASN E 2076 -99.29 3.77 -30.38
C ASN E 2076 -99.99 3.93 -29.01
N ASN E 2077 -99.38 3.39 -27.94
CA ASN E 2077 -100.02 3.33 -26.60
C ASN E 2077 -100.10 4.72 -25.92
N LYS E 2078 -101.20 4.96 -25.17
CA LYS E 2078 -101.37 6.16 -24.32
C LYS E 2078 -100.74 5.98 -22.92
N VAL E 2079 -100.63 4.74 -22.43
CA VAL E 2079 -99.95 4.39 -21.15
C VAL E 2079 -98.42 4.72 -21.22
N PHE E 2080 -97.85 4.66 -22.42
CA PHE E 2080 -96.46 5.12 -22.70
C PHE E 2080 -96.25 6.63 -22.38
N TYR E 2081 -97.32 7.43 -22.53
CA TYR E 2081 -97.34 8.87 -22.20
C TYR E 2081 -97.81 9.14 -20.74
N GLN E 2082 -98.91 8.48 -20.35
CA GLN E 2082 -99.50 8.63 -18.99
C GLN E 2082 -98.65 8.06 -17.82
N HIS E 2083 -97.84 7.02 -18.09
CA HIS E 2083 -97.00 6.34 -17.06
C HIS E 2083 -95.50 6.13 -17.50
N PRO E 2084 -94.73 7.23 -17.73
CA PRO E 2084 -93.32 7.09 -18.21
C PRO E 2084 -92.32 6.48 -17.18
N ASN E 2085 -92.48 6.86 -15.91
CA ASN E 2085 -91.64 6.36 -14.80
C ASN E 2085 -91.79 4.83 -14.59
N LEU E 2086 -92.96 4.29 -14.94
CA LEU E 2086 -93.19 2.82 -15.00
C LEU E 2086 -92.28 2.13 -16.03
N MET E 2087 -92.04 2.78 -17.17
CA MET E 2087 -91.22 2.20 -18.27
C MET E 2087 -89.71 2.15 -17.94
N ARG E 2088 -89.16 3.24 -17.39
CA ARG E 2088 -87.77 3.28 -16.88
C ARG E 2088 -87.54 2.30 -15.68
N ALA E 2089 -88.59 2.15 -14.85
CA ALA E 2089 -88.59 1.21 -13.72
C ALA E 2089 -88.62 -0.29 -14.15
N LEU E 2090 -89.23 -0.59 -15.32
CA LEU E 2090 -89.23 -1.95 -15.91
C LEU E 2090 -87.81 -2.44 -16.30
N GLY E 2091 -86.91 -1.51 -16.59
CA GLY E 2091 -85.57 -1.83 -17.08
C GLY E 2091 -85.58 -2.25 -18.54
N MET E 2092 -86.64 -1.87 -19.26
CA MET E 2092 -86.79 -2.21 -20.71
C MET E 2092 -85.70 -1.54 -21.60
N HIS E 2093 -85.40 -0.26 -21.33
CA HIS E 2093 -84.36 0.49 -22.08
C HIS E 2093 -82.95 -0.16 -21.97
N GLU E 2094 -82.65 -0.72 -20.79
CA GLU E 2094 -81.41 -1.51 -20.55
C GLU E 2094 -81.34 -2.79 -21.42
N THR E 2095 -82.50 -3.43 -21.65
CA THR E 2095 -82.61 -4.63 -22.51
C THR E 2095 -82.42 -4.32 -24.02
N VAL E 2096 -83.12 -3.28 -24.51
CA VAL E 2096 -83.06 -2.83 -25.93
C VAL E 2096 -81.65 -2.37 -26.37
N MET E 2097 -80.92 -1.68 -25.47
CA MET E 2097 -79.52 -1.27 -25.71
C MET E 2097 -78.53 -2.47 -25.84
N GLU E 2098 -78.73 -3.50 -25.01
CA GLU E 2098 -77.90 -4.74 -25.06
C GLU E 2098 -78.14 -5.52 -26.37
N VAL E 2099 -79.41 -5.58 -26.80
CA VAL E 2099 -79.83 -6.17 -28.12
C VAL E 2099 -79.11 -5.45 -29.30
N MET E 2100 -78.96 -4.12 -29.19
CA MET E 2100 -78.25 -3.29 -30.20
C MET E 2100 -76.74 -3.64 -30.28
N VAL E 2101 -76.10 -3.83 -29.11
CA VAL E 2101 -74.67 -4.25 -29.01
C VAL E 2101 -74.44 -5.61 -29.72
N ASN E 2102 -75.38 -6.54 -29.55
CA ASN E 2102 -75.31 -7.88 -30.18
C ASN E 2102 -75.59 -7.85 -31.71
N VAL E 2103 -76.43 -6.92 -32.18
CA VAL E 2103 -76.67 -6.72 -33.64
C VAL E 2103 -75.41 -6.15 -34.36
N LEU E 2104 -74.64 -5.29 -33.67
CA LEU E 2104 -73.37 -4.74 -34.21
C LEU E 2104 -72.25 -5.81 -34.41
N GLY E 2105 -72.30 -6.91 -33.66
CA GLY E 2105 -71.33 -8.02 -33.79
C GLY E 2105 -70.00 -7.73 -33.08
N PRO E 2115 -80.25 -4.66 -39.83
CA PRO E 2115 -79.90 -3.51 -40.66
C PRO E 2115 -80.84 -2.31 -40.44
N LYS E 2116 -82.09 -2.40 -40.96
CA LYS E 2116 -83.14 -1.37 -40.73
C LYS E 2116 -83.57 -1.29 -39.24
N MET E 2117 -83.41 -2.41 -38.52
CA MET E 2117 -83.69 -2.50 -37.07
C MET E 2117 -82.89 -1.45 -36.24
N VAL E 2118 -81.65 -1.16 -36.67
CA VAL E 2118 -80.79 -0.12 -36.05
C VAL E 2118 -81.44 1.29 -36.17
N ALA E 2119 -82.05 1.56 -37.34
CA ALA E 2119 -82.68 2.88 -37.62
C ALA E 2119 -83.94 3.13 -36.78
N ASN E 2120 -84.87 2.18 -36.81
CA ASN E 2120 -86.12 2.26 -36.02
C ASN E 2120 -85.87 2.26 -34.50
N CYS E 2121 -84.87 1.46 -34.08
CA CYS E 2121 -84.43 1.40 -32.66
C CYS E 2121 -83.93 2.76 -32.15
N CYS E 2122 -83.09 3.43 -32.94
CA CYS E 2122 -82.59 4.79 -32.62
C CYS E 2122 -83.70 5.87 -32.55
N ARG E 2123 -84.73 5.72 -33.38
CA ARG E 2123 -85.90 6.61 -33.36
C ARG E 2123 -86.72 6.45 -32.05
N PHE E 2124 -86.99 5.21 -31.66
CA PHE E 2124 -87.69 4.91 -30.37
C PHE E 2124 -86.89 5.30 -29.11
N LEU E 2125 -85.55 5.20 -29.17
CA LEU E 2125 -84.68 5.58 -28.01
C LEU E 2125 -84.55 7.11 -27.83
N CYS E 2126 -84.46 7.88 -28.94
CA CYS E 2126 -84.48 9.36 -28.90
C CYS E 2126 -85.81 9.92 -28.36
N TYR E 2127 -86.93 9.37 -28.86
CA TYR E 2127 -88.30 9.70 -28.38
C TYR E 2127 -88.49 9.32 -26.88
N PHE E 2128 -87.83 8.23 -26.46
CA PHE E 2128 -87.80 7.78 -25.04
C PHE E 2128 -87.02 8.78 -24.13
N CYS E 2129 -85.99 9.43 -24.69
CA CYS E 2129 -85.30 10.56 -24.02
C CYS E 2129 -86.19 11.83 -23.90
N ARG E 2130 -87.08 12.03 -24.88
CA ARG E 2130 -87.98 13.22 -24.92
C ARG E 2130 -89.06 13.34 -23.81
N ILE E 2131 -89.59 12.20 -23.33
CA ILE E 2131 -90.79 12.17 -22.43
C ILE E 2131 -90.64 12.84 -21.03
N SER E 2132 -89.48 12.69 -20.38
CA SER E 2132 -89.19 13.34 -19.07
C SER E 2132 -87.67 13.41 -18.76
N ARG E 2133 -87.23 14.49 -18.09
CA ARG E 2133 -85.82 14.68 -17.67
C ARG E 2133 -85.31 13.63 -16.64
N GLN E 2134 -86.18 13.20 -15.73
CA GLN E 2134 -85.86 12.11 -14.76
C GLN E 2134 -85.57 10.74 -15.43
N ASN E 2135 -86.30 10.44 -16.50
CA ASN E 2135 -85.99 9.30 -17.42
C ASN E 2135 -84.69 9.55 -18.23
N GLN E 2136 -84.48 10.81 -18.61
CA GLN E 2136 -83.26 11.25 -19.36
C GLN E 2136 -81.95 11.00 -18.60
N LYS E 2137 -81.98 11.03 -17.26
CA LYS E 2137 -80.86 10.59 -16.40
C LYS E 2137 -80.50 9.10 -16.63
N ALA E 2138 -81.54 8.25 -16.63
CA ALA E 2138 -81.41 6.79 -16.80
C ALA E 2138 -80.79 6.40 -18.16
N MET E 2139 -81.15 7.13 -19.22
CA MET E 2139 -80.48 7.01 -20.53
C MET E 2139 -79.03 7.60 -20.51
N PHE E 2140 -78.83 8.68 -19.73
CA PHE E 2140 -77.54 9.43 -19.65
C PHE E 2140 -76.36 8.63 -19.06
N ASP E 2141 -76.63 7.70 -18.14
CA ASP E 2141 -75.61 6.82 -17.53
C ASP E 2141 -74.81 5.93 -18.54
N HIS E 2142 -75.42 5.63 -19.70
CA HIS E 2142 -74.90 4.63 -20.67
C HIS E 2142 -74.06 5.21 -21.87
N LEU E 2143 -73.62 6.48 -21.78
CA LEU E 2143 -72.89 7.14 -22.88
C LEU E 2143 -71.55 6.47 -23.28
N SER E 2144 -70.86 5.83 -22.31
CA SER E 2144 -69.60 5.11 -22.59
C SER E 2144 -69.76 3.97 -23.63
N TYR E 2145 -70.83 3.17 -23.47
CA TYR E 2145 -71.19 2.07 -24.40
C TYR E 2145 -71.76 2.61 -25.75
N LEU E 2146 -72.55 3.68 -25.68
CA LEU E 2146 -73.24 4.27 -26.86
C LEU E 2146 -72.29 4.91 -27.90
N LEU E 2147 -71.24 5.60 -27.43
CA LEU E 2147 -70.21 6.19 -28.32
C LEU E 2147 -69.30 5.10 -28.97
N GLU E 2148 -68.82 4.17 -28.12
CA GLU E 2148 -68.10 2.95 -28.53
C GLU E 2148 -68.91 2.11 -29.56
N ASN E 2149 -70.22 2.06 -29.34
CA ASN E 2149 -71.20 1.46 -30.28
C ASN E 2149 -71.37 2.27 -31.60
N SER E 2150 -71.22 3.60 -31.53
CA SER E 2150 -71.25 4.48 -32.73
C SER E 2150 -69.87 4.53 -33.43
N SER E 2151 -69.48 3.41 -34.03
CA SER E 2151 -68.15 3.22 -34.64
C SER E 2151 -68.10 3.78 -36.07
N VAL E 2152 -68.97 3.29 -36.94
CA VAL E 2152 -69.04 3.72 -38.34
C VAL E 2152 -70.40 4.36 -38.59
N THR E 2163 -79.30 5.95 -36.70
CA THR E 2163 -77.97 6.44 -36.32
C THR E 2163 -77.75 6.41 -34.79
N PRO E 2164 -76.84 5.54 -34.27
CA PRO E 2164 -76.64 5.32 -32.79
C PRO E 2164 -76.25 6.59 -31.99
N LEU E 2165 -75.44 7.43 -32.63
CA LEU E 2165 -74.99 8.73 -32.09
C LEU E 2165 -76.14 9.70 -31.71
N ASP E 2166 -77.24 9.66 -32.48
CA ASP E 2166 -78.41 10.53 -32.23
C ASP E 2166 -79.08 10.27 -30.85
N VAL E 2167 -79.02 9.01 -30.37
CA VAL E 2167 -79.55 8.62 -29.03
C VAL E 2167 -78.76 9.34 -27.90
N ALA E 2168 -77.44 9.49 -28.10
CA ALA E 2168 -76.55 10.16 -27.13
C ALA E 2168 -76.78 11.70 -27.11
N ALA E 2169 -76.85 12.31 -28.29
CA ALA E 2169 -77.11 13.77 -28.41
C ALA E 2169 -78.49 14.17 -27.80
N ALA E 2170 -79.52 13.34 -28.03
CA ALA E 2170 -80.86 13.51 -27.40
C ALA E 2170 -80.82 13.34 -25.86
N SER E 2171 -79.92 12.46 -25.37
CA SER E 2171 -79.66 12.32 -23.92
C SER E 2171 -79.01 13.59 -23.28
N VAL E 2172 -78.27 14.36 -24.08
CA VAL E 2172 -77.50 15.57 -23.63
C VAL E 2172 -78.29 16.93 -23.64
N MET E 2173 -79.10 17.17 -24.67
CA MET E 2173 -79.58 18.54 -25.00
C MET E 2173 -80.52 19.27 -24.01
N ASP E 2174 -81.53 18.57 -23.46
CA ASP E 2174 -82.71 19.20 -22.80
C ASP E 2174 -82.41 20.02 -21.51
N ASN E 2175 -81.47 19.53 -20.70
CA ASN E 2175 -81.15 20.10 -19.35
C ASN E 2175 -79.74 20.76 -19.35
N ASN E 2176 -79.62 21.95 -18.74
CA ASN E 2176 -78.31 22.65 -18.60
C ASN E 2176 -77.34 21.86 -17.68
N GLU E 2177 -77.88 21.29 -16.59
CA GLU E 2177 -77.08 20.53 -15.60
C GLU E 2177 -76.54 19.20 -16.17
N LEU E 2178 -77.39 18.46 -16.89
CA LEU E 2178 -76.98 17.23 -17.62
C LEU E 2178 -75.99 17.51 -18.77
N ALA E 2179 -76.14 18.68 -19.44
CA ALA E 2179 -75.19 19.12 -20.51
C ALA E 2179 -73.78 19.40 -19.97
N LEU E 2180 -73.70 19.94 -18.74
CA LEU E 2180 -72.43 20.02 -17.97
C LEU E 2180 -71.86 18.62 -17.59
N ALA E 2181 -72.76 17.67 -17.28
CA ALA E 2181 -72.39 16.37 -16.65
C ALA E 2181 -71.47 15.37 -17.40
N LEU E 2182 -71.14 15.62 -18.68
CA LEU E 2182 -70.20 14.73 -19.47
C LEU E 2182 -68.78 14.56 -18.85
N ARG E 2183 -68.27 13.32 -18.82
CA ARG E 2183 -66.90 13.02 -18.35
C ARG E 2183 -65.85 13.26 -19.45
N GLU E 2184 -64.62 13.61 -19.06
CA GLU E 2184 -63.53 13.87 -20.03
C GLU E 2184 -63.07 12.64 -20.86
N PRO E 2185 -63.16 11.40 -20.30
CA PRO E 2185 -62.84 10.21 -21.14
C PRO E 2185 -63.79 9.92 -22.31
N ASP E 2186 -65.09 10.24 -22.15
CA ASP E 2186 -66.10 10.08 -23.23
C ASP E 2186 -65.85 11.08 -24.39
N LEU E 2187 -65.62 12.36 -24.04
CA LEU E 2187 -65.25 13.38 -25.03
C LEU E 2187 -63.91 13.05 -25.74
N GLU E 2188 -62.99 12.41 -25.01
CA GLU E 2188 -61.73 11.84 -25.59
C GLU E 2188 -61.99 10.73 -26.63
N LYS E 2189 -62.98 9.87 -26.37
CA LYS E 2189 -63.43 8.83 -27.34
C LYS E 2189 -64.03 9.46 -28.63
N VAL E 2190 -64.74 10.58 -28.49
CA VAL E 2190 -65.37 11.29 -29.64
C VAL E 2190 -64.31 11.98 -30.53
N VAL E 2191 -63.45 12.79 -29.91
CA VAL E 2191 -62.43 13.60 -30.62
C VAL E 2191 -61.29 12.81 -31.30
N VAL E 2192 -60.78 11.76 -30.63
CA VAL E 2192 -59.43 11.23 -30.95
C VAL E 2192 -59.36 10.47 -32.29
N ARG E 2193 -60.05 9.33 -32.36
CA ARG E 2193 -59.85 8.39 -33.49
C ARG E 2193 -60.51 8.82 -34.81
N TYR E 2194 -61.73 9.37 -34.74
CA TYR E 2194 -62.62 9.49 -35.92
C TYR E 2194 -62.17 10.53 -36.96
N LEU E 2195 -61.60 11.65 -36.51
CA LEU E 2195 -60.96 12.64 -37.40
C LEU E 2195 -59.73 12.07 -38.11
N ALA E 2196 -59.02 11.16 -37.43
CA ALA E 2196 -57.92 10.38 -38.04
C ALA E 2196 -58.44 9.24 -38.94
N GLY E 2197 -59.63 8.70 -38.64
CA GLY E 2197 -60.28 7.66 -39.45
C GLY E 2197 -60.71 8.17 -40.82
N CYS E 2198 -61.45 9.29 -40.82
CA CYS E 2198 -61.85 9.99 -42.06
C CYS E 2198 -60.67 10.79 -42.68
N GLY E 2199 -59.67 11.13 -41.86
CA GLY E 2199 -58.44 11.78 -42.33
C GLY E 2199 -57.52 10.85 -43.09
N LEU E 2200 -57.20 9.71 -42.46
CA LEU E 2200 -56.34 8.69 -43.08
C LEU E 2200 -57.17 7.81 -44.01
N PRO E 2218 -66.31 10.02 -45.34
CA PRO E 2218 -66.77 11.41 -45.40
C PRO E 2218 -68.02 11.65 -44.53
N VAL E 2219 -69.08 10.89 -44.78
CA VAL E 2219 -70.38 11.02 -44.06
C VAL E 2219 -70.29 10.71 -42.56
N GLU E 2220 -69.47 9.71 -42.22
CA GLU E 2220 -69.21 9.33 -40.81
C GLU E 2220 -68.60 10.50 -40.02
N GLY E 2221 -67.64 11.19 -40.64
CA GLY E 2221 -66.96 12.36 -40.03
C GLY E 2221 -67.85 13.59 -39.83
N GLU E 2222 -68.73 13.85 -40.80
CA GLU E 2222 -69.73 14.94 -40.73
C GLU E 2222 -70.74 14.74 -39.57
N ARG E 2223 -71.06 13.47 -39.27
CA ARG E 2223 -71.96 13.11 -38.15
C ARG E 2223 -71.37 13.42 -36.73
N TYR E 2224 -70.11 13.04 -36.52
CA TYR E 2224 -69.47 13.09 -35.17
C TYR E 2224 -69.28 14.51 -34.60
N LEU E 2225 -69.00 15.49 -35.48
CA LEU E 2225 -68.92 16.94 -35.12
C LEU E 2225 -70.26 17.50 -34.54
N ASP E 2226 -71.38 16.92 -34.97
CA ASP E 2226 -72.72 17.30 -34.47
C ASP E 2226 -72.91 16.95 -32.96
N PHE E 2227 -72.29 15.86 -32.50
CA PHE E 2227 -72.35 15.47 -31.06
C PHE E 2227 -71.63 16.46 -30.12
N LEU E 2228 -70.44 16.92 -30.51
CA LEU E 2228 -69.73 17.98 -29.77
C LEU E 2228 -70.53 19.32 -29.80
N ARG E 2229 -71.16 19.59 -30.96
CA ARG E 2229 -72.03 20.78 -31.20
C ARG E 2229 -73.22 20.89 -30.20
N PHE E 2230 -73.82 19.74 -29.86
CA PHE E 2230 -74.86 19.65 -28.82
C PHE E 2230 -74.31 19.43 -27.38
N ALA E 2231 -73.01 19.08 -27.28
CA ALA E 2231 -72.29 18.91 -26.00
C ALA E 2231 -71.73 20.20 -25.34
N VAL E 2232 -71.71 21.33 -26.08
CA VAL E 2232 -71.16 22.61 -25.58
C VAL E 2232 -72.17 23.80 -25.47
N PHE E 2233 -73.01 24.00 -26.50
CA PHE E 2233 -73.95 25.16 -26.57
C PHE E 2233 -75.07 25.11 -25.50
N CYS E 2234 -75.57 23.91 -25.18
CA CYS E 2234 -76.68 23.73 -24.20
C CYS E 2234 -77.93 24.62 -24.53
N ASN E 2235 -78.69 25.05 -23.51
CA ASN E 2235 -79.89 25.90 -23.70
C ASN E 2235 -79.61 27.33 -24.25
N GLY E 2236 -78.42 27.90 -23.98
CA GLY E 2236 -78.08 29.27 -24.39
C GLY E 2236 -76.59 29.63 -24.45
N GLU E 2237 -76.02 30.04 -23.31
CA GLU E 2237 -74.58 30.35 -23.24
C GLU E 2237 -73.74 29.05 -23.25
N SER E 2238 -72.55 29.12 -23.82
CA SER E 2238 -71.60 28.00 -23.90
C SER E 2238 -71.03 27.62 -22.52
N VAL E 2239 -70.89 26.31 -22.26
CA VAL E 2239 -70.36 25.79 -20.97
C VAL E 2239 -68.80 25.68 -21.01
N GLU E 2240 -68.12 26.64 -20.36
CA GLU E 2240 -66.63 26.74 -20.35
C GLU E 2240 -65.89 25.49 -19.80
N GLU E 2241 -66.51 24.82 -18.80
CA GLU E 2241 -65.94 23.61 -18.16
C GLU E 2241 -65.84 22.41 -19.14
N ASN E 2242 -66.74 22.36 -20.14
CA ASN E 2242 -66.69 21.37 -21.25
C ASN E 2242 -65.90 21.92 -22.48
N ALA E 2243 -66.21 23.18 -22.87
CA ALA E 2243 -65.67 23.82 -24.10
C ALA E 2243 -64.13 23.96 -24.12
N ASN E 2244 -63.52 24.20 -22.95
CA ASN E 2244 -62.05 24.32 -22.82
C ASN E 2244 -61.33 22.98 -23.14
N VAL E 2245 -61.82 21.88 -22.56
CA VAL E 2245 -61.27 20.51 -22.79
C VAL E 2245 -61.47 20.04 -24.28
N VAL E 2246 -62.60 20.42 -24.89
CA VAL E 2246 -62.90 20.09 -26.31
C VAL E 2246 -61.91 20.80 -27.27
N VAL E 2247 -61.63 22.09 -27.00
CA VAL E 2247 -60.63 22.89 -27.77
C VAL E 2247 -59.19 22.33 -27.63
N ARG E 2248 -58.83 21.85 -26.43
CA ARG E 2248 -57.48 21.29 -26.19
C ARG E 2248 -57.26 19.93 -26.90
N LEU E 2249 -58.29 19.09 -26.95
CA LEU E 2249 -58.27 17.82 -27.73
C LEU E 2249 -58.25 18.04 -29.28
N LEU E 2250 -58.94 19.09 -29.76
CA LEU E 2250 -58.94 19.47 -31.22
C LEU E 2250 -57.66 20.24 -31.69
N ILE E 2251 -56.86 20.71 -30.73
CA ILE E 2251 -55.50 21.26 -30.98
C ILE E 2251 -54.41 20.16 -30.96
N ARG E 2252 -54.56 19.19 -30.05
CA ARG E 2252 -53.65 18.05 -29.94
C ARG E 2252 -53.75 17.05 -31.12
N ARG E 2253 -54.97 16.83 -31.66
CA ARG E 2253 -55.19 15.85 -32.76
C ARG E 2253 -56.11 16.34 -33.94
N PRO E 2254 -55.80 17.52 -34.55
CA PRO E 2254 -56.59 17.96 -35.73
C PRO E 2254 -56.49 17.00 -36.94
N GLU E 2255 -55.32 16.38 -37.14
CA GLU E 2255 -55.13 15.41 -38.23
C GLU E 2255 -55.83 14.08 -37.94
N GLY E 2268 -56.24 29.44 -47.02
CA GLY E 2268 -56.41 28.49 -45.93
C GLY E 2268 -57.72 27.70 -45.99
N LEU E 2269 -58.53 27.79 -44.91
CA LEU E 2269 -59.88 27.17 -44.83
C LEU E 2269 -60.82 27.61 -45.98
N LEU E 2270 -60.73 28.92 -46.29
CA LEU E 2270 -61.39 29.57 -47.45
C LEU E 2270 -61.26 28.77 -48.75
N ALA E 2271 -60.01 28.45 -49.11
CA ALA E 2271 -59.68 27.72 -50.35
C ALA E 2271 -60.33 26.31 -50.41
N ALA E 2272 -60.31 25.62 -49.26
CA ALA E 2272 -60.96 24.29 -49.09
C ALA E 2272 -62.49 24.36 -49.34
N MET E 2273 -63.11 25.43 -48.84
CA MET E 2273 -64.55 25.67 -48.98
C MET E 2273 -64.98 25.98 -50.44
N GLU E 2274 -64.15 26.75 -51.16
CA GLU E 2274 -64.40 27.13 -52.58
C GLU E 2274 -64.34 25.93 -53.55
N GLU E 2275 -63.28 25.11 -53.41
CA GLU E 2275 -63.05 23.92 -54.26
C GLU E 2275 -64.20 22.87 -54.17
N ALA E 2276 -64.83 22.79 -52.99
CA ALA E 2276 -66.01 21.93 -52.76
C ALA E 2276 -67.29 22.34 -53.55
N ILE E 2277 -67.45 23.64 -53.84
CA ILE E 2277 -68.64 24.19 -54.54
C ILE E 2277 -68.74 23.75 -56.03
N LYS E 2278 -67.59 23.58 -56.70
CA LYS E 2278 -67.56 23.31 -58.17
C LYS E 2278 -68.18 21.97 -58.60
N ILE E 2279 -67.89 20.91 -57.84
CA ILE E 2279 -68.36 19.55 -58.16
C ILE E 2279 -69.33 19.05 -57.08
N GLY E 2311 -67.42 16.07 -53.22
CA GLY E 2311 -67.37 17.54 -53.13
C GLY E 2311 -68.11 18.11 -51.92
N ASN E 2312 -69.39 17.74 -51.79
CA ASN E 2312 -70.29 18.27 -50.73
C ASN E 2312 -69.91 17.81 -49.29
N ALA E 2313 -69.29 16.63 -49.17
CA ALA E 2313 -68.78 16.08 -47.89
C ALA E 2313 -67.71 16.98 -47.19
N ILE E 2314 -66.88 17.65 -47.99
CA ILE E 2314 -65.79 18.51 -47.50
C ILE E 2314 -66.32 19.90 -47.07
N MET E 2315 -67.23 20.49 -47.87
CA MET E 2315 -67.95 21.76 -47.53
C MET E 2315 -68.72 21.63 -46.20
N THR E 2316 -69.38 20.49 -46.00
CA THR E 2316 -70.05 20.16 -44.73
C THR E 2316 -69.06 19.92 -43.56
N PHE E 2317 -67.87 19.38 -43.86
CA PHE E 2317 -66.81 19.12 -42.84
C PHE E 2317 -66.23 20.43 -42.22
N TYR E 2318 -65.79 21.36 -43.08
CA TYR E 2318 -65.27 22.67 -42.60
C TYR E 2318 -66.40 23.61 -42.12
N ALA E 2319 -67.65 23.35 -42.55
CA ALA E 2319 -68.83 24.06 -42.02
C ALA E 2319 -69.11 23.70 -40.55
N ALA E 2320 -69.15 22.40 -40.23
CA ALA E 2320 -69.33 21.92 -38.84
C ALA E 2320 -68.13 22.29 -37.93
N LEU E 2321 -66.92 22.34 -38.51
CA LEU E 2321 -65.67 22.71 -37.79
C LEU E 2321 -65.66 24.20 -37.34
N ILE E 2322 -65.88 25.12 -38.29
CA ILE E 2322 -65.96 26.58 -38.00
C ILE E 2322 -67.21 26.93 -37.14
N ASP E 2323 -68.31 26.20 -37.34
CA ASP E 2323 -69.54 26.37 -36.51
C ASP E 2323 -69.27 26.00 -35.04
N LEU E 2324 -68.42 24.99 -34.82
CA LEU E 2324 -68.03 24.55 -33.45
C LEU E 2324 -67.14 25.60 -32.72
N LEU E 2325 -66.11 26.08 -33.43
CA LEU E 2325 -65.15 27.10 -32.92
C LEU E 2325 -65.83 28.45 -32.54
N GLY E 2326 -66.86 28.85 -33.30
CA GLY E 2326 -67.67 30.02 -32.95
C GLY E 2326 -68.69 29.79 -31.84
N ARG E 2327 -69.22 28.55 -31.78
CA ARG E 2327 -70.29 28.15 -30.83
C ARG E 2327 -69.84 28.16 -29.34
N CYS E 2328 -68.55 27.90 -29.08
CA CYS E 2328 -67.95 27.95 -27.73
C CYS E 2328 -67.55 29.38 -27.25
N ALA E 2329 -67.55 30.36 -28.15
CA ALA E 2329 -67.10 31.74 -27.85
C ALA E 2329 -68.13 32.49 -26.98
N GLU E 2341 -58.99 33.26 -18.66
CA GLU E 2341 -59.24 31.91 -19.17
C GLU E 2341 -60.19 31.94 -20.38
N ALA E 2342 -61.33 32.60 -20.20
CA ALA E 2342 -62.39 32.70 -21.24
C ALA E 2342 -62.01 33.66 -22.39
N ILE E 2343 -61.40 34.80 -22.03
CA ILE E 2343 -60.98 35.81 -23.03
C ILE E 2343 -59.75 35.32 -23.83
N ARG E 2344 -58.87 34.55 -23.16
CA ARG E 2344 -57.71 33.86 -23.75
C ARG E 2344 -58.08 32.85 -24.88
N ILE E 2345 -59.00 31.95 -24.55
CA ILE E 2345 -59.54 30.96 -25.52
C ILE E 2345 -60.37 31.66 -26.64
N ARG E 2346 -61.03 32.79 -26.32
CA ARG E 2346 -61.70 33.63 -27.34
C ARG E 2346 -60.68 34.21 -28.35
N SER E 2347 -59.47 34.53 -27.89
CA SER E 2347 -58.38 35.04 -28.76
C SER E 2347 -57.77 33.96 -29.69
N ILE E 2348 -57.51 32.76 -29.15
CA ILE E 2348 -57.03 31.61 -29.97
C ILE E 2348 -58.06 31.21 -31.06
N LEU E 2349 -59.35 31.39 -30.73
CA LEU E 2349 -60.48 31.28 -31.68
C LEU E 2349 -60.50 32.41 -32.76
N ARG E 2350 -60.06 33.63 -32.40
CA ARG E 2350 -59.86 34.74 -33.38
C ARG E 2350 -58.76 34.44 -34.44
N SER E 2351 -57.79 33.57 -34.08
CA SER E 2351 -56.72 33.14 -34.99
C SER E 2351 -57.18 32.29 -36.21
N LEU E 2352 -58.27 31.54 -36.03
CA LEU E 2352 -58.82 30.61 -37.06
C LEU E 2352 -60.15 31.11 -37.66
N UNK E 2353 -58.65 35.95 -38.57
CA UNK E 2353 -59.95 35.76 -39.20
C UNK E 2353 -59.79 35.15 -40.59
N UNK E 2354 -59.48 33.85 -40.62
CA UNK E 2354 -59.32 33.12 -41.88
C UNK E 2354 -60.66 32.88 -42.60
N UNK E 2355 -61.75 32.85 -41.83
CA UNK E 2355 -63.10 32.69 -42.37
C UNK E 2355 -63.85 34.01 -42.65
N UNK E 2356 -63.15 35.15 -42.57
CA UNK E 2356 -63.75 36.45 -42.95
C UNK E 2356 -63.95 36.54 -44.48
N UNK E 2357 -62.92 36.15 -45.25
CA UNK E 2357 -63.02 36.01 -46.72
C UNK E 2357 -63.99 34.88 -47.15
N UNK E 2358 -64.12 33.85 -46.29
CA UNK E 2358 -65.07 32.73 -46.49
C UNK E 2358 -66.54 33.21 -46.44
N UNK E 2359 -66.84 34.17 -45.55
CA UNK E 2359 -68.20 34.75 -45.41
C UNK E 2359 -68.76 35.33 -46.74
N UNK E 2360 -67.99 36.24 -47.37
CA UNK E 2360 -68.37 36.83 -48.68
C UNK E 2360 -68.47 35.78 -49.81
N UNK E 2361 -67.58 34.78 -49.78
CA UNK E 2361 -67.61 33.64 -50.73
C UNK E 2361 -68.89 32.77 -50.59
N UNK E 2362 -69.38 32.62 -49.37
CA UNK E 2362 -70.69 31.98 -49.12
C UNK E 2362 -71.85 32.80 -49.73
N UNK E 2363 -71.74 34.14 -49.69
CA UNK E 2363 -72.66 35.05 -50.42
C UNK E 2363 -72.53 34.88 -51.97
N UNK E 2364 -71.29 34.62 -52.44
CA UNK E 2364 -71.06 34.24 -53.85
C UNK E 2364 -71.75 32.88 -54.19
N UNK E 2365 -71.76 31.94 -53.23
CA UNK E 2365 -72.53 30.69 -53.36
C UNK E 2365 -74.06 30.94 -53.36
N UNK E 2366 -74.50 31.98 -52.62
CA UNK E 2366 -75.89 32.44 -52.57
C UNK E 2366 -76.83 31.43 -51.90
N PHE E 2367 -78.91 22.68 -48.46
CA PHE E 2367 -77.49 22.90 -48.80
C PHE E 2367 -77.02 24.33 -48.44
N CYS E 2368 -77.45 25.31 -49.25
CA CYS E 2368 -76.94 26.71 -49.19
C CYS E 2368 -77.09 27.47 -47.83
N PRO E 2369 -78.32 27.51 -47.23
CA PRO E 2369 -78.52 28.32 -46.00
C PRO E 2369 -77.73 27.90 -44.73
N ASP E 2370 -77.43 26.60 -44.57
CA ASP E 2370 -76.76 26.08 -43.34
C ASP E 2370 -75.30 26.55 -43.15
N HIS E 2371 -74.54 26.57 -44.24
CA HIS E 2371 -73.10 26.99 -44.24
C HIS E 2371 -72.95 28.47 -43.78
N LYS E 2372 -73.75 29.34 -44.39
CA LYS E 2372 -73.82 30.78 -44.04
C LYS E 2372 -74.36 31.03 -42.60
N ALA E 2373 -75.26 30.15 -42.12
CA ALA E 2373 -75.77 30.20 -40.73
C ALA E 2373 -74.64 29.97 -39.70
N ALA E 2374 -73.76 29.01 -40.00
CA ALA E 2374 -72.54 28.76 -39.20
C ALA E 2374 -71.57 29.96 -39.21
N MET E 2375 -71.40 30.59 -40.38
CA MET E 2375 -70.51 31.76 -40.56
C MET E 2375 -70.99 33.02 -39.77
N VAL E 2376 -72.30 33.17 -39.58
CA VAL E 2376 -72.90 34.32 -38.85
C VAL E 2376 -72.92 34.11 -37.31
N LEU E 2377 -73.14 32.87 -36.84
CA LEU E 2377 -72.95 32.54 -35.40
C LEU E 2377 -71.47 32.73 -34.94
N PHE E 2378 -70.51 32.39 -35.82
CA PHE E 2378 -69.05 32.62 -35.59
C PHE E 2378 -68.70 34.13 -35.51
N LEU E 2379 -69.19 34.91 -36.47
CA LEU E 2379 -68.95 36.38 -36.53
C LEU E 2379 -69.55 37.18 -35.34
N ASP E 2380 -70.72 36.74 -34.85
CA ASP E 2380 -71.41 37.39 -33.71
C ASP E 2380 -70.79 37.05 -32.34
N ARG E 2381 -70.55 35.76 -32.08
CA ARG E 2381 -69.98 35.29 -30.79
C ARG E 2381 -68.50 35.69 -30.56
N VAL E 2382 -67.69 35.72 -31.63
CA VAL E 2382 -66.24 36.08 -31.58
C VAL E 2382 -65.99 37.61 -31.73
N TYR E 2383 -66.76 38.27 -32.61
CA TYR E 2383 -66.56 39.72 -32.95
C TYR E 2383 -67.85 40.55 -32.73
N VAL E 2387 -66.78 50.00 -35.16
CA VAL E 2387 -67.50 48.72 -35.18
C VAL E 2387 -68.70 48.70 -36.16
N GLN E 2388 -69.45 49.81 -36.21
CA GLN E 2388 -70.64 49.96 -37.11
C GLN E 2388 -70.30 49.86 -38.63
N ASP E 2389 -69.11 50.34 -39.02
CA ASP E 2389 -68.63 50.25 -40.41
C ASP E 2389 -68.37 48.77 -40.84
N PHE E 2390 -67.93 47.93 -39.89
CA PHE E 2390 -67.81 46.46 -40.10
C PHE E 2390 -69.18 45.78 -40.31
N LEU E 2391 -70.21 46.28 -39.58
CA LEU E 2391 -71.61 45.79 -39.68
C LEU E 2391 -72.26 46.12 -41.06
N LEU E 2392 -72.09 47.36 -41.53
CA LEU E 2392 -72.53 47.77 -42.89
C LEU E 2392 -71.73 47.06 -44.01
N HIS E 2393 -70.47 46.66 -43.74
CA HIS E 2393 -69.66 45.83 -44.69
C HIS E 2393 -70.26 44.40 -44.88
N LEU E 2394 -70.85 43.82 -43.83
CA LEU E 2394 -71.58 42.54 -43.94
C LEU E 2394 -72.85 42.66 -44.82
N LEU E 2395 -73.55 43.80 -44.67
CA LEU E 2395 -74.65 44.22 -45.55
C LEU E 2395 -74.10 44.69 -46.90
N VAL E 2397 -74.95 41.49 -47.42
CA VAL E 2397 -75.46 40.22 -47.91
C VAL E 2397 -76.93 39.99 -47.56
N GLY E 2398 -77.37 40.41 -46.36
CA GLY E 2398 -78.75 40.22 -45.87
C GLY E 2398 -79.85 40.80 -46.77
N PHE E 2399 -79.50 41.88 -47.48
CA PHE E 2399 -80.31 42.43 -48.59
C PHE E 2399 -80.81 41.33 -49.57
N LEU E 2400 -79.93 40.39 -49.91
CA LEU E 2400 -80.22 39.31 -50.89
C LEU E 2400 -81.33 38.33 -50.40
N PRO E 2401 -81.31 37.94 -49.11
CA PRO E 2401 -82.44 37.28 -48.42
C PRO E 2401 -83.77 38.05 -48.42
N ASP E 2402 -83.71 39.39 -48.30
CA ASP E 2402 -84.91 40.24 -48.43
C ASP E 2402 -85.53 40.16 -49.86
N LEU E 2403 -84.67 40.05 -50.88
CA LEU E 2403 -85.11 40.04 -52.30
C LEU E 2403 -85.70 38.70 -52.72
N ARG E 2404 -85.09 37.60 -52.25
CA ARG E 2404 -85.57 36.24 -52.54
C ARG E 2404 -86.89 35.90 -51.80
N ALA E 2405 -87.23 36.67 -50.75
CA ALA E 2405 -88.56 36.62 -50.10
C ALA E 2405 -89.74 36.91 -51.07
N ALA E 2406 -89.51 37.83 -52.02
CA ALA E 2406 -90.47 38.14 -53.10
C ALA E 2406 -90.61 36.99 -54.14
N ALA E 2407 -89.49 36.30 -54.42
CA ALA E 2407 -89.44 35.19 -55.40
C ALA E 2407 -90.25 33.94 -54.98
N SER E 2408 -90.36 33.71 -53.67
CA SER E 2408 -91.17 32.59 -53.13
C SER E 2408 -92.70 32.79 -53.32
N LEU E 2409 -93.14 34.07 -53.41
CA LEU E 2409 -94.56 34.45 -53.52
C LEU E 2409 -95.01 34.66 -54.98
N THR E 2417 -90.01 24.56 -52.40
CA THR E 2417 -88.64 24.69 -52.94
C THR E 2417 -87.62 24.91 -51.80
N ASP E 2418 -86.35 24.55 -52.07
CA ASP E 2418 -85.22 24.81 -51.15
C ASP E 2418 -84.99 26.31 -50.86
N MET E 2419 -85.34 27.17 -51.84
CA MET E 2419 -85.34 28.65 -51.71
C MET E 2419 -86.09 29.14 -50.45
N ALA E 2420 -87.26 28.56 -50.18
CA ALA E 2420 -88.13 28.93 -49.04
C ALA E 2420 -87.53 28.58 -47.66
N LEU E 2421 -86.90 27.39 -47.58
CA LEU E 2421 -86.09 26.98 -46.41
C LEU E 2421 -84.97 28.00 -46.14
N ALA E 2422 -84.32 28.46 -47.23
CA ALA E 2422 -83.25 29.47 -47.16
C ALA E 2422 -83.73 30.86 -46.71
N LEU E 2423 -84.96 31.25 -47.11
CA LEU E 2423 -85.58 32.52 -46.67
C LEU E 2423 -85.77 32.57 -45.15
N ASN E 2424 -86.26 31.46 -44.58
CA ASN E 2424 -86.52 31.36 -43.13
C ASN E 2424 -85.21 31.36 -42.30
N ARG E 2425 -84.24 30.53 -42.71
CA ARG E 2425 -82.90 30.48 -42.05
C ARG E 2425 -82.17 31.84 -42.09
N TYR E 2426 -82.27 32.55 -43.23
CA TYR E 2426 -81.67 33.91 -43.40
C TYR E 2426 -82.42 35.04 -42.66
N LEU E 2427 -83.71 34.86 -42.32
CA LEU E 2427 -84.45 35.85 -41.50
C LEU E 2427 -84.08 35.73 -39.99
N CYS E 2428 -83.89 34.49 -39.49
CA CYS E 2428 -83.39 34.24 -38.12
C CYS E 2428 -81.94 34.78 -37.94
N THR E 2429 -81.09 34.48 -38.94
CA THR E 2429 -79.72 35.00 -39.03
C THR E 2429 -79.65 36.54 -39.13
N ALA E 2430 -80.68 37.15 -39.76
CA ALA E 2430 -80.87 38.61 -39.79
C ALA E 2430 -81.27 39.22 -38.41
N VAL E 2431 -81.99 38.46 -37.58
CA VAL E 2431 -82.37 38.89 -36.20
C VAL E 2431 -81.15 38.98 -35.23
N LEU E 2432 -80.16 38.09 -35.41
CA LEU E 2432 -78.98 37.98 -34.49
C LEU E 2432 -78.09 39.27 -34.27
N PRO E 2433 -77.62 39.92 -35.37
CA PRO E 2433 -76.72 41.10 -35.18
C PRO E 2433 -77.37 42.40 -34.59
N LEU E 2434 -78.70 42.51 -34.62
CA LEU E 2434 -79.45 43.75 -34.29
C LEU E 2434 -79.11 44.37 -32.91
N LEU E 2435 -78.92 43.52 -31.90
CA LEU E 2435 -78.63 43.97 -30.53
C LEU E 2435 -77.11 44.15 -30.34
N UNK E 2436 -75.08 56.42 -46.87
CA UNK E 2436 -75.27 55.71 -45.60
C UNK E 2436 -76.77 55.49 -45.26
N UNK E 2437 -77.47 56.60 -44.99
CA UNK E 2437 -78.90 56.57 -44.60
C UNK E 2437 -79.86 56.12 -45.75
N UNK E 2438 -79.46 56.37 -47.00
CA UNK E 2438 -80.24 55.98 -48.20
C UNK E 2438 -80.42 54.45 -48.36
N UNK E 2439 -79.41 53.67 -47.94
CA UNK E 2439 -79.50 52.19 -47.87
C UNK E 2439 -80.56 51.71 -46.84
N UNK E 2440 -80.68 52.44 -45.72
CA UNK E 2440 -81.75 52.22 -44.71
C UNK E 2440 -83.16 52.55 -45.27
N UNK E 2441 -83.23 53.55 -46.17
CA UNK E 2441 -84.46 53.86 -46.93
C UNK E 2441 -84.87 52.74 -47.92
N UNK E 2442 -83.87 52.02 -48.46
CA UNK E 2442 -84.07 50.87 -49.36
C UNK E 2442 -84.63 49.63 -48.63
N UNK E 2443 -84.03 49.30 -47.47
CA UNK E 2443 -84.51 48.19 -46.60
C UNK E 2443 -85.92 48.47 -46.02
N UNK E 2444 -86.21 49.74 -45.71
CA UNK E 2444 -87.57 50.18 -45.30
C UNK E 2444 -88.62 50.03 -46.43
N UNK E 2445 -88.20 50.28 -47.68
CA UNK E 2445 -89.04 50.02 -48.88
C UNK E 2445 -89.32 48.51 -49.11
N UNK E 2446 -88.34 47.67 -48.74
CA UNK E 2446 -88.46 46.20 -48.83
C UNK E 2446 -89.41 45.60 -47.79
N UNK E 2447 -89.26 46.02 -46.52
CA UNK E 2447 -90.16 45.62 -45.41
C UNK E 2447 -91.61 46.14 -45.61
N UNK E 2448 -91.75 47.34 -46.20
CA UNK E 2448 -93.08 47.89 -46.60
C UNK E 2448 -93.74 47.04 -47.70
N UNK E 2449 -92.94 46.51 -48.64
CA UNK E 2449 -93.42 45.54 -49.66
C UNK E 2449 -93.84 44.18 -49.04
N UNK E 2450 -93.08 43.74 -48.02
CA UNK E 2450 -93.41 42.53 -47.23
C UNK E 2450 -94.67 42.72 -46.36
N UNK E 2451 -94.92 43.96 -45.92
CA UNK E 2451 -96.16 44.34 -45.21
C UNK E 2451 -97.40 44.29 -46.14
N UNK E 2452 -97.23 44.73 -47.40
CA UNK E 2452 -98.28 44.63 -48.44
C UNK E 2452 -98.64 43.17 -48.79
N UNK E 2453 -97.63 42.28 -48.81
CA UNK E 2453 -97.84 40.82 -48.93
C UNK E 2453 -98.53 40.21 -47.68
N UNK E 2454 -98.26 40.80 -46.50
CA UNK E 2454 -98.91 40.43 -45.22
C UNK E 2454 -100.34 41.02 -45.01
N UNK E 2455 -100.74 41.97 -45.87
CA UNK E 2455 -102.06 42.65 -45.76
C UNK E 2455 -103.21 41.79 -46.30
N UNK E 2456 -93.08 30.98 -39.33
CA UNK E 2456 -93.77 31.53 -40.49
C UNK E 2456 -94.44 32.86 -40.13
N UNK E 2457 -95.34 32.82 -39.16
CA UNK E 2457 -96.03 34.03 -38.66
C UNK E 2457 -95.09 34.84 -37.79
N UNK E 2458 -94.49 34.17 -36.81
CA UNK E 2458 -93.43 34.76 -35.97
C UNK E 2458 -92.18 35.05 -36.78
N UNK E 2459 -91.91 34.20 -37.78
CA UNK E 2459 -90.83 34.44 -38.75
C UNK E 2459 -91.04 35.75 -39.50
N UNK E 2460 -92.28 35.99 -39.93
CA UNK E 2460 -92.65 37.24 -40.61
C UNK E 2460 -92.67 38.43 -39.66
N UNK E 2461 -93.13 38.22 -38.44
CA UNK E 2461 -93.21 39.27 -37.41
C UNK E 2461 -91.85 39.84 -37.00
N UNK E 2462 -90.80 39.03 -37.09
CA UNK E 2462 -89.44 39.45 -36.74
C UNK E 2462 -88.85 40.50 -37.68
N UNK E 2463 -89.21 40.44 -38.96
CA UNK E 2463 -88.69 41.37 -39.98
C UNK E 2463 -89.08 42.83 -39.74
N UNK E 2464 -90.27 43.05 -39.17
CA UNK E 2464 -90.76 44.40 -38.87
C UNK E 2464 -89.97 45.07 -37.74
N UNK E 2465 -89.54 44.29 -36.75
CA UNK E 2465 -88.78 44.80 -35.61
C UNK E 2465 -87.40 45.35 -35.98
N UNK E 2466 -86.77 44.77 -36.99
CA UNK E 2466 -85.47 45.23 -37.49
C UNK E 2466 -85.54 46.61 -38.15
N UNK E 2467 -86.65 46.90 -38.83
CA UNK E 2467 -86.86 48.19 -39.51
C UNK E 2467 -87.02 49.35 -38.53
N UNK E 2468 -87.76 49.13 -37.45
CA UNK E 2468 -88.00 50.16 -36.42
C UNK E 2468 -86.75 50.54 -35.63
N UNK E 2469 -85.86 49.57 -35.40
CA UNK E 2469 -84.60 49.81 -34.70
C UNK E 2469 -83.68 50.78 -35.44
N UNK E 2470 -83.66 50.68 -36.78
CA UNK E 2470 -82.89 51.59 -37.63
C UNK E 2470 -83.44 53.02 -37.62
N UNK E 2471 -84.77 53.16 -37.51
CA UNK E 2471 -85.43 54.46 -37.43
C UNK E 2471 -85.06 55.20 -36.14
N UNK E 2472 -85.00 54.47 -35.03
CA UNK E 2472 -84.56 55.01 -33.75
C UNK E 2472 -83.05 55.28 -33.74
N UNK E 2473 -82.27 54.32 -34.25
CA UNK E 2473 -80.81 54.43 -34.30
C UNK E 2473 -80.32 55.52 -35.27
N UNK E 2474 -81.04 55.71 -36.38
CA UNK E 2474 -80.69 56.73 -37.37
C UNK E 2474 -81.92 57.14 -38.19
N UNK E 2475 -78.35 60.97 -44.67
CA UNK E 2475 -78.88 61.25 -46.01
C UNK E 2475 -80.42 61.32 -46.01
N UNK E 2476 -80.94 62.26 -45.22
CA UNK E 2476 -82.40 62.48 -45.06
C UNK E 2476 -83.07 63.05 -46.34
N UNK E 2477 -82.37 63.98 -47.01
CA UNK E 2477 -82.78 64.50 -48.34
C UNK E 2477 -82.74 63.41 -49.43
N UNK E 2478 -81.78 62.47 -49.32
CA UNK E 2478 -81.72 61.26 -50.17
C UNK E 2478 -82.93 60.32 -49.92
N UNK E 2479 -83.50 60.35 -48.71
CA UNK E 2479 -84.73 59.63 -48.35
C UNK E 2479 -86.08 60.33 -48.72
N UNK E 2480 -86.02 61.54 -49.32
CA UNK E 2480 -87.21 62.39 -49.55
C UNK E 2480 -88.10 61.96 -50.74
N UNK E 2481 -87.49 61.50 -51.85
CA UNK E 2481 -88.21 60.98 -53.03
C UNK E 2481 -89.06 59.73 -52.71
N UNK E 2482 -88.49 58.86 -51.87
CA UNK E 2482 -89.17 57.67 -51.33
C UNK E 2482 -90.09 57.98 -50.13
N UNK E 2483 -90.00 59.21 -49.58
CA UNK E 2483 -91.00 59.75 -48.62
C UNK E 2483 -92.29 60.21 -49.33
N UNK E 2484 -92.14 60.90 -50.47
CA UNK E 2484 -93.27 61.24 -51.37
C UNK E 2484 -93.93 59.97 -51.97
N UNK E 2485 -93.10 58.96 -52.29
CA UNK E 2485 -93.57 57.62 -52.72
C UNK E 2485 -94.28 56.85 -51.56
N UNK E 2486 -93.82 57.10 -50.32
CA UNK E 2486 -94.40 56.51 -49.10
C UNK E 2486 -95.76 57.13 -48.70
N UNK E 2487 -95.86 58.47 -48.78
CA UNK E 2487 -97.13 59.19 -48.57
C UNK E 2487 -98.18 58.88 -49.67
N UNK E 2488 -97.72 58.64 -50.90
CA UNK E 2488 -98.58 58.12 -52.00
C UNK E 2488 -99.14 56.70 -51.68
N UNK E 2489 -98.30 55.87 -51.05
CA UNK E 2489 -98.71 54.54 -50.55
C UNK E 2489 -99.75 54.62 -49.38
N UNK E 2490 -99.66 55.68 -48.55
CA UNK E 2490 -100.69 55.99 -47.54
C UNK E 2490 -102.04 56.44 -48.17
N UNK E 2491 -101.96 57.11 -49.33
CA UNK E 2491 -103.14 57.47 -50.15
C UNK E 2491 -103.80 56.25 -50.85
N UNK E 2492 -103.02 55.18 -51.07
CA UNK E 2492 -103.51 53.93 -51.70
C UNK E 2492 -104.60 53.18 -50.90
N UNK E 2493 -104.57 53.29 -49.57
CA UNK E 2493 -105.55 52.64 -48.67
C UNK E 2493 -106.67 53.59 -48.22
N UNK E 2494 -106.28 54.66 -47.55
CA UNK E 2494 -107.22 55.66 -47.03
C UNK E 2494 -106.50 56.95 -46.66
N UNK E 2495 -104.07 42.95 -41.60
CA UNK E 2495 -104.51 44.34 -41.44
C UNK E 2495 -104.01 44.96 -40.11
N UNK E 2496 -104.19 44.23 -39.00
CA UNK E 2496 -103.70 44.64 -37.67
C UNK E 2496 -102.16 44.75 -37.61
N UNK E 2497 -101.47 43.87 -38.36
CA UNK E 2497 -100.00 43.97 -38.57
C UNK E 2497 -99.59 45.27 -39.31
N UNK E 2498 -100.43 45.71 -40.26
CA UNK E 2498 -100.26 47.02 -40.95
C UNK E 2498 -100.49 48.23 -40.00
N UNK E 2499 -101.40 48.07 -39.02
CA UNK E 2499 -101.59 49.07 -37.94
C UNK E 2499 -100.34 49.16 -37.01
N UNK E 2500 -99.70 48.02 -36.76
CA UNK E 2500 -98.40 47.97 -36.03
C UNK E 2500 -97.25 48.65 -36.83
N UNK E 2501 -97.32 48.56 -38.17
CA UNK E 2501 -96.41 49.30 -39.08
C UNK E 2501 -96.65 50.83 -39.06
N UNK E 2502 -97.89 51.26 -38.79
CA UNK E 2502 -98.27 52.69 -38.64
C UNK E 2502 -97.75 53.31 -37.32
N UNK E 2503 -97.96 52.61 -36.20
CA UNK E 2503 -97.41 53.03 -34.88
C UNK E 2503 -95.87 53.03 -34.87
N UNK E 2504 -95.26 52.06 -35.57
CA UNK E 2504 -93.78 51.99 -35.77
C UNK E 2504 -93.25 53.16 -36.66
N UNK E 2505 -94.11 53.63 -37.57
CA UNK E 2505 -93.79 54.78 -38.47
C UNK E 2505 -93.92 56.16 -37.77
N UNK E 2506 -95.05 56.34 -37.08
CA UNK E 2506 -95.34 57.55 -36.31
C UNK E 2506 -94.37 57.73 -35.11
N UNK E 2507 -93.83 56.63 -34.57
CA UNK E 2507 -92.75 56.67 -33.56
C UNK E 2507 -91.43 57.27 -34.11
N UNK E 2508 -91.12 56.96 -35.37
CA UNK E 2508 -89.95 57.56 -36.09
C UNK E 2508 -90.17 59.07 -36.40
N UNK E 2509 -91.44 59.43 -36.66
CA UNK E 2509 -91.85 60.83 -36.93
C UNK E 2509 -91.93 61.69 -35.64
N UNK E 2510 -92.49 61.12 -34.57
CA UNK E 2510 -92.52 61.76 -33.23
C UNK E 2510 -91.10 61.94 -32.64
N UNK E 2511 -90.21 60.98 -32.91
CA UNK E 2511 -88.76 61.11 -32.57
C UNK E 2511 -88.05 62.19 -33.41
N UNK E 2512 -88.48 62.39 -34.67
CA UNK E 2512 -88.02 63.52 -35.50
C UNK E 2512 -88.46 64.89 -34.92
N UNK E 2513 -89.65 64.94 -34.30
CA UNK E 2513 -90.10 66.11 -33.50
C UNK E 2513 -89.22 66.31 -32.23
N UNK E 2514 -88.78 65.20 -31.62
CA UNK E 2514 -87.76 65.21 -30.53
C UNK E 2514 -86.34 65.60 -31.03
N UNK E 2515 -86.03 65.27 -32.28
CA UNK E 2515 -84.78 65.69 -32.97
C UNK E 2515 -84.83 67.16 -33.47
N UNK E 2516 -86.02 67.79 -33.44
CA UNK E 2516 -86.18 69.21 -33.79
C UNK E 2516 -87.07 69.97 -32.79
N UNK E 2517 -88.39 69.86 -32.94
CA UNK E 2517 -89.34 70.63 -32.13
C UNK E 2517 -90.76 70.06 -32.21
N UNK E 2518 -90.88 70.16 -49.15
CA UNK E 2518 -91.97 69.35 -49.70
C UNK E 2518 -92.32 68.16 -48.80
N UNK E 2519 -91.29 67.50 -48.24
CA UNK E 2519 -91.45 66.32 -47.37
C UNK E 2519 -92.25 66.60 -46.07
N UNK E 2520 -92.14 67.82 -45.54
CA UNK E 2520 -92.97 68.29 -44.39
C UNK E 2520 -94.46 68.40 -44.76
N UNK E 2521 -94.74 68.83 -46.00
CA UNK E 2521 -96.11 68.83 -46.56
C UNK E 2521 -96.66 67.39 -46.74
N UNK E 2522 -95.76 66.44 -47.04
CA UNK E 2522 -96.09 64.99 -47.04
C UNK E 2522 -96.43 64.44 -45.63
N UNK E 2523 -95.80 64.99 -44.58
CA UNK E 2523 -96.18 64.69 -43.17
C UNK E 2523 -97.60 65.21 -42.82
N UNK E 2524 -97.96 66.38 -43.38
CA UNK E 2524 -99.34 66.91 -43.30
C UNK E 2524 -100.36 66.00 -44.04
N UNK E 2525 -99.92 65.38 -45.15
CA UNK E 2525 -100.69 64.35 -45.86
C UNK E 2525 -100.85 63.04 -45.05
N UNK E 2526 -99.87 62.74 -44.18
CA UNK E 2526 -99.90 61.56 -43.27
C UNK E 2526 -100.93 61.70 -42.13
N UNK E 2527 -101.05 62.90 -41.56
CA UNK E 2527 -102.15 63.23 -40.62
C UNK E 2527 -103.52 63.12 -41.33
N UNK E 2528 -103.61 63.77 -42.50
CA UNK E 2528 -104.88 63.95 -43.25
C UNK E 2528 -105.53 62.65 -43.77
N UNK E 2529 -104.70 61.76 -44.34
CA UNK E 2529 -105.17 60.44 -44.84
C UNK E 2529 -105.55 59.47 -43.70
N UNK E 2530 -104.84 59.59 -42.57
CA UNK E 2530 -105.21 58.90 -41.31
C UNK E 2530 -106.58 59.36 -40.77
N UNK E 2531 -106.87 60.67 -40.90
CA UNK E 2531 -108.20 61.24 -40.59
C UNK E 2531 -109.31 60.70 -41.53
N UNK E 2532 -108.94 60.43 -42.79
CA UNK E 2532 -109.83 59.75 -43.77
C UNK E 2532 -110.14 58.29 -43.36
N UNK E 2533 -109.17 57.60 -42.76
CA UNK E 2533 -109.38 56.25 -42.16
C UNK E 2533 -110.32 56.30 -40.93
N UNK E 2534 -110.27 57.40 -40.17
CA UNK E 2534 -111.22 57.68 -39.06
C UNK E 2534 -112.65 58.00 -39.55
N UNK E 2535 -112.76 58.55 -40.77
CA UNK E 2535 -114.07 58.88 -41.41
C UNK E 2535 -114.94 57.63 -41.71
N UNK E 2536 -114.29 56.49 -41.97
CA UNK E 2536 -114.97 55.19 -42.05
C UNK E 2536 -115.03 54.54 -40.67
N UNK E 2537 -113.86 54.36 -40.06
CA UNK E 2537 -113.75 53.76 -38.72
C UNK E 2537 -114.00 54.81 -37.64
N UNK E 2538 -110.24 46.86 -29.96
CA UNK E 2538 -108.94 47.25 -29.42
C UNK E 2538 -107.98 47.72 -30.52
N UNK E 2539 -107.92 46.96 -31.63
CA UNK E 2539 -107.09 47.32 -32.81
C UNK E 2539 -107.60 48.60 -33.54
N UNK E 2540 -108.89 48.94 -33.37
CA UNK E 2540 -109.48 50.20 -33.87
C UNK E 2540 -108.99 51.45 -33.07
N UNK E 2541 -108.98 51.34 -31.74
CA UNK E 2541 -108.42 52.39 -30.85
C UNK E 2541 -106.89 52.57 -31.05
N UNK E 2542 -106.19 51.46 -31.31
CA UNK E 2542 -104.75 51.48 -31.68
C UNK E 2542 -104.49 52.16 -33.05
N UNK E 2543 -105.46 52.02 -33.97
CA UNK E 2543 -105.47 52.74 -35.27
C UNK E 2543 -105.70 54.27 -35.12
N UNK E 2544 -106.47 54.66 -34.08
CA UNK E 2544 -106.70 56.09 -33.73
C UNK E 2544 -105.43 56.77 -33.14
N UNK E 2545 -104.77 56.09 -32.19
CA UNK E 2545 -103.49 56.57 -31.60
C UNK E 2545 -102.34 56.63 -32.64
N UNK E 2546 -102.31 55.66 -33.56
CA UNK E 2546 -101.37 55.66 -34.72
C UNK E 2546 -101.63 56.83 -35.71
N UNK E 2547 -102.91 57.23 -35.84
CA UNK E 2547 -103.28 58.44 -36.61
C UNK E 2547 -102.80 59.78 -35.97
N UNK E 2548 -102.85 59.84 -34.63
CA UNK E 2548 -102.59 61.07 -33.84
C UNK E 2548 -101.14 61.61 -33.93
N UNK E 2549 -100.16 60.71 -34.00
CA UNK E 2549 -98.73 61.10 -34.07
C UNK E 2549 -98.34 61.79 -35.41
N UNK E 2550 -99.07 61.48 -36.49
CA UNK E 2550 -98.90 62.18 -37.79
C UNK E 2550 -99.42 63.65 -37.76
N UNK E 2551 -100.56 63.87 -37.09
CA UNK E 2551 -101.09 65.23 -36.84
C UNK E 2551 -100.19 66.06 -35.89
N UNK E 2552 -99.51 65.37 -34.96
CA UNK E 2552 -98.50 66.00 -34.08
C UNK E 2552 -97.22 66.42 -34.84
N UNK E 2553 -96.78 65.59 -35.80
CA UNK E 2553 -95.62 65.90 -36.67
C UNK E 2553 -95.88 67.10 -37.62
N UNK E 2554 -97.10 67.19 -38.15
CA UNK E 2554 -97.56 68.38 -38.92
C UNK E 2554 -97.68 69.66 -38.04
N UNK E 2555 -98.05 69.48 -36.77
CA UNK E 2555 -98.03 70.57 -35.76
C UNK E 2555 -96.59 71.09 -35.45
N UNK E 2556 -95.60 70.18 -35.54
CA UNK E 2556 -94.16 70.57 -35.54
C UNK E 2556 -93.75 71.28 -36.85
N UNK E 2557 -94.40 70.93 -37.96
CA UNK E 2557 -94.20 71.58 -39.29
C UNK E 2557 -94.85 72.99 -39.41
N UNK E 2558 -95.79 73.31 -38.52
CA UNK E 2558 -96.32 74.68 -38.36
C UNK E 2558 -95.30 75.65 -37.71
N UNK E 2559 -94.47 75.12 -36.80
CA UNK E 2559 -93.44 75.91 -36.14
C UNK E 2559 -92.32 76.32 -37.11
N PHE E 2560 -85.96 37.96 -56.15
CA PHE E 2560 -86.10 39.23 -56.86
C PHE E 2560 -86.88 39.04 -58.18
N ASN E 2561 -87.80 39.96 -58.48
CA ASN E 2561 -88.57 39.95 -59.74
C ASN E 2561 -88.99 41.39 -60.15
N PRO E 2562 -88.17 42.07 -61.01
CA PRO E 2562 -88.42 43.47 -61.41
C PRO E 2562 -89.52 43.69 -62.50
N GLN E 2563 -89.96 44.95 -62.67
CA GLN E 2563 -91.03 45.32 -63.63
C GLN E 2563 -90.74 46.67 -64.36
N PRO E 2564 -89.95 46.62 -65.48
CA PRO E 2564 -89.85 47.80 -66.37
C PRO E 2564 -91.18 48.20 -67.04
N VAL E 2565 -91.37 49.50 -67.30
CA VAL E 2565 -92.58 50.02 -68.00
C VAL E 2565 -92.56 49.57 -69.48
N ASP E 2566 -93.74 49.20 -70.01
CA ASP E 2566 -93.85 48.62 -71.36
C ASP E 2566 -93.59 49.66 -72.46
N THR E 2567 -92.89 49.24 -73.52
CA THR E 2567 -92.55 50.09 -74.66
C THR E 2567 -93.38 49.61 -75.86
N SER E 2568 -94.58 50.18 -76.00
CA SER E 2568 -95.54 49.74 -77.02
C SER E 2568 -96.57 50.80 -77.43
N ASN E 2569 -97.43 51.21 -76.48
CA ASN E 2569 -98.64 52.01 -76.80
C ASN E 2569 -98.52 53.53 -76.53
N ILE E 2570 -97.31 54.09 -76.70
CA ILE E 2570 -97.06 55.53 -76.48
C ILE E 2570 -96.38 56.18 -77.71
N ILE E 2571 -97.01 57.23 -78.25
CA ILE E 2571 -96.53 57.99 -79.44
C ILE E 2571 -96.00 59.38 -78.99
N ILE E 2572 -94.84 59.79 -79.53
CA ILE E 2572 -94.12 61.03 -79.11
C ILE E 2572 -94.82 62.34 -79.64
N PRO E 2573 -95.11 63.33 -78.73
CA PRO E 2573 -95.62 64.64 -79.19
C PRO E 2573 -94.59 65.54 -79.93
N GLU E 2574 -95.12 66.48 -80.74
CA GLU E 2574 -94.33 67.36 -81.63
C GLU E 2574 -93.31 68.29 -80.92
N LYS E 2575 -93.66 68.77 -79.72
CA LYS E 2575 -92.79 69.69 -78.92
C LYS E 2575 -91.45 69.03 -78.48
N LEU E 2576 -91.48 67.71 -78.28
CA LEU E 2576 -90.26 66.92 -77.96
C LEU E 2576 -89.26 66.78 -79.16
N GLU E 2577 -89.71 66.94 -80.41
CA GLU E 2577 -88.84 66.75 -81.60
C GLU E 2577 -87.70 67.79 -81.77
N TYR E 2578 -87.95 69.05 -81.38
CA TYR E 2578 -86.90 70.11 -81.35
C TYR E 2578 -85.82 69.85 -80.27
N PHE E 2579 -86.23 69.19 -79.17
CA PHE E 2579 -85.33 68.66 -78.11
C PHE E 2579 -84.50 67.44 -78.60
N ILE E 2580 -85.10 66.59 -79.47
CA ILE E 2580 -84.39 65.47 -80.14
C ILE E 2580 -83.24 66.01 -81.04
N ASN E 2581 -83.47 67.14 -81.71
CA ASN E 2581 -82.50 67.73 -82.67
C ASN E 2581 -81.19 68.19 -81.96
N LYS E 2582 -81.36 68.92 -80.85
CA LYS E 2582 -80.24 69.51 -80.10
C LYS E 2582 -79.54 68.49 -79.16
N TYR E 2583 -80.32 67.65 -78.45
CA TYR E 2583 -79.74 66.62 -77.56
C TYR E 2583 -79.06 65.45 -78.31
N ALA E 2584 -79.47 65.17 -79.55
CA ALA E 2584 -78.76 64.19 -80.43
C ALA E 2584 -77.49 64.79 -81.08
N GLU E 2585 -77.58 66.06 -81.54
CA GLU E 2585 -76.40 66.89 -81.91
C GLU E 2585 -75.28 66.86 -80.83
N HIS E 2586 -75.70 67.09 -79.57
CA HIS E 2586 -74.81 67.04 -78.39
C HIS E 2586 -74.31 65.62 -78.06
N SER E 2587 -75.14 64.59 -78.28
CA SER E 2587 -74.75 63.18 -78.07
C SER E 2587 -73.58 62.76 -79.00
N HIS E 2588 -73.65 63.20 -80.25
CA HIS E 2588 -72.54 63.03 -81.21
C HIS E 2588 -71.32 63.94 -80.89
N ASP E 2589 -71.56 65.12 -80.31
CA ASP E 2589 -70.45 66.00 -79.86
C ASP E 2589 -69.59 65.39 -78.73
N LYS E 2590 -70.22 64.64 -77.80
CA LYS E 2590 -69.52 63.94 -76.69
C LYS E 2590 -68.79 62.65 -77.15
N TRP E 2591 -69.49 61.86 -77.98
CA TRP E 2591 -68.95 60.60 -78.54
C TRP E 2591 -67.77 60.83 -79.54
N SER E 2592 -67.77 61.99 -80.21
CA SER E 2592 -66.66 62.45 -81.09
C SER E 2592 -65.48 63.09 -80.32
N MET E 2593 -65.77 64.00 -79.37
CA MET E 2593 -64.71 64.69 -78.58
C MET E 2593 -63.89 63.76 -77.65
N ASP E 2594 -64.53 62.71 -77.12
CA ASP E 2594 -63.84 61.68 -76.31
C ASP E 2594 -62.81 60.87 -77.14
N LYS E 2595 -63.13 60.64 -78.42
CA LYS E 2595 -62.19 59.99 -79.35
C LYS E 2595 -61.04 60.93 -79.76
N LEU E 2596 -61.31 62.25 -79.84
CA LEU E 2596 -60.26 63.26 -80.09
C LEU E 2596 -59.18 63.35 -78.99
N ALA E 2597 -59.56 63.00 -77.76
CA ALA E 2597 -58.60 62.89 -76.65
C ALA E 2597 -57.58 61.77 -76.90
N ASN E 2598 -58.06 60.64 -77.43
CA ASN E 2598 -57.20 59.55 -77.91
C ASN E 2598 -56.65 59.88 -79.30
N GLY E 2599 -55.79 59.01 -79.84
CA GLY E 2599 -55.17 59.21 -81.15
C GLY E 2599 -56.02 58.74 -82.33
N TRP E 2600 -57.16 59.40 -82.52
CA TRP E 2600 -58.11 59.08 -83.60
C TRP E 2600 -58.39 60.37 -84.39
N ILE E 2601 -57.88 60.46 -85.63
CA ILE E 2601 -58.07 61.65 -86.51
C ILE E 2601 -58.73 61.27 -87.85
N TYR E 2602 -59.12 62.28 -88.64
CA TYR E 2602 -60.05 62.09 -89.77
C TYR E 2602 -59.49 61.31 -90.97
N GLY E 2603 -60.37 60.59 -91.67
CA GLY E 2603 -60.01 59.74 -92.83
C GLY E 2603 -61.17 59.51 -93.81
N GLU E 2604 -61.45 58.24 -94.14
CA GLU E 2604 -62.51 57.88 -95.13
C GLU E 2604 -63.25 56.51 -94.94
N ILE E 2605 -62.53 55.40 -94.70
CA ILE E 2605 -63.12 54.02 -94.73
C ILE E 2605 -62.91 53.15 -93.44
N TYR E 2606 -63.62 52.01 -93.36
CA TYR E 2606 -63.74 51.15 -92.13
C TYR E 2606 -62.53 50.18 -91.93
N SER E 2607 -61.87 50.25 -90.77
CA SER E 2607 -60.70 49.37 -90.45
C SER E 2607 -60.35 49.33 -88.93
N ASP E 2608 -59.19 48.78 -88.57
CA ASP E 2608 -58.70 48.70 -87.17
C ASP E 2608 -57.18 48.87 -86.94
N SER E 2609 -56.45 49.41 -87.93
CA SER E 2609 -54.97 49.51 -87.87
C SER E 2609 -54.48 50.86 -87.33
N SER E 2610 -54.69 51.93 -88.09
CA SER E 2610 -54.25 53.30 -87.72
C SER E 2610 -55.27 54.07 -86.86
N LYS E 2611 -56.41 53.45 -86.55
CA LYS E 2611 -57.42 53.96 -85.59
C LYS E 2611 -58.23 55.17 -86.09
N ILE E 2612 -59.29 54.88 -86.86
CA ILE E 2612 -60.21 55.89 -87.43
C ILE E 2612 -61.67 55.37 -87.26
N GLN E 2613 -62.69 56.20 -87.57
CA GLN E 2613 -64.12 55.77 -87.55
C GLN E 2613 -65.02 56.59 -88.53
N PRO E 2614 -65.87 55.91 -89.39
CA PRO E 2614 -66.79 56.64 -90.34
C PRO E 2614 -67.97 57.46 -89.73
N LEU E 2615 -68.43 57.06 -88.54
CA LEU E 2615 -69.53 57.72 -87.82
C LEU E 2615 -69.20 59.19 -87.43
N MET E 2616 -67.93 59.45 -87.10
CA MET E 2616 -67.45 60.81 -86.74
C MET E 2616 -67.44 61.82 -87.90
N LYS E 2617 -68.63 62.34 -88.24
CA LYS E 2617 -68.79 63.63 -88.93
C LYS E 2617 -70.01 64.42 -88.38
N PRO E 2618 -70.06 65.78 -88.59
CA PRO E 2618 -71.14 66.62 -88.00
C PRO E 2618 -72.61 66.26 -88.36
N TYR E 2619 -73.54 66.67 -87.49
CA TYR E 2619 -74.95 66.15 -87.44
C TYR E 2619 -75.75 66.10 -88.76
N LYS E 2620 -75.49 67.01 -89.69
CA LYS E 2620 -76.38 67.19 -90.87
C LYS E 2620 -75.95 66.53 -92.22
N LEU E 2621 -74.95 65.63 -92.20
CA LEU E 2621 -74.46 64.94 -93.44
C LEU E 2621 -74.72 63.41 -93.52
N LEU E 2622 -74.56 62.70 -92.40
CA LEU E 2622 -74.79 61.23 -92.37
C LEU E 2622 -76.26 60.81 -92.57
N SER E 2623 -76.48 59.49 -92.72
CA SER E 2623 -77.82 58.89 -92.89
C SER E 2623 -78.56 58.73 -91.53
N GLU E 2624 -79.91 58.73 -91.59
CA GLU E 2624 -80.80 58.63 -90.39
C GLU E 2624 -80.55 57.33 -89.55
N LYS E 2625 -80.13 56.23 -90.22
CA LYS E 2625 -79.71 54.95 -89.54
C LYS E 2625 -78.53 55.14 -88.55
N GLU E 2626 -77.55 55.97 -88.93
CA GLU E 2626 -76.41 56.29 -88.05
C GLU E 2626 -76.81 57.25 -86.88
N LYS E 2627 -77.88 58.05 -87.07
CA LYS E 2627 -78.52 58.83 -85.96
C LYS E 2627 -79.15 57.94 -84.84
N GLU E 2628 -79.66 56.77 -85.24
CA GLU E 2628 -80.51 55.90 -84.37
C GLU E 2628 -79.77 55.27 -83.15
N ILE E 2629 -78.45 55.03 -83.29
CA ILE E 2629 -77.58 54.45 -82.22
C ILE E 2629 -77.57 55.32 -80.92
N TYR E 2630 -77.69 56.64 -81.08
CA TYR E 2630 -77.73 57.59 -79.94
C TYR E 2630 -79.13 58.21 -79.65
N ARG E 2631 -80.02 58.22 -80.65
CA ARG E 2631 -81.48 58.54 -80.43
C ARG E 2631 -82.23 57.53 -79.48
N TRP E 2632 -81.87 56.24 -79.55
CA TRP E 2632 -82.63 55.15 -78.85
C TRP E 2632 -82.77 55.29 -77.30
N PRO E 2633 -81.65 55.46 -76.54
CA PRO E 2633 -81.79 55.74 -75.08
C PRO E 2633 -82.57 57.06 -74.78
N ILE E 2634 -82.45 58.07 -75.65
CA ILE E 2634 -83.12 59.39 -75.51
C ILE E 2634 -84.66 59.24 -75.66
N LYS E 2635 -85.08 58.52 -76.70
CA LYS E 2635 -86.52 58.22 -76.95
C LYS E 2635 -87.15 57.34 -75.82
N GLU E 2636 -86.37 56.38 -75.29
CA GLU E 2636 -86.77 55.55 -74.11
C GLU E 2636 -86.97 56.41 -72.83
N SER E 2637 -86.18 57.50 -72.69
CA SER E 2637 -86.28 58.44 -71.54
C SER E 2637 -87.55 59.33 -71.59
N LEU E 2638 -87.83 59.91 -72.77
CA LEU E 2638 -89.04 60.76 -72.97
C LEU E 2638 -90.35 59.93 -72.89
N LYS E 2639 -90.30 58.67 -73.35
CA LYS E 2639 -91.40 57.69 -73.15
C LYS E 2639 -91.57 57.30 -71.65
N THR E 2640 -90.46 57.25 -70.90
CA THR E 2640 -90.50 57.02 -69.44
C THR E 2640 -91.16 58.18 -68.64
N MET E 2641 -91.04 59.41 -69.15
CA MET E 2641 -91.70 60.61 -68.54
C MET E 2641 -93.21 60.69 -68.86
N LEU E 2642 -93.58 60.45 -70.13
CA LEU E 2642 -94.99 60.47 -70.59
C LEU E 2642 -95.85 59.30 -70.06
N ALA E 2643 -95.25 58.12 -69.87
CA ALA E 2643 -95.92 56.97 -69.19
C ALA E 2643 -96.20 57.26 -67.69
N TRP E 2644 -95.27 58.00 -67.06
CA TRP E 2644 -95.44 58.56 -65.70
C TRP E 2644 -96.17 59.93 -65.70
N GLY E 2645 -96.47 60.44 -66.91
CA GLY E 2645 -97.36 61.58 -67.12
C GLY E 2645 -96.87 62.92 -66.57
N TRP E 2646 -95.55 63.12 -66.54
CA TRP E 2646 -94.94 64.40 -66.08
C TRP E 2646 -95.21 65.53 -67.11
N ARG E 2647 -95.60 66.73 -66.63
CA ARG E 2647 -95.81 67.91 -67.50
C ARG E 2647 -94.46 68.44 -68.05
N ILE E 2648 -94.35 68.54 -69.38
CA ILE E 2648 -93.12 68.95 -70.09
C ILE E 2648 -93.49 70.08 -71.06
N GLU E 2649 -93.22 71.33 -70.66
CA GLU E 2649 -93.69 72.53 -71.40
C GLU E 2649 -92.57 73.53 -71.76
N ARG E 2650 -92.73 74.20 -72.91
CA ARG E 2650 -91.80 75.27 -73.37
C ARG E 2650 -91.98 76.55 -72.53
N THR E 2651 -90.87 77.25 -72.24
CA THR E 2651 -90.86 78.48 -71.41
C THR E 2651 -90.19 79.67 -72.13
N ARG E 2652 -90.33 80.87 -71.56
CA ARG E 2652 -89.91 82.11 -72.22
C ARG E 2652 -88.39 82.38 -72.17
N GLU E 2653 -87.81 82.43 -70.96
CA GLU E 2653 -86.35 82.60 -70.80
C GLU E 2653 -85.56 81.43 -71.43
N GLY E 2654 -85.55 80.27 -70.79
CA GLY E 2654 -85.21 79.00 -71.43
C GLY E 2654 -83.75 78.73 -71.76
N ASP E 2655 -83.44 78.69 -73.06
CA ASP E 2655 -82.17 78.11 -73.56
C ASP E 2655 -80.89 78.83 -73.08
N SER E 2656 -80.39 78.38 -71.92
CA SER E 2656 -79.15 78.89 -71.35
C SER E 2656 -77.88 78.25 -71.96
N MET E 2657 -78.03 77.26 -72.84
CA MET E 2657 -76.89 76.72 -73.60
C MET E 2657 -76.32 77.74 -74.58
N ALA E 2658 -77.17 78.66 -75.06
CA ALA E 2658 -76.74 79.78 -75.91
C ALA E 2658 -75.81 80.77 -75.21
N LEU E 2659 -75.94 80.90 -73.89
CA LEU E 2659 -75.05 81.77 -73.09
C LEU E 2659 -73.60 81.27 -72.97
N TYR E 2660 -73.36 79.99 -73.27
CA TYR E 2660 -72.00 79.42 -73.25
C TYR E 2660 -71.23 79.89 -74.48
N ASN E 2661 -70.27 80.80 -74.28
CA ASN E 2661 -69.45 81.33 -75.38
C ASN E 2661 -68.38 80.31 -75.77
N ALA E 2676 -58.27 67.67 -86.29
CA ALA E 2676 -59.61 68.13 -86.62
C ALA E 2676 -59.73 68.49 -88.10
N ALA E 2677 -60.97 68.49 -88.60
CA ALA E 2677 -61.26 68.77 -90.02
C ALA E 2677 -62.73 69.11 -90.28
N HIS E 2678 -63.02 69.56 -91.51
CA HIS E 2678 -64.38 69.91 -91.98
C HIS E 2678 -65.08 71.05 -91.19
N GLY E 2679 -64.29 71.97 -90.63
CA GLY E 2679 -64.83 73.11 -89.88
C GLY E 2679 -65.57 72.71 -88.61
N TYR E 2680 -64.99 71.76 -87.87
CA TYR E 2680 -65.63 71.16 -86.71
C TYR E 2680 -64.67 71.23 -85.51
N SER E 2681 -64.80 72.31 -84.74
CA SER E 2681 -64.15 72.45 -83.45
C SER E 2681 -65.25 72.34 -82.39
N PRO E 2682 -65.63 71.09 -82.02
CA PRO E 2682 -66.71 70.91 -81.05
C PRO E 2682 -66.33 71.38 -79.64
N ARG E 2683 -67.29 71.97 -78.94
CA ARG E 2683 -67.13 72.39 -77.54
C ARG E 2683 -68.07 71.58 -76.65
N ALA E 2684 -67.57 71.19 -75.47
CA ALA E 2684 -68.39 70.52 -74.45
C ALA E 2684 -69.09 71.57 -73.58
N ILE E 2685 -70.43 71.53 -73.58
CA ILE E 2685 -71.22 72.28 -72.59
C ILE E 2685 -70.75 71.73 -71.24
N ASP E 2686 -70.11 72.59 -70.44
CA ASP E 2686 -69.42 72.16 -69.23
C ASP E 2686 -70.44 71.49 -68.29
N MET E 2687 -70.26 70.18 -68.07
CA MET E 2687 -71.29 69.32 -67.46
C MET E 2687 -71.57 69.64 -65.99
N SER E 2688 -70.58 70.22 -65.30
CA SER E 2688 -70.71 70.59 -63.89
C SER E 2688 -71.48 71.89 -63.63
N ASN E 2689 -71.73 72.70 -64.67
CA ASN E 2689 -72.33 74.04 -64.51
C ASN E 2689 -73.83 74.09 -64.17
N VAL E 2690 -74.57 73.00 -64.38
CA VAL E 2690 -76.05 72.98 -64.24
C VAL E 2690 -76.48 72.42 -62.85
N THR E 2691 -77.55 72.98 -62.27
CA THR E 2691 -78.01 72.66 -60.90
C THR E 2691 -79.44 72.07 -60.82
N LEU E 2692 -79.56 70.75 -60.57
CA LEU E 2692 -80.85 70.08 -60.32
C LEU E 2692 -81.42 70.47 -58.94
N SER E 2693 -82.72 70.81 -58.89
CA SER E 2693 -83.46 70.97 -57.62
C SER E 2693 -83.80 69.58 -57.03
N ARG E 2694 -84.08 69.52 -55.72
CA ARG E 2694 -84.44 68.26 -54.99
C ARG E 2694 -85.56 67.43 -55.67
N ASP E 2695 -86.53 68.14 -56.27
CA ASP E 2695 -87.58 67.52 -57.11
C ASP E 2695 -86.98 66.90 -58.40
N LEU E 2696 -86.16 67.67 -59.12
CA LEU E 2696 -85.46 67.19 -60.34
C LEU E 2696 -84.39 66.08 -60.04
N HIS E 2697 -83.72 66.15 -58.88
CA HIS E 2697 -82.79 65.07 -58.45
C HIS E 2697 -83.55 63.75 -58.09
N ALA E 2698 -84.76 63.88 -57.55
CA ALA E 2698 -85.69 62.73 -57.36
C ALA E 2698 -86.18 62.14 -58.71
N MET E 2699 -86.37 63.02 -59.71
CA MET E 2699 -86.74 62.61 -61.09
C MET E 2699 -85.63 61.81 -61.79
N ALA E 2700 -84.36 62.24 -61.60
CA ALA E 2700 -83.17 61.49 -62.06
C ALA E 2700 -83.00 60.14 -61.31
N GLU E 2701 -83.39 60.12 -60.03
CA GLU E 2701 -83.39 58.89 -59.19
C GLU E 2701 -84.37 57.81 -59.72
N MET E 2702 -85.56 58.25 -60.19
CA MET E 2702 -86.61 57.33 -60.71
C MET E 2702 -86.45 56.93 -62.20
N MET E 2703 -85.91 57.83 -63.03
CA MET E 2703 -85.54 57.49 -64.43
C MET E 2703 -84.33 56.53 -64.49
N ALA E 2704 -83.39 56.68 -63.54
CA ALA E 2704 -82.29 55.70 -63.34
C ALA E 2704 -82.81 54.35 -62.78
N GLU E 2705 -83.87 54.38 -61.95
CA GLU E 2705 -84.63 53.15 -61.55
C GLU E 2705 -85.15 52.37 -62.79
N ASN E 2706 -85.65 53.11 -63.79
CA ASN E 2706 -86.13 52.51 -65.07
C ASN E 2706 -84.99 51.99 -65.99
N TYR E 2707 -83.81 52.62 -65.95
CA TYR E 2707 -82.61 52.10 -66.66
C TYR E 2707 -82.09 50.77 -66.02
N HIS E 2708 -82.23 50.66 -64.70
CA HIS E 2708 -81.85 49.45 -63.93
C HIS E 2708 -82.80 48.25 -64.23
N ASN E 2709 -84.12 48.48 -64.21
CA ASN E 2709 -85.12 47.43 -64.55
C ASN E 2709 -85.18 47.02 -66.05
N ILE E 2710 -84.84 47.94 -66.97
CA ILE E 2710 -84.76 47.65 -68.44
C ILE E 2710 -83.46 46.89 -68.83
N TRP E 2711 -82.31 47.42 -68.42
CA TRP E 2711 -80.99 46.78 -68.65
C TRP E 2711 -80.86 45.40 -67.93
N ALA E 2712 -81.55 45.23 -66.79
CA ALA E 2712 -81.54 43.97 -66.02
C ALA E 2712 -82.72 42.98 -66.26
N LYS E 2713 -83.69 43.33 -67.12
CA LYS E 2713 -84.81 42.40 -67.49
C LYS E 2713 -84.31 41.18 -68.30
N LYS E 2714 -83.50 41.47 -69.33
CA LYS E 2714 -82.82 40.45 -70.17
C LYS E 2714 -81.86 39.56 -69.32
N LYS E 2715 -81.21 40.17 -68.31
CA LYS E 2715 -80.30 39.47 -67.36
C LYS E 2715 -81.03 38.49 -66.40
N LYS E 2716 -82.26 38.83 -65.94
CA LYS E 2716 -83.05 37.93 -65.05
C LYS E 2716 -83.75 36.76 -65.80
N LEU E 2717 -84.26 37.03 -67.00
CA LEU E 2717 -84.82 35.98 -67.89
C LEU E 2717 -83.71 34.98 -68.36
N GLU E 2718 -82.47 35.48 -68.48
CA GLU E 2718 -81.28 34.64 -68.81
C GLU E 2718 -80.80 33.74 -67.63
N LEU E 2719 -80.70 34.32 -66.42
CA LEU E 2719 -80.31 33.56 -65.19
C LEU E 2719 -81.33 32.50 -64.72
N GLU E 2720 -82.61 32.62 -65.13
CA GLU E 2720 -83.62 31.58 -64.83
C GLU E 2720 -83.51 30.30 -65.72
N SER E 2721 -82.60 30.28 -66.70
CA SER E 2721 -82.44 29.13 -67.62
C SER E 2721 -81.09 28.40 -67.53
N LYS E 2722 -79.99 29.07 -67.91
CA LYS E 2722 -78.64 28.45 -68.08
C LYS E 2722 -78.27 27.37 -67.04
N GLY E 2723 -78.04 27.79 -65.79
CA GLY E 2723 -77.64 26.87 -64.73
C GLY E 2723 -77.55 27.52 -63.36
N GLY E 2724 -78.63 28.20 -62.96
CA GLY E 2724 -78.71 28.87 -61.67
C GLY E 2724 -77.78 30.07 -61.60
N GLY E 2725 -76.79 29.99 -60.70
CA GLY E 2725 -75.79 31.05 -60.56
C GLY E 2725 -76.33 32.33 -59.92
N ASN E 2726 -75.50 33.37 -59.95
CA ASN E 2726 -75.85 34.68 -59.39
C ASN E 2726 -74.88 35.77 -59.86
N HIS E 2727 -75.36 37.01 -59.87
CA HIS E 2727 -74.56 38.20 -60.23
C HIS E 2727 -74.81 39.35 -59.19
N PRO E 2728 -73.76 40.18 -58.86
CA PRO E 2728 -73.87 41.27 -57.84
C PRO E 2728 -74.95 42.37 -58.08
N LEU E 2729 -75.14 42.76 -59.35
CA LEU E 2729 -76.15 43.76 -59.79
C LEU E 2729 -77.64 43.31 -59.73
N LEU E 2730 -77.93 42.02 -59.49
CA LEU E 2730 -79.32 41.47 -59.45
C LEU E 2730 -80.12 41.85 -58.16
N VAL E 2731 -80.17 43.16 -57.84
CA VAL E 2731 -80.79 43.70 -56.61
C VAL E 2731 -81.63 44.99 -56.94
N PRO E 2732 -82.67 45.34 -56.11
CA PRO E 2732 -83.44 46.61 -56.29
C PRO E 2732 -82.56 47.90 -56.28
N TYR E 2733 -82.92 48.90 -57.12
CA TYR E 2733 -82.07 50.10 -57.40
C TYR E 2733 -81.61 50.89 -56.14
N ASP E 2734 -82.51 51.01 -55.14
CA ASP E 2734 -82.21 51.67 -53.84
C ASP E 2734 -81.22 50.86 -52.95
N THR E 2735 -81.21 49.53 -53.09
CA THR E 2735 -80.30 48.62 -52.35
C THR E 2735 -78.79 48.76 -52.77
N LEU E 2736 -78.56 49.23 -54.00
CA LEU E 2736 -77.20 49.36 -54.60
C LEU E 2736 -76.24 50.28 -53.80
N THR E 2737 -74.96 49.88 -53.72
CA THR E 2737 -73.88 50.74 -53.18
C THR E 2737 -73.66 51.95 -54.13
N ALA E 2738 -73.16 53.09 -53.58
CA ALA E 2738 -73.00 54.37 -54.33
C ALA E 2738 -72.19 54.26 -55.66
N LYS E 2739 -71.16 53.40 -55.65
CA LYS E 2739 -70.36 53.08 -56.87
C LYS E 2739 -71.19 52.32 -57.96
N GLU E 2740 -72.05 51.39 -57.52
CA GLU E 2740 -72.99 50.66 -58.40
C GLU E 2740 -74.09 51.59 -59.01
N LYS E 2741 -74.51 52.62 -58.24
CA LYS E 2741 -75.45 53.66 -58.73
C LYS E 2741 -74.87 54.59 -59.83
N ALA E 2742 -73.53 54.76 -59.87
CA ALA E 2742 -72.87 55.83 -60.67
C ALA E 2742 -73.06 55.81 -62.24
N LYS E 2743 -72.88 54.63 -62.86
CA LYS E 2743 -72.87 54.46 -64.35
C LYS E 2743 -74.15 54.90 -65.08
N ASP E 2744 -75.31 54.40 -64.60
CA ASP E 2744 -76.64 54.86 -65.09
C ASP E 2744 -76.95 56.31 -64.67
N ARG E 2745 -76.54 56.71 -63.45
CA ARG E 2745 -76.74 58.10 -62.92
C ARG E 2745 -76.11 59.18 -63.83
N GLU E 2746 -74.88 58.92 -64.31
CA GLU E 2746 -74.17 59.85 -65.23
C GLU E 2746 -74.94 60.04 -66.57
N LYS E 2747 -75.64 58.98 -67.01
CA LYS E 2747 -76.55 59.02 -68.18
C LYS E 2747 -77.88 59.75 -67.84
N ALA E 2748 -78.46 59.45 -66.68
CA ALA E 2748 -79.73 60.08 -66.23
C ALA E 2748 -79.56 61.60 -65.95
N GLN E 2749 -78.48 61.96 -65.23
CA GLN E 2749 -78.21 63.39 -64.92
C GLN E 2749 -77.81 64.18 -66.19
N ASP E 2750 -77.22 63.48 -67.16
CA ASP E 2750 -76.98 64.04 -68.50
C ASP E 2750 -78.28 64.47 -69.22
N ILE E 2751 -79.37 63.69 -69.10
CA ILE E 2751 -80.62 64.03 -69.81
C ILE E 2751 -81.44 65.18 -69.16
N LEU E 2752 -81.70 65.12 -67.86
CA LEU E 2752 -82.59 66.13 -67.19
C LEU E 2752 -81.94 67.55 -67.10
N LYS E 2753 -80.62 67.60 -66.92
CA LYS E 2753 -79.84 68.87 -67.01
C LYS E 2753 -79.96 69.50 -68.44
N PHE E 2754 -79.95 68.66 -69.48
CA PHE E 2754 -80.16 69.14 -70.87
C PHE E 2754 -81.59 69.69 -71.09
N LEU E 2755 -82.57 69.18 -70.32
CA LEU E 2755 -83.92 69.78 -70.26
C LEU E 2755 -83.86 71.20 -69.64
N GLN E 2756 -83.11 71.36 -68.54
CA GLN E 2756 -82.92 72.70 -67.91
C GLN E 2756 -82.15 73.71 -68.82
N ILE E 2757 -81.06 73.27 -69.46
CA ILE E 2757 -80.22 74.21 -70.26
C ILE E 2757 -80.82 74.63 -71.61
N ASN E 2758 -81.60 73.76 -72.25
CA ASN E 2758 -82.37 74.12 -73.48
C ASN E 2758 -83.75 74.75 -73.11
N GLY E 2759 -84.19 74.55 -71.86
CA GLY E 2759 -85.32 75.30 -71.27
C GLY E 2759 -86.72 74.69 -71.42
N TYR E 2760 -86.87 73.44 -70.95
CA TYR E 2760 -88.19 72.80 -70.81
C TYR E 2760 -88.48 72.53 -69.32
N ALA E 2761 -89.52 73.20 -68.79
CA ALA E 2761 -89.97 73.00 -67.39
C ALA E 2761 -90.63 71.60 -67.26
N VAL E 2762 -90.23 70.84 -66.24
CA VAL E 2762 -90.69 69.44 -66.02
C VAL E 2762 -91.11 69.20 -64.55
N SER E 2763 -92.40 68.87 -64.36
CA SER E 2763 -93.04 68.86 -63.02
C SER E 2763 -94.20 67.85 -62.89
N ARG E 2764 -94.78 67.78 -61.67
CA ARG E 2764 -95.98 66.99 -61.38
C ARG E 2764 -97.20 67.92 -61.19
N GLY E 2765 -98.38 67.46 -61.61
CA GLY E 2765 -99.62 68.23 -61.49
C GLY E 2765 -100.16 68.22 -60.08
N UNK E 2766 -96.79 78.50 -41.34
CA UNK E 2766 -96.55 78.51 -42.78
C UNK E 2766 -97.86 78.40 -43.57
N UNK E 2767 -97.79 78.69 -44.86
CA UNK E 2767 -98.94 78.56 -45.77
C UNK E 2767 -99.30 77.09 -46.00
N UNK E 2768 -98.29 76.23 -46.06
CA UNK E 2768 -98.49 74.78 -46.11
C UNK E 2768 -99.14 74.26 -44.82
N UNK E 2769 -98.72 74.80 -43.68
CA UNK E 2769 -99.34 74.50 -42.38
C UNK E 2769 -100.75 75.08 -42.30
N UNK E 2770 -100.96 76.27 -42.86
CA UNK E 2770 -102.28 76.90 -42.96
C UNK E 2770 -103.23 76.09 -43.84
N UNK E 2771 -102.69 75.53 -44.93
CA UNK E 2771 -103.43 74.61 -45.79
C UNK E 2771 -103.67 73.27 -45.09
N UNK E 2772 -102.67 72.79 -44.36
CA UNK E 2772 -102.77 71.56 -43.56
C UNK E 2772 -103.82 71.66 -42.44
N UNK E 2773 -103.95 72.84 -41.85
CA UNK E 2773 -104.99 73.12 -40.85
C UNK E 2773 -106.39 73.11 -41.47
N UNK E 2774 -106.51 73.63 -42.69
CA UNK E 2774 -107.77 73.60 -43.44
C UNK E 2774 -108.18 72.18 -43.85
N UNK E 2775 -107.20 71.30 -44.09
CA UNK E 2775 -107.45 69.90 -44.40
C UNK E 2775 -108.07 69.16 -43.21
N UNK E 2776 -107.50 69.37 -42.02
CA UNK E 2776 -108.04 68.83 -40.77
C UNK E 2776 -109.40 69.42 -40.42
N UNK E 2777 -109.60 70.70 -40.77
CA UNK E 2777 -110.89 71.37 -40.59
C UNK E 2777 -111.98 70.78 -41.47
N UNK E 2778 -111.64 70.48 -42.72
CA UNK E 2778 -112.56 69.83 -43.66
C UNK E 2778 -112.88 68.38 -43.25
N UNK E 2779 -111.87 67.69 -42.72
CA UNK E 2779 -112.04 66.32 -42.22
C UNK E 2779 -112.97 66.24 -41.01
N UNK E 2780 -112.92 67.26 -40.15
CA UNK E 2780 -113.85 67.36 -39.00
C UNK E 2780 -115.31 67.48 -39.46
N UNK E 2781 -115.53 68.25 -40.51
CA UNK E 2781 -116.86 68.38 -41.12
C UNK E 2781 -117.31 67.08 -41.81
N UNK E 2782 -116.39 66.43 -42.51
CA UNK E 2782 -116.66 65.17 -43.19
C UNK E 2782 -116.95 64.01 -42.24
N UNK E 2783 -116.26 63.98 -41.10
CA UNK E 2783 -116.46 62.95 -40.08
C UNK E 2783 -117.85 63.04 -39.43
N UNK E 2784 -118.30 64.25 -39.15
CA UNK E 2784 -119.63 64.51 -38.60
C UNK E 2784 -120.76 64.14 -39.58
N UNK E 2785 -120.50 64.32 -40.88
CA UNK E 2785 -121.45 63.95 -41.94
C UNK E 2785 -121.66 62.43 -42.00
N UNK E 2786 -120.56 61.68 -41.90
CA UNK E 2786 -120.60 60.22 -41.83
C UNK E 2786 -121.26 59.74 -40.53
N UNK E 2787 -121.01 60.45 -39.43
CA UNK E 2787 -121.64 60.17 -38.14
C UNK E 2787 -123.15 60.36 -38.18
N UNK E 2788 -123.63 61.35 -38.93
CA UNK E 2788 -125.06 61.58 -39.15
C UNK E 2788 -125.70 60.41 -39.91
N UNK E 2789 -125.01 59.92 -40.92
CA UNK E 2789 -125.47 58.77 -41.70
C UNK E 2789 -125.35 57.48 -40.90
N UNK E 2790 -113.17 53.56 -29.44
CA UNK E 2790 -112.33 52.82 -30.38
C UNK E 2790 -112.29 53.53 -31.72
N UNK E 2791 -113.47 53.72 -32.32
CA UNK E 2791 -113.62 54.46 -33.58
C UNK E 2791 -113.78 55.94 -33.31
N UNK E 2792 -114.65 56.29 -32.35
CA UNK E 2792 -114.90 57.67 -31.96
C UNK E 2792 -113.71 58.34 -31.25
N UNK E 2793 -112.81 57.52 -30.69
CA UNK E 2793 -111.53 58.01 -30.16
C UNK E 2793 -110.72 58.78 -31.21
N UNK E 2794 -110.80 58.33 -32.47
CA UNK E 2794 -110.16 59.02 -33.59
C UNK E 2794 -110.84 60.36 -33.91
N UNK E 2795 -112.18 60.36 -33.92
CA UNK E 2795 -112.97 61.57 -34.24
C UNK E 2795 -112.72 62.75 -33.30
N UNK E 2796 -112.54 62.45 -32.02
CA UNK E 2796 -112.29 63.49 -31.00
C UNK E 2796 -110.87 64.05 -31.07
N UNK E 2797 -109.89 63.19 -31.30
CA UNK E 2797 -108.47 63.57 -31.26
C UNK E 2797 -107.99 64.48 -32.40
N UNK E 2798 -108.71 64.48 -33.53
CA UNK E 2798 -108.36 65.32 -34.68
C UNK E 2798 -108.46 66.83 -34.41
N UNK E 2799 -109.35 67.21 -33.50
CA UNK E 2799 -109.55 68.62 -33.12
C UNK E 2799 -108.34 69.25 -32.44
N UNK E 2800 -107.64 68.49 -31.60
CA UNK E 2800 -106.52 68.99 -30.79
C UNK E 2800 -105.30 69.44 -31.60
N UNK E 2801 -105.07 68.82 -32.75
CA UNK E 2801 -103.92 69.14 -33.61
C UNK E 2801 -103.96 70.56 -34.20
N UNK E 2802 -105.18 71.07 -34.45
CA UNK E 2802 -105.36 72.41 -35.04
C UNK E 2802 -105.00 73.53 -34.07
N UNK E 2803 -105.47 73.42 -32.83
CA UNK E 2803 -105.16 74.41 -31.78
C UNK E 2803 -103.69 74.39 -31.36
N UNK E 2804 -103.12 73.19 -31.30
CA UNK E 2804 -101.71 73.01 -30.92
C UNK E 2804 -100.74 73.55 -31.98
N UNK E 2805 -101.04 73.28 -33.25
CA UNK E 2805 -100.22 73.75 -34.37
C UNK E 2805 -100.18 75.27 -34.49
N UNK E 2806 -101.27 75.93 -34.10
CA UNK E 2806 -101.35 77.40 -34.06
C UNK E 2806 -100.37 77.98 -33.03
N UNK E 2807 -100.32 77.36 -31.85
CA UNK E 2807 -99.37 77.75 -30.80
C UNK E 2807 -97.92 77.45 -31.19
N UNK E 2808 -97.71 76.36 -31.94
CA UNK E 2808 -96.38 75.98 -32.43
C UNK E 2808 -95.82 76.99 -33.43
N UNK E 2809 -96.68 77.45 -34.35
CA UNK E 2809 -96.30 78.46 -35.34
C UNK E 2809 -96.08 79.82 -34.69
N UNK E 2810 -105.34 86.20 -38.09
CA UNK E 2810 -106.52 86.50 -37.30
C UNK E 2810 -107.70 85.66 -37.78
N UNK E 2811 -108.02 85.77 -39.07
CA UNK E 2811 -109.12 85.03 -39.69
C UNK E 2811 -108.75 83.56 -39.83
N UNK E 2812 -107.59 83.30 -40.41
CA UNK E 2812 -107.05 81.94 -40.55
C UNK E 2812 -106.70 81.32 -39.20
N UNK E 2813 -106.20 82.15 -38.28
CA UNK E 2813 -105.93 81.74 -36.89
C UNK E 2813 -107.22 81.31 -36.18
N UNK E 2814 -108.28 82.08 -36.39
CA UNK E 2814 -109.61 81.73 -35.89
C UNK E 2814 -110.17 80.50 -36.59
N UNK E 2815 -110.00 80.45 -37.91
CA UNK E 2815 -110.50 79.34 -38.73
C UNK E 2815 -109.90 77.98 -38.35
N UNK E 2816 -108.61 77.97 -38.02
CA UNK E 2816 -107.93 76.75 -37.57
C UNK E 2816 -108.46 76.30 -36.20
N UNK E 2817 -108.54 77.22 -35.26
CA UNK E 2817 -109.03 76.94 -33.91
C UNK E 2817 -110.53 76.63 -33.85
N UNK E 2818 -111.31 77.27 -34.73
CA UNK E 2818 -112.78 77.08 -34.76
C UNK E 2818 -113.21 75.68 -35.21
N UNK E 2819 -112.45 75.09 -36.13
CA UNK E 2819 -112.76 73.74 -36.65
C UNK E 2819 -112.56 72.63 -35.61
N UNK E 2820 -111.75 72.90 -34.59
CA UNK E 2820 -111.59 71.99 -33.44
C UNK E 2820 -112.90 71.84 -32.66
N UNK E 2821 -113.58 72.96 -32.42
CA UNK E 2821 -114.86 72.97 -31.69
C UNK E 2821 -116.01 72.30 -32.44
N UNK E 2822 -115.94 72.31 -33.78
CA UNK E 2822 -116.97 71.68 -34.63
C UNK E 2822 -116.99 70.16 -34.50
N UNK E 2823 -115.82 69.54 -34.41
CA UNK E 2823 -115.70 68.09 -34.26
C UNK E 2823 -116.24 67.59 -32.91
N UNK E 2824 -115.79 68.24 -31.83
CA UNK E 2824 -116.11 67.84 -30.43
C UNK E 2824 -117.61 67.94 -30.05
N UNK E 2825 -118.33 68.87 -30.68
CA UNK E 2825 -119.80 69.04 -30.47
C UNK E 2825 -120.61 67.80 -30.92
N UNK E 2826 -120.12 67.10 -31.95
CA UNK E 2826 -120.68 65.80 -32.39
C UNK E 2826 -120.47 64.68 -31.35
N UNK E 2827 -119.36 64.77 -30.58
CA UNK E 2827 -119.02 63.82 -29.51
C UNK E 2827 -119.84 64.03 -28.21
N UNK E 2828 -120.05 65.30 -27.81
CA UNK E 2828 -120.96 65.65 -26.70
C UNK E 2828 -122.44 65.29 -27.02
N UNK E 2829 -122.81 65.45 -28.30
CA UNK E 2829 -124.11 64.96 -28.83
C UNK E 2829 -124.24 63.42 -28.76
N UNK E 2830 -123.11 62.71 -28.96
CA UNK E 2830 -123.02 61.25 -28.76
C UNK E 2830 -123.19 60.83 -27.27
N UNK E 2831 -122.74 61.68 -26.34
CA UNK E 2831 -122.99 61.50 -24.89
C UNK E 2831 -124.46 61.72 -24.49
N UNK E 2832 -125.15 62.66 -25.16
CA UNK E 2832 -126.55 62.99 -24.83
C UNK E 2832 -127.23 63.74 -25.98
N UNK E 2833 -117.30 51.00 -25.10
CA UNK E 2833 -116.08 51.33 -24.35
C UNK E 2833 -116.14 52.76 -23.77
N UNK E 2834 -116.54 52.86 -22.50
CA UNK E 2834 -116.61 54.15 -21.76
C UNK E 2834 -115.20 54.70 -21.37
N UNK E 2835 -114.23 53.78 -21.19
CA UNK E 2835 -112.85 54.13 -20.77
C UNK E 2835 -112.10 55.05 -21.77
N UNK E 2836 -112.41 54.91 -23.07
CA UNK E 2836 -111.86 55.76 -24.16
C UNK E 2836 -112.20 57.27 -23.98
N UNK E 2837 -113.37 57.56 -23.39
CA UNK E 2837 -113.77 58.94 -23.05
C UNK E 2837 -112.78 59.61 -22.05
N UNK E 2838 -112.26 58.82 -21.10
CA UNK E 2838 -111.24 59.29 -20.13
C UNK E 2838 -109.91 59.71 -20.82
N UNK E 2839 -109.57 59.05 -21.94
CA UNK E 2839 -108.39 59.41 -22.76
C UNK E 2839 -108.50 60.84 -23.35
N UNK E 2840 -109.72 61.27 -23.68
CA UNK E 2840 -109.99 62.64 -24.13
C UNK E 2840 -109.74 63.68 -23.00
N UNK E 2841 -110.06 63.32 -21.75
CA UNK E 2841 -109.91 64.22 -20.56
C UNK E 2841 -108.47 64.71 -20.32
N UNK E 2842 -107.48 63.86 -20.62
CA UNK E 2842 -106.04 64.25 -20.61
C UNK E 2842 -105.62 64.97 -21.92
N UNK E 2843 -106.12 64.48 -23.06
CA UNK E 2843 -105.77 65.02 -24.40
C UNK E 2843 -106.24 66.48 -24.65
N UNK E 2844 -107.42 66.83 -24.09
CA UNK E 2844 -108.03 68.17 -24.24
C UNK E 2844 -107.47 69.22 -23.26
N UNK E 2845 -107.23 68.83 -22.00
CA UNK E 2845 -106.69 69.73 -20.96
C UNK E 2845 -105.29 70.31 -21.31
N UNK E 2846 -104.40 69.46 -21.84
CA UNK E 2846 -103.08 69.89 -22.35
C UNK E 2846 -103.21 70.86 -23.55
N UNK E 2847 -104.22 70.61 -24.41
CA UNK E 2847 -104.55 71.50 -25.54
C UNK E 2847 -105.06 72.89 -25.07
N UNK E 2848 -105.75 72.93 -23.92
CA UNK E 2848 -106.13 74.18 -23.26
C UNK E 2848 -104.89 75.00 -22.83
N UNK E 2849 -103.85 74.29 -22.35
CA UNK E 2849 -102.53 74.90 -22.05
C UNK E 2849 -101.85 75.42 -23.35
N UNK E 2850 -102.06 74.71 -24.47
CA UNK E 2850 -101.60 75.17 -25.80
C UNK E 2850 -102.29 76.49 -26.20
N UNK E 2851 -103.60 76.59 -25.91
CA UNK E 2851 -104.38 77.83 -26.14
C UNK E 2851 -103.94 78.97 -25.19
N UNK E 2852 -103.54 78.60 -23.97
CA UNK E 2852 -103.00 79.55 -22.97
C UNK E 2852 -101.65 80.16 -23.40
N UNK E 2853 -100.87 79.41 -24.19
CA UNK E 2853 -99.57 79.87 -24.72
C UNK E 2853 -99.75 80.98 -25.77
N UNK E 2854 -100.44 80.64 -26.86
CA UNK E 2854 -100.76 81.59 -27.93
C UNK E 2854 -102.15 82.17 -27.71
N UNK E 2855 -122.25 81.59 -35.03
CA UNK E 2855 -122.96 82.47 -34.11
C UNK E 2855 -122.76 82.01 -32.66
N UNK E 2856 -123.04 80.74 -32.39
CA UNK E 2856 -122.86 80.15 -31.07
C UNK E 2856 -122.79 78.62 -31.16
N UNK E 2857 -121.71 78.13 -31.77
CA UNK E 2857 -121.51 76.71 -32.02
C UNK E 2857 -121.07 75.95 -30.76
N UNK E 2858 -120.05 76.49 -30.09
CA UNK E 2858 -119.52 75.89 -28.87
C UNK E 2858 -120.50 75.93 -27.69
N UNK E 2859 -121.39 76.92 -27.68
CA UNK E 2859 -122.47 77.02 -26.69
C UNK E 2859 -123.44 75.83 -26.76
N UNK E 2860 -123.65 75.30 -27.95
CA UNK E 2860 -124.51 74.13 -28.16
C UNK E 2860 -123.91 72.85 -27.55
N UNK E 2861 -122.59 72.72 -27.62
CA UNK E 2861 -121.88 71.56 -27.04
C UNK E 2861 -122.05 71.46 -25.52
N UNK E 2862 -122.07 72.60 -24.84
CA UNK E 2862 -122.24 72.65 -23.38
C UNK E 2862 -123.66 72.35 -22.90
N UNK E 2863 -124.65 72.80 -23.68
CA UNK E 2863 -126.08 72.66 -23.29
C UNK E 2863 -126.57 71.22 -23.17
N UNK E 2864 -125.94 70.29 -23.90
CA UNK E 2864 -126.27 68.87 -23.81
C UNK E 2864 -126.02 68.30 -22.41
N UNK E 2865 -124.90 68.68 -21.81
CA UNK E 2865 -124.57 68.29 -20.43
C UNK E 2865 -125.48 68.97 -19.40
N UNK E 2866 -125.85 70.23 -19.66
CA UNK E 2866 -126.76 70.97 -18.79
C UNK E 2866 -128.14 70.32 -18.70
N UNK E 2867 -128.65 69.90 -19.85
CA UNK E 2867 -129.92 69.15 -19.92
C UNK E 2867 -129.77 67.75 -19.32
N UNK E 2868 -128.65 67.09 -19.63
CA UNK E 2868 -128.34 65.75 -19.09
C UNK E 2868 -128.14 65.75 -17.57
N UNK E 2869 -127.66 66.87 -17.03
CA UNK E 2869 -127.50 67.03 -15.58
C UNK E 2869 -128.83 67.03 -14.83
N UNK E 2870 -129.82 67.72 -15.40
CA UNK E 2870 -131.17 67.80 -14.81
C UNK E 2870 -131.90 66.46 -14.81
N UNK E 2871 -131.75 65.69 -15.89
CA UNK E 2871 -132.43 64.40 -16.06
C UNK E 2871 -131.96 63.32 -15.07
N UNK E 2872 -130.66 63.32 -14.77
CA UNK E 2872 -130.06 62.34 -13.84
C UNK E 2872 -130.60 62.46 -12.42
N UNK E 2873 -130.98 63.66 -12.00
CA UNK E 2873 -131.61 63.90 -10.71
C UNK E 2873 -132.92 63.11 -10.55
N UNK E 2874 -133.71 63.08 -11.62
CA UNK E 2874 -134.92 62.26 -11.66
C UNK E 2874 -134.58 60.77 -11.70
N UNK E 2875 -133.62 60.40 -12.55
CA UNK E 2875 -133.16 59.02 -12.67
C UNK E 2875 -132.30 58.63 -11.47
N UNK E 2876 -124.13 59.49 -20.08
CA UNK E 2876 -124.02 59.74 -18.65
C UNK E 2876 -122.56 59.78 -18.23
N UNK E 2877 -121.85 58.69 -18.51
CA UNK E 2877 -120.40 58.61 -18.26
C UNK E 2877 -119.65 59.51 -19.23
N UNK E 2878 -120.08 59.48 -20.50
CA UNK E 2878 -119.55 60.38 -21.53
C UNK E 2878 -119.96 61.83 -21.30
N UNK E 2879 -121.19 62.05 -20.82
CA UNK E 2879 -121.73 63.39 -20.59
C UNK E 2879 -121.05 64.16 -19.44
N UNK E 2880 -120.50 63.42 -18.48
CA UNK E 2880 -119.86 64.02 -17.29
C UNK E 2880 -118.52 64.70 -17.60
N UNK E 2881 -117.69 64.05 -18.42
CA UNK E 2881 -116.33 64.52 -18.71
C UNK E 2881 -116.25 65.79 -19.56
N UNK E 2882 -117.30 66.08 -20.34
CA UNK E 2882 -117.34 67.25 -21.23
C UNK E 2882 -117.27 68.59 -20.50
N UNK E 2883 -117.77 68.65 -19.27
CA UNK E 2883 -117.78 69.87 -18.47
C UNK E 2883 -116.39 70.33 -18.05
N UNK E 2884 -115.56 69.38 -17.61
CA UNK E 2884 -114.19 69.68 -17.16
C UNK E 2884 -113.30 70.22 -18.28
N UNK E 2885 -113.40 69.60 -19.45
CA UNK E 2885 -112.62 70.02 -20.63
C UNK E 2885 -113.11 71.36 -21.19
N UNK E 2886 -114.43 71.51 -21.32
CA UNK E 2886 -115.04 72.75 -21.82
C UNK E 2886 -114.81 73.95 -20.90
N UNK E 2887 -114.68 73.70 -19.59
CA UNK E 2887 -114.33 74.74 -18.62
C UNK E 2887 -112.95 75.35 -18.87
N UNK E 2888 -112.01 74.51 -19.28
CA UNK E 2888 -110.64 74.95 -19.60
C UNK E 2888 -110.58 75.85 -20.85
N UNK E 2889 -111.51 75.65 -21.79
CA UNK E 2889 -111.59 76.46 -23.01
C UNK E 2889 -111.98 77.91 -22.73
N UNK E 2890 -112.99 78.10 -21.89
CA UNK E 2890 -113.47 79.45 -21.51
C UNK E 2890 -112.44 80.24 -20.71
N UNK E 2891 -111.63 79.53 -19.91
CA UNK E 2891 -110.56 80.16 -19.14
C UNK E 2891 -109.40 80.63 -20.01
N UNK E 2892 -108.99 79.78 -20.95
CA UNK E 2892 -107.93 80.11 -21.92
C UNK E 2892 -108.32 81.31 -22.81
N UNK E 2893 -109.60 81.42 -23.12
CA UNK E 2893 -110.13 82.59 -23.82
C UNK E 2893 -110.06 83.85 -22.96
N UNK E 2894 -110.42 83.73 -21.69
CA UNK E 2894 -110.32 84.82 -20.72
C UNK E 2894 -108.87 85.25 -20.45
N UNK E 2895 -107.96 84.28 -20.42
CA UNK E 2895 -106.54 84.55 -20.16
C UNK E 2895 -105.86 85.18 -21.37
N UNK E 2896 -105.84 84.45 -22.50
CA UNK E 2896 -105.18 84.90 -23.72
C UNK E 2896 -106.04 85.93 -24.45
N UNK E 2897 -122.65 84.33 -26.89
CA UNK E 2897 -121.87 85.24 -26.06
C UNK E 2897 -122.75 85.85 -24.98
N UNK E 2898 -123.82 86.52 -25.41
CA UNK E 2898 -124.79 87.13 -24.50
C UNK E 2898 -125.66 86.06 -23.85
N UNK E 2899 -126.20 85.16 -24.68
CA UNK E 2899 -126.97 84.01 -24.21
C UNK E 2899 -126.11 83.00 -23.43
N UNK E 2900 -124.82 82.93 -23.77
CA UNK E 2900 -123.87 82.08 -23.05
C UNK E 2900 -123.65 82.53 -21.60
N UNK E 2901 -123.56 83.84 -21.40
CA UNK E 2901 -123.35 84.42 -20.07
C UNK E 2901 -124.59 84.29 -19.16
N UNK E 2902 -125.78 84.37 -19.74
CA UNK E 2902 -127.04 84.34 -18.97
C UNK E 2902 -127.38 82.99 -18.33
N UNK E 2903 -127.03 81.91 -19.02
CA UNK E 2903 -127.39 80.54 -18.57
C UNK E 2903 -126.65 80.07 -17.31
N UNK E 2904 -125.55 80.73 -16.95
CA UNK E 2904 -124.75 80.37 -15.76
C UNK E 2904 -125.51 80.47 -14.43
N UNK E 2905 -126.36 81.49 -14.31
CA UNK E 2905 -127.13 81.72 -13.08
C UNK E 2905 -128.10 80.58 -12.75
N UNK E 2906 -128.66 79.95 -13.77
CA UNK E 2906 -129.59 78.83 -13.59
C UNK E 2906 -128.89 77.57 -13.12
N UNK E 2907 -127.85 77.17 -13.84
CA UNK E 2907 -127.10 75.95 -13.53
C UNK E 2907 -126.30 76.05 -12.22
N UNK E 2908 -125.84 77.25 -11.88
CA UNK E 2908 -125.12 77.50 -10.62
C UNK E 2908 -126.00 77.26 -9.39
N UNK E 2909 -127.27 77.61 -9.49
CA UNK E 2909 -128.25 77.36 -8.43
C UNK E 2909 -128.47 75.86 -8.17
N UNK E 2910 -128.46 75.07 -9.25
CA UNK E 2910 -128.61 73.62 -9.16
C UNK E 2910 -127.43 72.96 -8.43
N UNK E 2911 -126.22 73.41 -8.73
CA UNK E 2911 -125.01 72.92 -8.05
C UNK E 2911 -124.96 73.35 -6.58
N UNK E 2912 -125.38 74.58 -6.31
CA UNK E 2912 -125.46 75.09 -4.94
C UNK E 2912 -126.56 74.39 -4.12
N UNK E 2913 -127.70 74.13 -4.75
CA UNK E 2913 -128.81 73.43 -4.11
C UNK E 2913 -128.45 71.95 -3.89
N UNK E 2914 -128.04 71.29 -4.97
CA UNK E 2914 -127.58 69.90 -4.92
C UNK E 2914 -126.09 69.84 -4.63
N UNK E 2915 -116.12 63.04 -8.88
CA UNK E 2915 -116.89 63.50 -10.03
C UNK E 2915 -117.50 64.87 -9.74
N UNK E 2916 -118.22 64.97 -8.63
CA UNK E 2916 -118.83 66.23 -8.20
C UNK E 2916 -117.78 67.25 -7.77
N UNK E 2917 -116.81 66.80 -6.97
CA UNK E 2917 -115.67 67.62 -6.58
C UNK E 2917 -114.75 67.93 -7.77
N UNK E 2918 -114.59 66.95 -8.67
CA UNK E 2918 -113.85 67.14 -9.93
C UNK E 2918 -114.51 68.21 -10.81
N UNK E 2919 -115.84 68.19 -10.86
CA UNK E 2919 -116.61 69.23 -11.55
C UNK E 2919 -116.54 70.56 -10.80
N UNK E 2920 -116.68 70.51 -9.48
CA UNK E 2920 -116.63 71.71 -8.63
C UNK E 2920 -115.28 72.42 -8.65
N UNK E 2921 -114.20 71.63 -8.70
CA UNK E 2921 -112.85 72.18 -8.85
C UNK E 2921 -112.64 72.77 -10.25
N UNK E 2922 -113.14 72.08 -11.27
CA UNK E 2922 -113.04 72.54 -12.66
C UNK E 2922 -113.92 73.75 -12.99
N UNK E 2923 -114.99 73.95 -12.23
CA UNK E 2923 -116.00 74.99 -12.52
C UNK E 2923 -115.55 76.45 -12.26
N UNK E 2924 -114.54 76.65 -11.42
CA UNK E 2924 -114.13 78.00 -11.00
C UNK E 2924 -113.40 78.85 -12.08
N UNK E 2925 -112.95 78.21 -13.16
CA UNK E 2925 -112.08 78.88 -14.15
C UNK E 2925 -112.80 79.85 -15.09
N UNK E 2926 -113.97 79.44 -15.61
CA UNK E 2926 -114.69 80.21 -16.63
C UNK E 2926 -115.33 81.52 -16.16
N UNK E 2927 -115.39 81.75 -14.83
CA UNK E 2927 -115.92 82.99 -14.26
C UNK E 2927 -115.30 84.26 -14.85
N UNK E 2928 -113.98 84.23 -15.07
CA UNK E 2928 -113.27 85.32 -15.74
C UNK E 2928 -113.49 85.25 -17.25
N UNK E 2929 -121.56 95.58 -10.47
CA UNK E 2929 -122.11 94.30 -10.05
C UNK E 2929 -123.24 94.47 -9.03
N UNK E 2930 -123.94 93.38 -8.74
CA UNK E 2930 -125.05 93.38 -7.78
C UNK E 2930 -125.40 91.97 -7.30
N UNK E 2931 -125.82 91.11 -8.23
CA UNK E 2931 -126.21 89.74 -7.91
C UNK E 2931 -125.01 88.88 -7.55
N UNK E 2932 -123.94 88.98 -8.35
CA UNK E 2932 -122.70 88.25 -8.10
C UNK E 2932 -121.96 88.74 -6.85
N UNK E 2933 -122.09 90.04 -6.54
CA UNK E 2933 -121.47 90.63 -5.35
C UNK E 2933 -122.04 90.07 -4.04
N UNK E 2934 -123.33 89.72 -4.04
CA UNK E 2934 -124.00 89.13 -2.88
C UNK E 2934 -123.51 87.71 -2.53
N UNK E 2935 -123.06 86.97 -3.55
CA UNK E 2935 -122.60 85.59 -3.37
C UNK E 2935 -121.34 85.47 -2.49
N UNK E 2936 -120.43 86.43 -2.62
CA UNK E 2936 -119.22 86.49 -1.78
C UNK E 2936 -119.56 86.80 -0.33
N UNK E 2937 -120.43 87.78 -0.12
CA UNK E 2937 -120.91 88.15 1.22
C UNK E 2937 -121.78 87.05 1.84
N UNK E 2938 -122.60 86.39 1.02
CA UNK E 2938 -123.43 85.27 1.47
C UNK E 2938 -122.59 84.05 1.84
N UNK E 2939 -121.59 83.75 1.02
CA UNK E 2939 -120.61 82.69 1.32
C UNK E 2939 -119.77 83.03 2.55
N UNK E 2940 -119.45 84.31 2.72
CA UNK E 2940 -118.74 84.80 3.90
C UNK E 2940 -119.60 84.75 5.17
N UNK E 2941 -120.88 85.14 5.04
CA UNK E 2941 -121.80 85.21 6.18
C UNK E 2941 -122.22 83.83 6.73
N UNK E 2942 -122.32 82.83 5.84
CA UNK E 2942 -122.75 81.49 6.22
C UNK E 2942 -121.74 80.75 7.11
N UNK E 2943 -120.45 80.90 6.79
CA UNK E 2943 -119.37 80.23 7.52
C UNK E 2943 -119.13 80.78 8.94
N UNK E 2944 -119.55 82.02 9.19
CA UNK E 2944 -119.33 82.68 10.49
C UNK E 2944 -120.08 82.03 11.67
N UNK E 2945 -121.23 81.42 11.38
CA UNK E 2945 -122.02 80.72 12.41
C UNK E 2945 -121.30 79.47 12.93
N UNK E 2946 -120.78 78.67 12.00
CA UNK E 2946 -120.02 77.45 12.34
C UNK E 2946 -118.63 77.81 12.86
N UNK E 2947 -123.11 67.42 7.76
CA UNK E 2947 -122.51 68.60 8.39
C UNK E 2947 -121.21 68.97 7.69
N UNK E 2948 -120.29 68.02 7.61
CA UNK E 2948 -119.04 68.18 6.88
C UNK E 2948 -119.27 68.20 5.37
N UNK E 2949 -120.19 67.34 4.92
CA UNK E 2949 -120.60 67.31 3.51
C UNK E 2949 -121.29 68.59 3.05
N UNK E 2950 -121.95 69.29 3.97
CA UNK E 2950 -122.62 70.56 3.66
C UNK E 2950 -121.67 71.70 3.24
N UNK E 2951 -120.41 71.62 3.67
CA UNK E 2951 -119.39 72.61 3.31
C UNK E 2951 -119.03 72.66 1.81
N UNK E 2952 -119.22 71.54 1.10
CA UNK E 2952 -118.87 71.44 -0.32
C UNK E 2952 -119.76 72.28 -1.24
N UNK E 2953 -121.08 72.23 -1.01
CA UNK E 2953 -122.04 72.99 -1.81
C UNK E 2953 -121.93 74.51 -1.59
N UNK E 2954 -121.71 74.90 -0.33
CA UNK E 2954 -121.51 76.31 0.03
C UNK E 2954 -120.21 76.89 -0.53
N UNK E 2955 -119.20 76.05 -0.72
CA UNK E 2955 -117.92 76.45 -1.31
C UNK E 2955 -118.03 76.92 -2.77
N UNK E 2956 -119.06 76.45 -3.48
CA UNK E 2956 -119.35 76.93 -4.84
C UNK E 2956 -119.69 78.42 -4.87
N UNK E 2957 -120.42 78.90 -3.87
CA UNK E 2957 -120.72 80.32 -3.71
C UNK E 2957 -119.48 81.15 -3.40
N UNK E 2958 -118.59 80.60 -2.58
CA UNK E 2958 -117.33 81.26 -2.22
C UNK E 2958 -116.32 81.28 -3.39
N UNK E 2959 -116.21 80.16 -4.09
CA UNK E 2959 -115.20 80.01 -5.15
C UNK E 2959 -115.40 80.87 -6.40
N UNK E 2960 -116.66 81.27 -6.66
CA UNK E 2960 -116.99 82.05 -7.86
C UNK E 2960 -116.45 83.49 -7.83
N UNK E 2961 -116.41 84.10 -6.65
CA UNK E 2961 -116.00 85.50 -6.49
C UNK E 2961 -114.51 85.79 -6.69
N UNK E 2962 -113.67 84.75 -6.62
CA UNK E 2962 -112.21 84.91 -6.71
C UNK E 2962 -111.70 85.40 -8.08
N UNK E 2963 -112.46 85.13 -9.14
CA UNK E 2963 -112.07 85.50 -10.51
C UNK E 2963 -111.99 87.02 -10.73
N UNK E 2964 -112.96 87.76 -10.20
CA UNK E 2964 -113.10 89.20 -10.44
C UNK E 2964 -112.27 90.12 -9.52
N UNK E 2965 -111.57 89.55 -8.54
CA UNK E 2965 -110.76 90.34 -7.60
C UNK E 2965 -109.57 90.99 -8.32
N UNK E 2966 -108.74 90.16 -8.93
CA UNK E 2966 -107.57 90.63 -9.67
C UNK E 2966 -108.00 91.16 -11.04
N UNK E 2967 -107.46 97.23 -8.19
CA UNK E 2967 -108.74 96.60 -8.50
C UNK E 2967 -109.62 96.50 -7.26
N UNK E 2968 -110.88 96.17 -7.48
CA UNK E 2968 -111.82 95.91 -6.39
C UNK E 2968 -111.49 94.55 -5.77
N UNK E 2969 -110.52 94.56 -4.86
CA UNK E 2969 -110.06 93.36 -4.17
C UNK E 2969 -109.62 93.73 -2.77
N UNK E 2970 -110.58 93.74 -1.84
CA UNK E 2970 -110.34 94.15 -0.46
C UNK E 2970 -111.45 93.70 0.49
N UNK E 2971 -112.67 94.17 0.23
CA UNK E 2971 -113.83 93.89 1.09
C UNK E 2971 -114.24 92.41 1.10
N UNK E 2972 -114.19 91.78 -0.07
CA UNK E 2972 -114.48 90.35 -0.20
C UNK E 2972 -113.45 89.49 0.53
N UNK E 2973 -112.19 89.91 0.47
CA UNK E 2973 -111.10 89.26 1.22
C UNK E 2973 -111.28 89.42 2.73
N UNK E 2974 -111.69 90.61 3.16
CA UNK E 2974 -112.00 90.88 4.57
C UNK E 2974 -113.20 90.06 5.06
N UNK E 2975 -114.20 89.90 4.19
CA UNK E 2975 -115.35 89.03 4.48
C UNK E 2975 -114.94 87.55 4.53
N UNK E 2976 -114.14 87.14 3.55
CA UNK E 2976 -113.62 85.76 3.48
C UNK E 2976 -112.59 85.43 4.57
N UNK E 2977 -111.91 86.44 5.10
CA UNK E 2977 -110.90 86.25 6.16
C UNK E 2977 -111.48 85.67 7.46
N UNK E 2978 -112.70 86.04 7.78
CA UNK E 2978 -113.41 85.52 8.97
C UNK E 2978 -113.73 84.02 8.85
N UNK E 2979 -113.99 83.55 7.63
CA UNK E 2979 -114.32 82.14 7.36
C UNK E 2979 -113.15 81.18 7.61
N UNK E 2980 -111.92 81.67 7.52
CA UNK E 2980 -110.72 80.85 7.75
C UNK E 2980 -110.61 80.35 9.20
N UNK E 2981 -110.94 81.23 10.15
CA UNK E 2981 -110.89 80.90 11.57
C UNK E 2981 -112.02 79.95 12.00
N UNK E 2982 -113.22 80.17 11.49
CA UNK E 2982 -114.40 79.35 11.82
C UNK E 2982 -114.28 77.90 11.36
N UNK E 2983 -113.59 77.68 10.24
CA UNK E 2983 -113.33 76.33 9.74
C UNK E 2983 -112.44 75.52 10.68
N UNK E 2984 -111.42 76.18 11.24
CA UNK E 2984 -110.52 75.56 12.22
C UNK E 2984 -111.23 75.20 13.53
N UNK E 2985 -112.22 76.01 13.92
CA UNK E 2985 -113.03 75.75 15.12
C UNK E 2985 -113.84 74.45 15.02
N UNK E 2986 -114.36 74.17 13.82
CA UNK E 2986 -115.07 72.92 13.56
C UNK E 2986 -114.16 71.70 13.71
N UNK E 2987 -112.92 71.82 13.25
CA UNK E 2987 -111.91 70.77 13.41
C UNK E 2987 -111.48 70.66 14.87
N UNK E 2988 -112.02 69.66 15.57
CA UNK E 2988 -111.74 69.45 16.99
C UNK E 2988 -112.10 68.04 17.42
N UNK E 2989 -113.38 67.69 17.28
CA UNK E 2989 -113.87 66.35 17.62
C UNK E 2989 -113.42 65.32 16.58
N UNK E 2990 -108.35 63.81 5.51
CA UNK E 2990 -107.67 63.47 4.27
C UNK E 2990 -108.42 64.05 3.08
N UNK E 2991 -109.69 63.68 2.95
CA UNK E 2991 -110.54 64.14 1.85
C UNK E 2991 -110.94 65.61 2.02
N UNK E 2992 -111.38 65.96 3.22
CA UNK E 2992 -111.74 67.35 3.57
C UNK E 2992 -110.51 68.26 3.56
N UNK E 2993 -109.37 67.74 4.01
CA UNK E 2993 -108.09 68.45 3.94
C UNK E 2993 -107.66 68.70 2.49
N UNK E 2994 -107.90 67.70 1.63
CA UNK E 2994 -107.62 67.83 0.19
C UNK E 2994 -108.58 68.79 -0.51
N UNK E 2995 -109.86 68.76 -0.12
CA UNK E 2995 -110.89 69.65 -0.69
C UNK E 2995 -110.61 71.13 -0.40
N UNK E 2996 -110.10 71.41 0.79
CA UNK E 2996 -109.71 72.77 1.17
C UNK E 2996 -108.50 73.28 0.37
N UNK E 2997 -107.55 72.39 0.10
CA UNK E 2997 -106.34 72.72 -0.65
C UNK E 2997 -106.60 73.08 -2.13
N UNK E 2998 -107.62 72.48 -2.72
CA UNK E 2998 -108.00 72.76 -4.12
C UNK E 2998 -108.45 74.21 -4.32
N UNK E 2999 -109.32 74.67 -3.43
CA UNK E 2999 -109.75 76.08 -3.42
C UNK E 2999 -108.64 77.01 -2.97
N UNK E 3000 -107.81 76.56 -2.03
CA UNK E 3000 -106.66 77.34 -1.54
C UNK E 3000 -105.59 77.61 -2.61
N UNK E 3001 -105.48 76.70 -3.59
CA UNK E 3001 -104.58 76.91 -4.74
C UNK E 3001 -105.03 78.11 -5.59
N UNK E 3002 -106.33 78.20 -5.83
CA UNK E 3002 -106.92 79.34 -6.57
C UNK E 3002 -106.90 80.65 -5.79
N UNK E 3003 -107.03 80.57 -4.47
CA UNK E 3003 -107.14 81.76 -3.61
C UNK E 3003 -105.87 82.61 -3.52
N UNK E 3004 -104.70 81.98 -3.61
CA UNK E 3004 -103.41 82.67 -3.47
C UNK E 3004 -103.17 83.74 -4.55
N UNK E 3005 -103.59 83.45 -5.79
CA UNK E 3005 -103.36 84.35 -6.92
C UNK E 3005 -104.22 85.63 -6.90
N UNK E 3006 -105.45 85.52 -6.40
CA UNK E 3006 -106.39 86.65 -6.39
C UNK E 3006 -105.97 87.84 -5.51
N UNK E 3007 -105.17 87.56 -4.48
CA UNK E 3007 -104.66 88.60 -3.58
C UNK E 3007 -103.63 89.48 -4.28
N UNK E 3008 -101.16 54.04 17.13
CA UNK E 3008 -101.41 55.40 17.66
C UNK E 3008 -100.93 56.51 16.68
N UNK E 3009 -99.67 56.39 16.22
CA UNK E 3009 -99.06 57.36 15.28
C UNK E 3009 -99.74 57.35 13.89
N UNK E 3010 -100.21 56.18 13.45
CA UNK E 3010 -101.03 56.03 12.22
C UNK E 3010 -102.42 56.72 12.34
N UNK E 3011 -102.98 56.71 13.56
CA UNK E 3011 -104.20 57.50 13.89
C UNK E 3011 -103.95 59.03 13.87
N UNK E 3012 -102.73 59.43 14.22
CA UNK E 3012 -102.28 60.84 14.14
C UNK E 3012 -101.81 61.30 12.74
N UNK E 3013 -101.89 60.43 11.72
CA UNK E 3013 -101.36 60.72 10.37
C UNK E 3013 -102.07 61.86 9.59
N UNK E 3014 -103.38 62.01 9.80
CA UNK E 3014 -104.18 63.09 9.16
C UNK E 3014 -103.85 64.50 9.72
N UNK E 3015 -103.43 64.57 10.99
CA UNK E 3015 -103.02 65.83 11.65
C UNK E 3015 -101.77 66.47 11.00
N UNK E 3016 -100.87 65.63 10.46
CA UNK E 3016 -99.68 66.09 9.71
C UNK E 3016 -100.03 66.77 8.37
N UNK E 3017 -101.16 66.39 7.76
CA UNK E 3017 -101.63 66.95 6.48
C UNK E 3017 -102.11 68.39 6.62
N UNK E 3018 -102.89 68.65 7.67
CA UNK E 3018 -103.35 70.00 8.00
C UNK E 3018 -102.21 70.92 8.41
N UNK E 3019 -101.19 70.37 9.07
CA UNK E 3019 -100.00 71.13 9.47
C UNK E 3019 -99.19 71.61 8.27
N UNK E 3020 -98.96 70.71 7.33
CA UNK E 3020 -98.24 71.04 6.08
C UNK E 3020 -99.06 71.94 5.16
N UNK E 3021 -100.37 71.69 5.08
CA UNK E 3021 -101.28 72.49 4.25
C UNK E 3021 -101.44 73.92 4.76
N UNK E 3022 -101.52 74.09 6.08
CA UNK E 3022 -101.59 75.41 6.71
C UNK E 3022 -100.32 76.24 6.50
N UNK E 3023 -99.18 75.58 6.46
CA UNK E 3023 -97.90 76.24 6.17
C UNK E 3023 -97.86 76.83 4.75
N UNK E 3024 -98.42 76.09 3.79
CA UNK E 3024 -98.54 76.54 2.41
C UNK E 3024 -99.52 77.72 2.27
N UNK E 3025 -100.61 77.68 3.04
CA UNK E 3025 -101.63 78.74 3.01
C UNK E 3025 -101.13 80.07 3.58
N UNK E 3026 -100.30 80.02 4.62
CA UNK E 3026 -99.74 81.21 5.25
C UNK E 3026 -98.78 82.01 4.35
N UNK E 3027 -98.12 81.32 3.42
CA UNK E 3027 -97.19 81.95 2.48
C UNK E 3027 -97.87 82.88 1.47
N UNK E 3028 -99.06 82.51 1.00
CA UNK E 3028 -99.82 83.30 0.03
C UNK E 3028 -100.23 84.68 0.57
N UNK E 3029 -100.56 84.75 1.86
CA UNK E 3029 -100.91 86.01 2.51
C UNK E 3029 -99.69 86.90 2.68
N UNK E 3030 -98.65 86.36 3.32
CA UNK E 3030 -97.41 87.08 3.56
C UNK E 3030 -96.58 87.16 2.28
N PRO E 3031 -103.59 14.42 -12.31
CA PRO E 3031 -103.12 13.04 -12.46
C PRO E 3031 -102.43 12.50 -11.19
N ARG E 3032 -102.97 11.41 -10.65
CA ARG E 3032 -102.47 10.82 -9.40
C ARG E 3032 -101.10 10.10 -9.57
N HIS E 3033 -100.82 9.64 -10.79
CA HIS E 3033 -99.98 8.45 -11.05
C HIS E 3033 -98.47 8.61 -10.69
N ARG E 3034 -97.87 9.73 -11.12
CA ARG E 3034 -96.43 10.01 -10.88
C ARG E 3034 -96.13 10.22 -9.37
N ALA E 3035 -97.02 10.93 -8.69
CA ALA E 3035 -96.93 11.13 -7.22
C ALA E 3035 -97.14 9.82 -6.42
N VAL E 3036 -97.92 8.88 -6.97
CA VAL E 3036 -98.10 7.54 -6.33
C VAL E 3036 -96.81 6.70 -6.42
N ASN E 3037 -96.17 6.67 -7.60
CA ASN E 3037 -94.91 5.89 -7.81
C ASN E 3037 -93.69 6.47 -7.03
N LEU E 3038 -93.61 7.81 -6.93
CA LEU E 3038 -92.61 8.48 -6.06
C LEU E 3038 -92.84 8.18 -4.56
N PHE E 3039 -94.12 8.08 -4.16
CA PHE E 3039 -94.48 7.64 -2.79
C PHE E 3039 -94.12 6.15 -2.51
N LEU E 3040 -94.13 5.30 -3.55
CA LEU E 3040 -93.60 3.91 -3.47
C LEU E 3040 -92.07 3.88 -3.20
N GLN E 3041 -91.31 4.67 -3.96
CA GLN E 3041 -89.84 4.74 -3.83
C GLN E 3041 -89.35 5.35 -2.49
N GLY E 3042 -90.15 6.24 -1.90
CA GLY E 3042 -89.89 6.82 -0.56
C GLY E 3042 -90.28 5.93 0.62
N TYR E 3043 -91.48 5.33 0.52
CA TYR E 3043 -92.00 4.33 1.50
C TYR E 3043 -91.07 3.10 1.66
N GLU E 3044 -90.46 2.67 0.54
CA GLU E 3044 -89.47 1.56 0.49
C GLU E 3044 -88.28 1.70 1.45
N LYS E 3045 -87.69 2.90 1.50
CA LYS E 3045 -86.51 3.18 2.33
C LYS E 3045 -86.81 3.86 3.69
N SER E 3046 -88.07 4.28 3.90
CA SER E 3046 -88.50 4.95 5.15
C SER E 3046 -88.76 4.01 6.36
N TRP E 3047 -89.54 2.94 6.14
CA TRP E 3047 -90.03 2.04 7.24
C TRP E 3047 -89.57 0.55 7.19
N ILE E 3048 -89.30 0.00 5.99
CA ILE E 3048 -89.11 -1.47 5.78
C ILE E 3048 -87.92 -2.05 6.59
N GLU E 3049 -86.83 -1.27 6.67
CA GLU E 3049 -85.66 -1.65 7.49
C GLU E 3049 -86.04 -1.61 8.98
N THR E 3050 -85.71 -2.68 9.71
CA THR E 3050 -86.22 -2.93 11.10
C THR E 3050 -85.19 -3.64 12.01
N GLU E 3051 -85.50 -3.66 13.31
CA GLU E 3051 -84.66 -4.33 14.33
C GLU E 3051 -84.94 -5.85 14.44
N GLU E 3052 -86.01 -6.33 13.78
CA GLU E 3052 -86.43 -7.75 13.90
C GLU E 3052 -85.65 -8.71 12.97
N HIS E 3053 -85.53 -8.32 11.68
CA HIS E 3053 -85.06 -9.22 10.59
C HIS E 3053 -83.65 -9.82 10.78
N TYR E 3054 -82.83 -9.20 11.64
CA TYR E 3054 -81.45 -9.67 11.87
C TYR E 3054 -81.37 -11.07 12.52
N PHE E 3055 -82.48 -11.57 13.09
CA PHE E 3055 -82.56 -12.96 13.63
C PHE E 3055 -82.03 -14.08 12.67
N GLU E 3056 -82.39 -13.95 11.39
CA GLU E 3056 -82.06 -14.93 10.34
C GLU E 3056 -80.57 -15.29 10.35
N ASP E 3057 -79.73 -14.27 10.60
CA ASP E 3057 -78.27 -14.42 10.67
C ASP E 3057 -77.83 -15.37 11.82
N LYS E 3058 -78.51 -15.28 12.97
CA LYS E 3058 -78.29 -16.22 14.09
C LYS E 3058 -78.93 -17.60 13.81
N LEU E 3059 -80.00 -17.63 12.99
CA LEU E 3059 -80.70 -18.88 12.60
C LEU E 3059 -79.93 -19.75 11.57
N ILE E 3060 -79.51 -19.14 10.46
CA ILE E 3060 -78.69 -19.82 9.42
C ILE E 3060 -77.35 -20.38 9.97
N GLU E 3061 -76.78 -19.67 10.95
CA GLU E 3061 -75.60 -20.13 11.69
C GLU E 3061 -75.90 -21.32 12.62
N ASP E 3062 -77.03 -21.27 13.34
CA ASP E 3062 -77.47 -22.40 14.20
C ASP E 3062 -77.81 -23.69 13.40
N LEU E 3063 -78.22 -23.53 12.13
CA LEU E 3063 -78.37 -24.66 11.18
C LEU E 3063 -77.02 -25.31 10.74
N ALA E 3064 -75.93 -24.54 10.76
CA ALA E 3064 -74.57 -25.01 10.41
C ALA E 3064 -73.70 -25.51 11.61
N LYS E 3065 -74.30 -25.64 12.80
CA LYS E 3065 -73.65 -26.29 13.98
C LYS E 3065 -73.17 -27.75 13.70
N PRO E 3066 -74.07 -28.64 13.21
CA PRO E 3066 -73.66 -30.02 12.91
C PRO E 3066 -72.90 -30.12 11.58
N ARG E 3079 -69.46 -38.12 5.73
CA ARG E 3079 -68.12 -37.78 5.20
C ARG E 3079 -67.90 -36.27 4.89
N VAL E 3080 -68.94 -35.45 5.05
CA VAL E 3080 -68.87 -33.99 4.76
C VAL E 3080 -69.99 -33.22 5.51
N ASP E 3081 -69.87 -31.88 5.57
CA ASP E 3081 -70.86 -30.99 6.25
C ASP E 3081 -71.55 -29.98 5.27
N PRO E 3082 -72.79 -29.50 5.61
CA PRO E 3082 -73.56 -28.59 4.70
C PRO E 3082 -72.82 -27.27 4.31
N LEU E 3083 -72.14 -26.67 5.28
CA LEU E 3083 -71.30 -25.48 5.03
C LEU E 3083 -70.08 -25.85 4.16
N HIS E 3084 -69.53 -27.05 4.38
CA HIS E 3084 -68.46 -27.62 3.51
C HIS E 3084 -68.97 -27.91 2.08
N GLN E 3085 -70.23 -28.35 1.96
CA GLN E 3085 -70.90 -28.57 0.65
C GLN E 3085 -71.03 -27.24 -0.14
N LEU E 3086 -71.33 -26.17 0.61
CA LEU E 3086 -71.53 -24.80 0.06
C LEU E 3086 -70.23 -24.18 -0.46
N ILE E 3087 -69.17 -24.22 0.37
CA ILE E 3087 -67.85 -23.66 -0.02
C ILE E 3087 -67.19 -24.47 -1.16
N LEU E 3088 -67.30 -25.80 -1.13
CA LEU E 3088 -66.78 -26.68 -2.22
C LEU E 3088 -67.52 -26.42 -3.56
N LEU E 3089 -68.80 -26.05 -3.50
CA LEU E 3089 -69.59 -25.66 -4.69
C LEU E 3089 -69.08 -24.35 -5.34
N PHE E 3090 -68.89 -23.30 -4.52
CA PHE E 3090 -68.34 -22.00 -5.02
C PHE E 3090 -66.89 -22.14 -5.54
N SER E 3091 -66.11 -23.05 -4.93
CA SER E 3091 -64.77 -23.41 -5.39
C SER E 3091 -64.82 -24.02 -6.82
N ARG E 3092 -65.80 -24.89 -7.08
CA ARG E 3092 -66.02 -25.46 -8.43
C ARG E 3092 -66.48 -24.41 -9.47
N THR E 3093 -67.27 -23.42 -9.03
CA THR E 3093 -67.71 -22.30 -9.91
C THR E 3093 -66.53 -21.36 -10.31
N ALA E 3094 -65.56 -21.22 -9.40
CA ALA E 3094 -64.33 -20.40 -9.65
C ALA E 3094 -63.32 -21.11 -10.60
N LEU E 3095 -63.14 -22.43 -10.41
CA LEU E 3095 -62.31 -23.31 -11.29
C LEU E 3095 -62.64 -23.25 -12.81
N THR E 3096 -63.93 -23.23 -13.13
CA THR E 3096 -64.42 -23.20 -14.52
C THR E 3096 -64.04 -21.86 -15.21
N GLU E 3097 -63.53 -21.93 -16.46
CA GLU E 3097 -63.24 -20.73 -17.29
C GLU E 3097 -64.37 -20.51 -18.34
N LYS E 3098 -65.25 -19.53 -18.06
CA LYS E 3098 -66.23 -19.03 -19.04
C LYS E 3098 -65.71 -17.70 -19.65
N CYS E 3099 -64.38 -17.51 -19.70
CA CYS E 3099 -63.70 -16.21 -19.89
C CYS E 3099 -64.14 -15.20 -18.78
N LYS E 3100 -65.14 -14.36 -19.07
CA LYS E 3100 -65.79 -13.54 -18.02
C LYS E 3100 -66.63 -14.49 -17.12
N LEU E 3101 -66.62 -14.26 -15.80
CA LEU E 3101 -67.39 -15.07 -14.81
C LEU E 3101 -68.92 -14.77 -14.81
N GLU E 3102 -69.72 -15.78 -14.45
CA GLU E 3102 -71.18 -15.67 -14.39
C GLU E 3102 -71.67 -14.75 -13.24
N GLU E 3103 -72.81 -14.10 -13.46
CA GLU E 3103 -73.40 -13.11 -12.52
C GLU E 3103 -73.78 -13.72 -11.14
N ASP E 3104 -74.31 -14.96 -11.17
CA ASP E 3104 -74.63 -15.78 -9.97
C ASP E 3104 -75.25 -15.02 -8.75
N PHE E 3105 -76.57 -14.78 -8.84
CA PHE E 3105 -77.44 -14.27 -7.73
C PHE E 3105 -77.24 -15.01 -6.39
N LEU E 3106 -76.97 -16.32 -6.49
CA LEU E 3106 -76.59 -17.20 -5.37
C LEU E 3106 -75.34 -16.70 -4.58
N TYR E 3107 -74.32 -16.23 -5.31
CA TYR E 3107 -73.00 -15.86 -4.73
C TYR E 3107 -73.03 -14.61 -3.82
N MET E 3108 -73.73 -13.56 -4.30
CA MET E 3108 -73.93 -12.32 -3.53
C MET E 3108 -74.60 -12.61 -2.18
N ALA E 3109 -75.62 -13.47 -2.21
CA ALA E 3109 -76.49 -13.76 -1.06
C ALA E 3109 -75.77 -14.41 0.15
N TYR E 3110 -75.19 -15.60 -0.06
CA TYR E 3110 -74.46 -16.34 1.01
C TYR E 3110 -73.20 -15.62 1.55
N ALA E 3111 -72.49 -14.92 0.66
CA ALA E 3111 -71.29 -14.16 1.05
C ALA E 3111 -71.64 -12.95 1.96
N ASP E 3112 -72.74 -12.24 1.65
CA ASP E 3112 -73.27 -11.16 2.53
C ASP E 3112 -73.84 -11.70 3.87
N ILE E 3113 -74.43 -12.90 3.85
CA ILE E 3113 -74.99 -13.58 5.07
C ILE E 3113 -73.87 -13.96 6.09
N MET E 3114 -72.82 -14.64 5.60
CA MET E 3114 -71.68 -15.03 6.46
C MET E 3114 -70.80 -13.82 6.86
N ALA E 3115 -70.81 -12.76 6.04
CA ALA E 3115 -70.22 -11.45 6.41
C ALA E 3115 -70.90 -10.79 7.65
N LYS E 3116 -72.22 -10.97 7.79
CA LYS E 3116 -72.97 -10.52 9.01
C LYS E 3116 -72.97 -11.55 10.18
N SER E 3117 -72.50 -12.79 9.94
CA SER E 3117 -72.51 -13.88 10.95
C SER E 3117 -71.63 -13.63 12.19
N CYS E 3118 -70.55 -12.86 12.00
CA CYS E 3118 -69.59 -12.52 13.09
C CYS E 3118 -69.90 -11.14 13.69
N VAL E 3130 -64.43 -6.62 36.93
CA VAL E 3130 -64.34 -8.04 36.58
C VAL E 3130 -65.50 -8.50 35.67
N LYS E 3131 -66.73 -8.07 36.00
CA LYS E 3131 -67.99 -8.51 35.34
C LYS E 3131 -68.02 -8.19 33.83
N SER E 3132 -67.64 -6.96 33.49
CA SER E 3132 -67.51 -6.51 32.08
C SER E 3132 -66.36 -7.23 31.32
N PHE E 3133 -65.28 -7.58 32.05
CA PHE E 3133 -64.13 -8.31 31.47
C PHE E 3133 -64.45 -9.76 31.07
N GLU E 3134 -65.18 -10.51 31.94
CA GLU E 3134 -65.58 -11.92 31.64
C GLU E 3134 -66.48 -12.05 30.38
N GLU E 3135 -67.45 -11.13 30.24
CA GLU E 3135 -68.32 -11.07 29.05
C GLU E 3135 -67.58 -10.60 27.77
N LYS E 3136 -66.59 -9.70 27.91
CA LYS E 3136 -65.71 -9.31 26.77
C LYS E 3136 -64.82 -10.48 26.27
N GLU E 3137 -64.40 -11.35 27.19
CA GLU E 3137 -63.65 -12.59 26.84
C GLU E 3137 -64.55 -13.66 26.17
N MET E 3138 -65.81 -13.77 26.61
CA MET E 3138 -66.78 -14.68 25.95
C MET E 3138 -67.16 -14.17 24.54
N GLU E 3139 -67.20 -12.84 24.35
CA GLU E 3139 -67.33 -12.20 23.00
C GLU E 3139 -66.11 -12.50 22.09
N LYS E 3140 -64.90 -12.53 22.67
CA LYS E 3140 -63.66 -12.79 21.90
C LYS E 3140 -63.51 -14.28 21.50
N GLN E 3141 -63.76 -15.18 22.45
CA GLN E 3141 -63.79 -16.65 22.19
C GLN E 3141 -64.99 -17.08 21.31
N LYS E 3142 -66.11 -16.35 21.38
CA LYS E 3142 -67.30 -16.63 20.53
C LYS E 3142 -67.07 -16.18 19.08
N LEU E 3143 -66.51 -14.98 18.88
CA LEU E 3143 -66.02 -14.50 17.56
C LEU E 3143 -65.03 -15.52 16.95
N LEU E 3144 -64.14 -16.04 17.81
CA LEU E 3144 -63.21 -17.12 17.43
C LEU E 3144 -63.93 -18.44 17.04
N TYR E 3145 -65.15 -18.64 17.58
CA TYR E 3145 -66.01 -19.83 17.27
C TYR E 3145 -66.75 -19.77 15.90
N GLN E 3146 -67.41 -18.66 15.57
CA GLN E 3146 -68.03 -18.48 14.22
C GLN E 3146 -66.93 -18.48 13.12
N GLN E 3147 -65.83 -17.76 13.39
CA GLN E 3147 -64.64 -17.72 12.49
C GLN E 3147 -64.00 -19.12 12.28
N ALA E 3148 -64.03 -19.96 13.33
CA ALA E 3148 -63.61 -21.37 13.23
C ALA E 3148 -64.59 -22.23 12.37
N ARG E 3149 -65.89 -21.91 12.45
CA ARG E 3149 -66.95 -22.58 11.66
C ARG E 3149 -66.78 -22.37 10.14
N LEU E 3150 -66.44 -21.14 9.73
CA LEU E 3150 -66.10 -20.85 8.32
C LEU E 3150 -64.69 -21.38 7.93
N HIS E 3151 -63.76 -21.42 8.90
CA HIS E 3151 -62.35 -21.89 8.69
C HIS E 3151 -62.17 -23.41 8.38
N ASP E 3152 -62.74 -24.27 9.22
CA ASP E 3152 -62.62 -25.74 9.08
C ASP E 3152 -63.29 -26.30 7.81
N ARG E 3153 -64.32 -25.59 7.33
CA ARG E 3153 -65.06 -25.97 6.12
C ARG E 3153 -64.30 -25.52 4.85
N GLY E 3154 -63.51 -24.45 4.95
CA GLY E 3154 -62.65 -23.95 3.87
C GLY E 3154 -62.98 -22.58 3.25
N ALA E 3155 -63.77 -21.76 3.95
CA ALA E 3155 -64.12 -20.39 3.47
C ALA E 3155 -62.89 -19.45 3.40
N ALA E 3156 -61.89 -19.71 4.26
CA ALA E 3156 -60.58 -19.01 4.23
C ALA E 3156 -59.84 -19.13 2.88
N GLU E 3157 -60.07 -20.23 2.17
CA GLU E 3157 -59.46 -20.48 0.84
C GLU E 3157 -60.29 -19.85 -0.32
N MET E 3158 -61.63 -19.97 -0.24
CA MET E 3158 -62.54 -19.42 -1.29
C MET E 3158 -62.52 -17.87 -1.36
N VAL E 3159 -62.17 -17.20 -0.26
CA VAL E 3159 -61.98 -15.73 -0.26
C VAL E 3159 -60.88 -15.31 -1.28
N LEU E 3160 -59.84 -16.14 -1.43
CA LEU E 3160 -58.78 -15.92 -2.44
C LEU E 3160 -59.20 -16.34 -3.87
N GLN E 3161 -59.88 -17.50 -3.97
CA GLN E 3161 -60.17 -18.20 -5.26
C GLN E 3161 -61.04 -17.42 -6.28
N THR E 3162 -62.14 -16.83 -5.80
CA THR E 3162 -63.03 -16.06 -6.68
C THR E 3162 -62.42 -14.71 -7.11
N ILE E 3163 -61.55 -14.13 -6.29
CA ILE E 3163 -60.79 -12.90 -6.66
C ILE E 3163 -59.78 -13.23 -7.80
N SER E 3164 -59.07 -14.35 -7.67
CA SER E 3164 -58.10 -14.82 -8.69
C SER E 3164 -58.78 -15.16 -10.05
N ALA E 3165 -60.04 -15.62 -9.99
CA ALA E 3165 -60.87 -15.88 -11.19
C ALA E 3165 -61.47 -14.59 -11.82
N SER E 3166 -61.96 -13.67 -10.97
CA SER E 3166 -62.61 -12.42 -11.44
C SER E 3166 -61.66 -11.41 -12.13
N LYS E 3167 -60.34 -11.54 -11.89
CA LYS E 3167 -59.29 -10.75 -12.61
C LYS E 3167 -59.54 -9.20 -12.63
N GLY E 3168 -59.63 -8.57 -13.81
CA GLY E 3168 -59.80 -7.11 -13.93
C GLY E 3168 -61.20 -6.53 -13.68
N GLU E 3169 -62.22 -7.40 -13.59
CA GLU E 3169 -63.62 -6.99 -13.31
C GLU E 3169 -63.82 -6.45 -11.87
N THR E 3170 -64.69 -5.44 -11.73
CA THR E 3170 -65.13 -4.86 -10.44
C THR E 3170 -66.65 -5.13 -10.22
N GLY E 3171 -67.05 -6.39 -10.40
CA GLY E 3171 -68.45 -6.80 -10.23
C GLY E 3171 -68.88 -6.87 -8.77
N PRO E 3172 -70.21 -6.90 -8.49
CA PRO E 3172 -70.74 -7.11 -7.12
C PRO E 3172 -70.26 -8.41 -6.43
N MET E 3173 -69.99 -9.46 -7.22
CA MET E 3173 -69.47 -10.75 -6.72
C MET E 3173 -68.19 -10.62 -5.90
N VAL E 3174 -67.22 -9.86 -6.43
CA VAL E 3174 -65.92 -9.65 -5.75
C VAL E 3174 -66.09 -8.80 -4.47
N ALA E 3175 -67.04 -7.86 -4.48
CA ALA E 3175 -67.40 -7.09 -3.26
C ALA E 3175 -68.03 -8.00 -2.18
N ALA E 3176 -68.85 -8.94 -2.63
CA ALA E 3176 -69.46 -9.95 -1.74
C ALA E 3176 -68.41 -10.89 -1.12
N THR E 3177 -67.30 -11.11 -1.85
CA THR E 3177 -66.15 -11.90 -1.36
C THR E 3177 -65.36 -11.19 -0.25
N LEU E 3178 -65.02 -9.91 -0.47
CA LEU E 3178 -64.24 -9.12 0.51
C LEU E 3178 -65.02 -8.83 1.83
N LYS E 3179 -66.36 -8.77 1.76
CA LYS E 3179 -67.24 -8.76 2.95
C LYS E 3179 -67.00 -10.04 3.82
N LEU E 3180 -66.92 -11.19 3.14
CA LEU E 3180 -66.65 -12.51 3.80
C LEU E 3180 -65.21 -12.63 4.35
N GLY E 3181 -64.23 -11.99 3.68
CA GLY E 3181 -62.83 -11.97 4.14
C GLY E 3181 -62.62 -11.20 5.45
N ILE E 3182 -63.19 -9.99 5.52
CA ILE E 3182 -63.17 -9.16 6.75
C ILE E 3182 -63.84 -9.87 7.96
N ALA E 3183 -64.91 -10.64 7.68
CA ALA E 3183 -65.63 -11.41 8.71
C ALA E 3183 -64.83 -12.61 9.25
N ILE E 3184 -64.25 -13.41 8.36
CA ILE E 3184 -63.39 -14.58 8.76
C ILE E 3184 -62.12 -14.17 9.56
N LEU E 3185 -61.56 -12.99 9.27
CA LEU E 3185 -60.41 -12.42 10.02
C LEU E 3185 -60.85 -11.54 11.23
N ASN E 3186 -61.34 -10.32 10.96
CA ASN E 3186 -61.80 -9.40 12.01
C ASN E 3186 -60.81 -9.31 13.20
N GLY E 3187 -59.54 -9.03 12.91
CA GLY E 3187 -58.51 -8.75 13.93
C GLY E 3187 -57.53 -9.87 14.29
N GLY E 3188 -56.50 -10.02 13.45
CA GLY E 3188 -55.28 -10.77 13.79
C GLY E 3188 -55.37 -12.27 14.02
N ASN E 3189 -56.23 -12.96 13.27
CA ASN E 3189 -56.31 -14.43 13.34
C ASN E 3189 -55.01 -15.03 12.79
N SER E 3190 -54.35 -15.88 13.57
CA SER E 3190 -53.16 -16.62 13.09
C SER E 3190 -53.54 -17.81 12.19
N THR E 3191 -54.69 -18.45 12.45
CA THR E 3191 -55.12 -19.68 11.77
C THR E 3191 -55.58 -19.48 10.32
N VAL E 3192 -56.52 -18.54 10.12
CA VAL E 3192 -57.06 -18.19 8.78
C VAL E 3192 -55.94 -17.60 7.88
N GLN E 3193 -55.11 -16.73 8.48
CA GLN E 3193 -53.93 -16.12 7.85
C GLN E 3193 -52.86 -17.15 7.40
N GLN E 3194 -52.66 -18.21 8.19
CA GLN E 3194 -51.63 -19.25 7.88
C GLN E 3194 -52.07 -20.29 6.82
N LYS E 3195 -53.33 -20.73 6.85
CA LYS E 3195 -53.93 -21.51 5.72
C LYS E 3195 -53.96 -20.69 4.40
N MET E 3196 -54.15 -19.37 4.52
CA MET E 3196 -54.19 -18.47 3.36
C MET E 3196 -52.81 -18.35 2.70
N LEU E 3197 -51.76 -18.05 3.49
CA LEU E 3197 -50.35 -18.00 3.01
C LEU E 3197 -49.84 -19.34 2.44
N ASP E 3198 -50.23 -20.45 3.06
CA ASP E 3198 -49.85 -21.80 2.60
C ASP E 3198 -50.50 -22.12 1.22
N TYR E 3199 -51.76 -21.69 1.05
CA TYR E 3199 -52.48 -21.78 -0.23
C TYR E 3199 -51.79 -20.98 -1.37
N LEU E 3200 -51.29 -19.80 -1.04
CA LEU E 3200 -50.55 -18.94 -2.01
C LEU E 3200 -49.12 -19.45 -2.34
N LYS E 3201 -48.45 -20.09 -1.37
CA LYS E 3201 -47.06 -20.60 -1.53
C LYS E 3201 -46.96 -21.94 -2.29
N GLU E 3202 -48.01 -22.78 -2.20
CA GLU E 3202 -47.97 -24.15 -2.75
C GLU E 3202 -48.47 -24.23 -4.22
N LYS E 3203 -49.74 -23.89 -4.45
CA LYS E 3203 -50.33 -23.94 -5.82
C LYS E 3203 -49.77 -22.81 -6.73
N LYS E 3204 -49.32 -21.71 -6.11
CA LYS E 3204 -48.46 -20.67 -6.75
C LYS E 3204 -48.94 -20.14 -8.13
N ASP E 3205 -50.24 -19.83 -8.23
CA ASP E 3205 -50.91 -19.47 -9.51
C ASP E 3205 -50.59 -18.08 -10.09
N VAL E 3206 -50.04 -17.16 -9.28
CA VAL E 3206 -49.63 -15.78 -9.71
C VAL E 3206 -50.81 -14.81 -10.03
N GLY E 3207 -51.92 -15.32 -10.58
CA GLY E 3207 -53.05 -14.51 -11.06
C GLY E 3207 -53.93 -13.79 -10.04
N PHE E 3208 -53.75 -14.08 -8.74
CA PHE E 3208 -54.41 -13.34 -7.64
C PHE E 3208 -53.84 -11.90 -7.49
N PHE E 3209 -52.50 -11.77 -7.46
CA PHE E 3209 -51.81 -10.46 -7.49
C PHE E 3209 -51.92 -9.73 -8.84
N GLN E 3210 -52.08 -10.47 -9.94
CA GLN E 3210 -52.42 -9.87 -11.26
C GLN E 3210 -53.85 -9.26 -11.22
N SER E 3211 -54.75 -9.91 -10.45
CA SER E 3211 -56.15 -9.42 -10.24
C SER E 3211 -56.18 -8.14 -9.38
N LEU E 3212 -55.49 -8.16 -8.24
CA LEU E 3212 -55.39 -7.00 -7.33
C LEU E 3212 -54.65 -5.79 -7.95
N ALA E 3213 -53.65 -6.05 -8.80
CA ALA E 3213 -52.90 -4.98 -9.50
C ALA E 3213 -53.70 -4.31 -10.63
N GLY E 3214 -54.29 -5.11 -11.52
CA GLY E 3214 -55.15 -4.60 -12.61
C GLY E 3214 -56.38 -3.83 -12.11
N LEU E 3215 -56.94 -4.30 -11.00
CA LEU E 3215 -58.07 -3.63 -10.30
C LEU E 3215 -57.63 -2.30 -9.60
N MET E 3216 -56.41 -2.29 -9.03
CA MET E 3216 -55.77 -1.10 -8.40
C MET E 3216 -55.53 0.05 -9.42
N GLN E 3217 -55.25 -0.30 -10.69
CA GLN E 3217 -55.16 0.70 -11.76
C GLN E 3217 -56.46 1.52 -11.85
N SER E 3218 -57.62 0.84 -11.72
CA SER E 3218 -58.94 1.50 -11.86
C SER E 3218 -59.84 1.44 -10.60
N CYS E 3219 -59.24 1.42 -9.40
CA CYS E 3219 -60.02 1.25 -8.14
C CYS E 3219 -61.19 2.27 -7.94
N SER E 3220 -60.89 3.57 -8.06
CA SER E 3220 -61.89 4.67 -7.89
C SER E 3220 -61.28 6.09 -8.03
N VAL E 3221 -62.15 7.11 -8.08
CA VAL E 3221 -61.75 8.54 -8.20
C VAL E 3221 -62.71 9.45 -7.41
N LEU E 3222 -62.19 10.56 -6.87
CA LEU E 3222 -63.00 11.65 -6.26
C LEU E 3222 -63.65 12.53 -7.36
N ASP E 3223 -62.84 12.83 -8.38
CA ASP E 3223 -63.28 13.50 -9.62
C ASP E 3223 -63.87 14.91 -9.36
N LEU E 3224 -62.95 15.89 -9.16
CA LEU E 3224 -63.29 17.33 -8.95
C LEU E 3224 -64.14 17.95 -10.07
N ASN E 3225 -63.82 17.60 -11.32
CA ASN E 3225 -64.48 18.20 -12.50
C ASN E 3225 -65.99 17.83 -12.55
N ALA E 3226 -66.33 16.63 -12.08
CA ALA E 3226 -67.74 16.21 -11.87
C ALA E 3226 -68.48 17.05 -10.78
N PHE E 3227 -67.74 17.51 -9.77
CA PHE E 3227 -68.29 18.36 -8.68
C PHE E 3227 -68.59 19.82 -9.12
N GLU E 3228 -67.69 20.41 -9.92
CA GLU E 3228 -67.92 21.74 -10.57
C GLU E 3228 -69.11 21.67 -11.58
N ARG E 3229 -69.21 20.52 -12.27
CA ARG E 3229 -70.31 20.24 -13.23
C ARG E 3229 -71.70 20.07 -12.58
N GLN E 3230 -71.75 19.52 -11.35
CA GLN E 3230 -73.01 19.31 -10.57
C GLN E 3230 -73.42 20.55 -9.74
N ASN E 3231 -72.46 21.43 -9.43
CA ASN E 3231 -72.73 22.72 -8.73
C ASN E 3231 -73.69 23.66 -9.51
N LYS E 3232 -73.66 23.59 -10.85
CA LYS E 3232 -74.53 24.38 -11.75
C LYS E 3232 -75.57 23.50 -12.45
N ASP E 3251 -68.47 5.95 -5.30
CA ASP E 3251 -68.23 4.53 -5.58
C ASP E 3251 -66.93 4.03 -4.90
N ASP E 3252 -66.73 4.41 -3.63
CA ASP E 3252 -65.50 4.15 -2.85
C ASP E 3252 -65.57 2.93 -1.88
N GLU E 3253 -66.78 2.47 -1.54
CA GLU E 3253 -67.01 1.46 -0.47
C GLU E 3253 -66.29 0.11 -0.71
N PHE E 3254 -66.27 -0.33 -1.97
CA PHE E 3254 -65.52 -1.54 -2.44
C PHE E 3254 -63.98 -1.41 -2.27
N THR E 3255 -63.45 -0.19 -2.46
CA THR E 3255 -62.01 0.11 -2.32
C THR E 3255 -61.57 0.01 -0.84
N CYS E 3256 -62.35 0.64 0.05
CA CYS E 3256 -62.13 0.56 1.51
C CYS E 3256 -62.23 -0.88 2.04
N ASP E 3257 -63.11 -1.70 1.43
CA ASP E 3257 -63.18 -3.16 1.71
C ASP E 3257 -61.89 -3.93 1.29
N LEU E 3258 -61.28 -3.52 0.18
CA LEU E 3258 -60.06 -4.18 -0.35
C LEU E 3258 -58.80 -3.91 0.51
N PHE E 3259 -58.55 -2.63 0.82
CA PHE E 3259 -57.40 -2.23 1.70
C PHE E 3259 -57.57 -2.70 3.17
N ARG E 3260 -58.82 -2.75 3.66
CA ARG E 3260 -59.12 -3.37 4.98
C ARG E 3260 -58.80 -4.88 4.95
N PHE E 3261 -59.07 -5.53 3.81
CA PHE E 3261 -58.74 -6.98 3.58
C PHE E 3261 -57.22 -7.26 3.74
N LEU E 3262 -56.38 -6.52 2.99
CA LEU E 3262 -54.90 -6.65 3.08
C LEU E 3262 -54.31 -6.31 4.49
N GLN E 3263 -54.87 -5.29 5.16
CA GLN E 3263 -54.43 -4.90 6.53
C GLN E 3263 -54.67 -6.04 7.56
N LEU E 3264 -55.83 -6.70 7.44
CA LEU E 3264 -56.15 -7.90 8.25
C LEU E 3264 -55.26 -9.13 7.90
N LEU E 3265 -54.78 -9.19 6.65
CA LEU E 3265 -53.76 -10.19 6.23
C LEU E 3265 -52.36 -10.00 6.87
N CYS E 3266 -52.03 -8.79 7.36
CA CYS E 3266 -50.72 -8.50 8.03
C CYS E 3266 -50.74 -8.38 9.60
N GLU E 3267 -51.93 -8.29 10.21
CA GLU E 3267 -52.06 -8.21 11.69
C GLU E 3267 -51.65 -9.52 12.41
N GLY E 3268 -51.13 -9.39 13.64
CA GLY E 3268 -50.48 -10.50 14.36
C GLY E 3268 -48.98 -10.65 14.09
N HIS E 3269 -48.40 -9.76 13.27
CA HIS E 3269 -46.96 -9.70 12.96
C HIS E 3269 -46.35 -10.96 12.29
N ASN E 3270 -47.00 -11.44 11.22
CA ASN E 3270 -46.45 -12.54 10.39
C ASN E 3270 -45.42 -11.99 9.37
N SER E 3271 -44.18 -11.83 9.84
CA SER E 3271 -43.08 -11.24 9.04
C SER E 3271 -42.73 -12.05 7.78
N ASP E 3272 -42.93 -13.38 7.82
CA ASP E 3272 -42.82 -14.26 6.63
C ASP E 3272 -43.81 -13.89 5.50
N PHE E 3273 -45.02 -13.47 5.89
CA PHE E 3273 -46.09 -13.04 4.95
C PHE E 3273 -45.81 -11.64 4.33
N GLN E 3274 -45.29 -10.72 5.15
CA GLN E 3274 -44.93 -9.34 4.71
C GLN E 3274 -43.77 -9.37 3.67
N ASN E 3275 -42.75 -10.18 3.96
CA ASN E 3275 -41.62 -10.42 3.02
C ASN E 3275 -42.10 -11.14 1.74
N TYR E 3276 -43.09 -12.03 1.87
CA TYR E 3276 -43.71 -12.70 0.70
C TYR E 3276 -44.36 -11.69 -0.27
N LEU E 3277 -45.00 -10.65 0.27
CA LEU E 3277 -45.55 -9.54 -0.56
C LEU E 3277 -44.47 -8.71 -1.27
N ARG E 3278 -43.29 -8.55 -0.65
CA ARG E 3278 -42.22 -7.74 -1.27
C ARG E 3278 -41.50 -8.48 -2.42
N THR E 3279 -41.09 -9.73 -2.19
CA THR E 3279 -40.19 -10.48 -3.12
C THR E 3279 -40.81 -11.71 -3.84
N GLN E 3280 -41.82 -12.35 -3.26
CA GLN E 3280 -42.64 -13.40 -3.93
C GLN E 3280 -41.76 -14.49 -4.60
N THR E 3281 -40.83 -15.07 -3.82
CA THR E 3281 -39.70 -15.89 -4.33
C THR E 3281 -40.07 -17.23 -5.04
N GLY E 3282 -41.16 -17.87 -4.61
CA GLY E 3282 -41.66 -19.09 -5.25
C GLY E 3282 -42.28 -18.89 -6.63
N ASN E 3283 -42.97 -17.76 -6.82
CA ASN E 3283 -43.65 -17.41 -8.09
C ASN E 3283 -42.68 -16.90 -9.21
N ASN E 3284 -43.07 -17.13 -10.46
CA ASN E 3284 -42.30 -16.73 -11.67
C ASN E 3284 -42.01 -15.22 -11.81
N THR E 3285 -42.98 -14.40 -11.40
CA THR E 3285 -42.87 -12.92 -11.39
C THR E 3285 -42.88 -12.40 -9.93
N THR E 3286 -41.87 -11.59 -9.59
CA THR E 3286 -41.74 -10.96 -8.24
C THR E 3286 -42.57 -9.65 -8.12
N VAL E 3287 -43.91 -9.79 -8.13
CA VAL E 3287 -44.82 -8.64 -8.07
C VAL E 3287 -44.82 -8.02 -6.65
N ASN E 3288 -44.81 -6.69 -6.60
CA ASN E 3288 -44.75 -5.93 -5.34
C ASN E 3288 -46.07 -5.13 -5.14
N ILE E 3289 -46.98 -5.68 -4.34
CA ILE E 3289 -48.29 -5.02 -4.03
C ILE E 3289 -48.08 -3.67 -3.28
N ILE E 3290 -46.98 -3.56 -2.52
CA ILE E 3290 -46.62 -2.32 -1.77
C ILE E 3290 -46.40 -1.11 -2.72
N ILE E 3291 -45.70 -1.33 -3.84
CA ILE E 3291 -45.51 -0.30 -4.89
C ILE E 3291 -46.87 0.14 -5.53
N SER E 3292 -47.80 -0.81 -5.66
CA SER E 3292 -49.13 -0.53 -6.26
C SER E 3292 -50.04 0.36 -5.38
N THR E 3293 -50.10 0.06 -4.07
CA THR E 3293 -50.84 0.91 -3.09
C THR E 3293 -50.18 2.31 -2.89
N VAL E 3294 -48.84 2.41 -3.04
CA VAL E 3294 -48.14 3.72 -3.05
C VAL E 3294 -48.59 4.58 -4.27
N ASP E 3295 -48.70 3.95 -5.45
CA ASP E 3295 -49.22 4.62 -6.66
C ASP E 3295 -50.69 5.10 -6.46
N TYR E 3296 -51.47 4.33 -5.70
CA TYR E 3296 -52.84 4.74 -5.30
C TYR E 3296 -52.86 5.98 -4.37
N LEU E 3297 -51.84 6.12 -3.51
CA LEU E 3297 -51.63 7.37 -2.73
C LEU E 3297 -51.29 8.59 -3.62
N LEU E 3298 -50.63 8.33 -4.77
CA LEU E 3298 -50.34 9.39 -5.75
C LEU E 3298 -51.63 9.95 -6.42
N ARG E 3299 -52.46 9.05 -6.98
CA ARG E 3299 -53.74 9.42 -7.63
C ARG E 3299 -54.76 10.09 -6.66
N VAL E 3300 -54.93 9.50 -5.46
CA VAL E 3300 -55.84 10.08 -4.45
C VAL E 3300 -55.31 11.43 -3.91
N GLN E 3301 -53.98 11.62 -3.91
CA GLN E 3301 -53.38 12.95 -3.60
C GLN E 3301 -53.75 14.02 -4.63
N GLU E 3302 -53.55 13.73 -5.93
CA GLU E 3302 -53.86 14.70 -7.02
C GLU E 3302 -55.35 15.11 -7.01
N SER E 3303 -56.23 14.18 -6.61
CA SER E 3303 -57.67 14.43 -6.39
C SER E 3303 -57.95 15.43 -5.22
N ILE E 3304 -57.37 15.16 -4.04
CA ILE E 3304 -57.59 15.99 -2.82
C ILE E 3304 -56.99 17.42 -2.99
N SER E 3305 -55.83 17.53 -3.65
CA SER E 3305 -55.12 18.83 -3.84
C SER E 3305 -55.82 19.75 -4.88
N ASP E 3306 -56.23 19.17 -6.03
CA ASP E 3306 -57.02 19.91 -7.03
C ASP E 3306 -58.38 20.37 -6.43
N PHE E 3307 -58.97 19.52 -5.58
CA PHE E 3307 -60.20 19.85 -4.80
C PHE E 3307 -59.95 21.07 -3.88
N TYR E 3308 -58.77 21.14 -3.25
CA TYR E 3308 -58.35 22.32 -2.45
C TYR E 3308 -58.29 23.61 -3.28
N TRP E 3309 -57.54 23.60 -4.40
CA TRP E 3309 -57.40 24.83 -5.23
C TRP E 3309 -58.73 25.34 -5.83
N TYR E 3310 -59.70 24.44 -6.05
CA TYR E 3310 -61.08 24.85 -6.38
C TYR E 3310 -61.85 25.48 -5.18
N TYR E 3311 -61.55 25.04 -3.95
CA TYR E 3311 -62.04 25.65 -2.68
C TYR E 3311 -61.03 26.62 -1.96
N SER E 3312 -59.89 26.96 -2.58
CA SER E 3312 -58.82 27.76 -1.93
C SER E 3312 -59.23 29.22 -1.60
N GLY E 3313 -60.06 29.83 -2.44
CA GLY E 3313 -60.61 31.19 -2.21
C GLY E 3313 -62.12 31.30 -1.95
N LYS E 3314 -62.77 30.19 -1.58
CA LYS E 3314 -64.24 30.09 -1.37
C LYS E 3314 -64.69 30.16 0.13
N ASP E 3315 -63.74 30.43 1.04
CA ASP E 3315 -63.90 30.31 2.53
C ASP E 3315 -65.04 29.40 3.09
N VAL E 3316 -66.30 29.82 2.94
CA VAL E 3316 -67.48 29.02 3.36
C VAL E 3316 -67.63 27.73 2.52
N ILE E 3317 -67.96 26.61 3.19
CA ILE E 3317 -68.01 25.25 2.56
C ILE E 3317 -69.41 24.60 2.72
N ASP E 3318 -69.88 23.97 1.65
CA ASP E 3318 -71.22 23.33 1.61
C ASP E 3318 -71.22 21.98 2.36
N GLU E 3319 -72.42 21.57 2.80
CA GLU E 3319 -72.64 20.22 3.38
C GLU E 3319 -72.37 19.08 2.36
N GLN E 3320 -72.67 19.34 1.08
CA GLN E 3320 -72.32 18.45 -0.06
C GLN E 3320 -70.77 18.29 -0.22
N GLY E 3321 -70.06 19.42 -0.09
CA GLY E 3321 -68.59 19.43 -0.12
C GLY E 3321 -67.95 18.83 1.12
N GLN E 3322 -68.65 18.89 2.26
CA GLN E 3322 -68.16 18.31 3.52
C GLN E 3322 -68.28 16.76 3.54
N ARG E 3323 -69.41 16.23 3.06
CA ARG E 3323 -69.60 14.76 2.93
C ARG E 3323 -68.76 14.14 1.78
N ASN E 3324 -68.47 14.91 0.73
CA ASN E 3324 -67.58 14.46 -0.38
C ASN E 3324 -66.09 14.39 0.05
N PHE E 3325 -65.63 15.47 0.70
CA PHE E 3325 -64.27 15.55 1.28
C PHE E 3325 -64.05 14.53 2.43
N SER E 3326 -65.11 14.27 3.22
CA SER E 3326 -65.09 13.20 4.26
C SER E 3326 -65.09 11.77 3.68
N LYS E 3327 -65.64 11.58 2.47
CA LYS E 3327 -65.57 10.28 1.75
C LYS E 3327 -64.12 9.96 1.28
N ALA E 3328 -63.49 10.94 0.62
CA ALA E 3328 -62.06 10.85 0.22
C ALA E 3328 -61.11 10.71 1.43
N ILE E 3329 -61.49 11.30 2.57
CA ILE E 3329 -60.81 11.15 3.88
C ILE E 3329 -60.98 9.74 4.49
N GLN E 3330 -62.12 9.08 4.21
CA GLN E 3330 -62.33 7.67 4.64
C GLN E 3330 -61.39 6.72 3.85
N VAL E 3331 -61.21 6.99 2.55
CA VAL E 3331 -60.29 6.19 1.68
C VAL E 3331 -58.82 6.38 2.13
N ALA E 3332 -58.39 7.64 2.24
CA ALA E 3332 -57.05 8.03 2.73
C ALA E 3332 -56.73 7.42 4.12
N LYS E 3333 -57.73 7.40 5.01
CA LYS E 3333 -57.62 6.78 6.36
C LYS E 3333 -57.26 5.29 6.27
N GLN E 3334 -58.05 4.53 5.48
CA GLN E 3334 -57.86 3.07 5.36
C GLN E 3334 -56.49 2.69 4.73
N VAL E 3335 -56.03 3.50 3.76
CA VAL E 3335 -54.79 3.23 2.99
C VAL E 3335 -53.48 3.61 3.75
N PHE E 3336 -53.49 4.76 4.45
CA PHE E 3336 -52.40 5.14 5.38
C PHE E 3336 -52.24 4.11 6.53
N ASN E 3337 -53.36 3.54 6.99
CA ASN E 3337 -53.35 2.42 7.97
C ASN E 3337 -52.73 1.12 7.36
N THR E 3338 -52.98 0.85 6.08
CA THR E 3338 -52.35 -0.32 5.40
C THR E 3338 -50.81 -0.21 5.36
N LEU E 3339 -50.31 0.99 5.08
CA LEU E 3339 -48.85 1.26 5.07
C LEU E 3339 -48.21 1.40 6.48
N THR E 3340 -49.02 1.60 7.53
CA THR E 3340 -48.55 1.36 8.91
C THR E 3340 -48.28 -0.15 9.06
N GLU E 3341 -49.20 -0.95 8.52
CA GLU E 3341 -49.28 -2.40 8.80
C GLU E 3341 -48.26 -3.30 8.03
N TYR E 3342 -47.91 -2.92 6.78
CA TYR E 3342 -46.83 -3.60 6.04
C TYR E 3342 -45.46 -3.49 6.75
N ILE E 3343 -45.22 -2.34 7.38
CA ILE E 3343 -43.94 -2.05 8.07
C ILE E 3343 -44.13 -1.95 9.61
N GLN E 3344 -45.29 -2.38 10.11
CA GLN E 3344 -45.54 -2.51 11.58
C GLN E 3344 -44.46 -3.40 12.18
N GLY E 3345 -44.26 -4.56 11.58
CA GLY E 3345 -43.12 -5.42 11.92
C GLY E 3345 -41.84 -4.71 11.48
N PRO E 3346 -40.71 -4.91 12.22
CA PRO E 3346 -39.43 -4.33 11.77
C PRO E 3346 -38.84 -5.16 10.61
N CYS E 3347 -39.54 -5.18 9.47
CA CYS E 3347 -39.16 -5.99 8.31
C CYS E 3347 -38.14 -5.19 7.48
N THR E 3348 -36.89 -5.67 7.44
CA THR E 3348 -35.78 -5.01 6.71
C THR E 3348 -36.03 -4.89 5.19
N GLY E 3349 -36.59 -5.95 4.58
CA GLY E 3349 -36.86 -6.01 3.14
C GLY E 3349 -38.11 -5.25 2.69
N ASN E 3350 -39.03 -5.02 3.63
CA ASN E 3350 -40.24 -4.20 3.40
C ASN E 3350 -39.91 -2.69 3.44
N GLN E 3351 -39.00 -2.27 4.32
CA GLN E 3351 -38.47 -0.89 4.33
C GLN E 3351 -37.64 -0.57 3.07
N GLN E 3352 -36.76 -1.49 2.66
CA GLN E 3352 -35.94 -1.38 1.42
C GLN E 3352 -36.82 -1.33 0.13
N SER E 3353 -37.89 -2.13 0.10
CA SER E 3353 -38.89 -2.11 -1.01
C SER E 3353 -39.71 -0.79 -1.09
N LEU E 3354 -39.94 -0.15 0.07
CA LEU E 3354 -40.73 1.11 0.19
C LEU E 3354 -39.87 2.41 0.06
N ALA E 3355 -38.59 2.36 0.49
CA ALA E 3355 -37.67 3.52 0.35
C ALA E 3355 -37.40 3.89 -1.14
N HIS E 3356 -37.31 2.87 -2.00
CA HIS E 3356 -37.27 3.03 -3.47
C HIS E 3356 -38.65 3.45 -4.08
N SER E 3357 -39.76 3.13 -3.39
CA SER E 3357 -41.13 3.48 -3.84
C SER E 3357 -41.42 4.99 -3.82
N ARG E 3358 -42.37 5.43 -4.67
CA ARG E 3358 -42.68 6.86 -4.90
C ARG E 3358 -43.56 7.48 -3.77
N LEU E 3359 -43.31 7.05 -2.52
CA LEU E 3359 -44.08 7.49 -1.34
C LEU E 3359 -43.78 8.96 -0.95
N TRP E 3360 -42.55 9.39 -1.21
CA TRP E 3360 -42.02 10.69 -0.70
C TRP E 3360 -42.78 11.90 -1.31
N ASP E 3361 -43.09 11.82 -2.62
CA ASP E 3361 -43.92 12.81 -3.35
C ASP E 3361 -45.31 13.01 -2.70
N ALA E 3362 -45.83 11.95 -2.05
CA ALA E 3362 -47.06 12.03 -1.23
C ALA E 3362 -46.81 12.66 0.18
N VAL E 3363 -45.82 12.15 0.91
CA VAL E 3363 -45.54 12.55 2.32
C VAL E 3363 -45.22 14.07 2.44
N VAL E 3364 -44.44 14.58 1.48
CA VAL E 3364 -44.19 16.03 1.39
C VAL E 3364 -45.47 16.80 1.02
N GLY E 3365 -46.17 16.33 -0.03
CA GLY E 3365 -47.30 17.05 -0.62
C GLY E 3365 -48.55 17.16 0.26
N PHE E 3366 -48.81 16.08 1.02
CA PHE E 3366 -49.91 16.07 2.03
C PHE E 3366 -49.74 17.22 3.04
N LEU E 3367 -48.50 17.50 3.45
CA LEU E 3367 -48.21 18.62 4.38
C LEU E 3367 -48.69 20.00 3.83
N HIS E 3368 -48.54 20.22 2.52
CA HIS E 3368 -49.04 21.47 1.87
C HIS E 3368 -50.57 21.60 1.97
N VAL E 3369 -51.25 20.45 1.86
CA VAL E 3369 -52.71 20.36 2.03
C VAL E 3369 -53.10 20.49 3.53
N PHE E 3370 -52.30 19.88 4.43
CA PHE E 3370 -52.53 20.01 5.89
C PHE E 3370 -52.20 21.42 6.45
N ALA E 3371 -51.40 22.22 5.73
CA ALA E 3371 -51.06 23.59 6.17
C ALA E 3371 -52.23 24.61 5.98
N HIS E 3372 -52.50 24.98 4.72
CA HIS E 3372 -53.51 26.01 4.40
C HIS E 3372 -54.96 25.63 4.79
N MET E 3373 -55.29 24.34 4.72
CA MET E 3373 -56.60 23.83 5.18
C MET E 3373 -56.80 23.96 6.72
N GLN E 3374 -55.74 23.87 7.51
CA GLN E 3374 -55.86 24.10 8.97
C GLN E 3374 -55.83 25.60 9.34
N MET E 3375 -55.68 26.47 8.33
CA MET E 3375 -55.98 27.92 8.43
C MET E 3375 -57.46 28.22 8.01
N LYS E 3376 -57.79 28.02 6.73
CA LYS E 3376 -59.07 28.46 6.13
C LYS E 3376 -60.32 27.69 6.64
N LEU E 3377 -60.14 26.41 7.02
CA LEU E 3377 -61.22 25.58 7.61
C LEU E 3377 -61.35 25.79 9.15
N SER E 3378 -60.35 26.42 9.78
CA SER E 3378 -60.39 26.67 11.23
C SER E 3378 -61.21 27.91 11.66
N GLN E 3379 -61.95 28.54 10.74
CA GLN E 3379 -62.61 29.84 11.00
C GLN E 3379 -63.90 29.79 11.87
N ASP E 3380 -64.68 28.71 11.73
CA ASP E 3380 -66.00 28.56 12.40
C ASP E 3380 -66.09 27.24 13.21
N SER E 3381 -66.92 27.25 14.27
CA SER E 3381 -67.15 26.06 15.13
C SER E 3381 -67.85 24.89 14.39
N SER E 3382 -68.83 25.22 13.52
CA SER E 3382 -69.43 24.24 12.58
C SER E 3382 -68.35 23.67 11.62
N GLN E 3383 -67.44 24.54 11.19
CA GLN E 3383 -66.31 24.16 10.31
C GLN E 3383 -65.30 23.16 10.93
N ILE E 3384 -65.06 23.23 12.25
CA ILE E 3384 -64.05 22.38 12.95
C ILE E 3384 -64.32 20.84 12.93
N GLU E 3385 -65.58 20.42 13.14
CA GLU E 3385 -65.96 18.98 13.02
C GLU E 3385 -65.10 18.23 11.98
N LEU E 3386 -65.03 18.79 10.76
CA LEU E 3386 -64.22 18.24 9.66
C LEU E 3386 -62.70 18.45 9.91
N LEU E 3387 -62.32 19.58 10.52
CA LEU E 3387 -60.92 19.82 10.98
C LEU E 3387 -60.42 18.72 11.96
N LYS E 3388 -61.33 18.15 12.76
CA LYS E 3388 -60.97 17.02 13.67
C LYS E 3388 -60.66 15.70 12.90
N GLU E 3389 -61.38 15.47 11.79
CA GLU E 3389 -61.08 14.33 10.86
C GLU E 3389 -59.69 14.52 10.21
N LEU E 3390 -59.37 15.77 9.85
CA LEU E 3390 -58.04 16.13 9.32
C LEU E 3390 -56.89 15.95 10.34
N MET E 3391 -57.19 16.15 11.64
CA MET E 3391 -56.22 15.91 12.74
C MET E 3391 -55.93 14.40 12.95
N ASP E 3392 -56.97 13.57 12.95
CA ASP E 3392 -56.81 12.10 13.05
C ASP E 3392 -55.98 11.53 11.87
N LEU E 3393 -56.24 12.02 10.65
CA LEU E 3393 -55.45 11.63 9.45
C LEU E 3393 -53.96 12.06 9.58
N GLN E 3394 -53.72 13.25 10.17
CA GLN E 3394 -52.34 13.75 10.41
C GLN E 3394 -51.57 12.86 11.43
N LYS E 3395 -52.30 12.30 12.42
CA LYS E 3395 -51.75 11.29 13.37
C LYS E 3395 -51.23 10.05 12.61
N ASP E 3396 -52.05 9.55 11.67
CA ASP E 3396 -51.70 8.37 10.84
C ASP E 3396 -50.50 8.63 9.85
N MET E 3397 -50.33 9.89 9.43
CA MET E 3397 -49.22 10.31 8.52
C MET E 3397 -47.84 10.31 9.22
N VAL E 3398 -47.76 11.04 10.34
CA VAL E 3398 -46.56 11.04 11.21
C VAL E 3398 -46.20 9.62 11.75
N VAL E 3399 -47.24 8.78 11.96
CA VAL E 3399 -47.05 7.36 12.38
C VAL E 3399 -46.48 6.45 11.26
N MET E 3400 -46.88 6.62 9.98
CA MET E 3400 -46.26 5.83 8.89
C MET E 3400 -44.76 6.17 8.69
N LEU E 3401 -44.40 7.43 8.96
CA LEU E 3401 -43.01 7.93 8.86
C LEU E 3401 -42.09 7.37 9.98
N LEU E 3402 -42.60 7.41 11.22
CA LEU E 3402 -41.94 6.81 12.40
C LEU E 3402 -41.80 5.25 12.30
N SER E 3403 -42.78 4.59 11.67
CA SER E 3403 -42.74 3.14 11.37
C SER E 3403 -41.84 2.81 10.17
N MET E 3404 -41.43 3.85 9.41
CA MET E 3404 -40.39 3.71 8.36
C MET E 3404 -38.96 3.77 8.93
N LEU E 3405 -38.74 4.60 9.98
CA LEU E 3405 -37.39 4.85 10.56
C LEU E 3405 -36.85 3.85 11.62
N GLU E 3406 -37.69 2.93 12.16
CA GLU E 3406 -37.33 2.19 13.40
C GLU E 3406 -36.05 1.32 13.32
N GLY E 3407 -35.64 0.96 12.10
CA GLY E 3407 -34.41 0.19 11.85
C GLY E 3407 -33.09 0.95 11.66
N ASN E 3408 -33.07 2.26 11.97
CA ASN E 3408 -31.88 3.13 11.70
C ASN E 3408 -30.63 2.82 12.58
N VAL E 3409 -29.45 2.92 11.94
CA VAL E 3409 -28.15 3.11 12.62
C VAL E 3409 -27.91 4.65 12.57
N VAL E 3410 -26.66 5.14 12.57
CA VAL E 3410 -26.39 6.59 12.38
C VAL E 3410 -26.86 7.15 11.00
N ASN E 3411 -25.98 7.16 10.00
CA ASN E 3411 -26.19 7.94 8.76
C ASN E 3411 -26.92 7.14 7.66
N GLY E 3412 -28.19 6.82 7.92
CA GLY E 3412 -29.03 6.07 6.96
C GLY E 3412 -29.36 6.87 5.70
N THR E 3413 -29.27 6.21 4.53
CA THR E 3413 -29.65 6.83 3.24
C THR E 3413 -31.14 7.27 3.20
N ILE E 3414 -32.00 6.52 3.90
CA ILE E 3414 -33.43 6.86 4.10
C ILE E 3414 -33.62 8.21 4.87
N GLY E 3415 -32.86 8.38 5.96
CA GLY E 3415 -32.85 9.63 6.73
C GLY E 3415 -32.33 10.83 5.94
N LYS E 3416 -31.38 10.60 5.03
CA LYS E 3416 -30.92 11.64 4.07
C LYS E 3416 -32.03 12.09 3.11
N GLN E 3417 -32.83 11.12 2.64
CA GLN E 3417 -34.00 11.42 1.78
C GLN E 3417 -35.04 12.28 2.54
N MET E 3418 -35.15 12.06 3.85
CA MET E 3418 -36.10 12.78 4.74
C MET E 3418 -35.65 14.22 5.15
N VAL E 3419 -34.36 14.41 5.43
CA VAL E 3419 -33.80 15.78 5.64
C VAL E 3419 -33.97 16.60 4.34
N ASP E 3420 -33.85 15.93 3.18
CA ASP E 3420 -34.07 16.55 1.86
C ASP E 3420 -35.54 17.02 1.64
N MET E 3421 -36.54 16.21 2.05
CA MET E 3421 -37.96 16.63 1.97
C MET E 3421 -38.31 17.79 2.95
N LEU E 3422 -37.70 17.78 4.14
CA LEU E 3422 -37.91 18.86 5.15
C LEU E 3422 -37.30 20.23 4.73
N VAL E 3423 -36.22 20.21 3.93
CA VAL E 3423 -35.71 21.44 3.22
C VAL E 3423 -36.75 21.92 2.17
N GLU E 3424 -37.32 20.96 1.42
CA GLU E 3424 -38.35 21.23 0.40
C GLU E 3424 -39.72 21.67 1.00
N SER E 3425 -39.95 21.36 2.29
CA SER E 3425 -41.17 21.75 3.06
C SER E 3425 -40.94 22.87 4.13
N SER E 3426 -39.95 23.75 3.91
CA SER E 3426 -39.52 24.78 4.91
C SER E 3426 -40.57 25.85 5.35
N ASN E 3427 -41.12 26.58 4.38
CA ASN E 3427 -42.20 27.57 4.64
C ASN E 3427 -43.55 26.91 5.01
N ASN E 3428 -43.71 25.65 4.57
CA ASN E 3428 -44.89 24.80 4.83
C ASN E 3428 -44.98 24.41 6.34
N VAL E 3429 -43.93 23.77 6.86
CA VAL E 3429 -43.83 23.43 8.31
C VAL E 3429 -43.68 24.73 9.15
N GLU E 3430 -43.22 25.83 8.52
CA GLU E 3430 -43.28 27.19 9.15
C GLU E 3430 -44.73 27.56 9.53
N MET E 3431 -45.67 27.35 8.59
CA MET E 3431 -47.10 27.63 8.84
C MET E 3431 -47.74 26.68 9.91
N ILE E 3432 -47.33 25.42 9.96
CA ILE E 3432 -47.88 24.44 10.94
C ILE E 3432 -47.38 24.78 12.38
N LEU E 3433 -46.08 25.10 12.52
CA LEU E 3433 -45.48 25.53 13.81
C LEU E 3433 -46.10 26.84 14.36
N LYS E 3434 -46.53 27.72 13.45
CA LYS E 3434 -47.34 28.90 13.82
C LYS E 3434 -48.74 28.50 14.38
N PHE E 3435 -49.33 27.41 13.89
CA PHE E 3435 -50.59 26.84 14.47
C PHE E 3435 -50.39 26.20 15.87
N PHE E 3436 -49.23 25.58 16.13
CA PHE E 3436 -49.01 24.85 17.42
C PHE E 3436 -48.82 25.77 18.66
N ASP E 3437 -48.54 27.06 18.44
CA ASP E 3437 -48.39 28.04 19.54
C ASP E 3437 -49.72 28.49 20.21
N MET E 3438 -50.86 28.09 19.64
CA MET E 3438 -52.22 28.30 20.23
C MET E 3438 -52.30 27.91 21.70
N LEU E 3445 -53.01 25.90 36.43
CA LEU E 3445 -53.04 26.23 35.00
C LEU E 3445 -52.80 27.74 34.79
N THR E 3446 -51.67 28.08 34.17
CA THR E 3446 -51.23 29.49 34.00
C THR E 3446 -52.16 30.31 33.07
N SER E 3447 -52.68 29.65 32.02
CA SER E 3447 -53.61 30.27 31.06
C SER E 3447 -55.01 30.54 31.66
N SER E 3448 -55.38 29.79 32.71
CA SER E 3448 -56.60 30.07 33.51
C SER E 3448 -56.43 31.35 34.35
N ASP E 3449 -55.25 31.51 34.95
CA ASP E 3449 -54.97 32.64 35.87
C ASP E 3449 -54.78 33.97 35.11
N THR E 3450 -54.20 33.91 33.91
CA THR E 3450 -54.12 35.09 33.01
C THR E 3450 -55.51 35.53 32.53
N PHE E 3451 -56.44 34.57 32.37
CA PHE E 3451 -57.87 34.86 32.10
C PHE E 3451 -58.56 35.54 33.32
N LYS E 3452 -58.18 35.14 34.55
CA LYS E 3452 -58.68 35.79 35.78
C LYS E 3452 -58.17 37.24 35.95
N GLU E 3453 -56.94 37.53 35.48
CA GLU E 3453 -56.37 38.89 35.58
C GLU E 3453 -56.97 39.91 34.57
N TYR E 3454 -57.64 39.41 33.52
CA TYR E 3454 -58.26 40.26 32.46
C TYR E 3454 -59.83 40.32 32.51
N ASP E 3455 -60.49 39.21 32.89
CA ASP E 3455 -61.97 39.16 32.99
C ASP E 3455 -62.52 40.06 34.13
N PRO E 3456 -63.60 40.87 33.86
CA PRO E 3456 -64.31 41.64 34.90
C PRO E 3456 -65.72 41.14 35.36
N ASP E 3457 -66.57 40.71 34.42
CA ASP E 3457 -67.99 40.37 34.70
C ASP E 3457 -68.20 39.08 35.56
N GLY E 3458 -67.36 38.07 35.33
CA GLY E 3458 -67.54 36.72 35.91
C GLY E 3458 -68.55 35.84 35.16
N LYS E 3459 -68.84 36.22 33.91
CA LYS E 3459 -69.70 35.43 32.99
C LYS E 3459 -68.89 34.38 32.20
N GLY E 3460 -67.56 34.33 32.40
CA GLY E 3460 -66.64 33.49 31.60
C GLY E 3460 -66.24 34.14 30.28
N ILE E 3461 -66.55 35.43 30.12
CA ILE E 3461 -66.42 36.13 28.84
C ILE E 3461 -65.52 37.39 28.94
N ILE E 3462 -64.49 37.48 28.08
CA ILE E 3462 -63.61 38.67 27.95
C ILE E 3462 -63.87 39.37 26.61
N SER E 3463 -63.45 40.62 26.48
CA SER E 3463 -63.57 41.36 25.20
C SER E 3463 -62.63 40.80 24.11
N LYS E 3464 -63.07 40.93 22.85
CA LYS E 3464 -62.34 40.45 21.65
C LYS E 3464 -61.02 41.20 21.40
N ARG E 3465 -61.08 42.54 21.50
CA ARG E 3465 -59.90 43.41 21.48
C ARG E 3465 -58.95 43.13 22.67
N ASP E 3466 -59.51 42.80 23.84
CA ASP E 3466 -58.74 42.39 25.02
C ASP E 3466 -57.99 41.04 24.85
N PHE E 3467 -58.33 40.23 23.85
CA PHE E 3467 -57.57 38.98 23.53
C PHE E 3467 -56.10 39.22 23.11
N HIS E 3468 -55.82 40.34 22.42
CA HIS E 3468 -54.43 40.60 21.95
C HIS E 3468 -53.47 40.96 23.11
N LYS E 3469 -53.94 41.73 24.09
CA LYS E 3469 -53.18 42.02 25.35
C LYS E 3469 -53.11 40.80 26.32
N ALA E 3470 -54.19 40.02 26.41
CA ALA E 3470 -54.23 38.73 27.15
C ALA E 3470 -53.22 37.66 26.63
N MET E 3471 -52.99 37.66 25.31
CA MET E 3471 -52.02 36.76 24.64
C MET E 3471 -50.57 37.31 24.62
N GLU E 3472 -50.40 38.64 24.63
CA GLU E 3472 -49.09 39.32 24.72
C GLU E 3472 -48.31 38.99 26.01
N SER E 3473 -49.04 38.78 27.12
CA SER E 3473 -48.47 38.29 28.40
C SER E 3473 -47.85 36.88 28.28
N HIS E 3474 -48.46 36.05 27.43
CA HIS E 3474 -47.86 34.78 26.98
C HIS E 3474 -46.85 35.05 25.85
N LYS E 3475 -47.25 34.87 24.59
CA LYS E 3475 -46.34 34.86 23.45
C LYS E 3475 -46.52 36.10 22.58
N HIS E 3476 -45.46 36.52 21.90
CA HIS E 3476 -45.55 37.52 20.83
C HIS E 3476 -46.34 36.95 19.63
N TYR E 3477 -47.01 37.83 18.91
CA TYR E 3477 -47.92 37.45 17.82
C TYR E 3477 -47.92 38.48 16.67
N THR E 3478 -47.92 37.99 15.44
CA THR E 3478 -48.18 38.83 14.24
C THR E 3478 -49.65 39.35 14.28
N GLN E 3479 -49.89 40.56 13.75
CA GLN E 3479 -51.25 41.14 13.67
C GLN E 3479 -52.26 40.27 12.87
N SER E 3480 -51.78 39.67 11.78
CA SER E 3480 -52.55 38.66 11.02
C SER E 3480 -52.96 37.44 11.86
N GLU E 3481 -52.06 36.97 12.74
CA GLU E 3481 -52.35 35.84 13.67
C GLU E 3481 -53.49 36.18 14.67
N THR E 3482 -53.46 37.40 15.25
CA THR E 3482 -54.53 37.81 16.19
C THR E 3482 -55.87 38.05 15.47
N GLU E 3483 -55.83 38.52 14.22
CA GLU E 3483 -57.07 38.72 13.42
C GLU E 3483 -57.71 37.37 13.01
N PHE E 3484 -56.89 36.34 12.79
CA PHE E 3484 -57.40 34.95 12.60
C PHE E 3484 -57.99 34.35 13.91
N LEU E 3485 -57.47 34.78 15.08
CA LEU E 3485 -58.04 34.38 16.39
C LEU E 3485 -59.42 35.01 16.65
N LEU E 3486 -59.55 36.32 16.39
CA LEU E 3486 -60.86 37.04 16.51
C LEU E 3486 -61.90 36.50 15.48
N SER E 3487 -61.42 36.11 14.28
CA SER E 3487 -62.23 35.42 13.26
C SER E 3487 -62.65 33.98 13.70
N CYS E 3488 -61.78 33.31 14.48
CA CYS E 3488 -62.08 31.98 15.07
C CYS E 3488 -63.11 32.06 16.24
N ALA E 3489 -63.24 33.25 16.85
CA ALA E 3489 -64.29 33.53 17.83
C ALA E 3489 -65.21 34.64 17.32
N GLU E 3490 -66.04 34.30 16.32
CA GLU E 3490 -66.96 35.27 15.67
C GLU E 3490 -68.39 34.71 15.38
N THR E 3491 -68.77 33.61 16.04
CA THR E 3491 -70.09 32.97 15.80
C THR E 3491 -71.27 33.86 16.26
N ASP E 3492 -71.12 34.52 17.41
CA ASP E 3492 -72.16 35.42 17.98
C ASP E 3492 -71.59 36.83 18.30
N GLU E 3493 -72.35 37.88 17.94
CA GLU E 3493 -71.90 39.27 18.10
C GLU E 3493 -72.26 39.81 19.51
N ASN E 3494 -71.53 39.33 20.51
CA ASN E 3494 -71.61 39.83 21.90
C ASN E 3494 -70.48 40.87 22.17
N GLU E 3495 -69.48 40.92 21.27
CA GLU E 3495 -68.20 41.65 21.44
C GLU E 3495 -67.24 40.99 22.47
N THR E 3496 -67.48 39.71 22.75
CA THR E 3496 -66.82 39.00 23.87
C THR E 3496 -66.31 37.59 23.48
N LEU E 3497 -65.70 36.89 24.44
CA LEU E 3497 -65.02 35.59 24.23
C LEU E 3497 -65.19 34.57 25.38
N ASP E 3498 -65.91 33.47 25.12
CA ASP E 3498 -66.08 32.39 26.11
C ASP E 3498 -64.79 31.55 26.30
N TYR E 3499 -64.58 31.05 27.53
CA TYR E 3499 -63.38 30.23 27.86
C TYR E 3499 -63.34 28.82 27.21
N GLU E 3500 -64.50 28.33 26.74
CA GLU E 3500 -64.59 27.20 25.79
C GLU E 3500 -63.89 27.52 24.44
N GLU E 3501 -64.26 28.67 23.88
CA GLU E 3501 -63.68 29.19 22.62
C GLU E 3501 -62.17 29.48 22.75
N PHE E 3502 -61.75 29.96 23.95
CA PHE E 3502 -60.32 30.21 24.27
C PHE E 3502 -59.49 28.91 24.41
N VAL E 3503 -60.08 27.85 24.99
CA VAL E 3503 -59.36 26.55 25.14
C VAL E 3503 -59.23 25.80 23.80
N LYS E 3504 -60.21 25.98 22.90
CA LYS E 3504 -60.13 25.47 21.51
C LYS E 3504 -59.05 26.19 20.67
N ARG E 3505 -58.80 27.46 21.00
CA ARG E 3505 -57.80 28.30 20.34
C ARG E 3505 -56.48 28.36 21.13
N PRO E 3509 -57.91 16.68 20.89
CA PRO E 3509 -57.01 15.68 20.29
C PRO E 3509 -55.88 16.26 19.41
N ALA E 3510 -55.68 17.59 19.43
CA ALA E 3510 -54.63 18.25 18.62
C ALA E 3510 -53.18 17.94 19.11
N LYS E 3511 -53.03 17.74 20.43
CA LYS E 3511 -51.70 17.43 21.05
C LYS E 3511 -51.04 16.12 20.53
N ASP E 3512 -51.87 15.15 20.15
CA ASP E 3512 -51.42 13.86 19.59
C ASP E 3512 -50.53 14.03 18.32
N ILE E 3513 -50.79 15.11 17.56
CA ILE E 3513 -49.94 15.49 16.40
C ILE E 3513 -48.54 15.93 16.86
N GLY E 3514 -48.52 16.95 17.74
CA GLY E 3514 -47.30 17.63 18.17
C GLY E 3514 -46.27 16.71 18.79
N PHE E 3515 -46.73 15.81 19.67
CA PHE E 3515 -45.83 14.80 20.30
C PHE E 3515 -45.10 13.99 19.21
N ASN E 3516 -45.87 13.41 18.28
CA ASN E 3516 -45.27 12.57 17.22
C ASN E 3516 -44.35 13.41 16.30
N VAL E 3517 -44.75 14.67 16.03
CA VAL E 3517 -43.91 15.61 15.28
C VAL E 3517 -42.60 15.85 16.06
N ALA E 3518 -42.71 16.11 17.36
CA ALA E 3518 -41.54 16.29 18.25
C ALA E 3518 -40.67 15.03 18.26
N VAL E 3519 -41.30 13.84 18.27
CA VAL E 3519 -40.56 12.56 18.20
C VAL E 3519 -39.68 12.55 16.94
N LEU E 3520 -40.27 12.90 15.79
CA LEU E 3520 -39.54 12.94 14.50
C LEU E 3520 -38.36 13.95 14.53
N LEU E 3521 -38.60 15.13 15.13
CA LEU E 3521 -37.59 16.20 15.20
C LEU E 3521 -36.41 15.77 16.10
N THR E 3522 -36.68 14.92 17.09
CA THR E 3522 -35.59 14.26 17.86
C THR E 3522 -35.09 12.98 17.13
N ASN E 3523 -36.02 12.19 16.57
CA ASN E 3523 -35.68 10.87 15.93
C ASN E 3523 -34.70 10.97 14.74
N LEU E 3524 -34.74 12.09 14.00
CA LEU E 3524 -33.70 12.41 12.99
C LEU E 3524 -32.43 13.04 13.63
N SER E 3525 -32.63 14.09 14.43
CA SER E 3525 -31.53 14.91 14.99
C SER E 3525 -30.51 14.11 15.84
N GLU E 3526 -30.99 13.05 16.50
CA GLU E 3526 -30.13 12.13 17.27
C GLU E 3526 -29.54 10.99 16.39
N HIS E 3527 -30.34 10.39 15.50
CA HIS E 3527 -29.82 9.39 14.51
C HIS E 3527 -28.87 10.01 13.44
N MET E 3528 -29.10 11.25 13.03
CA MET E 3528 -28.35 11.92 11.94
C MET E 3528 -27.70 13.28 12.36
N PRO E 3529 -26.63 13.25 13.20
CA PRO E 3529 -25.90 14.47 13.61
C PRO E 3529 -25.11 15.13 12.45
N ASN E 3530 -24.94 16.46 12.50
CA ASN E 3530 -24.17 17.30 11.52
C ASN E 3530 -24.96 17.67 10.24
N ASP E 3531 -26.17 18.22 10.42
CA ASP E 3531 -27.08 18.66 9.32
C ASP E 3531 -27.57 20.15 9.47
N THR E 3532 -26.83 21.09 8.87
CA THR E 3532 -27.12 22.55 8.91
C THR E 3532 -28.54 22.93 8.43
N ARG E 3533 -29.05 22.17 7.47
CA ARG E 3533 -30.46 22.25 7.00
C ARG E 3533 -31.45 21.86 8.14
N LEU E 3534 -31.20 20.69 8.75
CA LEU E 3534 -31.97 20.21 9.91
C LEU E 3534 -31.77 21.07 11.18
N GLN E 3535 -30.59 21.71 11.31
CA GLN E 3535 -30.32 22.64 12.45
C GLN E 3535 -31.21 23.90 12.38
N THR E 3536 -31.37 24.48 11.18
CA THR E 3536 -32.26 25.63 10.96
C THR E 3536 -33.75 25.25 11.13
N PHE E 3537 -34.09 24.01 10.74
CA PHE E 3537 -35.47 23.46 10.84
C PHE E 3537 -35.93 23.34 12.32
N LEU E 3538 -35.08 22.70 13.14
CA LEU E 3538 -35.30 22.59 14.60
C LEU E 3538 -35.26 23.95 15.32
N GLU E 3539 -34.45 24.89 14.80
CA GLU E 3539 -34.37 26.28 15.34
C GLU E 3539 -35.75 26.99 15.37
N LEU E 3540 -36.53 26.82 14.31
CA LEU E 3540 -37.94 27.30 14.27
C LEU E 3540 -38.91 26.34 15.02
N ALA E 3541 -38.56 25.05 15.08
CA ALA E 3541 -39.38 24.00 15.75
C ALA E 3541 -39.31 23.98 17.29
N GLU E 3542 -38.39 24.75 17.87
CA GLU E 3542 -38.34 24.97 19.34
C GLU E 3542 -39.68 25.51 19.92
N SER E 3543 -40.45 26.24 19.09
CA SER E 3543 -41.83 26.71 19.44
C SER E 3543 -42.81 25.57 19.81
N VAL E 3544 -42.70 24.40 19.15
CA VAL E 3544 -43.48 23.21 19.54
C VAL E 3544 -42.73 22.34 20.60
N LEU E 3545 -41.40 22.24 20.47
CA LEU E 3545 -40.58 21.39 21.38
C LEU E 3545 -40.46 21.88 22.84
N ASN E 3546 -40.70 23.16 23.12
CA ASN E 3546 -40.53 23.72 24.49
C ASN E 3546 -41.53 23.20 25.54
N TYR E 3547 -42.80 22.98 25.15
CA TYR E 3547 -43.81 22.37 26.07
C TYR E 3547 -43.57 20.85 26.29
N PHE E 3548 -42.94 20.19 25.31
CA PHE E 3548 -42.63 18.74 25.35
C PHE E 3548 -41.22 18.38 25.92
N GLN E 3549 -40.35 19.37 26.16
CA GLN E 3549 -39.05 19.12 26.84
C GLN E 3549 -39.22 18.63 28.32
N PRO E 3550 -40.17 19.23 29.09
CA PRO E 3550 -40.58 18.60 30.39
C PRO E 3550 -41.06 17.13 30.29
N PHE E 3551 -41.74 16.76 29.21
CA PHE E 3551 -42.30 15.38 29.04
C PHE E 3551 -42.11 14.63 27.67
N LEU E 3552 -41.01 14.92 26.96
CA LEU E 3552 -40.48 14.07 25.85
C LEU E 3552 -39.11 13.56 26.33
N GLY E 3553 -38.99 12.24 26.56
CA GLY E 3553 -37.75 11.63 27.05
C GLY E 3553 -37.14 10.61 26.08
N ARG E 3554 -35.81 10.49 26.12
CA ARG E 3554 -35.01 9.62 25.23
C ARG E 3554 -34.17 8.58 26.02
N ILE E 3555 -34.41 7.28 25.78
CA ILE E 3555 -33.59 6.16 26.32
C ILE E 3555 -32.95 5.34 25.17
N GLU E 3556 -31.67 4.96 25.34
CA GLU E 3556 -30.99 4.05 24.39
C GLU E 3556 -31.04 2.58 24.88
N ILE E 3557 -31.56 1.70 23.99
CA ILE E 3557 -31.72 0.25 24.25
C ILE E 3557 -31.18 -0.60 23.06
N MET E 3558 -30.64 -1.78 23.37
CA MET E 3558 -30.19 -2.74 22.33
C MET E 3558 -31.39 -3.36 21.57
N GLY E 3559 -31.24 -3.52 20.25
CA GLY E 3559 -32.26 -4.14 19.38
C GLY E 3559 -32.16 -5.66 19.28
N SER E 3560 -32.91 -6.24 18.34
CA SER E 3560 -32.92 -7.69 18.07
C SER E 3560 -31.56 -8.24 17.62
N ALA E 3561 -30.81 -7.42 16.89
CA ALA E 3561 -29.45 -7.74 16.46
C ALA E 3561 -28.38 -7.16 17.40
N LYS E 3562 -28.77 -6.80 18.64
CA LYS E 3562 -27.88 -6.14 19.63
C LYS E 3562 -27.39 -4.70 19.26
N ARG E 3563 -27.88 -4.15 18.14
CA ARG E 3563 -27.48 -2.81 17.68
C ARG E 3563 -28.18 -1.75 18.55
N ILE E 3564 -27.46 -0.70 18.94
CA ILE E 3564 -28.03 0.38 19.76
C ILE E 3564 -29.05 1.20 18.95
N GLU E 3565 -30.28 1.28 19.48
CA GLU E 3565 -31.39 2.09 18.92
C GLU E 3565 -31.98 2.95 20.07
N ARG E 3566 -31.78 4.27 19.98
CA ARG E 3566 -32.37 5.21 20.95
C ARG E 3566 -33.88 5.35 20.65
N VAL E 3567 -34.69 5.54 21.70
CA VAL E 3567 -36.17 5.60 21.61
C VAL E 3567 -36.74 6.89 22.26
N TYR E 3568 -37.70 7.51 21.57
CA TYR E 3568 -38.18 8.87 21.87
C TYR E 3568 -39.60 8.83 22.47
N PHE E 3569 -39.63 8.48 23.76
CA PHE E 3569 -40.84 8.04 24.48
C PHE E 3569 -41.67 9.19 25.07
N GLU E 3570 -42.95 8.88 25.34
CA GLU E 3570 -44.01 9.86 25.75
C GLU E 3570 -44.39 9.83 27.27
N ILE E 3571 -43.85 10.77 28.06
CA ILE E 3571 -44.30 10.98 29.47
C ILE E 3571 -45.63 11.78 29.48
N SER E 3572 -46.56 11.40 30.37
CA SER E 3572 -47.80 12.20 30.60
C SER E 3572 -47.53 13.41 31.50
N GLU E 3573 -48.36 14.46 31.34
CA GLU E 3573 -48.29 15.71 32.14
C GLU E 3573 -48.35 15.47 33.69
N SER E 3574 -49.10 14.44 34.11
CA SER E 3574 -49.20 14.07 35.52
C SER E 3574 -47.92 13.42 36.10
N SER E 3575 -47.20 12.66 35.28
CA SER E 3575 -46.21 11.66 35.76
C SER E 3575 -44.85 12.23 36.22
N ARG E 3576 -44.28 13.12 35.41
CA ARG E 3576 -42.95 13.76 35.68
C ARG E 3576 -42.95 14.57 37.01
N THR E 3577 -44.10 15.19 37.33
CA THR E 3577 -44.32 15.88 38.61
C THR E 3577 -44.64 14.92 39.78
N GLN E 3578 -45.34 13.82 39.50
CA GLN E 3578 -45.71 12.80 40.54
C GLN E 3578 -44.52 11.95 41.09
N TRP E 3579 -43.46 11.79 40.29
CA TRP E 3579 -42.23 11.04 40.68
C TRP E 3579 -41.32 11.80 41.71
N GLU E 3580 -41.54 13.11 41.92
CA GLU E 3580 -40.67 13.97 42.76
C GLU E 3580 -41.11 14.12 44.25
N LYS E 3581 -42.22 14.83 44.49
CA LYS E 3581 -42.59 15.40 45.84
C LYS E 3581 -42.85 14.46 47.07
N PRO E 3582 -43.64 13.37 46.90
CA PRO E 3582 -44.15 12.59 48.06
C PRO E 3582 -43.13 11.57 48.69
N GLN E 3583 -43.63 10.48 49.29
CA GLN E 3583 -42.80 9.35 49.80
C GLN E 3583 -41.88 8.65 48.77
N VAL E 3584 -42.24 8.73 47.47
CA VAL E 3584 -41.52 8.04 46.37
C VAL E 3584 -39.99 8.26 46.27
N LYS E 3585 -39.51 9.48 46.56
CA LYS E 3585 -38.05 9.80 46.57
C LYS E 3585 -37.28 8.99 47.66
N GLU E 3586 -37.90 8.89 48.85
CA GLU E 3586 -37.37 8.07 49.96
C GLU E 3586 -37.44 6.55 49.64
N SER E 3587 -38.45 6.14 48.86
CA SER E 3587 -38.53 4.77 48.30
C SER E 3587 -37.38 4.47 47.29
N LYS E 3588 -36.93 5.51 46.55
CA LYS E 3588 -35.74 5.40 45.65
C LYS E 3588 -34.42 5.22 46.46
N ARG E 3589 -34.34 5.87 47.63
CA ARG E 3589 -33.19 5.73 48.55
C ARG E 3589 -33.08 4.30 49.16
N GLN E 3590 -34.19 3.78 49.70
CA GLN E 3590 -34.24 2.41 50.26
C GLN E 3590 -34.12 1.29 49.18
N PHE E 3591 -34.54 1.60 47.94
CA PHE E 3591 -34.33 0.71 46.75
C PHE E 3591 -32.84 0.54 46.37
N ILE E 3592 -32.14 1.65 46.11
CA ILE E 3592 -30.69 1.63 45.74
C ILE E 3592 -29.83 1.01 46.89
N PHE E 3593 -30.21 1.27 48.15
CA PHE E 3593 -29.57 0.61 49.33
C PHE E 3593 -29.82 -0.93 49.40
N ASP E 3594 -30.97 -1.40 48.92
CA ASP E 3594 -31.31 -2.86 48.89
C ASP E 3594 -30.75 -3.63 47.66
N VAL E 3595 -30.21 -2.92 46.66
CA VAL E 3595 -29.70 -3.56 45.39
C VAL E 3595 -28.19 -3.89 45.41
N VAL E 3596 -27.32 -2.87 45.50
CA VAL E 3596 -25.87 -3.07 45.25
C VAL E 3596 -25.15 -3.93 46.32
N ASN E 3597 -25.65 -3.91 47.56
CA ASN E 3597 -25.18 -4.79 48.65
C ASN E 3597 -25.40 -6.30 48.34
N GLU E 3598 -26.56 -6.62 47.75
CA GLU E 3598 -26.88 -7.97 47.28
C GLU E 3598 -26.60 -8.07 45.76
N GLY E 3599 -27.54 -7.63 44.91
CA GLY E 3599 -27.36 -7.38 43.46
C GLY E 3599 -26.40 -8.22 42.62
N GLY E 3600 -25.72 -7.55 41.69
CA GLY E 3600 -24.70 -8.16 40.81
C GLY E 3600 -25.17 -8.57 39.41
N GLU E 3601 -26.16 -9.49 39.35
CA GLU E 3601 -26.52 -10.24 38.12
C GLU E 3601 -27.91 -9.84 37.51
N LYS E 3602 -28.79 -10.82 37.24
CA LYS E 3602 -30.15 -10.57 36.67
C LYS E 3602 -31.04 -9.73 37.60
N GLU E 3603 -30.77 -9.77 38.91
CA GLU E 3603 -31.44 -8.94 39.92
C GLU E 3603 -31.27 -7.40 39.72
N LYS E 3604 -30.14 -6.98 39.14
CA LYS E 3604 -29.84 -5.53 38.90
C LYS E 3604 -30.89 -4.81 38.00
N MET E 3605 -31.57 -5.59 37.14
CA MET E 3605 -32.64 -5.10 36.22
C MET E 3605 -34.07 -5.62 36.59
N GLU E 3606 -34.20 -6.92 36.89
CA GLU E 3606 -35.51 -7.54 37.29
C GLU E 3606 -36.10 -6.92 38.59
N LEU E 3607 -35.26 -6.70 39.60
CA LEU E 3607 -35.69 -6.02 40.84
C LEU E 3607 -36.00 -4.51 40.56
N PHE E 3608 -35.30 -3.93 39.59
CA PHE E 3608 -35.56 -2.53 39.17
C PHE E 3608 -36.97 -2.33 38.55
N VAL E 3609 -37.45 -3.31 37.77
CA VAL E 3609 -38.81 -3.28 37.18
C VAL E 3609 -39.89 -3.65 38.23
N ASN E 3610 -39.54 -4.39 39.28
CA ASN E 3610 -40.47 -4.56 40.43
C ASN E 3610 -40.71 -3.23 41.15
N PHE E 3611 -39.64 -2.43 41.32
CA PHE E 3611 -39.71 -1.04 41.87
C PHE E 3611 -40.47 -0.06 40.95
N CYS E 3612 -40.32 -0.22 39.63
CA CYS E 3612 -41.04 0.63 38.63
C CYS E 3612 -42.57 0.38 38.71
N GLU E 3613 -42.94 -0.90 38.83
CA GLU E 3613 -44.35 -1.31 38.99
C GLU E 3613 -45.00 -0.96 40.36
N ASP E 3614 -44.19 -0.90 41.44
CA ASP E 3614 -44.66 -0.37 42.75
C ASP E 3614 -44.94 1.16 42.68
N THR E 3615 -44.04 1.91 42.02
CA THR E 3615 -44.20 3.37 41.81
C THR E 3615 -45.43 3.69 40.90
N ILE E 3616 -45.76 2.77 39.97
CA ILE E 3616 -47.00 2.84 39.14
C ILE E 3616 -48.27 2.95 40.01
N PHE E 3617 -48.36 2.14 41.06
CA PHE E 3617 -49.59 2.09 41.87
C PHE E 3617 -49.80 3.35 42.71
N GLU E 3618 -48.70 4.01 43.10
CA GLU E 3618 -48.76 5.31 43.80
C GLU E 3618 -49.23 6.46 42.85
N MET E 3619 -48.66 6.51 41.64
CA MET E 3619 -49.11 7.45 40.57
C MET E 3619 -50.61 7.27 40.19
N GLN E 3620 -51.07 6.01 40.17
CA GLN E 3620 -52.50 5.67 39.95
C GLN E 3620 -53.41 6.18 41.09
N LEU E 3621 -52.92 6.17 42.34
CA LEU E 3621 -53.65 6.80 43.48
C LEU E 3621 -53.82 8.32 43.28
N ALA E 3622 -52.78 8.97 42.74
CA ALA E 3622 -52.86 10.41 42.39
C ALA E 3622 -53.87 10.69 41.24
N ALA E 3623 -53.99 9.75 40.29
CA ALA E 3623 -55.01 9.80 39.22
C ALA E 3623 -56.45 9.65 39.76
N GLN E 3624 -56.59 8.97 40.91
CA GLN E 3624 -57.87 8.88 41.64
C GLN E 3624 -58.23 10.12 42.51
N ILE E 3625 -57.40 11.18 42.48
CA ILE E 3625 -57.69 12.44 43.19
C ILE E 3625 -58.96 13.14 42.65
N ILE E 3904 -73.46 9.01 49.57
CA ILE E 3904 -73.57 10.09 48.59
C ILE E 3904 -72.26 10.32 47.84
N ALA E 3905 -72.30 11.20 46.86
CA ALA E 3905 -71.12 11.56 46.05
C ALA E 3905 -69.98 12.19 46.85
N TYR E 3906 -70.31 12.97 47.87
CA TYR E 3906 -69.28 13.63 48.71
C TYR E 3906 -68.45 12.66 49.55
N GLN E 3907 -69.02 11.49 49.87
CA GLN E 3907 -68.30 10.46 50.63
C GLN E 3907 -67.05 9.94 49.91
N GLN E 3908 -67.06 10.00 48.58
CA GLN E 3908 -65.89 9.69 47.76
C GLN E 3908 -64.74 10.67 48.02
N LYS E 3909 -65.03 11.97 47.89
CA LYS E 3909 -63.99 13.00 47.83
C LYS E 3909 -63.41 13.38 49.20
N LEU E 3910 -64.18 13.16 50.28
CA LEU E 3910 -63.67 13.38 51.64
C LEU E 3910 -62.67 12.30 52.08
N LEU E 3911 -62.88 11.07 51.61
CA LEU E 3911 -61.92 9.97 51.84
C LEU E 3911 -60.57 10.21 51.16
N ASN E 3912 -60.59 10.76 49.95
CA ASN E 3912 -59.35 10.99 49.18
C ASN E 3912 -58.54 12.18 49.71
N TYR E 3913 -59.21 13.12 50.40
CA TYR E 3913 -58.53 14.18 51.15
C TYR E 3913 -57.69 13.63 52.31
N LEU E 3914 -58.19 12.56 52.93
CA LEU E 3914 -57.51 11.86 54.04
C LEU E 3914 -56.13 11.32 53.65
N ALA E 3915 -56.04 10.72 52.46
CA ALA E 3915 -54.83 10.02 52.01
C ALA E 3915 -53.61 10.92 51.75
N ARG E 3916 -53.84 12.14 51.25
CA ARG E 3916 -52.75 13.09 50.98
C ARG E 3916 -52.09 13.58 52.28
N ASN E 3917 -52.88 13.78 53.34
CA ASN E 3917 -52.35 14.15 54.67
C ASN E 3917 -52.40 12.98 55.70
N PHE E 3918 -52.17 11.76 55.19
CA PHE E 3918 -51.96 10.56 56.03
C PHE E 3918 -50.71 10.69 56.90
N TYR E 3919 -49.66 11.30 56.33
CA TYR E 3919 -48.36 11.40 56.98
C TYR E 3919 -48.29 12.58 57.96
N ASN E 3920 -48.94 13.68 57.63
CA ASN E 3920 -48.99 14.88 58.48
C ASN E 3920 -49.74 14.63 59.79
N MET E 3921 -50.85 13.89 59.71
CA MET E 3921 -51.64 13.55 60.89
C MET E 3921 -50.90 12.66 61.91
N ARG E 3922 -49.91 11.90 61.46
CA ARG E 3922 -49.05 11.10 62.37
C ARG E 3922 -48.05 11.97 63.14
N MET E 3923 -47.63 13.10 62.55
CA MET E 3923 -46.85 14.12 63.28
C MET E 3923 -47.71 14.88 64.30
N LEU E 3924 -48.98 15.09 63.95
CA LEU E 3924 -49.96 15.65 64.90
C LEU E 3924 -50.27 14.62 66.00
N ALA E 3925 -50.32 13.34 65.62
CA ALA E 3925 -50.43 12.23 66.58
C ALA E 3925 -49.22 12.15 67.51
N LEU E 3926 -48.03 12.47 66.99
CA LEU E 3926 -46.82 12.60 67.81
C LEU E 3926 -46.89 13.83 68.71
N PHE E 3927 -47.37 14.95 68.15
CA PHE E 3927 -47.55 16.21 68.92
C PHE E 3927 -48.55 16.06 70.07
N VAL E 3928 -49.71 15.47 69.78
CA VAL E 3928 -50.77 15.29 70.79
C VAL E 3928 -50.48 14.17 71.80
N ALA E 3929 -49.70 13.16 71.40
CA ALA E 3929 -49.29 12.08 72.32
C ALA E 3929 -48.31 12.56 73.40
N PHE E 3930 -47.42 13.49 73.03
CA PHE E 3930 -46.51 14.13 73.99
C PHE E 3930 -47.24 14.97 75.05
N ALA E 3931 -48.39 15.54 74.68
CA ALA E 3931 -49.15 16.46 75.55
C ALA E 3931 -49.93 15.79 76.69
N ILE E 3932 -50.65 14.70 76.38
CA ILE E 3932 -51.63 14.12 77.31
C ILE E 3932 -51.01 13.39 78.52
N ASN E 3933 -49.85 12.75 78.33
CA ASN E 3933 -49.24 11.92 79.38
C ASN E 3933 -48.69 12.71 80.60
N PHE E 3934 -48.48 14.01 80.45
CA PHE E 3934 -48.09 14.87 81.58
C PHE E 3934 -49.24 15.10 82.59
N ILE E 3935 -50.47 14.77 82.21
CA ILE E 3935 -51.62 14.75 83.14
C ILE E 3935 -51.44 13.64 84.19
N LEU E 3936 -50.90 12.50 83.77
CA LEU E 3936 -50.63 11.37 84.69
C LEU E 3936 -49.51 11.68 85.71
N LEU E 3937 -48.67 12.67 85.42
CA LEU E 3937 -47.65 13.15 86.38
C LEU E 3937 -48.22 13.86 87.62
N PHE E 3938 -49.45 14.37 87.54
CA PHE E 3938 -50.13 15.00 88.68
C PHE E 3938 -51.29 14.16 89.26
N TYR E 3939 -51.13 12.82 89.25
CA TYR E 3939 -52.06 11.91 89.95
C TYR E 3939 -51.54 11.69 91.38
N LYS E 3940 -52.44 11.77 92.36
CA LYS E 3940 -52.12 11.58 93.80
C LYS E 3940 -53.08 10.52 94.39
N VAL E 3941 -52.61 9.79 95.41
CA VAL E 3941 -53.38 8.67 96.00
C VAL E 3941 -53.47 8.66 97.54
N SER E 3942 -54.55 8.05 98.05
CA SER E 3942 -54.81 7.82 99.50
C SER E 3942 -55.29 6.38 99.74
N VAL E 3977 -56.88 4.91 96.44
CA VAL E 3977 -57.91 5.42 95.53
C VAL E 3977 -57.41 6.65 94.73
N HIS E 3978 -57.54 6.58 93.40
CA HIS E 3978 -56.96 7.59 92.49
C HIS E 3978 -57.78 8.91 92.45
N TYR E 3979 -57.09 10.03 92.20
CA TYR E 3979 -57.71 11.40 92.09
C TYR E 3979 -56.89 12.34 91.14
N VAL E 3980 -57.56 13.30 90.49
CA VAL E 3980 -56.93 14.32 89.60
C VAL E 3980 -56.70 15.68 90.32
N LEU E 3981 -55.50 15.85 90.89
CA LEU E 3981 -55.13 17.04 91.71
C LEU E 3981 -54.59 18.20 90.83
N GLU E 3982 -55.52 18.97 90.24
CA GLU E 3982 -55.18 20.14 89.39
C GLU E 3982 -54.61 21.36 90.20
N GLU E 3983 -53.49 21.92 89.72
CA GLU E 3983 -52.94 23.19 90.24
C GLU E 3983 -53.55 24.35 89.44
N SER E 3984 -53.76 25.51 90.08
CA SER E 3984 -54.26 26.76 89.43
C SER E 3984 -55.60 26.59 88.66
N SER E 3985 -55.56 26.48 87.32
CA SER E 3985 -56.76 26.48 86.46
C SER E 3985 -57.70 25.25 86.64
N GLY E 3986 -59.01 25.49 86.49
CA GLY E 3986 -60.06 24.47 86.69
C GLY E 3986 -60.56 23.72 85.46
N TYR E 3987 -60.26 24.25 84.27
CA TYR E 3987 -60.64 23.60 83.00
C TYR E 3987 -59.75 22.39 82.63
N MET E 3988 -58.59 22.26 83.27
CA MET E 3988 -57.65 21.18 82.96
C MET E 3988 -58.04 19.79 83.49
N GLU E 3989 -58.88 19.71 84.53
CA GLU E 3989 -59.34 18.41 85.04
C GLU E 3989 -60.42 17.77 84.15
N PRO E 3990 -61.39 18.58 83.64
CA PRO E 3990 -62.28 18.10 82.57
C PRO E 3990 -61.59 17.76 81.23
N THR E 3991 -60.51 18.47 80.89
CA THR E 3991 -59.82 18.27 79.60
C THR E 3991 -59.09 16.91 79.48
N LEU E 3992 -58.94 16.20 80.60
CA LEU E 3992 -58.44 14.81 80.60
C LEU E 3992 -59.27 13.86 79.73
N ARG E 3993 -60.59 14.11 79.63
CA ARG E 3993 -61.49 13.32 78.81
C ARG E 3993 -61.75 13.87 77.39
N ILE E 3994 -61.60 15.19 77.20
CA ILE E 3994 -61.85 15.81 75.88
C ILE E 3994 -60.76 15.43 74.87
N LEU E 3995 -59.51 15.37 75.32
CA LEU E 3995 -58.40 14.91 74.48
C LEU E 3995 -58.33 13.38 74.42
N ALA E 3996 -58.78 12.70 75.49
CA ALA E 3996 -58.86 11.23 75.51
C ALA E 3996 -59.94 10.69 74.57
N ILE E 3997 -61.09 11.37 74.51
CA ILE E 3997 -62.15 11.01 73.56
C ILE E 3997 -61.82 11.50 72.13
N LEU E 3998 -61.06 12.59 72.00
CA LEU E 3998 -60.50 13.01 70.71
C LEU E 3998 -59.39 12.08 70.19
N HIS E 3999 -58.72 11.35 71.09
CA HIS E 3999 -57.74 10.31 70.71
C HIS E 3999 -58.40 8.98 70.30
N THR E 4000 -59.59 8.70 70.83
CA THR E 4000 -60.35 7.47 70.48
C THR E 4000 -60.73 7.41 69.00
N VAL E 4001 -61.05 8.55 68.41
CA VAL E 4001 -61.46 8.64 66.98
C VAL E 4001 -60.29 8.56 65.98
N ILE E 4002 -59.10 9.00 66.38
CA ILE E 4002 -57.93 9.08 65.46
C ILE E 4002 -57.43 7.69 65.04
N SER E 4003 -57.52 6.70 65.94
CA SER E 4003 -57.08 5.33 65.66
C SER E 4003 -57.90 4.61 64.57
N PHE E 4004 -59.16 5.01 64.40
CA PHE E 4004 -60.05 4.43 63.37
C PHE E 4004 -60.07 5.22 62.04
N PHE E 4005 -59.80 6.53 62.11
CA PHE E 4005 -59.77 7.41 60.92
C PHE E 4005 -58.50 7.20 60.07
N CYS E 4006 -57.36 7.00 60.73
CA CYS E 4006 -56.06 6.85 60.05
C CYS E 4006 -55.91 5.51 59.31
N ILE E 4007 -56.46 4.42 59.88
CA ILE E 4007 -56.42 3.09 59.24
C ILE E 4007 -57.16 3.02 57.91
N ILE E 4008 -58.24 3.80 57.77
CA ILE E 4008 -58.96 3.95 56.51
C ILE E 4008 -58.07 4.69 55.49
N GLY E 4009 -57.28 5.64 55.97
CA GLY E 4009 -56.22 6.29 55.18
C GLY E 4009 -55.12 5.33 54.71
N TYR E 4010 -54.65 4.47 55.61
CA TYR E 4010 -53.65 3.42 55.28
C TYR E 4010 -54.25 2.34 54.35
N TYR E 4011 -55.55 2.06 54.51
CA TYR E 4011 -56.28 1.08 53.67
C TYR E 4011 -56.41 1.49 52.18
N CYS E 4012 -56.34 2.80 51.90
CA CYS E 4012 -56.42 3.37 50.53
C CYS E 4012 -55.04 3.83 49.94
N LEU E 4013 -53.93 3.58 50.66
CA LEU E 4013 -52.57 4.05 50.26
C LEU E 4013 -51.54 2.88 50.10
N LYS E 4014 -50.87 2.47 51.18
CA LYS E 4014 -49.87 1.36 51.14
C LYS E 4014 -50.49 -0.07 50.93
N VAL E 4015 -51.73 -0.27 51.39
CA VAL E 4015 -52.44 -1.59 51.28
C VAL E 4015 -52.58 -2.07 49.80
N PRO E 4016 -53.07 -1.20 48.87
CA PRO E 4016 -53.03 -1.56 47.43
C PRO E 4016 -51.64 -2.00 46.90
N LEU E 4017 -50.57 -1.37 47.39
CA LEU E 4017 -49.17 -1.72 47.00
C LEU E 4017 -48.76 -3.13 47.48
N VAL E 4018 -49.15 -3.50 48.71
CA VAL E 4018 -48.82 -4.85 49.25
C VAL E 4018 -49.62 -5.98 48.57
N ILE E 4019 -50.90 -5.72 48.25
CA ILE E 4019 -51.72 -6.67 47.46
C ILE E 4019 -51.13 -6.82 46.03
N PHE E 4020 -50.57 -5.72 45.50
CA PHE E 4020 -49.85 -5.77 44.20
C PHE E 4020 -48.56 -6.62 44.25
N LYS E 4021 -47.84 -6.60 45.39
CA LYS E 4021 -46.61 -7.40 45.57
C LYS E 4021 -46.87 -8.93 45.60
N ARG E 4022 -47.82 -9.36 46.46
CA ARG E 4022 -48.18 -10.80 46.57
C ARG E 4022 -48.85 -11.36 45.29
N GLU E 4023 -49.72 -10.56 44.64
CA GLU E 4023 -50.33 -10.95 43.34
C GLU E 4023 -49.30 -10.99 42.18
N LYS E 4024 -48.28 -10.12 42.21
CA LYS E 4024 -47.23 -10.08 41.16
C LYS E 4024 -46.30 -11.31 41.26
N GLU E 4025 -45.78 -11.57 42.46
CA GLU E 4025 -44.89 -12.73 42.69
C GLU E 4025 -45.63 -14.09 42.50
N VAL E 4026 -46.91 -14.15 42.89
CA VAL E 4026 -47.71 -15.39 42.75
C VAL E 4026 -48.08 -15.67 41.27
N ALA E 4027 -48.54 -14.63 40.55
CA ALA E 4027 -48.86 -14.76 39.09
C ALA E 4027 -47.61 -15.08 38.23
N ARG E 4028 -46.44 -14.59 38.66
CA ARG E 4028 -45.13 -14.97 38.07
C ARG E 4028 -44.79 -16.48 38.32
N LYS E 4029 -45.10 -16.99 39.53
CA LYS E 4029 -44.93 -18.43 39.88
C LYS E 4029 -45.85 -19.39 39.04
N LEU E 4030 -47.07 -18.93 38.71
CA LEU E 4030 -48.03 -19.71 37.88
C LEU E 4030 -47.71 -19.65 36.36
N GLU E 4031 -47.41 -18.43 35.86
CA GLU E 4031 -47.09 -18.20 34.43
C GLU E 4031 -45.82 -18.91 33.91
N PHE E 4032 -44.81 -19.04 34.80
CA PHE E 4032 -43.51 -19.68 34.48
C PHE E 4032 -43.20 -20.89 35.39
N ASP E 4033 -43.25 -20.72 36.73
CA ASP E 4033 -42.86 -21.80 37.68
C ASP E 4033 -43.83 -23.01 37.78
N GLY E 4034 -45.14 -22.76 37.68
CA GLY E 4034 -46.15 -23.84 37.78
C GLY E 4034 -46.19 -24.54 39.15
N LEU E 4035 -46.13 -23.73 40.22
CA LEU E 4035 -46.18 -24.19 41.64
C LEU E 4035 -47.41 -25.06 41.97
N TYR E 4036 -48.60 -24.58 41.55
CA TYR E 4036 -49.89 -25.25 41.79
C TYR E 4036 -50.18 -26.28 40.67
N ILE E 4037 -49.78 -25.97 39.44
CA ILE E 4037 -49.86 -26.90 38.28
C ILE E 4037 -48.95 -28.13 38.49
N THR E 4038 -47.71 -27.87 38.94
CA THR E 4038 -46.69 -28.92 39.21
C THR E 4038 -46.16 -28.97 40.69
N GLU E 4039 -45.64 -27.85 41.22
CA GLU E 4039 -44.82 -27.89 42.48
C GLU E 4039 -45.54 -28.21 43.83
N GLN E 4040 -46.76 -27.69 44.02
CA GLN E 4040 -47.57 -27.82 45.27
C GLN E 4040 -47.07 -26.99 46.51
N PRO E 4041 -47.79 -27.07 47.67
CA PRO E 4041 -47.35 -26.46 48.94
C PRO E 4041 -46.79 -27.49 49.97
N SER E 4042 -45.56 -27.26 50.45
CA SER E 4042 -44.81 -28.23 51.30
C SER E 4042 -45.01 -28.03 52.83
N GLU E 4043 -44.27 -28.81 53.63
CA GLU E 4043 -44.22 -28.62 55.10
C GLU E 4043 -43.71 -27.21 55.53
N ASP E 4044 -43.16 -26.44 54.59
CA ASP E 4044 -42.84 -25.00 54.76
C ASP E 4044 -43.69 -24.10 53.81
N ASP E 4045 -43.42 -22.79 53.77
CA ASP E 4045 -44.12 -21.80 52.91
C ASP E 4045 -45.65 -21.72 53.23
N ILE E 4046 -45.94 -21.46 54.51
CA ILE E 4046 -47.33 -21.48 55.07
C ILE E 4046 -48.27 -20.43 54.42
N LYS E 4047 -47.73 -19.27 54.08
CA LYS E 4047 -48.50 -18.22 53.36
C LYS E 4047 -48.82 -18.64 51.90
N GLY E 4048 -47.93 -19.45 51.29
CA GLY E 4048 -48.18 -20.09 49.99
C GLY E 4048 -49.22 -21.21 50.03
N GLN E 4049 -49.31 -21.92 51.16
CA GLN E 4049 -50.43 -22.87 51.43
C GLN E 4049 -51.78 -22.11 51.57
N TRP E 4050 -51.73 -20.89 52.12
CA TRP E 4050 -52.88 -19.94 52.15
C TRP E 4050 -53.27 -19.41 50.73
N ASP E 4051 -52.28 -19.36 49.82
CA ASP E 4051 -52.46 -18.86 48.43
C ASP E 4051 -53.32 -19.76 47.48
N ARG E 4052 -53.58 -21.02 47.86
CA ARG E 4052 -54.50 -21.92 47.11
C ARG E 4052 -55.91 -21.29 46.96
N LEU E 4053 -56.39 -20.64 48.02
CA LEU E 4053 -57.77 -20.12 48.09
C LEU E 4053 -58.11 -19.00 47.07
N VAL E 4054 -57.10 -18.23 46.64
CA VAL E 4054 -57.29 -17.08 45.69
C VAL E 4054 -57.26 -17.50 44.19
N ILE E 4055 -56.46 -18.53 43.86
CA ILE E 4055 -56.30 -19.03 42.46
C ILE E 4055 -57.63 -19.57 41.86
N ASN E 4056 -58.48 -20.13 42.73
CA ASN E 4056 -59.82 -20.63 42.35
C ASN E 4056 -60.82 -19.49 42.01
N THR E 4057 -60.58 -18.29 42.56
CA THR E 4057 -61.37 -17.06 42.26
C THR E 4057 -61.16 -16.54 40.80
N GLN E 4058 -62.25 -16.16 40.14
CA GLN E 4058 -62.23 -15.62 38.75
C GLN E 4058 -61.65 -14.18 38.67
N SER E 4059 -61.77 -13.43 39.78
CA SER E 4059 -61.14 -12.10 39.97
C SER E 4059 -59.69 -12.11 40.52
N PHE E 4060 -58.91 -13.17 40.20
CA PHE E 4060 -57.51 -13.36 40.67
C PHE E 4060 -56.52 -12.19 40.33
N PRO E 4061 -56.47 -11.74 39.04
CA PRO E 4061 -55.73 -10.48 38.79
C PRO E 4061 -56.56 -9.19 39.11
N ASN E 4062 -56.94 -9.00 40.38
CA ASN E 4062 -57.79 -7.87 40.82
C ASN E 4062 -57.14 -6.47 40.69
N ASN E 4063 -55.81 -6.42 40.85
CA ASN E 4063 -55.01 -5.18 40.75
C ASN E 4063 -53.78 -5.24 39.77
N TYR E 4064 -53.50 -6.41 39.17
CA TYR E 4064 -52.23 -6.65 38.42
C TYR E 4064 -52.16 -6.01 36.98
N TRP E 4065 -53.13 -5.16 36.61
CA TRP E 4065 -53.19 -4.43 35.29
C TRP E 4065 -53.09 -5.32 34.01
N ASP E 4066 -53.28 -6.64 34.15
CA ASP E 4066 -53.12 -7.62 33.05
C ASP E 4066 -54.01 -8.86 33.33
N LYS E 4067 -55.32 -8.68 33.13
CA LYS E 4067 -56.35 -9.71 33.44
C LYS E 4067 -56.29 -11.02 32.59
N PHE E 4068 -55.68 -10.95 31.40
CA PHE E 4068 -55.63 -12.09 30.45
C PHE E 4068 -54.82 -13.33 30.94
N VAL E 4069 -53.87 -13.12 31.85
CA VAL E 4069 -52.94 -14.17 32.40
C VAL E 4069 -53.62 -15.53 32.65
N LYS E 4070 -54.80 -15.51 33.27
CA LYS E 4070 -55.55 -16.74 33.66
C LYS E 4070 -55.71 -17.72 32.48
N ARG E 4071 -56.38 -17.27 31.42
CA ARG E 4071 -56.59 -18.11 30.22
C ARG E 4071 -55.25 -18.48 29.54
N LYS E 4072 -54.30 -17.53 29.52
CA LYS E 4072 -52.96 -17.76 28.91
C LYS E 4072 -52.21 -18.93 29.58
N VAL E 4073 -52.42 -19.12 30.89
CA VAL E 4073 -51.75 -20.22 31.65
C VAL E 4073 -52.10 -21.63 31.08
N MET E 4074 -53.37 -21.83 30.69
CA MET E 4074 -53.82 -23.09 30.07
C MET E 4074 -53.04 -23.42 28.80
N ASP E 4075 -52.82 -22.39 27.96
CA ASP E 4075 -52.06 -22.51 26.70
C ASP E 4075 -50.58 -22.89 26.94
N LYS E 4076 -50.00 -22.43 28.06
CA LYS E 4076 -48.62 -22.80 28.46
C LYS E 4076 -48.50 -24.22 29.06
N TYR E 4077 -49.58 -24.78 29.61
CA TYR E 4077 -49.50 -26.04 30.40
C TYR E 4077 -50.62 -27.12 30.30
N GLY E 4078 -51.71 -26.85 29.58
CA GLY E 4078 -52.84 -27.81 29.45
C GLY E 4078 -52.50 -29.10 28.69
N GLU E 4079 -51.52 -29.04 27.80
CA GLU E 4079 -51.04 -30.21 27.05
C GLU E 4079 -50.19 -31.20 27.89
N PHE E 4080 -49.57 -30.74 28.99
CA PHE E 4080 -48.66 -31.60 29.81
C PHE E 4080 -49.35 -32.79 30.53
N TYR E 4081 -50.56 -32.58 31.03
CA TYR E 4081 -51.33 -33.65 31.71
C TYR E 4081 -52.87 -33.60 31.61
N GLY E 4082 -53.46 -32.40 31.75
CA GLY E 4082 -54.94 -32.24 31.73
C GLY E 4082 -55.44 -30.84 31.43
N ARG E 4083 -56.01 -30.65 30.24
CA ARG E 4083 -56.73 -29.41 29.85
C ARG E 4083 -57.95 -29.13 30.78
N ASP E 4084 -58.74 -30.18 31.05
CA ASP E 4084 -59.89 -30.11 31.98
C ASP E 4084 -59.48 -29.88 33.46
N ARG E 4085 -58.35 -30.44 33.89
CA ARG E 4085 -57.85 -30.26 35.27
C ARG E 4085 -57.44 -28.80 35.56
N ILE E 4086 -56.75 -28.15 34.62
CA ILE E 4086 -56.40 -26.69 34.71
C ILE E 4086 -57.68 -25.81 34.57
N SER E 4087 -58.65 -26.27 33.77
CA SER E 4087 -59.95 -25.56 33.62
C SER E 4087 -60.78 -25.54 34.92
N GLU E 4088 -60.60 -26.56 35.76
CA GLU E 4088 -61.17 -26.61 37.14
C GLU E 4088 -60.32 -25.77 38.15
N LEU E 4089 -58.99 -25.85 38.04
CA LEU E 4089 -58.06 -25.17 38.98
C LEU E 4089 -58.13 -23.63 38.94
N LEU E 4090 -58.40 -23.04 37.76
CA LEU E 4090 -58.51 -21.57 37.58
C LEU E 4090 -59.96 -21.10 37.45
N GLY E 4091 -60.71 -21.71 36.54
CA GLY E 4091 -62.12 -21.34 36.28
C GLY E 4091 -62.28 -20.10 35.42
N SER E 4115 -78.81 -1.70 48.40
CA SER E 4115 -78.44 -1.48 47.00
C SER E 4115 -78.03 -2.77 46.28
N ALA E 4116 -77.84 -2.70 44.96
CA ALA E 4116 -77.40 -3.84 44.13
C ALA E 4116 -75.95 -4.29 44.42
N VAL E 4117 -75.13 -3.32 44.82
CA VAL E 4117 -73.70 -3.57 45.18
C VAL E 4117 -73.52 -4.59 46.33
N LEU E 4118 -74.51 -4.66 47.22
CA LEU E 4118 -74.56 -5.63 48.35
C LEU E 4118 -74.41 -7.11 47.89
N ASN E 4119 -74.90 -7.42 46.69
CA ASN E 4119 -74.78 -8.76 46.08
C ASN E 4119 -73.61 -8.93 45.09
N SER E 4120 -73.08 -7.82 44.56
CA SER E 4120 -72.02 -7.82 43.51
C SER E 4120 -70.66 -8.48 43.88
N ILE E 4121 -70.24 -8.32 45.14
CA ILE E 4121 -68.94 -8.84 45.65
C ILE E 4121 -68.83 -10.38 45.81
N ASP E 4122 -67.65 -10.93 45.51
CA ASP E 4122 -67.31 -12.35 45.78
C ASP E 4122 -66.92 -12.57 47.26
N VAL E 4123 -67.16 -13.80 47.75
CA VAL E 4123 -66.90 -14.18 49.16
C VAL E 4123 -65.43 -14.56 49.47
N LYS E 4124 -64.81 -15.37 48.61
CA LYS E 4124 -63.45 -15.92 48.82
C LYS E 4124 -62.32 -14.85 48.76
N TYR E 4125 -62.48 -13.85 47.88
CA TYR E 4125 -61.53 -12.72 47.73
C TYR E 4125 -61.41 -11.83 49.00
N GLN E 4126 -62.52 -11.68 49.73
CA GLN E 4126 -62.56 -10.82 50.95
C GLN E 4126 -61.92 -11.50 52.19
N MET E 4127 -62.10 -12.82 52.32
CA MET E 4127 -61.48 -13.62 53.40
C MET E 4127 -59.95 -13.74 53.22
N TRP E 4128 -59.52 -14.05 51.98
CA TRP E 4128 -58.08 -14.10 51.61
C TRP E 4128 -57.39 -12.71 51.75
N LYS E 4129 -58.13 -11.64 51.42
CA LYS E 4129 -57.70 -10.21 51.65
C LYS E 4129 -57.35 -9.91 53.13
N LEU E 4130 -58.27 -10.26 54.03
CA LEU E 4130 -58.08 -10.07 55.49
C LEU E 4130 -56.88 -10.89 56.05
N GLY E 4131 -56.65 -12.07 55.47
CA GLY E 4131 -55.48 -12.89 55.81
C GLY E 4131 -54.12 -12.30 55.40
N VAL E 4132 -54.06 -11.70 54.20
CA VAL E 4132 -52.82 -11.06 53.69
C VAL E 4132 -52.42 -9.83 54.55
N VAL E 4133 -53.42 -9.08 55.06
CA VAL E 4133 -53.16 -7.91 55.92
C VAL E 4133 -52.72 -8.28 57.36
N PHE E 4134 -53.38 -9.27 57.98
CA PHE E 4134 -53.00 -9.75 59.34
C PHE E 4134 -51.60 -10.44 59.41
N THR E 4135 -51.21 -11.15 58.33
CA THR E 4135 -49.86 -11.78 58.23
C THR E 4135 -48.69 -10.74 58.13
N ASP E 4136 -48.98 -9.55 57.61
CA ASP E 4136 -47.97 -8.46 57.50
C ASP E 4136 -47.53 -7.96 58.90
N ASN E 4137 -46.22 -7.79 59.09
CA ASN E 4137 -45.65 -7.29 60.38
C ASN E 4137 -45.97 -5.79 60.65
N SER E 4138 -46.06 -4.96 59.60
CA SER E 4138 -46.31 -3.49 59.71
C SER E 4138 -47.73 -3.16 60.19
N PHE E 4139 -48.73 -3.75 59.52
CA PHE E 4139 -50.15 -3.55 59.89
C PHE E 4139 -50.49 -4.13 61.27
N LEU E 4140 -49.71 -5.12 61.72
CA LEU E 4140 -49.86 -5.69 63.07
C LEU E 4140 -49.56 -4.66 64.18
N TYR E 4141 -48.67 -3.71 63.90
CA TYR E 4141 -48.39 -2.58 64.81
C TYR E 4141 -49.55 -1.57 64.85
N LEU E 4142 -49.95 -1.08 63.68
CA LEU E 4142 -50.97 -0.02 63.57
C LEU E 4142 -52.36 -0.45 64.09
N ALA E 4143 -52.70 -1.74 63.94
CA ALA E 4143 -53.95 -2.28 64.49
C ALA E 4143 -53.90 -2.42 66.01
N TRP E 4144 -52.74 -2.86 66.52
CA TRP E 4144 -52.47 -2.93 67.96
C TRP E 4144 -52.48 -1.55 68.64
N TYR E 4145 -52.15 -0.51 67.88
CA TYR E 4145 -52.25 0.88 68.34
C TYR E 4145 -53.70 1.28 68.67
N MET E 4146 -54.66 0.73 67.92
CA MET E 4146 -56.10 0.89 68.22
C MET E 4146 -56.61 -0.11 69.27
N THR E 4147 -56.10 -1.34 69.24
CA THR E 4147 -56.56 -2.40 70.15
C THR E 4147 -56.40 -2.03 71.63
N MET E 4148 -55.26 -1.42 71.96
CA MET E 4148 -55.00 -0.92 73.32
C MET E 4148 -55.67 0.43 73.61
N SER E 4149 -55.95 1.21 72.56
CA SER E 4149 -56.76 2.44 72.70
C SER E 4149 -58.22 2.18 73.13
N ILE E 4150 -58.70 0.93 72.96
CA ILE E 4150 -59.95 0.50 73.58
C ILE E 4150 -59.73 0.28 75.09
N LEU E 4151 -58.61 -0.35 75.44
CA LEU E 4151 -58.19 -0.50 76.85
C LEU E 4151 -57.78 0.81 77.53
N GLY E 4152 -57.52 1.87 76.75
CA GLY E 4152 -57.38 3.22 77.28
C GLY E 4152 -58.66 3.76 77.91
N HIS E 4153 -59.80 3.39 77.34
CA HIS E 4153 -61.12 3.66 77.93
C HIS E 4153 -61.34 2.74 79.15
N TYR E 4154 -60.81 1.52 79.08
CA TYR E 4154 -60.80 0.56 80.19
C TYR E 4154 -59.93 0.99 81.39
N ASN E 4155 -58.83 1.71 81.15
CA ASN E 4155 -57.95 2.20 82.25
C ASN E 4155 -57.02 3.37 81.86
N ASN E 4156 -56.76 4.26 82.82
CA ASN E 4156 -55.86 5.43 82.66
C ASN E 4156 -54.36 5.13 82.90
N PHE E 4157 -54.02 3.90 83.28
CA PHE E 4157 -52.61 3.50 83.47
C PHE E 4157 -52.13 2.43 82.47
N PHE E 4158 -53.04 1.84 81.71
CA PHE E 4158 -52.71 1.27 80.40
C PHE E 4158 -52.43 2.42 79.41
N PHE E 4159 -53.05 3.57 79.67
CA PHE E 4159 -52.86 4.82 78.90
C PHE E 4159 -51.38 5.17 78.65
N ALA E 4160 -50.55 5.00 79.67
CA ALA E 4160 -49.10 5.17 79.54
C ALA E 4160 -48.52 4.07 78.64
N ALA E 4161 -48.42 4.37 77.35
CA ALA E 4161 -48.10 3.36 76.32
C ALA E 4161 -47.63 3.94 74.98
N HIS E 4162 -48.39 4.88 74.41
CA HIS E 4162 -48.10 5.43 73.08
C HIS E 4162 -46.90 6.41 73.00
N LEU E 4163 -46.16 6.58 74.10
CA LEU E 4163 -44.88 7.33 74.08
C LEU E 4163 -43.81 6.66 73.20
N LEU E 4164 -43.90 5.34 73.02
CA LEU E 4164 -42.99 4.61 72.12
C LEU E 4164 -43.25 4.85 70.62
N ASP E 4165 -44.33 5.58 70.29
CA ASP E 4165 -44.61 6.02 68.91
C ASP E 4165 -43.53 6.95 68.32
N ILE E 4166 -42.79 7.63 69.19
CA ILE E 4166 -41.59 8.41 68.80
C ILE E 4166 -40.55 7.62 67.99
N ALA E 4167 -40.45 6.30 68.22
CA ALA E 4167 -39.50 5.44 67.51
C ALA E 4167 -39.67 5.46 65.98
N MET E 4168 -40.84 5.07 65.50
CA MET E 4168 -41.13 5.08 64.06
C MET E 4168 -41.49 6.47 63.49
N GLY E 4169 -41.71 7.46 64.36
CA GLY E 4169 -42.02 8.82 63.95
C GLY E 4169 -40.87 9.56 63.27
N PHE E 4170 -39.82 9.84 64.04
CA PHE E 4170 -38.69 10.67 63.56
C PHE E 4170 -37.66 9.83 62.78
N LYS E 4171 -37.23 10.32 61.60
CA LYS E 4171 -36.35 9.57 60.67
C LYS E 4171 -34.88 9.42 61.15
N THR E 4172 -34.36 10.44 61.84
CA THR E 4172 -32.96 10.41 62.31
C THR E 4172 -32.68 9.31 63.36
N LEU E 4173 -33.70 8.95 64.14
CA LEU E 4173 -33.61 7.88 65.13
C LEU E 4173 -33.56 6.48 64.50
N ARG E 4174 -34.04 6.35 63.25
CA ARG E 4174 -33.95 5.09 62.49
C ARG E 4174 -32.56 4.78 61.90
N THR E 4175 -31.55 5.58 62.25
CA THR E 4175 -30.14 5.20 62.10
C THR E 4175 -29.51 4.73 63.42
N ILE E 4176 -30.05 5.21 64.56
CA ILE E 4176 -29.56 4.83 65.90
C ILE E 4176 -30.29 3.60 66.44
N LEU E 4177 -31.63 3.58 66.35
CA LEU E 4177 -32.42 2.42 66.78
C LEU E 4177 -32.25 1.22 65.85
N SER E 4178 -32.10 1.48 64.54
CA SER E 4178 -31.83 0.42 63.56
C SER E 4178 -30.44 -0.21 63.72
N SER E 4179 -29.49 0.55 64.26
CA SER E 4179 -28.14 0.03 64.53
C SER E 4179 -28.10 -1.01 65.67
N VAL E 4180 -29.08 -0.96 66.58
CA VAL E 4180 -29.15 -1.91 67.71
C VAL E 4180 -29.76 -3.27 67.30
N THR E 4181 -30.70 -3.25 66.35
CA THR E 4181 -31.52 -4.42 66.02
C THR E 4181 -30.96 -5.40 64.95
N HIS E 4182 -30.18 -4.90 63.99
CA HIS E 4182 -29.71 -5.74 62.86
C HIS E 4182 -28.73 -6.86 63.27
N ASN E 4183 -27.97 -6.63 64.34
CA ASN E 4183 -27.11 -7.65 64.95
C ASN E 4183 -27.66 -7.99 66.35
N GLY E 4184 -28.96 -8.27 66.40
CA GLY E 4184 -29.68 -8.51 67.67
C GLY E 4184 -29.59 -9.93 68.20
N LYS E 4185 -29.26 -10.89 67.33
CA LYS E 4185 -29.04 -12.29 67.73
C LYS E 4185 -27.85 -12.43 68.68
N GLN E 4186 -26.85 -11.56 68.52
CA GLN E 4186 -25.66 -11.55 69.39
C GLN E 4186 -25.97 -10.98 70.78
N LEU E 4187 -26.74 -9.89 70.82
CA LEU E 4187 -27.03 -9.18 72.08
C LEU E 4187 -27.88 -9.96 73.09
N VAL E 4188 -28.86 -10.71 72.59
CA VAL E 4188 -29.77 -11.49 73.45
C VAL E 4188 -29.04 -12.67 74.10
N LEU E 4189 -28.15 -13.31 73.35
CA LEU E 4189 -27.31 -14.41 73.88
C LEU E 4189 -26.25 -13.93 74.87
N THR E 4190 -25.81 -12.67 74.74
CA THR E 4190 -24.86 -12.05 75.68
C THR E 4190 -25.44 -11.90 77.10
N VAL E 4191 -26.77 -11.77 77.21
CA VAL E 4191 -27.47 -11.83 78.50
C VAL E 4191 -27.38 -13.26 79.05
N GLY E 4192 -27.52 -14.24 78.17
CA GLY E 4192 -27.32 -15.65 78.50
C GLY E 4192 -25.93 -16.02 79.00
N LEU E 4193 -24.89 -15.37 78.46
CA LEU E 4193 -23.50 -15.60 78.92
C LEU E 4193 -23.21 -15.04 80.32
N LEU E 4194 -23.96 -14.01 80.73
CA LEU E 4194 -23.90 -13.51 82.11
C LEU E 4194 -24.43 -14.56 83.11
N ALA E 4195 -25.38 -15.38 82.66
CA ALA E 4195 -25.94 -16.46 83.47
C ALA E 4195 -24.97 -17.62 83.73
N VAL E 4196 -24.22 -18.02 82.70
CA VAL E 4196 -23.43 -19.27 82.74
C VAL E 4196 -22.17 -19.15 83.63
N VAL E 4197 -21.34 -18.14 83.36
CA VAL E 4197 -20.08 -17.91 84.11
C VAL E 4197 -20.33 -17.61 85.60
N VAL E 4198 -21.34 -16.79 85.88
CA VAL E 4198 -21.76 -16.47 87.27
C VAL E 4198 -22.25 -17.75 88.01
N TYR E 4199 -22.87 -18.69 87.28
CA TYR E 4199 -23.26 -20.00 87.83
C TYR E 4199 -22.05 -20.93 88.15
N LEU E 4200 -20.96 -20.87 87.35
CA LEU E 4200 -19.73 -21.64 87.66
C LEU E 4200 -19.12 -21.14 88.99
N TYR E 4201 -19.09 -19.81 89.17
CA TYR E 4201 -18.60 -19.19 90.41
C TYR E 4201 -19.51 -19.38 91.66
N THR E 4202 -20.84 -19.53 91.47
CA THR E 4202 -21.75 -19.93 92.58
C THR E 4202 -21.56 -21.44 92.96
N VAL E 4203 -21.04 -22.25 92.04
CA VAL E 4203 -20.64 -23.65 92.34
C VAL E 4203 -19.36 -23.68 93.23
N VAL E 4204 -18.30 -22.98 92.81
CA VAL E 4204 -17.03 -22.92 93.59
C VAL E 4204 -17.22 -22.27 94.99
N ALA E 4205 -18.07 -21.22 95.07
CA ALA E 4205 -18.48 -20.60 96.35
C ALA E 4205 -19.34 -21.56 97.23
N PHE E 4206 -20.17 -22.39 96.58
CA PHE E 4206 -20.95 -23.45 97.28
C PHE E 4206 -20.04 -24.48 97.97
N ASN E 4207 -18.85 -24.72 97.40
CA ASN E 4207 -17.85 -25.64 98.01
C ASN E 4207 -17.03 -24.95 99.12
N PHE E 4208 -16.10 -24.07 98.74
CA PHE E 4208 -15.20 -23.44 99.72
C PHE E 4208 -15.85 -22.31 100.49
N PHE E 4209 -16.44 -21.34 99.77
CA PHE E 4209 -16.76 -20.01 100.33
C PHE E 4209 -18.25 -19.80 100.67
N ARG E 4210 -18.88 -20.80 101.28
CA ARG E 4210 -20.30 -20.72 101.65
C ARG E 4210 -20.58 -19.99 102.97
N LYS E 4211 -19.57 -19.91 103.84
CA LYS E 4211 -19.73 -19.34 105.19
C LYS E 4211 -19.90 -17.81 105.25
N PHE E 4212 -19.30 -17.09 104.30
CA PHE E 4212 -19.18 -15.63 104.40
C PHE E 4212 -20.46 -14.84 104.12
N TYR E 4213 -21.45 -15.45 103.46
CA TYR E 4213 -22.62 -14.72 102.95
C TYR E 4213 -23.68 -14.35 104.04
N ASN E 4214 -23.27 -13.53 105.01
CA ASN E 4214 -24.20 -13.01 106.04
C ASN E 4214 -24.99 -11.79 105.50
N LYS E 4215 -26.26 -11.68 105.92
CA LYS E 4215 -27.18 -10.58 105.51
C LYS E 4215 -27.42 -9.54 106.65
N SER E 4216 -26.65 -9.63 107.74
CA SER E 4216 -26.98 -8.97 109.03
C SER E 4216 -26.83 -7.42 109.06
N GLU E 4217 -27.94 -6.70 108.78
CA GLU E 4217 -28.00 -5.23 108.95
C GLU E 4217 -27.96 -4.88 110.46
N ASP E 4218 -27.11 -3.90 110.84
CA ASP E 4218 -26.87 -3.51 112.26
C ASP E 4218 -26.36 -4.69 113.15
N GLY E 4219 -26.14 -4.43 114.45
CA GLY E 4219 -25.64 -5.44 115.40
C GLY E 4219 -26.63 -6.50 115.91
N ASP E 4220 -26.11 -7.72 116.11
CA ASP E 4220 -26.79 -8.85 116.85
C ASP E 4220 -28.26 -9.23 116.44
N THR E 4221 -28.59 -9.07 115.15
CA THR E 4221 -29.90 -9.49 114.59
C THR E 4221 -29.91 -11.01 114.29
N PRO E 4222 -31.10 -11.69 114.40
CA PRO E 4222 -31.20 -13.06 113.81
C PRO E 4222 -31.03 -13.01 112.28
N ASP E 4223 -30.41 -14.04 111.70
CA ASP E 4223 -29.78 -13.94 110.37
C ASP E 4223 -30.00 -15.18 109.48
N MET E 4224 -30.87 -15.05 108.46
CA MET E 4224 -31.01 -16.06 107.39
C MET E 4224 -29.75 -16.05 106.48
N LYS E 4225 -29.32 -17.25 106.07
CA LYS E 4225 -28.07 -17.45 105.31
C LYS E 4225 -28.36 -18.42 104.16
N CYS E 4226 -28.00 -18.01 102.94
CA CYS E 4226 -28.37 -18.74 101.70
C CYS E 4226 -27.95 -20.22 101.76
N ASP E 4227 -28.97 -21.09 101.75
CA ASP E 4227 -28.78 -22.54 101.72
C ASP E 4227 -29.39 -23.20 100.48
N ASP E 4228 -30.50 -22.66 99.98
CA ASP E 4228 -31.05 -23.05 98.66
C ASP E 4228 -30.11 -22.52 97.55
N MET E 4229 -29.78 -23.40 96.58
CA MET E 4229 -28.91 -23.02 95.43
C MET E 4229 -29.57 -21.95 94.53
N LEU E 4230 -30.91 -21.96 94.45
CA LEU E 4230 -31.70 -20.92 93.75
C LEU E 4230 -31.58 -19.52 94.42
N THR E 4231 -31.71 -19.47 95.75
CA THR E 4231 -31.53 -18.21 96.53
C THR E 4231 -30.08 -17.66 96.48
N CYS E 4232 -29.08 -18.55 96.40
CA CYS E 4232 -27.64 -18.15 96.31
C CYS E 4232 -27.29 -17.52 94.93
N TYR E 4233 -27.64 -18.23 93.84
CA TYR E 4233 -27.47 -17.74 92.44
C TYR E 4233 -28.25 -16.41 92.19
N MET E 4234 -29.46 -16.34 92.77
CA MET E 4234 -30.30 -15.13 92.77
C MET E 4234 -29.61 -13.94 93.49
N PHE E 4235 -28.91 -14.25 94.60
CA PHE E 4235 -28.08 -13.27 95.34
C PHE E 4235 -26.84 -12.76 94.56
N HIS E 4236 -26.26 -13.62 93.69
CA HIS E 4236 -25.10 -13.23 92.82
C HIS E 4236 -25.48 -12.30 91.63
N MET E 4237 -26.59 -12.59 90.94
CA MET E 4237 -27.13 -11.68 89.90
C MET E 4237 -27.72 -10.36 90.51
N TYR E 4238 -28.24 -10.43 91.74
CA TYR E 4238 -28.77 -9.25 92.48
C TYR E 4238 -27.70 -8.25 92.98
N VAL E 4239 -26.46 -8.72 93.22
CA VAL E 4239 -25.36 -7.86 93.75
C VAL E 4239 -24.07 -7.81 92.87
N GLY E 4240 -23.49 -8.97 92.54
CA GLY E 4240 -22.12 -9.06 91.97
C GLY E 4240 -21.95 -8.42 90.59
N VAL E 4241 -22.90 -8.70 89.69
CA VAL E 4241 -22.97 -8.02 88.37
C VAL E 4241 -23.40 -6.53 88.50
N ARG E 4242 -24.26 -6.25 89.50
CA ARG E 4242 -24.85 -4.89 89.73
C ARG E 4242 -24.12 -3.99 90.75
N ALA E 4243 -22.96 -4.44 91.27
CA ALA E 4243 -22.21 -3.69 92.30
C ALA E 4243 -21.56 -2.39 91.79
N GLY E 4244 -21.22 -2.33 90.50
CA GLY E 4244 -20.35 -1.27 89.96
C GLY E 4244 -19.00 -1.33 90.67
N GLY E 4245 -18.39 -2.51 90.66
CA GLY E 4245 -17.14 -2.81 91.39
C GLY E 4245 -17.10 -4.11 92.21
N GLY E 4246 -17.64 -5.21 91.65
CA GLY E 4246 -17.43 -6.57 92.18
C GLY E 4246 -18.31 -7.05 93.35
N ILE E 4247 -18.22 -8.35 93.64
CA ILE E 4247 -18.98 -9.02 94.72
C ILE E 4247 -18.64 -8.54 96.16
N GLY E 4248 -17.35 -8.21 96.38
CA GLY E 4248 -16.81 -7.73 97.67
C GLY E 4248 -17.66 -6.74 98.49
N ASP E 4249 -18.53 -6.00 97.77
CA ASP E 4249 -19.58 -5.13 98.35
C ASP E 4249 -20.52 -5.89 99.32
N GLU E 4250 -20.86 -7.13 98.98
CA GLU E 4250 -21.79 -7.99 99.77
C GLU E 4250 -21.14 -9.34 100.15
N ILE E 4251 -20.15 -9.27 101.06
CA ILE E 4251 -19.47 -10.45 101.62
C ILE E 4251 -18.60 -10.03 102.82
N GLU E 4252 -18.41 -10.94 103.78
CA GLU E 4252 -17.51 -10.73 104.93
C GLU E 4252 -16.02 -10.75 104.52
N ASP E 4253 -15.32 -9.63 104.75
CA ASP E 4253 -13.90 -9.47 104.34
C ASP E 4253 -12.99 -10.38 105.19
N PRO E 4254 -12.13 -11.23 104.55
CA PRO E 4254 -11.19 -12.09 105.29
C PRO E 4254 -9.78 -11.48 105.48
N ALA E 4255 -9.22 -11.63 106.70
CA ALA E 4255 -7.86 -11.17 107.07
C ALA E 4255 -7.08 -12.30 107.79
N GLY E 4256 -5.89 -12.65 107.27
CA GLY E 4256 -4.99 -13.63 107.90
C GLY E 4256 -5.43 -15.10 107.90
N ASP E 4257 -6.27 -15.48 106.94
CA ASP E 4257 -6.78 -16.89 106.79
C ASP E 4257 -6.17 -17.62 105.57
N GLU E 4258 -6.17 -18.97 105.60
CA GLU E 4258 -5.74 -19.79 104.44
C GLU E 4258 -6.70 -19.66 103.25
N TYR E 4259 -8.01 -19.56 103.55
CA TYR E 4259 -9.03 -19.33 102.51
C TYR E 4259 -9.15 -17.83 102.12
N GLU E 4260 -8.49 -16.93 102.87
CA GLU E 4260 -8.32 -15.50 102.49
C GLU E 4260 -7.49 -15.35 101.19
N ILE E 4261 -6.39 -16.09 101.10
CA ILE E 4261 -5.52 -16.06 99.90
C ILE E 4261 -6.08 -16.91 98.73
N TYR E 4262 -6.79 -18.02 99.00
CA TYR E 4262 -7.58 -18.74 97.97
C TYR E 4262 -8.66 -17.82 97.30
N ARG E 4263 -9.40 -17.07 98.13
CA ARG E 4263 -10.54 -16.24 97.66
C ARG E 4263 -10.10 -14.92 96.99
N ILE E 4264 -8.85 -14.47 97.19
CA ILE E 4264 -8.35 -13.35 96.39
C ILE E 4264 -8.13 -13.80 94.94
N ILE E 4265 -7.67 -15.04 94.73
CA ILE E 4265 -7.53 -15.62 93.39
C ILE E 4265 -8.92 -15.90 92.75
N PHE E 4266 -9.93 -16.25 93.57
CA PHE E 4266 -11.35 -16.39 93.13
C PHE E 4266 -11.94 -15.05 92.63
N ASP E 4267 -11.75 -13.98 93.43
CA ASP E 4267 -12.26 -12.63 93.13
C ASP E 4267 -11.54 -11.91 91.96
N ILE E 4268 -10.24 -12.21 91.76
CA ILE E 4268 -9.47 -11.67 90.60
C ILE E 4268 -10.02 -12.22 89.27
N THR E 4269 -10.27 -13.53 89.21
CA THR E 4269 -10.82 -14.17 88.02
C THR E 4269 -12.30 -13.83 87.80
N PHE E 4270 -13.05 -13.62 88.89
CA PHE E 4270 -14.45 -13.16 88.80
C PHE E 4270 -14.57 -11.73 88.28
N PHE E 4271 -13.66 -10.84 88.69
CA PHE E 4271 -13.71 -9.44 88.28
C PHE E 4271 -13.40 -9.22 86.80
N PHE E 4272 -12.38 -9.91 86.28
CA PHE E 4272 -11.94 -9.73 84.89
C PHE E 4272 -12.82 -10.45 83.85
N PHE E 4273 -13.15 -11.72 84.09
CA PHE E 4273 -13.96 -12.51 83.13
C PHE E 4273 -15.49 -12.27 83.19
N VAL E 4274 -15.98 -11.46 84.15
CA VAL E 4274 -17.42 -11.11 84.23
C VAL E 4274 -17.73 -9.61 84.06
N ILE E 4275 -17.04 -8.73 84.80
CA ILE E 4275 -17.31 -7.28 84.75
C ILE E 4275 -16.52 -6.58 83.62
N VAL E 4276 -15.23 -6.90 83.47
CA VAL E 4276 -14.35 -6.20 82.51
C VAL E 4276 -14.53 -6.69 81.06
N ILE E 4277 -14.42 -8.01 80.86
CA ILE E 4277 -14.48 -8.60 79.50
C ILE E 4277 -15.91 -8.59 78.95
N LEU E 4278 -16.88 -9.11 79.70
CA LEU E 4278 -18.24 -9.37 79.20
C LEU E 4278 -19.09 -8.10 78.97
N LEU E 4279 -18.89 -7.06 79.79
CA LEU E 4279 -19.55 -5.76 79.57
C LEU E 4279 -18.93 -5.01 78.38
N ALA E 4280 -17.62 -5.18 78.18
CA ALA E 4280 -16.93 -4.62 77.00
C ALA E 4280 -17.38 -5.27 75.68
N ILE E 4281 -17.90 -6.50 75.74
CA ILE E 4281 -18.57 -7.12 74.58
C ILE E 4281 -19.88 -6.38 74.26
N ILE E 4282 -20.67 -6.07 75.29
CA ILE E 4282 -21.97 -5.41 75.09
C ILE E 4282 -21.81 -3.95 74.67
N GLN E 4283 -20.84 -3.24 75.26
CA GLN E 4283 -20.43 -1.92 74.75
C GLN E 4283 -19.87 -2.08 73.34
N GLY E 4284 -18.90 -2.97 73.20
CA GLY E 4284 -18.26 -3.27 71.91
C GLY E 4284 -19.16 -3.77 70.80
N LEU E 4285 -20.29 -4.41 71.16
CA LEU E 4285 -21.30 -4.81 70.17
C LEU E 4285 -22.04 -3.58 69.64
N ILE E 4286 -22.27 -2.59 70.51
CA ILE E 4286 -22.81 -1.29 70.11
C ILE E 4286 -21.77 -0.46 69.33
N ILE E 4287 -20.48 -0.61 69.67
CA ILE E 4287 -19.39 0.00 68.89
C ILE E 4287 -19.25 -0.66 67.51
N ASP E 4288 -19.44 -1.99 67.45
CA ASP E 4288 -19.26 -2.77 66.22
C ASP E 4288 -20.33 -2.51 65.14
N ALA E 4289 -21.59 -2.34 65.55
CA ALA E 4289 -22.74 -2.32 64.62
C ALA E 4289 -22.87 -1.06 63.75
N PHE E 4290 -22.48 0.11 64.28
CA PHE E 4290 -22.49 1.36 63.49
C PHE E 4290 -21.57 1.30 62.26
N GLY E 4291 -20.51 0.49 62.33
CA GLY E 4291 -19.61 0.26 61.20
C GLY E 4291 -20.23 -0.52 60.05
N GLU E 4292 -20.86 -1.65 60.35
CA GLU E 4292 -21.45 -2.54 59.33
C GLU E 4292 -22.67 -1.92 58.62
N LEU E 4293 -23.46 -1.14 59.35
CA LEU E 4293 -24.60 -0.42 58.78
C LEU E 4293 -24.13 0.71 57.84
N ARG E 4294 -23.00 1.35 58.17
CA ARG E 4294 -22.40 2.37 57.31
C ARG E 4294 -21.36 1.84 56.30
N ASP E 4295 -20.87 0.61 56.49
CA ASP E 4295 -20.01 -0.05 55.49
C ASP E 4295 -20.82 -0.36 54.21
N GLN E 4296 -22.08 -0.79 54.39
CA GLN E 4296 -23.07 -0.90 53.29
C GLN E 4296 -23.32 0.47 52.60
N GLN E 4297 -23.42 1.54 53.40
CA GLN E 4297 -23.51 2.94 52.91
C GLN E 4297 -22.26 3.37 52.11
N GLU E 4298 -21.06 2.92 52.54
CA GLU E 4298 -19.78 3.22 51.85
C GLU E 4298 -19.70 2.58 50.44
N GLN E 4299 -20.07 1.30 50.35
CA GLN E 4299 -20.11 0.57 49.06
C GLN E 4299 -21.13 1.16 48.06
N VAL E 4300 -22.31 1.59 48.57
CA VAL E 4300 -23.33 2.21 47.70
C VAL E 4300 -22.90 3.60 47.16
N LYS E 4301 -22.31 4.44 48.02
CA LYS E 4301 -21.80 5.77 47.60
C LYS E 4301 -20.64 5.68 46.59
N GLU E 4302 -19.74 4.70 46.76
CA GLU E 4302 -18.58 4.53 45.85
C GLU E 4302 -18.99 3.98 44.46
N ASP E 4303 -19.86 2.97 44.42
CA ASP E 4303 -20.38 2.43 43.13
C ASP E 4303 -21.27 3.46 42.38
N MET E 4304 -21.95 4.37 43.08
CA MET E 4304 -22.64 5.52 42.44
C MET E 4304 -21.66 6.56 41.86
N GLU E 4305 -20.53 6.81 42.56
CA GLU E 4305 -19.49 7.76 42.10
C GLU E 4305 -18.69 7.28 40.85
N THR E 4306 -18.56 5.95 40.67
CA THR E 4306 -17.82 5.33 39.53
C THR E 4306 -18.75 4.68 38.46
N LYS E 4307 -19.23 3.46 38.75
CA LYS E 4307 -20.06 2.66 37.83
C LYS E 4307 -21.46 3.29 37.57
N CYS E 4308 -21.91 3.32 36.32
CA CYS E 4308 -23.32 3.70 36.01
C CYS E 4308 -24.27 2.60 36.51
N PHE E 4309 -25.46 2.97 37.03
CA PHE E 4309 -26.44 1.97 37.55
C PHE E 4309 -26.97 1.00 36.46
N ILE E 4310 -27.06 1.48 35.20
CA ILE E 4310 -27.68 0.75 34.08
C ILE E 4310 -26.63 0.03 33.18
N CYS E 4311 -25.88 0.80 32.39
CA CYS E 4311 -24.84 0.24 31.48
C CYS E 4311 -23.58 -0.28 32.23
N GLY E 4312 -23.29 0.28 33.41
CA GLY E 4312 -22.04 -0.01 34.13
C GLY E 4312 -20.85 0.84 33.67
N ILE E 4313 -19.94 0.22 32.90
CA ILE E 4313 -18.75 0.88 32.28
C ILE E 4313 -17.75 1.47 33.31
N GLY E 4314 -18.16 2.54 34.01
CA GLY E 4314 -17.32 3.22 35.01
C GLY E 4314 -16.97 4.67 34.65
N ASN E 4315 -16.74 5.48 35.68
CA ASN E 4315 -16.52 6.94 35.56
C ASN E 4315 -15.25 7.34 34.77
N ASP E 4316 -14.19 6.51 34.83
CA ASP E 4316 -12.90 6.80 34.15
C ASP E 4316 -13.01 7.01 32.61
N TYR E 4317 -13.88 6.24 31.95
CA TYR E 4317 -14.09 6.36 30.49
C TYR E 4317 -14.80 7.67 30.05
N PHE E 4318 -15.80 8.12 30.83
CA PHE E 4318 -16.66 9.29 30.46
C PHE E 4318 -16.07 10.68 30.83
N ASP E 4319 -14.96 10.71 31.58
CA ASP E 4319 -14.20 11.95 31.87
C ASP E 4319 -13.32 12.43 30.68
N THR E 4320 -13.04 11.55 29.71
CA THR E 4320 -12.16 11.84 28.55
C THR E 4320 -12.69 12.99 27.65
N VAL E 4321 -14.02 13.06 27.50
CA VAL E 4321 -14.71 14.27 26.97
C VAL E 4321 -14.96 15.22 28.17
N PRO E 4322 -14.84 16.57 27.95
CA PRO E 4322 -15.05 17.51 29.08
C PRO E 4322 -16.49 17.50 29.66
N HIS E 4323 -16.60 17.57 31.00
CA HIS E 4323 -17.90 17.67 31.72
C HIS E 4323 -18.90 16.52 31.34
N GLY E 4324 -18.35 15.36 30.96
CA GLY E 4324 -19.12 14.28 30.29
C GLY E 4324 -19.94 13.27 31.09
N PHE E 4325 -19.47 12.87 32.28
CA PHE E 4325 -20.18 11.85 33.12
C PHE E 4325 -21.56 12.31 33.62
N GLU E 4326 -21.68 13.59 33.97
CA GLU E 4326 -22.96 14.21 34.39
C GLU E 4326 -24.05 14.15 33.28
N THR E 4327 -23.63 14.31 32.02
CA THR E 4327 -24.52 14.14 30.84
C THR E 4327 -24.90 12.65 30.58
N HIS E 4328 -23.94 11.72 30.80
CA HIS E 4328 -24.20 10.26 30.67
C HIS E 4328 -25.24 9.76 31.71
N THR E 4329 -25.31 10.41 32.88
CA THR E 4329 -26.41 10.17 33.85
C THR E 4329 -27.70 10.87 33.38
N LEU E 4330 -27.73 12.21 33.47
CA LEU E 4330 -28.95 13.04 33.29
C LEU E 4330 -29.65 12.93 31.90
N GLN E 4331 -28.89 12.62 30.84
CA GLN E 4331 -29.44 12.47 29.47
C GLN E 4331 -29.55 11.00 29.00
N GLU E 4332 -28.42 10.27 29.02
CA GLU E 4332 -28.35 8.89 28.48
C GLU E 4332 -29.15 7.83 29.30
N HIS E 4333 -29.24 7.98 30.63
CA HIS E 4333 -29.84 6.94 31.53
C HIS E 4333 -30.78 7.51 32.62
N ASN E 4334 -30.25 8.40 33.47
CA ASN E 4334 -30.91 9.00 34.68
C ASN E 4334 -32.02 8.17 35.35
N LEU E 4335 -31.81 6.84 35.41
CA LEU E 4335 -32.68 5.88 36.12
C LEU E 4335 -34.20 5.98 35.84
N ALA E 4336 -34.78 7.14 36.15
CA ALA E 4336 -36.22 7.46 35.95
C ALA E 4336 -36.77 7.36 34.50
N ASN E 4337 -35.96 7.71 33.48
CA ASN E 4337 -36.43 7.67 32.06
C ASN E 4337 -36.83 6.24 31.57
N TYR E 4338 -36.16 5.21 32.10
CA TYR E 4338 -36.57 3.81 31.86
C TYR E 4338 -37.96 3.52 32.48
N LEU E 4339 -38.26 4.15 33.63
CA LEU E 4339 -39.58 4.02 34.31
C LEU E 4339 -40.74 4.61 33.45
N PHE E 4340 -40.55 5.84 32.97
CA PHE E 4340 -41.58 6.52 32.14
C PHE E 4340 -41.85 5.81 30.78
N PHE E 4341 -40.81 5.15 30.23
CA PHE E 4341 -40.98 4.28 29.03
C PHE E 4341 -42.02 3.17 29.26
N LEU E 4342 -42.09 2.66 30.50
CA LEU E 4342 -43.19 1.76 30.93
C LEU E 4342 -44.55 2.51 31.06
N MET E 4343 -44.55 3.78 31.52
CA MET E 4343 -45.81 4.59 31.57
C MET E 4343 -46.53 4.55 30.20
N TYR E 4344 -45.76 4.89 29.16
CA TYR E 4344 -46.21 4.93 27.74
C TYR E 4344 -46.55 3.57 27.13
N LEU E 4345 -45.71 2.56 27.36
CA LEU E 4345 -45.95 1.20 26.84
C LEU E 4345 -47.28 0.61 27.40
N ILE E 4346 -47.65 1.02 28.62
CA ILE E 4346 -49.01 0.76 29.17
C ILE E 4346 -50.08 1.66 28.48
N ASN E 4347 -49.76 2.95 28.27
CA ASN E 4347 -50.74 3.97 27.77
C ASN E 4347 -51.07 4.00 26.25
N LYS E 4348 -50.28 3.32 25.40
CA LYS E 4348 -50.56 3.20 23.94
C LYS E 4348 -51.75 2.26 23.63
N ASP E 4349 -52.50 2.58 22.56
CA ASP E 4349 -53.48 1.65 21.97
C ASP E 4349 -52.72 0.47 21.34
N GLU E 4350 -53.27 -0.74 21.43
CA GLU E 4350 -52.62 -2.00 20.95
C GLU E 4350 -52.22 -1.95 19.45
N THR E 4351 -53.10 -1.35 18.62
CA THR E 4351 -52.84 -1.14 17.18
C THR E 4351 -51.77 -0.03 16.94
N GLU E 4352 -51.67 0.94 17.86
CA GLU E 4352 -50.77 2.12 17.72
C GLU E 4352 -49.26 1.91 18.01
N HIS E 4353 -48.86 0.77 18.58
CA HIS E 4353 -47.43 0.46 18.89
C HIS E 4353 -46.52 0.49 17.62
N THR E 4354 -45.37 1.18 17.73
CA THR E 4354 -44.31 1.18 16.69
C THR E 4354 -43.53 -0.16 16.73
N GLY E 4355 -42.85 -0.53 15.63
CA GLY E 4355 -42.13 -1.82 15.52
C GLY E 4355 -41.15 -2.15 16.64
N GLN E 4356 -40.40 -1.13 17.09
CA GLN E 4356 -39.57 -1.23 18.32
C GLN E 4356 -40.42 -1.34 19.60
N GLU E 4357 -41.45 -0.49 19.75
CA GLU E 4357 -42.35 -0.52 20.93
C GLU E 4357 -43.24 -1.81 20.99
N SER E 4358 -43.67 -2.33 19.84
CA SER E 4358 -44.37 -3.64 19.77
C SER E 4358 -43.41 -4.81 20.12
N TYR E 4359 -42.14 -4.68 19.71
CA TYR E 4359 -41.08 -5.68 20.01
C TYR E 4359 -40.73 -5.72 21.51
N VAL E 4360 -40.49 -4.56 22.12
CA VAL E 4360 -40.18 -4.46 23.57
C VAL E 4360 -41.39 -4.81 24.46
N TRP E 4361 -42.62 -4.57 23.99
CA TRP E 4361 -43.85 -5.04 24.69
C TRP E 4361 -44.00 -6.59 24.63
N LYS E 4362 -43.50 -7.20 23.54
CA LYS E 4362 -43.42 -8.68 23.39
C LYS E 4362 -42.35 -9.30 24.34
N MET E 4363 -41.17 -8.67 24.41
CA MET E 4363 -40.04 -9.09 25.30
C MET E 4363 -40.37 -8.85 26.80
N TYR E 4364 -41.25 -7.87 27.08
CA TYR E 4364 -41.73 -7.51 28.45
C TYR E 4364 -42.79 -8.49 28.98
N GLN E 4365 -43.79 -8.83 28.16
CA GLN E 4365 -44.89 -9.70 28.60
C GLN E 4365 -44.40 -11.17 28.86
N GLU E 4366 -43.38 -11.59 28.12
CA GLU E 4366 -42.72 -12.91 28.30
C GLU E 4366 -41.56 -12.87 29.36
N ARG E 4367 -41.18 -11.65 29.80
CA ARG E 4367 -40.11 -11.42 30.81
C ARG E 4367 -38.71 -11.86 30.30
N CYS E 4368 -38.34 -11.41 29.09
CA CYS E 4368 -37.02 -11.76 28.47
C CYS E 4368 -35.81 -11.03 29.11
N TRP E 4369 -35.94 -9.71 29.29
CA TRP E 4369 -34.97 -8.84 30.03
C TRP E 4369 -33.49 -8.80 29.52
N GLU E 4370 -33.29 -8.88 28.20
CA GLU E 4370 -31.96 -8.63 27.58
C GLU E 4370 -31.76 -7.19 27.05
N PHE E 4371 -32.87 -6.45 26.89
CA PHE E 4371 -32.88 -5.17 26.10
C PHE E 4371 -32.23 -3.91 26.75
N PHE E 4372 -31.91 -3.97 28.05
CA PHE E 4372 -31.09 -2.93 28.72
C PHE E 4372 -29.65 -2.93 28.17
N PRO E 4373 -29.02 -1.71 28.02
CA PRO E 4373 -27.57 -1.73 27.87
C PRO E 4373 -26.86 -2.30 29.12
N ALA E 4374 -25.80 -3.09 28.91
CA ALA E 4374 -24.89 -3.53 29.98
C ALA E 4374 -23.44 -3.10 29.67
N GLY E 4375 -23.29 -2.02 28.89
CA GLY E 4375 -21.98 -1.40 28.59
C GLY E 4375 -21.68 -1.16 27.11
N ASP E 4376 -22.58 -0.43 26.43
CA ASP E 4376 -22.45 -0.14 24.98
C ASP E 4376 -22.52 1.38 24.66
N CYS E 4377 -23.69 2.00 24.87
CA CYS E 4377 -23.96 3.45 24.65
C CYS E 4377 -23.54 4.09 23.28
N PHE E 4378 -24.10 5.27 22.98
CA PHE E 4378 -23.92 5.96 21.68
C PHE E 4378 -22.46 6.43 21.42
N ARG E 4379 -21.88 7.13 22.40
CA ARG E 4379 -20.50 7.68 22.31
C ARG E 4379 -19.39 6.61 22.15
N LYS E 4380 -19.49 5.52 22.94
CA LYS E 4380 -18.64 4.32 22.77
C LYS E 4380 -18.84 3.62 21.40
N GLN E 4381 -20.10 3.62 20.93
CA GLN E 4381 -20.46 3.04 19.62
C GLN E 4381 -19.81 3.76 18.41
N TYR E 4382 -19.61 5.08 18.51
CA TYR E 4382 -19.16 5.94 17.37
C TYR E 4382 -17.94 6.85 17.64
N GLU E 4383 -17.99 7.62 18.74
CA GLU E 4383 -17.00 8.69 19.05
C GLU E 4383 -16.88 9.74 17.93
N GLY F 52 -104.90 -34.17 -62.86
CA GLY F 52 -105.79 -33.44 -61.91
C GLY F 52 -106.23 -34.26 -60.70
N VAL F 53 -107.31 -33.82 -60.04
CA VAL F 53 -107.86 -34.51 -58.85
C VAL F 53 -108.50 -35.85 -59.26
N GLU F 54 -108.31 -36.89 -58.43
CA GLU F 54 -108.79 -38.26 -58.70
C GLU F 54 -109.61 -38.84 -57.52
N ILE F 55 -110.91 -38.54 -57.50
CA ILE F 55 -111.81 -38.99 -56.41
C ILE F 55 -112.03 -40.52 -56.50
N GLU F 56 -111.92 -41.20 -55.35
CA GLU F 56 -112.35 -42.61 -55.19
C GLU F 56 -113.32 -42.68 -54.00
N THR F 57 -114.59 -43.03 -54.24
CA THR F 57 -115.59 -43.14 -53.16
C THR F 57 -115.25 -44.36 -52.25
N ILE F 58 -115.26 -44.16 -50.93
CA ILE F 58 -114.99 -45.19 -49.90
C ILE F 58 -116.37 -45.72 -49.39
N SER F 59 -117.16 -44.82 -48.80
CA SER F 59 -118.59 -45.05 -48.51
C SER F 59 -119.39 -43.83 -49.02
N PRO F 60 -120.35 -44.02 -49.96
CA PRO F 60 -121.12 -42.86 -50.51
C PRO F 60 -122.08 -42.15 -49.50
N GLY F 61 -122.23 -40.83 -49.63
CA GLY F 61 -123.04 -40.00 -48.71
C GLY F 61 -124.49 -39.87 -49.14
N ASP F 62 -125.10 -38.70 -48.90
CA ASP F 62 -126.48 -38.40 -49.36
C ASP F 62 -126.64 -38.35 -50.91
N GLY F 63 -125.55 -37.99 -51.61
CA GLY F 63 -125.56 -37.78 -53.06
C GLY F 63 -126.35 -36.55 -53.50
N ARG F 64 -126.38 -35.51 -52.64
CA ARG F 64 -127.14 -34.27 -52.94
C ARG F 64 -126.49 -32.95 -52.44
N THR F 65 -126.44 -32.72 -51.12
CA THR F 65 -125.92 -31.45 -50.53
C THR F 65 -124.37 -31.34 -50.61
N PHE F 66 -123.85 -30.75 -51.69
CA PHE F 66 -122.41 -30.43 -51.85
C PHE F 66 -122.05 -29.13 -51.06
N PRO F 67 -120.78 -28.98 -50.60
CA PRO F 67 -120.35 -27.68 -50.00
C PRO F 67 -120.52 -26.47 -50.96
N LYS F 68 -121.29 -25.47 -50.53
CA LYS F 68 -121.50 -24.22 -51.30
C LYS F 68 -120.37 -23.20 -50.98
N LYS F 69 -120.41 -22.04 -51.64
CA LYS F 69 -119.47 -20.94 -51.33
C LYS F 69 -119.74 -20.35 -49.92
N GLY F 70 -118.69 -20.21 -49.11
CA GLY F 70 -118.79 -19.64 -47.74
C GLY F 70 -119.23 -20.55 -46.60
N GLN F 71 -119.58 -21.81 -46.89
CA GLN F 71 -120.04 -22.78 -45.86
C GLN F 71 -118.86 -23.33 -44.99
N THR F 72 -119.10 -23.46 -43.68
CA THR F 72 -118.11 -24.01 -42.70
C THR F 72 -118.13 -25.56 -42.69
N CYS F 73 -117.24 -26.18 -43.48
CA CYS F 73 -117.06 -27.66 -43.50
C CYS F 73 -116.53 -28.20 -42.16
N VAL F 74 -117.17 -29.25 -41.62
CA VAL F 74 -116.72 -29.97 -40.41
C VAL F 74 -116.37 -31.43 -40.81
N VAL F 75 -115.08 -31.77 -40.66
CA VAL F 75 -114.44 -32.92 -41.32
C VAL F 75 -113.42 -33.63 -40.41
N HIS F 76 -113.58 -34.95 -40.23
CA HIS F 76 -112.48 -35.82 -39.78
C HIS F 76 -111.59 -36.17 -41.00
N TYR F 77 -110.28 -36.24 -40.78
CA TYR F 77 -109.31 -36.44 -41.88
C TYR F 77 -107.97 -37.02 -41.41
N THR F 78 -107.26 -37.64 -42.35
CA THR F 78 -105.94 -38.26 -42.14
C THR F 78 -105.13 -38.11 -43.44
N GLY F 79 -104.08 -37.28 -43.40
CA GLY F 79 -103.26 -36.94 -44.58
C GLY F 79 -102.00 -37.78 -44.81
N MET F 80 -101.85 -38.30 -46.04
CA MET F 80 -100.74 -39.23 -46.42
C MET F 80 -99.97 -38.80 -47.70
N LEU F 81 -98.65 -39.03 -47.71
CA LEU F 81 -97.77 -38.73 -48.88
C LEU F 81 -97.85 -39.86 -49.96
N GLN F 82 -97.10 -39.72 -51.05
CA GLN F 82 -97.17 -40.63 -52.21
C GLN F 82 -96.79 -42.09 -51.87
N ASN F 83 -97.76 -42.82 -51.33
CA ASN F 83 -97.69 -44.26 -51.05
C ASN F 83 -96.70 -44.68 -49.96
N GLY F 84 -97.24 -45.29 -48.89
CA GLY F 84 -96.44 -45.99 -47.89
C GLY F 84 -96.26 -45.32 -46.53
N LYS F 85 -96.65 -44.05 -46.38
CA LYS F 85 -96.40 -43.29 -45.13
C LYS F 85 -97.26 -42.02 -44.94
N LYS F 86 -97.86 -41.88 -43.74
CA LYS F 86 -98.76 -40.74 -43.38
C LYS F 86 -98.00 -39.53 -42.78
N PHE F 87 -98.61 -38.34 -42.82
CA PHE F 87 -98.08 -37.12 -42.13
C PHE F 87 -99.04 -36.45 -41.10
N ASP F 88 -100.34 -36.76 -41.12
CA ASP F 88 -101.32 -36.13 -40.20
C ASP F 88 -102.60 -36.98 -40.02
N SER F 89 -103.16 -36.99 -38.80
CA SER F 89 -104.48 -37.60 -38.51
C SER F 89 -105.33 -36.73 -37.58
N SER F 90 -106.47 -36.24 -38.08
CA SER F 90 -107.48 -35.57 -37.25
C SER F 90 -108.30 -36.54 -36.39
N ARG F 91 -108.56 -37.76 -36.87
CA ARG F 91 -109.28 -38.81 -36.08
C ARG F 91 -108.49 -39.31 -34.84
N ASP F 92 -107.21 -39.66 -35.03
CA ASP F 92 -106.36 -40.13 -33.92
C ASP F 92 -106.33 -39.12 -32.75
N ARG F 93 -106.34 -37.82 -33.08
CA ARG F 93 -106.52 -36.75 -32.06
C ARG F 93 -108.00 -36.55 -31.64
N ASN F 94 -108.94 -37.03 -32.48
CA ASN F 94 -110.42 -37.06 -32.19
C ASN F 94 -111.14 -35.68 -32.21
N LYS F 95 -110.43 -34.60 -32.56
CA LYS F 95 -111.05 -33.27 -32.79
C LYS F 95 -111.44 -33.09 -34.29
N PRO F 96 -112.75 -32.79 -34.58
CA PRO F 96 -113.10 -32.39 -35.96
C PRO F 96 -112.40 -31.08 -36.43
N PHE F 97 -112.04 -31.03 -37.72
CA PHE F 97 -111.36 -29.88 -38.35
C PHE F 97 -112.39 -28.97 -39.08
N LYS F 98 -112.25 -27.64 -38.90
CA LYS F 98 -113.17 -26.63 -39.47
C LYS F 98 -112.49 -25.72 -40.53
N PHE F 99 -113.05 -25.68 -41.75
CA PHE F 99 -112.51 -24.86 -42.87
C PHE F 99 -113.61 -24.34 -43.85
N ARG F 100 -113.52 -23.06 -44.21
CA ARG F 100 -114.46 -22.44 -45.17
C ARG F 100 -114.08 -22.83 -46.62
N ILE F 101 -115.10 -23.11 -47.44
CA ILE F 101 -114.94 -23.32 -48.90
C ILE F 101 -115.08 -21.97 -49.65
N GLY F 102 -114.23 -21.75 -50.66
CA GLY F 102 -114.26 -20.53 -51.49
C GLY F 102 -113.26 -19.46 -51.08
N LYS F 103 -113.09 -19.23 -49.76
CA LYS F 103 -112.19 -18.19 -49.21
C LYS F 103 -110.70 -18.59 -49.13
N GLN F 104 -110.39 -19.88 -49.38
CA GLN F 104 -108.99 -20.40 -49.46
C GLN F 104 -108.21 -20.29 -48.12
N GLU F 105 -108.79 -20.84 -47.04
CA GLU F 105 -108.10 -20.98 -45.71
C GLU F 105 -107.14 -22.20 -45.62
N VAL F 106 -107.27 -23.15 -46.57
CA VAL F 106 -106.44 -24.37 -46.68
C VAL F 106 -105.78 -24.48 -48.09
N ILE F 107 -104.97 -25.52 -48.31
CA ILE F 107 -104.38 -25.83 -49.65
C ILE F 107 -105.48 -26.14 -50.71
N LYS F 108 -105.23 -25.78 -51.97
CA LYS F 108 -106.24 -25.82 -53.07
C LYS F 108 -106.94 -27.19 -53.30
N GLY F 109 -106.15 -28.27 -53.28
CA GLY F 109 -106.68 -29.64 -53.45
C GLY F 109 -107.59 -30.12 -52.32
N PHE F 110 -107.20 -29.77 -51.08
CA PHE F 110 -108.00 -30.00 -49.85
C PHE F 110 -109.37 -29.27 -49.87
N GLU F 111 -109.37 -28.05 -50.43
CA GLU F 111 -110.59 -27.21 -50.57
C GLU F 111 -111.53 -27.68 -51.70
N GLU F 112 -110.96 -28.07 -52.84
CA GLU F 112 -111.73 -28.33 -54.10
C GLU F 112 -112.22 -29.78 -54.25
N GLY F 113 -111.42 -30.74 -53.78
CA GLY F 113 -111.86 -32.14 -53.63
C GLY F 113 -113.00 -32.32 -52.62
N ALA F 114 -112.93 -31.59 -51.50
CA ALA F 114 -114.01 -31.55 -50.49
C ALA F 114 -115.34 -31.02 -51.08
N ALA F 115 -115.25 -29.94 -51.85
CA ALA F 115 -116.43 -29.27 -52.48
C ALA F 115 -117.19 -30.18 -53.49
N GLN F 116 -116.45 -31.04 -54.20
CA GLN F 116 -117.08 -31.99 -55.15
C GLN F 116 -117.70 -33.24 -54.45
N MET F 117 -117.31 -33.50 -53.20
CA MET F 117 -117.88 -34.61 -52.38
C MET F 117 -119.23 -34.24 -51.71
N SER F 118 -119.98 -35.27 -51.28
CA SER F 118 -121.32 -35.12 -50.65
C SER F 118 -121.30 -35.18 -49.09
N LEU F 119 -122.38 -34.73 -48.45
CA LEU F 119 -122.53 -34.78 -46.98
C LEU F 119 -122.66 -36.23 -46.47
N GLY F 120 -121.90 -36.57 -45.41
CA GLY F 120 -121.82 -37.94 -44.87
C GLY F 120 -120.94 -38.92 -45.67
N GLN F 121 -120.33 -38.45 -46.77
CA GLN F 121 -119.45 -39.27 -47.63
C GLN F 121 -118.04 -39.41 -47.01
N ARG F 122 -117.49 -40.64 -47.10
CA ARG F 122 -116.05 -40.92 -46.94
C ARG F 122 -115.46 -41.20 -48.33
N ALA F 123 -114.32 -40.58 -48.66
CA ALA F 123 -113.67 -40.74 -49.99
C ALA F 123 -112.14 -40.52 -49.94
N LYS F 124 -111.43 -41.17 -50.87
CA LYS F 124 -109.96 -41.03 -51.08
C LYS F 124 -109.63 -40.04 -52.23
N LEU F 125 -108.84 -39.01 -51.92
CA LEU F 125 -108.46 -37.95 -52.88
C LEU F 125 -106.97 -38.09 -53.30
N THR F 126 -106.74 -38.75 -54.45
CA THR F 126 -105.39 -38.92 -55.04
C THR F 126 -105.04 -37.71 -55.95
N CYS F 127 -104.90 -36.53 -55.33
CA CYS F 127 -104.68 -35.26 -56.07
C CYS F 127 -103.26 -35.12 -56.66
N THR F 128 -103.16 -34.66 -57.91
CA THR F 128 -101.86 -34.51 -58.60
C THR F 128 -101.04 -33.29 -58.09
N PRO F 129 -99.67 -33.39 -58.14
CA PRO F 129 -98.77 -32.36 -57.54
C PRO F 129 -99.00 -30.89 -57.99
N ASP F 130 -99.46 -30.67 -59.23
CA ASP F 130 -99.74 -29.31 -59.77
C ASP F 130 -100.80 -28.50 -58.96
N VAL F 131 -101.78 -29.21 -58.38
CA VAL F 131 -102.73 -28.59 -57.43
C VAL F 131 -102.46 -29.07 -55.98
N ALA F 132 -101.18 -29.33 -55.68
CA ALA F 132 -100.71 -29.78 -54.35
C ALA F 132 -99.57 -28.85 -53.82
N TYR F 133 -98.74 -29.33 -52.89
CA TYR F 133 -97.58 -28.56 -52.34
C TYR F 133 -96.45 -28.38 -53.40
N GLY F 134 -96.27 -29.39 -54.26
CA GLY F 134 -95.44 -29.26 -55.48
C GLY F 134 -93.91 -29.27 -55.34
N ALA F 135 -93.24 -28.54 -56.24
CA ALA F 135 -91.77 -28.68 -56.49
C ALA F 135 -90.89 -28.16 -55.33
N THR F 136 -91.24 -26.99 -54.78
CA THR F 136 -90.60 -26.50 -53.53
C THR F 136 -91.18 -27.31 -52.33
N GLY F 137 -92.51 -27.45 -52.30
CA GLY F 137 -93.24 -28.07 -51.18
C GLY F 137 -93.37 -27.11 -50.01
N HIS F 138 -94.06 -27.53 -48.94
CA HIS F 138 -94.17 -26.71 -47.71
C HIS F 138 -92.84 -26.77 -46.91
N PRO F 139 -92.18 -25.59 -46.66
CA PRO F 139 -90.85 -25.55 -45.99
C PRO F 139 -90.80 -26.29 -44.63
N GLY F 140 -89.89 -27.25 -44.50
CA GLY F 140 -89.78 -28.11 -43.30
C GLY F 140 -90.73 -29.31 -43.21
N VAL F 141 -91.91 -29.21 -43.84
CA VAL F 141 -93.02 -30.19 -43.66
C VAL F 141 -93.12 -31.17 -44.86
N ILE F 142 -93.61 -30.67 -46.00
CA ILE F 142 -93.97 -31.49 -47.17
C ILE F 142 -92.82 -31.47 -48.22
N PRO F 143 -92.25 -32.66 -48.58
CA PRO F 143 -91.12 -32.74 -49.53
C PRO F 143 -91.48 -32.44 -51.02
N PRO F 144 -90.46 -32.09 -51.85
CA PRO F 144 -90.59 -31.88 -53.32
C PRO F 144 -91.24 -33.04 -54.14
N ASN F 145 -92.06 -32.67 -55.15
CA ASN F 145 -92.61 -33.57 -56.19
C ASN F 145 -93.38 -34.82 -55.68
N ALA F 146 -94.56 -34.57 -55.09
CA ALA F 146 -95.36 -35.61 -54.41
C ALA F 146 -96.88 -35.51 -54.71
N THR F 147 -97.42 -36.54 -55.38
CA THR F 147 -98.89 -36.77 -55.46
C THR F 147 -99.44 -37.04 -54.04
N LEU F 148 -100.52 -36.34 -53.65
CA LEU F 148 -101.12 -36.44 -52.29
C LEU F 148 -102.28 -37.45 -52.22
N ILE F 149 -102.50 -37.99 -51.00
CA ILE F 149 -103.56 -38.96 -50.69
C ILE F 149 -104.32 -38.57 -49.40
N PHE F 150 -105.55 -38.04 -49.54
CA PHE F 150 -106.39 -37.61 -48.39
C PHE F 150 -107.56 -38.59 -48.07
N ASP F 151 -107.69 -38.99 -46.80
CA ASP F 151 -108.82 -39.82 -46.28
C ASP F 151 -109.91 -38.89 -45.67
N VAL F 152 -110.62 -38.18 -46.55
CA VAL F 152 -111.64 -37.16 -46.15
C VAL F 152 -112.97 -37.83 -45.71
N GLU F 153 -113.62 -37.26 -44.67
CA GLU F 153 -114.96 -37.70 -44.18
C GLU F 153 -115.83 -36.48 -43.75
N LEU F 154 -116.79 -36.09 -44.60
CA LEU F 154 -117.60 -34.86 -44.38
C LEU F 154 -118.73 -35.05 -43.33
N LEU F 155 -118.43 -34.73 -42.06
CA LEU F 155 -119.37 -34.89 -40.92
C LEU F 155 -120.63 -34.01 -41.05
N ASN F 156 -120.43 -32.68 -41.18
CA ASN F 156 -121.54 -31.71 -41.20
C ASN F 156 -121.19 -30.32 -41.82
N LEU F 157 -121.98 -29.90 -42.82
CA LEU F 157 -121.89 -28.54 -43.40
C LEU F 157 -122.61 -27.51 -42.49
N GLU F 158 -121.99 -26.34 -42.27
CA GLU F 158 -122.58 -25.23 -41.47
C GLU F 158 -122.24 -23.84 -42.06
N GLU G 10 27.21 -7.86 3.43
CA GLU G 10 28.45 -7.23 2.89
C GLU G 10 29.41 -8.27 2.31
N ILE G 11 29.74 -9.29 3.11
CA ILE G 11 30.65 -10.38 2.69
C ILE G 11 30.31 -11.72 3.37
N GLN G 12 30.78 -12.82 2.78
CA GLN G 12 30.59 -14.18 3.30
C GLN G 12 31.87 -14.73 3.93
N PHE G 13 31.72 -15.80 4.72
CA PHE G 13 32.85 -16.60 5.22
C PHE G 13 32.63 -18.07 4.91
N LEU G 14 33.72 -18.80 4.69
CA LEU G 14 33.67 -20.24 4.47
C LEU G 14 33.97 -20.94 5.80
N ARG G 15 32.93 -21.49 6.43
CA ARG G 15 33.07 -22.27 7.67
C ARG G 15 33.46 -23.72 7.37
N THR G 16 33.73 -24.49 8.42
CA THR G 16 33.94 -25.94 8.29
C THR G 16 32.60 -26.62 8.04
N ASP G 17 32.68 -27.86 7.52
CA ASP G 17 31.51 -28.68 7.20
C ASP G 17 30.63 -28.07 6.09
N ASP G 18 31.27 -27.65 5.00
CA ASP G 18 30.56 -27.22 3.78
C ASP G 18 31.40 -27.49 2.53
N GLU G 19 30.72 -27.58 1.38
CA GLU G 19 31.36 -27.93 0.11
C GLU G 19 31.86 -26.69 -0.64
N VAL G 20 33.01 -26.83 -1.30
CA VAL G 20 33.63 -25.75 -2.07
C VAL G 20 34.29 -26.29 -3.34
N VAL G 21 34.62 -25.38 -4.26
CA VAL G 21 35.37 -25.71 -5.49
C VAL G 21 36.47 -24.68 -5.73
N LEU G 22 37.63 -25.16 -6.15
CA LEU G 22 38.82 -24.32 -6.36
C LEU G 22 39.06 -24.12 -7.86
N GLN G 23 38.68 -22.94 -8.36
CA GLN G 23 38.81 -22.59 -9.78
C GLN G 23 40.18 -21.96 -10.04
N CYS G 24 40.81 -22.29 -11.16
CA CYS G 24 42.12 -21.73 -11.54
C CYS G 24 42.28 -21.60 -13.07
N THR G 25 43.09 -20.61 -13.47
CA THR G 25 43.29 -20.29 -14.89
C THR G 25 44.50 -20.99 -15.49
N ALA G 26 44.26 -22.10 -16.20
CA ALA G 26 45.27 -22.75 -17.02
C ALA G 26 45.25 -22.07 -18.39
N THR G 27 46.37 -21.44 -18.77
CA THR G 27 46.46 -20.72 -20.04
C THR G 27 46.78 -21.67 -21.19
N ILE G 28 45.74 -22.11 -21.89
CA ILE G 28 45.87 -22.93 -23.09
C ILE G 28 45.51 -22.10 -24.32
N HIS G 29 46.40 -22.09 -25.30
CA HIS G 29 46.23 -21.33 -26.56
C HIS G 29 46.02 -19.81 -26.36
N LYS G 30 46.75 -19.24 -25.40
CA LYS G 30 46.74 -17.80 -25.13
C LYS G 30 45.34 -17.24 -24.83
N GLU G 31 44.59 -17.98 -24.00
CA GLU G 31 43.25 -17.57 -23.59
C GLU G 31 43.01 -17.90 -22.12
N GLN G 32 42.19 -17.10 -21.47
CA GLN G 32 41.94 -17.19 -20.04
C GLN G 32 40.67 -17.99 -19.77
N GLN G 33 40.84 -19.29 -19.51
CA GLN G 33 39.76 -20.21 -19.19
C GLN G 33 39.98 -20.76 -17.79
N LYS G 34 38.93 -20.76 -16.97
CA LYS G 34 39.00 -21.17 -15.57
C LYS G 34 38.60 -22.65 -15.41
N LEU G 35 39.60 -23.51 -15.16
CA LEU G 35 39.38 -24.94 -14.92
C LEU G 35 39.50 -25.26 -13.42
N CYS G 36 39.18 -26.50 -13.04
CA CYS G 36 39.17 -26.93 -11.63
C CYS G 36 39.93 -28.24 -11.40
N LEU G 37 40.27 -28.49 -10.13
CA LEU G 37 40.96 -29.71 -9.71
C LEU G 37 39.97 -30.88 -9.63
N ALA G 38 40.34 -32.01 -10.23
CA ALA G 38 39.52 -33.22 -10.22
C ALA G 38 40.37 -34.48 -10.04
N ALA G 39 39.71 -35.59 -9.74
CA ALA G 39 40.38 -36.89 -9.57
C ALA G 39 39.37 -38.04 -9.68
N GLU G 40 39.77 -39.12 -10.34
CA GLU G 40 38.89 -40.26 -10.60
C GLU G 40 38.78 -41.15 -9.36
N GLY G 41 37.55 -41.60 -9.07
CA GLY G 41 37.27 -42.43 -7.90
C GLY G 41 37.58 -43.90 -8.12
N PHE G 42 36.91 -44.50 -9.11
CA PHE G 42 37.03 -45.93 -9.41
C PHE G 42 37.61 -46.14 -10.80
N GLY G 43 38.90 -45.87 -10.95
CA GLY G 43 39.58 -46.04 -12.24
C GLY G 43 41.04 -45.65 -12.27
N ASN G 44 41.36 -44.47 -11.75
CA ASN G 44 42.74 -43.96 -11.72
C ASN G 44 42.96 -43.09 -10.48
N ARG G 45 44.20 -43.07 -9.98
CA ARG G 45 44.55 -42.34 -8.76
C ARG G 45 44.92 -40.87 -9.02
N LEU G 46 45.54 -40.58 -10.17
CA LEU G 46 46.07 -39.25 -10.47
C LEU G 46 44.99 -38.19 -10.75
N CYS G 47 45.40 -36.92 -10.68
CA CYS G 47 44.52 -35.77 -10.94
C CYS G 47 44.59 -35.30 -12.39
N PHE G 48 43.59 -34.52 -12.79
CA PHE G 48 43.48 -34.01 -14.17
C PHE G 48 42.48 -32.86 -14.28
N LEU G 49 42.47 -32.18 -15.43
CA LEU G 49 41.64 -30.99 -15.65
C LEU G 49 40.31 -31.28 -16.36
N GLU G 50 39.33 -30.41 -16.13
CA GLU G 50 38.06 -30.40 -16.86
C GLU G 50 37.41 -29.03 -16.67
N SER G 51 36.97 -28.41 -17.77
CA SER G 51 36.53 -27.01 -17.76
C SER G 51 35.20 -26.81 -17.02
N THR G 52 35.04 -25.65 -16.38
CA THR G 52 33.90 -25.36 -15.50
C THR G 52 33.20 -24.01 -15.73
N SER G 53 33.98 -22.92 -15.80
CA SER G 53 33.43 -21.56 -15.98
C SER G 53 32.54 -21.45 -17.21
N ASN G 54 33.06 -21.87 -18.36
CA ASN G 54 32.26 -21.97 -19.59
C ASN G 54 31.16 -23.06 -19.50
N SER G 55 30.10 -22.75 -18.77
CA SER G 55 28.99 -23.70 -18.51
C SER G 55 27.98 -23.75 -19.65
N LYS G 56 27.96 -22.74 -20.52
CA LYS G 56 27.02 -22.67 -21.64
C LYS G 56 27.26 -23.72 -22.74
N ASN G 57 28.53 -23.96 -23.06
CA ASN G 57 28.91 -24.94 -24.10
C ASN G 57 29.02 -26.36 -23.53
N VAL G 58 29.97 -26.55 -22.61
CA VAL G 58 30.20 -27.86 -21.96
C VAL G 58 29.82 -27.73 -20.48
N PRO G 59 28.74 -28.41 -20.04
CA PRO G 59 28.36 -28.41 -18.63
C PRO G 59 29.47 -28.94 -17.71
N PRO G 60 29.67 -28.32 -16.53
CA PRO G 60 30.68 -28.80 -15.60
C PRO G 60 30.25 -30.11 -14.96
N ASP G 61 31.15 -31.09 -14.94
CA ASP G 61 30.90 -32.37 -14.26
C ASP G 61 31.02 -32.14 -12.75
N LEU G 62 29.98 -31.57 -12.17
CA LEU G 62 29.98 -31.16 -10.77
C LEU G 62 29.70 -32.37 -9.87
N SER G 63 30.75 -33.14 -9.64
CA SER G 63 30.70 -34.34 -8.80
C SER G 63 32.09 -34.71 -8.30
N ILE G 64 33.00 -34.98 -9.24
CA ILE G 64 34.42 -35.23 -8.95
C ILE G 64 35.18 -33.98 -8.46
N CYS G 65 34.72 -32.80 -8.86
CA CYS G 65 35.43 -31.54 -8.59
C CYS G 65 35.39 -31.05 -7.14
N THR G 66 34.28 -31.30 -6.44
CA THR G 66 34.04 -30.74 -5.11
C THR G 66 34.91 -31.35 -4.01
N PHE G 67 34.98 -30.64 -2.88
CA PHE G 67 35.75 -31.07 -1.72
C PHE G 67 35.00 -30.78 -0.41
N VAL G 68 34.89 -31.78 0.45
CA VAL G 68 34.27 -31.65 1.78
C VAL G 68 35.36 -31.44 2.84
N LEU G 69 35.01 -30.72 3.91
CA LEU G 69 35.93 -30.39 5.01
C LEU G 69 35.48 -31.07 6.31
N GLU G 70 36.32 -31.98 6.83
CA GLU G 70 36.05 -32.67 8.10
C GLU G 70 36.55 -31.83 9.28
N GLN G 71 37.84 -31.51 9.25
CA GLN G 71 38.50 -30.76 10.34
C GLN G 71 39.26 -29.57 9.78
N SER G 72 39.76 -28.72 10.67
CA SER G 72 40.52 -27.52 10.30
C SER G 72 41.51 -27.12 11.39
N LEU G 73 42.81 -27.16 11.07
CA LEU G 73 43.89 -26.91 12.03
C LEU G 73 44.79 -25.75 11.58
N LEU G 74 45.74 -25.37 12.43
CA LEU G 74 46.79 -24.39 12.12
C LEU G 74 48.17 -25.05 12.34
N VAL G 75 49.23 -24.24 12.31
CA VAL G 75 50.60 -24.69 12.68
C VAL G 75 50.69 -25.45 14.02
N ARG G 76 49.85 -25.05 14.97
CA ARG G 76 49.68 -25.72 16.29
C ARG G 76 49.90 -27.24 16.37
N ALA G 77 49.32 -27.98 15.44
CA ALA G 77 49.31 -29.45 15.49
C ALA G 77 50.69 -30.10 15.55
N LEU G 78 50.76 -31.28 16.16
CA LEU G 78 52.01 -32.01 16.33
C LEU G 78 52.41 -32.71 15.03
N GLY G 107 34.76 -31.46 12.66
CA GLY G 107 34.82 -30.13 13.25
C GLY G 107 34.27 -30.10 14.66
N GLY G 108 34.71 -29.10 15.43
CA GLY G 108 34.25 -28.92 16.81
C GLY G 108 32.80 -28.48 16.88
N GLY G 109 32.46 -27.44 16.10
CA GLY G 109 31.08 -26.97 16.03
C GLY G 109 30.90 -25.89 14.97
N HIS G 110 31.27 -26.20 13.73
CA HIS G 110 31.16 -25.31 12.58
C HIS G 110 31.98 -24.02 12.75
N ARG G 111 33.25 -24.09 12.34
CA ARG G 111 34.25 -23.07 12.65
C ARG G 111 34.72 -22.37 11.38
N THR G 112 34.90 -21.04 11.45
CA THR G 112 35.27 -20.24 10.28
C THR G 112 36.76 -20.39 9.94
N LEU G 113 37.04 -20.71 8.68
CA LEU G 113 38.43 -20.92 8.22
C LEU G 113 39.17 -19.59 8.07
N LEU G 114 40.45 -19.60 8.45
CA LEU G 114 41.33 -18.42 8.33
C LEU G 114 42.57 -18.78 7.50
N TYR G 115 43.52 -17.86 7.39
CA TYR G 115 44.77 -18.09 6.65
C TYR G 115 45.88 -18.62 7.54
N GLY G 116 46.77 -19.41 6.95
CA GLY G 116 47.77 -20.17 7.71
C GLY G 116 47.10 -21.31 8.44
N HIS G 117 46.30 -22.08 7.70
CA HIS G 117 45.40 -23.10 8.26
C HIS G 117 45.49 -24.42 7.49
N ALA G 118 45.91 -25.48 8.18
CA ALA G 118 45.86 -26.83 7.61
C ALA G 118 44.41 -27.31 7.49
N ILE G 119 44.10 -28.00 6.40
CA ILE G 119 42.74 -28.51 6.15
C ILE G 119 42.75 -29.93 5.59
N LEU G 120 41.73 -30.72 5.99
CA LEU G 120 41.60 -32.13 5.59
C LEU G 120 40.56 -32.24 4.47
N LEU G 121 41.03 -32.22 3.22
CA LEU G 121 40.15 -32.24 2.05
C LEU G 121 39.56 -33.63 1.80
N ARG G 122 38.39 -33.90 2.39
CA ARG G 122 37.65 -35.15 2.16
C ARG G 122 36.88 -35.06 0.86
N HIS G 123 36.81 -36.18 0.13
CA HIS G 123 36.06 -36.27 -1.12
C HIS G 123 34.64 -36.77 -0.83
N SER G 124 33.65 -36.12 -1.44
CA SER G 124 32.23 -36.40 -1.17
C SER G 124 31.76 -37.74 -1.74
N TYR G 125 32.16 -38.02 -2.98
CA TYR G 125 31.71 -39.20 -3.73
C TYR G 125 32.17 -40.53 -3.11
N SER G 126 33.48 -40.77 -3.12
CA SER G 126 34.07 -42.01 -2.60
C SER G 126 34.86 -41.74 -1.32
N GLY G 127 35.09 -42.80 -0.55
CA GLY G 127 35.82 -42.71 0.72
C GLY G 127 37.33 -42.63 0.53
N MET G 128 37.81 -41.46 0.08
CA MET G 128 39.24 -41.21 -0.15
C MET G 128 39.56 -39.72 0.07
N TYR G 129 40.63 -39.46 0.82
CA TYR G 129 41.08 -38.08 1.10
C TYR G 129 42.12 -37.62 0.07
N LEU G 130 42.15 -36.31 -0.21
CA LEU G 130 43.15 -35.73 -1.12
C LEU G 130 44.47 -35.54 -0.38
N CYS G 131 45.56 -36.08 -0.95
CA CYS G 131 46.88 -36.03 -0.33
C CYS G 131 47.97 -35.68 -1.35
N CYS G 132 49.10 -35.19 -0.83
CA CYS G 132 50.30 -34.98 -1.64
C CYS G 132 51.07 -36.29 -1.74
N LEU G 133 50.87 -36.99 -2.86
CA LEU G 133 51.34 -38.38 -3.00
C LEU G 133 52.87 -38.49 -3.14
N SER G 134 53.36 -39.71 -2.95
CA SER G 134 54.81 -40.00 -2.93
C SER G 134 55.37 -40.33 -4.31
N THR G 135 54.62 -41.08 -5.12
CA THR G 135 55.07 -41.54 -6.44
C THR G 135 55.08 -40.42 -7.49
N SER G 136 55.73 -40.69 -8.64
CA SER G 136 55.92 -39.70 -9.71
C SER G 136 55.80 -40.27 -11.12
N ARG G 137 54.97 -39.64 -11.96
CA ARG G 137 54.99 -39.82 -13.41
C ARG G 137 54.82 -38.45 -14.07
N SER G 138 55.92 -37.70 -14.11
CA SER G 138 55.96 -36.35 -14.71
C SER G 138 57.36 -36.06 -15.26
N SER G 139 57.47 -35.97 -16.58
CA SER G 139 58.77 -35.88 -17.26
C SER G 139 59.33 -34.46 -17.30
N THR G 140 58.48 -33.48 -17.62
CA THR G 140 58.92 -32.09 -17.82
C THR G 140 59.42 -31.45 -16.53
N ASP G 141 58.61 -31.51 -15.49
CA ASP G 141 58.95 -30.89 -14.20
C ASP G 141 59.97 -31.74 -13.45
N LYS G 142 59.68 -33.05 -13.32
CA LYS G 142 60.52 -34.03 -12.61
C LYS G 142 60.60 -33.78 -11.09
N LEU G 143 61.13 -32.62 -10.70
CA LEU G 143 61.12 -32.15 -9.31
C LEU G 143 59.76 -32.28 -8.62
N ALA G 144 58.69 -31.92 -9.35
CA ALA G 144 57.33 -31.90 -8.79
C ALA G 144 56.75 -33.29 -8.52
N PHE G 145 55.89 -33.36 -7.51
CA PHE G 145 55.11 -34.57 -7.19
C PHE G 145 53.64 -34.36 -7.59
N ASP G 146 52.99 -35.44 -8.03
CA ASP G 146 51.59 -35.38 -8.49
C ASP G 146 50.60 -35.56 -7.34
N VAL G 147 49.42 -34.96 -7.49
CA VAL G 147 48.33 -35.05 -6.51
C VAL G 147 47.39 -36.18 -6.90
N GLY G 148 46.77 -36.82 -5.91
CA GLY G 148 45.82 -37.90 -6.17
C GLY G 148 45.11 -38.40 -4.93
N LEU G 149 44.26 -39.42 -5.11
CA LEU G 149 43.43 -39.98 -4.04
C LEU G 149 44.10 -41.16 -3.35
N GLN G 150 43.95 -41.24 -2.04
CA GLN G 150 44.46 -42.36 -1.24
C GLN G 150 43.73 -42.43 0.12
N GLU G 151 44.19 -43.32 1.02
CA GLU G 151 43.66 -43.42 2.38
C GLU G 151 44.79 -43.54 3.41
N ASP G 152 45.26 -42.38 3.90
CA ASP G 152 46.32 -42.32 4.92
C ASP G 152 46.37 -40.95 5.60
N THR G 153 45.96 -40.90 6.87
CA THR G 153 46.01 -39.66 7.68
C THR G 153 47.08 -39.67 8.79
N THR G 154 47.81 -40.77 8.92
CA THR G 154 48.92 -40.86 9.88
C THR G 154 50.09 -40.01 9.39
N GLY G 155 50.48 -40.23 8.14
CA GLY G 155 51.45 -39.38 7.45
C GLY G 155 50.86 -38.02 7.15
N GLU G 156 51.71 -37.00 7.10
CA GLU G 156 51.27 -35.61 6.97
C GLU G 156 51.07 -35.13 5.52
N ALA G 157 51.17 -36.03 4.55
CA ALA G 157 50.78 -35.75 3.16
C ALA G 157 49.32 -35.28 3.02
N CYS G 158 48.45 -35.82 3.87
CA CYS G 158 47.03 -35.45 3.90
C CYS G 158 46.78 -33.97 4.19
N TRP G 159 47.59 -33.36 5.05
CA TRP G 159 47.39 -31.98 5.49
C TRP G 159 47.81 -30.98 4.42
N TRP G 160 46.88 -30.10 4.03
CA TRP G 160 47.13 -29.01 3.08
C TRP G 160 46.88 -27.68 3.76
N THR G 161 47.89 -26.80 3.78
CA THR G 161 47.80 -25.50 4.45
C THR G 161 47.33 -24.40 3.52
N ILE G 162 46.35 -23.61 3.99
CA ILE G 162 45.78 -22.51 3.23
C ILE G 162 46.69 -21.29 3.38
N HIS G 163 47.02 -20.66 2.25
CA HIS G 163 47.87 -19.47 2.24
C HIS G 163 47.39 -18.47 1.18
N PRO G 164 47.67 -17.15 1.37
CA PRO G 164 47.43 -16.18 0.29
C PRO G 164 48.52 -16.17 -0.79
N ALA G 165 48.39 -15.26 -1.75
CA ALA G 165 49.35 -15.11 -2.86
C ALA G 165 49.94 -13.70 -2.95
N SER G 166 49.08 -12.71 -3.18
CA SER G 166 49.51 -11.32 -3.33
C SER G 166 49.76 -10.67 -1.96
N LYS G 167 50.38 -9.48 -1.98
CA LYS G 167 50.73 -8.75 -0.76
C LYS G 167 49.50 -8.01 -0.19
N GLN G 168 48.67 -8.73 0.58
CA GLN G 168 47.43 -8.16 1.16
C GLN G 168 47.07 -8.72 2.55
N ARG G 169 46.55 -9.94 2.60
CA ARG G 169 45.94 -10.50 3.82
C ARG G 169 46.98 -11.02 4.83
N SER G 170 46.52 -11.43 6.01
CA SER G 170 47.38 -11.95 7.08
C SER G 170 46.83 -13.25 7.70
N GLU G 171 47.70 -13.95 8.43
CA GLU G 171 47.30 -15.16 9.17
C GLU G 171 46.41 -14.75 10.34
N GLY G 172 45.26 -15.43 10.46
CA GLY G 172 44.22 -15.06 11.42
C GLY G 172 42.96 -14.55 10.74
N GLU G 173 43.13 -13.83 9.63
CA GLU G 173 41.99 -13.30 8.87
C GLU G 173 41.24 -14.40 8.12
N LYS G 174 39.92 -14.25 8.01
CA LYS G 174 39.04 -15.29 7.47
C LYS G 174 39.22 -15.53 5.97
N VAL G 175 38.90 -16.75 5.53
CA VAL G 175 39.00 -17.13 4.12
C VAL G 175 37.72 -16.72 3.39
N ARG G 176 37.89 -16.22 2.16
CA ARG G 176 36.81 -15.55 1.41
C ARG G 176 36.29 -16.36 0.23
N VAL G 177 35.16 -15.91 -0.30
CA VAL G 177 34.54 -16.47 -1.51
C VAL G 177 34.99 -15.65 -2.72
N GLY G 178 35.31 -16.34 -3.82
CA GLY G 178 35.71 -15.70 -5.07
C GLY G 178 37.20 -15.45 -5.19
N ASP G 179 37.79 -14.87 -4.15
CA ASP G 179 39.22 -14.55 -4.12
C ASP G 179 40.10 -15.80 -4.09
N ASP G 180 41.37 -15.61 -4.43
CA ASP G 180 42.30 -16.71 -4.69
C ASP G 180 43.13 -17.09 -3.47
N LEU G 181 43.45 -18.39 -3.38
CA LEU G 181 44.29 -18.94 -2.30
C LEU G 181 45.45 -19.77 -2.85
N ILE G 182 46.33 -20.21 -1.95
CA ILE G 182 47.47 -21.06 -2.26
C ILE G 182 47.48 -22.23 -1.28
N LEU G 183 47.45 -23.45 -1.79
CA LEU G 183 47.51 -24.67 -0.96
C LEU G 183 48.92 -25.25 -0.98
N VAL G 184 49.43 -25.58 0.22
CA VAL G 184 50.77 -26.17 0.38
C VAL G 184 50.66 -27.36 1.33
N SER G 185 51.10 -28.53 0.86
CA SER G 185 51.08 -29.74 1.69
C SER G 185 52.28 -29.77 2.64
N VAL G 186 52.15 -30.55 3.71
CA VAL G 186 53.14 -30.57 4.79
C VAL G 186 54.35 -31.42 4.42
N SER G 187 54.15 -32.73 4.27
CA SER G 187 55.26 -33.66 4.03
C SER G 187 55.70 -33.67 2.55
N SER G 188 56.23 -32.54 2.09
CA SER G 188 56.62 -32.33 0.70
C SER G 188 57.24 -30.95 0.48
N GLU G 189 56.51 -29.91 0.90
CA GLU G 189 56.95 -28.50 0.88
C GLU G 189 56.98 -27.91 -0.54
N ARG G 190 55.81 -27.83 -1.17
CA ARG G 190 55.62 -27.20 -2.48
C ARG G 190 54.28 -26.48 -2.58
N TYR G 191 54.15 -25.63 -3.61
CA TYR G 191 52.91 -24.93 -3.93
C TYR G 191 52.08 -25.79 -4.90
N LEU G 192 50.75 -25.71 -4.78
CA LEU G 192 49.85 -26.47 -5.65
C LEU G 192 49.84 -25.86 -7.06
N HIS G 193 50.55 -26.51 -7.99
CA HIS G 193 50.96 -25.93 -9.28
C HIS G 193 50.43 -26.70 -10.49
N LEU G 194 49.64 -26.02 -11.33
CA LEU G 194 49.21 -26.59 -12.61
C LEU G 194 50.37 -26.50 -13.61
N SER G 195 51.05 -27.61 -13.80
CA SER G 195 52.13 -27.69 -14.79
C SER G 195 51.56 -27.97 -16.17
N TYR G 196 52.28 -27.50 -17.19
CA TYR G 196 51.88 -27.64 -18.58
C TYR G 196 52.77 -28.69 -19.23
N GLY G 197 52.59 -29.93 -18.80
CA GLY G 197 53.42 -31.05 -19.24
C GLY G 197 53.09 -31.58 -20.63
N ASN G 198 53.77 -32.66 -21.01
CA ASN G 198 53.61 -33.26 -22.34
C ASN G 198 52.24 -33.92 -22.52
N GLY G 199 51.81 -34.01 -23.78
CA GLY G 199 50.50 -34.57 -24.13
C GLY G 199 49.36 -33.62 -23.79
N SER G 200 49.02 -33.57 -22.50
CA SER G 200 47.99 -32.67 -21.98
C SER G 200 48.39 -32.11 -20.62
N LEU G 201 47.59 -31.18 -20.10
CA LEU G 201 47.85 -30.55 -18.80
C LEU G 201 47.51 -31.49 -17.65
N HIS G 202 48.12 -31.23 -16.49
CA HIS G 202 47.85 -32.00 -15.28
C HIS G 202 48.25 -31.24 -14.03
N VAL G 203 47.56 -31.51 -12.92
CA VAL G 203 47.79 -30.83 -11.64
C VAL G 203 48.87 -31.56 -10.85
N ASP G 204 49.70 -30.79 -10.13
CA ASP G 204 50.84 -31.33 -9.38
C ASP G 204 51.36 -30.31 -8.35
N ALA G 205 52.42 -30.65 -7.62
CA ALA G 205 53.01 -29.78 -6.61
C ALA G 205 54.47 -29.45 -6.93
N ALA G 206 54.74 -28.19 -7.29
CA ALA G 206 56.07 -27.75 -7.75
C ALA G 206 56.52 -26.47 -7.02
N PHE G 207 57.74 -26.02 -7.33
CA PHE G 207 58.29 -24.79 -6.76
C PHE G 207 57.66 -23.50 -7.30
N GLN G 208 57.01 -23.58 -8.46
CA GLN G 208 56.39 -22.40 -9.09
C GLN G 208 54.99 -22.16 -8.52
N GLN G 209 54.59 -20.90 -8.43
CA GLN G 209 53.32 -20.50 -7.80
C GLN G 209 52.13 -20.60 -8.76
N THR G 210 50.96 -20.89 -8.21
CA THR G 210 49.69 -20.91 -8.96
C THR G 210 48.50 -20.69 -8.01
N LEU G 211 47.57 -19.84 -8.41
CA LEU G 211 46.46 -19.38 -7.54
C LEU G 211 45.16 -20.15 -7.79
N TRP G 212 44.25 -20.10 -6.81
CA TRP G 212 43.01 -20.89 -6.82
C TRP G 212 41.78 -20.11 -6.32
N SER G 213 40.99 -19.58 -7.25
CA SER G 213 39.74 -18.87 -6.93
C SER G 213 38.69 -19.81 -6.33
N VAL G 214 38.46 -19.69 -5.02
CA VAL G 214 37.52 -20.55 -4.31
C VAL G 214 36.08 -20.07 -4.53
N ALA G 215 35.15 -21.02 -4.59
CA ALA G 215 33.71 -20.72 -4.68
C ALA G 215 32.92 -21.75 -3.87
N PRO G 216 31.94 -21.29 -3.06
CA PRO G 216 31.13 -22.21 -2.26
C PRO G 216 30.06 -22.89 -3.08
N ILE G 217 29.89 -24.20 -2.85
CA ILE G 217 28.84 -24.96 -3.49
C ILE G 217 27.55 -24.70 -2.71
N SER G 218 27.55 -25.09 -1.43
CA SER G 218 26.38 -24.93 -0.55
C SER G 218 26.75 -24.11 0.68
N SER G 219 25.72 -23.67 1.40
CA SER G 219 25.89 -22.89 2.62
C SER G 219 26.17 -23.80 3.80
N GLY G 220 26.60 -23.19 4.90
CA GLY G 220 26.75 -23.90 6.17
C GLY G 220 25.43 -24.21 6.86
N SER G 221 24.45 -23.31 6.71
CA SER G 221 23.16 -23.41 7.39
C SER G 221 22.19 -24.40 6.72
N GLU G 222 22.10 -24.38 5.39
CA GLU G 222 21.12 -25.19 4.65
C GLU G 222 21.50 -26.69 4.64
N ALA G 223 20.48 -27.55 4.78
CA ALA G 223 20.69 -29.00 5.01
C ALA G 223 19.59 -29.87 4.37
N ALA G 224 19.69 -31.19 4.57
CA ALA G 224 18.78 -32.15 3.94
C ALA G 224 17.38 -32.22 4.60
N GLN G 225 17.16 -33.18 5.51
CA GLN G 225 15.82 -33.50 6.06
C GLN G 225 14.73 -33.82 5.00
N GLY G 226 15.14 -34.34 3.85
CA GLY G 226 14.22 -34.65 2.74
C GLY G 226 13.80 -33.46 1.85
N TYR G 227 14.72 -32.51 1.64
CA TYR G 227 14.51 -31.36 0.73
C TYR G 227 15.44 -31.43 -0.51
N LEU G 228 14.99 -30.92 -1.66
CA LEU G 228 15.77 -30.95 -2.92
C LEU G 228 16.97 -29.96 -2.90
N ILE G 229 18.12 -30.42 -3.39
CA ILE G 229 19.34 -29.59 -3.57
C ILE G 229 19.98 -29.95 -4.94
N GLY G 230 20.67 -28.99 -5.56
CA GLY G 230 21.32 -29.20 -6.87
C GLY G 230 22.44 -30.24 -6.85
N GLY G 231 22.61 -30.98 -7.95
CA GLY G 231 23.60 -32.07 -8.04
C GLY G 231 23.12 -33.44 -7.55
N ASP G 232 21.93 -33.50 -6.95
CA ASP G 232 21.39 -34.76 -6.36
C ASP G 232 20.81 -35.69 -7.43
N VAL G 233 20.92 -37.01 -7.18
CA VAL G 233 20.35 -38.06 -8.05
C VAL G 233 18.95 -38.47 -7.52
N LEU G 234 17.96 -38.58 -8.42
CA LEU G 234 16.58 -38.97 -8.05
C LEU G 234 15.75 -39.57 -9.22
N ARG G 235 14.76 -40.40 -8.87
CA ARG G 235 13.79 -41.01 -9.82
C ARG G 235 12.65 -40.03 -10.17
N LEU G 236 12.15 -40.10 -11.42
CA LEU G 236 10.99 -39.32 -11.92
C LEU G 236 9.74 -40.23 -12.16
N LEU G 237 9.03 -40.55 -11.06
CA LEU G 237 7.82 -41.40 -11.10
C LEU G 237 6.57 -40.57 -11.45
N HIS G 238 5.53 -41.26 -11.90
CA HIS G 238 4.18 -40.67 -11.96
C HIS G 238 3.57 -40.72 -10.56
N GLY G 239 2.87 -39.65 -10.18
CA GLY G 239 2.18 -39.58 -8.89
C GLY G 239 0.99 -40.51 -8.84
N HIS G 240 0.12 -40.39 -9.84
CA HIS G 240 -1.05 -41.25 -9.96
C HIS G 240 -0.67 -42.58 -10.62
N MET G 241 -0.25 -42.52 -11.88
CA MET G 241 -0.08 -43.72 -12.73
C MET G 241 0.87 -44.79 -12.19
N ASP G 242 1.87 -44.36 -11.41
CA ASP G 242 2.85 -45.25 -10.76
C ASP G 242 3.80 -45.95 -11.75
N GLU G 243 3.99 -45.35 -12.94
CA GLU G 243 5.06 -45.73 -13.86
C GLU G 243 6.25 -44.76 -13.66
N CYS G 244 7.32 -44.94 -14.44
CA CYS G 244 8.54 -44.11 -14.31
C CYS G 244 9.21 -43.76 -15.67
N LEU G 245 9.80 -42.56 -15.75
CA LEU G 245 10.58 -42.12 -16.94
C LEU G 245 11.92 -42.92 -17.04
N THR G 246 12.26 -43.40 -18.24
CA THR G 246 13.38 -44.37 -18.42
C THR G 246 13.84 -44.55 -19.90
N VAL G 247 14.89 -45.35 -20.10
CA VAL G 247 15.40 -45.75 -21.43
C VAL G 247 15.37 -47.29 -21.60
N PRO G 248 15.47 -47.81 -22.84
CA PRO G 248 15.43 -49.27 -23.05
C PRO G 248 16.46 -50.09 -22.27
N SER G 249 16.16 -51.36 -22.05
CA SER G 249 17.04 -52.26 -21.31
C SER G 249 18.29 -52.60 -22.12
N GLY G 250 19.39 -52.89 -21.42
CA GLY G 250 20.69 -53.10 -22.05
C GLY G 250 20.82 -54.43 -22.77
N GLU G 251 20.52 -54.42 -24.07
CA GLU G 251 20.69 -55.60 -24.94
C GLU G 251 21.29 -55.13 -26.29
N HIS G 252 20.78 -55.62 -27.43
CA HIS G 252 21.32 -55.25 -28.75
C HIS G 252 20.90 -53.85 -29.18
N GLY G 253 21.41 -53.41 -30.34
CA GLY G 253 21.08 -52.11 -30.91
C GLY G 253 21.85 -50.99 -30.25
N GLU G 254 23.01 -50.66 -30.84
CA GLU G 254 23.90 -49.63 -30.28
C GLU G 254 23.40 -48.18 -30.44
N GLU G 255 22.43 -47.96 -31.32
CA GLU G 255 21.80 -46.64 -31.49
C GLU G 255 20.29 -46.66 -31.22
N GLN G 256 19.84 -47.62 -30.41
CA GLN G 256 18.42 -47.77 -30.05
C GLN G 256 18.06 -47.09 -28.74
N ARG G 257 18.97 -47.13 -27.76
CA ARG G 257 18.70 -46.62 -26.40
C ARG G 257 18.59 -45.08 -26.30
N ARG G 258 19.06 -44.35 -27.31
CA ARG G 258 18.92 -42.88 -27.37
C ARG G 258 17.50 -42.35 -27.15
N THR G 259 16.50 -43.12 -27.61
CA THR G 259 15.09 -42.76 -27.38
C THR G 259 14.73 -42.78 -25.89
N VAL G 260 13.91 -41.81 -25.49
CA VAL G 260 13.44 -41.67 -24.11
C VAL G 260 11.95 -42.07 -24.09
N HIS G 261 11.55 -42.83 -23.07
CA HIS G 261 10.16 -43.33 -22.98
C HIS G 261 9.62 -43.70 -21.57
N TYR G 262 8.29 -43.63 -21.45
CA TYR G 262 7.57 -44.08 -20.25
C TYR G 262 7.47 -45.61 -20.28
N GLU G 263 7.60 -46.27 -19.13
CA GLU G 263 7.39 -47.73 -19.02
C GLU G 263 6.91 -48.19 -17.60
N GLY G 264 5.95 -49.11 -17.59
CA GLY G 264 5.35 -49.64 -16.35
C GLY G 264 5.99 -50.97 -15.95
N GLY G 265 6.86 -50.92 -14.95
CA GLY G 265 7.52 -52.12 -14.44
C GLY G 265 8.30 -51.87 -13.15
N ALA G 266 9.38 -52.62 -12.96
CA ALA G 266 10.26 -52.48 -11.79
C ALA G 266 11.60 -51.81 -12.14
N VAL G 267 11.57 -50.91 -13.12
CA VAL G 267 12.76 -50.17 -13.54
C VAL G 267 13.17 -49.09 -12.52
N SER G 268 12.22 -48.61 -11.71
CA SER G 268 12.44 -47.56 -10.69
C SER G 268 13.61 -47.85 -9.74
N VAL G 269 13.67 -49.10 -9.24
CA VAL G 269 14.79 -49.56 -8.40
C VAL G 269 16.11 -49.71 -9.19
N HIS G 270 16.03 -50.04 -10.47
CA HIS G 270 17.22 -50.13 -11.35
C HIS G 270 17.80 -48.75 -11.71
N ALA G 271 19.11 -48.74 -12.01
CA ALA G 271 19.87 -47.50 -12.26
C ALA G 271 19.53 -46.78 -13.60
N ARG G 272 18.97 -47.53 -14.57
CA ARG G 272 18.47 -46.98 -15.86
C ARG G 272 17.38 -45.90 -15.68
N SER G 273 16.53 -46.08 -14.66
CA SER G 273 15.46 -45.11 -14.33
C SER G 273 15.96 -43.74 -13.77
N LEU G 274 17.16 -43.74 -13.18
CA LEU G 274 17.70 -42.58 -12.42
C LEU G 274 18.08 -41.34 -13.29
N TRP G 275 17.89 -40.14 -12.74
CA TRP G 275 18.25 -38.84 -13.38
C TRP G 275 18.97 -37.88 -12.38
N ARG G 276 20.07 -37.25 -12.82
CA ARG G 276 20.86 -36.31 -11.98
C ARG G 276 20.72 -34.83 -12.44
N LEU G 277 20.15 -33.99 -11.57
CA LEU G 277 19.95 -32.56 -11.86
C LEU G 277 21.28 -31.75 -11.72
N GLU G 278 21.52 -30.82 -12.64
CA GLU G 278 22.69 -29.94 -12.62
C GLU G 278 22.34 -28.53 -13.11
N THR G 279 22.83 -27.51 -12.40
CA THR G 279 22.48 -26.11 -12.68
C THR G 279 23.42 -25.46 -13.72
N LEU G 280 23.01 -24.28 -14.19
CA LEU G 280 23.79 -23.51 -15.17
C LEU G 280 24.96 -22.83 -14.47
N ARG G 281 24.66 -22.01 -13.47
CA ARG G 281 25.67 -21.26 -12.72
C ARG G 281 26.47 -22.18 -11.80
N VAL G 282 27.78 -22.00 -11.79
CA VAL G 282 28.70 -22.87 -11.05
C VAL G 282 28.67 -22.53 -9.55
N ALA G 283 28.86 -21.26 -9.23
CA ALA G 283 28.81 -20.79 -7.84
C ALA G 283 27.37 -20.83 -7.34
N TRP G 284 27.20 -21.32 -6.11
CA TRP G 284 25.88 -21.56 -5.50
C TRP G 284 24.97 -22.47 -6.33
N SER G 285 25.56 -23.58 -6.78
CA SER G 285 24.82 -24.70 -7.37
C SER G 285 24.32 -25.65 -6.27
N GLY G 286 25.00 -25.63 -5.12
CA GLY G 286 24.57 -26.38 -3.91
C GLY G 286 23.51 -25.67 -3.06
N SER G 287 23.03 -24.51 -3.50
CA SER G 287 21.81 -23.89 -2.96
C SER G 287 20.57 -24.79 -3.25
N HIS G 288 19.53 -24.66 -2.43
CA HIS G 288 18.31 -25.47 -2.60
C HIS G 288 17.60 -25.11 -3.90
N ILE G 289 17.11 -26.14 -4.60
CA ILE G 289 16.47 -25.98 -5.90
C ILE G 289 15.09 -25.35 -5.68
N ARG G 290 14.74 -24.43 -6.57
CA ARG G 290 13.51 -23.65 -6.46
C ARG G 290 12.85 -23.47 -7.85
N TRP G 291 11.54 -23.24 -7.82
CA TRP G 291 10.71 -23.28 -9.04
C TRP G 291 11.02 -22.05 -9.92
N GLY G 292 11.02 -22.25 -11.25
CA GLY G 292 11.29 -21.19 -12.23
C GLY G 292 12.77 -20.87 -12.44
N GLN G 293 13.66 -21.66 -11.84
CA GLN G 293 15.09 -21.52 -12.03
C GLN G 293 15.51 -22.60 -13.05
N PRO G 294 16.25 -22.21 -14.10
CA PRO G 294 16.61 -23.17 -15.15
C PRO G 294 17.67 -24.22 -14.69
N PHE G 295 17.61 -25.45 -15.25
CA PHE G 295 18.60 -26.51 -14.96
C PHE G 295 18.69 -27.63 -16.01
N ARG G 296 19.88 -28.23 -16.12
CA ARG G 296 20.11 -29.41 -17.00
C ARG G 296 19.71 -30.72 -16.27
N LEU G 297 19.27 -31.72 -17.04
CA LEU G 297 18.95 -33.08 -16.51
C LEU G 297 19.78 -34.18 -17.21
N ARG G 298 20.92 -34.54 -16.59
CA ARG G 298 21.80 -35.62 -17.10
C ARG G 298 21.21 -37.02 -16.80
N HIS G 299 21.38 -37.98 -17.72
CA HIS G 299 21.18 -39.42 -17.38
C HIS G 299 22.47 -39.95 -16.72
N VAL G 300 22.34 -40.81 -15.69
CA VAL G 300 23.48 -41.19 -14.84
C VAL G 300 24.39 -42.32 -15.42
N THR G 301 23.79 -43.41 -15.91
CA THR G 301 24.53 -44.62 -16.36
C THR G 301 25.39 -44.44 -17.66
N THR G 302 24.94 -43.59 -18.58
CA THR G 302 25.62 -43.37 -19.87
C THR G 302 26.54 -42.13 -19.88
N GLY G 303 26.11 -41.05 -19.22
CA GLY G 303 26.83 -39.79 -19.22
C GLY G 303 26.51 -38.94 -20.44
N LYS G 304 25.22 -38.77 -20.70
CA LYS G 304 24.71 -37.99 -21.83
C LYS G 304 23.41 -37.29 -21.44
N TYR G 305 23.31 -36.00 -21.72
CA TYR G 305 22.21 -35.16 -21.22
C TYR G 305 20.92 -35.30 -22.06
N LEU G 306 19.76 -35.13 -21.39
CA LEU G 306 18.44 -35.08 -22.07
C LEU G 306 18.35 -33.81 -22.93
N SER G 307 18.04 -33.98 -24.22
CA SER G 307 18.03 -32.89 -25.18
C SER G 307 16.73 -32.82 -25.98
N LEU G 308 16.33 -31.59 -26.31
CA LEU G 308 15.18 -31.33 -27.16
C LEU G 308 15.70 -30.65 -28.42
N MET G 309 15.89 -31.46 -29.48
CA MET G 309 16.48 -30.99 -30.73
C MET G 309 15.43 -30.24 -31.56
N GLU G 310 15.80 -29.81 -32.77
CA GLU G 310 14.90 -29.00 -33.63
C GLU G 310 13.59 -29.71 -34.04
N ASP G 311 13.60 -31.05 -34.08
CA ASP G 311 12.39 -31.85 -34.37
C ASP G 311 11.38 -31.96 -33.20
N LYS G 312 11.76 -31.49 -32.01
CA LYS G 312 10.87 -31.39 -30.84
C LYS G 312 10.48 -32.74 -30.23
N ASN G 313 11.49 -33.51 -29.84
CA ASN G 313 11.33 -34.79 -29.13
C ASN G 313 12.43 -35.00 -28.09
N LEU G 314 12.13 -35.81 -27.08
CA LEU G 314 13.08 -36.12 -26.01
C LEU G 314 14.14 -37.10 -26.50
N LEU G 315 15.36 -36.61 -26.67
CA LEU G 315 16.47 -37.38 -27.26
C LEU G 315 17.76 -37.19 -26.45
N LEU G 316 18.70 -38.12 -26.61
CA LEU G 316 19.99 -38.07 -25.92
C LEU G 316 21.13 -37.83 -26.92
N MET G 317 21.96 -36.81 -26.64
CA MET G 317 23.15 -36.47 -27.45
C MET G 317 24.43 -36.62 -26.62
N ASP G 318 25.56 -36.73 -27.32
CA ASP G 318 26.86 -37.01 -26.67
C ASP G 318 27.39 -35.88 -25.79
N LYS G 319 28.46 -36.19 -25.05
CA LYS G 319 29.15 -35.21 -24.19
C LYS G 319 29.68 -33.99 -24.96
N GLU G 320 30.02 -34.18 -26.23
CA GLU G 320 30.58 -33.10 -27.06
C GLU G 320 29.50 -32.34 -27.87
N LYS G 321 28.38 -32.99 -28.19
CA LYS G 321 27.36 -32.43 -29.11
C LYS G 321 26.30 -31.52 -28.48
N ALA G 322 26.00 -31.70 -27.19
CA ALA G 322 24.85 -31.04 -26.55
C ALA G 322 25.00 -29.52 -26.41
N ASP G 323 23.87 -28.83 -26.21
CA ASP G 323 23.83 -27.38 -26.02
C ASP G 323 22.66 -26.94 -25.13
N VAL G 324 22.82 -25.80 -24.46
CA VAL G 324 21.83 -25.29 -23.50
C VAL G 324 20.52 -24.86 -24.16
N LYS G 325 20.59 -24.37 -25.40
CA LYS G 325 19.39 -24.02 -26.16
C LYS G 325 18.43 -25.21 -26.33
N SER G 326 18.98 -26.42 -26.43
CA SER G 326 18.20 -27.65 -26.51
C SER G 326 17.94 -28.29 -25.13
N THR G 327 18.98 -28.36 -24.30
CA THR G 327 18.95 -29.18 -23.06
C THR G 327 18.38 -28.52 -21.79
N ALA G 328 17.91 -27.26 -21.88
CA ALA G 328 17.41 -26.53 -20.70
C ALA G 328 16.04 -27.05 -20.21
N PHE G 329 15.85 -27.03 -18.89
CA PHE G 329 14.60 -27.48 -18.23
C PHE G 329 14.32 -26.70 -16.91
N THR G 330 13.06 -26.75 -16.47
CA THR G 330 12.60 -26.13 -15.21
C THR G 330 11.34 -26.85 -14.63
N PHE G 331 11.28 -26.99 -13.30
CA PHE G 331 10.08 -27.51 -12.60
C PHE G 331 8.99 -26.41 -12.50
N ARG G 332 7.72 -26.82 -12.55
CA ARG G 332 6.55 -25.91 -12.42
C ARG G 332 5.50 -26.51 -11.44
N SER G 333 4.95 -25.67 -10.55
CA SER G 333 3.97 -26.11 -9.54
C SER G 333 2.57 -26.39 -10.12
N SER G 334 2.19 -25.66 -11.17
CA SER G 334 0.87 -25.78 -11.84
C SER G 334 0.98 -25.36 -13.34
N LYS G 335 -0.06 -24.70 -13.87
CA LYS G 335 -0.04 -24.18 -15.24
C LYS G 335 -0.49 -22.72 -15.31
N GLU G 336 0.21 -21.86 -14.56
CA GLU G 336 0.17 -20.39 -14.74
C GLU G 336 1.49 -19.98 -15.42
N LYS G 337 1.50 -18.79 -16.03
CA LYS G 337 2.56 -18.38 -16.98
C LYS G 337 3.85 -17.85 -16.32
N LEU G 338 4.91 -17.70 -17.14
CA LEU G 338 6.24 -17.22 -16.72
C LEU G 338 6.50 -15.70 -16.94
N ASP G 339 5.53 -14.97 -17.50
CA ASP G 339 5.75 -13.56 -17.91
C ASP G 339 5.94 -12.59 -16.73
N GLY G 340 6.94 -11.71 -16.84
CA GLY G 340 7.22 -10.69 -15.81
C GLY G 340 8.63 -10.09 -15.87
N GLY G 341 9.50 -10.54 -14.97
CA GLY G 341 10.88 -10.03 -14.86
C GLY G 341 11.78 -10.93 -14.04
N VAL G 342 11.73 -10.79 -12.71
CA VAL G 342 12.49 -11.62 -11.77
C VAL G 342 11.75 -11.80 -10.42
N ARG G 343 10.95 -12.86 -10.29
CA ARG G 343 10.18 -13.20 -9.07
C ARG G 343 10.31 -14.70 -8.72
N LYS G 344 10.23 -15.03 -7.42
CA LYS G 344 10.29 -16.42 -6.92
C LYS G 344 8.93 -17.12 -7.02
N GLU G 345 8.94 -18.43 -7.26
CA GLU G 345 7.73 -19.23 -7.55
C GLU G 345 7.47 -20.27 -6.44
N VAL G 346 6.19 -20.65 -6.26
CA VAL G 346 5.75 -21.48 -5.12
C VAL G 346 4.47 -22.31 -5.41
N ASP G 347 4.32 -23.45 -4.71
CA ASP G 347 3.14 -24.32 -4.82
C ASP G 347 2.12 -24.09 -3.69
N GLY G 348 1.03 -24.87 -3.68
CA GLY G 348 -0.10 -24.66 -2.75
C GLY G 348 -0.14 -25.52 -1.49
N MET G 349 0.83 -25.32 -0.60
CA MET G 349 0.78 -25.86 0.77
C MET G 349 1.42 -24.87 1.76
N GLY G 350 2.72 -24.62 1.62
CA GLY G 350 3.41 -23.58 2.40
C GLY G 350 4.87 -23.86 2.72
N THR G 351 5.73 -23.85 1.69
CA THR G 351 7.19 -23.95 1.86
C THR G 351 7.95 -23.37 0.65
N SER G 352 9.10 -22.72 0.91
CA SER G 352 9.91 -22.07 -0.14
C SER G 352 10.68 -23.09 -1.01
N GLU G 353 11.38 -24.02 -0.36
CA GLU G 353 12.24 -25.02 -1.05
C GLU G 353 11.45 -26.30 -1.38
N ILE G 354 11.92 -27.05 -2.38
CA ILE G 354 11.17 -28.21 -2.97
C ILE G 354 11.34 -29.53 -2.14
N LYS G 355 10.38 -29.79 -1.24
CA LYS G 355 10.37 -31.02 -0.39
C LYS G 355 9.94 -32.25 -1.22
N TYR G 356 10.53 -33.42 -0.96
CA TYR G 356 10.07 -34.70 -1.56
C TYR G 356 8.74 -35.11 -0.88
N GLY G 357 7.60 -34.75 -1.48
CA GLY G 357 6.27 -35.09 -0.93
C GLY G 357 5.09 -34.26 -1.44
N ASP G 358 4.79 -33.16 -0.75
CA ASP G 358 3.66 -32.26 -1.12
C ASP G 358 3.88 -31.40 -2.40
N SER G 359 5.13 -31.33 -2.88
CA SER G 359 5.50 -30.59 -4.12
C SER G 359 5.18 -31.33 -5.45
N ILE G 360 4.02 -31.03 -6.05
CA ILE G 360 3.66 -31.55 -7.39
C ILE G 360 4.51 -30.84 -8.48
N CYS G 361 5.20 -31.63 -9.32
CA CYS G 361 6.14 -31.09 -10.33
C CYS G 361 5.63 -31.24 -11.78
N TYR G 362 5.83 -30.19 -12.57
CA TYR G 362 5.62 -30.21 -14.04
C TYR G 362 6.89 -29.70 -14.77
N ILE G 363 7.46 -30.53 -15.65
CA ILE G 363 8.69 -30.17 -16.41
C ILE G 363 8.32 -29.22 -17.59
N GLN G 364 9.15 -28.19 -17.83
CA GLN G 364 8.89 -27.17 -18.89
C GLN G 364 10.17 -26.51 -19.47
N HIS G 365 10.32 -26.51 -20.81
CA HIS G 365 11.43 -25.79 -21.49
C HIS G 365 11.25 -24.25 -21.35
N VAL G 366 12.35 -23.53 -21.10
CA VAL G 366 12.32 -22.08 -20.79
C VAL G 366 12.14 -21.23 -22.05
N ASP G 367 12.92 -21.55 -23.09
CA ASP G 367 12.95 -20.76 -24.34
C ASP G 367 11.61 -20.72 -25.06
N THR G 368 11.03 -21.90 -25.28
CA THR G 368 9.77 -22.05 -26.03
C THR G 368 8.55 -21.96 -25.11
N GLY G 369 8.62 -22.65 -23.97
CA GLY G 369 7.50 -22.77 -23.04
C GLY G 369 6.66 -24.02 -23.24
N LEU G 370 7.24 -25.05 -23.86
CA LEU G 370 6.53 -26.31 -24.15
C LEU G 370 6.59 -27.30 -22.97
N TRP G 371 5.47 -27.98 -22.70
CA TRP G 371 5.36 -28.96 -21.58
C TRP G 371 5.86 -30.37 -21.99
N LEU G 372 6.43 -31.10 -21.03
CA LEU G 372 6.85 -32.51 -21.24
C LEU G 372 5.62 -33.45 -21.19
N THR G 373 5.55 -34.41 -22.12
CA THR G 373 4.30 -35.14 -22.38
C THR G 373 4.53 -36.54 -22.98
N TYR G 374 3.41 -37.26 -23.19
CA TYR G 374 3.37 -38.47 -24.01
C TYR G 374 2.21 -38.36 -25.00
N GLN G 375 2.08 -39.34 -25.89
CA GLN G 375 1.00 -39.35 -26.89
C GLN G 375 0.23 -40.67 -26.89
N SER G 376 -1.04 -40.59 -27.27
CA SER G 376 -1.90 -41.77 -27.39
C SER G 376 -1.53 -42.58 -28.63
N VAL G 377 -0.53 -43.44 -28.48
CA VAL G 377 -0.10 -44.34 -29.56
C VAL G 377 -1.12 -45.45 -29.77
N ASP G 378 -1.38 -45.78 -31.03
CA ASP G 378 -2.38 -46.79 -31.40
C ASP G 378 -1.71 -48.10 -31.81
N ILE G 387 2.16 -51.62 -21.50
CA ILE G 387 3.36 -51.70 -20.66
C ILE G 387 4.34 -50.55 -20.90
N GLN G 388 4.41 -50.05 -22.14
CA GLN G 388 5.33 -48.98 -22.52
C GLN G 388 4.61 -47.91 -23.35
N ARG G 389 4.98 -46.64 -23.13
CA ARG G 389 4.37 -45.50 -23.82
C ARG G 389 5.47 -44.52 -24.28
N LYS G 390 5.29 -43.93 -25.46
CA LYS G 390 6.29 -43.03 -26.05
C LYS G 390 6.16 -41.59 -25.56
N ALA G 391 7.30 -40.96 -25.28
CA ALA G 391 7.34 -39.58 -24.80
C ALA G 391 7.43 -38.58 -25.97
N ILE G 392 6.99 -37.36 -25.72
CA ILE G 392 6.95 -36.30 -26.74
C ILE G 392 6.73 -34.93 -26.09
N MET G 393 7.43 -33.92 -26.59
CA MET G 393 7.29 -32.55 -26.08
C MET G 393 6.10 -31.89 -26.77
N HIS G 394 5.02 -31.66 -26.00
CA HIS G 394 3.74 -31.20 -26.55
C HIS G 394 3.31 -29.89 -25.87
N HIS G 395 2.78 -28.96 -26.67
CA HIS G 395 2.50 -27.58 -26.20
C HIS G 395 1.33 -27.47 -25.22
N GLU G 396 0.33 -28.34 -25.35
CA GLU G 396 -0.90 -28.26 -24.53
C GLU G 396 -0.81 -29.04 -23.21
N GLY G 397 -0.22 -30.24 -23.25
CA GLY G 397 -0.08 -31.07 -22.06
C GLY G 397 -1.37 -31.76 -21.64
N HIS G 398 -1.35 -32.33 -20.43
CA HIS G 398 -2.50 -33.03 -19.84
C HIS G 398 -2.60 -32.70 -18.34
N MET G 399 -3.79 -32.93 -17.76
CA MET G 399 -4.04 -32.77 -16.30
C MET G 399 -3.20 -33.73 -15.41
N ASP G 400 -2.89 -34.93 -15.94
CA ASP G 400 -2.07 -35.95 -15.23
C ASP G 400 -0.54 -35.77 -15.40
N ASP G 401 -0.10 -34.63 -15.97
CA ASP G 401 1.34 -34.24 -16.01
C ASP G 401 1.93 -33.91 -14.61
N GLY G 402 1.08 -33.85 -13.57
CA GLY G 402 1.52 -33.88 -12.17
C GLY G 402 2.44 -35.07 -11.89
N LEU G 403 3.62 -34.79 -11.31
CA LEU G 403 4.76 -35.73 -11.23
C LEU G 403 5.29 -35.87 -9.79
N ASN G 404 5.78 -37.06 -9.46
CA ASN G 404 6.27 -37.42 -8.12
C ASN G 404 7.77 -37.77 -8.15
N LEU G 405 8.61 -36.85 -7.68
CA LEU G 405 10.06 -37.08 -7.54
C LEU G 405 10.35 -37.92 -6.27
N SER G 406 11.32 -38.85 -6.36
CA SER G 406 11.72 -39.73 -5.24
C SER G 406 13.25 -39.77 -5.08
N ARG G 407 13.74 -39.42 -3.88
CA ARG G 407 15.20 -39.36 -3.60
C ARG G 407 15.92 -40.73 -3.72
N SER G 408 16.99 -40.77 -4.51
CA SER G 408 17.80 -41.98 -4.75
C SER G 408 18.91 -42.16 -3.69
N GLN G 409 19.38 -43.40 -3.56
CA GLN G 409 20.36 -43.80 -2.52
C GLN G 409 21.79 -43.33 -2.85
N HIS G 410 22.57 -43.12 -1.79
CA HIS G 410 23.99 -42.74 -1.89
C HIS G 410 24.82 -43.86 -2.54
N GLU G 411 24.59 -45.10 -2.11
CA GLU G 411 25.27 -46.27 -2.68
C GLU G 411 24.75 -46.60 -4.09
N GLU G 412 23.47 -46.30 -4.36
CA GLU G 412 22.94 -46.39 -5.73
C GLU G 412 23.72 -45.48 -6.67
N SER G 413 23.89 -44.21 -6.27
CA SER G 413 24.66 -43.22 -7.06
C SER G 413 26.16 -43.57 -7.17
N ARG G 414 26.74 -44.14 -6.10
CA ARG G 414 28.12 -44.67 -6.14
C ARG G 414 28.26 -45.84 -7.14
N THR G 415 27.27 -46.75 -7.13
CA THR G 415 27.24 -47.90 -8.06
C THR G 415 27.05 -47.48 -9.53
N ALA G 416 26.30 -46.37 -9.75
CA ALA G 416 26.03 -45.84 -11.12
C ALA G 416 27.22 -45.05 -11.73
N ARG G 417 27.89 -44.22 -10.93
CA ARG G 417 29.14 -43.56 -11.36
C ARG G 417 30.25 -44.61 -11.64
N VAL G 418 30.25 -45.71 -10.88
CA VAL G 418 31.08 -46.90 -11.19
C VAL G 418 30.69 -47.54 -12.55
N ILE G 419 29.39 -47.57 -12.89
CA ILE G 419 28.94 -48.02 -14.24
C ILE G 419 29.53 -47.10 -15.33
N ARG G 420 29.57 -45.79 -15.05
CA ARG G 420 30.10 -44.79 -15.99
C ARG G 420 31.62 -44.82 -16.07
N SER G 421 32.27 -44.93 -14.90
CA SER G 421 33.73 -44.99 -14.81
C SER G 421 34.30 -46.28 -15.40
N THR G 422 33.56 -47.38 -15.28
CA THR G 422 33.95 -48.65 -15.89
C THR G 422 33.75 -48.59 -17.42
N VAL G 423 32.52 -48.27 -17.87
CA VAL G 423 32.19 -48.40 -19.30
C VAL G 423 32.97 -47.46 -20.23
N PHE G 424 33.14 -46.19 -19.87
CA PHE G 424 33.92 -45.25 -20.69
C PHE G 424 35.40 -45.68 -20.75
N LEU G 425 35.91 -46.21 -19.64
CA LEU G 425 37.27 -46.74 -19.57
C LEU G 425 37.37 -48.11 -20.26
N PHE G 426 36.38 -48.96 -20.06
CA PHE G 426 36.34 -50.31 -20.66
C PHE G 426 36.03 -50.28 -22.16
N ASN G 427 35.24 -49.29 -22.60
CA ASN G 427 35.05 -49.05 -24.03
C ASN G 427 36.35 -48.59 -24.69
N ARG G 428 37.09 -47.71 -24.00
CA ARG G 428 38.42 -47.28 -24.46
C ARG G 428 39.46 -48.40 -24.36
N PHE G 429 39.27 -49.34 -23.43
CA PHE G 429 40.04 -50.59 -23.39
C PHE G 429 39.68 -51.51 -24.57
N ILE G 430 38.38 -51.62 -24.86
CA ILE G 430 37.89 -52.36 -26.03
C ILE G 430 38.29 -51.68 -27.35
N ARG G 431 38.28 -50.33 -27.37
CA ARG G 431 38.67 -49.55 -28.56
C ARG G 431 40.15 -49.74 -28.92
N GLY G 432 40.98 -50.02 -27.92
CA GLY G 432 42.39 -50.36 -28.14
C GLY G 432 42.56 -51.72 -28.79
N LEU G 433 42.11 -52.76 -28.09
CA LEU G 433 42.26 -54.17 -28.53
C LEU G 433 41.69 -54.46 -29.94
N ASP G 434 40.63 -53.74 -30.33
CA ASP G 434 40.07 -53.85 -31.68
C ASP G 434 41.01 -53.27 -32.73
N ALA G 435 41.49 -52.05 -32.49
CA ALA G 435 42.46 -51.39 -33.37
C ALA G 435 43.84 -52.07 -33.36
N LEU G 436 44.19 -52.68 -32.22
CA LEU G 436 45.42 -53.48 -32.11
C LEU G 436 45.32 -54.80 -32.87
N SER G 437 44.15 -55.44 -32.82
CA SER G 437 43.88 -56.65 -33.62
C SER G 437 43.73 -56.33 -35.12
N LYS G 438 43.32 -55.11 -35.44
CA LYS G 438 43.30 -54.62 -36.84
C LYS G 438 44.70 -54.43 -37.47
N LYS G 439 45.76 -54.40 -36.64
CA LYS G 439 47.15 -54.22 -37.07
C LYS G 439 47.40 -52.83 -37.67
N ALA G 440 47.73 -51.88 -36.79
CA ALA G 440 48.11 -50.51 -37.16
C ALA G 440 49.42 -50.16 -36.46
N LYS G 441 49.76 -48.87 -36.39
CA LYS G 441 50.95 -48.41 -35.66
C LYS G 441 50.74 -48.59 -34.15
N ALA G 442 51.82 -48.92 -33.44
CA ALA G 442 51.77 -49.24 -32.01
C ALA G 442 51.56 -48.01 -31.10
N SER G 443 52.07 -46.85 -31.52
CA SER G 443 52.03 -45.63 -30.70
C SER G 443 50.65 -44.98 -30.65
N SER G 444 50.06 -44.73 -31.83
CA SER G 444 48.79 -44.00 -31.94
C SER G 444 47.56 -44.91 -31.75
N VAL G 445 47.38 -45.41 -30.53
CA VAL G 445 46.23 -46.23 -30.15
C VAL G 445 45.83 -45.89 -28.71
N ASP G 446 44.55 -45.61 -28.49
CA ASP G 446 44.02 -45.32 -27.15
C ASP G 446 43.87 -46.63 -26.37
N LEU G 447 44.86 -46.91 -25.52
CA LEU G 447 44.94 -48.17 -24.77
C LEU G 447 45.30 -47.90 -23.31
N PRO G 448 44.29 -47.78 -22.42
CA PRO G 448 44.60 -47.70 -20.98
C PRO G 448 45.01 -49.08 -20.44
N ILE G 449 46.09 -49.11 -19.66
CA ILE G 449 46.60 -50.35 -19.06
C ILE G 449 46.70 -50.18 -17.53
N GLU G 450 47.48 -49.20 -17.10
CA GLU G 450 47.56 -48.82 -15.68
C GLU G 450 46.21 -48.34 -15.13
N SER G 451 45.43 -47.67 -15.97
CA SER G 451 44.05 -47.27 -15.62
C SER G 451 43.11 -48.47 -15.59
N VAL G 452 43.21 -49.37 -16.57
CA VAL G 452 42.40 -50.59 -16.60
C VAL G 452 42.74 -51.52 -15.44
N SER G 453 44.03 -51.65 -15.12
CA SER G 453 44.47 -52.45 -13.97
C SER G 453 43.87 -51.90 -12.67
N LEU G 454 43.94 -50.59 -12.50
CA LEU G 454 43.33 -49.90 -11.35
C LEU G 454 41.80 -49.91 -11.40
N SER G 455 41.21 -49.82 -12.59
CA SER G 455 39.76 -49.92 -12.77
C SER G 455 39.24 -51.30 -12.35
N LEU G 456 39.93 -52.34 -12.81
CA LEU G 456 39.66 -53.72 -12.40
C LEU G 456 39.98 -53.96 -10.91
N GLN G 457 41.00 -53.27 -10.40
CA GLN G 457 41.32 -53.27 -8.97
C GLN G 457 40.19 -52.65 -8.14
N ASP G 458 39.65 -51.53 -8.62
CA ASP G 458 38.55 -50.83 -7.94
C ASP G 458 37.21 -51.58 -7.98
N LEU G 459 37.01 -52.43 -8.99
CA LEU G 459 35.78 -53.23 -9.13
C LEU G 459 35.66 -54.37 -8.10
N ILE G 460 36.77 -55.08 -7.86
CA ILE G 460 36.75 -56.32 -7.07
C ILE G 460 36.39 -56.12 -5.59
N GLY G 461 36.92 -55.05 -4.99
CA GLY G 461 36.57 -54.68 -3.60
C GLY G 461 35.10 -54.38 -3.37
N TYR G 462 34.43 -53.91 -4.43
CA TYR G 462 32.98 -53.69 -4.43
C TYR G 462 32.23 -55.02 -4.29
N PHE G 463 32.70 -56.05 -5.00
CA PHE G 463 32.10 -57.40 -4.96
C PHE G 463 32.89 -58.41 -4.11
N HIS G 464 33.77 -57.93 -3.23
CA HIS G 464 34.58 -58.79 -2.37
C HIS G 464 33.71 -59.37 -1.25
N PRO G 465 33.97 -60.63 -0.82
CA PRO G 465 33.23 -61.16 0.33
C PRO G 465 33.43 -60.30 1.60
N PRO G 466 32.32 -59.93 2.29
CA PRO G 466 32.38 -58.96 3.41
C PRO G 466 33.35 -59.23 4.58
N ASP G 467 33.71 -60.49 4.80
CA ASP G 467 34.56 -60.94 5.92
C ASP G 467 33.69 -61.25 7.17
N GLU G 468 33.46 -62.54 7.40
CA GLU G 468 32.42 -63.04 8.34
C GLU G 468 32.73 -62.81 9.84
N HIS G 469 34.02 -62.65 10.20
CA HIS G 469 34.44 -62.46 11.60
C HIS G 469 33.99 -61.13 12.26
N LEU G 470 33.59 -60.13 11.44
CA LEU G 470 32.93 -58.89 11.94
C LEU G 470 31.56 -59.19 12.63
N GLU G 471 31.23 -58.40 13.67
CA GLU G 471 30.11 -58.72 14.60
C GLU G 471 28.73 -58.72 13.92
N HIS G 472 27.93 -59.75 14.24
CA HIS G 472 26.70 -60.18 13.50
C HIS G 472 26.28 -59.43 12.22
N GLU G 473 25.81 -58.19 12.36
CA GLU G 473 25.01 -57.53 11.31
C GLU G 473 25.79 -57.07 10.06
N ASP G 474 27.01 -56.54 10.27
CA ASP G 474 27.86 -55.99 9.19
C ASP G 474 28.08 -56.93 7.96
N LYS G 475 28.00 -58.25 8.19
CA LYS G 475 28.11 -59.26 7.11
C LYS G 475 26.92 -59.27 6.12
N GLN G 476 25.70 -59.11 6.63
CA GLN G 476 24.47 -59.16 5.80
C GLN G 476 24.32 -57.95 4.87
N ASN G 477 24.58 -56.76 5.38
CA ASN G 477 24.42 -55.52 4.59
C ASN G 477 25.43 -55.39 3.44
N ARG G 478 26.67 -55.80 3.69
CA ARG G 478 27.68 -55.87 2.62
C ARG G 478 27.38 -57.00 1.61
N LEU G 479 26.75 -58.08 2.07
CA LEU G 479 26.24 -59.13 1.16
C LEU G 479 25.05 -58.63 0.35
N ARG G 480 24.07 -58.01 1.00
CA ARG G 480 22.92 -57.39 0.31
C ARG G 480 23.33 -56.17 -0.54
N ALA G 481 24.47 -55.56 -0.21
CA ALA G 481 25.12 -54.59 -1.10
C ALA G 481 25.71 -55.34 -2.29
N LEU G 482 26.51 -56.36 -2.01
CA LEU G 482 27.03 -57.28 -3.05
C LEU G 482 25.90 -57.90 -3.91
N LYS G 483 24.74 -58.13 -3.30
CA LYS G 483 23.53 -58.59 -4.00
C LYS G 483 22.94 -57.49 -4.87
N ASN G 484 22.86 -56.27 -4.30
CA ASN G 484 22.35 -55.10 -5.02
C ASN G 484 23.28 -54.66 -6.15
N ARG G 485 24.58 -54.60 -5.86
CA ARG G 485 25.60 -54.18 -6.83
C ARG G 485 25.62 -55.08 -8.07
N GLN G 486 25.58 -56.40 -7.86
CA GLN G 486 25.60 -57.37 -8.96
C GLN G 486 24.29 -57.39 -9.77
N ASN G 487 23.16 -57.13 -9.13
CA ASN G 487 21.87 -57.00 -9.83
C ASN G 487 21.78 -55.75 -10.72
N LEU G 488 22.38 -54.65 -10.26
CA LEU G 488 22.47 -53.43 -11.06
C LEU G 488 23.40 -53.54 -12.31
N PHE G 489 24.37 -54.47 -12.27
CA PHE G 489 25.30 -54.69 -13.39
C PHE G 489 24.69 -55.50 -14.58
N GLN G 490 23.63 -56.27 -14.33
CA GLN G 490 22.95 -57.03 -15.40
C GLN G 490 21.93 -56.18 -16.18
N GLU G 491 21.20 -55.31 -15.47
CA GLU G 491 20.22 -54.43 -16.10
C GLU G 491 20.86 -53.39 -17.02
N GLU G 492 22.05 -52.91 -16.63
CA GLU G 492 22.86 -52.06 -17.49
C GLU G 492 23.56 -52.91 -18.54
N GLY G 493 24.24 -53.97 -18.08
CA GLY G 493 24.83 -54.98 -18.95
C GLY G 493 26.35 -54.99 -18.93
N MET G 494 26.92 -55.28 -17.76
CA MET G 494 28.37 -55.44 -17.59
C MET G 494 28.83 -56.89 -17.77
N ILE G 495 27.88 -57.83 -17.86
CA ILE G 495 28.19 -59.25 -18.06
C ILE G 495 28.56 -59.52 -19.52
N ASN G 496 27.74 -59.00 -20.45
CA ASN G 496 28.03 -59.11 -21.87
C ASN G 496 29.14 -58.15 -22.33
N LEU G 497 29.34 -57.06 -21.59
CA LEU G 497 30.43 -56.11 -21.84
C LEU G 497 31.79 -56.76 -21.58
N VAL G 498 31.96 -57.30 -20.37
CA VAL G 498 33.20 -57.96 -19.97
C VAL G 498 33.44 -59.27 -20.74
N LEU G 499 32.37 -59.94 -21.15
CA LEU G 499 32.47 -61.10 -22.07
C LEU G 499 33.20 -60.73 -23.38
N GLU G 500 32.86 -59.57 -23.92
CA GLU G 500 33.49 -59.06 -25.15
C GLU G 500 34.96 -58.67 -24.93
N CYS G 501 35.25 -58.05 -23.79
CA CYS G 501 36.62 -57.69 -23.40
C CYS G 501 37.56 -58.90 -23.36
N ILE G 502 37.06 -60.01 -22.85
CA ILE G 502 37.85 -61.24 -22.71
C ILE G 502 38.06 -61.92 -24.07
N ASP G 503 37.02 -61.92 -24.91
CA ASP G 503 37.12 -62.49 -26.26
C ASP G 503 38.13 -61.76 -27.14
N ARG G 504 38.23 -60.44 -26.98
CA ARG G 504 39.24 -59.64 -27.70
C ARG G 504 40.65 -59.84 -27.15
N LEU G 505 40.77 -60.09 -25.84
CA LEU G 505 42.04 -60.50 -25.24
C LEU G 505 42.47 -61.90 -25.71
N HIS G 506 41.49 -62.78 -25.93
CA HIS G 506 41.74 -64.14 -26.43
C HIS G 506 42.09 -64.23 -27.94
N VAL G 507 42.05 -63.10 -28.64
CA VAL G 507 42.60 -63.02 -30.01
C VAL G 507 44.13 -63.20 -30.00
N TYR G 508 44.78 -62.70 -28.95
CA TYR G 508 46.24 -62.76 -28.81
C TYR G 508 46.63 -64.01 -28.01
N SER G 509 47.48 -64.86 -28.60
CA SER G 509 47.77 -66.19 -28.05
C SER G 509 48.80 -66.19 -26.93
N SER G 510 50.10 -66.14 -27.28
CA SER G 510 51.18 -66.25 -26.31
C SER G 510 51.41 -64.92 -25.58
N ALA G 511 52.25 -64.96 -24.54
CA ALA G 511 52.62 -63.76 -23.78
C ALA G 511 53.42 -62.76 -24.62
N ALA G 512 54.28 -63.26 -25.51
CA ALA G 512 55.11 -62.42 -26.39
C ALA G 512 54.34 -61.75 -27.53
N HIS G 513 53.15 -62.28 -27.88
CA HIS G 513 52.40 -61.81 -29.04
C HIS G 513 51.74 -60.43 -28.83
N PHE G 514 50.98 -60.30 -27.74
CA PHE G 514 50.26 -59.04 -27.44
C PHE G 514 51.21 -57.88 -27.10
N ALA G 515 52.38 -58.20 -26.54
CA ALA G 515 53.40 -57.19 -26.22
C ALA G 515 53.89 -56.45 -27.47
N ASP G 516 54.20 -57.21 -28.53
CA ASP G 516 54.63 -56.65 -29.80
C ASP G 516 53.50 -55.88 -30.51
N VAL G 517 52.29 -56.42 -30.43
CA VAL G 517 51.11 -55.83 -31.08
C VAL G 517 50.69 -54.54 -30.37
N ALA G 518 50.44 -54.64 -29.07
CA ALA G 518 49.95 -53.53 -28.27
C ALA G 518 51.06 -52.61 -27.79
N GLY G 519 51.97 -53.18 -27.00
CA GLY G 519 53.01 -52.42 -26.31
C GLY G 519 53.49 -53.16 -25.08
N ARG G 520 54.66 -52.77 -24.60
CA ARG G 520 55.30 -53.47 -23.46
C ARG G 520 54.59 -53.23 -22.13
N GLU G 521 53.87 -52.11 -22.01
CA GLU G 521 52.94 -51.88 -20.90
C GLU G 521 51.77 -52.87 -20.95
N ALA G 522 51.16 -52.99 -22.12
CA ALA G 522 50.00 -53.86 -22.33
C ALA G 522 50.33 -55.36 -22.35
N GLY G 523 51.55 -55.70 -22.78
CA GLY G 523 51.98 -57.10 -22.88
C GLY G 523 52.14 -57.80 -21.54
N GLU G 524 52.85 -57.16 -20.61
CA GLU G 524 53.08 -57.70 -19.27
C GLU G 524 51.80 -57.80 -18.42
N SER G 525 50.85 -56.90 -18.68
CA SER G 525 49.58 -56.87 -17.95
C SER G 525 48.54 -57.92 -18.41
N TRP G 526 48.88 -58.72 -19.43
CA TRP G 526 47.92 -59.68 -20.02
C TRP G 526 47.41 -60.71 -19.02
N LYS G 527 48.31 -61.35 -18.28
CA LYS G 527 47.94 -62.33 -17.26
C LYS G 527 47.32 -61.70 -16.01
N SER G 528 47.81 -60.52 -15.61
CA SER G 528 47.25 -59.80 -14.46
C SER G 528 45.84 -59.28 -14.73
N ILE G 529 45.61 -58.76 -15.94
CA ILE G 529 44.28 -58.33 -16.38
C ILE G 529 43.35 -59.53 -16.58
N LEU G 530 43.85 -60.62 -17.16
CA LEU G 530 43.06 -61.85 -17.32
C LEU G 530 42.60 -62.43 -15.98
N ASN G 531 43.54 -62.59 -15.06
CA ASN G 531 43.24 -63.07 -13.71
C ASN G 531 42.34 -62.11 -12.91
N SER G 532 42.46 -60.80 -13.18
CA SER G 532 41.55 -59.80 -12.60
C SER G 532 40.14 -59.86 -13.23
N LEU G 533 40.07 -60.08 -14.53
CA LEU G 533 38.79 -60.20 -15.25
C LEU G 533 38.00 -61.47 -14.89
N TYR G 534 38.69 -62.55 -14.55
CA TYR G 534 38.02 -63.79 -14.10
C TYR G 534 37.29 -63.63 -12.76
N GLU G 535 37.83 -62.83 -11.86
CA GLU G 535 37.16 -62.52 -10.58
C GLU G 535 36.00 -61.54 -10.73
N LEU G 536 36.04 -60.68 -11.75
CA LEU G 536 34.95 -59.74 -12.03
C LEU G 536 33.69 -60.46 -12.55
N LEU G 537 33.87 -61.44 -13.42
CA LEU G 537 32.75 -62.25 -13.95
C LEU G 537 32.12 -63.17 -12.89
N ALA G 538 32.94 -63.69 -11.98
CA ALA G 538 32.49 -64.63 -10.95
C ALA G 538 31.71 -63.96 -9.81
N ALA G 539 32.22 -62.82 -9.33
CA ALA G 539 31.58 -62.09 -8.22
C ALA G 539 30.24 -61.43 -8.57
N LEU G 540 30.00 -61.21 -9.87
CA LEU G 540 28.70 -60.72 -10.36
C LEU G 540 27.59 -61.78 -10.43
N ILE G 541 27.94 -63.06 -10.22
CA ILE G 541 26.96 -64.16 -10.28
C ILE G 541 26.99 -65.10 -9.03
N ARG G 542 27.59 -64.64 -7.93
CA ARG G 542 27.64 -65.40 -6.67
C ARG G 542 26.63 -64.83 -5.66
N GLY G 543 25.38 -65.26 -5.79
CA GLY G 543 24.32 -64.86 -4.87
C GLY G 543 22.92 -65.13 -5.41
N ASN G 544 22.59 -64.45 -6.51
CA ASN G 544 21.25 -64.54 -7.12
C ASN G 544 21.09 -65.76 -8.04
N ARG G 545 19.89 -66.36 -8.05
CA ARG G 545 19.52 -67.39 -9.03
C ARG G 545 19.40 -66.79 -10.46
N LYS G 546 19.00 -65.51 -10.55
CA LYS G 546 18.74 -64.85 -11.86
C LYS G 546 20.00 -64.48 -12.68
N ASN G 547 21.09 -64.09 -11.99
CA ASN G 547 22.39 -63.83 -12.66
C ASN G 547 22.99 -65.11 -13.31
N CYS G 548 22.88 -66.23 -12.60
CA CYS G 548 23.26 -67.57 -13.10
C CYS G 548 22.37 -68.04 -14.27
N ALA G 549 21.08 -67.68 -14.22
CA ALA G 549 20.12 -67.92 -15.32
C ALA G 549 20.47 -67.13 -16.61
N GLN G 550 21.15 -65.98 -16.47
CA GLN G 550 21.73 -65.24 -17.63
C GLN G 550 23.02 -65.85 -18.22
N PHE G 551 23.70 -66.72 -17.46
CA PHE G 551 24.77 -67.62 -17.98
C PHE G 551 24.31 -69.08 -18.28
N SER G 552 22.99 -69.35 -18.19
CA SER G 552 22.42 -70.71 -18.46
C SER G 552 22.75 -71.23 -19.88
N GLY G 553 22.47 -70.41 -20.90
CA GLY G 553 22.89 -70.66 -22.28
C GLY G 553 24.39 -70.49 -22.50
N SER G 554 25.06 -69.66 -21.69
CA SER G 554 26.51 -69.41 -21.78
C SER G 554 27.41 -70.46 -21.08
N LEU G 555 26.83 -71.43 -20.38
CA LEU G 555 27.61 -72.46 -19.64
C LEU G 555 28.45 -73.39 -20.55
N ASP G 556 27.87 -73.81 -21.69
CA ASP G 556 28.58 -74.67 -22.68
C ASP G 556 29.82 -73.95 -23.29
N TRP G 557 29.72 -72.62 -23.44
CA TRP G 557 30.85 -71.73 -23.83
C TRP G 557 31.97 -71.68 -22.75
N LEU G 558 31.57 -71.76 -21.47
CA LEU G 558 32.50 -71.73 -20.33
C LEU G 558 33.32 -73.05 -20.22
N ILE G 559 32.63 -74.19 -20.40
CA ILE G 559 33.28 -75.51 -20.60
C ILE G 559 34.25 -75.53 -21.80
N SER G 560 33.84 -74.85 -22.89
CA SER G 560 34.67 -74.72 -24.11
C SER G 560 35.97 -73.89 -23.88
N ARG G 561 35.89 -72.86 -23.04
CA ARG G 561 37.05 -72.03 -22.63
C ARG G 561 37.92 -72.66 -21.53
N LEU G 562 37.42 -73.74 -20.90
CA LEU G 562 38.13 -74.50 -19.85
C LEU G 562 39.41 -75.26 -20.33
N GLU G 563 39.45 -75.61 -21.62
CA GLU G 563 40.59 -76.36 -22.24
C GLU G 563 41.81 -75.49 -22.66
N ARG G 564 41.76 -74.17 -22.44
CA ARG G 564 42.90 -73.25 -22.73
C ARG G 564 44.17 -73.51 -21.87
N LEU G 565 43.98 -73.78 -20.57
CA LEU G 565 45.09 -74.04 -19.63
C LEU G 565 46.22 -72.96 -19.61
N GLU G 566 45.87 -71.70 -19.88
CA GLU G 566 46.80 -70.56 -19.69
C GLU G 566 46.65 -70.03 -18.25
N ALA G 567 45.38 -69.76 -17.87
CA ALA G 567 44.95 -69.44 -16.49
C ALA G 567 43.57 -70.11 -16.22
N SER G 568 43.57 -71.44 -16.17
CA SER G 568 42.32 -72.24 -16.10
C SER G 568 41.46 -72.02 -14.81
N SER G 569 42.13 -71.85 -13.67
CA SER G 569 41.47 -71.80 -12.34
C SER G 569 40.31 -70.77 -12.28
N GLY G 570 40.57 -69.55 -12.76
CA GLY G 570 39.52 -68.51 -12.86
C GLY G 570 38.24 -68.98 -13.54
N ILE G 571 38.39 -69.74 -14.63
CA ILE G 571 37.25 -70.36 -15.37
C ILE G 571 36.54 -71.40 -14.46
N LEU G 572 37.34 -72.08 -13.63
CA LEU G 572 36.86 -73.12 -12.69
C LEU G 572 35.98 -72.53 -11.56
N GLU G 573 36.41 -71.40 -10.97
CA GLU G 573 35.59 -70.66 -9.97
C GLU G 573 34.29 -70.08 -10.61
N VAL G 574 34.36 -69.68 -11.89
CA VAL G 574 33.17 -69.19 -12.64
C VAL G 574 32.09 -70.28 -12.74
N LEU G 575 32.48 -71.48 -13.21
CA LEU G 575 31.56 -72.62 -13.40
C LEU G 575 30.95 -73.11 -12.07
N HIS G 576 31.75 -73.10 -10.99
CA HIS G 576 31.31 -73.44 -9.61
C HIS G 576 30.16 -72.54 -9.11
N CYS G 577 30.35 -71.22 -9.23
CA CYS G 577 29.33 -70.24 -8.78
C CYS G 577 28.04 -70.28 -9.65
N VAL G 578 28.18 -70.62 -10.94
CA VAL G 578 27.02 -70.85 -11.86
C VAL G 578 26.16 -72.06 -11.40
N LEU G 579 26.81 -73.13 -10.92
CA LEU G 579 26.10 -74.38 -10.54
C LEU G 579 25.47 -74.37 -9.12
N VAL G 580 26.20 -73.85 -8.12
CA VAL G 580 25.71 -73.85 -6.70
C VAL G 580 24.46 -72.99 -6.44
N GLU G 581 24.31 -71.88 -7.16
CA GLU G 581 23.21 -70.92 -6.95
C GLU G 581 21.93 -71.16 -7.81
N SER G 582 21.99 -72.10 -8.79
CA SER G 582 20.90 -72.35 -9.75
C SER G 582 20.64 -73.86 -10.06
N PRO G 583 19.57 -74.47 -9.48
CA PRO G 583 19.29 -75.93 -9.71
C PRO G 583 18.86 -76.32 -11.17
N GLU G 584 18.15 -75.43 -11.87
CA GLU G 584 17.74 -75.64 -13.28
C GLU G 584 18.95 -75.73 -14.27
N ALA G 585 19.99 -74.95 -14.00
CA ALA G 585 21.27 -75.02 -14.76
C ALA G 585 21.97 -76.39 -14.61
N LEU G 586 21.82 -77.04 -13.44
CA LEU G 586 22.27 -78.43 -13.23
C LEU G 586 21.51 -79.45 -14.12
N ASN G 587 20.22 -79.17 -14.36
CA ASN G 587 19.38 -79.99 -15.28
C ASN G 587 19.83 -79.85 -16.77
N ILE G 588 20.30 -78.65 -17.16
CA ILE G 588 20.74 -78.36 -18.56
C ILE G 588 22.04 -79.08 -19.01
N ILE G 589 23.01 -79.27 -18.10
CA ILE G 589 24.32 -79.85 -18.46
C ILE G 589 24.23 -81.32 -18.92
N LYS G 590 25.14 -81.68 -19.82
CA LYS G 590 25.06 -82.84 -20.69
C LYS G 590 26.34 -83.68 -20.57
N GLU G 591 26.49 -84.72 -21.39
CA GLU G 591 27.66 -85.62 -21.36
C GLU G 591 29.01 -84.93 -21.72
N GLY G 592 28.97 -83.98 -22.67
CA GLY G 592 30.18 -83.22 -23.09
C GLY G 592 30.80 -82.32 -22.02
N HIS G 593 29.93 -81.78 -21.14
CA HIS G 593 30.33 -80.87 -20.05
C HIS G 593 31.16 -81.64 -19.00
N ILE G 594 30.59 -82.78 -18.58
CA ILE G 594 31.20 -83.70 -17.60
C ILE G 594 32.51 -84.33 -18.14
N LYS G 595 32.54 -84.67 -19.44
CA LYS G 595 33.76 -85.20 -20.10
C LYS G 595 34.91 -84.14 -20.15
N SER G 596 34.54 -82.86 -20.23
CA SER G 596 35.53 -81.74 -20.21
C SER G 596 36.15 -81.49 -18.80
N ILE G 597 35.31 -81.55 -17.74
CA ILE G 597 35.75 -81.40 -16.32
C ILE G 597 36.71 -82.57 -15.92
N ILE G 598 36.33 -83.79 -16.31
CA ILE G 598 37.13 -85.02 -16.07
C ILE G 598 38.47 -84.99 -16.85
N SER G 599 38.46 -84.38 -18.05
CA SER G 599 39.70 -84.14 -18.83
C SER G 599 40.66 -83.19 -18.07
N LEU G 600 40.10 -82.17 -17.41
CA LEU G 600 40.87 -81.24 -16.54
C LEU G 600 41.53 -81.98 -15.34
N LEU G 601 40.82 -82.95 -14.76
CA LEU G 601 41.35 -83.82 -13.68
C LEU G 601 42.52 -84.70 -14.16
N ASP G 602 42.44 -85.22 -15.39
CA ASP G 602 43.56 -85.97 -16.02
C ASP G 602 44.77 -85.04 -16.25
N LYS G 603 44.50 -83.86 -16.79
CA LYS G 603 45.56 -82.93 -17.25
C LYS G 603 46.26 -82.07 -16.13
N HIS G 604 45.54 -81.69 -15.07
CA HIS G 604 46.12 -80.93 -13.94
C HIS G 604 46.83 -81.79 -12.86
N GLY G 605 46.37 -83.03 -12.70
CA GLY G 605 46.52 -83.73 -11.42
C GLY G 605 45.36 -83.25 -10.57
N ARG G 606 45.63 -82.82 -9.33
CA ARG G 606 44.59 -82.46 -8.37
C ARG G 606 44.98 -81.21 -7.56
N ASN G 607 44.16 -80.15 -7.68
CA ASN G 607 44.21 -78.94 -6.85
C ASN G 607 42.94 -78.94 -5.97
N HIS G 608 42.69 -77.85 -5.23
CA HIS G 608 41.48 -77.72 -4.39
C HIS G 608 40.17 -77.49 -5.18
N LYS G 609 40.25 -77.34 -6.51
CA LYS G 609 39.09 -77.02 -7.35
C LYS G 609 38.43 -78.26 -8.02
N VAL G 610 39.25 -79.27 -8.34
CA VAL G 610 38.82 -80.38 -9.22
C VAL G 610 37.61 -81.19 -8.71
N LEU G 611 37.56 -81.46 -7.40
CA LEU G 611 36.37 -82.08 -6.75
C LEU G 611 35.08 -81.27 -6.97
N ASP G 612 35.20 -79.96 -6.71
CA ASP G 612 34.09 -79.06 -6.32
C ASP G 612 32.95 -78.98 -7.35
N VAL G 613 33.29 -79.01 -8.64
CA VAL G 613 32.30 -78.92 -9.75
C VAL G 613 31.43 -80.21 -9.82
N LEU G 614 32.09 -81.37 -9.70
CA LEU G 614 31.41 -82.70 -9.64
C LEU G 614 30.48 -82.78 -8.40
N CYS G 615 30.97 -82.23 -7.27
CA CYS G 615 30.20 -82.15 -6.02
C CYS G 615 28.92 -81.27 -6.15
N SER G 616 29.02 -80.19 -6.94
CA SER G 616 27.86 -79.31 -7.27
C SER G 616 26.82 -79.98 -8.20
N LEU G 617 27.29 -80.81 -9.15
CA LEU G 617 26.40 -81.59 -10.04
C LEU G 617 25.65 -82.71 -9.27
N CYS G 618 26.24 -83.20 -8.17
CA CYS G 618 25.61 -84.21 -7.29
C CYS G 618 24.40 -83.68 -6.47
N VAL G 619 24.55 -82.51 -5.84
CA VAL G 619 23.59 -81.99 -4.80
C VAL G 619 23.41 -80.44 -4.95
N CYS G 620 22.17 -79.95 -4.71
CA CYS G 620 21.83 -78.50 -4.70
C CYS G 620 22.20 -77.86 -3.32
N HIS G 621 21.31 -77.03 -2.74
CA HIS G 621 21.50 -76.53 -1.35
C HIS G 621 21.36 -77.68 -0.30
N GLY G 622 20.56 -78.69 -0.64
CA GLY G 622 20.51 -79.95 0.12
C GLY G 622 19.61 -81.06 -0.46
N VAL G 623 19.63 -81.22 -1.79
CA VAL G 623 18.77 -82.19 -2.54
C VAL G 623 19.46 -82.76 -3.81
N ALA G 624 19.34 -84.07 -4.05
CA ALA G 624 20.03 -84.80 -5.16
C ALA G 624 19.25 -84.81 -6.51
N VAL G 625 19.98 -85.06 -7.61
CA VAL G 625 19.42 -85.20 -9.00
C VAL G 625 20.00 -86.47 -9.68
N ARG G 626 19.30 -87.62 -9.52
CA ARG G 626 19.79 -88.98 -9.91
C ARG G 626 20.42 -89.15 -11.32
N SER G 627 19.69 -88.74 -12.37
CA SER G 627 20.15 -88.90 -13.78
C SER G 627 21.45 -88.13 -14.10
N ASN G 628 21.57 -86.93 -13.52
CA ASN G 628 22.77 -86.07 -13.68
C ASN G 628 24.02 -86.70 -13.03
N GLN G 629 23.80 -87.50 -11.97
CA GLN G 629 24.86 -88.23 -11.22
C GLN G 629 25.30 -89.52 -11.94
N HIS G 630 24.30 -90.31 -12.36
CA HIS G 630 24.48 -91.56 -13.12
C HIS G 630 25.32 -91.33 -14.39
N LEU G 631 25.10 -90.17 -15.02
CA LEU G 631 25.88 -89.71 -16.21
C LEU G 631 27.39 -89.53 -15.85
N ILE G 632 27.64 -88.88 -14.69
CA ILE G 632 29.01 -88.62 -14.17
C ILE G 632 29.74 -89.95 -13.86
N CYS G 633 28.99 -90.93 -13.33
CA CYS G 633 29.52 -92.26 -13.04
C CYS G 633 29.76 -93.12 -14.31
N ASP G 634 29.10 -92.78 -15.42
CA ASP G 634 29.37 -93.40 -16.75
C ASP G 634 30.58 -92.79 -17.49
N ASN G 635 31.18 -91.72 -16.96
CA ASN G 635 32.34 -91.02 -17.58
C ASN G 635 33.67 -91.14 -16.77
N LEU G 636 33.66 -90.79 -15.47
CA LEU G 636 34.87 -90.86 -14.59
C LEU G 636 35.56 -92.25 -14.50
N LEU G 637 34.83 -93.21 -13.92
CA LEU G 637 35.43 -94.49 -13.46
C LEU G 637 35.85 -95.54 -14.53
N PRO G 638 35.08 -95.72 -15.64
CA PRO G 638 35.30 -96.93 -16.49
C PRO G 638 36.72 -97.10 -17.11
N GLY G 639 37.35 -95.99 -17.49
CA GLY G 639 38.68 -95.98 -18.13
C GLY G 639 39.86 -96.43 -17.28
N ARG G 640 39.81 -96.14 -15.97
CA ARG G 640 40.87 -96.52 -14.98
C ARG G 640 42.29 -95.92 -15.23
N ASP G 641 42.41 -95.00 -16.19
CA ASP G 641 43.67 -94.29 -16.51
C ASP G 641 43.81 -93.01 -15.67
N LEU G 642 42.71 -92.27 -15.58
CA LEU G 642 42.58 -91.01 -14.80
C LEU G 642 43.04 -91.07 -13.32
N LEU G 643 42.21 -91.69 -12.49
CA LEU G 643 42.31 -91.57 -11.01
C LEU G 643 43.28 -92.61 -10.42
N LEU G 644 43.77 -92.31 -9.21
CA LEU G 644 44.76 -93.15 -8.53
C LEU G 644 44.12 -94.45 -7.97
N GLN G 645 44.91 -95.54 -8.00
CA GLN G 645 44.52 -96.87 -7.47
C GLN G 645 45.24 -97.15 -6.12
N THR G 646 44.61 -97.93 -5.24
CA THR G 646 45.21 -98.32 -3.93
C THR G 646 44.92 -99.81 -3.57
N ARG G 647 45.91 -100.47 -2.93
CA ARG G 647 45.77 -101.87 -2.44
C ARG G 647 46.57 -102.18 -1.17
N LEU G 648 46.19 -103.27 -0.50
CA LEU G 648 46.92 -103.82 0.65
C LEU G 648 47.93 -104.85 0.16
N VAL G 649 49.09 -104.97 0.84
CA VAL G 649 50.11 -105.99 0.52
C VAL G 649 50.72 -106.65 1.78
N ASN G 650 51.05 -107.94 1.65
CA ASN G 650 51.63 -108.76 2.74
C ASN G 650 53.14 -108.41 2.95
N HIS G 651 53.57 -108.36 4.21
CA HIS G 651 54.99 -108.16 4.58
C HIS G 651 55.84 -109.39 4.20
N VAL G 652 56.89 -109.17 3.41
CA VAL G 652 57.82 -110.23 2.99
C VAL G 652 59.18 -109.99 3.69
N SER G 653 59.46 -110.82 4.71
CA SER G 653 60.75 -110.83 5.41
C SER G 653 61.75 -111.72 4.64
N SER G 654 63.05 -111.44 4.78
CA SER G 654 64.11 -112.15 4.01
C SER G 654 65.45 -112.28 4.78
N MET G 655 66.24 -113.33 4.46
CA MET G 655 67.47 -113.68 5.22
C MET G 655 68.61 -114.29 4.37
N ARG G 656 69.85 -113.78 4.55
CA ARG G 656 71.04 -114.21 3.76
C ARG G 656 72.15 -114.85 4.64
N PRO G 657 72.68 -116.06 4.27
CA PRO G 657 73.88 -116.58 4.99
C PRO G 657 75.16 -115.77 4.67
N ASN G 658 76.07 -115.65 5.65
CA ASN G 658 77.25 -114.74 5.56
C ASN G 658 78.42 -115.29 4.70
N ILE G 659 78.19 -115.38 3.39
CA ILE G 659 79.23 -115.71 2.39
C ILE G 659 79.38 -114.49 1.44
N PHE G 660 80.62 -114.08 1.18
CA PHE G 660 80.94 -113.05 0.20
C PHE G 660 81.70 -113.66 -0.99
N LEU G 661 80.95 -114.14 -1.99
CA LEU G 661 81.52 -114.67 -3.24
C LEU G 661 81.84 -113.55 -4.24
N GLY G 662 82.91 -113.73 -5.02
CA GLY G 662 83.32 -112.73 -6.02
C GLY G 662 84.10 -113.33 -7.19
N VAL G 663 84.44 -112.46 -8.13
CA VAL G 663 85.23 -112.83 -9.30
C VAL G 663 86.42 -111.87 -9.41
N SER G 664 87.54 -112.26 -8.80
CA SER G 664 88.80 -111.55 -9.00
C SER G 664 89.31 -111.93 -10.40
N GLU G 665 89.05 -111.05 -11.37
CA GLU G 665 89.37 -111.31 -12.78
C GLU G 665 90.88 -111.37 -12.98
N GLY G 666 91.41 -112.60 -12.95
CA GLY G 666 92.85 -112.86 -12.98
C GLY G 666 93.20 -114.01 -12.05
N SER G 667 92.72 -113.92 -10.81
CA SER G 667 92.87 -114.98 -9.81
C SER G 667 91.52 -115.64 -9.54
N ALA G 668 91.25 -116.73 -10.29
CA ALA G 668 89.96 -117.42 -10.23
C ALA G 668 89.78 -118.24 -8.94
N GLN G 669 88.72 -117.93 -8.19
CA GLN G 669 88.33 -118.71 -7.00
C GLN G 669 87.75 -120.07 -7.40
N TYR G 670 87.32 -120.85 -6.41
CA TYR G 670 86.41 -121.98 -6.65
C TYR G 670 85.05 -121.38 -7.06
N LYS G 671 84.99 -120.77 -8.25
CA LYS G 671 83.87 -119.89 -8.61
C LYS G 671 82.54 -120.61 -8.86
N LYS G 672 82.57 -121.92 -9.14
CA LYS G 672 81.35 -122.77 -9.09
C LYS G 672 80.94 -123.03 -7.62
N TRP G 673 79.65 -122.83 -7.31
CA TRP G 673 79.09 -122.98 -5.94
C TRP G 673 77.64 -123.56 -5.94
N TYR G 674 77.32 -124.30 -4.88
CA TYR G 674 76.01 -125.00 -4.71
C TYR G 674 75.56 -125.03 -3.23
N TYR G 675 74.24 -124.92 -2.98
CA TYR G 675 73.66 -125.14 -1.64
C TYR G 675 72.19 -125.58 -1.66
N GLU G 676 71.77 -126.26 -0.58
CA GLU G 676 70.40 -126.78 -0.42
C GLU G 676 69.52 -125.92 0.52
N LEU G 677 68.20 -126.05 0.33
CA LEU G 677 67.18 -125.48 1.22
C LEU G 677 66.03 -126.51 1.44
N MET G 678 66.05 -127.15 2.62
CA MET G 678 64.93 -127.99 3.09
C MET G 678 63.74 -127.08 3.47
N VAL G 679 62.52 -127.48 3.09
CA VAL G 679 61.28 -126.83 3.57
C VAL G 679 60.74 -127.68 4.74
N ASP G 680 60.47 -127.04 5.88
CA ASP G 680 59.94 -127.72 7.08
C ASP G 680 58.42 -127.77 6.96
N HIS G 681 57.76 -126.61 6.80
CA HIS G 681 56.36 -126.57 6.34
C HIS G 681 55.87 -125.17 5.95
N THR G 682 55.06 -125.13 4.88
CA THR G 682 54.20 -123.98 4.56
C THR G 682 52.76 -124.44 4.76
N GLU G 683 52.47 -124.91 5.97
CA GLU G 683 51.22 -125.62 6.30
C GLU G 683 50.02 -124.67 6.36
N PRO G 684 48.80 -125.16 6.04
CA PRO G 684 47.58 -124.37 6.27
C PRO G 684 47.32 -123.99 7.74
N PHE G 685 47.73 -122.77 8.11
CA PHE G 685 47.46 -122.17 9.44
C PHE G 685 47.50 -120.63 9.25
N VAL G 686 47.81 -119.86 10.30
CA VAL G 686 48.03 -118.40 10.16
C VAL G 686 49.16 -118.02 9.17
N THR G 687 50.06 -118.96 8.87
CA THR G 687 51.07 -118.82 7.79
C THR G 687 50.40 -118.52 6.42
N ALA G 688 51.14 -117.87 5.50
CA ALA G 688 50.65 -117.59 4.14
C ALA G 688 51.03 -118.76 3.21
N GLU G 689 50.01 -119.56 2.83
CA GLU G 689 50.16 -120.63 1.83
C GLU G 689 50.21 -120.03 0.43
N ALA G 690 49.20 -119.20 0.13
CA ALA G 690 49.25 -118.32 -1.03
C ALA G 690 50.17 -117.18 -0.63
N THR G 691 51.34 -117.11 -1.27
CA THR G 691 52.46 -116.37 -0.73
C THR G 691 53.39 -115.80 -1.80
N HIS G 692 54.15 -114.78 -1.38
CA HIS G 692 55.36 -114.34 -2.07
C HIS G 692 56.54 -115.04 -1.36
N LEU G 693 57.13 -116.01 -2.03
CA LEU G 693 58.12 -116.92 -1.43
C LEU G 693 59.18 -117.30 -2.48
N ARG G 694 60.23 -116.49 -2.59
CA ARG G 694 61.25 -116.58 -3.68
C ARG G 694 62.69 -116.77 -3.15
N VAL G 695 63.38 -117.85 -3.57
CA VAL G 695 64.80 -118.12 -3.17
C VAL G 695 65.80 -118.00 -4.34
N GLY G 696 66.88 -117.24 -4.14
CA GLY G 696 67.87 -117.02 -5.21
C GLY G 696 69.02 -116.04 -4.92
N TRP G 697 69.79 -115.73 -5.97
CA TRP G 697 71.05 -114.94 -5.86
C TRP G 697 70.81 -113.40 -5.92
N ALA G 698 71.73 -112.64 -5.29
CA ALA G 698 71.66 -111.15 -5.24
C ALA G 698 73.04 -110.46 -5.02
N SER G 699 73.31 -109.38 -5.76
CA SER G 699 74.59 -108.64 -5.72
C SER G 699 74.66 -107.52 -4.64
N THR G 700 75.89 -107.23 -4.17
CA THR G 700 76.14 -106.17 -3.14
C THR G 700 75.99 -104.71 -3.64
N GLU G 701 76.18 -104.49 -4.96
CA GLU G 701 76.29 -103.14 -5.57
C GLU G 701 74.94 -102.63 -6.18
N GLY G 702 73.87 -102.62 -5.37
CA GLY G 702 72.56 -102.09 -5.79
C GLY G 702 71.35 -102.40 -4.89
N TYR G 703 71.23 -103.66 -4.46
CA TYR G 703 70.00 -104.17 -3.80
C TYR G 703 69.83 -103.71 -2.31
N SER G 704 68.95 -102.73 -2.09
CA SER G 704 68.57 -102.20 -0.75
C SER G 704 67.02 -102.26 -0.55
N PRO G 705 66.47 -103.45 -0.16
CA PRO G 705 65.02 -103.68 -0.06
C PRO G 705 64.35 -103.00 1.16
N TYR G 706 64.15 -101.69 1.08
CA TYR G 706 63.53 -100.92 2.18
C TYR G 706 62.04 -101.30 2.37
N PRO G 707 61.62 -101.60 3.62
CA PRO G 707 60.26 -102.12 3.93
C PRO G 707 59.07 -101.19 3.55
N GLY G 708 59.30 -99.87 3.56
CA GLY G 708 58.32 -98.88 3.07
C GLY G 708 58.09 -98.90 1.56
N GLY G 709 59.01 -99.48 0.78
CA GLY G 709 58.81 -99.60 -0.68
C GLY G 709 59.87 -100.33 -1.49
N GLY G 710 59.42 -101.06 -2.53
CA GLY G 710 60.30 -101.82 -3.44
C GLY G 710 59.66 -102.19 -4.79
N GLU G 711 59.62 -101.21 -5.70
CA GLU G 711 59.14 -101.37 -7.11
C GLU G 711 57.70 -101.94 -7.28
N GLU G 712 57.51 -103.01 -8.08
CA GLU G 712 56.15 -103.45 -8.51
C GLU G 712 55.37 -104.20 -7.40
N TRP G 713 54.46 -103.46 -6.76
CA TRP G 713 53.59 -103.96 -5.66
C TRP G 713 54.38 -104.56 -4.46
N GLY G 714 55.58 -104.03 -4.22
CA GLY G 714 56.44 -104.47 -3.11
C GLY G 714 56.95 -105.91 -3.21
N GLY G 715 56.93 -106.62 -2.08
CA GLY G 715 57.51 -107.96 -1.95
C GLY G 715 59.02 -107.86 -1.77
N ASN G 716 59.44 -107.05 -0.78
CA ASN G 716 60.87 -106.78 -0.50
C ASN G 716 61.63 -108.11 -0.35
N GLY G 717 62.21 -108.56 -1.47
CA GLY G 717 62.79 -109.90 -1.57
C GLY G 717 63.47 -110.15 -2.91
N VAL G 718 63.57 -111.41 -3.30
CA VAL G 718 64.37 -111.83 -4.47
C VAL G 718 63.62 -111.54 -5.78
N GLY G 719 64.31 -110.88 -6.72
CA GLY G 719 63.82 -110.68 -8.10
C GLY G 719 63.10 -109.37 -8.40
N ASP G 720 63.14 -108.41 -7.47
CA ASP G 720 62.52 -107.08 -7.65
C ASP G 720 63.32 -106.24 -8.68
N ASP G 721 64.64 -106.47 -8.73
CA ASP G 721 65.58 -105.64 -9.51
C ASP G 721 66.28 -106.45 -10.64
N LEU G 722 67.21 -105.79 -11.36
CA LEU G 722 67.97 -106.40 -12.49
C LEU G 722 69.17 -107.27 -12.04
N PHE G 723 69.85 -106.86 -10.95
CA PHE G 723 71.01 -107.59 -10.40
C PHE G 723 70.62 -108.75 -9.47
N SER G 724 69.33 -108.98 -9.24
CA SER G 724 68.83 -110.14 -8.48
C SER G 724 68.07 -111.15 -9.39
N TYR G 725 68.24 -112.44 -9.09
CA TYR G 725 67.73 -113.58 -9.89
C TYR G 725 67.34 -114.76 -8.96
N GLY G 726 66.19 -115.40 -9.21
CA GLY G 726 65.67 -116.46 -8.31
C GLY G 726 64.62 -117.42 -8.86
N PHE G 727 63.89 -118.09 -7.96
CA PHE G 727 62.89 -119.15 -8.30
C PHE G 727 61.81 -119.31 -7.21
N ASP G 728 60.56 -119.00 -7.53
CA ASP G 728 59.39 -119.17 -6.61
C ASP G 728 59.03 -120.66 -6.50
N GLY G 729 58.61 -121.22 -7.63
CA GLY G 729 58.01 -122.57 -7.68
C GLY G 729 57.28 -122.83 -9.00
N LEU G 730 56.54 -121.82 -9.47
CA LEU G 730 55.89 -121.85 -10.78
C LEU G 730 56.74 -121.11 -11.84
N HIS G 731 56.62 -119.78 -11.92
CA HIS G 731 57.27 -118.97 -12.98
C HIS G 731 58.68 -118.44 -12.58
N LEU G 732 59.35 -117.78 -13.53
CA LEU G 732 60.59 -116.99 -13.28
C LEU G 732 60.38 -115.48 -13.57
N TRP G 733 61.17 -114.64 -12.86
CA TRP G 733 61.10 -113.15 -12.91
C TRP G 733 62.47 -112.46 -13.21
N SER G 734 62.45 -111.43 -14.06
CA SER G 734 63.64 -110.60 -14.35
C SER G 734 63.28 -109.23 -14.97
N GLY G 735 63.66 -108.14 -14.29
CA GLY G 735 63.33 -106.76 -14.74
C GLY G 735 61.84 -106.43 -14.66
N CYS G 736 61.14 -107.06 -13.71
CA CYS G 736 59.67 -107.06 -13.62
C CYS G 736 58.99 -107.68 -14.88
N ILE G 737 59.62 -108.72 -15.43
CA ILE G 737 59.12 -109.43 -16.62
C ILE G 737 59.02 -110.94 -16.35
N ALA G 738 57.81 -111.50 -16.56
CA ALA G 738 57.53 -112.92 -16.29
C ALA G 738 58.04 -113.86 -17.42
N ARG G 739 58.53 -115.03 -17.02
CA ARG G 739 58.77 -116.19 -17.92
C ARG G 739 57.96 -117.41 -17.41
N THR G 740 57.50 -118.23 -18.36
CA THR G 740 56.88 -119.55 -18.08
C THR G 740 57.92 -120.69 -18.16
N VAL G 741 58.68 -120.86 -17.08
CA VAL G 741 59.76 -121.86 -16.99
C VAL G 741 59.18 -123.30 -16.94
N SER G 742 59.81 -124.23 -17.65
CA SER G 742 59.47 -125.66 -17.56
C SER G 742 60.27 -126.31 -16.42
N SER G 743 59.58 -127.04 -15.52
CA SER G 743 60.20 -127.68 -14.34
C SER G 743 59.46 -128.97 -13.94
N PRO G 744 60.21 -130.08 -13.68
CA PRO G 744 59.60 -131.31 -13.10
C PRO G 744 58.93 -131.07 -11.71
N ASN G 745 57.63 -131.37 -11.63
CA ASN G 745 56.78 -131.10 -10.45
C ASN G 745 56.69 -129.58 -10.15
N GLN G 746 56.31 -128.80 -11.16
CA GLN G 746 56.19 -127.34 -11.06
C GLN G 746 54.95 -126.94 -10.22
N HIS G 747 55.08 -126.99 -8.89
CA HIS G 747 54.04 -126.52 -7.93
C HIS G 747 54.65 -125.64 -6.82
N LEU G 748 53.79 -125.06 -5.97
CA LEU G 748 54.22 -124.25 -4.81
C LEU G 748 55.07 -125.08 -3.82
N LEU G 749 55.75 -124.39 -2.91
CA LEU G 749 56.77 -125.02 -2.04
C LEU G 749 56.14 -125.77 -0.84
N ARG G 750 55.72 -127.02 -1.09
CA ARG G 750 54.92 -127.79 -0.11
C ARG G 750 55.77 -128.54 0.94
N THR G 751 55.09 -129.21 1.87
CA THR G 751 55.72 -129.94 2.99
C THR G 751 56.67 -131.06 2.51
N ASP G 752 57.93 -130.96 2.95
CA ASP G 752 59.05 -131.85 2.54
C ASP G 752 59.57 -131.68 1.10
N ASP G 753 59.26 -130.55 0.44
CA ASP G 753 59.95 -130.13 -0.81
C ASP G 753 61.41 -129.70 -0.49
N VAL G 754 62.35 -130.00 -1.40
CA VAL G 754 63.79 -129.63 -1.26
C VAL G 754 64.28 -128.83 -2.49
N ILE G 755 64.25 -127.49 -2.39
CA ILE G 755 64.82 -126.60 -3.43
C ILE G 755 66.35 -126.63 -3.29
N SER G 756 67.09 -126.49 -4.41
CA SER G 756 68.57 -126.60 -4.42
C SER G 756 69.26 -125.74 -5.53
N CYS G 757 69.74 -124.54 -5.15
CA CYS G 757 70.31 -123.56 -6.10
C CYS G 757 71.79 -123.84 -6.48
N CYS G 758 72.17 -123.48 -7.71
CA CYS G 758 73.56 -123.58 -8.22
C CYS G 758 73.94 -122.40 -9.16
N LEU G 759 75.14 -121.84 -8.97
CA LEU G 759 75.66 -120.71 -9.79
C LEU G 759 77.19 -120.82 -10.05
N ASP G 760 77.57 -120.62 -11.31
CA ASP G 760 78.97 -120.47 -11.74
C ASP G 760 79.19 -118.99 -12.05
N LEU G 761 80.12 -118.34 -11.35
CA LEU G 761 80.40 -116.90 -11.55
C LEU G 761 81.14 -116.60 -12.86
N SER G 762 81.78 -117.62 -13.45
CA SER G 762 82.54 -117.50 -14.69
C SER G 762 81.69 -117.43 -15.96
N ALA G 763 80.73 -118.35 -16.08
CA ALA G 763 79.98 -118.54 -17.35
C ALA G 763 79.15 -117.32 -17.82
N PRO G 764 78.17 -116.83 -17.04
CA PRO G 764 77.61 -117.49 -15.83
C PRO G 764 76.33 -118.31 -16.17
N SER G 765 76.32 -119.60 -15.79
CA SER G 765 75.20 -120.52 -16.10
C SER G 765 74.45 -120.95 -14.81
N ILE G 766 73.52 -120.09 -14.34
CA ILE G 766 72.67 -120.40 -13.16
C ILE G 766 71.66 -121.52 -13.54
N SER G 767 71.44 -122.45 -12.61
CA SER G 767 70.36 -123.45 -12.72
C SER G 767 69.76 -123.75 -11.32
N PHE G 768 68.51 -124.23 -11.32
CA PHE G 768 67.78 -124.61 -10.10
C PHE G 768 67.34 -126.07 -10.21
N ARG G 769 67.31 -126.78 -9.08
CA ARG G 769 66.78 -128.15 -9.02
C ARG G 769 65.76 -128.30 -7.86
N ILE G 770 64.48 -128.05 -8.17
CA ILE G 770 63.36 -128.29 -7.23
C ILE G 770 63.21 -129.82 -6.96
N ASN G 771 63.03 -130.18 -5.68
CA ASN G 771 62.91 -131.59 -5.21
C ASN G 771 63.90 -132.61 -5.85
N GLY G 772 65.13 -132.15 -6.11
CA GLY G 772 66.17 -132.94 -6.77
C GLY G 772 66.28 -132.74 -8.28
N GLN G 773 65.18 -132.36 -8.95
CA GLN G 773 65.10 -132.38 -10.43
C GLN G 773 65.35 -131.01 -11.10
N PRO G 774 66.28 -130.95 -12.10
CA PRO G 774 66.65 -129.63 -12.67
C PRO G 774 65.52 -128.85 -13.37
N VAL G 775 65.46 -127.54 -13.12
CA VAL G 775 64.47 -126.63 -13.69
C VAL G 775 65.00 -126.14 -15.06
N GLN G 776 64.39 -126.63 -16.15
CA GLN G 776 64.82 -126.28 -17.52
C GLN G 776 64.51 -124.81 -17.91
N GLY G 777 65.47 -124.16 -18.57
CA GLY G 777 65.49 -122.70 -18.71
C GLY G 777 66.48 -122.22 -17.68
N MET G 778 67.72 -121.98 -18.12
CA MET G 778 68.87 -121.72 -17.24
C MET G 778 69.44 -120.33 -17.53
N PHE G 779 69.65 -119.54 -16.46
CA PHE G 779 70.02 -118.10 -16.57
C PHE G 779 71.47 -117.92 -17.09
N GLU G 780 71.66 -116.95 -17.99
CA GLU G 780 72.97 -116.65 -18.58
C GLU G 780 73.18 -115.14 -18.74
N ASN G 781 74.41 -114.69 -18.46
CA ASN G 781 74.85 -113.28 -18.61
C ASN G 781 74.26 -112.27 -17.59
N PHE G 782 75.11 -111.77 -16.71
CA PHE G 782 74.80 -110.61 -15.81
C PHE G 782 76.07 -109.81 -15.43
N ASN G 783 75.87 -108.57 -14.97
CA ASN G 783 76.97 -107.70 -14.48
C ASN G 783 77.40 -108.11 -13.04
N ILE G 784 78.71 -108.01 -12.77
CA ILE G 784 79.32 -108.59 -11.57
C ILE G 784 80.11 -107.57 -10.72
N ASP G 785 79.59 -106.34 -10.61
CA ASP G 785 80.20 -105.31 -9.74
C ASP G 785 80.07 -105.69 -8.24
N GLY G 786 81.10 -105.38 -7.45
CA GLY G 786 81.14 -105.79 -6.03
C GLY G 786 81.20 -107.31 -5.82
N LEU G 787 80.37 -107.82 -4.89
CA LEU G 787 80.33 -109.25 -4.50
C LEU G 787 78.89 -109.84 -4.55
N PHE G 788 78.77 -111.18 -4.70
CA PHE G 788 77.47 -111.88 -4.72
C PHE G 788 77.18 -112.65 -3.40
N PHE G 789 75.89 -112.86 -3.09
CA PHE G 789 75.44 -113.61 -1.90
C PHE G 789 74.06 -114.30 -2.13
N PRO G 790 73.83 -115.51 -1.52
CA PRO G 790 72.49 -116.17 -1.50
C PRO G 790 71.44 -115.50 -0.55
N VAL G 791 70.15 -115.65 -0.85
CA VAL G 791 69.07 -115.04 -0.01
C VAL G 791 67.68 -115.73 -0.18
N VAL G 792 66.91 -115.82 0.90
CA VAL G 792 65.55 -116.42 0.89
C VAL G 792 64.46 -115.46 1.42
N SER G 793 63.63 -114.94 0.50
CA SER G 793 62.39 -114.18 0.83
C SER G 793 61.22 -115.14 1.17
N PHE G 794 60.31 -114.69 2.05
CA PHE G 794 59.19 -115.53 2.54
C PHE G 794 58.10 -114.69 3.22
N SER G 795 56.83 -115.04 2.96
CA SER G 795 55.69 -114.51 3.73
C SER G 795 55.77 -115.09 5.16
N ALA G 796 55.26 -114.33 6.13
CA ALA G 796 55.39 -114.69 7.56
C ALA G 796 54.63 -115.96 7.94
N GLY G 797 55.21 -116.75 8.85
CA GLY G 797 54.68 -118.06 9.23
C GLY G 797 55.53 -119.20 8.73
N ILE G 798 55.97 -119.10 7.47
CA ILE G 798 56.72 -120.18 6.79
C ILE G 798 58.00 -120.58 7.54
N LYS G 799 58.29 -121.90 7.59
CA LYS G 799 59.46 -122.46 8.30
C LYS G 799 60.33 -123.35 7.37
N VAL G 800 61.66 -123.13 7.41
CA VAL G 800 62.66 -123.80 6.52
C VAL G 800 64.03 -124.01 7.22
N ARG G 801 64.76 -125.08 6.82
CA ARG G 801 66.18 -125.30 7.20
C ARG G 801 67.14 -124.94 6.04
N PHE G 802 68.23 -124.22 6.35
CA PHE G 802 69.38 -124.05 5.41
C PHE G 802 70.33 -125.27 5.46
N LEU G 803 70.94 -125.61 4.32
CA LEU G 803 71.91 -126.74 4.22
C LEU G 803 73.13 -126.35 3.33
N LEU G 804 74.01 -125.50 3.89
CA LEU G 804 75.31 -125.11 3.26
C LEU G 804 76.36 -126.25 3.34
N GLY G 805 76.14 -127.22 4.24
CA GLY G 805 76.91 -128.48 4.27
C GLY G 805 77.40 -128.91 5.64
N GLY G 806 77.81 -130.17 5.71
CA GLY G 806 78.37 -130.75 6.93
C GLY G 806 77.31 -131.06 7.97
N ARG G 807 77.69 -130.90 9.24
CA ARG G 807 76.80 -131.13 10.37
C ARG G 807 75.66 -130.10 10.44
N HIS G 808 75.94 -128.87 10.03
CA HIS G 808 74.94 -127.80 10.03
C HIS G 808 73.82 -128.06 9.01
N GLY G 809 74.12 -128.81 7.95
CA GLY G 809 73.11 -129.22 6.98
C GLY G 809 73.51 -130.42 6.14
N GLU G 810 72.85 -131.55 6.37
CA GLU G 810 73.05 -132.76 5.58
C GLU G 810 72.40 -132.62 4.19
N PHE G 811 73.20 -132.67 3.12
CA PHE G 811 72.66 -132.62 1.74
C PHE G 811 71.80 -133.88 1.42
N LYS G 812 70.55 -133.66 1.01
CA LYS G 812 69.67 -134.75 0.55
C LYS G 812 69.75 -135.04 -0.97
N PHE G 813 70.54 -134.24 -1.71
CA PHE G 813 70.67 -134.37 -3.19
C PHE G 813 72.02 -133.86 -3.73
N LEU G 814 72.78 -134.74 -4.41
CA LEU G 814 74.12 -134.41 -4.92
C LEU G 814 74.04 -133.61 -6.23
N PRO G 815 74.90 -132.58 -6.40
CA PRO G 815 74.76 -131.61 -7.50
C PRO G 815 75.35 -132.09 -8.85
N PRO G 816 75.27 -131.24 -9.91
CA PRO G 816 76.00 -131.47 -11.16
C PRO G 816 77.54 -131.43 -11.02
N PRO G 817 78.28 -131.70 -12.13
CA PRO G 817 79.75 -131.81 -12.02
C PRO G 817 80.52 -130.50 -11.80
N GLY G 818 81.46 -130.51 -10.86
CA GLY G 818 82.46 -129.45 -10.70
C GLY G 818 82.09 -128.25 -9.84
N TYR G 819 81.36 -128.48 -8.75
CA TYR G 819 80.89 -127.42 -7.83
C TYR G 819 81.50 -127.53 -6.41
N ALA G 820 81.74 -126.38 -5.77
CA ALA G 820 82.24 -126.29 -4.37
C ALA G 820 81.06 -126.09 -3.39
N PRO G 821 80.94 -126.93 -2.31
CA PRO G 821 79.89 -126.67 -1.29
C PRO G 821 80.07 -125.34 -0.50
N CYS G 822 78.95 -124.72 -0.11
CA CYS G 822 78.95 -123.40 0.58
C CYS G 822 79.56 -123.39 2.00
N TYR G 823 79.71 -124.56 2.64
CA TYR G 823 80.52 -124.67 3.89
C TYR G 823 82.00 -124.28 3.66
N GLU G 824 82.48 -124.46 2.41
CA GLU G 824 83.83 -124.04 1.96
C GLU G 824 83.93 -122.50 1.66
N ALA G 825 82.78 -121.82 1.56
CA ALA G 825 82.71 -120.38 1.20
C ALA G 825 82.70 -119.42 2.42
N VAL G 826 82.90 -119.96 3.62
CA VAL G 826 82.54 -119.27 4.86
C VAL G 826 83.67 -118.33 5.37
N LEU G 827 83.28 -117.14 5.86
CA LEU G 827 84.23 -116.19 6.46
C LEU G 827 84.84 -116.75 7.77
N PRO G 828 86.20 -116.75 7.87
CA PRO G 828 86.88 -117.20 9.12
C PRO G 828 86.88 -116.17 10.27
N LYS G 829 87.49 -116.53 11.40
CA LYS G 829 87.43 -115.79 12.69
C LYS G 829 86.00 -115.70 13.26
N GLU G 830 85.14 -114.92 12.60
CA GLU G 830 83.69 -114.83 12.96
C GLU G 830 82.95 -116.16 12.63
N LYS G 831 82.00 -116.54 13.50
CA LYS G 831 81.23 -117.79 13.32
C LYS G 831 80.20 -117.68 12.17
N LEU G 832 79.94 -118.81 11.50
CA LEU G 832 79.00 -118.89 10.36
C LEU G 832 77.57 -118.51 10.78
N LYS G 833 77.00 -117.49 10.12
CA LYS G 833 75.75 -116.84 10.55
C LYS G 833 74.92 -116.30 9.36
N VAL G 834 73.68 -115.93 9.66
CA VAL G 834 72.71 -115.47 8.67
C VAL G 834 72.64 -113.92 8.67
N GLU G 835 71.71 -113.32 9.43
CA GLU G 835 71.34 -111.88 9.39
C GLU G 835 70.34 -111.49 8.26
N HIS G 836 69.68 -110.34 8.46
CA HIS G 836 68.49 -109.90 7.68
C HIS G 836 68.83 -109.57 6.21
N SER G 837 69.34 -108.36 5.96
CA SER G 837 69.49 -107.74 4.61
C SER G 837 69.52 -106.21 4.79
N ARG G 838 70.70 -105.60 4.75
CA ARG G 838 70.93 -104.19 5.19
C ARG G 838 70.39 -103.97 6.63
N GLU G 839 69.10 -103.64 6.76
CA GLU G 839 68.38 -103.61 8.06
C GLU G 839 68.77 -102.47 9.02
N TYR G 840 67.74 -101.81 9.59
CA TYR G 840 67.91 -100.67 10.50
C TYR G 840 67.34 -100.88 11.94
N LYS G 841 66.68 -102.02 12.20
CA LYS G 841 65.94 -102.25 13.47
C LYS G 841 66.03 -103.68 14.06
N GLN G 842 66.12 -103.75 15.38
CA GLN G 842 65.87 -105.00 16.13
C GLN G 842 65.13 -104.68 17.44
N GLU G 843 64.09 -105.47 17.76
CA GLU G 843 63.17 -105.18 18.90
C GLU G 843 63.79 -105.49 20.29
N ARG G 844 64.72 -104.63 20.73
CA ARG G 844 65.47 -104.84 22.00
C ARG G 844 64.65 -104.39 23.25
N THR G 845 65.08 -104.84 24.43
CA THR G 845 64.36 -104.59 25.71
C THR G 845 64.24 -103.10 26.14
N TYR G 846 65.27 -102.29 25.85
CA TYR G 846 65.20 -100.82 26.01
C TYR G 846 64.09 -100.22 25.13
N THR G 847 64.11 -100.60 23.85
CA THR G 847 63.21 -100.08 22.80
C THR G 847 63.61 -100.66 21.42
N ARG G 848 63.08 -100.07 20.35
CA ARG G 848 63.48 -100.42 18.96
C ARG G 848 64.93 -99.98 18.65
N ASP G 849 65.88 -100.90 18.83
CA ASP G 849 67.33 -100.63 18.67
C ASP G 849 67.75 -100.36 17.21
N LEU G 850 68.68 -99.42 17.02
CA LEU G 850 69.01 -98.83 15.69
C LEU G 850 70.45 -99.12 15.16
N LEU G 851 70.61 -100.21 14.41
CA LEU G 851 71.92 -100.63 13.81
C LEU G 851 72.01 -100.33 12.29
N GLY G 852 73.22 -100.49 11.71
CA GLY G 852 73.47 -100.26 10.25
C GLY G 852 74.33 -99.02 9.92
N PRO G 853 74.59 -98.73 8.61
CA PRO G 853 74.11 -99.51 7.45
C PRO G 853 75.20 -100.39 6.75
N THR G 854 76.05 -101.06 7.54
CA THR G 854 77.10 -101.98 7.01
C THR G 854 78.14 -101.31 6.07
N VAL G 855 78.49 -101.95 4.95
CA VAL G 855 79.51 -101.45 3.99
C VAL G 855 79.56 -102.28 2.68
N SER G 856 79.99 -103.53 2.77
CA SER G 856 80.21 -104.41 1.60
C SER G 856 80.38 -105.89 1.99
N PHE G 862 85.65 -110.59 0.43
CA PHE G 862 86.32 -110.11 -0.77
C PHE G 862 87.35 -111.12 -1.26
N THR G 863 87.50 -111.23 -2.58
CA THR G 863 88.35 -112.25 -3.21
C THR G 863 89.86 -111.90 -3.13
N PRO G 864 90.74 -112.93 -3.07
CA PRO G 864 92.19 -112.70 -2.84
C PRO G 864 93.02 -112.19 -4.06
N ILE G 865 94.10 -111.45 -3.76
CA ILE G 865 95.06 -110.94 -4.78
C ILE G 865 96.35 -110.36 -4.11
N PRO G 866 97.55 -110.91 -4.46
CA PRO G 866 98.82 -110.30 -3.99
C PRO G 866 99.15 -108.93 -4.64
N VAL G 867 99.85 -108.06 -3.91
CA VAL G 867 100.39 -106.77 -4.47
C VAL G 867 101.51 -107.07 -5.51
N ASP G 868 101.58 -106.27 -6.57
CA ASP G 868 102.58 -106.44 -7.66
C ASP G 868 104.03 -106.31 -7.12
N THR G 869 104.83 -107.37 -7.31
CA THR G 869 106.25 -107.46 -6.86
C THR G 869 107.14 -108.12 -7.94
N SER G 870 106.79 -107.97 -9.21
CA SER G 870 107.45 -108.67 -10.32
C SER G 870 108.49 -107.82 -11.09
N GLN G 871 108.37 -106.50 -11.04
CA GLN G 871 109.15 -105.59 -11.90
C GLN G 871 110.49 -105.10 -11.31
N ILE G 872 110.57 -104.95 -9.98
CA ILE G 872 111.79 -104.44 -9.30
C ILE G 872 113.02 -105.37 -9.49
N VAL G 873 114.21 -104.76 -9.68
CA VAL G 873 115.50 -105.48 -9.82
C VAL G 873 116.56 -104.96 -8.80
N LEU G 874 116.90 -105.81 -7.81
CA LEU G 874 117.98 -105.49 -6.82
C LEU G 874 119.38 -105.63 -7.47
N PRO G 875 120.30 -104.66 -7.22
CA PRO G 875 121.72 -104.78 -7.69
C PRO G 875 122.49 -106.02 -7.14
N PRO G 876 123.54 -106.49 -7.87
CA PRO G 876 124.47 -107.56 -7.42
C PRO G 876 125.13 -107.38 -6.02
N HIS G 877 125.31 -106.13 -5.57
CA HIS G 877 125.77 -105.79 -4.19
C HIS G 877 124.87 -106.40 -3.09
N LEU G 878 123.56 -106.28 -3.31
CA LEU G 878 122.53 -106.93 -2.47
C LEU G 878 122.50 -108.47 -2.64
N GLU G 879 122.85 -108.97 -3.84
CA GLU G 879 122.93 -110.43 -4.14
C GLU G 879 123.98 -111.24 -3.33
N ARG G 880 125.12 -110.63 -2.98
CA ARG G 880 126.13 -111.28 -2.09
C ARG G 880 125.61 -111.46 -0.64
N ILE G 881 125.02 -110.38 -0.10
CA ILE G 881 124.36 -110.43 1.24
C ILE G 881 123.12 -111.33 1.22
N ARG G 882 122.47 -111.47 0.05
CA ARG G 882 121.39 -112.46 -0.16
C ARG G 882 121.89 -113.93 -0.05
N GLU G 883 123.12 -114.20 -0.53
CA GLU G 883 123.79 -115.52 -0.35
C GLU G 883 124.13 -115.83 1.15
N LYS G 884 124.48 -114.79 1.91
CA LYS G 884 124.78 -114.91 3.37
C LYS G 884 123.49 -115.16 4.24
N LEU G 885 122.45 -114.33 4.01
CA LEU G 885 121.12 -114.46 4.67
C LEU G 885 120.43 -115.82 4.40
N ALA G 886 120.53 -116.30 3.15
CA ALA G 886 120.03 -117.63 2.74
C ALA G 886 120.83 -118.79 3.40
N GLU G 887 122.14 -118.59 3.62
CA GLU G 887 122.98 -119.54 4.38
C GLU G 887 122.52 -119.70 5.86
N ASN G 888 122.16 -118.58 6.52
CA ASN G 888 121.71 -118.65 7.94
C ASN G 888 120.26 -119.16 8.12
N ILE G 889 119.36 -118.85 7.19
CA ILE G 889 117.98 -119.41 7.18
C ILE G 889 117.99 -120.94 6.93
N HIS G 890 118.90 -121.41 6.07
CA HIS G 890 119.15 -122.86 5.85
C HIS G 890 119.76 -123.55 7.09
N GLU G 891 120.59 -122.83 7.87
CA GLU G 891 121.06 -123.29 9.21
C GLU G 891 119.87 -123.48 10.21
N LEU G 892 118.85 -122.62 10.10
CA LEU G 892 117.64 -122.70 10.96
C LEU G 892 116.70 -123.88 10.60
N TRP G 893 116.41 -124.06 9.30
CA TRP G 893 115.57 -125.20 8.81
C TRP G 893 116.25 -126.56 9.05
N VAL G 894 117.59 -126.60 8.95
CA VAL G 894 118.38 -127.80 9.26
C VAL G 894 118.35 -128.13 10.77
N MET G 895 118.54 -127.13 11.64
CA MET G 895 118.51 -127.36 13.11
C MET G 895 117.12 -127.71 13.68
N ASN G 896 116.05 -127.30 12.99
CA ASN G 896 114.67 -127.63 13.41
C ASN G 896 114.34 -129.13 13.32
N LYS G 897 114.89 -129.81 12.30
CA LYS G 897 114.58 -131.22 12.02
C LYS G 897 115.54 -132.22 12.68
N ILE G 898 116.82 -131.84 12.80
CA ILE G 898 117.85 -132.72 13.41
C ILE G 898 117.61 -132.98 14.91
N GLU G 899 116.90 -132.08 15.60
CA GLU G 899 116.48 -132.30 17.00
C GLU G 899 115.68 -133.59 17.22
N LEU G 900 114.90 -134.01 16.21
CA LEU G 900 114.15 -135.27 16.26
C LEU G 900 115.07 -136.48 16.04
N GLY G 901 115.69 -136.56 14.85
CA GLY G 901 116.59 -137.66 14.51
C GLY G 901 116.74 -137.96 13.03
N TRP G 902 117.12 -136.94 12.24
CA TRP G 902 117.44 -137.09 10.82
C TRP G 902 118.96 -136.99 10.67
N GLN G 903 119.46 -137.20 9.46
CA GLN G 903 120.92 -137.16 9.20
C GLN G 903 121.22 -136.75 7.76
N TYR G 904 122.48 -136.42 7.49
CA TYR G 904 122.95 -136.19 6.12
C TYR G 904 122.84 -137.48 5.28
N GLY G 905 122.00 -137.43 4.25
CA GLY G 905 121.77 -138.58 3.37
C GLY G 905 121.27 -138.19 1.98
N PRO G 906 121.05 -139.19 1.09
CA PRO G 906 120.71 -138.92 -0.32
C PRO G 906 119.22 -138.72 -0.64
N VAL G 907 118.38 -139.74 -0.42
CA VAL G 907 117.01 -139.80 -0.99
C VAL G 907 116.00 -138.80 -0.40
N ARG G 908 114.87 -138.65 -1.08
CA ARG G 908 113.77 -137.75 -0.67
C ARG G 908 112.49 -138.54 -0.40
N ASP G 909 112.21 -138.79 0.88
CA ASP G 909 110.99 -139.49 1.31
C ASP G 909 110.76 -139.24 2.81
N ASP G 910 109.52 -139.42 3.25
CA ASP G 910 109.15 -139.21 4.66
C ASP G 910 109.24 -140.49 5.51
N ASN G 911 109.39 -141.66 4.86
CA ASN G 911 109.40 -142.96 5.57
C ASN G 911 110.74 -143.28 6.24
N LYS G 912 111.83 -143.13 5.50
CA LYS G 912 113.17 -143.59 5.94
C LYS G 912 113.95 -142.62 6.85
N ARG G 913 113.31 -141.52 7.28
CA ARG G 913 113.90 -140.53 8.21
C ARG G 913 115.11 -139.75 7.63
N GLN G 914 115.11 -139.54 6.30
CA GLN G 914 116.17 -138.80 5.60
C GLN G 914 115.58 -137.92 4.49
N HIS G 915 116.27 -136.82 4.16
CA HIS G 915 115.82 -135.85 3.13
C HIS G 915 117.07 -135.09 2.54
N PRO G 916 117.11 -134.84 1.19
CA PRO G 916 118.37 -134.41 0.50
C PRO G 916 118.97 -133.02 0.86
N CYS G 917 118.11 -132.07 1.23
CA CYS G 917 118.53 -130.72 1.66
C CYS G 917 119.22 -130.63 3.05
N LEU G 918 119.18 -131.71 3.85
CA LEU G 918 119.86 -131.77 5.18
C LEU G 918 121.40 -131.91 5.07
N VAL G 919 122.07 -130.81 4.69
CA VAL G 919 123.55 -130.72 4.59
C VAL G 919 124.00 -129.23 4.55
N GLU G 920 125.30 -128.97 4.70
CA GLU G 920 125.87 -127.62 4.52
C GLU G 920 125.62 -127.00 3.11
N PHE G 921 125.41 -125.68 3.10
CA PHE G 921 125.01 -124.93 1.88
C PHE G 921 126.12 -124.82 0.84
N SER G 922 127.36 -124.66 1.30
CA SER G 922 128.53 -124.61 0.41
C SER G 922 128.75 -125.92 -0.38
N LYS G 923 128.35 -127.04 0.22
CA LYS G 923 128.45 -128.35 -0.42
C LYS G 923 127.37 -128.56 -1.50
N LEU G 924 126.18 -127.99 -1.28
CA LEU G 924 125.04 -128.15 -2.22
C LEU G 924 125.27 -127.46 -3.60
N PRO G 925 124.79 -128.09 -4.71
CA PRO G 925 124.92 -127.53 -6.07
C PRO G 925 124.00 -126.31 -6.34
N GLU G 926 124.30 -125.53 -7.39
CA GLU G 926 123.54 -124.30 -7.77
C GLU G 926 121.99 -124.50 -7.97
N GLN G 927 121.62 -125.55 -8.72
CA GLN G 927 120.19 -125.94 -8.90
C GLN G 927 119.45 -126.19 -7.56
N GLU G 928 120.17 -126.81 -6.61
CA GLU G 928 119.70 -127.03 -5.22
C GLU G 928 119.94 -125.79 -4.29
N ARG G 929 120.78 -124.83 -4.72
CA ARG G 929 120.89 -123.50 -4.06
C ARG G 929 119.61 -122.63 -4.23
N ASN G 930 118.82 -122.91 -5.27
CA ASN G 930 117.52 -122.23 -5.53
C ASN G 930 116.45 -122.50 -4.41
N TYR G 931 116.55 -123.67 -3.75
CA TYR G 931 115.62 -124.10 -2.66
C TYR G 931 115.58 -123.12 -1.45
N ASN G 932 116.69 -122.41 -1.20
CA ASN G 932 116.81 -121.40 -0.10
C ASN G 932 116.89 -119.93 -0.61
N LEU G 933 117.66 -119.70 -1.67
CA LEU G 933 117.78 -118.38 -2.34
C LEU G 933 116.45 -117.76 -2.87
N GLN G 934 115.52 -118.57 -3.38
CA GLN G 934 114.36 -118.05 -4.18
C GLN G 934 113.24 -117.33 -3.37
N MET G 935 112.76 -117.95 -2.28
CA MET G 935 111.69 -117.32 -1.43
C MET G 935 112.22 -116.14 -0.58
N SER G 936 113.49 -116.23 -0.14
CA SER G 936 114.19 -115.12 0.54
C SER G 936 114.46 -113.90 -0.41
N LEU G 937 114.75 -114.20 -1.69
CA LEU G 937 114.93 -113.19 -2.75
C LEU G 937 113.63 -112.43 -3.05
N GLU G 938 112.52 -113.18 -3.09
CA GLU G 938 111.15 -112.61 -3.23
C GLU G 938 110.74 -111.75 -2.00
N THR G 939 111.27 -112.09 -0.81
CA THR G 939 111.04 -111.31 0.43
C THR G 939 111.74 -109.91 0.41
N LEU G 940 113.02 -109.87 0.03
CA LEU G 940 113.76 -108.58 -0.13
C LEU G 940 113.26 -107.74 -1.35
N LYS G 941 112.82 -108.45 -2.42
CA LYS G 941 112.14 -107.81 -3.59
C LYS G 941 110.87 -107.07 -3.16
N THR G 942 110.09 -107.69 -2.26
CA THR G 942 108.87 -107.02 -1.72
C THR G 942 109.21 -105.88 -0.73
N LEU G 943 110.39 -105.95 -0.06
CA LEU G 943 110.92 -104.79 0.72
C LEU G 943 111.15 -103.53 -0.14
N LEU G 944 111.72 -103.71 -1.33
CA LEU G 944 111.86 -102.59 -2.30
C LEU G 944 110.54 -102.21 -3.02
N ALA G 945 109.59 -103.16 -3.09
CA ALA G 945 108.26 -102.94 -3.74
C ALA G 945 107.38 -101.85 -3.09
N LEU G 946 107.44 -101.75 -1.76
CA LEU G 946 106.69 -100.71 -1.00
C LEU G 946 107.44 -99.35 -0.94
N GLY G 947 108.68 -99.32 -1.45
CA GLY G 947 109.53 -98.10 -1.45
C GLY G 947 110.39 -97.92 -0.21
N CYS G 948 110.28 -98.82 0.77
CA CYS G 948 111.05 -98.73 2.04
C CYS G 948 112.56 -99.08 1.86
N HIS G 949 113.39 -98.47 2.72
CA HIS G 949 114.86 -98.51 2.62
C HIS G 949 115.49 -99.91 2.82
N VAL G 950 116.35 -100.32 1.86
CA VAL G 950 117.11 -101.61 1.91
C VAL G 950 118.65 -101.41 2.02
N GLY G 951 119.10 -100.15 2.14
CA GLY G 951 120.53 -99.80 2.20
C GLY G 951 121.23 -100.13 3.52
N ILE G 952 122.57 -100.21 3.47
CA ILE G 952 123.40 -100.60 4.63
C ILE G 952 123.49 -99.51 5.73
N SER G 953 123.52 -99.95 7.00
CA SER G 953 123.81 -99.08 8.15
C SER G 953 125.08 -99.52 8.90
N ASP G 954 125.18 -100.83 9.20
CA ASP G 954 126.34 -101.42 9.90
C ASP G 954 127.05 -102.48 9.04
N GLU G 955 128.27 -102.83 9.44
CA GLU G 955 129.12 -103.79 8.68
C GLU G 955 128.66 -105.24 8.81
N HIS G 956 129.27 -106.12 8.00
CA HIS G 956 128.86 -107.52 7.90
C HIS G 956 129.53 -108.38 8.97
N ALA G 957 128.73 -108.91 9.90
CA ALA G 957 129.24 -109.79 10.96
C ALA G 957 129.47 -111.20 10.42
N TYR G 970 121.78 -126.62 23.13
CA TYR G 970 122.46 -126.92 21.88
C TYR G 970 123.12 -128.30 21.98
N GLN G 971 122.57 -129.27 21.25
CA GLN G 971 123.00 -130.67 21.30
C GLN G 971 123.88 -131.02 20.10
N LEU G 972 124.83 -131.93 20.33
CA LEU G 972 125.72 -132.43 19.26
C LEU G 972 125.09 -133.67 18.62
N THR G 973 125.16 -133.75 17.29
CA THR G 973 124.51 -134.82 16.51
C THR G 973 125.33 -135.23 15.28
N SER G 974 124.89 -136.32 14.64
CA SER G 974 125.52 -136.82 13.41
C SER G 974 125.22 -135.92 12.21
N GLY G 975 126.07 -136.01 11.19
CA GLY G 975 125.97 -135.17 10.00
C GLY G 975 126.46 -133.75 10.26
N TYR G 976 126.05 -132.82 9.41
CA TYR G 976 126.44 -131.41 9.52
C TYR G 976 125.67 -130.71 10.65
N LYS G 977 126.34 -129.80 11.34
CA LYS G 977 125.74 -129.02 12.44
C LYS G 977 126.30 -127.59 12.49
N PRO G 978 125.51 -126.59 12.02
CA PRO G 978 125.88 -125.19 12.12
C PRO G 978 125.23 -124.46 13.30
N ALA G 979 125.61 -123.20 13.48
CA ALA G 979 125.00 -122.31 14.46
C ALA G 979 125.18 -120.86 14.00
N PRO G 980 124.08 -120.15 13.66
CA PRO G 980 124.24 -118.73 13.30
C PRO G 980 124.68 -117.85 14.49
N MET G 981 125.36 -116.75 14.21
CA MET G 981 125.67 -115.74 15.23
C MET G 981 124.34 -115.30 15.82
N ASP G 982 124.18 -115.48 17.14
CA ASP G 982 122.85 -115.54 17.79
C ASP G 982 121.92 -114.37 17.43
N LEU G 983 120.64 -114.69 17.25
CA LEU G 983 119.64 -113.79 16.64
C LEU G 983 118.82 -112.97 17.64
N SER G 984 118.48 -113.58 18.78
CA SER G 984 117.45 -113.03 19.67
C SER G 984 117.85 -111.86 20.58
N PHE G 985 119.12 -111.44 20.53
CA PHE G 985 119.63 -110.39 21.45
C PHE G 985 119.13 -108.97 21.15
N ILE G 986 119.26 -108.54 19.89
CA ILE G 986 118.89 -107.16 19.50
C ILE G 986 117.37 -106.88 19.63
N LYS G 987 117.04 -105.61 19.93
CA LYS G 987 115.64 -105.17 20.15
C LYS G 987 114.99 -104.54 18.90
N LEU G 988 114.14 -105.32 18.22
CA LEU G 988 113.49 -104.91 16.96
C LEU G 988 112.43 -103.79 17.20
N THR G 989 112.36 -102.84 16.26
CA THR G 989 111.43 -101.69 16.36
C THR G 989 109.97 -102.16 16.08
N PRO G 990 108.96 -101.58 16.78
CA PRO G 990 107.52 -101.87 16.51
C PRO G 990 107.06 -101.69 15.02
N SER G 991 107.63 -100.70 14.32
CA SER G 991 107.41 -100.49 12.88
C SER G 991 107.92 -101.65 11.98
N GLN G 992 109.00 -102.31 12.44
CA GLN G 992 109.60 -103.45 11.71
C GLN G 992 108.72 -104.74 11.76
N GLU G 993 108.16 -105.05 12.95
CA GLU G 993 107.16 -106.15 13.14
C GLU G 993 105.88 -105.99 12.27
N ALA G 994 105.38 -104.74 12.19
CA ALA G 994 104.21 -104.40 11.35
C ALA G 994 104.49 -104.54 9.84
N MET G 995 105.70 -104.13 9.42
CA MET G 995 106.17 -104.30 8.02
C MET G 995 106.23 -105.79 7.60
N VAL G 996 106.77 -106.64 8.49
CA VAL G 996 106.91 -108.08 8.20
C VAL G 996 105.56 -108.84 8.18
N ASP G 997 104.53 -108.34 8.88
CA ASP G 997 103.13 -108.87 8.75
C ASP G 997 102.58 -108.77 7.30
N LYS G 998 102.82 -107.63 6.64
CA LYS G 998 102.44 -107.43 5.22
C LYS G 998 103.29 -108.27 4.23
N LEU G 999 104.55 -108.54 4.58
CA LEU G 999 105.41 -109.48 3.80
C LEU G 999 104.88 -110.94 3.83
N ALA G 1000 104.46 -111.41 5.02
CA ALA G 1000 103.87 -112.75 5.19
C ALA G 1000 102.50 -112.89 4.51
N GLU G 1001 101.69 -111.81 4.52
CA GLU G 1001 100.43 -111.72 3.72
C GLU G 1001 100.70 -111.88 2.20
N ASN G 1002 101.79 -111.27 1.72
CA ASN G 1002 102.14 -111.23 0.27
C ASN G 1002 102.69 -112.58 -0.27
N ALA G 1003 103.59 -113.21 0.50
CA ALA G 1003 104.11 -114.57 0.18
C ALA G 1003 103.03 -115.66 0.31
N HIS G 1004 102.13 -115.49 1.29
CA HIS G 1004 100.93 -116.35 1.46
C HIS G 1004 99.89 -116.18 0.31
N ASN G 1005 99.85 -114.99 -0.32
CA ASN G 1005 98.93 -114.71 -1.47
C ASN G 1005 99.45 -115.21 -2.85
N VAL G 1006 100.75 -115.05 -3.13
CA VAL G 1006 101.38 -115.69 -4.33
C VAL G 1006 101.36 -117.24 -4.22
N TRP G 1007 101.58 -117.74 -3.00
CA TRP G 1007 101.37 -119.17 -2.63
C TRP G 1007 99.88 -119.61 -2.78
N ALA G 1008 98.95 -118.69 -2.53
CA ALA G 1008 97.49 -118.89 -2.76
C ALA G 1008 97.10 -118.80 -4.25
N ARG G 1009 97.80 -117.94 -5.00
CA ARG G 1009 97.62 -117.78 -6.47
C ARG G 1009 98.01 -119.07 -7.22
N ASP G 1010 98.93 -119.86 -6.64
CA ASP G 1010 99.30 -121.20 -7.16
C ASP G 1010 98.12 -122.22 -7.16
N ARG G 1011 97.28 -122.16 -6.11
CA ARG G 1011 96.09 -123.07 -5.95
C ARG G 1011 94.83 -122.53 -6.66
N ILE G 1012 94.75 -121.20 -6.78
CA ILE G 1012 93.84 -120.52 -7.75
C ILE G 1012 94.08 -121.00 -9.20
N ARG G 1013 95.35 -121.25 -9.53
CA ARG G 1013 95.74 -121.89 -10.81
C ARG G 1013 95.61 -123.44 -10.81
N GLN G 1014 95.47 -124.05 -9.64
CA GLN G 1014 94.94 -125.44 -9.52
C GLN G 1014 93.40 -125.41 -9.56
N ARG G 1027 90.51 -130.86 -4.82
CA ARG G 1027 90.27 -130.85 -3.38
C ARG G 1027 89.89 -129.44 -2.93
N ARG G 1028 89.68 -129.27 -1.63
CA ARG G 1028 89.59 -127.96 -1.00
C ARG G 1028 90.61 -127.83 0.12
N ASN G 1029 91.15 -126.62 0.26
CA ASN G 1029 91.98 -126.21 1.41
C ASN G 1029 91.18 -125.15 2.21
N PRO G 1030 91.32 -125.11 3.56
CA PRO G 1030 90.69 -124.02 4.34
C PRO G 1030 91.42 -122.66 4.27
N ARG G 1031 92.73 -122.67 3.97
CA ARG G 1031 93.57 -121.44 3.90
C ARG G 1031 93.63 -120.71 2.51
N LEU G 1032 92.63 -120.93 1.64
CA LEU G 1032 92.37 -120.05 0.46
C LEU G 1032 92.13 -118.56 0.82
N VAL G 1033 91.49 -118.33 1.98
CA VAL G 1033 91.19 -116.98 2.51
C VAL G 1033 92.45 -116.10 2.79
N PRO G 1034 92.39 -114.76 2.50
CA PRO G 1034 93.52 -113.86 2.79
C PRO G 1034 94.07 -113.99 4.23
N TYR G 1035 95.36 -113.73 4.39
CA TYR G 1035 96.14 -113.96 5.64
C TYR G 1035 95.62 -113.18 6.90
N THR G 1036 95.06 -111.98 6.70
CA THR G 1036 94.53 -111.17 7.82
C THR G 1036 93.26 -111.78 8.49
N LEU G 1037 92.46 -112.52 7.72
CA LEU G 1037 91.22 -113.18 8.22
C LEU G 1037 91.40 -114.60 8.83
N LEU G 1038 92.51 -115.28 8.51
CA LEU G 1038 92.81 -116.64 9.05
C LEU G 1038 93.25 -116.58 10.55
N ASP G 1039 93.03 -117.69 11.26
CA ASP G 1039 93.30 -117.81 12.72
C ASP G 1039 94.79 -117.59 13.10
N ASP G 1040 95.03 -117.00 14.28
CA ASP G 1040 96.39 -116.62 14.77
C ASP G 1040 97.35 -117.82 14.96
N ARG G 1041 96.80 -118.99 15.34
CA ARG G 1041 97.57 -120.26 15.38
C ARG G 1041 98.12 -120.67 13.99
N THR G 1042 97.32 -120.45 12.93
CA THR G 1042 97.76 -120.61 11.52
C THR G 1042 98.73 -119.48 11.07
N LYS G 1043 98.63 -118.28 11.68
CA LYS G 1043 99.59 -117.17 11.47
C LYS G 1043 101.03 -117.48 11.99
N LYS G 1044 101.14 -118.34 13.03
CA LYS G 1044 102.43 -118.61 13.72
C LYS G 1044 103.63 -119.16 12.88
N SER G 1045 103.35 -119.85 11.77
CA SER G 1045 104.41 -120.48 10.91
C SER G 1045 105.21 -119.47 10.05
N ASN G 1046 104.51 -118.72 9.18
CA ASN G 1046 105.14 -117.66 8.36
C ASN G 1046 105.70 -116.50 9.23
N LYS G 1047 105.03 -116.22 10.36
CA LYS G 1047 105.53 -115.33 11.43
C LYS G 1047 106.92 -115.76 11.96
N ASP G 1048 107.07 -117.07 12.25
CA ASP G 1048 108.35 -117.61 12.77
C ASP G 1048 109.51 -117.58 11.72
N SER G 1049 109.19 -117.86 10.45
CA SER G 1049 110.19 -117.87 9.34
C SER G 1049 110.74 -116.47 8.99
N LEU G 1050 109.83 -115.51 8.84
CA LEU G 1050 110.21 -114.14 8.46
C LEU G 1050 110.76 -113.31 9.65
N ARG G 1051 110.28 -113.56 10.89
CA ARG G 1051 110.88 -113.00 12.13
C ARG G 1051 112.34 -113.45 12.35
N GLU G 1052 112.63 -114.72 12.04
CA GLU G 1052 114.02 -115.25 12.11
C GLU G 1052 114.95 -114.59 11.06
N ALA G 1053 114.47 -114.52 9.81
CA ALA G 1053 115.21 -113.89 8.68
C ALA G 1053 115.50 -112.38 8.90
N VAL G 1054 114.53 -111.65 9.45
CA VAL G 1054 114.72 -110.21 9.81
C VAL G 1054 115.62 -110.00 11.06
N ARG G 1055 115.63 -110.97 11.98
CA ARG G 1055 116.62 -111.00 13.10
C ARG G 1055 118.08 -111.18 12.57
N THR G 1056 118.23 -111.92 11.47
CA THR G 1056 119.51 -112.00 10.73
C THR G 1056 119.85 -110.70 9.95
N LEU G 1057 118.82 -109.96 9.49
CA LEU G 1057 118.99 -108.65 8.79
C LEU G 1057 119.53 -107.51 9.69
N LEU G 1058 118.95 -107.36 10.90
CA LEU G 1058 119.47 -106.42 11.93
C LEU G 1058 120.70 -106.99 12.68
N GLY G 1059 120.92 -108.31 12.56
CA GLY G 1059 122.20 -108.95 12.93
C GLY G 1059 123.33 -108.60 11.95
N TYR G 1060 122.98 -108.36 10.68
CA TYR G 1060 123.88 -107.70 9.70
C TYR G 1060 123.79 -106.14 9.78
N GLY G 1061 122.81 -105.64 10.55
CA GLY G 1061 122.69 -104.23 10.91
C GLY G 1061 121.91 -103.34 9.94
N TYR G 1062 121.18 -103.95 9.01
CA TYR G 1062 120.32 -103.20 8.04
C TYR G 1062 119.08 -102.56 8.72
N ASN G 1063 118.82 -101.28 8.43
CA ASN G 1063 117.67 -100.53 8.99
C ASN G 1063 116.37 -100.80 8.21
N LEU G 1064 115.26 -100.93 8.93
CA LEU G 1064 113.93 -101.18 8.37
C LEU G 1064 112.84 -100.46 9.19
N GLU G 1065 112.51 -99.23 8.77
CA GLU G 1065 111.55 -98.33 9.45
C GLU G 1065 110.38 -97.90 8.54
N ALA G 1066 109.24 -97.55 9.17
CA ALA G 1066 107.98 -97.24 8.44
C ALA G 1066 108.07 -96.01 7.53
N PRO G 1067 107.29 -96.00 6.43
CA PRO G 1067 107.25 -94.83 5.54
C PRO G 1067 106.52 -93.64 6.16
N ASP G 1068 105.49 -93.91 6.95
CA ASP G 1068 104.71 -92.87 7.63
C ASP G 1068 105.49 -92.30 8.82
N ARG G 1084 76.88 -94.16 4.29
CA ARG G 1084 76.25 -92.84 4.24
C ARG G 1084 75.95 -92.29 5.64
N PHE G 1085 75.47 -91.04 5.67
CA PHE G 1085 74.99 -90.39 6.90
C PHE G 1085 73.46 -90.45 7.00
N ARG G 1086 72.94 -91.52 7.62
CA ARG G 1086 71.49 -91.67 7.90
C ARG G 1086 71.03 -90.66 8.97
N ILE G 1087 69.82 -90.10 8.80
CA ILE G 1087 69.29 -88.99 9.65
C ILE G 1087 67.92 -89.33 10.30
N PHE G 1088 67.96 -89.81 11.56
CA PHE G 1088 66.73 -90.07 12.36
C PHE G 1088 66.10 -88.76 12.89
N ARG G 1089 64.77 -88.61 12.77
CA ARG G 1089 64.03 -87.41 13.25
C ARG G 1089 62.53 -87.68 13.55
N ALA G 1090 61.97 -86.97 14.53
CA ALA G 1090 60.52 -87.06 14.88
C ALA G 1090 59.60 -86.33 13.86
N GLU G 1091 58.29 -86.58 13.96
CA GLU G 1091 57.27 -85.92 13.08
C GLU G 1091 57.12 -84.39 13.35
N LYS G 1092 56.93 -83.63 12.26
CA LYS G 1092 56.80 -82.15 12.31
C LYS G 1092 55.51 -81.65 13.03
N THR G 1093 54.49 -82.52 13.12
CA THR G 1093 53.30 -82.27 13.98
C THR G 1093 53.64 -82.18 15.49
N TYR G 1094 54.74 -82.83 15.90
CA TYR G 1094 55.23 -82.83 17.31
C TYR G 1094 56.20 -81.66 17.69
N ALA G 1095 56.42 -80.71 16.78
CA ALA G 1095 57.36 -79.59 16.99
C ALA G 1095 56.96 -78.68 18.16
N VAL G 1096 57.92 -78.42 19.07
CA VAL G 1096 57.67 -77.57 20.25
C VAL G 1096 57.93 -76.11 19.86
N LYS G 1097 57.09 -75.19 20.36
CA LYS G 1097 57.29 -73.73 20.26
C LYS G 1097 57.53 -73.09 21.65
N ALA G 1098 56.73 -73.50 22.64
CA ALA G 1098 56.89 -73.10 24.06
C ALA G 1098 56.77 -74.30 25.02
N GLY G 1099 57.19 -74.11 26.26
CA GLY G 1099 57.19 -75.16 27.30
C GLY G 1099 58.50 -75.94 27.39
N ARG G 1100 58.85 -76.39 28.60
CA ARG G 1100 60.10 -77.12 28.87
C ARG G 1100 60.00 -78.60 28.45
N TRP G 1101 61.08 -79.15 27.87
CA TRP G 1101 61.11 -80.54 27.32
C TRP G 1101 62.49 -81.22 27.46
N TYR G 1102 62.51 -82.53 27.25
CA TYR G 1102 63.67 -83.39 27.48
C TYR G 1102 63.58 -84.67 26.60
N PHE G 1103 64.61 -84.93 25.78
CA PHE G 1103 64.80 -86.24 25.10
C PHE G 1103 66.17 -86.86 25.46
N GLU G 1104 66.42 -88.10 25.01
CA GLU G 1104 67.69 -88.82 25.26
C GLU G 1104 68.38 -89.38 24.00
N PHE G 1105 69.66 -89.75 24.20
CA PHE G 1105 70.45 -90.50 23.22
C PHE G 1105 71.41 -91.48 23.93
N GLU G 1106 71.01 -92.75 24.02
CA GLU G 1106 71.91 -93.84 24.42
C GLU G 1106 72.89 -94.16 23.25
N ALA G 1107 74.17 -94.35 23.56
CA ALA G 1107 75.22 -94.56 22.54
C ALA G 1107 75.82 -95.99 22.64
N VAL G 1108 75.30 -96.93 21.84
CA VAL G 1108 75.66 -98.37 21.94
C VAL G 1108 77.12 -98.65 21.54
N THR G 1109 77.64 -97.97 20.51
CA THR G 1109 79.03 -98.14 20.06
C THR G 1109 79.61 -96.81 19.59
N SER G 1110 80.91 -96.59 19.84
CA SER G 1110 81.57 -95.30 19.62
C SER G 1110 81.94 -95.05 18.15
N GLY G 1111 81.65 -93.84 17.67
CA GLY G 1111 81.98 -93.43 16.30
C GLY G 1111 81.83 -91.93 16.09
N ASP G 1112 81.53 -91.54 14.85
CA ASP G 1112 81.33 -90.12 14.48
C ASP G 1112 79.83 -89.71 14.55
N MET G 1113 79.22 -89.94 15.72
CA MET G 1113 77.77 -89.76 15.92
C MET G 1113 77.40 -88.31 16.29
N ARG G 1114 76.18 -87.88 15.94
CA ARG G 1114 75.64 -86.54 16.24
C ARG G 1114 74.27 -86.68 16.94
N VAL G 1115 73.97 -85.79 17.89
CA VAL G 1115 72.64 -85.74 18.53
C VAL G 1115 72.29 -84.35 19.09
N GLY G 1116 71.02 -83.94 18.95
CA GLY G 1116 70.50 -82.66 19.48
C GLY G 1116 69.21 -82.19 18.81
N TRP G 1117 68.77 -80.97 19.12
CA TRP G 1117 67.53 -80.39 18.53
C TRP G 1117 67.76 -79.85 17.09
N SER G 1118 66.73 -79.90 16.23
CA SER G 1118 66.83 -79.44 14.82
C SER G 1118 65.46 -79.08 14.20
N ARG G 1119 65.47 -78.10 13.30
CA ARG G 1119 64.25 -77.54 12.69
C ARG G 1119 63.70 -78.40 11.52
N PRO G 1120 62.35 -78.44 11.35
CA PRO G 1120 61.74 -79.03 10.14
C PRO G 1120 61.83 -78.07 8.92
N GLY G 1121 61.84 -78.63 7.72
CA GLY G 1121 61.93 -77.86 6.46
C GLY G 1121 60.67 -77.08 6.13
N GLU G 1127 73.62 -81.24 5.28
CA GLU G 1127 74.34 -82.00 6.30
C GLU G 1127 74.09 -81.43 7.71
N LEU G 1128 74.04 -82.32 8.72
CA LEU G 1128 73.79 -81.92 10.13
C LEU G 1128 74.87 -80.97 10.67
N GLY G 1129 74.45 -79.80 11.17
CA GLY G 1129 75.36 -78.78 11.73
C GLY G 1129 76.00 -77.82 10.73
N SER G 1130 76.04 -78.18 9.45
CA SER G 1130 76.60 -77.32 8.39
C SER G 1130 75.71 -76.10 8.08
N ASP G 1131 74.38 -76.28 8.23
CA ASP G 1131 73.35 -75.27 7.83
C ASP G 1131 72.63 -74.60 9.04
N GLU G 1132 71.72 -73.67 8.72
CA GLU G 1132 70.85 -72.98 9.71
C GLU G 1132 69.84 -73.92 10.43
N ARG G 1133 69.54 -75.07 9.80
CA ARG G 1133 68.41 -75.94 10.20
C ARG G 1133 68.65 -76.96 11.34
N ALA G 1134 69.90 -77.12 11.80
CA ALA G 1134 70.24 -78.13 12.84
C ALA G 1134 71.15 -77.60 13.99
N PHE G 1135 71.02 -78.23 15.17
CA PHE G 1135 71.85 -77.94 16.37
C PHE G 1135 72.32 -79.26 17.02
N ALA G 1136 73.62 -79.58 16.84
CA ALA G 1136 74.18 -80.90 17.23
C ALA G 1136 75.43 -80.83 18.15
N PHE G 1137 75.60 -81.90 18.93
CA PHE G 1137 76.66 -82.05 19.96
C PHE G 1137 77.45 -83.35 19.62
N ASP G 1138 78.66 -83.18 19.09
CA ASP G 1138 79.52 -84.32 18.71
C ASP G 1138 80.43 -84.74 19.88
N GLY G 1139 80.39 -86.03 20.24
CA GLY G 1139 81.26 -86.61 21.26
C GLY G 1139 82.57 -87.26 20.77
N PHE G 1140 82.87 -87.11 19.47
CA PHE G 1140 84.12 -87.63 18.87
C PHE G 1140 85.14 -86.49 18.75
N LYS G 1141 84.79 -85.47 17.95
CA LYS G 1141 85.65 -84.29 17.75
C LYS G 1141 85.53 -83.24 18.88
N ALA G 1142 84.42 -83.26 19.63
CA ALA G 1142 84.20 -82.42 20.83
C ALA G 1142 84.13 -80.90 20.53
N GLN G 1143 83.06 -80.50 19.83
CA GLN G 1143 82.79 -79.08 19.51
C GLN G 1143 81.32 -78.83 19.12
N ARG G 1144 80.89 -77.56 19.21
CA ARG G 1144 79.57 -77.09 18.71
C ARG G 1144 79.50 -77.16 17.18
N TRP G 1145 78.38 -77.68 16.66
CA TRP G 1145 78.11 -77.78 15.21
C TRP G 1145 76.80 -77.06 14.86
N HIS G 1146 76.92 -75.77 14.53
CA HIS G 1146 75.82 -74.97 13.94
C HIS G 1146 76.39 -73.83 13.05
N GLN G 1147 76.12 -73.89 11.75
CA GLN G 1147 76.63 -72.91 10.75
C GLN G 1147 78.14 -72.63 10.92
N GLY G 1148 78.92 -73.70 11.07
CA GLY G 1148 80.36 -73.60 11.41
C GLY G 1148 80.67 -73.88 12.88
N ASN G 1149 81.90 -74.31 13.15
CA ASN G 1149 82.28 -74.89 14.44
C ASN G 1149 82.74 -73.89 15.53
N GLU G 1150 82.67 -74.35 16.78
CA GLU G 1150 83.31 -73.69 17.95
C GLU G 1150 83.41 -74.71 19.13
N HIS G 1151 84.50 -74.66 19.90
CA HIS G 1151 84.90 -75.72 20.86
C HIS G 1151 83.92 -75.94 22.04
N TYR G 1152 83.76 -77.21 22.47
CA TYR G 1152 82.66 -77.62 23.36
C TYR G 1152 82.86 -78.99 24.04
N GLY G 1153 83.04 -78.99 25.37
CA GLY G 1153 82.83 -80.18 26.22
C GLY G 1153 83.79 -81.37 26.13
N ARG G 1154 83.59 -82.33 27.04
CA ARG G 1154 84.35 -83.59 27.10
C ARG G 1154 83.75 -84.64 26.15
N SER G 1155 84.61 -85.42 25.49
CA SER G 1155 84.19 -86.52 24.60
C SER G 1155 83.55 -87.66 25.39
N TRP G 1156 82.49 -88.27 24.84
CA TRP G 1156 81.83 -89.42 25.51
C TRP G 1156 82.40 -90.80 25.08
N GLN G 1157 82.51 -91.71 26.06
CA GLN G 1157 82.92 -93.11 25.81
C GLN G 1157 81.73 -93.95 25.33
N ALA G 1158 82.01 -95.12 24.74
CA ALA G 1158 80.96 -96.07 24.29
C ALA G 1158 80.04 -96.51 25.46
N GLY G 1159 78.74 -96.65 25.17
CA GLY G 1159 77.73 -97.05 26.18
C GLY G 1159 77.07 -95.92 26.99
N ASP G 1160 77.56 -94.68 26.84
CA ASP G 1160 77.09 -93.52 27.64
C ASP G 1160 75.66 -93.05 27.24
N VAL G 1161 74.84 -92.70 28.25
CA VAL G 1161 73.50 -92.09 28.03
C VAL G 1161 73.64 -90.55 28.01
N VAL G 1162 73.78 -90.00 26.79
CA VAL G 1162 73.83 -88.54 26.56
C VAL G 1162 72.41 -87.97 26.77
N GLY G 1163 72.32 -86.80 27.44
CA GLY G 1163 71.02 -86.14 27.75
C GLY G 1163 70.86 -84.80 27.04
N CYS G 1164 69.64 -84.51 26.55
CA CYS G 1164 69.36 -83.29 25.74
C CYS G 1164 68.11 -82.49 26.21
N MET G 1165 68.36 -81.54 27.13
CA MET G 1165 67.34 -80.61 27.69
C MET G 1165 67.12 -79.36 26.80
N VAL G 1166 65.92 -78.77 26.89
CA VAL G 1166 65.63 -77.45 26.30
C VAL G 1166 64.51 -76.69 27.05
N ASP G 1167 64.70 -75.38 27.23
CA ASP G 1167 63.67 -74.46 27.79
C ASP G 1167 63.18 -73.51 26.66
N MET G 1168 61.98 -73.76 26.13
CA MET G 1168 61.45 -72.98 25.00
C MET G 1168 60.89 -71.61 25.40
N ASN G 1169 60.67 -71.40 26.71
CA ASN G 1169 60.26 -70.09 27.23
C ASN G 1169 61.46 -69.16 27.36
N GLU G 1170 62.49 -69.63 28.07
CA GLU G 1170 63.76 -68.88 28.23
C GLU G 1170 64.66 -68.94 26.98
N HIS G 1171 64.41 -69.90 26.08
CA HIS G 1171 65.17 -70.08 24.83
C HIS G 1171 66.66 -70.41 25.08
N THR G 1172 66.88 -71.46 25.89
CA THR G 1172 68.22 -71.99 26.24
C THR G 1172 68.25 -73.55 26.17
N MET G 1173 69.43 -74.09 25.83
CA MET G 1173 69.69 -75.54 25.79
C MET G 1173 70.67 -75.93 26.90
N MET G 1174 70.65 -77.20 27.25
CA MET G 1174 71.65 -77.83 28.12
C MET G 1174 71.94 -79.27 27.65
N PHE G 1175 73.22 -79.68 27.75
CA PHE G 1175 73.72 -81.00 27.31
C PHE G 1175 74.51 -81.72 28.45
N THR G 1176 73.79 -82.41 29.35
CA THR G 1176 74.42 -83.19 30.45
C THR G 1176 75.00 -84.51 29.90
N LEU G 1177 76.17 -84.92 30.42
CA LEU G 1177 76.85 -86.17 30.03
C LEU G 1177 77.03 -87.08 31.26
N ASN G 1178 76.11 -88.04 31.42
CA ASN G 1178 76.07 -88.98 32.57
C ASN G 1178 76.04 -88.25 33.95
N GLY G 1179 75.20 -87.21 34.03
CA GLY G 1179 75.08 -86.37 35.24
C GLY G 1179 76.17 -85.32 35.42
N GLU G 1180 76.90 -85.00 34.35
CA GLU G 1180 77.90 -83.91 34.37
C GLU G 1180 77.45 -82.75 33.44
N ILE G 1181 77.10 -81.62 34.03
CA ILE G 1181 76.79 -80.42 33.26
C ILE G 1181 78.11 -79.98 32.65
N LEU G 1182 78.20 -80.05 31.32
CA LEU G 1182 79.46 -79.79 30.59
C LEU G 1182 79.59 -78.31 30.20
N LEU G 1183 80.80 -77.92 29.80
CA LEU G 1183 81.17 -76.51 29.57
C LEU G 1183 81.65 -76.28 28.12
N ASP G 1184 81.68 -75.01 27.70
CA ASP G 1184 82.06 -74.60 26.32
C ASP G 1184 83.25 -73.59 26.36
N ASP G 1185 83.35 -72.71 25.35
CA ASP G 1185 84.47 -71.73 25.27
C ASP G 1185 84.70 -70.86 26.52
N SER G 1186 83.63 -70.49 27.23
CA SER G 1186 83.72 -69.61 28.42
C SER G 1186 83.46 -70.34 29.76
N GLY G 1187 82.21 -70.39 30.23
CA GLY G 1187 81.89 -71.04 31.52
C GLY G 1187 80.55 -70.67 32.15
N SER G 1188 79.54 -71.52 31.96
CA SER G 1188 78.22 -71.38 32.60
C SER G 1188 77.41 -72.69 32.57
N GLU G 1189 76.24 -72.70 33.21
CA GLU G 1189 75.37 -73.89 33.25
C GLU G 1189 74.60 -74.14 31.94
N LEU G 1190 74.22 -73.07 31.23
CA LEU G 1190 73.46 -73.16 29.99
C LEU G 1190 74.38 -73.40 28.79
N ALA G 1191 73.99 -74.31 27.90
CA ALA G 1191 74.76 -74.62 26.68
C ALA G 1191 74.59 -73.51 25.60
N PHE G 1192 73.85 -73.78 24.50
CA PHE G 1192 73.39 -72.71 23.60
C PHE G 1192 72.36 -71.80 24.35
N LYS G 1193 72.38 -70.50 24.05
CA LYS G 1193 71.43 -69.54 24.63
C LYS G 1193 70.93 -68.58 23.54
N ASP G 1194 69.62 -68.33 23.54
CA ASP G 1194 68.95 -67.48 22.53
C ASP G 1194 68.94 -68.12 21.13
N PHE G 1195 67.82 -68.76 20.78
CA PHE G 1195 67.57 -69.32 19.42
C PHE G 1195 66.16 -68.99 18.91
N ASP G 1196 65.98 -68.94 17.58
CA ASP G 1196 64.68 -68.61 16.93
C ASP G 1196 63.71 -69.81 16.90
N VAL G 1197 62.41 -69.53 17.05
CA VAL G 1197 61.36 -70.56 17.04
C VAL G 1197 61.18 -71.07 15.59
N GLY G 1198 60.90 -70.15 14.66
CA GLY G 1198 60.88 -70.43 13.21
C GLY G 1198 59.78 -71.38 12.72
N ASP G 1199 60.04 -72.68 12.85
CA ASP G 1199 59.09 -73.76 12.50
C ASP G 1199 58.87 -74.77 13.67
N GLY G 1200 59.34 -74.41 14.87
CA GLY G 1200 59.44 -75.31 16.03
C GLY G 1200 60.73 -76.13 16.03
N PHE G 1201 60.90 -76.97 17.06
CA PHE G 1201 62.07 -77.89 17.16
C PHE G 1201 61.69 -79.37 17.38
N ILE G 1202 62.56 -80.26 16.87
CA ILE G 1202 62.36 -81.72 16.87
C ILE G 1202 63.62 -82.44 17.43
N PRO G 1203 63.45 -83.59 18.14
CA PRO G 1203 64.65 -84.43 18.43
C PRO G 1203 65.28 -85.02 17.11
N VAL G 1204 66.61 -84.97 16.98
CA VAL G 1204 67.34 -85.46 15.78
C VAL G 1204 68.68 -86.14 16.18
N CYS G 1205 69.09 -87.16 15.40
CA CYS G 1205 70.42 -87.80 15.56
C CYS G 1205 70.90 -88.43 14.24
N SER G 1206 72.22 -88.49 14.04
CA SER G 1206 72.81 -89.11 12.84
C SER G 1206 73.95 -90.10 13.20
N LEU G 1207 73.68 -91.39 12.95
CA LEU G 1207 74.65 -92.49 13.25
C LEU G 1207 75.69 -92.65 12.10
N GLY G 1208 76.91 -93.05 12.47
CA GLY G 1208 78.02 -93.21 11.52
C GLY G 1208 77.95 -94.51 10.73
N VAL G 1209 78.92 -94.70 9.85
CA VAL G 1209 79.05 -95.91 9.03
C VAL G 1209 79.56 -97.04 9.94
N ALA G 1210 78.70 -98.02 10.19
CA ALA G 1210 78.94 -99.13 11.13
C ALA G 1210 78.88 -98.72 12.61
N GLN G 1211 77.93 -97.84 12.95
CA GLN G 1211 77.62 -97.46 14.35
C GLN G 1211 76.14 -97.78 14.74
N VAL G 1212 75.91 -97.97 16.05
CA VAL G 1212 74.56 -98.27 16.63
C VAL G 1212 74.22 -97.24 17.75
N GLY G 1213 72.97 -96.77 17.79
CA GLY G 1213 72.53 -95.75 18.78
C GLY G 1213 71.03 -95.59 19.00
N ARG G 1214 70.57 -95.91 20.22
CA ARG G 1214 69.16 -95.74 20.61
C ARG G 1214 68.82 -94.29 21.01
N MET G 1215 67.51 -94.04 21.12
CA MET G 1215 66.97 -92.82 21.73
C MET G 1215 65.77 -93.14 22.65
N ASN G 1216 65.62 -92.33 23.71
CA ASN G 1216 64.46 -92.39 24.62
C ASN G 1216 63.88 -90.97 24.78
N PHE G 1217 62.59 -90.83 24.43
CA PHE G 1217 61.96 -89.51 24.31
C PHE G 1217 61.37 -89.03 25.65
N GLY G 1218 60.89 -89.98 26.45
CA GLY G 1218 60.48 -89.72 27.85
C GLY G 1218 59.33 -90.63 28.25
N LYS G 1219 59.58 -91.94 28.22
CA LYS G 1219 58.55 -92.96 28.51
C LYS G 1219 58.29 -93.08 30.04
N ASP G 1220 58.82 -94.12 30.69
CA ASP G 1220 58.66 -94.29 32.15
C ASP G 1220 59.65 -93.34 32.87
N VAL G 1221 59.14 -92.59 33.84
CA VAL G 1221 59.89 -91.51 34.52
C VAL G 1221 61.13 -92.02 35.32
N SER G 1222 61.01 -93.21 35.90
CA SER G 1222 62.14 -93.87 36.61
C SER G 1222 63.12 -94.64 35.66
N THR G 1223 62.70 -94.90 34.41
CA THR G 1223 63.49 -95.70 33.46
C THR G 1223 64.60 -94.88 32.78
N LEU G 1224 64.31 -93.62 32.42
CA LEU G 1224 65.32 -92.70 31.86
C LEU G 1224 66.54 -92.64 32.79
N LYS G 1225 67.72 -93.04 32.28
CA LYS G 1225 68.91 -93.28 33.13
C LYS G 1225 69.46 -92.04 33.85
N TYR G 1226 69.31 -90.86 33.24
CA TYR G 1226 69.72 -89.58 33.83
C TYR G 1226 68.66 -88.48 33.64
N PHE G 1227 67.44 -88.76 34.13
CA PHE G 1227 66.34 -87.76 34.24
C PHE G 1227 66.10 -87.36 35.73
N THR G 1228 65.93 -88.35 36.60
CA THR G 1228 65.74 -88.15 38.06
C THR G 1228 66.87 -87.33 38.74
N ILE G 1229 68.12 -87.51 38.29
CA ILE G 1229 69.29 -86.74 38.80
C ILE G 1229 69.28 -85.27 38.29
N CYS G 1230 68.78 -85.03 37.06
CA CYS G 1230 68.75 -83.68 36.44
C CYS G 1230 67.72 -83.58 35.28
N GLY G 1231 66.45 -83.48 35.66
CA GLY G 1231 65.34 -83.41 34.68
C GLY G 1231 64.03 -82.86 35.23
N LEU G 1232 63.40 -83.61 36.14
CA LEU G 1232 62.12 -83.19 36.74
C LEU G 1232 62.31 -82.06 37.76
N GLN G 1233 63.50 -81.94 38.34
CA GLN G 1233 63.83 -80.87 39.30
C GLN G 1233 63.85 -79.48 38.64
N GLU G 1234 64.56 -79.36 37.51
CA GLU G 1234 64.55 -78.12 36.72
C GLU G 1234 63.18 -77.84 36.06
N GLY G 1235 62.38 -78.89 35.86
CA GLY G 1235 61.00 -78.78 35.39
C GLY G 1235 60.80 -79.10 33.92
N TYR G 1236 61.50 -80.12 33.43
CA TYR G 1236 61.38 -80.58 32.04
C TYR G 1236 60.37 -81.74 31.91
N GLU G 1237 59.61 -81.74 30.81
CA GLU G 1237 58.46 -82.63 30.60
C GLU G 1237 58.82 -83.84 29.71
N PRO G 1238 58.69 -85.09 30.24
CA PRO G 1238 58.78 -86.29 29.40
C PRO G 1238 57.64 -86.37 28.34
N PHE G 1239 57.94 -86.94 27.17
CA PHE G 1239 56.98 -86.98 26.05
C PHE G 1239 55.78 -87.90 26.36
N ALA G 1240 56.06 -89.11 26.86
CA ALA G 1240 54.99 -90.09 27.17
C ALA G 1240 54.15 -89.81 28.45
N VAL G 1241 54.60 -88.87 29.30
CA VAL G 1241 53.86 -88.55 30.56
C VAL G 1241 52.45 -87.97 30.29
N ASN G 1242 52.29 -87.27 29.17
CA ASN G 1242 50.96 -86.81 28.67
C ASN G 1242 50.65 -87.35 27.25
N THR G 1243 51.06 -88.60 26.97
CA THR G 1243 50.88 -89.25 25.64
C THR G 1243 50.66 -90.79 25.79
N ASN G 1244 49.89 -91.38 24.86
CA ASN G 1244 49.51 -92.80 24.91
C ASN G 1244 50.41 -93.69 24.02
N ARG G 1245 50.37 -93.43 22.71
CA ARG G 1245 51.03 -94.30 21.71
C ARG G 1245 52.55 -94.01 21.67
N ASP G 1246 53.37 -95.02 21.37
CA ASP G 1246 54.83 -94.85 21.17
C ASP G 1246 55.09 -93.90 19.98
N ILE G 1247 56.08 -93.01 20.11
CA ILE G 1247 56.27 -91.90 19.16
C ILE G 1247 56.77 -92.37 17.77
N THR G 1248 56.13 -91.85 16.71
CA THR G 1248 56.57 -92.10 15.32
C THR G 1248 57.77 -91.18 14.95
N MET G 1249 58.70 -91.71 14.14
CA MET G 1249 59.90 -90.98 13.70
C MET G 1249 60.22 -91.29 12.22
N TRP G 1250 61.27 -90.65 11.67
CA TRP G 1250 61.62 -90.69 10.22
C TRP G 1250 63.09 -91.10 9.96
N LEU G 1251 63.39 -91.54 8.73
CA LEU G 1251 64.79 -91.82 8.29
C LEU G 1251 64.99 -91.68 6.77
N SER G 1252 66.11 -91.09 6.36
CA SER G 1252 66.46 -90.91 4.93
C SER G 1252 66.84 -92.24 4.26
N LYS G 1253 66.31 -92.49 3.05
CA LYS G 1253 66.66 -93.68 2.23
C LYS G 1253 67.81 -93.37 1.22
N ARG G 1254 68.62 -94.39 0.94
CA ARG G 1254 69.66 -94.34 -0.12
C ARG G 1254 69.05 -94.24 -1.53
N LEU G 1255 67.82 -94.76 -1.70
CA LEU G 1255 67.09 -94.71 -3.00
C LEU G 1255 66.67 -93.26 -3.39
N PRO G 1256 67.05 -92.78 -4.61
CA PRO G 1256 66.44 -91.55 -5.15
C PRO G 1256 64.93 -91.64 -5.46
N GLN G 1257 64.23 -90.50 -5.35
CA GLN G 1257 62.83 -90.34 -5.82
C GLN G 1257 62.68 -88.99 -6.54
N PHE G 1258 62.07 -88.99 -7.73
CA PHE G 1258 61.74 -87.75 -8.45
C PHE G 1258 60.71 -86.86 -7.69
N LEU G 1259 60.98 -85.54 -7.68
CA LEU G 1259 60.03 -84.52 -7.21
C LEU G 1259 60.14 -83.30 -8.16
N GLN G 1260 59.06 -82.53 -8.28
CA GLN G 1260 59.00 -81.37 -9.21
C GLN G 1260 60.13 -80.34 -8.96
N VAL G 1261 60.68 -79.78 -10.05
CA VAL G 1261 61.88 -78.91 -9.98
C VAL G 1261 61.65 -77.62 -9.14
N PRO G 1262 62.40 -77.46 -8.00
CA PRO G 1262 62.13 -76.38 -7.02
C PRO G 1262 62.50 -74.96 -7.49
N SER G 1263 61.66 -73.96 -7.16
CA SER G 1263 61.91 -72.55 -7.50
C SER G 1263 63.25 -72.01 -6.93
N ASN G 1264 63.59 -72.44 -5.71
CA ASN G 1264 64.94 -72.23 -5.13
C ASN G 1264 65.93 -73.33 -5.55
N HIS G 1265 67.21 -72.96 -5.62
CA HIS G 1265 68.35 -73.86 -5.97
C HIS G 1265 69.67 -73.08 -5.80
N GLU G 1266 70.81 -73.72 -6.11
CA GLU G 1266 72.03 -72.97 -6.48
C GLU G 1266 71.73 -72.34 -7.85
N HIS G 1267 71.37 -73.19 -8.80
CA HIS G 1267 70.74 -72.81 -10.09
C HIS G 1267 70.40 -74.02 -10.99
N ILE G 1268 69.12 -74.14 -11.37
CA ILE G 1268 68.66 -75.17 -12.33
C ILE G 1268 67.58 -74.58 -13.28
N GLU G 1269 68.01 -74.09 -14.44
CA GLU G 1269 67.17 -73.25 -15.32
C GLU G 1269 66.23 -74.02 -16.29
N VAL G 1270 65.04 -74.39 -15.82
CA VAL G 1270 63.93 -74.82 -16.72
C VAL G 1270 63.38 -73.58 -17.47
N THR G 1271 63.03 -73.71 -18.76
CA THR G 1271 62.52 -72.56 -19.57
C THR G 1271 61.69 -72.96 -20.84
N ARG G 1272 60.36 -72.86 -20.75
CA ARG G 1272 59.46 -73.03 -21.93
C ARG G 1272 59.43 -71.74 -22.79
N ILE G 1273 59.09 -71.88 -24.08
CA ILE G 1273 58.75 -70.73 -24.97
C ILE G 1273 57.68 -71.12 -26.02
N ASP G 1274 56.82 -70.14 -26.37
CA ASP G 1274 55.72 -70.32 -27.35
C ASP G 1274 55.52 -69.07 -28.22
N VAL G 1285 58.68 -72.28 -34.10
CA VAL G 1285 58.42 -73.58 -33.49
C VAL G 1285 58.67 -73.57 -31.96
N THR G 1286 57.90 -74.38 -31.22
CA THR G 1286 58.10 -74.56 -29.78
C THR G 1286 59.38 -75.39 -29.51
N GLN G 1287 60.20 -74.92 -28.56
CA GLN G 1287 61.43 -75.63 -28.12
C GLN G 1287 61.75 -75.34 -26.64
N LYS G 1288 62.72 -76.07 -26.08
CA LYS G 1288 63.11 -75.95 -24.66
C LYS G 1288 64.64 -75.94 -24.48
N SER G 1289 65.17 -74.96 -23.72
CA SER G 1289 66.63 -74.75 -23.54
C SER G 1289 67.11 -74.84 -22.07
N PHE G 1290 68.37 -75.28 -21.89
CA PHE G 1290 69.05 -75.36 -20.58
C PHE G 1290 70.51 -74.84 -20.63
N GLY G 1291 70.89 -74.01 -19.66
CA GLY G 1291 72.28 -73.54 -19.45
C GLY G 1291 72.80 -73.94 -18.06
N SER G 1292 73.83 -73.24 -17.57
CA SER G 1292 74.44 -73.49 -16.24
C SER G 1292 75.17 -72.23 -15.68
N GLN G 1293 74.83 -71.83 -14.45
CA GLN G 1293 75.31 -70.54 -13.84
C GLN G 1293 76.57 -70.67 -12.95
N ASN G 1294 76.43 -71.40 -11.84
CA ASN G 1294 77.43 -71.38 -10.75
C ASN G 1294 78.74 -72.14 -11.06
N SER G 1295 79.70 -72.11 -10.12
CA SER G 1295 80.97 -72.87 -10.20
C SER G 1295 80.80 -74.35 -9.71
N ASN G 1296 79.69 -74.99 -10.09
CA ASN G 1296 79.41 -76.37 -9.74
C ASN G 1296 80.14 -77.26 -10.75
N THR G 1297 80.61 -78.43 -10.29
CA THR G 1297 81.51 -79.30 -11.08
C THR G 1297 80.81 -80.11 -12.20
N ASP G 1298 79.86 -80.99 -11.82
CA ASP G 1298 79.31 -81.99 -12.76
C ASP G 1298 77.97 -82.63 -12.31
N ILE G 1299 77.49 -83.63 -13.07
CA ILE G 1299 76.28 -84.45 -12.77
C ILE G 1299 74.96 -83.66 -12.95
N MET G 1300 74.28 -83.89 -14.08
CA MET G 1300 72.90 -83.40 -14.32
C MET G 1300 72.00 -84.53 -14.87
N PHE G 1301 70.96 -84.90 -14.11
CA PHE G 1301 70.17 -86.13 -14.35
C PHE G 1301 68.67 -85.86 -14.71
N TYR G 1302 68.42 -85.44 -15.95
CA TYR G 1302 67.06 -84.99 -16.37
C TYR G 1302 66.13 -86.08 -16.97
N ARG G 1303 65.34 -86.69 -16.08
CA ARG G 1303 64.18 -87.54 -16.46
C ARG G 1303 62.93 -86.66 -16.78
N LEU G 1304 62.14 -87.09 -17.78
CA LEU G 1304 60.79 -86.51 -18.03
C LEU G 1304 59.77 -87.20 -17.08
N SER G 1305 58.68 -86.50 -16.73
CA SER G 1305 57.64 -87.02 -15.81
C SER G 1305 56.57 -87.95 -16.43
N MET G 1306 56.52 -88.05 -17.77
CA MET G 1306 55.40 -88.73 -18.49
C MET G 1306 55.86 -89.84 -19.50
N PRO G 1307 55.85 -91.13 -19.05
CA PRO G 1307 56.29 -92.32 -19.84
C PRO G 1307 55.27 -92.82 -20.92
N ILE G 1308 55.77 -93.38 -22.04
CA ILE G 1308 54.87 -93.89 -23.13
C ILE G 1308 54.42 -95.36 -22.94
N GLU G 1309 53.44 -95.79 -23.75
CA GLU G 1309 52.97 -97.19 -23.80
C GLU G 1309 52.19 -97.47 -25.10
N CYS G 1310 52.32 -98.70 -25.63
CA CYS G 1310 51.59 -99.16 -26.83
C CYS G 1310 50.66 -100.35 -26.50
N THR G 1425 56.51 -94.40 -35.93
CA THR G 1425 55.95 -93.31 -36.75
C THR G 1425 55.76 -92.00 -35.96
N TYR G 1426 56.62 -91.77 -34.95
CA TYR G 1426 56.54 -90.60 -34.02
C TYR G 1426 57.98 -90.14 -33.56
N TYR G 1427 58.38 -88.90 -33.92
CA TYR G 1427 59.76 -88.39 -33.63
C TYR G 1427 59.92 -87.76 -32.21
N TYR G 1428 61.15 -87.80 -31.67
CA TYR G 1428 61.54 -87.07 -30.42
C TYR G 1428 62.93 -86.38 -30.56
N SER G 1429 62.97 -85.19 -31.17
CA SER G 1429 64.25 -84.50 -31.50
C SER G 1429 64.96 -83.88 -30.26
N VAL G 1430 66.30 -84.02 -30.22
CA VAL G 1430 67.16 -83.56 -29.08
C VAL G 1430 68.47 -82.87 -29.58
N ARG G 1431 68.45 -81.53 -29.69
CA ARG G 1431 69.62 -80.73 -30.15
C ARG G 1431 70.61 -80.39 -29.01
N ILE G 1432 71.87 -80.10 -29.36
CA ILE G 1432 72.91 -79.59 -28.42
C ILE G 1432 73.76 -78.45 -29.03
N PHE G 1433 73.94 -77.36 -28.28
CA PHE G 1433 74.75 -76.21 -28.74
C PHE G 1433 76.26 -76.52 -28.80
N PRO G 1434 76.85 -77.09 -27.73
CA PRO G 1434 78.29 -77.32 -27.74
C PRO G 1434 78.67 -78.60 -28.47
N ASN G 1440 80.86 -84.13 -21.85
CA ASN G 1440 80.13 -85.29 -22.38
C ASN G 1440 78.69 -85.37 -21.83
N VAL G 1441 77.74 -85.80 -22.66
CA VAL G 1441 76.29 -85.87 -22.30
C VAL G 1441 75.59 -87.07 -22.99
N TRP G 1442 75.46 -88.20 -22.26
CA TRP G 1442 74.78 -89.42 -22.79
C TRP G 1442 73.25 -89.22 -22.98
N VAL G 1443 72.70 -89.79 -24.07
CA VAL G 1443 71.27 -89.66 -24.47
C VAL G 1443 70.63 -91.06 -24.69
N GLY G 1444 69.44 -91.28 -24.13
CA GLY G 1444 68.72 -92.56 -24.30
C GLY G 1444 67.50 -92.87 -23.43
N TRP G 1445 66.87 -94.01 -23.72
CA TRP G 1445 65.71 -94.52 -22.97
C TRP G 1445 66.18 -95.35 -21.76
N ILE G 1446 65.40 -95.33 -20.68
CA ILE G 1446 65.73 -96.02 -19.40
C ILE G 1446 64.45 -96.68 -18.79
N THR G 1447 64.66 -97.78 -18.03
CA THR G 1447 63.60 -98.54 -17.32
C THR G 1447 62.89 -97.66 -16.24
N SER G 1448 61.60 -97.92 -15.99
CA SER G 1448 60.74 -97.15 -15.03
C SER G 1448 61.36 -96.96 -13.63
N ASP G 1449 61.92 -98.05 -13.09
CA ASP G 1449 62.79 -98.00 -11.90
C ASP G 1449 64.19 -97.45 -12.28
N PHE G 1450 64.70 -96.50 -11.48
CA PHE G 1450 66.10 -96.04 -11.59
C PHE G 1450 66.50 -95.34 -10.28
N HIS G 1451 67.72 -95.63 -9.83
CA HIS G 1451 68.21 -95.20 -8.48
C HIS G 1451 69.74 -94.91 -8.44
N GLN G 1452 70.31 -94.53 -9.58
CA GLN G 1452 71.77 -94.30 -9.75
C GLN G 1452 72.11 -92.81 -9.60
N TYR G 1453 72.56 -92.40 -8.42
CA TYR G 1453 73.24 -91.10 -8.25
C TYR G 1453 74.76 -91.34 -8.33
N ASP G 1454 75.21 -91.72 -9.53
CA ASP G 1454 76.62 -92.07 -9.81
C ASP G 1454 76.91 -92.01 -11.34
N THR G 1455 78.10 -91.52 -11.69
CA THR G 1455 78.51 -91.37 -13.10
C THR G 1455 79.00 -92.71 -13.74
N GLY G 1456 79.46 -93.66 -12.92
CA GLY G 1456 80.12 -94.91 -13.38
C GLY G 1456 79.34 -95.86 -14.29
N PHE G 1457 79.20 -95.48 -15.56
CA PHE G 1457 78.49 -96.29 -16.59
C PHE G 1457 79.40 -97.38 -17.23
N ASP G 1458 78.82 -98.47 -17.80
CA ASP G 1458 77.38 -98.60 -18.12
C ASP G 1458 76.72 -99.91 -17.60
N LEU G 1459 75.41 -99.81 -17.32
CA LEU G 1459 74.57 -100.93 -16.86
C LEU G 1459 73.09 -100.77 -17.28
N ASP G 1460 72.36 -101.89 -17.33
CA ASP G 1460 70.97 -101.92 -17.81
C ASP G 1460 70.00 -101.28 -16.80
N VAL G 1465 69.66 -107.33 -17.92
CA VAL G 1465 68.96 -108.59 -17.68
C VAL G 1465 68.58 -109.33 -18.98
N THR G 1466 68.55 -110.66 -18.90
CA THR G 1466 68.18 -111.56 -20.03
C THR G 1466 67.30 -112.76 -19.58
N VAL G 1467 66.50 -113.28 -20.53
CA VAL G 1467 65.54 -114.40 -20.29
C VAL G 1467 65.69 -115.52 -21.36
N THR G 1468 66.33 -116.63 -20.99
CA THR G 1468 66.33 -117.87 -21.78
C THR G 1468 64.96 -118.62 -21.62
N LEU G 1469 64.58 -119.42 -22.62
CA LEU G 1469 63.45 -120.36 -22.50
C LEU G 1469 63.76 -121.72 -23.14
N GLY G 1470 64.73 -122.43 -22.55
CA GLY G 1470 65.00 -123.83 -22.86
C GLY G 1470 63.90 -124.68 -22.23
N ASP G 1471 63.11 -125.36 -23.07
CA ASP G 1471 61.93 -126.14 -22.64
C ASP G 1471 62.12 -127.67 -22.91
N GLU G 1472 62.17 -128.46 -21.83
CA GLU G 1472 62.36 -129.92 -21.88
C GLU G 1472 63.73 -130.33 -22.48
N LYS G 1473 63.88 -130.23 -23.81
CA LYS G 1473 65.14 -130.60 -24.48
C LYS G 1473 66.32 -129.71 -24.03
N GLY G 1474 66.06 -128.41 -23.86
CA GLY G 1474 67.04 -127.45 -23.31
C GLY G 1474 68.10 -126.97 -24.29
N LYS G 1475 67.70 -126.73 -25.55
CA LYS G 1475 68.58 -126.11 -26.57
C LYS G 1475 68.29 -124.60 -26.74
N VAL G 1476 67.44 -124.02 -25.88
CA VAL G 1476 66.99 -122.61 -25.92
C VAL G 1476 66.17 -122.19 -27.16
N HIS G 1477 65.18 -121.32 -26.93
CA HIS G 1477 64.23 -120.86 -27.96
C HIS G 1477 64.61 -119.46 -28.53
N GLU G 1478 65.90 -119.09 -28.40
CA GLU G 1478 66.41 -117.71 -28.61
C GLU G 1478 65.99 -116.77 -27.46
N SER G 1479 66.86 -115.83 -27.08
CA SER G 1479 66.59 -114.87 -25.97
C SER G 1479 65.23 -114.15 -26.13
N ILE G 1480 64.30 -114.42 -25.22
CA ILE G 1480 62.90 -113.91 -25.32
C ILE G 1480 62.73 -112.47 -24.78
N LYS G 1481 63.57 -112.07 -23.81
CA LYS G 1481 63.67 -110.65 -23.36
C LYS G 1481 65.14 -110.14 -23.35
N ARG G 1482 65.31 -108.84 -23.61
CA ARG G 1482 66.65 -108.19 -23.70
C ARG G 1482 66.56 -106.66 -23.70
N SER G 1483 67.64 -105.99 -23.25
CA SER G 1483 67.75 -104.51 -23.22
C SER G 1483 66.64 -103.80 -22.38
N ASN G 1484 66.43 -104.27 -21.15
CA ASN G 1484 65.42 -103.73 -20.23
C ASN G 1484 65.94 -102.52 -19.46
N UNK G 1485 69.87 -100.28 -20.77
CA UNK G 1485 68.75 -99.83 -21.58
C UNK G 1485 69.24 -99.21 -22.88
N UNK G 1486 68.30 -98.93 -23.78
CA UNK G 1486 68.62 -98.40 -25.12
C UNK G 1486 69.09 -96.95 -25.06
N UNK G 1487 70.24 -96.68 -25.69
CA UNK G 1487 70.84 -95.34 -25.69
C UNK G 1487 71.83 -95.16 -26.85
N UNK G 1488 72.03 -93.90 -27.28
CA UNK G 1488 72.95 -93.60 -28.38
C UNK G 1488 73.41 -92.13 -28.39
N UNK G 1489 74.56 -91.90 -29.01
CA UNK G 1489 75.14 -90.57 -29.16
C UNK G 1489 75.22 -90.20 -30.63
N ASN G 1490 82.89 -75.19 -31.70
CA ASN G 1490 82.91 -76.63 -31.94
C ASN G 1490 81.58 -77.12 -32.57
N ASN G 1491 81.61 -78.37 -33.05
CA ASN G 1491 80.48 -78.95 -33.81
C ASN G 1491 79.26 -79.28 -32.91
N ASN G 1492 78.06 -79.06 -33.47
CA ASN G 1492 76.78 -79.35 -32.79
C ASN G 1492 76.26 -80.79 -33.03
N GLY G 1493 75.22 -81.19 -32.30
CA GLY G 1493 74.65 -82.54 -32.36
C GLY G 1493 73.11 -82.56 -32.39
N LEU G 1494 72.55 -83.66 -32.88
CA LEU G 1494 71.08 -83.84 -33.05
C LEU G 1494 70.66 -85.33 -32.84
N GLU G 1495 70.72 -85.81 -31.59
CA GLU G 1495 70.38 -87.23 -31.28
C GLU G 1495 68.84 -87.47 -31.22
N ILE G 1496 68.22 -87.62 -32.39
CA ILE G 1496 66.72 -87.71 -32.50
C ILE G 1496 66.23 -89.14 -32.19
N GLY G 1497 65.01 -89.26 -31.64
CA GLY G 1497 64.44 -90.54 -31.13
C GLY G 1497 63.12 -91.03 -31.74
N CYS G 1498 63.23 -91.81 -32.83
CA CYS G 1498 62.06 -92.48 -33.47
C CYS G 1498 61.68 -93.81 -32.76
N VAL G 1499 60.43 -94.24 -32.95
CA VAL G 1499 59.92 -95.54 -32.44
C VAL G 1499 58.88 -96.15 -33.37
N VAL G 1500 58.66 -97.46 -33.20
CA VAL G 1500 57.69 -98.27 -33.99
C VAL G 1500 57.53 -97.85 -35.46
N GLY G 1505 56.91 -103.10 -30.92
CA GLY G 1505 57.89 -102.46 -30.05
C GLY G 1505 59.24 -102.31 -30.73
N LEU G 1506 59.62 -101.05 -31.03
CA LEU G 1506 60.90 -100.73 -31.68
C LEU G 1506 61.47 -99.37 -31.19
N LEU G 1507 62.77 -99.33 -30.90
CA LEU G 1507 63.52 -98.09 -30.57
C LEU G 1507 64.64 -97.84 -31.59
N THR G 1508 64.61 -96.66 -32.24
CA THR G 1508 65.60 -96.28 -33.29
C THR G 1508 66.18 -94.85 -33.10
N PHE G 1509 67.45 -94.76 -32.65
CA PHE G 1509 68.19 -93.47 -32.54
C PHE G 1509 68.78 -93.05 -33.91
N ILE G 1510 68.89 -91.72 -34.14
CA ILE G 1510 69.54 -91.16 -35.35
C ILE G 1510 70.47 -89.97 -34.99
N ALA G 1511 71.78 -90.27 -34.86
CA ALA G 1511 72.80 -89.29 -34.41
C ALA G 1511 73.10 -88.19 -35.46
N ASN G 1512 73.25 -86.95 -34.99
CA ASN G 1512 73.48 -85.75 -35.82
C ASN G 1512 72.41 -85.58 -36.95
N GLY G 1513 71.21 -86.11 -36.71
CA GLY G 1513 70.12 -86.10 -37.70
C GLY G 1513 70.04 -87.37 -38.53
N LYS G 1514 71.19 -87.86 -38.98
CA LYS G 1514 71.24 -88.99 -39.92
C LYS G 1514 71.01 -90.36 -39.25
N GLU G 1515 70.41 -91.29 -39.99
CA GLU G 1515 70.16 -92.65 -39.48
C GLU G 1515 71.45 -93.50 -39.40
N LEU G 1516 71.60 -94.23 -38.28
CA LEU G 1516 72.74 -95.14 -38.05
C LEU G 1516 72.31 -96.63 -38.00
N SER G 1517 71.05 -96.92 -38.35
CA SER G 1517 70.44 -98.27 -38.27
C SER G 1517 70.32 -98.83 -36.83
N THR G 1518 69.56 -99.92 -36.67
CA THR G 1518 69.26 -100.52 -35.35
C THR G 1518 70.49 -101.21 -34.69
N TYR G 1519 70.62 -101.04 -33.37
CA TYR G 1519 71.55 -101.82 -32.52
C TYR G 1519 70.80 -102.99 -31.80
N TYR G 1520 69.86 -102.63 -30.91
CA TYR G 1520 68.86 -103.57 -30.36
C TYR G 1520 67.57 -102.78 -30.08
N GLN G 1521 66.42 -103.43 -30.27
CA GLN G 1521 65.10 -102.78 -30.19
C GLN G 1521 64.10 -103.70 -29.48
N VAL G 1522 64.12 -103.67 -28.14
CA VAL G 1522 63.49 -104.72 -27.32
C VAL G 1522 63.13 -104.25 -25.88
N GLU G 1523 61.84 -103.98 -25.65
CA GLU G 1523 61.25 -103.77 -24.30
C GLU G 1523 59.79 -104.35 -24.26
N PRO G 1524 59.45 -105.21 -23.25
CA PRO G 1524 58.23 -106.07 -23.38
C PRO G 1524 56.84 -105.42 -23.11
N SER G 1525 56.48 -105.20 -21.83
CA SER G 1525 55.09 -104.80 -21.44
C SER G 1525 55.03 -103.90 -20.19
N THR G 1526 56.02 -103.01 -20.04
CA THR G 1526 56.07 -101.99 -18.96
C THR G 1526 56.40 -100.58 -19.54
N LYS G 1527 55.97 -99.54 -18.81
CA LYS G 1527 56.16 -98.11 -19.18
C LYS G 1527 57.64 -97.64 -19.25
N LEU G 1528 57.92 -96.57 -20.02
CA LEU G 1528 59.32 -96.03 -20.23
C LEU G 1528 59.45 -94.47 -20.33
N PHE G 1529 60.09 -93.85 -19.32
CA PHE G 1529 60.39 -92.40 -19.31
C PHE G 1529 61.55 -92.08 -20.31
N PRO G 1530 61.42 -91.01 -21.15
CA PRO G 1530 62.66 -90.45 -21.77
C PRO G 1530 63.59 -89.77 -20.73
N ALA G 1531 64.92 -89.83 -20.95
CA ALA G 1531 65.91 -89.14 -20.08
C ALA G 1531 67.27 -88.84 -20.77
N VAL G 1532 67.96 -87.80 -20.25
CA VAL G 1532 69.35 -87.45 -20.66
C VAL G 1532 70.22 -87.06 -19.41
N PHE G 1533 71.26 -87.87 -19.15
CA PHE G 1533 72.29 -87.56 -18.12
C PHE G 1533 73.44 -86.74 -18.76
N ALA G 1534 74.04 -85.84 -17.97
CA ALA G 1534 75.04 -84.86 -18.46
C ALA G 1534 76.16 -84.47 -17.47
N GLN G 1535 77.32 -84.13 -18.08
CA GLN G 1535 78.49 -83.54 -17.43
C GLN G 1535 78.57 -82.07 -17.89
N ALA G 1536 78.70 -81.15 -16.93
CA ALA G 1536 78.59 -79.72 -17.19
C ALA G 1536 79.65 -79.22 -18.19
N THR G 1537 79.22 -79.02 -19.45
CA THR G 1537 80.02 -78.30 -20.45
C THR G 1537 80.09 -76.81 -20.07
N SER G 1538 78.95 -76.28 -19.59
CA SER G 1538 78.78 -74.95 -18.93
C SER G 1538 77.93 -73.92 -19.73
N PRO G 1539 78.30 -73.59 -20.97
CA PRO G 1539 77.50 -72.62 -21.75
C PRO G 1539 76.39 -73.29 -22.59
N ASN G 1540 75.11 -72.90 -22.34
CA ASN G 1540 73.91 -73.43 -23.06
C ASN G 1540 73.97 -74.95 -23.40
N VAL G 1541 73.87 -75.78 -22.35
CA VAL G 1541 74.28 -77.21 -22.41
C VAL G 1541 73.37 -78.14 -23.25
N PHE G 1542 72.05 -77.90 -23.31
CA PHE G 1542 71.11 -78.86 -23.93
C PHE G 1542 69.79 -78.27 -24.51
N GLN G 1543 69.13 -79.07 -25.37
CA GLN G 1543 67.85 -78.69 -26.07
C GLN G 1543 66.87 -79.87 -26.41
N PHE G 1544 65.55 -79.62 -26.26
CA PHE G 1544 64.45 -80.52 -26.68
C PHE G 1544 63.47 -79.86 -27.70
N GLU G 1545 62.87 -80.68 -28.58
CA GLU G 1545 61.70 -80.28 -29.40
C GLU G 1545 60.83 -81.46 -29.89
N ALA G 1557 51.89 -89.55 -39.84
CA ALA G 1557 52.81 -89.49 -38.69
C ALA G 1557 52.68 -88.17 -37.90
N GLY G 1558 52.51 -88.28 -36.58
CA GLY G 1558 52.55 -87.13 -35.66
C GLY G 1558 53.94 -86.97 -35.04
N LEU G 1559 53.97 -86.61 -33.74
CA LEU G 1559 55.22 -86.50 -32.96
C LEU G 1559 55.07 -87.05 -31.53
N PHE G 1560 56.16 -87.00 -30.74
CA PHE G 1560 56.23 -87.57 -29.35
C PHE G 1560 55.12 -87.07 -28.39
N LYS G 1561 54.77 -85.78 -28.51
CA LYS G 1561 53.68 -85.17 -27.73
C LYS G 1561 52.29 -85.79 -28.05
N SER G 1562 52.10 -86.14 -29.32
CA SER G 1562 50.82 -86.69 -29.83
C SER G 1562 50.51 -88.15 -29.40
N GLU G 1563 51.56 -88.98 -29.28
CA GLU G 1563 51.39 -90.45 -29.05
C GLU G 1563 50.97 -90.80 -27.60
N HIS G 1564 51.51 -90.07 -26.61
CA HIS G 1564 51.18 -90.25 -25.17
C HIS G 1564 49.73 -89.92 -24.76
N LYS G 1565 49.21 -88.76 -25.21
CA LYS G 1565 47.82 -88.33 -24.92
C LYS G 1565 46.77 -89.23 -25.62
N ASN G 1566 45.57 -89.32 -25.04
CA ASN G 1566 44.46 -90.17 -25.58
C ASN G 1566 44.08 -89.98 -27.09
N PRO G 1567 44.02 -88.72 -27.61
CA PRO G 1567 43.85 -88.56 -29.08
C PRO G 1567 45.06 -89.04 -29.94
N VAL G 1568 44.79 -89.78 -31.03
CA VAL G 1568 45.82 -90.38 -31.95
C VAL G 1568 45.25 -90.42 -33.40
N PRO G 1569 46.05 -90.16 -34.47
CA PRO G 1569 47.49 -89.74 -34.42
C PRO G 1569 47.78 -88.31 -33.90
N GLN G 1570 46.85 -87.37 -34.09
CA GLN G 1570 46.93 -85.99 -33.53
C GLN G 1570 48.23 -85.20 -33.89
N CYS G 1571 48.51 -85.08 -35.20
CA CYS G 1571 49.81 -84.57 -35.74
C CYS G 1571 50.39 -83.21 -35.21
N PRO G 1572 49.56 -82.12 -35.14
CA PRO G 1572 50.11 -80.81 -34.64
C PRO G 1572 50.58 -80.80 -33.14
N PRO G 1573 51.68 -80.05 -32.81
CA PRO G 1573 52.17 -79.91 -31.41
C PRO G 1573 51.48 -78.80 -30.54
N ARG G 1574 51.01 -79.18 -29.35
CA ARG G 1574 50.41 -78.25 -28.36
C ARG G 1574 51.04 -78.39 -26.94
N LEU G 1575 51.62 -77.31 -26.43
CA LEU G 1575 52.28 -77.28 -25.10
C LEU G 1575 51.24 -77.44 -23.95
N HIS G 1576 51.62 -78.17 -22.88
CA HIS G 1576 50.69 -78.52 -21.77
C HIS G 1576 51.36 -78.60 -20.39
N VAL G 1577 50.53 -78.61 -19.34
CA VAL G 1577 50.97 -78.36 -17.93
C VAL G 1577 51.73 -79.56 -17.27
N GLN G 1578 51.23 -80.78 -17.46
CA GLN G 1578 51.73 -81.95 -16.71
C GLN G 1578 53.17 -82.38 -17.09
N PHE G 1579 53.60 -82.04 -18.31
CA PHE G 1579 54.96 -82.37 -18.80
C PHE G 1579 56.07 -81.69 -17.96
N LEU G 1580 56.38 -82.27 -16.80
CA LEU G 1580 57.43 -81.76 -15.89
C LEU G 1580 58.87 -82.20 -16.32
N SER G 1581 59.88 -81.49 -15.79
CA SER G 1581 61.30 -81.79 -16.02
C SER G 1581 62.09 -81.52 -14.72
N HIS G 1582 62.81 -82.53 -14.24
CA HIS G 1582 63.31 -82.60 -12.85
C HIS G 1582 64.55 -83.49 -12.68
N VAL G 1583 65.44 -83.13 -11.74
CA VAL G 1583 66.61 -83.98 -11.37
C VAL G 1583 66.23 -84.91 -10.20
N LEU G 1584 66.85 -86.10 -10.13
CA LEU G 1584 66.58 -87.09 -9.07
C LEU G 1584 67.22 -86.69 -7.71
N TRP G 1585 66.37 -86.56 -6.68
CA TRP G 1585 66.81 -86.19 -5.30
C TRP G 1585 67.70 -87.27 -4.65
N SER G 1586 68.80 -86.87 -3.98
CA SER G 1586 69.78 -87.83 -3.40
C SER G 1586 69.30 -88.50 -2.08
N ARG G 1587 68.49 -87.78 -1.28
CA ARG G 1587 68.07 -88.19 0.08
C ARG G 1587 66.54 -87.99 0.31
N MET G 1588 65.85 -89.06 0.76
CA MET G 1588 64.37 -89.06 0.97
C MET G 1588 63.90 -89.65 2.33
N PRO G 1589 63.72 -88.77 3.38
CA PRO G 1589 63.17 -89.28 4.65
C PRO G 1589 61.70 -89.78 4.54
N ASN G 1590 61.39 -90.89 5.22
CA ASN G 1590 60.02 -91.48 5.27
C ASN G 1590 59.78 -92.22 6.62
N GLN G 1591 58.53 -92.65 6.90
CA GLN G 1591 58.14 -93.18 8.24
C GLN G 1591 58.84 -94.51 8.68
N PHE G 1592 59.08 -94.62 9.99
CA PHE G 1592 59.95 -95.64 10.61
C PHE G 1592 59.42 -97.10 10.65
N LEU G 1593 58.09 -97.30 10.62
CA LEU G 1593 57.45 -98.64 10.76
C LEU G 1593 57.80 -99.33 12.12
N LYS G 1594 56.99 -99.06 13.16
CA LYS G 1594 57.31 -99.46 14.56
C LYS G 1594 57.34 -100.98 14.83
N VAL G 1595 56.50 -101.72 14.10
CA VAL G 1595 56.42 -103.20 14.17
C VAL G 1595 56.48 -103.75 12.73
N ASP G 1596 57.51 -104.57 12.45
CA ASP G 1596 57.85 -105.06 11.09
C ASP G 1596 58.08 -106.59 10.95
N VAL G 1597 58.71 -107.21 11.95
CA VAL G 1597 59.09 -108.62 11.90
C VAL G 1597 59.25 -109.22 13.30
N SER G 1598 59.01 -110.54 13.41
CA SER G 1598 59.24 -111.33 14.62
C SER G 1598 60.10 -112.55 14.26
N ARG G 1599 61.32 -112.28 13.82
CA ARG G 1599 62.29 -113.32 13.40
C ARG G 1599 62.74 -114.23 14.58
N ILE G 1600 62.80 -115.54 14.33
CA ILE G 1600 63.23 -116.56 15.33
C ILE G 1600 63.98 -117.70 14.63
N SER G 1601 65.11 -118.13 15.20
CA SER G 1601 65.97 -119.18 14.58
C SER G 1601 66.57 -120.18 15.60
N GLU G 1602 67.30 -121.17 15.07
CA GLU G 1602 68.09 -122.14 15.87
C GLU G 1602 69.50 -122.36 15.23
N ARG G 1603 70.54 -122.46 16.06
CA ARG G 1603 71.96 -122.51 15.60
C ARG G 1603 72.46 -123.94 15.29
N GLN G 1604 73.44 -124.05 14.37
CA GLN G 1604 74.10 -125.32 13.98
C GLN G 1604 73.15 -126.44 13.52
N GLY G 1605 72.38 -126.11 12.48
CA GLY G 1605 71.16 -126.86 12.07
C GLY G 1605 70.24 -125.94 11.26
N TRP G 1606 70.19 -124.67 11.66
CA TRP G 1606 69.67 -123.53 10.87
C TRP G 1606 68.17 -123.61 10.47
N LEU G 1607 67.35 -124.20 11.36
CA LEU G 1607 65.88 -124.11 11.29
C LEU G 1607 65.44 -122.66 11.62
N VAL G 1608 64.51 -122.08 10.84
CA VAL G 1608 64.12 -120.65 11.00
C VAL G 1608 62.62 -120.40 10.66
N GLN G 1609 61.99 -119.44 11.36
CA GLN G 1609 60.54 -119.14 11.23
C GLN G 1609 60.19 -117.67 11.67
N CYS G 1610 59.02 -117.17 11.25
CA CYS G 1610 58.45 -115.86 11.72
C CYS G 1610 56.97 -115.99 12.19
N LEU G 1611 56.59 -115.18 13.19
CA LEU G 1611 55.29 -115.35 13.89
C LEU G 1611 54.04 -114.94 13.09
N ASP G 1612 53.89 -113.65 12.80
CA ASP G 1612 52.67 -113.08 12.19
C ASP G 1612 52.94 -112.30 10.88
N PRO G 1613 52.03 -112.43 9.87
CA PRO G 1613 52.07 -111.59 8.63
C PRO G 1613 51.38 -110.20 8.75
N LEU G 1614 52.19 -109.15 8.90
CA LEU G 1614 51.73 -107.76 8.94
C LEU G 1614 51.43 -107.30 7.49
N GLN G 1615 50.55 -106.31 7.31
CA GLN G 1615 50.15 -105.84 5.96
C GLN G 1615 50.21 -104.31 5.73
N PHE G 1616 50.91 -103.87 4.68
CA PHE G 1616 50.99 -102.44 4.33
C PHE G 1616 49.71 -101.93 3.66
N MET G 1617 49.46 -100.63 3.86
CA MET G 1617 48.53 -99.83 3.02
C MET G 1617 49.38 -99.14 1.93
N SER G 1618 49.63 -99.86 0.84
CA SER G 1618 50.39 -99.33 -0.33
C SER G 1618 49.52 -98.52 -1.32
N LEU G 1619 50.14 -97.55 -2.02
CA LEU G 1619 49.46 -96.64 -2.98
C LEU G 1619 50.42 -96.33 -4.17
N HIS G 1620 49.86 -96.13 -5.37
CA HIS G 1620 50.64 -95.65 -6.55
C HIS G 1620 49.90 -94.56 -7.37
N ILE G 1621 50.67 -93.86 -8.22
CA ILE G 1621 50.15 -92.97 -9.29
C ILE G 1621 50.55 -93.56 -10.68
N PRO G 1622 49.57 -94.20 -11.41
CA PRO G 1622 49.87 -94.95 -12.67
C PRO G 1622 50.48 -94.11 -13.84
N GLU G 1623 50.11 -92.83 -13.92
CA GLU G 1623 50.73 -91.88 -14.89
C GLU G 1623 52.25 -91.67 -14.68
N GLU G 1624 52.75 -91.88 -13.46
CA GLU G 1624 54.21 -91.94 -13.15
C GLU G 1624 54.53 -92.95 -12.01
N ASN G 1625 54.70 -94.23 -12.38
CA ASN G 1625 54.77 -95.39 -11.45
C ASN G 1625 55.95 -95.39 -10.41
N ARG G 1626 55.61 -95.66 -9.13
CA ARG G 1626 56.56 -96.03 -8.05
C ARG G 1626 55.83 -96.48 -6.75
N SER G 1627 56.52 -97.26 -5.91
CA SER G 1627 56.00 -97.65 -4.59
C SER G 1627 56.01 -96.47 -3.60
N VAL G 1628 54.95 -96.37 -2.78
CA VAL G 1628 54.87 -95.41 -1.66
C VAL G 1628 53.63 -95.69 -0.77
N ASP G 1629 53.83 -96.43 0.33
CA ASP G 1629 52.75 -96.72 1.31
C ASP G 1629 52.27 -95.42 2.00
N ILE G 1630 50.98 -95.32 2.33
CA ILE G 1630 50.39 -94.11 3.01
C ILE G 1630 51.10 -93.80 4.35
N LEU G 1631 51.40 -94.85 5.11
CA LEU G 1631 52.13 -94.76 6.39
C LEU G 1631 53.54 -94.14 6.18
N GLU G 1632 54.25 -94.64 5.15
CA GLU G 1632 55.52 -94.03 4.66
C GLU G 1632 55.31 -92.61 4.05
N LEU G 1633 54.16 -92.42 3.38
CA LEU G 1633 53.82 -91.14 2.71
C LEU G 1633 53.67 -89.93 3.67
N THR G 1634 53.42 -90.19 4.97
CA THR G 1634 53.27 -89.14 6.01
C THR G 1634 54.42 -88.11 6.15
N GLU G 1635 55.66 -88.48 5.79
CA GLU G 1635 56.82 -87.54 5.83
C GLU G 1635 56.71 -86.38 4.79
N GLN G 1636 56.19 -86.70 3.60
CA GLN G 1636 56.04 -85.75 2.49
C GLN G 1636 54.63 -85.11 2.52
N GLU G 1637 54.59 -83.78 2.62
CA GLU G 1637 53.34 -83.04 2.98
C GLU G 1637 52.38 -82.70 1.82
N GLU G 1638 52.90 -82.33 0.64
CA GLU G 1638 52.06 -81.89 -0.51
C GLU G 1638 51.13 -83.02 -1.02
N LEU G 1639 51.68 -84.24 -1.09
CA LEU G 1639 50.94 -85.45 -1.48
C LEU G 1639 49.81 -85.86 -0.49
N LEU G 1640 49.86 -85.40 0.77
CA LEU G 1640 48.73 -85.61 1.73
C LEU G 1640 47.43 -84.92 1.27
N LYS G 1641 47.56 -83.71 0.72
CA LYS G 1641 46.40 -82.97 0.20
C LYS G 1641 46.02 -83.37 -1.24
N PHE G 1642 47.00 -83.76 -2.07
CA PHE G 1642 46.76 -84.38 -3.41
C PHE G 1642 45.88 -85.66 -3.33
N HIS G 1643 46.16 -86.50 -2.31
CA HIS G 1643 45.44 -87.76 -2.04
C HIS G 1643 44.09 -87.53 -1.32
N TYR G 1644 44.05 -86.54 -0.41
CA TYR G 1644 42.80 -86.10 0.25
C TYR G 1644 41.76 -85.58 -0.78
N HIS G 1645 42.24 -84.99 -1.88
CA HIS G 1645 41.41 -84.62 -3.06
C HIS G 1645 40.78 -85.86 -3.77
N THR G 1646 41.56 -86.95 -3.88
CA THR G 1646 41.04 -88.22 -4.43
C THR G 1646 39.89 -88.77 -3.53
N LEU G 1647 40.07 -88.66 -2.21
CA LEU G 1647 39.10 -89.18 -1.20
C LEU G 1647 37.76 -88.40 -1.12
N ARG G 1648 37.85 -87.08 -1.19
CA ARG G 1648 36.66 -86.22 -1.28
C ARG G 1648 35.90 -86.43 -2.63
N LEU G 1649 36.62 -86.82 -3.69
CA LEU G 1649 36.01 -87.12 -5.01
C LEU G 1649 35.25 -88.47 -5.06
N TYR G 1650 35.85 -89.54 -4.51
CA TYR G 1650 35.13 -90.84 -4.35
C TYR G 1650 33.88 -90.70 -3.44
N SER G 1651 33.99 -89.88 -2.39
CA SER G 1651 32.85 -89.57 -1.50
C SER G 1651 31.70 -88.79 -2.20
N ALA G 1652 32.05 -87.96 -3.18
CA ALA G 1652 31.03 -87.21 -3.97
C ALA G 1652 30.28 -88.09 -5.01
N VAL G 1653 31.06 -88.86 -5.79
CA VAL G 1653 30.58 -89.53 -7.03
C VAL G 1653 29.51 -90.65 -6.82
N CYS G 1654 29.55 -91.36 -5.68
CA CYS G 1654 28.47 -92.33 -5.31
C CYS G 1654 27.10 -91.63 -5.12
N ALA G 1655 27.16 -90.34 -4.74
CA ALA G 1655 26.08 -89.36 -4.96
C ALA G 1655 24.69 -89.71 -4.35
N LEU G 1656 24.71 -90.12 -3.07
CA LEU G 1656 23.50 -90.51 -2.30
C LEU G 1656 22.73 -91.70 -2.91
N GLY G 1657 21.94 -91.44 -3.97
CA GLY G 1657 21.01 -92.45 -4.52
C GLY G 1657 21.43 -93.25 -5.76
N ASN G 1658 22.75 -93.38 -5.99
CA ASN G 1658 23.26 -94.18 -7.13
C ASN G 1658 23.45 -95.65 -6.69
N HIS G 1659 23.06 -96.59 -7.57
CA HIS G 1659 23.03 -98.04 -7.26
C HIS G 1659 23.64 -98.96 -8.35
N ARG G 1660 23.04 -98.95 -9.54
CA ARG G 1660 23.47 -99.77 -10.71
C ARG G 1660 24.99 -99.62 -10.97
N VAL G 1661 25.47 -98.38 -10.88
CA VAL G 1661 26.88 -98.07 -11.15
C VAL G 1661 27.82 -98.46 -9.97
N ALA G 1662 27.28 -98.58 -8.76
CA ALA G 1662 28.07 -98.76 -7.49
C ALA G 1662 29.06 -99.98 -7.43
N HIS G 1663 28.81 -101.01 -8.25
CA HIS G 1663 29.75 -102.15 -8.46
C HIS G 1663 31.20 -101.71 -8.81
N ALA G 1664 31.31 -100.65 -9.61
CA ALA G 1664 32.60 -100.01 -9.98
C ALA G 1664 33.36 -99.47 -8.75
N LEU G 1665 32.65 -98.84 -7.82
CA LEU G 1665 33.24 -98.37 -6.55
C LEU G 1665 33.72 -99.54 -5.66
N CYS G 1666 32.98 -100.67 -5.71
CA CYS G 1666 33.41 -101.92 -5.01
C CYS G 1666 34.76 -102.45 -5.57
N SER G 1667 34.96 -102.29 -6.89
CA SER G 1667 36.26 -102.59 -7.53
C SER G 1667 37.39 -101.58 -7.17
N HIS G 1668 37.05 -100.28 -7.06
CA HIS G 1668 38.05 -99.21 -6.86
C HIS G 1668 38.66 -99.20 -5.46
N VAL G 1669 37.81 -99.21 -4.44
CA VAL G 1669 38.29 -99.29 -3.04
C VAL G 1669 38.67 -100.75 -2.66
N ASP G 1670 37.92 -101.73 -3.16
CA ASP G 1670 38.00 -103.17 -2.74
C ASP G 1670 37.66 -103.38 -1.23
N GLU G 1671 36.97 -104.48 -0.92
CA GLU G 1671 36.37 -104.67 0.42
C GLU G 1671 37.38 -104.68 1.61
N PRO G 1672 38.34 -105.64 1.64
CA PRO G 1672 39.28 -105.72 2.77
C PRO G 1672 40.28 -104.57 2.89
N GLN G 1673 40.58 -103.87 1.79
CA GLN G 1673 41.38 -102.62 1.80
C GLN G 1673 40.70 -101.49 2.60
N LEU G 1674 39.37 -101.39 2.49
CA LEU G 1674 38.57 -100.47 3.31
C LEU G 1674 38.50 -100.91 4.79
N LEU G 1675 38.41 -102.22 5.04
CA LEU G 1675 38.41 -102.77 6.41
C LEU G 1675 39.75 -102.50 7.16
N TYR G 1676 40.89 -102.58 6.44
CA TYR G 1676 42.20 -102.16 6.97
C TYR G 1676 42.29 -100.64 7.17
N ALA G 1677 41.61 -99.87 6.30
CA ALA G 1677 41.53 -98.40 6.42
C ALA G 1677 40.80 -97.94 7.71
N ILE G 1678 39.85 -98.76 8.20
CA ILE G 1678 39.24 -98.52 9.53
C ILE G 1678 40.10 -99.09 10.68
N GLU G 1679 40.65 -100.30 10.50
CA GLU G 1679 41.40 -101.00 11.58
C GLU G 1679 42.78 -100.39 11.94
N ASN G 1680 43.48 -99.79 10.96
CA ASN G 1680 44.83 -99.22 11.16
C ASN G 1680 44.84 -97.88 11.93
N LYS G 1681 45.97 -97.61 12.59
CA LYS G 1681 46.15 -96.50 13.56
C LYS G 1681 47.21 -95.44 13.14
N TYR G 1682 48.08 -95.77 12.19
CA TYR G 1682 49.27 -94.97 11.89
C TYR G 1682 49.07 -93.91 10.78
N MET G 1683 47.83 -93.79 10.28
CA MET G 1683 47.52 -92.93 9.14
C MET G 1683 47.43 -91.42 9.53
N PRO G 1684 47.83 -90.49 8.61
CA PRO G 1684 47.60 -89.03 8.80
C PRO G 1684 46.11 -88.61 8.88
N GLY G 1685 45.85 -87.47 9.53
CA GLY G 1685 44.47 -87.01 9.90
C GLY G 1685 43.40 -86.84 8.82
N LEU G 1686 43.54 -85.82 7.96
CA LEU G 1686 42.55 -85.57 6.88
C LEU G 1686 42.31 -86.76 5.92
N LEU G 1687 43.33 -87.61 5.75
CA LEU G 1687 43.22 -88.89 5.00
C LEU G 1687 42.36 -89.94 5.76
N ARG G 1688 42.49 -89.97 7.10
CA ARG G 1688 41.70 -90.88 7.97
C ARG G 1688 40.19 -90.51 8.04
N THR G 1689 39.89 -89.21 8.11
CA THR G 1689 38.50 -88.69 7.93
C THR G 1689 37.92 -89.01 6.54
N GLY G 1690 38.79 -88.98 5.52
CA GLY G 1690 38.42 -89.33 4.15
C GLY G 1690 38.00 -90.79 3.92
N TYR G 1691 38.82 -91.75 4.38
CA TYR G 1691 38.49 -93.21 4.32
C TYR G 1691 37.20 -93.59 5.09
N TYR G 1692 37.03 -93.02 6.29
CA TYR G 1692 35.81 -93.24 7.08
C TYR G 1692 34.56 -92.66 6.37
N ASP G 1693 34.71 -91.49 5.72
CA ASP G 1693 33.64 -90.88 4.90
C ASP G 1693 33.30 -91.70 3.62
N LEU G 1694 34.25 -92.51 3.12
CA LEU G 1694 34.00 -93.46 2.01
C LEU G 1694 33.12 -94.65 2.47
N LEU G 1695 33.48 -95.25 3.61
CA LEU G 1695 32.72 -96.36 4.22
C LEU G 1695 31.25 -95.94 4.53
N ILE G 1696 31.02 -94.65 4.80
CA ILE G 1696 29.63 -94.09 4.88
C ILE G 1696 28.99 -94.05 3.47
N ASP G 1697 29.70 -93.43 2.52
CA ASP G 1697 29.22 -93.14 1.15
C ASP G 1697 29.05 -94.37 0.24
N ILE G 1698 30.07 -95.24 0.15
CA ILE G 1698 29.99 -96.44 -0.73
C ILE G 1698 28.97 -97.48 -0.23
N HIS G 1699 28.63 -97.44 1.07
CA HIS G 1699 27.66 -98.37 1.69
C HIS G 1699 26.37 -97.68 2.24
N LEU G 1700 26.46 -97.11 3.44
CA LEU G 1700 25.28 -96.81 4.28
C LEU G 1700 24.43 -95.59 3.88
N SER G 1701 24.98 -94.65 3.10
CA SER G 1701 24.32 -93.36 2.77
C SER G 1701 22.92 -93.43 2.10
N SER G 1702 22.73 -94.41 1.20
CA SER G 1702 21.43 -94.58 0.48
C SER G 1702 20.32 -95.13 1.40
N TYR G 1703 20.63 -96.20 2.15
CA TYR G 1703 19.68 -96.84 3.09
C TYR G 1703 19.24 -95.87 4.22
N ALA G 1704 20.15 -95.02 4.68
CA ALA G 1704 19.87 -94.00 5.71
C ALA G 1704 18.85 -92.92 5.26
N THR G 1705 18.93 -92.48 4.00
CA THR G 1705 18.07 -91.37 3.49
C THR G 1705 16.57 -91.76 3.42
N ALA G 1706 16.29 -93.04 3.19
CA ALA G 1706 14.92 -93.59 3.28
C ALA G 1706 14.51 -93.95 4.73
N ARG G 1707 15.44 -94.52 5.50
CA ARG G 1707 15.18 -95.05 6.88
C ARG G 1707 14.74 -93.98 7.92
N LEU G 1708 15.25 -92.75 7.78
CA LEU G 1708 14.89 -91.63 8.69
C LEU G 1708 13.47 -91.04 8.47
N MET G 1709 13.02 -91.00 7.20
CA MET G 1709 11.65 -90.55 6.84
C MET G 1709 10.58 -91.66 7.10
N MET G 1710 10.95 -92.94 6.94
CA MET G 1710 10.09 -94.10 7.32
C MET G 1710 9.77 -94.10 8.83
N ASN G 1711 10.75 -93.70 9.65
CA ASN G 1711 10.56 -93.53 11.11
C ASN G 1711 9.63 -92.32 11.41
N ASN G 1712 9.65 -91.29 10.56
CA ASN G 1712 8.74 -90.13 10.65
C ASN G 1712 7.26 -90.43 10.26
N GLU G 1713 7.01 -91.41 9.38
CA GLU G 1713 5.62 -91.81 9.01
C GLU G 1713 4.86 -92.59 10.14
N PHE G 1714 5.59 -93.46 10.85
CA PHE G 1714 5.06 -94.33 11.92
C PHE G 1714 3.98 -95.32 11.42
N ILE G 1715 4.37 -96.59 11.25
CA ILE G 1715 3.47 -97.65 10.73
C ILE G 1715 3.59 -98.94 11.56
N VAL G 1716 2.44 -99.58 11.87
CA VAL G 1716 2.35 -100.69 12.85
C VAL G 1716 1.54 -101.93 12.33
N PRO G 1717 2.00 -103.18 12.67
CA PRO G 1717 1.21 -104.42 12.45
C PRO G 1717 0.18 -104.77 13.58
N MET G 1718 -0.84 -105.56 13.21
CA MET G 1718 -1.89 -106.06 14.15
C MET G 1718 -1.67 -107.53 14.59
N THR G 1719 -0.44 -108.05 14.42
CA THR G 1719 -0.09 -109.42 14.83
C THR G 1719 -0.14 -109.59 16.38
N GLU G 1720 -0.42 -110.82 16.84
CA GLU G 1720 -0.61 -111.15 18.29
C GLU G 1720 0.53 -110.68 19.23
N GLU G 1721 1.78 -110.76 18.74
CA GLU G 1721 2.99 -110.29 19.49
C GLU G 1721 2.94 -108.76 19.80
N THR G 1722 2.33 -107.99 18.91
CA THR G 1722 2.12 -106.54 19.12
C THR G 1722 1.11 -106.20 20.26
N LYS G 1723 0.21 -107.14 20.59
CA LYS G 1723 -0.85 -106.93 21.62
C LYS G 1723 -0.34 -106.64 23.05
N SER G 1724 0.73 -107.32 23.46
CA SER G 1724 1.29 -107.18 24.82
C SER G 1724 2.64 -106.43 24.87
N ILE G 1725 2.91 -105.57 23.88
CA ILE G 1725 4.24 -104.89 23.72
C ILE G 1725 4.66 -103.94 24.87
N THR G 1726 3.70 -103.15 25.38
CA THR G 1726 3.89 -102.17 26.49
C THR G 1726 5.11 -101.19 26.31
N LEU G 1727 5.51 -100.50 27.39
CA LEU G 1727 6.79 -99.75 27.44
C LEU G 1727 7.60 -100.12 28.73
N PHE G 1728 7.30 -99.48 29.86
CA PHE G 1728 8.06 -99.69 31.11
C PHE G 1728 7.50 -100.94 31.85
N PRO G 1729 8.39 -101.83 32.39
CA PRO G 1729 7.90 -103.00 33.16
C PRO G 1729 7.27 -102.62 34.52
N GLY G 1736 11.38 -99.55 30.62
CA GLY G 1736 12.36 -99.43 31.70
C GLY G 1736 13.76 -99.72 31.23
N LEU G 1737 14.04 -99.37 29.98
CA LEU G 1737 15.34 -99.60 29.33
C LEU G 1737 15.36 -98.77 28.03
N PRO G 1738 16.28 -97.76 27.92
CA PRO G 1738 16.30 -96.90 26.71
C PRO G 1738 16.58 -97.66 25.38
N GLY G 1739 17.54 -98.60 25.42
CA GLY G 1739 17.91 -99.42 24.26
C GLY G 1739 17.26 -100.81 24.25
N ILE G 1740 15.93 -100.84 24.38
CA ILE G 1740 15.13 -102.10 24.42
C ILE G 1740 15.08 -102.79 23.03
N GLY G 1741 14.92 -104.11 23.02
CA GLY G 1741 14.99 -104.93 21.78
C GLY G 1741 13.80 -104.89 20.80
N LEU G 1742 12.57 -104.79 21.32
CA LEU G 1742 11.35 -104.99 20.52
C LEU G 1742 10.84 -103.73 19.77
N SER G 1743 11.76 -102.97 19.16
CA SER G 1743 11.42 -101.89 18.21
C SER G 1743 10.53 -102.41 17.06
N THR G 1744 10.84 -103.64 16.60
CA THR G 1744 10.03 -104.40 15.60
C THR G 1744 9.62 -103.57 14.35
N SER G 1745 8.52 -102.83 14.45
CA SER G 1745 8.03 -101.94 13.37
C SER G 1745 7.71 -102.74 12.08
N LEU G 1746 8.08 -102.20 10.92
CA LEU G 1746 8.12 -102.93 9.63
C LEU G 1746 9.60 -103.03 9.16
N ARG G 1747 10.17 -101.87 8.80
CA ARG G 1747 11.54 -101.74 8.19
C ARG G 1747 11.89 -102.82 7.11
N PRO G 1748 11.69 -102.51 5.79
CA PRO G 1748 11.99 -103.47 4.70
C PRO G 1748 13.42 -104.05 4.72
N ARG G 1749 13.57 -105.33 4.41
CA ARG G 1749 14.82 -106.06 4.67
C ARG G 1749 15.96 -105.63 3.73
N MET G 1750 17.19 -105.66 4.26
CA MET G 1750 18.40 -105.38 3.48
C MET G 1750 18.67 -106.47 2.44
N GLN G 1751 19.09 -106.05 1.24
CA GLN G 1751 19.26 -106.94 0.07
C GLN G 1751 20.40 -106.49 -0.85
N PHE G 1752 21.11 -107.45 -1.45
CA PHE G 1752 22.31 -107.21 -2.30
C PHE G 1752 22.44 -108.26 -3.44
N SER G 1753 22.74 -107.79 -4.66
CA SER G 1753 23.00 -108.68 -5.83
C SER G 1753 24.42 -109.27 -5.81
N SER G 1754 24.68 -110.19 -6.74
CA SER G 1754 26.01 -110.81 -6.90
C SER G 1754 27.09 -109.79 -7.33
N PRO G 1755 28.37 -109.99 -6.87
CA PRO G 1755 29.50 -109.15 -7.36
C PRO G 1755 29.83 -109.29 -8.87
N SER G 1756 29.31 -110.33 -9.54
CA SER G 1756 29.23 -110.35 -11.02
C SER G 1756 28.23 -109.28 -11.50
N PHE G 1757 28.57 -108.57 -12.58
CA PHE G 1757 27.97 -107.25 -12.89
C PHE G 1757 26.60 -107.25 -13.63
N VAL G 1758 26.20 -108.40 -14.21
CA VAL G 1758 24.86 -108.56 -14.82
C VAL G 1758 23.73 -108.60 -13.75
N SER G 1759 22.54 -108.12 -14.11
CA SER G 1759 21.40 -107.92 -13.18
C SER G 1759 21.76 -106.86 -12.12
N ILE G 1760 21.29 -105.63 -12.35
CA ILE G 1760 21.96 -104.44 -11.81
C ILE G 1760 21.40 -103.91 -10.49
N ASN G 1761 20.08 -103.77 -10.39
CA ASN G 1761 19.45 -103.18 -9.19
C ASN G 1761 17.95 -103.45 -9.15
N ASN G 1762 17.42 -103.61 -7.93
CA ASN G 1762 15.99 -103.82 -7.69
C ASN G 1762 15.52 -103.00 -6.48
N GLU G 1763 16.06 -103.32 -5.31
CA GLU G 1763 15.80 -102.58 -4.07
C GLU G 1763 16.97 -102.84 -3.12
N CYS G 1764 18.14 -102.38 -3.55
CA CYS G 1764 19.42 -102.81 -2.99
C CYS G 1764 19.89 -101.96 -1.80
N TYR G 1765 20.88 -102.52 -1.09
CA TYR G 1765 21.50 -101.92 0.10
C TYR G 1765 23.02 -102.17 0.00
N GLN G 1766 23.82 -101.37 0.71
CA GLN G 1766 25.29 -101.37 0.61
C GLN G 1766 25.63 -100.64 -0.71
N TYR G 1767 26.78 -100.91 -1.34
CA TYR G 1767 26.98 -100.47 -2.75
C TYR G 1767 25.92 -101.12 -3.68
N SER G 1768 25.86 -102.46 -3.64
CA SER G 1768 24.99 -103.32 -4.50
C SER G 1768 25.45 -104.80 -4.43
N PRO G 1769 26.80 -105.06 -4.52
CA PRO G 1769 27.39 -106.37 -4.11
C PRO G 1769 27.08 -106.82 -2.65
N GLU G 1770 27.30 -108.11 -2.37
CA GLU G 1770 27.11 -108.71 -1.02
C GLU G 1770 28.21 -108.31 0.00
N PHE G 1771 27.84 -108.28 1.29
CA PHE G 1771 28.70 -107.71 2.35
C PHE G 1771 28.41 -108.35 3.73
N PRO G 1772 29.47 -108.61 4.55
CA PRO G 1772 29.28 -109.21 5.89
C PRO G 1772 28.84 -108.20 7.02
N LEU G 1773 27.54 -108.23 7.36
CA LEU G 1773 26.97 -107.40 8.45
C LEU G 1773 27.62 -107.63 9.84
N ASP G 1774 27.56 -108.87 10.33
CA ASP G 1774 28.09 -109.27 11.67
C ASP G 1774 29.59 -108.96 11.89
N ILE G 1775 30.41 -109.20 10.87
CA ILE G 1775 31.85 -108.88 10.96
C ILE G 1775 32.08 -107.36 11.01
N LEU G 1776 31.23 -106.58 10.29
CA LEU G 1776 31.30 -105.10 10.29
C LEU G 1776 30.91 -104.49 11.66
N LYS G 1777 29.82 -104.99 12.26
CA LYS G 1777 29.38 -104.63 13.63
C LYS G 1777 30.47 -104.90 14.69
N ALA G 1778 31.20 -106.01 14.51
CA ALA G 1778 32.30 -106.41 15.41
C ALA G 1778 33.50 -105.43 15.35
N LYS G 1779 34.00 -105.20 14.13
CA LYS G 1779 35.14 -104.26 13.93
C LYS G 1779 34.77 -102.80 14.28
N THR G 1780 33.50 -102.42 14.06
CA THR G 1780 33.00 -101.06 14.37
C THR G 1780 32.97 -100.77 15.88
N ILE G 1781 32.33 -101.66 16.65
CA ILE G 1781 32.25 -101.50 18.12
C ILE G 1781 33.62 -101.63 18.82
N GLN G 1782 34.50 -102.47 18.29
CA GLN G 1782 35.89 -102.58 18.78
C GLN G 1782 36.71 -101.30 18.52
N MET G 1783 36.52 -100.67 17.37
CA MET G 1783 37.14 -99.35 17.07
C MET G 1783 36.59 -98.22 17.96
N LEU G 1784 35.34 -98.35 18.41
CA LEU G 1784 34.74 -97.39 19.37
C LEU G 1784 35.31 -97.50 20.80
N THR G 1785 35.38 -98.72 21.33
CA THR G 1785 35.98 -98.95 22.68
C THR G 1785 37.50 -98.66 22.71
N GLU G 1786 38.21 -98.95 21.61
CA GLU G 1786 39.63 -98.51 21.42
C GLU G 1786 39.77 -96.98 21.38
N ALA G 1787 38.80 -96.29 20.77
CA ALA G 1787 38.78 -94.82 20.66
C ALA G 1787 38.47 -94.12 22.02
N VAL G 1788 37.46 -94.63 22.74
CA VAL G 1788 37.10 -94.15 24.10
C VAL G 1788 38.24 -94.47 25.11
N LYS G 1789 38.99 -95.56 24.91
CA LYS G 1789 40.16 -95.92 25.74
C LYS G 1789 41.33 -94.92 25.58
N GLU G 1790 41.77 -94.70 24.34
CA GLU G 1790 42.78 -93.67 24.02
C GLU G 1790 42.32 -92.22 24.37
N GLY G 1791 41.03 -91.95 24.20
CA GLY G 1791 40.43 -90.63 24.47
C GLY G 1791 40.34 -90.25 25.96
N SER G 1792 40.03 -91.24 26.80
CA SER G 1792 40.00 -91.08 28.27
C SER G 1792 41.40 -91.01 28.91
N LEU G 1793 42.42 -91.52 28.18
CA LEU G 1793 43.82 -91.41 28.60
C LEU G 1793 44.46 -90.06 28.16
N HIS G 1794 43.71 -89.25 27.41
CA HIS G 1794 44.10 -87.89 26.96
C HIS G 1794 45.35 -87.94 26.03
N GLY G 1795 45.19 -88.60 24.89
CA GLY G 1795 46.29 -88.91 23.97
C GLY G 1795 46.88 -87.69 23.25
N ARG G 1796 48.19 -87.77 22.99
CA ARG G 1796 48.98 -86.71 22.32
C ARG G 1796 49.63 -87.17 20.97
N ASP G 1797 49.51 -88.47 20.60
CA ASP G 1797 49.92 -88.96 19.25
C ASP G 1797 49.13 -88.18 18.14
N PRO G 1798 47.78 -88.09 18.19
CA PRO G 1798 46.87 -89.02 18.87
C PRO G 1798 46.13 -89.82 17.77
N VAL G 1799 46.55 -91.07 17.54
CA VAL G 1799 46.19 -91.87 16.33
C VAL G 1799 46.65 -91.15 15.01
N GLY G 1800 45.92 -90.10 14.60
CA GLY G 1800 46.28 -89.32 13.41
C GLY G 1800 45.82 -87.86 13.41
N GLY G 1801 46.73 -86.94 13.74
CA GLY G 1801 46.48 -85.49 13.67
C GLY G 1801 46.14 -84.86 15.02
N THR G 1802 44.87 -84.96 15.42
CA THR G 1802 44.40 -84.49 16.75
C THR G 1802 43.17 -85.30 17.26
N THR G 1803 42.54 -84.83 18.35
CA THR G 1803 41.42 -85.54 19.01
C THR G 1803 40.15 -85.64 18.13
N GLU G 1804 39.84 -84.56 17.40
CA GLU G 1804 38.68 -84.53 16.47
C GLU G 1804 38.79 -85.61 15.37
N PHE G 1805 39.98 -85.78 14.80
CA PHE G 1805 40.26 -86.86 13.84
C PHE G 1805 40.15 -88.27 14.51
N LEU G 1806 40.56 -88.37 15.78
CA LEU G 1806 40.49 -89.64 16.58
C LEU G 1806 39.05 -90.20 16.74
N PHE G 1807 38.08 -89.33 16.99
CA PHE G 1807 36.65 -89.72 17.23
C PHE G 1807 35.67 -89.46 16.05
N VAL G 1808 35.64 -88.20 15.57
CA VAL G 1808 34.57 -87.72 14.64
C VAL G 1808 34.24 -88.74 13.50
N PRO G 1809 35.28 -89.25 12.79
CA PRO G 1809 34.99 -90.28 11.76
C PRO G 1809 34.35 -91.60 12.31
N LEU G 1810 34.73 -92.02 13.52
CA LEU G 1810 34.25 -93.27 14.15
C LEU G 1810 32.83 -93.18 14.73
N ILE G 1811 32.51 -92.05 15.36
CA ILE G 1811 31.13 -91.78 15.86
C ILE G 1811 30.17 -91.52 14.67
N LYS G 1812 30.72 -91.06 13.52
CA LYS G 1812 29.96 -90.96 12.24
C LYS G 1812 29.58 -92.36 11.68
N LEU G 1813 30.56 -93.26 11.62
CA LEU G 1813 30.36 -94.67 11.14
C LEU G 1813 29.33 -95.44 12.02
N PHE G 1814 29.43 -95.27 13.34
CA PHE G 1814 28.47 -95.84 14.29
C PHE G 1814 27.05 -95.20 14.20
N TYR G 1815 26.98 -93.90 13.85
CA TYR G 1815 25.69 -93.20 13.65
C TYR G 1815 24.88 -93.81 12.49
N THR G 1816 25.51 -93.90 11.31
CA THR G 1816 24.88 -94.49 10.10
C THR G 1816 24.55 -96.01 10.25
N LEU G 1817 25.42 -96.75 10.93
CA LEU G 1817 25.22 -98.21 11.19
C LEU G 1817 24.06 -98.48 12.19
N LEU G 1818 23.86 -97.56 13.15
CA LEU G 1818 22.82 -97.65 14.19
C LEU G 1818 21.41 -97.22 13.70
N ILE G 1819 21.35 -96.16 12.90
CA ILE G 1819 20.09 -95.73 12.26
C ILE G 1819 19.57 -96.76 11.24
N MET G 1820 20.49 -97.54 10.65
CA MET G 1820 20.17 -98.63 9.69
C MET G 1820 19.23 -99.72 10.25
N GLY G 1821 19.42 -100.07 11.53
CA GLY G 1821 18.67 -101.15 12.21
C GLY G 1821 19.49 -102.41 12.49
N ILE G 1822 20.66 -102.24 13.11
CA ILE G 1822 21.58 -103.34 13.51
C ILE G 1822 22.05 -103.18 14.98
N PHE G 1823 22.79 -104.18 15.49
CA PHE G 1823 23.28 -104.30 16.91
C PHE G 1823 22.26 -104.99 17.83
N HIS G 1824 22.76 -105.87 18.71
CA HIS G 1824 21.92 -106.61 19.68
C HIS G 1824 21.74 -105.77 20.94
N ASN G 1825 20.72 -106.09 21.76
CA ASN G 1825 20.42 -105.36 23.00
C ASN G 1825 21.66 -105.28 23.91
N GLU G 1826 22.33 -106.42 24.08
CA GLU G 1826 23.54 -106.51 24.95
C GLU G 1826 24.67 -105.58 24.48
N ASP G 1827 24.89 -105.49 23.17
CA ASP G 1827 25.77 -104.45 22.60
C ASP G 1827 25.22 -103.03 22.91
N LEU G 1828 23.90 -102.84 22.78
CA LEU G 1828 23.23 -101.58 23.16
C LEU G 1828 23.36 -101.28 24.67
N ARG G 1829 23.30 -102.31 25.51
CA ARG G 1829 23.58 -102.18 26.96
C ARG G 1829 25.05 -101.74 27.21
N HIS G 1830 25.97 -102.22 26.38
CA HIS G 1830 27.37 -101.77 26.44
C HIS G 1830 27.56 -100.31 25.95
N ILE G 1831 26.63 -99.79 25.12
CA ILE G 1831 26.62 -98.36 24.69
C ILE G 1831 26.10 -97.44 25.82
N LEU G 1832 24.99 -97.84 26.49
CA LEU G 1832 24.45 -97.09 27.65
C LEU G 1832 25.47 -97.03 28.83
N GLN G 1833 26.16 -98.15 29.08
CA GLN G 1833 27.29 -98.25 30.03
C GLN G 1833 28.55 -97.46 29.59
N LEU G 1834 28.72 -97.29 28.28
CA LEU G 1834 29.74 -96.39 27.70
C LEU G 1834 29.40 -94.90 27.88
N ILE G 1835 28.10 -94.57 28.05
CA ILE G 1835 27.62 -93.16 28.23
C ILE G 1835 27.51 -92.72 29.71
N GLU G 1836 26.58 -93.31 30.47
CA GLU G 1836 26.32 -92.88 31.87
C GLU G 1836 27.51 -93.15 32.82
N PRO G 1837 28.06 -94.40 32.81
CA PRO G 1837 29.43 -94.62 33.35
C PRO G 1837 30.54 -94.20 32.37
N GLY G 1881 33.39 -93.09 30.46
CA GLY G 1881 32.74 -91.79 30.61
C GLY G 1881 33.30 -90.75 29.65
N LEU G 1882 33.16 -91.00 28.35
CA LEU G 1882 33.62 -90.07 27.29
C LEU G 1882 32.84 -88.73 27.29
N LEU G 1883 31.55 -88.79 27.68
CA LEU G 1883 30.70 -87.59 27.88
C LEU G 1883 31.23 -86.62 28.98
N GLN G 1884 31.83 -87.19 30.04
CA GLN G 1884 32.52 -86.43 31.12
C GLN G 1884 33.83 -85.72 30.63
N MET G 1885 34.50 -86.31 29.64
CA MET G 1885 35.82 -85.84 29.14
C MET G 1885 35.79 -84.48 28.42
N LYS G 1886 36.94 -83.80 28.43
CA LYS G 1886 37.18 -82.63 27.54
C LYS G 1886 37.25 -83.10 26.08
N LEU G 1887 36.46 -82.46 25.21
CA LEU G 1887 36.37 -82.80 23.77
C LEU G 1887 36.57 -81.53 22.92
N PRO G 1888 37.03 -81.69 21.64
CA PRO G 1888 36.88 -80.61 20.62
C PRO G 1888 35.45 -80.54 20.04
N GLU G 1889 35.15 -79.47 19.29
CA GLU G 1889 33.76 -79.16 18.81
C GLU G 1889 33.06 -80.35 18.07
N PRO G 1890 33.67 -80.84 16.96
CA PRO G 1890 32.98 -81.83 16.13
C PRO G 1890 32.72 -83.21 16.81
N VAL G 1891 33.52 -83.58 17.82
CA VAL G 1891 33.28 -84.81 18.62
C VAL G 1891 31.93 -84.70 19.38
N LYS G 1892 31.67 -83.50 19.92
CA LYS G 1892 30.39 -83.21 20.59
C LYS G 1892 29.20 -83.18 19.59
N LEU G 1893 29.49 -82.79 18.34
CA LEU G 1893 28.50 -82.81 17.21
C LEU G 1893 28.00 -84.22 16.84
N GLN G 1894 28.93 -85.12 16.49
CA GLN G 1894 28.56 -86.50 16.09
C GLN G 1894 27.95 -87.33 17.25
N MET G 1895 28.41 -87.10 18.49
CA MET G 1895 27.81 -87.71 19.70
C MET G 1895 26.35 -87.23 19.91
N CYS G 1896 26.10 -85.95 19.60
CA CYS G 1896 24.74 -85.38 19.60
C CYS G 1896 23.82 -86.02 18.54
N LEU G 1897 24.36 -86.36 17.37
CA LEU G 1897 23.60 -87.12 16.33
C LEU G 1897 23.25 -88.57 16.76
N LEU G 1898 24.18 -89.22 17.50
CA LEU G 1898 23.96 -90.57 18.09
C LEU G 1898 22.75 -90.59 19.06
N LEU G 1899 22.81 -89.68 20.04
CA LEU G 1899 21.74 -89.50 21.04
C LEU G 1899 20.41 -89.05 20.38
N GLN G 1900 20.49 -88.39 19.22
CA GLN G 1900 19.30 -88.05 18.40
C GLN G 1900 18.53 -89.30 17.91
N TYR G 1901 19.27 -90.33 17.47
CA TYR G 1901 18.62 -91.61 17.12
C TYR G 1901 18.09 -92.39 18.35
N LEU G 1902 18.74 -92.23 19.51
CA LEU G 1902 18.22 -92.79 20.79
C LEU G 1902 16.81 -92.26 21.18
N CYS G 1903 16.66 -90.93 21.18
CA CYS G 1903 15.36 -90.25 21.43
C CYS G 1903 14.24 -90.66 20.45
N ASP G 1904 14.59 -90.82 19.17
CA ASP G 1904 13.63 -91.22 18.10
C ASP G 1904 13.07 -92.65 18.35
N CYS G 1905 13.96 -93.61 18.62
CA CYS G 1905 13.56 -95.02 18.84
C CYS G 1905 12.76 -95.22 20.15
N GLN G 1906 13.09 -94.48 21.22
CA GLN G 1906 12.28 -94.56 22.48
C GLN G 1906 10.87 -93.95 22.32
N VAL G 1907 10.74 -92.93 21.48
CA VAL G 1907 9.41 -92.40 21.09
C VAL G 1907 8.60 -93.44 20.28
N ARG G 1908 9.29 -94.23 19.45
CA ARG G 1908 8.64 -95.35 18.73
C ARG G 1908 8.15 -96.44 19.71
N HIS G 1909 8.89 -96.70 20.79
CA HIS G 1909 8.45 -97.65 21.86
C HIS G 1909 7.17 -97.17 22.58
N ARG G 1910 7.07 -95.86 22.80
CA ARG G 1910 5.88 -95.24 23.48
C ARG G 1910 4.62 -95.29 22.59
N ILE G 1911 4.72 -94.79 21.35
CA ILE G 1911 3.58 -94.79 20.40
C ILE G 1911 3.12 -96.21 19.98
N GLU G 1912 4.07 -97.14 19.82
CA GLU G 1912 3.76 -98.56 19.50
C GLU G 1912 3.00 -99.25 20.67
N ALA G 1913 3.31 -98.88 21.91
CA ALA G 1913 2.52 -99.31 23.09
C ALA G 1913 1.07 -98.75 23.07
N ILE G 1914 0.94 -97.47 22.69
CA ILE G 1914 -0.37 -96.77 22.70
C ILE G 1914 -1.34 -97.35 21.66
N VAL G 1915 -0.78 -97.85 20.53
CA VAL G 1915 -1.56 -98.59 19.51
C VAL G 1915 -2.06 -99.97 20.02
N ALA G 1916 -1.28 -100.64 20.89
CA ALA G 1916 -1.74 -101.87 21.57
C ALA G 1916 -2.95 -101.60 22.49
N PHE G 1917 -2.93 -100.45 23.18
CA PHE G 1917 -4.10 -99.92 23.92
C PHE G 1917 -5.31 -99.70 22.98
N SER G 1918 -5.04 -99.15 21.78
CA SER G 1918 -6.08 -98.93 20.75
C SER G 1918 -6.68 -100.23 20.19
N ASP G 1919 -5.91 -101.33 20.22
CA ASP G 1919 -6.41 -102.68 19.93
C ASP G 1919 -7.17 -103.32 21.11
N ASP G 1920 -6.72 -103.06 22.35
CA ASP G 1920 -7.42 -103.52 23.57
C ASP G 1920 -8.78 -102.81 23.85
N PHE G 1921 -8.88 -101.54 23.48
CA PHE G 1921 -10.08 -100.69 23.74
C PHE G 1921 -11.21 -100.95 22.71
N VAL G 1922 -10.84 -100.90 21.43
CA VAL G 1922 -11.80 -101.05 20.30
C VAL G 1922 -12.61 -102.36 20.37
N ALA G 1923 -11.94 -103.47 20.69
CA ALA G 1923 -12.60 -104.77 20.87
C ALA G 1923 -13.64 -104.74 22.00
N LYS G 1924 -13.22 -104.23 23.17
CA LYS G 1924 -14.12 -104.15 24.35
C LYS G 1924 -15.26 -103.10 24.20
N LEU G 1925 -15.04 -102.05 23.40
CA LEU G 1925 -16.06 -100.98 23.16
C LEU G 1925 -17.15 -101.37 22.11
N GLN G 1926 -16.76 -102.06 21.03
CA GLN G 1926 -17.76 -102.66 20.11
C GLN G 1926 -18.52 -103.82 20.79
N ASP G 1927 -17.84 -104.51 21.73
CA ASP G 1927 -18.51 -105.51 22.59
C ASP G 1927 -19.53 -104.88 23.55
N ASN G 1928 -19.31 -103.62 23.94
CA ASN G 1928 -20.28 -102.83 24.73
C ASN G 1928 -21.51 -102.38 23.88
N GLN G 1929 -21.26 -101.92 22.64
CA GLN G 1929 -22.32 -101.51 21.68
C GLN G 1929 -23.26 -102.68 21.27
N ARG G 1930 -22.67 -103.87 21.07
CA ARG G 1930 -23.41 -105.08 20.66
C ARG G 1930 -24.30 -105.66 21.80
N PHE G 1931 -23.94 -105.36 23.05
CA PHE G 1931 -24.79 -105.66 24.23
C PHE G 1931 -26.06 -104.79 24.30
N ARG G 1932 -26.01 -103.61 23.67
CA ARG G 1932 -27.09 -102.60 23.68
C ARG G 1932 -27.90 -102.56 22.37
N UNK G 1933 -20.51 -91.99 10.44
CA UNK G 1933 -21.57 -90.99 10.39
C UNK G 1933 -22.17 -90.78 11.80
N UNK G 1934 -23.25 -91.49 12.15
CA UNK G 1934 -23.84 -91.44 13.50
C UNK G 1934 -22.89 -92.08 14.56
N UNK G 1935 -22.15 -93.12 14.13
CA UNK G 1935 -21.10 -93.74 14.95
C UNK G 1935 -19.92 -92.78 15.26
N UNK G 1936 -19.62 -91.88 14.33
CA UNK G 1936 -18.65 -90.78 14.54
C UNK G 1936 -19.15 -89.77 15.61
N UNK G 1937 -20.47 -89.53 15.62
CA UNK G 1937 -21.14 -88.72 16.67
C UNK G 1937 -21.08 -89.42 18.05
N UNK G 1938 -21.11 -90.77 18.06
CA UNK G 1938 -20.86 -91.58 19.27
C UNK G 1938 -19.40 -91.45 19.79
N UNK G 1939 -18.44 -91.28 18.88
CA UNK G 1939 -17.04 -90.94 19.24
C UNK G 1939 -16.94 -89.54 19.92
N UNK G 1940 -17.80 -88.60 19.48
CA UNK G 1940 -17.98 -87.30 20.16
C UNK G 1940 -18.63 -87.44 21.57
N UNK G 1941 -19.51 -88.45 21.73
CA UNK G 1941 -20.06 -88.82 23.06
C UNK G 1941 -18.97 -89.38 24.01
N UNK G 1942 -17.97 -90.08 23.44
CA UNK G 1942 -16.76 -90.48 24.18
C UNK G 1942 -15.91 -89.26 24.59
N UNK G 1943 -15.90 -88.22 23.74
CA UNK G 1943 -15.25 -86.92 24.05
C UNK G 1943 -15.95 -86.14 25.20
N UNK G 1944 -17.26 -86.37 25.36
CA UNK G 1944 -18.07 -85.74 26.44
C UNK G 1944 -17.73 -86.20 27.88
N UNK G 1945 -16.88 -87.23 28.04
CA UNK G 1945 -16.39 -87.69 29.37
C UNK G 1945 -15.61 -86.59 30.17
N UNK G 1946 -15.03 -85.62 29.47
CA UNK G 1946 -14.41 -84.42 30.10
C UNK G 1946 -15.42 -83.56 30.91
N UNK G 1947 -16.68 -83.48 30.44
CA UNK G 1947 -17.75 -82.68 31.09
C UNK G 1947 -19.15 -83.28 30.85
N LEU G 1948 -19.14 -97.93 33.42
CA LEU G 1948 -18.12 -98.74 32.76
C LEU G 1948 -16.70 -98.35 33.22
N THR G 1949 -15.98 -99.33 33.77
CA THR G 1949 -14.63 -99.16 34.34
C THR G 1949 -13.54 -98.84 33.29
N ILE G 1950 -13.83 -99.13 32.01
CA ILE G 1950 -12.99 -98.74 30.85
C ILE G 1950 -12.56 -97.25 30.85
N ARG G 1951 -13.46 -96.37 31.30
CA ARG G 1951 -13.17 -94.93 31.45
C ARG G 1951 -12.11 -94.64 32.55
N GLY G 1952 -12.18 -95.40 33.65
CA GLY G 1952 -11.14 -95.36 34.71
C GLY G 1952 -9.78 -95.91 34.26
N ARG G 1953 -9.82 -96.92 33.38
CA ARG G 1953 -8.61 -97.52 32.77
C ARG G 1953 -7.88 -96.52 31.83
N LEU G 1954 -8.65 -95.76 31.04
CA LEU G 1954 -8.14 -94.65 30.20
C LEU G 1954 -7.57 -93.47 31.04
N LEU G 1955 -8.21 -93.17 32.19
CA LEU G 1955 -7.71 -92.17 33.16
C LEU G 1955 -6.31 -92.55 33.74
N SER G 1956 -6.13 -93.85 34.01
CA SER G 1956 -4.85 -94.39 34.53
C SER G 1956 -3.72 -94.37 33.48
N LEU G 1957 -4.03 -94.84 32.26
CA LEU G 1957 -3.08 -94.83 31.11
C LEU G 1957 -2.57 -93.40 30.78
N VAL G 1958 -3.48 -92.42 30.81
CA VAL G 1958 -3.14 -90.99 30.61
C VAL G 1958 -2.25 -90.44 31.75
N GLU G 1959 -2.49 -90.89 32.99
CA GLU G 1959 -1.63 -90.52 34.16
C GLU G 1959 -0.16 -90.96 33.92
N LYS G 1960 0.02 -92.12 33.28
CA LYS G 1960 1.35 -92.62 32.86
C LYS G 1960 1.90 -91.94 31.58
N VAL G 1961 1.02 -91.40 30.73
CA VAL G 1961 1.43 -90.61 29.51
C VAL G 1961 1.90 -89.18 29.86
N THR G 1962 1.69 -88.76 31.10
CA THR G 1962 2.36 -87.55 31.67
C THR G 1962 3.90 -87.57 31.52
N TYR G 1963 4.50 -88.77 31.56
CA TYR G 1963 5.95 -88.96 31.56
C TYR G 1963 6.47 -89.46 30.19
N THR G 1982 13.95 -91.94 31.12
CA THR G 1982 15.16 -91.85 31.94
C THR G 1982 16.30 -91.06 31.27
N LEU G 1983 16.54 -91.33 29.98
CA LEU G 1983 17.60 -90.65 29.20
C LEU G 1983 17.34 -89.15 28.96
N GLN G 1984 16.06 -88.73 29.04
CA GLN G 1984 15.64 -87.32 28.99
C GLN G 1984 16.41 -86.43 30.01
N GLN G 1985 16.63 -86.95 31.23
CA GLN G 1985 17.34 -86.21 32.29
C GLN G 1985 18.88 -86.17 32.11
N LEU G 1986 19.50 -87.28 31.72
CA LEU G 1986 20.96 -87.33 31.44
C LEU G 1986 21.36 -86.34 30.32
N ILE G 1987 20.54 -86.30 29.26
CA ILE G 1987 20.83 -85.44 28.10
C ILE G 1987 20.47 -83.96 28.35
N SER G 1988 19.40 -83.68 29.10
CA SER G 1988 19.01 -82.27 29.43
C SER G 1988 20.08 -81.57 30.30
N GLU G 1989 20.47 -82.23 31.40
CA GLU G 1989 21.49 -81.70 32.33
C GLU G 1989 22.91 -81.57 31.72
N THR G 1990 23.29 -82.50 30.82
CA THR G 1990 24.62 -82.44 30.14
C THR G 1990 24.71 -81.41 28.98
N MET G 1991 23.63 -81.23 28.22
CA MET G 1991 23.52 -80.13 27.22
C MET G 1991 23.64 -78.75 27.90
N VAL G 1992 23.03 -78.61 29.09
CA VAL G 1992 23.18 -77.39 29.91
C VAL G 1992 24.65 -77.21 30.40
N ARG G 1993 25.34 -78.31 30.71
CA ARG G 1993 26.78 -78.27 31.10
C ARG G 1993 27.70 -77.80 29.94
N TRP G 1994 27.51 -78.36 28.73
CA TRP G 1994 28.28 -77.96 27.52
C TRP G 1994 28.05 -76.48 27.11
N ALA G 1995 26.81 -76.01 27.22
CA ALA G 1995 26.47 -74.60 26.93
C ALA G 1995 27.05 -73.62 27.99
N GLN G 1996 27.22 -74.09 29.24
CA GLN G 1996 27.62 -73.22 30.38
C GLN G 1996 29.14 -73.18 30.70
N GLU G 1997 29.68 -74.29 31.20
CA GLU G 1997 31.06 -74.35 31.75
C GLU G 1997 32.20 -74.16 30.69
N SER G 1998 31.93 -74.61 29.45
CA SER G 1998 32.94 -74.61 28.35
C SER G 1998 32.87 -73.41 27.35
N VAL G 1999 31.78 -72.63 27.39
CA VAL G 1999 31.50 -71.50 26.46
C VAL G 1999 31.84 -71.82 24.97
N ILE G 2000 30.93 -72.52 24.30
CA ILE G 2000 31.23 -73.23 23.04
C ILE G 2000 31.42 -72.31 21.79
N GLU G 2001 32.26 -72.77 20.85
CA GLU G 2001 32.55 -72.11 19.56
C GLU G 2001 32.25 -73.06 18.37
N ASP G 2002 32.05 -72.48 17.17
CA ASP G 2002 31.65 -73.17 15.91
C ASP G 2002 30.14 -73.55 15.92
N PRO G 2003 29.33 -72.88 15.05
CA PRO G 2003 27.83 -72.86 15.13
C PRO G 2003 27.02 -74.18 14.95
N GLU G 2004 27.51 -75.12 14.14
CA GLU G 2004 26.78 -76.38 13.86
C GLU G 2004 26.57 -77.26 15.13
N LEU G 2005 27.53 -77.17 16.08
CA LEU G 2005 27.40 -77.79 17.42
C LEU G 2005 26.22 -77.22 18.25
N VAL G 2006 26.00 -75.89 18.19
CA VAL G 2006 24.88 -75.28 18.93
C VAL G 2006 23.52 -75.59 18.28
N ARG G 2007 23.45 -75.58 16.94
CA ARG G 2007 22.25 -76.01 16.17
C ARG G 2007 21.82 -77.47 16.47
N ALA G 2008 22.79 -78.36 16.67
CA ALA G 2008 22.53 -79.77 17.03
C ALA G 2008 22.02 -79.92 18.49
N MET G 2009 22.70 -79.24 19.44
CA MET G 2009 22.31 -79.24 20.88
C MET G 2009 20.84 -78.81 21.10
N PHE G 2010 20.50 -77.63 20.56
CA PHE G 2010 19.15 -77.05 20.67
C PHE G 2010 18.06 -77.81 19.86
N VAL G 2011 18.45 -78.47 18.74
CA VAL G 2011 17.46 -79.30 17.99
C VAL G 2011 17.02 -80.52 18.83
N LEU G 2012 17.97 -81.18 19.52
CA LEU G 2012 17.64 -82.27 20.46
C LEU G 2012 16.91 -81.82 21.75
N LEU G 2013 17.09 -80.55 22.16
CA LEU G 2013 16.60 -80.05 23.46
C LEU G 2013 15.05 -79.95 23.53
N HIS G 2014 14.41 -79.38 22.50
CA HIS G 2014 12.94 -79.41 22.36
C HIS G 2014 12.41 -80.86 22.24
N ARG G 2015 13.15 -81.69 21.49
CA ARG G 2015 12.80 -83.10 21.28
C ARG G 2015 12.78 -83.93 22.59
N GLN G 2016 13.52 -83.47 23.62
CA GLN G 2016 13.47 -84.05 24.98
C GLN G 2016 12.35 -83.52 25.91
N TYR G 2017 12.27 -82.18 26.07
CA TYR G 2017 11.36 -81.58 27.07
C TYR G 2017 9.88 -81.74 26.71
N ASP G 2018 9.47 -81.24 25.54
CA ASP G 2018 8.06 -81.38 25.10
C ASP G 2018 7.79 -82.77 24.50
N GLY G 2019 7.79 -83.79 25.37
CA GLY G 2019 7.48 -85.17 24.98
C GLY G 2019 5.99 -85.38 24.70
N ILE G 2020 5.14 -84.56 25.36
CA ILE G 2020 3.67 -84.66 25.22
C ILE G 2020 3.12 -83.99 23.94
N GLY G 2021 3.61 -82.80 23.58
CA GLY G 2021 3.23 -82.14 22.32
C GLY G 2021 3.85 -82.81 21.10
N GLY G 2022 5.04 -83.40 21.28
CA GLY G 2022 5.65 -84.29 20.27
C GLY G 2022 4.84 -85.57 20.06
N LEU G 2023 4.27 -86.10 21.15
CA LEU G 2023 3.29 -87.20 21.10
C LEU G 2023 2.01 -86.77 20.34
N VAL G 2024 1.62 -85.49 20.50
CA VAL G 2024 0.42 -84.93 19.80
C VAL G 2024 0.59 -84.89 18.27
N ARG G 2025 1.74 -84.39 17.79
CA ARG G 2025 2.06 -84.42 16.33
C ARG G 2025 2.25 -85.87 15.78
N ALA G 2026 2.71 -86.77 16.66
CA ALA G 2026 2.89 -88.21 16.33
C ALA G 2026 1.56 -89.01 16.15
N LEU G 2027 0.51 -88.68 16.92
CA LEU G 2027 -0.76 -89.46 16.94
C LEU G 2027 -1.51 -89.63 15.58
N PRO G 2028 -1.75 -88.53 14.81
CA PRO G 2028 -2.45 -88.69 13.50
C PRO G 2028 -1.71 -89.60 12.50
N LYS G 2029 -0.38 -89.50 12.46
CA LYS G 2029 0.45 -90.29 11.53
C LYS G 2029 0.58 -91.79 11.92
N THR G 2030 0.51 -92.08 13.22
CA THR G 2030 0.50 -93.46 13.74
C THR G 2030 -0.88 -94.11 13.54
N TYR G 2031 -0.91 -95.38 13.11
CA TYR G 2031 -2.14 -96.22 13.18
C TYR G 2031 -1.80 -97.75 13.14
N THR G 2032 -2.29 -98.50 12.15
CA THR G 2032 -2.37 -99.99 12.24
C THR G 2032 -2.78 -100.64 10.89
N ILE G 2033 -2.24 -101.83 10.61
CA ILE G 2033 -2.70 -102.69 9.48
C ILE G 2033 -2.93 -104.14 9.98
N ASN G 2034 -3.96 -104.83 9.45
CA ASN G 2034 -4.27 -106.23 9.82
C ASN G 2034 -3.07 -107.17 9.52
N GLY G 2035 -2.71 -108.02 10.50
CA GLY G 2035 -1.39 -108.71 10.55
C GLY G 2035 -1.00 -109.59 9.36
N VAL G 2036 -1.96 -110.36 8.85
CA VAL G 2036 -1.71 -111.30 7.72
C VAL G 2036 -1.38 -110.53 6.42
N SER G 2037 -1.86 -109.29 6.31
CA SER G 2037 -1.64 -108.39 5.14
C SER G 2037 -0.39 -107.44 5.24
N VAL G 2038 0.62 -107.85 6.01
CA VAL G 2038 1.86 -107.03 6.19
C VAL G 2038 2.71 -106.84 4.90
N GLU G 2039 2.71 -107.84 4.01
CA GLU G 2039 3.57 -107.82 2.78
C GLU G 2039 3.29 -106.60 1.86
N ASP G 2040 2.02 -106.27 1.66
CA ASP G 2040 1.60 -105.06 0.89
C ASP G 2040 2.21 -103.78 1.50
N THR G 2041 2.14 -103.66 2.83
CA THR G 2041 2.69 -102.51 3.56
C THR G 2041 4.21 -102.40 3.37
N ILE G 2042 4.90 -103.54 3.31
CA ILE G 2042 6.36 -103.54 3.10
C ILE G 2042 6.66 -102.96 1.69
N ASN G 2043 5.90 -103.42 0.68
CA ASN G 2043 6.02 -102.88 -0.69
C ASN G 2043 5.64 -101.40 -0.73
N LEU G 2044 4.66 -101.00 0.06
CA LEU G 2044 4.25 -99.58 0.21
C LEU G 2044 5.43 -98.76 0.77
N LEU G 2045 6.04 -99.24 1.86
CA LEU G 2045 7.25 -98.61 2.44
C LEU G 2045 8.45 -98.64 1.46
N ALA G 2046 8.56 -99.73 0.69
CA ALA G 2046 9.61 -99.84 -0.34
C ALA G 2046 9.46 -98.77 -1.43
N SER G 2047 8.20 -98.48 -1.78
CA SER G 2047 7.85 -97.40 -2.73
C SER G 2047 8.11 -96.01 -2.14
N LEU G 2048 7.87 -95.84 -0.82
CA LEU G 2048 8.18 -94.59 -0.11
C LEU G 2048 9.71 -94.35 0.06
N GLY G 2049 10.49 -95.43 0.09
CA GLY G 2049 11.96 -95.36 0.10
C GLY G 2049 12.53 -94.92 -1.25
N GLN G 2050 11.76 -95.22 -2.31
CA GLN G 2050 12.09 -94.83 -3.69
C GLN G 2050 11.51 -93.46 -4.07
N ILE G 2051 10.25 -93.20 -3.67
CA ILE G 2051 9.51 -91.96 -4.04
C ILE G 2051 10.08 -90.68 -3.36
N ARG G 2052 10.49 -90.79 -2.09
CA ARG G 2052 11.17 -89.67 -1.40
C ARG G 2052 12.47 -89.28 -2.16
N SER G 2053 13.26 -90.28 -2.56
CA SER G 2053 14.46 -90.07 -3.40
C SER G 2053 14.13 -89.41 -4.76
N LEU G 2054 12.96 -89.72 -5.32
CA LEU G 2054 12.43 -89.10 -6.56
C LEU G 2054 12.00 -87.61 -6.35
N LEU G 2055 11.63 -87.25 -5.11
CA LEU G 2055 11.22 -85.86 -4.75
C LEU G 2055 12.30 -84.79 -5.04
N SER G 2056 13.57 -85.19 -4.87
CA SER G 2056 14.73 -84.34 -5.15
C SER G 2056 15.02 -84.16 -6.67
N VAL G 2057 14.71 -85.18 -7.49
CA VAL G 2057 14.97 -85.14 -8.96
C VAL G 2057 13.77 -84.67 -9.79
N GLU G 2062 14.76 -95.13 -16.72
CA GLU G 2062 15.01 -95.99 -15.57
C GLU G 2062 14.29 -95.47 -14.29
N GLU G 2063 14.54 -94.20 -13.95
CA GLU G 2063 14.00 -93.56 -12.73
C GLU G 2063 12.46 -93.43 -12.74
N GLU G 2064 11.92 -92.94 -13.86
CA GLU G 2064 10.46 -92.77 -14.08
C GLU G 2064 9.73 -94.15 -14.19
N LYS G 2065 10.44 -95.15 -14.71
CA LYS G 2065 9.96 -96.55 -14.76
C LYS G 2065 9.84 -97.18 -13.36
N LEU G 2066 10.83 -96.92 -12.49
CA LEU G 2066 10.78 -97.33 -11.05
C LEU G 2066 9.60 -96.68 -10.29
N MET G 2067 9.30 -95.41 -10.60
CA MET G 2067 8.18 -94.68 -9.95
C MET G 2067 6.81 -95.24 -10.37
N ILE G 2068 6.61 -95.43 -11.67
CA ILE G 2068 5.33 -95.97 -12.24
C ILE G 2068 5.06 -97.43 -11.76
N ARG G 2069 6.12 -98.23 -11.62
CA ARG G 2069 6.00 -99.61 -11.08
C ARG G 2069 5.61 -99.66 -9.57
N GLY G 2070 6.17 -98.76 -8.76
CA GLY G 2070 5.81 -98.64 -7.33
C GLY G 2070 4.35 -98.23 -7.11
N LEU G 2071 3.89 -97.24 -7.90
CA LEU G 2071 2.50 -96.77 -7.93
C LEU G 2071 1.48 -97.87 -8.35
N GLY G 2072 1.90 -98.70 -9.31
CA GLY G 2072 1.11 -99.87 -9.75
C GLY G 2072 0.96 -100.94 -8.67
N ASP G 2073 2.04 -101.17 -7.91
CA ASP G 2073 2.00 -102.10 -6.76
C ASP G 2073 1.07 -101.60 -5.63
N ILE G 2074 0.96 -100.27 -5.48
CA ILE G 2074 0.03 -99.61 -4.53
C ILE G 2074 -1.46 -99.78 -4.98
N MET G 2075 -1.71 -99.71 -6.30
CA MET G 2075 -3.03 -100.00 -6.87
C MET G 2075 -3.45 -101.49 -6.69
N ASN G 2076 -2.46 -102.40 -6.68
CA ASN G 2076 -2.69 -103.84 -6.44
C ASN G 2076 -3.15 -104.22 -5.00
N ASN G 2077 -2.81 -103.37 -4.01
CA ASN G 2077 -3.04 -103.69 -2.58
C ASN G 2077 -4.53 -103.60 -2.17
N LYS G 2078 -4.95 -104.49 -1.25
CA LYS G 2078 -6.31 -104.46 -0.64
C LYS G 2078 -6.38 -103.53 0.60
N VAL G 2079 -5.27 -103.35 1.32
CA VAL G 2079 -5.15 -102.40 2.46
C VAL G 2079 -5.32 -100.92 1.99
N PHE G 2080 -4.98 -100.65 0.73
CA PHE G 2080 -5.26 -99.36 0.06
C PHE G 2080 -6.79 -99.02 0.01
N TYR G 2081 -7.62 -100.07 -0.08
CA TYR G 2081 -9.10 -99.97 -0.08
C TYR G 2081 -9.69 -100.06 1.35
N GLN G 2082 -9.21 -101.05 2.11
CA GLN G 2082 -9.66 -101.31 3.51
C GLN G 2082 -9.28 -100.21 4.54
N HIS G 2083 -8.16 -99.50 4.31
CA HIS G 2083 -7.66 -98.43 5.23
C HIS G 2083 -7.27 -97.09 4.50
N PRO G 2084 -8.26 -96.37 3.91
CA PRO G 2084 -7.97 -95.09 3.18
C PRO G 2084 -7.46 -93.93 4.09
N ASN G 2085 -8.06 -93.80 5.27
CA ASN G 2085 -7.70 -92.77 6.27
C ASN G 2085 -6.24 -92.89 6.76
N LEU G 2086 -5.69 -94.11 6.73
CA LEU G 2086 -4.25 -94.36 6.98
C LEU G 2086 -3.35 -93.65 5.94
N MET G 2087 -3.79 -93.63 4.67
CA MET G 2087 -2.98 -93.05 3.57
C MET G 2087 -2.93 -91.50 3.58
N ARG G 2088 -4.09 -90.87 3.83
CA ARG G 2088 -4.15 -89.40 4.06
C ARG G 2088 -3.40 -88.95 5.35
N ALA G 2089 -3.44 -89.82 6.38
CA ALA G 2089 -2.69 -89.62 7.65
C ALA G 2089 -1.15 -89.73 7.49
N LEU G 2090 -0.68 -90.52 6.52
CA LEU G 2090 0.77 -90.62 6.18
C LEU G 2090 1.37 -89.30 5.66
N GLY G 2091 0.52 -88.46 5.04
CA GLY G 2091 0.96 -87.21 4.42
C GLY G 2091 1.63 -87.45 3.06
N MET G 2092 1.41 -88.65 2.50
CA MET G 2092 2.05 -89.05 1.21
C MET G 2092 1.55 -88.21 0.01
N HIS G 2093 0.24 -87.88 -0.02
CA HIS G 2093 -0.35 -87.05 -1.09
C HIS G 2093 0.29 -85.64 -1.20
N GLU G 2094 0.67 -85.06 -0.04
CA GLU G 2094 1.44 -83.79 0.04
C GLU G 2094 2.84 -83.90 -0.63
N THR G 2095 3.47 -85.08 -0.50
CA THR G 2095 4.78 -85.37 -1.13
C THR G 2095 4.71 -85.48 -2.67
N VAL G 2096 3.72 -86.25 -3.17
CA VAL G 2096 3.58 -86.58 -4.62
C VAL G 2096 3.36 -85.34 -5.53
N MET G 2097 2.54 -84.37 -5.08
CA MET G 2097 2.31 -83.12 -5.85
C MET G 2097 3.56 -82.20 -5.93
N GLU G 2098 4.34 -82.15 -4.83
CA GLU G 2098 5.62 -81.39 -4.80
C GLU G 2098 6.66 -81.99 -5.77
N VAL G 2099 6.72 -83.33 -5.81
CA VAL G 2099 7.57 -84.10 -6.78
C VAL G 2099 7.18 -83.76 -8.25
N MET G 2100 5.88 -83.59 -8.51
CA MET G 2100 5.36 -83.16 -9.83
C MET G 2100 5.83 -81.74 -10.24
N VAL G 2101 5.79 -80.80 -9.27
CA VAL G 2101 6.28 -79.40 -9.47
C VAL G 2101 7.78 -79.39 -9.86
N ASN G 2102 8.58 -80.26 -9.23
CA ASN G 2102 10.02 -80.38 -9.50
C ASN G 2102 10.33 -81.06 -10.87
N VAL G 2103 9.48 -82.00 -11.31
CA VAL G 2103 9.61 -82.64 -12.66
C VAL G 2103 9.30 -81.63 -13.80
N LEU G 2104 8.35 -80.72 -13.55
CA LEU G 2104 7.99 -79.66 -14.53
C LEU G 2104 9.09 -78.58 -14.73
N GLY G 2105 9.98 -78.42 -13.75
CA GLY G 2105 11.08 -77.43 -13.81
C GLY G 2105 10.64 -76.04 -13.42
N PRO G 2115 8.58 -87.83 -17.95
CA PRO G 2115 7.57 -87.60 -18.97
C PRO G 2115 6.27 -88.41 -18.72
N LYS G 2116 6.34 -89.75 -18.88
CA LYS G 2116 5.21 -90.67 -18.61
C LYS G 2116 4.80 -90.66 -17.11
N MET G 2117 5.77 -90.36 -16.23
CA MET G 2117 5.56 -90.22 -14.78
C MET G 2117 4.45 -89.20 -14.42
N VAL G 2118 4.34 -88.11 -15.20
CA VAL G 2118 3.30 -87.07 -15.00
C VAL G 2118 1.88 -87.65 -15.27
N ALA G 2119 1.77 -88.52 -16.28
CA ALA G 2119 0.48 -89.13 -16.66
C ALA G 2119 -0.05 -90.13 -15.62
N ASN G 2120 0.81 -91.08 -15.24
CA ASN G 2120 0.47 -92.08 -14.21
C ASN G 2120 0.24 -91.46 -12.81
N CYS G 2121 1.02 -90.41 -12.50
CA CYS G 2121 0.87 -89.61 -11.25
C CYS G 2121 -0.54 -88.99 -11.13
N CYS G 2122 -1.01 -88.36 -12.22
CA CYS G 2122 -2.36 -87.77 -12.31
C CYS G 2122 -3.50 -88.81 -12.18
N ARG G 2123 -3.28 -90.02 -12.70
CA ARG G 2123 -4.25 -91.12 -12.59
C ARG G 2123 -4.35 -91.66 -11.14
N PHE G 2124 -3.21 -91.83 -10.47
CA PHE G 2124 -3.18 -92.23 -9.03
C PHE G 2124 -3.76 -91.17 -8.06
N LEU G 2125 -3.60 -89.87 -8.39
CA LEU G 2125 -4.15 -88.77 -7.56
C LEU G 2125 -5.69 -88.62 -7.71
N CYS G 2126 -6.23 -88.79 -8.93
CA CYS G 2126 -7.69 -88.84 -9.19
C CYS G 2126 -8.37 -90.02 -8.45
N TYR G 2127 -7.76 -91.20 -8.57
CA TYR G 2127 -8.21 -92.43 -7.86
C TYR G 2127 -8.14 -92.26 -6.32
N PHE G 2128 -7.13 -91.50 -5.85
CA PHE G 2128 -6.97 -91.13 -4.42
C PHE G 2128 -8.10 -90.18 -3.93
N CYS G 2129 -8.61 -89.32 -4.83
CA CYS G 2129 -9.84 -88.52 -4.56
C CYS G 2129 -11.12 -89.42 -4.48
N ARG G 2130 -11.15 -90.52 -5.24
CA ARG G 2130 -12.33 -91.43 -5.27
C ARG G 2130 -12.65 -92.23 -3.97
N ILE G 2131 -11.63 -92.59 -3.18
CA ILE G 2131 -11.78 -93.52 -2.02
C ILE G 2131 -12.70 -93.06 -0.85
N SER G 2132 -12.66 -91.77 -0.50
CA SER G 2132 -13.57 -91.17 0.52
C SER G 2132 -13.68 -89.62 0.40
N ARG G 2133 -14.86 -89.07 0.70
CA ARG G 2133 -15.10 -87.60 0.69
C ARG G 2133 -14.29 -86.80 1.76
N GLN G 2134 -14.07 -87.40 2.93
CA GLN G 2134 -13.20 -86.81 3.98
C GLN G 2134 -11.71 -86.65 3.53
N ASN G 2135 -11.22 -87.62 2.76
CA ASN G 2135 -9.92 -87.52 2.03
C ASN G 2135 -9.98 -86.48 0.88
N GLN G 2136 -11.15 -86.38 0.23
CA GLN G 2136 -11.41 -85.41 -0.87
C GLN G 2136 -11.27 -83.93 -0.44
N LYS G 2137 -11.55 -83.62 0.84
CA LYS G 2137 -11.25 -82.30 1.43
C LYS G 2137 -9.74 -81.99 1.44
N ALA G 2138 -8.96 -83.00 1.88
CA ALA G 2138 -7.49 -82.90 1.99
C ALA G 2138 -6.82 -82.70 0.61
N MET G 2139 -7.36 -83.33 -0.43
CA MET G 2139 -6.96 -83.04 -1.83
C MET G 2139 -7.44 -81.65 -2.32
N PHE G 2140 -8.63 -81.23 -1.84
CA PHE G 2140 -9.26 -79.94 -2.25
C PHE G 2140 -8.46 -78.66 -1.85
N ASP G 2141 -7.73 -78.73 -0.73
CA ASP G 2141 -6.88 -77.61 -0.25
C ASP G 2141 -5.71 -77.21 -1.22
N HIS G 2142 -5.28 -78.14 -2.09
CA HIS G 2142 -4.07 -77.97 -2.96
C HIS G 2142 -4.31 -77.34 -4.38
N LEU G 2143 -5.54 -76.88 -4.66
CA LEU G 2143 -5.92 -76.33 -5.98
C LEU G 2143 -5.08 -75.11 -6.45
N SER G 2144 -4.59 -74.29 -5.51
CA SER G 2144 -3.75 -73.11 -5.85
C SER G 2144 -2.44 -73.49 -6.60
N TYR G 2145 -1.74 -74.53 -6.12
CA TYR G 2145 -0.51 -75.06 -6.76
C TYR G 2145 -0.84 -75.87 -8.05
N LEU G 2146 -1.95 -76.61 -8.02
CA LEU G 2146 -2.35 -77.52 -9.13
C LEU G 2146 -2.76 -76.80 -10.44
N LEU G 2147 -3.46 -75.65 -10.32
CA LEU G 2147 -3.84 -74.84 -11.50
C LEU G 2147 -2.61 -74.11 -12.14
N GLU G 2148 -1.81 -73.46 -11.29
CA GLU G 2148 -0.51 -72.85 -11.64
C GLU G 2148 0.45 -73.88 -12.30
N ASN G 2149 0.39 -75.11 -11.81
CA ASN G 2149 1.09 -76.29 -12.40
C ASN G 2149 0.49 -76.72 -13.78
N SER G 2150 -0.84 -76.60 -13.93
CA SER G 2150 -1.53 -76.92 -15.20
C SER G 2150 -1.42 -75.76 -16.22
N SER G 2151 -0.30 -75.74 -16.96
CA SER G 2151 0.05 -74.63 -17.88
C SER G 2151 -0.25 -74.96 -19.34
N VAL G 2152 0.31 -76.07 -19.82
CA VAL G 2152 0.06 -76.57 -21.19
C VAL G 2152 -0.04 -78.10 -21.16
N THR G 2163 -2.45 -85.53 -17.19
CA THR G 2163 -3.07 -84.21 -17.22
C THR G 2163 -3.37 -83.69 -15.80
N PRO G 2164 -2.58 -82.70 -15.27
CA PRO G 2164 -2.72 -82.24 -13.85
C PRO G 2164 -4.09 -81.65 -13.46
N LEU G 2165 -4.74 -81.00 -14.43
CA LEU G 2165 -6.10 -80.45 -14.29
C LEU G 2165 -7.18 -81.51 -13.92
N ASP G 2166 -7.01 -82.75 -14.40
CA ASP G 2166 -7.95 -83.86 -14.08
C ASP G 2166 -8.03 -84.18 -12.56
N VAL G 2167 -6.91 -83.99 -11.86
CA VAL G 2167 -6.81 -84.18 -10.39
C VAL G 2167 -7.70 -83.15 -9.63
N ALA G 2168 -7.75 -81.91 -10.17
CA ALA G 2168 -8.58 -80.83 -9.61
C ALA G 2168 -10.09 -81.06 -9.82
N ALA G 2169 -10.47 -81.42 -11.06
CA ALA G 2169 -11.89 -81.72 -11.40
C ALA G 2169 -12.45 -82.91 -10.57
N ALA G 2170 -11.64 -83.95 -10.38
CA ALA G 2170 -11.97 -85.10 -9.50
C ALA G 2170 -12.10 -84.69 -8.01
N SER G 2171 -11.31 -83.70 -7.58
CA SER G 2171 -11.44 -83.08 -6.25
C SER G 2171 -12.79 -82.32 -6.04
N VAL G 2172 -13.36 -81.79 -7.13
CA VAL G 2172 -14.59 -80.94 -7.13
C VAL G 2172 -15.95 -81.70 -7.21
N MET G 2173 -16.05 -82.75 -8.04
CA MET G 2173 -17.37 -83.28 -8.48
C MET G 2173 -18.30 -83.96 -7.44
N ASP G 2174 -17.76 -84.81 -6.57
CA ASP G 2174 -18.56 -85.74 -5.72
C ASP G 2174 -19.50 -85.06 -4.67
N ASN G 2175 -19.05 -83.93 -4.10
CA ASN G 2175 -19.72 -83.27 -2.96
C ASN G 2175 -20.36 -81.92 -3.39
N ASN G 2176 -21.62 -81.68 -3.00
CA ASN G 2176 -22.31 -80.39 -3.27
C ASN G 2176 -21.63 -79.23 -2.49
N GLU G 2177 -21.26 -79.49 -1.24
CA GLU G 2177 -20.63 -78.48 -0.35
C GLU G 2177 -19.20 -78.08 -0.82
N LEU G 2178 -18.39 -79.07 -1.21
CA LEU G 2178 -17.04 -78.82 -1.80
C LEU G 2178 -17.12 -78.12 -3.19
N ALA G 2179 -18.16 -78.43 -3.98
CA ALA G 2179 -18.39 -77.78 -5.30
C ALA G 2179 -18.71 -76.27 -5.15
N LEU G 2180 -19.44 -75.92 -4.08
CA LEU G 2180 -19.61 -74.50 -3.65
C LEU G 2180 -18.28 -73.85 -3.15
N ALA G 2181 -17.42 -74.65 -2.49
CA ALA G 2181 -16.25 -74.14 -1.72
C ALA G 2181 -15.11 -73.37 -2.47
N LEU G 2182 -15.06 -73.42 -3.81
CA LEU G 2182 -14.03 -72.69 -4.62
C LEU G 2182 -13.96 -71.14 -4.38
N ARG G 2183 -12.73 -70.62 -4.17
CA ARG G 2183 -12.51 -69.16 -3.96
C ARG G 2183 -12.40 -68.42 -5.31
N GLU G 2184 -12.72 -67.12 -5.32
CA GLU G 2184 -12.73 -66.31 -6.56
C GLU G 2184 -11.35 -66.11 -7.24
N PRO G 2185 -10.23 -66.06 -6.46
CA PRO G 2185 -8.91 -65.94 -7.11
C PRO G 2185 -8.45 -67.19 -7.90
N ASP G 2186 -8.87 -68.39 -7.48
CA ASP G 2186 -8.57 -69.65 -8.21
C ASP G 2186 -9.31 -69.72 -9.57
N LEU G 2187 -10.61 -69.39 -9.57
CA LEU G 2187 -11.39 -69.28 -10.82
C LEU G 2187 -10.85 -68.15 -11.75
N GLU G 2188 -10.28 -67.10 -11.15
CA GLU G 2188 -9.54 -66.05 -11.90
C GLU G 2188 -8.26 -66.59 -12.59
N LYS G 2189 -7.54 -67.49 -11.92
CA LYS G 2189 -6.38 -68.22 -12.52
C LYS G 2189 -6.81 -69.13 -13.70
N VAL G 2190 -7.99 -69.74 -13.60
CA VAL G 2190 -8.53 -70.65 -14.65
C VAL G 2190 -8.94 -69.86 -15.93
N VAL G 2191 -9.78 -68.85 -15.76
CA VAL G 2191 -10.42 -68.16 -16.91
C VAL G 2191 -9.52 -67.11 -17.61
N VAL G 2192 -8.70 -66.36 -16.86
CA VAL G 2192 -8.12 -65.09 -17.37
C VAL G 2192 -6.99 -65.27 -18.41
N ARG G 2193 -6.04 -66.18 -18.14
CA ARG G 2193 -4.84 -66.31 -18.98
C ARG G 2193 -4.99 -67.30 -20.16
N TYR G 2194 -5.48 -68.50 -19.84
CA TYR G 2194 -5.33 -69.68 -20.72
C TYR G 2194 -6.13 -69.64 -22.03
N LEU G 2195 -7.32 -69.02 -22.01
CA LEU G 2195 -8.11 -68.74 -23.25
C LEU G 2195 -7.36 -67.80 -24.21
N ALA G 2196 -6.58 -66.87 -23.64
CA ALA G 2196 -5.66 -66.01 -24.42
C ALA G 2196 -4.35 -66.73 -24.82
N GLY G 2197 -3.95 -67.75 -24.05
CA GLY G 2197 -2.78 -68.59 -24.37
C GLY G 2197 -2.89 -69.25 -25.73
N CYS G 2198 -3.89 -70.12 -25.87
CA CYS G 2198 -4.20 -70.79 -27.16
C CYS G 2198 -5.02 -69.90 -28.12
N GLY G 2199 -5.60 -68.81 -27.61
CA GLY G 2199 -6.30 -67.82 -28.44
C GLY G 2199 -5.35 -66.98 -29.28
N LEU G 2200 -4.31 -66.44 -28.64
CA LEU G 2200 -3.25 -65.69 -29.33
C LEU G 2200 -2.32 -66.65 -30.05
N PRO G 2218 -5.35 -75.05 -28.62
CA PRO G 2218 -6.59 -75.69 -29.04
C PRO G 2218 -6.96 -76.87 -28.11
N VAL G 2219 -6.08 -77.87 -28.02
CA VAL G 2219 -6.26 -79.03 -27.10
C VAL G 2219 -6.28 -78.58 -25.62
N GLU G 2220 -5.37 -77.65 -25.29
CA GLU G 2220 -5.29 -77.07 -23.95
C GLU G 2220 -6.57 -76.31 -23.57
N GLY G 2221 -7.14 -75.57 -24.53
CA GLY G 2221 -8.40 -74.82 -24.35
C GLY G 2221 -9.64 -75.67 -24.13
N GLU G 2222 -9.73 -76.79 -24.87
CA GLU G 2222 -10.80 -77.80 -24.71
C GLU G 2222 -10.77 -78.44 -23.29
N ARG G 2223 -9.55 -78.65 -22.76
CA ARG G 2223 -9.34 -79.18 -21.39
C ARG G 2223 -9.81 -78.20 -20.28
N TYR G 2224 -9.36 -76.93 -20.36
CA TYR G 2224 -9.65 -75.91 -19.33
C TYR G 2224 -11.16 -75.56 -19.18
N LEU G 2225 -11.88 -75.54 -20.31
CA LEU G 2225 -13.36 -75.37 -20.34
C LEU G 2225 -14.13 -76.52 -19.62
N ASP G 2226 -13.55 -77.72 -19.66
CA ASP G 2226 -14.09 -78.90 -18.94
C ASP G 2226 -14.02 -78.72 -17.40
N PHE G 2227 -12.99 -78.03 -16.89
CA PHE G 2227 -12.88 -77.74 -15.43
C PHE G 2227 -13.99 -76.81 -14.90
N LEU G 2228 -14.31 -75.73 -15.63
CA LEU G 2228 -15.46 -74.87 -15.29
C LEU G 2228 -16.80 -75.64 -15.39
N ARG G 2229 -16.88 -76.53 -16.39
CA ARG G 2229 -18.05 -77.43 -16.63
C ARG G 2229 -18.39 -78.34 -15.42
N PHE G 2230 -17.36 -78.85 -14.75
CA PHE G 2230 -17.50 -79.63 -13.49
C PHE G 2230 -17.53 -78.73 -12.22
N ALA G 2231 -17.16 -77.45 -12.36
CA ALA G 2231 -17.20 -76.45 -11.27
C ALA G 2231 -18.58 -75.75 -11.05
N VAL G 2232 -19.55 -75.95 -11.95
CA VAL G 2232 -20.90 -75.30 -11.85
C VAL G 2232 -22.13 -76.25 -11.69
N PHE G 2233 -22.20 -77.32 -12.50
CA PHE G 2233 -23.38 -78.24 -12.53
C PHE G 2233 -23.58 -79.05 -11.23
N CYS G 2234 -22.47 -79.46 -10.60
CA CYS G 2234 -22.50 -80.26 -9.34
C CYS G 2234 -23.41 -81.52 -9.43
N ASN G 2235 -24.01 -81.96 -8.31
CA ASN G 2235 -24.88 -83.17 -8.26
C ASN G 2235 -26.21 -83.05 -9.06
N GLY G 2236 -26.74 -81.83 -9.24
CA GLY G 2236 -28.02 -81.61 -9.97
C GLY G 2236 -28.21 -80.22 -10.58
N GLU G 2237 -28.86 -79.31 -9.84
CA GLU G 2237 -29.06 -77.93 -10.32
C GLU G 2237 -27.75 -77.12 -10.21
N SER G 2238 -27.63 -76.09 -11.05
CA SER G 2238 -26.45 -75.19 -11.11
C SER G 2238 -26.30 -74.33 -9.83
N VAL G 2239 -25.04 -74.17 -9.37
CA VAL G 2239 -24.72 -73.37 -8.16
C VAL G 2239 -24.53 -71.86 -8.49
N GLU G 2240 -25.55 -71.05 -8.19
CA GLU G 2240 -25.57 -69.59 -8.48
C GLU G 2240 -24.40 -68.77 -7.88
N GLU G 2241 -23.92 -69.19 -6.70
CA GLU G 2241 -22.79 -68.54 -5.97
C GLU G 2241 -21.46 -68.62 -6.78
N ASN G 2242 -21.28 -69.71 -7.54
CA ASN G 2242 -20.14 -69.88 -8.47
C ASN G 2242 -20.48 -69.37 -9.90
N ALA G 2243 -21.65 -69.77 -10.41
CA ALA G 2243 -22.08 -69.50 -11.81
C ALA G 2243 -22.15 -68.00 -12.19
N ASN G 2244 -22.55 -67.16 -11.23
CA ASN G 2244 -22.62 -65.68 -11.45
C ASN G 2244 -21.22 -65.06 -11.70
N VAL G 2245 -20.25 -65.41 -10.85
CA VAL G 2245 -18.84 -64.92 -10.98
C VAL G 2245 -18.15 -65.45 -12.28
N VAL G 2246 -18.46 -66.70 -12.66
CA VAL G 2246 -17.93 -67.31 -13.90
C VAL G 2246 -18.46 -66.59 -15.16
N VAL G 2247 -19.76 -66.26 -15.17
CA VAL G 2247 -20.40 -65.46 -16.26
C VAL G 2247 -19.79 -64.04 -16.39
N ARG G 2248 -19.49 -63.38 -15.26
CA ARG G 2248 -18.90 -62.02 -15.27
C ARG G 2248 -17.45 -62.00 -15.83
N LEU G 2249 -16.65 -63.00 -15.45
CA LEU G 2249 -15.28 -63.18 -16.00
C LEU G 2249 -15.23 -63.56 -17.51
N LEU G 2250 -16.20 -64.38 -17.96
CA LEU G 2250 -16.30 -64.78 -19.41
C LEU G 2250 -16.92 -63.69 -20.33
N ILE G 2251 -17.71 -62.77 -19.75
CA ILE G 2251 -18.26 -61.59 -20.45
C ILE G 2251 -17.19 -60.47 -20.60
N ARG G 2252 -16.28 -60.39 -19.63
CA ARG G 2252 -15.11 -59.49 -19.68
C ARG G 2252 -14.00 -60.00 -20.65
N ARG G 2253 -13.89 -61.32 -20.88
CA ARG G 2253 -12.86 -61.91 -21.79
C ARG G 2253 -13.37 -63.02 -22.80
N PRO G 2254 -14.50 -62.77 -23.51
CA PRO G 2254 -15.10 -63.82 -24.37
C PRO G 2254 -14.22 -64.31 -25.53
N GLU G 2255 -13.50 -63.37 -26.17
CA GLU G 2255 -12.62 -63.69 -27.31
C GLU G 2255 -11.35 -64.41 -26.86
N GLY G 2268 -23.14 -66.05 -37.91
CA GLY G 2268 -22.39 -65.88 -36.66
C GLY G 2268 -21.59 -67.11 -36.24
N LEU G 2269 -21.86 -67.62 -35.02
CA LEU G 2269 -21.23 -68.85 -34.48
C LEU G 2269 -21.48 -70.09 -35.38
N LEU G 2270 -22.70 -70.14 -35.94
CA LEU G 2270 -23.14 -71.11 -36.97
C LEU G 2270 -22.12 -71.30 -38.12
N ALA G 2271 -21.70 -70.17 -38.70
CA ALA G 2271 -20.73 -70.14 -39.84
C ALA G 2271 -19.36 -70.75 -39.45
N ALA G 2272 -18.91 -70.44 -38.22
CA ALA G 2272 -17.66 -70.99 -37.65
C ALA G 2272 -17.71 -72.53 -37.49
N MET G 2273 -18.90 -73.03 -37.10
CA MET G 2273 -19.15 -74.47 -36.91
C MET G 2273 -19.15 -75.27 -38.24
N GLU G 2274 -19.72 -74.67 -39.30
CA GLU G 2274 -19.76 -75.28 -40.65
C GLU G 2274 -18.36 -75.43 -41.30
N GLU G 2275 -17.60 -74.32 -41.27
CA GLU G 2275 -16.21 -74.28 -41.81
C GLU G 2275 -15.26 -75.26 -41.07
N ALA G 2276 -15.50 -75.43 -39.75
CA ALA G 2276 -14.79 -76.43 -38.92
C ALA G 2276 -15.11 -77.91 -39.30
N ILE G 2277 -16.34 -78.18 -39.73
CA ILE G 2277 -16.75 -79.54 -40.22
C ILE G 2277 -16.00 -79.96 -41.52
N LYS G 2278 -15.73 -79.00 -42.42
CA LYS G 2278 -14.99 -79.29 -43.67
C LYS G 2278 -13.55 -79.76 -43.44
N ILE G 2279 -12.84 -79.10 -42.51
CA ILE G 2279 -11.46 -79.45 -42.19
C ILE G 2279 -11.37 -79.85 -40.70
N GLY G 2311 -8.98 -77.74 -37.86
CA GLY G 2311 -10.40 -77.40 -37.95
C GLY G 2311 -11.26 -77.91 -36.79
N ASN G 2312 -11.06 -79.17 -36.41
CA ASN G 2312 -11.88 -79.85 -35.38
C ASN G 2312 -11.69 -79.31 -33.94
N ALA G 2313 -10.52 -78.72 -33.66
CA ALA G 2313 -10.21 -78.09 -32.34
C ALA G 2313 -11.07 -76.84 -32.03
N ILE G 2314 -11.47 -76.10 -33.07
CA ILE G 2314 -12.32 -74.89 -32.94
C ILE G 2314 -13.82 -75.27 -32.77
N MET G 2315 -14.27 -76.29 -33.51
CA MET G 2315 -15.61 -76.93 -33.35
C MET G 2315 -15.84 -77.39 -31.90
N THR G 2316 -14.83 -78.05 -31.32
CA THR G 2316 -14.84 -78.48 -29.92
C THR G 2316 -14.75 -77.30 -28.92
N PHE G 2317 -14.08 -76.21 -29.31
CA PHE G 2317 -13.98 -74.96 -28.49
C PHE G 2317 -15.35 -74.26 -28.28
N TYR G 2318 -16.08 -74.00 -29.37
CA TYR G 2318 -17.42 -73.40 -29.26
C TYR G 2318 -18.50 -74.40 -28.81
N ALA G 2319 -18.22 -75.71 -28.93
CA ALA G 2319 -19.08 -76.77 -28.34
C ALA G 2319 -19.05 -76.75 -26.80
N ALA G 2320 -17.84 -76.73 -26.22
CA ALA G 2320 -17.66 -76.62 -24.75
C ALA G 2320 -18.15 -75.25 -24.20
N LEU G 2321 -18.03 -74.20 -25.02
CA LEU G 2321 -18.49 -72.82 -24.67
C LEU G 2321 -20.03 -72.71 -24.55
N ILE G 2322 -20.76 -73.15 -25.58
CA ILE G 2322 -22.25 -73.18 -25.58
C ILE G 2322 -22.81 -74.17 -24.51
N ASP G 2323 -22.10 -75.31 -24.31
CA ASP G 2323 -22.48 -76.29 -23.26
C ASP G 2323 -22.38 -75.67 -21.86
N LEU G 2324 -21.38 -74.82 -21.65
CA LEU G 2324 -21.18 -74.08 -20.37
C LEU G 2324 -22.29 -73.04 -20.09
N LEU G 2325 -22.60 -72.22 -21.10
CA LEU G 2325 -23.64 -71.15 -21.02
C LEU G 2325 -25.07 -71.70 -20.76
N GLY G 2326 -25.37 -72.90 -21.27
CA GLY G 2326 -26.63 -73.60 -20.94
C GLY G 2326 -26.62 -74.26 -19.56
N ARG G 2327 -25.44 -74.80 -19.20
CA ARG G 2327 -25.22 -75.55 -17.94
C ARG G 2327 -25.34 -74.69 -16.65
N CYS G 2328 -25.06 -73.39 -16.75
CA CYS G 2328 -25.21 -72.43 -15.63
C CYS G 2328 -26.67 -71.91 -15.42
N ALA G 2329 -27.56 -72.15 -16.38
CA ALA G 2329 -28.92 -71.57 -16.37
C ALA G 2329 -29.84 -72.23 -15.34
N GLU G 2341 -34.27 -61.62 -9.95
CA GLU G 2341 -32.91 -61.13 -10.18
C GLU G 2341 -31.97 -62.21 -10.78
N ALA G 2342 -32.34 -63.49 -10.63
CA ALA G 2342 -31.73 -64.61 -11.41
C ALA G 2342 -32.31 -64.71 -12.85
N ILE G 2343 -33.51 -64.17 -13.05
CA ILE G 2343 -34.12 -64.09 -14.41
C ILE G 2343 -33.40 -63.04 -15.28
N ARG G 2344 -32.73 -62.06 -14.67
CA ARG G 2344 -31.80 -61.10 -15.34
C ARG G 2344 -30.60 -61.77 -16.06
N ILE G 2345 -29.86 -62.60 -15.32
CA ILE G 2345 -28.75 -63.42 -15.88
C ILE G 2345 -29.29 -64.49 -16.87
N ARG G 2346 -30.51 -65.00 -16.63
CA ARG G 2346 -31.20 -65.89 -17.58
C ARG G 2346 -31.49 -65.16 -18.93
N SER G 2347 -31.78 -63.86 -18.86
CA SER G 2347 -32.04 -63.01 -20.05
C SER G 2347 -30.77 -62.65 -20.85
N ILE G 2348 -29.66 -62.32 -20.17
CA ILE G 2348 -28.35 -62.07 -20.84
C ILE G 2348 -27.84 -63.37 -21.54
N LEU G 2349 -28.19 -64.53 -20.96
CA LEU G 2349 -28.02 -65.85 -21.61
C LEU G 2349 -28.93 -66.05 -22.88
N ARG G 2350 -30.16 -65.50 -22.84
CA ARG G 2350 -31.06 -65.48 -24.03
C ARG G 2350 -30.55 -64.59 -25.21
N SER G 2351 -29.65 -63.64 -24.91
CA SER G 2351 -29.00 -62.79 -25.95
C SER G 2351 -28.13 -63.59 -26.97
N LEU G 2352 -27.57 -64.72 -26.54
CA LEU G 2352 -26.81 -65.64 -27.42
C LEU G 2352 -27.57 -66.94 -27.73
N UNK G 2353 -30.30 -66.24 -30.34
CA UNK G 2353 -30.33 -67.71 -30.41
C UNK G 2353 -29.45 -68.21 -31.54
N UNK G 2354 -28.13 -68.02 -31.39
CA UNK G 2354 -27.14 -68.51 -32.35
C UNK G 2354 -27.04 -70.04 -32.35
N UNK G 2355 -27.33 -70.66 -31.20
CA UNK G 2355 -27.35 -72.12 -31.07
C UNK G 2355 -28.55 -72.77 -31.76
N UNK G 2356 -29.67 -72.06 -31.86
CA UNK G 2356 -30.85 -72.57 -32.57
C UNK G 2356 -30.60 -72.78 -34.08
N UNK G 2357 -29.92 -71.81 -34.71
CA UNK G 2357 -29.47 -71.94 -36.12
C UNK G 2357 -28.39 -73.04 -36.29
N UNK G 2358 -27.57 -73.24 -35.25
CA UNK G 2358 -26.59 -74.34 -35.18
C UNK G 2358 -27.28 -75.71 -35.04
N UNK G 2359 -28.35 -75.78 -34.24
CA UNK G 2359 -29.08 -77.03 -33.92
C UNK G 2359 -29.37 -77.98 -35.11
N UNK G 2360 -30.19 -77.52 -36.07
CA UNK G 2360 -30.56 -78.31 -37.26
C UNK G 2360 -29.35 -78.69 -38.16
N UNK G 2361 -28.36 -77.78 -38.23
CA UNK G 2361 -27.11 -78.01 -38.98
C UNK G 2361 -26.25 -79.15 -38.37
N UNK G 2362 -26.28 -79.28 -37.04
CA UNK G 2362 -25.65 -80.43 -36.35
C UNK G 2362 -26.35 -81.75 -36.75
N UNK G 2363 -27.68 -81.71 -36.93
CA UNK G 2363 -28.45 -82.85 -37.48
C UNK G 2363 -28.06 -83.13 -38.95
N UNK G 2364 -27.77 -82.07 -39.72
CA UNK G 2364 -27.18 -82.20 -41.07
C UNK G 2364 -25.78 -82.87 -41.03
N UNK G 2365 -24.99 -82.57 -39.98
CA UNK G 2365 -23.72 -83.28 -39.72
C UNK G 2365 -23.95 -84.77 -39.35
N UNK G 2366 -25.06 -85.04 -38.65
CA UNK G 2366 -25.53 -86.41 -38.31
C UNK G 2366 -24.52 -87.22 -37.46
N PHE G 2367 -17.22 -88.01 -32.23
CA PHE G 2367 -17.38 -86.68 -32.83
C PHE G 2367 -18.86 -86.20 -32.75
N CYS G 2368 -19.72 -86.75 -33.61
CA CYS G 2368 -21.12 -86.28 -33.80
C CYS G 2368 -22.06 -86.17 -32.56
N PRO G 2369 -22.21 -87.26 -31.75
CA PRO G 2369 -23.20 -87.23 -30.62
C PRO G 2369 -22.99 -86.19 -29.48
N ASP G 2370 -21.72 -85.87 -29.17
CA ASP G 2370 -21.39 -84.97 -28.03
C ASP G 2370 -21.83 -83.50 -28.22
N HIS G 2371 -21.61 -82.98 -29.44
CA HIS G 2371 -21.92 -81.58 -29.80
C HIS G 2371 -23.45 -81.31 -29.71
N LYS G 2372 -24.23 -82.22 -30.28
CA LYS G 2372 -25.72 -82.20 -30.22
C LYS G 2372 -26.26 -82.36 -28.77
N ALA G 2373 -25.54 -83.14 -27.94
CA ALA G 2373 -25.88 -83.29 -26.50
C ALA G 2373 -25.77 -81.94 -25.75
N ALA G 2374 -24.71 -81.18 -26.05
CA ALA G 2374 -24.54 -79.80 -25.53
C ALA G 2374 -25.64 -78.83 -26.03
N MET G 2375 -26.03 -78.96 -27.29
CA MET G 2375 -27.09 -78.11 -27.91
C MET G 2375 -28.50 -78.34 -27.29
N VAL G 2376 -28.77 -79.57 -26.83
CA VAL G 2376 -30.06 -79.93 -26.18
C VAL G 2376 -30.14 -79.53 -24.69
N LEU G 2377 -29.02 -79.66 -23.95
CA LEU G 2377 -28.94 -79.12 -22.57
C LEU G 2377 -29.07 -77.57 -22.55
N PHE G 2378 -28.51 -76.87 -23.55
CA PHE G 2378 -28.66 -75.40 -23.72
C PHE G 2378 -30.13 -75.00 -24.01
N LEU G 2379 -30.76 -75.68 -24.98
CA LEU G 2379 -32.16 -75.41 -25.39
C LEU G 2379 -33.22 -75.67 -24.27
N ASP G 2380 -32.97 -76.68 -23.43
CA ASP G 2380 -33.88 -77.04 -22.31
C ASP G 2380 -33.72 -76.12 -21.07
N ARG G 2381 -32.46 -75.89 -20.63
CA ARG G 2381 -32.18 -75.06 -19.43
C ARG G 2381 -32.47 -73.54 -19.63
N VAL G 2382 -32.24 -73.01 -20.84
CA VAL G 2382 -32.46 -71.57 -21.18
C VAL G 2382 -33.90 -71.30 -21.69
N TYR G 2383 -34.46 -72.22 -22.48
CA TYR G 2383 -35.79 -72.06 -23.14
C TYR G 2383 -36.77 -73.19 -22.79
N VAL G 2387 -45.75 -73.21 -27.07
CA VAL G 2387 -44.56 -73.99 -26.72
C VAL G 2387 -44.47 -75.34 -27.47
N GLN G 2388 -45.60 -76.04 -27.58
CA GLN G 2388 -45.69 -77.40 -28.20
C GLN G 2388 -45.31 -77.44 -29.71
N ASP G 2389 -45.64 -76.36 -30.44
CA ASP G 2389 -45.28 -76.21 -31.86
C ASP G 2389 -43.74 -76.10 -32.07
N PHE G 2390 -43.05 -75.47 -31.12
CA PHE G 2390 -41.55 -75.43 -31.10
C PHE G 2390 -40.94 -76.83 -30.86
N LEU G 2391 -41.62 -77.63 -30.02
CA LEU G 2391 -41.20 -79.02 -29.68
C LEU G 2391 -41.30 -79.98 -30.89
N LEU G 2392 -42.44 -79.93 -31.61
CA LEU G 2392 -42.63 -80.66 -32.89
C LEU G 2392 -41.65 -80.17 -34.00
N HIS G 2393 -41.29 -78.88 -33.99
CA HIS G 2393 -40.28 -78.31 -34.93
C HIS G 2393 -38.85 -78.86 -34.68
N LEU G 2394 -38.49 -79.11 -33.42
CA LEU G 2394 -37.20 -79.75 -33.08
C LEU G 2394 -37.10 -81.17 -33.70
N LEU G 2395 -38.16 -81.95 -33.49
CA LEU G 2395 -38.34 -83.27 -34.13
C LEU G 2395 -38.57 -83.11 -35.65
N VAL G 2397 -35.24 -83.81 -35.34
CA VAL G 2397 -33.96 -84.20 -34.76
C VAL G 2397 -34.02 -85.57 -34.04
N GLY G 2398 -35.14 -85.88 -33.39
CA GLY G 2398 -35.32 -87.18 -32.72
C GLY G 2398 -35.45 -88.35 -33.69
N PHE G 2399 -36.02 -88.07 -34.87
CA PHE G 2399 -36.45 -89.12 -35.84
C PHE G 2399 -35.31 -90.02 -36.34
N LEU G 2400 -34.20 -89.41 -36.76
CA LEU G 2400 -33.02 -90.15 -37.29
C LEU G 2400 -32.33 -91.04 -36.22
N PRO G 2401 -32.27 -90.56 -34.95
CA PRO G 2401 -31.91 -91.38 -33.77
C PRO G 2401 -32.82 -92.61 -33.50
N ASP G 2402 -34.12 -92.48 -33.79
CA ASP G 2402 -35.05 -93.64 -33.74
C ASP G 2402 -34.68 -94.73 -34.80
N LEU G 2403 -34.23 -94.29 -35.96
CA LEU G 2403 -34.13 -95.14 -37.15
C LEU G 2403 -32.78 -95.85 -37.27
N ARG G 2404 -31.69 -95.16 -36.90
CA ARG G 2404 -30.33 -95.79 -36.78
C ARG G 2404 -30.28 -96.86 -35.65
N ALA G 2405 -31.18 -96.77 -34.67
CA ALA G 2405 -31.36 -97.81 -33.62
C ALA G 2405 -31.73 -99.20 -34.19
N ALA G 2406 -32.50 -99.22 -35.29
CA ALA G 2406 -32.81 -100.45 -36.05
C ALA G 2406 -31.58 -100.97 -36.83
N ALA G 2407 -30.82 -100.03 -37.42
CA ALA G 2407 -29.58 -100.33 -38.19
C ALA G 2407 -28.43 -100.90 -37.31
N SER G 2408 -28.41 -100.54 -36.03
CA SER G 2408 -27.41 -101.09 -35.07
C SER G 2408 -27.61 -102.60 -34.76
N LEU G 2409 -28.84 -103.10 -34.93
CA LEU G 2409 -29.19 -104.53 -34.75
C LEU G 2409 -29.08 -105.32 -36.08
N THR G 2417 -20.09 -100.47 -33.62
CA THR G 2417 -19.83 -99.21 -34.34
C THR G 2417 -19.87 -98.00 -33.39
N ASP G 2418 -19.24 -96.90 -33.81
CA ASP G 2418 -19.36 -95.59 -33.12
C ASP G 2418 -20.80 -95.04 -33.11
N MET G 2419 -21.56 -95.38 -34.15
CA MET G 2419 -23.01 -95.05 -34.29
C MET G 2419 -23.89 -95.62 -33.16
N ALA G 2420 -23.51 -96.78 -32.58
CA ALA G 2420 -24.21 -97.39 -31.43
C ALA G 2420 -24.05 -96.55 -30.11
N LEU G 2421 -22.83 -96.05 -29.88
CA LEU G 2421 -22.55 -95.08 -28.80
C LEU G 2421 -23.37 -93.78 -29.01
N ALA G 2422 -23.46 -93.38 -30.28
CA ALA G 2422 -24.27 -92.22 -30.70
C ALA G 2422 -25.78 -92.38 -30.48
N LEU G 2423 -26.30 -93.62 -30.62
CA LEU G 2423 -27.73 -93.93 -30.40
C LEU G 2423 -28.11 -93.95 -28.90
N ASN G 2424 -27.17 -94.34 -28.03
CA ASN G 2424 -27.37 -94.27 -26.56
C ASN G 2424 -27.40 -92.79 -26.08
N ARG G 2425 -26.43 -91.97 -26.54
CA ARG G 2425 -26.41 -90.52 -26.22
C ARG G 2425 -27.67 -89.78 -26.75
N TYR G 2426 -28.14 -90.18 -27.94
CA TYR G 2426 -29.39 -89.63 -28.56
C TYR G 2426 -30.72 -90.15 -27.93
N LEU G 2427 -30.69 -91.27 -27.20
CA LEU G 2427 -31.89 -91.72 -26.45
C LEU G 2427 -32.09 -90.92 -25.13
N CYS G 2428 -30.99 -90.57 -24.46
CA CYS G 2428 -31.04 -89.66 -23.27
C CYS G 2428 -31.49 -88.23 -23.68
N THR G 2429 -30.91 -87.74 -24.79
CA THR G 2429 -31.32 -86.49 -25.48
C THR G 2429 -32.81 -86.49 -25.89
N ALA G 2430 -33.33 -87.66 -26.27
CA ALA G 2430 -34.77 -87.86 -26.56
C ALA G 2430 -35.67 -87.80 -25.31
N VAL G 2431 -35.16 -88.22 -24.14
CA VAL G 2431 -35.89 -88.14 -22.85
C VAL G 2431 -36.09 -86.67 -22.35
N LEU G 2432 -35.14 -85.79 -22.64
CA LEU G 2432 -35.17 -84.36 -22.18
C LEU G 2432 -36.40 -83.48 -22.62
N PRO G 2433 -36.76 -83.47 -23.95
CA PRO G 2433 -37.90 -82.64 -24.43
C PRO G 2433 -39.31 -83.05 -23.93
N LEU G 2434 -39.50 -84.32 -23.54
CA LEU G 2434 -40.84 -84.91 -23.24
C LEU G 2434 -41.72 -84.07 -22.30
N LEU G 2435 -41.12 -83.59 -21.21
CA LEU G 2435 -41.85 -82.86 -20.17
C LEU G 2435 -41.86 -81.36 -20.48
N UNK G 2436 -50.56 -84.25 -37.33
CA UNK G 2436 -50.13 -84.22 -35.93
C UNK G 2436 -50.05 -85.63 -35.31
N UNK G 2437 -51.20 -86.29 -35.17
CA UNK G 2437 -51.30 -87.64 -34.54
C UNK G 2437 -50.64 -88.78 -35.35
N UNK G 2438 -50.59 -88.62 -36.69
CA UNK G 2438 -49.96 -89.61 -37.60
C UNK G 2438 -48.44 -89.81 -37.35
N UNK G 2439 -47.75 -88.73 -36.96
CA UNK G 2439 -46.33 -88.79 -36.54
C UNK G 2439 -46.15 -89.63 -35.24
N UNK G 2440 -47.11 -89.54 -34.32
CA UNK G 2440 -47.16 -90.41 -33.11
C UNK G 2440 -47.40 -91.90 -33.45
N UNK G 2441 -48.16 -92.16 -34.53
CA UNK G 2441 -48.33 -93.51 -35.11
C UNK G 2441 -47.00 -94.09 -35.71
N UNK G 2442 -46.17 -93.19 -36.25
CA UNK G 2442 -44.86 -93.55 -36.80
C UNK G 2442 -43.82 -93.92 -35.72
N UNK G 2443 -43.75 -93.10 -34.66
CA UNK G 2443 -42.87 -93.37 -33.49
C UNK G 2443 -43.30 -94.64 -32.71
N UNK G 2444 -44.62 -94.90 -32.65
CA UNK G 2444 -45.17 -96.15 -32.09
C UNK G 2444 -44.78 -97.40 -32.92
N UNK G 2445 -44.72 -97.27 -34.25
CA UNK G 2445 -44.18 -98.34 -35.14
C UNK G 2445 -42.65 -98.56 -34.94
N UNK G 2446 -41.93 -97.46 -34.70
CA UNK G 2446 -40.47 -97.47 -34.46
C UNK G 2446 -40.10 -98.02 -33.06
N UNK G 2447 -40.84 -97.55 -32.04
CA UNK G 2447 -40.69 -98.03 -30.65
C UNK G 2447 -41.07 -99.52 -30.49
N UNK G 2448 -42.07 -99.98 -31.26
CA UNK G 2448 -42.44 -101.42 -31.34
C UNK G 2448 -41.31 -102.27 -31.97
N UNK G 2449 -40.62 -101.71 -32.97
CA UNK G 2449 -39.41 -102.34 -33.56
C UNK G 2449 -38.23 -102.37 -32.55
N UNK G 2450 -38.08 -101.29 -31.77
CA UNK G 2450 -37.10 -101.18 -30.68
C UNK G 2450 -37.45 -102.11 -29.49
N UNK G 2451 -38.75 -102.36 -29.27
CA UNK G 2451 -39.23 -103.35 -28.28
C UNK G 2451 -38.88 -104.80 -28.69
N UNK G 2452 -38.98 -105.10 -29.99
CA UNK G 2452 -38.56 -106.42 -30.56
C UNK G 2452 -37.04 -106.66 -30.42
N UNK G 2453 -36.24 -105.59 -30.59
CA UNK G 2453 -34.79 -105.62 -30.30
C UNK G 2453 -34.48 -105.80 -28.78
N UNK G 2454 -35.37 -105.26 -27.93
CA UNK G 2454 -35.30 -105.41 -26.46
C UNK G 2454 -35.85 -106.76 -25.91
N UNK G 2455 -36.55 -107.53 -26.77
CA UNK G 2455 -37.16 -108.83 -26.38
C UNK G 2455 -36.13 -109.98 -26.32
N UNK G 2456 -28.36 -100.98 -22.66
CA UNK G 2456 -29.07 -101.85 -23.58
C UNK G 2456 -30.45 -102.20 -23.03
N UNK G 2457 -30.48 -102.84 -21.87
CA UNK G 2457 -31.74 -103.18 -21.19
C UNK G 2457 -32.36 -101.93 -20.57
N UNK G 2458 -31.54 -101.15 -19.87
CA UNK G 2458 -31.93 -99.85 -19.35
C UNK G 2458 -32.20 -98.85 -20.47
N UNK G 2459 -31.39 -98.92 -21.53
CA UNK G 2459 -31.62 -98.15 -22.76
C UNK G 2459 -33.00 -98.44 -23.36
N UNK G 2460 -33.38 -99.72 -23.39
CA UNK G 2460 -34.70 -100.15 -23.86
C UNK G 2460 -35.80 -99.77 -22.88
N UNK G 2461 -35.56 -99.97 -21.59
CA UNK G 2461 -36.52 -99.66 -20.53
C UNK G 2461 -36.82 -98.16 -20.43
N UNK G 2462 -35.80 -97.33 -20.67
CA UNK G 2462 -35.96 -95.87 -20.70
C UNK G 2462 -36.82 -95.39 -21.86
N UNK G 2463 -36.70 -96.06 -23.01
CA UNK G 2463 -37.49 -95.72 -24.21
C UNK G 2463 -39.00 -95.95 -24.04
N UNK G 2464 -39.38 -96.91 -23.19
CA UNK G 2464 -40.79 -97.21 -22.93
C UNK G 2464 -41.53 -96.08 -22.21
N UNK G 2465 -40.84 -95.35 -21.35
CA UNK G 2465 -41.42 -94.21 -20.61
C UNK G 2465 -41.82 -93.04 -21.52
N UNK G 2466 -41.08 -92.84 -22.62
CA UNK G 2466 -41.36 -91.79 -23.58
C UNK G 2466 -42.63 -92.06 -24.39
N UNK G 2467 -42.75 -93.30 -24.90
CA UNK G 2467 -43.87 -93.70 -25.75
C UNK G 2467 -45.22 -93.76 -25.00
N UNK G 2468 -45.17 -94.09 -23.71
CA UNK G 2468 -46.39 -94.18 -22.89
C UNK G 2468 -47.11 -92.84 -22.69
N UNK G 2469 -46.34 -91.74 -22.66
CA UNK G 2469 -46.90 -90.39 -22.54
C UNK G 2469 -47.74 -89.99 -23.74
N UNK G 2470 -47.23 -90.30 -24.95
CA UNK G 2470 -47.93 -90.00 -26.20
C UNK G 2470 -49.16 -90.89 -26.42
N UNK G 2471 -49.09 -92.15 -25.98
CA UNK G 2471 -50.18 -93.11 -26.14
C UNK G 2471 -51.44 -92.70 -25.37
N UNK G 2472 -51.24 -92.32 -24.11
CA UNK G 2472 -52.33 -91.82 -23.26
C UNK G 2472 -52.87 -90.46 -23.76
N UNK G 2473 -51.98 -89.64 -24.32
CA UNK G 2473 -52.35 -88.32 -24.86
C UNK G 2473 -53.27 -88.44 -26.07
N UNK G 2474 -52.78 -89.11 -27.12
CA UNK G 2474 -53.53 -89.30 -28.35
C UNK G 2474 -54.14 -90.71 -28.38
N UNK G 2475 -54.95 -85.93 -32.35
CA UNK G 2475 -55.95 -86.45 -33.28
C UNK G 2475 -56.19 -87.98 -33.05
N UNK G 2476 -57.45 -88.40 -33.14
CA UNK G 2476 -57.84 -89.81 -32.90
C UNK G 2476 -57.67 -90.71 -34.15
N UNK G 2477 -58.17 -90.24 -35.29
CA UNK G 2477 -58.38 -91.10 -36.48
C UNK G 2477 -57.09 -91.48 -37.24
N UNK G 2478 -56.08 -90.60 -37.23
CA UNK G 2478 -54.90 -90.69 -38.13
C UNK G 2478 -54.02 -91.94 -37.95
N UNK G 2479 -54.04 -92.54 -36.75
CA UNK G 2479 -53.15 -93.68 -36.39
C UNK G 2479 -53.81 -95.09 -36.56
N UNK G 2480 -54.78 -95.19 -37.48
CA UNK G 2480 -55.71 -96.36 -37.53
C UNK G 2480 -55.14 -97.63 -38.20
N UNK G 2481 -54.42 -97.46 -39.33
CA UNK G 2481 -53.78 -98.60 -40.04
C UNK G 2481 -52.65 -99.25 -39.21
N UNK G 2482 -51.94 -98.41 -38.44
CA UNK G 2482 -50.92 -98.87 -37.46
C UNK G 2482 -51.52 -99.33 -36.11
N UNK G 2483 -52.82 -99.05 -35.89
CA UNK G 2483 -53.61 -99.65 -34.79
C UNK G 2483 -54.01 -101.12 -35.10
N UNK G 2484 -54.46 -101.37 -36.33
CA UNK G 2484 -54.70 -102.75 -36.84
C UNK G 2484 -53.39 -103.56 -36.91
N UNK G 2485 -52.28 -102.89 -37.29
CA UNK G 2485 -50.91 -103.48 -37.25
C UNK G 2485 -50.42 -103.75 -35.80
N UNK G 2486 -50.90 -102.94 -34.85
CA UNK G 2486 -50.58 -103.08 -33.41
C UNK G 2486 -51.29 -104.31 -32.74
N UNK G 2487 -52.58 -104.47 -33.02
CA UNK G 2487 -53.36 -105.66 -32.56
C UNK G 2487 -52.86 -106.97 -33.23
N UNK G 2488 -52.42 -106.87 -34.49
CA UNK G 2488 -51.73 -108.00 -35.18
C UNK G 2488 -50.40 -108.40 -34.49
N UNK G 2489 -49.68 -107.39 -33.98
CA UNK G 2489 -48.46 -107.60 -33.16
C UNK G 2489 -48.77 -108.28 -31.79
N UNK G 2490 -49.94 -107.98 -31.21
CA UNK G 2490 -50.45 -108.70 -30.02
C UNK G 2490 -50.80 -110.18 -30.32
N UNK G 2491 -51.26 -110.45 -31.54
CA UNK G 2491 -51.50 -111.83 -32.04
C UNK G 2491 -50.20 -112.62 -32.31
N UNK G 2492 -49.09 -111.90 -32.58
CA UNK G 2492 -47.77 -112.51 -32.85
C UNK G 2492 -47.18 -113.32 -31.67
N UNK G 2493 -47.47 -112.91 -30.43
CA UNK G 2493 -46.97 -113.58 -29.21
C UNK G 2493 -47.86 -114.76 -28.81
N UNK G 2494 -49.14 -114.47 -28.57
CA UNK G 2494 -50.11 -115.48 -28.15
C UNK G 2494 -51.53 -114.97 -28.34
N UNK G 2495 -39.55 -110.51 -23.81
CA UNK G 2495 -40.97 -110.87 -23.70
C UNK G 2495 -41.68 -110.07 -22.59
N UNK G 2496 -41.04 -109.95 -21.42
CA UNK G 2496 -41.57 -109.16 -20.27
C UNK G 2496 -41.69 -107.65 -20.58
N UNK G 2497 -40.78 -107.13 -21.41
CA UNK G 2497 -40.86 -105.77 -21.96
C UNK G 2497 -42.11 -105.58 -22.88
N UNK G 2498 -42.45 -106.64 -23.63
CA UNK G 2498 -43.69 -106.68 -24.44
C UNK G 2498 -44.97 -106.72 -23.57
N UNK G 2499 -44.90 -107.36 -22.39
CA UNK G 2499 -45.99 -107.31 -21.38
C UNK G 2499 -46.18 -105.89 -20.80
N UNK G 2500 -45.08 -105.16 -20.61
CA UNK G 2500 -45.12 -103.72 -20.23
C UNK G 2500 -45.75 -102.84 -21.34
N UNK G 2501 -45.53 -103.22 -22.60
CA UNK G 2501 -46.19 -102.61 -23.77
C UNK G 2501 -47.71 -102.90 -23.83
N UNK G 2502 -48.13 -104.05 -23.28
CA UNK G 2502 -49.56 -104.45 -23.18
C UNK G 2502 -50.34 -103.65 -22.12
N UNK G 2503 -49.75 -103.50 -20.92
CA UNK G 2503 -50.32 -102.64 -19.85
C UNK G 2503 -50.38 -101.14 -20.26
N UNK G 2504 -49.35 -100.69 -20.99
CA UNK G 2504 -49.31 -99.32 -21.58
C UNK G 2504 -50.36 -99.13 -22.70
N UNK G 2505 -50.69 -100.23 -23.40
CA UNK G 2505 -51.71 -100.25 -24.48
C UNK G 2505 -53.16 -100.26 -23.95
N UNK G 2506 -53.43 -101.10 -22.95
CA UNK G 2506 -54.75 -101.17 -22.29
C UNK G 2506 -55.07 -99.85 -21.53
N UNK G 2507 -54.05 -99.20 -20.96
CA UNK G 2507 -54.18 -97.84 -20.38
C UNK G 2507 -54.48 -96.77 -21.46
N UNK G 2508 -53.81 -96.89 -22.62
CA UNK G 2508 -54.05 -96.04 -23.80
C UNK G 2508 -55.44 -96.29 -24.44
N UNK G 2509 -55.90 -97.55 -24.37
CA UNK G 2509 -57.19 -98.01 -24.91
C UNK G 2509 -58.38 -97.64 -23.99
N UNK G 2510 -58.20 -97.80 -22.67
CA UNK G 2510 -59.19 -97.36 -21.66
C UNK G 2510 -59.37 -95.82 -21.66
N UNK G 2511 -58.27 -95.09 -21.90
CA UNK G 2511 -58.31 -93.63 -22.11
C UNK G 2511 -59.02 -93.24 -23.44
N UNK G 2512 -58.87 -94.08 -24.47
CA UNK G 2512 -59.65 -93.92 -25.73
C UNK G 2512 -61.17 -94.15 -25.52
N UNK G 2513 -61.54 -95.04 -24.59
CA UNK G 2513 -62.94 -95.18 -24.12
C UNK G 2513 -63.41 -93.93 -23.34
N UNK G 2514 -62.50 -93.29 -22.59
CA UNK G 2514 -62.73 -91.97 -21.97
C UNK G 2514 -62.80 -90.82 -23.02
N UNK G 2515 -62.05 -90.95 -24.12
CA UNK G 2515 -62.12 -90.02 -25.27
C UNK G 2515 -63.39 -90.20 -26.14
N UNK G 2516 -64.05 -91.36 -26.00
CA UNK G 2516 -65.34 -91.65 -26.67
C UNK G 2516 -66.50 -91.56 -25.68
N UNK G 2517 -66.55 -92.51 -24.74
CA UNK G 2517 -67.60 -92.55 -23.72
C UNK G 2517 -67.31 -91.55 -22.61
N UNK G 2518 -64.57 -100.02 -38.54
CA UNK G 2518 -63.89 -101.31 -38.68
C UNK G 2518 -62.81 -101.53 -37.61
N UNK G 2519 -62.06 -100.45 -37.29
CA UNK G 2519 -60.97 -100.49 -36.30
C UNK G 2519 -61.45 -100.84 -34.87
N UNK G 2520 -62.67 -100.44 -34.51
CA UNK G 2520 -63.33 -100.84 -33.24
C UNK G 2520 -63.65 -102.35 -33.19
N UNK G 2521 -64.02 -102.92 -34.34
CA UNK G 2521 -64.19 -104.39 -34.50
C UNK G 2521 -62.84 -105.14 -34.34
N UNK G 2522 -61.74 -104.49 -34.79
CA UNK G 2522 -60.36 -104.97 -34.55
C UNK G 2522 -59.96 -104.94 -33.05
N UNK G 2523 -60.48 -103.96 -32.29
CA UNK G 2523 -60.33 -103.93 -30.81
C UNK G 2523 -61.09 -105.09 -30.12
N UNK G 2524 -62.25 -105.49 -30.67
CA UNK G 2524 -62.98 -106.71 -30.24
C UNK G 2524 -62.16 -108.00 -30.54
N UNK G 2525 -61.43 -107.98 -31.67
CA UNK G 2525 -60.45 -109.05 -32.01
C UNK G 2525 -59.22 -109.07 -31.07
N UNK G 2526 -58.88 -107.92 -30.47
CA UNK G 2526 -57.79 -107.80 -29.48
C UNK G 2526 -58.15 -108.38 -28.08
N UNK G 2527 -59.37 -108.12 -27.61
CA UNK G 2527 -59.92 -108.75 -26.38
C UNK G 2527 -59.97 -110.29 -26.51
N UNK G 2528 -60.43 -110.76 -27.68
CA UNK G 2528 -60.44 -112.20 -28.04
C UNK G 2528 -59.02 -112.81 -28.12
N UNK G 2529 -58.06 -112.01 -28.60
CA UNK G 2529 -56.62 -112.37 -28.63
C UNK G 2529 -56.00 -112.44 -27.21
N UNK G 2530 -56.50 -111.60 -26.30
CA UNK G 2530 -56.13 -111.66 -24.87
C UNK G 2530 -56.64 -112.98 -24.21
N UNK G 2531 -57.84 -113.43 -24.63
CA UNK G 2531 -58.36 -114.77 -24.25
C UNK G 2531 -57.49 -115.93 -24.80
N UNK G 2532 -56.92 -115.73 -25.99
CA UNK G 2532 -55.92 -116.66 -26.58
C UNK G 2532 -54.59 -116.71 -25.79
N UNK G 2533 -54.18 -115.56 -25.21
CA UNK G 2533 -53.03 -115.49 -24.29
C UNK G 2533 -53.30 -116.25 -22.96
N UNK G 2534 -54.57 -116.26 -22.52
CA UNK G 2534 -55.02 -117.11 -21.38
C UNK G 2534 -55.03 -118.62 -21.74
N UNK G 2535 -55.31 -118.95 -23.01
CA UNK G 2535 -55.25 -120.34 -23.53
C UNK G 2535 -53.82 -120.93 -23.55
N UNK G 2536 -52.84 -120.06 -23.80
CA UNK G 2536 -51.41 -120.42 -23.77
C UNK G 2536 -50.91 -120.52 -22.33
N UNK G 2537 -51.16 -119.45 -21.55
CA UNK G 2537 -50.73 -119.37 -20.16
C UNK G 2537 -51.50 -120.33 -19.27
N UNK G 2538 -44.96 -111.41 -10.98
CA UNK G 2538 -45.74 -110.17 -10.86
C UNK G 2538 -46.12 -109.60 -12.24
N UNK G 2539 -45.17 -109.61 -13.17
CA UNK G 2539 -45.40 -109.15 -14.58
C UNK G 2539 -46.39 -110.04 -15.36
N UNK G 2540 -46.53 -111.30 -14.94
CA UNK G 2540 -47.53 -112.25 -15.49
C UNK G 2540 -48.98 -111.88 -15.08
N UNK G 2541 -49.18 -111.59 -13.79
CA UNK G 2541 -50.48 -111.09 -13.27
C UNK G 2541 -50.87 -109.71 -13.85
N UNK G 2542 -49.86 -108.84 -14.08
CA UNK G 2542 -50.04 -107.55 -14.79
C UNK G 2542 -50.45 -107.73 -16.28
N UNK G 2543 -49.95 -108.81 -16.91
CA UNK G 2543 -50.38 -109.23 -18.26
C UNK G 2543 -51.84 -109.75 -18.32
N UNK G 2544 -52.31 -110.36 -17.22
CA UNK G 2544 -53.71 -110.81 -17.06
C UNK G 2544 -54.71 -109.63 -16.89
N UNK G 2545 -54.35 -108.66 -16.03
CA UNK G 2545 -55.15 -107.42 -15.83
C UNK G 2545 -55.21 -106.55 -17.10
N UNK G 2546 -54.13 -106.52 -17.89
CA UNK G 2546 -54.11 -105.85 -19.22
C UNK G 2546 -55.06 -106.53 -20.26
N UNK G 2547 -55.18 -107.86 -20.17
CA UNK G 2547 -56.15 -108.65 -20.98
C UNK G 2547 -57.64 -108.33 -20.61
N UNK G 2548 -57.89 -108.13 -19.31
CA UNK G 2548 -59.22 -107.69 -18.81
C UNK G 2548 -59.58 -106.25 -19.26
N UNK G 2549 -58.58 -105.35 -19.31
CA UNK G 2549 -58.76 -103.97 -19.82
C UNK G 2549 -59.08 -103.93 -21.33
N UNK G 2550 -58.55 -104.89 -22.10
CA UNK G 2550 -58.87 -105.05 -23.54
C UNK G 2550 -60.35 -105.52 -23.77
N UNK G 2551 -60.78 -106.47 -22.95
CA UNK G 2551 -62.19 -106.93 -22.92
C UNK G 2551 -63.20 -105.83 -22.50
N UNK G 2552 -62.77 -104.94 -21.59
CA UNK G 2552 -63.56 -103.75 -21.17
C UNK G 2552 -63.69 -102.69 -22.28
N UNK G 2553 -62.62 -102.46 -23.05
CA UNK G 2553 -62.63 -101.52 -24.20
C UNK G 2553 -63.56 -101.99 -25.35
N UNK G 2554 -63.55 -103.31 -25.63
CA UNK G 2554 -64.49 -103.96 -26.57
C UNK G 2554 -65.96 -103.92 -26.06
N UNK G 2555 -66.15 -104.00 -24.74
CA UNK G 2555 -67.48 -103.80 -24.10
C UNK G 2555 -68.03 -102.36 -24.27
N UNK G 2556 -67.13 -101.38 -24.32
CA UNK G 2556 -67.46 -99.99 -24.73
C UNK G 2556 -67.78 -99.90 -26.24
N UNK G 2557 -67.13 -100.76 -27.05
CA UNK G 2557 -67.39 -100.87 -28.51
C UNK G 2557 -68.69 -101.63 -28.89
N UNK G 2558 -69.28 -102.38 -27.94
CA UNK G 2558 -70.55 -103.11 -28.14
C UNK G 2558 -71.78 -102.19 -28.25
N UNK G 2559 -71.71 -101.03 -27.60
CA UNK G 2559 -72.81 -100.06 -27.60
C UNK G 2559 -73.02 -99.45 -28.97
N PHE G 2560 -31.95 -96.91 -40.29
CA PHE G 2560 -33.13 -97.23 -41.08
C PHE G 2560 -32.90 -98.52 -41.91
N ASN G 2561 -33.92 -99.39 -41.98
CA ASN G 2561 -33.85 -100.69 -42.68
C ASN G 2561 -35.05 -100.90 -43.64
N PRO G 2562 -34.93 -100.49 -44.93
CA PRO G 2562 -36.02 -100.69 -45.93
C PRO G 2562 -36.02 -102.09 -46.62
N GLN G 2563 -37.23 -102.61 -46.92
CA GLN G 2563 -37.41 -103.87 -47.67
C GLN G 2563 -38.61 -103.80 -48.67
N PRO G 2564 -38.38 -103.20 -49.88
CA PRO G 2564 -39.42 -103.21 -50.94
C PRO G 2564 -39.78 -104.63 -51.45
N VAL G 2565 -41.05 -104.86 -51.79
CA VAL G 2565 -41.48 -106.14 -52.40
C VAL G 2565 -40.80 -106.25 -53.77
N ASP G 2566 -39.95 -107.27 -53.95
CA ASP G 2566 -39.07 -107.37 -55.13
C ASP G 2566 -39.87 -107.73 -56.39
N THR G 2567 -39.53 -107.10 -57.51
CA THR G 2567 -40.17 -107.34 -58.80
C THR G 2567 -39.38 -108.41 -59.55
N SER G 2568 -39.98 -109.60 -59.68
CA SER G 2568 -39.30 -110.76 -60.29
C SER G 2568 -40.24 -111.91 -60.66
N ASN G 2569 -40.91 -112.50 -59.66
CA ASN G 2569 -41.60 -113.79 -59.82
C ASN G 2569 -43.15 -113.72 -59.88
N ILE G 2570 -43.70 -112.58 -60.31
CA ILE G 2570 -45.16 -112.38 -60.39
C ILE G 2570 -45.59 -111.86 -61.80
N ILE G 2571 -46.59 -112.52 -62.41
CA ILE G 2571 -47.10 -112.21 -63.78
C ILE G 2571 -48.55 -111.67 -63.71
N ILE G 2572 -48.86 -110.66 -64.52
CA ILE G 2572 -50.16 -109.94 -64.50
C ILE G 2572 -51.34 -110.78 -65.12
N PRO G 2573 -52.48 -110.92 -64.38
CA PRO G 2573 -53.67 -111.62 -64.96
C PRO G 2573 -54.45 -110.84 -66.07
N GLU G 2574 -55.24 -111.60 -66.84
CA GLU G 2574 -55.99 -111.12 -68.03
C GLU G 2574 -57.00 -109.98 -67.75
N LYS G 2575 -57.68 -110.03 -66.60
CA LYS G 2575 -58.72 -109.03 -66.22
C LYS G 2575 -58.15 -107.59 -66.03
N LEU G 2576 -56.87 -107.51 -65.63
CA LEU G 2576 -56.16 -106.22 -65.51
C LEU G 2576 -55.77 -105.56 -66.87
N GLU G 2577 -55.73 -106.31 -67.97
CA GLU G 2577 -55.23 -105.79 -69.28
C GLU G 2577 -56.11 -104.68 -69.94
N TYR G 2578 -57.44 -104.80 -69.80
CA TYR G 2578 -58.38 -103.75 -70.28
C TYR G 2578 -58.27 -102.44 -69.46
N PHE G 2579 -57.89 -102.57 -68.17
CA PHE G 2579 -57.51 -101.43 -67.29
C PHE G 2579 -56.15 -100.81 -67.69
N ILE G 2580 -55.19 -101.63 -68.15
CA ILE G 2580 -53.89 -101.17 -68.70
C ILE G 2580 -54.13 -100.27 -69.94
N ASN G 2581 -55.11 -100.62 -70.77
CA ASN G 2581 -55.49 -99.83 -71.96
C ASN G 2581 -56.01 -98.41 -71.58
N LYS G 2582 -56.86 -98.37 -70.54
CA LYS G 2582 -57.54 -97.11 -70.13
C LYS G 2582 -56.66 -96.20 -69.24
N TYR G 2583 -55.96 -96.78 -68.25
CA TYR G 2583 -55.07 -95.99 -67.37
C TYR G 2583 -53.74 -95.58 -68.06
N ALA G 2584 -53.32 -96.26 -69.14
CA ALA G 2584 -52.19 -95.80 -69.98
C ALA G 2584 -52.61 -94.69 -70.97
N GLU G 2585 -53.80 -94.85 -71.59
CA GLU G 2585 -54.49 -93.75 -72.33
C GLU G 2585 -54.54 -92.43 -71.51
N HIS G 2586 -54.97 -92.55 -70.25
CA HIS G 2586 -55.04 -91.43 -69.29
C HIS G 2586 -53.66 -90.93 -68.84
N SER G 2587 -52.68 -91.81 -68.70
CA SER G 2587 -51.30 -91.43 -68.31
C SER G 2587 -50.63 -90.56 -69.39
N HIS G 2588 -50.89 -90.91 -70.65
CA HIS G 2588 -50.48 -90.07 -71.80
C HIS G 2588 -51.30 -88.75 -71.90
N ASP G 2589 -52.57 -88.78 -71.49
CA ASP G 2589 -53.40 -87.55 -71.43
C ASP G 2589 -52.91 -86.52 -70.38
N LYS G 2590 -52.36 -86.99 -69.25
CA LYS G 2590 -51.75 -86.12 -68.20
C LYS G 2590 -50.41 -85.51 -68.65
N TRP G 2591 -49.52 -86.37 -69.16
CA TRP G 2591 -48.17 -85.98 -69.62
C TRP G 2591 -48.20 -85.05 -70.88
N SER G 2592 -49.23 -85.21 -71.73
CA SER G 2592 -49.48 -84.34 -72.90
C SER G 2592 -50.17 -83.00 -72.57
N MET G 2593 -51.22 -83.03 -71.74
CA MET G 2593 -51.96 -81.79 -71.35
C MET G 2593 -51.15 -80.82 -70.46
N ASP G 2594 -50.22 -81.36 -69.64
CA ASP G 2594 -49.28 -80.53 -68.85
C ASP G 2594 -48.31 -79.73 -69.73
N LYS G 2595 -47.91 -80.30 -70.88
CA LYS G 2595 -47.07 -79.62 -71.86
C LYS G 2595 -47.87 -78.55 -72.66
N LEU G 2596 -49.15 -78.80 -72.91
CA LEU G 2596 -50.04 -77.82 -73.59
C LEU G 2596 -50.27 -76.53 -72.80
N ALA G 2597 -50.09 -76.57 -71.47
CA ALA G 2597 -50.13 -75.37 -70.64
C ALA G 2597 -48.98 -74.40 -70.99
N ASN G 2598 -47.78 -74.96 -71.17
CA ASN G 2598 -46.64 -74.21 -71.71
C ASN G 2598 -46.78 -74.07 -73.24
N GLY G 2599 -45.88 -73.31 -73.86
CA GLY G 2599 -45.93 -73.06 -75.31
C GLY G 2599 -45.37 -74.18 -76.17
N TRP G 2600 -46.05 -75.33 -76.15
CA TRP G 2600 -45.65 -76.53 -76.90
C TRP G 2600 -46.85 -76.98 -77.77
N ILE G 2601 -46.77 -76.75 -79.09
CA ILE G 2601 -47.83 -77.15 -80.05
C ILE G 2601 -47.28 -78.07 -81.15
N TYR G 2602 -48.16 -78.65 -81.97
CA TYR G 2602 -47.81 -79.80 -82.83
C TYR G 2602 -46.88 -79.48 -84.01
N GLY G 2603 -46.07 -80.48 -84.40
CA GLY G 2603 -45.08 -80.34 -85.50
C GLY G 2603 -44.75 -81.67 -86.19
N GLU G 2604 -43.46 -82.05 -86.23
CA GLU G 2604 -42.99 -83.28 -86.92
C GLU G 2604 -41.69 -84.00 -86.43
N ILE G 2605 -40.68 -83.28 -85.90
CA ILE G 2605 -39.35 -83.86 -85.57
C ILE G 2605 -38.78 -83.51 -84.16
N TYR G 2606 -37.70 -84.20 -83.74
CA TYR G 2606 -37.15 -84.20 -82.34
C TYR G 2606 -35.98 -83.19 -82.13
N SER G 2607 -36.19 -82.17 -81.27
CA SER G 2607 -35.17 -81.12 -80.99
C SER G 2607 -35.44 -80.33 -79.67
N ASP G 2608 -34.82 -79.14 -79.51
CA ASP G 2608 -34.98 -78.30 -78.30
C ASP G 2608 -35.08 -76.76 -78.53
N SER G 2609 -35.30 -76.31 -79.77
CA SER G 2609 -35.27 -74.87 -80.11
C SER G 2609 -36.63 -74.16 -79.94
N SER G 2610 -37.59 -74.49 -80.80
CA SER G 2610 -38.93 -73.85 -80.80
C SER G 2610 -39.97 -74.56 -79.91
N LYS G 2611 -39.55 -75.61 -79.18
CA LYS G 2611 -40.35 -76.29 -78.14
C LYS G 2611 -41.50 -77.15 -78.70
N ILE G 2612 -41.16 -78.38 -79.11
CA ILE G 2612 -42.10 -79.38 -79.66
C ILE G 2612 -41.74 -80.78 -79.07
N GLN G 2613 -42.60 -81.80 -79.23
CA GLN G 2613 -42.30 -83.19 -78.79
C GLN G 2613 -43.02 -84.26 -79.69
N PRO G 2614 -42.27 -85.26 -80.27
CA PRO G 2614 -42.88 -86.36 -81.10
C PRO G 2614 -43.84 -87.36 -80.38
N LEU G 2615 -43.64 -87.56 -79.08
CA LEU G 2615 -44.45 -88.50 -78.27
C LEU G 2615 -45.94 -88.07 -78.14
N MET G 2616 -46.20 -86.76 -78.14
CA MET G 2616 -47.58 -86.20 -78.00
C MET G 2616 -48.48 -86.45 -79.24
N LYS G 2617 -48.97 -87.69 -79.36
CA LYS G 2617 -50.15 -88.02 -80.18
C LYS G 2617 -51.06 -89.09 -79.48
N PRO G 2618 -52.34 -89.23 -79.91
CA PRO G 2618 -53.30 -90.19 -79.29
C PRO G 2618 -52.85 -91.68 -79.21
N TYR G 2619 -53.45 -92.42 -78.28
CA TYR G 2619 -52.98 -93.76 -77.83
C TYR G 2619 -52.77 -94.84 -78.91
N LYS G 2620 -53.51 -94.79 -80.02
CA LYS G 2620 -53.54 -95.90 -81.01
C LYS G 2620 -52.66 -95.75 -82.29
N LEU G 2621 -51.70 -94.82 -82.30
CA LEU G 2621 -50.77 -94.63 -83.46
C LEU G 2621 -49.28 -94.93 -83.19
N LEU G 2622 -48.77 -94.51 -82.03
CA LEU G 2622 -47.34 -94.72 -81.67
C LEU G 2622 -46.93 -96.20 -81.46
N SER G 2623 -45.62 -96.43 -81.34
CA SER G 2623 -45.03 -97.77 -81.11
C SER G 2623 -45.09 -98.19 -79.62
N GLU G 2624 -45.11 -99.52 -79.38
CA GLU G 2624 -45.18 -100.12 -78.02
C GLU G 2624 -44.00 -99.68 -77.09
N LYS G 2625 -42.82 -99.42 -77.68
CA LYS G 2625 -41.63 -98.85 -76.97
C LYS G 2625 -41.90 -97.48 -76.30
N GLU G 2626 -42.66 -96.61 -76.98
CA GLU G 2626 -43.07 -95.31 -76.40
C GLU G 2626 -44.15 -95.46 -75.29
N LYS G 2627 -44.98 -96.52 -75.38
CA LYS G 2627 -45.98 -96.89 -74.32
C LYS G 2627 -45.36 -97.27 -72.94
N GLU G 2628 -44.19 -97.93 -72.97
CA GLU G 2628 -43.58 -98.58 -71.77
C GLU G 2628 -43.09 -97.56 -70.68
N ILE G 2629 -42.75 -96.33 -71.12
CA ILE G 2629 -42.25 -95.22 -70.23
C ILE G 2629 -43.30 -94.86 -69.13
N TYR G 2630 -44.59 -94.93 -69.48
CA TYR G 2630 -45.69 -94.63 -68.54
C TYR G 2630 -46.48 -95.87 -68.05
N ARG G 2631 -46.41 -97.00 -68.78
CA ARG G 2631 -46.89 -98.33 -68.28
C ARG G 2631 -46.13 -98.85 -67.01
N TRP G 2632 -44.82 -98.56 -66.91
CA TRP G 2632 -43.92 -99.14 -65.86
C TRP G 2632 -44.35 -98.90 -64.38
N PRO G 2633 -44.58 -97.61 -63.96
CA PRO G 2633 -45.16 -97.39 -62.59
C PRO G 2633 -46.55 -98.06 -62.36
N ILE G 2634 -47.36 -98.14 -63.43
CA ILE G 2634 -48.73 -98.74 -63.39
C ILE G 2634 -48.65 -100.26 -63.14
N LYS G 2635 -47.77 -100.95 -63.88
CA LYS G 2635 -47.53 -102.40 -63.72
C LYS G 2635 -46.91 -102.74 -62.32
N GLU G 2636 -46.02 -101.86 -61.82
CA GLU G 2636 -45.45 -101.96 -60.44
C GLU G 2636 -46.55 -101.84 -59.34
N SER G 2637 -47.59 -101.03 -59.60
CA SER G 2637 -48.73 -100.82 -58.67
C SER G 2637 -49.66 -102.06 -58.58
N LEU G 2638 -50.05 -102.62 -59.73
CA LEU G 2638 -50.89 -103.83 -59.80
C LEU G 2638 -50.18 -105.10 -59.25
N LYS G 2639 -48.85 -105.17 -59.46
CA LYS G 2639 -47.99 -106.20 -58.82
C LYS G 2639 -47.88 -106.00 -57.29
N THR G 2640 -47.92 -104.74 -56.82
CA THR G 2640 -47.96 -104.43 -55.37
C THR G 2640 -49.27 -104.87 -54.69
N MET G 2641 -50.39 -104.85 -55.43
CA MET G 2641 -51.71 -105.35 -54.94
C MET G 2641 -51.79 -106.90 -54.87
N LEU G 2642 -51.36 -107.56 -55.95
CA LEU G 2642 -51.38 -109.04 -56.06
C LEU G 2642 -50.36 -109.77 -55.14
N ALA G 2643 -49.19 -109.16 -54.91
CA ALA G 2643 -48.18 -109.69 -53.93
C ALA G 2643 -48.70 -109.60 -52.48
N TRP G 2644 -49.45 -108.53 -52.17
CA TRP G 2644 -50.20 -108.39 -50.91
C TRP G 2644 -51.62 -109.04 -50.98
N GLY G 2645 -51.97 -109.57 -52.16
CA GLY G 2645 -53.15 -110.44 -52.35
C GLY G 2645 -54.51 -109.76 -52.15
N TRP G 2646 -54.58 -108.45 -52.45
CA TRP G 2646 -55.85 -107.68 -52.34
C TRP G 2646 -56.86 -108.08 -53.46
N ARG G 2647 -58.15 -108.20 -53.10
CA ARG G 2647 -59.21 -108.58 -54.07
C ARG G 2647 -59.49 -107.49 -55.13
N ILE G 2648 -59.51 -107.89 -56.40
CA ILE G 2648 -59.72 -107.00 -57.58
C ILE G 2648 -60.62 -107.76 -58.58
N GLU G 2649 -61.94 -107.56 -58.47
CA GLU G 2649 -62.92 -108.36 -59.27
C GLU G 2649 -63.87 -107.50 -60.13
N ARG G 2650 -64.22 -108.02 -61.31
CA ARG G 2650 -65.11 -107.34 -62.28
C ARG G 2650 -66.56 -107.23 -61.77
N THR G 2651 -67.24 -106.13 -62.12
CA THR G 2651 -68.64 -105.85 -61.73
C THR G 2651 -69.46 -105.24 -62.88
N ARG G 2652 -70.77 -105.15 -62.70
CA ARG G 2652 -71.71 -104.79 -63.79
C ARG G 2652 -71.76 -103.27 -64.05
N GLU G 2653 -72.21 -102.49 -63.05
CA GLU G 2653 -72.25 -101.02 -63.14
C GLU G 2653 -70.90 -100.41 -62.76
N GLY G 2654 -70.85 -99.07 -62.61
CA GLY G 2654 -69.73 -98.39 -61.96
C GLY G 2654 -68.95 -97.36 -62.77
N ASP G 2655 -68.64 -97.70 -64.04
CA ASP G 2655 -67.72 -96.88 -64.85
C ASP G 2655 -68.18 -95.43 -65.08
N SER G 2656 -67.80 -94.54 -64.16
CA SER G 2656 -68.19 -93.13 -64.19
C SER G 2656 -67.46 -92.31 -65.27
N MET G 2657 -66.31 -92.78 -65.75
CA MET G 2657 -65.60 -92.10 -66.85
C MET G 2657 -66.36 -92.20 -68.19
N ALA G 2658 -67.27 -93.17 -68.28
CA ALA G 2658 -68.25 -93.21 -69.38
C ALA G 2658 -69.27 -92.07 -69.28
N LEU G 2659 -69.74 -91.80 -68.06
CA LEU G 2659 -70.67 -90.69 -67.79
C LEU G 2659 -70.04 -89.29 -68.01
N TYR G 2660 -68.72 -89.19 -67.92
CA TYR G 2660 -68.00 -87.94 -68.24
C TYR G 2660 -68.20 -87.55 -69.70
N ASN G 2661 -68.90 -86.43 -69.93
CA ASN G 2661 -69.21 -85.94 -71.28
C ASN G 2661 -67.97 -85.34 -71.94
N ALA G 2676 -53.62 -77.18 -80.92
CA ALA G 2676 -53.97 -78.60 -81.01
C ALA G 2676 -54.12 -79.06 -82.46
N ALA G 2677 -54.09 -80.38 -82.67
CA ALA G 2677 -54.19 -80.97 -84.00
C ALA G 2677 -54.54 -82.47 -83.97
N HIS G 2678 -54.87 -83.03 -85.15
CA HIS G 2678 -55.24 -84.45 -85.34
C HIS G 2678 -56.48 -84.91 -84.52
N GLY G 2679 -57.42 -83.98 -84.28
CA GLY G 2679 -58.65 -84.28 -83.53
C GLY G 2679 -58.44 -84.68 -82.09
N TYR G 2680 -57.39 -84.17 -81.46
CA TYR G 2680 -57.02 -84.51 -80.09
C TYR G 2680 -57.33 -83.33 -79.17
N SER G 2681 -58.54 -83.34 -78.63
CA SER G 2681 -58.95 -82.42 -77.57
C SER G 2681 -59.08 -83.27 -76.30
N PRO G 2682 -57.94 -83.52 -75.60
CA PRO G 2682 -58.00 -84.38 -74.41
C PRO G 2682 -58.77 -83.73 -73.27
N ARG G 2683 -59.68 -84.49 -72.67
CA ARG G 2683 -60.52 -83.99 -71.56
C ARG G 2683 -59.73 -84.04 -70.25
N ALA G 2684 -59.66 -82.90 -69.55
CA ALA G 2684 -59.05 -82.84 -68.23
C ALA G 2684 -60.01 -83.44 -67.20
N ILE G 2685 -59.72 -84.68 -66.76
CA ILE G 2685 -60.45 -85.30 -65.65
C ILE G 2685 -60.15 -84.45 -64.41
N ASP G 2686 -61.18 -83.88 -63.81
CA ASP G 2686 -61.02 -83.08 -62.59
C ASP G 2686 -60.66 -84.07 -61.48
N MET G 2687 -59.41 -84.00 -61.02
CA MET G 2687 -58.81 -85.06 -60.21
C MET G 2687 -59.35 -85.19 -58.78
N SER G 2688 -60.06 -84.17 -58.30
CA SER G 2688 -60.73 -84.22 -56.99
C SER G 2688 -62.25 -84.40 -57.15
N ASN G 2689 -62.64 -85.49 -57.81
CA ASN G 2689 -64.06 -85.84 -58.06
C ASN G 2689 -64.47 -87.22 -57.51
N VAL G 2690 -63.59 -87.86 -56.72
CA VAL G 2690 -63.76 -89.28 -56.31
C VAL G 2690 -63.61 -89.43 -54.77
N THR G 2691 -64.36 -90.37 -54.18
CA THR G 2691 -64.41 -90.60 -52.71
C THR G 2691 -63.98 -92.03 -52.29
N LEU G 2692 -62.74 -92.17 -51.79
CA LEU G 2692 -62.23 -93.45 -51.25
C LEU G 2692 -62.86 -93.73 -49.86
N SER G 2693 -63.21 -94.99 -49.58
CA SER G 2693 -63.57 -95.43 -48.20
C SER G 2693 -62.29 -95.54 -47.33
N ARG G 2694 -62.44 -95.49 -46.00
CA ARG G 2694 -61.31 -95.59 -45.02
C ARG G 2694 -60.40 -96.84 -45.24
N ASP G 2695 -61.02 -97.94 -45.68
CA ASP G 2695 -60.30 -99.14 -46.16
C ASP G 2695 -59.44 -98.84 -47.41
N LEU G 2696 -60.05 -98.23 -48.44
CA LEU G 2696 -59.36 -97.84 -49.69
C LEU G 2696 -58.32 -96.70 -49.47
N HIS G 2697 -58.59 -95.77 -48.53
CA HIS G 2697 -57.58 -94.73 -48.17
C HIS G 2697 -56.36 -95.31 -47.43
N ALA G 2698 -56.57 -96.37 -46.62
CA ALA G 2698 -55.47 -97.15 -46.03
C ALA G 2698 -54.67 -97.95 -47.10
N MET G 2699 -55.36 -98.40 -48.16
CA MET G 2699 -54.73 -99.07 -49.33
C MET G 2699 -53.82 -98.12 -50.14
N ALA G 2700 -54.26 -96.86 -50.32
CA ALA G 2700 -53.42 -95.78 -50.91
C ALA G 2700 -52.23 -95.39 -50.00
N GLU G 2701 -52.43 -95.48 -48.68
CA GLU G 2701 -51.38 -95.25 -47.67
C GLU G 2701 -50.23 -96.30 -47.75
N MET G 2702 -50.61 -97.56 -48.01
CA MET G 2702 -49.62 -98.68 -48.09
C MET G 2702 -48.98 -98.88 -49.49
N MET G 2703 -49.70 -98.54 -50.57
CA MET G 2703 -49.12 -98.46 -51.93
C MET G 2703 -48.10 -97.30 -52.06
N ALA G 2704 -48.39 -96.17 -51.40
CA ALA G 2704 -47.43 -95.06 -51.25
C ALA G 2704 -46.22 -95.44 -50.37
N GLU G 2705 -46.43 -96.29 -49.34
CA GLU G 2705 -45.32 -96.92 -48.57
C GLU G 2705 -44.36 -97.73 -49.49
N ASN G 2706 -44.93 -98.45 -50.46
CA ASN G 2706 -44.14 -99.21 -51.47
C ASN G 2706 -43.41 -98.33 -52.51
N TYR G 2707 -44.00 -97.17 -52.87
CA TYR G 2707 -43.31 -96.14 -53.70
C TYR G 2707 -42.09 -95.53 -52.99
N HIS G 2708 -42.19 -95.36 -51.66
CA HIS G 2708 -41.12 -94.82 -50.81
C HIS G 2708 -39.93 -95.82 -50.66
N ASN G 2709 -40.23 -97.10 -50.37
CA ASN G 2709 -39.18 -98.15 -50.26
C ASN G 2709 -38.52 -98.56 -51.61
N ILE G 2710 -39.25 -98.45 -52.73
CA ILE G 2710 -38.69 -98.72 -54.10
C ILE G 2710 -37.82 -97.56 -54.65
N TRP G 2711 -38.36 -96.33 -54.62
CA TRP G 2711 -37.62 -95.10 -55.02
C TRP G 2711 -36.39 -94.82 -54.11
N ALA G 2712 -36.46 -95.24 -52.84
CA ALA G 2712 -35.34 -95.07 -51.88
C ALA G 2712 -34.38 -96.27 -51.71
N LYS G 2713 -34.64 -97.43 -52.37
CA LYS G 2713 -33.71 -98.60 -52.34
C LYS G 2713 -32.38 -98.31 -53.05
N LYS G 2714 -32.48 -97.76 -54.27
CA LYS G 2714 -31.33 -97.31 -55.07
C LYS G 2714 -30.54 -96.17 -54.36
N LYS G 2715 -31.25 -95.30 -53.64
CA LYS G 2715 -30.67 -94.20 -52.84
C LYS G 2715 -29.86 -94.69 -51.60
N LYS G 2716 -30.32 -95.75 -50.92
CA LYS G 2716 -29.60 -96.32 -49.74
C LYS G 2716 -28.39 -97.21 -50.12
N LEU G 2717 -28.53 -98.00 -51.19
CA LEU G 2717 -27.40 -98.79 -51.77
C LEU G 2717 -26.29 -97.87 -52.34
N GLU G 2718 -26.66 -96.65 -52.78
CA GLU G 2718 -25.70 -95.61 -53.24
C GLU G 2718 -24.95 -94.89 -52.07
N LEU G 2719 -25.66 -94.53 -50.99
CA LEU G 2719 -25.13 -93.59 -49.96
C LEU G 2719 -23.97 -94.09 -49.06
N GLU G 2720 -24.02 -95.36 -48.63
CA GLU G 2720 -23.12 -95.85 -47.55
C GLU G 2720 -21.66 -96.15 -47.97
N SER G 2721 -21.34 -96.06 -49.28
CA SER G 2721 -19.98 -96.35 -49.78
C SER G 2721 -19.12 -95.11 -50.06
N LYS G 2722 -19.70 -94.07 -50.68
CA LYS G 2722 -18.97 -92.84 -51.05
C LYS G 2722 -18.30 -92.16 -49.85
N GLY G 2723 -19.10 -91.81 -48.85
CA GLY G 2723 -18.61 -91.20 -47.61
C GLY G 2723 -19.60 -91.21 -46.46
N GLY G 2724 -20.24 -92.37 -46.25
CA GLY G 2724 -21.26 -92.52 -45.21
C GLY G 2724 -22.40 -91.55 -45.39
N GLY G 2725 -22.33 -90.42 -44.68
CA GLY G 2725 -23.23 -89.29 -44.89
C GLY G 2725 -24.69 -89.55 -44.55
N ASN G 2726 -25.55 -88.69 -45.08
CA ASN G 2726 -26.99 -88.75 -44.81
C ASN G 2726 -27.80 -87.85 -45.76
N HIS G 2727 -29.10 -88.14 -45.88
CA HIS G 2727 -30.07 -87.33 -46.66
C HIS G 2727 -31.43 -87.29 -45.88
N PRO G 2728 -32.21 -86.16 -45.95
CA PRO G 2728 -33.50 -85.99 -45.20
C PRO G 2728 -34.62 -87.05 -45.44
N LEU G 2729 -34.76 -87.51 -46.69
CA LEU G 2729 -35.72 -88.56 -47.11
C LEU G 2729 -35.45 -90.01 -46.60
N LEU G 2730 -34.25 -90.29 -46.04
CA LEU G 2730 -33.85 -91.67 -45.62
C LEU G 2730 -34.50 -92.16 -44.28
N VAL G 2731 -35.84 -92.07 -44.22
CA VAL G 2731 -36.65 -92.37 -42.99
C VAL G 2731 -37.95 -93.18 -43.39
N PRO G 2732 -38.57 -93.96 -42.45
CA PRO G 2732 -39.85 -94.68 -42.77
C PRO G 2732 -41.03 -93.75 -43.17
N TYR G 2733 -41.89 -94.22 -44.09
CA TYR G 2733 -42.95 -93.42 -44.77
C TYR G 2733 -43.89 -92.62 -43.81
N ASP G 2734 -44.26 -93.25 -42.68
CA ASP G 2734 -45.08 -92.60 -41.62
C ASP G 2734 -44.33 -91.49 -40.83
N THR G 2735 -43.01 -91.61 -40.71
CA THR G 2735 -42.14 -90.61 -40.02
C THR G 2735 -42.04 -89.25 -40.77
N LEU G 2736 -42.27 -89.27 -42.09
CA LEU G 2736 -42.12 -88.09 -42.98
C LEU G 2736 -43.06 -86.90 -42.63
N THR G 2737 -42.53 -85.66 -42.76
CA THR G 2737 -43.35 -84.43 -42.67
C THR G 2737 -44.31 -84.37 -43.88
N ALA G 2738 -45.45 -83.69 -43.73
CA ALA G 2738 -46.55 -83.65 -44.75
C ALA G 2738 -46.11 -83.23 -46.18
N LYS G 2739 -45.17 -82.28 -46.26
CA LYS G 2739 -44.54 -81.83 -47.54
C LYS G 2739 -43.67 -82.94 -48.21
N GLU G 2740 -42.94 -83.71 -47.39
CA GLU G 2740 -42.17 -84.89 -47.84
C GLU G 2740 -43.07 -86.07 -48.35
N LYS G 2741 -44.27 -86.22 -47.74
CA LYS G 2741 -45.28 -87.21 -48.18
C LYS G 2741 -45.92 -86.90 -49.55
N ALA G 2742 -45.93 -85.63 -49.98
CA ALA G 2742 -46.79 -85.13 -51.10
C ALA G 2742 -46.62 -85.79 -52.51
N LYS G 2743 -45.37 -85.84 -53.00
CA LYS G 2743 -45.03 -86.27 -54.40
C LYS G 2743 -45.47 -87.70 -54.76
N ASP G 2744 -45.16 -88.67 -53.88
CA ASP G 2744 -45.60 -90.07 -54.05
C ASP G 2744 -47.11 -90.26 -53.83
N ARG G 2745 -47.71 -89.54 -52.85
CA ARG G 2745 -49.17 -89.67 -52.54
C ARG G 2745 -50.05 -89.24 -53.74
N GLU G 2746 -49.65 -88.16 -54.42
CA GLU G 2746 -50.33 -87.66 -55.65
C GLU G 2746 -50.33 -88.73 -56.77
N LYS G 2747 -49.27 -89.55 -56.83
CA LYS G 2747 -49.17 -90.71 -57.75
C LYS G 2747 -50.05 -91.89 -57.27
N ALA G 2748 -49.99 -92.20 -55.96
CA ALA G 2748 -50.80 -93.30 -55.37
C ALA G 2748 -52.31 -93.02 -55.42
N GLN G 2749 -52.72 -91.80 -55.04
CA GLN G 2749 -54.15 -91.43 -55.07
C GLN G 2749 -54.69 -91.28 -56.52
N ASP G 2750 -53.78 -90.95 -57.46
CA ASP G 2750 -54.11 -90.98 -58.89
C ASP G 2750 -54.50 -92.39 -59.38
N ILE G 2751 -53.84 -93.44 -58.89
CA ILE G 2751 -54.15 -94.82 -59.39
C ILE G 2751 -55.45 -95.43 -58.84
N LEU G 2752 -55.66 -95.42 -57.51
CA LEU G 2752 -56.84 -96.07 -56.88
C LEU G 2752 -58.19 -95.38 -57.24
N LYS G 2753 -58.18 -94.05 -57.31
CA LYS G 2753 -59.35 -93.26 -57.78
C LYS G 2753 -59.72 -93.62 -59.25
N PHE G 2754 -58.70 -93.84 -60.10
CA PHE G 2754 -58.91 -94.26 -61.50
C PHE G 2754 -59.55 -95.67 -61.59
N LEU G 2755 -59.27 -96.53 -60.59
CA LEU G 2755 -59.99 -97.82 -60.42
C LEU G 2755 -61.50 -97.54 -60.12
N GLN G 2756 -61.77 -96.68 -59.15
CA GLN G 2756 -63.16 -96.31 -58.76
C GLN G 2756 -63.98 -95.62 -59.88
N ILE G 2757 -63.34 -94.77 -60.70
CA ILE G 2757 -64.06 -94.16 -61.85
C ILE G 2757 -64.32 -95.15 -63.01
N ASN G 2758 -63.47 -96.18 -63.16
CA ASN G 2758 -63.72 -97.28 -64.14
C ASN G 2758 -64.50 -98.46 -63.50
N GLY G 2759 -64.86 -98.35 -62.21
CA GLY G 2759 -65.76 -99.30 -61.53
C GLY G 2759 -65.12 -100.54 -60.87
N TYR G 2760 -63.78 -100.66 -60.90
CA TYR G 2760 -63.08 -101.80 -60.29
C TYR G 2760 -63.25 -101.84 -58.75
N ALA G 2761 -63.97 -102.84 -58.25
CA ALA G 2761 -64.09 -103.08 -56.80
C ALA G 2761 -62.75 -103.66 -56.30
N VAL G 2762 -62.18 -103.03 -55.26
CA VAL G 2762 -60.89 -103.43 -54.67
C VAL G 2762 -60.92 -103.31 -53.14
N SER G 2763 -60.39 -104.31 -52.44
CA SER G 2763 -60.44 -104.38 -50.96
C SER G 2763 -59.41 -105.34 -50.33
N ARG G 2764 -59.35 -105.35 -48.99
CA ARG G 2764 -58.60 -106.36 -48.21
C ARG G 2764 -59.49 -107.56 -47.88
N GLY G 2765 -58.88 -108.63 -47.36
CA GLY G 2765 -59.61 -109.83 -46.94
C GLY G 2765 -60.32 -109.63 -45.61
N UNK G 2766 -74.77 -104.11 -32.37
CA UNK G 2766 -74.64 -104.12 -33.82
C UNK G 2766 -74.49 -105.54 -34.36
N UNK G 2767 -74.76 -105.71 -35.65
CA UNK G 2767 -74.59 -106.99 -36.34
C UNK G 2767 -73.11 -107.38 -36.44
N UNK G 2768 -72.25 -106.38 -36.66
CA UNK G 2768 -70.81 -106.56 -36.60
C UNK G 2768 -70.34 -106.93 -35.20
N UNK G 2769 -70.90 -106.27 -34.20
CA UNK G 2769 -70.66 -106.60 -32.78
C UNK G 2769 -71.18 -107.99 -32.43
N UNK G 2770 -72.33 -108.37 -33.01
CA UNK G 2770 -72.91 -109.70 -32.84
C UNK G 2770 -72.03 -110.79 -33.46
N UNK G 2771 -71.50 -110.51 -34.65
CA UNK G 2771 -70.56 -111.40 -35.32
C UNK G 2771 -69.21 -111.46 -34.58
N UNK G 2772 -68.72 -110.30 -34.15
CA UNK G 2772 -67.45 -110.19 -33.42
C UNK G 2772 -67.48 -110.85 -32.03
N UNK G 2773 -68.66 -110.93 -31.42
CA UNK G 2773 -68.83 -111.55 -30.10
C UNK G 2773 -68.53 -113.06 -30.10
N UNK G 2774 -68.76 -113.73 -31.22
CA UNK G 2774 -68.49 -115.17 -31.35
C UNK G 2774 -67.00 -115.54 -31.26
N UNK G 2775 -66.11 -114.59 -31.56
CA UNK G 2775 -64.66 -114.82 -31.53
C UNK G 2775 -64.12 -115.07 -30.12
N UNK G 2776 -64.43 -114.15 -29.20
CA UNK G 2776 -63.97 -114.24 -27.82
C UNK G 2776 -64.56 -115.45 -27.08
N UNK G 2777 -65.81 -115.79 -27.41
CA UNK G 2777 -66.47 -116.97 -26.84
C UNK G 2777 -65.83 -118.28 -27.31
N UNK G 2778 -65.48 -118.34 -28.59
CA UNK G 2778 -64.82 -119.53 -29.17
C UNK G 2778 -63.44 -119.81 -28.59
N UNK G 2779 -62.73 -118.75 -28.19
CA UNK G 2779 -61.42 -118.87 -27.56
C UNK G 2779 -61.46 -119.62 -26.23
N UNK G 2780 -62.49 -119.36 -25.44
CA UNK G 2780 -62.68 -120.02 -24.14
C UNK G 2780 -63.01 -121.51 -24.26
N UNK G 2781 -63.69 -121.89 -25.35
CA UNK G 2781 -64.11 -123.28 -25.57
C UNK G 2781 -62.95 -124.28 -25.74
N UNK G 2782 -61.87 -123.82 -26.37
CA UNK G 2782 -60.71 -124.69 -26.65
C UNK G 2782 -59.95 -125.11 -25.40
N UNK G 2783 -59.72 -124.16 -24.50
CA UNK G 2783 -58.94 -124.41 -23.28
C UNK G 2783 -59.66 -125.23 -22.20
N UNK G 2784 -60.97 -125.40 -22.33
CA UNK G 2784 -61.79 -126.15 -21.36
C UNK G 2784 -61.32 -127.58 -21.09
N UNK G 2785 -60.78 -128.23 -22.11
CA UNK G 2785 -60.28 -129.61 -21.99
C UNK G 2785 -59.10 -129.72 -21.02
N UNK G 2786 -58.20 -128.75 -21.07
CA UNK G 2786 -57.02 -128.72 -20.20
C UNK G 2786 -57.32 -128.44 -18.73
N UNK G 2787 -58.47 -127.82 -18.45
CA UNK G 2787 -58.88 -127.50 -17.07
C UNK G 2787 -59.06 -128.74 -16.22
N UNK G 2788 -59.81 -129.70 -16.74
CA UNK G 2788 -59.97 -131.01 -16.11
C UNK G 2788 -58.68 -131.81 -16.22
N UNK G 2789 -58.09 -131.81 -17.42
CA UNK G 2789 -56.84 -132.53 -17.69
C UNK G 2789 -55.62 -131.79 -17.17
N UNK G 2790 -52.30 -118.49 -10.88
CA UNK G 2790 -51.59 -117.40 -11.53
C UNK G 2790 -52.29 -117.03 -12.83
N UNK G 2791 -52.47 -118.04 -13.69
CA UNK G 2791 -53.26 -117.90 -14.91
C UNK G 2791 -54.77 -118.01 -14.64
N UNK G 2792 -55.15 -118.44 -13.44
CA UNK G 2792 -56.56 -118.52 -13.03
C UNK G 2792 -57.27 -117.17 -12.97
N UNK G 2793 -56.52 -116.08 -12.80
CA UNK G 2793 -57.08 -114.73 -12.81
C UNK G 2793 -57.58 -114.33 -14.20
N UNK G 2794 -56.81 -114.70 -15.23
CA UNK G 2794 -57.16 -114.41 -16.62
C UNK G 2794 -58.43 -115.11 -17.12
N UNK G 2795 -58.77 -116.26 -16.52
CA UNK G 2795 -59.93 -117.05 -16.92
C UNK G 2795 -61.25 -116.37 -16.56
N UNK G 2796 -61.40 -116.01 -15.28
CA UNK G 2796 -62.64 -115.42 -14.76
C UNK G 2796 -62.90 -113.99 -15.22
N UNK G 2797 -61.85 -113.27 -15.62
CA UNK G 2797 -61.97 -111.88 -16.08
C UNK G 2797 -62.71 -111.76 -17.42
N UNK G 2798 -62.38 -112.64 -18.35
CA UNK G 2798 -63.05 -112.69 -19.66
C UNK G 2798 -64.51 -113.14 -19.57
N UNK G 2799 -64.82 -114.00 -18.61
CA UNK G 2799 -66.20 -114.44 -18.34
C UNK G 2799 -67.09 -113.30 -17.85
N UNK G 2800 -66.55 -112.46 -16.97
CA UNK G 2800 -67.27 -111.30 -16.41
C UNK G 2800 -67.77 -110.30 -17.46
N UNK G 2801 -67.02 -110.15 -18.56
CA UNK G 2801 -67.38 -109.22 -19.64
C UNK G 2801 -68.68 -109.57 -20.38
N UNK G 2802 -69.06 -110.85 -20.39
CA UNK G 2802 -70.24 -111.32 -21.12
C UNK G 2802 -71.56 -110.74 -20.58
N UNK G 2803 -71.73 -110.78 -19.27
CA UNK G 2803 -72.92 -110.21 -18.61
C UNK G 2803 -72.92 -108.68 -18.65
N UNK G 2804 -71.75 -108.08 -18.50
CA UNK G 2804 -71.60 -106.61 -18.52
C UNK G 2804 -71.81 -106.03 -19.92
N UNK G 2805 -71.19 -106.64 -20.92
CA UNK G 2805 -71.33 -106.22 -22.32
C UNK G 2805 -72.74 -106.42 -22.86
N UNK G 2806 -73.47 -107.39 -22.30
CA UNK G 2806 -74.91 -107.55 -22.58
C UNK G 2806 -75.69 -106.30 -22.18
N UNK G 2807 -75.36 -105.74 -21.01
CA UNK G 2807 -75.92 -104.46 -20.57
C UNK G 2807 -75.34 -103.28 -21.37
N UNK G 2808 -74.04 -103.34 -21.66
CA UNK G 2808 -73.34 -102.25 -22.38
C UNK G 2808 -73.77 -102.11 -23.85
N UNK G 2809 -74.04 -103.22 -24.52
CA UNK G 2809 -74.41 -103.20 -25.94
C UNK G 2809 -75.81 -102.63 -26.14
N UNK G 2810 -83.38 -112.30 -27.20
CA UNK G 2810 -83.83 -113.01 -26.00
C UNK G 2810 -82.95 -114.22 -25.74
N UNK G 2811 -82.86 -115.10 -26.73
CA UNK G 2811 -82.02 -116.30 -26.64
C UNK G 2811 -80.53 -115.94 -26.64
N UNK G 2812 -80.15 -114.99 -27.49
CA UNK G 2812 -78.79 -114.45 -27.52
C UNK G 2812 -78.47 -113.66 -26.26
N UNK G 2813 -79.44 -112.91 -25.75
CA UNK G 2813 -79.31 -112.19 -24.48
C UNK G 2813 -79.15 -113.16 -23.31
N UNK G 2814 -79.89 -114.26 -23.34
CA UNK G 2814 -79.75 -115.34 -22.37
C UNK G 2814 -78.38 -116.01 -22.49
N UNK G 2815 -77.96 -116.28 -23.72
CA UNK G 2815 -76.64 -116.84 -24.00
C UNK G 2815 -75.50 -115.90 -23.62
N UNK G 2816 -75.72 -114.60 -23.79
CA UNK G 2816 -74.74 -113.58 -23.39
C UNK G 2816 -74.55 -113.54 -21.88
N UNK G 2817 -75.65 -113.63 -21.15
CA UNK G 2817 -75.62 -113.71 -19.69
C UNK G 2817 -75.09 -115.07 -19.20
N UNK G 2818 -75.45 -116.14 -19.90
CA UNK G 2818 -75.08 -117.51 -19.51
C UNK G 2818 -73.58 -117.82 -19.59
N UNK G 2819 -72.85 -117.10 -20.44
CA UNK G 2819 -71.40 -117.29 -20.60
C UNK G 2819 -70.60 -116.96 -19.33
N UNK G 2820 -71.07 -115.98 -18.56
CA UNK G 2820 -70.40 -115.57 -17.31
C UNK G 2820 -70.58 -116.57 -16.17
N UNK G 2821 -71.81 -117.06 -16.00
CA UNK G 2821 -72.18 -117.90 -14.84
C UNK G 2821 -71.56 -119.30 -14.86
N UNK G 2822 -71.58 -119.93 -16.02
CA UNK G 2822 -71.02 -121.29 -16.18
C UNK G 2822 -69.49 -121.34 -16.02
N UNK G 2823 -68.81 -120.21 -16.24
CA UNK G 2823 -67.35 -120.12 -16.10
C UNK G 2823 -66.84 -120.44 -14.68
N UNK G 2824 -67.55 -119.96 -13.65
CA UNK G 2824 -67.18 -120.16 -12.22
C UNK G 2824 -67.16 -121.66 -11.78
N UNK G 2825 -68.11 -122.44 -12.33
CA UNK G 2825 -68.21 -123.89 -12.05
C UNK G 2825 -66.98 -124.70 -12.56
N UNK G 2826 -66.36 -124.21 -13.65
CA UNK G 2826 -65.12 -124.79 -14.21
C UNK G 2826 -63.88 -124.64 -13.30
N UNK G 2827 -63.91 -123.67 -12.37
CA UNK G 2827 -62.81 -123.44 -11.38
C UNK G 2827 -62.72 -124.53 -10.29
N UNK G 2828 -63.86 -124.93 -9.72
CA UNK G 2828 -63.94 -126.06 -8.76
C UNK G 2828 -63.56 -127.41 -9.41
N UNK G 2829 -63.93 -127.58 -10.69
CA UNK G 2829 -63.49 -128.72 -11.53
C UNK G 2829 -61.95 -128.74 -11.74
N UNK G 2830 -61.35 -127.56 -11.87
CA UNK G 2830 -59.88 -127.39 -11.91
C UNK G 2830 -59.20 -127.74 -10.56
N UNK G 2831 -59.88 -127.49 -9.45
CA UNK G 2831 -59.44 -127.93 -8.10
C UNK G 2831 -59.54 -129.46 -7.91
N UNK G 2832 -60.56 -130.08 -8.53
CA UNK G 2832 -60.81 -131.52 -8.36
C UNK G 2832 -61.72 -132.05 -9.47
N UNK G 2833 -51.66 -119.93 -8.36
CA UNK G 2833 -51.62 -118.84 -7.39
C UNK G 2833 -52.97 -118.66 -6.69
N UNK G 2834 -52.93 -118.42 -5.37
CA UNK G 2834 -54.15 -118.21 -4.55
C UNK G 2834 -54.75 -116.81 -4.76
N UNK G 2835 -53.88 -115.80 -4.85
CA UNK G 2835 -54.28 -114.37 -5.04
C UNK G 2835 -55.06 -114.13 -6.35
N UNK G 2836 -54.70 -114.90 -7.40
CA UNK G 2836 -55.41 -114.88 -8.71
C UNK G 2836 -56.92 -115.20 -8.61
N UNK G 2837 -57.26 -116.14 -7.71
CA UNK G 2837 -58.66 -116.52 -7.43
C UNK G 2837 -59.48 -115.33 -6.86
N UNK G 2838 -58.85 -114.50 -6.04
CA UNK G 2838 -59.46 -113.27 -5.48
C UNK G 2838 -59.85 -112.24 -6.58
N UNK G 2839 -59.09 -112.22 -7.68
CA UNK G 2839 -59.39 -111.38 -8.86
C UNK G 2839 -60.76 -111.72 -9.50
N UNK G 2840 -61.13 -113.01 -9.48
CA UNK G 2840 -62.47 -113.46 -9.92
C UNK G 2840 -63.60 -112.92 -9.01
N UNK G 2841 -63.35 -112.89 -7.69
CA UNK G 2841 -64.34 -112.48 -6.66
C UNK G 2841 -64.85 -111.02 -6.83
N UNK G 2842 -63.99 -110.13 -7.31
CA UNK G 2842 -64.36 -108.74 -7.69
C UNK G 2842 -64.99 -108.67 -9.11
N UNK G 2843 -64.42 -109.44 -10.04
CA UNK G 2843 -64.85 -109.45 -11.47
C UNK G 2843 -66.30 -109.95 -11.70
N UNK G 2844 -66.74 -110.94 -10.90
CA UNK G 2844 -68.11 -111.51 -11.00
C UNK G 2844 -69.20 -110.67 -10.29
N UNK G 2845 -68.90 -110.22 -9.05
CA UNK G 2845 -69.82 -109.40 -8.24
C UNK G 2845 -70.16 -108.03 -8.88
N UNK G 2846 -69.13 -107.39 -9.48
CA UNK G 2846 -69.31 -106.14 -10.26
C UNK G 2846 -70.22 -106.37 -11.50
N UNK G 2847 -70.09 -107.55 -12.13
CA UNK G 2847 -70.96 -107.96 -13.26
C UNK G 2847 -72.44 -108.14 -12.84
N UNK G 2848 -72.67 -108.57 -11.58
CA UNK G 2848 -74.02 -108.61 -11.00
C UNK G 2848 -74.63 -107.19 -10.90
N UNK G 2849 -73.78 -106.20 -10.54
CA UNK G 2849 -74.17 -104.77 -10.56
C UNK G 2849 -74.47 -104.28 -12.00
N UNK G 2850 -73.73 -104.82 -12.99
CA UNK G 2850 -74.01 -104.56 -14.42
C UNK G 2850 -75.41 -105.05 -14.84
N UNK G 2851 -75.85 -106.19 -14.29
CA UNK G 2851 -77.19 -106.75 -14.52
C UNK G 2851 -78.31 -105.85 -13.93
N UNK G 2852 -78.00 -105.18 -12.82
CA UNK G 2852 -78.92 -104.22 -12.16
C UNK G 2852 -79.18 -102.95 -13.00
N UNK G 2853 -78.24 -102.58 -13.88
CA UNK G 2853 -78.33 -101.37 -14.72
C UNK G 2853 -79.53 -101.43 -15.69
N UNK G 2854 -79.56 -102.47 -16.50
CA UNK G 2854 -80.66 -102.71 -17.44
C UNK G 2854 -81.86 -103.31 -16.73
N UNK G 2855 -80.47 -125.12 -19.29
CA UNK G 2855 -81.68 -125.49 -18.56
C UNK G 2855 -81.42 -125.50 -17.06
N UNK G 2856 -80.41 -126.27 -16.65
CA UNK G 2856 -79.97 -126.33 -15.25
C UNK G 2856 -78.47 -126.63 -15.15
N UNK G 2857 -77.69 -125.94 -15.98
CA UNK G 2857 -76.24 -126.14 -16.05
C UNK G 2857 -75.50 -125.36 -14.96
N UNK G 2858 -75.99 -124.16 -14.65
CA UNK G 2858 -75.36 -123.28 -13.66
C UNK G 2858 -75.48 -123.76 -12.21
N UNK G 2859 -76.39 -124.69 -11.94
CA UNK G 2859 -76.55 -125.30 -10.60
C UNK G 2859 -75.29 -126.03 -10.09
N UNK G 2860 -74.45 -126.49 -11.01
CA UNK G 2860 -73.16 -127.11 -10.66
C UNK G 2860 -72.18 -126.18 -9.94
N UNK G 2861 -72.28 -124.87 -10.20
CA UNK G 2861 -71.44 -123.87 -9.53
C UNK G 2861 -71.73 -123.81 -8.02
N UNK G 2862 -73.01 -123.75 -7.68
CA UNK G 2862 -73.45 -123.68 -6.28
C UNK G 2862 -73.33 -125.00 -5.52
N UNK G 2863 -73.54 -126.11 -6.22
CA UNK G 2863 -73.49 -127.45 -5.60
C UNK G 2863 -72.09 -127.82 -5.07
N UNK G 2864 -71.04 -127.37 -5.75
CA UNK G 2864 -69.66 -127.59 -5.31
C UNK G 2864 -69.31 -126.86 -4.01
N UNK G 2865 -69.94 -125.70 -3.79
CA UNK G 2865 -69.70 -124.89 -2.60
C UNK G 2865 -70.25 -125.51 -1.32
N UNK G 2866 -71.46 -126.04 -1.39
CA UNK G 2866 -72.15 -126.63 -0.22
C UNK G 2866 -71.37 -127.79 0.40
N UNK G 2867 -70.84 -128.66 -0.46
CA UNK G 2867 -70.02 -129.79 -0.02
C UNK G 2867 -68.63 -129.33 0.46
N UNK G 2868 -68.01 -128.43 -0.31
CA UNK G 2868 -66.69 -127.90 0.03
C UNK G 2868 -66.70 -127.00 1.28
N UNK G 2869 -67.86 -126.44 1.61
CA UNK G 2869 -68.07 -125.76 2.90
C UNK G 2869 -68.06 -126.78 4.05
N UNK G 2870 -68.74 -127.92 3.85
CA UNK G 2870 -68.70 -129.03 4.81
C UNK G 2870 -67.33 -129.72 4.86
N UNK G 2871 -66.60 -129.69 3.74
CA UNK G 2871 -65.20 -130.15 3.69
C UNK G 2871 -64.28 -129.31 4.57
N UNK G 2872 -64.60 -128.02 4.74
CA UNK G 2872 -63.92 -127.17 5.72
C UNK G 2872 -64.15 -127.69 7.14
N UNK G 2873 -65.41 -128.04 7.45
CA UNK G 2873 -65.76 -128.63 8.74
C UNK G 2873 -65.13 -130.01 8.94
N UNK G 2874 -65.02 -130.79 7.87
CA UNK G 2874 -64.36 -132.10 7.90
C UNK G 2874 -62.86 -131.95 8.09
N UNK G 2875 -62.23 -131.17 7.21
CA UNK G 2875 -60.79 -130.90 7.24
C UNK G 2875 -60.53 -129.40 7.30
N UNK G 2876 -63.21 -124.78 0.96
CA UNK G 2876 -63.49 -124.19 2.26
C UNK G 2876 -63.66 -122.68 2.14
N UNK G 2877 -62.59 -122.00 1.73
CA UNK G 2877 -62.62 -120.56 1.45
C UNK G 2877 -63.09 -120.32 0.02
N UNK G 2878 -62.53 -121.09 -0.91
CA UNK G 2878 -63.00 -121.12 -2.31
C UNK G 2878 -64.42 -121.69 -2.43
N UNK G 2879 -64.83 -122.49 -1.45
CA UNK G 2879 -66.22 -122.93 -1.32
C UNK G 2879 -67.13 -121.73 -1.10
N UNK G 2880 -66.80 -120.92 -0.09
CA UNK G 2880 -67.55 -119.69 0.21
C UNK G 2880 -67.52 -118.68 -0.95
N UNK G 2881 -66.41 -118.64 -1.68
CA UNK G 2881 -66.26 -117.77 -2.85
C UNK G 2881 -67.12 -118.21 -4.04
N UNK G 2882 -67.18 -119.53 -4.28
CA UNK G 2882 -67.97 -120.09 -5.38
C UNK G 2882 -69.48 -119.87 -5.22
N UNK G 2883 -69.96 -119.93 -3.99
CA UNK G 2883 -71.36 -119.66 -3.67
C UNK G 2883 -71.73 -118.19 -3.81
N UNK G 2884 -70.85 -117.31 -3.28
CA UNK G 2884 -71.08 -115.87 -3.27
C UNK G 2884 -71.21 -115.24 -4.66
N UNK G 2885 -70.50 -115.79 -5.64
CA UNK G 2885 -70.61 -115.36 -7.04
C UNK G 2885 -72.01 -115.64 -7.59
N UNK G 2886 -72.53 -116.83 -7.31
CA UNK G 2886 -73.90 -117.22 -7.67
C UNK G 2886 -74.95 -116.46 -6.85
N UNK G 2887 -74.67 -116.27 -5.56
CA UNK G 2887 -75.57 -115.53 -4.65
C UNK G 2887 -75.70 -114.06 -5.01
N UNK G 2888 -74.59 -113.45 -5.44
CA UNK G 2888 -74.58 -112.06 -5.92
C UNK G 2888 -75.42 -111.89 -7.19
N UNK G 2889 -75.31 -112.88 -8.09
CA UNK G 2889 -76.10 -112.90 -9.31
C UNK G 2889 -77.59 -113.17 -9.05
N UNK G 2890 -77.89 -114.01 -8.05
CA UNK G 2890 -79.27 -114.34 -7.66
C UNK G 2890 -80.10 -113.14 -7.20
N UNK G 2891 -79.44 -112.14 -6.62
CA UNK G 2891 -80.10 -110.91 -6.16
C UNK G 2891 -80.56 -110.03 -7.33
N UNK G 2892 -79.68 -109.85 -8.32
CA UNK G 2892 -79.95 -108.98 -9.49
C UNK G 2892 -81.18 -109.39 -10.30
N UNK G 2893 -81.48 -110.70 -10.32
CA UNK G 2893 -82.67 -111.22 -10.99
C UNK G 2893 -83.97 -110.73 -10.36
N UNK G 2894 -84.00 -110.66 -9.02
CA UNK G 2894 -85.19 -110.22 -8.28
C UNK G 2894 -85.49 -108.73 -8.50
N UNK G 2895 -84.45 -107.90 -8.49
CA UNK G 2895 -84.60 -106.46 -8.67
C UNK G 2895 -84.87 -106.10 -10.13
N UNK G 2896 -83.92 -106.44 -11.01
CA UNK G 2896 -84.01 -106.10 -12.44
C UNK G 2896 -84.95 -107.07 -13.15
N UNK G 2897 -83.68 -123.96 -13.04
CA UNK G 2897 -84.56 -122.93 -12.49
C UNK G 2897 -85.28 -123.46 -11.25
N UNK G 2898 -86.01 -124.55 -11.44
CA UNK G 2898 -86.73 -125.22 -10.34
C UNK G 2898 -85.76 -125.95 -9.42
N UNK G 2899 -84.76 -126.62 -10.01
CA UNK G 2899 -83.73 -127.34 -9.25
C UNK G 2899 -82.83 -126.44 -8.41
N UNK G 2900 -82.70 -125.17 -8.80
CA UNK G 2900 -81.94 -124.18 -8.04
C UNK G 2900 -82.49 -123.96 -6.62
N UNK G 2901 -83.82 -123.95 -6.50
CA UNK G 2901 -84.48 -123.75 -5.20
C UNK G 2901 -84.36 -124.95 -4.25
N UNK G 2902 -84.37 -126.16 -4.80
CA UNK G 2902 -84.39 -127.40 -4.00
C UNK G 2902 -83.10 -127.69 -3.25
N UNK G 2903 -81.96 -127.46 -3.90
CA UNK G 2903 -80.64 -127.76 -3.32
C UNK G 2903 -80.25 -126.87 -2.12
N UNK G 2904 -80.84 -125.69 -2.01
CA UNK G 2904 -80.56 -124.76 -0.91
C UNK G 2904 -80.96 -125.28 0.47
N UNK G 2905 -82.04 -126.05 0.53
CA UNK G 2905 -82.54 -126.61 1.79
C UNK G 2905 -81.56 -127.60 2.44
N UNK G 2906 -80.83 -128.35 1.62
CA UNK G 2906 -79.85 -129.33 2.10
C UNK G 2906 -78.62 -128.65 2.71
N UNK G 2907 -78.05 -127.70 1.99
CA UNK G 2907 -76.86 -126.97 2.44
C UNK G 2907 -77.15 -126.06 3.64
N UNK G 2908 -78.35 -125.51 3.71
CA UNK G 2908 -78.78 -124.67 4.83
C UNK G 2908 -78.87 -125.46 6.15
N UNK G 2909 -79.37 -126.68 6.07
CA UNK G 2909 -79.47 -127.58 7.23
C UNK G 2909 -78.09 -127.99 7.78
N UNK G 2910 -77.11 -128.13 6.89
CA UNK G 2910 -75.73 -128.45 7.29
C UNK G 2910 -75.12 -127.37 8.18
N UNK G 2911 -75.39 -126.11 7.84
CA UNK G 2911 -74.96 -124.97 8.66
C UNK G 2911 -75.71 -124.92 9.99
N UNK G 2912 -77.02 -125.11 9.92
CA UNK G 2912 -77.89 -125.10 11.11
C UNK G 2912 -77.70 -126.30 12.04
N UNK G 2913 -77.14 -127.40 11.52
CA UNK G 2913 -76.87 -128.61 12.30
C UNK G 2913 -76.00 -128.35 13.54
N UNK G 2914 -74.96 -127.53 13.37
CA UNK G 2914 -74.09 -127.15 14.48
C UNK G 2914 -74.78 -126.14 15.40
N UNK G 2915 -64.74 -115.62 6.16
CA UNK G 2915 -65.06 -116.87 5.48
C UNK G 2915 -66.45 -117.36 5.87
N UNK G 2916 -66.67 -117.51 7.18
CA UNK G 2916 -67.96 -117.94 7.72
C UNK G 2916 -68.99 -116.82 7.64
N UNK G 2917 -68.59 -115.63 8.12
CA UNK G 2917 -69.44 -114.43 8.04
C UNK G 2917 -69.70 -114.00 6.60
N UNK G 2918 -68.71 -114.17 5.75
CA UNK G 2918 -68.84 -113.92 4.31
C UNK G 2918 -69.84 -114.87 3.66
N UNK G 2919 -69.72 -116.16 3.99
CA UNK G 2919 -70.65 -117.19 3.51
C UNK G 2919 -72.06 -117.00 4.08
N UNK G 2920 -72.15 -116.60 5.35
CA UNK G 2920 -73.43 -116.40 6.04
C UNK G 2920 -74.21 -115.19 5.51
N UNK G 2921 -73.49 -114.10 5.23
CA UNK G 2921 -74.11 -112.87 4.71
C UNK G 2921 -74.69 -113.05 3.30
N UNK G 2922 -73.99 -113.81 2.46
CA UNK G 2922 -74.43 -114.07 1.08
C UNK G 2922 -75.68 -114.97 0.98
N UNK G 2923 -75.95 -115.76 2.02
CA UNK G 2923 -77.09 -116.69 2.04
C UNK G 2923 -78.47 -116.02 1.92
N UNK G 2924 -78.59 -114.80 2.42
CA UNK G 2924 -79.85 -114.04 2.37
C UNK G 2924 -80.26 -113.55 0.98
N UNK G 2925 -79.30 -113.45 0.05
CA UNK G 2925 -79.53 -112.82 -1.27
C UNK G 2925 -80.44 -113.63 -2.21
N UNK G 2926 -80.23 -114.93 -2.28
CA UNK G 2926 -80.91 -115.79 -3.26
C UNK G 2926 -82.41 -116.03 -2.99
N UNK G 2927 -82.89 -115.71 -1.79
CA UNK G 2927 -84.30 -115.87 -1.43
C UNK G 2927 -85.26 -115.03 -2.28
N UNK G 2928 -84.80 -113.85 -2.72
CA UNK G 2928 -85.61 -112.97 -3.57
C UNK G 2928 -85.79 -113.56 -4.97
N UNK G 2929 -97.89 -118.48 3.37
CA UNK G 2929 -97.25 -119.78 3.28
C UNK G 2929 -97.49 -120.60 4.56
N UNK G 2930 -97.63 -121.91 4.39
CA UNK G 2930 -97.93 -122.83 5.50
C UNK G 2930 -96.67 -123.35 6.15
N UNK G 2931 -95.83 -124.03 5.34
CA UNK G 2931 -94.59 -124.64 5.84
C UNK G 2931 -93.54 -123.62 6.24
N UNK G 2932 -93.47 -122.50 5.51
CA UNK G 2932 -92.56 -121.40 5.83
C UNK G 2932 -92.91 -120.73 7.17
N UNK G 2933 -94.20 -120.56 7.43
CA UNK G 2933 -94.69 -119.99 8.70
C UNK G 2933 -94.37 -120.88 9.91
N UNK G 2934 -94.38 -122.20 9.71
CA UNK G 2934 -94.09 -123.16 10.78
C UNK G 2934 -92.62 -123.12 11.21
N UNK G 2935 -91.72 -123.14 10.23
CA UNK G 2935 -90.28 -123.08 10.48
C UNK G 2935 -89.85 -121.70 11.02
N UNK G 2936 -90.48 -120.65 10.50
CA UNK G 2936 -90.23 -119.27 10.97
C UNK G 2936 -90.65 -119.04 12.42
N UNK G 2937 -91.69 -119.75 12.86
CA UNK G 2937 -92.14 -119.71 14.26
C UNK G 2937 -91.10 -120.26 15.23
N UNK G 2938 -90.39 -121.30 14.82
CA UNK G 2938 -89.27 -121.85 15.59
C UNK G 2938 -88.10 -120.86 15.67
N UNK G 2939 -87.81 -120.21 14.55
CA UNK G 2939 -86.78 -119.16 14.51
C UNK G 2939 -87.19 -117.91 15.29
N UNK G 2940 -88.48 -117.55 15.22
CA UNK G 2940 -89.01 -116.41 15.96
C UNK G 2940 -89.10 -116.67 17.46
N UNK G 2941 -89.41 -117.90 17.85
CA UNK G 2941 -89.47 -118.30 19.27
C UNK G 2941 -88.10 -118.24 19.96
N UNK G 2942 -87.04 -118.50 19.21
CA UNK G 2942 -85.67 -118.42 19.73
C UNK G 2942 -85.22 -116.99 20.04
N UNK G 2943 -85.60 -116.04 19.18
CA UNK G 2943 -85.20 -114.64 19.32
C UNK G 2943 -85.82 -113.91 20.52
N UNK G 2944 -87.05 -114.29 20.89
CA UNK G 2944 -87.82 -113.60 21.94
C UNK G 2944 -87.25 -113.77 23.36
N UNK G 2945 -86.76 -114.97 23.67
CA UNK G 2945 -86.23 -115.27 25.00
C UNK G 2945 -84.90 -114.57 25.28
N UNK G 2946 -83.98 -114.61 24.31
CA UNK G 2946 -82.67 -113.97 24.44
C UNK G 2946 -82.78 -112.46 24.30
N UNK G 2947 -74.84 -116.62 24.22
CA UNK G 2947 -75.97 -115.71 24.40
C UNK G 2947 -76.05 -114.72 23.23
N UNK G 2948 -74.94 -114.01 23.00
CA UNK G 2948 -74.84 -113.08 21.87
C UNK G 2948 -74.76 -113.83 20.55
N UNK G 2949 -73.99 -114.92 20.54
CA UNK G 2949 -73.93 -115.84 19.41
C UNK G 2949 -75.27 -116.53 19.18
N UNK G 2950 -75.94 -116.89 20.27
CA UNK G 2950 -77.30 -117.44 20.21
C UNK G 2950 -78.32 -116.43 19.68
N UNK G 2951 -78.17 -115.17 20.09
CA UNK G 2951 -78.99 -114.06 19.59
C UNK G 2951 -78.70 -113.78 18.11
N UNK G 2952 -77.43 -113.85 17.74
CA UNK G 2952 -77.01 -113.70 16.34
C UNK G 2952 -77.47 -114.85 15.45
N UNK G 2953 -77.55 -116.06 16.01
CA UNK G 2953 -78.01 -117.25 15.29
C UNK G 2953 -79.47 -117.12 14.82
N UNK G 2954 -80.33 -116.62 15.71
CA UNK G 2954 -81.73 -116.35 15.36
C UNK G 2954 -81.87 -115.17 14.39
N UNK G 2955 -80.99 -114.19 14.51
CA UNK G 2955 -80.94 -113.03 13.61
C UNK G 2955 -80.55 -113.38 12.16
N UNK G 2956 -79.83 -114.50 11.99
CA UNK G 2956 -79.48 -115.00 10.64
C UNK G 2956 -80.70 -115.40 9.83
N UNK G 2957 -81.72 -115.95 10.49
CA UNK G 2957 -82.99 -116.29 9.86
C UNK G 2957 -83.76 -115.05 9.39
N UNK G 2958 -83.66 -113.95 10.16
CA UNK G 2958 -84.31 -112.69 9.81
C UNK G 2958 -83.74 -112.00 8.57
N UNK G 2959 -82.48 -112.28 8.23
CA UNK G 2959 -81.82 -111.68 7.07
C UNK G 2959 -82.38 -112.18 5.73
N UNK G 2960 -82.57 -113.49 5.62
CA UNK G 2960 -83.04 -114.12 4.38
C UNK G 2960 -84.52 -113.86 4.05
N UNK G 2961 -85.34 -113.66 5.08
CA UNK G 2961 -86.79 -113.50 4.91
C UNK G 2961 -87.21 -112.21 4.20
N UNK G 2962 -86.52 -111.11 4.49
CA UNK G 2962 -86.80 -109.80 3.88
C UNK G 2962 -86.61 -109.78 2.36
N UNK G 2963 -85.63 -110.55 1.88
CA UNK G 2963 -85.35 -110.69 0.45
C UNK G 2963 -86.49 -111.37 -0.30
N UNK G 2964 -87.01 -112.47 0.28
CA UNK G 2964 -88.10 -113.24 -0.32
C UNK G 2964 -89.37 -112.43 -0.62
N UNK G 2965 -89.62 -111.38 0.17
CA UNK G 2965 -90.70 -110.43 -0.11
C UNK G 2965 -90.48 -109.72 -1.46
N UNK G 2966 -89.26 -109.25 -1.68
CA UNK G 2966 -88.87 -108.64 -2.94
C UNK G 2966 -88.46 -109.71 -3.95
N UNK G 2967 -102.17 -108.72 0.76
CA UNK G 2967 -100.92 -109.37 1.12
C UNK G 2967 -100.75 -109.45 2.63
N UNK G 2968 -99.98 -110.45 3.08
CA UNK G 2968 -99.70 -110.65 4.50
C UNK G 2968 -98.29 -110.13 4.83
N UNK G 2969 -98.03 -108.88 4.48
CA UNK G 2969 -96.74 -108.22 4.73
C UNK G 2969 -96.76 -107.32 5.98
N UNK G 2970 -97.92 -107.21 6.63
CA UNK G 2970 -98.07 -106.36 7.82
C UNK G 2970 -97.43 -107.00 9.05
N UNK G 2971 -97.69 -108.30 9.25
CA UNK G 2971 -97.10 -109.06 10.35
C UNK G 2971 -95.58 -109.18 10.25
N UNK G 2972 -95.06 -109.16 9.02
CA UNK G 2972 -93.61 -109.13 8.77
C UNK G 2972 -92.95 -107.87 9.33
N UNK G 2973 -93.65 -106.74 9.22
CA UNK G 2973 -93.18 -105.47 9.80
C UNK G 2973 -93.22 -105.49 11.32
N UNK G 2974 -94.31 -106.00 11.89
CA UNK G 2974 -94.52 -106.05 13.34
C UNK G 2974 -93.59 -107.03 14.04
N UNK G 2975 -93.46 -108.23 13.49
CA UNK G 2975 -92.61 -109.28 14.07
C UNK G 2975 -91.10 -108.97 14.00
N UNK G 2976 -90.69 -108.15 13.04
CA UNK G 2976 -89.30 -107.75 12.89
C UNK G 2976 -88.78 -106.88 14.05
N UNK G 2977 -89.67 -106.12 14.67
CA UNK G 2977 -89.31 -105.25 15.80
C UNK G 2977 -88.89 -106.00 17.06
N UNK G 2978 -89.46 -107.19 17.28
CA UNK G 2978 -89.17 -108.00 18.47
C UNK G 2978 -87.75 -108.57 18.51
N UNK G 2979 -87.23 -108.97 17.34
CA UNK G 2979 -85.90 -109.57 17.24
C UNK G 2979 -84.77 -108.58 17.53
N UNK G 2980 -84.90 -107.37 17.00
CA UNK G 2980 -83.90 -106.30 17.21
C UNK G 2980 -83.84 -105.81 18.65
N UNK G 2981 -85.01 -105.76 19.32
CA UNK G 2981 -85.09 -105.37 20.72
C UNK G 2981 -84.39 -106.35 21.66
N UNK G 2982 -84.50 -107.64 21.36
CA UNK G 2982 -83.84 -108.70 22.13
C UNK G 2982 -82.31 -108.64 22.03
N UNK G 2983 -81.80 -108.36 20.83
CA UNK G 2983 -80.37 -108.15 20.61
C UNK G 2983 -79.86 -106.90 21.32
N UNK G 2984 -80.65 -105.83 21.29
CA UNK G 2984 -80.35 -104.59 22.00
C UNK G 2984 -80.42 -104.77 23.53
N UNK G 2985 -81.35 -105.60 24.00
CA UNK G 2985 -81.49 -105.92 25.42
C UNK G 2985 -80.26 -106.62 26.00
N UNK G 2986 -79.62 -107.47 25.19
CA UNK G 2986 -78.36 -108.13 25.59
C UNK G 2986 -77.24 -107.12 25.83
N UNK G 2987 -77.17 -106.09 24.99
CA UNK G 2987 -76.21 -105.00 25.15
C UNK G 2987 -76.58 -104.13 26.36
N UNK G 2988 -75.93 -104.40 27.49
CA UNK G 2988 -76.21 -103.68 28.74
C UNK G 2988 -75.06 -103.84 29.74
N UNK G 2989 -74.79 -105.09 30.11
CA UNK G 2989 -73.70 -105.40 31.04
C UNK G 2989 -72.34 -105.25 30.38
N UNK G 2990 -66.84 -105.36 17.23
CA UNK G 2990 -66.33 -104.91 15.94
C UNK G 2990 -66.97 -105.72 14.80
N UNK G 2991 -66.81 -107.03 14.87
CA UNK G 2991 -67.35 -107.94 13.85
C UNK G 2991 -68.86 -108.09 13.99
N UNK G 2992 -69.33 -108.29 15.22
CA UNK G 2992 -70.76 -108.46 15.50
C UNK G 2992 -71.59 -107.20 15.26
N UNK G 2993 -70.97 -106.03 15.38
CA UNK G 2993 -71.64 -104.75 15.11
C UNK G 2993 -72.03 -104.58 13.65
N UNK G 2994 -71.18 -105.04 12.74
CA UNK G 2994 -71.43 -104.98 11.30
C UNK G 2994 -72.60 -105.87 10.86
N UNK G 2995 -72.65 -107.08 11.42
CA UNK G 2995 -73.72 -108.04 11.12
C UNK G 2995 -75.08 -107.59 11.65
N UNK G 2996 -75.09 -106.95 12.82
CA UNK G 2996 -76.30 -106.39 13.41
C UNK G 2996 -76.89 -105.24 12.58
N UNK G 2997 -76.01 -104.39 12.05
CA UNK G 2997 -76.42 -103.29 11.17
C UNK G 2997 -76.94 -103.79 9.81
N UNK G 2998 -76.27 -104.80 9.25
CA UNK G 2998 -76.70 -105.43 8.00
C UNK G 2998 -78.05 -106.13 8.14
N UNK G 2999 -78.25 -106.81 9.28
CA UNK G 2999 -79.53 -107.41 9.63
C UNK G 2999 -80.61 -106.36 9.89
N UNK G 3000 -80.23 -105.26 10.54
CA UNK G 3000 -81.12 -104.12 10.78
C UNK G 3000 -81.52 -103.42 9.47
N UNK G 3001 -80.59 -103.36 8.51
CA UNK G 3001 -80.87 -102.83 7.18
C UNK G 3001 -81.85 -103.71 6.40
N UNK G 3002 -81.72 -105.02 6.56
CA UNK G 3002 -82.61 -106.00 5.91
C UNK G 3002 -84.03 -105.95 6.50
N UNK G 3003 -84.12 -105.88 7.83
CA UNK G 3003 -85.41 -105.86 8.54
C UNK G 3003 -86.28 -104.65 8.19
N UNK G 3004 -85.64 -103.50 7.95
CA UNK G 3004 -86.34 -102.28 7.51
C UNK G 3004 -86.97 -102.41 6.13
N UNK G 3005 -86.33 -103.17 5.24
CA UNK G 3005 -86.84 -103.42 3.88
C UNK G 3005 -88.13 -104.25 3.89
N UNK G 3006 -88.20 -105.24 4.78
CA UNK G 3006 -89.42 -106.02 4.99
C UNK G 3006 -90.52 -105.17 5.60
N UNK G 3007 -90.16 -104.40 6.63
CA UNK G 3007 -91.08 -103.47 7.29
C UNK G 3007 -91.27 -102.22 6.45
N UNK G 3008 -61.71 -94.52 30.37
CA UNK G 3008 -63.14 -94.27 30.57
C UNK G 3008 -63.83 -93.70 29.31
N UNK G 3009 -63.25 -92.62 28.76
CA UNK G 3009 -63.76 -91.93 27.55
C UNK G 3009 -63.70 -92.80 26.27
N UNK G 3010 -62.69 -93.67 26.18
CA UNK G 3010 -62.59 -94.69 25.10
C UNK G 3010 -63.71 -95.76 25.18
N UNK G 3011 -64.13 -96.10 26.40
CA UNK G 3011 -65.31 -96.96 26.64
C UNK G 3011 -66.64 -96.25 26.26
N UNK G 3012 -66.68 -94.92 26.46
CA UNK G 3012 -67.81 -94.07 26.00
C UNK G 3012 -67.91 -94.01 24.46
N UNK G 3013 -66.77 -94.16 23.76
CA UNK G 3013 -66.75 -94.36 22.29
C UNK G 3013 -67.40 -95.69 21.85
N UNK G 3014 -67.32 -96.74 22.69
CA UNK G 3014 -68.05 -98.01 22.46
C UNK G 3014 -69.57 -97.80 22.57
N UNK G 3015 -70.01 -97.15 23.67
CA UNK G 3015 -71.44 -96.85 23.90
C UNK G 3015 -72.01 -95.82 22.90
N UNK G 3016 -71.14 -94.93 22.38
CA UNK G 3016 -71.49 -93.96 21.33
C UNK G 3016 -71.83 -94.62 19.96
N UNK G 3017 -71.24 -95.81 19.72
CA UNK G 3017 -71.49 -96.58 18.47
C UNK G 3017 -72.91 -97.18 18.40
N UNK G 3018 -73.48 -97.50 19.57
CA UNK G 3018 -74.87 -97.95 19.67
C UNK G 3018 -75.87 -96.85 19.29
N UNK G 3019 -75.58 -95.62 19.71
CA UNK G 3019 -76.44 -94.47 19.43
C UNK G 3019 -76.47 -94.10 17.94
N UNK G 3020 -75.29 -94.12 17.30
CA UNK G 3020 -75.17 -93.81 15.88
C UNK G 3020 -75.85 -94.86 14.98
N UNK G 3021 -75.69 -96.13 15.34
CA UNK G 3021 -76.35 -97.23 14.64
C UNK G 3021 -77.87 -97.21 14.84
N UNK G 3022 -78.29 -96.94 16.07
CA UNK G 3022 -79.72 -96.80 16.40
C UNK G 3022 -80.36 -95.57 15.75
N UNK G 3023 -79.57 -94.50 15.59
CA UNK G 3023 -80.04 -93.28 14.92
C UNK G 3023 -80.39 -93.52 13.45
N UNK G 3024 -79.61 -94.37 12.78
CA UNK G 3024 -79.89 -94.77 11.39
C UNK G 3024 -81.17 -95.60 11.29
N UNK G 3025 -81.34 -96.55 12.22
CA UNK G 3025 -82.54 -97.38 12.29
C UNK G 3025 -83.78 -96.58 12.71
N UNK G 3026 -83.60 -95.61 13.59
CA UNK G 3026 -84.69 -94.73 14.05
C UNK G 3026 -85.25 -93.86 12.93
N UNK G 3027 -84.38 -93.42 12.02
CA UNK G 3027 -84.79 -92.66 10.83
C UNK G 3027 -85.63 -93.53 9.88
N UNK G 3028 -85.27 -94.80 9.74
CA UNK G 3028 -86.03 -95.76 8.92
C UNK G 3028 -87.41 -96.06 9.51
N UNK G 3029 -87.50 -96.09 10.84
CA UNK G 3029 -88.76 -96.32 11.54
C UNK G 3029 -89.74 -95.15 11.38
N UNK G 3030 -89.25 -93.94 11.67
CA UNK G 3030 -90.04 -92.72 11.56
C UNK G 3030 -90.22 -92.32 10.10
N PRO G 3031 -15.86 -104.09 9.38
CA PRO G 3031 -14.53 -103.70 9.84
C PRO G 3031 -14.55 -102.60 10.91
N ARG G 3032 -13.63 -102.68 11.86
CA ARG G 3032 -13.56 -101.78 13.02
C ARG G 3032 -12.70 -100.52 12.73
N HIS G 3033 -12.11 -100.46 11.55
CA HIS G 3033 -10.81 -99.79 11.33
C HIS G 3033 -10.88 -98.23 11.29
N ARG G 3034 -11.90 -97.70 10.61
CA ARG G 3034 -12.12 -96.24 10.52
C ARG G 3034 -12.51 -95.63 11.89
N ALA G 3035 -13.34 -96.37 12.65
CA ALA G 3035 -13.71 -95.99 14.03
C ALA G 3035 -12.50 -96.07 15.02
N VAL G 3036 -11.52 -96.93 14.74
CA VAL G 3036 -10.26 -96.98 15.53
C VAL G 3036 -9.42 -95.70 15.35
N ASN G 3037 -9.20 -95.30 14.09
CA ASN G 3037 -8.41 -94.10 13.76
C ASN G 3037 -9.08 -92.76 14.19
N LEU G 3038 -10.42 -92.69 14.06
CA LEU G 3038 -11.19 -91.55 14.60
C LEU G 3038 -11.19 -91.47 16.14
N PHE G 3039 -11.08 -92.62 16.82
CA PHE G 3039 -10.86 -92.65 18.29
C PHE G 3039 -9.48 -92.07 18.69
N LEU G 3040 -8.47 -92.23 17.83
CA LEU G 3040 -7.15 -91.55 18.00
C LEU G 3040 -7.27 -90.00 17.89
N GLN G 3041 -7.94 -89.53 16.83
CA GLN G 3041 -8.11 -88.09 16.58
C GLN G 3041 -9.00 -87.35 17.60
N GLY G 3042 -9.94 -88.08 18.24
CA GLY G 3042 -10.78 -87.54 19.33
C GLY G 3042 -10.09 -87.52 20.70
N TYR G 3043 -9.43 -88.64 21.04
CA TYR G 3043 -8.62 -88.78 22.28
C TYR G 3043 -7.48 -87.72 22.39
N GLU G 3044 -6.84 -87.44 21.25
CA GLU G 3044 -5.75 -86.44 21.14
C GLU G 3044 -6.15 -85.00 21.53
N LYS G 3045 -7.34 -84.58 21.10
CA LYS G 3045 -7.84 -83.21 21.31
C LYS G 3045 -8.70 -83.02 22.56
N SER G 3046 -9.22 -84.11 23.14
CA SER G 3046 -10.11 -84.03 24.33
C SER G 3046 -9.41 -83.82 25.68
N TRP G 3047 -8.37 -84.63 25.96
CA TRP G 3047 -7.77 -84.76 27.32
C TRP G 3047 -6.24 -84.50 27.48
N ILE G 3048 -5.46 -84.55 26.38
CA ILE G 3048 -3.96 -84.57 26.43
C ILE G 3048 -3.37 -83.26 27.05
N GLU G 3049 -3.98 -82.12 26.74
CA GLU G 3049 -3.59 -80.84 27.35
C GLU G 3049 -3.96 -80.82 28.83
N THR G 3050 -3.05 -80.33 29.68
CA THR G 3050 -3.20 -80.35 31.16
C THR G 3050 -2.68 -79.05 31.85
N GLU G 3051 -3.02 -78.91 33.14
CA GLU G 3051 -2.47 -77.86 34.01
C GLU G 3051 -1.02 -78.19 34.46
N GLU G 3052 -0.63 -79.47 34.38
CA GLU G 3052 0.65 -79.94 34.95
C GLU G 3052 1.88 -79.64 34.07
N HIS G 3053 1.76 -79.89 32.76
CA HIS G 3053 2.91 -79.84 31.81
C HIS G 3053 3.59 -78.45 31.66
N TYR G 3054 2.91 -77.39 32.14
CA TYR G 3054 3.44 -76.01 32.14
C TYR G 3054 4.75 -75.86 32.95
N PHE G 3055 5.05 -76.80 33.85
CA PHE G 3055 6.31 -76.82 34.66
C PHE G 3055 7.63 -76.55 33.88
N GLU G 3056 7.76 -77.16 32.70
CA GLU G 3056 9.00 -77.11 31.91
C GLU G 3056 9.41 -75.65 31.56
N ASP G 3057 8.41 -74.78 31.39
CA ASP G 3057 8.63 -73.33 31.07
C ASP G 3057 9.48 -72.60 32.13
N LYS G 3058 9.16 -72.81 33.41
CA LYS G 3058 9.97 -72.23 34.50
C LYS G 3058 11.25 -73.06 34.76
N LEU G 3059 11.29 -74.33 34.32
CA LEU G 3059 12.50 -75.19 34.42
C LEU G 3059 13.63 -74.84 33.40
N ILE G 3060 13.28 -74.78 32.11
CA ILE G 3060 14.23 -74.38 31.04
C ILE G 3060 14.76 -72.93 31.24
N GLU G 3061 13.92 -72.08 31.83
CA GLU G 3061 14.32 -70.74 32.25
C GLU G 3061 15.33 -70.74 33.42
N ASP G 3062 15.07 -71.59 34.43
CA ASP G 3062 16.03 -71.79 35.56
C ASP G 3062 17.40 -72.37 35.10
N LEU G 3063 17.40 -73.18 34.03
CA LEU G 3063 18.64 -73.66 33.36
C LEU G 3063 19.44 -72.55 32.60
N ALA G 3064 18.74 -71.48 32.16
CA ALA G 3064 19.33 -70.35 31.43
C ALA G 3064 19.86 -69.18 32.32
N LYS G 3065 19.57 -69.21 33.63
CA LYS G 3065 20.06 -68.19 34.59
C LYS G 3065 21.60 -68.08 34.67
N PRO G 3066 22.33 -69.22 34.64
CA PRO G 3066 23.79 -69.23 34.46
C PRO G 3066 24.21 -69.48 33.01
N ARG G 3079 33.36 -66.03 28.56
CA ARG G 3079 33.11 -64.88 27.69
C ARG G 3079 31.66 -64.77 27.14
N VAL G 3080 30.81 -65.77 27.41
CA VAL G 3080 29.43 -65.82 26.87
C VAL G 3080 28.50 -66.69 27.75
N ASP G 3081 27.18 -66.56 27.53
CA ASP G 3081 26.14 -67.36 28.24
C ASP G 3081 25.29 -68.26 27.27
N PRO G 3082 24.71 -69.39 27.79
CA PRO G 3082 23.90 -70.33 26.94
C PRO G 3082 22.73 -69.67 26.16
N LEU G 3083 22.00 -68.77 26.81
CA LEU G 3083 20.91 -68.01 26.17
C LEU G 3083 21.50 -67.02 25.13
N HIS G 3084 22.68 -66.45 25.42
CA HIS G 3084 23.45 -65.64 24.44
C HIS G 3084 23.96 -66.49 23.24
N GLN G 3085 24.34 -67.75 23.51
CA GLN G 3085 24.73 -68.71 22.45
C GLN G 3085 23.55 -69.01 21.49
N LEU G 3086 22.35 -69.10 22.09
CA LEU G 3086 21.08 -69.40 21.39
C LEU G 3086 20.62 -68.24 20.47
N ILE G 3087 20.61 -67.01 21.01
CA ILE G 3087 20.21 -65.82 20.23
C ILE G 3087 21.22 -65.48 19.12
N LEU G 3088 22.53 -65.58 19.40
CA LEU G 3088 23.59 -65.35 18.39
C LEU G 3088 23.54 -66.42 17.25
N LEU G 3089 23.10 -67.64 17.58
CA LEU G 3089 22.86 -68.71 16.57
C LEU G 3089 21.76 -68.35 15.56
N PHE G 3090 20.58 -67.96 16.07
CA PHE G 3090 19.45 -67.57 15.19
C PHE G 3090 19.76 -66.29 14.37
N SER G 3091 20.56 -65.38 14.94
CA SER G 3091 21.06 -64.19 14.23
C SER G 3091 21.96 -64.59 13.03
N ARG G 3092 22.81 -65.61 13.23
CA ARG G 3092 23.64 -66.17 12.14
C ARG G 3092 22.80 -66.86 11.02
N THR G 3093 21.70 -67.52 11.41
CA THR G 3093 20.78 -68.16 10.43
C THR G 3093 20.00 -67.09 9.58
N ALA G 3094 19.69 -65.95 10.19
CA ALA G 3094 18.98 -64.84 9.52
C ALA G 3094 19.85 -64.05 8.52
N LEU G 3095 21.15 -63.89 8.84
CA LEU G 3095 22.15 -63.16 8.00
C LEU G 3095 22.25 -63.54 6.49
N THR G 3096 22.14 -64.85 6.19
CA THR G 3096 22.25 -65.34 4.80
C THR G 3096 21.04 -64.90 3.93
N GLU G 3097 21.29 -64.56 2.65
CA GLU G 3097 20.23 -64.39 1.63
C GLU G 3097 19.94 -65.76 0.97
N LYS G 3098 19.05 -66.52 1.62
CA LYS G 3098 18.47 -67.75 1.07
C LYS G 3098 17.20 -67.45 0.22
N CYS G 3099 16.79 -66.17 0.19
CA CYS G 3099 15.48 -65.72 -0.35
C CYS G 3099 14.32 -66.33 0.49
N LYS G 3100 13.80 -67.50 0.09
CA LYS G 3100 12.93 -68.31 0.97
C LYS G 3100 13.84 -68.88 2.10
N LEU G 3101 13.46 -68.70 3.37
CA LEU G 3101 14.28 -69.19 4.52
C LEU G 3101 14.06 -70.68 4.85
N GLU G 3102 15.04 -71.31 5.51
CA GLU G 3102 14.94 -72.70 6.01
C GLU G 3102 13.87 -72.84 7.11
N GLU G 3103 13.21 -74.01 7.14
CA GLU G 3103 12.01 -74.26 7.99
C GLU G 3103 12.27 -74.13 9.51
N ASP G 3104 13.40 -74.69 9.96
CA ASP G 3104 13.87 -74.64 11.37
C ASP G 3104 12.76 -74.81 12.46
N PHE G 3105 12.27 -76.04 12.61
CA PHE G 3105 11.31 -76.43 13.68
C PHE G 3105 11.87 -76.12 15.10
N LEU G 3106 13.20 -76.20 15.21
CA LEU G 3106 14.00 -75.72 16.37
C LEU G 3106 13.63 -74.26 16.80
N TYR G 3107 13.53 -73.35 15.83
CA TYR G 3107 13.12 -71.95 16.06
C TYR G 3107 11.62 -71.82 16.47
N MET G 3108 10.76 -72.69 15.92
CA MET G 3108 9.33 -72.73 16.28
C MET G 3108 9.19 -73.03 17.78
N ALA G 3109 9.96 -74.04 18.21
CA ALA G 3109 9.95 -74.53 19.61
C ALA G 3109 10.42 -73.48 20.64
N TYR G 3110 11.64 -72.96 20.47
CA TYR G 3110 12.22 -71.94 21.41
C TYR G 3110 11.45 -70.60 21.47
N ALA G 3111 10.91 -70.14 20.33
CA ALA G 3111 10.12 -68.91 20.29
C ALA G 3111 8.75 -69.07 21.01
N ASP G 3112 8.11 -70.23 20.86
CA ASP G 3112 6.88 -70.58 21.63
C ASP G 3112 7.14 -70.78 23.16
N ILE G 3113 8.35 -71.24 23.51
CA ILE G 3113 8.78 -71.43 24.94
C ILE G 3113 8.94 -70.07 25.68
N MET G 3114 9.69 -69.15 25.06
CA MET G 3114 9.87 -67.78 25.60
C MET G 3114 8.55 -66.96 25.58
N ALA G 3115 7.64 -67.28 24.65
CA ALA G 3115 6.25 -66.74 24.63
C ALA G 3115 5.43 -67.05 25.90
N LYS G 3116 5.66 -68.24 26.49
CA LYS G 3116 4.99 -68.67 27.75
C LYS G 3116 5.80 -68.35 29.04
N SER G 3117 6.91 -67.60 28.92
CA SER G 3117 7.95 -67.46 29.99
C SER G 3117 7.47 -66.96 31.39
N CYS G 3118 6.39 -66.19 31.43
CA CYS G 3118 5.88 -65.57 32.67
C CYS G 3118 5.20 -66.59 33.61
N VAL G 3130 -2.94 -54.39 52.01
CA VAL G 3130 -1.52 -54.06 51.78
C VAL G 3130 -0.74 -55.26 51.19
N LYS G 3131 -0.94 -56.44 51.77
CA LYS G 3131 -0.20 -57.68 51.43
C LYS G 3131 -0.40 -58.15 49.97
N SER G 3132 -1.63 -57.98 49.45
CA SER G 3132 -1.94 -58.23 48.02
C SER G 3132 -1.20 -57.25 47.05
N PHE G 3133 -1.01 -56.00 47.50
CA PHE G 3133 -0.26 -54.98 46.71
C PHE G 3133 1.27 -55.21 46.71
N GLU G 3134 1.85 -55.56 47.87
CA GLU G 3134 3.30 -55.91 47.97
C GLU G 3134 3.68 -57.15 47.12
N GLU G 3135 2.82 -58.19 47.13
CA GLU G 3135 3.00 -59.40 46.30
C GLU G 3135 2.80 -59.12 44.78
N LYS G 3136 1.88 -58.20 44.43
CA LYS G 3136 1.71 -57.70 43.04
C LYS G 3136 3.00 -57.01 42.51
N GLU G 3137 3.67 -56.24 43.39
CA GLU G 3137 4.94 -55.57 43.05
C GLU G 3137 6.15 -56.54 42.99
N MET G 3138 6.16 -57.60 43.80
CA MET G 3138 7.22 -58.65 43.70
C MET G 3138 7.07 -59.48 42.40
N GLU G 3139 5.84 -59.71 41.95
CA GLU G 3139 5.62 -60.34 40.62
C GLU G 3139 5.84 -59.36 39.43
N LYS G 3140 5.77 -58.05 39.68
CA LYS G 3140 6.16 -57.00 38.69
C LYS G 3140 7.71 -56.96 38.50
N GLN G 3141 8.45 -56.99 39.62
CA GLN G 3141 9.93 -57.16 39.62
C GLN G 3141 10.38 -58.54 39.06
N LYS G 3142 9.57 -59.58 39.23
CA LYS G 3142 9.80 -60.93 38.66
C LYS G 3142 9.69 -60.93 37.12
N LEU G 3143 8.57 -60.40 36.59
CA LEU G 3143 8.37 -60.21 35.13
C LEU G 3143 9.49 -59.32 34.54
N LEU G 3144 9.90 -58.30 35.29
CA LEU G 3144 11.06 -57.44 34.96
C LEU G 3144 12.38 -58.24 34.93
N TYR G 3145 12.46 -59.33 35.71
CA TYR G 3145 13.64 -60.23 35.76
C TYR G 3145 13.75 -61.25 34.61
N GLN G 3146 12.67 -61.96 34.28
CA GLN G 3146 12.62 -62.84 33.08
C GLN G 3146 12.88 -62.02 31.77
N GLN G 3147 12.18 -60.88 31.66
CA GLN G 3147 12.33 -59.95 30.51
C GLN G 3147 13.75 -59.34 30.42
N ALA G 3148 14.40 -59.12 31.57
CA ALA G 3148 15.83 -58.72 31.62
C ALA G 3148 16.78 -59.84 31.16
N ARG G 3149 16.42 -61.10 31.47
CA ARG G 3149 17.18 -62.29 31.04
C ARG G 3149 17.23 -62.46 29.51
N LEU G 3150 16.10 -62.23 28.84
CA LEU G 3150 16.05 -62.20 27.37
C LEU G 3150 16.68 -60.90 26.77
N HIS G 3151 16.59 -59.78 27.50
CA HIS G 3151 17.14 -58.45 27.07
C HIS G 3151 18.69 -58.35 27.01
N ASP G 3152 19.37 -58.73 28.11
CA ASP G 3152 20.84 -58.65 28.21
C ASP G 3152 21.59 -59.60 27.24
N ARG G 3153 20.93 -60.70 26.85
CA ARG G 3153 21.47 -61.69 25.91
C ARG G 3153 21.26 -61.24 24.44
N GLY G 3154 20.17 -60.52 24.20
CA GLY G 3154 19.87 -59.91 22.88
C GLY G 3154 18.65 -60.40 22.11
N ALA G 3155 17.67 -60.99 22.81
CA ALA G 3155 16.38 -61.42 22.17
C ALA G 3155 15.57 -60.24 21.58
N ALA G 3156 15.69 -59.08 22.24
CA ALA G 3156 15.11 -57.80 21.78
C ALA G 3156 15.56 -57.38 20.36
N GLU G 3157 16.77 -57.77 19.97
CA GLU G 3157 17.33 -57.47 18.64
C GLU G 3157 16.92 -58.51 17.57
N MET G 3158 16.96 -59.80 17.93
CA MET G 3158 16.58 -60.90 17.01
C MET G 3158 15.09 -60.90 16.62
N VAL G 3159 14.21 -60.33 17.45
CA VAL G 3159 12.79 -60.13 17.10
C VAL G 3159 12.63 -59.24 15.84
N LEU G 3160 13.53 -58.25 15.67
CA LEU G 3160 13.60 -57.43 14.43
C LEU G 3160 14.27 -58.17 13.26
N GLN G 3161 15.43 -58.78 13.54
CA GLN G 3161 16.31 -59.40 12.52
C GLN G 3161 15.69 -60.58 11.73
N THR G 3162 15.00 -61.47 12.45
CA THR G 3162 14.34 -62.62 11.80
C THR G 3162 13.12 -62.21 10.93
N ILE G 3163 12.41 -61.13 11.30
CA ILE G 3163 11.31 -60.57 10.47
C ILE G 3163 11.88 -59.94 9.18
N SER G 3164 12.99 -59.20 9.30
CA SER G 3164 13.67 -58.57 8.15
C SER G 3164 14.26 -59.61 7.17
N ALA G 3165 14.62 -60.80 7.67
CA ALA G 3165 15.08 -61.95 6.83
C ALA G 3165 13.90 -62.69 6.12
N SER G 3166 12.79 -62.92 6.85
CA SER G 3166 11.62 -63.64 6.31
C SER G 3166 10.85 -62.88 5.18
N LYS G 3167 11.07 -61.56 5.09
CA LYS G 3167 10.54 -60.69 3.99
C LYS G 3167 9.00 -60.85 3.77
N GLY G 3168 8.56 -61.13 2.52
CA GLY G 3168 7.12 -61.22 2.18
C GLY G 3168 6.38 -62.51 2.57
N GLU G 3169 7.11 -63.52 3.06
CA GLU G 3169 6.51 -64.80 3.53
C GLU G 3169 5.68 -64.61 4.83
N THR G 3170 4.56 -65.36 4.92
CA THR G 3170 3.66 -65.35 6.09
C THR G 3170 3.55 -66.77 6.71
N GLY G 3171 4.70 -67.42 6.89
CA GLY G 3171 4.76 -68.78 7.45
C GLY G 3171 4.54 -68.82 8.96
N PRO G 3172 4.41 -70.04 9.54
CA PRO G 3172 4.37 -70.24 11.00
C PRO G 3172 5.59 -69.67 11.77
N MET G 3173 6.76 -69.63 11.11
CA MET G 3173 8.00 -69.03 11.66
C MET G 3173 7.85 -67.57 12.13
N VAL G 3174 7.21 -66.75 11.29
CA VAL G 3174 7.01 -65.32 11.63
C VAL G 3174 5.97 -65.16 12.78
N ALA G 3175 5.00 -66.07 12.87
CA ALA G 3175 4.07 -66.13 14.03
C ALA G 3175 4.82 -66.47 15.34
N ALA G 3176 5.79 -67.38 15.23
CA ALA G 3176 6.66 -67.75 16.36
C ALA G 3176 7.57 -66.58 16.80
N THR G 3177 7.92 -65.69 15.86
CA THR G 3177 8.65 -64.43 16.15
C THR G 3177 7.85 -63.43 16.99
N LEU G 3178 6.61 -63.15 16.56
CA LEU G 3178 5.74 -62.16 17.25
C LEU G 3178 5.27 -62.64 18.65
N LYS G 3179 5.14 -63.96 18.83
CA LYS G 3179 5.02 -64.60 20.17
C LYS G 3179 6.16 -64.13 21.13
N LEU G 3180 7.40 -64.21 20.64
CA LEU G 3180 8.61 -63.80 21.40
C LEU G 3180 8.68 -62.27 21.67
N GLY G 3181 8.17 -61.45 20.74
CA GLY G 3181 8.12 -60.00 20.90
C GLY G 3181 7.17 -59.53 21.99
N ILE G 3182 5.93 -60.06 21.96
CA ILE G 3182 4.90 -59.78 22.99
C ILE G 3182 5.34 -60.21 24.41
N ALA G 3183 6.10 -61.32 24.49
CA ALA G 3183 6.61 -61.83 25.78
C ALA G 3183 7.74 -60.97 26.38
N ILE G 3184 8.72 -60.58 25.54
CA ILE G 3184 9.83 -59.69 25.99
C ILE G 3184 9.36 -58.28 26.42
N LEU G 3185 8.29 -57.78 25.79
CA LEU G 3185 7.64 -56.49 26.18
C LEU G 3185 6.55 -56.66 27.26
N ASN G 3186 5.38 -57.20 26.88
CA ASN G 3186 4.26 -57.42 27.82
C ASN G 3186 4.01 -56.18 28.71
N GLY G 3187 3.82 -55.03 28.05
CA GLY G 3187 3.42 -53.77 28.72
C GLY G 3187 4.51 -52.72 28.92
N GLY G 3188 4.85 -52.00 27.85
CA GLY G 3188 5.63 -50.74 27.90
C GLY G 3188 7.02 -50.69 28.52
N ASN G 3189 7.85 -51.72 28.27
CA ASN G 3189 9.24 -51.74 28.75
C ASN G 3189 10.01 -50.59 28.09
N SER G 3190 10.68 -49.74 28.90
CA SER G 3190 11.46 -48.62 28.36
C SER G 3190 12.85 -49.08 27.82
N THR G 3191 13.43 -50.11 28.44
CA THR G 3191 14.77 -50.63 28.07
C THR G 3191 14.81 -51.38 26.72
N VAL G 3192 13.88 -52.34 26.55
CA VAL G 3192 13.73 -53.14 25.31
C VAL G 3192 13.35 -52.23 24.11
N GLN G 3193 12.44 -51.29 24.36
CA GLN G 3193 11.98 -50.28 23.38
C GLN G 3193 13.09 -49.30 22.94
N GLN G 3194 14.00 -48.94 23.86
CA GLN G 3194 15.11 -48.00 23.56
C GLN G 3194 16.28 -48.64 22.77
N LYS G 3195 16.67 -49.88 23.09
CA LYS G 3195 17.61 -50.66 22.25
C LYS G 3195 16.99 -51.04 20.87
N MET G 3196 15.66 -51.17 20.81
CA MET G 3196 14.92 -51.45 19.56
C MET G 3196 15.07 -50.26 18.58
N LEU G 3197 14.70 -49.06 19.05
CA LEU G 3197 14.83 -47.81 18.26
C LEU G 3197 16.29 -47.45 17.89
N ASP G 3198 17.23 -47.71 18.81
CA ASP G 3198 18.67 -47.46 18.58
C ASP G 3198 19.21 -48.39 17.46
N TYR G 3199 18.74 -49.64 17.46
CA TYR G 3199 19.05 -50.62 16.39
C TYR G 3199 18.55 -50.15 15.00
N LEU G 3200 17.34 -49.59 14.96
CA LEU G 3200 16.74 -49.05 13.71
C LEU G 3200 17.41 -47.74 13.18
N LYS G 3201 17.94 -46.89 14.08
CA LYS G 3201 18.68 -45.67 13.68
C LYS G 3201 20.10 -45.97 13.17
N GLU G 3202 20.76 -46.99 13.76
CA GLU G 3202 22.18 -47.27 13.49
C GLU G 3202 22.40 -48.28 12.35
N LYS G 3203 21.89 -49.51 12.51
CA LYS G 3203 21.97 -50.57 11.47
C LYS G 3203 21.22 -50.18 10.17
N LYS G 3204 20.12 -49.42 10.32
CA LYS G 3204 19.36 -48.77 9.21
C LYS G 3204 19.09 -49.67 7.97
N ASP G 3205 18.62 -50.90 8.24
CA ASP G 3205 18.44 -51.98 7.23
C ASP G 3205 17.38 -51.74 6.15
N VAL G 3206 16.41 -50.86 6.43
CA VAL G 3206 15.30 -50.49 5.50
C VAL G 3206 14.24 -51.62 5.34
N GLY G 3207 14.70 -52.87 5.20
CA GLY G 3207 13.86 -54.02 4.88
C GLY G 3207 12.96 -54.60 5.96
N PHE G 3208 13.05 -54.11 7.20
CA PHE G 3208 12.08 -54.46 8.28
C PHE G 3208 10.70 -53.78 8.03
N PHE G 3209 10.72 -52.46 7.77
CA PHE G 3209 9.54 -51.69 7.28
C PHE G 3209 8.95 -52.24 5.96
N GLN G 3210 9.83 -52.66 5.04
CA GLN G 3210 9.40 -53.30 3.77
C GLN G 3210 8.73 -54.66 4.05
N SER G 3211 9.18 -55.36 5.10
CA SER G 3211 8.61 -56.68 5.51
C SER G 3211 7.21 -56.52 6.15
N LEU G 3212 7.07 -55.60 7.10
CA LEU G 3212 5.78 -55.29 7.75
C LEU G 3212 4.73 -54.72 6.77
N ALA G 3213 5.17 -53.92 5.78
CA ALA G 3213 4.27 -53.36 4.75
C ALA G 3213 3.78 -54.39 3.73
N GLY G 3214 4.71 -55.16 3.13
CA GLY G 3214 4.37 -56.23 2.17
C GLY G 3214 3.50 -57.33 2.76
N LEU G 3215 3.75 -57.66 4.04
CA LEU G 3215 2.92 -58.60 4.81
C LEU G 3215 1.51 -58.03 5.15
N MET G 3216 1.45 -56.72 5.44
CA MET G 3216 0.17 -55.96 5.68
C MET G 3216 -0.76 -55.95 4.43
N GLN G 3217 -0.18 -55.95 3.23
CA GLN G 3217 -0.96 -56.10 1.99
C GLN G 3217 -1.80 -57.40 2.04
N SER G 3218 -1.20 -58.48 2.53
CA SER G 3218 -1.83 -59.83 2.58
C SER G 3218 -2.09 -60.41 3.99
N CYS G 3219 -2.23 -59.55 5.01
CA CYS G 3219 -2.34 -60.01 6.43
C CYS G 3219 -3.42 -61.09 6.69
N SER G 3220 -4.67 -60.81 6.28
CA SER G 3220 -5.84 -61.75 6.42
C SER G 3220 -7.18 -61.08 6.02
N VAL G 3221 -8.24 -61.92 5.90
CA VAL G 3221 -9.61 -61.46 5.56
C VAL G 3221 -10.66 -62.31 6.32
N LEU G 3222 -11.85 -61.73 6.57
CA LEU G 3222 -13.03 -62.45 7.09
C LEU G 3222 -13.67 -63.33 6.00
N ASP G 3223 -13.80 -62.75 4.81
CA ASP G 3223 -14.14 -63.48 3.56
C ASP G 3223 -15.58 -64.07 3.64
N LEU G 3224 -16.57 -63.18 3.45
CA LEU G 3224 -18.02 -63.54 3.43
C LEU G 3224 -18.39 -64.53 2.30
N ASN G 3225 -17.70 -64.43 1.16
CA ASN G 3225 -17.84 -65.34 0.00
C ASN G 3225 -17.71 -66.82 0.43
N ALA G 3226 -16.67 -67.10 1.23
CA ALA G 3226 -16.40 -68.43 1.82
C ALA G 3226 -17.48 -68.87 2.85
N PHE G 3227 -18.11 -67.90 3.53
CA PHE G 3227 -19.16 -68.17 4.55
C PHE G 3227 -20.51 -68.64 3.94
N GLU G 3228 -20.95 -68.02 2.85
CA GLU G 3228 -22.14 -68.49 2.08
C GLU G 3228 -21.89 -69.90 1.48
N ARG G 3229 -20.66 -70.13 1.04
CA ARG G 3229 -20.22 -71.42 0.46
C ARG G 3229 -20.15 -72.59 1.49
N GLN G 3230 -19.83 -72.28 2.75
CA GLN G 3230 -19.75 -73.27 3.85
C GLN G 3230 -21.11 -73.48 4.59
N ASN G 3231 -22.02 -72.51 4.47
CA ASN G 3231 -23.39 -72.58 5.07
C ASN G 3231 -24.24 -73.75 4.49
N LYS G 3232 -24.00 -74.09 3.21
CA LYS G 3232 -24.67 -75.20 2.49
C LYS G 3232 -23.73 -76.39 2.29
N ASP G 3251 -8.52 -67.77 11.01
CA ASP G 3251 -7.40 -67.37 10.15
C ASP G 3251 -6.72 -66.03 10.55
N ASP G 3252 -7.20 -65.38 11.62
CA ASP G 3252 -6.79 -63.98 11.97
C ASP G 3252 -5.83 -63.84 13.20
N GLU G 3253 -5.51 -64.95 13.89
CA GLU G 3253 -4.76 -64.91 15.18
C GLU G 3253 -3.34 -64.29 15.06
N PHE G 3254 -2.68 -64.58 13.94
CA PHE G 3254 -1.36 -63.97 13.56
C PHE G 3254 -1.43 -62.43 13.35
N THR G 3255 -2.56 -61.94 12.83
CA THR G 3255 -2.78 -60.50 12.59
C THR G 3255 -2.92 -59.73 13.93
N CYS G 3256 -3.75 -60.28 14.84
CA CYS G 3256 -3.91 -59.74 16.21
C CYS G 3256 -2.57 -59.71 16.98
N ASP G 3257 -1.72 -60.72 16.74
CA ASP G 3257 -0.33 -60.76 17.28
C ASP G 3257 0.58 -59.63 16.72
N LEU G 3258 0.40 -59.28 15.44
CA LEU G 3258 1.21 -58.22 14.78
C LEU G 3258 0.87 -56.80 15.26
N PHE G 3259 -0.42 -56.45 15.28
CA PHE G 3259 -0.88 -55.13 15.79
C PHE G 3259 -0.67 -54.97 17.32
N ARG G 3260 -0.77 -56.06 18.08
CA ARG G 3260 -0.40 -56.06 19.52
C ARG G 3260 1.12 -55.80 19.69
N PHE G 3261 1.94 -56.34 18.76
CA PHE G 3261 3.42 -56.10 18.72
C PHE G 3261 3.75 -54.60 18.59
N LEU G 3262 3.19 -53.94 17.57
CA LEU G 3262 3.41 -52.48 17.34
C LEU G 3262 2.86 -51.58 18.48
N GLN G 3263 1.71 -51.96 19.06
CA GLN G 3263 1.11 -51.20 20.21
C GLN G 3263 2.04 -51.21 21.45
N LEU G 3264 2.66 -52.38 21.72
CA LEU G 3264 3.70 -52.51 22.77
C LEU G 3264 5.00 -51.72 22.43
N LEU G 3265 5.31 -51.57 21.13
CA LEU G 3265 6.41 -50.68 20.67
C LEU G 3265 6.16 -49.16 20.91
N CYS G 3266 4.90 -48.72 21.08
CA CYS G 3266 4.55 -47.29 21.34
C CYS G 3266 4.16 -46.91 22.81
N GLU G 3267 3.91 -47.91 23.68
CA GLU G 3267 3.56 -47.66 25.11
C GLU G 3267 4.76 -47.11 25.94
N GLY G 3268 4.48 -46.29 26.95
CA GLY G 3268 5.51 -45.51 27.67
C GLY G 3268 5.80 -44.13 27.07
N HIS G 3269 5.06 -43.76 26.01
CA HIS G 3269 5.08 -42.40 25.40
C HIS G 3269 6.44 -41.95 24.80
N ASN G 3270 7.06 -42.82 24.00
CA ASN G 3270 8.28 -42.47 23.25
C ASN G 3270 7.92 -41.77 21.91
N SER G 3271 7.69 -40.45 22.00
CA SER G 3271 7.27 -39.61 20.85
C SER G 3271 8.32 -39.56 19.70
N ASP G 3272 9.60 -39.71 20.04
CA ASP G 3272 10.70 -39.88 19.05
C ASP G 3272 10.54 -41.16 18.17
N PHE G 3273 10.02 -42.23 18.79
CA PHE G 3273 9.76 -43.52 18.10
C PHE G 3273 8.52 -43.45 17.16
N GLN G 3274 7.48 -42.75 17.61
CA GLN G 3274 6.23 -42.54 16.84
C GLN G 3274 6.50 -41.71 15.55
N ASN G 3275 7.26 -40.63 15.71
CA ASN G 3275 7.74 -39.80 14.58
C ASN G 3275 8.65 -40.60 13.62
N TYR G 3276 9.47 -41.51 14.18
CA TYR G 3276 10.32 -42.41 13.38
C TYR G 3276 9.46 -43.33 12.45
N LEU G 3277 8.31 -43.81 12.93
CA LEU G 3277 7.39 -44.63 12.11
C LEU G 3277 6.75 -43.82 10.96
N ARG G 3278 6.48 -42.53 11.17
CA ARG G 3278 5.84 -41.72 10.12
C ARG G 3278 6.79 -41.26 8.99
N THR G 3279 8.04 -40.86 9.34
CA THR G 3279 9.01 -40.28 8.36
C THR G 3279 10.33 -41.08 8.08
N GLN G 3280 10.72 -41.99 8.98
CA GLN G 3280 11.84 -42.96 8.74
C GLN G 3280 13.13 -42.27 8.22
N THR G 3281 13.60 -41.26 8.97
CA THR G 3281 14.58 -40.24 8.51
C THR G 3281 15.97 -40.73 7.99
N GLY G 3282 16.55 -41.75 8.64
CA GLY G 3282 17.84 -42.31 8.22
C GLY G 3282 17.80 -43.12 6.93
N ASN G 3283 16.70 -43.86 6.74
CA ASN G 3283 16.52 -44.77 5.58
C ASN G 3283 16.16 -44.06 4.25
N ASN G 3284 16.56 -44.67 3.13
CA ASN G 3284 16.34 -44.11 1.76
C ASN G 3284 14.85 -44.02 1.34
N THR G 3285 14.03 -44.96 1.81
CA THR G 3285 12.58 -45.01 1.52
C THR G 3285 11.77 -44.66 2.79
N THR G 3286 11.19 -43.45 2.80
CA THR G 3286 10.33 -42.98 3.92
C THR G 3286 8.96 -43.70 3.96
N VAL G 3287 8.96 -44.97 4.36
CA VAL G 3287 7.74 -45.80 4.39
C VAL G 3287 6.87 -45.36 5.58
N ASN G 3288 5.56 -45.27 5.35
CA ASN G 3288 4.58 -44.82 6.36
C ASN G 3288 3.67 -46.00 6.75
N ILE G 3289 3.98 -46.65 7.88
CA ILE G 3289 3.21 -47.82 8.40
C ILE G 3289 1.76 -47.41 8.76
N ILE G 3290 1.57 -46.15 9.15
CA ILE G 3290 0.23 -45.59 9.51
C ILE G 3290 -0.76 -45.63 8.32
N ILE G 3291 -0.29 -45.27 7.11
CA ILE G 3291 -1.09 -45.38 5.86
C ILE G 3291 -1.45 -46.87 5.54
N SER G 3292 -0.53 -47.80 5.86
CA SER G 3292 -0.74 -49.24 5.60
C SER G 3292 -1.83 -49.88 6.50
N THR G 3293 -1.80 -49.59 7.81
CA THR G 3293 -2.85 -50.02 8.76
C THR G 3293 -4.23 -49.35 8.48
N VAL G 3294 -4.24 -48.12 7.95
CA VAL G 3294 -5.49 -47.46 7.49
C VAL G 3294 -6.12 -48.23 6.30
N ASP G 3295 -5.28 -48.66 5.35
CA ASP G 3295 -5.71 -49.51 4.21
C ASP G 3295 -6.28 -50.87 4.70
N TYR G 3296 -5.70 -51.41 5.79
CA TYR G 3296 -6.22 -52.62 6.46
C TYR G 3296 -7.61 -52.40 7.13
N LEU G 3297 -7.84 -51.19 7.65
CA LEU G 3297 -9.19 -50.78 8.14
C LEU G 3297 -10.24 -50.67 7.02
N LEU G 3298 -9.79 -50.39 5.79
CA LEU G 3298 -10.68 -50.45 4.61
C LEU G 3298 -11.17 -51.91 4.35
N ARG G 3299 -10.23 -52.87 4.32
CA ARG G 3299 -10.52 -54.31 4.09
C ARG G 3299 -11.46 -54.93 5.17
N VAL G 3300 -11.12 -54.71 6.45
CA VAL G 3300 -11.95 -55.21 7.57
C VAL G 3300 -13.32 -54.52 7.64
N GLN G 3301 -13.39 -53.26 7.18
CA GLN G 3301 -14.69 -52.55 7.04
C GLN G 3301 -15.61 -53.22 6.00
N GLU G 3302 -15.08 -53.46 4.79
CA GLU G 3302 -15.86 -54.08 3.69
C GLU G 3302 -16.37 -55.49 4.09
N SER G 3303 -15.58 -56.20 4.90
CA SER G 3303 -15.96 -57.50 5.51
C SER G 3303 -17.18 -57.39 6.49
N ILE G 3304 -17.10 -56.47 7.46
CA ILE G 3304 -18.16 -56.28 8.48
C ILE G 3304 -19.49 -55.77 7.86
N SER G 3305 -19.38 -54.86 6.87
CA SER G 3305 -20.56 -54.22 6.23
C SER G 3305 -21.32 -55.17 5.27
N ASP G 3306 -20.56 -55.89 4.43
CA ASP G 3306 -21.14 -56.92 3.54
C ASP G 3306 -21.81 -58.03 4.38
N PHE G 3307 -21.19 -58.38 5.53
CA PHE G 3307 -21.76 -59.34 6.51
C PHE G 3307 -23.12 -58.85 7.04
N TYR G 3308 -23.23 -57.53 7.30
CA TYR G 3308 -24.52 -56.91 7.69
C TYR G 3308 -25.61 -57.07 6.61
N TRP G 3309 -25.34 -56.64 5.38
CA TRP G 3309 -26.35 -56.71 4.30
C TRP G 3309 -26.79 -58.15 3.94
N TYR G 3310 -25.92 -59.15 4.19
CA TYR G 3310 -26.34 -60.58 4.15
C TYR G 3310 -27.33 -60.96 5.31
N TYR G 3311 -27.14 -60.37 6.50
CA TYR G 3311 -28.08 -60.52 7.66
C TYR G 3311 -29.03 -59.29 7.90
N SER G 3312 -29.16 -58.39 6.91
CA SER G 3312 -30.00 -57.17 7.04
C SER G 3312 -31.52 -57.46 7.15
N GLY G 3313 -31.99 -58.51 6.48
CA GLY G 3313 -33.40 -58.97 6.56
C GLY G 3313 -33.66 -60.25 7.37
N LYS G 3314 -32.59 -60.88 7.87
CA LYS G 3314 -32.63 -62.19 8.58
C LYS G 3314 -32.65 -62.10 10.14
N ASP G 3315 -32.71 -60.87 10.70
CA ASP G 3315 -32.56 -60.56 12.17
C ASP G 3315 -31.82 -61.60 13.08
N VAL G 3316 -32.44 -62.77 13.30
CA VAL G 3316 -31.82 -63.89 14.08
C VAL G 3316 -30.55 -64.45 13.39
N ILE G 3317 -29.51 -64.73 14.19
CA ILE G 3317 -28.15 -65.14 13.69
C ILE G 3317 -27.70 -66.51 14.28
N ASP G 3318 -26.99 -67.30 13.45
CA ASP G 3318 -26.47 -68.62 13.86
C ASP G 3318 -25.28 -68.55 14.83
N GLU G 3319 -25.05 -69.65 15.56
CA GLU G 3319 -23.86 -69.82 16.42
C GLU G 3319 -22.52 -69.76 15.63
N GLN G 3320 -22.54 -70.30 14.40
CA GLN G 3320 -21.42 -70.18 13.42
C GLN G 3320 -21.14 -68.71 13.03
N GLY G 3321 -22.21 -67.95 12.80
CA GLY G 3321 -22.12 -66.51 12.50
C GLY G 3321 -21.73 -65.65 13.69
N GLN G 3322 -22.08 -66.11 14.91
CA GLN G 3322 -21.72 -65.37 16.13
C GLN G 3322 -20.22 -65.54 16.49
N ARG G 3323 -19.68 -66.76 16.37
CA ARG G 3323 -18.24 -67.02 16.60
C ARG G 3323 -17.34 -66.43 15.48
N ASN G 3324 -17.86 -66.37 14.24
CA ASN G 3324 -17.12 -65.76 13.09
C ASN G 3324 -17.06 -64.21 13.19
N PHE G 3325 -18.20 -63.60 13.52
CA PHE G 3325 -18.27 -62.15 13.79
C PHE G 3325 -17.51 -61.74 15.08
N SER G 3326 -17.43 -62.66 16.06
CA SER G 3326 -16.54 -62.51 17.25
C SER G 3326 -15.02 -62.49 16.90
N LYS G 3327 -14.62 -63.25 15.87
CA LYS G 3327 -13.23 -63.24 15.33
C LYS G 3327 -12.91 -61.89 14.63
N ALA G 3328 -13.78 -61.46 13.71
CA ALA G 3328 -13.62 -60.19 12.96
C ALA G 3328 -13.63 -58.94 13.87
N ILE G 3329 -14.41 -59.00 14.95
CA ILE G 3329 -14.46 -57.94 15.99
C ILE G 3329 -13.23 -57.99 16.94
N GLN G 3330 -12.61 -59.17 17.11
CA GLN G 3330 -11.31 -59.25 17.81
C GLN G 3330 -10.18 -58.53 17.02
N VAL G 3331 -10.19 -58.67 15.69
CA VAL G 3331 -9.20 -58.00 14.80
C VAL G 3331 -9.39 -56.46 14.83
N ALA G 3332 -10.63 -56.04 14.57
CA ALA G 3332 -11.05 -54.61 14.61
C ALA G 3332 -10.71 -53.94 15.97
N LYS G 3333 -10.91 -54.68 17.07
CA LYS G 3333 -10.55 -54.23 18.44
C LYS G 3333 -9.05 -53.89 18.57
N GLN G 3334 -8.19 -54.85 18.18
CA GLN G 3334 -6.73 -54.68 18.32
C GLN G 3334 -6.16 -53.54 17.44
N VAL G 3335 -6.76 -53.34 16.25
CA VAL G 3335 -6.29 -52.34 15.25
C VAL G 3335 -6.74 -50.89 15.56
N PHE G 3336 -7.98 -50.72 16.02
CA PHE G 3336 -8.47 -49.41 16.54
C PHE G 3336 -7.68 -48.97 17.80
N ASN G 3337 -7.25 -49.94 18.62
CA ASN G 3337 -6.33 -49.67 19.76
C ASN G 3337 -4.93 -49.23 19.28
N THR G 3338 -4.43 -49.80 18.17
CA THR G 3338 -3.13 -49.36 17.60
C THR G 3338 -3.17 -47.89 17.13
N LEU G 3339 -4.28 -47.48 16.51
CA LEU G 3339 -4.47 -46.07 16.07
C LEU G 3339 -4.81 -45.08 17.22
N THR G 3340 -5.24 -45.60 18.39
CA THR G 3340 -5.21 -44.78 19.62
C THR G 3340 -3.72 -44.51 19.97
N GLU G 3341 -2.90 -45.56 19.85
CA GLU G 3341 -1.53 -45.59 20.42
C GLU G 3341 -0.44 -44.85 19.61
N TYR G 3342 -0.50 -44.88 18.28
CA TYR G 3342 0.39 -44.08 17.41
C TYR G 3342 0.23 -42.56 17.67
N ILE G 3343 -1.02 -42.15 17.92
CA ILE G 3343 -1.43 -40.74 18.08
C ILE G 3343 -1.67 -40.35 19.58
N GLN G 3344 -1.58 -41.34 20.49
CA GLN G 3344 -1.72 -41.13 21.96
C GLN G 3344 -0.79 -39.99 22.42
N GLY G 3345 0.48 -40.12 22.07
CA GLY G 3345 1.45 -39.04 22.28
C GLY G 3345 1.05 -37.86 21.40
N PRO G 3346 1.30 -36.60 21.85
CA PRO G 3346 0.95 -35.45 21.00
C PRO G 3346 2.01 -35.25 19.89
N CYS G 3347 2.10 -36.24 18.99
CA CYS G 3347 3.08 -36.25 17.90
C CYS G 3347 2.50 -35.46 16.72
N THR G 3348 3.09 -34.28 16.45
CA THR G 3348 2.64 -33.37 15.37
C THR G 3348 2.65 -34.01 13.96
N GLY G 3349 3.72 -34.74 13.65
CA GLY G 3349 3.92 -35.37 12.32
C GLY G 3349 3.13 -36.65 12.09
N ASN G 3350 2.76 -37.32 13.20
CA ASN G 3350 1.89 -38.52 13.18
C ASN G 3350 0.41 -38.13 12.92
N GLN G 3351 -0.05 -37.02 13.50
CA GLN G 3351 -1.41 -36.50 13.24
C GLN G 3351 -1.56 -35.95 11.80
N GLN G 3352 -0.55 -35.19 11.32
CA GLN G 3352 -0.53 -34.66 9.92
C GLN G 3352 -0.43 -35.79 8.86
N SER G 3353 0.33 -36.85 9.17
CA SER G 3353 0.41 -38.07 8.32
C SER G 3353 -0.92 -38.85 8.23
N LEU G 3354 -1.73 -38.81 9.30
CA LEU G 3354 -3.06 -39.49 9.38
C LEU G 3354 -4.24 -38.62 8.87
N ALA G 3355 -4.21 -37.31 9.10
CA ALA G 3355 -5.32 -36.40 8.68
C ALA G 3355 -5.53 -36.33 7.15
N HIS G 3356 -4.40 -36.31 6.41
CA HIS G 3356 -4.40 -36.41 4.94
C HIS G 3356 -4.65 -37.88 4.45
N SER G 3357 -4.40 -38.88 5.32
CA SER G 3357 -4.65 -40.31 5.01
C SER G 3357 -6.15 -40.66 4.87
N ARG G 3358 -6.40 -41.82 4.26
CA ARG G 3358 -7.75 -42.29 3.87
C ARG G 3358 -8.62 -42.80 5.05
N LEU G 3359 -8.38 -42.27 6.26
CA LEU G 3359 -9.07 -42.71 7.50
C LEU G 3359 -10.57 -42.34 7.55
N TRP G 3360 -10.93 -41.21 6.92
CA TRP G 3360 -12.29 -40.60 7.05
C TRP G 3360 -13.40 -41.52 6.47
N ASP G 3361 -13.09 -42.14 5.31
CA ASP G 3361 -13.97 -43.12 4.62
C ASP G 3361 -14.30 -44.34 5.53
N ALA G 3362 -13.38 -44.66 6.46
CA ALA G 3362 -13.62 -45.66 7.52
C ALA G 3362 -14.47 -45.10 8.71
N VAL G 3363 -14.07 -43.95 9.27
CA VAL G 3363 -14.70 -43.40 10.51
C VAL G 3363 -16.20 -43.03 10.28
N VAL G 3364 -16.53 -42.51 9.08
CA VAL G 3364 -17.92 -42.27 8.70
C VAL G 3364 -18.66 -43.63 8.51
N GLY G 3365 -18.04 -44.54 7.75
CA GLY G 3365 -18.67 -45.81 7.34
C GLY G 3365 -18.93 -46.81 8.45
N PHE G 3366 -18.04 -46.85 9.45
CA PHE G 3366 -18.23 -47.69 10.65
C PHE G 3366 -19.53 -47.33 11.39
N LEU G 3367 -19.87 -46.04 11.44
CA LEU G 3367 -21.13 -45.57 12.08
C LEU G 3367 -22.39 -46.18 11.38
N HIS G 3368 -22.32 -46.27 10.04
CA HIS G 3368 -23.40 -46.91 9.22
C HIS G 3368 -23.61 -48.40 9.56
N VAL G 3369 -22.51 -49.06 9.96
CA VAL G 3369 -22.55 -50.42 10.55
C VAL G 3369 -22.99 -50.42 12.03
N PHE G 3370 -22.44 -49.48 12.84
CA PHE G 3370 -22.75 -49.41 14.29
C PHE G 3370 -24.19 -48.97 14.63
N ALA G 3371 -24.88 -48.32 13.69
CA ALA G 3371 -26.31 -47.98 13.86
C ALA G 3371 -27.24 -49.22 13.78
N HIS G 3372 -27.36 -49.79 12.56
CA HIS G 3372 -28.26 -50.93 12.27
C HIS G 3372 -27.96 -52.21 13.10
N MET G 3373 -26.67 -52.47 13.36
CA MET G 3373 -26.24 -53.62 14.18
C MET G 3373 -26.69 -53.53 15.66
N GLN G 3374 -26.79 -52.33 16.24
CA GLN G 3374 -27.33 -52.20 17.61
C GLN G 3374 -28.87 -52.03 17.63
N MET G 3375 -29.50 -52.21 16.45
CA MET G 3375 -30.97 -52.37 16.30
C MET G 3375 -31.39 -53.85 16.07
N LYS G 3376 -31.03 -54.41 14.91
CA LYS G 3376 -31.49 -55.76 14.49
C LYS G 3376 -30.86 -56.94 15.29
N LEU G 3377 -29.67 -56.74 15.85
CA LEU G 3377 -29.06 -57.72 16.78
C LEU G 3377 -29.57 -57.56 18.24
N SER G 3378 -30.19 -56.42 18.56
CA SER G 3378 -30.72 -56.17 19.91
C SER G 3378 -32.13 -56.78 20.18
N GLN G 3379 -32.59 -57.69 19.31
CA GLN G 3379 -33.96 -58.25 19.38
C GLN G 3379 -34.19 -59.27 20.53
N ASP G 3380 -33.16 -60.07 20.83
CA ASP G 3380 -33.25 -61.17 21.83
C ASP G 3380 -32.18 -61.04 22.93
N SER G 3381 -32.49 -61.55 24.14
CA SER G 3381 -31.55 -61.55 25.29
C SER G 3381 -30.30 -62.43 25.07
N SER G 3382 -30.47 -63.59 24.43
CA SER G 3382 -29.35 -64.44 23.96
C SER G 3382 -28.50 -63.68 22.92
N GLN G 3383 -29.17 -62.91 22.05
CA GLN G 3383 -28.51 -62.07 21.02
C GLN G 3383 -27.62 -60.93 21.56
N ILE G 3384 -27.94 -60.37 22.75
CA ILE G 3384 -27.23 -59.18 23.31
C ILE G 3384 -25.71 -59.41 23.59
N GLU G 3385 -25.34 -60.60 24.08
CA GLU G 3385 -23.90 -60.98 24.26
C GLU G 3385 -22.98 -60.34 23.19
N LEU G 3386 -23.38 -60.50 21.93
CA LEU G 3386 -22.65 -59.91 20.79
C LEU G 3386 -22.86 -58.37 20.70
N LEU G 3387 -24.04 -57.88 21.07
CA LEU G 3387 -24.28 -56.41 21.24
C LEU G 3387 -23.31 -55.75 22.25
N LYS G 3388 -22.89 -56.51 23.28
CA LYS G 3388 -21.85 -56.03 24.25
C LYS G 3388 -20.47 -55.82 23.56
N GLU G 3389 -20.10 -56.73 22.65
CA GLU G 3389 -18.87 -56.61 21.85
C GLU G 3389 -18.93 -55.37 20.93
N LEU G 3390 -20.11 -55.14 20.33
CA LEU G 3390 -20.38 -53.95 19.48
C LEU G 3390 -20.23 -52.60 20.25
N MET G 3391 -20.66 -52.59 21.52
CA MET G 3391 -20.58 -51.37 22.36
C MET G 3391 -19.14 -51.08 22.83
N ASP G 3392 -18.39 -52.12 23.23
CA ASP G 3392 -16.95 -51.97 23.60
C ASP G 3392 -16.11 -51.43 22.41
N LEU G 3393 -16.36 -51.95 21.20
CA LEU G 3393 -15.67 -51.48 19.97
C LEU G 3393 -16.02 -50.00 19.65
N GLN G 3394 -17.28 -49.61 19.90
CA GLN G 3394 -17.73 -48.20 19.71
C GLN G 3394 -17.01 -47.23 20.69
N LYS G 3395 -16.73 -47.70 21.92
CA LYS G 3395 -15.91 -46.95 22.90
C LYS G 3395 -14.49 -46.69 22.37
N ASP G 3396 -13.86 -47.73 21.79
CA ASP G 3396 -12.50 -47.62 21.22
C ASP G 3396 -12.42 -46.70 19.96
N MET G 3397 -13.54 -46.60 19.20
CA MET G 3397 -13.62 -45.74 17.99
C MET G 3397 -13.66 -44.23 18.34
N VAL G 3398 -14.62 -43.86 19.18
CA VAL G 3398 -14.72 -42.48 19.73
C VAL G 3398 -13.45 -42.05 20.52
N VAL G 3399 -12.76 -43.02 21.16
CA VAL G 3399 -11.47 -42.77 21.86
C VAL G 3399 -10.28 -42.49 20.89
N MET G 3400 -10.14 -43.22 19.77
CA MET G 3400 -9.06 -42.89 18.78
C MET G 3400 -9.29 -41.49 18.15
N LEU G 3401 -10.57 -41.10 17.99
CA LEU G 3401 -10.96 -39.79 17.42
C LEU G 3401 -10.64 -38.59 18.34
N LEU G 3402 -11.02 -38.74 19.63
CA LEU G 3402 -10.70 -37.76 20.69
C LEU G 3402 -9.17 -37.64 20.97
N SER G 3403 -8.43 -38.74 20.84
CA SER G 3403 -6.95 -38.76 20.93
C SER G 3403 -6.28 -38.19 19.67
N MET G 3404 -7.05 -38.05 18.57
CA MET G 3404 -6.60 -37.39 17.33
C MET G 3404 -6.71 -35.85 17.39
N LEU G 3405 -7.71 -35.35 18.14
CA LEU G 3405 -7.98 -33.87 18.25
C LEU G 3405 -7.20 -33.09 19.35
N GLU G 3406 -6.40 -33.77 20.20
CA GLU G 3406 -5.93 -33.16 21.48
C GLU G 3406 -5.09 -31.86 21.34
N GLY G 3407 -4.46 -31.67 20.17
CA GLY G 3407 -3.66 -30.46 19.89
C GLY G 3407 -4.35 -29.31 19.16
N ASN G 3408 -5.68 -29.20 19.28
CA ASN G 3408 -6.47 -28.17 18.53
C ASN G 3408 -6.20 -26.68 18.91
N VAL G 3409 -6.15 -25.82 17.89
CA VAL G 3409 -6.37 -24.37 18.01
C VAL G 3409 -7.86 -24.16 17.63
N VAL G 3410 -8.28 -22.97 17.15
CA VAL G 3410 -9.68 -22.80 16.67
C VAL G 3410 -10.03 -23.64 15.42
N ASN G 3411 -9.79 -23.09 14.22
CA ASN G 3411 -10.37 -23.62 12.97
C ASN G 3411 -9.36 -24.53 12.21
N GLY G 3412 -9.08 -25.71 12.77
CA GLY G 3412 -8.20 -26.69 12.14
C GLY G 3412 -8.81 -27.32 10.87
N THR G 3413 -7.99 -27.53 9.84
CA THR G 3413 -8.41 -28.24 8.60
C THR G 3413 -8.88 -29.70 8.88
N ILE G 3414 -8.27 -30.33 9.88
CA ILE G 3414 -8.70 -31.66 10.42
C ILE G 3414 -10.17 -31.65 10.96
N GLY G 3415 -10.49 -30.63 11.76
CA GLY G 3415 -11.85 -30.44 12.30
C GLY G 3415 -12.89 -30.14 11.22
N LYS G 3416 -12.47 -29.45 10.15
CA LYS G 3416 -13.32 -29.26 8.95
C LYS G 3416 -13.63 -30.58 8.23
N GLN G 3417 -12.64 -31.47 8.15
CA GLN G 3417 -12.84 -32.83 7.58
C GLN G 3417 -13.86 -33.64 8.44
N MET G 3418 -13.88 -33.39 9.75
CA MET G 3418 -14.78 -34.07 10.72
C MET G 3418 -16.25 -33.55 10.72
N VAL G 3419 -16.44 -32.22 10.63
CA VAL G 3419 -17.77 -31.62 10.43
C VAL G 3419 -18.37 -32.15 9.09
N ASP G 3420 -17.49 -32.31 8.08
CA ASP G 3420 -17.86 -32.88 6.76
C ASP G 3420 -18.37 -34.35 6.86
N MET G 3421 -17.70 -35.21 7.63
CA MET G 3421 -18.17 -36.62 7.83
C MET G 3421 -19.52 -36.71 8.59
N LEU G 3422 -19.71 -35.83 9.60
CA LEU G 3422 -20.96 -35.79 10.39
C LEU G 3422 -22.19 -35.31 9.57
N VAL G 3423 -21.97 -34.42 8.59
CA VAL G 3423 -23.02 -34.07 7.57
C VAL G 3423 -23.31 -35.27 6.62
N GLU G 3424 -22.24 -35.99 6.24
CA GLU G 3424 -22.35 -37.21 5.40
C GLU G 3424 -23.04 -38.42 6.12
N SER G 3425 -23.07 -38.39 7.47
CA SER G 3425 -23.73 -39.43 8.31
C SER G 3425 -25.06 -38.96 9.00
N SER G 3426 -25.81 -38.08 8.33
CA SER G 3426 -26.99 -37.35 8.91
C SER G 3426 -28.17 -38.22 9.43
N ASN G 3427 -28.78 -39.00 8.54
CA ASN G 3427 -29.89 -39.91 8.88
C ASN G 3427 -29.43 -41.10 9.76
N ASN G 3428 -28.14 -41.45 9.60
CA ASN G 3428 -27.44 -42.52 10.34
C ASN G 3428 -27.32 -42.20 11.86
N VAL G 3429 -26.64 -41.09 12.19
CA VAL G 3429 -26.52 -40.61 13.60
C VAL G 3429 -27.92 -40.16 14.13
N GLU G 3430 -28.83 -39.81 13.21
CA GLU G 3430 -30.26 -39.57 13.56
C GLU G 3430 -30.87 -40.83 14.24
N MET G 3431 -30.65 -42.01 13.63
CA MET G 3431 -31.16 -43.28 14.19
C MET G 3431 -30.48 -43.71 15.52
N ILE G 3432 -29.19 -43.41 15.69
CA ILE G 3432 -28.46 -43.79 16.94
C ILE G 3432 -28.96 -42.94 18.14
N LEU G 3433 -29.10 -41.62 17.92
CA LEU G 3433 -29.66 -40.69 18.94
C LEU G 3433 -31.12 -41.01 19.33
N LYS G 3434 -31.89 -41.55 18.38
CA LYS G 3434 -33.23 -42.11 18.67
C LYS G 3434 -33.16 -43.37 19.58
N PHE G 3435 -32.09 -44.18 19.46
CA PHE G 3435 -31.84 -45.29 20.44
C PHE G 3435 -31.51 -44.79 21.88
N PHE G 3436 -30.72 -43.72 21.99
CA PHE G 3436 -30.26 -43.22 23.31
C PHE G 3436 -31.36 -42.49 24.14
N ASP G 3437 -32.44 -42.04 23.48
CA ASP G 3437 -33.47 -41.17 24.10
C ASP G 3437 -34.42 -41.89 25.12
N MET G 3438 -34.51 -43.22 25.04
CA MET G 3438 -35.32 -44.01 26.00
C MET G 3438 -34.78 -43.89 27.43
N LEU G 3445 -33.95 -42.18 41.31
CA LEU G 3445 -34.17 -42.91 40.06
C LEU G 3445 -35.66 -42.88 39.67
N THR G 3446 -36.02 -41.93 38.79
CA THR G 3446 -37.42 -41.64 38.43
C THR G 3446 -38.12 -42.75 37.63
N SER G 3447 -37.35 -43.49 36.81
CA SER G 3447 -37.86 -44.63 36.03
C SER G 3447 -38.22 -45.86 36.89
N SER G 3448 -37.67 -45.94 38.10
CA SER G 3448 -38.11 -46.94 39.11
C SER G 3448 -39.53 -46.60 39.64
N ASP G 3449 -39.78 -45.30 39.85
CA ASP G 3449 -41.06 -44.81 40.37
C ASP G 3449 -42.20 -44.90 39.33
N THR G 3450 -41.87 -44.66 38.06
CA THR G 3450 -42.85 -44.87 36.95
C THR G 3450 -43.17 -46.38 36.75
N PHE G 3451 -42.23 -47.27 37.09
CA PHE G 3451 -42.48 -48.72 37.16
C PHE G 3451 -43.43 -49.10 38.35
N LYS G 3452 -43.30 -48.38 39.48
CA LYS G 3452 -44.22 -48.56 40.63
C LYS G 3452 -45.65 -48.00 40.36
N GLU G 3453 -45.78 -47.06 39.42
CA GLU G 3453 -47.12 -46.55 39.00
C GLU G 3453 -47.96 -47.54 38.15
N TYR G 3454 -47.33 -48.61 37.62
CA TYR G 3454 -48.04 -49.70 36.90
C TYR G 3454 -47.66 -51.15 37.34
N ASP G 3455 -46.95 -51.31 38.47
CA ASP G 3455 -46.69 -52.61 39.12
C ASP G 3455 -47.40 -52.63 40.49
N PRO G 3456 -48.63 -53.19 40.58
CA PRO G 3456 -49.41 -53.19 41.83
C PRO G 3456 -48.99 -54.24 42.89
N ASP G 3457 -48.66 -55.45 42.45
CA ASP G 3457 -48.27 -56.56 43.35
C ASP G 3457 -46.91 -56.34 44.06
N GLY G 3458 -45.95 -55.70 43.37
CA GLY G 3458 -44.54 -55.70 43.77
C GLY G 3458 -43.82 -56.97 43.31
N LYS G 3459 -44.31 -57.56 42.22
CA LYS G 3459 -43.73 -58.75 41.57
C LYS G 3459 -42.52 -58.40 40.67
N GLY G 3460 -42.38 -57.12 40.33
CA GLY G 3460 -41.38 -56.65 39.36
C GLY G 3460 -41.81 -56.84 37.89
N ILE G 3461 -43.10 -57.14 37.69
CA ILE G 3461 -43.66 -57.37 36.35
C ILE G 3461 -44.73 -56.30 36.01
N ILE G 3462 -44.68 -55.77 34.77
CA ILE G 3462 -45.74 -54.89 34.22
C ILE G 3462 -46.14 -55.38 32.82
N SER G 3463 -47.40 -55.20 32.42
CA SER G 3463 -47.87 -55.63 31.08
C SER G 3463 -47.11 -54.93 29.93
N LYS G 3464 -47.04 -55.58 28.77
CA LYS G 3464 -46.38 -55.06 27.55
C LYS G 3464 -47.11 -53.79 27.00
N ARG G 3465 -48.43 -53.88 26.92
CA ARG G 3465 -49.32 -52.75 26.60
C ARG G 3465 -49.23 -51.60 27.63
N ASP G 3466 -49.04 -51.96 28.90
CA ASP G 3466 -48.79 -50.98 29.98
C ASP G 3466 -47.44 -50.23 29.86
N PHE G 3467 -46.47 -50.81 29.14
CA PHE G 3467 -45.17 -50.12 28.88
C PHE G 3467 -45.28 -48.84 28.00
N HIS G 3468 -46.27 -48.77 27.11
CA HIS G 3468 -46.43 -47.57 26.24
C HIS G 3468 -46.89 -46.32 27.05
N LYS G 3469 -47.86 -46.50 27.97
CA LYS G 3469 -48.31 -45.42 28.88
C LYS G 3469 -47.30 -45.09 30.01
N ALA G 3470 -46.62 -46.12 30.54
CA ALA G 3470 -45.51 -45.96 31.52
C ALA G 3470 -44.29 -45.15 30.99
N MET G 3471 -44.00 -45.30 29.69
CA MET G 3471 -42.93 -44.54 29.00
C MET G 3471 -43.37 -43.13 28.51
N GLU G 3472 -44.64 -42.98 28.13
CA GLU G 3472 -45.26 -41.69 27.73
C GLU G 3472 -45.21 -40.61 28.84
N SER G 3473 -45.31 -41.03 30.11
CA SER G 3473 -45.10 -40.15 31.29
C SER G 3473 -43.64 -39.61 31.36
N HIS G 3474 -42.69 -40.45 30.93
CA HIS G 3474 -41.32 -40.03 30.64
C HIS G 3474 -41.26 -39.36 29.25
N LYS G 3475 -40.82 -40.09 28.22
CA LYS G 3475 -40.63 -39.53 26.87
C LYS G 3475 -41.67 -40.05 25.89
N HIS G 3476 -42.15 -39.17 25.02
CA HIS G 3476 -43.09 -39.54 23.95
C HIS G 3476 -42.41 -40.46 22.92
N TYR G 3477 -42.55 -41.77 23.14
CA TYR G 3477 -42.09 -42.83 22.23
C TYR G 3477 -42.67 -42.74 20.80
N THR G 3478 -41.81 -42.89 19.79
CA THR G 3478 -42.28 -43.13 18.39
C THR G 3478 -42.86 -44.57 18.31
N GLN G 3479 -43.86 -44.79 17.43
CA GLN G 3479 -44.53 -46.11 17.29
C GLN G 3479 -43.57 -47.27 16.92
N SER G 3480 -42.64 -46.99 15.99
CA SER G 3480 -41.56 -47.94 15.64
C SER G 3480 -40.64 -48.28 16.83
N GLU G 3481 -40.34 -47.27 17.66
CA GLU G 3481 -39.53 -47.46 18.90
C GLU G 3481 -40.22 -48.40 19.91
N THR G 3482 -41.54 -48.24 20.12
CA THR G 3482 -42.28 -49.12 21.05
C THR G 3482 -42.44 -50.55 20.53
N GLU G 3483 -42.56 -50.73 19.20
CA GLU G 3483 -42.73 -52.09 18.62
C GLU G 3483 -41.43 -52.91 18.69
N PHE G 3484 -40.28 -52.25 18.49
CA PHE G 3484 -38.96 -52.87 18.71
C PHE G 3484 -38.65 -53.05 20.23
N LEU G 3485 -39.25 -52.22 21.10
CA LEU G 3485 -39.15 -52.40 22.57
C LEU G 3485 -39.90 -53.67 23.07
N LEU G 3486 -41.13 -53.86 22.60
CA LEU G 3486 -41.93 -55.08 22.90
C LEU G 3486 -41.28 -56.36 22.31
N SER G 3487 -40.67 -56.21 21.13
CA SER G 3487 -39.83 -57.26 20.49
C SER G 3487 -38.53 -57.57 21.30
N CYS G 3488 -37.95 -56.54 21.94
CA CYS G 3488 -36.78 -56.69 22.85
C CYS G 3488 -37.13 -57.43 24.17
N ALA G 3489 -38.40 -57.32 24.59
CA ALA G 3489 -38.90 -58.09 25.75
C ALA G 3489 -39.90 -59.15 25.29
N GLU G 3490 -39.37 -60.20 24.64
CA GLU G 3490 -40.17 -61.31 24.09
C GLU G 3490 -39.71 -62.75 24.49
N THR G 3491 -38.57 -62.88 25.18
CA THR G 3491 -38.00 -64.20 25.54
C THR G 3491 -38.92 -65.04 26.45
N ASP G 3492 -39.49 -64.39 27.47
CA ASP G 3492 -40.44 -65.02 28.41
C ASP G 3492 -41.87 -64.52 28.11
N GLU G 3493 -42.68 -65.36 27.45
CA GLU G 3493 -44.06 -64.98 27.07
C GLU G 3493 -44.99 -65.08 28.30
N ASN G 3494 -44.93 -64.05 29.15
CA ASN G 3494 -45.78 -63.92 30.34
C ASN G 3494 -46.96 -62.96 30.08
N GLU G 3495 -46.90 -62.21 28.95
CA GLU G 3495 -47.71 -60.99 28.68
C GLU G 3495 -47.28 -59.77 29.54
N THR G 3496 -46.11 -59.87 30.17
CA THR G 3496 -45.65 -58.91 31.19
C THR G 3496 -44.11 -58.91 31.34
N LEU G 3497 -43.58 -57.75 31.71
CA LEU G 3497 -42.16 -57.40 31.58
C LEU G 3497 -41.38 -57.38 32.92
N ASP G 3498 -40.31 -58.18 33.00
CA ASP G 3498 -39.41 -58.19 34.17
C ASP G 3498 -38.51 -56.93 34.21
N TYR G 3499 -38.22 -56.44 35.43
CA TYR G 3499 -37.41 -55.20 35.62
C TYR G 3499 -35.93 -55.31 35.15
N GLU G 3500 -35.42 -56.54 35.01
CA GLU G 3500 -34.20 -56.83 34.21
C GLU G 3500 -34.40 -56.40 32.73
N GLU G 3501 -35.44 -56.94 32.10
CA GLU G 3501 -35.80 -56.66 30.71
C GLU G 3501 -36.14 -55.16 30.49
N PHE G 3502 -36.74 -54.52 31.51
CA PHE G 3502 -36.98 -53.05 31.52
C PHE G 3502 -35.67 -52.22 31.61
N VAL G 3503 -34.70 -52.67 32.42
CA VAL G 3503 -33.42 -51.90 32.54
C VAL G 3503 -32.49 -52.10 31.32
N LYS G 3504 -32.60 -53.27 30.67
CA LYS G 3504 -31.92 -53.53 29.38
C LYS G 3504 -32.50 -52.68 28.23
N ARG G 3505 -33.77 -52.31 28.35
CA ARG G 3505 -34.49 -51.44 27.41
C ARG G 3505 -34.49 -49.97 27.88
N PRO G 3509 -21.79 -49.52 30.73
CA PRO G 3509 -21.62 -50.17 29.44
C PRO G 3509 -22.13 -49.33 28.24
N ALA G 3510 -23.46 -49.20 28.08
CA ALA G 3510 -24.06 -48.40 26.99
C ALA G 3510 -23.86 -46.88 27.23
N LYS G 3511 -23.89 -46.45 28.50
CA LYS G 3511 -23.63 -45.04 28.87
C LYS G 3511 -22.20 -44.54 28.50
N ASP G 3512 -21.24 -45.46 28.51
CA ASP G 3512 -19.82 -45.17 28.16
C ASP G 3512 -19.68 -44.67 26.70
N ILE G 3513 -20.60 -45.06 25.81
CA ILE G 3513 -20.69 -44.52 24.44
C ILE G 3513 -21.08 -43.04 24.45
N GLY G 3514 -22.23 -42.75 25.08
CA GLY G 3514 -22.86 -41.44 25.08
C GLY G 3514 -21.98 -40.33 25.63
N PHE G 3515 -21.29 -40.61 26.75
CA PHE G 3515 -20.35 -39.63 27.34
C PHE G 3515 -19.30 -39.20 26.31
N ASN G 3516 -18.61 -40.18 25.70
CA ASN G 3516 -17.54 -39.87 24.73
C ASN G 3516 -18.12 -39.18 23.47
N VAL G 3517 -19.33 -39.60 23.05
CA VAL G 3517 -20.06 -38.93 21.95
C VAL G 3517 -20.37 -37.47 22.36
N ALA G 3518 -20.85 -37.27 23.59
CA ALA G 3518 -21.11 -35.92 24.13
C ALA G 3518 -19.81 -35.10 24.20
N VAL G 3519 -18.69 -35.75 24.55
CA VAL G 3519 -17.36 -35.09 24.57
C VAL G 3519 -17.09 -34.52 23.16
N LEU G 3520 -17.27 -35.34 22.12
CA LEU G 3520 -17.07 -34.92 20.72
C LEU G 3520 -18.00 -33.75 20.31
N LEU G 3521 -19.27 -33.84 20.73
CA LEU G 3521 -20.28 -32.80 20.43
C LEU G 3521 -19.90 -31.46 21.07
N THR G 3522 -19.24 -31.49 22.24
CA THR G 3522 -18.64 -30.28 22.82
C THR G 3522 -17.24 -29.99 22.23
N ASN G 3523 -16.42 -31.03 22.04
CA ASN G 3523 -14.99 -30.89 21.61
C ASN G 3523 -14.82 -30.23 20.22
N LEU G 3524 -15.80 -30.40 19.33
CA LEU G 3524 -15.83 -29.62 18.06
C LEU G 3524 -16.50 -28.22 18.27
N SER G 3525 -17.71 -28.23 18.86
CA SER G 3525 -18.58 -27.03 18.96
C SER G 3525 -17.92 -25.84 19.71
N GLU G 3526 -17.06 -26.14 20.68
CA GLU G 3526 -16.31 -25.11 21.42
C GLU G 3526 -14.97 -24.76 20.71
N HIS G 3527 -14.24 -25.76 20.18
CA HIS G 3527 -13.00 -25.51 19.39
C HIS G 3527 -13.25 -24.84 18.02
N MET G 3528 -14.39 -25.12 17.38
CA MET G 3528 -14.75 -24.51 16.07
C MET G 3528 -16.12 -23.78 16.07
N PRO G 3529 -16.18 -22.56 16.71
CA PRO G 3529 -17.43 -21.76 16.75
C PRO G 3529 -17.84 -21.19 15.37
N ASN G 3530 -19.15 -21.04 15.14
CA ASN G 3530 -19.79 -20.53 13.89
C ASN G 3530 -19.92 -21.61 12.76
N ASP G 3531 -20.58 -22.73 13.09
CA ASP G 3531 -20.86 -23.86 12.14
C ASP G 3531 -22.39 -24.24 12.07
N THR G 3532 -23.11 -23.60 11.13
CA THR G 3532 -24.57 -23.83 10.90
C THR G 3532 -24.98 -25.30 10.68
N ARG G 3533 -24.09 -26.06 10.02
CA ARG G 3533 -24.22 -27.53 9.85
C ARG G 3533 -24.13 -28.25 11.22
N LEU G 3534 -23.08 -27.92 11.98
CA LEU G 3534 -22.86 -28.46 13.34
C LEU G 3534 -23.92 -27.97 14.36
N GLN G 3535 -24.50 -26.78 14.13
CA GLN G 3535 -25.59 -26.24 14.99
C GLN G 3535 -26.87 -27.12 14.93
N THR G 3536 -27.25 -27.53 13.71
CA THR G 3536 -28.40 -28.44 13.51
C THR G 3536 -28.12 -29.86 14.03
N PHE G 3537 -26.85 -30.30 13.92
CA PHE G 3537 -26.40 -31.63 14.36
C PHE G 3537 -26.52 -31.79 15.91
N LEU G 3538 -26.00 -30.80 16.65
CA LEU G 3538 -26.17 -30.73 18.12
C LEU G 3538 -27.64 -30.51 18.54
N GLU G 3539 -28.41 -29.77 17.73
CA GLU G 3539 -29.87 -29.56 17.97
C GLU G 3539 -30.67 -30.88 18.04
N LEU G 3540 -30.32 -31.84 17.17
CA LEU G 3540 -30.88 -33.21 17.23
C LEU G 3540 -30.21 -34.07 18.35
N ALA G 3541 -28.94 -33.75 18.67
CA ALA G 3541 -28.16 -34.46 19.71
C ALA G 3541 -28.46 -34.07 21.17
N GLU G 3542 -29.31 -33.04 21.39
CA GLU G 3542 -29.69 -32.59 22.75
C GLU G 3542 -30.37 -33.69 23.60
N SER G 3543 -31.03 -34.66 22.95
CA SER G 3543 -31.59 -35.88 23.61
C SER G 3543 -30.52 -36.73 24.36
N VAL G 3544 -29.29 -36.77 23.83
CA VAL G 3544 -28.14 -37.41 24.51
C VAL G 3544 -27.43 -36.44 25.50
N LEU G 3545 -27.35 -35.15 25.14
CA LEU G 3545 -26.70 -34.13 26.00
C LEU G 3545 -27.40 -33.81 27.34
N ASN G 3546 -28.71 -34.06 27.48
CA ASN G 3546 -29.48 -33.66 28.68
C ASN G 3546 -29.06 -34.35 30.00
N TYR G 3547 -28.79 -35.66 29.95
CA TYR G 3547 -28.32 -36.41 31.15
C TYR G 3547 -26.86 -36.08 31.53
N PHE G 3548 -26.04 -35.72 30.53
CA PHE G 3548 -24.60 -35.43 30.70
C PHE G 3548 -24.24 -33.93 30.90
N GLN G 3549 -25.19 -33.00 30.70
CA GLN G 3549 -24.96 -31.56 30.98
C GLN G 3549 -24.75 -31.27 32.49
N PRO G 3550 -25.51 -31.94 33.41
CA PRO G 3550 -25.15 -31.90 34.85
C PRO G 3550 -23.70 -32.39 35.19
N PHE G 3551 -23.17 -33.37 34.43
CA PHE G 3551 -21.81 -33.92 34.69
C PHE G 3551 -20.81 -34.07 33.49
N LEU G 3552 -20.95 -33.22 32.46
CA LEU G 3552 -19.92 -33.00 31.42
C LEU G 3552 -19.38 -31.58 31.66
N GLY G 3553 -18.09 -31.47 32.05
CA GLY G 3553 -17.48 -30.21 32.46
C GLY G 3553 -16.40 -29.69 31.52
N ARG G 3554 -16.33 -28.35 31.41
CA ARG G 3554 -15.38 -27.64 30.51
C ARG G 3554 -14.39 -26.74 31.30
N ILE G 3555 -13.12 -27.18 31.40
CA ILE G 3555 -12.01 -26.34 31.94
C ILE G 3555 -10.96 -26.03 30.84
N GLU G 3556 -10.46 -24.79 30.82
CA GLU G 3556 -9.31 -24.40 29.98
C GLU G 3556 -7.98 -24.57 30.73
N ILE G 3557 -7.05 -25.30 30.09
CA ILE G 3557 -5.66 -25.51 30.59
C ILE G 3557 -4.63 -25.24 29.47
N MET G 3558 -3.50 -24.60 29.82
CA MET G 3558 -2.40 -24.35 28.87
C MET G 3558 -1.64 -25.67 28.56
N GLY G 3559 -1.32 -25.87 27.27
CA GLY G 3559 -0.69 -27.11 26.78
C GLY G 3559 0.83 -27.12 26.79
N SER G 3560 1.42 -28.05 26.01
CA SER G 3560 2.88 -28.24 25.93
C SER G 3560 3.61 -27.03 25.33
N ALA G 3561 2.95 -26.33 24.41
CA ALA G 3561 3.47 -25.07 23.83
C ALA G 3561 2.86 -23.83 24.51
N LYS G 3562 2.31 -23.99 25.73
CA LYS G 3562 1.54 -22.94 26.44
C LYS G 3562 0.24 -22.45 25.73
N ARG G 3563 -0.19 -23.18 24.69
CA ARG G 3563 -1.43 -22.84 23.96
C ARG G 3563 -2.63 -23.25 24.82
N ILE G 3564 -3.67 -22.41 24.87
CA ILE G 3564 -4.92 -22.76 25.58
C ILE G 3564 -5.63 -23.91 24.83
N GLU G 3565 -5.80 -25.04 25.54
CA GLU G 3565 -6.57 -26.21 25.09
C GLU G 3565 -7.71 -26.45 26.12
N ARG G 3566 -8.96 -26.23 25.68
CA ARG G 3566 -10.16 -26.48 26.51
C ARG G 3566 -10.36 -28.01 26.63
N VAL G 3567 -10.82 -28.46 27.81
CA VAL G 3567 -10.90 -29.91 28.16
C VAL G 3567 -12.32 -30.33 28.62
N TYR G 3568 -12.80 -31.45 28.05
CA TYR G 3568 -14.20 -31.89 28.14
C TYR G 3568 -14.31 -33.17 29.00
N PHE G 3569 -14.20 -32.95 30.30
CA PHE G 3569 -13.93 -33.98 31.31
C PHE G 3569 -15.19 -34.59 31.94
N GLU G 3570 -15.01 -35.71 32.65
CA GLU G 3570 -16.09 -36.59 33.18
C GLU G 3570 -16.31 -36.49 34.72
N ILE G 3571 -17.31 -35.71 35.16
CA ILE G 3571 -17.79 -35.73 36.57
C ILE G 3571 -18.68 -36.99 36.80
N SER G 3572 -18.57 -37.60 37.99
CA SER G 3572 -19.50 -38.69 38.41
C SER G 3572 -20.87 -38.15 38.90
N GLU G 3573 -21.92 -38.94 38.64
CA GLU G 3573 -23.30 -38.67 39.10
C GLU G 3573 -23.40 -38.56 40.65
N SER G 3574 -22.62 -39.37 41.37
CA SER G 3574 -22.51 -39.28 42.83
C SER G 3574 -21.77 -38.01 43.32
N SER G 3575 -20.71 -37.62 42.60
CA SER G 3575 -19.78 -36.55 43.06
C SER G 3575 -20.31 -35.11 42.90
N ARG G 3576 -20.97 -34.81 41.78
CA ARG G 3576 -21.52 -33.45 41.53
C ARG G 3576 -22.60 -33.04 42.56
N THR G 3577 -23.38 -34.02 43.03
CA THR G 3577 -24.34 -33.82 44.14
C THR G 3577 -23.66 -33.82 45.55
N GLN G 3578 -22.59 -34.60 45.71
CA GLN G 3578 -21.84 -34.68 46.99
C GLN G 3578 -21.06 -33.39 47.40
N TRP G 3579 -20.69 -32.56 46.41
CA TRP G 3579 -19.97 -31.27 46.65
C TRP G 3579 -20.83 -30.12 47.28
N GLU G 3580 -22.17 -30.26 47.26
CA GLU G 3580 -23.11 -29.17 47.68
C GLU G 3580 -23.52 -29.17 49.20
N LYS G 3581 -24.30 -30.17 49.61
CA LYS G 3581 -25.08 -30.12 50.88
C LYS G 3581 -24.33 -30.17 52.26
N PRO G 3582 -23.28 -31.01 52.42
CA PRO G 3582 -22.71 -31.29 53.76
C PRO G 3582 -21.74 -30.20 54.33
N GLN G 3583 -20.87 -30.61 55.27
CA GLN G 3583 -19.82 -29.73 55.84
C GLN G 3583 -18.74 -29.22 54.86
N VAL G 3584 -18.60 -29.86 53.69
CA VAL G 3584 -17.64 -29.44 52.63
C VAL G 3584 -17.77 -27.96 52.17
N LYS G 3585 -19.01 -27.42 52.12
CA LYS G 3585 -19.27 -25.99 51.81
C LYS G 3585 -18.62 -25.03 52.84
N GLU G 3586 -18.74 -25.38 54.13
CA GLU G 3586 -18.09 -24.65 55.24
C GLU G 3586 -16.55 -24.76 55.19
N SER G 3587 -16.04 -25.91 54.71
CA SER G 3587 -14.59 -26.09 54.40
C SER G 3587 -14.11 -25.15 53.25
N LYS G 3588 -15.00 -24.87 52.28
CA LYS G 3588 -14.74 -23.89 51.19
C LYS G 3588 -14.68 -22.43 51.73
N ARG G 3589 -15.50 -22.13 52.75
CA ARG G 3589 -15.49 -20.80 53.42
C ARG G 3589 -14.15 -20.54 54.19
N GLN G 3590 -13.74 -21.52 55.01
CA GLN G 3590 -12.47 -21.45 55.78
C GLN G 3590 -11.20 -21.46 54.86
N PHE G 3591 -11.30 -22.13 53.70
CA PHE G 3591 -10.23 -22.14 52.65
C PHE G 3591 -10.01 -20.77 51.99
N ILE G 3592 -11.07 -20.18 51.43
CA ILE G 3592 -11.00 -18.85 50.75
C ILE G 3592 -10.58 -17.73 51.74
N PHE G 3593 -11.00 -17.82 53.01
CA PHE G 3593 -10.53 -16.90 54.10
C PHE G 3593 -9.01 -17.05 54.42
N ASP G 3594 -8.48 -18.28 54.30
CA ASP G 3594 -7.04 -18.57 54.56
C ASP G 3594 -6.07 -18.27 53.36
N VAL G 3595 -6.62 -17.93 52.18
CA VAL G 3595 -5.80 -17.69 50.94
C VAL G 3595 -5.49 -16.18 50.69
N VAL G 3596 -6.52 -15.35 50.48
CA VAL G 3596 -6.31 -13.95 50.03
C VAL G 3596 -5.64 -13.06 51.11
N ASN G 3597 -5.92 -13.32 52.38
CA ASN G 3597 -5.24 -12.68 53.53
C ASN G 3597 -3.74 -13.08 53.63
N GLU G 3598 -3.45 -14.37 53.41
CA GLU G 3598 -2.10 -14.94 53.62
C GLU G 3598 -1.30 -15.16 52.30
N GLY G 3599 -1.82 -16.01 51.40
CA GLY G 3599 -1.14 -16.35 50.13
C GLY G 3599 -1.32 -15.33 49.00
N GLY G 3600 -1.26 -15.83 47.76
CA GLY G 3600 -1.44 -14.98 46.56
C GLY G 3600 -0.70 -15.41 45.29
N GLU G 3601 0.46 -16.07 45.43
CA GLU G 3601 1.37 -16.41 44.28
C GLU G 3601 1.36 -17.93 43.88
N LYS G 3602 2.45 -18.68 44.10
CA LYS G 3602 2.46 -20.17 43.92
C LYS G 3602 1.42 -20.87 44.84
N GLU G 3603 1.18 -20.25 46.00
CA GLU G 3603 0.19 -20.70 47.00
C GLU G 3603 -1.28 -20.69 46.47
N LYS G 3604 -1.64 -19.73 45.60
CA LYS G 3604 -3.04 -19.61 45.12
C LYS G 3604 -3.53 -20.80 44.25
N MET G 3605 -2.59 -21.60 43.72
CA MET G 3605 -2.89 -22.85 42.97
C MET G 3605 -2.51 -24.16 43.73
N GLU G 3606 -1.27 -24.21 44.26
CA GLU G 3606 -0.73 -25.42 44.94
C GLU G 3606 -1.52 -25.74 46.24
N LEU G 3607 -1.84 -24.71 47.03
CA LEU G 3607 -2.72 -24.87 48.22
C LEU G 3607 -4.16 -25.23 47.82
N PHE G 3608 -4.60 -24.74 46.66
CA PHE G 3608 -5.94 -25.09 46.11
C PHE G 3608 -6.11 -26.58 45.79
N VAL G 3609 -5.07 -27.24 45.28
CA VAL G 3609 -5.14 -28.68 44.95
C VAL G 3609 -4.89 -29.57 46.22
N ASN G 3610 -4.28 -29.01 47.28
CA ASN G 3610 -4.30 -29.74 48.57
C ASN G 3610 -5.70 -29.67 49.24
N PHE G 3611 -6.44 -28.57 49.05
CA PHE G 3611 -7.88 -28.48 49.42
C PHE G 3611 -8.78 -29.42 48.57
N CYS G 3612 -8.44 -29.61 47.29
CA CYS G 3612 -9.19 -30.54 46.40
C CYS G 3612 -9.01 -32.01 46.88
N GLU G 3613 -7.78 -32.35 47.27
CA GLU G 3613 -7.44 -33.67 47.86
C GLU G 3613 -8.07 -33.92 49.28
N ASP G 3614 -8.26 -32.88 50.09
CA ASP G 3614 -9.03 -32.99 51.36
C ASP G 3614 -10.54 -33.23 51.12
N THR G 3615 -11.12 -32.52 50.14
CA THR G 3615 -12.56 -32.69 49.77
C THR G 3615 -12.83 -34.11 49.17
N ILE G 3616 -11.81 -34.70 48.53
CA ILE G 3616 -11.83 -36.12 48.06
C ILE G 3616 -12.23 -37.09 49.20
N PHE G 3617 -11.65 -36.91 50.37
CA PHE G 3617 -11.82 -37.89 51.46
C PHE G 3617 -13.20 -37.83 52.11
N GLU G 3618 -13.85 -36.66 52.07
CA GLU G 3618 -15.26 -36.52 52.54
C GLU G 3618 -16.25 -37.23 51.57
N MET G 3619 -16.06 -37.03 50.26
CA MET G 3619 -16.81 -37.75 49.20
C MET G 3619 -16.62 -39.30 49.27
N GLN G 3620 -15.39 -39.72 49.60
CA GLN G 3620 -15.05 -41.14 49.80
C GLN G 3620 -15.76 -41.78 51.02
N LEU G 3621 -16.02 -40.99 52.07
CA LEU G 3621 -16.85 -41.46 53.22
C LEU G 3621 -18.30 -41.78 52.79
N ALA G 3622 -18.85 -40.95 51.90
CA ALA G 3622 -20.17 -41.18 51.29
C ALA G 3622 -20.20 -42.45 50.40
N ALA G 3623 -19.08 -42.73 49.71
CA ALA G 3623 -18.89 -43.99 48.95
C ALA G 3623 -18.82 -45.24 49.86
N GLN G 3624 -18.33 -45.04 51.10
CA GLN G 3624 -18.32 -46.10 52.14
C GLN G 3624 -19.67 -46.26 52.90
N ILE G 3625 -20.69 -45.46 52.54
CA ILE G 3625 -22.00 -45.52 53.23
C ILE G 3625 -22.70 -46.90 53.10
N ILE G 3904 -20.96 -60.30 64.00
CA ILE G 3904 -21.81 -60.35 62.81
C ILE G 3904 -21.69 -59.07 61.97
N ALA G 3905 -22.30 -59.09 60.79
CA ALA G 3905 -22.25 -57.96 59.86
C ALA G 3905 -23.02 -56.70 60.31
N TYR G 3906 -23.97 -56.86 61.24
CA TYR G 3906 -24.80 -55.73 61.71
C TYR G 3906 -24.01 -54.54 62.27
N GLN G 3907 -22.97 -54.84 63.06
CA GLN G 3907 -22.26 -53.81 63.83
C GLN G 3907 -21.65 -52.69 62.98
N GLN G 3908 -21.31 -52.99 61.72
CA GLN G 3908 -20.87 -51.97 60.76
C GLN G 3908 -22.00 -51.00 60.41
N LYS G 3909 -23.20 -51.53 60.21
CA LYS G 3909 -24.36 -50.72 59.79
C LYS G 3909 -24.94 -49.85 60.92
N LEU G 3910 -24.78 -50.28 62.18
CA LEU G 3910 -25.14 -49.44 63.33
C LEU G 3910 -24.21 -48.23 63.49
N LEU G 3911 -22.95 -48.39 63.07
CA LEU G 3911 -21.95 -47.32 63.11
C LEU G 3911 -22.23 -46.17 62.13
N ASN G 3912 -22.76 -46.49 60.95
CA ASN G 3912 -22.76 -45.53 59.82
C ASN G 3912 -23.87 -44.44 59.89
N TYR G 3913 -25.01 -44.76 60.49
CA TYR G 3913 -26.09 -43.76 60.70
C TYR G 3913 -25.64 -42.64 61.65
N LEU G 3914 -24.80 -43.00 62.61
CA LEU G 3914 -24.12 -42.04 63.49
C LEU G 3914 -23.44 -40.91 62.69
N ALA G 3915 -22.70 -41.30 61.65
CA ALA G 3915 -21.97 -40.36 60.80
C ALA G 3915 -22.87 -39.44 59.95
N ARG G 3916 -24.06 -39.93 59.58
CA ARG G 3916 -25.04 -39.11 58.84
C ARG G 3916 -25.54 -37.95 59.71
N ASN G 3917 -26.12 -38.29 60.86
CA ASN G 3917 -26.65 -37.29 61.81
C ASN G 3917 -25.65 -37.00 62.97
N PHE G 3918 -24.39 -36.82 62.58
CA PHE G 3918 -23.27 -36.57 63.51
C PHE G 3918 -23.35 -35.15 64.08
N TYR G 3919 -23.53 -34.17 63.18
CA TYR G 3919 -23.64 -32.75 63.58
C TYR G 3919 -24.98 -32.39 64.26
N ASN G 3920 -26.05 -33.12 63.92
CA ASN G 3920 -27.35 -32.95 64.58
C ASN G 3920 -27.32 -33.43 66.03
N MET G 3921 -26.60 -34.52 66.28
CA MET G 3921 -26.41 -35.05 67.64
C MET G 3921 -25.59 -34.14 68.57
N ARG G 3922 -24.75 -33.27 68.01
CA ARG G 3922 -24.01 -32.26 68.78
C ARG G 3922 -24.90 -31.06 69.17
N MET G 3923 -25.88 -30.73 68.32
CA MET G 3923 -26.98 -29.83 68.72
C MET G 3923 -27.85 -30.46 69.80
N LEU G 3924 -28.03 -31.78 69.72
CA LEU G 3924 -28.69 -32.55 70.79
C LEU G 3924 -27.83 -32.61 72.05
N ALA G 3925 -26.50 -32.68 71.89
CA ALA G 3925 -25.55 -32.57 73.00
C ALA G 3925 -25.62 -31.18 73.67
N LEU G 3926 -25.83 -30.16 72.85
CA LEU G 3926 -26.10 -28.80 73.35
C LEU G 3926 -27.49 -28.74 74.02
N PHE G 3927 -28.47 -29.38 73.39
CA PHE G 3927 -29.85 -29.47 73.92
C PHE G 3927 -29.93 -30.23 75.24
N VAL G 3928 -29.20 -31.35 75.35
CA VAL G 3928 -29.28 -32.24 76.52
C VAL G 3928 -28.38 -31.82 77.69
N ALA G 3929 -27.23 -31.21 77.39
CA ALA G 3929 -26.30 -30.75 78.44
C ALA G 3929 -26.85 -29.56 79.23
N PHE G 3930 -27.53 -28.65 78.52
CA PHE G 3930 -28.19 -27.49 79.14
C PHE G 3930 -29.40 -27.87 80.02
N ALA G 3931 -30.08 -28.96 79.68
CA ALA G 3931 -31.34 -29.34 80.33
C ALA G 3931 -31.21 -29.86 81.76
N ILE G 3932 -30.15 -30.65 82.02
CA ILE G 3932 -29.97 -31.31 83.32
C ILE G 3932 -29.60 -30.35 84.47
N ASN G 3933 -28.86 -29.28 84.16
CA ASN G 3933 -28.29 -28.40 85.20
C ASN G 3933 -29.31 -27.46 85.89
N PHE G 3934 -30.53 -27.35 85.37
CA PHE G 3934 -31.62 -26.62 86.05
C PHE G 3934 -32.21 -27.42 87.22
N ILE G 3935 -31.96 -28.73 87.26
CA ILE G 3935 -32.33 -29.57 88.41
C ILE G 3935 -31.41 -29.28 89.60
N LEU G 3936 -30.15 -28.92 89.33
CA LEU G 3936 -29.21 -28.48 90.37
C LEU G 3936 -29.62 -27.15 91.05
N LEU G 3937 -30.48 -26.37 90.39
CA LEU G 3937 -31.11 -25.17 90.99
C LEU G 3937 -31.94 -25.51 92.23
N PHE G 3938 -32.55 -26.70 92.26
CA PHE G 3938 -33.39 -27.15 93.38
C PHE G 3938 -32.71 -28.21 94.28
N TYR G 3939 -31.38 -28.13 94.43
CA TYR G 3939 -30.63 -28.91 95.44
C TYR G 3939 -30.64 -28.14 96.79
N LYS G 3940 -30.21 -28.79 97.87
CA LYS G 3940 -30.24 -28.18 99.23
C LYS G 3940 -29.25 -28.87 100.19
N VAL G 3941 -28.74 -28.13 101.18
CA VAL G 3941 -27.82 -28.66 102.22
C VAL G 3941 -28.14 -28.21 103.66
N SER G 3942 -27.57 -28.94 104.63
CA SER G 3942 -27.68 -28.63 106.09
C SER G 3942 -26.30 -28.42 106.74
N VAL G 3977 -24.47 -31.96 104.59
CA VAL G 3977 -25.05 -33.19 104.03
C VAL G 3977 -26.00 -32.90 102.84
N HIS G 3978 -25.64 -33.41 101.65
CA HIS G 3978 -26.34 -33.07 100.39
C HIS G 3978 -27.63 -33.89 100.18
N TYR G 3979 -28.54 -33.35 99.35
CA TYR G 3979 -29.84 -34.01 98.99
C TYR G 3979 -30.50 -33.35 97.73
N VAL G 3980 -31.30 -34.13 96.99
CA VAL G 3980 -32.06 -33.67 95.79
C VAL G 3980 -33.55 -33.31 96.11
N LEU G 3981 -33.80 -32.05 96.47
CA LEU G 3981 -35.11 -31.57 96.99
C LEU G 3981 -36.11 -31.18 95.87
N GLU G 3982 -36.84 -32.18 95.36
CA GLU G 3982 -37.93 -31.94 94.37
C GLU G 3982 -39.17 -31.20 94.95
N GLU G 3983 -39.66 -30.17 94.24
CA GLU G 3983 -40.93 -29.49 94.56
C GLU G 3983 -42.09 -30.23 93.82
N SER G 3984 -43.26 -30.32 94.43
CA SER G 3984 -44.49 -30.91 93.83
C SER G 3984 -44.30 -32.36 93.26
N SER G 3985 -44.12 -32.50 91.94
CA SER G 3985 -44.08 -33.82 91.26
C SER G 3985 -42.90 -34.74 91.63
N GLY G 3986 -43.16 -36.06 91.67
CA GLY G 3986 -42.21 -37.08 92.16
C GLY G 3986 -41.30 -37.77 91.16
N TYR G 3987 -41.36 -37.37 89.87
CA TYR G 3987 -40.59 -38.04 88.81
C TYR G 3987 -39.27 -37.33 88.43
N MET G 3988 -38.78 -36.43 89.29
CA MET G 3988 -37.59 -35.60 88.97
C MET G 3988 -36.34 -35.85 89.82
N GLU G 3989 -36.44 -36.57 90.95
CA GLU G 3989 -35.25 -37.06 91.67
C GLU G 3989 -34.72 -38.40 91.12
N PRO G 3990 -35.62 -39.36 90.81
CA PRO G 3990 -35.16 -40.56 90.08
C PRO G 3990 -34.54 -40.29 88.70
N THR G 3991 -35.04 -39.28 87.98
CA THR G 3991 -34.50 -38.94 86.66
C THR G 3991 -33.10 -38.33 86.69
N LEU G 3992 -32.66 -37.87 87.86
CA LEU G 3992 -31.26 -37.49 88.11
C LEU G 3992 -30.30 -38.69 87.95
N ARG G 3993 -30.81 -39.90 88.13
CA ARG G 3993 -30.06 -41.14 87.89
C ARG G 3993 -30.25 -41.73 86.47
N ILE G 3994 -31.43 -41.58 85.87
CA ILE G 3994 -31.71 -42.15 84.53
C ILE G 3994 -30.99 -41.40 83.41
N LEU G 3995 -30.97 -40.07 83.49
CA LEU G 3995 -30.24 -39.24 82.53
C LEU G 3995 -28.73 -39.26 82.82
N ALA G 3996 -28.35 -39.58 84.06
CA ALA G 3996 -26.94 -39.78 84.43
C ALA G 3996 -26.31 -40.98 83.73
N ILE G 3997 -27.05 -42.09 83.65
CA ILE G 3997 -26.59 -43.27 82.90
C ILE G 3997 -26.72 -43.07 81.38
N LEU G 3998 -27.75 -42.34 80.94
CA LEU G 3998 -27.91 -41.97 79.53
C LEU G 3998 -26.91 -40.88 79.05
N HIS G 3999 -26.25 -40.19 79.98
CA HIS G 3999 -25.14 -39.27 79.65
C HIS G 3999 -23.76 -39.97 79.68
N THR G 4000 -23.65 -41.09 80.39
CA THR G 4000 -22.43 -41.92 80.39
C THR G 4000 -22.20 -42.61 79.03
N VAL G 4001 -23.30 -43.00 78.37
CA VAL G 4001 -23.23 -43.73 77.08
C VAL G 4001 -22.89 -42.83 75.86
N ILE G 4002 -23.36 -41.58 75.86
CA ILE G 4002 -23.22 -40.68 74.69
C ILE G 4002 -21.77 -40.29 74.34
N SER G 4003 -20.90 -40.23 75.35
CA SER G 4003 -19.49 -39.84 75.15
C SER G 4003 -18.69 -40.82 74.29
N PHE G 4004 -18.86 -42.12 74.53
CA PHE G 4004 -18.13 -43.17 73.80
C PHE G 4004 -18.67 -43.42 72.37
N PHE G 4005 -19.94 -43.08 72.12
CA PHE G 4005 -20.58 -43.29 70.81
C PHE G 4005 -20.08 -42.24 69.79
N CYS G 4006 -20.13 -40.97 70.18
CA CYS G 4006 -19.76 -39.85 69.30
C CYS G 4006 -18.30 -39.86 68.81
N ILE G 4007 -17.37 -40.22 69.70
CA ILE G 4007 -15.94 -40.30 69.35
C ILE G 4007 -15.63 -41.26 68.18
N ILE G 4008 -16.36 -42.38 68.12
CA ILE G 4008 -16.21 -43.34 67.02
C ILE G 4008 -16.88 -42.78 65.75
N GLY G 4009 -17.91 -41.95 65.92
CA GLY G 4009 -18.47 -41.14 64.83
C GLY G 4009 -17.46 -40.17 64.23
N TYR G 4010 -16.73 -39.44 65.09
CA TYR G 4010 -15.61 -38.57 64.67
C TYR G 4010 -14.41 -39.40 64.14
N TYR G 4011 -14.23 -40.61 64.68
CA TYR G 4011 -13.16 -41.56 64.24
C TYR G 4011 -13.33 -42.05 62.78
N CYS G 4012 -14.57 -42.07 62.29
CA CYS G 4012 -14.92 -42.48 60.90
C CYS G 4012 -15.28 -41.31 59.94
N LEU G 4013 -15.04 -40.06 60.36
CA LEU G 4013 -15.38 -38.83 59.57
C LEU G 4013 -14.14 -37.91 59.32
N LYS G 4014 -13.88 -36.96 60.23
CA LYS G 4014 -12.74 -36.00 60.09
C LYS G 4014 -11.34 -36.62 60.37
N VAL G 4015 -11.27 -37.69 61.17
CA VAL G 4015 -10.00 -38.41 61.47
C VAL G 4015 -9.27 -38.93 60.19
N PRO G 4016 -10.00 -39.61 59.27
CA PRO G 4016 -9.42 -39.93 57.94
C PRO G 4016 -8.76 -38.73 57.20
N LEU G 4017 -9.37 -37.54 57.29
CA LEU G 4017 -8.82 -36.30 56.69
C LEU G 4017 -7.48 -35.86 57.32
N VAL G 4018 -7.36 -35.96 58.66
CA VAL G 4018 -6.11 -35.57 59.35
C VAL G 4018 -4.96 -36.55 59.11
N ILE G 4019 -5.26 -37.86 59.06
CA ILE G 4019 -4.25 -38.89 58.70
C ILE G 4019 -3.79 -38.68 57.24
N PHE G 4020 -4.72 -38.24 56.38
CA PHE G 4020 -4.39 -37.88 54.98
C PHE G 4020 -3.46 -36.66 54.88
N LYS G 4021 -3.63 -35.66 55.77
CA LYS G 4021 -2.76 -34.46 55.79
C LYS G 4021 -1.29 -34.75 56.22
N ARG G 4022 -1.10 -35.48 57.33
CA ARG G 4022 0.27 -35.84 57.81
C ARG G 4022 1.01 -36.82 56.85
N GLU G 4023 0.29 -37.80 56.30
CA GLU G 4023 0.86 -38.72 55.28
C GLU G 4023 1.17 -38.01 53.93
N LYS G 4024 0.37 -36.99 53.59
CA LYS G 4024 0.54 -36.21 52.33
C LYS G 4024 1.78 -35.30 52.40
N GLU G 4025 1.90 -34.52 53.48
CA GLU G 4025 3.07 -33.64 53.68
C GLU G 4025 4.37 -34.44 53.89
N VAL G 4026 4.29 -35.58 54.56
CA VAL G 4026 5.48 -36.44 54.80
C VAL G 4026 5.98 -37.11 53.51
N ALA G 4027 5.06 -37.72 52.73
CA ALA G 4027 5.39 -38.37 51.44
C ALA G 4027 5.92 -37.38 50.38
N ARG G 4028 5.42 -36.14 50.40
CA ARG G 4028 5.94 -35.03 49.56
C ARG G 4028 7.37 -34.60 49.99
N LYS G 4029 7.64 -34.59 51.30
CA LYS G 4029 8.99 -34.29 51.87
C LYS G 4029 10.07 -35.38 51.54
N LEU G 4030 9.65 -36.64 51.40
CA LEU G 4030 10.56 -37.75 50.97
C LEU G 4030 10.80 -37.76 49.43
N GLU G 4031 9.71 -37.62 48.66
CA GLU G 4031 9.75 -37.63 47.16
C GLU G 4031 10.61 -36.50 46.53
N PHE G 4032 10.58 -35.31 47.16
CA PHE G 4032 11.34 -34.13 46.71
C PHE G 4032 12.37 -33.62 47.77
N ASP G 4033 11.92 -33.36 49.00
CA ASP G 4033 12.78 -32.72 50.04
C ASP G 4033 13.93 -33.63 50.61
N GLY G 4034 13.66 -34.93 50.77
CA GLY G 4034 14.65 -35.87 51.32
C GLY G 4034 15.12 -35.57 52.74
N LEU G 4035 14.17 -35.20 53.61
CA LEU G 4035 14.43 -34.92 55.06
C LEU G 4035 15.10 -36.10 55.81
N TYR G 4036 14.60 -37.31 55.58
CA TYR G 4036 15.11 -38.54 56.22
C TYR G 4036 16.28 -39.14 55.40
N ILE G 4037 16.21 -39.03 54.07
CA ILE G 4037 17.31 -39.43 53.15
C ILE G 4037 18.54 -38.53 53.36
N THR G 4038 18.31 -37.21 53.43
CA THR G 4038 19.39 -36.21 53.62
C THR G 4038 19.28 -35.41 54.96
N GLU G 4039 18.16 -34.72 55.22
CA GLU G 4039 18.10 -33.69 56.29
C GLU G 4039 18.15 -34.16 57.79
N GLN G 4040 17.46 -35.25 58.12
CA GLN G 4040 17.25 -35.75 59.51
C GLN G 4040 16.38 -34.81 60.43
N PRO G 4041 16.16 -35.18 61.73
CA PRO G 4041 15.44 -34.34 62.71
C PRO G 4041 16.34 -33.61 63.75
N SER G 4042 16.06 -32.32 64.01
CA SER G 4042 16.91 -31.43 64.84
C SER G 4042 16.36 -31.16 66.28
N GLU G 4043 17.04 -30.28 67.03
CA GLU G 4043 16.57 -29.84 68.37
C GLU G 4043 15.17 -29.21 68.38
N ASP G 4044 14.65 -28.84 67.20
CA ASP G 4044 13.24 -28.40 67.00
C ASP G 4044 12.47 -29.39 66.05
N ASP G 4045 11.21 -29.05 65.73
CA ASP G 4045 10.31 -29.88 64.85
C ASP G 4045 10.00 -31.28 65.48
N ILE G 4046 9.45 -31.24 66.70
CA ILE G 4046 9.23 -32.42 67.57
C ILE G 4046 8.27 -33.47 66.96
N LYS G 4047 7.25 -33.01 66.24
CA LYS G 4047 6.30 -33.92 65.55
C LYS G 4047 6.95 -34.61 64.32
N GLY G 4048 7.93 -33.94 63.69
CA GLY G 4048 8.78 -34.56 62.65
C GLY G 4048 9.79 -35.59 63.18
N GLN G 4049 10.27 -35.37 64.42
CA GLN G 4049 11.07 -36.40 65.15
C GLN G 4049 10.19 -37.63 65.51
N TRP G 4050 8.89 -37.40 65.76
CA TRP G 4050 7.86 -38.46 65.91
C TRP G 4050 7.61 -39.24 64.59
N ASP G 4051 7.79 -38.56 63.45
CA ASP G 4051 7.55 -39.11 62.10
C ASP G 4051 8.57 -40.20 61.61
N ARG G 4052 9.73 -40.34 62.26
CA ARG G 4052 10.69 -41.44 61.95
C ARG G 4052 10.06 -42.84 62.08
N LEU G 4053 9.18 -43.01 63.08
CA LEU G 4053 8.56 -44.31 63.41
C LEU G 4053 7.70 -44.95 62.28
N VAL G 4054 7.10 -44.11 61.41
CA VAL G 4054 6.18 -44.59 60.33
C VAL G 4054 6.90 -44.96 58.99
N ILE G 4055 8.05 -44.34 58.70
CA ILE G 4055 8.82 -44.59 57.44
C ILE G 4055 9.24 -46.07 57.26
N ASN G 4056 9.58 -46.73 58.37
CA ASN G 4056 9.97 -48.17 58.35
C ASN G 4056 8.77 -49.12 58.12
N THR G 4057 7.54 -48.65 58.37
CA THR G 4057 6.28 -49.43 58.17
C THR G 4057 5.96 -49.73 56.67
N GLN G 4058 5.58 -50.98 56.40
CA GLN G 4058 5.26 -51.45 55.03
C GLN G 4058 3.91 -50.93 54.51
N SER G 4059 2.98 -50.62 55.42
CA SER G 4059 1.67 -49.97 55.14
C SER G 4059 1.67 -48.41 55.10
N PHE G 4060 2.83 -47.79 54.82
CA PHE G 4060 3.02 -46.30 54.87
C PHE G 4060 2.01 -45.44 54.02
N PRO G 4061 1.84 -45.75 52.70
CA PRO G 4061 0.74 -45.05 51.98
C PRO G 4061 -0.67 -45.66 52.20
N ASN G 4062 -1.12 -45.71 53.47
CA ASN G 4062 -2.41 -46.36 53.85
C ASN G 4062 -3.67 -45.62 53.35
N ASN G 4063 -3.55 -44.29 53.22
CA ASN G 4063 -4.67 -43.40 52.79
C ASN G 4063 -4.35 -42.46 51.60
N TYR G 4064 -3.11 -42.44 51.10
CA TYR G 4064 -2.69 -41.45 50.05
C TYR G 4064 -3.18 -41.76 48.61
N TRP G 4065 -3.96 -42.84 48.43
CA TRP G 4065 -4.52 -43.31 47.11
C TRP G 4065 -3.49 -43.51 45.96
N ASP G 4066 -2.20 -43.61 46.31
CA ASP G 4066 -1.08 -43.69 45.35
C ASP G 4066 0.09 -44.46 46.02
N LYS G 4067 -0.05 -45.79 46.08
CA LYS G 4067 0.91 -46.71 46.73
C LYS G 4067 2.33 -46.75 46.09
N PHE G 4068 2.42 -46.44 44.79
CA PHE G 4068 3.68 -46.55 44.02
C PHE G 4068 4.82 -45.58 44.46
N VAL G 4069 4.46 -44.46 45.12
CA VAL G 4069 5.43 -43.43 45.64
C VAL G 4069 6.72 -44.03 46.24
N LYS G 4070 6.54 -45.05 47.10
CA LYS G 4070 7.65 -45.67 47.86
C LYS G 4070 8.79 -46.14 46.92
N ARG G 4071 8.47 -47.01 45.95
CA ARG G 4071 9.48 -47.49 44.98
C ARG G 4071 10.08 -46.33 44.14
N LYS G 4072 9.23 -45.37 43.76
CA LYS G 4072 9.67 -44.20 42.96
C LYS G 4072 10.74 -43.36 43.69
N VAL G 4073 10.67 -43.32 45.03
CA VAL G 4073 11.65 -42.57 45.86
C VAL G 4073 13.11 -43.07 45.63
N MET G 4074 13.30 -44.39 45.49
CA MET G 4074 14.63 -44.99 45.18
C MET G 4074 15.22 -44.43 43.87
N ASP G 4075 14.36 -44.32 42.84
CA ASP G 4075 14.78 -43.77 41.52
C ASP G 4075 15.20 -42.28 41.61
N LYS G 4076 14.58 -41.52 42.53
CA LYS G 4076 14.96 -40.12 42.79
C LYS G 4076 16.28 -39.96 43.58
N TYR G 4077 16.60 -40.93 44.47
CA TYR G 4077 17.73 -40.77 45.42
C TYR G 4077 18.54 -42.01 45.89
N GLY G 4078 18.29 -43.20 45.32
CA GLY G 4078 19.04 -44.43 45.66
C GLY G 4078 20.49 -44.42 45.15
N GLU G 4079 20.73 -43.68 44.07
CA GLU G 4079 22.08 -43.47 43.53
C GLU G 4079 22.94 -42.44 44.33
N PHE G 4080 22.30 -41.63 45.18
CA PHE G 4080 22.98 -40.54 45.95
C PHE G 4080 24.03 -41.03 46.98
N TYR G 4081 23.79 -42.19 47.60
CA TYR G 4081 24.81 -42.87 48.44
C TYR G 4081 24.74 -44.41 48.58
N GLY G 4082 23.53 -44.98 48.63
CA GLY G 4082 23.33 -46.42 48.82
C GLY G 4082 21.93 -46.93 48.50
N ARG G 4083 21.83 -47.76 47.45
CA ARG G 4083 20.57 -48.46 47.08
C ARG G 4083 20.07 -49.42 48.21
N ASP G 4084 20.99 -50.21 48.78
CA ASP G 4084 20.68 -51.11 49.92
C ASP G 4084 20.35 -50.36 51.24
N ARG G 4085 20.98 -49.21 51.47
CA ARG G 4085 20.71 -48.38 52.68
C ARG G 4085 19.26 -47.83 52.70
N ILE G 4086 18.81 -47.30 51.56
CA ILE G 4086 17.41 -46.83 51.39
C ILE G 4086 16.41 -48.03 51.37
N SER G 4087 16.85 -49.19 50.86
CA SER G 4087 16.03 -50.43 50.89
C SER G 4087 15.73 -50.93 52.32
N GLU G 4088 16.66 -50.67 53.25
CA GLU G 4088 16.47 -50.92 54.70
C GLU G 4088 15.65 -49.80 55.39
N LEU G 4089 15.89 -48.53 55.01
CA LEU G 4089 15.18 -47.36 55.59
C LEU G 4089 13.65 -47.36 55.31
N LEU G 4090 13.24 -47.88 54.15
CA LEU G 4090 11.81 -48.06 53.79
C LEU G 4090 11.30 -49.53 54.00
N GLY G 4091 12.17 -50.42 54.49
CA GLY G 4091 11.82 -51.83 54.75
C GLY G 4091 11.74 -52.70 53.50
N SER G 4115 -9.84 -66.55 66.30
CA SER G 4115 -9.80 -66.67 64.83
C SER G 4115 -8.44 -66.24 64.25
N ALA G 4116 -8.25 -66.46 62.93
CA ALA G 4116 -7.02 -66.08 62.22
C ALA G 4116 -6.82 -64.56 62.09
N VAL G 4117 -7.94 -63.83 62.02
CA VAL G 4117 -7.94 -62.33 61.95
C VAL G 4117 -7.23 -61.65 63.13
N LEU G 4118 -7.26 -62.31 64.30
CA LEU G 4118 -6.59 -61.85 65.54
C LEU G 4118 -5.06 -61.62 65.36
N ASN G 4119 -4.45 -62.39 64.43
CA ASN G 4119 -3.00 -62.30 64.12
C ASN G 4119 -2.66 -61.51 62.84
N SER G 4120 -3.68 -61.20 62.01
CA SER G 4120 -3.48 -60.63 60.65
C SER G 4120 -2.83 -59.20 60.58
N ILE G 4121 -3.13 -58.35 61.56
CA ILE G 4121 -2.62 -56.94 61.60
C ILE G 4121 -1.11 -56.78 61.96
N ASP G 4122 -0.45 -55.79 61.34
CA ASP G 4122 0.89 -55.31 61.76
C ASP G 4122 0.75 -54.40 63.00
N VAL G 4123 1.72 -54.49 63.93
CA VAL G 4123 1.64 -53.81 65.25
C VAL G 4123 2.01 -52.30 65.22
N LYS G 4124 3.03 -51.96 64.43
CA LYS G 4124 3.64 -50.59 64.41
C LYS G 4124 2.67 -49.46 63.93
N TYR G 4125 1.86 -49.76 62.90
CA TYR G 4125 0.93 -48.77 62.32
C TYR G 4125 -0.21 -48.33 63.27
N GLN G 4126 -0.66 -49.25 64.14
CA GLN G 4126 -1.74 -48.98 65.13
C GLN G 4126 -1.29 -48.06 66.30
N MET G 4127 -0.04 -48.23 66.76
CA MET G 4127 0.54 -47.39 67.83
C MET G 4127 0.81 -45.95 67.34
N TRP G 4128 1.42 -45.82 66.15
CA TRP G 4128 1.66 -44.49 65.52
C TRP G 4128 0.33 -43.76 65.14
N LYS G 4129 -0.68 -44.53 64.71
CA LYS G 4129 -2.07 -44.03 64.47
C LYS G 4129 -2.70 -43.38 65.72
N LEU G 4130 -2.65 -44.12 66.84
CA LEU G 4130 -3.17 -43.63 68.13
C LEU G 4130 -2.41 -42.39 68.67
N GLY G 4131 -1.12 -42.26 68.33
CA GLY G 4131 -0.34 -41.05 68.65
C GLY G 4131 -0.76 -39.78 67.89
N VAL G 4132 -1.06 -39.93 66.59
CA VAL G 4132 -1.37 -38.78 65.69
C VAL G 4132 -2.71 -38.07 66.07
N VAL G 4133 -3.68 -38.82 66.60
CA VAL G 4133 -5.01 -38.25 66.94
C VAL G 4133 -5.02 -37.29 68.16
N PHE G 4134 -4.21 -37.58 69.18
CA PHE G 4134 -4.16 -36.77 70.43
C PHE G 4134 -3.61 -35.32 70.25
N THR G 4135 -2.69 -35.12 69.30
CA THR G 4135 -2.14 -33.78 68.96
C THR G 4135 -3.18 -32.81 68.31
N ASP G 4136 -4.22 -33.36 67.66
CA ASP G 4136 -5.33 -32.56 67.09
C ASP G 4136 -6.12 -31.83 68.22
N ASN G 4137 -6.40 -30.54 68.03
CA ASN G 4137 -7.12 -29.69 69.03
C ASN G 4137 -8.63 -30.09 69.20
N SER G 4138 -9.28 -30.50 68.11
CA SER G 4138 -10.71 -30.91 68.13
C SER G 4138 -10.93 -32.25 68.89
N PHE G 4139 -10.10 -33.24 68.54
CA PHE G 4139 -10.12 -34.55 69.23
C PHE G 4139 -9.80 -34.41 70.72
N LEU G 4140 -8.91 -33.47 71.06
CA LEU G 4140 -8.57 -33.20 72.47
C LEU G 4140 -9.74 -32.58 73.25
N TYR G 4141 -10.55 -31.77 72.58
CA TYR G 4141 -11.73 -31.16 73.21
C TYR G 4141 -12.84 -32.18 73.50
N LEU G 4142 -13.19 -32.98 72.50
CA LEU G 4142 -14.28 -33.97 72.64
C LEU G 4142 -13.88 -35.27 73.38
N ALA G 4143 -12.59 -35.52 73.54
CA ALA G 4143 -12.10 -36.65 74.36
C ALA G 4143 -12.16 -36.33 75.86
N TRP G 4144 -11.88 -35.07 76.20
CA TRP G 4144 -12.09 -34.53 77.55
C TRP G 4144 -13.54 -34.67 78.03
N TYR G 4145 -14.48 -34.63 77.06
CA TYR G 4145 -15.91 -34.88 77.30
C TYR G 4145 -16.17 -36.25 77.99
N MET G 4146 -15.44 -37.29 77.58
CA MET G 4146 -15.62 -38.64 78.15
C MET G 4146 -15.00 -38.82 79.53
N THR G 4147 -13.79 -38.31 79.72
CA THR G 4147 -13.07 -38.45 81.00
C THR G 4147 -13.84 -37.78 82.16
N MET G 4148 -14.49 -36.65 81.86
CA MET G 4148 -15.42 -36.02 82.81
C MET G 4148 -16.72 -36.83 82.97
N SER G 4149 -17.18 -37.47 81.89
CA SER G 4149 -18.36 -38.36 81.95
C SER G 4149 -18.14 -39.67 82.74
N ILE G 4150 -16.89 -40.02 83.04
CA ILE G 4150 -16.59 -41.03 84.05
C ILE G 4150 -16.75 -40.40 85.45
N LEU G 4151 -16.30 -39.15 85.61
CA LEU G 4151 -16.53 -38.37 86.83
C LEU G 4151 -17.95 -37.81 87.00
N GLY G 4152 -18.78 -37.91 85.95
CA GLY G 4152 -20.22 -37.65 86.06
C GLY G 4152 -20.92 -38.77 86.81
N HIS G 4153 -20.49 -40.00 86.56
CA HIS G 4153 -20.87 -41.17 87.37
C HIS G 4153 -20.43 -40.97 88.83
N TYR G 4154 -19.28 -40.31 89.01
CA TYR G 4154 -18.74 -39.93 90.32
C TYR G 4154 -19.48 -38.79 91.04
N ASN G 4155 -19.88 -37.73 90.32
CA ASN G 4155 -20.46 -36.51 90.96
C ASN G 4155 -21.36 -35.65 90.04
N ASN G 4156 -22.37 -34.99 90.64
CA ASN G 4156 -23.29 -34.07 89.93
C ASN G 4156 -22.83 -32.60 89.85
N PHE G 4157 -21.72 -32.26 90.50
CA PHE G 4157 -21.21 -30.88 90.55
C PHE G 4157 -19.96 -30.62 89.71
N PHE G 4158 -19.22 -31.68 89.38
CA PHE G 4158 -18.34 -31.66 88.21
C PHE G 4158 -19.19 -31.61 86.94
N PHE G 4159 -20.40 -32.16 87.02
CA PHE G 4159 -21.39 -32.11 85.92
C PHE G 4159 -21.76 -30.69 85.50
N ALA G 4160 -21.76 -29.75 86.45
CA ALA G 4160 -22.03 -28.33 86.15
C ALA G 4160 -20.92 -27.63 85.35
N ALA G 4161 -19.74 -28.25 85.27
CA ALA G 4161 -18.65 -27.77 84.40
C ALA G 4161 -18.76 -28.17 82.93
N HIS G 4162 -19.77 -28.96 82.56
CA HIS G 4162 -20.01 -29.33 81.14
C HIS G 4162 -20.53 -28.19 80.24
N LEU G 4163 -20.96 -27.07 80.83
CA LEU G 4163 -21.58 -25.96 80.08
C LEU G 4163 -20.64 -25.20 79.10
N LEU G 4164 -19.34 -25.45 79.18
CA LEU G 4164 -18.36 -24.80 78.27
C LEU G 4164 -18.40 -25.30 76.81
N ASP G 4165 -19.19 -26.33 76.52
CA ASP G 4165 -19.40 -26.81 75.13
C ASP G 4165 -20.04 -25.77 74.20
N ILE G 4166 -20.81 -24.84 74.78
CA ILE G 4166 -21.40 -23.71 74.03
C ILE G 4166 -20.36 -22.83 73.33
N ALA G 4167 -19.15 -22.73 73.90
CA ALA G 4167 -18.06 -21.93 73.31
C ALA G 4167 -17.66 -22.36 71.89
N MET G 4168 -17.79 -23.65 71.59
CA MET G 4168 -17.70 -24.16 70.22
C MET G 4168 -18.90 -25.07 69.94
N GLY G 4169 -20.05 -24.43 69.73
CA GLY G 4169 -21.33 -25.11 69.46
C GLY G 4169 -22.14 -24.39 68.41
N PHE G 4170 -22.72 -23.25 68.78
CA PHE G 4170 -23.54 -22.42 67.87
C PHE G 4170 -22.65 -21.45 67.04
N LYS G 4171 -22.99 -21.27 65.76
CA LYS G 4171 -22.13 -20.53 64.80
C LYS G 4171 -22.05 -19.00 65.02
N THR G 4172 -23.16 -18.40 65.49
CA THR G 4172 -23.20 -16.94 65.73
C THR G 4172 -22.26 -16.46 66.85
N LEU G 4173 -22.06 -17.30 67.87
CA LEU G 4173 -21.18 -16.98 69.00
C LEU G 4173 -19.69 -17.03 68.63
N ARG G 4174 -19.34 -17.83 67.61
CA ARG G 4174 -17.94 -17.95 67.16
C ARG G 4174 -17.36 -16.64 66.60
N THR G 4175 -18.18 -15.81 65.97
CA THR G 4175 -17.76 -14.49 65.51
C THR G 4175 -17.45 -13.52 66.67
N ILE G 4176 -18.10 -13.72 67.81
CA ILE G 4176 -17.87 -12.92 69.03
C ILE G 4176 -16.75 -13.51 69.89
N LEU G 4177 -16.74 -14.84 70.06
CA LEU G 4177 -15.69 -15.51 70.87
C LEU G 4177 -14.32 -15.53 70.18
N SER G 4178 -14.29 -15.62 68.85
CA SER G 4178 -13.03 -15.48 68.09
C SER G 4178 -12.48 -14.06 68.15
N SER G 4179 -13.36 -13.06 68.27
CA SER G 4179 -12.95 -11.66 68.40
C SER G 4179 -12.27 -11.32 69.74
N VAL G 4180 -12.48 -12.14 70.78
CA VAL G 4180 -11.79 -11.96 72.08
C VAL G 4180 -10.41 -12.63 72.09
N THR G 4181 -10.25 -13.73 71.36
CA THR G 4181 -9.06 -14.60 71.48
C THR G 4181 -7.90 -14.30 70.50
N HIS G 4182 -8.17 -13.79 69.30
CA HIS G 4182 -7.11 -13.60 68.27
C HIS G 4182 -6.07 -12.51 68.61
N ASN G 4183 -6.46 -11.54 69.43
CA ASN G 4183 -5.53 -10.55 70.00
C ASN G 4183 -5.48 -10.76 71.53
N GLY G 4184 -5.19 -11.99 71.92
CA GLY G 4184 -5.23 -12.42 73.33
C GLY G 4184 -3.91 -12.33 74.08
N LYS G 4185 -2.80 -12.33 73.36
CA LYS G 4185 -1.46 -12.13 73.97
C LYS G 4185 -1.34 -10.74 74.59
N GLN G 4186 -2.07 -9.77 74.05
CA GLN G 4186 -2.15 -8.43 74.64
C GLN G 4186 -2.96 -8.46 75.94
N LEU G 4187 -4.14 -9.08 75.88
CA LEU G 4187 -5.08 -9.15 77.01
C LEU G 4187 -4.52 -9.84 78.25
N VAL G 4188 -3.89 -10.99 78.05
CA VAL G 4188 -3.33 -11.78 79.16
C VAL G 4188 -2.08 -11.10 79.75
N LEU G 4189 -1.27 -10.49 78.89
CA LEU G 4189 -0.11 -9.69 79.34
C LEU G 4189 -0.53 -8.38 80.02
N THR G 4190 -1.65 -7.79 79.58
CA THR G 4190 -2.22 -6.58 80.20
C THR G 4190 -2.66 -6.79 81.66
N VAL G 4191 -3.01 -8.03 82.02
CA VAL G 4191 -3.31 -8.39 83.42
C VAL G 4191 -2.08 -8.17 84.31
N GLY G 4192 -0.89 -8.51 83.79
CA GLY G 4192 0.37 -8.27 84.48
C GLY G 4192 0.79 -6.81 84.55
N LEU G 4193 0.55 -6.05 83.48
CA LEU G 4193 0.91 -4.62 83.42
C LEU G 4193 0.08 -3.70 84.35
N LEU G 4194 -1.08 -4.19 84.80
CA LEU G 4194 -1.87 -3.49 85.83
C LEU G 4194 -1.09 -3.26 87.12
N ALA G 4195 -0.25 -4.24 87.50
CA ALA G 4195 0.48 -4.21 88.77
C ALA G 4195 1.67 -3.23 88.84
N VAL G 4196 2.22 -2.82 87.68
CA VAL G 4196 3.49 -2.07 87.66
C VAL G 4196 3.35 -0.64 88.20
N VAL G 4197 2.48 0.16 87.57
CA VAL G 4197 2.16 1.52 88.05
C VAL G 4197 1.50 1.50 89.45
N VAL G 4198 0.62 0.51 89.69
CA VAL G 4198 0.01 0.27 91.01
C VAL G 4198 1.09 -0.03 92.09
N TYR G 4199 2.17 -0.72 91.70
CA TYR G 4199 3.34 -0.97 92.60
C TYR G 4199 4.17 0.30 92.91
N LEU G 4200 4.28 1.23 91.94
CA LEU G 4200 4.95 2.54 92.18
C LEU G 4200 4.17 3.34 93.26
N TYR G 4201 2.84 3.34 93.15
CA TYR G 4201 1.94 4.03 94.10
C TYR G 4201 1.87 3.34 95.49
N THR G 4202 2.03 2.00 95.56
CA THR G 4202 2.15 1.29 96.86
C THR G 4202 3.51 1.55 97.55
N VAL G 4203 4.54 1.94 96.77
CA VAL G 4203 5.84 2.41 97.33
C VAL G 4203 5.68 3.81 98.01
N VAL G 4204 5.12 4.78 97.28
CA VAL G 4204 4.90 6.16 97.83
C VAL G 4204 3.95 6.16 99.06
N ALA G 4205 2.91 5.32 99.01
CA ALA G 4205 2.00 5.08 100.16
C ALA G 4205 2.71 4.37 101.35
N PHE G 4206 3.65 3.46 101.04
CA PHE G 4206 4.50 2.81 102.07
C PHE G 4206 5.36 3.83 102.84
N ASN G 4207 5.76 4.92 102.19
CA ASN G 4207 6.57 5.99 102.84
C ASN G 4207 5.71 7.01 103.61
N PHE G 4208 5.13 7.98 102.90
CA PHE G 4208 4.44 9.10 103.55
C PHE G 4208 3.09 8.71 104.14
N PHE G 4209 2.32 7.93 103.38
CA PHE G 4209 0.89 7.71 103.66
C PHE G 4209 0.58 6.31 104.22
N ARG G 4210 1.50 5.75 105.00
CA ARG G 4210 1.30 4.44 105.63
C ARG G 4210 0.29 4.48 106.78
N LYS G 4211 0.23 5.60 107.49
CA LYS G 4211 -0.67 5.76 108.65
C LYS G 4211 -2.18 5.78 108.32
N PHE G 4212 -2.54 6.13 107.09
CA PHE G 4212 -3.95 6.31 106.70
C PHE G 4212 -4.79 5.03 106.61
N TYR G 4213 -4.18 3.88 106.35
CA TYR G 4213 -4.94 2.65 106.00
C TYR G 4213 -5.65 1.92 107.17
N ASN G 4214 -6.50 2.65 107.89
CA ASN G 4214 -7.43 2.06 108.88
C ASN G 4214 -8.60 1.32 108.18
N LYS G 4215 -9.04 0.20 108.77
CA LYS G 4215 -10.23 -0.57 108.31
C LYS G 4215 -11.46 -0.37 109.24
N SER G 4216 -11.42 0.67 110.08
CA SER G 4216 -12.36 0.84 111.23
C SER G 4216 -13.81 1.24 110.84
N GLU G 4217 -14.72 0.24 110.80
CA GLU G 4217 -16.18 0.50 110.76
C GLU G 4217 -16.62 1.14 112.09
N ASP G 4218 -17.39 2.25 112.02
CA ASP G 4218 -17.81 3.07 113.19
C ASP G 4218 -16.61 3.61 114.05
N GLY G 4219 -16.93 4.37 115.11
CA GLY G 4219 -15.90 4.87 116.05
C GLY G 4219 -15.38 3.86 117.07
N ASP G 4220 -14.08 3.98 117.40
CA ASP G 4220 -13.42 3.30 118.56
C ASP G 4220 -13.50 1.74 118.61
N THR G 4221 -12.47 1.08 118.05
CA THR G 4221 -12.31 -0.40 118.11
C THR G 4221 -10.81 -0.78 118.04
N PRO G 4222 -10.41 -2.00 118.50
CA PRO G 4222 -9.11 -2.56 118.03
C PRO G 4222 -9.15 -2.78 116.50
N ASP G 4223 -8.03 -2.54 115.81
CA ASP G 4223 -8.06 -2.25 114.35
C ASP G 4223 -6.84 -2.78 113.55
N MET G 4224 -7.11 -3.52 112.47
CA MET G 4224 -6.08 -3.94 111.50
C MET G 4224 -5.68 -2.72 110.63
N LYS G 4225 -4.37 -2.56 110.39
CA LYS G 4225 -3.80 -1.47 109.56
C LYS G 4225 -2.58 -2.05 108.83
N CYS G 4226 -2.65 -2.14 107.49
CA CYS G 4226 -1.67 -2.90 106.69
C CYS G 4226 -0.23 -2.33 106.85
N ASP G 4227 0.68 -3.21 107.25
CA ASP G 4227 2.09 -2.86 107.48
C ASP G 4227 3.06 -3.68 106.62
N ASP G 4228 2.77 -4.98 106.45
CA ASP G 4228 3.49 -5.84 105.49
C ASP G 4228 3.23 -5.36 104.05
N MET G 4229 4.29 -5.25 103.24
CA MET G 4229 4.20 -4.82 101.83
C MET G 4229 3.36 -5.80 100.97
N LEU G 4230 3.38 -7.09 101.33
CA LEU G 4230 2.50 -8.12 100.70
C LEU G 4230 1.01 -7.91 101.03
N THR G 4231 0.68 -7.65 102.31
CA THR G 4231 -0.71 -7.35 102.73
C THR G 4231 -1.22 -5.99 102.17
N CYS G 4232 -0.31 -5.01 101.96
CA CYS G 4232 -0.66 -3.70 101.38
C CYS G 4232 -1.00 -3.80 99.86
N TYR G 4233 -0.12 -4.43 99.08
CA TYR G 4233 -0.34 -4.73 97.62
C TYR G 4233 -1.62 -5.58 97.40
N MET G 4234 -1.84 -6.55 98.29
CA MET G 4234 -3.06 -7.38 98.32
C MET G 4234 -4.34 -6.54 98.57
N PHE G 4235 -4.21 -5.52 99.45
CA PHE G 4235 -5.29 -4.53 99.71
C PHE G 4235 -5.58 -3.58 98.51
N HIS G 4236 -4.56 -3.27 97.70
CA HIS G 4236 -4.72 -2.39 96.50
C HIS G 4236 -5.42 -3.10 95.30
N MET G 4237 -5.06 -4.37 95.05
CA MET G 4237 -5.82 -5.22 94.09
C MET G 4237 -7.26 -5.56 94.61
N TYR G 4238 -7.43 -5.65 95.93
CA TYR G 4238 -8.73 -5.95 96.58
C TYR G 4238 -9.76 -4.79 96.53
N VAL G 4239 -9.30 -3.54 96.53
CA VAL G 4239 -10.20 -2.34 96.48
C VAL G 4239 -9.89 -1.29 95.39
N GLY G 4240 -8.63 -0.84 95.29
CA GLY G 4240 -8.25 0.33 94.45
C GLY G 4240 -8.50 0.19 92.95
N VAL G 4241 -8.14 -0.97 92.40
CA VAL G 4241 -8.49 -1.33 91.00
C VAL G 4241 -10.01 -1.62 90.83
N ARG G 4242 -10.63 -2.20 91.88
CA ARG G 4242 -12.05 -2.66 91.87
C ARG G 4242 -13.10 -1.65 92.37
N ALA G 4243 -12.69 -0.44 92.77
CA ALA G 4243 -13.55 0.51 93.53
C ALA G 4243 -14.81 1.04 92.79
N GLY G 4244 -14.68 1.30 91.48
CA GLY G 4244 -15.75 1.99 90.72
C GLY G 4244 -16.12 3.30 91.41
N GLY G 4245 -15.12 4.17 91.57
CA GLY G 4245 -15.16 5.24 92.56
C GLY G 4245 -13.81 5.68 93.16
N GLY G 4246 -12.72 4.95 92.91
CA GLY G 4246 -11.36 5.32 93.33
C GLY G 4246 -10.95 4.83 94.72
N ILE G 4247 -9.65 4.94 95.05
CA ILE G 4247 -9.10 4.53 96.37
C ILE G 4247 -9.55 5.45 97.53
N GLY G 4248 -9.65 6.76 97.26
CA GLY G 4248 -10.20 7.77 98.18
C GLY G 4248 -11.53 7.41 98.88
N ASP G 4249 -12.25 6.45 98.28
CA ASP G 4249 -13.46 5.83 98.87
C ASP G 4249 -13.15 5.09 100.20
N GLU G 4250 -11.96 4.46 100.30
CA GLU G 4250 -11.53 3.69 101.49
C GLU G 4250 -10.24 4.30 102.13
N ILE G 4251 -10.41 5.50 102.70
CA ILE G 4251 -9.36 6.24 103.42
C ILE G 4251 -10.03 7.40 104.19
N GLU G 4252 -9.50 7.74 105.36
CA GLU G 4252 -10.02 8.87 106.17
C GLU G 4252 -9.53 10.21 105.59
N ASP G 4253 -10.48 11.09 105.23
CA ASP G 4253 -10.21 12.31 104.47
C ASP G 4253 -9.19 13.25 105.17
N PRO G 4254 -8.13 13.70 104.45
CA PRO G 4254 -7.09 14.56 105.07
C PRO G 4254 -7.50 16.04 105.20
N ALA G 4255 -7.32 16.63 106.40
CA ALA G 4255 -7.67 18.04 106.70
C ALA G 4255 -6.49 18.79 107.37
N GLY G 4256 -6.08 19.92 106.79
CA GLY G 4256 -5.16 20.88 107.43
C GLY G 4256 -3.67 20.52 107.55
N ASP G 4257 -3.20 19.53 106.77
CA ASP G 4257 -1.78 19.09 106.75
C ASP G 4257 -1.02 19.54 105.47
N GLU G 4258 0.33 19.62 105.56
CA GLU G 4258 1.21 19.77 104.38
C GLU G 4258 1.09 18.50 103.51
N TYR G 4259 1.08 17.33 104.18
CA TYR G 4259 0.92 16.04 103.49
C TYR G 4259 -0.54 15.79 103.01
N GLU G 4260 -1.50 16.61 103.46
CA GLU G 4260 -2.87 16.68 102.88
C GLU G 4260 -2.83 17.18 101.41
N ILE G 4261 -2.01 18.21 101.15
CA ILE G 4261 -1.88 18.77 99.79
C ILE G 4261 -0.99 17.88 98.87
N TYR G 4262 0.05 17.24 99.43
CA TYR G 4262 0.84 16.22 98.69
C TYR G 4262 -0.02 14.97 98.29
N ARG G 4263 -0.88 14.50 99.21
CA ARG G 4263 -1.71 13.28 98.96
C ARG G 4263 -2.94 13.54 98.08
N ILE G 4264 -3.34 14.81 97.89
CA ILE G 4264 -4.37 15.10 96.88
C ILE G 4264 -3.78 14.90 95.47
N ILE G 4265 -2.50 15.26 95.29
CA ILE G 4265 -1.76 15.00 94.04
C ILE G 4265 -1.50 13.47 93.85
N PHE G 4266 -1.29 12.74 94.96
CA PHE G 4266 -1.18 11.25 94.95
C PHE G 4266 -2.50 10.57 94.46
N ASP G 4267 -3.62 10.98 95.04
CA ASP G 4267 -4.98 10.44 94.72
C ASP G 4267 -5.48 10.81 93.29
N ILE G 4268 -5.09 12.00 92.79
CA ILE G 4268 -5.41 12.40 91.39
C ILE G 4268 -4.64 11.54 90.37
N THR G 4269 -3.37 11.24 90.66
CA THR G 4269 -2.54 10.40 89.76
C THR G 4269 -3.01 8.94 89.70
N PHE G 4270 -3.53 8.40 90.81
CA PHE G 4270 -4.06 7.03 90.83
C PHE G 4270 -5.34 6.87 89.99
N PHE G 4271 -6.23 7.86 90.02
CA PHE G 4271 -7.51 7.79 89.30
C PHE G 4271 -7.36 7.85 87.76
N PHE G 4272 -6.35 8.59 87.27
CA PHE G 4272 -6.10 8.71 85.82
C PHE G 4272 -5.30 7.53 85.23
N PHE G 4273 -4.21 7.13 85.89
CA PHE G 4273 -3.35 6.04 85.38
C PHE G 4273 -3.95 4.62 85.49
N VAL G 4274 -4.84 4.39 86.45
CA VAL G 4274 -5.33 3.02 86.79
C VAL G 4274 -6.77 2.73 86.34
N ILE G 4275 -7.71 3.66 86.56
CA ILE G 4275 -9.13 3.44 86.22
C ILE G 4275 -9.50 4.01 84.83
N VAL G 4276 -9.02 5.20 84.49
CA VAL G 4276 -9.43 5.91 83.26
C VAL G 4276 -8.84 5.29 81.98
N ILE G 4277 -7.51 5.28 81.87
CA ILE G 4277 -6.83 4.76 80.66
C ILE G 4277 -6.89 3.23 80.58
N LEU G 4278 -6.42 2.54 81.61
CA LEU G 4278 -6.19 1.08 81.57
C LEU G 4278 -7.45 0.24 81.28
N LEU G 4279 -8.61 0.69 81.77
CA LEU G 4279 -9.90 0.08 81.39
C LEU G 4279 -10.26 0.40 79.94
N ALA G 4280 -9.97 1.64 79.52
CA ALA G 4280 -10.16 2.06 78.12
C ALA G 4280 -9.20 1.37 77.14
N ILE G 4281 -8.04 0.91 77.63
CA ILE G 4281 -7.14 0.05 76.84
C ILE G 4281 -7.79 -1.31 76.62
N ILE G 4282 -8.31 -1.91 77.69
CA ILE G 4282 -8.93 -3.25 77.62
C ILE G 4282 -10.28 -3.19 76.88
N GLN G 4283 -11.09 -2.18 77.15
CA GLN G 4283 -12.30 -1.90 76.36
C GLN G 4283 -11.92 -1.62 74.91
N GLY G 4284 -10.92 -0.76 74.71
CA GLY G 4284 -10.39 -0.45 73.38
C GLY G 4284 -9.69 -1.59 72.67
N LEU G 4285 -9.16 -2.56 73.43
CA LEU G 4285 -8.61 -3.79 72.85
C LEU G 4285 -9.74 -4.66 72.26
N ILE G 4286 -10.90 -4.64 72.91
CA ILE G 4286 -12.11 -5.29 72.37
C ILE G 4286 -12.67 -4.52 71.16
N ILE G 4287 -12.57 -3.19 71.17
CA ILE G 4287 -12.95 -2.36 70.00
C ILE G 4287 -11.94 -2.54 68.84
N ASP G 4288 -10.67 -2.74 69.17
CA ASP G 4288 -9.60 -2.96 68.18
C ASP G 4288 -9.77 -4.24 67.35
N ALA G 4289 -10.35 -5.28 67.95
CA ALA G 4289 -10.41 -6.62 67.34
C ALA G 4289 -11.51 -6.79 66.28
N PHE G 4290 -12.72 -6.31 66.56
CA PHE G 4290 -13.85 -6.41 65.61
C PHE G 4290 -13.57 -5.72 64.26
N GLY G 4291 -12.75 -4.67 64.27
CA GLY G 4291 -12.34 -3.98 63.05
C GLY G 4291 -11.44 -4.81 62.15
N GLU G 4292 -10.41 -5.44 62.73
CA GLU G 4292 -9.47 -6.27 61.96
C GLU G 4292 -10.13 -7.54 61.41
N LEU G 4293 -11.02 -8.14 62.19
CA LEU G 4293 -11.79 -9.31 61.75
C LEU G 4293 -12.68 -8.97 60.57
N ARG G 4294 -13.30 -7.78 60.60
CA ARG G 4294 -14.14 -7.30 59.48
C ARG G 4294 -13.34 -6.71 58.32
N ASP G 4295 -12.14 -6.19 58.59
CA ASP G 4295 -11.22 -5.72 57.51
C ASP G 4295 -10.68 -6.93 56.70
N GLN G 4296 -10.40 -8.05 57.38
CA GLN G 4296 -10.15 -9.34 56.71
C GLN G 4296 -11.37 -9.80 55.86
N GLN G 4297 -12.58 -9.64 56.42
CA GLN G 4297 -13.85 -9.90 55.68
C GLN G 4297 -14.05 -8.94 54.48
N GLU G 4298 -13.58 -7.69 54.60
CA GLU G 4298 -13.63 -6.69 53.50
C GLU G 4298 -12.74 -7.09 52.30
N GLN G 4299 -11.50 -7.51 52.59
CA GLN G 4299 -10.55 -7.98 51.55
C GLN G 4299 -11.03 -9.30 50.85
N VAL G 4300 -11.62 -10.22 51.62
CA VAL G 4300 -12.14 -11.49 51.05
C VAL G 4300 -13.41 -11.26 50.20
N LYS G 4301 -14.31 -10.39 50.67
CA LYS G 4301 -15.55 -10.02 49.92
C LYS G 4301 -15.24 -9.28 48.61
N GLU G 4302 -14.20 -8.44 48.59
CA GLU G 4302 -13.80 -7.71 47.36
C GLU G 4302 -13.10 -8.63 46.32
N ASP G 4303 -12.19 -9.51 46.76
CA ASP G 4303 -11.36 -10.32 45.82
C ASP G 4303 -12.16 -11.32 44.95
N MET G 4304 -13.24 -11.92 45.50
CA MET G 4304 -14.17 -12.75 44.68
C MET G 4304 -15.02 -11.90 43.69
N GLU G 4305 -15.40 -10.69 44.11
CA GLU G 4305 -16.22 -9.77 43.28
C GLU G 4305 -15.47 -9.13 42.07
N THR G 4306 -14.14 -9.00 42.16
CA THR G 4306 -13.29 -8.34 41.11
C THR G 4306 -12.38 -9.33 40.31
N LYS G 4307 -11.22 -9.67 40.89
CA LYS G 4307 -10.26 -10.65 40.31
C LYS G 4307 -10.89 -12.06 40.25
N CYS G 4308 -10.68 -12.78 39.13
CA CYS G 4308 -11.07 -14.22 39.06
C CYS G 4308 -10.12 -15.03 39.99
N PHE G 4309 -10.65 -16.03 40.70
CA PHE G 4309 -9.83 -16.84 41.64
C PHE G 4309 -8.72 -17.65 40.91
N ILE G 4310 -9.01 -18.07 39.67
CA ILE G 4310 -8.10 -18.93 38.87
C ILE G 4310 -7.17 -18.09 37.94
N CYS G 4311 -7.70 -17.58 36.83
CA CYS G 4311 -6.89 -16.82 35.84
C CYS G 4311 -6.45 -15.41 36.33
N GLY G 4312 -7.20 -14.82 37.27
CA GLY G 4312 -6.98 -13.44 37.71
C GLY G 4312 -7.68 -12.37 36.86
N ILE G 4313 -6.89 -11.68 36.02
CA ILE G 4313 -7.36 -10.61 35.08
C ILE G 4313 -8.07 -9.42 35.78
N GLY G 4314 -9.25 -9.66 36.34
CA GLY G 4314 -10.08 -8.62 37.00
C GLY G 4314 -11.41 -8.38 36.30
N ASN G 4315 -12.41 -7.92 37.05
CA ASN G 4315 -13.79 -7.73 36.55
C ASN G 4315 -13.93 -6.66 35.44
N ASP G 4316 -13.05 -5.64 35.44
CA ASP G 4316 -13.07 -4.54 34.45
C ASP G 4316 -13.01 -5.00 32.97
N TYR G 4317 -12.20 -6.03 32.69
CA TYR G 4317 -12.07 -6.56 31.31
C TYR G 4317 -13.32 -7.33 30.81
N PHE G 4318 -13.95 -8.13 31.68
CA PHE G 4318 -15.07 -9.04 31.31
C PHE G 4318 -16.48 -8.39 31.23
N ASP G 4319 -16.59 -7.11 31.60
CA ASP G 4319 -17.83 -6.31 31.43
C ASP G 4319 -18.10 -5.83 29.97
N THR G 4320 -17.08 -5.94 29.09
CA THR G 4320 -17.14 -5.44 27.69
C THR G 4320 -18.27 -6.11 26.84
N VAL G 4321 -18.46 -7.41 27.04
CA VAL G 4321 -19.67 -8.13 26.59
C VAL G 4321 -20.76 -7.97 27.67
N PRO G 4322 -22.06 -7.84 27.27
CA PRO G 4322 -23.13 -7.76 28.29
C PRO G 4322 -23.27 -9.05 29.15
N HIS G 4323 -23.54 -8.87 30.46
CA HIS G 4323 -23.80 -10.00 31.40
C HIS G 4323 -22.61 -11.01 31.47
N GLY G 4324 -21.39 -10.53 31.17
CA GLY G 4324 -20.23 -11.40 30.84
C GLY G 4324 -19.38 -12.03 31.94
N PHE G 4325 -19.13 -11.30 33.05
CA PHE G 4325 -18.29 -11.83 34.18
C PHE G 4325 -18.90 -13.07 34.87
N GLU G 4326 -20.24 -13.10 35.00
CA GLU G 4326 -21.00 -14.24 35.56
C GLU G 4326 -20.78 -15.55 34.74
N THR G 4327 -20.69 -15.42 33.42
CA THR G 4327 -20.35 -16.55 32.51
C THR G 4327 -18.86 -16.99 32.62
N HIS G 4328 -17.94 -16.01 32.79
CA HIS G 4328 -16.51 -16.29 32.99
C HIS G 4328 -16.24 -17.07 34.30
N THR G 4329 -17.09 -16.89 35.32
CA THR G 4329 -17.07 -17.73 36.53
C THR G 4329 -17.74 -19.10 36.22
N LEU G 4330 -19.08 -19.09 36.07
CA LEU G 4330 -19.92 -20.33 36.02
C LEU G 4330 -19.60 -21.33 34.87
N GLN G 4331 -19.07 -20.83 33.73
CA GLN G 4331 -18.70 -21.69 32.59
C GLN G 4331 -17.17 -21.91 32.45
N GLU G 4332 -16.41 -20.82 32.36
CA GLU G 4332 -14.95 -20.87 32.07
C GLU G 4332 -14.08 -21.46 33.23
N HIS G 4333 -14.47 -21.22 34.50
CA HIS G 4333 -13.63 -21.60 35.68
C HIS G 4333 -14.42 -22.25 36.85
N ASN G 4334 -15.45 -21.53 37.34
CA ASN G 4334 -16.30 -21.89 38.53
C ASN G 4334 -15.66 -22.79 39.61
N LEU G 4335 -14.37 -22.53 39.90
CA LEU G 4335 -13.61 -23.15 41.01
C LEU G 4335 -13.69 -24.70 41.10
N ALA G 4336 -14.91 -25.21 41.30
CA ALA G 4336 -15.21 -26.65 41.42
C ALA G 4336 -14.86 -27.55 40.20
N ASN G 4337 -14.95 -27.04 38.96
CA ASN G 4337 -14.64 -27.84 37.75
C ASN G 4337 -13.16 -28.32 37.68
N TYR G 4338 -12.24 -27.52 38.21
CA TYR G 4338 -10.83 -27.95 38.36
C TYR G 4338 -10.72 -29.11 39.38
N LEU G 4339 -11.57 -29.08 40.42
CA LEU G 4339 -11.63 -30.16 41.45
C LEU G 4339 -12.09 -31.51 40.84
N PHE G 4340 -13.22 -31.50 40.11
CA PHE G 4340 -13.76 -32.72 39.46
C PHE G 4340 -12.81 -33.32 38.40
N PHE G 4341 -12.07 -32.44 37.70
CA PHE G 4341 -11.01 -32.88 36.75
C PHE G 4341 -9.94 -33.76 37.43
N LEU G 4342 -9.65 -33.46 38.71
CA LEU G 4342 -8.84 -34.36 39.56
C LEU G 4342 -9.60 -35.68 39.91
N MET G 4343 -10.93 -35.63 40.13
CA MET G 4343 -11.72 -36.87 40.39
C MET G 4343 -11.51 -37.89 39.27
N TYR G 4344 -11.70 -37.41 38.04
CA TYR G 4344 -11.50 -38.14 36.74
C TYR G 4344 -10.06 -38.67 36.54
N LEU G 4345 -9.06 -37.78 36.70
CA LEU G 4345 -7.66 -38.16 36.50
C LEU G 4345 -7.21 -39.28 37.46
N ILE G 4346 -7.80 -39.33 38.67
CA ILE G 4346 -7.66 -40.49 39.58
C ILE G 4346 -8.44 -41.73 39.04
N ASN G 4347 -9.68 -41.50 38.57
CA ASN G 4347 -10.64 -42.59 38.23
C ASN G 4347 -10.49 -43.31 36.86
N LYS G 4348 -9.70 -42.76 35.93
CA LYS G 4348 -9.42 -43.42 34.62
C LYS G 4348 -8.43 -44.61 34.73
N ASP G 4349 -8.61 -45.61 33.86
CA ASP G 4349 -7.60 -46.67 33.66
C ASP G 4349 -6.38 -46.04 32.97
N GLU G 4350 -5.17 -46.52 33.33
CA GLU G 4350 -3.88 -45.97 32.82
C GLU G 4350 -3.79 -45.96 31.27
N THR G 4351 -4.30 -47.02 30.63
CA THR G 4351 -4.38 -47.13 29.15
C THR G 4351 -5.46 -46.17 28.56
N GLU G 4352 -6.49 -45.85 29.33
CA GLU G 4352 -7.66 -45.03 28.86
C GLU G 4352 -7.47 -43.49 28.83
N HIS G 4353 -6.37 -42.95 29.39
CA HIS G 4353 -6.07 -41.50 29.36
C HIS G 4353 -5.91 -40.95 27.91
N THR G 4354 -6.54 -39.80 27.63
CA THR G 4354 -6.34 -39.03 26.38
C THR G 4354 -4.98 -38.30 26.42
N GLY G 4355 -4.45 -37.90 25.25
CA GLY G 4355 -3.12 -37.24 25.15
C GLY G 4355 -2.88 -36.03 26.05
N GLN G 4356 -3.92 -35.19 26.18
CA GLN G 4356 -3.94 -34.08 27.18
C GLN G 4356 -4.03 -34.61 28.63
N GLU G 4357 -4.94 -35.55 28.90
CA GLU G 4357 -5.09 -36.16 30.24
C GLU G 4357 -3.85 -37.00 30.68
N SER G 4358 -3.19 -37.68 29.74
CA SER G 4358 -1.91 -38.39 30.02
C SER G 4358 -0.77 -37.38 30.29
N TYR G 4359 -0.78 -36.26 29.55
CA TYR G 4359 0.19 -35.16 29.72
C TYR G 4359 0.02 -34.45 31.09
N VAL G 4360 -1.21 -34.07 31.44
CA VAL G 4360 -1.50 -33.41 32.74
C VAL G 4360 -1.31 -34.34 33.95
N TRP G 4361 -1.53 -35.66 33.77
CA TRP G 4361 -1.20 -36.68 34.80
C TRP G 4361 0.33 -36.81 35.03
N LYS G 4362 1.11 -36.61 33.96
CA LYS G 4362 2.60 -36.56 34.02
C LYS G 4362 3.11 -35.28 34.75
N MET G 4363 2.51 -34.12 34.41
CA MET G 4363 2.83 -32.81 35.04
C MET G 4363 2.39 -32.74 36.54
N TYR G 4364 1.33 -33.50 36.88
CA TYR G 4364 0.76 -33.58 38.26
C TYR G 4364 1.58 -34.50 39.19
N GLN G 4365 1.97 -35.68 38.69
CA GLN G 4365 2.73 -36.64 39.51
C GLN G 4365 4.16 -36.11 39.87
N GLU G 4366 4.74 -35.28 38.97
CA GLU G 4366 6.02 -34.57 39.22
C GLU G 4366 5.84 -33.23 40.01
N ARG G 4367 4.59 -32.76 40.14
CA ARG G 4367 4.24 -31.45 40.77
C ARG G 4367 4.84 -30.25 39.97
N CYS G 4368 4.65 -30.24 38.65
CA CYS G 4368 5.10 -29.12 37.78
C CYS G 4368 4.28 -27.82 37.98
N TRP G 4369 2.95 -27.95 37.99
CA TRP G 4369 1.98 -26.85 38.26
C TRP G 4369 2.04 -25.63 37.29
N GLU G 4370 2.40 -25.87 36.02
CA GLU G 4370 2.38 -24.81 34.96
C GLU G 4370 1.03 -24.71 34.19
N PHE G 4371 0.26 -25.81 34.17
CA PHE G 4371 -0.91 -25.96 33.26
C PHE G 4371 -2.21 -25.17 33.62
N PHE G 4372 -2.23 -24.50 34.78
CA PHE G 4372 -3.30 -23.51 35.10
C PHE G 4372 -3.25 -22.28 34.17
N PRO G 4373 -4.43 -21.74 33.76
CA PRO G 4373 -4.40 -20.39 33.17
C PRO G 4373 -3.88 -19.34 34.17
N ALA G 4374 -3.10 -18.37 33.69
CA ALA G 4374 -2.57 -17.27 34.51
C ALA G 4374 -2.95 -15.90 33.91
N GLY G 4375 -4.16 -15.83 33.33
CA GLY G 4375 -4.70 -14.60 32.73
C GLY G 4375 -4.57 -14.53 31.21
N ASP G 4376 -5.04 -15.58 30.52
CA ASP G 4376 -5.08 -15.65 29.04
C ASP G 4376 -6.51 -15.86 28.51
N CYS G 4377 -7.16 -16.97 28.88
CA CYS G 4377 -8.59 -17.31 28.55
C CYS G 4377 -9.04 -17.22 27.06
N PHE G 4378 -10.20 -17.82 26.76
CA PHE G 4378 -10.75 -17.93 25.37
C PHE G 4378 -11.09 -16.55 24.73
N ARG G 4379 -11.88 -15.74 25.46
CA ARG G 4379 -12.38 -14.44 24.94
C ARG G 4379 -11.26 -13.39 24.71
N LYS G 4380 -10.31 -13.29 25.66
CA LYS G 4380 -9.06 -12.49 25.47
C LYS G 4380 -8.20 -13.02 24.29
N GLN G 4381 -8.17 -14.35 24.12
CA GLN G 4381 -7.42 -15.00 23.03
C GLN G 4381 -7.95 -14.67 21.60
N TYR G 4382 -9.27 -14.47 21.47
CA TYR G 4382 -9.95 -14.29 20.15
C TYR G 4382 -10.80 -12.99 20.01
N GLU G 4383 -11.70 -12.75 20.97
CA GLU G 4383 -12.68 -11.63 20.92
C GLU G 4383 -13.59 -11.70 19.68
N GLY H 52 39.72 -117.64 -29.04
CA GLY H 52 38.67 -117.76 -28.00
C GLY H 52 39.25 -117.89 -26.60
N VAL H 53 38.65 -118.76 -25.77
CA VAL H 53 39.10 -119.00 -24.39
C VAL H 53 40.45 -119.76 -24.39
N GLU H 54 41.36 -119.37 -23.48
CA GLU H 54 42.72 -119.95 -23.39
C GLU H 54 43.10 -120.33 -21.93
N ILE H 55 42.74 -121.56 -21.54
CA ILE H 55 42.98 -122.05 -20.17
C ILE H 55 44.49 -122.28 -19.94
N GLU H 56 44.99 -121.87 -18.78
CA GLU H 56 46.33 -122.27 -18.27
C GLU H 56 46.16 -122.92 -16.88
N THR H 57 46.57 -124.19 -16.73
CA THR H 57 46.50 -124.88 -15.42
C THR H 57 47.56 -124.28 -14.44
N ILE H 58 47.12 -123.99 -13.20
CA ILE H 58 47.99 -123.43 -12.13
C ILE H 58 48.42 -124.61 -11.22
N SER H 59 47.44 -125.26 -10.59
CA SER H 59 47.62 -126.55 -9.88
C SER H 59 46.52 -127.57 -10.29
N PRO H 60 46.89 -128.86 -10.51
CA PRO H 60 45.90 -129.87 -10.98
C PRO H 60 44.81 -130.28 -9.94
N GLY H 61 43.61 -130.62 -10.44
CA GLY H 61 42.48 -131.13 -9.61
C GLY H 61 42.37 -132.66 -9.69
N ASP H 62 41.14 -133.18 -9.55
CA ASP H 62 40.87 -134.64 -9.70
C ASP H 62 41.11 -135.18 -11.15
N GLY H 63 40.93 -134.30 -12.15
CA GLY H 63 41.02 -134.67 -13.57
C GLY H 63 39.85 -135.54 -14.03
N ARG H 64 38.67 -135.37 -13.41
CA ARG H 64 37.48 -136.17 -13.77
C ARG H 64 36.12 -135.44 -13.71
N THR H 65 35.64 -135.06 -12.51
CA THR H 65 34.30 -134.43 -12.34
C THR H 65 34.26 -132.94 -12.81
N PHE H 66 33.95 -132.74 -14.10
CA PHE H 66 33.69 -131.40 -14.69
C PHE H 66 32.25 -130.95 -14.34
N PRO H 67 31.98 -129.60 -14.29
CA PRO H 67 30.59 -129.08 -14.14
C PRO H 67 29.57 -129.55 -15.22
N LYS H 68 28.31 -129.76 -14.81
CA LYS H 68 27.23 -130.27 -15.70
C LYS H 68 26.07 -129.23 -15.82
N LYS H 69 25.01 -129.58 -16.57
CA LYS H 69 23.80 -128.75 -16.63
C LYS H 69 23.06 -128.76 -15.26
N GLY H 70 22.72 -127.57 -14.76
CA GLY H 70 22.01 -127.41 -13.46
C GLY H 70 22.85 -127.43 -12.18
N GLN H 71 24.16 -127.71 -12.27
CA GLN H 71 25.04 -127.82 -11.07
C GLN H 71 25.44 -126.45 -10.46
N THR H 72 25.41 -126.36 -9.12
CA THR H 72 25.77 -125.15 -8.35
C THR H 72 27.29 -125.12 -8.04
N CYS H 73 28.07 -124.45 -8.91
CA CYS H 73 29.54 -124.24 -8.70
C CYS H 73 29.84 -123.38 -7.45
N VAL H 74 30.75 -123.86 -6.58
CA VAL H 74 31.25 -123.11 -5.40
C VAL H 74 32.76 -122.83 -5.60
N VAL H 75 33.09 -121.53 -5.73
CA VAL H 75 34.36 -121.06 -6.29
C VAL H 75 34.88 -119.80 -5.56
N HIS H 76 36.13 -119.84 -5.09
CA HIS H 76 36.91 -118.62 -4.79
C HIS H 76 37.52 -118.10 -6.11
N TYR H 77 37.58 -116.77 -6.28
CA TYR H 77 38.03 -116.16 -7.55
C TYR H 77 38.55 -114.72 -7.38
N THR H 78 39.33 -114.27 -8.37
CA THR H 78 39.94 -112.93 -8.41
C THR H 78 40.08 -112.47 -9.88
N GLY H 79 39.37 -111.40 -10.25
CA GLY H 79 39.37 -110.84 -11.63
C GLY H 79 40.37 -109.70 -11.88
N MET H 80 41.15 -109.85 -12.97
CA MET H 80 42.29 -108.95 -13.33
C MET H 80 42.24 -108.47 -14.81
N LEU H 81 42.59 -107.20 -15.04
CA LEU H 81 42.57 -106.57 -16.39
C LEU H 81 43.86 -106.86 -17.21
N GLN H 82 43.93 -106.33 -18.44
CA GLN H 82 45.08 -106.50 -19.35
C GLN H 82 46.38 -105.91 -18.78
N ASN H 83 47.30 -106.79 -18.37
CA ASN H 83 48.67 -106.45 -17.96
C ASN H 83 48.81 -105.69 -16.63
N GLY H 84 48.88 -106.44 -15.54
CA GLY H 84 49.44 -105.97 -14.28
C GLY H 84 48.55 -105.22 -13.29
N LYS H 85 47.26 -105.54 -13.20
CA LYS H 85 46.35 -104.90 -12.21
C LYS H 85 44.98 -105.61 -12.03
N LYS H 86 44.59 -105.84 -10.75
CA LYS H 86 43.32 -106.53 -10.39
C LYS H 86 42.12 -105.54 -10.30
N PHE H 87 40.89 -106.05 -10.48
CA PHE H 87 39.64 -105.27 -10.24
C PHE H 87 38.62 -105.88 -9.23
N ASP H 88 38.70 -107.19 -8.95
CA ASP H 88 37.73 -107.84 -8.03
C ASP H 88 38.28 -109.16 -7.47
N SER H 89 37.98 -109.47 -6.20
CA SER H 89 38.42 -110.73 -5.54
C SER H 89 37.39 -111.29 -4.54
N SER H 90 36.94 -112.54 -4.81
CA SER H 90 36.09 -113.28 -3.89
C SER H 90 36.83 -113.84 -2.65
N ARG H 91 38.12 -114.19 -2.80
CA ARG H 91 39.00 -114.55 -1.64
C ARG H 91 39.14 -113.37 -0.64
N ASP H 92 39.52 -112.20 -1.17
CA ASP H 92 39.61 -110.93 -0.40
C ASP H 92 38.42 -110.71 0.59
N ARG H 93 37.21 -111.03 0.14
CA ARG H 93 35.99 -110.91 0.97
C ARG H 93 35.69 -112.14 1.86
N ASN H 94 36.50 -113.21 1.73
CA ASN H 94 36.41 -114.46 2.54
C ASN H 94 35.17 -115.37 2.27
N LYS H 95 34.16 -114.88 1.55
CA LYS H 95 32.94 -115.67 1.22
C LYS H 95 33.09 -116.40 -0.13
N PRO H 96 32.87 -117.75 -0.16
CA PRO H 96 32.77 -118.45 -1.47
C PRO H 96 31.61 -117.95 -2.36
N PHE H 97 31.83 -117.89 -3.68
CA PHE H 97 30.84 -117.41 -4.68
C PHE H 97 30.05 -118.60 -5.30
N LYS H 98 28.74 -118.43 -5.44
CA LYS H 98 27.81 -119.47 -5.93
C LYS H 98 27.18 -119.10 -7.30
N PHE H 99 27.38 -119.95 -8.32
CA PHE H 99 26.82 -119.72 -9.69
C PHE H 99 26.48 -121.03 -10.46
N ARG H 100 25.29 -121.05 -11.07
CA ARG H 100 24.86 -122.19 -11.90
C ARG H 100 25.56 -122.14 -13.29
N ILE H 101 26.00 -123.30 -13.78
CA ILE H 101 26.50 -123.45 -15.18
C ILE H 101 25.32 -123.78 -16.11
N GLY H 102 25.25 -123.12 -17.27
CA GLY H 102 24.18 -123.33 -18.26
C GLY H 102 23.04 -122.32 -18.18
N LYS H 103 22.67 -121.90 -16.96
CA LYS H 103 21.60 -120.89 -16.74
C LYS H 103 22.07 -119.41 -16.87
N GLN H 104 23.38 -119.20 -17.06
CA GLN H 104 23.97 -117.86 -17.36
C GLN H 104 23.78 -116.81 -16.23
N GLU H 105 24.21 -117.17 -15.01
CA GLU H 105 24.26 -116.23 -13.84
C GLU H 105 25.48 -115.27 -13.85
N VAL H 106 26.52 -115.63 -14.63
CA VAL H 106 27.76 -114.84 -14.80
C VAL H 106 28.04 -114.52 -16.29
N ILE H 107 29.10 -113.77 -16.57
CA ILE H 107 29.59 -113.50 -17.95
C ILE H 107 30.03 -114.81 -18.68
N LYS H 108 29.88 -114.86 -20.01
CA LYS H 108 30.09 -116.10 -20.82
C LYS H 108 31.46 -116.80 -20.68
N GLY H 109 32.54 -116.03 -20.63
CA GLY H 109 33.91 -116.56 -20.43
C GLY H 109 34.15 -117.21 -19.07
N PHE H 110 33.57 -116.60 -18.03
CA PHE H 110 33.52 -117.14 -16.64
C PHE H 110 32.77 -118.50 -16.57
N GLU H 111 31.65 -118.58 -17.30
CA GLU H 111 30.77 -119.77 -17.34
C GLU H 111 31.38 -120.96 -18.13
N GLU H 112 32.14 -120.66 -19.19
CA GLU H 112 32.71 -121.68 -20.11
C GLU H 112 34.10 -122.20 -19.70
N GLY H 113 34.95 -121.30 -19.19
CA GLY H 113 36.23 -121.67 -18.55
C GLY H 113 36.07 -122.52 -17.29
N ALA H 114 35.08 -122.16 -16.45
CA ALA H 114 34.72 -122.95 -15.26
C ALA H 114 34.28 -124.37 -15.62
N ALA H 115 33.42 -124.49 -16.64
CA ALA H 115 32.86 -125.77 -17.12
C ALA H 115 33.94 -126.77 -17.62
N GLN H 116 34.98 -126.25 -18.28
CA GLN H 116 36.10 -127.08 -18.77
C GLN H 116 37.13 -127.46 -17.67
N MET H 117 37.11 -126.77 -16.53
CA MET H 117 37.98 -127.09 -15.37
C MET H 117 37.47 -128.27 -14.51
N SER H 118 38.38 -128.88 -13.74
CA SER H 118 38.09 -130.02 -12.84
C SER H 118 37.88 -129.60 -11.35
N LEU H 119 37.26 -130.48 -10.54
CA LEU H 119 37.06 -130.24 -9.08
C LEU H 119 38.40 -130.21 -8.31
N GLY H 120 38.59 -129.18 -7.47
CA GLY H 120 39.85 -128.98 -6.72
C GLY H 120 40.99 -128.31 -7.52
N GLN H 121 40.75 -128.04 -8.81
CA GLN H 121 41.74 -127.39 -9.71
C GLN H 121 41.82 -125.86 -9.47
N ARG H 122 43.05 -125.33 -9.49
CA ARG H 122 43.32 -123.89 -9.65
C ARG H 122 43.80 -123.67 -11.11
N ALA H 123 43.23 -122.67 -11.80
CA ALA H 123 43.58 -122.37 -13.21
C ALA H 123 43.33 -120.90 -13.61
N LYS H 124 44.09 -120.45 -14.62
CA LYS H 124 44.03 -119.09 -15.21
C LYS H 124 43.20 -119.06 -16.52
N LEU H 125 42.16 -118.21 -16.55
CA LEU H 125 41.30 -118.02 -17.75
C LEU H 125 41.65 -116.70 -18.49
N THR H 126 42.42 -116.83 -19.58
CA THR H 126 42.79 -115.70 -20.47
C THR H 126 41.71 -115.52 -21.58
N CYS H 127 40.50 -115.14 -21.17
CA CYS H 127 39.34 -115.04 -22.08
C CYS H 127 39.40 -113.82 -23.03
N THR H 128 39.08 -114.04 -24.31
CA THR H 128 39.07 -112.97 -25.33
C THR H 128 37.85 -112.02 -25.16
N PRO H 129 38.03 -110.69 -25.44
CA PRO H 129 36.97 -109.66 -25.17
C PRO H 129 35.58 -109.92 -25.81
N ASP H 130 35.56 -110.51 -27.01
CA ASP H 130 34.31 -110.88 -27.73
C ASP H 130 33.41 -111.88 -26.96
N VAL H 131 34.04 -112.80 -26.20
CA VAL H 131 33.31 -113.70 -25.28
C VAL H 131 33.26 -113.18 -23.82
N ALA H 132 33.61 -111.90 -23.64
CA ALA H 132 33.59 -111.20 -22.33
C ALA H 132 32.83 -109.85 -22.46
N TYR H 133 33.27 -108.78 -21.75
CA TYR H 133 32.60 -107.45 -21.78
C TYR H 133 32.74 -106.71 -23.15
N GLY H 134 33.87 -106.92 -23.84
CA GLY H 134 34.05 -106.44 -25.23
C GLY H 134 34.26 -104.93 -25.47
N ALA H 135 33.77 -104.46 -26.64
CA ALA H 135 34.15 -103.14 -27.21
C ALA H 135 33.61 -101.94 -26.41
N THR H 136 32.33 -101.96 -26.06
CA THR H 136 31.73 -100.98 -25.12
C THR H 136 32.24 -101.26 -23.68
N GLY H 137 32.21 -102.53 -23.28
CA GLY H 137 32.54 -102.98 -21.92
C GLY H 137 31.39 -102.70 -20.96
N HIS H 138 31.52 -103.15 -19.70
CA HIS H 138 30.50 -102.86 -18.67
C HIS H 138 30.52 -101.36 -18.30
N PRO H 139 29.37 -100.63 -18.48
CA PRO H 139 29.33 -99.16 -18.26
C PRO H 139 29.78 -98.72 -16.84
N GLY H 140 30.72 -97.77 -16.77
CA GLY H 140 31.29 -97.32 -15.49
C GLY H 140 32.34 -98.21 -14.81
N VAL H 141 32.53 -99.44 -15.31
CA VAL H 141 33.34 -100.48 -14.64
C VAL H 141 34.52 -100.97 -15.53
N ILE H 142 34.19 -101.73 -16.59
CA ILE H 142 35.21 -102.44 -17.41
C ILE H 142 35.51 -101.62 -18.71
N PRO H 143 36.79 -101.16 -18.89
CA PRO H 143 37.16 -100.30 -20.04
C PRO H 143 37.19 -101.02 -21.42
N PRO H 144 36.98 -100.26 -22.54
CA PRO H 144 37.12 -100.76 -23.93
C PRO H 144 38.46 -101.46 -24.28
N ASN H 145 38.40 -102.53 -25.09
CA ASN H 145 39.56 -103.30 -25.60
C ASN H 145 40.45 -103.92 -24.48
N ALA H 146 39.85 -104.87 -23.74
CA ALA H 146 40.49 -105.50 -22.57
C ALA H 146 40.26 -107.03 -22.51
N THR H 147 41.28 -107.81 -22.88
CA THR H 147 41.31 -109.28 -22.66
C THR H 147 41.35 -109.54 -21.13
N LEU H 148 40.49 -110.45 -20.65
CA LEU H 148 40.33 -110.72 -19.19
C LEU H 148 41.23 -111.87 -18.69
N ILE H 149 41.58 -111.80 -17.40
CA ILE H 149 42.45 -112.76 -16.71
C ILE H 149 41.84 -113.16 -15.33
N PHE H 150 41.30 -114.38 -15.23
CA PHE H 150 40.65 -114.89 -13.99
C PHE H 150 41.53 -115.93 -13.20
N ASP H 151 41.68 -115.73 -11.88
CA ASP H 151 42.37 -116.68 -10.96
C ASP H 151 41.32 -117.60 -10.28
N VAL H 152 40.74 -118.52 -11.06
CA VAL H 152 39.64 -119.41 -10.61
C VAL H 152 40.17 -120.59 -9.74
N GLU H 153 39.40 -120.98 -8.69
CA GLU H 153 39.67 -122.16 -7.82
C GLU H 153 38.36 -122.92 -7.46
N LEU H 154 38.11 -124.07 -8.10
CA LEU H 154 36.84 -124.82 -7.94
C LEU H 154 36.77 -125.65 -6.63
N LEU H 155 36.21 -125.05 -5.57
CA LEU H 155 36.10 -125.69 -4.23
C LEU H 155 35.21 -126.97 -4.23
N ASN H 156 33.97 -126.84 -4.70
CA ASN H 156 32.99 -127.96 -4.68
C ASN H 156 31.77 -127.80 -5.63
N LEU H 157 31.53 -128.82 -6.46
CA LEU H 157 30.31 -128.89 -7.31
C LEU H 157 29.08 -129.35 -6.47
N GLU H 158 27.92 -128.72 -6.69
CA GLU H 158 26.67 -128.99 -5.92
C GLU H 158 25.41 -129.02 -6.80
#